data_8Q62
#
_entry.id   8Q62
#
_cell.length_a   1.00
_cell.length_b   1.00
_cell.length_c   1.00
_cell.angle_alpha   90.00
_cell.angle_beta   90.00
_cell.angle_gamma   90.00
#
_symmetry.space_group_name_H-M   'P 1'
#
loop_
_entity.id
_entity.type
_entity.pdbx_description
1 polymer 'Tubulin gamma-1 chain'
2 polymer 'Gamma-tubulin complex component 5'
3 polymer 'Gamma-tubulin complex component 4'
4 polymer 'Gamma-tubulin complex component 3'
5 polymer 'Gamma-tubulin complex component 2'
6 polymer 'Gamma-tubulin complex component 6'
#
loop_
_entity_poly.entity_id
_entity_poly.type
_entity_poly.pdbx_seq_one_letter_code
_entity_poly.pdbx_strand_id
1 'polypeptide(L)'
;MPREIITLQLGQCGNQIGFEFWKQLCAEHGISPEGIVEEFATEGTDRKDVFFYQADDEHYIPRAVLLDLEPRVIHSILNS
PYAKLYNPENIYLSEHGGGAGNNWASGFSQGEKIHEDIFDIIDREADGSDSLEGFVLCHSIAGGTGSGLGSYLLERLNDR
YPKKLVQTYSVFPNQDEMSDVVVQPYNSLLTLKRLTQNADCVVVLDNTALNRIATDRLHIQNPSFSQINQLVSTIMSAST
TTLRYPGYMNNDLIGLIASLIPTPRLHFLMTGYTPLTTDQSVASVRKTTVLDVMRRLLQPKNVMVSTGRDRQTNHCYIAI
LNIIQGEVDPTQVHKSLQRIRERKLANFIPWGPASIQVALSRKSPYLPSAHRVSGLMMANHTSISSLFERTCRQYDKLRK
REAFLEQFRKEDMFKDNFDEMDTSREIVQQLIDEYHAATRPDYISWGTQEQ
;
k,a,b,c,d,e,f,g,h,i,j,l,m,n
2 'polypeptide(L)'
;MARHGPPWSRLDAQQERDVRELVRGVAGLQDEADPNFQLALNFAWSNFRFHRFLDVNSHKIEKTIEGIYEKFVIHSDLSK
AASWKRLTEEFLNAPLPSIKEIKTDAHYSILSLLLCLSDSPSNSSYVETPRNKEVEKKDDFDWGKYLMEDEEMDIGPYMD
TPNWSEESEEENDQQPLSREDSGIQVDRTPLEEQDQNRKLDPCISWKDEPDDRSWLEHHVVHQYWTARPSQFPHSLHLHS
NLAAVWDQHLYSSDPLYVPDDRVLVTETQVIRETLWLLSGVKKLFIFQLIDGKVTVRNNIIVTHLTHSCLRSVLEQIAAY
GQVVFRLQEFIDEVMGHSSESMLPGSGSVPKKSTEAPFRTYQAFMWALYKYFISFKEELAEIEKCIINNDTTITLAIVVD
KLAPRLSQLKVLHKVFSTGVAEVPPDTRNVVRASHLLNTLYKAILEYDNVGEASEQTVSLLFSLWVETVRPYLQTVDEWI
VHGHLWDGAREFIIQRNKNVPVNHRDFWYATYTLYSVSEKTENEEKMSDNASASSGSDQGPSSRQHTMVSFLKPVLKQII
MAGKSMQLLKNLQCAESTTCQAGARDAERKSLYTLFLESVQSRLRHGEDSTPQVLTEQQATKENLMKMQSIAESHLELDD
VHDPLLAINFARMYLEQSDFHEKFAGGDVCVDRSSESVTCQTFELTLRSCLYPHIDKQYLDCCGNLMQTLKKDYRLVEYL
QAMRNFFLMEGGDTMYDFYTSIFDKIREKETWQNVSFLNVQLQEAVGQRYPEDSSRLSISFENVDTAKKKLPVHILDGLT
LSYKVPWPVDIVISLECQKIYNQVFLLLLQIKWAKYSLDVLLFGELVSTAEKPRLKEGLIHEQDTVAQFGPQKEPVRQQI
HRMFLLRVKLMHFVNSLHNYIMTRILHSTGLEFQHQVEEAKDLDQLIKIHYRYLSTIHDRCLLREKVSFVKEAIMKVLNL
ALMFADGWQAGLGTWRMESIEKMESDFKNCHMFLVTILNKAVCRGSFPHLESLALSLMAGMEQS
;
J
3 'polypeptide(L)'
;MIHELLLALSGYPGSIFTWNKRSGLQVSQDFPFLHPSETSVLNRLCRLGTDYIRFTEFIEQYTGHVQQQDHHPSQQGQGG
LHGIYLRAFCTGLDSVLQPYRQALLDLEQEFLGDPHLSISHVNYFLDQFQLLFPSVMVVVEQIKSQKIHGCQILETVYKH
SCGGLPPVRSALEKILAVCHGVMYKQLSAWMLHGLLLDQHEEFFIKQGPSSGNVSAQPEEDEEDLGIGGLTGKQLRELQD
LRLIEEENMLAPSLKQFSLRVEILPSYIPVRVAEKILFVGESVQMFENQNVNLTRKGSILKNQEDTFAAELHRLKQQPLF
SLVDFEQVVDRIRSTVAEHLWKLMVEESDLLGQLKIIKDFYLLGRGELFQAFIDTAQHMLKTPPTAVTEHDVNVAFQQSA
HKVLLDDDNLLPLLHLTIEYHGKEHKADATQAREGPSRETSPREAPASGWAALGLSYKVQWPLHILFTPAVLEKYNVVFK
YLLSVRRVQAELQHCWALQMQRKHLKSNQTDAIKWRLRNHMAFLVDNLQYYLQVDVLESQFSQLLHQINSTRDFESIRLA
HDHFLSNLLAQSFILLKPVFHCLNEILDLCHSFCSLVSQNLGPLDERGAAQLSILVKGFSRQSSLLFKILSSVRNHQINS
DLAQLLLRLDYNKYYTQAGGTLGSFGM
;
K,I
4 'polypeptide(L)'
;MATPDQKSPNVLLQNLCCRILGRSEADVAQQFQYAVRVIGSNFAPTVERDEFLVAEKIKKELIRQRREADAALFSELHRK
LHSQGVLKNKWSILYLLLSLSEDPRRQPSKVSSYATLFAQALPRDAHSTPYYYARPQTLPLSYQDRSAQSAQSSGSVGSS
GISSIGLCALSGPAPAPQSLLPGQSNQAPGVGDCLRQQLGSRLAWTLTANQPSSQATTSKGVPSAVSRNMTRSRREGDTG
GTMEITEAALVRDILYVFQGIDGKNIKMNNTENCYKVEGKANLSRSLRDTAVRLSELGWLHNKIRRYTDQRSLDRSFGLV
GQSFCAALHQELREYYRLLSVLHSQLQLEDDQGVNLGLESSLTLRRLLVWTYDPKIRLKTLAALVDHCQGRKGGELASAV
HAYTKTGDPYMRSLVQHILSLVSHPVLSFLYRWIYDGELEDTYHEFFVASDPTVKTDRLWHDKYTLRKSMIPSFMTMDQS
RKVLLIGKSINFLHQVCHDQTPTTKMIAVTKSAESPQDAADLFTDLENAFQGKIDAAYFETSKYLLDVLNKKYSLLDHMQ
AMRRYLLLGQGDFIRHLMDLLKPELVRPATTLYQHNLTGILETAVRATNAQFDSPEILRRLDVRLLEVSPGDTGWDVFSL
DYHVDGPIATVFTRECMSHYLRVFNFLWRAKRMEYILTDIRKGHMCNAKLLRNMPEFSGVLHQCHILASEMVHFIHQMQY
YITFEVLECSWDELWNKVQQAQDLDHIIAAHEVFLDTIISRCLLDSDSRALLNQLRAVFDQIIELQNAQDAIYRAALEEL
QRRLQFEEKKKQREIEGQWGVTAAEEEEENKRIGEFKESIPKMCSQLRILTHFYQGIVQQFLVLLTTSSDESLRFLSFRL
DFNEHYKAREPRLRVSLGTRGRRSSHT
;
B,D,F,H,N
5 'polypeptide(L)'
;MSEFRIHHDVNELLSLLRVHGGDGAEVYIDLLQKNRTPYVTTTVSAHSAKVKIAEFSRTPEDFLKKYDELKSKNTRNLDP
LVYLLSKLTEDKETLQYLQQNAKERAELAAAAVGSSTTSINVPAAASKISMQELEELRKQLGSVATGSTLQQSLELKRKM
LRDKQNKKNSGQHLPIFPAWVYERPALIGDFLIGAGISTDTALPIGTLPLASQESAVVEDLLYVLVGVDGRYVSAQPLAG
RQSRTFLVDPNLDLSIRELVHRILPVAASYSAVTRFIEEKSSFEYGQVNHALAAAMRTLVKEHLILVSQLEQLHRQGLLS
LQKLWFYIQPAMRTMDILASLATSVDKGECLGGSTLSLLHDRSFSYTGDSQAQELCLYLTKAASAPYFEVLEKWIYRGII
HDPYSEFMVEEHELRKERIQEDYNDKYWDQRYTIVQQQIPSFLQKMADKILSTGKYLNVVRECGHDVTCPVAKEIIYTLK
ERAYVEQIEKAFNYASKVLLDFLMEEKELVAHLRSIKRYFLMDQGDFFVHFMDLAEEELRKPVEDITPPRLEALLELALR
MSTANTDPFKDDLKIDLMPHDLITQLLRVLAIETKQEKAMAHADPTELALSGLEAFSFDYIVKWPLSLIINRKALTRYQM
LFRHMFYCKHVERQLCSVWISNKTAKQHSLHSAQWFAGAFTLRQRMLNFVQNIQYYMMFEVMEPTWHILEKNLKSASNID
DVLGHHTGFLDTCLKDCMLTNPELLKVFSKLMSVCVMFTNCMQKFTQSMKLDGELGGQTLEHSTVLGLPAGAEERARKEL
ARKHLAEHADTVQLVSGFEATINKFDKNFSAHLLDLLARLSIYSTSDCEHGMASVISRLDFNGFYTERLERLSAERSQKA
TPQVPVLRGPPAPAPRVAVTAQ
;
C,E,G,M,A
6 'polypeptide(L)'
;MASITQLFDDLCEALLPAAKTHLGQRSVNRKRAKRSLKKVAYNALFTNLFQDETQQLQPDMSKLPARNKILMLSFDLRVG
GLGPKADRLEELVEELEAAPCCPLLEVGSVLDLLVQLAGSGPPQVLPRKRDYFLNNKHVGRNVPYSGYDCDDLSVFEMDV
QSLISREECLCHSMIQETLQVMEAAPGTGLPTVGLFSFGDPCGDRFERDTRVSLFGALVHSRTYDMDVRLGLPPVPDNAD
LSGLAIKVPPSVDQWEDEGFQSASNLTPDSQSEPSVTPDVDLWEAALTYEASKRRCWERVGCPPGHREEPYLTEAGRDAF
DKFCRLHQGELQLLAGGVLQAPQPVLVKECELVKDVLNVLIGVVSATFSLCQPAQAFVVKRGVHVSGASPESISSLLSEV
AEYGTCYTRLSHFSLQPVLDSLYSKGLVFQAFTSGLRRYLQYYRACVLSTPPTLSLLTIGFLFKKLGRQLRYLAELCGVG
AVLPGTCGGGPRAAFPTGVKLLSYLYQEALHNCSNEHYPVLLSLLKTSCEPYTRFIHDWVYSGVFRDAYGEFMIQVNHEY
LSFRDKLYWTHGYVLISKEVEDCVPVFLKHIAHDIYVCGKTINLLKLCCPRHYLCWSDVPVPRISVIFSLEELKEIEKDC
AVYVGRMERVARHSSVSKEEKELRMEIAKQELIAHAREAASRVLSALSDRQMSERMALDARKREQFQRLKEQFVKDQERR
QAARQEELDDDFSYARELRDRERRLKSLEEELERKARQALVDHYSKLSAEAARREQKALWRIQRHRLESARLRFLLEDEK
HIQEMLKAVSEAHQPQEPPDVLLSVHPQVTSPGPEHPEGGQGCDSGSAEQHSPAWDGWNRPGLLTPQPLKPLAVGAGGRG
LQQAEGARPFSDSLSIGDFLPVGPGAEPSVQTGMVPLLEVALQTINLDLPPSAPGEAPAAASTQPSRPQEYDFSTVLRPA
VATSPAPGPLQAAECSLGSSGLQLWEDSCGKMDACGSASRETLLPSHPPRRAALEEGSSQPTERLFGQVSGGGLPTGDYA
SEIAPTRPRWNTHGHVSDASIRVGENVSDVAPTQPRWNTHGHVSNASISLGESVSDVAPTRPRWNIHGHVSNASIRVGEN
VSDVAPTRPRWNTHGHVSNASIRVGENVSDVAPTRPRWNTHGHVSDASISLGESVSDMAPARPRWNTHGHVSDASISLGE
SVSDMAPTRPRWNTHGHVSDTSIRVGENVSDVAPIRSRCNTHGHVSDASISLGEPVSDVVSTRPRWNTHVPIPPPHMVLG
ALSPEAEPNTPRPQQSPPGHTSQSALSLGAQSTVLDCGPRLPVEVGPSLSSPSSGCGEGSISVGENVSDVAPTQPWWPNT
PGDSVSEELGPGRSGDTEDLSPNWPLNSQEDTAAQSSPGRGEEAEASAAEAQGGEQAYLAGLAGQYHLERYPDSYESMSE
PPIAHLLRPVLPRAFAFPVDPQVQSAADETAVQLSELLTLPVLMKRSITAPLAAHISLVNKAAVDYFFVELHLEAHYEAL
RHFLLMEDGEFAQSLSDLLFEKLGAGQTPGELLNPLVLNSVLSKALQCSLHGDTPHASNLSLALKYLPEVFAPNAPDVLS
CLELRYKVDWPLNIVITEGCVSKYSGVFSFLLQLKLMMWALKDVCFHLKRTALLSHMAGSVQFRQLQLFKHEMQHFVKVI
QGYIANQILHVTWCEFRARLATVGDLEEIQRAHAEYLHKAVFRGLLTEKAAPVMNVIHSIFSLVLKFRSQLISQAWGPPG
GPRGAEHPNFALMQQSYNTFKYYSHFLFKVVTKLVNRGYQPHLEDFLLRINFNNYYQDA
;
L
#
# COMPACT_ATOMS: atom_id res chain seq x y z
N ARG A 3 11.89 14.26 115.42
CA ARG A 3 10.61 14.01 116.09
C ARG A 3 9.89 15.35 116.24
N GLU A 4 8.56 15.30 116.31
CA GLU A 4 7.76 16.52 116.29
C GLU A 4 7.91 17.31 117.59
N ILE A 5 7.81 18.64 117.47
CA ILE A 5 7.99 19.57 118.58
C ILE A 5 6.60 20.07 119.00
N ILE A 6 6.37 20.21 120.30
CA ILE A 6 5.13 20.80 120.83
C ILE A 6 5.48 22.09 121.56
N THR A 7 4.73 23.16 121.25
CA THR A 7 5.00 24.49 121.79
C THR A 7 3.98 24.80 122.88
N LEU A 8 4.47 25.02 124.10
CA LEU A 8 3.64 25.17 125.29
C LEU A 8 3.49 26.65 125.60
N GLN A 9 2.65 27.34 124.82
CA GLN A 9 2.49 28.78 124.99
C GLN A 9 1.53 29.06 126.15
N LEU A 10 1.98 29.86 127.11
CA LEU A 10 1.30 30.08 128.38
C LEU A 10 1.44 31.54 128.77
N GLY A 11 0.50 32.02 129.56
CA GLY A 11 0.47 33.42 129.95
C GLY A 11 -0.03 34.29 128.82
N GLN A 12 -0.45 35.50 129.19
CA GLN A 12 -1.02 36.41 128.19
C GLN A 12 0.02 36.79 127.14
N CYS A 13 1.19 37.24 127.58
CA CYS A 13 2.26 37.62 126.64
C CYS A 13 2.75 36.42 125.84
N GLY A 14 2.96 35.29 126.51
CA GLY A 14 3.41 34.10 125.82
C GLY A 14 2.41 33.64 124.77
N ASN A 15 1.12 33.70 125.09
CA ASN A 15 0.09 33.35 124.13
C ASN A 15 0.08 34.32 122.96
N GLN A 16 0.34 35.61 123.22
CA GLN A 16 0.38 36.57 122.13
C GLN A 16 1.51 36.24 121.16
N ILE A 17 2.69 35.92 121.68
CA ILE A 17 3.82 35.66 120.79
C ILE A 17 3.71 34.30 120.13
N GLY A 18 3.08 33.31 120.76
CA GLY A 18 2.87 32.03 120.10
C GLY A 18 1.82 32.11 119.02
N PHE A 19 0.75 32.86 119.31
CA PHE A 19 -0.24 33.23 118.31
C PHE A 19 0.40 33.79 117.06
N GLU A 20 1.22 34.83 117.22
CA GLU A 20 1.81 35.42 116.02
C GLU A 20 2.85 34.50 115.38
N PHE A 21 3.57 33.71 116.17
CA PHE A 21 4.56 32.81 115.58
C PHE A 21 3.86 31.81 114.66
N TRP A 22 2.75 31.25 115.11
CA TRP A 22 2.02 30.31 114.29
C TRP A 22 1.37 31.01 113.10
N LYS A 23 0.93 32.25 113.26
CA LYS A 23 0.45 33.01 112.10
C LYS A 23 1.58 33.25 111.09
N GLN A 24 2.77 33.56 111.59
CA GLN A 24 3.91 33.81 110.72
C GLN A 24 4.26 32.56 109.93
N LEU A 25 4.25 31.41 110.59
CA LEU A 25 4.51 30.16 109.87
C LEU A 25 3.34 29.71 109.00
N CYS A 26 2.12 30.16 109.29
CA CYS A 26 1.01 29.95 108.37
C CYS A 26 1.26 30.67 107.05
N ALA A 27 1.56 31.97 107.13
CA ALA A 27 1.85 32.72 105.92
C ALA A 27 3.08 32.17 105.22
N GLU A 28 4.12 31.83 105.98
CA GLU A 28 5.37 31.37 105.38
C GLU A 28 5.19 30.02 104.68
N HIS A 29 4.54 29.06 105.35
CA HIS A 29 4.27 27.77 104.75
C HIS A 29 3.03 27.87 103.87
N GLY A 30 2.68 26.78 103.20
CA GLY A 30 1.48 26.73 102.39
C GLY A 30 0.25 26.41 103.22
N ILE A 31 -0.19 27.37 104.02
CA ILE A 31 -1.34 27.19 104.91
C ILE A 31 -2.20 28.44 104.84
N SER A 32 -3.52 28.23 104.81
CA SER A 32 -4.51 29.30 104.78
C SER A 32 -5.01 29.55 106.20
N PRO A 33 -5.80 30.60 106.45
CA PRO A 33 -6.25 30.84 107.84
C PRO A 33 -7.16 29.78 108.41
N GLU A 34 -7.74 28.90 107.58
CA GLU A 34 -8.52 27.77 108.05
C GLU A 34 -7.70 26.49 108.14
N GLY A 35 -6.38 26.56 107.98
CA GLY A 35 -5.52 25.39 108.02
C GLY A 35 -5.44 24.61 106.74
N ILE A 36 -6.12 25.04 105.68
CA ILE A 36 -6.18 24.27 104.44
C ILE A 36 -4.86 24.46 103.68
N VAL A 37 -4.44 23.42 102.97
CA VAL A 37 -3.29 23.55 102.08
C VAL A 37 -3.62 24.61 101.03
N GLU A 38 -2.69 25.53 100.82
CA GLU A 38 -2.94 26.63 99.91
C GLU A 38 -2.88 26.15 98.47
N GLU A 39 -3.83 26.64 97.66
N GLU A 39 -3.83 26.64 97.66
CA GLU A 39 -3.88 26.24 96.26
CA GLU A 39 -3.89 26.25 96.26
C GLU A 39 -2.65 26.71 95.50
C GLU A 39 -2.65 26.72 95.50
N PHE A 40 -2.17 27.92 95.80
CA PHE A 40 -1.00 28.45 95.09
C PHE A 40 0.23 27.57 95.30
N ALA A 41 0.36 26.95 96.46
CA ALA A 41 1.51 26.11 96.77
C ALA A 41 1.55 24.89 95.84
N THR A 45 7.89 21.35 99.37
CA THR A 45 9.34 21.38 99.45
C THR A 45 9.85 21.68 100.87
N ASP A 46 8.95 21.63 101.86
CA ASP A 46 9.26 21.95 103.24
C ASP A 46 8.92 20.78 104.15
N ARG A 47 9.67 20.66 105.26
CA ARG A 47 9.47 19.55 106.19
C ARG A 47 8.51 20.15 107.22
N LYS A 48 7.21 20.07 106.92
CA LYS A 48 6.19 20.67 107.78
C LYS A 48 5.80 19.78 108.95
N ASP A 49 6.32 18.55 108.99
CA ASP A 49 5.81 17.56 109.92
C ASP A 49 6.21 17.86 111.36
N VAL A 50 7.38 18.47 111.57
CA VAL A 50 7.82 18.77 112.94
C VAL A 50 6.80 19.66 113.64
N PHE A 51 6.41 20.75 112.99
CA PHE A 51 5.70 21.82 113.65
C PHE A 51 4.19 21.74 113.46
N PHE A 52 3.74 21.14 112.35
CA PHE A 52 2.33 21.08 111.99
C PHE A 52 1.88 19.63 111.93
N TYR A 53 0.89 19.29 112.76
CA TYR A 53 0.21 18.01 112.66
C TYR A 53 -0.56 17.96 111.35
N GLN A 54 -0.60 16.76 110.76
CA GLN A 54 -1.25 16.53 109.47
C GLN A 54 -2.62 15.94 109.74
N ALA A 55 -3.68 16.66 109.35
CA ALA A 55 -5.01 16.07 109.32
C ALA A 55 -5.25 15.42 107.96
N ASP A 56 -6.35 14.65 107.90
CA ASP A 56 -6.66 13.92 106.67
C ASP A 56 -7.00 14.87 105.53
N ASP A 57 -7.74 15.95 105.82
CA ASP A 57 -8.23 16.88 104.81
C ASP A 57 -7.33 18.11 104.71
N GLU A 58 -6.02 17.89 104.86
CA GLU A 58 -5.00 18.94 104.73
C GLU A 58 -5.27 20.10 105.69
N HIS A 59 -5.77 19.78 106.89
CA HIS A 59 -5.80 20.74 108.00
C HIS A 59 -4.47 20.61 108.71
N TYR A 60 -3.58 21.58 108.47
CA TYR A 60 -2.26 21.63 109.10
C TYR A 60 -2.41 22.39 110.42
N ILE A 61 -2.76 21.64 111.47
CA ILE A 61 -3.00 22.21 112.78
C ILE A 61 -1.69 22.14 113.56
N PRO A 62 -1.16 23.25 114.08
CA PRO A 62 0.08 23.15 114.85
C PRO A 62 -0.10 22.47 116.18
N ARG A 63 1.00 21.92 116.71
CA ARG A 63 1.03 21.31 118.03
C ARG A 63 1.26 22.38 119.10
N ALA A 64 0.30 23.30 119.18
CA ALA A 64 0.29 24.37 120.16
C ALA A 64 -0.56 23.97 121.36
N VAL A 65 -0.01 24.15 122.56
CA VAL A 65 -0.74 24.01 123.81
C VAL A 65 -0.89 25.42 124.37
N LEU A 66 -2.12 25.94 124.34
CA LEU A 66 -2.41 27.29 124.79
C LEU A 66 -2.98 27.20 126.19
N LEU A 67 -2.22 27.70 127.17
CA LEU A 67 -2.63 27.68 128.57
C LEU A 67 -3.04 29.09 128.98
N ASP A 68 -4.29 29.23 129.45
CA ASP A 68 -4.83 30.49 129.89
C ASP A 68 -5.09 30.47 131.39
N LEU A 69 -4.81 31.60 132.05
CA LEU A 69 -5.10 31.77 133.47
C LEU A 69 -5.67 33.17 133.66
N GLU A 70 -6.86 33.25 134.24
CA GLU A 70 -7.61 34.49 134.33
C GLU A 70 -7.77 35.10 132.92
N PRO A 71 -8.38 34.38 132.00
CA PRO A 71 -8.26 34.72 130.57
C PRO A 71 -8.88 36.07 130.22
N ARG A 72 -8.10 36.91 129.54
CA ARG A 72 -8.62 38.10 128.88
C ARG A 72 -8.27 38.11 127.40
N VAL A 73 -6.99 37.90 127.07
CA VAL A 73 -6.56 37.97 125.67
C VAL A 73 -6.78 36.65 124.95
N ILE A 74 -7.09 35.58 125.67
CA ILE A 74 -7.32 34.31 124.99
C ILE A 74 -8.70 34.31 124.33
N HIS A 75 -9.64 35.09 124.86
CA HIS A 75 -10.90 35.29 124.16
C HIS A 75 -10.67 36.01 122.83
N SER A 76 -9.76 36.99 122.83
CA SER A 76 -9.42 37.69 121.59
C SER A 76 -8.71 36.74 120.63
N ILE A 77 -7.88 35.84 121.16
CA ILE A 77 -7.26 34.81 120.32
C ILE A 77 -8.34 33.95 119.67
N LEU A 78 -9.38 33.59 120.45
CA LEU A 78 -10.45 32.76 119.89
C LEU A 78 -11.21 33.48 118.78
N ASN A 79 -11.56 34.75 118.97
CA ASN A 79 -12.38 35.43 117.93
C ASN A 79 -11.45 36.00 116.84
N SER A 80 -10.81 35.08 116.12
CA SER A 80 -9.83 35.39 115.10
C SER A 80 -10.07 34.49 113.89
N PRO A 81 -9.60 34.91 112.70
CA PRO A 81 -9.73 34.02 111.53
C PRO A 81 -8.95 32.72 111.66
N TYR A 82 -7.91 32.68 112.49
CA TYR A 82 -7.04 31.52 112.61
C TYR A 82 -7.51 30.53 113.67
N ALA A 83 -8.65 30.81 114.31
CA ALA A 83 -9.20 29.90 115.32
C ALA A 83 -9.41 28.51 114.75
N LYS A 84 -9.85 28.43 113.49
CA LYS A 84 -9.95 27.13 112.85
C LYS A 84 -8.57 26.55 112.54
N LEU A 85 -7.56 27.40 112.30
CA LEU A 85 -6.22 26.88 112.07
C LEU A 85 -5.71 26.12 113.27
N TYR A 86 -5.78 26.73 114.46
CA TYR A 86 -5.33 26.07 115.69
C TYR A 86 -6.57 25.50 116.38
N ASN A 87 -6.84 24.23 116.12
CA ASN A 87 -7.91 23.49 116.80
C ASN A 87 -7.44 22.09 117.21
N PRO A 88 -6.53 21.99 118.18
CA PRO A 88 -6.47 20.76 118.96
C PRO A 88 -7.54 20.70 120.04
N GLU A 89 -8.26 21.80 120.28
CA GLU A 89 -9.29 21.89 121.32
C GLU A 89 -8.66 21.55 122.67
N ASN A 90 -7.67 22.38 123.05
CA ASN A 90 -6.80 22.12 124.20
C ASN A 90 -6.59 23.40 125.00
N ILE A 91 -7.65 24.16 125.26
CA ILE A 91 -7.57 25.38 126.07
C ILE A 91 -8.39 25.14 127.33
N TYR A 92 -7.73 25.25 128.48
CA TYR A 92 -8.32 24.95 129.78
C TYR A 92 -8.16 26.14 130.72
N LEU A 93 -9.28 26.63 131.23
CA LEU A 93 -9.29 27.71 132.21
C LEU A 93 -8.79 27.25 133.57
N GLY A 101 -3.43 35.67 139.18
CA GLY A 101 -2.84 36.79 139.88
C GLY A 101 -1.55 37.27 139.22
N ASN A 102 -1.08 38.44 139.66
CA ASN A 102 0.14 39.04 139.14
C ASN A 102 1.37 38.63 139.94
N ASN A 103 1.25 37.65 140.84
CA ASN A 103 2.35 37.18 141.66
C ASN A 103 2.82 35.80 141.18
N TRP A 104 4.13 35.58 141.32
CA TRP A 104 4.71 34.28 140.98
C TRP A 104 4.10 33.19 141.84
N ALA A 105 3.96 33.44 143.14
CA ALA A 105 3.37 32.45 144.04
C ALA A 105 1.92 32.18 143.67
N SER A 106 1.16 33.23 143.34
CA SER A 106 -0.24 33.03 142.95
C SER A 106 -0.34 32.18 141.70
N GLY A 107 0.54 32.43 140.71
CA GLY A 107 0.52 31.63 139.50
C GLY A 107 0.92 30.19 139.76
N PHE A 108 1.93 29.99 140.60
CA PHE A 108 2.37 28.62 140.93
C PHE A 108 1.26 27.85 141.62
N SER A 109 0.60 28.48 142.58
CA SER A 109 -0.48 27.82 143.32
C SER A 109 -1.66 27.54 142.40
N GLN A 110 -2.00 28.47 141.52
CA GLN A 110 -3.10 28.26 140.59
C GLN A 110 -2.78 27.12 139.62
N GLY A 111 -1.52 26.99 139.22
CA GLY A 111 -1.14 25.87 138.38
C GLY A 111 -1.23 24.52 139.10
N GLU A 112 -0.89 24.51 140.39
CA GLU A 112 -0.81 23.25 141.13
C GLU A 112 -2.17 22.56 141.19
N LYS A 113 -3.27 23.31 141.23
CA LYS A 113 -4.58 22.67 141.32
C LYS A 113 -5.03 22.07 140.00
N ILE A 114 -4.67 22.68 138.87
CA ILE A 114 -5.07 22.20 137.54
C ILE A 114 -3.97 21.42 136.83
N HIS A 115 -2.92 20.98 137.55
CA HIS A 115 -1.77 20.38 136.89
C HIS A 115 -2.15 19.11 136.11
N GLU A 116 -3.04 18.28 136.67
CA GLU A 116 -3.32 16.98 136.04
C GLU A 116 -4.05 17.13 134.71
N ASP A 117 -5.01 18.04 134.61
CA ASP A 117 -5.79 18.15 133.37
C ASP A 117 -4.96 18.78 132.26
N ILE A 118 -4.15 19.79 132.59
CA ILE A 118 -3.27 20.38 131.59
C ILE A 118 -2.22 19.36 131.17
N PHE A 119 -1.77 18.52 132.09
CA PHE A 119 -0.81 17.50 131.69
C PHE A 119 -1.48 16.39 130.89
N ASP A 120 -2.76 16.13 131.09
CA ASP A 120 -3.42 15.15 130.24
C ASP A 120 -3.60 15.72 128.84
N ILE A 121 -3.79 17.04 128.75
CA ILE A 121 -3.71 17.71 127.45
C ILE A 121 -2.32 17.51 126.84
N ILE A 122 -1.27 17.56 127.65
CA ILE A 122 0.08 17.29 127.12
C ILE A 122 0.16 15.86 126.61
N ASP A 123 -0.36 14.92 127.39
CA ASP A 123 -0.28 13.50 127.04
C ASP A 123 -0.98 13.21 125.73
N ARG A 124 -2.17 13.78 125.54
CA ARG A 124 -2.91 13.54 124.31
C ARG A 124 -2.09 13.90 123.07
N GLU A 125 -1.49 15.10 123.07
CA GLU A 125 -0.66 15.49 121.93
C GLU A 125 0.57 14.60 121.79
N ALA A 126 1.21 14.25 122.91
CA ALA A 126 2.37 13.37 122.86
C ALA A 126 2.01 12.03 122.26
N ASP A 127 0.83 11.52 122.58
CA ASP A 127 0.36 10.25 122.04
C ASP A 127 -0.02 10.39 120.57
N GLY A 128 -0.70 11.48 120.22
CA GLY A 128 -1.15 11.66 118.85
C GLY A 128 -0.01 11.78 117.88
N SER A 129 1.09 12.43 118.29
CA SER A 129 2.25 12.53 117.42
C SER A 129 2.88 11.16 117.24
N ASP A 130 3.50 10.96 116.07
CA ASP A 130 4.30 9.77 115.85
C ASP A 130 5.40 9.66 116.91
N SER A 131 6.01 10.79 117.25
CA SER A 131 7.08 10.80 118.24
C SER A 131 7.32 12.25 118.66
N LEU A 132 8.16 12.41 119.68
CA LEU A 132 8.28 13.69 120.40
C LEU A 132 9.73 13.94 120.79
N GLU A 133 10.30 15.07 120.34
CA GLU A 133 11.64 15.47 120.79
C GLU A 133 11.59 16.54 121.89
N GLY A 134 10.76 17.56 121.74
CA GLY A 134 10.97 18.79 122.49
C GLY A 134 9.72 19.56 122.85
N PHE A 135 9.83 20.26 123.99
CA PHE A 135 8.80 21.17 124.49
C PHE A 135 9.37 22.59 124.41
N VAL A 136 8.75 23.44 123.60
CA VAL A 136 9.24 24.80 123.36
C VAL A 136 8.28 25.76 124.05
N LEU A 137 8.73 26.45 125.09
CA LEU A 137 7.87 27.29 125.91
C LEU A 137 8.02 28.74 125.48
N CYS A 138 6.90 29.36 125.10
CA CYS A 138 6.85 30.81 124.88
C CYS A 138 6.68 31.52 126.23
N HIS A 139 7.65 31.29 127.10
CA HIS A 139 7.53 31.67 128.50
C HIS A 139 7.75 33.17 128.67
N SER A 140 7.09 33.73 129.68
CA SER A 140 7.28 35.12 130.09
C SER A 140 7.90 35.15 131.48
N ILE A 141 9.08 35.76 131.59
CA ILE A 141 9.72 35.96 132.88
C ILE A 141 9.04 37.10 133.59
N ALA A 142 8.71 36.90 134.87
CA ALA A 142 7.99 37.88 135.68
C ALA A 142 6.72 38.34 134.97
N GLY A 143 5.98 37.37 134.44
CA GLY A 143 4.81 37.63 133.62
C GLY A 143 3.52 37.51 134.39
N GLY A 144 3.55 37.76 135.71
CA GLY A 144 2.37 37.61 136.53
C GLY A 144 1.85 36.19 136.49
N THR A 145 0.75 35.99 135.79
CA THR A 145 0.20 34.64 135.63
C THR A 145 1.17 33.74 134.87
N GLY A 146 1.86 34.28 133.87
CA GLY A 146 2.78 33.47 133.10
C GLY A 146 3.88 32.87 133.94
N SER A 147 4.54 33.70 134.75
CA SER A 147 5.56 33.22 135.66
C SER A 147 4.91 32.57 136.87
N GLY A 148 5.67 31.67 137.50
CA GLY A 148 5.12 30.81 138.53
C GLY A 148 4.50 29.58 137.92
N LEU A 149 3.46 29.77 137.10
CA LEU A 149 2.87 28.64 136.40
C LEU A 149 3.86 28.02 135.42
N GLY A 150 4.62 28.85 134.70
CA GLY A 150 5.59 28.30 133.78
C GLY A 150 6.73 27.60 134.49
N SER A 151 7.16 28.15 135.64
CA SER A 151 8.20 27.50 136.42
C SER A 151 7.73 26.15 136.95
N TYR A 152 6.50 26.09 137.46
CA TYR A 152 5.93 24.84 137.95
C TYR A 152 5.85 23.80 136.84
N LEU A 153 5.30 24.20 135.69
CA LEU A 153 5.17 23.29 134.56
C LEU A 153 6.53 22.84 134.06
N LEU A 154 7.53 23.74 134.12
CA LEU A 154 8.89 23.40 133.74
C LEU A 154 9.46 22.33 134.66
N GLU A 155 9.18 22.44 135.96
CA GLU A 155 9.65 21.44 136.90
C GLU A 155 8.95 20.10 136.67
N ARG A 156 7.69 20.15 136.23
CA ARG A 156 6.93 18.92 135.99
C ARG A 156 7.40 18.16 134.74
N LEU A 157 7.61 18.88 133.62
CA LEU A 157 7.91 18.19 132.36
C LEU A 157 9.20 17.40 132.42
N ASN A 158 10.26 17.96 132.99
CA ASN A 158 11.54 17.25 132.98
C ASN A 158 11.45 15.96 133.77
N ASP A 159 10.73 15.99 134.89
CA ASP A 159 10.56 14.78 135.68
C ASP A 159 9.82 13.70 134.89
N ARG A 160 8.68 14.04 134.29
CA ARG A 160 7.93 12.97 133.62
C ARG A 160 8.57 12.55 132.30
N TYR A 161 9.33 13.43 131.64
CA TYR A 161 10.01 13.13 130.38
C TYR A 161 11.50 13.39 130.58
N PRO A 162 12.19 12.53 131.35
CA PRO A 162 13.62 12.79 131.61
C PRO A 162 14.48 12.84 130.37
N LYS A 163 14.20 11.97 129.39
CA LYS A 163 15.01 11.94 128.18
C LYS A 163 14.79 13.20 127.35
N LYS A 164 13.58 13.76 127.39
CA LYS A 164 13.18 14.84 126.51
C LYS A 164 13.72 16.19 126.99
N LEU A 165 13.73 17.15 126.06
CA LEU A 165 14.36 18.45 126.26
C LEU A 165 13.34 19.59 126.17
N VAL A 166 13.65 20.66 126.90
CA VAL A 166 12.82 21.84 127.03
C VAL A 166 13.62 23.05 126.58
N GLN A 167 13.08 23.79 125.61
CA GLN A 167 13.61 25.09 125.23
C GLN A 167 12.64 26.14 125.74
N THR A 168 13.18 27.33 126.02
CA THR A 168 12.37 28.44 126.53
C THR A 168 12.74 29.70 125.78
N TYR A 169 11.81 30.21 124.97
CA TYR A 169 11.97 31.52 124.31
C TYR A 169 11.58 32.61 125.30
N SER A 170 12.39 32.72 126.35
CA SER A 170 12.10 33.65 127.43
C SER A 170 12.20 35.09 126.95
N VAL A 171 11.10 35.84 127.09
CA VAL A 171 11.11 37.28 126.88
C VAL A 171 11.43 37.94 128.22
N PHE A 172 12.71 38.04 128.52
CA PHE A 172 13.16 38.62 129.78
C PHE A 172 12.71 40.08 129.84
N PRO A 173 11.90 40.50 130.85
CA PRO A 173 11.42 41.89 130.82
C PRO A 173 12.40 42.88 131.40
N ASN A 174 12.84 43.81 130.56
CA ASN A 174 13.57 45.00 130.99
C ASN A 174 12.91 46.16 130.27
N GLN A 175 12.21 47.01 131.02
CA GLN A 175 11.44 48.13 130.48
C GLN A 175 11.90 49.43 131.12
N ASP A 176 13.21 49.52 131.41
CA ASP A 176 13.81 50.59 132.20
C ASP A 176 13.31 50.58 133.65
N GLU A 177 12.76 49.45 134.10
CA GLU A 177 12.21 49.30 135.45
C GLU A 177 11.20 50.40 135.78
N ASP A 180 2.72 48.89 135.69
CA ASP A 180 3.94 48.61 136.44
C ASP A 180 3.69 47.55 137.49
N VAL A 181 4.69 46.69 137.68
CA VAL A 181 4.66 45.63 138.69
C VAL A 181 5.85 45.88 139.62
N VAL A 182 5.58 45.98 140.92
CA VAL A 182 6.64 46.25 141.89
C VAL A 182 7.40 45.00 142.30
N VAL A 183 6.86 43.80 142.08
CA VAL A 183 7.46 42.55 142.51
C VAL A 183 8.28 41.87 141.40
N GLN A 184 8.64 42.61 140.34
CA GLN A 184 9.39 42.04 139.22
C GLN A 184 10.67 41.33 139.61
N PRO A 185 11.58 41.92 140.41
CA PRO A 185 12.82 41.19 140.71
C PRO A 185 12.58 39.88 141.45
N TYR A 186 11.65 39.89 142.40
CA TYR A 186 11.30 38.66 143.11
C TYR A 186 10.82 37.58 142.15
N ASN A 187 9.86 37.93 141.30
CA ASN A 187 9.28 36.97 140.36
C ASN A 187 10.36 36.43 139.42
N SER A 188 11.10 37.33 138.79
CA SER A 188 12.12 36.93 137.84
C SER A 188 13.19 36.08 138.51
N LEU A 189 13.55 36.42 139.74
CA LEU A 189 14.55 35.65 140.47
C LEU A 189 14.11 34.20 140.63
N LEU A 190 12.86 33.97 141.06
CA LEU A 190 12.43 32.58 141.23
C LEU A 190 12.36 31.84 139.89
N THR A 191 11.87 32.52 138.85
CA THR A 191 11.81 31.88 137.53
C THR A 191 13.21 31.49 137.06
N LEU A 192 14.21 32.33 137.34
CA LEU A 192 15.57 32.00 136.90
C LEU A 192 16.15 30.81 137.65
N LYS A 193 15.83 30.62 138.94
CA LYS A 193 16.29 29.41 139.62
C LYS A 193 15.71 28.17 138.95
N ARG A 194 14.39 28.17 138.73
CA ARG A 194 13.77 27.03 138.08
C ARG A 194 14.33 26.81 136.68
N LEU A 195 14.55 27.90 135.94
CA LEU A 195 15.09 27.78 134.58
C LEU A 195 16.53 27.32 134.58
N THR A 196 17.34 27.76 135.56
CA THR A 196 18.75 27.39 135.57
C THR A 196 18.93 25.91 135.85
N GLN A 197 18.10 25.32 136.71
CA GLN A 197 18.28 23.90 137.01
C GLN A 197 17.37 22.96 136.23
N ASN A 198 16.28 23.47 135.64
CA ASN A 198 15.24 22.61 135.08
C ASN A 198 14.88 22.96 133.64
N ALA A 199 15.76 23.65 132.91
CA ALA A 199 15.51 24.02 131.52
C ALA A 199 16.74 23.64 130.69
N ASP A 200 16.50 22.90 129.61
CA ASP A 200 17.61 22.42 128.79
C ASP A 200 18.23 23.54 127.96
N CYS A 201 17.42 24.46 127.43
CA CYS A 201 17.94 25.61 126.71
C CYS A 201 17.04 26.83 126.90
N VAL A 202 17.65 28.01 126.81
CA VAL A 202 16.93 29.26 126.92
C VAL A 202 17.46 30.22 125.85
N VAL A 203 16.55 30.88 125.13
CA VAL A 203 16.88 31.94 124.19
C VAL A 203 16.35 33.23 124.78
N VAL A 204 17.26 34.15 125.12
CA VAL A 204 16.90 35.34 125.88
C VAL A 204 16.56 36.47 124.92
N LEU A 205 15.49 37.20 125.25
CA LEU A 205 15.09 38.41 124.55
C LEU A 205 14.86 39.50 125.59
N ASP A 206 14.98 40.75 125.16
CA ASP A 206 14.90 41.90 126.06
C ASP A 206 13.93 42.94 125.53
N ASN A 207 12.99 43.34 126.39
CA ASN A 207 12.00 44.34 126.02
C ASN A 207 12.66 45.67 125.68
N THR A 208 13.58 46.13 126.53
CA THR A 208 14.25 47.40 126.25
C THR A 208 15.08 47.31 124.97
N ALA A 209 15.76 46.17 124.76
CA ALA A 209 16.59 46.04 123.55
C ALA A 209 15.73 46.12 122.31
N LEU A 210 14.59 45.42 122.31
CA LEU A 210 13.71 45.46 121.16
C LEU A 210 13.05 46.83 121.02
N ASN A 211 12.77 47.51 122.14
CA ASN A 211 12.23 48.87 122.07
C ASN A 211 13.25 49.85 121.48
N ARG A 212 14.52 49.69 121.86
CA ARG A 212 15.57 50.56 121.31
C ARG A 212 15.73 50.31 119.82
N ILE A 213 15.66 49.04 119.41
CA ILE A 213 15.64 48.73 117.98
C ILE A 213 14.43 49.36 117.31
N ALA A 214 13.29 49.35 118.01
CA ALA A 214 12.08 49.94 117.46
C ALA A 214 12.23 51.44 117.24
N THR A 215 12.81 52.14 118.22
CA THR A 215 13.08 53.56 118.04
C THR A 215 14.06 53.80 116.89
N ASP A 216 15.05 52.91 116.75
CA ASP A 216 16.00 53.03 115.66
C ASP A 216 15.30 52.93 114.31
N ARG A 217 14.67 51.77 114.04
CA ARG A 217 14.12 51.50 112.71
C ARG A 217 12.85 52.30 112.43
N LEU A 218 12.03 52.59 113.43
CA LEU A 218 10.77 53.32 113.27
C LEU A 218 10.65 54.40 114.35
N HIS A 219 9.63 55.23 114.20
CA HIS A 219 9.28 56.26 115.18
C HIS A 219 8.36 55.74 116.28
N ILE A 220 7.97 54.46 116.22
CA ILE A 220 7.11 53.85 117.23
C ILE A 220 7.79 53.92 118.59
N GLN A 221 7.11 54.55 119.55
CA GLN A 221 7.55 54.52 120.95
C GLN A 221 6.41 54.04 121.85
N ASN A 222 5.22 54.65 121.71
CA ASN A 222 4.15 54.35 122.65
C ASN A 222 3.58 52.95 122.48
N PRO A 223 3.21 52.47 121.27
CA PRO A 223 2.72 51.09 121.12
C PRO A 223 3.85 50.09 120.96
N SER A 224 4.80 50.12 121.91
CA SER A 224 6.00 49.29 121.83
C SER A 224 5.67 47.81 121.77
N PHE A 225 4.74 47.36 122.64
CA PHE A 225 4.47 45.93 122.74
C PHE A 225 3.91 45.37 121.45
N SER A 226 2.93 46.05 120.85
CA SER A 226 2.25 45.50 119.68
C SER A 226 3.22 45.32 118.52
N GLN A 227 4.08 46.30 118.30
CA GLN A 227 5.03 46.24 117.19
C GLN A 227 6.20 45.31 117.51
N ILE A 228 6.67 45.31 118.76
CA ILE A 228 7.82 44.48 119.15
C ILE A 228 7.46 43.00 119.00
N ASN A 229 6.16 42.68 119.08
CA ASN A 229 5.70 41.30 118.89
C ASN A 229 6.15 40.78 117.52
N GLN A 230 6.08 41.63 116.48
CA GLN A 230 6.54 41.23 115.16
C GLN A 230 8.03 40.90 115.16
N LEU A 231 8.84 41.73 115.84
CA LEU A 231 10.28 41.46 115.90
C LEU A 231 10.54 40.11 116.55
N VAL A 232 9.81 39.84 117.64
CA VAL A 232 9.96 38.57 118.32
C VAL A 232 9.56 37.42 117.41
N SER A 233 8.50 37.61 116.62
CA SER A 233 8.04 36.57 115.71
C SER A 233 9.08 36.27 114.64
N THR A 234 9.69 37.32 114.07
CA THR A 234 10.74 37.12 113.08
C THR A 234 11.90 36.35 113.67
N ILE A 235 12.33 36.71 114.88
CA ILE A 235 13.44 35.97 115.50
C ILE A 235 13.06 34.51 115.68
N MET A 236 11.86 34.26 116.18
CA MET A 236 11.47 32.90 116.54
C MET A 236 11.36 32.02 115.30
N SER A 237 10.78 32.55 114.21
CA SER A 237 10.69 31.78 112.98
C SER A 237 12.05 31.53 112.35
N ALA A 238 12.89 32.58 112.28
CA ALA A 238 14.22 32.40 111.68
C ALA A 238 15.06 31.41 112.46
N SER A 239 14.87 31.36 113.80
CA SER A 239 15.65 30.43 114.61
C SER A 239 15.33 28.98 114.28
N THR A 240 14.14 28.69 113.76
CA THR A 240 13.73 27.33 113.43
C THR A 240 13.74 27.01 111.94
N THR A 241 13.95 28.02 111.08
CA THR A 241 13.84 27.80 109.64
C THR A 241 14.71 26.65 109.13
N THR A 242 15.90 26.46 109.72
CA THR A 242 16.76 25.37 109.26
C THR A 242 16.15 24.01 109.58
N LEU A 243 15.37 23.90 110.65
CA LEU A 243 14.61 22.67 110.90
C LEU A 243 13.42 22.57 109.96
N ARG A 244 12.68 23.67 109.82
CA ARG A 244 11.46 23.67 109.01
C ARG A 244 11.73 23.41 107.53
N TYR A 245 12.95 23.64 107.06
CA TYR A 245 13.33 23.38 105.68
C TYR A 245 14.51 22.43 105.62
N PRO A 246 14.53 21.43 104.72
CA PRO A 246 15.62 20.45 104.75
C PRO A 246 16.96 21.10 104.45
N GLY A 247 18.01 20.50 105.00
CA GLY A 247 19.36 20.97 104.78
C GLY A 247 20.34 19.83 104.93
N TYR A 248 21.62 20.15 104.76
CA TYR A 248 22.66 19.15 104.90
C TYR A 248 23.00 18.86 106.37
N MET A 249 22.93 19.88 107.23
CA MET A 249 23.34 19.75 108.62
C MET A 249 22.38 20.57 109.48
N ASN A 250 22.33 20.24 110.78
CA ASN A 250 21.27 20.74 111.67
C ASN A 250 19.89 20.40 111.11
N ASN A 251 19.68 19.12 110.82
CA ASN A 251 18.36 18.60 110.48
C ASN A 251 17.59 18.15 111.70
N ASP A 252 18.01 18.57 112.90
CA ASP A 252 17.26 18.28 114.11
C ASP A 252 17.64 19.27 115.19
N LEU A 253 16.69 19.49 116.10
CA LEU A 253 16.82 20.54 117.10
C LEU A 253 18.04 20.31 117.98
N ILE A 254 18.18 19.11 118.55
CA ILE A 254 19.30 18.82 119.44
C ILE A 254 20.62 19.00 118.72
N GLY A 255 20.69 18.61 117.44
CA GLY A 255 21.90 18.80 116.68
C GLY A 255 22.28 20.26 116.53
N LEU A 256 21.28 21.12 116.35
CA LEU A 256 21.57 22.55 116.35
C LEU A 256 21.98 23.03 117.75
N ILE A 257 21.28 22.56 118.78
CA ILE A 257 21.41 23.12 120.12
C ILE A 257 22.78 22.80 120.72
N ALA A 258 23.34 21.63 120.34
CA ALA A 258 24.56 21.12 120.97
C ALA A 258 25.72 22.11 120.89
N SER A 259 25.98 22.64 119.68
CA SER A 259 27.07 23.60 119.53
C SER A 259 26.80 24.86 120.34
N LEU A 260 25.55 25.29 120.38
CA LEU A 260 25.22 26.54 121.05
C LEU A 260 25.45 26.50 122.54
N ILE A 261 25.11 25.39 123.21
CA ILE A 261 25.29 25.27 124.64
C ILE A 261 26.45 24.30 124.91
N PRO A 262 27.66 24.81 125.28
CA PRO A 262 28.78 23.90 125.54
C PRO A 262 28.79 23.29 126.93
N THR A 263 28.26 24.02 127.93
CA THR A 263 28.17 23.57 129.31
C THR A 263 26.73 23.71 129.80
N PRO A 264 26.22 22.79 130.66
CA PRO A 264 24.79 22.86 131.01
C PRO A 264 24.35 24.16 131.64
N ARG A 265 25.12 24.70 132.59
CA ARG A 265 24.67 25.88 133.31
C ARG A 265 24.49 27.07 132.39
N LEU A 266 25.41 27.26 131.45
CA LEU A 266 25.44 28.46 130.63
C LEU A 266 24.69 28.14 129.33
N HIS A 267 23.35 28.15 129.43
CA HIS A 267 22.47 27.72 128.35
C HIS A 267 21.55 28.84 127.87
N PHE A 268 21.95 30.11 128.07
CA PHE A 268 21.16 31.27 127.68
C PHE A 268 21.78 31.87 126.43
N LEU A 269 20.95 32.11 125.41
CA LEU A 269 21.44 32.40 124.07
C LEU A 269 20.94 33.76 123.60
N MET A 270 21.89 34.61 123.17
CA MET A 270 21.61 35.90 122.56
C MET A 270 21.27 35.73 121.09
N THR A 271 20.54 36.71 120.56
CA THR A 271 20.02 36.72 119.20
C THR A 271 20.55 37.92 118.43
N GLY A 272 20.47 37.84 117.11
CA GLY A 272 20.77 38.99 116.27
C GLY A 272 20.32 38.74 114.85
N TYR A 273 20.05 39.82 114.13
CA TYR A 273 19.49 39.74 112.78
C TYR A 273 20.13 40.81 111.90
N THR A 274 20.70 40.40 110.76
CA THR A 274 21.41 41.37 109.90
C THR A 274 20.49 42.45 109.35
N PRO A 275 19.52 42.19 108.46
CA PRO A 275 18.67 43.28 107.99
C PRO A 275 17.53 43.49 108.96
N LEU A 276 17.81 44.20 110.06
CA LEU A 276 16.73 44.61 110.97
C LEU A 276 15.62 45.30 110.21
N THR A 277 15.99 46.10 109.20
CA THR A 277 15.06 46.58 108.19
C THR A 277 15.00 45.63 106.99
N THR A 278 14.51 44.41 107.24
CA THR A 278 14.31 43.44 106.16
C THR A 278 13.19 43.90 105.22
N ASP A 279 12.32 44.79 105.66
CA ASP A 279 11.39 45.45 104.74
C ASP A 279 12.14 46.44 103.86
N LYS A 287 22.59 43.14 95.23
CA LYS A 287 22.36 42.17 96.30
C LYS A 287 23.44 42.37 97.37
N THR A 288 23.20 41.84 98.56
CA THR A 288 24.16 41.86 99.64
C THR A 288 24.90 40.53 99.72
N THR A 289 26.22 40.59 99.73
CA THR A 289 27.01 39.36 99.82
C THR A 289 27.13 38.89 101.27
N VAL A 290 27.52 37.62 101.40
CA VAL A 290 27.65 36.98 102.70
C VAL A 290 28.68 37.70 103.57
N LEU A 291 29.77 38.20 102.98
CA LEU A 291 30.76 38.95 103.75
C LEU A 291 30.09 40.10 104.48
N ASP A 292 29.25 40.85 103.76
CA ASP A 292 28.55 42.00 104.31
C ASP A 292 27.61 41.57 105.41
N VAL A 293 26.82 40.50 105.17
CA VAL A 293 25.79 40.20 106.16
C VAL A 293 26.44 39.68 107.45
N MET A 294 27.52 38.89 107.36
CA MET A 294 28.23 38.49 108.57
C MET A 294 28.72 39.69 109.36
N ARG A 295 29.43 40.61 108.72
CA ARG A 295 29.94 41.75 109.46
C ARG A 295 28.83 42.62 110.05
N ARG A 296 27.80 42.93 109.25
CA ARG A 296 26.66 43.69 109.75
C ARG A 296 26.10 43.02 111.00
N LEU A 297 26.03 41.69 110.97
CA LEU A 297 25.48 40.95 112.09
C LEU A 297 26.36 41.13 113.33
N LEU A 298 27.68 41.12 113.13
CA LEU A 298 28.56 41.18 114.30
C LEU A 298 28.61 42.56 114.97
N GLN A 299 28.29 43.67 114.28
CA GLN A 299 28.22 44.92 115.06
C GLN A 299 27.09 44.86 116.10
N PRO A 300 27.15 45.66 117.19
CA PRO A 300 26.13 45.56 118.24
C PRO A 300 24.76 46.12 117.90
N LYS A 301 24.61 47.00 116.89
CA LYS A 301 23.28 47.54 116.61
C LYS A 301 22.32 46.44 116.20
N ASN A 302 22.80 45.49 115.40
CA ASN A 302 21.97 44.37 114.99
C ASN A 302 21.70 43.41 116.14
N VAL A 303 22.49 43.46 117.22
CA VAL A 303 22.21 42.62 118.38
C VAL A 303 20.98 43.18 119.10
N MET A 304 20.15 42.26 119.64
CA MET A 304 18.86 42.58 120.22
C MET A 304 18.86 42.37 121.73
N VAL A 305 20.01 42.56 122.37
CA VAL A 305 20.18 42.40 123.81
C VAL A 305 20.88 43.63 124.33
N SER A 306 20.36 44.19 125.44
CA SER A 306 20.87 45.45 125.97
C SER A 306 21.87 45.25 127.10
N THR A 313 36.67 44.49 133.62
CA THR A 313 36.76 43.06 133.43
C THR A 313 36.51 42.67 131.97
N ASN A 314 37.33 41.77 131.45
CA ASN A 314 37.14 41.28 130.09
C ASN A 314 35.80 40.57 129.96
N HIS A 315 35.24 40.57 128.75
CA HIS A 315 34.04 39.82 128.44
C HIS A 315 34.19 39.23 127.04
N CYS A 316 33.58 38.05 126.83
CA CYS A 316 33.87 37.25 125.66
C CYS A 316 32.71 36.32 125.34
N TYR A 317 32.51 36.05 124.04
CA TYR A 317 31.61 34.98 123.64
C TYR A 317 32.16 33.63 124.06
N ILE A 318 31.27 32.67 124.27
CA ILE A 318 31.66 31.27 124.41
C ILE A 318 31.61 30.56 123.07
N ALA A 319 30.56 30.82 122.28
CA ALA A 319 30.42 30.24 120.96
C ALA A 319 29.39 31.04 120.19
N ILE A 320 29.53 31.05 118.87
CA ILE A 320 28.67 31.82 117.98
C ILE A 320 28.19 30.88 116.87
N LEU A 321 26.95 31.09 116.42
CA LEU A 321 26.44 30.38 115.26
C LEU A 321 25.57 31.33 114.46
N ASN A 322 25.53 31.12 113.14
CA ASN A 322 24.83 32.00 112.23
C ASN A 322 24.23 31.20 111.09
N ILE A 323 23.01 31.59 110.70
CA ILE A 323 22.26 30.97 109.62
C ILE A 323 21.83 32.06 108.66
N ILE A 324 22.08 31.86 107.36
CA ILE A 324 21.73 32.81 106.31
C ILE A 324 20.73 32.15 105.38
N GLN A 325 19.65 32.86 105.06
CA GLN A 325 18.62 32.38 104.15
C GLN A 325 18.52 33.39 103.01
N GLY A 326 18.91 32.95 101.80
CA GLY A 326 18.78 33.84 100.65
C GLY A 326 19.45 33.27 99.42
N GLU A 327 19.66 34.16 98.45
CA GLU A 327 20.33 33.84 97.19
C GLU A 327 21.84 33.93 97.43
N VAL A 328 22.38 32.89 98.05
CA VAL A 328 23.74 32.91 98.58
C VAL A 328 24.65 32.10 97.67
N ASP A 329 25.75 32.72 97.25
CA ASP A 329 26.76 32.01 96.47
C ASP A 329 27.49 31.00 97.36
N PRO A 330 27.72 29.75 96.87
CA PRO A 330 28.31 28.74 97.76
C PRO A 330 29.82 28.90 97.96
N THR A 331 30.55 29.19 96.89
CA THR A 331 32.01 29.27 97.01
C THR A 331 32.44 30.44 97.90
N GLN A 332 31.63 31.49 97.98
CA GLN A 332 32.00 32.65 98.79
C GLN A 332 31.71 32.49 100.27
N VAL A 333 30.95 31.50 100.72
CA VAL A 333 30.63 31.43 102.15
C VAL A 333 31.87 31.09 102.97
N HIS A 334 32.69 30.15 102.48
CA HIS A 334 33.90 29.81 103.20
C HIS A 334 34.86 30.99 103.22
N LYS A 335 35.04 31.63 102.06
CA LYS A 335 35.86 32.83 101.95
C LYS A 335 35.31 33.95 102.83
N SER A 336 33.99 33.97 103.02
CA SER A 336 33.38 34.96 103.90
C SER A 336 33.81 34.73 105.33
N LEU A 337 33.82 33.47 105.76
CA LEU A 337 34.27 33.20 107.12
C LEU A 337 35.77 33.48 107.24
N GLN A 338 36.54 33.23 106.16
CA GLN A 338 37.95 33.61 106.13
C GLN A 338 38.10 35.11 106.41
N ARG A 339 37.31 35.92 105.70
CA ARG A 339 37.41 37.36 105.82
C ARG A 339 36.93 37.82 107.19
N ILE A 340 35.88 37.19 107.73
CA ILE A 340 35.41 37.55 109.07
C ILE A 340 36.48 37.24 110.10
N ARG A 341 37.22 36.14 109.91
CA ARG A 341 38.37 35.89 110.76
C ARG A 341 39.39 37.01 110.65
N GLU A 342 39.63 37.52 109.44
CA GLU A 342 40.60 38.60 109.32
C GLU A 342 40.10 39.87 110.01
N ARG A 343 38.79 40.13 109.92
CA ARG A 343 38.23 41.32 110.56
C ARG A 343 38.30 41.24 112.08
N LYS A 344 38.13 40.04 112.66
CA LYS A 344 38.16 39.84 114.12
C LYS A 344 37.16 40.75 114.84
N LEU A 345 35.97 40.90 114.25
CA LEU A 345 34.98 41.80 114.82
C LEU A 345 34.38 41.25 116.10
N ALA A 346 34.29 39.92 116.22
CA ALA A 346 33.78 39.27 117.41
C ALA A 346 34.99 38.83 118.22
N ASN A 347 35.15 39.44 119.40
CA ASN A 347 36.30 39.19 120.26
C ASN A 347 35.90 38.16 121.30
N PHE A 348 36.57 37.01 121.29
CA PHE A 348 36.24 35.97 122.24
C PHE A 348 37.44 35.07 122.47
N ILE A 349 37.74 34.82 123.75
CA ILE A 349 38.79 33.90 124.16
C ILE A 349 38.27 33.04 125.31
N PRO A 350 37.21 32.26 125.09
CA PRO A 350 36.62 31.48 126.19
C PRO A 350 37.36 30.17 126.42
N TRP A 351 36.95 29.48 127.49
CA TRP A 351 37.41 28.12 127.69
C TRP A 351 37.01 27.22 126.53
N GLY A 352 35.82 27.43 125.97
CA GLY A 352 35.31 26.59 124.91
C GLY A 352 36.11 26.76 123.63
N PRO A 353 36.27 25.70 122.83
CA PRO A 353 36.99 25.83 121.56
C PRO A 353 36.08 26.11 120.36
N ALA A 354 34.79 26.33 120.56
CA ALA A 354 33.86 26.36 119.44
C ALA A 354 34.06 27.63 118.63
N SER A 355 34.40 27.46 117.35
CA SER A 355 34.55 28.57 116.42
C SER A 355 33.25 28.82 115.69
N ILE A 356 33.13 30.05 115.17
CA ILE A 356 31.93 30.42 114.42
C ILE A 356 31.84 29.58 113.17
N GLN A 357 30.62 29.20 112.81
CA GLN A 357 30.35 28.38 111.63
C GLN A 357 29.26 29.04 110.81
N VAL A 358 29.47 29.09 109.49
CA VAL A 358 28.52 29.73 108.58
C VAL A 358 27.56 28.67 108.06
N ALA A 359 26.27 28.81 108.38
CA ALA A 359 25.25 27.87 107.97
C ALA A 359 24.25 28.53 107.05
N LEU A 360 23.54 27.69 106.29
CA LEU A 360 22.64 28.15 105.24
C LEU A 360 21.30 27.44 105.37
N SER A 361 20.23 28.18 105.09
CA SER A 361 18.88 27.67 105.07
C SER A 361 18.17 28.22 103.84
N ARG A 362 16.97 27.71 103.58
CA ARG A 362 16.23 28.03 102.37
C ARG A 362 15.24 29.15 102.65
N LYS A 363 15.36 30.24 101.90
CA LYS A 363 14.35 31.29 101.94
C LYS A 363 13.09 30.77 101.23
N SER A 364 11.93 31.01 101.84
CA SER A 364 10.70 30.38 101.38
C SER A 364 10.13 31.15 100.19
N PRO A 365 9.28 30.49 99.35
CA PRO A 365 8.55 31.23 98.32
C PRO A 365 7.25 31.83 98.83
N TYR A 366 6.52 32.53 97.96
CA TYR A 366 5.22 33.17 98.18
C TYR A 366 5.23 34.42 99.06
N LEU A 367 6.31 34.65 99.82
CA LEU A 367 6.40 35.84 100.65
C LEU A 367 7.41 36.80 100.01
N PRO A 368 7.39 38.09 100.35
CA PRO A 368 8.31 39.04 99.69
C PRO A 368 9.77 38.67 99.90
N SER A 369 10.56 38.85 98.85
CA SER A 369 11.99 38.54 98.85
C SER A 369 12.85 39.79 99.02
N ALA A 370 12.31 40.84 99.63
CA ALA A 370 13.09 42.03 99.91
C ALA A 370 14.29 41.69 100.78
N HIS A 371 15.45 42.30 100.46
CA HIS A 371 16.73 41.91 101.03
C HIS A 371 16.95 40.42 100.84
N ARG A 372 17.19 40.07 99.57
CA ARG A 372 17.35 38.70 99.10
C ARG A 372 18.19 37.83 100.05
N VAL A 373 19.32 38.36 100.54
CA VAL A 373 20.14 37.69 101.54
C VAL A 373 19.85 38.30 102.90
N SER A 374 19.51 37.46 103.87
CA SER A 374 19.16 37.90 105.21
C SER A 374 19.57 36.80 106.19
N GLY A 375 20.23 37.20 107.29
CA GLY A 375 20.80 36.24 108.21
C GLY A 375 20.47 36.54 109.66
N LEU A 376 20.72 35.54 110.49
CA LEU A 376 20.49 35.58 111.93
C LEU A 376 21.67 34.90 112.62
N MET A 377 21.90 35.28 113.88
CA MET A 377 22.89 34.65 114.75
C MET A 377 22.28 34.33 116.09
N MET A 378 22.68 33.17 116.61
CA MET A 378 22.38 32.73 117.96
C MET A 378 23.71 32.37 118.62
N ALA A 379 23.96 32.91 119.82
CA ALA A 379 25.29 32.80 120.41
C ALA A 379 25.25 32.78 121.93
N ASN A 380 26.26 32.14 122.52
CA ASN A 380 26.50 32.15 123.96
C ASN A 380 27.50 33.24 124.30
N HIS A 381 27.08 34.23 125.09
CA HIS A 381 27.91 35.37 125.46
C HIS A 381 27.84 35.60 126.97
N THR A 382 28.96 36.05 127.54
CA THR A 382 29.00 36.37 128.95
C THR A 382 28.29 37.67 129.31
N SER A 383 27.94 38.50 128.32
CA SER A 383 27.34 39.80 128.62
C SER A 383 25.98 39.67 129.30
N ILE A 384 25.20 38.64 128.96
CA ILE A 384 23.87 38.46 129.54
C ILE A 384 23.90 38.27 131.05
N SER A 385 25.06 37.86 131.59
CA SER A 385 25.25 37.83 133.04
C SER A 385 24.97 39.20 133.63
N SER A 386 25.33 40.26 132.92
CA SER A 386 25.04 41.62 133.39
C SER A 386 23.53 41.81 133.54
N LEU A 387 22.75 41.39 132.55
CA LEU A 387 21.31 41.57 132.63
C LEU A 387 20.70 40.78 133.77
N PHE A 388 21.19 39.55 133.98
CA PHE A 388 20.75 38.80 135.16
C PHE A 388 21.12 39.53 136.44
N GLU A 389 22.35 40.05 136.50
CA GLU A 389 22.80 40.71 137.72
C GLU A 389 22.04 42.00 137.99
N ARG A 390 21.51 42.65 136.96
CA ARG A 390 20.69 43.84 137.19
C ARG A 390 19.42 43.51 137.95
N THR A 391 18.72 42.44 137.57
CA THR A 391 17.52 42.08 138.32
C THR A 391 17.88 41.51 139.69
N CYS A 392 19.02 40.81 139.81
CA CYS A 392 19.46 40.44 141.15
C CYS A 392 19.83 41.65 142.00
N ARG A 393 20.33 42.73 141.39
CA ARG A 393 20.63 43.95 142.11
C ARG A 393 19.35 44.63 142.62
N GLN A 394 18.36 44.73 141.72
CA GLN A 394 17.06 45.26 142.12
C GLN A 394 16.46 44.42 143.23
N TYR A 395 16.59 43.09 143.11
CA TYR A 395 16.05 42.19 144.12
C TYR A 395 16.75 42.38 145.45
N ASP A 396 18.08 42.51 145.44
CA ASP A 396 18.83 42.66 146.69
C ASP A 396 18.44 43.94 147.41
N LYS A 397 18.34 45.04 146.65
CA LYS A 397 17.90 46.30 147.25
C LYS A 397 16.49 46.18 147.82
N LEU A 398 15.58 45.61 147.02
CA LEU A 398 14.20 45.42 147.47
C LEU A 398 14.13 44.48 148.66
N ARG A 399 15.05 43.51 148.73
CA ARG A 399 15.04 42.52 149.80
C ARG A 399 15.50 43.15 151.10
N LYS A 400 16.54 43.98 151.06
CA LYS A 400 16.94 44.71 152.26
C LYS A 400 15.81 45.62 152.73
N ARG A 401 15.17 46.34 151.81
CA ARG A 401 14.07 47.21 152.22
C ARG A 401 12.89 46.41 152.76
N GLU A 402 12.63 45.24 152.19
CA GLU A 402 11.38 44.50 152.38
C GLU A 402 10.17 45.38 152.07
N ALA A 403 10.36 46.32 151.13
CA ALA A 403 9.27 47.22 150.74
C ALA A 403 8.13 46.44 150.11
N PHE A 404 8.47 45.45 149.27
CA PHE A 404 7.48 44.60 148.64
C PHE A 404 7.85 43.15 148.92
N LEU A 405 7.49 42.70 150.12
CA LEU A 405 7.32 41.28 150.42
C LEU A 405 5.96 40.77 149.99
N GLU A 406 5.02 41.69 149.72
CA GLU A 406 3.63 41.52 149.33
C GLU A 406 2.73 41.04 150.46
N GLN A 407 3.25 40.20 151.36
CA GLN A 407 2.61 39.71 152.58
C GLN A 407 1.16 39.23 152.35
N PHE A 408 0.77 38.95 151.11
CA PHE A 408 -0.58 38.50 150.85
C PHE A 408 -0.70 37.09 151.40
N ARG A 409 -1.88 36.72 151.87
CA ARG A 409 -2.02 35.44 152.57
C ARG A 409 -1.62 34.29 151.67
N LYS A 410 -1.95 34.38 150.37
CA LYS A 410 -1.39 33.45 149.39
C LYS A 410 0.13 33.41 149.47
N GLU A 411 0.76 34.59 149.42
CA GLU A 411 2.22 34.69 149.37
C GLU A 411 2.84 34.05 150.62
N ASP A 412 2.37 34.45 151.79
CA ASP A 412 2.98 34.02 153.04
C ASP A 412 2.68 32.56 153.34
N MET A 413 1.43 32.14 153.12
CA MET A 413 1.08 30.74 153.37
C MET A 413 1.86 29.82 152.44
N PHE A 414 2.00 30.20 151.17
CA PHE A 414 2.80 29.39 150.26
C PHE A 414 4.26 29.36 150.69
N LYS A 415 4.81 30.51 151.10
CA LYS A 415 6.22 30.62 151.50
C LYS A 415 6.28 31.43 152.82
N ASP A 416 6.17 30.70 153.93
CA ASP A 416 6.31 31.34 155.24
C ASP A 416 7.77 31.65 155.53
N ASN A 417 8.66 30.72 155.20
CA ASN A 417 10.09 30.90 155.44
C ASN A 417 10.65 32.01 154.58
N PHE A 418 10.10 32.19 153.37
CA PHE A 418 10.63 33.14 152.39
C PHE A 418 12.07 32.78 152.02
N ASP A 419 12.39 31.48 152.10
CA ASP A 419 13.74 30.97 151.89
C ASP A 419 13.95 30.40 150.48
N GLU A 420 12.87 30.14 149.74
CA GLU A 420 13.04 29.83 148.33
C GLU A 420 13.62 31.01 147.58
N MET A 421 13.32 32.23 148.06
CA MET A 421 13.93 33.41 147.47
C MET A 421 15.44 33.40 147.66
N ASP A 422 15.90 33.01 148.86
CA ASP A 422 17.34 32.94 149.13
C ASP A 422 17.99 31.79 148.37
N THR A 423 17.28 30.66 148.24
CA THR A 423 17.80 29.57 147.42
C THR A 423 17.98 30.01 145.98
N SER A 424 17.01 30.76 145.45
CA SER A 424 17.15 31.31 144.11
C SER A 424 18.30 32.31 144.06
N ARG A 425 18.49 33.10 145.11
CA ARG A 425 19.57 34.08 145.10
C ARG A 425 20.92 33.38 145.03
N GLU A 426 21.11 32.33 145.81
CA GLU A 426 22.40 31.64 145.77
C GLU A 426 22.58 30.89 144.45
N ILE A 427 21.52 30.31 143.89
CA ILE A 427 21.64 29.59 142.63
C ILE A 427 21.98 30.56 141.49
N VAL A 428 21.29 31.70 141.43
CA VAL A 428 21.58 32.66 140.38
C VAL A 428 22.95 33.30 140.60
N GLN A 429 23.37 33.44 141.86
CA GLN A 429 24.71 33.95 142.11
C GLN A 429 25.77 32.95 141.63
N GLN A 430 25.50 31.65 141.80
CA GLN A 430 26.36 30.64 141.21
C GLN A 430 26.42 30.79 139.71
N LEU A 431 25.28 31.09 139.08
CA LEU A 431 25.26 31.29 137.63
C LEU A 431 26.13 32.49 137.22
N ILE A 432 26.02 33.60 137.97
CA ILE A 432 26.84 34.78 137.66
C ILE A 432 28.32 34.43 137.79
N ASP A 433 28.68 33.75 138.88
CA ASP A 433 30.07 33.36 139.10
C ASP A 433 30.54 32.42 138.02
N GLU A 434 29.67 31.52 137.55
CA GLU A 434 30.02 30.59 136.50
C GLU A 434 30.27 31.31 135.18
N TYR A 435 29.45 32.31 134.86
CA TYR A 435 29.69 33.14 133.67
C TYR A 435 31.08 33.79 133.75
N HIS A 436 31.35 34.47 134.86
CA HIS A 436 32.65 35.13 134.95
C HIS A 436 33.81 34.14 135.01
N ALA A 437 33.59 32.95 135.59
CA ALA A 437 34.61 31.92 135.55
C ALA A 437 34.85 31.43 134.12
N ALA A 438 33.79 31.35 133.32
CA ALA A 438 33.96 31.05 131.91
C ALA A 438 34.81 32.11 131.22
N THR A 439 34.63 33.37 131.62
CA THR A 439 35.53 34.41 131.14
C THR A 439 36.97 34.11 131.57
N ARG A 440 37.16 33.58 132.78
CA ARG A 440 38.51 33.31 133.26
C ARG A 440 39.19 32.22 132.41
N PRO A 441 40.53 32.17 132.41
CA PRO A 441 41.22 31.14 131.61
C PRO A 441 41.04 29.71 132.12
N ASP A 442 40.50 29.52 133.33
CA ASP A 442 40.58 28.25 134.03
C ASP A 442 39.20 27.72 134.39
N TYR A 443 38.30 27.70 133.42
CA TYR A 443 37.01 27.01 133.56
C TYR A 443 37.16 25.50 133.45
N ILE A 444 38.37 25.01 133.15
CA ILE A 444 38.67 23.59 133.31
C ILE A 444 38.42 23.16 134.75
N SER A 445 38.78 24.00 135.70
CA SER A 445 38.43 23.79 137.10
C SER A 445 36.95 24.09 137.30
N TRP A 446 36.44 23.68 138.46
CA TRP A 446 35.02 23.83 138.76
C TRP A 446 34.62 25.30 138.71
N GLY A 447 33.47 25.55 138.09
CA GLY A 447 32.95 26.90 137.94
C GLY A 447 31.76 27.16 138.85
N ASN B 241 68.33 -15.71 -14.30
CA ASN B 241 66.89 -15.54 -14.39
C ASN B 241 66.39 -14.29 -13.66
N LEU B 242 67.24 -13.70 -12.81
CA LEU B 242 66.99 -12.48 -12.05
C LEU B 242 66.08 -12.68 -10.85
N ALA B 243 65.54 -13.88 -10.64
CA ALA B 243 64.94 -14.28 -9.38
C ALA B 243 65.87 -15.19 -8.57
N ALA B 244 67.11 -15.40 -9.05
CA ALA B 244 68.04 -16.37 -8.48
C ALA B 244 69.40 -15.67 -8.34
N VAL B 245 69.38 -14.50 -7.72
CA VAL B 245 70.58 -13.68 -7.60
C VAL B 245 71.54 -14.38 -6.64
N TRP B 246 72.78 -14.54 -7.08
CA TRP B 246 73.87 -15.18 -6.34
C TRP B 246 73.65 -16.69 -6.17
N ASP B 247 72.55 -17.26 -6.71
CA ASP B 247 72.46 -18.71 -6.79
C ASP B 247 73.52 -19.26 -7.72
N GLN B 248 73.78 -18.56 -8.82
CA GLN B 248 74.89 -18.89 -9.70
C GLN B 248 76.17 -18.36 -9.06
N HIS B 249 77.12 -19.24 -8.81
CA HIS B 249 78.40 -18.87 -8.21
C HIS B 249 79.54 -19.05 -9.21
N LEU B 250 79.28 -18.72 -10.47
CA LEU B 250 80.30 -18.83 -11.51
C LEU B 250 81.45 -17.87 -11.26
N TYR B 251 81.15 -16.65 -10.80
CA TYR B 251 82.21 -15.71 -10.47
C TYR B 251 83.14 -16.29 -9.41
N SER B 252 82.58 -16.91 -8.37
CA SER B 252 83.42 -17.52 -7.36
C SER B 252 84.18 -18.71 -7.95
N SER B 253 83.55 -19.47 -8.85
CA SER B 253 84.21 -20.64 -9.41
C SER B 253 85.33 -20.27 -10.37
N ASP B 254 85.38 -19.02 -10.82
CA ASP B 254 86.51 -18.61 -11.66
C ASP B 254 87.84 -18.89 -10.98
N PRO B 255 88.04 -18.57 -9.70
CA PRO B 255 89.07 -19.27 -8.91
C PRO B 255 88.49 -20.52 -8.26
N LEU B 256 89.40 -21.41 -7.85
CA LEU B 256 88.99 -22.54 -7.02
C LEU B 256 88.45 -22.03 -5.69
N TYR B 257 87.29 -22.54 -5.28
CA TYR B 257 86.59 -21.99 -4.12
C TYR B 257 85.63 -23.02 -3.56
N VAL B 258 85.48 -23.01 -2.24
CA VAL B 258 84.59 -23.91 -1.52
C VAL B 258 83.30 -23.15 -1.20
N PRO B 259 82.12 -23.65 -1.57
CA PRO B 259 80.89 -22.96 -1.16
C PRO B 259 80.52 -23.26 0.29
N ASP B 260 79.97 -22.25 0.96
CA ASP B 260 79.58 -22.36 2.37
C ASP B 260 78.10 -22.70 2.47
N ASP B 261 77.77 -23.59 3.40
CA ASP B 261 76.39 -24.01 3.59
C ASP B 261 75.56 -22.89 4.19
N ARG B 262 74.38 -22.64 3.61
CA ARG B 262 73.49 -21.56 4.05
C ARG B 262 72.06 -22.07 3.99
N VAL B 263 71.20 -21.52 4.85
CA VAL B 263 69.91 -22.16 5.13
C VAL B 263 68.96 -22.07 3.94
N LEU B 264 69.05 -21.02 3.13
CA LEU B 264 68.17 -20.81 1.98
C LEU B 264 66.72 -20.64 2.45
N VAL B 265 66.50 -19.65 3.32
CA VAL B 265 65.15 -19.29 3.73
C VAL B 265 64.49 -18.47 2.63
N THR B 266 63.16 -18.52 2.58
CA THR B 266 62.43 -17.73 1.59
C THR B 266 62.29 -16.27 2.01
N GLU B 267 62.33 -15.41 0.99
CA GLU B 267 62.23 -13.97 1.21
C GLU B 267 60.92 -13.62 1.90
N THR B 268 59.85 -14.33 1.58
CA THR B 268 58.57 -14.07 2.25
C THR B 268 58.65 -14.39 3.73
N GLN B 269 59.32 -15.49 4.08
CA GLN B 269 59.51 -15.84 5.48
C GLN B 269 60.31 -14.78 6.21
N VAL B 270 61.25 -14.12 5.51
CA VAL B 270 62.05 -13.10 6.16
C VAL B 270 61.18 -11.95 6.69
N ILE B 271 60.18 -11.50 5.91
CA ILE B 271 59.32 -10.43 6.41
C ILE B 271 58.53 -10.89 7.62
N ARG B 272 58.09 -12.15 7.63
CA ARG B 272 57.38 -12.64 8.79
C ARG B 272 58.30 -12.62 10.02
N GLU B 273 59.57 -13.00 9.83
CA GLU B 273 60.54 -12.96 10.94
C GLU B 273 60.73 -11.52 11.43
N THR B 274 60.91 -10.58 10.51
CA THR B 274 61.05 -9.19 10.89
C THR B 274 59.82 -8.69 11.62
N LEU B 275 58.62 -9.09 11.19
CA LEU B 275 57.42 -8.57 11.83
C LEU B 275 57.28 -9.07 13.25
N TRP B 276 57.49 -10.37 13.49
CA TRP B 276 57.40 -10.80 14.88
C TRP B 276 58.53 -10.20 15.72
N LEU B 277 59.71 -9.97 15.13
CA LEU B 277 60.75 -9.32 15.92
C LEU B 277 60.35 -7.89 16.28
N LEU B 278 59.78 -7.14 15.33
CA LEU B 278 59.39 -5.77 15.62
C LEU B 278 58.26 -5.73 16.64
N SER B 279 57.45 -6.79 16.72
CA SER B 279 56.57 -6.96 17.85
C SER B 279 57.34 -7.70 18.96
N GLY B 280 56.74 -7.82 20.14
CA GLY B 280 57.46 -8.42 21.25
C GLY B 280 57.58 -9.93 21.17
N VAL B 281 58.75 -10.43 20.76
CA VAL B 281 58.99 -11.87 20.55
C VAL B 281 60.48 -12.11 20.71
N LYS B 282 60.84 -13.30 21.20
CA LYS B 282 62.23 -13.71 21.38
C LYS B 282 62.48 -15.05 20.70
N LYS B 283 63.77 -15.40 20.61
CA LYS B 283 64.24 -16.73 20.19
C LYS B 283 63.74 -17.02 18.76
N LEU B 284 63.80 -16.02 17.90
CA LEU B 284 63.51 -16.21 16.49
C LEU B 284 64.74 -16.79 15.81
N PHE B 285 64.52 -17.69 14.85
CA PHE B 285 65.67 -18.34 14.20
C PHE B 285 66.48 -17.32 13.41
N ILE B 286 65.82 -16.37 12.75
CA ILE B 286 66.53 -15.19 12.29
C ILE B 286 66.67 -14.21 13.46
N PHE B 287 67.73 -13.41 13.44
CA PHE B 287 67.99 -12.39 14.47
C PHE B 287 68.28 -13.04 15.82
N GLN B 288 69.20 -14.01 15.82
CA GLN B 288 69.56 -14.68 17.06
C GLN B 288 70.15 -13.70 18.06
N LEU B 289 69.61 -13.70 19.28
CA LEU B 289 70.09 -12.89 20.39
C LEU B 289 70.98 -13.74 21.30
N ILE B 290 72.01 -13.11 21.87
CA ILE B 290 73.07 -13.82 22.58
C ILE B 290 73.28 -13.28 23.99
N ASP B 291 73.35 -11.96 24.14
CA ASP B 291 73.51 -11.34 25.47
C ASP B 291 72.61 -10.11 25.58
N GLY B 292 71.37 -10.22 25.13
CA GLY B 292 70.54 -9.04 25.00
C GLY B 292 70.92 -8.15 23.84
N LYS B 293 71.79 -8.63 22.93
CA LYS B 293 72.17 -7.93 21.72
C LYS B 293 71.60 -8.74 20.56
N VAL B 294 70.47 -8.29 20.01
CA VAL B 294 69.91 -8.98 18.85
C VAL B 294 70.84 -8.75 17.67
N THR B 295 71.24 -9.84 17.03
CA THR B 295 72.19 -9.81 15.93
C THR B 295 71.70 -10.73 14.83
N VAL B 296 71.90 -10.28 13.58
CA VAL B 296 71.49 -11.07 12.43
C VAL B 296 72.22 -12.41 12.48
N ARG B 297 71.47 -13.48 12.22
CA ARG B 297 72.07 -14.81 12.17
C ARG B 297 73.14 -14.87 11.09
N ASN B 298 74.20 -15.63 11.39
CA ASN B 298 75.43 -15.55 10.61
C ASN B 298 75.23 -16.00 9.17
N ASN B 299 74.46 -17.07 8.97
CA ASN B 299 74.29 -17.69 7.64
C ASN B 299 72.81 -17.75 7.29
N ILE B 300 72.35 -16.79 6.49
CA ILE B 300 71.04 -16.83 5.85
C ILE B 300 71.22 -16.37 4.41
N ILE B 301 70.64 -17.11 3.48
CA ILE B 301 70.68 -16.79 2.06
C ILE B 301 69.27 -16.91 1.50
N VAL B 302 68.98 -16.15 0.45
CA VAL B 302 67.68 -16.16 -0.22
C VAL B 302 67.93 -16.17 -1.72
N THR B 303 66.90 -16.58 -2.47
CA THR B 303 67.00 -16.70 -3.93
C THR B 303 67.41 -15.37 -4.56
N HIS B 304 66.52 -14.39 -4.53
CA HIS B 304 66.75 -13.12 -5.22
C HIS B 304 67.36 -12.09 -4.29
N LEU B 305 68.41 -12.49 -3.59
CA LEU B 305 69.14 -11.60 -2.69
C LEU B 305 70.53 -12.18 -2.49
N THR B 306 71.54 -11.33 -2.55
CA THR B 306 72.89 -11.74 -2.24
C THR B 306 73.09 -11.73 -0.73
N HIS B 307 74.12 -12.46 -0.28
CA HIS B 307 74.36 -12.59 1.15
C HIS B 307 74.64 -11.24 1.80
N SER B 308 75.48 -10.42 1.17
CA SER B 308 75.95 -9.20 1.81
C SER B 308 74.83 -8.17 1.95
N CYS B 309 74.08 -7.92 0.89
CA CYS B 309 73.01 -6.92 0.98
C CYS B 309 71.92 -7.39 1.94
N LEU B 310 71.65 -8.70 1.94
CA LEU B 310 70.71 -9.25 2.90
C LEU B 310 71.20 -9.05 4.32
N ARG B 311 72.49 -9.30 4.55
CA ARG B 311 73.08 -9.03 5.86
C ARG B 311 72.93 -7.57 6.24
N SER B 312 73.16 -6.67 5.28
CA SER B 312 73.11 -5.24 5.56
C SER B 312 71.70 -4.82 5.98
N VAL B 313 70.70 -5.21 5.19
CA VAL B 313 69.33 -4.80 5.54
C VAL B 313 68.91 -5.46 6.85
N LEU B 314 69.25 -6.74 7.02
CA LEU B 314 68.81 -7.46 8.21
C LEU B 314 69.44 -6.86 9.46
N GLU B 315 70.73 -6.51 9.38
CA GLU B 315 71.37 -5.77 10.47
C GLU B 315 70.67 -4.45 10.71
N GLN B 316 70.25 -3.76 9.65
CA GLN B 316 69.60 -2.47 9.84
C GLN B 316 68.26 -2.63 10.56
N ILE B 317 67.54 -3.70 10.28
CA ILE B 317 66.33 -4.00 11.06
C ILE B 317 66.70 -4.42 12.48
N ALA B 318 67.77 -5.20 12.63
CA ALA B 318 68.15 -5.69 13.95
C ALA B 318 68.58 -4.57 14.89
N ALA B 319 69.14 -3.49 14.33
CA ALA B 319 69.46 -2.34 15.15
C ALA B 319 68.20 -1.78 15.81
N TYR B 320 67.11 -1.69 15.05
CA TYR B 320 65.82 -1.30 15.63
C TYR B 320 65.29 -2.39 16.55
N GLY B 321 65.60 -3.64 16.20
CA GLY B 321 65.22 -4.77 17.03
C GLY B 321 65.76 -4.66 18.44
N GLN B 322 66.99 -4.19 18.56
CA GLN B 322 67.60 -4.02 19.88
C GLN B 322 66.82 -2.98 20.70
N VAL B 323 66.38 -1.90 20.05
CA VAL B 323 65.61 -0.87 20.75
C VAL B 323 64.29 -1.44 21.24
N VAL B 324 63.55 -2.10 20.35
CA VAL B 324 62.26 -2.66 20.75
C VAL B 324 62.44 -3.74 21.82
N PHE B 325 63.50 -4.54 21.71
CA PHE B 325 63.74 -5.57 22.71
C PHE B 325 64.01 -4.95 24.09
N ARG B 326 64.86 -3.92 24.13
CA ARG B 326 65.18 -3.31 25.42
C ARG B 326 63.96 -2.62 26.02
N LEU B 327 63.15 -1.96 25.19
CA LEU B 327 61.93 -1.33 25.71
C LEU B 327 60.94 -2.39 26.20
N GLN B 328 60.82 -3.51 25.47
CA GLN B 328 59.98 -4.60 25.92
C GLN B 328 60.49 -5.17 27.23
N GLU B 329 61.81 -5.27 27.39
CA GLU B 329 62.38 -5.80 28.63
C GLU B 329 62.06 -4.90 29.81
N PHE B 330 62.19 -3.59 29.62
CA PHE B 330 61.83 -2.64 30.67
C PHE B 330 60.34 -2.76 31.03
N ILE B 331 59.49 -2.79 30.01
CA ILE B 331 58.05 -2.94 30.21
C ILE B 331 57.77 -4.21 31.02
N ASP B 332 58.41 -5.31 30.63
CA ASP B 332 58.26 -6.57 31.36
C ASP B 332 58.67 -6.43 32.82
N GLU B 333 59.80 -5.75 33.06
CA GLU B 333 60.31 -5.62 34.41
C GLU B 333 59.31 -4.91 35.30
N VAL B 334 58.66 -3.87 34.77
CA VAL B 334 57.75 -3.06 35.60
C VAL B 334 56.28 -3.21 35.20
N MET B 335 55.90 -4.35 34.63
CA MET B 335 54.49 -4.69 34.42
C MET B 335 53.82 -5.30 35.64
N GLY B 336 54.54 -5.49 36.74
CA GLY B 336 54.09 -6.29 37.86
C GLY B 336 54.63 -7.71 37.85
N HIS B 337 55.19 -8.15 36.73
CA HIS B 337 55.85 -9.44 36.67
C HIS B 337 57.15 -9.47 37.47
N SER B 338 57.71 -8.31 37.77
CA SER B 338 58.95 -8.21 38.56
C SER B 338 60.08 -8.98 37.90
N SER B 353 59.66 -4.53 45.90
CA SER B 353 59.58 -4.82 47.33
C SER B 353 58.11 -4.92 47.77
N THR B 354 57.90 -5.00 49.08
CA THR B 354 56.56 -5.06 49.66
C THR B 354 55.97 -3.65 49.68
N GLU B 355 55.01 -3.40 48.80
CA GLU B 355 54.36 -2.09 48.66
C GLU B 355 55.41 -1.02 48.32
N ALA B 356 55.99 -1.19 47.14
CA ALA B 356 56.88 -0.20 46.54
C ALA B 356 56.42 0.14 45.13
N PRO B 357 55.22 0.74 44.98
CA PRO B 357 54.80 1.23 43.66
C PRO B 357 55.56 2.49 43.28
N PHE B 358 56.43 2.39 42.28
CA PHE B 358 57.24 3.53 41.87
C PHE B 358 56.36 4.68 41.40
N ARG B 359 55.28 4.35 40.69
CA ARG B 359 54.19 5.27 40.35
C ARG B 359 54.52 6.30 39.29
N THR B 360 55.78 6.40 38.86
CA THR B 360 56.17 7.20 37.72
C THR B 360 56.79 6.35 36.63
N TYR B 361 57.66 5.41 37.00
CA TYR B 361 58.10 4.39 36.06
C TYR B 361 56.90 3.61 35.52
N GLN B 362 55.88 3.40 36.36
CA GLN B 362 54.69 2.70 35.91
C GLN B 362 53.89 3.53 34.91
N ALA B 363 53.77 4.85 35.14
CA ALA B 363 53.06 5.69 34.18
C ALA B 363 53.83 5.76 32.85
N PHE B 364 55.16 5.87 32.93
CA PHE B 364 55.97 5.94 31.71
C PHE B 364 55.84 4.66 30.90
N MET B 365 55.98 3.49 31.55
CA MET B 365 55.83 2.25 30.82
C MET B 365 54.40 2.09 30.29
N TRP B 366 53.42 2.63 31.01
CA TRP B 366 52.04 2.51 30.54
C TRP B 366 51.87 3.24 29.22
N ALA B 367 52.38 4.47 29.13
CA ALA B 367 52.33 5.21 27.87
C ALA B 367 53.13 4.51 26.78
N LEU B 368 54.34 4.05 27.13
CA LEU B 368 55.16 3.27 26.21
C LEU B 368 54.40 2.06 25.69
N TYR B 369 53.65 1.41 26.57
CA TYR B 369 52.85 0.26 26.19
C TYR B 369 51.76 0.66 25.20
N LYS B 370 51.09 1.81 25.43
CA LYS B 370 50.07 2.24 24.48
C LYS B 370 50.67 2.44 23.10
N TYR B 371 51.84 3.09 23.04
CA TYR B 371 52.53 3.28 21.76
C TYR B 371 52.86 1.94 21.12
N PHE B 372 53.33 0.99 21.92
CA PHE B 372 53.71 -0.31 21.37
C PHE B 372 52.48 -1.07 20.89
N ILE B 373 51.33 -0.88 21.54
CA ILE B 373 50.09 -1.47 21.04
C ILE B 373 49.77 -0.94 19.65
N SER B 374 49.82 0.38 19.47
CA SER B 374 49.47 0.91 18.14
C SER B 374 50.46 0.45 17.08
N PHE B 375 51.75 0.41 17.43
CA PHE B 375 52.77 -0.09 16.51
C PHE B 375 52.50 -1.55 16.16
N LYS B 376 52.11 -2.35 17.15
CA LYS B 376 51.77 -3.74 16.92
C LYS B 376 50.54 -3.88 16.02
N GLU B 377 49.60 -2.94 16.11
CA GLU B 377 48.43 -2.99 15.22
C GLU B 377 48.85 -2.80 13.78
N GLU B 378 49.73 -1.83 13.54
CA GLU B 378 50.20 -1.62 12.17
C GLU B 378 50.94 -2.86 11.66
N LEU B 379 51.77 -3.46 12.52
CA LEU B 379 52.47 -4.67 12.10
C LEU B 379 51.49 -5.81 11.83
N ALA B 380 50.40 -5.87 12.58
CA ALA B 380 49.40 -6.91 12.38
C ALA B 380 48.69 -6.74 11.04
N GLU B 381 48.36 -5.50 10.68
CA GLU B 381 47.77 -5.26 9.36
C GLU B 381 48.71 -5.72 8.25
N ILE B 382 50.00 -5.39 8.39
CA ILE B 382 50.96 -5.82 7.37
C ILE B 382 51.01 -7.35 7.30
N GLU B 383 51.02 -8.03 8.45
CA GLU B 383 51.05 -9.49 8.43
C GLU B 383 49.80 -10.06 7.75
N LYS B 384 48.63 -9.50 8.05
CA LYS B 384 47.39 -9.98 7.42
C LYS B 384 47.49 -9.82 5.91
N CYS B 385 48.00 -8.68 5.44
CA CYS B 385 48.17 -8.50 4.01
C CYS B 385 49.16 -9.52 3.45
N ILE B 386 50.20 -9.86 4.21
CA ILE B 386 51.22 -10.78 3.71
C ILE B 386 50.65 -12.18 3.53
N ILE B 387 49.78 -12.61 4.45
CA ILE B 387 49.44 -14.04 4.47
C ILE B 387 48.46 -14.41 3.35
N ASN B 388 47.42 -13.62 3.12
CA ASN B 388 46.32 -13.98 2.21
C ASN B 388 46.09 -12.90 1.16
N ASN B 389 46.85 -12.96 0.06
CA ASN B 389 46.62 -12.17 -1.15
C ASN B 389 47.67 -12.52 -2.19
N ASP B 390 47.46 -12.03 -3.40
CA ASP B 390 48.46 -12.09 -4.45
C ASP B 390 49.31 -10.83 -4.51
N THR B 391 48.95 -9.78 -3.75
CA THR B 391 49.76 -8.58 -3.69
C THR B 391 51.15 -8.91 -3.17
N THR B 392 52.17 -8.40 -3.85
CA THR B 392 53.55 -8.65 -3.49
C THR B 392 53.97 -7.65 -2.42
N ILE B 393 54.35 -8.16 -1.26
CA ILE B 393 54.98 -7.37 -0.20
C ILE B 393 56.37 -7.94 -0.01
N THR B 394 57.39 -7.13 -0.31
CA THR B 394 58.79 -7.53 -0.19
C THR B 394 59.49 -6.61 0.81
N LEU B 395 60.77 -6.91 1.03
CA LEU B 395 61.51 -6.29 2.12
C LEU B 395 61.59 -4.78 1.93
N ALA B 396 61.85 -4.32 0.71
CA ALA B 396 61.95 -2.89 0.47
C ALA B 396 60.62 -2.21 0.72
N ILE B 397 59.53 -2.84 0.25
CA ILE B 397 58.20 -2.27 0.39
C ILE B 397 57.88 -2.10 1.86
N VAL B 398 58.05 -3.16 2.66
CA VAL B 398 57.69 -3.09 4.07
C VAL B 398 58.61 -2.14 4.83
N VAL B 399 59.91 -2.18 4.53
CA VAL B 399 60.87 -1.32 5.23
C VAL B 399 60.52 0.14 5.03
N ASP B 400 60.25 0.54 3.78
CA ASP B 400 59.86 1.92 3.54
C ASP B 400 58.42 2.21 3.96
N LYS B 401 57.61 1.18 4.19
CA LYS B 401 56.26 1.40 4.71
C LYS B 401 56.31 1.74 6.19
N LEU B 402 57.22 1.12 6.94
CA LEU B 402 57.35 1.40 8.37
C LEU B 402 58.16 2.65 8.70
N ALA B 403 58.68 3.36 7.69
CA ALA B 403 59.57 4.50 7.87
C ALA B 403 59.08 5.52 8.91
N PRO B 404 57.80 5.92 8.91
CA PRO B 404 57.36 6.82 10.00
C PRO B 404 57.51 6.24 11.39
N ARG B 405 57.23 4.94 11.58
CA ARG B 405 57.40 4.33 12.90
C ARG B 405 58.88 4.24 13.28
N LEU B 406 59.72 3.87 12.31
CA LEU B 406 61.15 3.78 12.57
C LEU B 406 61.72 5.12 12.97
N SER B 407 61.16 6.22 12.45
CA SER B 407 61.57 7.54 12.89
C SER B 407 61.24 7.76 14.37
N GLN B 408 60.07 7.29 14.79
CA GLN B 408 59.67 7.44 16.19
C GLN B 408 60.57 6.63 17.12
N LEU B 409 60.96 5.43 16.68
CA LEU B 409 61.66 4.52 17.59
C LEU B 409 63.02 5.05 18.00
N LYS B 410 63.74 5.72 17.09
CA LYS B 410 65.08 6.20 17.43
C LYS B 410 65.02 7.30 18.48
N VAL B 411 64.06 8.21 18.33
CA VAL B 411 63.84 9.26 19.33
C VAL B 411 63.46 8.63 20.66
N LEU B 412 62.59 7.63 20.62
CA LEU B 412 62.17 6.96 21.84
C LEU B 412 63.37 6.28 22.53
N HIS B 413 64.24 5.68 21.73
CA HIS B 413 65.45 5.06 22.27
C HIS B 413 66.34 6.08 22.94
N LYS B 414 66.50 7.26 22.33
CA LYS B 414 67.34 8.29 22.95
C LYS B 414 66.75 8.73 24.28
N VAL B 415 65.44 8.98 24.30
CA VAL B 415 64.79 9.42 25.54
C VAL B 415 64.95 8.38 26.63
N PHE B 416 64.76 7.10 26.31
CA PHE B 416 64.90 6.07 27.33
C PHE B 416 66.35 5.94 27.78
N SER B 417 67.29 5.92 26.83
CA SER B 417 68.70 5.71 27.11
C SER B 417 69.31 6.85 27.90
N THR B 418 68.67 8.01 27.94
CA THR B 418 69.11 9.08 28.84
C THR B 418 68.32 9.10 30.14
N GLY B 419 67.00 8.90 30.09
CA GLY B 419 66.20 8.99 31.30
C GLY B 419 66.48 7.89 32.31
N VAL B 420 66.68 6.67 31.84
CA VAL B 420 66.75 5.51 32.73
C VAL B 420 68.13 4.88 32.77
N ALA B 421 68.99 5.09 31.76
CA ALA B 421 70.29 4.45 31.67
C ALA B 421 71.47 5.41 31.85
N GLU B 422 71.21 6.63 32.32
CA GLU B 422 72.31 7.58 32.50
C GLU B 422 73.27 7.10 33.57
N VAL B 423 72.75 6.62 34.69
CA VAL B 423 73.53 6.12 35.80
C VAL B 423 73.20 4.63 35.98
N PRO B 424 74.07 3.72 35.52
CA PRO B 424 73.72 2.28 35.53
C PRO B 424 73.44 1.74 36.92
N PRO B 425 74.21 2.11 37.96
CA PRO B 425 73.87 1.59 39.31
C PRO B 425 72.50 2.02 39.80
N ASP B 426 72.04 3.22 39.43
CA ASP B 426 70.74 3.84 39.70
C ASP B 426 70.20 3.47 41.08
N THR B 427 70.91 3.90 42.12
CA THR B 427 70.56 3.52 43.49
C THR B 427 69.34 4.30 43.98
N ARG B 428 69.41 5.62 43.93
CA ARG B 428 68.36 6.45 44.51
C ARG B 428 67.15 6.48 43.59
N ASN B 429 66.00 6.82 44.18
CA ASN B 429 64.70 6.76 43.52
C ASN B 429 64.10 8.13 43.19
N VAL B 430 64.18 9.08 44.11
CA VAL B 430 63.77 10.44 43.79
C VAL B 430 64.64 11.00 42.67
N VAL B 431 65.93 10.63 42.66
CA VAL B 431 66.84 11.06 41.61
C VAL B 431 66.36 10.52 40.26
N ARG B 432 65.96 9.24 40.22
CA ARG B 432 65.47 8.65 38.98
C ARG B 432 64.21 9.35 38.49
N ALA B 433 63.28 9.60 39.40
CA ALA B 433 62.00 10.19 39.00
C ALA B 433 62.20 11.60 38.45
N SER B 434 62.90 12.44 39.21
CA SER B 434 63.17 13.80 38.76
C SER B 434 63.94 13.80 37.44
N HIS B 435 64.93 12.92 37.31
CA HIS B 435 65.74 12.88 36.10
C HIS B 435 64.90 12.52 34.89
N LEU B 436 64.00 11.55 35.02
CA LEU B 436 63.16 11.18 33.89
C LEU B 436 62.24 12.33 33.49
N LEU B 437 61.61 12.97 34.48
CA LEU B 437 60.74 14.09 34.14
C LEU B 437 61.52 15.23 33.51
N ASN B 438 62.78 15.40 33.89
CA ASN B 438 63.59 16.51 33.43
C ASN B 438 64.29 16.22 32.11
N THR B 439 64.37 14.96 31.68
CA THR B 439 64.85 14.67 30.33
C THR B 439 63.70 14.63 29.33
N LEU B 440 62.45 14.45 29.78
CA LEU B 440 61.34 14.72 28.88
C LEU B 440 61.08 16.21 28.68
N TYR B 441 61.05 16.99 29.77
CA TYR B 441 60.82 18.42 29.62
C TYR B 441 61.92 19.09 28.80
N LYS B 442 63.12 18.52 28.80
CA LYS B 442 64.23 19.10 28.05
C LYS B 442 64.17 18.72 26.57
N ALA B 443 63.96 17.43 26.28
CA ALA B 443 63.95 17.00 24.90
C ALA B 443 62.73 17.52 24.14
N ILE B 444 61.63 17.84 24.83
CA ILE B 444 60.53 18.52 24.15
C ILE B 444 60.98 19.90 23.66
N LEU B 445 61.70 20.65 24.50
CA LEU B 445 62.25 21.92 24.03
C LEU B 445 63.20 21.70 22.86
N GLU B 446 63.99 20.63 22.92
CA GLU B 446 64.94 20.37 21.84
C GLU B 446 64.21 20.18 20.51
N TYR B 447 63.13 19.39 20.52
CA TYR B 447 62.38 19.11 19.30
C TYR B 447 61.24 20.09 19.02
N ASP B 448 61.04 21.10 19.87
CA ASP B 448 59.96 22.05 19.64
C ASP B 448 60.23 22.95 18.42
N ASN B 449 61.48 23.38 18.24
CA ASN B 449 61.85 24.34 17.21
C ASN B 449 62.52 23.70 16.00
N VAL B 450 62.48 22.37 15.87
CA VAL B 450 63.03 21.73 14.68
C VAL B 450 62.25 22.16 13.44
N GLY B 451 60.97 22.45 13.61
CA GLY B 451 60.18 23.01 12.53
C GLY B 451 58.75 22.55 12.65
N GLU B 452 57.98 22.93 11.63
CA GLU B 452 56.64 22.43 11.41
C GLU B 452 56.63 21.35 10.32
N ALA B 453 57.81 20.81 10.00
CA ALA B 453 57.95 19.94 8.83
C ALA B 453 57.14 18.66 8.99
N SER B 454 57.30 17.98 10.13
CA SER B 454 56.62 16.72 10.40
C SER B 454 55.61 16.81 11.56
N GLU B 455 55.95 17.51 12.64
CA GLU B 455 55.12 17.60 13.84
C GLU B 455 54.77 16.23 14.43
N GLN B 456 55.60 15.22 14.14
CA GLN B 456 55.39 13.85 14.60
C GLN B 456 56.14 13.58 15.90
N THR B 457 57.46 13.81 15.88
CA THR B 457 58.31 13.59 17.03
C THR B 457 57.83 14.36 18.25
N VAL B 458 57.49 15.63 18.05
CA VAL B 458 57.10 16.47 19.18
C VAL B 458 55.79 15.99 19.77
N SER B 459 54.85 15.57 18.92
CA SER B 459 53.59 15.03 19.42
C SER B 459 53.80 13.76 20.23
N LEU B 460 54.68 12.87 19.76
CA LEU B 460 55.00 11.66 20.50
C LEU B 460 55.57 12.01 21.87
N LEU B 461 56.58 12.88 21.87
CA LEU B 461 57.25 13.24 23.12
C LEU B 461 56.28 13.90 24.08
N PHE B 462 55.37 14.74 23.56
CA PHE B 462 54.41 15.41 24.43
C PHE B 462 53.43 14.43 25.04
N SER B 463 52.99 13.43 24.28
CA SER B 463 52.11 12.42 24.86
C SER B 463 52.82 11.67 25.98
N LEU B 464 54.11 11.33 25.75
CA LEU B 464 54.89 10.68 26.79
C LEU B 464 54.98 11.55 28.04
N TRP B 465 55.20 12.85 27.86
CA TRP B 465 55.29 13.75 28.99
C TRP B 465 53.99 13.82 29.78
N VAL B 466 52.85 13.94 29.10
CA VAL B 466 51.58 14.05 29.82
C VAL B 466 51.33 12.79 30.64
N GLU B 467 51.54 11.63 30.03
CA GLU B 467 51.24 10.38 30.71
C GLU B 467 52.43 9.87 31.52
N THR B 468 53.46 10.70 31.70
CA THR B 468 54.47 10.50 32.73
C THR B 468 54.36 11.49 33.89
N VAL B 469 53.75 12.66 33.66
CA VAL B 469 53.54 13.63 34.73
C VAL B 469 52.22 13.45 35.46
N ARG B 470 51.31 12.64 34.93
CA ARG B 470 50.05 12.38 35.63
C ARG B 470 50.23 12.01 37.11
N PRO B 471 51.11 11.08 37.49
CA PRO B 471 51.26 10.76 38.93
C PRO B 471 51.68 11.94 39.79
N TYR B 472 52.69 12.71 39.37
CA TYR B 472 53.13 13.85 40.16
C TYR B 472 51.99 14.82 40.41
N LEU B 473 51.22 15.13 39.38
CA LEU B 473 50.16 16.12 39.54
C LEU B 473 48.95 15.56 40.28
N GLN B 474 48.75 14.24 40.26
CA GLN B 474 47.76 13.65 41.16
C GLN B 474 48.20 13.80 42.61
N THR B 475 49.49 13.55 42.89
CA THR B 475 50.02 13.77 44.23
C THR B 475 49.84 15.21 44.65
N VAL B 476 50.14 16.15 43.72
CA VAL B 476 49.91 17.57 43.98
C VAL B 476 48.45 17.80 44.39
N ASP B 477 47.50 17.51 43.49
CA ASP B 477 46.10 17.88 43.71
C ASP B 477 45.55 17.28 45.00
N GLU B 478 45.91 16.02 45.27
CA GLU B 478 45.53 15.40 46.53
C GLU B 478 46.07 16.21 47.70
N TRP B 479 47.36 16.53 47.68
CA TRP B 479 47.92 17.26 48.81
C TRP B 479 47.38 18.69 48.87
N ILE B 480 46.97 19.21 47.71
CA ILE B 480 46.50 20.59 47.57
C ILE B 480 45.21 20.75 48.35
N VAL B 481 44.20 19.94 48.03
CA VAL B 481 42.88 20.13 48.64
C VAL B 481 42.69 19.21 49.84
N HIS B 482 43.06 17.94 49.73
CA HIS B 482 42.84 17.00 50.83
C HIS B 482 43.86 17.19 51.95
N GLY B 483 44.97 17.85 51.68
CA GLY B 483 45.84 18.33 52.74
C GLY B 483 46.64 17.28 53.47
N HIS B 484 46.96 16.16 52.83
CA HIS B 484 47.84 15.15 53.41
C HIS B 484 48.74 14.60 52.31
N LEU B 485 50.04 14.86 52.42
CA LEU B 485 50.97 14.43 51.39
C LEU B 485 51.06 12.92 51.39
N TRP B 486 50.97 12.30 50.22
CA TRP B 486 50.71 10.86 50.16
C TRP B 486 51.57 10.30 49.02
N ASP B 487 52.72 9.73 49.38
CA ASP B 487 53.62 9.16 48.39
C ASP B 487 54.39 8.00 49.00
N GLY B 488 54.81 7.08 48.14
CA GLY B 488 55.65 5.98 48.52
C GLY B 488 56.90 5.97 47.66
N ALA B 489 57.89 5.19 48.09
CA ALA B 489 59.19 5.14 47.43
C ALA B 489 59.86 6.50 47.34
N ARG B 490 59.46 7.46 48.17
CA ARG B 490 60.04 8.81 48.19
C ARG B 490 59.99 9.41 46.79
N GLU B 491 58.86 9.23 46.12
CA GLU B 491 58.75 9.61 44.72
C GLU B 491 58.84 11.12 44.55
N PHE B 492 58.12 11.87 45.39
CA PHE B 492 57.95 13.30 45.19
C PHE B 492 59.22 14.03 45.62
N ILE B 493 59.37 15.27 45.12
CA ILE B 493 60.63 15.99 45.29
C ILE B 493 60.76 16.66 46.65
N ILE B 494 59.65 17.12 47.21
CA ILE B 494 59.61 17.67 48.55
C ILE B 494 59.37 16.56 49.57
N GLN B 495 60.44 15.84 49.87
CA GLN B 495 60.35 14.68 50.73
C GLN B 495 59.95 15.09 52.14
N ARG B 496 58.81 14.59 52.59
CA ARG B 496 58.30 14.89 53.94
C ARG B 496 58.98 13.98 54.95
N ASN B 497 60.31 14.09 55.00
CA ASN B 497 61.08 13.24 55.89
C ASN B 497 60.81 13.62 57.34
N LYS B 498 60.62 14.91 57.59
CA LYS B 498 60.41 15.45 58.93
C LYS B 498 58.95 15.66 59.29
N ASN B 499 58.00 15.24 58.45
CA ASN B 499 56.60 15.52 58.76
C ASN B 499 56.06 14.62 59.86
N VAL B 500 56.69 13.47 60.11
CA VAL B 500 56.14 12.47 61.02
C VAL B 500 55.97 13.04 62.42
N PRO B 501 56.99 13.59 63.09
CA PRO B 501 56.80 14.02 64.50
C PRO B 501 56.54 15.50 64.73
N VAL B 502 56.64 16.36 63.72
CA VAL B 502 56.63 17.80 63.97
C VAL B 502 55.27 18.27 64.46
N ASN B 503 54.19 17.61 64.02
CA ASN B 503 52.86 18.05 64.43
C ASN B 503 52.68 17.98 65.94
N HIS B 504 53.51 17.20 66.65
CA HIS B 504 53.49 17.17 68.11
C HIS B 504 53.92 18.52 68.71
N ARG B 505 54.89 19.19 68.09
CA ARG B 505 55.47 20.38 68.72
C ARG B 505 54.45 21.48 68.87
N ASP B 506 53.65 21.72 67.84
CA ASP B 506 52.77 22.88 67.78
C ASP B 506 53.51 24.17 68.10
N ASN B 530 58.28 26.09 59.26
CA ASN B 530 59.43 25.24 59.52
C ASN B 530 59.11 24.21 60.59
N ALA B 531 58.79 24.69 61.80
CA ALA B 531 58.28 23.78 62.83
C ALA B 531 57.02 23.07 62.35
N SER B 532 56.18 23.77 61.58
CA SER B 532 55.01 23.17 60.93
C SER B 532 55.45 22.55 59.59
N ALA B 533 56.26 21.51 59.69
CA ALA B 533 56.84 20.88 58.50
C ALA B 533 55.92 19.78 57.95
N SER B 534 54.70 20.17 57.56
CA SER B 534 53.90 19.30 56.69
C SER B 534 54.67 18.99 55.41
N SER B 535 55.47 19.96 54.96
CA SER B 535 56.44 19.79 53.88
C SER B 535 57.82 19.98 54.49
N GLY B 536 58.57 18.89 54.65
CA GLY B 536 59.94 19.00 55.11
C GLY B 536 60.87 19.41 53.98
N SER B 537 60.63 20.59 53.42
CA SER B 537 61.47 21.07 52.32
C SER B 537 62.92 21.23 52.73
N ASP B 538 63.20 21.36 54.03
CA ASP B 538 64.58 21.35 54.50
C ASP B 538 65.28 20.06 54.11
N GLN B 539 64.57 18.93 54.14
CA GLN B 539 65.09 17.65 53.70
C GLN B 539 64.57 17.22 52.33
N GLY B 540 63.80 18.08 51.66
CA GLY B 540 63.26 17.79 50.35
C GLY B 540 64.14 18.37 49.25
N PRO B 541 63.74 19.49 48.62
CA PRO B 541 64.56 20.03 47.54
C PRO B 541 65.87 20.58 48.06
N SER B 542 66.91 20.41 47.23
CA SER B 542 68.21 21.01 47.50
C SER B 542 68.98 21.06 46.19
N SER B 543 70.01 21.88 46.17
CA SER B 543 70.78 22.05 44.94
C SER B 543 71.56 20.80 44.58
N ARG B 544 72.26 20.21 45.57
CA ARG B 544 73.18 19.11 45.34
C ARG B 544 72.73 17.82 46.00
N GLN B 545 72.47 17.85 47.31
CA GLN B 545 72.13 16.63 48.04
C GLN B 545 70.86 16.00 47.48
N HIS B 546 69.88 16.82 47.14
CA HIS B 546 68.62 16.39 46.54
C HIS B 546 68.46 17.11 45.21
N THR B 547 67.31 16.94 44.57
CA THR B 547 67.06 17.47 43.24
C THR B 547 65.65 18.01 43.14
N MET B 548 65.47 18.94 42.20
CA MET B 548 64.19 19.59 41.95
C MET B 548 63.93 19.62 40.45
N VAL B 549 62.71 19.22 40.05
CA VAL B 549 62.37 19.16 38.64
C VAL B 549 62.27 20.58 38.08
N SER B 550 62.67 20.74 36.82
CA SER B 550 62.80 22.05 36.19
C SER B 550 61.46 22.76 36.04
N PHE B 551 60.52 22.14 35.30
CA PHE B 551 59.27 22.80 34.89
C PHE B 551 58.51 23.43 36.05
N LEU B 552 58.60 22.82 37.24
CA LEU B 552 57.82 23.23 38.40
C LEU B 552 58.52 24.24 39.29
N LYS B 553 59.73 24.67 38.95
CA LYS B 553 60.52 25.53 39.84
C LYS B 553 59.80 26.80 40.29
N PRO B 554 59.09 27.55 39.44
CA PRO B 554 58.50 28.82 39.91
C PRO B 554 57.42 28.67 40.98
N VAL B 555 56.81 27.49 41.14
CA VAL B 555 55.53 27.33 41.83
C VAL B 555 55.67 26.60 43.15
N LEU B 556 56.91 26.47 43.65
CA LEU B 556 57.21 25.65 44.81
C LEU B 556 56.35 26.04 46.02
N LYS B 557 56.55 27.26 46.52
CA LYS B 557 55.92 27.66 47.78
C LYS B 557 54.41 27.66 47.67
N GLN B 558 53.88 27.92 46.47
CA GLN B 558 52.43 27.80 46.31
C GLN B 558 51.98 26.36 46.56
N ILE B 559 52.72 25.39 46.00
CA ILE B 559 52.39 23.99 46.24
C ILE B 559 52.49 23.66 47.72
N ILE B 560 53.56 24.13 48.39
CA ILE B 560 53.65 23.89 49.83
C ILE B 560 52.51 24.55 50.59
N MET B 561 52.11 25.76 50.22
CA MET B 561 51.10 26.44 51.04
C MET B 561 49.77 25.67 51.00
N ALA B 562 49.35 25.29 49.78
CA ALA B 562 48.17 24.44 49.65
C ALA B 562 48.38 23.13 50.41
N GLY B 563 49.62 22.67 50.46
CA GLY B 563 49.92 21.48 51.23
C GLY B 563 49.78 21.63 52.73
N LYS B 564 50.35 22.71 53.28
CA LYS B 564 50.30 22.95 54.72
C LYS B 564 48.87 23.03 55.19
N SER B 565 47.97 23.56 54.37
CA SER B 565 46.56 23.34 54.69
C SER B 565 46.21 21.86 54.58
N GLU B 637 41.38 17.40 40.54
CA GLU B 637 41.23 16.98 39.15
C GLU B 637 42.20 17.78 38.29
N LEU B 638 43.43 17.95 38.78
CA LEU B 638 44.34 18.89 38.13
C LEU B 638 44.75 18.39 36.75
N ASP B 639 44.94 17.09 36.58
CA ASP B 639 45.24 16.56 35.26
C ASP B 639 44.04 16.71 34.32
N ASP B 640 42.83 16.50 34.85
CA ASP B 640 41.61 16.68 34.08
C ASP B 640 41.16 18.13 34.00
N VAL B 641 42.04 19.06 34.40
CA VAL B 641 41.90 20.48 34.11
C VAL B 641 43.01 20.96 33.18
N HIS B 642 44.21 20.41 33.33
CA HIS B 642 45.28 20.63 32.37
C HIS B 642 44.86 20.18 30.98
N ASP B 643 44.31 18.97 30.87
CA ASP B 643 43.98 18.41 29.56
C ASP B 643 42.89 19.21 28.83
N PRO B 644 41.78 19.61 29.46
CA PRO B 644 40.83 20.50 28.78
C PRO B 644 41.44 21.78 28.23
N LEU B 645 42.19 22.52 29.03
CA LEU B 645 42.79 23.76 28.52
C LEU B 645 43.86 23.47 27.49
N LEU B 646 44.51 22.30 27.57
CA LEU B 646 45.42 21.87 26.51
C LEU B 646 44.67 21.69 25.19
N ALA B 647 43.46 21.16 25.25
CA ALA B 647 42.75 20.78 24.02
C ALA B 647 42.25 21.98 23.18
N ILE B 648 42.58 23.23 23.47
CA ILE B 648 42.17 24.37 22.66
C ILE B 648 43.39 25.15 22.20
N THR B 682 58.35 27.67 20.88
CA THR B 682 57.25 27.64 19.93
C THR B 682 55.98 27.20 20.67
N PHE B 683 55.44 28.14 21.47
CA PHE B 683 54.24 28.00 22.29
C PHE B 683 54.21 26.76 23.19
N GLU B 684 55.34 26.09 23.44
CA GLU B 684 55.35 24.99 24.39
C GLU B 684 55.54 25.53 25.81
N LEU B 685 56.46 26.48 25.98
CA LEU B 685 56.56 27.17 27.26
C LEU B 685 55.26 27.89 27.57
N THR B 686 54.60 28.43 26.54
CA THR B 686 53.32 29.06 26.75
C THR B 686 52.23 28.02 27.02
N LEU B 687 52.36 26.83 26.44
CA LEU B 687 51.45 25.74 26.80
C LEU B 687 51.57 25.41 28.28
N ARG B 688 52.79 25.41 28.80
CA ARG B 688 52.96 25.22 30.23
C ARG B 688 52.45 26.40 31.03
N SER B 689 52.48 27.60 30.44
CA SER B 689 52.04 28.82 31.12
C SER B 689 50.55 28.84 31.40
N CYS B 690 49.76 27.96 30.78
CA CYS B 690 48.35 27.80 31.09
C CYS B 690 48.09 26.71 32.13
N LEU B 691 49.15 26.15 32.73
CA LEU B 691 49.02 25.13 33.78
C LEU B 691 49.40 25.66 35.15
N TYR B 692 50.08 26.79 35.23
CA TYR B 692 50.44 27.42 36.49
C TYR B 692 49.30 28.20 37.14
N PRO B 693 48.44 28.90 36.38
CA PRO B 693 47.28 29.56 37.02
C PRO B 693 46.40 28.62 37.83
N HIS B 694 46.44 27.32 37.58
CA HIS B 694 45.71 26.39 38.43
C HIS B 694 46.33 26.36 39.82
N ILE B 695 47.67 26.29 39.90
CA ILE B 695 48.36 26.38 41.18
C ILE B 695 48.10 27.74 41.81
N ASP B 696 48.07 28.80 41.00
CA ASP B 696 47.82 30.14 41.54
C ASP B 696 46.42 30.23 42.15
N LYS B 697 45.40 29.72 41.46
CA LYS B 697 44.05 29.70 42.03
C LYS B 697 43.99 28.84 43.29
N GLN B 698 44.61 27.67 43.26
CA GLN B 698 44.54 26.78 44.41
C GLN B 698 45.19 27.43 45.63
N TYR B 699 46.35 28.05 45.43
CA TYR B 699 47.00 28.81 46.49
C TYR B 699 46.16 30.04 46.87
N LEU B 700 45.47 30.66 45.92
CA LEU B 700 44.67 31.83 46.25
C LEU B 700 43.46 31.48 47.11
N ASP B 701 42.88 30.31 46.89
CA ASP B 701 41.80 29.81 47.73
C ASP B 701 42.36 29.32 49.05
N CYS B 702 43.58 28.75 49.03
CA CYS B 702 44.15 28.19 50.26
C CYS B 702 44.77 29.24 51.19
N CYS B 703 45.36 30.30 50.63
CA CYS B 703 45.85 31.39 51.46
C CYS B 703 44.70 32.02 52.20
N GLY B 704 43.60 32.25 51.47
CA GLY B 704 42.32 32.46 52.11
C GLY B 704 42.08 31.43 53.18
N ASN B 705 42.08 30.14 52.81
CA ASN B 705 41.66 29.06 53.71
C ASN B 705 42.40 29.10 55.03
N LEU B 706 43.72 29.24 54.99
CA LEU B 706 44.52 29.40 56.21
C LEU B 706 44.05 30.61 57.00
N MET B 707 44.08 31.79 56.39
CA MET B 707 43.85 32.99 57.19
C MET B 707 42.39 33.07 57.66
N GLN B 708 41.43 32.74 56.79
CA GLN B 708 40.03 32.74 57.22
C GLN B 708 39.80 31.67 58.26
N THR B 709 40.34 30.46 58.10
CA THR B 709 40.10 29.41 59.08
C THR B 709 40.64 29.84 60.44
N LEU B 710 41.81 30.45 60.43
CA LEU B 710 42.48 30.86 61.64
C LEU B 710 41.94 32.18 62.18
N LYS B 711 41.00 32.83 61.49
CA LYS B 711 40.33 34.02 62.00
C LYS B 711 38.84 33.84 62.29
N LYS B 712 38.12 32.94 61.59
CA LYS B 712 36.72 32.71 61.89
C LYS B 712 36.54 31.50 62.81
N ASP B 713 37.31 30.42 62.60
CA ASP B 713 37.11 29.21 63.40
C ASP B 713 38.02 29.20 64.62
N TYR B 714 39.34 29.16 64.40
CA TYR B 714 40.34 29.22 65.46
C TYR B 714 40.99 30.60 65.44
N ARG B 715 40.24 31.58 65.94
CA ARG B 715 40.52 33.02 65.81
C ARG B 715 41.96 33.43 66.12
N LEU B 716 42.69 33.83 65.07
CA LEU B 716 44.09 34.22 65.21
C LEU B 716 44.26 35.67 65.59
N VAL B 717 43.51 36.58 64.96
CA VAL B 717 43.59 37.97 65.38
C VAL B 717 43.22 38.12 66.85
N GLU B 718 42.21 37.37 67.30
CA GLU B 718 41.81 37.43 68.70
C GLU B 718 42.83 36.77 69.61
N TYR B 719 43.34 35.59 69.25
CA TYR B 719 44.40 34.97 70.06
C TYR B 719 45.63 35.87 70.22
N LEU B 720 46.04 36.54 69.14
CA LEU B 720 47.18 37.46 69.23
C LEU B 720 46.85 38.75 69.99
N GLN B 721 45.71 39.39 69.68
CA GLN B 721 45.32 40.55 70.47
C GLN B 721 45.13 40.21 71.94
N ALA B 722 44.73 38.97 72.25
CA ALA B 722 44.79 38.51 73.63
C ALA B 722 46.22 38.48 74.12
N MET B 723 47.12 37.87 73.33
CA MET B 723 48.53 37.74 73.73
C MET B 723 49.14 39.10 74.03
N ARG B 724 48.63 40.15 73.38
CA ARG B 724 49.02 41.52 73.71
C ARG B 724 48.27 42.07 74.92
N ASN B 725 46.95 42.19 74.83
CA ASN B 725 46.17 42.92 75.82
C ASN B 725 45.73 42.01 76.97
N PHE B 726 45.79 42.54 78.19
CA PHE B 726 45.41 41.83 79.42
C PHE B 726 46.24 40.55 79.61
N PHE B 727 47.44 40.56 79.07
CA PHE B 727 48.42 39.47 79.08
C PHE B 727 49.80 40.14 79.02
N LEU B 728 50.81 39.37 78.58
CA LEU B 728 52.22 39.72 78.79
C LEU B 728 52.57 41.13 78.34
N MET B 729 52.06 41.56 77.19
CA MET B 729 52.52 42.83 76.63
C MET B 729 51.93 44.00 77.39
N GLU B 730 50.61 44.06 77.48
CA GLU B 730 49.87 45.18 78.06
C GLU B 730 49.17 44.69 79.31
N GLY B 731 49.45 45.36 80.43
CA GLY B 731 48.84 44.96 81.69
C GLY B 731 47.35 45.22 81.72
N GLY B 732 46.95 46.44 81.35
CA GLY B 732 45.59 46.81 81.60
C GLY B 732 45.36 46.91 83.11
N ASP B 733 44.11 46.71 83.50
CA ASP B 733 43.70 46.71 84.89
C ASP B 733 43.67 45.32 85.49
N THR B 734 43.45 44.30 84.66
CA THR B 734 43.51 42.92 85.11
C THR B 734 44.87 42.61 85.71
N MET B 735 45.93 43.02 85.02
CA MET B 735 47.26 42.70 85.51
C MET B 735 47.63 43.57 86.71
N TYR B 736 47.04 44.77 86.84
CA TYR B 736 47.18 45.51 88.09
C TYR B 736 46.60 44.75 89.27
N ASP B 737 45.37 44.23 89.09
CA ASP B 737 44.73 43.47 90.15
C ASP B 737 45.57 42.24 90.49
N PHE B 738 46.14 41.61 89.46
CA PHE B 738 47.00 40.46 89.70
C PHE B 738 48.28 40.86 90.43
N TYR B 739 48.90 41.96 90.02
CA TYR B 739 50.24 42.26 90.49
C TYR B 739 50.24 42.74 91.93
N THR B 740 49.26 43.58 92.31
CA THR B 740 49.27 44.12 93.67
C THR B 740 49.20 43.01 94.71
N SER B 741 48.41 41.98 94.45
CA SER B 741 48.29 40.85 95.38
C SER B 741 49.64 40.17 95.58
N ILE B 742 50.38 39.93 94.49
CA ILE B 742 51.67 39.27 94.63
C ILE B 742 52.69 40.18 95.29
N PHE B 743 52.57 41.51 95.09
CA PHE B 743 53.50 42.39 95.77
C PHE B 743 53.29 42.39 97.28
N ASP B 744 52.02 42.27 97.71
CA ASP B 744 51.66 42.47 99.11
C ASP B 744 52.55 41.65 100.05
N LYS B 745 53.12 42.34 101.04
CA LYS B 745 54.07 41.73 101.98
C LYS B 745 53.40 40.92 103.07
N ILE B 746 52.12 41.16 103.34
CA ILE B 746 51.43 40.43 104.40
C ILE B 746 51.16 39.01 103.93
N ARG B 747 51.44 38.04 104.81
CA ARG B 747 51.24 36.61 104.52
C ARG B 747 51.97 36.20 103.24
N GLU B 748 53.19 36.70 103.07
CA GLU B 748 53.99 36.46 101.87
C GLU B 748 55.11 35.49 102.25
N LYS B 749 55.16 34.35 101.54
CA LYS B 749 56.27 33.42 101.65
C LYS B 749 57.52 34.04 101.04
N GLU B 750 58.69 33.50 101.40
CA GLU B 750 59.97 34.14 101.06
C GLU B 750 60.07 34.48 99.58
N THR B 751 59.74 33.53 98.72
CA THR B 751 59.66 33.79 97.28
C THR B 751 58.24 33.64 96.74
N TRP B 752 57.25 33.32 97.59
CA TRP B 752 55.83 33.29 97.21
C TRP B 752 55.57 32.54 95.90
N GLN B 753 56.22 31.40 95.75
CA GLN B 753 56.13 30.59 94.53
C GLN B 753 55.10 29.48 94.63
N ASN B 754 54.01 29.70 95.36
CA ASN B 754 52.98 28.67 95.48
C ASN B 754 52.11 28.71 94.23
N VAL B 755 52.23 27.67 93.41
CA VAL B 755 51.65 27.68 92.07
C VAL B 755 50.12 27.71 92.14
N SER B 756 49.53 27.02 93.12
CA SER B 756 48.09 27.07 93.27
C SER B 756 47.62 28.49 93.58
N PHE B 757 48.33 29.18 94.47
CA PHE B 757 48.00 30.56 94.79
C PHE B 757 48.14 31.47 93.58
N LEU B 758 49.24 31.32 92.84
CA LEU B 758 49.48 32.15 91.65
C LEU B 758 48.37 31.93 90.63
N ASN B 759 48.04 30.66 90.37
CA ASN B 759 47.00 30.35 89.40
C ASN B 759 45.65 30.89 89.85
N VAL B 760 45.35 30.78 91.15
CA VAL B 760 44.09 31.30 91.66
C VAL B 760 44.01 32.81 91.46
N GLN B 761 45.11 33.52 91.72
CA GLN B 761 45.13 34.95 91.48
C GLN B 761 44.88 35.26 90.01
N LEU B 762 45.48 34.48 89.10
CA LEU B 762 45.26 34.72 87.68
C LEU B 762 43.80 34.51 87.30
N GLN B 763 43.17 33.46 87.82
CA GLN B 763 41.75 33.26 87.49
C GLN B 763 40.85 34.30 88.14
N GLU B 764 41.23 34.84 89.29
CA GLU B 764 40.48 35.96 89.83
C GLU B 764 40.61 37.18 88.92
N ALA B 765 41.78 37.37 88.31
CA ALA B 765 42.05 38.52 87.47
C ALA B 765 41.87 38.23 85.98
N VAL B 766 41.19 37.14 85.62
CA VAL B 766 40.95 36.87 84.20
C VAL B 766 40.16 38.01 83.56
N GLY B 767 39.07 38.42 84.20
CA GLY B 767 38.28 39.56 83.79
C GLY B 767 37.90 39.64 82.32
N GLN B 768 37.38 38.54 81.77
CA GLN B 768 36.97 38.52 80.36
C GLN B 768 36.05 37.33 80.15
N ARG B 769 35.52 37.23 78.93
CA ARG B 769 34.64 36.11 78.60
C ARG B 769 35.41 34.81 78.48
N TYR B 770 36.51 34.80 77.71
CA TYR B 770 37.36 33.63 77.61
C TYR B 770 38.40 33.63 78.72
N PRO B 771 38.07 33.12 79.92
CA PRO B 771 39.05 33.05 81.01
C PRO B 771 39.83 31.75 81.02
N GLU B 772 40.53 31.44 79.94
CA GLU B 772 41.12 30.11 79.78
C GLU B 772 42.49 30.22 79.12
N ASP B 773 43.25 29.13 79.27
CA ASP B 773 44.54 28.89 78.62
C ASP B 773 45.68 29.72 79.21
N SER B 774 45.47 30.39 80.33
CA SER B 774 46.50 31.15 81.02
C SER B 774 46.74 30.53 82.39
N SER B 775 48.00 30.20 82.68
CA SER B 775 48.38 29.47 83.88
C SER B 775 49.16 30.30 84.89
N ARG B 776 50.25 30.95 84.47
CA ARG B 776 51.23 31.51 85.39
C ARG B 776 51.74 30.42 86.34
N LEU B 777 52.00 29.24 85.77
CA LEU B 777 52.31 28.03 86.53
C LEU B 777 53.73 27.53 86.32
N SER B 778 54.43 28.00 85.29
CA SER B 778 55.80 27.58 85.02
C SER B 778 56.68 27.79 86.24
N ILE B 779 57.50 26.77 86.54
CA ILE B 779 58.29 26.78 87.77
C ILE B 779 59.24 27.97 87.77
N SER B 780 59.16 28.77 88.82
CA SER B 780 60.03 29.93 88.94
C SER B 780 61.48 29.48 89.08
N PHE B 781 62.39 30.21 88.44
CA PHE B 781 63.78 29.76 88.34
C PHE B 781 64.44 29.85 89.70
N GLU B 782 65.18 28.80 90.04
CA GLU B 782 65.82 28.68 91.36
C GLU B 782 67.34 28.71 91.26
N LEU B 791 71.39 37.89 92.42
CA LEU B 791 70.23 38.70 92.78
C LEU B 791 70.68 39.87 93.68
N PRO B 792 71.21 40.94 93.06
CA PRO B 792 71.65 42.09 93.88
C PRO B 792 70.54 42.69 94.72
N VAL B 793 69.32 42.65 94.21
CA VAL B 793 68.11 43.05 94.91
C VAL B 793 67.39 41.75 95.21
N HIS B 794 66.17 41.83 95.73
CA HIS B 794 65.29 40.66 95.66
C HIS B 794 65.33 40.08 94.25
N ILE B 795 65.04 40.93 93.25
CA ILE B 795 65.24 40.64 91.83
C ILE B 795 64.73 39.26 91.45
N LEU B 796 63.58 38.88 91.98
CA LEU B 796 63.05 37.55 91.76
C LEU B 796 62.64 37.41 90.29
N ASP B 797 63.45 36.67 89.53
CA ASP B 797 63.01 36.17 88.24
C ASP B 797 62.17 34.91 88.46
N GLY B 798 61.69 34.34 87.36
CA GLY B 798 60.69 33.29 87.44
C GLY B 798 59.34 33.83 87.04
N LEU B 799 58.28 33.42 87.74
CA LEU B 799 56.92 33.93 87.53
C LEU B 799 56.41 33.64 86.10
N THR B 800 57.07 32.73 85.39
CA THR B 800 56.86 32.61 83.95
C THR B 800 55.41 32.25 83.63
N LEU B 801 54.86 32.93 82.63
CA LEU B 801 53.49 32.75 82.19
C LEU B 801 53.50 32.14 80.79
N SER B 802 52.84 31.00 80.64
CA SER B 802 52.78 30.26 79.39
C SER B 802 51.33 30.13 78.96
N TYR B 803 51.04 30.47 77.71
CA TYR B 803 49.68 30.50 77.20
C TYR B 803 49.50 29.35 76.20
N LYS B 804 48.44 28.56 76.39
CA LYS B 804 48.21 27.36 75.61
C LYS B 804 47.44 27.73 74.34
N VAL B 805 48.04 27.49 73.18
CA VAL B 805 47.45 27.83 71.89
C VAL B 805 47.16 26.53 71.13
N PRO B 806 45.97 26.36 70.48
CA PRO B 806 45.68 25.09 69.78
C PRO B 806 46.45 24.91 68.49
N TRP B 807 46.23 23.78 67.80
CA TRP B 807 47.03 23.47 66.62
C TRP B 807 46.77 24.39 65.42
N PRO B 808 45.54 24.70 65.04
CA PRO B 808 45.37 25.51 63.82
C PRO B 808 46.00 26.90 63.86
N VAL B 809 46.41 27.39 65.03
CA VAL B 809 47.03 28.72 65.16
C VAL B 809 48.48 28.58 65.66
N ASP B 810 48.88 27.36 66.03
CA ASP B 810 50.20 27.18 66.64
C ASP B 810 51.31 27.56 65.67
N ILE B 811 51.05 27.42 64.37
CA ILE B 811 52.09 27.52 63.34
C ILE B 811 52.79 28.87 63.44
N VAL B 812 52.05 29.91 63.85
CA VAL B 812 52.57 31.26 63.92
C VAL B 812 52.91 31.66 65.34
N ILE B 813 52.36 30.98 66.35
CA ILE B 813 52.71 31.21 67.75
C ILE B 813 53.54 30.03 68.20
N SER B 814 54.85 30.14 68.03
CA SER B 814 55.75 29.04 68.33
C SER B 814 56.11 29.01 69.80
N LEU B 815 56.37 27.80 70.29
CA LEU B 815 56.90 27.63 71.64
C LEU B 815 58.26 28.30 71.80
N GLU B 816 58.99 28.52 70.70
CA GLU B 816 60.25 29.25 70.75
C GLU B 816 60.03 30.74 71.04
N CYS B 817 59.10 31.36 70.33
CA CYS B 817 58.83 32.79 70.50
C CYS B 817 58.22 33.11 71.86
N GLN B 818 57.57 32.11 72.47
CA GLN B 818 57.00 32.26 73.80
C GLN B 818 58.05 32.75 74.78
N LYS B 819 59.28 32.27 74.63
CA LYS B 819 60.37 32.72 75.49
C LYS B 819 60.60 34.23 75.36
N ILE B 820 60.59 34.74 74.12
CA ILE B 820 60.84 36.17 73.90
C ILE B 820 59.74 37.00 74.58
N TYR B 821 58.49 36.58 74.37
CA TYR B 821 57.37 37.24 75.04
C TYR B 821 57.56 37.23 76.56
N ASN B 822 57.97 36.08 77.10
CA ASN B 822 58.21 35.97 78.54
C ASN B 822 59.31 36.91 79.00
N GLN B 823 60.37 37.03 78.19
CA GLN B 823 61.50 37.87 78.57
C GLN B 823 61.06 39.32 78.75
N VAL B 824 60.29 39.83 77.78
CA VAL B 824 59.85 41.22 77.94
C VAL B 824 58.81 41.35 79.06
N PHE B 825 58.00 40.31 79.27
CA PHE B 825 57.04 40.33 80.38
C PHE B 825 57.76 40.50 81.72
N LEU B 826 58.88 39.80 81.90
CA LEU B 826 59.65 39.93 83.13
C LEU B 826 60.11 41.37 83.36
N LEU B 827 60.63 42.01 82.30
CA LEU B 827 61.06 43.40 82.47
C LEU B 827 59.88 44.30 82.80
N LEU B 828 58.73 44.06 82.18
CA LEU B 828 57.57 44.89 82.46
C LEU B 828 57.17 44.79 83.94
N LEU B 829 57.21 43.59 84.49
CA LEU B 829 56.86 43.46 85.90
C LEU B 829 57.96 43.94 86.84
N GLN B 830 59.24 43.89 86.44
CA GLN B 830 60.25 44.57 87.25
C GLN B 830 60.01 46.07 87.32
N ILE B 831 59.70 46.69 86.19
CA ILE B 831 59.55 48.15 86.19
C ILE B 831 58.28 48.57 86.93
N LYS B 832 57.17 47.85 86.71
CA LYS B 832 55.99 48.11 87.54
C LYS B 832 56.31 47.89 89.01
N TRP B 833 57.12 46.88 89.32
CA TRP B 833 57.51 46.63 90.71
C TRP B 833 58.29 47.79 91.28
N ALA B 834 59.24 48.33 90.52
CA ALA B 834 60.04 49.42 91.03
C ALA B 834 59.21 50.67 91.26
N LYS B 835 58.40 51.06 90.26
CA LYS B 835 57.57 52.25 90.42
C LYS B 835 56.57 52.04 91.55
N TYR B 836 55.93 50.87 91.59
CA TYR B 836 54.97 50.58 92.64
C TYR B 836 55.64 50.52 94.01
N SER B 837 56.90 50.09 94.08
CA SER B 837 57.56 49.99 95.38
C SER B 837 57.85 51.38 95.91
N LEU B 838 58.32 52.27 95.03
CA LEU B 838 58.55 53.64 95.45
C LEU B 838 57.22 54.37 95.69
N ASP B 839 56.14 53.90 95.05
CA ASP B 839 54.80 54.38 95.40
C ASP B 839 54.38 53.90 96.79
N VAL B 840 54.56 52.61 97.06
CA VAL B 840 54.23 52.05 98.37
C VAL B 840 55.02 52.77 99.44
N LEU B 841 56.25 53.13 99.13
CA LEU B 841 56.93 54.15 99.90
C LEU B 841 56.16 55.46 99.81
N LEU B 842 55.58 55.88 100.94
CA LEU B 842 54.89 57.19 101.04
C LEU B 842 53.78 57.36 100.01
N GLN B 879 67.51 64.99 107.52
CA GLN B 879 67.56 63.55 107.31
C GLN B 879 66.15 63.00 107.11
N ILE B 880 65.26 63.30 108.06
CA ILE B 880 63.88 62.84 107.95
C ILE B 880 63.20 63.50 106.75
N HIS B 881 63.52 64.77 106.47
CA HIS B 881 63.03 65.45 105.28
C HIS B 881 63.91 65.17 104.07
N ARG B 882 65.19 64.90 104.31
CA ARG B 882 66.12 64.65 103.23
C ARG B 882 65.81 63.32 102.55
N MET B 883 65.29 62.35 103.30
CA MET B 883 64.76 61.13 102.70
C MET B 883 63.60 61.46 101.77
N PHE B 884 62.73 62.39 102.17
CA PHE B 884 61.61 62.78 101.33
C PHE B 884 62.11 63.36 100.02
N LEU B 885 63.21 64.12 100.08
CA LEU B 885 63.81 64.63 98.83
C LEU B 885 64.38 63.52 97.96
N LEU B 886 65.09 62.56 98.57
CA LEU B 886 65.73 61.52 97.77
C LEU B 886 64.68 60.65 97.08
N ARG B 887 63.52 60.49 97.73
CA ARG B 887 62.40 59.83 97.08
C ARG B 887 62.11 60.43 95.71
N VAL B 888 62.20 61.75 95.59
CA VAL B 888 61.79 62.49 94.40
C VAL B 888 62.85 62.43 93.32
N LYS B 889 64.10 62.63 93.76
CA LYS B 889 65.25 62.46 92.87
C LYS B 889 65.28 61.06 92.26
N LEU B 890 64.62 60.09 92.89
CA LEU B 890 64.53 58.73 92.36
C LEU B 890 63.28 58.46 91.50
N MET B 891 62.10 58.90 91.96
CA MET B 891 60.86 58.63 91.23
C MET B 891 60.91 59.21 89.83
N HIS B 892 61.47 60.42 89.66
CA HIS B 892 61.54 60.95 88.30
C HIS B 892 62.24 60.01 87.35
N PHE B 893 63.42 59.54 87.73
CA PHE B 893 64.21 58.69 86.85
C PHE B 893 63.45 57.41 86.50
N VAL B 894 62.96 56.70 87.53
CA VAL B 894 62.32 55.42 87.25
C VAL B 894 61.07 55.62 86.41
N ASN B 895 60.30 56.68 86.70
CA ASN B 895 59.08 56.91 85.94
C ASN B 895 59.38 57.28 84.49
N SER B 896 60.48 58.00 84.25
CA SER B 896 60.84 58.34 82.87
C SER B 896 61.24 57.10 82.08
N LEU B 897 62.02 56.21 82.71
CA LEU B 897 62.34 54.94 82.06
C LEU B 897 61.07 54.18 81.74
N HIS B 898 60.14 54.14 82.71
CA HIS B 898 58.88 53.45 82.53
C HIS B 898 58.10 54.07 81.37
N ASN B 899 58.09 55.40 81.30
CA ASN B 899 57.40 56.08 80.20
C ASN B 899 57.95 55.66 78.85
N TYR B 900 59.27 55.66 78.70
CA TYR B 900 59.86 55.30 77.43
C TYR B 900 59.55 53.86 77.07
N ILE B 901 59.82 52.92 77.97
CA ILE B 901 59.66 51.51 77.61
C ILE B 901 58.20 51.18 77.36
N MET B 902 57.31 51.71 78.21
CA MET B 902 55.92 51.23 78.19
C MET B 902 55.16 51.75 76.98
N THR B 903 55.43 52.99 76.56
CA THR B 903 54.69 53.66 75.48
C THR B 903 55.49 53.89 74.21
N ARG B 904 56.68 54.48 74.30
CA ARG B 904 57.43 54.86 73.09
C ARG B 904 57.76 53.63 72.25
N ILE B 905 58.17 52.54 72.90
CA ILE B 905 58.66 51.37 72.19
C ILE B 905 57.54 50.36 71.94
N LEU B 906 56.93 49.85 73.00
CA LEU B 906 56.04 48.69 72.83
C LEU B 906 54.69 49.06 72.23
N HIS B 907 54.07 50.16 72.67
CA HIS B 907 52.77 50.55 72.13
C HIS B 907 52.85 50.99 70.68
N SER B 908 53.79 51.88 70.39
CA SER B 908 53.89 52.39 69.03
C SER B 908 54.18 51.27 68.05
N THR B 909 55.11 50.37 68.40
CA THR B 909 55.44 49.25 67.52
C THR B 909 54.26 48.29 67.35
N GLY B 910 53.57 48.00 68.46
CA GLY B 910 52.42 47.12 68.37
C GLY B 910 51.31 47.67 67.51
N LEU B 911 51.23 48.99 67.36
CA LEU B 911 50.19 49.52 66.49
C LEU B 911 50.44 49.23 65.01
N GLU B 912 51.67 49.40 64.48
CA GLU B 912 51.85 49.03 63.07
C GLU B 912 51.82 47.52 62.91
N PHE B 913 52.18 46.76 63.95
CA PHE B 913 52.01 45.31 63.78
C PHE B 913 50.55 44.93 63.64
N GLN B 914 49.70 45.46 64.51
CA GLN B 914 48.26 45.22 64.42
C GLN B 914 47.72 45.64 63.08
N HIS B 915 48.18 46.78 62.55
CA HIS B 915 47.65 47.23 61.27
C HIS B 915 48.16 46.37 60.12
N GLN B 916 49.45 46.05 60.11
CA GLN B 916 50.07 45.42 58.96
C GLN B 916 49.69 43.95 58.81
N VAL B 917 49.40 43.26 59.92
CA VAL B 917 48.99 41.87 59.77
C VAL B 917 47.63 41.76 59.07
N GLU B 918 46.83 42.83 59.07
CA GLU B 918 45.63 42.85 58.26
C GLU B 918 45.97 42.73 56.79
N GLU B 919 46.93 43.52 56.32
CA GLU B 919 47.33 43.48 54.92
C GLU B 919 47.99 42.16 54.56
N ALA B 920 48.77 41.58 55.49
CA ALA B 920 49.53 40.39 55.16
C ALA B 920 48.63 39.24 54.69
N LYS B 921 49.02 38.60 53.56
CA LYS B 921 48.31 37.46 52.99
C LYS B 921 49.32 36.36 52.61
N ASP B 922 49.80 35.58 53.59
CA ASP B 922 50.59 34.35 53.49
C ASP B 922 50.77 33.75 54.88
N LEU B 923 50.83 32.42 54.91
CA LEU B 923 51.15 31.70 56.14
C LEU B 923 52.61 31.89 56.51
N ASP B 924 53.50 31.97 55.53
CA ASP B 924 54.92 32.15 55.79
C ASP B 924 55.26 33.61 56.08
N GLN B 925 54.66 34.54 55.33
CA GLN B 925 54.94 35.96 55.60
C GLN B 925 54.33 36.38 56.92
N LEU B 926 53.17 35.79 57.29
CA LEU B 926 52.62 36.10 58.60
C LEU B 926 53.57 35.65 59.72
N ILE B 927 54.33 34.59 59.48
CA ILE B 927 55.37 34.21 60.43
C ILE B 927 56.51 35.22 60.41
N LYS B 928 56.92 35.62 59.20
CA LYS B 928 58.08 36.50 59.06
C LYS B 928 57.81 37.87 59.70
N ILE B 929 56.64 38.44 59.44
CA ILE B 929 56.29 39.74 60.03
C ILE B 929 56.23 39.64 61.54
N HIS B 930 55.67 38.54 62.05
CA HIS B 930 55.57 38.36 63.49
C HIS B 930 56.95 38.26 64.12
N TYR B 931 57.86 37.56 63.43
CA TYR B 931 59.23 37.44 63.94
C TYR B 931 59.95 38.78 63.89
N ARG B 932 59.71 39.58 62.84
CA ARG B 932 60.26 40.94 62.81
C ARG B 932 59.74 41.77 63.97
N TYR B 933 58.44 41.69 64.25
CA TYR B 933 57.85 42.48 65.32
C TYR B 933 58.42 42.08 66.67
N LEU B 934 58.70 40.80 66.86
CA LEU B 934 59.30 40.37 68.11
C LEU B 934 60.77 40.72 68.18
N SER B 935 61.50 40.62 67.07
CA SER B 935 62.91 40.98 67.05
C SER B 935 63.12 42.48 67.22
N THR B 936 62.11 43.30 66.92
CA THR B 936 62.26 44.74 67.13
C THR B 936 61.83 45.16 68.53
N ILE B 937 60.76 44.59 69.10
CA ILE B 937 60.48 44.93 70.50
C ILE B 937 61.63 44.45 71.40
N HIS B 938 62.12 43.23 71.16
CA HIS B 938 63.16 42.66 72.02
C HIS B 938 64.47 43.41 71.93
N ASP B 939 64.69 44.16 70.84
CA ASP B 939 65.90 44.96 70.67
C ASP B 939 65.71 46.39 71.16
N ARG B 940 64.58 47.01 70.83
CA ARG B 940 64.35 48.38 71.27
C ARG B 940 64.26 48.45 72.79
N CYS B 941 63.65 47.45 73.43
CA CYS B 941 63.90 47.27 74.86
C CYS B 941 65.31 46.74 75.05
N LEU B 942 66.03 47.34 76.00
CA LEU B 942 67.46 47.10 76.16
C LEU B 942 67.67 45.69 76.73
N LEU B 943 67.59 44.71 75.84
CA LEU B 943 67.62 43.30 76.25
C LEU B 943 68.38 42.40 75.28
N ARG B 944 69.17 42.95 74.37
CA ARG B 944 70.06 42.16 73.52
C ARG B 944 71.35 42.95 73.39
N GLU B 945 72.33 42.40 72.65
CA GLU B 945 73.56 43.09 72.25
C GLU B 945 74.34 43.40 73.53
N LYS B 946 74.77 44.64 73.76
CA LYS B 946 75.59 44.94 74.92
C LYS B 946 74.73 44.92 76.17
N VAL B 947 75.17 44.16 77.18
CA VAL B 947 74.44 43.95 78.42
C VAL B 947 75.17 44.55 79.61
N SER B 948 76.44 44.19 79.79
CA SER B 948 77.24 44.80 80.84
C SER B 948 77.41 46.30 80.61
N PHE B 949 77.40 46.73 79.36
CA PHE B 949 77.68 48.13 79.03
C PHE B 949 76.48 49.01 79.40
N VAL B 950 75.26 48.49 79.22
CA VAL B 950 74.04 49.28 79.33
C VAL B 950 73.13 48.75 80.43
N LYS B 951 72.73 47.48 80.32
CA LYS B 951 71.62 46.96 81.11
C LYS B 951 71.92 46.98 82.60
N GLU B 952 73.12 46.58 82.98
CA GLU B 952 73.45 46.48 84.40
C GLU B 952 73.41 47.83 85.09
N ALA B 953 73.62 48.94 84.36
CA ALA B 953 73.48 50.25 84.97
C ALA B 953 72.04 50.47 85.44
N ILE B 954 71.07 50.22 84.56
CA ILE B 954 69.68 50.40 84.94
C ILE B 954 69.32 49.42 86.04
N MET B 955 69.85 48.19 85.96
CA MET B 955 69.55 47.19 86.99
C MET B 955 70.05 47.65 88.35
N LYS B 956 71.27 48.19 88.42
CA LYS B 956 71.82 48.54 89.72
C LYS B 956 71.16 49.78 90.29
N VAL B 957 70.85 50.77 89.45
CA VAL B 957 70.10 51.92 89.95
C VAL B 957 68.65 51.59 90.25
N LEU B 958 68.14 50.48 89.72
CA LEU B 958 66.85 49.94 90.17
C LEU B 958 67.00 49.27 91.52
N ASN B 959 68.09 48.52 91.68
CA ASN B 959 68.41 47.87 92.94
C ASN B 959 68.56 48.86 94.08
N LEU B 960 69.10 50.05 93.80
CA LEU B 960 69.20 51.05 94.85
C LEU B 960 67.83 51.52 95.29
N ALA B 961 66.91 51.70 94.33
CA ALA B 961 65.53 52.01 94.69
C ALA B 961 64.92 50.89 95.53
N LEU B 962 65.20 49.65 95.14
CA LEU B 962 64.61 48.51 95.84
C LEU B 962 65.10 48.45 97.28
N MET B 963 66.41 48.65 97.50
CA MET B 963 66.91 48.74 98.87
C MET B 963 66.32 49.94 99.61
N PHE B 964 66.20 51.07 98.91
CA PHE B 964 65.75 52.30 99.55
C PHE B 964 64.34 52.14 100.09
N ALA B 965 63.48 51.45 99.34
CA ALA B 965 62.13 51.15 99.83
C ALA B 965 62.06 49.93 100.73
N ASP B 966 63.02 49.00 100.63
CA ASP B 966 63.00 47.84 101.51
C ASP B 966 63.47 48.19 102.93
N GLY B 967 64.32 49.21 103.06
CA GLY B 967 64.83 49.60 104.35
C GLY B 967 64.01 50.67 105.04
N TRP B 968 62.78 50.89 104.58
CA TRP B 968 61.92 51.93 105.14
C TRP B 968 60.53 51.34 105.30
N GLN B 969 59.81 51.78 106.34
CA GLN B 969 58.38 51.48 106.46
C GLN B 969 57.66 52.73 106.97
N ALA B 970 56.34 52.76 106.77
CA ALA B 970 55.56 53.97 107.02
C ALA B 970 55.35 54.22 108.52
N GLY B 971 55.54 55.48 108.92
CA GLY B 971 55.03 55.98 110.19
C GLY B 971 55.88 55.84 111.45
N LEU B 972 57.12 56.34 111.40
CA LEU B 972 57.95 56.59 112.58
C LEU B 972 59.03 57.56 112.16
N GLY B 973 59.87 57.98 113.11
CA GLY B 973 60.98 58.87 112.85
C GLY B 973 62.35 58.25 112.98
N THR B 974 62.52 57.36 113.97
CA THR B 974 63.83 56.84 114.34
C THR B 974 64.27 55.69 113.43
N TRP B 975 64.55 56.03 112.17
CA TRP B 975 65.12 55.05 111.26
C TRP B 975 66.58 54.75 111.56
N ARG B 976 67.29 55.70 112.18
CA ARG B 976 68.69 55.51 112.58
C ARG B 976 69.55 55.14 111.38
N MET B 977 69.26 55.77 110.24
CA MET B 977 69.94 55.47 108.98
C MET B 977 71.01 56.54 108.75
N GLU B 978 72.27 56.13 108.85
CA GLU B 978 73.41 56.98 108.53
C GLU B 978 73.98 56.70 107.15
N SER B 979 73.40 55.77 106.40
CA SER B 979 73.83 55.47 105.04
C SER B 979 73.19 56.38 104.01
N ILE B 980 72.40 57.38 104.43
CA ILE B 980 71.67 58.19 103.47
C ILE B 980 72.64 58.94 102.56
N GLU B 981 73.79 59.37 103.10
CA GLU B 981 74.78 60.03 102.26
C GLU B 981 75.46 59.04 101.31
N LYS B 982 75.68 57.81 101.77
CA LYS B 982 76.27 56.80 100.89
C LYS B 982 75.34 56.50 99.73
N MET B 983 74.05 56.36 100.00
CA MET B 983 73.09 56.10 98.93
C MET B 983 72.90 57.31 98.04
N GLU B 984 72.99 58.52 98.59
CA GLU B 984 72.96 59.73 97.77
C GLU B 984 74.11 59.72 96.77
N SER B 985 75.33 59.51 97.26
CA SER B 985 76.49 59.48 96.36
C SER B 985 76.39 58.34 95.37
N ASP B 986 75.93 57.17 95.82
CA ASP B 986 75.78 56.02 94.93
C ASP B 986 74.82 56.33 93.79
N PHE B 987 73.61 56.81 94.11
CA PHE B 987 72.63 57.10 93.06
C PHE B 987 73.18 58.18 92.14
N LYS B 988 73.82 59.20 92.71
CA LYS B 988 74.36 60.29 91.89
C LYS B 988 75.37 59.77 90.88
N ASN B 989 76.37 59.02 91.34
CA ASN B 989 77.46 58.62 90.45
C ASN B 989 77.01 57.53 89.48
N CYS B 990 76.19 56.57 89.92
CA CYS B 990 75.62 55.62 88.96
C CYS B 990 74.74 56.33 87.93
N HIS B 991 74.05 57.40 88.32
CA HIS B 991 73.29 58.16 87.33
C HIS B 991 74.23 58.84 86.35
N MET B 992 75.36 59.37 86.84
CA MET B 992 76.35 59.96 85.94
C MET B 992 76.83 58.92 84.94
N PHE B 993 77.10 57.71 85.43
CA PHE B 993 77.54 56.63 84.57
C PHE B 993 76.46 56.29 83.54
N LEU B 994 75.21 56.21 83.99
CA LEU B 994 74.11 55.88 83.08
C LEU B 994 74.00 56.91 81.96
N VAL B 995 73.97 58.19 82.30
CA VAL B 995 73.79 59.20 81.27
C VAL B 995 75.00 59.26 80.35
N THR B 996 76.21 59.04 80.87
CA THR B 996 77.38 59.01 79.99
C THR B 996 77.35 57.79 79.07
N ILE B 997 76.90 56.65 79.59
CA ILE B 997 76.73 55.46 78.75
C ILE B 997 75.76 55.75 77.61
N LEU B 998 74.64 56.39 77.92
CA LEU B 998 73.69 56.74 76.86
C LEU B 998 74.28 57.75 75.89
N ASN B 999 75.10 58.69 76.38
CA ASN B 999 75.68 59.69 75.50
C ASN B 999 76.75 59.09 74.60
N LYS B 1000 77.39 58.00 75.03
CA LYS B 1000 78.34 57.29 74.18
C LYS B 1000 77.69 56.75 72.92
N ALA B 1001 76.36 56.57 72.93
CA ALA B 1001 75.64 56.08 71.76
C ALA B 1001 75.74 57.01 70.56
N VAL B 1002 76.10 58.28 70.78
CA VAL B 1002 76.19 59.24 69.67
C VAL B 1002 77.21 58.76 68.65
N CYS B 1003 78.37 58.30 69.11
CA CYS B 1003 79.40 57.82 68.20
C CYS B 1003 78.94 56.60 67.41
N ARG B 1004 78.31 55.64 68.09
CA ARG B 1004 77.88 54.39 67.47
C ARG B 1004 76.69 53.85 68.24
N GLY B 1005 75.88 53.05 67.56
CA GLY B 1005 74.76 52.34 68.15
C GLY B 1005 73.42 52.87 67.68
N SER B 1006 72.37 52.40 68.37
CA SER B 1006 70.99 52.69 68.00
C SER B 1006 70.62 54.09 68.50
N PHE B 1007 71.03 55.09 67.71
CA PHE B 1007 70.76 56.47 68.10
C PHE B 1007 69.27 56.79 68.19
N PRO B 1008 68.37 56.32 67.28
CA PRO B 1008 66.96 56.73 67.45
C PRO B 1008 66.37 56.28 68.78
N HIS B 1009 66.71 55.05 69.18
CA HIS B 1009 66.14 54.50 70.40
C HIS B 1009 66.82 55.06 71.65
N LEU B 1010 68.11 55.35 71.59
CA LEU B 1010 68.82 55.81 72.78
C LEU B 1010 68.77 57.32 72.96
N GLU B 1011 69.08 58.11 71.93
CA GLU B 1011 69.06 59.56 72.07
C GLU B 1011 67.67 60.12 72.38
N SER B 1012 66.62 59.31 72.32
CA SER B 1012 65.31 59.76 72.78
C SER B 1012 65.24 59.80 74.30
N LEU B 1013 65.83 58.81 74.97
CA LEU B 1013 65.85 58.74 76.44
C LEU B 1013 67.09 59.39 77.04
N ALA B 1014 68.17 59.54 76.28
CA ALA B 1014 69.37 60.19 76.79
C ALA B 1014 69.08 61.63 77.20
N LEU B 1015 68.03 62.23 76.63
CA LEU B 1015 67.48 63.48 77.12
C LEU B 1015 66.56 63.20 78.31
N SER B 1016 67.19 62.70 79.38
CA SER B 1016 66.50 62.40 80.63
C SER B 1016 66.33 63.63 81.53
N LEU B 1017 66.75 64.81 81.06
CA LEU B 1017 66.77 66.08 81.79
C LEU B 1017 67.89 66.14 82.83
N MET B 1018 68.74 65.11 82.90
CA MET B 1018 69.94 65.08 83.76
C MET B 1018 69.52 65.41 85.20
N ALA B 1019 70.03 66.50 85.79
CA ALA B 1019 69.83 66.87 87.19
C ALA B 1019 68.43 66.65 87.74
N MET C 1 46.84 -25.83 15.35
CA MET C 1 47.58 -24.81 16.14
C MET C 1 46.79 -23.52 16.34
N ILE C 2 45.61 -23.41 15.73
CA ILE C 2 44.76 -22.23 15.86
C ILE C 2 43.68 -22.41 16.93
N HIS C 3 42.75 -23.32 16.68
CA HIS C 3 41.60 -23.49 17.57
C HIS C 3 42.05 -24.03 18.92
N GLU C 4 43.12 -24.82 18.91
CA GLU C 4 43.69 -25.36 20.14
C GLU C 4 44.10 -24.23 21.09
N LEU C 5 44.59 -23.12 20.53
CA LEU C 5 44.99 -21.99 21.35
C LEU C 5 43.81 -21.46 22.14
N LEU C 6 42.66 -21.29 21.48
CA LEU C 6 41.49 -20.78 22.18
C LEU C 6 41.01 -21.77 23.23
N LEU C 7 41.09 -23.07 22.93
CA LEU C 7 40.75 -24.05 23.97
C LEU C 7 41.64 -23.86 25.20
N ALA C 8 42.96 -23.83 25.01
CA ALA C 8 43.88 -23.77 26.13
C ALA C 8 43.72 -22.47 26.91
N LEU C 9 43.61 -21.34 26.21
CA LEU C 9 43.40 -20.07 26.88
C LEU C 9 42.06 -20.04 27.59
N SER C 10 41.05 -20.75 27.07
CA SER C 10 39.82 -20.96 27.82
C SER C 10 40.07 -21.77 29.08
N GLY C 11 41.16 -22.54 29.10
CA GLY C 11 41.75 -23.00 30.35
C GLY C 11 41.69 -24.50 30.56
N TYR C 12 41.65 -25.25 29.46
CA TYR C 12 41.55 -26.70 29.43
C TYR C 12 42.64 -27.22 28.51
N PRO C 13 43.62 -27.98 28.99
CA PRO C 13 44.80 -28.27 28.15
C PRO C 13 44.49 -29.19 26.98
N GLY C 14 45.42 -29.15 26.03
CA GLY C 14 45.48 -30.10 24.94
C GLY C 14 46.82 -30.80 24.94
N SER C 15 46.91 -31.84 24.11
CA SER C 15 48.15 -32.62 24.03
C SER C 15 49.33 -31.73 23.65
N ILE C 16 49.09 -30.73 22.79
CA ILE C 16 50.17 -29.84 22.40
C ILE C 16 50.62 -28.98 23.58
N PHE C 17 49.69 -28.57 24.44
CA PHE C 17 49.98 -27.72 25.60
C PHE C 17 49.78 -28.56 26.85
N THR C 18 50.85 -29.21 27.30
CA THR C 18 50.80 -30.04 28.49
C THR C 18 50.67 -29.15 29.71
N TRP C 19 49.61 -29.35 30.47
CA TRP C 19 49.52 -28.76 31.79
C TRP C 19 50.29 -29.62 32.78
N ASN C 20 51.24 -29.00 33.47
CA ASN C 20 51.87 -29.57 34.64
C ASN C 20 51.65 -28.57 35.78
N LYS C 21 51.34 -29.06 36.96
CA LYS C 21 51.04 -28.16 38.07
C LYS C 21 52.22 -27.26 38.38
N ARG C 22 53.44 -27.77 38.18
CA ARG C 22 54.64 -26.98 38.47
C ARG C 22 54.88 -25.89 37.42
N SER C 23 54.75 -26.23 36.14
CA SER C 23 55.11 -25.33 35.05
C SER C 23 53.90 -24.65 34.42
N GLY C 24 52.74 -24.72 35.06
CA GLY C 24 51.51 -24.25 34.44
C GLY C 24 51.26 -24.93 33.11
N LEU C 25 50.92 -24.12 32.10
CA LEU C 25 50.82 -24.59 30.73
C LEU C 25 52.21 -24.58 30.11
N GLN C 26 52.50 -25.58 29.27
CA GLN C 26 53.83 -25.66 28.68
C GLN C 26 53.76 -26.40 27.37
N VAL C 27 54.32 -25.79 26.32
CA VAL C 27 54.45 -26.47 25.03
C VAL C 27 55.43 -27.61 25.17
N SER C 28 55.26 -28.64 24.34
CA SER C 28 56.16 -29.80 24.39
C SER C 28 57.61 -29.41 24.07
N GLN C 29 57.81 -28.30 23.37
CA GLN C 29 59.10 -27.70 23.02
C GLN C 29 59.81 -28.44 21.87
N ASP C 30 59.22 -29.51 21.33
CA ASP C 30 59.86 -30.29 20.27
C ASP C 30 58.80 -30.77 19.29
N PHE C 31 58.69 -30.08 18.16
CA PHE C 31 57.91 -30.53 17.02
C PHE C 31 58.73 -30.20 15.77
N PRO C 32 59.14 -31.18 14.95
CA PRO C 32 59.90 -30.82 13.74
C PRO C 32 59.16 -29.89 12.80
N PHE C 33 57.83 -29.97 12.73
CA PHE C 33 57.10 -29.22 11.72
C PHE C 33 57.13 -27.70 11.98
N LEU C 34 57.09 -27.25 13.24
CA LEU C 34 57.11 -25.82 13.55
C LEU C 34 58.53 -25.41 13.92
N HIS C 35 58.96 -24.26 13.39
CA HIS C 35 60.26 -23.70 13.69
C HIS C 35 60.24 -22.97 15.03
N PRO C 36 61.40 -22.77 15.67
CA PRO C 36 61.40 -22.22 17.04
C PRO C 36 60.81 -20.82 17.17
N SER C 37 60.67 -20.06 16.08
CA SER C 37 60.20 -18.69 16.19
C SER C 37 58.82 -18.62 16.83
N GLU C 38 57.90 -19.50 16.42
CA GLU C 38 56.54 -19.43 16.94
C GLU C 38 56.47 -19.93 18.38
N THR C 39 57.43 -20.75 18.80
CA THR C 39 57.37 -21.37 20.13
C THR C 39 57.40 -20.32 21.23
N SER C 40 58.31 -19.35 21.12
CA SER C 40 58.41 -18.30 22.12
C SER C 40 57.12 -17.49 22.22
N VAL C 41 56.53 -17.16 21.07
CA VAL C 41 55.25 -16.47 21.04
C VAL C 41 54.20 -17.30 21.77
N LEU C 42 54.20 -18.60 21.51
CA LEU C 42 53.24 -19.48 22.17
C LEU C 42 53.43 -19.44 23.69
N ASN C 43 54.69 -19.51 24.16
CA ASN C 43 54.95 -19.47 25.60
C ASN C 43 54.45 -18.17 26.22
N ARG C 44 54.74 -17.05 25.55
CA ARG C 44 54.26 -15.75 26.03
C ARG C 44 52.74 -15.76 26.17
N LEU C 45 52.05 -16.34 25.19
CA LEU C 45 50.60 -16.47 25.29
C LEU C 45 50.21 -17.39 26.44
N CYS C 46 50.97 -18.47 26.65
CA CYS C 46 50.63 -19.46 27.68
C CYS C 46 50.73 -18.89 29.08
N ARG C 47 51.56 -17.86 29.26
CA ARG C 47 51.60 -17.22 30.59
C ARG C 47 50.21 -16.76 31.02
N LEU C 48 49.49 -16.11 30.10
CA LEU C 48 48.14 -15.64 30.40
C LEU C 48 47.20 -16.79 30.74
N GLY C 49 47.26 -17.88 29.96
CA GLY C 49 46.41 -19.02 30.25
C GLY C 49 46.75 -19.68 31.57
N THR C 50 48.04 -19.71 31.92
CA THR C 50 48.47 -20.21 33.22
C THR C 50 47.84 -19.38 34.33
N ASP C 51 47.88 -18.05 34.21
CA ASP C 51 47.27 -17.22 35.24
C ASP C 51 45.76 -17.43 35.29
N TYR C 52 45.11 -17.58 34.13
CA TYR C 52 43.66 -17.81 34.13
C TYR C 52 43.32 -19.13 34.82
N ILE C 53 44.09 -20.18 34.55
CA ILE C 53 43.82 -21.47 35.17
C ILE C 53 44.01 -21.38 36.68
N ARG C 54 45.09 -20.71 37.11
CA ARG C 54 45.32 -20.56 38.54
C ARG C 54 44.20 -19.78 39.20
N PHE C 55 43.73 -18.72 38.55
CA PHE C 55 42.60 -17.94 39.04
C PHE C 55 41.36 -18.80 39.17
N THR C 56 40.99 -19.52 38.11
CA THR C 56 39.79 -20.33 38.15
C THR C 56 39.88 -21.38 39.24
N GLU C 57 41.05 -22.00 39.40
CA GLU C 57 41.25 -22.96 40.47
C GLU C 57 40.98 -22.32 41.83
N PHE C 58 41.67 -21.22 42.15
CA PHE C 58 41.51 -20.59 43.46
C PHE C 58 40.07 -20.17 43.73
N ILE C 59 39.43 -19.58 42.71
CA ILE C 59 38.03 -19.19 42.84
C ILE C 59 37.18 -20.40 43.20
N GLU C 60 37.31 -21.48 42.42
CA GLU C 60 36.54 -22.69 42.69
C GLU C 60 36.83 -23.24 44.09
N GLN C 61 38.08 -23.14 44.52
CA GLN C 61 38.47 -23.66 45.84
C GLN C 61 37.72 -22.94 46.94
N TYR C 62 37.64 -21.60 46.88
CA TYR C 62 37.13 -20.82 48.00
C TYR C 62 35.73 -20.22 47.84
N THR C 63 35.05 -20.38 46.70
CA THR C 63 33.67 -19.89 46.56
C THR C 63 32.73 -21.05 46.28
N GLY C 64 31.62 -21.10 47.01
CA GLY C 64 30.58 -22.10 46.78
C GLY C 64 30.98 -23.56 46.94
N HIS C 65 32.23 -23.82 47.34
CA HIS C 65 32.69 -25.20 47.47
C HIS C 65 32.00 -25.93 48.60
N VAL C 66 31.53 -25.20 49.62
CA VAL C 66 30.80 -25.78 50.75
C VAL C 66 29.63 -24.87 51.09
N GLN C 67 28.70 -25.41 51.86
CA GLN C 67 27.56 -24.65 52.38
C GLN C 67 27.91 -24.06 53.74
N GLN C 68 29.03 -23.35 53.76
CA GLN C 68 29.63 -22.82 54.99
C GLN C 68 29.80 -23.92 56.03
N GLN C 69 30.20 -25.10 55.55
CA GLN C 69 30.38 -26.30 56.38
C GLN C 69 29.28 -26.53 57.41
N GLN C 76 37.74 -25.12 58.84
CA GLN C 76 38.14 -24.26 59.94
C GLN C 76 38.03 -22.79 59.51
N GLY C 77 37.12 -22.06 60.14
CA GLY C 77 36.95 -20.65 59.78
C GLY C 77 38.15 -19.82 60.23
N GLN C 78 38.76 -19.13 59.27
CA GLN C 78 39.85 -18.20 59.52
C GLN C 78 40.13 -17.44 58.24
N GLY C 79 40.35 -16.13 58.35
CA GLY C 79 40.53 -15.21 57.24
C GLY C 79 41.31 -15.70 56.04
N GLY C 80 42.47 -16.30 56.27
CA GLY C 80 43.18 -16.97 55.19
C GLY C 80 42.37 -18.11 54.60
N LEU C 81 41.76 -18.92 55.47
CA LEU C 81 41.01 -20.09 55.02
C LEU C 81 39.67 -19.68 54.40
N HIS C 82 38.88 -18.92 55.14
CA HIS C 82 37.49 -18.63 54.77
C HIS C 82 37.14 -17.24 55.26
N GLY C 83 35.95 -16.79 54.90
CA GLY C 83 35.43 -15.50 55.33
C GLY C 83 34.53 -14.87 54.28
N ILE C 84 33.58 -14.06 54.76
CA ILE C 84 32.68 -13.34 53.87
C ILE C 84 33.48 -12.42 52.95
N TYR C 85 34.55 -11.82 53.49
CA TYR C 85 35.38 -10.91 52.70
C TYR C 85 36.14 -11.67 51.63
N LEU C 86 36.65 -12.86 51.97
CA LEU C 86 37.32 -13.70 50.98
C LEU C 86 36.36 -14.10 49.87
N ARG C 87 35.13 -14.45 50.25
CA ARG C 87 34.11 -14.80 49.26
C ARG C 87 33.82 -13.60 48.36
N ALA C 88 33.73 -12.42 48.95
CA ALA C 88 33.51 -11.20 48.18
C ALA C 88 34.64 -10.95 47.21
N PHE C 89 35.88 -11.20 47.63
CA PHE C 89 37.01 -11.05 46.72
C PHE C 89 36.89 -12.00 45.54
N CYS C 90 36.51 -13.25 45.80
CA CYS C 90 36.35 -14.19 44.69
C CYS C 90 35.27 -13.73 43.73
N THR C 91 34.14 -13.27 44.30
CA THR C 91 33.03 -12.74 43.51
C THR C 91 33.50 -11.59 42.63
N GLY C 92 34.32 -10.69 43.17
CA GLY C 92 34.85 -9.60 42.38
C GLY C 92 35.83 -10.06 41.31
N LEU C 93 36.67 -11.06 41.65
CA LEU C 93 37.69 -11.51 40.71
C LEU C 93 37.08 -12.08 39.45
N ASP C 94 36.05 -12.90 39.58
CA ASP C 94 35.49 -13.52 38.37
C ASP C 94 34.85 -12.46 37.46
N SER C 95 34.16 -11.49 38.06
CA SER C 95 33.53 -10.45 37.26
C SER C 95 34.56 -9.52 36.63
N VAL C 96 35.69 -9.28 37.31
CA VAL C 96 36.76 -8.50 36.70
C VAL C 96 37.42 -9.29 35.57
N LEU C 97 37.43 -10.62 35.66
CA LEU C 97 37.99 -11.44 34.58
C LEU C 97 37.03 -11.65 33.42
N GLN C 98 35.75 -11.27 33.57
CA GLN C 98 34.77 -11.42 32.50
C GLN C 98 35.19 -10.82 31.14
N PRO C 99 35.77 -9.62 31.05
CA PRO C 99 36.14 -9.11 29.72
C PRO C 99 37.16 -9.97 28.98
N TYR C 100 38.05 -10.68 29.70
CA TYR C 100 38.89 -11.68 29.03
C TYR C 100 38.05 -12.74 28.35
N ARG C 101 37.00 -13.20 29.03
CA ARG C 101 36.10 -14.18 28.43
C ARG C 101 35.51 -13.61 27.15
N GLN C 102 34.98 -12.38 27.22
CA GLN C 102 34.36 -11.78 26.04
C GLN C 102 35.37 -11.56 24.92
N ALA C 103 36.61 -11.20 25.26
CA ALA C 103 37.64 -11.00 24.25
C ALA C 103 37.93 -12.29 23.50
N LEU C 104 38.09 -13.39 24.23
CA LEU C 104 38.33 -14.67 23.57
C LEU C 104 37.14 -15.05 22.69
N LEU C 105 35.92 -14.73 23.16
CA LEU C 105 34.73 -15.00 22.38
C LEU C 105 34.76 -14.27 21.04
N ASP C 106 35.05 -12.97 21.06
CA ASP C 106 35.09 -12.21 19.81
C ASP C 106 36.18 -12.74 18.89
N LEU C 107 37.30 -13.17 19.47
CA LEU C 107 38.33 -13.80 18.65
C LEU C 107 37.78 -15.01 17.89
N GLU C 108 37.08 -15.91 18.58
CA GLU C 108 36.55 -17.10 17.89
C GLU C 108 35.60 -16.71 16.76
N GLN C 109 34.76 -15.70 17.00
CA GLN C 109 33.88 -15.20 15.92
C GLN C 109 34.69 -14.76 14.71
N GLU C 110 35.76 -13.99 14.93
CA GLU C 110 36.51 -13.49 13.79
C GLU C 110 37.26 -14.62 13.07
N PHE C 111 37.73 -15.62 13.84
CA PHE C 111 38.33 -16.81 13.23
C PHE C 111 37.32 -17.67 12.47
N LEU C 112 36.06 -17.69 12.90
CA LEU C 112 35.03 -18.26 12.05
C LEU C 112 34.92 -17.46 10.75
N GLY C 113 35.04 -16.14 10.85
CA GLY C 113 34.99 -15.32 9.65
C GLY C 113 36.13 -15.60 8.68
N ASP C 114 37.34 -15.81 9.19
CA ASP C 114 38.56 -15.97 8.36
C ASP C 114 39.31 -17.25 8.74
N PRO C 115 39.63 -18.13 7.78
CA PRO C 115 40.28 -19.41 8.14
C PRO C 115 41.80 -19.42 8.21
N HIS C 116 42.49 -18.28 8.09
CA HIS C 116 43.96 -18.25 8.12
C HIS C 116 44.40 -16.94 8.77
N LEU C 117 44.66 -17.03 10.07
CA LEU C 117 44.98 -15.88 10.91
C LEU C 117 46.25 -16.17 11.70
N SER C 118 47.21 -15.26 11.63
CA SER C 118 48.48 -15.47 12.31
C SER C 118 48.32 -15.35 13.83
N ILE C 119 49.28 -15.93 14.54
CA ILE C 119 49.28 -15.86 16.00
C ILE C 119 49.52 -14.43 16.47
N SER C 120 50.24 -13.63 15.67
CA SER C 120 50.47 -12.23 16.02
C SER C 120 49.15 -11.48 16.21
N HIS C 121 48.13 -11.80 15.42
CA HIS C 121 46.83 -11.15 15.59
C HIS C 121 46.24 -11.45 16.96
N VAL C 122 46.33 -12.71 17.40
CA VAL C 122 45.88 -13.09 18.73
C VAL C 122 46.68 -12.34 19.78
N ASN C 123 48.00 -12.30 19.58
CA ASN C 123 48.89 -11.57 20.50
C ASN C 123 48.42 -10.14 20.66
N TYR C 124 48.16 -9.45 19.55
CA TYR C 124 47.59 -8.11 19.63
C TYR C 124 46.31 -8.06 20.45
N PHE C 125 45.28 -8.79 20.00
CA PHE C 125 43.96 -8.54 20.57
C PHE C 125 43.93 -8.89 22.05
N LEU C 126 44.84 -9.78 22.49
CA LEU C 126 44.94 -10.16 23.90
C LEU C 126 46.05 -9.44 24.65
N ASP C 127 46.80 -8.54 24.03
CA ASP C 127 47.95 -7.94 24.72
C ASP C 127 47.56 -6.97 25.82
N GLN C 128 46.30 -6.55 25.89
CA GLN C 128 45.91 -5.63 26.97
C GLN C 128 45.76 -6.36 28.29
N PHE C 129 45.37 -7.64 28.25
CA PHE C 129 45.24 -8.44 29.45
C PHE C 129 46.60 -9.01 29.89
N GLN C 130 47.53 -9.11 28.95
CA GLN C 130 48.90 -9.57 29.22
C GLN C 130 49.54 -8.80 30.35
N LEU C 131 49.14 -7.54 30.53
CA LEU C 131 49.63 -6.66 31.59
C LEU C 131 48.75 -6.67 32.82
N LEU C 132 47.43 -6.81 32.66
CA LEU C 132 46.55 -6.73 33.81
C LEU C 132 46.65 -7.97 34.68
N PHE C 133 46.72 -9.16 34.07
CA PHE C 133 46.70 -10.40 34.86
C PHE C 133 47.88 -10.52 35.81
N PRO C 134 49.14 -10.31 35.40
CA PRO C 134 50.25 -10.33 36.38
C PRO C 134 50.06 -9.38 37.53
N SER C 135 49.50 -8.19 37.29
CA SER C 135 49.28 -7.25 38.37
C SER C 135 48.34 -7.81 39.43
N VAL C 136 47.23 -8.43 39.00
CA VAL C 136 46.29 -8.99 39.96
C VAL C 136 46.88 -10.21 40.68
N MET C 137 47.88 -10.86 40.07
CA MET C 137 48.48 -12.04 40.69
C MET C 137 49.08 -11.71 42.05
N VAL C 138 49.80 -10.59 42.17
CA VAL C 138 50.41 -10.30 43.46
C VAL C 138 49.34 -9.96 44.49
N VAL C 139 48.23 -9.35 44.05
CA VAL C 139 47.14 -9.03 44.96
C VAL C 139 46.62 -10.32 45.61
N VAL C 140 46.40 -11.36 44.81
CA VAL C 140 45.98 -12.62 45.42
C VAL C 140 47.11 -13.25 46.23
N GLU C 141 48.35 -13.13 45.74
CA GLU C 141 49.47 -13.85 46.34
C GLU C 141 49.75 -13.35 47.76
N GLN C 142 49.69 -12.03 47.99
CA GLN C 142 49.92 -11.53 49.33
C GLN C 142 48.86 -12.05 50.30
N ILE C 143 47.60 -12.12 49.86
CA ILE C 143 46.55 -12.64 50.73
C ILE C 143 46.87 -14.08 51.13
N LYS C 144 47.27 -14.91 50.15
CA LYS C 144 47.60 -16.30 50.49
C LYS C 144 48.80 -16.37 51.42
N SER C 145 49.85 -15.61 51.11
CA SER C 145 51.10 -15.76 51.86
C SER C 145 50.95 -15.24 53.28
N GLN C 146 50.39 -14.04 53.45
CA GLN C 146 50.27 -13.41 54.75
C GLN C 146 49.03 -13.85 55.53
N LYS C 147 48.18 -14.71 54.96
CA LYS C 147 47.01 -15.21 55.69
C LYS C 147 46.12 -14.05 56.13
N ILE C 148 45.98 -13.06 55.23
CA ILE C 148 45.36 -11.79 55.60
C ILE C 148 43.93 -12.02 56.04
N HIS C 149 43.53 -11.35 57.12
CA HIS C 149 42.33 -11.67 57.87
C HIS C 149 41.32 -10.53 57.79
N GLY C 150 40.08 -10.88 57.47
CA GLY C 150 38.98 -9.93 57.55
C GLY C 150 39.21 -8.70 56.70
N CYS C 151 38.94 -7.54 57.29
CA CYS C 151 39.03 -6.28 56.58
C CYS C 151 40.43 -5.97 56.07
N GLN C 152 41.49 -6.60 56.61
CA GLN C 152 42.84 -6.27 56.17
C GLN C 152 43.03 -6.51 54.67
N ILE C 153 42.23 -7.39 54.06
CA ILE C 153 42.24 -7.55 52.61
C ILE C 153 41.86 -6.22 51.94
N LEU C 154 40.93 -5.48 52.55
CA LEU C 154 40.51 -4.20 51.98
C LEU C 154 41.70 -3.26 51.88
N GLU C 155 42.50 -3.19 52.94
CA GLU C 155 43.72 -2.39 52.91
C GLU C 155 44.69 -2.94 51.89
N THR C 156 44.81 -4.27 51.82
CA THR C 156 45.78 -4.90 50.93
C THR C 156 45.51 -4.51 49.48
N VAL C 157 44.24 -4.53 49.08
CA VAL C 157 43.90 -4.11 47.72
C VAL C 157 43.98 -2.58 47.58
N TYR C 158 43.63 -1.83 48.63
CA TYR C 158 43.69 -0.37 48.54
C TYR C 158 45.11 0.11 48.31
N LYS C 159 46.09 -0.52 48.96
CA LYS C 159 47.48 -0.06 48.79
C LYS C 159 47.98 -0.32 47.38
N HIS C 160 47.44 -1.32 46.68
CA HIS C 160 47.72 -1.52 45.26
C HIS C 160 46.77 -0.74 44.37
N SER C 161 45.77 -0.05 44.94
CA SER C 161 44.99 0.88 44.15
C SER C 161 45.80 2.11 43.74
N CYS C 162 46.97 2.32 44.34
CA CYS C 162 47.90 3.36 43.90
C CYS C 162 48.83 2.89 42.80
N GLY C 163 48.50 1.76 42.15
CA GLY C 163 49.31 1.31 41.03
C GLY C 163 49.33 2.35 39.93
N GLY C 164 50.49 2.48 39.30
CA GLY C 164 50.66 3.46 38.25
C GLY C 164 50.16 3.00 36.90
N LEU C 165 49.45 1.87 36.85
CA LEU C 165 48.79 1.42 35.62
C LEU C 165 47.33 1.82 35.74
N PRO C 166 46.80 2.76 34.95
CA PRO C 166 45.37 3.12 35.03
C PRO C 166 44.43 1.92 34.87
N PRO C 167 44.66 1.03 33.89
CA PRO C 167 43.73 -0.13 33.78
C PRO C 167 43.73 -1.01 35.01
N VAL C 168 44.91 -1.29 35.56
CA VAL C 168 45.01 -2.08 36.79
C VAL C 168 44.29 -1.36 37.92
N ARG C 169 44.48 -0.04 38.03
CA ARG C 169 43.82 0.72 39.08
C ARG C 169 42.31 0.57 39.01
N SER C 170 41.73 0.79 37.82
CA SER C 170 40.28 0.66 37.69
C SER C 170 39.80 -0.76 37.98
N ALA C 171 40.55 -1.76 37.49
CA ALA C 171 40.18 -3.15 37.71
C ALA C 171 40.11 -3.48 39.19
N LEU C 172 41.15 -3.11 39.94
CA LEU C 172 41.16 -3.38 41.37
C LEU C 172 40.10 -2.53 42.09
N GLU C 173 39.82 -1.33 41.57
CA GLU C 173 38.79 -0.48 42.15
C GLU C 173 37.43 -1.17 42.13
N LYS C 174 37.13 -1.88 41.04
CA LYS C 174 35.88 -2.64 40.98
C LYS C 174 35.79 -3.63 42.13
N ILE C 175 36.89 -4.36 42.36
CA ILE C 175 36.92 -5.37 43.42
C ILE C 175 36.72 -4.70 44.78
N LEU C 176 37.38 -3.56 45.00
CA LEU C 176 37.21 -2.89 46.28
C LEU C 176 35.78 -2.40 46.46
N ALA C 177 35.12 -1.97 45.39
CA ALA C 177 33.71 -1.62 45.48
C ALA C 177 32.89 -2.81 45.94
N VAL C 178 33.18 -3.99 45.37
CA VAL C 178 32.43 -5.19 45.75
C VAL C 178 32.63 -5.50 47.24
N CYS C 179 33.89 -5.50 47.69
CA CYS C 179 34.17 -5.86 49.08
C CYS C 179 33.67 -4.80 50.07
N HIS C 180 33.74 -3.53 49.67
CA HIS C 180 33.08 -2.48 50.45
C HIS C 180 31.59 -2.75 50.54
N GLY C 181 31.02 -3.41 49.53
CA GLY C 181 29.69 -3.98 49.66
C GLY C 181 29.49 -4.74 50.96
N VAL C 182 30.30 -5.78 51.23
CA VAL C 182 30.10 -6.57 52.44
C VAL C 182 30.42 -5.77 53.70
N MET C 183 31.46 -4.92 53.65
CA MET C 183 31.78 -4.16 54.85
C MET C 183 30.62 -3.24 55.22
N TYR C 184 30.12 -2.47 54.25
CA TYR C 184 28.93 -1.65 54.44
C TYR C 184 27.75 -2.47 54.89
N LYS C 185 27.68 -3.72 54.44
CA LYS C 185 26.56 -4.59 54.78
C LYS C 185 26.58 -4.98 56.25
N GLN C 186 27.75 -5.37 56.75
CA GLN C 186 27.86 -5.71 58.16
C GLN C 186 27.67 -4.48 59.04
N LEU C 187 28.15 -3.33 58.57
CA LEU C 187 27.86 -2.07 59.23
C LEU C 187 26.38 -1.70 59.15
N SER C 188 25.66 -2.24 58.17
CA SER C 188 24.24 -1.95 57.98
C SER C 188 23.34 -2.67 58.98
N ALA C 189 23.85 -3.60 59.77
CA ALA C 189 23.10 -4.27 60.83
C ALA C 189 23.43 -3.71 62.20
N TRP C 190 24.72 -3.67 62.55
CA TRP C 190 25.12 -3.19 63.86
C TRP C 190 24.78 -1.71 64.07
N MET C 191 24.94 -0.88 63.04
CA MET C 191 24.62 0.53 63.20
C MET C 191 23.10 0.75 63.20
N LEU C 192 22.35 -0.07 62.47
CA LEU C 192 20.90 0.08 62.36
C LEU C 192 20.17 -0.67 63.48
N HIS C 193 20.30 -2.00 63.50
CA HIS C 193 19.57 -2.86 64.43
C HIS C 193 20.39 -3.17 65.69
N GLY C 194 21.65 -2.76 65.74
CA GLY C 194 22.41 -2.96 66.95
C GLY C 194 22.79 -4.40 67.24
N LEU C 195 23.05 -5.20 66.21
CA LEU C 195 23.51 -6.57 66.39
C LEU C 195 24.61 -6.88 65.39
N LEU C 196 25.72 -7.38 65.90
CA LEU C 196 26.79 -7.87 65.04
C LEU C 196 26.38 -9.19 64.41
N LEU C 197 26.67 -9.32 63.11
CA LEU C 197 26.31 -10.50 62.33
C LEU C 197 27.59 -10.98 61.65
N ASP C 198 28.41 -11.73 62.38
CA ASP C 198 29.73 -12.07 61.90
C ASP C 198 30.26 -13.28 62.66
N GLN C 199 30.85 -14.23 61.92
CA GLN C 199 31.47 -15.42 62.48
C GLN C 199 32.91 -15.47 61.99
N HIS C 200 33.85 -15.27 62.93
CA HIS C 200 35.32 -15.39 62.88
C HIS C 200 35.99 -14.33 62.00
N GLU C 201 35.23 -13.63 61.17
CA GLU C 201 35.70 -12.39 60.59
C GLU C 201 35.34 -11.24 61.51
N GLU C 202 35.71 -10.03 61.12
CA GLU C 202 35.45 -8.85 61.94
C GLU C 202 35.03 -7.70 61.04
N PHE C 203 34.35 -6.73 61.64
CA PHE C 203 34.12 -5.43 61.03
C PHE C 203 34.57 -4.33 61.99
N PHE C 204 35.78 -4.49 62.52
CA PHE C 204 36.48 -3.57 63.42
C PHE C 204 35.68 -3.21 64.66
N ILE C 205 34.72 -4.04 65.02
CA ILE C 205 33.95 -3.89 66.25
C ILE C 205 33.86 -5.27 66.89
N LYS C 206 34.29 -5.36 68.14
CA LYS C 206 34.39 -6.65 68.81
C LYS C 206 33.06 -6.94 69.47
N SER C 253 25.85 -5.96 77.92
CA SER C 253 26.31 -4.83 77.10
C SER C 253 27.40 -4.06 77.85
N LEU C 254 28.00 -3.07 77.18
CA LEU C 254 29.26 -2.45 77.62
C LEU C 254 30.36 -3.50 77.87
N LYS C 255 30.27 -4.63 77.18
CA LYS C 255 31.27 -5.69 77.26
C LYS C 255 30.96 -6.52 76.02
N GLN C 256 31.96 -7.20 75.48
CA GLN C 256 31.91 -7.91 74.20
C GLN C 256 31.83 -6.95 73.02
N PHE C 257 31.88 -5.63 73.23
CA PHE C 257 31.75 -4.61 72.20
C PHE C 257 32.94 -3.66 72.33
N SER C 258 33.81 -3.62 71.32
CA SER C 258 34.87 -2.59 71.30
C SER C 258 35.62 -2.66 69.97
N LEU C 259 36.28 -1.55 69.64
CA LEU C 259 37.00 -1.43 68.38
C LEU C 259 38.26 -2.29 68.39
N ARG C 260 38.58 -2.85 67.22
CA ARG C 260 39.81 -3.59 66.98
C ARG C 260 40.71 -2.70 66.15
N VAL C 261 41.73 -2.13 66.79
CA VAL C 261 42.65 -1.23 66.07
C VAL C 261 43.37 -1.96 64.95
N GLU C 262 43.81 -3.20 65.21
CA GLU C 262 44.60 -3.93 64.22
C GLU C 262 43.84 -4.14 62.91
N ILE C 263 42.55 -4.52 63.00
CA ILE C 263 41.82 -4.91 61.81
C ILE C 263 41.37 -3.69 61.02
N LEU C 264 41.15 -2.55 61.69
CA LEU C 264 40.57 -1.33 61.13
C LEU C 264 41.27 -0.91 59.83
N PRO C 265 40.54 -0.63 58.75
CA PRO C 265 41.22 -0.11 57.55
C PRO C 265 41.82 1.26 57.80
N SER C 266 43.01 1.46 57.24
CA SER C 266 43.76 2.69 57.48
C SER C 266 43.01 3.91 56.95
N TYR C 267 42.51 3.81 55.72
CA TYR C 267 41.83 4.94 55.09
C TYR C 267 40.60 5.39 55.87
N ILE C 268 39.92 4.49 56.56
CA ILE C 268 38.82 4.89 57.43
C ILE C 268 39.43 5.45 58.71
N PRO C 269 39.16 6.70 59.11
CA PRO C 269 39.81 7.22 60.31
C PRO C 269 39.21 6.69 61.61
N VAL C 270 40.07 6.73 62.64
CA VAL C 270 39.68 6.26 63.96
C VAL C 270 38.47 7.04 64.47
N ARG C 271 38.40 8.33 64.16
CA ARG C 271 37.31 9.15 64.70
C ARG C 271 35.94 8.67 64.23
N VAL C 272 35.78 8.40 62.92
CA VAL C 272 34.48 7.91 62.46
C VAL C 272 34.26 6.49 62.96
N ALA C 273 35.33 5.70 63.10
CA ALA C 273 35.17 4.37 63.72
C ALA C 273 34.58 4.51 65.13
N GLU C 274 35.07 5.48 65.89
CA GLU C 274 34.51 5.74 67.22
C GLU C 274 33.05 6.14 67.14
N LYS C 275 32.70 7.02 66.20
CA LYS C 275 31.30 7.40 66.01
C LYS C 275 30.43 6.17 65.79
N ILE C 276 30.89 5.26 64.92
CA ILE C 276 30.16 4.03 64.66
C ILE C 276 30.01 3.21 65.94
N LEU C 277 31.11 3.13 66.71
CA LEU C 277 31.05 2.38 67.98
C LEU C 277 30.00 2.95 68.91
N PHE C 278 29.96 4.28 69.04
CA PHE C 278 28.99 4.89 69.94
C PHE C 278 27.57 4.62 69.47
N VAL C 279 27.30 4.74 68.17
CA VAL C 279 25.92 4.56 67.73
C VAL C 279 25.47 3.11 67.89
N GLY C 280 26.38 2.14 67.68
CA GLY C 280 26.00 0.75 67.91
C GLY C 280 25.77 0.41 69.38
N GLU C 281 26.73 0.77 70.24
CA GLU C 281 26.53 0.62 71.68
C GLU C 281 25.25 1.31 72.13
N SER C 282 24.98 2.47 71.53
CA SER C 282 23.75 3.21 71.79
C SER C 282 22.51 2.40 71.48
N VAL C 283 22.32 2.02 70.20
CA VAL C 283 21.04 1.41 69.82
C VAL C 283 20.88 0.05 70.49
N GLN C 284 21.97 -0.65 70.74
CA GLN C 284 21.91 -1.92 71.45
C GLN C 284 21.22 -1.74 72.80
N LEU C 300 14.51 5.55 67.53
CA LEU C 300 13.23 4.85 67.61
C LEU C 300 12.42 5.07 66.34
N LYS C 301 12.50 6.27 65.78
CA LYS C 301 11.75 6.57 64.56
C LYS C 301 12.25 5.68 63.43
N ASN C 302 11.32 5.27 62.56
CA ASN C 302 11.64 4.34 61.47
C ASN C 302 12.12 5.11 60.25
N GLN C 303 13.30 5.73 60.42
CA GLN C 303 14.14 6.11 59.29
C GLN C 303 15.10 4.98 58.92
N GLU C 304 14.89 3.79 59.48
CA GLU C 304 15.70 2.61 59.17
C GLU C 304 15.77 2.39 57.66
N ASP C 305 14.59 2.41 57.02
CA ASP C 305 14.51 2.23 55.56
C ASP C 305 15.21 3.36 54.81
N THR C 306 15.00 4.61 55.25
CA THR C 306 15.63 5.74 54.57
C THR C 306 17.15 5.65 54.59
N PHE C 307 17.74 5.38 55.77
CA PHE C 307 19.18 5.22 55.78
C PHE C 307 19.61 3.95 55.06
N ALA C 308 18.76 2.93 55.00
CA ALA C 308 19.09 1.77 54.17
C ALA C 308 19.21 2.20 52.71
N ALA C 309 18.31 3.06 52.25
CA ALA C 309 18.38 3.59 50.89
C ALA C 309 19.65 4.41 50.69
N GLU C 310 19.98 5.26 51.67
CA GLU C 310 21.21 6.05 51.58
C GLU C 310 22.42 5.14 51.44
N LEU C 311 22.55 4.16 52.34
CA LEU C 311 23.67 3.24 52.30
C LEU C 311 23.66 2.45 50.99
N HIS C 312 22.48 2.16 50.45
CA HIS C 312 22.39 1.52 49.12
C HIS C 312 23.05 2.36 48.04
N ARG C 313 22.70 3.64 47.97
CA ARG C 313 23.32 4.50 46.97
C ARG C 313 24.83 4.53 47.17
N LEU C 314 25.27 4.57 48.44
CA LEU C 314 26.69 4.48 48.75
C LEU C 314 27.31 3.17 48.24
N LYS C 315 26.55 2.07 48.28
CA LYS C 315 27.03 0.85 47.62
C LYS C 315 27.22 1.10 46.14
N GLN C 316 26.22 1.73 45.51
CA GLN C 316 26.22 1.86 44.05
C GLN C 316 27.35 2.75 43.56
N GLN C 317 27.83 3.69 44.38
CA GLN C 317 28.91 4.56 43.95
C GLN C 317 30.15 3.73 43.61
N PRO C 318 30.84 3.99 42.49
CA PRO C 318 31.95 3.09 42.12
C PRO C 318 33.16 3.18 43.03
N LEU C 319 33.58 4.38 43.43
CA LEU C 319 34.84 4.60 44.11
C LEU C 319 34.56 5.11 45.51
N PHE C 320 35.33 4.64 46.49
CA PHE C 320 35.06 4.99 47.89
C PHE C 320 35.32 6.47 48.12
N SER C 321 34.32 7.17 48.62
CA SER C 321 34.45 8.59 48.98
C SER C 321 34.33 8.69 50.50
N LEU C 322 35.46 8.95 51.16
CA LEU C 322 35.44 9.07 52.61
C LEU C 322 34.52 10.21 53.04
N VAL C 323 34.41 11.27 52.24
CA VAL C 323 33.62 12.41 52.66
C VAL C 323 32.14 12.06 52.72
N ASP C 324 31.61 11.37 51.71
CA ASP C 324 30.17 11.08 51.76
C ASP C 324 29.89 9.94 52.73
N PHE C 325 30.84 9.00 52.88
CA PHE C 325 30.68 8.01 53.96
C PHE C 325 30.59 8.68 55.31
N GLU C 326 31.51 9.59 55.59
CA GLU C 326 31.49 10.35 56.83
C GLU C 326 30.19 11.15 56.93
N GLN C 327 29.76 11.74 55.82
CA GLN C 327 28.51 12.50 55.81
C GLN C 327 27.34 11.62 56.23
N VAL C 328 27.18 10.45 55.59
CA VAL C 328 26.02 9.62 55.88
C VAL C 328 26.08 9.09 57.31
N VAL C 329 27.25 8.63 57.76
CA VAL C 329 27.32 8.10 59.12
C VAL C 329 27.05 9.21 60.13
N ASP C 330 27.53 10.43 59.85
CA ASP C 330 27.36 11.52 60.82
C ASP C 330 25.92 12.06 60.83
N ARG C 331 25.43 12.26 59.61
CA ARG C 331 24.09 12.85 59.42
C ARG C 331 23.16 11.83 60.08
N ILE C 332 23.35 10.55 59.77
CA ILE C 332 22.54 9.47 60.40
C ILE C 332 22.95 9.51 61.86
N ARG C 333 24.24 9.65 62.17
CA ARG C 333 24.74 9.68 63.57
C ARG C 333 24.24 10.96 64.24
N SER C 334 23.54 11.84 63.52
CA SER C 334 22.91 13.03 64.13
C SER C 334 21.44 12.71 64.30
N THR C 335 20.88 11.95 63.37
CA THR C 335 19.47 11.51 63.45
C THR C 335 19.34 10.41 64.51
N VAL C 336 20.45 9.81 64.90
CA VAL C 336 20.43 8.70 65.91
C VAL C 336 21.48 8.97 66.98
N ALA C 337 22.77 8.93 66.66
CA ALA C 337 23.83 9.06 67.68
C ALA C 337 23.66 10.36 68.47
N GLU C 338 23.23 11.42 67.80
CA GLU C 338 22.95 12.69 68.49
C GLU C 338 21.52 12.62 69.00
N HIS C 339 20.56 12.28 68.15
CA HIS C 339 19.15 12.31 68.59
C HIS C 339 19.03 11.32 69.74
N LEU C 340 19.99 10.42 69.86
CA LEU C 340 19.99 9.43 70.95
C LEU C 340 20.08 10.20 72.27
N TRP C 341 20.95 11.20 72.36
CA TRP C 341 21.13 12.00 73.60
C TRP C 341 19.78 12.53 74.08
N LYS C 342 19.09 13.35 73.29
CA LYS C 342 17.76 13.85 73.58
C LYS C 342 16.82 12.75 74.06
N LEU C 343 16.97 11.54 73.54
CA LEU C 343 16.06 10.45 73.87
C LEU C 343 16.26 10.00 75.31
N MET C 344 17.51 9.75 75.69
CA MET C 344 17.79 9.37 77.06
C MET C 344 17.42 10.50 78.03
N VAL C 345 17.92 11.71 77.77
CA VAL C 345 17.72 12.79 78.74
C VAL C 345 16.24 13.17 78.86
N GLU C 346 15.45 12.98 77.78
CA GLU C 346 14.04 13.37 77.81
C GLU C 346 13.11 12.19 78.07
N GLU C 347 13.20 11.12 77.28
CA GLU C 347 12.28 10.00 77.44
C GLU C 347 12.45 9.33 78.81
N SER C 348 13.69 9.05 79.20
CA SER C 348 14.01 8.51 80.52
C SER C 348 14.88 9.53 81.26
N ASP C 349 14.22 10.52 81.86
CA ASP C 349 14.88 11.68 82.46
C ASP C 349 16.00 11.29 83.42
N LEU C 350 17.23 11.68 83.07
CA LEU C 350 18.40 11.36 83.89
C LEU C 350 18.53 12.26 85.11
N LEU C 351 17.91 13.45 85.07
CA LEU C 351 17.99 14.36 86.20
C LEU C 351 17.46 13.70 87.47
N GLY C 352 16.28 13.09 87.38
CA GLY C 352 15.73 12.39 88.53
C GLY C 352 16.61 11.24 88.99
N GLN C 353 17.15 10.48 88.03
CA GLN C 353 17.98 9.33 88.39
C GLN C 353 19.21 9.78 89.18
N LEU C 354 19.91 10.81 88.68
CA LEU C 354 21.05 11.35 89.42
C LEU C 354 20.62 11.89 90.77
N LYS C 355 19.44 12.50 90.84
CA LYS C 355 18.93 13.01 92.12
C LYS C 355 18.77 11.87 93.14
N ILE C 356 18.18 10.76 92.72
CA ILE C 356 18.02 9.62 93.62
C ILE C 356 19.38 9.08 94.04
N ILE C 357 20.32 9.00 93.09
CA ILE C 357 21.65 8.49 93.39
C ILE C 357 22.30 9.35 94.47
N LYS C 358 22.25 10.68 94.33
CA LYS C 358 22.85 11.49 95.39
C LYS C 358 22.06 11.38 96.68
N ASP C 359 20.73 11.26 96.58
CA ASP C 359 19.89 11.18 97.77
C ASP C 359 20.18 9.96 98.62
N PHE C 360 20.65 8.86 98.02
CA PHE C 360 20.84 7.63 98.78
C PHE C 360 22.29 7.18 98.87
N TYR C 361 23.01 7.11 97.76
CA TYR C 361 24.42 6.76 97.84
C TYR C 361 25.21 7.81 98.61
N LEU C 362 24.84 9.09 98.46
CA LEU C 362 25.64 10.21 98.96
C LEU C 362 24.98 10.93 100.13
N LEU C 363 24.06 10.26 100.83
CA LEU C 363 23.35 10.80 102.00
C LEU C 363 22.72 12.17 101.72
N GLY C 364 22.08 12.30 100.56
CA GLY C 364 21.30 13.51 100.33
C GLY C 364 19.99 13.56 101.09
N ARG C 365 19.59 12.47 101.75
CA ARG C 365 18.35 12.40 102.51
C ARG C 365 18.72 12.31 104.00
N GLY C 366 18.98 13.49 104.59
CA GLY C 366 19.50 13.53 105.95
C GLY C 366 18.54 12.96 106.98
N GLU C 367 17.27 13.39 106.94
CA GLU C 367 16.29 12.93 107.91
C GLU C 367 16.14 11.41 107.87
N LEU C 368 15.98 10.85 106.67
CA LEU C 368 15.77 9.41 106.55
C LEU C 368 16.99 8.64 107.01
N PHE C 369 18.19 9.06 106.62
CA PHE C 369 19.36 8.28 107.00
C PHE C 369 19.65 8.39 108.50
N GLN C 370 19.49 9.59 109.06
CA GLN C 370 19.65 9.75 110.52
C GLN C 370 18.63 8.90 111.26
N ALA C 371 17.38 8.90 110.81
CA ALA C 371 16.35 8.08 111.43
C ALA C 371 16.68 6.60 111.31
N PHE C 372 17.20 6.17 110.16
CA PHE C 372 17.59 4.77 109.99
C PHE C 372 18.68 4.38 110.97
N ILE C 373 19.67 5.25 111.15
CA ILE C 373 20.71 4.99 112.14
C ILE C 373 20.09 4.84 113.52
N ASP C 374 19.20 5.78 113.87
CA ASP C 374 18.58 5.79 115.19
C ASP C 374 17.79 4.51 115.44
N THR C 375 16.98 4.10 114.46
CA THR C 375 16.11 2.95 114.66
C THR C 375 16.89 1.64 114.67
N ALA C 376 17.83 1.45 113.73
CA ALA C 376 18.55 0.20 113.57
C ALA C 376 19.94 0.25 114.17
N GLN C 377 20.15 1.08 115.21
CA GLN C 377 21.45 1.17 115.87
C GLN C 377 21.94 -0.19 116.35
N HIS C 378 21.15 -0.89 117.17
CA HIS C 378 21.63 -2.12 117.80
C HIS C 378 21.85 -3.23 116.77
N MET C 379 20.93 -3.35 115.81
CA MET C 379 21.01 -4.43 114.83
C MET C 379 22.29 -4.33 114.01
N LEU C 380 22.59 -3.14 113.50
CA LEU C 380 23.82 -2.95 112.75
C LEU C 380 25.05 -3.06 113.66
N LYS C 381 24.90 -2.66 114.93
CA LYS C 381 26.02 -2.74 115.86
C LYS C 381 26.43 -4.19 116.11
N THR C 382 25.47 -5.10 116.21
CA THR C 382 25.79 -6.49 116.47
C THR C 382 26.53 -7.09 115.28
N PRO C 383 27.32 -8.15 115.49
CA PRO C 383 28.20 -8.65 114.40
C PRO C 383 27.41 -9.22 113.25
N PRO C 384 28.00 -9.31 112.06
CA PRO C 384 27.25 -9.77 110.88
C PRO C 384 26.98 -11.27 110.93
N THR C 385 25.90 -11.68 110.28
CA THR C 385 25.66 -13.08 109.98
C THR C 385 24.74 -13.13 108.75
N ALA C 386 24.22 -14.33 108.47
CA ALA C 386 23.62 -14.59 107.16
C ALA C 386 22.42 -13.70 106.88
N VAL C 387 21.47 -13.63 107.81
CA VAL C 387 20.16 -13.00 107.54
C VAL C 387 19.97 -11.82 108.48
N THR C 388 21.05 -11.09 108.77
CA THR C 388 20.91 -9.70 109.19
C THR C 388 20.45 -8.81 108.04
N GLU C 389 20.59 -9.30 106.81
CA GLU C 389 20.22 -8.52 105.63
C GLU C 389 18.74 -8.17 105.63
N HIS C 390 17.88 -9.18 105.82
CA HIS C 390 16.45 -8.91 105.86
C HIS C 390 16.10 -7.97 107.01
N ASP C 391 16.74 -8.15 108.16
CA ASP C 391 16.47 -7.30 109.32
C ASP C 391 16.79 -5.84 109.01
N VAL C 392 17.95 -5.59 108.41
CA VAL C 392 18.31 -4.20 108.12
C VAL C 392 17.41 -3.64 107.02
N ASN C 393 17.01 -4.49 106.06
CA ASN C 393 16.14 -4.01 104.99
C ASN C 393 14.76 -3.63 105.52
N VAL C 394 14.17 -4.46 106.39
CA VAL C 394 12.88 -4.10 106.96
C VAL C 394 13.02 -2.87 107.85
N ALA C 395 14.15 -2.73 108.55
CA ALA C 395 14.39 -1.51 109.32
C ALA C 395 14.48 -0.30 108.41
N PHE C 396 15.10 -0.46 107.24
CA PHE C 396 15.26 0.64 106.30
C PHE C 396 13.91 1.05 105.70
N GLN C 397 13.05 0.08 105.41
CA GLN C 397 11.70 0.38 104.93
C GLN C 397 10.89 1.05 106.04
N GLN C 398 11.08 0.58 107.28
CA GLN C 398 10.44 1.20 108.42
C GLN C 398 10.86 2.65 108.56
N SER C 399 12.15 2.95 108.35
CA SER C 399 12.61 4.34 108.39
C SER C 399 12.04 5.14 107.22
N ALA C 400 11.90 4.52 106.05
CA ALA C 400 11.33 5.20 104.90
C ALA C 400 9.90 5.64 105.19
N HIS C 401 9.15 4.79 105.89
CA HIS C 401 7.83 5.20 106.36
C HIS C 401 7.88 6.10 107.59
N LYS C 402 8.94 5.99 108.41
CA LYS C 402 9.07 6.81 109.60
C LYS C 402 9.18 8.29 109.22
N VAL C 403 9.96 8.60 108.19
CA VAL C 403 10.01 9.98 107.72
C VAL C 403 8.64 10.44 107.21
N LEU C 404 7.84 9.53 106.67
CA LEU C 404 6.47 9.75 106.17
C LEU C 404 6.44 10.52 104.86
N LEU C 405 7.59 10.97 104.34
CA LEU C 405 7.65 11.68 103.05
C LEU C 405 7.86 10.63 101.97
N ASP C 406 6.75 10.10 101.45
CA ASP C 406 6.77 8.96 100.55
C ASP C 406 5.87 9.24 99.35
N ASP C 407 6.13 8.47 98.28
CA ASP C 407 5.35 8.53 97.05
C ASP C 407 5.33 7.11 96.49
N ASP C 408 4.53 6.92 95.44
CA ASP C 408 4.52 5.64 94.76
C ASP C 408 5.93 5.29 94.29
N ASN C 409 6.27 4.00 94.41
CA ASN C 409 7.58 3.38 94.16
C ASN C 409 8.68 4.20 94.86
N LEU C 410 9.88 4.38 94.28
CA LEU C 410 11.07 5.03 94.82
C LEU C 410 11.81 4.15 95.85
N LEU C 411 11.14 3.12 96.37
CA LEU C 411 11.71 2.11 97.26
C LEU C 411 12.05 0.80 96.55
N PRO C 412 11.28 0.32 95.56
CA PRO C 412 11.67 -0.93 94.87
C PRO C 412 13.05 -0.89 94.25
N LEU C 413 13.58 0.28 93.90
CA LEU C 413 14.85 0.37 93.20
C LEU C 413 16.04 0.43 94.16
N LEU C 414 15.86 0.09 95.44
CA LEU C 414 16.95 0.16 96.41
C LEU C 414 16.79 -0.89 97.50
N HIS C 415 17.93 -1.45 97.93
CA HIS C 415 18.01 -2.36 99.06
C HIS C 415 19.41 -2.31 99.67
N LEU C 416 19.50 -2.80 100.90
CA LEU C 416 20.76 -2.91 101.63
C LEU C 416 21.32 -4.32 101.51
N THR C 417 22.65 -4.43 101.46
CA THR C 417 23.33 -5.70 101.23
C THR C 417 24.47 -5.87 102.25
N ILE C 418 24.31 -6.82 103.18
CA ILE C 418 25.37 -7.21 104.12
C ILE C 418 26.06 -8.44 103.57
N GLU C 419 27.37 -8.54 103.83
CA GLU C 419 28.18 -9.71 103.56
C GLU C 419 28.79 -10.21 104.87
N TYR C 420 28.78 -11.53 105.06
CA TYR C 420 29.24 -12.16 106.29
C TYR C 420 30.25 -13.26 105.97
N HIS C 421 31.16 -13.52 106.92
CA HIS C 421 32.24 -14.48 106.74
C HIS C 421 33.05 -14.18 105.48
N GLY C 422 33.35 -12.90 105.27
CA GLY C 422 34.07 -12.45 104.09
C GLY C 422 33.38 -11.28 103.42
N SER C 448 30.36 -5.89 114.59
CA SER C 448 30.34 -4.64 113.84
C SER C 448 29.71 -4.82 112.47
N GLY C 449 28.38 -4.98 112.45
CA GLY C 449 27.66 -5.11 111.19
C GLY C 449 27.81 -3.89 110.29
N TRP C 450 28.06 -2.72 110.88
CA TRP C 450 28.26 -1.51 110.09
C TRP C 450 29.36 -1.65 109.05
N ALA C 451 30.36 -2.50 109.32
CA ALA C 451 31.49 -2.65 108.42
C ALA C 451 31.09 -3.25 107.07
N ALA C 452 29.98 -3.99 107.02
CA ALA C 452 29.59 -4.74 105.84
C ALA C 452 28.36 -4.18 105.13
N LEU C 453 27.89 -2.99 105.50
CA LEU C 453 26.63 -2.46 104.98
C LEU C 453 26.83 -1.84 103.61
N GLY C 454 26.26 -2.46 102.57
CA GLY C 454 26.40 -1.99 101.20
C GLY C 454 25.09 -1.66 100.51
N LEU C 455 25.04 -0.52 99.83
CA LEU C 455 23.84 -0.05 99.14
C LEU C 455 23.95 -0.31 97.65
N SER C 456 22.86 -0.78 97.04
CA SER C 456 22.81 -1.14 95.63
C SER C 456 21.57 -0.56 94.96
N TYR C 457 21.69 -0.28 93.67
CA TYR C 457 20.62 0.28 92.83
C TYR C 457 20.44 -0.56 91.57
N LYS C 458 19.19 -0.59 91.09
CA LYS C 458 18.82 -1.32 89.87
C LYS C 458 18.72 -0.33 88.72
N VAL C 459 19.70 -0.36 87.82
CA VAL C 459 19.74 0.55 86.67
C VAL C 459 18.94 -0.07 85.53
N GLN C 460 18.20 0.78 84.82
CA GLN C 460 17.56 0.36 83.59
C GLN C 460 18.62 0.21 82.49
N TRP C 461 18.39 -0.74 81.57
CA TRP C 461 19.46 -1.08 80.65
C TRP C 461 19.83 0.04 79.66
N PRO C 462 18.96 0.98 79.30
CA PRO C 462 19.48 2.19 78.62
C PRO C 462 20.55 2.93 79.41
N LEU C 463 20.43 2.98 80.73
CA LEU C 463 21.43 3.62 81.58
C LEU C 463 22.50 2.66 82.09
N HIS C 464 22.46 1.39 81.70
CA HIS C 464 23.48 0.44 82.13
C HIS C 464 24.88 0.86 81.68
N ILE C 465 25.01 1.34 80.44
CA ILE C 465 26.31 1.79 79.95
C ILE C 465 26.84 2.92 80.83
N LEU C 466 26.00 3.91 81.14
CA LEU C 466 26.44 5.02 81.97
C LEU C 466 26.71 4.59 83.41
N PHE C 467 26.04 3.53 83.89
CA PHE C 467 26.16 3.08 85.28
C PHE C 467 26.56 1.62 85.37
N THR C 468 27.63 1.28 84.67
CA THR C 468 28.32 0.00 84.81
C THR C 468 28.57 -0.34 86.29
N PRO C 469 28.73 -1.62 86.64
CA PRO C 469 29.05 -1.95 88.04
C PRO C 469 30.29 -1.27 88.60
N ALA C 470 31.29 -0.94 87.76
CA ALA C 470 32.49 -0.27 88.27
C ALA C 470 32.17 1.06 88.93
N VAL C 471 31.37 1.89 88.26
CA VAL C 471 31.14 3.24 88.78
C VAL C 471 30.28 3.19 90.05
N LEU C 472 29.28 2.30 90.08
CA LEU C 472 28.51 2.12 91.30
C LEU C 472 29.36 1.53 92.42
N GLU C 473 30.33 0.68 92.07
CA GLU C 473 31.26 0.16 93.06
C GLU C 473 32.06 1.29 93.69
N LYS C 474 32.50 2.25 92.88
CA LYS C 474 33.16 3.42 93.45
C LYS C 474 32.21 4.25 94.31
N TYR C 475 30.94 4.35 93.90
CA TYR C 475 29.95 5.04 94.76
C TYR C 475 29.89 4.40 96.14
N ASN C 476 30.00 3.07 96.19
CA ASN C 476 29.76 2.33 97.44
C ASN C 476 30.71 2.75 98.54
N VAL C 477 31.99 2.92 98.21
CA VAL C 477 33.00 3.29 99.21
C VAL C 477 32.66 4.67 99.80
N VAL C 478 32.27 5.59 98.92
CA VAL C 478 31.91 6.95 99.33
C VAL C 478 30.72 6.89 100.28
N PHE C 479 29.74 6.05 99.95
CA PHE C 479 28.58 5.87 100.83
C PHE C 479 29.01 5.41 102.22
N LYS C 480 29.91 4.41 102.26
CA LYS C 480 30.36 3.87 103.55
C LYS C 480 30.98 4.97 104.41
N TYR C 481 31.87 5.77 103.83
CA TYR C 481 32.60 6.76 104.63
C TYR C 481 31.66 7.87 105.12
N LEU C 482 30.80 8.37 104.23
CA LEU C 482 29.85 9.40 104.67
C LEU C 482 28.93 8.89 105.77
N LEU C 483 28.46 7.65 105.66
CA LEU C 483 27.56 7.16 106.70
C LEU C 483 28.30 6.92 108.01
N SER C 484 29.59 6.62 107.97
CA SER C 484 30.37 6.51 109.21
C SER C 484 30.40 7.84 109.96
N VAL C 485 30.77 8.91 109.25
CA VAL C 485 30.84 10.21 109.92
C VAL C 485 29.46 10.64 110.43
N ARG C 486 28.43 10.41 109.60
CA ARG C 486 27.07 10.80 109.99
C ARG C 486 26.64 10.08 111.26
N ARG C 487 27.00 8.81 111.42
CA ARG C 487 26.70 8.10 112.66
C ARG C 487 27.38 8.78 113.85
N VAL C 488 28.71 8.98 113.73
CA VAL C 488 29.51 9.44 114.86
C VAL C 488 28.95 10.75 115.41
N GLN C 489 28.58 11.66 114.51
CA GLN C 489 27.96 12.92 114.90
C GLN C 489 26.73 12.69 115.82
N ALA C 490 25.86 11.76 115.43
CA ALA C 490 24.61 11.57 116.15
C ALA C 490 24.84 11.07 117.57
N GLU C 491 25.58 9.95 117.73
CA GLU C 491 25.70 9.50 119.13
C GLU C 491 26.62 10.41 119.96
N LEU C 492 27.51 11.18 119.33
CA LEU C 492 28.25 12.17 120.10
C LEU C 492 27.29 13.21 120.69
N GLN C 493 26.30 13.61 119.90
CA GLN C 493 25.28 14.52 120.44
C GLN C 493 24.38 13.87 121.48
N HIS C 494 24.17 12.55 121.40
CA HIS C 494 23.50 11.87 122.51
C HIS C 494 24.30 12.04 123.81
N CYS C 495 25.62 11.88 123.72
CA CYS C 495 26.48 12.10 124.88
C CYS C 495 26.34 13.53 125.41
N TRP C 496 26.33 14.49 124.48
CA TRP C 496 26.13 15.89 124.90
C TRP C 496 24.83 16.03 125.68
N ALA C 497 23.75 15.44 125.17
CA ALA C 497 22.46 15.57 125.82
C ALA C 497 22.49 14.96 127.22
N LEU C 498 23.16 13.82 127.37
CA LEU C 498 23.32 13.23 128.69
C LEU C 498 23.99 14.20 129.66
N GLN C 499 25.15 14.74 129.28
CA GLN C 499 25.87 15.65 130.17
C GLN C 499 25.05 16.90 130.46
N MET C 500 24.38 17.43 129.45
CA MET C 500 23.53 18.60 129.64
C MET C 500 22.39 18.32 130.61
N GLN C 501 21.76 17.13 130.50
CA GLN C 501 20.69 16.79 131.42
C GLN C 501 21.20 16.71 132.85
N ARG C 502 22.36 16.09 133.05
CA ARG C 502 22.94 16.00 134.39
C ARG C 502 23.37 17.37 134.90
N ASP C 511 35.16 15.25 137.64
CA ASP C 511 35.27 14.27 136.57
C ASP C 511 34.19 14.46 135.51
N ALA C 512 32.97 14.78 135.93
CA ALA C 512 31.88 14.97 134.97
C ALA C 512 32.18 16.14 134.04
N ILE C 513 32.68 17.24 134.61
CA ILE C 513 33.03 18.38 133.76
C ILE C 513 34.20 18.02 132.85
N LYS C 514 35.15 17.19 133.33
CA LYS C 514 36.23 16.71 132.48
C LYS C 514 35.65 15.93 131.29
N TRP C 515 34.61 15.13 131.52
CA TRP C 515 33.93 14.46 130.42
C TRP C 515 33.35 15.48 129.46
N ARG C 516 32.77 16.56 129.98
CA ARG C 516 32.23 17.59 129.11
C ARG C 516 33.33 18.24 128.26
N LEU C 517 34.51 18.47 128.86
CA LEU C 517 35.62 19.03 128.11
C LEU C 517 36.01 18.12 126.96
N ARG C 518 36.23 16.84 127.25
CA ARG C 518 36.61 15.88 126.21
C ARG C 518 35.54 15.79 125.13
N ASN C 519 34.26 15.83 125.53
CA ASN C 519 33.17 15.75 124.57
C ASN C 519 33.20 16.92 123.61
N HIS C 520 33.35 18.14 124.13
CA HIS C 520 33.31 19.29 123.23
C HIS C 520 34.58 19.40 122.38
N MET C 521 35.74 19.01 122.93
CA MET C 521 36.96 18.99 122.12
C MET C 521 36.79 18.08 120.92
N ALA C 522 36.21 16.89 121.13
CA ALA C 522 35.97 16.01 119.99
C ALA C 522 34.87 16.55 119.07
N PHE C 523 33.87 17.21 119.66
CA PHE C 523 32.72 17.69 118.89
C PHE C 523 33.15 18.69 117.83
N LEU C 524 34.10 19.57 118.18
CA LEU C 524 34.56 20.59 117.23
C LEU C 524 35.00 19.96 115.91
N VAL C 525 36.04 19.13 115.95
CA VAL C 525 36.58 18.55 114.73
C VAL C 525 35.55 17.64 114.07
N ASP C 526 34.75 16.93 114.88
CA ASP C 526 33.78 16.00 114.32
C ASP C 526 32.78 16.73 113.44
N ASN C 527 32.27 17.88 113.91
CA ASN C 527 31.33 18.65 113.08
C ASN C 527 32.04 19.32 111.91
N LEU C 528 33.27 19.79 112.11
CA LEU C 528 33.99 20.50 111.05
C LEU C 528 34.23 19.60 109.84
N GLN C 529 34.61 18.35 110.07
CA GLN C 529 34.87 17.42 108.97
C GLN C 529 33.62 17.21 108.12
N TYR C 530 32.49 16.97 108.76
CA TYR C 530 31.25 16.77 108.02
C TYR C 530 30.85 18.05 107.29
N TYR C 531 31.11 19.21 107.89
CA TYR C 531 30.77 20.46 107.21
C TYR C 531 31.58 20.61 105.92
N LEU C 532 32.85 20.17 105.95
CA LEU C 532 33.64 20.13 104.71
C LEU C 532 33.02 19.19 103.68
N GLN C 533 32.52 18.05 104.13
CA GLN C 533 31.90 17.12 103.20
C GLN C 533 30.65 17.73 102.58
N VAL C 534 29.90 18.50 103.37
CA VAL C 534 28.74 19.22 102.84
C VAL C 534 29.18 20.22 101.79
N ASP C 535 30.31 20.89 102.03
CA ASP C 535 30.78 21.90 101.08
C ASP C 535 31.10 21.27 99.73
N VAL C 536 31.84 20.14 99.73
CA VAL C 536 32.16 19.51 98.45
C VAL C 536 30.89 19.01 97.76
N LEU C 537 29.97 18.40 98.51
CA LEU C 537 28.78 17.85 97.85
C LEU C 537 27.99 18.95 97.16
N GLU C 538 27.75 20.05 97.88
CA GLU C 538 27.00 21.17 97.32
C GLU C 538 27.72 21.75 96.11
N SER C 539 29.04 21.93 96.22
CA SER C 539 29.76 22.61 95.15
C SER C 539 29.83 21.75 93.89
N GLN C 540 30.02 20.44 94.05
CA GLN C 540 30.34 19.60 92.90
C GLN C 540 29.09 19.15 92.15
N PHE C 541 27.97 18.92 92.84
CA PHE C 541 26.79 18.47 92.10
C PHE C 541 26.28 19.54 91.14
N SER C 542 26.44 20.81 91.48
CA SER C 542 26.00 21.87 90.59
C SER C 542 26.82 21.89 89.31
N GLN C 543 28.13 21.68 89.44
CA GLN C 543 28.98 21.57 88.26
C GLN C 543 28.56 20.39 87.39
N LEU C 544 28.25 19.26 88.02
CA LEU C 544 27.80 18.10 87.25
C LEU C 544 26.55 18.45 86.46
N LEU C 545 25.56 19.04 87.12
CA LEU C 545 24.30 19.36 86.45
C LEU C 545 24.51 20.35 85.31
N HIS C 546 25.33 21.38 85.55
CA HIS C 546 25.56 22.40 84.54
C HIS C 546 26.24 21.81 83.31
N GLN C 547 27.27 20.99 83.50
CA GLN C 547 27.89 20.34 82.34
C GLN C 547 26.91 19.38 81.65
N ILE C 548 26.05 18.71 82.41
CA ILE C 548 25.06 17.82 81.80
C ILE C 548 24.14 18.61 80.87
N ASN C 549 23.73 19.81 81.27
CA ASN C 549 22.86 20.63 80.45
C ASN C 549 23.61 21.55 79.48
N SER C 550 24.94 21.55 79.49
CA SER C 550 25.71 22.46 78.63
C SER C 550 25.42 22.24 77.16
N THR C 551 25.54 20.99 76.68
CA THR C 551 25.43 20.69 75.27
C THR C 551 24.63 19.41 75.09
N ARG C 552 24.16 19.22 73.86
CA ARG C 552 23.28 18.10 73.55
C ARG C 552 24.06 16.84 73.17
N ASP C 553 25.38 16.80 73.39
CA ASP C 553 26.16 15.61 73.10
C ASP C 553 26.18 14.65 74.29
N PHE C 554 26.23 13.35 73.95
CA PHE C 554 26.37 12.30 74.96
C PHE C 554 27.79 12.29 75.53
N GLU C 555 28.77 12.64 74.69
CA GLU C 555 30.17 12.70 75.10
C GLU C 555 30.31 13.59 76.33
N SER C 556 29.59 14.70 76.33
CA SER C 556 29.60 15.62 77.46
C SER C 556 28.97 15.02 78.71
N ILE C 557 27.94 14.18 78.58
CA ILE C 557 27.42 13.52 79.77
C ILE C 557 28.52 12.68 80.40
N ARG C 558 29.19 11.87 79.57
CA ARG C 558 30.17 10.93 80.13
C ARG C 558 31.35 11.68 80.75
N LEU C 559 31.88 12.67 80.02
CA LEU C 559 33.00 13.45 80.54
C LEU C 559 32.62 14.23 81.82
N ALA C 560 31.41 14.79 81.84
CA ALA C 560 30.95 15.51 83.02
C ALA C 560 30.88 14.59 84.23
N HIS C 561 30.33 13.39 84.02
CA HIS C 561 30.17 12.47 85.13
C HIS C 561 31.54 12.02 85.64
N ASP C 562 32.51 11.87 84.72
CA ASP C 562 33.88 11.55 85.12
C ASP C 562 34.49 12.66 85.98
N HIS C 563 34.34 13.91 85.56
CA HIS C 563 34.86 15.02 86.36
C HIS C 563 34.21 15.05 87.74
N PHE C 564 32.90 14.80 87.78
CA PHE C 564 32.18 14.81 89.04
C PHE C 564 32.76 13.79 90.00
N LEU C 565 32.99 12.56 89.53
CA LEU C 565 33.53 11.55 90.43
C LEU C 565 34.97 11.86 90.84
N SER C 566 35.79 12.38 89.92
CA SER C 566 37.17 12.69 90.28
C SER C 566 37.22 13.73 91.39
N ASN C 567 36.45 14.82 91.24
CA ASN C 567 36.45 15.87 92.26
C ASN C 567 35.82 15.37 93.56
N LEU C 568 34.73 14.60 93.45
CA LEU C 568 34.06 14.07 94.64
C LEU C 568 35.00 13.23 95.47
N LEU C 569 35.76 12.34 94.83
CA LEU C 569 36.70 11.50 95.56
C LEU C 569 37.86 12.33 96.09
N ALA C 570 38.33 13.30 95.30
CA ALA C 570 39.50 14.07 95.67
C ALA C 570 39.28 14.85 96.96
N GLN C 571 38.18 15.61 97.03
CA GLN C 571 37.94 16.37 98.27
C GLN C 571 37.64 15.44 99.44
N SER C 572 37.05 14.27 99.18
CA SER C 572 36.83 13.32 100.26
C SER C 572 38.15 12.84 100.84
N PHE C 573 39.21 12.84 100.05
CA PHE C 573 40.56 12.45 100.46
C PHE C 573 40.68 10.95 100.72
N ILE C 574 39.66 10.16 100.36
CA ILE C 574 39.70 8.73 100.61
C ILE C 574 40.84 8.07 99.84
N LEU C 575 41.27 8.69 98.74
CA LEU C 575 42.33 8.11 97.92
C LEU C 575 43.63 7.96 98.71
N LEU C 576 44.05 9.03 99.38
CA LEU C 576 45.32 8.99 100.10
C LEU C 576 45.16 8.19 101.39
N LYS C 577 46.09 7.24 101.60
CA LYS C 577 45.97 6.34 102.74
C LYS C 577 46.16 7.03 104.10
N PRO C 578 47.17 7.90 104.31
CA PRO C 578 47.40 8.39 105.69
C PRO C 578 46.25 9.16 106.30
N VAL C 579 45.74 10.17 105.61
CA VAL C 579 44.68 11.01 106.15
C VAL C 579 43.44 10.18 106.45
N PHE C 580 43.13 9.21 105.58
CA PHE C 580 41.97 8.36 105.80
C PHE C 580 42.18 7.45 107.01
N HIS C 581 43.38 6.86 107.11
CA HIS C 581 43.69 5.88 108.15
C HIS C 581 43.97 6.56 109.50
N CYS C 582 44.03 7.88 109.55
CA CYS C 582 44.08 8.63 110.80
C CYS C 582 42.73 9.24 111.19
N LEU C 583 41.96 9.76 110.24
CA LEU C 583 40.63 10.24 110.59
C LEU C 583 39.74 9.09 111.06
N ASN C 584 39.95 7.89 110.52
CA ASN C 584 39.19 6.74 110.98
C ASN C 584 39.42 6.44 112.46
N GLU C 585 40.68 6.47 112.90
CA GLU C 585 40.92 6.21 114.33
C GLU C 585 40.52 7.40 115.19
N ILE C 586 40.56 8.63 114.65
CA ILE C 586 39.95 9.76 115.35
C ILE C 586 38.48 9.47 115.64
N LEU C 587 37.76 8.90 114.67
CA LEU C 587 36.36 8.60 114.91
C LEU C 587 36.21 7.41 115.86
N ASP C 588 37.08 6.41 115.77
CA ASP C 588 36.92 5.19 116.56
C ASP C 588 37.23 5.43 118.04
N LEU C 589 38.26 6.21 118.35
CA LEU C 589 38.53 6.54 119.75
C LEU C 589 37.37 7.34 120.33
N CYS C 590 36.75 8.20 119.51
CA CYS C 590 35.54 8.90 119.94
C CYS C 590 34.39 7.93 120.18
N HIS C 591 34.26 6.88 119.36
CA HIS C 591 33.28 5.84 119.65
C HIS C 591 33.50 5.25 121.03
N SER C 592 34.76 4.92 121.35
CA SER C 592 35.05 4.31 122.65
C SER C 592 34.72 5.27 123.79
N PHE C 593 35.09 6.55 123.65
CA PHE C 593 34.73 7.54 124.66
C PHE C 593 33.22 7.68 124.81
N CYS C 594 32.49 7.71 123.70
CA CYS C 594 31.04 7.79 123.76
C CYS C 594 30.47 6.61 124.52
N SER C 595 31.06 5.42 124.34
CA SER C 595 30.65 4.26 125.11
C SER C 595 30.90 4.48 126.61
N LEU C 596 32.08 4.99 126.95
CA LEU C 596 32.44 5.16 128.36
C LEU C 596 31.48 6.13 129.05
N VAL C 597 31.20 7.27 128.43
CA VAL C 597 30.26 8.21 129.02
C VAL C 597 28.86 7.62 129.05
N SER C 598 28.49 6.82 128.04
CA SER C 598 27.18 6.21 128.01
C SER C 598 26.97 5.23 129.16
N GLN C 599 28.06 4.66 129.69
CA GLN C 599 27.91 3.61 130.71
C GLN C 599 27.07 4.05 131.91
N ASN C 600 27.41 5.19 132.51
CA ASN C 600 26.76 5.59 133.76
C ASN C 600 26.63 7.10 133.85
N LEU C 601 25.56 7.54 134.52
CA LEU C 601 25.41 8.96 134.87
C LEU C 601 26.22 9.32 136.10
N GLY C 602 26.45 8.36 137.01
CA GLY C 602 27.29 8.59 138.15
C GLY C 602 28.74 8.75 137.72
N PRO C 603 29.55 9.54 138.45
CA PRO C 603 30.96 9.69 138.06
C PRO C 603 31.69 8.36 138.06
N LEU C 604 32.53 8.16 137.05
CA LEU C 604 33.27 6.92 136.83
C LEU C 604 34.76 7.23 136.81
N ASP C 605 35.45 6.85 137.88
CA ASP C 605 36.91 6.85 137.94
C ASP C 605 37.47 5.43 137.95
N GLU C 606 36.65 4.44 137.56
CA GLU C 606 37.00 3.02 137.68
C GLU C 606 37.81 2.59 136.46
N ARG C 607 39.01 3.18 136.35
CA ARG C 607 39.94 3.07 135.21
C ARG C 607 39.50 3.92 134.02
N GLY C 608 38.25 4.41 134.07
CA GLY C 608 37.78 5.33 133.04
C GLY C 608 38.57 6.61 133.03
N ALA C 609 38.90 7.12 134.22
CA ALA C 609 39.72 8.33 134.30
C ALA C 609 41.07 8.14 133.61
N ALA C 610 41.72 7.00 133.87
CA ALA C 610 43.02 6.73 133.27
C ALA C 610 42.95 6.71 131.76
N GLN C 611 42.01 5.90 131.21
CA GLN C 611 41.94 5.85 129.76
C GLN C 611 41.39 7.15 129.17
N LEU C 612 40.64 7.93 129.95
CA LEU C 612 40.11 9.20 129.45
C LEU C 612 41.21 10.25 129.33
N SER C 613 42.11 10.32 130.33
CA SER C 613 43.23 11.24 130.20
C SER C 613 44.15 10.83 129.06
N ILE C 614 44.37 9.51 128.93
CA ILE C 614 45.11 9.01 127.77
C ILE C 614 44.41 9.42 126.49
N LEU C 615 43.07 9.36 126.49
CA LEU C 615 42.30 9.69 125.29
C LEU C 615 42.43 11.15 124.91
N VAL C 616 42.32 12.07 125.89
CA VAL C 616 42.41 13.48 125.54
C VAL C 616 43.80 13.81 125.01
N LYS C 617 44.85 13.25 125.63
CA LYS C 617 46.19 13.51 125.10
C LYS C 617 46.36 12.91 123.70
N GLY C 618 45.89 11.69 123.48
CA GLY C 618 46.03 11.07 122.17
C GLY C 618 45.25 11.79 121.09
N PHE C 619 44.02 12.20 121.40
CA PHE C 619 43.21 12.92 120.44
C PHE C 619 43.81 14.28 120.12
N SER C 620 44.37 14.96 121.12
CA SER C 620 45.07 16.21 120.84
C SER C 620 46.25 15.96 119.91
N ARG C 621 46.99 14.85 120.15
CA ARG C 621 48.14 14.52 119.32
C ARG C 621 47.73 14.32 117.86
N GLN C 622 46.74 13.47 117.62
CA GLN C 622 46.38 13.16 116.24
C GLN C 622 45.67 14.33 115.56
N SER C 623 44.84 15.07 116.31
CA SER C 623 44.18 16.24 115.76
C SER C 623 45.19 17.30 115.35
N SER C 624 46.21 17.53 116.17
CA SER C 624 47.25 18.49 115.79
C SER C 624 48.09 17.96 114.64
N LEU C 625 48.30 16.65 114.58
CA LEU C 625 49.02 16.07 113.45
C LEU C 625 48.29 16.35 112.14
N LEU C 626 46.98 16.09 112.10
CA LEU C 626 46.25 16.35 110.87
C LEU C 626 46.11 17.85 110.61
N PHE C 627 46.09 18.68 111.65
CA PHE C 627 46.18 20.12 111.44
C PHE C 627 47.47 20.49 110.72
N LYS C 628 48.59 19.92 111.17
CA LYS C 628 49.85 20.21 110.49
C LYS C 628 49.79 19.76 109.04
N ILE C 629 49.16 18.62 108.79
CA ILE C 629 49.07 18.14 107.41
C ILE C 629 48.22 19.09 106.54
N LEU C 630 47.06 19.51 107.05
CA LEU C 630 46.24 20.47 106.29
C LEU C 630 46.99 21.79 106.08
N SER C 631 47.66 22.29 107.11
CA SER C 631 48.47 23.50 106.98
C SER C 631 49.91 23.14 106.64
N HIS C 636 47.22 19.34 96.24
CA HIS C 636 46.78 20.27 95.20
C HIS C 636 46.35 21.63 95.75
N GLN C 637 46.36 21.76 97.08
CA GLN C 637 46.04 23.03 97.75
C GLN C 637 44.67 23.56 97.33
N ILE C 638 43.71 22.64 97.18
CA ILE C 638 42.36 23.02 96.82
C ILE C 638 41.78 23.97 97.87
N ASN C 639 40.95 24.90 97.38
CA ASN C 639 40.43 25.97 98.22
C ASN C 639 39.64 25.43 99.39
N SER C 640 38.81 24.41 99.17
CA SER C 640 38.02 23.84 100.25
C SER C 640 38.91 23.34 101.38
N ASP C 641 39.93 22.55 101.03
CA ASP C 641 40.80 21.98 102.06
C ASP C 641 41.57 23.06 102.81
N LEU C 642 42.18 24.00 102.07
CA LEU C 642 42.97 25.01 102.76
C LEU C 642 42.08 25.97 103.55
N ALA C 643 40.89 26.28 103.04
CA ALA C 643 39.98 27.18 103.73
C ALA C 643 39.42 26.56 105.01
N GLN C 644 39.25 25.23 105.03
CA GLN C 644 38.71 24.57 106.21
C GLN C 644 39.57 24.82 107.44
N LEU C 645 40.87 25.03 107.25
CA LEU C 645 41.79 25.31 108.35
C LEU C 645 41.31 26.47 109.22
N LEU C 646 40.89 27.57 108.58
CA LEU C 646 40.73 28.81 109.33
C LEU C 646 39.54 28.75 110.29
N LEU C 647 38.62 27.80 110.10
CA LEU C 647 37.60 27.54 111.10
C LEU C 647 38.23 27.27 112.47
N ARG C 648 39.25 26.41 112.50
CA ARG C 648 39.95 26.08 113.74
C ARG C 648 41.00 27.12 114.09
N LEU C 649 41.60 27.73 113.05
CA LEU C 649 42.61 28.80 113.26
C LEU C 649 41.92 30.03 113.86
N ASP C 650 40.59 30.13 113.74
CA ASP C 650 39.84 31.23 114.39
C ASP C 650 40.37 31.36 115.81
N TYR C 651 40.46 30.25 116.55
CA TYR C 651 41.02 30.21 117.88
C TYR C 651 42.52 30.00 117.90
N ASN C 652 43.10 29.49 116.80
CA ASN C 652 44.54 29.18 116.76
C ASN C 652 44.85 28.12 117.79
N LYS C 653 43.83 27.31 118.09
CA LYS C 653 43.79 26.61 119.37
C LYS C 653 44.86 25.53 119.41
N TYR C 654 44.96 24.73 118.37
CA TYR C 654 45.90 23.61 118.35
C TYR C 654 47.29 24.09 117.97
N TYR C 655 47.37 25.09 117.08
CA TYR C 655 48.68 25.66 116.74
C TYR C 655 49.31 26.33 117.96
N THR C 656 48.53 27.13 118.71
CA THR C 656 49.06 27.82 119.88
C THR C 656 49.62 26.83 120.89
N GLN C 657 48.95 25.70 121.07
CA GLN C 657 49.47 24.65 121.94
C GLN C 657 50.74 24.06 121.35
N ILE D 245 63.35 -102.99 -60.38
CA ILE D 245 62.31 -102.75 -59.39
C ILE D 245 62.95 -102.13 -58.17
N THR D 246 62.36 -101.04 -57.67
CA THR D 246 62.92 -100.33 -56.53
C THR D 246 61.82 -99.72 -55.68
N GLU D 247 62.21 -99.47 -54.43
CA GLU D 247 61.37 -98.66 -53.55
C GLU D 247 61.11 -97.28 -54.14
N ALA D 248 62.05 -96.73 -54.93
CA ALA D 248 61.84 -95.41 -55.53
C ALA D 248 60.62 -95.39 -56.44
N ALA D 249 60.34 -96.50 -57.11
CA ALA D 249 59.15 -96.62 -57.94
C ALA D 249 57.93 -96.97 -57.09
N LEU D 250 58.08 -97.95 -56.20
CA LEU D 250 56.87 -98.42 -55.52
C LEU D 250 56.38 -97.43 -54.45
N VAL D 251 57.23 -96.52 -53.96
CA VAL D 251 56.73 -95.43 -53.11
C VAL D 251 55.68 -94.61 -53.85
N ARG D 252 55.89 -94.39 -55.15
CA ARG D 252 54.86 -93.71 -55.92
C ARG D 252 53.67 -94.63 -56.14
N ASP D 253 53.94 -95.90 -56.43
CA ASP D 253 52.84 -96.75 -56.84
C ASP D 253 51.87 -97.06 -55.69
N ILE D 254 52.35 -97.08 -54.45
CA ILE D 254 51.45 -97.26 -53.31
C ILE D 254 50.51 -96.06 -53.17
N LEU D 255 51.03 -94.84 -53.37
CA LEU D 255 50.17 -93.67 -53.27
C LEU D 255 49.14 -93.69 -54.38
N TYR D 256 49.51 -94.23 -55.55
CA TYR D 256 48.51 -94.36 -56.61
C TYR D 256 47.48 -95.44 -56.30
N VAL D 257 47.88 -96.57 -55.71
CA VAL D 257 46.91 -97.65 -55.52
C VAL D 257 45.94 -97.32 -54.37
N PHE D 258 46.32 -96.47 -53.42
CA PHE D 258 45.33 -96.05 -52.42
C PHE D 258 44.15 -95.35 -53.06
N GLN D 259 44.36 -94.67 -54.18
CA GLN D 259 43.28 -93.99 -54.87
C GLN D 259 42.34 -94.93 -55.62
N GLY D 260 42.60 -96.24 -55.60
CA GLY D 260 41.81 -97.17 -56.39
C GLY D 260 42.25 -97.28 -57.83
N ILE D 261 43.46 -96.81 -58.14
CA ILE D 261 43.98 -96.77 -59.50
C ILE D 261 45.14 -97.75 -59.58
N ASP D 262 45.06 -98.68 -60.53
CA ASP D 262 46.19 -99.58 -60.74
C ASP D 262 47.46 -98.81 -61.08
N GLY D 263 48.52 -99.10 -60.33
CA GLY D 263 49.78 -98.41 -60.48
C GLY D 263 50.56 -98.88 -61.69
N LYS D 264 51.88 -98.72 -61.62
CA LYS D 264 52.77 -99.30 -62.61
C LYS D 264 53.16 -100.72 -62.24
N ASN D 265 53.47 -100.94 -60.95
CA ASN D 265 53.82 -102.24 -60.42
C ASN D 265 52.81 -102.73 -59.38
N ILE D 266 51.65 -102.08 -59.28
CA ILE D 266 50.51 -102.54 -58.49
C ILE D 266 49.33 -102.65 -59.43
N LYS D 267 48.52 -103.70 -59.25
CA LYS D 267 47.45 -103.98 -60.19
C LYS D 267 46.25 -104.54 -59.44
N MET D 268 45.08 -104.41 -60.06
CA MET D 268 43.90 -105.13 -59.61
C MET D 268 44.06 -106.62 -59.86
N ASN D 269 43.42 -107.42 -59.01
CA ASN D 269 43.46 -108.88 -59.09
C ASN D 269 42.10 -109.39 -59.52
N ASN D 270 42.05 -110.10 -60.64
CA ASN D 270 40.81 -110.76 -61.04
C ASN D 270 40.50 -111.95 -60.15
N THR D 271 41.53 -112.70 -59.75
CA THR D 271 41.32 -113.98 -59.08
C THR D 271 40.73 -113.80 -57.68
N GLU D 272 41.22 -112.81 -56.93
CA GLU D 272 40.69 -112.46 -55.63
C GLU D 272 40.31 -110.99 -55.60
N ASN D 273 39.38 -110.65 -54.71
CA ASN D 273 38.99 -109.26 -54.54
C ASN D 273 40.13 -108.40 -54.00
N CYS D 274 41.11 -109.01 -53.33
CA CYS D 274 42.28 -108.28 -52.84
C CYS D 274 43.19 -107.88 -53.99
N TYR D 275 44.04 -106.89 -53.73
CA TYR D 275 44.92 -106.40 -54.78
C TYR D 275 45.95 -107.44 -55.19
N LYS D 276 46.53 -107.22 -56.37
CA LYS D 276 47.67 -107.98 -56.87
C LYS D 276 48.89 -107.05 -56.92
N VAL D 277 50.01 -107.54 -56.37
CA VAL D 277 51.30 -106.87 -56.48
C VAL D 277 52.29 -107.83 -57.10
N GLU D 278 52.96 -107.39 -58.15
CA GLU D 278 53.95 -108.18 -58.88
C GLU D 278 55.28 -107.46 -58.82
N GLY D 279 56.33 -108.18 -58.39
CA GLY D 279 57.66 -107.62 -58.31
C GLY D 279 58.73 -108.60 -58.74
N LYS D 280 59.52 -108.21 -59.74
CA LYS D 280 60.64 -109.05 -60.17
C LYS D 280 61.66 -109.20 -59.06
N ALA D 281 62.07 -108.09 -58.45
CA ALA D 281 62.94 -108.12 -57.28
C ALA D 281 62.06 -108.33 -56.06
N ASN D 282 61.68 -109.60 -55.86
CA ASN D 282 60.70 -109.96 -54.84
C ASN D 282 61.41 -110.06 -53.49
N LEU D 283 61.76 -108.90 -52.95
CA LEU D 283 62.18 -108.78 -51.55
C LEU D 283 60.91 -108.77 -50.68
N SER D 284 60.22 -109.91 -50.72
CA SER D 284 58.79 -109.93 -50.48
C SER D 284 58.44 -109.58 -49.04
N ARG D 285 59.10 -110.24 -48.09
CA ARG D 285 58.85 -109.97 -46.68
C ARG D 285 59.13 -108.52 -46.35
N SER D 286 60.18 -107.96 -46.97
CA SER D 286 60.48 -106.55 -46.78
C SER D 286 59.44 -105.67 -47.45
N LEU D 287 59.05 -105.99 -48.69
CA LEU D 287 58.31 -105.05 -49.54
C LEU D 287 56.96 -105.58 -50.03
N ARG D 288 56.89 -106.79 -50.58
CA ARG D 288 55.64 -107.32 -51.14
C ARG D 288 54.58 -107.53 -50.06
N ASP D 289 54.96 -108.13 -48.94
CA ASP D 289 53.99 -108.32 -47.86
C ASP D 289 53.57 -106.98 -47.28
N THR D 290 54.49 -106.02 -47.18
CA THR D 290 54.12 -104.66 -46.82
C THR D 290 53.15 -104.07 -47.84
N ALA D 291 53.35 -104.36 -49.12
CA ALA D 291 52.46 -103.87 -50.15
C ALA D 291 51.04 -104.39 -49.93
N VAL D 292 50.93 -105.68 -49.60
CA VAL D 292 49.62 -106.22 -49.22
C VAL D 292 49.09 -105.52 -47.98
N ARG D 293 49.98 -105.29 -47.00
CA ARG D 293 49.57 -104.67 -45.74
C ARG D 293 48.95 -103.29 -45.97
N LEU D 294 49.46 -102.55 -46.95
CA LEU D 294 49.01 -101.18 -47.23
C LEU D 294 47.86 -101.12 -48.24
N SER D 295 47.82 -102.04 -49.21
CA SER D 295 46.91 -101.91 -50.34
C SER D 295 45.44 -102.01 -49.94
N GLU D 296 45.13 -102.63 -48.79
CA GLU D 296 43.74 -102.90 -48.40
C GLU D 296 42.89 -101.62 -48.35
N LEU D 297 43.52 -100.49 -48.06
CA LEU D 297 42.85 -99.20 -48.11
C LEU D 297 42.16 -99.00 -49.45
N GLY D 298 42.82 -99.42 -50.53
CA GLY D 298 42.25 -99.26 -51.86
C GLY D 298 41.05 -100.15 -52.09
N TRP D 299 41.08 -101.37 -51.58
CA TRP D 299 39.92 -102.25 -51.73
C TRP D 299 38.70 -101.66 -51.03
N LEU D 300 38.88 -101.16 -49.81
CA LEU D 300 37.76 -100.52 -49.14
C LEU D 300 37.32 -99.26 -49.88
N HIS D 301 38.28 -98.52 -50.43
CA HIS D 301 37.96 -97.32 -51.19
C HIS D 301 37.30 -97.63 -52.53
N ASN D 302 37.43 -98.85 -53.04
CA ASN D 302 36.79 -99.21 -54.29
C ASN D 302 35.38 -99.70 -54.07
N LYS D 303 35.13 -100.44 -52.99
CA LYS D 303 33.76 -100.75 -52.62
C LYS D 303 32.96 -99.47 -52.36
N ILE D 304 33.53 -98.55 -51.56
CA ILE D 304 32.77 -97.37 -51.15
C ILE D 304 32.47 -96.48 -52.34
N ARG D 305 33.41 -96.32 -53.27
CA ARG D 305 33.11 -95.49 -54.44
C ARG D 305 32.16 -96.20 -55.39
N ARG D 306 32.28 -97.53 -55.53
CA ARG D 306 31.39 -98.23 -56.43
C ARG D 306 29.94 -98.07 -55.99
N TYR D 307 29.69 -98.10 -54.68
CA TYR D 307 28.31 -97.91 -54.22
C TYR D 307 27.79 -96.54 -54.62
N THR D 308 28.56 -95.48 -54.35
CA THR D 308 28.09 -94.13 -54.65
C THR D 308 27.85 -93.96 -56.14
N ASP D 309 28.76 -94.47 -56.97
CA ASP D 309 28.64 -94.26 -58.41
C ASP D 309 27.51 -95.09 -59.00
N GLN D 310 27.26 -96.29 -58.46
CA GLN D 310 26.17 -97.10 -58.97
C GLN D 310 24.82 -96.50 -58.61
N ARG D 311 24.63 -96.09 -57.35
CA ARG D 311 23.32 -95.63 -56.93
C ARG D 311 23.08 -94.15 -57.24
N SER D 312 24.10 -93.39 -57.65
CA SER D 312 23.87 -92.06 -58.18
C SER D 312 23.43 -92.09 -59.64
N LEU D 313 23.62 -93.20 -60.34
CA LEU D 313 23.15 -93.31 -61.71
C LEU D 313 21.64 -93.58 -61.75
N ASP D 314 21.12 -94.28 -60.76
CA ASP D 314 19.70 -94.59 -60.68
C ASP D 314 18.95 -93.45 -60.02
N ARG D 315 17.81 -93.08 -60.62
CA ARG D 315 16.91 -92.06 -60.06
C ARG D 315 15.80 -92.66 -59.23
N SER D 316 15.67 -93.99 -59.18
CA SER D 316 14.68 -94.65 -58.35
C SER D 316 15.11 -94.75 -56.89
N PHE D 317 16.40 -94.52 -56.60
CA PHE D 317 16.91 -94.72 -55.25
C PHE D 317 16.17 -93.88 -54.21
N GLY D 318 15.71 -92.70 -54.61
CA GLY D 318 14.88 -91.86 -53.77
C GLY D 318 15.55 -90.56 -53.38
N LEU D 319 15.03 -89.95 -52.31
CA LEU D 319 15.38 -88.61 -51.89
C LEU D 319 16.12 -88.57 -50.55
N VAL D 320 16.14 -89.69 -49.82
CA VAL D 320 16.95 -89.86 -48.63
C VAL D 320 18.24 -90.62 -48.93
N GLY D 321 18.16 -91.61 -49.82
CA GLY D 321 19.37 -92.22 -50.34
C GLY D 321 20.27 -91.20 -51.00
N GLN D 322 19.67 -90.15 -51.58
CA GLN D 322 20.45 -89.09 -52.19
C GLN D 322 21.30 -88.37 -51.13
N SER D 323 20.71 -88.06 -49.97
CA SER D 323 21.48 -87.43 -48.90
C SER D 323 22.56 -88.37 -48.38
N PHE D 324 22.25 -89.66 -48.27
CA PHE D 324 23.28 -90.58 -47.80
C PHE D 324 24.45 -90.64 -48.78
N CYS D 325 24.14 -90.70 -50.09
CA CYS D 325 25.18 -90.74 -51.11
C CYS D 325 25.92 -89.41 -51.22
N ALA D 326 25.35 -88.31 -50.73
CA ALA D 326 26.06 -87.06 -50.64
C ALA D 326 27.03 -87.05 -49.46
N ALA D 327 26.56 -87.52 -48.31
CA ALA D 327 27.42 -87.56 -47.12
C ALA D 327 28.60 -88.49 -47.34
N LEU D 328 28.36 -89.62 -48.01
CA LEU D 328 29.41 -90.62 -48.19
C LEU D 328 30.50 -90.14 -49.14
N HIS D 329 30.20 -89.14 -49.97
CA HIS D 329 31.19 -88.54 -50.86
C HIS D 329 31.89 -87.36 -50.19
N GLN D 330 31.13 -86.58 -49.41
CA GLN D 330 31.75 -85.53 -48.61
C GLN D 330 32.78 -86.09 -47.67
N GLU D 331 32.55 -87.28 -47.11
CA GLU D 331 33.57 -87.90 -46.27
C GLU D 331 34.79 -88.33 -47.09
N LEU D 332 34.58 -88.81 -48.31
CA LEU D 332 35.68 -89.23 -49.17
C LEU D 332 36.62 -88.06 -49.49
N ARG D 333 36.07 -86.84 -49.50
CA ARG D 333 36.85 -85.66 -49.87
C ARG D 333 38.09 -85.51 -48.97
N GLU D 334 37.92 -85.67 -47.65
CA GLU D 334 39.04 -85.45 -46.72
C GLU D 334 40.12 -86.52 -46.86
N TYR D 335 39.72 -87.76 -47.11
CA TYR D 335 40.67 -88.80 -47.47
C TYR D 335 41.49 -88.37 -48.68
N TYR D 336 40.85 -87.72 -49.65
CA TYR D 336 41.61 -87.36 -50.83
C TYR D 336 42.58 -86.23 -50.52
N ARG D 337 42.16 -85.33 -49.64
CA ARG D 337 43.06 -84.29 -49.13
C ARG D 337 44.31 -84.91 -48.49
N LEU D 338 44.12 -85.95 -47.68
CA LEU D 338 45.25 -86.61 -47.04
C LEU D 338 46.19 -87.19 -48.09
N LEU D 339 45.63 -87.80 -49.14
CA LEU D 339 46.46 -88.31 -50.22
C LEU D 339 47.27 -87.20 -50.87
N SER D 340 46.64 -86.04 -51.08
CA SER D 340 47.34 -84.88 -51.66
C SER D 340 48.51 -84.47 -50.79
N VAL D 341 48.28 -84.38 -49.48
CA VAL D 341 49.34 -83.97 -48.55
C VAL D 341 50.52 -84.94 -48.66
N LEU D 342 50.23 -86.23 -48.73
CA LEU D 342 51.29 -87.23 -48.86
C LEU D 342 52.07 -87.06 -50.16
N HIS D 343 51.36 -86.91 -51.28
CA HIS D 343 52.04 -86.77 -52.57
C HIS D 343 52.87 -85.49 -52.61
N SER D 344 52.50 -84.49 -51.80
CA SER D 344 53.32 -83.29 -51.73
C SER D 344 54.68 -83.56 -51.06
N GLN D 345 54.77 -84.58 -50.20
CA GLN D 345 56.02 -84.93 -49.54
C GLN D 345 56.74 -86.10 -50.19
N LEU D 346 56.18 -86.69 -51.25
CA LEU D 346 56.87 -87.80 -51.89
C LEU D 346 58.28 -87.42 -52.36
N GLN D 347 58.44 -86.31 -53.07
CA GLN D 347 59.77 -85.80 -53.43
C GLN D 347 60.19 -84.72 -52.45
N SER D 361 61.08 -87.75 -47.05
CA SER D 361 61.25 -88.69 -48.14
C SER D 361 60.02 -89.57 -48.36
N LEU D 362 59.05 -89.49 -47.44
CA LEU D 362 57.79 -90.23 -47.56
C LEU D 362 58.02 -91.73 -47.72
N THR D 363 58.82 -92.28 -46.82
CA THR D 363 59.01 -93.72 -46.67
C THR D 363 58.83 -94.14 -45.21
N LEU D 364 57.73 -93.65 -44.61
CA LEU D 364 57.41 -93.94 -43.19
C LEU D 364 56.72 -95.31 -43.14
N ARG D 365 57.44 -96.40 -43.33
CA ARG D 365 56.81 -97.73 -43.43
C ARG D 365 55.87 -97.64 -44.64
N ARG D 366 56.31 -96.98 -45.71
CA ARG D 366 55.44 -96.79 -46.91
C ARG D 366 54.19 -96.08 -46.41
N LEU D 367 54.35 -95.05 -45.58
CA LEU D 367 53.22 -94.22 -45.07
C LEU D 367 52.27 -95.03 -44.18
N LEU D 368 52.72 -96.11 -43.54
CA LEU D 368 51.91 -96.90 -42.61
C LEU D 368 51.41 -96.06 -41.44
N VAL D 369 52.30 -95.31 -40.78
CA VAL D 369 51.85 -94.43 -39.71
C VAL D 369 50.92 -93.37 -40.27
N TRP D 370 51.20 -92.90 -41.48
CA TRP D 370 50.44 -91.80 -42.05
C TRP D 370 49.01 -92.22 -42.35
N THR D 371 48.81 -93.48 -42.75
CA THR D 371 47.51 -93.97 -43.18
C THR D 371 46.92 -95.04 -42.26
N TYR D 372 47.50 -95.25 -41.07
CA TYR D 372 46.86 -96.16 -40.12
C TYR D 372 45.51 -95.61 -39.67
N ASP D 373 45.48 -94.37 -39.22
CA ASP D 373 44.29 -93.78 -38.65
C ASP D 373 43.16 -93.67 -39.68
N PRO D 374 43.43 -93.25 -40.93
CA PRO D 374 42.37 -93.31 -41.95
C PRO D 374 41.80 -94.70 -42.19
N LYS D 375 42.61 -95.75 -42.09
CA LYS D 375 42.12 -97.10 -42.30
C LYS D 375 40.99 -97.44 -41.33
N ILE D 376 41.06 -96.88 -40.12
CA ILE D 376 40.06 -97.16 -39.10
C ILE D 376 38.69 -96.68 -39.56
N ARG D 377 38.61 -95.46 -40.08
CA ARG D 377 37.37 -94.90 -40.60
C ARG D 377 36.94 -95.61 -41.88
N LEU D 378 37.91 -95.96 -42.71
CA LEU D 378 37.62 -96.52 -44.01
C LEU D 378 37.17 -97.96 -43.94
N LYS D 379 37.40 -98.63 -42.80
CA LYS D 379 36.81 -99.93 -42.54
C LYS D 379 35.38 -99.85 -42.04
N THR D 380 34.92 -98.68 -41.60
CA THR D 380 33.53 -98.49 -41.17
C THR D 380 32.65 -98.04 -42.31
N LEU D 381 33.15 -97.17 -43.18
CA LEU D 381 32.29 -96.72 -44.27
C LEU D 381 31.99 -97.86 -45.24
N ALA D 382 32.96 -98.76 -45.46
CA ALA D 382 32.70 -99.95 -46.25
C ALA D 382 31.62 -100.81 -45.61
N ALA D 383 31.63 -100.89 -44.28
CA ALA D 383 30.63 -101.67 -43.57
C ALA D 383 29.25 -101.07 -43.74
N LEU D 384 29.15 -99.74 -43.63
CA LEU D 384 27.85 -99.09 -43.84
C LEU D 384 27.31 -99.35 -45.24
N VAL D 385 28.16 -99.23 -46.28
CA VAL D 385 27.61 -99.41 -47.62
C VAL D 385 27.19 -100.86 -47.85
N ASP D 386 27.99 -101.82 -47.40
CA ASP D 386 27.62 -103.22 -47.67
C ASP D 386 26.41 -103.64 -46.85
N HIS D 387 26.29 -103.13 -45.62
CA HIS D 387 25.10 -103.39 -44.81
C HIS D 387 23.87 -102.74 -45.43
N CYS D 388 24.00 -101.50 -45.90
CA CYS D 388 22.85 -100.76 -46.40
C CYS D 388 22.48 -101.12 -47.83
N GLN D 389 23.28 -101.94 -48.51
CA GLN D 389 22.92 -102.41 -49.85
C GLN D 389 21.55 -103.05 -49.83
N GLY D 390 20.68 -102.61 -50.76
CA GLY D 390 19.37 -103.17 -50.94
C GLY D 390 18.26 -102.54 -50.11
N ARG D 391 18.49 -101.39 -49.50
CA ARG D 391 17.46 -100.66 -48.76
C ARG D 391 17.18 -99.32 -49.45
N LYS D 392 15.89 -98.97 -49.52
CA LYS D 392 15.45 -97.72 -50.12
C LYS D 392 14.50 -97.00 -49.16
N GLY D 393 14.45 -95.68 -49.31
CA GLY D 393 13.58 -94.87 -48.47
C GLY D 393 14.10 -94.80 -47.03
N GLY D 394 13.17 -94.55 -46.11
CA GLY D 394 13.53 -94.41 -44.71
C GLY D 394 13.98 -95.69 -44.03
N GLU D 395 13.94 -96.81 -44.75
CA GLU D 395 14.61 -98.02 -44.32
C GLU D 395 16.12 -97.93 -44.48
N LEU D 396 16.62 -96.89 -45.15
CA LEU D 396 18.04 -96.57 -45.20
C LEU D 396 18.46 -95.61 -44.08
N ALA D 397 17.58 -95.40 -43.10
CA ALA D 397 17.91 -94.68 -41.88
C ALA D 397 17.99 -95.61 -40.68
N SER D 398 17.26 -96.73 -40.71
CA SER D 398 17.34 -97.69 -39.62
C SER D 398 18.72 -98.31 -39.53
N ALA D 399 19.34 -98.64 -40.67
CA ALA D 399 20.68 -99.21 -40.65
C ALA D 399 21.70 -98.20 -40.13
N VAL D 400 21.54 -96.92 -40.47
CA VAL D 400 22.49 -95.91 -40.04
C VAL D 400 22.28 -95.54 -38.57
N HIS D 401 21.05 -95.68 -38.05
CA HIS D 401 20.83 -95.64 -36.62
C HIS D 401 21.38 -96.87 -35.92
N ALA D 402 21.31 -98.02 -36.59
CA ALA D 402 21.80 -99.25 -35.99
C ALA D 402 23.30 -99.18 -35.79
N TYR D 403 24.03 -98.67 -36.78
CA TYR D 403 25.46 -98.53 -36.60
C TYR D 403 25.85 -97.41 -35.65
N THR D 404 24.90 -96.56 -35.23
CA THR D 404 25.22 -95.51 -34.27
C THR D 404 25.56 -96.10 -32.90
N LYS D 405 24.93 -97.22 -32.53
CA LYS D 405 24.96 -97.73 -31.17
C LYS D 405 26.24 -98.47 -30.81
N THR D 406 27.27 -98.45 -31.66
CA THR D 406 28.53 -99.16 -31.41
C THR D 406 29.13 -98.80 -30.06
N GLY D 407 29.32 -97.49 -29.81
CA GLY D 407 29.86 -97.00 -28.56
C GLY D 407 31.31 -96.58 -28.63
N ASP D 408 32.02 -96.95 -29.68
CA ASP D 408 33.37 -96.47 -29.92
C ASP D 408 33.36 -94.94 -30.04
N PRO D 409 34.14 -94.21 -29.23
CA PRO D 409 34.14 -92.74 -29.37
C PRO D 409 34.59 -92.26 -30.74
N TYR D 410 35.45 -93.00 -31.42
CA TYR D 410 35.89 -92.59 -32.76
C TYR D 410 34.78 -92.77 -33.78
N MET D 411 33.95 -93.80 -33.63
CA MET D 411 32.91 -94.14 -34.59
C MET D 411 31.53 -93.64 -34.17
N ARG D 412 31.33 -93.30 -32.89
CA ARG D 412 30.04 -92.84 -32.42
C ARG D 412 29.80 -91.37 -32.76
N SER D 413 30.84 -90.64 -33.14
CA SER D 413 30.71 -89.26 -33.60
C SER D 413 30.87 -89.13 -35.12
N LEU D 414 30.97 -90.25 -35.84
CA LEU D 414 31.08 -90.29 -37.29
C LEU D 414 29.76 -90.68 -37.95
N VAL D 415 29.21 -91.83 -37.53
CA VAL D 415 27.92 -92.27 -38.04
C VAL D 415 26.79 -91.50 -37.39
N GLN D 416 27.07 -90.67 -36.38
CA GLN D 416 26.11 -89.74 -35.83
C GLN D 416 26.09 -88.40 -36.56
N HIS D 417 27.10 -88.14 -37.41
CA HIS D 417 27.08 -87.02 -38.33
C HIS D 417 26.55 -87.44 -39.71
N ILE D 418 26.90 -88.64 -40.15
CA ILE D 418 26.27 -89.19 -41.35
C ILE D 418 24.76 -89.32 -41.13
N LEU D 419 24.37 -89.79 -39.94
CA LEU D 419 22.94 -89.91 -39.61
C LEU D 419 22.27 -88.55 -39.59
N SER D 420 22.95 -87.53 -39.09
CA SER D 420 22.31 -86.23 -38.94
C SER D 420 21.95 -85.59 -40.28
N LEU D 421 22.52 -86.06 -41.39
CA LEU D 421 22.12 -85.62 -42.72
C LEU D 421 21.21 -86.61 -43.42
N VAL D 422 21.38 -87.91 -43.15
CA VAL D 422 20.44 -88.89 -43.72
C VAL D 422 19.03 -88.66 -43.15
N SER D 423 18.93 -88.26 -41.89
CA SER D 423 17.62 -88.12 -41.24
C SER D 423 16.82 -86.96 -41.84
N HIS D 424 17.47 -85.85 -42.15
CA HIS D 424 16.75 -84.62 -42.51
C HIS D 424 15.83 -84.75 -43.72
N PRO D 425 16.19 -85.40 -44.84
CA PRO D 425 15.19 -85.56 -45.91
C PRO D 425 13.93 -86.28 -45.46
N VAL D 426 14.07 -87.31 -44.61
CA VAL D 426 12.87 -88.00 -44.12
C VAL D 426 12.09 -87.08 -43.19
N LEU D 427 12.80 -86.34 -42.34
CA LEU D 427 12.14 -85.36 -41.48
C LEU D 427 11.38 -84.31 -42.28
N SER D 428 11.86 -83.99 -43.49
CA SER D 428 11.20 -82.99 -44.31
C SER D 428 9.78 -83.41 -44.64
N PHE D 429 9.60 -84.68 -45.01
CA PHE D 429 8.25 -85.18 -45.27
C PHE D 429 7.42 -85.14 -43.98
N LEU D 430 8.04 -85.43 -42.84
CA LEU D 430 7.35 -85.34 -41.56
C LEU D 430 7.13 -83.90 -41.12
N TYR D 431 7.88 -82.95 -41.66
CA TYR D 431 7.68 -81.54 -41.33
C TYR D 431 6.71 -80.85 -42.28
N ARG D 432 6.17 -81.58 -43.27
CA ARG D 432 5.02 -81.14 -44.05
C ARG D 432 3.75 -81.85 -43.64
N TRP D 433 3.83 -83.14 -43.31
CA TRP D 433 2.65 -83.89 -42.91
C TRP D 433 2.05 -83.39 -41.60
N ILE D 434 2.84 -82.81 -40.71
CA ILE D 434 2.35 -82.39 -39.40
C ILE D 434 2.09 -80.89 -39.34
N TYR D 435 2.28 -80.16 -40.44
CA TYR D 435 1.97 -78.74 -40.49
C TYR D 435 1.01 -78.39 -41.63
N ASP D 436 1.30 -78.87 -42.84
CA ASP D 436 0.53 -78.54 -44.03
C ASP D 436 -0.34 -79.71 -44.52
N GLY D 437 0.23 -80.91 -44.59
CA GLY D 437 -0.56 -82.08 -44.93
C GLY D 437 -0.60 -82.42 -46.40
N GLU D 438 0.57 -82.59 -47.03
CA GLU D 438 0.65 -83.08 -48.39
C GLU D 438 1.82 -84.03 -48.49
N LEU D 439 1.61 -85.17 -49.14
CA LEU D 439 2.62 -86.23 -49.13
C LEU D 439 3.76 -85.90 -50.10
N GLU D 440 3.45 -85.85 -51.39
CA GLU D 440 4.44 -85.64 -52.44
C GLU D 440 5.58 -86.65 -52.37
N ASP D 441 5.27 -87.88 -51.95
CA ASP D 441 6.23 -88.97 -51.92
C ASP D 441 6.18 -89.74 -53.24
N THR D 442 6.62 -89.05 -54.29
CA THR D 442 6.55 -89.60 -55.63
C THR D 442 7.34 -90.90 -55.79
N TYR D 443 8.35 -91.12 -54.93
CA TYR D 443 9.19 -92.32 -55.00
C TYR D 443 8.92 -93.27 -53.83
N HIS D 444 7.71 -93.19 -53.26
CA HIS D 444 7.23 -94.12 -52.24
C HIS D 444 8.19 -94.17 -51.04
N GLU D 445 8.31 -93.02 -50.37
CA GLU D 445 9.28 -92.84 -49.31
C GLU D 445 8.63 -92.62 -47.93
N PHE D 446 7.76 -91.64 -47.78
CA PHE D 446 7.22 -91.37 -46.45
C PHE D 446 6.22 -92.46 -46.08
N PHE D 447 6.17 -92.80 -44.79
CA PHE D 447 5.40 -93.98 -44.38
C PHE D 447 3.92 -93.81 -44.66
N VAL D 448 3.36 -92.62 -44.39
CA VAL D 448 1.97 -92.41 -44.77
C VAL D 448 1.86 -92.42 -46.29
N ALA D 449 0.97 -93.25 -46.81
CA ALA D 449 0.78 -93.42 -48.24
C ALA D 449 -0.70 -93.37 -48.55
N SER D 450 -1.03 -92.93 -49.77
CA SER D 450 -2.40 -92.62 -50.15
C SER D 450 -2.82 -93.49 -51.32
N ASP D 451 -3.87 -94.26 -51.12
CA ASP D 451 -4.55 -94.91 -52.22
C ASP D 451 -5.46 -93.88 -52.91
N PRO D 452 -5.64 -93.95 -54.23
CA PRO D 452 -6.70 -93.12 -54.84
C PRO D 452 -8.07 -93.62 -54.44
N THR D 453 -8.87 -92.74 -53.86
CA THR D 453 -10.16 -93.08 -53.28
C THR D 453 -11.23 -92.13 -53.78
N VAL D 454 -12.47 -92.48 -53.45
CA VAL D 454 -13.63 -91.72 -53.91
C VAL D 454 -13.64 -90.29 -53.38
N LYS D 455 -12.92 -90.01 -52.29
CA LYS D 455 -12.86 -88.67 -51.67
C LYS D 455 -14.25 -88.15 -51.32
N THR D 456 -15.14 -89.10 -50.99
CA THR D 456 -16.54 -88.85 -50.68
C THR D 456 -16.91 -89.56 -49.38
N ASP D 457 -16.36 -90.76 -49.21
CA ASP D 457 -16.68 -91.72 -48.18
C ASP D 457 -15.47 -92.63 -48.00
N ARG D 458 -15.43 -93.34 -46.87
CA ARG D 458 -14.43 -94.38 -46.59
C ARG D 458 -13.02 -93.81 -46.48
N LEU D 459 -12.88 -92.50 -46.39
CA LEU D 459 -11.56 -91.91 -46.26
C LEU D 459 -10.96 -92.26 -44.90
N TRP D 460 -11.80 -92.33 -43.85
CA TRP D 460 -11.31 -92.68 -42.52
C TRP D 460 -11.01 -94.17 -42.38
N HIS D 461 -11.30 -94.97 -43.41
CA HIS D 461 -10.89 -96.36 -43.51
C HIS D 461 -9.69 -96.55 -44.43
N ASP D 462 -9.82 -96.17 -45.71
CA ASP D 462 -8.87 -96.64 -46.72
C ASP D 462 -7.74 -95.67 -46.97
N LYS D 463 -8.05 -94.42 -47.37
CA LYS D 463 -7.11 -93.54 -48.07
C LYS D 463 -5.69 -93.49 -47.52
N TYR D 464 -5.51 -93.00 -46.29
CA TYR D 464 -4.20 -92.91 -45.66
C TYR D 464 -4.07 -93.98 -44.59
N THR D 465 -3.02 -94.78 -44.70
CA THR D 465 -2.79 -95.88 -43.76
C THR D 465 -1.29 -96.02 -43.54
N LEU D 466 -0.91 -96.34 -42.32
CA LEU D 466 0.49 -96.49 -41.95
C LEU D 466 1.16 -97.59 -42.78
N ARG D 467 2.32 -97.27 -43.35
CA ARG D 467 3.18 -98.26 -44.00
C ARG D 467 4.23 -98.69 -42.98
N LYS D 468 4.11 -99.91 -42.49
CA LYS D 468 4.90 -100.34 -41.34
C LYS D 468 6.38 -100.49 -41.67
N SER D 469 6.70 -100.90 -42.90
CA SER D 469 8.07 -101.25 -43.24
C SER D 469 9.00 -100.04 -43.14
N MET D 470 8.48 -98.83 -43.31
CA MET D 470 9.30 -97.66 -43.58
C MET D 470 9.47 -96.76 -42.36
N ILE D 471 8.93 -97.13 -41.21
CA ILE D 471 9.02 -96.27 -40.02
C ILE D 471 10.45 -96.35 -39.47
N PRO D 472 11.12 -95.23 -39.24
CA PRO D 472 12.53 -95.30 -38.83
C PRO D 472 12.69 -95.84 -37.42
N SER D 473 13.92 -96.30 -37.14
CA SER D 473 14.19 -97.01 -35.90
C SER D 473 14.00 -96.11 -34.68
N PHE D 474 14.48 -94.86 -34.74
CA PHE D 474 14.45 -94.02 -33.56
C PHE D 474 13.02 -93.64 -33.16
N MET D 475 12.08 -93.64 -34.10
CA MET D 475 10.71 -93.22 -33.82
C MET D 475 9.96 -94.30 -33.04
N THR D 476 9.21 -93.87 -32.02
CA THR D 476 8.35 -94.77 -31.26
C THR D 476 7.02 -94.95 -31.99
N MET D 477 6.44 -96.15 -31.87
CA MET D 477 5.23 -96.49 -32.63
C MET D 477 4.05 -95.60 -32.27
N ASP D 478 3.95 -95.17 -31.01
CA ASP D 478 2.84 -94.30 -30.63
C ASP D 478 2.92 -92.97 -31.35
N GLN D 479 4.11 -92.37 -31.38
CA GLN D 479 4.31 -91.13 -32.13
C GLN D 479 4.11 -91.36 -33.62
N SER D 480 4.49 -92.55 -34.12
CA SER D 480 4.30 -92.87 -35.52
C SER D 480 2.82 -92.88 -35.90
N ARG D 481 1.99 -93.41 -35.01
CA ARG D 481 0.54 -93.37 -35.23
C ARG D 481 0.01 -91.94 -35.09
N LYS D 482 0.55 -91.21 -34.11
CA LYS D 482 0.07 -89.86 -33.83
C LYS D 482 0.33 -88.93 -35.01
N VAL D 483 1.44 -89.13 -35.72
CA VAL D 483 1.75 -88.27 -36.85
C VAL D 483 0.79 -88.54 -38.02
N LEU D 484 0.40 -89.80 -38.24
CA LEU D 484 -0.67 -90.02 -39.21
C LEU D 484 -1.95 -89.35 -38.74
N LEU D 485 -2.20 -89.36 -37.43
CA LEU D 485 -3.43 -88.76 -36.92
C LEU D 485 -3.46 -87.26 -37.17
N ILE D 486 -2.32 -86.58 -37.01
CA ILE D 486 -2.29 -85.13 -37.15
C ILE D 486 -2.18 -84.73 -38.61
N GLY D 487 -1.56 -85.55 -39.46
CA GLY D 487 -1.42 -85.22 -40.85
C GLY D 487 -2.55 -85.71 -41.71
N LYS D 488 -3.49 -86.45 -41.12
CA LYS D 488 -4.69 -86.87 -41.84
C LYS D 488 -5.91 -86.03 -41.42
N SER D 489 -5.71 -85.00 -40.58
CA SER D 489 -6.75 -84.03 -40.24
C SER D 489 -6.59 -82.75 -41.04
N ILE D 490 -5.36 -82.21 -41.05
CA ILE D 490 -5.07 -81.00 -41.81
C ILE D 490 -5.38 -81.22 -43.28
N ASN D 491 -4.84 -82.31 -43.86
CA ASN D 491 -5.07 -82.58 -45.27
C ASN D 491 -6.55 -82.86 -45.53
N PHE D 492 -7.18 -83.63 -44.67
CA PHE D 492 -8.62 -83.89 -44.75
C PHE D 492 -9.43 -82.62 -44.89
N LEU D 493 -9.34 -81.70 -43.93
CA LEU D 493 -10.07 -80.44 -44.09
C LEU D 493 -9.60 -79.68 -45.32
N HIS D 494 -8.32 -79.83 -45.69
CA HIS D 494 -7.73 -79.13 -46.81
C HIS D 494 -8.23 -79.62 -48.17
N GLN D 495 -8.82 -80.82 -48.25
CA GLN D 495 -8.87 -81.55 -49.52
C GLN D 495 -9.83 -80.90 -50.52
N VAL D 496 -11.05 -80.58 -50.10
CA VAL D 496 -12.15 -80.22 -50.99
C VAL D 496 -12.78 -78.93 -50.48
N CYS D 497 -13.47 -78.23 -51.40
CA CYS D 497 -14.31 -77.08 -51.12
C CYS D 497 -13.48 -75.81 -50.83
N HIS D 498 -12.14 -75.92 -50.79
CA HIS D 498 -11.24 -74.76 -50.69
C HIS D 498 -11.58 -74.07 -49.33
N ASP D 499 -10.99 -72.93 -48.97
CA ASP D 499 -11.32 -72.18 -47.75
C ASP D 499 -10.79 -72.86 -46.49
N GLN D 500 -9.50 -72.58 -46.19
CA GLN D 500 -8.69 -73.18 -45.13
C GLN D 500 -8.11 -72.14 -44.16
N THR D 501 -8.97 -71.37 -43.48
CA THR D 501 -8.54 -70.31 -42.56
C THR D 501 -7.36 -70.76 -41.70
N PRO D 502 -6.42 -69.87 -41.37
CA PRO D 502 -5.18 -70.30 -40.69
C PRO D 502 -5.47 -70.93 -39.33
N THR D 503 -4.63 -71.91 -38.97
CA THR D 503 -4.72 -72.59 -37.69
C THR D 503 -3.48 -72.51 -36.83
N THR D 504 -2.37 -72.00 -37.34
CA THR D 504 -1.11 -71.97 -36.60
C THR D 504 -0.79 -70.54 -36.17
N THR D 524 17.24 -89.37 -27.56
CA THR D 524 17.36 -90.66 -28.22
C THR D 524 18.45 -90.61 -29.30
N ASP D 525 18.07 -90.33 -30.55
CA ASP D 525 19.03 -90.25 -31.65
C ASP D 525 19.02 -88.85 -32.25
N LEU D 526 17.83 -88.35 -32.58
CA LEU D 526 17.64 -86.97 -33.00
C LEU D 526 17.29 -86.07 -31.83
N GLU D 527 18.06 -86.17 -30.75
CA GLU D 527 17.88 -85.37 -29.53
C GLU D 527 16.50 -85.54 -28.90
N ASN D 528 15.74 -86.57 -29.29
CA ASN D 528 14.34 -86.77 -28.93
C ASN D 528 13.56 -85.46 -29.10
N ALA D 529 13.87 -84.74 -30.18
CA ALA D 529 13.21 -83.46 -30.42
C ALA D 529 11.75 -83.65 -30.85
N PHE D 530 11.42 -84.81 -31.44
CA PHE D 530 10.07 -85.04 -31.94
C PHE D 530 9.04 -84.83 -30.84
N GLN D 531 9.15 -85.61 -29.74
CA GLN D 531 8.14 -85.61 -28.69
C GLN D 531 7.90 -84.22 -28.12
N GLY D 532 8.91 -83.35 -28.14
CA GLY D 532 8.72 -81.99 -27.68
C GLY D 532 7.64 -81.25 -28.46
N LYS D 533 7.73 -81.30 -29.79
CA LYS D 533 6.74 -80.62 -30.61
C LYS D 533 5.49 -81.46 -30.85
N ILE D 534 5.66 -82.76 -31.15
CA ILE D 534 4.59 -83.69 -31.52
C ILE D 534 3.38 -83.58 -30.60
N ASP D 535 3.60 -83.57 -29.28
CA ASP D 535 2.46 -83.44 -28.37
C ASP D 535 1.80 -82.07 -28.44
N ALA D 536 2.59 -80.99 -28.51
CA ALA D 536 2.01 -79.65 -28.62
C ALA D 536 1.25 -79.52 -29.93
N ALA D 537 1.77 -80.12 -31.00
CA ALA D 537 1.04 -80.22 -32.25
C ALA D 537 -0.20 -81.07 -32.07
N TYR D 538 -0.11 -82.15 -31.29
CA TYR D 538 -1.27 -82.98 -31.09
C TYR D 538 -2.35 -82.25 -30.30
N PHE D 539 -1.97 -81.21 -29.55
CA PHE D 539 -2.97 -80.35 -28.92
C PHE D 539 -3.42 -79.26 -29.89
N GLU D 540 -2.58 -78.31 -30.28
CA GLU D 540 -3.10 -77.33 -31.22
C GLU D 540 -3.36 -77.94 -32.59
N THR D 541 -2.34 -78.37 -33.29
CA THR D 541 -2.41 -78.74 -34.69
C THR D 541 -3.24 -80.01 -34.96
N SER D 542 -3.73 -80.72 -33.93
CA SER D 542 -4.77 -81.75 -34.12
C SER D 542 -6.03 -81.50 -33.28
N LYS D 543 -5.92 -81.32 -31.96
CA LYS D 543 -7.13 -81.17 -31.16
C LYS D 543 -7.85 -79.86 -31.50
N TYR D 544 -7.11 -78.78 -31.82
CA TYR D 544 -7.75 -77.56 -32.29
C TYR D 544 -8.06 -77.59 -33.78
N LEU D 545 -7.39 -78.46 -34.56
CA LEU D 545 -7.84 -78.83 -35.91
C LEU D 545 -9.09 -79.69 -35.88
N LEU D 546 -9.51 -80.13 -34.69
CA LEU D 546 -10.91 -80.47 -34.47
C LEU D 546 -11.70 -79.24 -34.04
N ASP D 547 -11.34 -78.06 -34.57
CA ASP D 547 -12.19 -76.87 -34.60
C ASP D 547 -12.20 -76.23 -35.98
N VAL D 548 -11.08 -76.24 -36.70
CA VAL D 548 -11.13 -75.84 -38.12
C VAL D 548 -12.06 -76.79 -38.86
N LEU D 549 -11.75 -78.09 -38.75
CA LEU D 549 -12.56 -79.14 -39.43
C LEU D 549 -14.01 -79.02 -38.93
N ASN D 550 -14.21 -78.46 -37.72
CA ASN D 550 -15.55 -78.32 -37.12
C ASN D 550 -16.29 -77.09 -37.66
N LYS D 551 -15.61 -75.97 -37.92
CA LYS D 551 -16.24 -74.74 -38.37
C LYS D 551 -16.34 -74.60 -39.87
N LYS D 552 -15.25 -74.86 -40.59
CA LYS D 552 -15.24 -74.65 -42.02
C LYS D 552 -16.26 -75.55 -42.72
N TYR D 553 -16.08 -76.86 -42.60
CA TYR D 553 -16.92 -77.84 -43.28
C TYR D 553 -17.95 -78.51 -42.37
N SER D 554 -17.95 -78.19 -41.08
CA SER D 554 -19.08 -78.44 -40.19
C SER D 554 -19.46 -79.90 -39.94
N LEU D 555 -18.54 -80.68 -39.33
CA LEU D 555 -18.92 -82.01 -38.86
C LEU D 555 -19.98 -81.95 -37.77
N LEU D 556 -19.83 -81.07 -36.78
CA LEU D 556 -20.80 -81.09 -35.70
C LEU D 556 -22.20 -80.75 -36.22
N ASP D 557 -22.28 -79.76 -37.11
CA ASP D 557 -23.59 -79.38 -37.62
C ASP D 557 -24.18 -80.48 -38.50
N HIS D 558 -23.38 -81.06 -39.41
CA HIS D 558 -23.94 -82.09 -40.28
C HIS D 558 -24.26 -83.37 -39.53
N MET D 559 -23.43 -83.76 -38.58
CA MET D 559 -23.73 -84.89 -37.72
C MET D 559 -24.97 -84.67 -36.87
N GLN D 560 -25.19 -83.46 -36.37
CA GLN D 560 -26.34 -83.28 -35.49
C GLN D 560 -27.61 -83.21 -36.33
N ALA D 561 -27.55 -82.58 -37.50
CA ALA D 561 -28.70 -82.60 -38.40
C ALA D 561 -28.97 -83.99 -38.96
N MET D 562 -27.95 -84.86 -39.02
CA MET D 562 -28.17 -86.23 -39.44
C MET D 562 -29.20 -86.91 -38.54
N ARG D 563 -29.22 -86.55 -37.24
CA ARG D 563 -30.21 -87.10 -36.33
C ARG D 563 -31.61 -86.76 -36.81
N ARG D 564 -31.82 -85.49 -37.15
CA ARG D 564 -33.16 -84.98 -37.38
C ARG D 564 -33.67 -85.39 -38.76
N TYR D 565 -32.84 -85.24 -39.78
CA TYR D 565 -33.33 -85.50 -41.14
C TYR D 565 -33.31 -86.98 -41.46
N LEU D 566 -32.15 -87.64 -41.34
CA LEU D 566 -32.05 -89.02 -41.82
C LEU D 566 -32.58 -89.99 -40.78
N LEU D 567 -32.19 -89.82 -39.51
CA LEU D 567 -32.62 -90.74 -38.47
C LEU D 567 -34.01 -90.42 -37.92
N LEU D 568 -34.73 -89.46 -38.52
CA LEU D 568 -36.10 -89.08 -38.16
C LEU D 568 -36.16 -88.35 -36.83
N GLY D 569 -35.04 -87.82 -36.33
CA GLY D 569 -35.07 -87.14 -35.05
C GLY D 569 -36.02 -85.96 -35.00
N GLN D 570 -36.24 -85.31 -36.15
CA GLN D 570 -37.08 -84.11 -36.18
C GLN D 570 -38.51 -84.44 -35.78
N GLY D 571 -39.08 -85.50 -36.37
CA GLY D 571 -40.45 -85.90 -36.09
C GLY D 571 -41.48 -85.03 -36.79
N ASP D 572 -41.46 -83.72 -36.53
CA ASP D 572 -42.39 -82.80 -37.16
C ASP D 572 -42.27 -82.84 -38.68
N PHE D 573 -41.03 -82.74 -39.17
CA PHE D 573 -40.80 -82.74 -40.61
C PHE D 573 -41.25 -84.06 -41.23
N ILE D 574 -40.96 -85.18 -40.56
CA ILE D 574 -41.36 -86.47 -41.11
C ILE D 574 -42.87 -86.62 -41.10
N ARG D 575 -43.55 -86.04 -40.11
CA ARG D 575 -45.01 -86.11 -40.10
C ARG D 575 -45.57 -85.31 -41.27
N HIS D 576 -45.05 -84.11 -41.51
CA HIS D 576 -45.55 -83.31 -42.61
C HIS D 576 -45.25 -83.98 -43.94
N LEU D 577 -44.07 -84.59 -44.05
CA LEU D 577 -43.70 -85.35 -45.25
C LEU D 577 -44.67 -86.50 -45.48
N MET D 578 -45.08 -87.20 -44.43
CA MET D 578 -46.03 -88.30 -44.62
C MET D 578 -47.44 -87.81 -44.91
N ASP D 579 -47.80 -86.62 -44.46
CA ASP D 579 -49.13 -86.10 -44.72
C ASP D 579 -49.26 -85.46 -46.09
N LEU D 580 -48.13 -85.08 -46.72
CA LEU D 580 -48.16 -84.62 -48.10
C LEU D 580 -47.83 -85.69 -49.13
N LEU D 581 -46.92 -86.62 -48.82
CA LEU D 581 -46.45 -87.60 -49.81
C LEU D 581 -47.28 -88.88 -49.79
N LYS D 582 -48.49 -88.85 -49.23
CA LYS D 582 -49.31 -90.06 -49.16
C LYS D 582 -49.80 -90.49 -50.54
N PRO D 583 -50.47 -89.64 -51.34
CA PRO D 583 -51.07 -90.15 -52.59
C PRO D 583 -50.05 -90.70 -53.59
N GLU D 584 -48.97 -89.97 -53.79
CA GLU D 584 -47.99 -90.33 -54.82
C GLU D 584 -47.33 -91.66 -54.51
N LEU D 585 -47.25 -92.05 -53.24
CA LEU D 585 -46.66 -93.34 -52.88
C LEU D 585 -47.65 -94.48 -52.98
N VAL D 586 -48.93 -94.23 -52.67
CA VAL D 586 -49.94 -95.27 -52.85
C VAL D 586 -50.25 -95.44 -54.34
N ARG D 587 -49.67 -94.59 -55.21
CA ARG D 587 -49.57 -94.93 -56.62
C ARG D 587 -48.80 -96.23 -56.81
N PRO D 588 -48.83 -96.84 -58.00
CA PRO D 588 -47.87 -97.90 -58.30
C PRO D 588 -46.45 -97.37 -58.37
N ALA D 589 -45.50 -98.31 -58.30
CA ALA D 589 -44.10 -97.95 -58.08
C ALA D 589 -43.43 -97.44 -59.36
N THR D 590 -43.60 -98.14 -60.48
CA THR D 590 -42.78 -97.88 -61.66
C THR D 590 -43.01 -96.48 -62.21
N THR D 591 -44.25 -96.00 -62.18
CA THR D 591 -44.59 -94.72 -62.81
C THR D 591 -43.84 -93.53 -62.22
N LEU D 592 -43.40 -93.63 -60.97
CA LEU D 592 -42.82 -92.49 -60.28
C LEU D 592 -41.39 -92.21 -60.76
N TYR D 593 -41.02 -90.93 -60.74
CA TYR D 593 -39.72 -90.46 -61.20
C TYR D 593 -39.09 -89.54 -60.16
N GLN D 594 -37.76 -89.40 -60.24
CA GLN D 594 -36.98 -88.71 -59.22
C GLN D 594 -37.44 -87.26 -59.04
N HIS D 595 -37.73 -86.57 -60.15
CA HIS D 595 -38.17 -85.17 -60.07
C HIS D 595 -39.46 -85.06 -59.27
N ASN D 596 -40.37 -86.02 -59.44
CA ASN D 596 -41.63 -86.02 -58.72
C ASN D 596 -41.40 -86.03 -57.21
N LEU D 597 -40.54 -86.94 -56.75
CA LEU D 597 -40.28 -87.02 -55.32
C LEU D 597 -39.49 -85.81 -54.83
N THR D 598 -38.58 -85.29 -55.67
CA THR D 598 -37.79 -84.13 -55.27
C THR D 598 -38.69 -82.94 -54.98
N GLY D 599 -39.77 -82.78 -55.76
CA GLY D 599 -40.62 -81.60 -55.65
C GLY D 599 -41.15 -81.34 -54.24
N ILE D 600 -41.62 -82.38 -53.57
CA ILE D 600 -42.36 -82.19 -52.31
C ILE D 600 -41.45 -81.72 -51.18
N LEU D 601 -40.21 -82.22 -51.15
CA LEU D 601 -39.32 -82.01 -50.00
C LEU D 601 -39.16 -80.53 -49.64
N GLU D 602 -39.03 -79.66 -50.64
CA GLU D 602 -38.83 -78.23 -50.39
C GLU D 602 -40.02 -77.64 -49.65
N THR D 603 -41.23 -78.01 -50.05
CA THR D 603 -42.43 -77.45 -49.43
C THR D 603 -42.46 -77.74 -47.94
N ALA D 604 -42.21 -78.99 -47.57
CA ALA D 604 -42.20 -79.34 -46.14
C ALA D 604 -41.06 -78.65 -45.41
N VAL D 605 -39.86 -78.62 -46.01
CA VAL D 605 -38.72 -78.02 -45.34
C VAL D 605 -38.99 -76.53 -45.06
N ARG D 606 -39.63 -75.84 -46.00
CA ARG D 606 -40.00 -74.46 -45.77
C ARG D 606 -41.10 -74.34 -44.73
N ALA D 607 -42.11 -75.19 -44.80
CA ALA D 607 -43.29 -75.04 -43.95
C ALA D 607 -42.95 -75.28 -42.48
N THR D 608 -42.06 -76.24 -42.22
CA THR D 608 -41.74 -76.63 -40.85
C THR D 608 -40.63 -75.75 -40.29
N ASN D 609 -40.22 -76.06 -39.05
CA ASN D 609 -39.12 -75.38 -38.40
C ASN D 609 -37.75 -75.75 -38.97
N ALA D 610 -37.69 -76.65 -39.95
CA ALA D 610 -36.44 -76.98 -40.62
C ALA D 610 -35.86 -75.82 -41.43
N GLN D 611 -36.62 -74.76 -41.67
CA GLN D 611 -36.06 -73.62 -42.38
C GLN D 611 -34.92 -72.97 -41.59
N PHE D 612 -35.01 -72.98 -40.27
CA PHE D 612 -33.99 -72.36 -39.42
C PHE D 612 -32.80 -73.31 -39.25
N ASP D 613 -32.16 -73.61 -40.38
CA ASP D 613 -31.06 -74.56 -40.45
C ASP D 613 -30.01 -74.02 -41.40
N SER D 614 -28.81 -74.58 -41.32
CA SER D 614 -27.74 -74.18 -42.24
C SER D 614 -28.17 -74.45 -43.68
N PRO D 615 -28.23 -73.41 -44.56
CA PRO D 615 -28.53 -73.66 -45.97
C PRO D 615 -27.63 -74.71 -46.60
N GLU D 616 -26.38 -74.80 -46.15
CA GLU D 616 -25.49 -75.85 -46.64
C GLU D 616 -26.07 -77.24 -46.33
N ILE D 617 -26.54 -77.44 -45.09
CA ILE D 617 -27.03 -78.77 -44.75
C ILE D 617 -28.33 -79.05 -45.50
N LEU D 618 -29.13 -78.03 -45.78
CA LEU D 618 -30.35 -78.26 -46.56
C LEU D 618 -30.07 -78.41 -48.05
N ARG D 619 -28.93 -77.90 -48.54
CA ARG D 619 -28.55 -78.08 -49.93
C ARG D 619 -28.01 -79.50 -50.16
N ARG D 620 -27.13 -79.96 -49.25
CA ARG D 620 -26.57 -81.30 -49.39
C ARG D 620 -27.60 -82.38 -49.08
N LEU D 621 -28.73 -82.03 -48.48
CA LEU D 621 -29.85 -82.96 -48.31
C LEU D 621 -30.54 -83.16 -49.64
N ASP D 622 -30.69 -84.42 -50.06
CA ASP D 622 -31.38 -84.75 -51.29
C ASP D 622 -32.00 -86.14 -51.18
N VAL D 623 -32.85 -86.46 -52.16
CA VAL D 623 -33.58 -87.72 -52.20
C VAL D 623 -32.84 -88.70 -53.09
N ARG D 624 -33.08 -89.99 -52.86
CA ARG D 624 -32.74 -91.07 -53.76
C ARG D 624 -33.99 -91.93 -53.93
N LEU D 625 -33.98 -92.76 -54.96
CA LEU D 625 -34.94 -93.85 -55.13
C LEU D 625 -34.16 -95.15 -55.23
N LEU D 626 -34.53 -96.13 -54.43
CA LEU D 626 -33.82 -97.40 -54.43
C LEU D 626 -34.19 -98.20 -55.69
N GLU D 627 -33.54 -99.33 -55.87
CA GLU D 627 -33.73 -100.13 -57.07
C GLU D 627 -35.13 -100.75 -57.08
N VAL D 628 -35.80 -100.66 -58.23
CA VAL D 628 -37.17 -101.15 -58.37
C VAL D 628 -37.16 -102.65 -58.63
N SER D 629 -38.18 -103.34 -58.11
CA SER D 629 -38.44 -104.75 -58.33
C SER D 629 -39.69 -104.93 -59.18
N PRO D 630 -39.94 -106.15 -59.70
CA PRO D 630 -41.10 -106.32 -60.60
C PRO D 630 -42.44 -105.99 -59.98
N GLY D 631 -42.69 -106.41 -58.74
CA GLY D 631 -43.92 -106.10 -58.04
C GLY D 631 -43.65 -105.30 -56.77
N ASP D 632 -44.04 -104.03 -56.73
CA ASP D 632 -43.59 -103.17 -55.65
C ASP D 632 -44.53 -101.97 -55.52
N THR D 633 -44.47 -101.30 -54.36
CA THR D 633 -45.26 -100.13 -54.05
C THR D 633 -44.31 -99.00 -53.62
N GLY D 634 -44.80 -97.77 -53.72
CA GLY D 634 -43.97 -96.61 -53.41
C GLY D 634 -43.41 -96.66 -52.00
N TRP D 635 -44.23 -97.07 -51.03
CA TRP D 635 -43.74 -97.23 -49.67
C TRP D 635 -42.73 -98.36 -49.55
N ASP D 636 -42.80 -99.32 -50.48
CA ASP D 636 -41.87 -100.45 -50.47
C ASP D 636 -40.51 -100.06 -51.05
N VAL D 637 -40.45 -99.14 -52.01
CA VAL D 637 -39.21 -98.62 -52.56
C VAL D 637 -39.18 -97.10 -52.40
N PHE D 638 -38.58 -96.63 -51.31
CA PHE D 638 -38.32 -95.22 -51.10
C PHE D 638 -37.30 -95.08 -49.98
N SER D 639 -36.26 -94.29 -50.22
CA SER D 639 -35.26 -93.98 -49.21
C SER D 639 -34.66 -92.61 -49.49
N LEU D 640 -34.08 -92.02 -48.45
CA LEU D 640 -33.35 -90.76 -48.56
C LEU D 640 -31.86 -91.01 -48.74
N ASP D 641 -31.14 -89.95 -49.12
CA ASP D 641 -29.73 -90.00 -49.48
C ASP D 641 -28.81 -89.22 -48.56
N TYR D 642 -28.99 -87.91 -48.47
CA TYR D 642 -28.06 -87.00 -47.79
C TYR D 642 -26.62 -87.32 -48.18
N HIS D 643 -26.38 -87.47 -49.48
CA HIS D 643 -25.06 -87.87 -49.93
C HIS D 643 -24.04 -86.78 -49.60
N VAL D 644 -22.83 -87.21 -49.26
CA VAL D 644 -21.81 -86.33 -48.70
C VAL D 644 -20.50 -86.53 -49.45
N ASP D 645 -20.07 -85.50 -50.17
CA ASP D 645 -18.74 -85.43 -50.77
C ASP D 645 -18.06 -84.18 -50.24
N GLY D 646 -16.81 -84.32 -49.82
CA GLY D 646 -16.00 -83.18 -49.42
C GLY D 646 -15.27 -83.38 -48.12
N PRO D 647 -14.89 -82.29 -47.44
CA PRO D 647 -14.06 -82.40 -46.24
C PRO D 647 -14.81 -82.81 -44.98
N ILE D 648 -16.03 -83.31 -45.10
CA ILE D 648 -16.66 -84.08 -44.04
C ILE D 648 -17.02 -85.48 -44.52
N ALA D 649 -16.10 -86.12 -45.24
CA ALA D 649 -16.24 -87.53 -45.68
C ALA D 649 -15.59 -88.47 -44.66
N THR D 650 -15.12 -87.98 -43.51
CA THR D 650 -14.41 -88.78 -42.47
C THR D 650 -15.40 -89.22 -41.40
N VAL D 651 -16.60 -88.66 -41.39
CA VAL D 651 -17.68 -89.08 -40.44
C VAL D 651 -18.54 -90.11 -41.14
N PHE D 652 -18.41 -90.24 -42.47
CA PHE D 652 -19.29 -91.10 -43.28
C PHE D 652 -18.48 -91.99 -44.23
N THR D 653 -18.96 -93.19 -44.53
CA THR D 653 -18.33 -94.09 -45.53
C THR D 653 -19.48 -94.71 -46.36
N ARG D 654 -19.20 -95.51 -47.38
CA ARG D 654 -20.27 -96.12 -48.15
C ARG D 654 -20.96 -97.18 -47.31
N GLU D 655 -20.17 -97.94 -46.55
CA GLU D 655 -20.74 -98.92 -45.62
C GLU D 655 -21.56 -98.22 -44.53
N CYS D 656 -21.06 -97.10 -44.01
CA CYS D 656 -21.73 -96.44 -42.88
C CYS D 656 -23.00 -95.73 -43.30
N MET D 657 -22.98 -94.99 -44.41
CA MET D 657 -24.23 -94.48 -44.96
C MET D 657 -25.15 -95.62 -45.39
N SER D 658 -24.60 -96.73 -45.88
CA SER D 658 -25.45 -97.86 -46.20
C SER D 658 -26.15 -98.36 -44.95
N HIS D 659 -25.43 -98.41 -43.82
CA HIS D 659 -26.05 -98.78 -42.56
C HIS D 659 -27.08 -97.75 -42.12
N TYR D 660 -26.81 -96.47 -42.40
CA TYR D 660 -27.76 -95.41 -42.07
C TYR D 660 -29.06 -95.56 -42.85
N LEU D 661 -28.99 -96.03 -44.10
CA LEU D 661 -30.20 -96.32 -44.86
C LEU D 661 -30.85 -97.63 -44.43
N ARG D 662 -30.05 -98.63 -44.07
CA ARG D 662 -30.61 -99.87 -43.53
C ARG D 662 -31.34 -99.63 -42.22
N VAL D 663 -30.98 -98.60 -41.46
CA VAL D 663 -31.76 -98.24 -40.29
C VAL D 663 -32.91 -97.30 -40.66
N PHE D 664 -32.70 -96.45 -41.68
CA PHE D 664 -33.77 -95.58 -42.15
C PHE D 664 -34.99 -96.38 -42.59
N ASN D 665 -34.78 -97.48 -43.32
CA ASN D 665 -35.93 -98.22 -43.80
C ASN D 665 -36.80 -98.68 -42.63
N PHE D 666 -36.18 -99.28 -41.61
CA PHE D 666 -36.94 -99.76 -40.46
C PHE D 666 -37.61 -98.63 -39.70
N LEU D 667 -36.90 -97.52 -39.46
CA LEU D 667 -37.57 -96.39 -38.82
C LEU D 667 -38.71 -95.86 -39.67
N TRP D 668 -38.62 -95.99 -40.99
CA TRP D 668 -39.69 -95.54 -41.86
C TRP D 668 -40.87 -96.49 -41.86
N ARG D 669 -40.64 -97.80 -41.77
CA ARG D 669 -41.76 -98.72 -41.61
C ARG D 669 -42.50 -98.45 -40.31
N ALA D 670 -41.76 -98.27 -39.20
CA ALA D 670 -42.41 -98.02 -37.93
C ALA D 670 -43.14 -96.68 -37.94
N LYS D 671 -42.49 -95.64 -38.49
CA LYS D 671 -43.11 -94.33 -38.54
C LYS D 671 -44.31 -94.33 -39.49
N ARG D 672 -44.25 -95.16 -40.53
CA ARG D 672 -45.36 -95.30 -41.46
C ARG D 672 -46.57 -95.89 -40.75
N MET D 673 -46.37 -97.04 -40.09
CA MET D 673 -47.48 -97.66 -39.38
C MET D 673 -48.04 -96.74 -38.30
N GLU D 674 -47.20 -95.92 -37.67
CA GLU D 674 -47.69 -95.08 -36.59
C GLU D 674 -48.72 -94.05 -37.07
N TYR D 675 -48.75 -93.74 -38.36
CA TYR D 675 -49.79 -92.89 -38.94
C TYR D 675 -50.83 -93.65 -39.73
N ILE D 676 -50.51 -94.84 -40.22
CA ILE D 676 -51.50 -95.68 -40.87
C ILE D 676 -52.55 -96.15 -39.84
N LEU D 677 -52.10 -96.56 -38.65
CA LEU D 677 -53.06 -96.97 -37.63
C LEU D 677 -53.81 -95.76 -37.10
N THR D 678 -53.13 -94.61 -37.03
CA THR D 678 -53.80 -93.39 -36.65
C THR D 678 -54.87 -93.05 -37.66
N ASP D 679 -54.65 -93.40 -38.93
CA ASP D 679 -55.65 -93.17 -39.95
C ASP D 679 -56.82 -94.13 -39.78
N ILE D 680 -56.59 -95.36 -39.30
CA ILE D 680 -57.74 -96.18 -38.89
C ILE D 680 -58.54 -95.50 -37.79
N ARG D 681 -57.86 -94.95 -36.78
CA ARG D 681 -58.61 -94.33 -35.70
C ARG D 681 -59.41 -93.13 -36.22
N LYS D 682 -58.84 -92.38 -37.17
CA LYS D 682 -59.58 -91.29 -37.79
C LYS D 682 -60.74 -91.80 -38.63
N GLY D 683 -60.52 -92.84 -39.42
CA GLY D 683 -61.59 -93.39 -40.22
C GLY D 683 -62.74 -93.84 -39.36
N HIS D 684 -62.43 -94.50 -38.25
CA HIS D 684 -63.47 -94.94 -37.34
C HIS D 684 -64.21 -93.75 -36.73
N MET D 685 -63.48 -92.73 -36.25
CA MET D 685 -64.15 -91.58 -35.65
C MET D 685 -65.03 -90.85 -36.66
N CYS D 686 -64.52 -90.61 -37.88
CA CYS D 686 -65.32 -89.89 -38.87
C CYS D 686 -66.52 -90.71 -39.34
N ASN D 687 -66.29 -91.96 -39.71
CA ASN D 687 -67.30 -92.76 -40.40
C ASN D 687 -68.11 -93.63 -39.45
N ALA D 688 -67.95 -93.46 -38.13
CA ALA D 688 -68.88 -94.01 -37.15
C ALA D 688 -69.74 -92.94 -36.50
N LYS D 689 -69.52 -91.66 -36.82
CA LYS D 689 -70.50 -90.62 -36.57
C LYS D 689 -71.25 -90.23 -37.83
N LEU D 690 -70.75 -90.60 -39.01
CA LEU D 690 -71.46 -90.35 -40.25
C LEU D 690 -72.70 -91.24 -40.35
N LEU D 691 -72.55 -92.52 -40.06
CA LEU D 691 -73.63 -93.50 -40.14
C LEU D 691 -74.06 -93.93 -38.74
N ARG D 692 -74.03 -92.97 -37.81
CA ARG D 692 -74.38 -93.24 -36.41
C ARG D 692 -75.78 -93.81 -36.27
N ASN D 693 -76.72 -93.35 -37.10
CA ASN D 693 -78.12 -93.74 -36.92
C ASN D 693 -78.34 -95.23 -37.18
N MET D 694 -77.65 -95.79 -38.16
CA MET D 694 -77.90 -97.19 -38.57
C MET D 694 -77.45 -98.19 -37.51
N PRO D 695 -78.34 -99.10 -37.02
CA PRO D 695 -77.88 -100.12 -36.07
C PRO D 695 -77.38 -101.41 -36.71
N GLU D 696 -77.68 -101.64 -37.99
CA GLU D 696 -77.43 -102.95 -38.59
C GLU D 696 -75.95 -103.35 -38.58
N PHE D 697 -75.04 -102.39 -38.66
CA PHE D 697 -73.60 -102.68 -38.69
C PHE D 697 -72.92 -102.61 -37.32
N SER D 698 -73.63 -102.16 -36.29
CA SER D 698 -73.00 -101.74 -35.03
C SER D 698 -72.11 -102.82 -34.42
N GLY D 699 -72.53 -104.08 -34.45
CA GLY D 699 -71.76 -105.15 -33.85
C GLY D 699 -70.40 -105.36 -34.50
N VAL D 700 -70.42 -105.59 -35.81
CA VAL D 700 -69.19 -105.76 -36.58
C VAL D 700 -68.31 -104.53 -36.43
N LEU D 701 -68.93 -103.34 -36.48
CA LEU D 701 -68.18 -102.09 -36.32
C LEU D 701 -67.48 -102.04 -34.97
N HIS D 702 -68.19 -102.43 -33.91
CA HIS D 702 -67.62 -102.33 -32.58
C HIS D 702 -66.46 -103.28 -32.40
N GLN D 703 -66.58 -104.53 -32.87
CA GLN D 703 -65.44 -105.43 -32.76
C GLN D 703 -64.27 -104.92 -33.58
N CYS D 704 -64.54 -104.33 -34.75
CA CYS D 704 -63.44 -103.78 -35.54
C CYS D 704 -62.72 -102.70 -34.76
N HIS D 705 -63.46 -101.86 -34.04
CA HIS D 705 -62.81 -100.81 -33.26
C HIS D 705 -62.02 -101.36 -32.08
N ILE D 706 -62.52 -102.41 -31.42
CA ILE D 706 -61.73 -102.99 -30.32
C ILE D 706 -60.44 -103.58 -30.89
N LEU D 707 -60.53 -104.26 -32.03
CA LEU D 707 -59.35 -104.80 -32.68
C LEU D 707 -58.37 -103.70 -33.04
N ALA D 708 -58.88 -102.58 -33.55
CA ALA D 708 -58.01 -101.47 -33.92
C ALA D 708 -57.26 -100.93 -32.70
N SER D 709 -57.97 -100.72 -31.60
CA SER D 709 -57.33 -100.20 -30.40
C SER D 709 -56.25 -101.14 -29.87
N GLU D 710 -56.43 -102.45 -30.07
CA GLU D 710 -55.40 -103.39 -29.65
C GLU D 710 -54.08 -103.13 -30.39
N MET D 711 -54.15 -102.79 -31.67
CA MET D 711 -52.94 -102.47 -32.42
C MET D 711 -52.40 -101.09 -32.05
N VAL D 712 -53.30 -100.15 -31.77
CA VAL D 712 -52.88 -98.80 -31.36
C VAL D 712 -51.96 -98.87 -30.15
N HIS D 713 -52.34 -99.67 -29.15
CA HIS D 713 -51.51 -99.82 -27.97
C HIS D 713 -50.11 -100.29 -28.30
N PHE D 714 -50.01 -101.40 -29.04
CA PHE D 714 -48.72 -102.03 -29.29
C PHE D 714 -47.79 -101.10 -30.04
N ILE D 715 -48.28 -100.49 -31.11
CA ILE D 715 -47.40 -99.70 -31.94
C ILE D 715 -46.99 -98.43 -31.21
N HIS D 716 -47.91 -97.79 -30.49
CA HIS D 716 -47.58 -96.49 -29.93
C HIS D 716 -46.63 -96.66 -28.74
N GLN D 717 -46.78 -97.76 -27.99
CA GLN D 717 -45.81 -98.05 -26.93
C GLN D 717 -44.44 -98.35 -27.51
N MET D 718 -44.38 -99.12 -28.61
CA MET D 718 -43.09 -99.39 -29.22
C MET D 718 -42.46 -98.11 -29.76
N GLN D 719 -43.30 -97.17 -30.21
CA GLN D 719 -42.80 -95.89 -30.69
C GLN D 719 -42.18 -95.08 -29.56
N TYR D 720 -42.70 -95.19 -28.32
CA TYR D 720 -41.98 -94.61 -27.19
C TYR D 720 -40.70 -95.36 -26.85
N TYR D 721 -40.67 -96.69 -27.03
CA TYR D 721 -39.44 -97.42 -26.76
C TYR D 721 -38.31 -96.91 -27.65
N ILE D 722 -38.60 -96.76 -28.94
CA ILE D 722 -37.59 -96.28 -29.88
C ILE D 722 -37.16 -94.87 -29.52
N THR D 723 -38.06 -94.06 -28.96
CA THR D 723 -37.73 -92.69 -28.64
C THR D 723 -36.78 -92.60 -27.46
N PHE D 724 -37.13 -93.23 -26.34
CA PHE D 724 -36.45 -92.96 -25.09
C PHE D 724 -35.38 -93.97 -24.70
N GLU D 725 -35.28 -95.11 -25.39
CA GLU D 725 -34.15 -96.01 -25.17
C GLU D 725 -33.26 -96.08 -26.40
N VAL D 726 -33.83 -96.38 -27.56
CA VAL D 726 -33.01 -96.83 -28.68
C VAL D 726 -32.16 -95.69 -29.22
N LEU D 727 -32.71 -94.48 -29.27
CA LEU D 727 -32.11 -93.37 -30.00
C LEU D 727 -31.59 -92.28 -29.06
N GLU D 728 -32.41 -91.80 -28.12
CA GLU D 728 -31.98 -90.66 -27.30
C GLU D 728 -30.85 -91.05 -26.36
N CYS D 729 -30.95 -92.21 -25.70
CA CYS D 729 -29.94 -92.63 -24.75
C CYS D 729 -28.68 -93.15 -25.43
N SER D 730 -28.81 -93.65 -26.66
CA SER D 730 -27.65 -94.01 -27.46
C SER D 730 -26.96 -92.78 -28.06
N TRP D 731 -27.71 -91.69 -28.24
CA TRP D 731 -27.12 -90.45 -28.73
C TRP D 731 -26.42 -89.65 -27.64
N ASP D 732 -26.97 -89.65 -26.43
CA ASP D 732 -26.32 -88.94 -25.33
C ASP D 732 -24.90 -89.44 -25.17
N GLU D 733 -24.72 -90.75 -25.33
CA GLU D 733 -23.39 -91.35 -25.28
C GLU D 733 -22.49 -90.73 -26.34
N LEU D 734 -23.01 -90.60 -27.56
CA LEU D 734 -22.22 -90.09 -28.67
C LEU D 734 -21.76 -88.66 -28.42
N TRP D 735 -22.71 -87.76 -28.13
CA TRP D 735 -22.33 -86.37 -27.89
C TRP D 735 -21.40 -86.23 -26.70
N ASN D 736 -21.61 -87.02 -25.64
CA ASN D 736 -20.74 -86.91 -24.49
C ASN D 736 -19.32 -87.36 -24.83
N LYS D 737 -19.17 -88.45 -25.59
CA LYS D 737 -17.81 -88.88 -25.90
C LYS D 737 -17.16 -88.05 -27.00
N VAL D 738 -17.91 -87.33 -27.81
CA VAL D 738 -17.33 -86.54 -28.89
C VAL D 738 -16.96 -85.14 -28.42
N GLN D 739 -17.77 -84.54 -27.54
CA GLN D 739 -17.43 -83.21 -27.02
C GLN D 739 -16.10 -83.24 -26.28
N GLN D 740 -15.85 -84.30 -25.52
CA GLN D 740 -14.64 -84.39 -24.71
C GLN D 740 -13.42 -84.73 -25.56
N ALA D 741 -13.63 -85.51 -26.61
CA ALA D 741 -12.54 -86.13 -27.35
C ALA D 741 -11.56 -85.11 -27.91
N GLN D 742 -10.28 -85.46 -27.86
CA GLN D 742 -9.20 -84.58 -28.26
C GLN D 742 -8.61 -84.92 -29.63
N ASP D 743 -8.95 -86.09 -30.20
CA ASP D 743 -8.32 -86.54 -31.44
C ASP D 743 -9.33 -87.20 -32.38
N LEU D 744 -9.05 -87.06 -33.67
CA LEU D 744 -9.89 -87.69 -34.69
C LEU D 744 -9.89 -89.20 -34.56
N ASP D 745 -8.77 -89.78 -34.10
CA ASP D 745 -8.76 -91.23 -33.95
C ASP D 745 -9.74 -91.69 -32.88
N HIS D 746 -10.08 -90.82 -31.92
CA HIS D 746 -11.14 -91.15 -30.98
C HIS D 746 -12.50 -90.79 -31.55
N ILE D 747 -12.56 -89.74 -32.38
CA ILE D 747 -13.86 -89.30 -32.90
C ILE D 747 -14.12 -90.00 -34.24
N ILE D 748 -13.44 -91.12 -34.48
CA ILE D 748 -13.83 -92.10 -35.49
C ILE D 748 -14.39 -93.37 -34.88
N ALA D 749 -14.59 -93.41 -33.56
CA ALA D 749 -15.00 -94.62 -32.87
C ALA D 749 -16.29 -94.43 -32.08
N ALA D 750 -16.48 -93.26 -31.48
CA ALA D 750 -17.79 -92.95 -30.92
C ALA D 750 -18.86 -93.01 -32.00
N HIS D 751 -18.48 -92.67 -33.24
CA HIS D 751 -19.42 -92.73 -34.35
C HIS D 751 -19.81 -94.17 -34.62
N GLU D 752 -18.81 -95.05 -34.61
CA GLU D 752 -18.98 -96.46 -34.89
C GLU D 752 -19.70 -97.18 -33.75
N VAL D 753 -19.76 -96.57 -32.57
CA VAL D 753 -20.63 -97.05 -31.50
C VAL D 753 -22.05 -96.52 -31.66
N PHE D 754 -22.19 -95.23 -31.99
CA PHE D 754 -23.53 -94.70 -32.24
C PHE D 754 -24.23 -95.39 -33.39
N LEU D 755 -23.51 -96.05 -34.28
CA LEU D 755 -24.13 -96.84 -35.35
C LEU D 755 -24.39 -98.27 -34.91
N ASP D 756 -23.34 -98.94 -34.42
CA ASP D 756 -23.44 -100.35 -34.05
C ASP D 756 -24.43 -100.57 -32.92
N THR D 757 -24.53 -99.62 -31.98
CA THR D 757 -25.43 -99.77 -30.86
C THR D 757 -26.89 -99.74 -31.32
N ILE D 758 -27.23 -98.73 -32.14
CA ILE D 758 -28.61 -98.62 -32.62
C ILE D 758 -28.98 -99.83 -33.45
N ILE D 759 -28.08 -100.26 -34.35
CA ILE D 759 -28.46 -101.38 -35.22
C ILE D 759 -28.53 -102.68 -34.41
N SER D 760 -27.71 -102.81 -33.36
CA SER D 760 -27.78 -104.00 -32.52
C SER D 760 -29.08 -104.06 -31.73
N ARG D 761 -29.56 -102.91 -31.23
CA ARG D 761 -30.75 -102.91 -30.40
C ARG D 761 -32.06 -102.77 -31.16
N CYS D 762 -32.02 -102.46 -32.46
CA CYS D 762 -33.25 -102.41 -33.25
C CYS D 762 -33.70 -103.77 -33.78
N LEU D 763 -32.97 -104.85 -33.46
CA LEU D 763 -33.18 -106.21 -33.96
C LEU D 763 -32.75 -106.33 -35.41
N LEU D 764 -32.16 -105.28 -36.01
CA LEU D 764 -31.62 -105.39 -37.36
C LEU D 764 -30.36 -106.25 -37.40
N ASP D 765 -29.70 -106.45 -36.26
CA ASP D 765 -28.52 -107.28 -36.22
C ASP D 765 -28.85 -108.73 -36.62
N SER D 766 -27.83 -109.40 -37.17
CA SER D 766 -28.04 -110.70 -37.81
C SER D 766 -28.52 -111.75 -36.81
N ASP D 767 -28.03 -111.69 -35.58
CA ASP D 767 -28.27 -112.76 -34.62
C ASP D 767 -29.76 -112.95 -34.32
N SER D 768 -30.55 -111.86 -34.38
CA SER D 768 -31.93 -111.86 -33.92
C SER D 768 -32.90 -111.44 -35.01
N ARG D 769 -32.79 -112.05 -36.18
CA ARG D 769 -33.64 -111.64 -37.31
C ARG D 769 -35.07 -112.15 -37.18
N ALA D 770 -35.28 -113.31 -36.56
CA ALA D 770 -36.63 -113.89 -36.49
C ALA D 770 -37.62 -112.96 -35.79
N LEU D 771 -37.17 -112.28 -34.73
CA LEU D 771 -38.05 -111.34 -34.03
C LEU D 771 -38.51 -110.24 -34.99
N LEU D 772 -37.59 -109.72 -35.79
CA LEU D 772 -37.97 -108.74 -36.81
C LEU D 772 -38.84 -109.35 -37.88
N ASN D 773 -38.59 -110.61 -38.25
CA ASN D 773 -39.42 -111.31 -39.23
C ASN D 773 -40.87 -111.35 -38.76
N GLN D 774 -41.07 -111.41 -37.44
CA GLN D 774 -42.42 -111.33 -36.91
C GLN D 774 -42.94 -109.90 -36.72
N LEU D 775 -42.06 -108.96 -36.40
CA LEU D 775 -42.50 -107.57 -36.30
C LEU D 775 -43.06 -107.09 -37.64
N ARG D 776 -42.43 -107.54 -38.74
CA ARG D 776 -42.98 -107.30 -40.06
C ARG D 776 -44.39 -107.88 -40.16
N ALA D 777 -44.60 -109.08 -39.65
CA ALA D 777 -45.92 -109.71 -39.72
C ALA D 777 -46.97 -108.89 -38.97
N VAL D 778 -46.59 -108.32 -37.83
CA VAL D 778 -47.51 -107.46 -37.09
C VAL D 778 -47.90 -106.26 -37.95
N PHE D 779 -46.92 -105.67 -38.63
CA PHE D 779 -47.24 -104.55 -39.51
C PHE D 779 -48.12 -104.99 -40.69
N ASP D 780 -47.86 -106.18 -41.23
CA ASP D 780 -48.69 -106.71 -42.31
C ASP D 780 -50.14 -106.88 -41.86
N GLN D 781 -50.33 -107.34 -40.62
CA GLN D 781 -51.69 -107.43 -40.09
C GLN D 781 -52.33 -106.05 -39.94
N ILE D 782 -51.55 -105.04 -39.58
CA ILE D 782 -52.11 -103.68 -39.58
C ILE D 782 -52.58 -103.33 -40.99
N ILE D 783 -51.81 -103.73 -42.01
CA ILE D 783 -52.22 -103.46 -43.39
C ILE D 783 -53.46 -104.26 -43.77
N GLU D 784 -53.54 -105.51 -43.31
CA GLU D 784 -54.72 -106.31 -43.62
C GLU D 784 -55.95 -105.70 -42.97
N LEU D 785 -55.80 -105.16 -41.77
CA LEU D 785 -56.91 -104.47 -41.14
C LEU D 785 -57.27 -103.21 -41.92
N GLN D 786 -56.26 -102.50 -42.46
CA GLN D 786 -56.56 -101.35 -43.32
C GLN D 786 -57.48 -101.78 -44.47
N ASN D 787 -57.07 -102.83 -45.18
CA ASN D 787 -57.76 -103.28 -46.39
C ASN D 787 -59.18 -103.71 -46.04
N ALA D 788 -59.29 -104.62 -45.06
CA ALA D 788 -60.62 -105.08 -44.63
C ALA D 788 -61.51 -103.92 -44.23
N GLN D 789 -61.01 -103.06 -43.32
CA GLN D 789 -61.84 -101.99 -42.78
C GLN D 789 -62.33 -101.06 -43.88
N ASP D 790 -61.43 -100.67 -44.80
CA ASP D 790 -61.84 -99.79 -45.87
C ASP D 790 -62.87 -100.46 -46.78
N ALA D 791 -62.72 -101.77 -47.02
CA ALA D 791 -63.73 -102.46 -47.81
C ALA D 791 -65.09 -102.45 -47.12
N ILE D 792 -65.11 -102.75 -45.82
CA ILE D 792 -66.36 -102.80 -45.07
C ILE D 792 -67.02 -101.42 -45.07
N TYR D 793 -66.23 -100.38 -44.80
CA TYR D 793 -66.79 -99.03 -44.76
C TYR D 793 -67.21 -98.56 -46.15
N ARG D 794 -66.53 -99.01 -47.20
CA ARG D 794 -66.97 -98.70 -48.56
C ARG D 794 -68.34 -99.30 -48.82
N ALA D 795 -68.53 -100.56 -48.46
CA ALA D 795 -69.84 -101.20 -48.66
C ALA D 795 -70.92 -100.48 -47.86
N ALA D 796 -70.63 -100.17 -46.60
CA ALA D 796 -71.62 -99.48 -45.76
C ALA D 796 -71.89 -98.06 -46.26
N LEU D 797 -70.87 -97.39 -46.80
CA LEU D 797 -71.05 -96.04 -47.29
C LEU D 797 -71.90 -96.04 -48.56
N GLU D 798 -71.63 -96.98 -49.48
CA GLU D 798 -72.42 -97.00 -50.70
C GLU D 798 -73.86 -97.43 -50.43
N GLU D 799 -74.09 -98.38 -49.52
CA GLU D 799 -75.49 -98.71 -49.24
C GLU D 799 -76.16 -97.53 -48.53
N LEU D 800 -75.41 -96.79 -47.71
CA LEU D 800 -75.96 -95.59 -47.09
C LEU D 800 -76.37 -94.57 -48.16
N GLN D 801 -75.52 -94.38 -49.15
CA GLN D 801 -75.88 -93.48 -50.24
C GLN D 801 -77.09 -94.02 -51.00
N ARG D 802 -77.19 -95.34 -51.13
CA ARG D 802 -78.37 -95.93 -51.77
C ARG D 802 -79.61 -95.66 -50.93
N ARG D 803 -79.49 -95.78 -49.60
CA ARG D 803 -80.62 -95.51 -48.73
C ARG D 803 -81.01 -94.04 -48.79
N LEU D 804 -80.03 -93.15 -48.97
CA LEU D 804 -80.31 -91.73 -49.04
C LEU D 804 -80.95 -91.33 -50.36
N GLN D 805 -80.46 -91.88 -51.47
CA GLN D 805 -81.15 -91.62 -52.73
C GLN D 805 -82.52 -92.28 -52.75
N PHE D 806 -82.72 -93.35 -51.98
CA PHE D 806 -84.07 -93.89 -51.80
C PHE D 806 -84.91 -92.98 -50.93
N GLU D 807 -84.30 -92.35 -49.91
CA GLU D 807 -85.02 -91.43 -49.04
C GLU D 807 -85.60 -90.27 -49.86
N GLU D 808 -84.79 -89.71 -50.75
CA GLU D 808 -85.33 -88.69 -51.66
C GLU D 808 -86.23 -89.30 -52.74
N LYS D 809 -85.99 -90.56 -53.14
CA LYS D 809 -86.87 -91.20 -54.10
C LYS D 809 -88.27 -91.34 -53.54
N LYS D 810 -88.40 -91.39 -52.20
CA LYS D 810 -89.74 -91.37 -51.59
C LYS D 810 -90.53 -90.17 -52.06
N LYS D 811 -89.92 -88.96 -52.05
CA LYS D 811 -90.67 -87.78 -52.44
C LYS D 811 -90.77 -87.61 -53.96
N GLN D 812 -89.75 -87.96 -54.76
CA GLN D 812 -90.03 -87.93 -56.20
C GLN D 812 -91.04 -88.99 -56.63
N ARG D 813 -91.28 -90.03 -55.82
CA ARG D 813 -92.31 -91.01 -56.13
C ARG D 813 -93.69 -90.52 -55.68
N GLU D 814 -93.80 -90.01 -54.46
CA GLU D 814 -95.08 -89.51 -53.97
C GLU D 814 -95.55 -88.31 -54.77
N ILE D 815 -94.68 -87.31 -54.95
CA ILE D 815 -95.00 -86.09 -55.69
C ILE D 815 -94.08 -85.95 -56.89
N ALA D 823 -96.59 -101.01 -53.60
CA ALA D 823 -95.13 -101.06 -53.57
C ALA D 823 -94.58 -101.49 -54.93
N ALA D 824 -94.03 -100.53 -55.66
CA ALA D 824 -93.39 -100.81 -56.94
C ALA D 824 -91.94 -101.25 -56.77
N GLU D 825 -91.20 -100.59 -55.85
CA GLU D 825 -89.84 -100.98 -55.55
C GLU D 825 -89.53 -100.89 -54.06
N GLU D 826 -90.54 -100.77 -53.20
CA GLU D 826 -90.30 -100.86 -51.77
C GLU D 826 -90.04 -102.31 -51.38
N GLU D 827 -90.72 -103.26 -52.03
CA GLU D 827 -90.43 -104.66 -51.77
C GLU D 827 -89.02 -105.03 -52.19
N GLU D 828 -88.54 -104.54 -53.34
CA GLU D 828 -87.16 -104.85 -53.71
C GLU D 828 -86.18 -104.10 -52.83
N GLU D 829 -86.55 -102.93 -52.29
CA GLU D 829 -85.72 -102.30 -51.26
C GLU D 829 -85.65 -103.18 -50.02
N ASN D 830 -86.75 -103.84 -49.67
CA ASN D 830 -86.72 -104.78 -48.55
C ASN D 830 -85.86 -105.99 -48.86
N LYS D 831 -85.82 -106.41 -50.13
CA LYS D 831 -84.88 -107.46 -50.50
C LYS D 831 -83.44 -106.97 -50.39
N ARG D 832 -83.21 -105.68 -50.65
CA ARG D 832 -81.86 -105.15 -50.47
C ARG D 832 -81.44 -105.16 -49.00
N ILE D 833 -82.34 -104.76 -48.09
CA ILE D 833 -81.97 -104.79 -46.68
C ILE D 833 -81.80 -106.23 -46.21
N GLY D 834 -82.61 -107.15 -46.74
CA GLY D 834 -82.40 -108.56 -46.43
C GLY D 834 -81.04 -109.06 -46.89
N GLU D 835 -80.62 -108.65 -48.09
CA GLU D 835 -79.32 -109.05 -48.62
C GLU D 835 -78.20 -108.52 -47.74
N PHE D 836 -78.30 -107.25 -47.34
CA PHE D 836 -77.24 -106.68 -46.51
C PHE D 836 -77.22 -107.33 -45.13
N LYS D 837 -78.41 -107.64 -44.59
CA LYS D 837 -78.49 -108.26 -43.28
C LYS D 837 -77.89 -109.67 -43.30
N GLU D 838 -78.07 -110.41 -44.39
CA GLU D 838 -77.47 -111.73 -44.49
C GLU D 838 -76.02 -111.67 -44.97
N SER D 839 -75.56 -110.51 -45.44
CA SER D 839 -74.14 -110.31 -45.66
C SER D 839 -73.40 -109.93 -44.38
N ILE D 840 -74.10 -109.45 -43.36
CA ILE D 840 -73.46 -109.09 -42.08
C ILE D 840 -72.60 -110.23 -41.55
N PRO D 841 -73.08 -111.49 -41.48
CA PRO D 841 -72.23 -112.56 -40.92
C PRO D 841 -70.93 -112.81 -41.69
N LYS D 842 -70.86 -112.56 -42.99
CA LYS D 842 -69.60 -112.78 -43.68
C LYS D 842 -68.56 -111.77 -43.24
N MET D 843 -68.97 -110.51 -43.09
CA MET D 843 -68.06 -109.50 -42.58
C MET D 843 -67.64 -109.88 -41.16
N CYS D 844 -68.61 -110.37 -40.39
CA CYS D 844 -68.37 -110.81 -39.02
C CYS D 844 -67.27 -111.87 -38.97
N SER D 845 -67.38 -112.91 -39.80
CA SER D 845 -66.40 -113.98 -39.82
C SER D 845 -65.01 -113.46 -40.22
N GLN D 846 -64.97 -112.56 -41.22
CA GLN D 846 -63.68 -111.97 -41.59
C GLN D 846 -63.02 -111.28 -40.40
N LEU D 847 -63.80 -110.49 -39.66
CA LEU D 847 -63.23 -109.84 -38.47
C LEU D 847 -62.77 -110.84 -37.43
N ARG D 848 -63.53 -111.90 -37.16
CA ARG D 848 -63.05 -112.84 -36.14
C ARG D 848 -61.74 -113.50 -36.55
N ILE D 849 -61.60 -113.89 -37.81
CA ILE D 849 -60.37 -114.59 -38.21
C ILE D 849 -59.17 -113.64 -38.13
N LEU D 850 -59.35 -112.38 -38.58
CA LEU D 850 -58.25 -111.43 -38.49
C LEU D 850 -57.89 -111.18 -37.03
N THR D 851 -58.91 -110.97 -36.18
CA THR D 851 -58.71 -110.78 -34.75
C THR D 851 -57.86 -111.89 -34.16
N HIS D 852 -58.30 -113.14 -34.32
CA HIS D 852 -57.62 -114.25 -33.66
C HIS D 852 -56.20 -114.41 -34.20
N PHE D 853 -56.00 -114.20 -35.50
CA PHE D 853 -54.65 -114.34 -36.05
C PHE D 853 -53.72 -113.28 -35.45
N TYR D 854 -54.23 -112.06 -35.25
CA TYR D 854 -53.44 -111.02 -34.57
C TYR D 854 -53.17 -111.33 -33.10
N GLN D 855 -54.18 -111.83 -32.38
CA GLN D 855 -53.95 -112.18 -30.98
C GLN D 855 -52.88 -113.26 -30.88
N GLY D 856 -52.93 -114.25 -31.79
CA GLY D 856 -51.96 -115.33 -31.76
C GLY D 856 -50.59 -114.97 -32.28
N ILE D 857 -50.46 -113.91 -33.07
CA ILE D 857 -49.11 -113.50 -33.47
C ILE D 857 -48.46 -112.71 -32.34
N VAL D 858 -49.21 -111.79 -31.71
CA VAL D 858 -48.63 -111.02 -30.61
C VAL D 858 -48.33 -111.94 -29.43
N GLN D 859 -49.12 -113.01 -29.28
CA GLN D 859 -48.86 -113.95 -28.19
C GLN D 859 -47.48 -114.57 -28.31
N GLN D 860 -47.11 -115.08 -29.49
CA GLN D 860 -45.79 -115.71 -29.60
C GLN D 860 -44.71 -114.63 -29.64
N PHE D 861 -45.04 -113.41 -30.11
CA PHE D 861 -44.02 -112.35 -30.11
C PHE D 861 -43.60 -112.01 -28.69
N LEU D 862 -44.57 -111.90 -27.77
CA LEU D 862 -44.21 -111.54 -26.40
C LEU D 862 -43.33 -112.58 -25.74
N VAL D 863 -43.52 -113.87 -26.06
CA VAL D 863 -42.73 -114.94 -25.46
C VAL D 863 -41.50 -115.29 -26.29
N LEU D 864 -41.33 -114.73 -27.48
CA LEU D 864 -40.12 -114.97 -28.27
C LEU D 864 -38.88 -114.33 -27.66
N LEU D 865 -39.03 -113.47 -26.66
CA LEU D 865 -37.90 -112.88 -25.96
C LEU D 865 -37.25 -113.92 -25.04
N THR D 866 -36.65 -114.96 -25.63
CA THR D 866 -36.03 -116.01 -24.84
C THR D 866 -34.74 -115.52 -24.19
N THR D 867 -33.79 -115.08 -25.02
CA THR D 867 -32.63 -114.34 -24.56
C THR D 867 -32.27 -113.36 -25.66
N SER D 868 -32.84 -112.16 -25.60
CA SER D 868 -32.77 -111.19 -26.69
C SER D 868 -31.93 -110.01 -26.25
N SER D 869 -30.65 -110.01 -26.63
CA SER D 869 -29.68 -108.97 -26.31
C SER D 869 -29.75 -108.50 -24.86
N ASP D 870 -30.05 -109.42 -23.96
CA ASP D 870 -30.06 -109.23 -22.50
C ASP D 870 -30.94 -108.03 -22.14
N GLU D 871 -30.45 -107.08 -21.34
CA GLU D 871 -31.31 -106.14 -20.64
C GLU D 871 -32.02 -105.19 -21.59
N SER D 872 -31.29 -104.73 -22.63
CA SER D 872 -31.76 -103.67 -23.51
C SER D 872 -33.13 -103.99 -24.10
N LEU D 873 -33.26 -105.15 -24.72
CA LEU D 873 -34.54 -105.54 -25.29
C LEU D 873 -35.39 -106.29 -24.27
N ARG D 874 -34.81 -106.77 -23.16
CA ARG D 874 -35.65 -107.28 -22.08
C ARG D 874 -36.57 -106.20 -21.52
N PHE D 875 -36.15 -104.94 -21.60
CA PHE D 875 -36.98 -103.84 -21.10
C PHE D 875 -38.32 -103.76 -21.82
N LEU D 876 -38.34 -104.06 -23.12
CA LEU D 876 -39.58 -103.97 -23.88
C LEU D 876 -40.61 -104.97 -23.38
N SER D 877 -40.15 -106.11 -22.84
CA SER D 877 -41.06 -107.11 -22.30
C SER D 877 -41.98 -106.52 -21.24
N PHE D 878 -41.47 -105.56 -20.47
CA PHE D 878 -42.28 -104.87 -19.47
C PHE D 878 -43.04 -103.70 -20.07
N ARG D 879 -42.42 -102.94 -20.97
CA ARG D 879 -43.14 -101.82 -21.58
C ARG D 879 -44.41 -102.28 -22.30
N LEU D 880 -44.31 -103.33 -23.11
CA LEU D 880 -45.47 -103.78 -23.87
C LEU D 880 -46.56 -104.30 -22.93
N ASP D 881 -46.18 -104.96 -21.85
CA ASP D 881 -47.08 -105.71 -20.99
C ASP D 881 -47.05 -105.15 -19.58
N PHE D 882 -47.14 -103.82 -19.48
CA PHE D 882 -47.31 -103.17 -18.18
C PHE D 882 -48.44 -103.75 -17.36
N ASN D 883 -49.64 -103.85 -17.93
CA ASN D 883 -50.82 -104.13 -17.12
C ASN D 883 -50.96 -105.60 -16.76
N GLU D 884 -50.07 -106.46 -17.27
CA GLU D 884 -50.22 -107.90 -17.12
C GLU D 884 -51.59 -108.32 -17.69
N HIS D 885 -51.99 -107.65 -18.78
CA HIS D 885 -53.18 -107.95 -19.55
C HIS D 885 -52.85 -108.78 -20.79
N TYR D 886 -51.61 -109.25 -20.90
CA TYR D 886 -51.23 -110.31 -21.83
C TYR D 886 -50.11 -111.09 -21.17
N LYS D 887 -50.10 -112.41 -21.38
CA LYS D 887 -49.01 -113.27 -20.91
C LYS D 887 -49.01 -113.46 -19.40
N ALA D 888 -49.97 -112.88 -18.67
CA ALA D 888 -50.20 -113.29 -17.30
C ALA D 888 -50.55 -114.76 -17.24
N ARG D 889 -51.34 -115.18 -18.22
CA ARG D 889 -51.66 -116.57 -18.50
C ARG D 889 -51.38 -116.75 -19.99
N GLU D 890 -50.94 -117.95 -20.37
CA GLU D 890 -50.88 -118.27 -21.80
C GLU D 890 -52.21 -118.01 -22.50
N PRO D 891 -53.37 -118.36 -21.92
CA PRO D 891 -54.63 -117.72 -22.33
C PRO D 891 -54.51 -116.20 -22.40
N ARG D 892 -54.85 -115.61 -23.54
CA ARG D 892 -54.76 -114.15 -23.65
C ARG D 892 -55.73 -113.46 -22.71
N LEU D 893 -55.37 -112.25 -22.29
CA LEU D 893 -56.23 -111.40 -21.46
C LEU D 893 -56.54 -110.09 -22.16
N LEU E 150 25.85 -76.81 -86.68
CA LEU E 150 24.85 -77.84 -86.91
C LEU E 150 23.59 -77.21 -87.51
N GLN E 151 23.36 -77.50 -88.80
CA GLN E 151 22.31 -76.82 -89.54
C GLN E 151 20.93 -77.14 -88.94
N GLN E 152 20.77 -78.36 -88.43
CA GLN E 152 19.57 -78.85 -87.75
C GLN E 152 19.01 -77.81 -86.79
N SER E 153 19.90 -77.13 -86.06
CA SER E 153 19.47 -76.05 -85.18
C SER E 153 18.80 -74.93 -85.97
N LEU E 154 19.35 -74.58 -87.14
CA LEU E 154 18.69 -73.56 -87.95
C LEU E 154 17.30 -74.00 -88.42
N GLU E 155 17.12 -75.27 -88.79
CA GLU E 155 15.75 -75.70 -89.11
C GLU E 155 14.83 -75.61 -87.89
N LEU E 156 15.32 -76.00 -86.70
CA LEU E 156 14.50 -75.82 -85.49
C LEU E 156 14.12 -74.35 -85.30
N LYS E 157 15.10 -73.46 -85.47
CA LYS E 157 14.85 -72.03 -85.33
C LYS E 157 13.82 -71.55 -86.33
N ARG E 158 13.93 -72.01 -87.57
CA ARG E 158 13.02 -71.58 -88.62
C ARG E 158 11.60 -71.98 -88.26
N LYS E 159 11.43 -73.22 -87.77
CA LYS E 159 10.10 -73.67 -87.34
C LYS E 159 9.58 -72.82 -86.20
N MET E 160 10.41 -72.53 -85.21
CA MET E 160 9.95 -71.73 -84.07
C MET E 160 9.52 -70.34 -84.51
N LEU E 161 10.33 -69.68 -85.34
CA LEU E 161 9.97 -68.33 -85.77
C LEU E 161 8.71 -68.35 -86.63
N ARG E 162 8.57 -69.35 -87.51
CA ARG E 162 7.40 -69.44 -88.37
C ARG E 162 6.14 -69.61 -87.53
N ASP E 163 6.23 -70.44 -86.49
CA ASP E 163 5.11 -70.59 -85.57
C ASP E 163 4.82 -69.28 -84.84
N LYS E 164 5.88 -68.59 -84.40
CA LYS E 164 5.71 -67.41 -83.56
C LYS E 164 5.01 -66.29 -84.32
N GLN E 165 5.42 -66.05 -85.56
CA GLN E 165 4.98 -64.86 -86.28
C GLN E 165 3.47 -64.86 -86.52
N ASN E 166 2.94 -65.97 -87.04
CA ASN E 166 1.53 -66.01 -87.44
C ASN E 166 0.59 -65.85 -86.24
N LYS E 167 1.01 -66.31 -85.05
CA LYS E 167 0.13 -66.23 -83.89
C LYS E 167 -0.22 -64.79 -83.56
N LYS E 168 0.74 -63.88 -83.65
CA LYS E 168 0.50 -62.44 -83.46
C LYS E 168 1.20 -61.69 -84.58
N ASN E 169 0.40 -61.07 -85.45
CA ASN E 169 0.90 -60.13 -86.44
C ASN E 169 0.64 -58.68 -86.05
N SER E 170 0.11 -58.43 -84.84
CA SER E 170 -0.06 -57.06 -84.38
C SER E 170 1.28 -56.37 -84.22
N GLY E 171 2.24 -57.05 -83.60
CA GLY E 171 3.62 -56.60 -83.55
C GLY E 171 4.41 -57.30 -84.63
N GLN E 172 4.97 -56.52 -85.54
CA GLN E 172 5.62 -57.03 -86.74
C GLN E 172 7.13 -56.96 -86.57
N HIS E 173 7.82 -57.80 -87.34
CA HIS E 173 9.28 -57.87 -87.32
C HIS E 173 9.79 -58.14 -85.91
N LEU E 174 9.39 -59.28 -85.37
CA LEU E 174 9.93 -59.72 -84.09
C LEU E 174 11.46 -59.78 -84.19
N PRO E 175 12.19 -59.39 -83.13
CA PRO E 175 13.65 -59.24 -83.27
C PRO E 175 14.33 -60.53 -83.69
N ILE E 176 15.32 -60.40 -84.56
CA ILE E 176 16.09 -61.52 -85.08
C ILE E 176 17.58 -61.20 -84.99
N PHE E 177 18.36 -62.13 -84.47
CA PHE E 177 19.81 -61.94 -84.48
C PHE E 177 20.38 -62.07 -85.90
N PRO E 178 21.44 -61.33 -86.20
CA PRO E 178 22.10 -61.48 -87.51
C PRO E 178 22.78 -62.85 -87.67
N ALA E 179 23.19 -63.10 -88.92
CA ALA E 179 23.64 -64.43 -89.31
C ALA E 179 25.04 -64.76 -88.78
N TRP E 180 25.96 -63.78 -88.71
CA TRP E 180 27.35 -64.15 -88.43
C TRP E 180 27.47 -64.77 -87.04
N VAL E 181 26.55 -64.43 -86.14
CA VAL E 181 26.59 -64.94 -84.78
C VAL E 181 26.53 -66.45 -84.79
N TYR E 182 25.67 -67.01 -85.64
CA TYR E 182 25.58 -68.46 -85.77
C TYR E 182 26.66 -68.99 -86.71
N GLU E 183 27.01 -68.22 -87.76
CA GLU E 183 27.97 -68.73 -88.74
C GLU E 183 29.36 -68.88 -88.11
N ARG E 184 29.83 -67.86 -87.42
CA ARG E 184 31.15 -67.89 -86.81
C ARG E 184 31.13 -68.85 -85.62
N PRO E 185 32.13 -69.73 -85.46
CA PRO E 185 32.05 -70.73 -84.39
C PRO E 185 32.54 -70.25 -83.04
N ALA E 186 33.24 -69.11 -82.97
CA ALA E 186 33.95 -68.74 -81.76
C ALA E 186 33.11 -67.91 -80.79
N LEU E 187 31.98 -67.33 -81.24
CA LEU E 187 31.01 -66.84 -80.27
C LEU E 187 30.57 -67.97 -79.35
N ILE E 188 30.44 -69.17 -79.91
CA ILE E 188 30.07 -70.34 -79.13
C ILE E 188 31.32 -70.90 -78.45
N GLY E 189 31.11 -71.54 -77.30
CA GLY E 189 32.23 -71.95 -76.45
C GLY E 189 33.14 -73.00 -77.03
N ASP E 190 32.61 -74.20 -77.28
CA ASP E 190 33.42 -75.33 -77.69
C ASP E 190 34.04 -75.08 -79.06
N PHE E 191 35.13 -75.79 -79.33
CA PHE E 191 35.85 -75.70 -80.62
C PHE E 191 36.05 -77.08 -81.22
N ALA E 202 54.75 -81.36 -82.11
CA ALA E 202 54.93 -81.15 -80.67
C ALA E 202 55.88 -82.19 -80.08
N LEU E 203 56.21 -82.03 -78.81
CA LEU E 203 57.13 -82.95 -78.15
C LEU E 203 56.54 -84.35 -78.12
N PRO E 204 57.33 -85.41 -78.32
CA PRO E 204 56.77 -86.77 -78.19
C PRO E 204 56.49 -87.08 -76.73
N ILE E 205 55.23 -87.42 -76.44
CA ILE E 205 54.83 -87.69 -75.06
C ILE E 205 55.46 -88.99 -74.55
N GLY E 206 55.67 -89.97 -75.43
CA GLY E 206 56.07 -91.29 -74.99
C GLY E 206 57.40 -91.32 -74.27
N THR E 207 58.38 -90.55 -74.75
CA THR E 207 59.75 -90.65 -74.28
C THR E 207 60.07 -89.77 -73.08
N LEU E 208 59.12 -88.98 -72.60
CA LEU E 208 59.42 -87.99 -71.56
C LEU E 208 59.50 -88.65 -70.19
N PRO E 209 60.13 -87.98 -69.20
CA PRO E 209 60.07 -88.49 -67.83
C PRO E 209 58.65 -88.50 -67.30
N LEU E 210 58.39 -89.41 -66.36
CA LEU E 210 57.03 -89.63 -65.86
C LEU E 210 56.47 -88.36 -65.21
N ALA E 211 57.29 -87.68 -64.42
CA ALA E 211 56.85 -86.41 -63.83
C ALA E 211 56.60 -85.36 -64.90
N SER E 212 57.40 -85.37 -65.97
CA SER E 212 57.15 -84.47 -67.09
C SER E 212 55.82 -84.77 -67.75
N GLN E 213 55.46 -86.06 -67.82
CA GLN E 213 54.14 -86.42 -68.32
C GLN E 213 53.06 -85.81 -67.46
N GLU E 214 53.24 -85.91 -66.13
CA GLU E 214 52.25 -85.37 -65.20
C GLU E 214 52.12 -83.86 -65.38
N SER E 215 53.24 -83.15 -65.52
CA SER E 215 53.19 -81.70 -65.63
C SER E 215 52.55 -81.28 -66.95
N ALA E 216 52.91 -81.93 -68.06
CA ALA E 216 52.35 -81.57 -69.34
C ALA E 216 50.84 -81.83 -69.38
N VAL E 217 50.40 -82.96 -68.81
CA VAL E 217 48.98 -83.27 -68.89
C VAL E 217 48.19 -82.31 -68.00
N VAL E 218 48.70 -81.93 -66.82
CA VAL E 218 47.93 -80.97 -66.03
C VAL E 218 47.88 -79.63 -66.77
N GLU E 219 48.97 -79.29 -67.48
CA GLU E 219 48.99 -78.04 -68.24
C GLU E 219 47.89 -78.02 -69.31
N ASP E 220 47.86 -79.04 -70.16
CA ASP E 220 46.85 -79.05 -71.23
C ASP E 220 45.44 -79.29 -70.67
N LEU E 221 45.33 -80.01 -69.56
CA LEU E 221 44.04 -80.25 -68.96
C LEU E 221 43.44 -78.94 -68.46
N LEU E 222 44.28 -78.07 -67.89
CA LEU E 222 43.77 -76.80 -67.38
C LEU E 222 43.21 -75.95 -68.51
N TYR E 223 43.72 -76.14 -69.73
CA TYR E 223 43.12 -75.49 -70.90
C TYR E 223 41.81 -76.14 -71.27
N VAL E 224 41.75 -77.47 -71.32
CA VAL E 224 40.49 -78.11 -71.70
C VAL E 224 39.40 -77.89 -70.66
N LEU E 225 39.77 -77.57 -69.42
CA LEU E 225 38.75 -77.29 -68.41
C LEU E 225 37.92 -76.06 -68.80
N VAL E 226 38.51 -75.14 -69.56
CA VAL E 226 37.75 -74.14 -70.31
C VAL E 226 37.60 -74.64 -71.74
N GLY E 227 36.70 -74.01 -72.49
CA GLY E 227 36.33 -74.54 -73.79
C GLY E 227 37.36 -74.29 -74.88
N VAL E 228 38.48 -75.01 -74.82
CA VAL E 228 39.52 -74.91 -75.84
C VAL E 228 40.27 -76.23 -75.92
N ASP E 229 40.72 -76.57 -77.12
CA ASP E 229 41.52 -77.77 -77.33
C ASP E 229 42.81 -77.70 -76.53
N GLY E 230 43.40 -78.87 -76.28
CA GLY E 230 44.65 -79.00 -75.55
C GLY E 230 45.74 -79.61 -76.40
N ARG E 231 46.99 -79.45 -75.97
CA ARG E 231 48.12 -79.98 -76.72
C ARG E 231 48.05 -81.50 -76.86
N TYR E 232 47.69 -82.20 -75.78
CA TYR E 232 47.57 -83.65 -75.78
C TYR E 232 46.13 -84.10 -75.59
N VAL E 233 45.48 -83.69 -74.49
CA VAL E 233 44.05 -83.94 -74.36
C VAL E 233 43.29 -83.05 -75.32
N SER E 234 42.38 -83.65 -76.09
CA SER E 234 41.71 -82.96 -77.18
C SER E 234 40.31 -83.54 -77.37
N ALA E 235 39.47 -82.79 -78.08
CA ALA E 235 38.06 -83.15 -78.30
C ALA E 235 37.81 -83.52 -79.76
N GLN E 236 37.24 -84.70 -79.98
CA GLN E 236 36.78 -85.13 -81.29
C GLN E 236 35.44 -84.47 -81.63
N PRO E 237 35.09 -84.36 -82.93
CA PRO E 237 33.79 -83.78 -83.28
C PRO E 237 32.63 -84.59 -82.71
N LEU E 238 31.59 -83.87 -82.27
CA LEU E 238 30.50 -84.51 -81.54
C LEU E 238 29.73 -85.51 -82.40
N ALA E 239 29.56 -85.21 -83.68
CA ALA E 239 28.87 -86.10 -84.62
C ALA E 239 27.47 -86.47 -84.12
N GLY E 240 27.17 -87.76 -83.94
CA GLY E 240 25.86 -88.15 -83.45
C GLY E 240 25.69 -87.93 -81.96
N ARG E 241 26.70 -88.32 -81.19
CA ARG E 241 26.61 -88.28 -79.74
C ARG E 241 26.70 -86.83 -79.26
N GLN E 242 25.68 -86.37 -78.53
CA GLN E 242 25.58 -84.95 -78.22
C GLN E 242 26.69 -84.51 -77.28
N SER E 243 26.87 -85.23 -76.17
CA SER E 243 27.90 -84.86 -75.20
C SER E 243 29.27 -85.14 -75.81
N ARG E 244 30.15 -84.15 -75.74
CA ARG E 244 31.39 -84.19 -76.52
C ARG E 244 32.38 -85.12 -75.82
N THR E 245 32.59 -86.30 -76.40
CA THR E 245 33.66 -87.16 -75.94
C THR E 245 35.01 -86.61 -76.37
N PHE E 246 36.05 -87.00 -75.64
CA PHE E 246 37.39 -86.47 -75.80
C PHE E 246 38.38 -87.59 -76.09
N LEU E 247 39.52 -87.21 -76.66
CA LEU E 247 40.55 -88.12 -77.13
C LEU E 247 41.84 -87.81 -76.37
N VAL E 248 42.01 -88.45 -75.21
CA VAL E 248 43.28 -88.36 -74.50
C VAL E 248 44.39 -88.90 -75.40
N ASP E 249 45.50 -88.17 -75.45
CA ASP E 249 46.57 -88.47 -76.39
C ASP E 249 47.11 -89.89 -76.17
N PRO E 250 47.32 -90.68 -77.23
CA PRO E 250 47.77 -92.06 -77.03
C PRO E 250 49.17 -92.14 -76.48
N ASN E 251 49.48 -93.32 -75.92
CA ASN E 251 50.77 -93.62 -75.29
C ASN E 251 51.05 -92.72 -74.09
N LEU E 252 50.01 -92.17 -73.48
CA LEU E 252 50.15 -91.46 -72.22
C LEU E 252 50.28 -92.46 -71.08
N ASP E 253 50.71 -91.95 -69.92
CA ASP E 253 50.71 -92.76 -68.70
C ASP E 253 49.35 -93.39 -68.47
N LEU E 254 49.32 -94.72 -68.40
CA LEU E 254 48.08 -95.45 -68.19
C LEU E 254 47.51 -95.23 -66.79
N SER E 255 48.34 -94.87 -65.83
CA SER E 255 47.85 -94.52 -64.50
C SER E 255 47.05 -93.22 -64.55
N ILE E 256 47.61 -92.21 -65.20
CA ILE E 256 46.96 -90.91 -65.30
C ILE E 256 45.87 -90.91 -66.37
N ARG E 257 45.95 -91.84 -67.34
CA ARG E 257 44.90 -91.94 -68.36
C ARG E 257 43.53 -92.13 -67.73
N GLU E 258 43.45 -92.83 -66.60
CA GLU E 258 42.18 -92.95 -65.89
C GLU E 258 41.83 -91.66 -65.17
N LEU E 259 42.79 -91.10 -64.43
CA LEU E 259 42.50 -89.93 -63.60
C LEU E 259 42.02 -88.76 -64.45
N VAL E 260 42.56 -88.62 -65.66
CA VAL E 260 42.02 -87.63 -66.58
C VAL E 260 40.59 -87.97 -66.96
N HIS E 261 40.27 -89.26 -67.12
CA HIS E 261 38.86 -89.58 -67.37
C HIS E 261 37.98 -89.38 -66.13
N ARG E 262 38.57 -89.17 -64.95
CA ARG E 262 37.78 -88.76 -63.78
C ARG E 262 37.65 -87.24 -63.68
N ILE E 263 38.61 -86.50 -64.24
CA ILE E 263 38.60 -85.03 -64.21
C ILE E 263 37.85 -84.45 -65.40
N LEU E 264 38.03 -85.06 -66.56
CA LEU E 264 37.53 -84.65 -67.87
C LEU E 264 36.01 -84.60 -68.04
N PRO E 265 35.19 -85.31 -67.26
CA PRO E 265 33.74 -85.08 -67.34
C PRO E 265 33.33 -83.65 -67.05
N VAL E 266 34.17 -82.83 -66.42
CA VAL E 266 33.82 -81.42 -66.22
C VAL E 266 33.77 -80.69 -67.54
N ALA E 267 34.78 -80.89 -68.39
CA ALA E 267 34.78 -80.21 -69.68
C ALA E 267 33.66 -80.70 -70.58
N ALA E 268 33.26 -81.97 -70.47
CA ALA E 268 32.14 -82.47 -71.24
C ALA E 268 30.81 -82.01 -70.66
N SER E 269 30.75 -81.76 -69.36
CA SER E 269 29.59 -81.19 -68.73
C SER E 269 29.51 -79.68 -68.92
N TYR E 270 30.60 -79.07 -69.37
CA TYR E 270 30.60 -77.66 -69.74
C TYR E 270 30.31 -77.45 -71.21
N SER E 271 30.75 -78.36 -72.08
CA SER E 271 30.42 -78.26 -73.51
C SER E 271 28.92 -78.33 -73.73
N ALA E 272 28.23 -79.13 -72.92
CA ALA E 272 26.77 -79.13 -72.99
C ALA E 272 26.21 -77.74 -72.71
N VAL E 273 26.85 -77.00 -71.81
CA VAL E 273 26.46 -75.61 -71.58
C VAL E 273 26.94 -74.72 -72.72
N THR E 274 28.03 -75.06 -73.40
CA THR E 274 28.47 -74.30 -74.57
C THR E 274 27.61 -74.57 -75.80
N ARG E 275 26.68 -75.52 -75.72
CA ARG E 275 25.66 -75.64 -76.75
C ARG E 275 24.25 -75.43 -76.21
N PHE E 276 24.09 -75.13 -74.93
CA PHE E 276 22.83 -74.66 -74.36
C PHE E 276 22.75 -73.15 -74.22
N ILE E 277 23.73 -72.51 -73.58
CA ILE E 277 23.68 -71.06 -73.36
C ILE E 277 23.96 -70.30 -74.65
N GLU E 278 25.01 -70.70 -75.37
CA GLU E 278 25.34 -70.11 -76.66
C GLU E 278 24.53 -70.70 -77.79
N GLU E 279 23.39 -71.32 -77.48
CA GLU E 279 22.34 -71.61 -78.45
C GLU E 279 21.03 -71.00 -77.99
N LYS E 280 20.76 -70.98 -76.68
CA LYS E 280 19.47 -70.53 -76.16
C LYS E 280 19.45 -69.03 -75.85
N SER E 281 20.35 -68.25 -76.46
CA SER E 281 20.26 -66.80 -76.35
C SER E 281 19.29 -66.20 -77.37
N SER E 282 18.81 -67.01 -78.32
CA SER E 282 17.94 -66.52 -79.37
C SER E 282 16.62 -66.02 -78.81
N PHE E 283 16.06 -64.98 -79.45
CA PHE E 283 14.73 -64.51 -79.09
C PHE E 283 13.68 -65.61 -79.24
N GLU E 284 13.86 -66.47 -80.24
CA GLU E 284 12.82 -67.43 -80.59
C GLU E 284 12.60 -68.47 -79.50
N TYR E 285 13.66 -68.88 -78.81
CA TYR E 285 13.58 -69.97 -77.84
C TYR E 285 12.85 -69.62 -76.54
N GLY E 286 12.25 -68.44 -76.47
CA GLY E 286 11.38 -68.07 -75.36
C GLY E 286 12.04 -67.04 -74.46
N GLN E 287 11.27 -66.57 -73.49
CA GLN E 287 11.69 -65.49 -72.61
C GLN E 287 12.18 -65.99 -71.25
N VAL E 288 12.08 -67.29 -70.98
CA VAL E 288 12.53 -67.88 -69.71
C VAL E 288 13.68 -68.82 -70.02
N ASN E 289 13.70 -69.38 -71.23
CA ASN E 289 14.88 -70.09 -71.70
C ASN E 289 16.07 -69.14 -71.83
N HIS E 290 15.81 -67.83 -71.95
CA HIS E 290 16.88 -66.83 -71.87
C HIS E 290 17.49 -66.81 -70.49
N ALA E 291 16.66 -66.65 -69.45
CA ALA E 291 17.20 -66.49 -68.10
C ALA E 291 17.74 -67.80 -67.55
N LEU E 292 17.20 -68.94 -68.00
CA LEU E 292 17.86 -70.22 -67.71
C LEU E 292 19.26 -70.25 -68.28
N ALA E 293 19.47 -69.66 -69.45
CA ALA E 293 20.75 -69.70 -70.14
C ALA E 293 21.65 -68.54 -69.79
N ALA E 294 21.15 -67.57 -69.01
CA ALA E 294 21.90 -66.37 -68.67
C ALA E 294 22.10 -66.15 -67.18
N ALA E 295 21.36 -66.85 -66.32
CA ALA E 295 21.73 -66.99 -64.91
C ALA E 295 22.61 -68.21 -64.69
N MET E 296 22.86 -68.97 -65.74
CA MET E 296 23.87 -70.02 -65.75
C MET E 296 25.19 -69.54 -66.35
N ARG E 297 25.20 -68.39 -67.03
CA ARG E 297 26.48 -67.76 -67.33
C ARG E 297 27.14 -67.24 -66.08
N THR E 298 26.38 -66.94 -65.04
CA THR E 298 27.00 -66.57 -63.77
C THR E 298 27.83 -67.72 -63.24
N LEU E 299 27.31 -68.94 -63.38
CA LEU E 299 28.04 -70.13 -62.95
C LEU E 299 29.22 -70.41 -63.88
N VAL E 300 29.07 -70.11 -65.17
CA VAL E 300 30.22 -70.22 -66.06
C VAL E 300 31.29 -69.20 -65.67
N LYS E 301 30.88 -68.01 -65.21
CA LYS E 301 31.84 -67.01 -64.77
C LYS E 301 32.58 -67.48 -63.52
N GLU E 302 31.86 -68.05 -62.57
CA GLU E 302 32.52 -68.56 -61.37
C GLU E 302 33.50 -69.68 -61.71
N HIS E 303 33.09 -70.56 -62.63
CA HIS E 303 33.99 -71.61 -63.10
C HIS E 303 35.26 -71.03 -63.71
N LEU E 304 35.11 -69.99 -64.51
CA LEU E 304 36.28 -69.40 -65.15
C LEU E 304 37.19 -68.72 -64.13
N ILE E 305 36.60 -68.10 -63.10
CA ILE E 305 37.40 -67.52 -62.02
C ILE E 305 38.23 -68.61 -61.35
N LEU E 306 37.59 -69.75 -61.09
CA LEU E 306 38.29 -70.84 -60.43
C LEU E 306 39.43 -71.37 -61.30
N VAL E 307 39.17 -71.53 -62.60
CA VAL E 307 40.22 -72.02 -63.49
C VAL E 307 41.40 -71.05 -63.53
N SER E 308 41.13 -69.74 -63.52
CA SER E 308 42.22 -68.78 -63.51
C SER E 308 43.02 -68.87 -62.22
N GLN E 309 42.35 -69.02 -61.07
CA GLN E 309 43.07 -69.17 -59.81
C GLN E 309 43.95 -70.41 -59.83
N LEU E 310 43.44 -71.50 -60.40
CA LEU E 310 44.23 -72.72 -60.47
C LEU E 310 45.42 -72.56 -61.41
N GLU E 311 45.27 -71.77 -62.48
CA GLU E 311 46.43 -71.43 -63.30
C GLU E 311 47.45 -70.63 -62.51
N GLN E 312 46.96 -69.74 -61.63
CA GLN E 312 47.89 -68.98 -60.80
C GLN E 312 48.71 -69.92 -59.92
N LEU E 313 48.06 -70.93 -59.33
CA LEU E 313 48.84 -71.92 -58.58
C LEU E 313 49.77 -72.71 -59.50
N HIS E 314 49.30 -73.05 -60.71
CA HIS E 314 50.13 -73.83 -61.62
C HIS E 314 51.40 -73.09 -62.01
N ARG E 315 51.38 -71.75 -62.01
CA ARG E 315 52.54 -70.99 -62.46
C ARG E 315 53.77 -71.29 -61.60
N GLN E 316 53.61 -71.43 -60.29
CA GLN E 316 54.73 -71.70 -59.39
C GLN E 316 55.01 -73.18 -59.22
N GLY E 317 54.44 -74.04 -60.06
CA GLY E 317 54.66 -75.47 -59.92
C GLY E 317 54.06 -76.07 -58.67
N LEU E 318 53.12 -75.35 -58.06
CA LEU E 318 52.50 -75.77 -56.81
C LEU E 318 51.23 -76.60 -57.04
N LEU E 319 50.88 -76.90 -58.29
CA LEU E 319 49.70 -77.70 -58.62
C LEU E 319 50.12 -79.02 -59.23
N SER E 320 49.41 -80.08 -58.86
CA SER E 320 49.59 -81.41 -59.40
C SER E 320 48.22 -81.95 -59.75
N LEU E 321 48.20 -83.07 -60.48
CA LEU E 321 46.92 -83.66 -60.87
C LEU E 321 46.07 -83.99 -59.66
N GLN E 322 46.70 -84.47 -58.59
CA GLN E 322 45.98 -84.84 -57.37
C GLN E 322 45.39 -83.60 -56.71
N LYS E 323 46.17 -82.52 -56.64
CA LYS E 323 45.70 -81.28 -56.04
C LYS E 323 44.55 -80.68 -56.85
N LEU E 324 44.71 -80.66 -58.18
CA LEU E 324 43.61 -80.28 -59.07
C LEU E 324 42.39 -81.14 -58.83
N TRP E 325 42.58 -82.43 -58.72
CA TRP E 325 41.45 -83.34 -58.66
C TRP E 325 40.67 -83.14 -57.37
N PHE E 326 41.35 -82.81 -56.29
CA PHE E 326 40.63 -82.32 -55.10
C PHE E 326 39.90 -81.03 -55.44
N TYR E 327 40.61 -80.07 -56.04
CA TYR E 327 40.08 -78.72 -56.18
C TYR E 327 38.82 -78.69 -57.05
N ILE E 328 38.69 -79.61 -58.01
CA ILE E 328 37.56 -79.60 -58.93
C ILE E 328 36.36 -80.36 -58.40
N GLN E 329 36.47 -81.04 -57.26
CA GLN E 329 35.34 -81.83 -56.76
C GLN E 329 34.12 -80.95 -56.47
N PRO E 330 34.25 -79.77 -55.89
CA PRO E 330 33.09 -78.86 -55.85
C PRO E 330 32.51 -78.56 -57.22
N ALA E 331 33.34 -78.55 -58.28
CA ALA E 331 32.89 -78.14 -59.61
C ALA E 331 32.55 -79.31 -60.52
N MET E 332 33.01 -80.52 -60.20
CA MET E 332 32.68 -81.68 -61.01
C MET E 332 31.29 -82.22 -60.73
N ARG E 333 30.62 -81.71 -59.71
CA ARG E 333 29.19 -81.88 -59.51
C ARG E 333 28.43 -80.60 -59.80
N THR E 334 28.94 -79.47 -59.30
CA THR E 334 28.26 -78.20 -59.50
C THR E 334 28.09 -77.86 -60.98
N MET E 335 28.97 -78.36 -61.86
CA MET E 335 28.83 -78.19 -63.30
C MET E 335 28.31 -79.43 -64.02
N ASP E 336 28.06 -80.53 -63.32
CA ASP E 336 27.39 -81.68 -63.91
C ASP E 336 25.88 -81.60 -63.77
N ILE E 337 25.41 -80.96 -62.70
CA ILE E 337 23.98 -80.64 -62.63
C ILE E 337 23.59 -79.77 -63.83
N LEU E 338 24.50 -78.88 -64.25
CA LEU E 338 24.23 -78.05 -65.42
C LEU E 338 24.13 -78.87 -66.68
N ALA E 339 24.98 -79.88 -66.84
CA ALA E 339 24.95 -80.68 -68.06
C ALA E 339 23.77 -81.63 -68.09
N SER E 340 23.16 -81.90 -66.94
CA SER E 340 21.91 -82.64 -66.92
C SER E 340 20.72 -81.72 -67.20
N LEU E 341 20.67 -80.55 -66.57
CA LEU E 341 19.62 -79.59 -66.87
C LEU E 341 19.63 -79.15 -68.33
N ALA E 342 20.82 -78.94 -68.90
CA ALA E 342 20.91 -78.48 -70.28
C ALA E 342 20.44 -79.55 -71.25
N THR E 343 20.87 -80.80 -71.05
CA THR E 343 20.50 -81.89 -71.94
C THR E 343 19.11 -82.44 -71.64
N SER E 344 18.43 -81.93 -70.62
CA SER E 344 17.02 -82.20 -70.40
C SER E 344 16.12 -81.11 -70.94
N VAL E 345 16.50 -79.84 -70.77
CA VAL E 345 15.78 -78.75 -71.42
C VAL E 345 15.86 -78.90 -72.94
N ASP E 346 17.03 -79.32 -73.44
CA ASP E 346 17.16 -79.59 -74.87
C ASP E 346 16.43 -80.87 -75.27
N LYS E 347 16.38 -81.85 -74.37
CA LYS E 347 15.61 -83.06 -74.64
C LYS E 347 14.14 -82.68 -74.80
N GLY E 348 13.44 -83.45 -75.64
CA GLY E 348 12.12 -83.02 -76.08
C GLY E 348 12.26 -81.65 -76.70
N GLU E 349 11.43 -80.73 -76.24
CA GLU E 349 11.74 -79.32 -76.46
C GLU E 349 10.87 -78.57 -75.45
N CYS E 350 11.33 -77.40 -75.01
CA CYS E 350 10.66 -76.73 -73.89
C CYS E 350 10.70 -75.21 -74.05
N LEU E 351 9.56 -74.57 -73.83
CA LEU E 351 9.47 -73.12 -73.72
C LEU E 351 8.64 -72.77 -72.49
N GLY E 352 8.90 -71.58 -71.95
CA GLY E 352 8.06 -70.99 -70.94
C GLY E 352 7.82 -71.84 -69.70
N GLY E 353 6.55 -72.11 -69.39
CA GLY E 353 6.21 -72.83 -68.18
C GLY E 353 6.74 -74.24 -68.15
N SER E 354 6.89 -74.88 -69.32
CA SER E 354 7.45 -76.23 -69.35
C SER E 354 8.88 -76.25 -68.82
N THR E 355 9.68 -75.22 -69.15
CA THR E 355 11.04 -75.15 -68.63
C THR E 355 11.02 -74.89 -67.12
N LEU E 356 10.11 -74.05 -66.66
CA LEU E 356 10.01 -73.73 -65.24
C LEU E 356 9.44 -74.89 -64.43
N SER E 357 8.81 -75.86 -65.08
CA SER E 357 8.40 -77.10 -64.43
C SER E 357 9.52 -78.13 -64.47
N LEU E 358 10.30 -78.16 -65.55
CA LEU E 358 11.48 -79.02 -65.59
C LEU E 358 12.52 -78.58 -64.58
N LEU E 359 12.51 -77.30 -64.19
CA LEU E 359 13.37 -76.80 -63.11
C LEU E 359 12.69 -76.77 -61.75
N HIS E 360 11.47 -77.29 -61.63
CA HIS E 360 10.84 -77.56 -60.35
C HIS E 360 10.66 -79.06 -60.12
N ASP E 361 11.03 -79.89 -61.09
CA ASP E 361 11.08 -81.34 -60.92
C ASP E 361 12.47 -81.81 -60.55
N ARG E 362 13.50 -81.32 -61.25
CA ARG E 362 14.86 -81.67 -60.92
C ARG E 362 15.35 -80.98 -59.64
N SER E 363 14.55 -80.09 -59.06
CA SER E 363 14.82 -79.57 -57.73
C SER E 363 14.34 -80.52 -56.66
N PHE E 364 13.17 -81.12 -56.85
CA PHE E 364 12.73 -82.18 -55.94
C PHE E 364 13.63 -83.39 -56.05
N SER E 365 14.10 -83.68 -57.26
CA SER E 365 15.04 -84.80 -57.44
C SER E 365 16.26 -84.66 -56.54
N TYR E 366 16.93 -83.50 -56.60
CA TYR E 366 18.10 -83.23 -55.77
C TYR E 366 17.74 -82.46 -54.50
N THR E 367 16.76 -82.96 -53.74
CA THR E 367 16.37 -82.29 -52.51
C THR E 367 17.22 -82.68 -51.29
N GLY E 368 18.13 -83.64 -51.45
CA GLY E 368 18.87 -84.19 -50.33
C GLY E 368 20.35 -83.88 -50.32
N ASP E 369 20.95 -83.66 -51.50
CA ASP E 369 22.39 -83.48 -51.58
C ASP E 369 22.83 -82.20 -50.86
N SER E 370 22.16 -81.09 -51.16
CA SER E 370 22.36 -79.78 -50.52
C SER E 370 23.65 -79.07 -50.91
N GLN E 371 24.57 -79.77 -51.61
CA GLN E 371 25.59 -79.07 -52.38
C GLN E 371 25.02 -78.59 -53.71
N ALA E 372 24.17 -79.41 -54.31
CA ALA E 372 23.55 -79.12 -55.60
C ALA E 372 22.17 -78.47 -55.48
N GLN E 373 21.49 -78.65 -54.35
CA GLN E 373 20.13 -78.11 -54.23
C GLN E 373 20.14 -76.60 -54.27
N GLU E 374 21.10 -75.95 -53.62
CA GLU E 374 21.17 -74.49 -53.69
C GLU E 374 21.46 -74.03 -55.10
N LEU E 375 22.29 -74.76 -55.84
CA LEU E 375 22.54 -74.44 -57.24
C LEU E 375 21.23 -74.50 -58.05
N CYS E 376 20.49 -75.60 -57.91
CA CYS E 376 19.23 -75.72 -58.64
C CYS E 376 18.23 -74.66 -58.22
N LEU E 377 18.21 -74.30 -56.94
CA LEU E 377 17.29 -73.28 -56.48
C LEU E 377 17.68 -71.91 -56.99
N TYR E 378 18.97 -71.62 -57.12
CA TYR E 378 19.39 -70.37 -57.74
C TYR E 378 18.96 -70.33 -59.20
N LEU E 379 19.17 -71.42 -59.93
CA LEU E 379 18.81 -71.46 -61.35
C LEU E 379 17.32 -71.25 -61.55
N THR E 380 16.49 -71.91 -60.75
CA THR E 380 15.05 -71.80 -60.95
C THR E 380 14.45 -70.57 -60.29
N LYS E 381 15.14 -69.95 -59.33
CA LYS E 381 14.72 -68.66 -58.82
C LYS E 381 15.13 -67.53 -59.74
N ALA E 382 16.13 -67.76 -60.59
CA ALA E 382 16.52 -66.78 -61.60
C ALA E 382 15.73 -66.92 -62.89
N ALA E 383 15.31 -68.14 -63.24
CA ALA E 383 14.51 -68.34 -64.44
C ALA E 383 13.04 -68.08 -64.21
N SER E 384 12.62 -67.90 -62.97
CA SER E 384 11.25 -67.53 -62.68
C SER E 384 11.01 -66.02 -62.74
N ALA E 385 12.08 -65.22 -62.82
CA ALA E 385 11.92 -63.77 -62.84
C ALA E 385 11.16 -63.30 -64.09
N PRO E 386 11.49 -63.77 -65.30
CA PRO E 386 10.71 -63.30 -66.47
C PRO E 386 9.23 -63.65 -66.39
N TYR E 387 8.89 -64.86 -65.93
CA TYR E 387 7.49 -65.28 -65.99
C TYR E 387 6.62 -64.51 -65.02
N PHE E 388 7.00 -64.45 -63.74
CA PHE E 388 6.13 -63.77 -62.78
C PHE E 388 5.99 -62.29 -63.07
N GLU E 389 6.99 -61.68 -63.70
CA GLU E 389 6.84 -60.27 -64.05
C GLU E 389 5.63 -60.08 -64.97
N VAL E 390 5.39 -61.06 -65.86
CA VAL E 390 4.19 -61.03 -66.68
C VAL E 390 2.98 -61.45 -65.85
N LEU E 391 3.15 -62.48 -65.00
CA LEU E 391 2.03 -62.96 -64.20
C LEU E 391 1.53 -61.87 -63.27
N GLU E 392 2.46 -61.13 -62.65
CA GLU E 392 2.06 -60.02 -61.79
C GLU E 392 1.30 -58.97 -62.57
N LYS E 393 1.72 -58.70 -63.80
CA LYS E 393 0.96 -57.78 -64.65
C LYS E 393 -0.31 -58.41 -65.20
N TRP E 394 -0.60 -59.68 -64.87
CA TRP E 394 -1.81 -60.33 -65.33
C TRP E 394 -2.81 -60.57 -64.21
N ILE E 395 -2.37 -60.57 -62.95
CA ILE E 395 -3.26 -60.70 -61.80
C ILE E 395 -3.44 -59.38 -61.07
N TYR E 396 -2.43 -58.50 -61.09
CA TYR E 396 -2.60 -57.14 -60.60
C TYR E 396 -3.10 -56.22 -61.69
N ARG E 397 -2.53 -56.32 -62.89
CA ARG E 397 -2.95 -55.58 -64.07
C ARG E 397 -3.54 -56.57 -65.06
N GLY E 398 -4.12 -56.04 -66.15
CA GLY E 398 -4.81 -56.87 -67.12
C GLY E 398 -4.11 -56.98 -68.47
N ILE E 399 -2.82 -56.67 -68.50
CA ILE E 399 -2.07 -56.58 -69.75
C ILE E 399 -1.23 -57.85 -69.89
N ILE E 400 -1.54 -58.68 -70.88
CA ILE E 400 -0.70 -59.82 -71.25
C ILE E 400 0.18 -59.34 -72.40
N HIS E 401 1.40 -58.94 -72.09
CA HIS E 401 2.35 -58.60 -73.15
C HIS E 401 2.66 -59.83 -74.00
N ASP E 402 3.09 -60.94 -73.35
CA ASP E 402 3.37 -62.25 -73.95
C ASP E 402 3.98 -62.14 -75.34
N PRO E 403 5.16 -61.56 -75.47
CA PRO E 403 5.73 -61.32 -76.81
C PRO E 403 5.94 -62.59 -77.62
N TYR E 404 6.32 -63.72 -77.00
CA TYR E 404 6.62 -64.96 -77.72
C TYR E 404 5.69 -66.11 -77.34
N SER E 405 4.41 -65.84 -77.11
CA SER E 405 3.41 -66.89 -76.84
C SER E 405 3.73 -67.70 -75.59
N GLU E 406 4.62 -67.19 -74.73
CA GLU E 406 5.09 -67.96 -73.58
C GLU E 406 3.99 -68.13 -72.54
N PHE E 407 3.39 -67.02 -72.14
CA PHE E 407 2.60 -66.91 -70.93
C PHE E 407 1.41 -67.86 -70.94
N MET E 408 0.89 -68.18 -69.75
CA MET E 408 -0.16 -69.20 -69.62
C MET E 408 -1.41 -68.86 -70.42
N VAL E 409 -1.87 -67.62 -70.36
CA VAL E 409 -3.15 -67.23 -70.93
C VAL E 409 -2.87 -66.55 -72.27
N GLU E 410 -3.21 -67.23 -73.37
CA GLU E 410 -3.09 -66.61 -74.68
C GLU E 410 -4.29 -65.71 -74.95
N GLU E 411 -4.06 -64.67 -75.72
CA GLU E 411 -5.06 -63.66 -76.05
C GLU E 411 -5.26 -63.69 -77.55
N HIS E 412 -6.41 -64.21 -77.97
CA HIS E 412 -6.74 -64.32 -79.39
C HIS E 412 -7.09 -62.95 -79.94
N GLU E 413 -7.27 -62.86 -81.25
CA GLU E 413 -7.57 -61.55 -81.84
C GLU E 413 -9.06 -61.21 -81.72
N LEU E 414 -9.95 -62.16 -82.02
CA LEU E 414 -11.37 -61.92 -82.34
C LEU E 414 -11.64 -60.55 -82.98
N TYR E 427 -16.66 -65.54 -79.92
CA TYR E 427 -16.57 -66.40 -78.74
C TYR E 427 -15.72 -65.71 -77.66
N TRP E 428 -16.45 -65.07 -76.74
CA TRP E 428 -15.86 -64.17 -75.76
C TRP E 428 -14.78 -64.90 -74.95
N ASP E 429 -15.01 -66.18 -74.65
CA ASP E 429 -14.10 -66.99 -73.86
C ASP E 429 -12.93 -67.48 -74.71
N GLN E 430 -13.20 -67.78 -75.97
CA GLN E 430 -12.14 -68.14 -76.92
C GLN E 430 -11.21 -66.95 -77.14
N ARG E 431 -11.61 -65.74 -76.73
CA ARG E 431 -10.64 -64.65 -76.75
C ARG E 431 -9.49 -64.91 -75.77
N TYR E 432 -9.79 -65.28 -74.51
CA TYR E 432 -8.76 -65.59 -73.51
C TYR E 432 -8.88 -67.04 -73.07
N THR E 433 -7.82 -67.82 -73.28
CA THR E 433 -7.85 -69.26 -73.08
C THR E 433 -6.60 -69.74 -72.36
N ILE E 434 -6.79 -70.70 -71.44
CA ILE E 434 -5.66 -71.37 -70.79
C ILE E 434 -5.04 -72.31 -71.81
N VAL E 435 -3.71 -72.27 -71.92
CA VAL E 435 -2.97 -73.18 -72.77
C VAL E 435 -2.41 -74.28 -71.88
N GLN E 436 -2.88 -75.52 -72.11
CA GLN E 436 -2.74 -76.58 -71.11
C GLN E 436 -1.29 -77.07 -70.99
N GLN E 437 -0.54 -77.10 -72.10
CA GLN E 437 0.83 -77.55 -72.01
C GLN E 437 1.74 -76.51 -71.35
N GLN E 438 1.43 -75.24 -71.55
CA GLN E 438 2.30 -74.15 -71.09
C GLN E 438 2.12 -73.77 -69.63
N ILE E 439 1.12 -74.29 -68.93
CA ILE E 439 0.92 -73.95 -67.51
C ILE E 439 2.18 -74.39 -66.77
N PRO E 440 2.73 -73.59 -65.85
CA PRO E 440 3.79 -74.11 -64.99
C PRO E 440 3.21 -75.04 -63.94
N SER E 441 4.03 -76.03 -63.55
CA SER E 441 3.52 -77.17 -62.79
C SER E 441 3.01 -76.77 -61.42
N PHE E 442 3.58 -75.73 -60.82
CA PHE E 442 3.23 -75.33 -59.47
C PHE E 442 2.08 -74.34 -59.40
N LEU E 443 1.44 -74.01 -60.53
CA LEU E 443 0.29 -73.11 -60.57
C LEU E 443 -0.93 -73.77 -61.20
N GLN E 444 -0.91 -75.09 -61.41
CA GLN E 444 -2.07 -75.79 -61.95
C GLN E 444 -3.31 -75.53 -61.12
N LYS E 445 -3.17 -75.57 -59.80
CA LYS E 445 -4.33 -75.43 -58.94
C LYS E 445 -4.93 -74.02 -59.04
N MET E 446 -4.10 -73.01 -59.32
CA MET E 446 -4.53 -71.62 -59.31
C MET E 446 -4.76 -71.06 -60.70
N ALA E 447 -4.63 -71.89 -61.75
CA ALA E 447 -4.76 -71.42 -63.13
C ALA E 447 -6.14 -70.83 -63.39
N ASP E 448 -7.19 -71.52 -62.91
CA ASP E 448 -8.55 -71.02 -63.08
C ASP E 448 -8.72 -69.65 -62.43
N LYS E 449 -8.17 -69.48 -61.22
CA LYS E 449 -8.27 -68.19 -60.53
C LYS E 449 -7.57 -67.08 -61.30
N ILE E 450 -6.38 -67.36 -61.83
CA ILE E 450 -5.56 -66.33 -62.45
C ILE E 450 -6.26 -65.61 -63.59
N LEU E 451 -6.60 -66.36 -64.64
CA LEU E 451 -7.11 -65.83 -65.91
C LEU E 451 -8.28 -64.85 -65.71
N SER E 452 -9.22 -65.18 -64.82
CA SER E 452 -10.42 -64.38 -64.61
C SER E 452 -10.08 -62.95 -64.19
N THR E 453 -9.28 -62.84 -63.12
CA THR E 453 -8.85 -61.53 -62.62
C THR E 453 -8.23 -60.69 -63.72
N GLY E 454 -7.34 -61.29 -64.50
CA GLY E 454 -6.71 -60.54 -65.56
C GLY E 454 -7.68 -60.07 -66.63
N LYS E 455 -8.61 -60.94 -67.04
CA LYS E 455 -9.57 -60.54 -68.06
C LYS E 455 -10.35 -59.33 -67.58
N TYR E 456 -10.62 -59.28 -66.28
CA TYR E 456 -11.50 -58.21 -65.81
C TYR E 456 -10.70 -56.93 -65.66
N LEU E 457 -9.43 -57.04 -65.32
CA LEU E 457 -8.60 -55.83 -65.37
C LEU E 457 -8.49 -55.31 -66.81
N ASN E 458 -8.53 -56.21 -67.79
CA ASN E 458 -8.63 -55.76 -69.17
C ASN E 458 -9.97 -55.07 -69.44
N VAL E 459 -11.06 -55.63 -68.92
CA VAL E 459 -12.38 -55.05 -69.14
C VAL E 459 -12.44 -53.64 -68.60
N VAL E 460 -11.93 -53.42 -67.38
CA VAL E 460 -11.94 -52.06 -66.85
C VAL E 460 -11.03 -51.18 -67.69
N ARG E 461 -9.89 -51.74 -68.13
CA ARG E 461 -8.95 -50.95 -68.92
C ARG E 461 -9.56 -50.47 -70.23
N GLU E 462 -10.60 -51.14 -70.72
CA GLU E 462 -11.22 -50.68 -71.96
C GLU E 462 -11.72 -49.25 -71.82
N CYS E 463 -12.82 -49.03 -71.10
CA CYS E 463 -13.21 -47.65 -70.79
C CYS E 463 -13.97 -47.54 -69.47
N GLY E 464 -13.64 -48.37 -68.49
CA GLY E 464 -14.35 -48.41 -67.22
C GLY E 464 -13.74 -47.50 -66.16
N HIS E 465 -13.86 -47.94 -64.91
CA HIS E 465 -13.49 -47.16 -63.74
C HIS E 465 -11.97 -47.28 -63.56
N ASP E 466 -11.44 -46.87 -62.40
CA ASP E 466 -10.07 -47.13 -62.00
C ASP E 466 -9.62 -48.55 -62.33
N VAL E 467 -8.42 -48.64 -62.91
CA VAL E 467 -7.73 -49.90 -63.12
C VAL E 467 -6.69 -50.16 -62.03
N THR E 468 -6.29 -49.12 -61.28
CA THR E 468 -5.18 -49.22 -60.37
C THR E 468 -5.49 -50.16 -59.21
N CYS E 469 -4.44 -50.82 -58.70
CA CYS E 469 -4.52 -51.69 -57.54
C CYS E 469 -4.18 -50.94 -56.27
N PRO E 470 -4.87 -51.18 -55.14
CA PRO E 470 -4.38 -50.60 -53.88
C PRO E 470 -3.09 -51.23 -53.37
N VAL E 471 -2.97 -52.55 -53.37
CA VAL E 471 -1.81 -53.26 -52.82
C VAL E 471 -1.14 -54.09 -53.90
N ALA E 472 0.11 -53.77 -54.21
CA ALA E 472 0.86 -54.39 -55.30
C ALA E 472 2.12 -55.02 -54.75
N LYS E 473 2.27 -56.34 -54.94
CA LYS E 473 3.38 -57.10 -54.41
C LYS E 473 4.07 -57.90 -55.51
N GLU E 474 5.34 -58.22 -55.26
CA GLU E 474 6.17 -58.95 -56.22
C GLU E 474 6.18 -60.43 -55.86
N ILE E 475 5.37 -61.23 -56.56
CA ILE E 475 5.40 -62.67 -56.35
C ILE E 475 6.76 -63.20 -56.80
N ILE E 476 7.41 -63.93 -55.90
CA ILE E 476 8.77 -64.43 -56.10
C ILE E 476 8.76 -65.93 -55.87
N TYR E 477 9.61 -66.65 -56.59
CA TYR E 477 9.62 -68.10 -56.51
C TYR E 477 10.05 -68.54 -55.12
N THR E 478 9.56 -69.70 -54.70
CA THR E 478 10.01 -70.33 -53.47
C THR E 478 9.67 -71.81 -53.54
N LEU E 479 10.45 -72.61 -52.81
CA LEU E 479 10.28 -74.06 -52.75
C LEU E 479 9.94 -74.42 -51.32
N LYS E 480 8.85 -75.17 -51.14
CA LYS E 480 8.27 -75.66 -49.89
C LYS E 480 7.53 -74.57 -49.11
N GLU E 481 7.57 -73.30 -49.55
CA GLU E 481 6.90 -72.19 -48.87
C GLU E 481 6.27 -71.33 -49.95
N ARG E 482 4.99 -71.56 -50.24
CA ARG E 482 4.35 -71.06 -51.46
C ARG E 482 3.41 -69.91 -51.12
N ALA E 483 3.91 -68.67 -51.24
CA ALA E 483 3.07 -67.48 -51.28
C ALA E 483 2.66 -67.10 -52.69
N TYR E 484 3.26 -67.73 -53.71
CA TYR E 484 2.82 -67.65 -55.10
C TYR E 484 1.55 -68.45 -55.37
N VAL E 485 0.95 -69.03 -54.33
CA VAL E 485 -0.38 -69.62 -54.38
C VAL E 485 -1.39 -68.80 -53.57
N GLU E 486 -0.93 -67.80 -52.81
CA GLU E 486 -1.74 -67.01 -51.90
C GLU E 486 -1.95 -65.58 -52.39
N GLN E 487 -0.89 -64.94 -52.90
CA GLN E 487 -1.10 -63.61 -53.47
C GLN E 487 -2.03 -63.65 -54.68
N ILE E 488 -2.07 -64.78 -55.39
CA ILE E 488 -3.04 -64.94 -56.47
C ILE E 488 -4.47 -64.93 -55.91
N GLU E 489 -4.66 -65.53 -54.74
CA GLU E 489 -5.96 -65.48 -54.09
C GLU E 489 -6.32 -64.08 -53.61
N LYS E 490 -5.34 -63.33 -53.09
CA LYS E 490 -5.68 -61.95 -52.81
C LYS E 490 -5.96 -61.15 -54.07
N ALA E 491 -5.38 -61.52 -55.20
CA ALA E 491 -5.74 -60.85 -56.45
C ALA E 491 -7.17 -61.17 -56.84
N PHE E 492 -7.56 -62.44 -56.72
CA PHE E 492 -8.94 -62.80 -57.01
C PHE E 492 -9.91 -62.11 -56.05
N ASN E 493 -9.53 -61.94 -54.78
CA ASN E 493 -10.42 -61.31 -53.81
C ASN E 493 -10.85 -59.91 -54.21
N TYR E 494 -9.93 -58.94 -54.30
CA TYR E 494 -10.35 -57.61 -54.71
C TYR E 494 -10.67 -57.57 -56.20
N ALA E 495 -9.75 -58.07 -57.04
CA ALA E 495 -9.74 -57.71 -58.44
C ALA E 495 -10.87 -58.38 -59.20
N SER E 496 -11.19 -59.62 -58.87
CA SER E 496 -12.13 -60.35 -59.70
C SER E 496 -13.56 -59.94 -59.42
N LYS E 497 -13.87 -59.58 -58.17
CA LYS E 497 -15.24 -59.30 -57.76
C LYS E 497 -15.50 -57.83 -57.44
N VAL E 498 -14.86 -57.27 -56.41
CA VAL E 498 -15.24 -55.94 -55.96
C VAL E 498 -14.61 -54.89 -56.85
N LEU E 499 -13.54 -55.23 -57.57
CA LEU E 499 -13.25 -54.45 -58.77
C LEU E 499 -14.33 -54.62 -59.82
N LEU E 500 -14.51 -55.86 -60.33
CA LEU E 500 -15.52 -56.19 -61.37
C LEU E 500 -16.75 -55.31 -61.10
N ASP E 501 -16.90 -54.82 -59.89
CA ASP E 501 -17.88 -53.75 -59.60
C ASP E 501 -17.68 -52.61 -60.62
N PHE E 502 -16.51 -52.45 -61.28
CA PHE E 502 -16.38 -51.43 -62.32
C PHE E 502 -17.37 -51.71 -63.41
N LEU E 503 -17.54 -52.97 -63.77
CA LEU E 503 -18.43 -53.31 -64.86
C LEU E 503 -19.86 -53.09 -64.41
N MET E 504 -20.10 -53.23 -63.10
CA MET E 504 -21.46 -53.01 -62.62
C MET E 504 -21.85 -51.52 -62.58
N GLU E 505 -20.96 -50.61 -62.15
CA GLU E 505 -21.27 -49.16 -62.17
C GLU E 505 -20.72 -48.31 -63.31
N GLU E 506 -19.72 -48.76 -64.06
CA GLU E 506 -19.24 -48.07 -65.26
C GLU E 506 -19.31 -49.05 -66.42
N LYS E 507 -19.90 -48.64 -67.54
CA LYS E 507 -20.35 -49.61 -68.55
C LYS E 507 -21.23 -50.64 -67.86
N GLU E 508 -22.26 -50.14 -67.21
CA GLU E 508 -23.17 -50.94 -66.39
C GLU E 508 -23.86 -52.01 -67.20
N LEU E 509 -23.47 -53.27 -67.01
CA LEU E 509 -24.32 -54.34 -67.50
C LEU E 509 -25.59 -54.47 -66.65
N VAL E 510 -25.57 -54.00 -65.41
CA VAL E 510 -26.78 -54.05 -64.59
C VAL E 510 -27.83 -53.10 -65.15
N ALA E 511 -27.43 -51.89 -65.53
CA ALA E 511 -28.37 -50.93 -66.11
C ALA E 511 -28.70 -51.29 -67.56
N HIS E 512 -27.68 -51.68 -68.33
CA HIS E 512 -27.92 -52.14 -69.70
C HIS E 512 -28.91 -53.29 -69.72
N LEU E 513 -28.83 -54.20 -68.74
CA LEU E 513 -29.70 -55.35 -68.76
C LEU E 513 -31.13 -54.95 -68.45
N ARG E 514 -31.32 -53.97 -67.57
CA ARG E 514 -32.65 -53.42 -67.36
C ARG E 514 -33.17 -52.80 -68.65
N SER E 515 -32.31 -52.09 -69.38
CA SER E 515 -32.75 -51.47 -70.64
C SER E 515 -32.88 -52.47 -71.79
N ILE E 516 -32.39 -53.70 -71.64
CA ILE E 516 -32.68 -54.77 -72.59
C ILE E 516 -33.96 -55.49 -72.21
N LYS E 517 -34.18 -55.70 -70.92
CA LYS E 517 -35.44 -56.26 -70.45
C LYS E 517 -36.61 -55.34 -70.76
N ARG E 518 -36.34 -54.03 -70.73
CA ARG E 518 -37.40 -53.03 -70.89
C ARG E 518 -38.08 -53.14 -72.25
N TYR E 519 -37.36 -53.58 -73.28
CA TYR E 519 -37.90 -53.72 -74.63
C TYR E 519 -37.97 -55.19 -75.07
N PHE E 520 -36.84 -55.89 -75.07
CA PHE E 520 -36.77 -57.17 -75.76
C PHE E 520 -37.67 -58.21 -75.10
N LEU E 521 -37.82 -58.11 -73.79
CA LEU E 521 -38.65 -59.03 -73.02
C LEU E 521 -40.05 -58.49 -72.80
N MET E 522 -40.41 -57.38 -73.45
CA MET E 522 -41.75 -56.78 -73.39
C MET E 522 -42.20 -56.53 -71.95
N ASP E 523 -41.30 -55.99 -71.13
CA ASP E 523 -41.73 -55.45 -69.84
C ASP E 523 -42.64 -54.25 -70.03
N GLN E 524 -42.25 -53.33 -70.90
CA GLN E 524 -43.01 -52.11 -71.11
C GLN E 524 -44.21 -52.38 -72.01
N GLY E 525 -45.34 -51.80 -71.63
CA GLY E 525 -46.52 -51.83 -72.45
C GLY E 525 -46.78 -50.50 -73.13
N ASP E 526 -46.25 -49.41 -72.59
CA ASP E 526 -46.51 -48.10 -73.17
C ASP E 526 -45.93 -48.02 -74.58
N PHE E 527 -44.63 -48.32 -74.67
CA PHE E 527 -43.93 -48.35 -75.94
C PHE E 527 -44.67 -49.23 -76.94
N PHE E 528 -45.18 -50.38 -76.48
CA PHE E 528 -45.72 -51.35 -77.42
C PHE E 528 -47.14 -50.99 -77.85
N VAL E 529 -47.98 -50.52 -76.93
CA VAL E 529 -49.35 -50.16 -77.33
C VAL E 529 -49.33 -48.94 -78.23
N HIS E 530 -48.47 -47.96 -77.95
CA HIS E 530 -48.38 -46.81 -78.85
C HIS E 530 -47.74 -47.20 -80.18
N PHE E 531 -46.62 -47.94 -80.13
CA PHE E 531 -45.91 -48.33 -81.35
C PHE E 531 -46.79 -49.18 -82.24
N MET E 532 -47.54 -50.11 -81.66
CA MET E 532 -48.25 -51.09 -82.46
C MET E 532 -49.34 -50.40 -83.25
N ASP E 533 -50.08 -49.51 -82.59
CA ASP E 533 -51.09 -48.71 -83.29
C ASP E 533 -50.45 -47.82 -84.34
N LEU E 534 -49.31 -47.20 -84.01
CA LEU E 534 -48.70 -46.26 -84.95
C LEU E 534 -48.19 -46.96 -86.20
N ALA E 535 -47.69 -48.19 -86.07
CA ALA E 535 -47.08 -48.93 -87.17
C ALA E 535 -47.96 -50.05 -87.73
N GLU E 536 -49.21 -50.16 -87.27
CA GLU E 536 -50.03 -51.32 -87.64
C GLU E 536 -50.24 -51.38 -89.15
N GLU E 537 -50.51 -50.23 -89.77
CA GLU E 537 -50.85 -50.20 -91.19
C GLU E 537 -49.70 -50.75 -92.03
N GLU E 538 -48.48 -50.30 -91.75
CA GLU E 538 -47.34 -50.82 -92.49
C GLU E 538 -47.03 -52.25 -92.09
N LEU E 539 -47.35 -52.63 -90.84
CA LEU E 539 -47.06 -53.99 -90.38
C LEU E 539 -47.83 -55.02 -91.18
N ARG E 540 -49.07 -54.71 -91.59
CA ARG E 540 -49.81 -55.66 -92.40
C ARG E 540 -49.17 -55.91 -93.76
N LYS E 541 -48.35 -54.98 -94.26
CA LYS E 541 -47.83 -55.12 -95.61
C LYS E 541 -46.92 -56.35 -95.71
N PRO E 542 -46.86 -57.00 -96.87
CA PRO E 542 -45.86 -58.07 -97.06
C PRO E 542 -44.47 -57.48 -97.19
N VAL E 543 -43.47 -58.28 -96.84
CA VAL E 543 -42.09 -57.85 -97.00
C VAL E 543 -41.81 -57.60 -98.48
N GLU E 544 -40.80 -56.74 -98.73
CA GLU E 544 -40.41 -56.12 -99.99
C GLU E 544 -41.36 -54.98 -100.37
N ASP E 545 -42.44 -54.76 -99.61
CA ASP E 545 -43.17 -53.51 -99.61
C ASP E 545 -42.95 -52.72 -98.32
N ILE E 546 -42.22 -53.28 -97.35
CA ILE E 546 -41.95 -52.61 -96.09
C ILE E 546 -40.88 -51.54 -96.30
N THR E 547 -40.96 -50.47 -95.51
CA THR E 547 -40.10 -49.30 -95.66
C THR E 547 -39.22 -49.20 -94.40
N PRO E 548 -37.98 -49.73 -94.42
CA PRO E 548 -37.15 -49.76 -93.19
C PRO E 548 -36.92 -48.39 -92.57
N PRO E 549 -36.61 -47.34 -93.35
CA PRO E 549 -36.45 -46.02 -92.71
C PRO E 549 -37.72 -45.52 -92.06
N ARG E 550 -38.87 -45.80 -92.66
CA ARG E 550 -40.15 -45.40 -92.08
C ARG E 550 -40.37 -46.13 -90.76
N LEU E 551 -40.01 -47.41 -90.70
CA LEU E 551 -40.19 -48.15 -89.46
C LEU E 551 -39.19 -47.68 -88.40
N GLU E 552 -37.99 -47.28 -88.81
CA GLU E 552 -37.03 -46.74 -87.85
C GLU E 552 -37.55 -45.43 -87.25
N ALA E 553 -38.10 -44.56 -88.10
CA ALA E 553 -38.64 -43.30 -87.60
C ALA E 553 -39.85 -43.54 -86.70
N LEU E 554 -40.70 -44.51 -87.07
CA LEU E 554 -41.86 -44.81 -86.24
C LEU E 554 -41.45 -45.36 -84.89
N LEU E 555 -40.42 -46.20 -84.85
CA LEU E 555 -39.88 -46.66 -83.57
C LEU E 555 -39.41 -45.48 -82.74
N GLU E 556 -38.67 -44.56 -83.36
CA GLU E 556 -38.13 -43.42 -82.62
C GLU E 556 -39.27 -42.58 -82.05
N LEU E 557 -40.35 -42.41 -82.82
CA LEU E 557 -41.46 -41.59 -82.34
C LEU E 557 -42.20 -42.28 -81.19
N ALA E 558 -42.49 -43.58 -81.36
CA ALA E 558 -43.13 -44.33 -80.29
C ALA E 558 -42.29 -44.26 -79.01
N LEU E 559 -40.97 -44.38 -79.15
CA LEU E 559 -40.11 -44.37 -77.96
C LEU E 559 -40.12 -43.00 -77.30
N ARG E 560 -39.96 -41.92 -78.07
CA ARG E 560 -39.92 -40.60 -77.44
C ARG E 560 -41.25 -40.29 -76.77
N MET E 561 -42.36 -40.81 -77.31
CA MET E 561 -43.67 -40.55 -76.74
C MET E 561 -43.96 -41.39 -75.51
N SER E 562 -43.48 -42.62 -75.45
CA SER E 562 -43.82 -43.50 -74.34
C SER E 562 -43.17 -43.00 -73.05
N THR E 563 -43.53 -43.66 -71.94
CA THR E 563 -42.87 -43.42 -70.66
C THR E 563 -41.46 -44.01 -70.62
N ALA E 564 -41.11 -44.86 -71.60
CA ALA E 564 -39.76 -45.39 -71.73
C ALA E 564 -38.78 -44.38 -72.33
N ASN E 565 -39.16 -43.10 -72.43
CA ASN E 565 -38.20 -42.08 -72.80
C ASN E 565 -37.15 -41.88 -71.71
N THR E 566 -37.56 -42.06 -70.46
CA THR E 566 -36.75 -41.61 -69.34
C THR E 566 -35.42 -42.36 -69.23
N ASP E 567 -35.39 -43.64 -69.57
CA ASP E 567 -34.17 -44.41 -69.35
C ASP E 567 -33.06 -43.91 -70.27
N PRO E 568 -31.82 -43.82 -69.80
CA PRO E 568 -30.79 -43.17 -70.64
C PRO E 568 -30.40 -43.96 -71.86
N PHE E 569 -30.34 -45.29 -71.77
CA PHE E 569 -29.70 -46.11 -72.79
C PHE E 569 -30.63 -46.47 -73.95
N LYS E 570 -31.75 -45.75 -74.11
CA LYS E 570 -32.76 -46.13 -75.07
C LYS E 570 -32.26 -46.04 -76.51
N ASP E 571 -31.33 -45.11 -76.80
CA ASP E 571 -30.94 -44.83 -78.18
C ASP E 571 -30.33 -46.03 -78.89
N ASP E 572 -29.83 -47.03 -78.15
CA ASP E 572 -29.19 -48.19 -78.78
C ASP E 572 -30.17 -49.03 -79.61
N LEU E 573 -31.48 -48.88 -79.41
CA LEU E 573 -32.45 -49.71 -80.11
C LEU E 573 -32.37 -49.49 -81.62
N LYS E 574 -32.29 -50.58 -82.38
CA LYS E 574 -32.36 -50.59 -83.84
C LYS E 574 -33.35 -51.67 -84.27
N ILE E 575 -33.79 -51.58 -85.52
CA ILE E 575 -34.77 -52.49 -86.11
C ILE E 575 -34.06 -53.46 -87.04
N ASP E 576 -34.21 -54.75 -86.79
CA ASP E 576 -33.76 -55.82 -87.67
C ASP E 576 -34.93 -56.46 -88.40
N LEU E 577 -34.59 -57.18 -89.48
CA LEU E 577 -35.53 -57.79 -90.42
C LEU E 577 -35.12 -59.25 -90.62
N MET E 578 -35.59 -60.12 -89.74
CA MET E 578 -35.26 -61.53 -89.85
C MET E 578 -36.12 -62.12 -90.96
N PRO E 579 -35.56 -62.62 -92.07
CA PRO E 579 -36.42 -63.16 -93.13
C PRO E 579 -37.26 -64.35 -92.67
N HIS E 580 -36.70 -65.18 -91.80
CA HIS E 580 -37.42 -66.30 -91.22
C HIS E 580 -38.27 -65.82 -90.04
N ASP E 581 -39.36 -66.56 -89.78
CA ASP E 581 -40.33 -66.18 -88.75
C ASP E 581 -40.53 -67.41 -87.85
N LEU E 582 -39.53 -67.69 -87.02
CA LEU E 582 -39.47 -68.85 -86.11
C LEU E 582 -39.34 -70.19 -86.84
N ILE E 583 -39.44 -70.19 -88.18
CA ILE E 583 -39.16 -71.36 -88.98
C ILE E 583 -37.66 -71.65 -88.96
N THR E 584 -36.86 -70.61 -88.72
CA THR E 584 -35.43 -70.73 -88.49
C THR E 584 -35.08 -71.74 -87.40
N GLN E 585 -35.97 -71.92 -86.42
CA GLN E 585 -35.72 -72.86 -85.34
C GLN E 585 -35.44 -74.25 -85.90
N LEU E 586 -34.36 -74.86 -85.43
CA LEU E 586 -33.80 -76.07 -86.01
C LEU E 586 -33.62 -77.13 -84.95
N ALA E 609 -42.05 -65.01 -98.56
CA ALA E 609 -42.26 -63.58 -98.26
C ALA E 609 -43.50 -63.40 -97.41
N LEU E 610 -43.33 -63.39 -96.09
CA LEU E 610 -44.43 -63.35 -95.15
C LEU E 610 -44.61 -61.93 -94.63
N SER E 611 -45.53 -61.75 -93.69
CA SER E 611 -46.01 -60.43 -93.30
C SER E 611 -45.05 -59.72 -92.35
N GLY E 612 -45.17 -58.39 -92.34
CA GLY E 612 -44.40 -57.57 -91.42
C GLY E 612 -44.72 -57.85 -89.97
N LEU E 613 -45.96 -58.27 -89.69
CA LEU E 613 -46.33 -58.63 -88.32
C LEU E 613 -45.43 -59.75 -87.79
N GLU E 614 -44.95 -60.62 -88.67
CA GLU E 614 -44.06 -61.72 -88.31
C GLU E 614 -42.65 -61.54 -88.87
N ALA E 615 -42.31 -60.35 -89.39
CA ALA E 615 -40.96 -60.06 -89.85
C ALA E 615 -40.30 -58.93 -89.07
N PHE E 616 -40.78 -58.66 -87.87
CA PHE E 616 -40.34 -57.52 -87.06
C PHE E 616 -39.34 -57.97 -86.01
N SER E 617 -38.12 -57.41 -86.04
CA SER E 617 -37.08 -57.76 -85.07
C SER E 617 -36.39 -56.52 -84.53
N PHE E 618 -35.73 -56.69 -83.38
CA PHE E 618 -34.96 -55.66 -82.71
C PHE E 618 -33.50 -56.09 -82.57
N ASP E 619 -32.59 -55.12 -82.60
CA ASP E 619 -31.18 -55.35 -82.28
C ASP E 619 -30.70 -54.18 -81.41
N TYR E 620 -30.01 -54.50 -80.33
CA TYR E 620 -29.55 -53.49 -79.36
C TYR E 620 -28.02 -53.45 -79.44
N ILE E 621 -27.48 -52.35 -79.98
CA ILE E 621 -26.03 -52.25 -80.18
C ILE E 621 -25.33 -52.32 -78.83
N VAL E 622 -24.17 -52.97 -78.81
CA VAL E 622 -23.36 -53.12 -77.62
C VAL E 622 -21.90 -52.87 -78.00
N LYS E 623 -21.20 -52.15 -77.12
CA LYS E 623 -19.78 -51.89 -77.32
C LYS E 623 -19.02 -53.09 -76.79
N TRP E 624 -17.71 -53.14 -77.07
CA TRP E 624 -16.92 -54.27 -76.57
C TRP E 624 -16.83 -54.37 -75.05
N PRO E 625 -16.71 -53.27 -74.26
CA PRO E 625 -16.75 -53.43 -72.79
C PRO E 625 -17.91 -54.27 -72.26
N LEU E 626 -19.03 -54.36 -73.00
CA LEU E 626 -20.19 -55.12 -72.58
C LEU E 626 -20.54 -56.27 -73.52
N SER E 627 -19.93 -56.36 -74.70
CA SER E 627 -20.21 -57.46 -75.60
C SER E 627 -19.70 -58.79 -75.05
N LEU E 628 -18.64 -58.72 -74.24
CA LEU E 628 -17.98 -59.90 -73.70
C LEU E 628 -18.99 -60.82 -73.01
N ILE E 629 -19.96 -60.23 -72.32
CA ILE E 629 -21.04 -60.97 -71.69
C ILE E 629 -22.18 -61.15 -72.69
N ILE E 630 -22.77 -60.04 -73.12
CA ILE E 630 -23.86 -60.06 -74.09
C ILE E 630 -23.27 -60.01 -75.49
N ASN E 631 -22.84 -61.18 -75.98
CA ASN E 631 -22.34 -61.37 -77.33
C ASN E 631 -23.50 -61.62 -78.30
N ARG E 632 -23.15 -62.03 -79.52
CA ARG E 632 -24.13 -62.25 -80.57
C ARG E 632 -25.13 -63.34 -80.20
N LYS E 633 -24.65 -64.45 -79.63
CA LYS E 633 -25.50 -65.61 -79.40
C LYS E 633 -26.64 -65.31 -78.43
N ALA E 634 -26.33 -64.66 -77.31
CA ALA E 634 -27.35 -64.34 -76.32
C ALA E 634 -28.36 -63.36 -76.91
N LEU E 635 -27.88 -62.42 -77.71
CA LEU E 635 -28.77 -61.44 -78.31
C LEU E 635 -29.71 -62.12 -79.30
N THR E 636 -29.22 -63.09 -80.08
CA THR E 636 -30.09 -63.83 -80.98
C THR E 636 -31.17 -64.58 -80.21
N ARG E 637 -30.80 -65.19 -79.08
CA ARG E 637 -31.83 -65.88 -78.31
C ARG E 637 -32.85 -64.91 -77.72
N TYR E 638 -32.40 -63.73 -77.28
CA TYR E 638 -33.33 -62.66 -76.89
C TYR E 638 -34.29 -62.34 -78.02
N GLN E 639 -33.74 -62.25 -79.23
CA GLN E 639 -34.55 -61.95 -80.40
C GLN E 639 -35.63 -63.01 -80.60
N MET E 640 -35.24 -64.29 -80.52
CA MET E 640 -36.21 -65.37 -80.72
C MET E 640 -37.30 -65.36 -79.65
N LEU E 641 -36.95 -65.08 -78.40
CA LEU E 641 -37.98 -64.99 -77.37
C LEU E 641 -38.96 -63.87 -77.67
N PHE E 642 -38.45 -62.72 -78.10
CA PHE E 642 -39.32 -61.62 -78.49
C PHE E 642 -40.23 -62.02 -79.66
N ARG E 643 -39.66 -62.69 -80.65
CA ARG E 643 -40.44 -63.12 -81.81
C ARG E 643 -41.60 -64.01 -81.38
N HIS E 644 -41.34 -64.97 -80.50
CA HIS E 644 -42.42 -65.88 -80.11
C HIS E 644 -43.51 -65.12 -79.34
N MET E 645 -43.12 -64.25 -78.41
CA MET E 645 -44.14 -63.49 -77.68
C MET E 645 -44.89 -62.51 -78.59
N PHE E 646 -44.31 -62.18 -79.74
CA PHE E 646 -44.88 -61.19 -80.65
C PHE E 646 -46.25 -61.64 -81.17
N TYR E 647 -46.35 -62.89 -81.64
CA TYR E 647 -47.62 -63.38 -82.15
C TYR E 647 -48.72 -63.25 -81.12
N CYS E 648 -48.42 -63.58 -79.86
CA CYS E 648 -49.49 -63.61 -78.88
C CYS E 648 -49.97 -62.19 -78.56
N LYS E 649 -49.04 -61.23 -78.46
CA LYS E 649 -49.45 -59.83 -78.39
C LYS E 649 -50.32 -59.45 -79.58
N HIS E 650 -49.87 -59.79 -80.79
CA HIS E 650 -50.49 -59.30 -81.99
C HIS E 650 -51.90 -59.85 -82.15
N VAL E 651 -52.08 -61.14 -81.85
CA VAL E 651 -53.40 -61.77 -81.95
C VAL E 651 -54.33 -61.25 -80.87
N GLU E 652 -53.81 -60.99 -79.66
CA GLU E 652 -54.66 -60.38 -78.64
C GLU E 652 -55.20 -59.03 -79.10
N ARG E 653 -54.32 -58.23 -79.69
CA ARG E 653 -54.76 -56.92 -80.19
C ARG E 653 -55.74 -57.07 -81.35
N GLN E 654 -55.53 -58.06 -82.23
CA GLN E 654 -56.52 -58.27 -83.29
C GLN E 654 -57.87 -58.66 -82.73
N LEU E 655 -57.89 -59.46 -81.68
CA LEU E 655 -59.17 -59.83 -81.07
C LEU E 655 -59.87 -58.60 -80.50
N CYS E 656 -59.09 -57.71 -79.88
CA CYS E 656 -59.63 -56.42 -79.46
C CYS E 656 -60.20 -55.65 -80.65
N SER E 657 -59.48 -55.68 -81.78
CA SER E 657 -59.88 -54.94 -82.95
C SER E 657 -61.20 -55.45 -83.50
N VAL E 658 -61.36 -56.78 -83.54
CA VAL E 658 -62.59 -57.33 -84.10
C VAL E 658 -63.76 -57.06 -83.16
N TRP E 659 -63.51 -57.06 -81.84
CA TRP E 659 -64.59 -56.73 -80.91
C TRP E 659 -65.12 -55.33 -81.16
N ILE E 660 -64.22 -54.37 -81.30
CA ILE E 660 -64.69 -53.02 -81.61
C ILE E 660 -65.30 -52.96 -83.01
N SER E 661 -64.78 -53.77 -83.95
CA SER E 661 -65.24 -53.67 -85.34
C SER E 661 -66.70 -54.04 -85.45
N ASN E 662 -67.07 -55.22 -84.94
CA ASN E 662 -68.48 -55.58 -84.92
C ASN E 662 -69.25 -54.69 -83.95
N LYS E 663 -68.64 -54.33 -82.83
CA LYS E 663 -69.31 -53.54 -81.80
C LYS E 663 -68.30 -52.62 -81.12
N ALA E 673 -77.01 -56.86 -88.81
CA ALA E 673 -75.58 -56.62 -88.78
C ALA E 673 -75.00 -57.02 -87.42
N GLN E 674 -75.45 -56.36 -86.37
CA GLN E 674 -75.04 -56.65 -85.01
C GLN E 674 -75.87 -57.76 -84.35
N TRP E 675 -76.89 -58.26 -85.05
CA TRP E 675 -77.76 -59.30 -84.50
C TRP E 675 -77.05 -60.64 -84.33
N PHE E 676 -76.14 -60.99 -85.24
CA PHE E 676 -75.49 -62.30 -85.21
C PHE E 676 -74.71 -62.50 -83.91
N ALA E 677 -74.67 -63.75 -83.42
CA ALA E 677 -74.01 -64.08 -82.15
C ALA E 677 -73.15 -65.34 -82.21
N GLY E 678 -73.13 -66.06 -83.33
CA GLY E 678 -72.52 -67.38 -83.36
C GLY E 678 -71.04 -67.37 -83.04
N ALA E 679 -70.29 -66.45 -83.65
CA ALA E 679 -68.87 -66.27 -83.35
C ALA E 679 -68.65 -65.23 -82.28
N PHE E 680 -69.68 -64.47 -81.91
CA PHE E 680 -69.56 -63.58 -80.77
C PHE E 680 -69.37 -64.40 -79.50
N THR E 681 -69.99 -65.58 -79.45
CA THR E 681 -69.67 -66.52 -78.38
C THR E 681 -68.23 -67.03 -78.48
N LEU E 682 -67.79 -67.32 -79.70
CA LEU E 682 -66.39 -67.79 -79.96
C LEU E 682 -65.40 -66.69 -79.57
N ARG E 683 -65.83 -65.44 -79.51
CA ARG E 683 -64.93 -64.30 -79.22
C ARG E 683 -64.15 -64.55 -77.94
N GLN E 684 -64.83 -64.66 -76.81
CA GLN E 684 -64.20 -64.77 -75.50
C GLN E 684 -63.40 -66.06 -75.42
N ARG E 685 -63.90 -67.11 -76.07
CA ARG E 685 -63.27 -68.42 -76.03
C ARG E 685 -61.86 -68.35 -76.60
N MET E 686 -61.71 -67.75 -77.78
CA MET E 686 -60.38 -67.58 -78.35
C MET E 686 -59.56 -66.62 -77.50
N LEU E 687 -60.22 -65.60 -76.93
CA LEU E 687 -59.50 -64.52 -76.24
C LEU E 687 -58.84 -64.98 -74.95
N ASN E 688 -59.62 -65.55 -74.04
CA ASN E 688 -59.13 -65.73 -72.67
C ASN E 688 -57.96 -66.70 -72.63
N PHE E 689 -57.92 -67.63 -73.59
CA PHE E 689 -56.77 -68.51 -73.70
C PHE E 689 -55.47 -67.74 -73.93
N VAL E 690 -55.46 -66.84 -74.92
CA VAL E 690 -54.22 -66.13 -75.21
C VAL E 690 -53.88 -65.22 -74.04
N GLN E 691 -54.89 -64.65 -73.40
CA GLN E 691 -54.60 -63.69 -72.34
C GLN E 691 -54.18 -64.35 -71.03
N ASN E 692 -54.65 -65.58 -70.77
CA ASN E 692 -54.16 -66.35 -69.63
C ASN E 692 -52.81 -66.95 -69.91
N ILE E 693 -52.51 -67.26 -71.17
CA ILE E 693 -51.13 -67.56 -71.55
C ILE E 693 -50.24 -66.36 -71.21
N GLN E 694 -50.73 -65.15 -71.44
CA GLN E 694 -49.89 -63.99 -71.19
C GLN E 694 -49.78 -63.61 -69.72
N TYR E 695 -50.69 -64.01 -68.85
CA TYR E 695 -50.31 -63.93 -67.43
C TYR E 695 -49.38 -65.07 -67.00
N TYR E 696 -49.57 -66.29 -67.52
CA TYR E 696 -48.68 -67.37 -67.11
C TYR E 696 -47.24 -67.11 -67.55
N MET E 697 -47.04 -66.72 -68.80
CA MET E 697 -45.69 -66.47 -69.30
C MET E 697 -45.06 -65.26 -68.59
N MET E 698 -45.83 -64.21 -68.42
CA MET E 698 -45.26 -62.93 -68.01
C MET E 698 -44.98 -62.88 -66.52
N PHE E 699 -45.93 -63.34 -65.69
CA PHE E 699 -45.79 -63.22 -64.25
C PHE E 699 -45.23 -64.48 -63.59
N GLU E 700 -44.89 -65.52 -64.36
CA GLU E 700 -44.16 -66.66 -63.81
C GLU E 700 -42.89 -66.99 -64.56
N VAL E 701 -42.91 -66.99 -65.89
CA VAL E 701 -41.73 -67.44 -66.62
C VAL E 701 -40.70 -66.32 -66.72
N MET E 702 -41.14 -65.06 -66.69
CA MET E 702 -40.27 -63.89 -66.86
C MET E 702 -39.93 -63.21 -65.54
N GLU E 703 -40.94 -62.74 -64.80
CA GLU E 703 -40.68 -61.90 -63.63
C GLU E 703 -39.94 -62.62 -62.51
N PRO E 704 -40.37 -63.80 -62.03
CA PRO E 704 -39.65 -64.43 -60.91
C PRO E 704 -38.23 -64.79 -61.28
N THR E 705 -38.04 -65.37 -62.46
CA THR E 705 -36.70 -65.79 -62.84
C THR E 705 -35.79 -64.60 -63.10
N TRP E 706 -36.34 -63.48 -63.57
CA TRP E 706 -35.50 -62.28 -63.67
C TRP E 706 -35.11 -61.80 -62.28
N HIS E 707 -36.01 -61.94 -61.30
CA HIS E 707 -35.64 -61.60 -59.93
C HIS E 707 -34.56 -62.55 -59.41
N ILE E 708 -34.62 -63.81 -59.81
CA ILE E 708 -33.61 -64.78 -59.39
C ILE E 708 -32.25 -64.43 -59.98
N LEU E 709 -32.20 -64.00 -61.25
CA LEU E 709 -30.95 -63.47 -61.79
C LEU E 709 -30.51 -62.21 -61.07
N GLU E 710 -31.43 -61.29 -60.78
CA GLU E 710 -30.99 -60.03 -60.19
C GLU E 710 -30.46 -60.24 -58.78
N LYS E 711 -30.85 -61.33 -58.13
CA LYS E 711 -30.24 -61.71 -56.85
C LYS E 711 -28.96 -62.51 -57.05
N ASN E 712 -28.91 -63.37 -58.07
CA ASN E 712 -27.70 -64.17 -58.30
C ASN E 712 -26.51 -63.31 -58.68
N LEU E 713 -26.72 -62.28 -59.51
CA LEU E 713 -25.58 -61.47 -59.94
C LEU E 713 -24.99 -60.68 -58.79
N LYS E 714 -25.79 -60.36 -57.78
CA LYS E 714 -25.30 -59.65 -56.61
C LYS E 714 -24.42 -60.53 -55.74
N SER E 715 -24.47 -61.85 -55.93
CA SER E 715 -23.57 -62.80 -55.28
C SER E 715 -22.67 -63.52 -56.27
N ALA E 716 -22.61 -63.05 -57.52
CA ALA E 716 -21.74 -63.69 -58.50
C ALA E 716 -20.28 -63.34 -58.21
N SER E 717 -19.40 -64.26 -58.57
CA SER E 717 -18.00 -64.21 -58.15
C SER E 717 -17.07 -63.69 -59.21
N ASN E 718 -17.34 -63.99 -60.47
CA ASN E 718 -16.48 -63.58 -61.56
C ASN E 718 -17.27 -63.80 -62.83
N ILE E 719 -16.80 -63.22 -63.94
CA ILE E 719 -17.56 -63.26 -65.20
C ILE E 719 -17.87 -64.69 -65.61
N ASP E 720 -16.96 -65.63 -65.32
CA ASP E 720 -17.25 -67.05 -65.45
C ASP E 720 -18.57 -67.39 -64.76
N ASP E 721 -18.80 -66.82 -63.57
CA ASP E 721 -20.04 -67.08 -62.85
C ASP E 721 -21.18 -66.18 -63.34
N VAL E 722 -20.89 -64.90 -63.60
CA VAL E 722 -21.90 -63.93 -64.01
C VAL E 722 -22.54 -64.36 -65.32
N LEU E 723 -21.73 -64.68 -66.31
CA LEU E 723 -22.27 -65.21 -67.55
C LEU E 723 -23.00 -66.53 -67.31
N GLY E 724 -22.61 -67.26 -66.28
CA GLY E 724 -23.32 -68.48 -65.96
C GLY E 724 -24.74 -68.14 -65.55
N HIS E 725 -24.86 -67.13 -64.69
CA HIS E 725 -26.19 -66.69 -64.25
C HIS E 725 -26.98 -66.09 -65.41
N HIS E 726 -26.28 -65.34 -66.27
CA HIS E 726 -26.92 -64.66 -67.39
C HIS E 726 -27.46 -65.66 -68.40
N THR E 727 -26.60 -66.58 -68.85
CA THR E 727 -27.01 -67.71 -69.66
C THR E 727 -28.06 -68.53 -68.94
N GLY E 728 -28.01 -68.56 -67.61
CA GLY E 728 -29.03 -69.25 -66.83
C GLY E 728 -30.40 -68.65 -67.00
N PHE E 729 -30.52 -67.33 -66.86
CA PHE E 729 -31.84 -66.72 -66.98
C PHE E 729 -32.37 -66.93 -68.38
N LEU E 730 -31.54 -66.63 -69.38
CA LEU E 730 -31.95 -66.83 -70.77
C LEU E 730 -32.34 -68.28 -71.02
N ASP E 731 -31.46 -69.20 -70.64
CA ASP E 731 -31.66 -70.61 -70.95
C ASP E 731 -32.87 -71.15 -70.22
N THR E 732 -32.94 -70.95 -68.92
CA THR E 732 -33.98 -71.55 -68.12
C THR E 732 -35.35 -70.94 -68.43
N CYS E 733 -35.42 -69.62 -68.68
CA CYS E 733 -36.69 -69.04 -69.08
C CYS E 733 -37.11 -69.49 -70.46
N LEU E 734 -36.17 -69.62 -71.39
CA LEU E 734 -36.52 -70.04 -72.73
C LEU E 734 -37.05 -71.47 -72.71
N LYS E 735 -36.52 -72.29 -71.80
CA LYS E 735 -37.09 -73.63 -71.61
C LYS E 735 -38.41 -73.61 -70.84
N ASP E 736 -38.57 -72.72 -69.87
CA ASP E 736 -39.83 -72.69 -69.12
C ASP E 736 -40.96 -72.26 -70.03
N CYS E 737 -40.70 -71.31 -70.93
CA CYS E 737 -41.65 -71.04 -72.00
C CYS E 737 -41.80 -72.28 -72.87
N MET E 738 -42.86 -72.27 -73.68
CA MET E 738 -43.25 -73.43 -74.47
C MET E 738 -42.35 -73.67 -75.67
N LEU E 739 -41.38 -72.81 -75.94
CA LEU E 739 -40.61 -72.90 -77.17
C LEU E 739 -39.85 -74.22 -77.27
N THR E 740 -39.33 -74.71 -76.14
CA THR E 740 -38.40 -75.84 -76.15
C THR E 740 -39.18 -77.13 -75.99
N ASN E 741 -39.44 -77.81 -77.10
CA ASN E 741 -40.01 -79.15 -77.07
C ASN E 741 -39.47 -79.87 -78.30
N PRO E 742 -39.38 -81.20 -78.28
CA PRO E 742 -39.06 -81.89 -79.53
C PRO E 742 -40.09 -81.66 -80.63
N GLU E 743 -41.37 -81.63 -80.27
CA GLU E 743 -42.43 -81.24 -81.22
C GLU E 743 -42.62 -79.73 -81.28
N LEU E 744 -41.87 -78.95 -80.50
CA LEU E 744 -41.95 -77.49 -80.43
C LEU E 744 -43.32 -77.01 -79.96
N LEU E 745 -44.08 -77.89 -79.31
CA LEU E 745 -45.53 -77.78 -79.15
C LEU E 745 -46.16 -77.12 -80.39
N LYS E 746 -46.09 -77.88 -81.49
CA LYS E 746 -46.74 -77.45 -82.72
C LYS E 746 -48.23 -77.24 -82.56
N VAL E 747 -48.83 -77.81 -81.52
CA VAL E 747 -50.20 -77.45 -81.14
C VAL E 747 -50.33 -75.94 -81.01
N PHE E 748 -49.34 -75.30 -80.40
CA PHE E 748 -49.40 -73.86 -80.15
C PHE E 748 -49.25 -73.08 -81.45
N SER E 749 -48.35 -73.53 -82.34
CA SER E 749 -48.19 -72.86 -83.63
C SER E 749 -49.45 -72.99 -84.47
N LYS E 750 -50.01 -74.21 -84.55
CA LYS E 750 -51.23 -74.38 -85.32
C LYS E 750 -52.39 -73.64 -84.67
N LEU E 751 -52.32 -73.43 -83.35
CA LEU E 751 -53.39 -72.70 -82.69
C LEU E 751 -53.35 -71.23 -83.08
N MET E 752 -52.15 -70.60 -83.11
CA MET E 752 -52.16 -69.24 -83.65
C MET E 752 -52.54 -69.21 -85.12
N SER E 753 -52.17 -70.24 -85.88
CA SER E 753 -52.49 -70.18 -87.31
C SER E 753 -54.00 -70.17 -87.52
N VAL E 754 -54.72 -71.07 -86.84
CA VAL E 754 -56.17 -71.07 -87.00
C VAL E 754 -56.78 -69.84 -86.34
N CYS E 755 -56.13 -69.30 -85.30
CA CYS E 755 -56.62 -68.06 -84.71
C CYS E 755 -56.56 -66.92 -85.71
N VAL E 756 -55.44 -66.75 -86.40
CA VAL E 756 -55.35 -65.69 -87.39
C VAL E 756 -56.31 -65.95 -88.54
N MET E 757 -56.51 -67.23 -88.90
CA MET E 757 -57.52 -67.57 -89.89
C MET E 757 -58.89 -67.08 -89.46
N PHE E 758 -59.21 -67.19 -88.18
CA PHE E 758 -60.50 -66.67 -87.73
C PHE E 758 -60.50 -65.14 -87.75
N THR E 759 -59.44 -64.52 -87.22
CA THR E 759 -59.48 -63.08 -86.97
C THR E 759 -59.54 -62.27 -88.27
N ASN E 760 -58.76 -62.65 -89.29
CA ASN E 760 -58.75 -61.84 -90.52
C ASN E 760 -59.02 -62.63 -91.80
N CYS E 761 -58.46 -63.84 -91.95
CA CYS E 761 -58.57 -64.53 -93.23
C CYS E 761 -60.01 -64.93 -93.51
N MET E 762 -60.72 -65.41 -92.49
CA MET E 762 -62.13 -65.75 -92.61
C MET E 762 -63.01 -64.57 -92.21
N GLN E 763 -62.78 -64.01 -91.02
CA GLN E 763 -63.60 -62.89 -90.58
C GLN E 763 -63.45 -61.72 -91.54
N LYS E 764 -62.24 -61.17 -91.68
CA LYS E 764 -62.00 -60.05 -92.60
C LYS E 764 -62.93 -58.88 -92.27
N PHE E 765 -63.16 -58.72 -90.97
CA PHE E 765 -64.19 -57.84 -90.43
C PHE E 765 -65.51 -58.15 -91.16
N THR E 766 -65.86 -59.45 -91.16
CA THR E 766 -66.96 -60.03 -91.94
C THR E 766 -66.89 -59.63 -93.41
N GLN E 767 -65.66 -59.67 -93.97
CA GLN E 767 -65.30 -59.28 -95.32
C GLN E 767 -65.96 -57.95 -95.66
N SER E 768 -65.93 -57.08 -94.66
CA SER E 768 -66.59 -55.77 -94.71
C SER E 768 -68.07 -55.89 -95.06
N MET E 769 -68.74 -56.99 -94.65
CA MET E 769 -70.16 -57.15 -94.96
C MET E 769 -70.98 -56.06 -94.29
N LYS E 770 -70.72 -55.83 -93.01
CA LYS E 770 -71.35 -54.71 -92.30
C LYS E 770 -71.05 -53.40 -93.01
N LEU E 771 -69.83 -53.25 -93.51
CA LEU E 771 -69.44 -52.05 -94.25
C LEU E 771 -69.71 -52.22 -95.73
N LEU E 814 -73.92 -63.99 -95.06
CA LEU E 814 -74.67 -63.62 -96.25
C LEU E 814 -75.52 -64.82 -96.63
N VAL E 815 -74.86 -65.98 -96.78
CA VAL E 815 -75.52 -67.26 -96.98
C VAL E 815 -75.28 -68.22 -95.81
N SER E 816 -74.77 -67.71 -94.67
CA SER E 816 -74.34 -68.49 -93.51
C SER E 816 -73.14 -69.37 -93.81
N GLY E 817 -72.49 -69.18 -94.96
CA GLY E 817 -71.24 -69.85 -95.22
C GLY E 817 -70.20 -69.53 -94.16
N PHE E 818 -70.17 -68.27 -93.71
CA PHE E 818 -69.21 -67.91 -92.66
C PHE E 818 -69.55 -68.62 -91.36
N GLU E 819 -70.82 -68.97 -91.15
CA GLU E 819 -71.19 -69.75 -89.98
C GLU E 819 -70.68 -71.17 -90.11
N ALA E 820 -70.71 -71.73 -91.32
CA ALA E 820 -70.12 -73.05 -91.52
C ALA E 820 -68.61 -73.02 -91.26
N THR E 821 -67.93 -71.97 -91.73
CA THR E 821 -66.50 -71.84 -91.44
C THR E 821 -66.27 -71.62 -89.95
N ILE E 822 -67.17 -70.90 -89.27
CA ILE E 822 -67.05 -70.73 -87.83
C ILE E 822 -67.11 -72.07 -87.14
N ASN E 823 -68.03 -72.93 -87.57
CA ASN E 823 -68.14 -74.27 -86.98
C ASN E 823 -66.88 -75.08 -87.23
N LYS E 824 -66.36 -75.04 -88.46
CA LYS E 824 -65.14 -75.78 -88.78
C LYS E 824 -63.97 -75.30 -87.93
N PHE E 825 -63.81 -73.99 -87.84
CA PHE E 825 -62.75 -73.41 -87.02
C PHE E 825 -62.95 -73.78 -85.55
N ASP E 826 -64.20 -73.88 -85.11
CA ASP E 826 -64.48 -74.19 -83.72
C ASP E 826 -64.06 -75.61 -83.38
N LYS E 827 -64.36 -76.57 -84.26
CA LYS E 827 -63.94 -77.94 -83.97
C LYS E 827 -62.42 -78.09 -84.05
N ASN E 828 -61.80 -77.44 -85.04
CA ASN E 828 -60.33 -77.48 -85.11
C ASN E 828 -59.71 -76.87 -83.86
N PHE E 829 -60.29 -75.76 -83.40
CA PHE E 829 -59.83 -75.11 -82.17
C PHE E 829 -59.97 -76.04 -80.98
N SER E 830 -61.11 -76.69 -80.85
CA SER E 830 -61.33 -77.60 -79.72
C SER E 830 -60.30 -78.71 -79.72
N ALA E 831 -60.04 -79.30 -80.89
CA ALA E 831 -59.08 -80.38 -80.99
C ALA E 831 -57.67 -79.92 -80.58
N HIS E 832 -57.21 -78.81 -81.16
CA HIS E 832 -55.87 -78.34 -80.83
C HIS E 832 -55.77 -77.91 -79.37
N LEU E 833 -56.83 -77.32 -78.84
CA LEU E 833 -56.84 -76.91 -77.43
C LEU E 833 -56.73 -78.13 -76.52
N LEU E 834 -57.46 -79.20 -76.82
CA LEU E 834 -57.34 -80.41 -76.02
C LEU E 834 -55.94 -80.98 -76.11
N ASP E 835 -55.38 -80.99 -77.32
CA ASP E 835 -54.10 -81.67 -77.53
C ASP E 835 -53.01 -80.93 -76.75
N LEU E 836 -53.08 -79.60 -76.71
CA LEU E 836 -52.09 -78.82 -75.96
C LEU E 836 -52.17 -79.12 -74.46
N LEU E 837 -53.38 -79.09 -73.90
CA LEU E 837 -53.52 -79.33 -72.47
C LEU E 837 -53.09 -80.74 -72.10
N ALA E 838 -53.40 -81.72 -72.94
CA ALA E 838 -52.91 -83.07 -72.70
C ALA E 838 -51.39 -83.12 -72.77
N ARG E 839 -50.78 -82.42 -73.73
CA ARG E 839 -49.34 -82.44 -73.84
C ARG E 839 -48.69 -81.74 -72.65
N LEU E 840 -49.35 -80.72 -72.12
CA LEU E 840 -48.84 -80.07 -70.92
C LEU E 840 -48.92 -81.01 -69.72
N SER E 841 -49.97 -81.82 -69.64
CA SER E 841 -50.04 -82.80 -68.56
C SER E 841 -48.95 -83.86 -68.70
N ILE E 842 -48.73 -84.37 -69.91
CA ILE E 842 -47.80 -85.49 -70.07
C ILE E 842 -46.36 -85.03 -69.94
N TYR E 843 -46.02 -83.84 -70.44
CA TYR E 843 -44.68 -83.26 -70.29
C TYR E 843 -44.71 -82.22 -69.18
N SER E 844 -43.96 -82.47 -68.11
CA SER E 844 -43.89 -81.57 -66.96
C SER E 844 -45.26 -81.30 -66.35
N ALA E 853 -49.22 -76.57 -67.91
CA ALA E 853 -48.95 -77.02 -66.55
C ALA E 853 -50.08 -76.56 -65.63
N SER E 854 -50.01 -75.31 -65.17
CA SER E 854 -51.13 -74.73 -64.45
C SER E 854 -52.33 -74.51 -65.37
N VAL E 855 -52.08 -74.39 -66.68
CA VAL E 855 -53.07 -73.77 -67.56
C VAL E 855 -54.28 -74.67 -67.74
N ILE E 856 -54.08 -75.99 -67.71
CA ILE E 856 -55.21 -76.91 -67.88
C ILE E 856 -56.24 -76.66 -66.78
N SER E 857 -55.76 -76.65 -65.55
CA SER E 857 -56.61 -76.39 -64.40
C SER E 857 -57.18 -74.97 -64.41
N ARG E 858 -56.36 -73.97 -64.76
CA ARG E 858 -56.90 -72.61 -64.72
C ARG E 858 -58.02 -72.47 -65.75
N LEU E 859 -57.83 -73.02 -66.95
CA LEU E 859 -58.86 -72.95 -67.98
C LEU E 859 -60.13 -73.66 -67.52
N ASP E 860 -59.99 -74.83 -66.89
CA ASP E 860 -61.15 -75.56 -66.37
C ASP E 860 -61.35 -75.22 -64.89
N PHE E 861 -61.87 -74.01 -64.64
CA PHE E 861 -61.98 -73.54 -63.26
C PHE E 861 -63.05 -74.27 -62.47
N ASN E 862 -64.27 -74.42 -63.02
CA ASN E 862 -65.37 -75.09 -62.33
C ASN E 862 -65.85 -76.22 -63.24
N GLY E 863 -65.06 -77.29 -63.27
CA GLY E 863 -65.32 -78.41 -64.16
C GLY E 863 -65.64 -77.99 -65.59
N PHE E 864 -65.05 -76.90 -66.06
CA PHE E 864 -65.52 -76.32 -67.31
C PHE E 864 -65.01 -77.18 -68.45
N TYR E 865 -65.94 -77.93 -69.04
CA TYR E 865 -65.64 -78.82 -70.15
C TYR E 865 -64.60 -79.83 -69.67
N THR E 866 -64.80 -80.31 -68.44
CA THR E 866 -63.77 -81.01 -67.68
C THR E 866 -63.25 -82.23 -68.44
N GLU E 867 -64.13 -82.92 -69.15
CA GLU E 867 -63.72 -83.98 -70.06
C GLU E 867 -64.56 -83.84 -71.32
N ARG E 868 -64.09 -83.01 -72.25
CA ARG E 868 -64.65 -83.02 -73.60
C ARG E 868 -64.31 -84.33 -74.29
N LEU E 869 -63.14 -84.88 -73.99
CA LEU E 869 -62.78 -86.24 -74.36
C LEU E 869 -61.58 -86.62 -73.50
N GLU E 870 -61.46 -87.91 -73.22
CA GLU E 870 -60.44 -88.44 -72.32
C GLU E 870 -59.45 -89.27 -73.13
N ARG E 871 -58.17 -88.92 -73.01
CA ARG E 871 -57.13 -89.61 -73.77
C ARG E 871 -56.96 -91.04 -73.27
N LEU E 872 -56.95 -91.99 -74.21
CA LEU E 872 -56.76 -93.40 -73.90
C LEU E 872 -57.78 -93.92 -72.88
N ILE F 245 57.71 -67.32 -79.82
CA ILE F 245 56.89 -66.34 -79.14
C ILE F 245 56.19 -66.98 -77.94
N THR F 246 55.42 -66.17 -77.20
CA THR F 246 54.91 -66.56 -75.90
C THR F 246 53.48 -66.08 -75.77
N GLU F 247 52.80 -66.60 -74.75
CA GLU F 247 51.51 -66.02 -74.38
C GLU F 247 51.65 -64.56 -73.98
N ALA F 248 52.82 -64.15 -73.50
CA ALA F 248 53.09 -62.74 -73.21
C ALA F 248 53.07 -61.89 -74.50
N ALA F 249 53.83 -62.30 -75.51
CA ALA F 249 53.84 -61.58 -76.77
C ALA F 249 52.45 -61.60 -77.40
N LEU F 250 51.77 -62.73 -77.31
CA LEU F 250 50.44 -62.81 -77.89
C LEU F 250 49.43 -61.93 -77.15
N VAL F 251 49.59 -61.73 -75.83
CA VAL F 251 48.67 -60.82 -75.15
C VAL F 251 48.97 -59.36 -75.50
N ARG F 252 50.26 -59.00 -75.64
CA ARG F 252 50.53 -57.61 -76.05
C ARG F 252 49.95 -57.34 -77.44
N ASP F 253 50.01 -58.33 -78.33
CA ASP F 253 49.34 -58.15 -79.61
C ASP F 253 47.81 -58.15 -79.48
N ILE F 254 47.26 -59.05 -78.66
CA ILE F 254 45.82 -59.25 -78.69
C ILE F 254 45.13 -58.03 -78.08
N LEU F 255 45.77 -57.38 -77.11
CA LEU F 255 45.20 -56.19 -76.51
C LEU F 255 44.96 -55.11 -77.57
N TYR F 256 45.88 -54.99 -78.54
CA TYR F 256 45.68 -54.07 -79.65
C TYR F 256 44.68 -54.62 -80.66
N VAL F 257 44.65 -55.94 -80.85
CA VAL F 257 43.67 -56.55 -81.72
C VAL F 257 42.25 -56.27 -81.21
N PHE F 258 42.10 -56.18 -79.89
CA PHE F 258 40.84 -55.76 -79.32
C PHE F 258 40.50 -54.34 -79.74
N GLN F 259 41.51 -53.46 -79.80
CA GLN F 259 41.27 -52.11 -80.29
C GLN F 259 40.97 -52.08 -81.77
N GLY F 260 41.34 -53.13 -82.51
CA GLY F 260 41.12 -53.23 -83.94
C GLY F 260 42.39 -53.07 -84.73
N ILE F 261 43.40 -52.40 -84.15
CA ILE F 261 44.70 -52.31 -84.77
C ILE F 261 45.33 -53.70 -84.86
N ASP F 262 45.97 -53.96 -86.00
CA ASP F 262 46.63 -55.24 -86.22
C ASP F 262 47.99 -55.24 -85.54
N GLY F 263 48.16 -56.13 -84.59
CA GLY F 263 49.48 -56.35 -84.01
C GLY F 263 50.41 -57.00 -85.00
N LYS F 264 51.68 -57.12 -84.62
CA LYS F 264 52.64 -57.75 -85.51
C LYS F 264 52.41 -59.25 -85.59
N ASN F 265 52.28 -59.92 -84.45
CA ASN F 265 52.14 -61.37 -84.46
C ASN F 265 50.80 -61.80 -85.05
N ILE F 266 49.72 -61.12 -84.69
CA ILE F 266 48.38 -61.43 -85.19
C ILE F 266 47.97 -60.32 -86.13
N LYS F 267 47.46 -60.69 -87.30
CA LYS F 267 47.06 -59.73 -88.32
C LYS F 267 45.77 -60.19 -88.98
N MET F 268 44.98 -59.22 -89.45
CA MET F 268 43.76 -59.53 -90.17
C MET F 268 44.07 -60.28 -91.45
N ASN F 269 43.21 -61.24 -91.77
CA ASN F 269 43.26 -61.99 -93.03
C ASN F 269 41.92 -61.80 -93.73
N ASN F 270 41.79 -60.68 -94.46
CA ASN F 270 40.48 -60.17 -94.85
C ASN F 270 39.68 -61.18 -95.65
N THR F 271 40.35 -62.07 -96.38
CA THR F 271 39.65 -63.13 -97.10
C THR F 271 38.79 -63.98 -96.16
N GLU F 272 39.31 -64.28 -94.96
CA GLU F 272 38.51 -64.87 -93.89
C GLU F 272 38.31 -63.82 -92.81
N ASN F 273 37.08 -63.34 -92.66
CA ASN F 273 36.71 -62.19 -91.83
C ASN F 273 37.35 -62.19 -90.44
N CYS F 274 37.55 -63.37 -89.86
CA CYS F 274 38.16 -63.47 -88.54
C CYS F 274 39.66 -63.20 -88.59
N TYR F 275 40.22 -62.87 -87.42
CA TYR F 275 41.65 -62.72 -87.27
C TYR F 275 42.34 -64.08 -87.32
N LYS F 276 43.61 -64.08 -87.70
CA LYS F 276 44.35 -65.33 -87.87
C LYS F 276 45.81 -65.15 -87.48
N VAL F 277 46.30 -66.04 -86.60
CA VAL F 277 47.70 -66.03 -86.19
C VAL F 277 48.56 -66.67 -87.28
N GLU F 278 49.65 -66.01 -87.63
CA GLU F 278 50.57 -66.57 -88.62
C GLU F 278 51.33 -67.75 -88.03
N SER F 286 47.05 -75.97 -80.20
CA SER F 286 47.90 -75.32 -79.20
C SER F 286 47.18 -74.14 -78.56
N LEU F 287 47.97 -73.26 -77.95
CA LEU F 287 47.46 -72.00 -77.39
C LEU F 287 46.85 -71.07 -78.43
N ARG F 288 47.19 -71.25 -79.71
CA ARG F 288 46.67 -70.36 -80.76
C ARG F 288 45.15 -70.35 -80.79
N ASP F 289 44.51 -71.47 -80.43
CA ASP F 289 43.05 -71.51 -80.42
C ASP F 289 42.48 -70.54 -79.38
N THR F 290 43.15 -70.39 -78.23
CA THR F 290 42.71 -69.39 -77.26
C THR F 290 42.78 -67.98 -77.86
N ALA F 291 43.83 -67.69 -78.63
CA ALA F 291 43.93 -66.39 -79.30
C ALA F 291 42.75 -66.18 -80.22
N VAL F 292 42.38 -67.23 -80.97
CA VAL F 292 41.20 -67.17 -81.82
C VAL F 292 39.96 -66.87 -81.00
N ARG F 293 39.79 -67.55 -79.87
CA ARG F 293 38.58 -67.37 -79.06
C ARG F 293 38.49 -65.94 -78.54
N LEU F 294 39.63 -65.36 -78.16
CA LEU F 294 39.60 -64.01 -77.61
C LEU F 294 39.42 -62.94 -78.69
N SER F 295 40.02 -63.14 -79.86
CA SER F 295 40.14 -62.08 -80.87
C SER F 295 38.80 -61.50 -81.34
N GLU F 296 37.69 -62.23 -81.24
CA GLU F 296 36.46 -61.73 -81.85
C GLU F 296 35.92 -60.49 -81.16
N LEU F 297 36.35 -60.22 -79.93
CA LEU F 297 35.96 -58.97 -79.29
C LEU F 297 36.37 -57.79 -80.16
N GLY F 298 37.53 -57.89 -80.80
CA GLY F 298 37.98 -56.84 -81.70
C GLY F 298 37.13 -56.74 -82.96
N TRP F 299 36.66 -57.87 -83.48
CA TRP F 299 35.86 -57.84 -84.70
C TRP F 299 34.47 -57.26 -84.42
N LEU F 300 33.85 -57.67 -83.31
CA LEU F 300 32.62 -57.04 -82.83
C LEU F 300 32.81 -55.60 -82.41
N HIS F 301 34.05 -55.16 -82.21
CA HIS F 301 34.37 -53.74 -82.01
C HIS F 301 34.50 -53.00 -83.34
N ASN F 302 35.20 -53.62 -84.29
CA ASN F 302 35.39 -53.03 -85.61
C ASN F 302 34.04 -52.77 -86.27
N LYS F 303 33.08 -53.66 -86.06
CA LYS F 303 31.76 -53.44 -86.67
C LYS F 303 31.09 -52.18 -86.12
N ILE F 304 31.08 -52.02 -84.80
CA ILE F 304 30.39 -50.88 -84.23
C ILE F 304 31.13 -49.59 -84.57
N ARG F 305 32.46 -49.63 -84.63
CA ARG F 305 33.20 -48.44 -85.07
C ARG F 305 32.88 -48.11 -86.52
N ARG F 306 32.79 -49.11 -87.39
CA ARG F 306 32.47 -48.86 -88.78
C ARG F 306 31.12 -48.18 -88.88
N TYR F 307 30.13 -48.68 -88.13
CA TYR F 307 28.80 -48.08 -88.19
C TYR F 307 28.82 -46.63 -87.73
N THR F 308 29.40 -46.36 -86.55
CA THR F 308 29.33 -44.99 -86.05
C THR F 308 30.28 -44.05 -86.79
N ASP F 309 31.19 -44.57 -87.63
CA ASP F 309 32.06 -43.72 -88.43
C ASP F 309 31.51 -43.47 -89.83
N GLN F 310 30.93 -44.49 -90.47
CA GLN F 310 30.23 -44.25 -91.72
C GLN F 310 29.02 -43.35 -91.49
N ARG F 311 28.32 -43.54 -90.39
CA ARG F 311 27.05 -42.89 -90.21
C ARG F 311 27.20 -41.50 -89.59
N SER F 312 28.44 -41.04 -89.37
CA SER F 312 28.70 -39.69 -88.92
C SER F 312 28.93 -38.69 -90.06
N LEU F 313 29.22 -39.14 -91.30
CA LEU F 313 29.65 -38.26 -92.38
C LEU F 313 28.57 -38.03 -93.43
N ASP F 314 27.33 -38.38 -93.12
CA ASP F 314 26.20 -38.27 -94.04
C ASP F 314 25.00 -37.62 -93.34
N ARG F 315 24.61 -36.46 -93.87
CA ARG F 315 23.83 -35.46 -93.14
C ARG F 315 22.37 -35.85 -92.98
N SER F 316 21.80 -36.59 -93.95
CA SER F 316 20.35 -36.82 -94.04
C SER F 316 19.79 -37.46 -92.77
N PHE F 317 20.64 -38.18 -92.05
CA PHE F 317 20.32 -39.03 -90.92
C PHE F 317 19.34 -38.48 -89.86
N GLY F 318 19.56 -37.32 -89.26
CA GLY F 318 18.60 -36.76 -88.31
C GLY F 318 18.98 -37.04 -86.86
N LEU F 319 18.08 -36.62 -85.95
CA LEU F 319 18.46 -36.42 -84.55
C LEU F 319 18.33 -37.69 -83.71
N VAL F 320 17.45 -38.62 -84.09
CA VAL F 320 17.19 -39.78 -83.27
C VAL F 320 18.41 -40.69 -83.26
N GLY F 321 18.90 -41.00 -84.44
CA GLY F 321 20.11 -41.77 -84.54
C GLY F 321 21.33 -41.04 -84.01
N GLN F 322 21.35 -39.70 -84.10
CA GLN F 322 22.48 -38.96 -83.51
C GLN F 322 22.44 -38.94 -81.99
N SER F 323 21.36 -39.37 -81.33
CA SER F 323 21.49 -39.76 -79.93
C SER F 323 21.85 -41.22 -79.75
N PHE F 324 21.40 -42.07 -80.67
CA PHE F 324 21.73 -43.49 -80.58
C PHE F 324 23.24 -43.71 -80.69
N CYS F 325 23.88 -43.05 -81.67
CA CYS F 325 25.32 -43.21 -81.82
C CYS F 325 26.08 -42.63 -80.63
N ALA F 326 25.55 -41.57 -80.00
CA ALA F 326 26.16 -41.07 -78.77
C ALA F 326 26.12 -42.12 -77.67
N ALA F 327 25.01 -42.84 -77.56
CA ALA F 327 24.97 -43.93 -76.60
C ALA F 327 26.01 -45.01 -76.96
N LEU F 328 26.19 -45.27 -78.24
CA LEU F 328 27.28 -46.18 -78.64
C LEU F 328 28.65 -45.64 -78.24
N HIS F 329 28.85 -44.33 -78.34
CA HIS F 329 30.14 -43.79 -77.91
C HIS F 329 30.37 -43.99 -76.43
N GLN F 330 29.35 -43.78 -75.58
CA GLN F 330 29.59 -43.96 -74.15
C GLN F 330 29.82 -45.44 -73.81
N GLU F 331 29.11 -46.35 -74.49
CA GLU F 331 29.38 -47.77 -74.24
C GLU F 331 30.80 -48.15 -74.65
N LEU F 332 31.25 -47.65 -75.80
CA LEU F 332 32.61 -47.95 -76.21
C LEU F 332 33.62 -47.25 -75.28
N ARG F 333 33.25 -46.11 -74.71
CA ARG F 333 34.10 -45.45 -73.72
C ARG F 333 34.37 -46.36 -72.53
N GLU F 334 33.32 -47.01 -72.02
CA GLU F 334 33.55 -47.93 -70.90
C GLU F 334 34.38 -49.13 -71.33
N TYR F 335 34.10 -49.66 -72.52
CA TYR F 335 34.93 -50.74 -73.03
C TYR F 335 36.37 -50.29 -73.29
N TYR F 336 36.60 -48.99 -73.43
CA TYR F 336 37.96 -48.45 -73.56
C TYR F 336 38.62 -48.31 -72.19
N ARG F 337 37.83 -48.11 -71.13
CA ARG F 337 38.38 -48.15 -69.78
C ARG F 337 38.96 -49.53 -69.48
N LEU F 338 38.22 -50.58 -69.84
CA LEU F 338 38.69 -51.92 -69.49
C LEU F 338 40.01 -52.24 -70.18
N LEU F 339 40.13 -51.87 -71.47
CA LEU F 339 41.37 -52.13 -72.20
C LEU F 339 42.55 -51.38 -71.59
N SER F 340 42.29 -50.31 -70.83
CA SER F 340 43.34 -49.58 -70.13
C SER F 340 43.75 -50.29 -68.86
N VAL F 341 42.75 -50.73 -68.08
CA VAL F 341 43.06 -51.47 -66.86
C VAL F 341 43.87 -52.71 -67.17
N LEU F 342 43.53 -53.40 -68.26
CA LEU F 342 44.29 -54.57 -68.69
C LEU F 342 45.74 -54.20 -68.99
N HIS F 343 45.96 -53.09 -69.68
CA HIS F 343 47.32 -52.66 -69.99
C HIS F 343 48.08 -52.34 -68.71
N SER F 344 47.41 -51.71 -67.75
CA SER F 344 48.09 -51.39 -66.49
C SER F 344 48.51 -52.66 -65.76
N GLN F 345 47.65 -53.69 -65.78
CA GLN F 345 48.01 -54.95 -65.17
C GLN F 345 48.96 -55.80 -66.03
N LEU F 346 49.27 -55.39 -67.25
CA LEU F 346 50.38 -56.01 -67.98
C LEU F 346 51.67 -55.92 -67.17
N ARG F 366 45.02 -65.59 -68.83
CA ARG F 366 44.69 -65.28 -70.22
C ARG F 366 43.48 -64.35 -70.32
N LEU F 367 43.06 -63.77 -69.20
CA LEU F 367 42.09 -62.69 -69.16
C LEU F 367 40.72 -63.12 -69.67
N LEU F 368 40.44 -64.42 -69.74
CA LEU F 368 39.15 -64.87 -70.21
C LEU F 368 38.05 -64.46 -69.25
N VAL F 369 38.30 -64.66 -67.95
CA VAL F 369 37.37 -64.20 -66.92
C VAL F 369 37.22 -62.69 -67.00
N TRP F 370 38.32 -61.97 -67.22
CA TRP F 370 38.25 -60.53 -67.30
C TRP F 370 37.40 -60.08 -68.48
N THR F 371 37.46 -60.79 -69.60
CA THR F 371 36.79 -60.38 -70.82
C THR F 371 35.37 -60.89 -70.93
N TYR F 372 34.94 -61.81 -70.06
CA TYR F 372 33.66 -62.48 -70.25
C TYR F 372 32.48 -61.50 -70.34
N ASP F 373 32.39 -60.55 -69.42
CA ASP F 373 31.26 -59.63 -69.42
C ASP F 373 31.37 -58.62 -70.57
N PRO F 374 32.57 -58.10 -70.89
CA PRO F 374 32.70 -57.30 -72.12
C PRO F 374 32.23 -58.00 -73.39
N LYS F 375 32.45 -59.32 -73.52
CA LYS F 375 31.93 -60.02 -74.68
C LYS F 375 30.42 -59.92 -74.75
N ILE F 376 29.73 -60.03 -73.60
CA ILE F 376 28.28 -59.87 -73.58
C ILE F 376 27.91 -58.45 -74.03
N ARG F 377 28.59 -57.48 -73.45
CA ARG F 377 28.22 -56.09 -73.64
C ARG F 377 28.63 -55.57 -75.00
N LEU F 378 29.37 -56.36 -75.79
CA LEU F 378 29.67 -56.01 -77.17
C LEU F 378 28.88 -56.84 -78.18
N LYS F 379 28.58 -58.12 -77.89
CA LYS F 379 27.76 -58.88 -78.83
C LYS F 379 26.40 -58.24 -78.96
N THR F 380 25.81 -57.83 -77.82
CA THR F 380 24.47 -57.25 -77.90
C THR F 380 24.49 -55.95 -78.70
N LEU F 381 25.53 -55.14 -78.51
CA LEU F 381 25.59 -53.87 -79.24
C LEU F 381 25.77 -54.11 -80.73
N ALA F 382 26.61 -55.07 -81.13
CA ALA F 382 26.74 -55.36 -82.55
C ALA F 382 25.45 -55.90 -83.15
N ALA F 383 24.67 -56.64 -82.34
CA ALA F 383 23.37 -57.11 -82.82
C ALA F 383 22.43 -55.93 -83.06
N LEU F 384 22.35 -55.01 -82.09
CA LEU F 384 21.60 -53.77 -82.30
C LEU F 384 22.03 -53.07 -83.58
N VAL F 385 23.33 -52.90 -83.78
CA VAL F 385 23.82 -52.12 -84.93
C VAL F 385 23.33 -52.72 -86.24
N ASP F 386 23.67 -53.99 -86.48
CA ASP F 386 23.38 -54.53 -87.80
C ASP F 386 21.89 -54.73 -88.01
N HIS F 387 21.15 -55.12 -86.98
CA HIS F 387 19.72 -55.31 -87.18
C HIS F 387 19.05 -53.96 -87.42
N CYS F 388 19.61 -52.89 -86.85
CA CYS F 388 19.11 -51.54 -87.08
C CYS F 388 19.91 -50.83 -88.17
N GLN F 389 20.51 -51.60 -89.08
CA GLN F 389 21.21 -51.03 -90.22
C GLN F 389 20.19 -50.68 -91.30
N GLY F 390 20.10 -49.39 -91.63
CA GLY F 390 19.22 -48.89 -92.65
C GLY F 390 17.97 -48.22 -92.12
N ARG F 391 17.58 -48.55 -90.90
CA ARG F 391 16.44 -47.90 -90.28
C ARG F 391 16.90 -46.63 -89.59
N LYS F 392 16.08 -45.60 -89.69
CA LYS F 392 16.41 -44.29 -89.14
C LYS F 392 15.19 -43.78 -88.38
N GLY F 393 15.43 -42.74 -87.57
CA GLY F 393 14.36 -42.01 -86.93
C GLY F 393 13.53 -42.87 -85.97
N GLY F 394 12.20 -42.75 -86.10
CA GLY F 394 11.31 -43.53 -85.25
C GLY F 394 11.46 -45.02 -85.49
N GLU F 395 11.79 -45.41 -86.71
CA GLU F 395 12.04 -46.82 -87.03
C GLU F 395 13.28 -47.34 -86.29
N LEU F 396 14.37 -46.59 -86.37
CA LEU F 396 15.57 -46.91 -85.59
C LEU F 396 15.29 -46.91 -84.09
N ALA F 397 14.41 -46.03 -83.63
CA ALA F 397 13.99 -46.07 -82.24
C ALA F 397 13.21 -47.34 -81.93
N SER F 398 12.34 -47.74 -82.84
CA SER F 398 11.50 -48.92 -82.65
C SER F 398 12.34 -50.18 -82.49
N ALA F 399 13.40 -50.28 -83.28
CA ALA F 399 14.22 -51.48 -83.26
C ALA F 399 14.85 -51.73 -81.88
N VAL F 400 15.30 -50.68 -81.19
CA VAL F 400 15.87 -50.86 -79.85
C VAL F 400 14.79 -51.37 -78.89
N HIS F 401 13.59 -50.79 -78.97
CA HIS F 401 12.47 -51.31 -78.19
C HIS F 401 12.20 -52.78 -78.53
N ALA F 402 12.39 -53.15 -79.79
CA ALA F 402 12.28 -54.55 -80.18
C ALA F 402 13.33 -55.40 -79.46
N TYR F 403 14.54 -54.88 -79.31
CA TYR F 403 15.57 -55.57 -78.54
C TYR F 403 15.37 -55.48 -77.03
N THR F 404 14.35 -54.77 -76.57
CA THR F 404 14.05 -54.72 -75.14
C THR F 404 13.25 -55.94 -74.68
N LYS F 405 12.93 -56.89 -75.58
CA LYS F 405 12.04 -57.99 -75.21
C LYS F 405 12.74 -59.06 -74.36
N THR F 406 14.06 -59.21 -74.50
CA THR F 406 14.78 -60.31 -73.84
C THR F 406 14.61 -60.28 -72.32
N GLY F 407 14.78 -61.45 -71.72
CA GLY F 407 14.60 -61.62 -70.29
C GLY F 407 15.88 -61.53 -69.48
N ASP F 408 17.02 -61.81 -70.13
CA ASP F 408 18.34 -61.71 -69.52
C ASP F 408 18.51 -60.35 -68.86
N PRO F 409 18.50 -60.26 -67.52
CA PRO F 409 18.47 -58.92 -66.89
C PRO F 409 19.68 -58.07 -67.18
N TYR F 410 20.78 -58.65 -67.65
CA TYR F 410 21.92 -57.84 -68.02
C TYR F 410 21.70 -57.16 -69.36
N MET F 411 21.14 -57.88 -70.34
CA MET F 411 20.89 -57.24 -71.63
C MET F 411 19.70 -56.30 -71.58
N ARG F 412 18.75 -56.50 -70.66
CA ARG F 412 17.72 -55.49 -70.47
C ARG F 412 18.33 -54.18 -70.00
N SER F 413 19.29 -54.26 -69.07
CA SER F 413 19.95 -53.03 -68.63
C SER F 413 20.84 -52.45 -69.72
N LEU F 414 21.39 -53.31 -70.58
CA LEU F 414 22.22 -52.81 -71.67
C LEU F 414 21.40 -52.10 -72.74
N VAL F 415 20.28 -52.68 -73.16
CA VAL F 415 19.43 -51.98 -74.13
C VAL F 415 18.84 -50.74 -73.48
N GLN F 416 18.47 -50.83 -72.20
CA GLN F 416 18.17 -49.64 -71.44
C GLN F 416 19.46 -48.86 -71.25
N HIS F 417 19.31 -47.55 -70.96
CA HIS F 417 20.39 -46.57 -70.99
C HIS F 417 20.91 -46.34 -72.42
N ILE F 418 20.30 -46.99 -73.42
CA ILE F 418 20.41 -46.60 -74.81
C ILE F 418 19.04 -46.24 -75.36
N LEU F 419 18.00 -46.99 -74.94
CA LEU F 419 16.64 -46.67 -75.37
C LEU F 419 16.24 -45.28 -74.91
N SER F 420 16.63 -44.89 -73.69
CA SER F 420 16.25 -43.56 -73.22
C SER F 420 16.96 -42.46 -74.01
N LEU F 421 18.24 -42.67 -74.32
CA LEU F 421 19.00 -41.70 -75.11
C LEU F 421 18.40 -41.56 -76.50
N VAL F 422 18.06 -42.68 -77.14
CA VAL F 422 17.35 -42.61 -78.40
C VAL F 422 15.99 -41.95 -78.22
N SER F 423 15.39 -42.06 -77.03
CA SER F 423 14.04 -41.53 -76.85
C SER F 423 14.03 -40.02 -76.80
N HIS F 424 15.02 -39.41 -76.14
CA HIS F 424 15.03 -37.95 -76.01
C HIS F 424 14.86 -37.19 -77.32
N PRO F 425 15.57 -37.51 -78.41
CA PRO F 425 15.24 -36.85 -79.69
C PRO F 425 13.83 -37.13 -80.16
N VAL F 426 13.39 -38.38 -80.10
CA VAL F 426 12.03 -38.70 -80.50
C VAL F 426 11.04 -38.00 -79.58
N LEU F 427 11.33 -38.02 -78.28
CA LEU F 427 10.47 -37.38 -77.31
C LEU F 427 10.54 -35.85 -77.44
N SER F 428 11.73 -35.31 -77.69
CA SER F 428 11.85 -33.87 -77.87
C SER F 428 11.09 -33.41 -79.11
N PHE F 429 11.15 -34.18 -80.20
CA PHE F 429 10.23 -33.95 -81.30
C PHE F 429 8.79 -34.03 -80.83
N LEU F 430 8.52 -35.00 -79.97
CA LEU F 430 7.18 -35.32 -79.51
C LEU F 430 6.81 -34.59 -78.21
N TYR F 431 7.72 -33.78 -77.67
CA TYR F 431 7.39 -32.85 -76.58
C TYR F 431 7.29 -31.42 -77.07
N ARG F 432 7.42 -31.18 -78.38
CA ARG F 432 7.12 -29.89 -79.00
C ARG F 432 5.93 -30.01 -79.93
N TRP F 433 5.84 -31.08 -80.72
CA TRP F 433 4.69 -31.28 -81.58
C TRP F 433 3.46 -31.73 -80.79
N ILE F 434 3.59 -31.93 -79.47
CA ILE F 434 2.48 -32.32 -78.62
C ILE F 434 1.93 -31.16 -77.80
N TYR F 435 2.74 -30.16 -77.49
CA TYR F 435 2.30 -29.03 -76.68
C TYR F 435 2.30 -27.73 -77.46
N ASP F 436 3.47 -27.36 -78.02
CA ASP F 436 3.61 -26.13 -78.80
C ASP F 436 4.90 -26.24 -79.62
N GLY F 437 4.78 -26.69 -80.86
CA GLY F 437 5.97 -26.88 -81.67
C GLY F 437 5.67 -26.98 -83.14
N GLU F 438 6.75 -27.00 -83.90
CA GLU F 438 6.74 -27.20 -85.34
C GLU F 438 7.61 -28.40 -85.64
N LEU F 439 7.23 -29.15 -86.66
CA LEU F 439 8.03 -30.32 -87.04
C LEU F 439 9.32 -29.73 -87.59
N GLU F 440 10.26 -29.47 -86.68
CA GLU F 440 11.59 -29.08 -87.10
C GLU F 440 12.32 -30.38 -87.41
N ASP F 441 12.05 -30.88 -88.60
CA ASP F 441 12.77 -32.03 -89.14
C ASP F 441 13.97 -31.46 -89.89
N THR F 442 15.16 -31.65 -89.32
CA THR F 442 16.36 -31.42 -90.12
C THR F 442 16.30 -32.27 -91.38
N TYR F 443 15.83 -33.51 -91.22
CA TYR F 443 15.47 -34.38 -92.31
C TYR F 443 14.30 -35.21 -91.81
N HIS F 444 13.46 -35.69 -92.72
CA HIS F 444 12.21 -36.30 -92.30
C HIS F 444 12.49 -37.57 -91.49
N GLU F 445 12.35 -37.45 -90.17
CA GLU F 445 12.51 -38.57 -89.23
C GLU F 445 11.24 -38.83 -88.44
N PHE F 446 10.75 -37.79 -87.76
CA PHE F 446 9.50 -37.81 -87.01
C PHE F 446 8.36 -38.38 -87.85
N PHE F 447 7.64 -39.36 -87.29
CA PHE F 447 6.54 -40.04 -87.97
C PHE F 447 5.58 -39.09 -88.69
N VAL F 448 5.30 -37.92 -88.12
CA VAL F 448 4.47 -36.95 -88.83
C VAL F 448 5.32 -36.32 -89.94
N ALA F 449 4.72 -36.19 -91.13
CA ALA F 449 5.34 -35.50 -92.25
C ALA F 449 4.42 -34.39 -92.71
N SER F 450 5.00 -33.19 -92.85
CA SER F 450 4.26 -32.01 -93.25
C SER F 450 4.51 -31.72 -94.73
N ASP F 451 3.45 -31.34 -95.42
CA ASP F 451 3.50 -31.11 -96.86
C ASP F 451 3.76 -29.64 -97.14
N PRO F 452 4.85 -29.26 -97.81
CA PRO F 452 4.99 -27.87 -98.25
C PRO F 452 4.12 -27.58 -99.46
N THR F 453 4.28 -26.37 -100.04
CA THR F 453 3.57 -25.94 -101.25
C THR F 453 2.11 -25.57 -101.00
N VAL F 454 1.60 -25.76 -99.78
CA VAL F 454 0.23 -25.44 -99.43
C VAL F 454 0.24 -24.76 -98.07
N LYS F 455 0.32 -23.43 -98.07
CA LYS F 455 0.03 -22.61 -96.89
C LYS F 455 -1.37 -22.02 -96.95
N THR F 456 -2.17 -22.42 -97.94
CA THR F 456 -3.49 -21.87 -98.16
C THR F 456 -4.46 -22.51 -97.15
N ASP F 457 -5.76 -22.36 -97.38
CA ASP F 457 -6.81 -22.95 -96.54
C ASP F 457 -6.97 -24.45 -96.71
N ARG F 458 -5.97 -25.16 -97.24
CA ARG F 458 -5.88 -26.63 -97.11
C ARG F 458 -4.72 -27.07 -96.21
N LEU F 459 -4.95 -26.99 -94.89
CA LEU F 459 -4.05 -27.79 -94.05
C LEU F 459 -4.75 -28.54 -92.91
N TRP F 460 -5.85 -28.00 -92.35
CA TRP F 460 -6.60 -28.84 -91.40
C TRP F 460 -7.18 -30.07 -92.07
N HIS F 461 -7.30 -30.06 -93.39
CA HIS F 461 -7.68 -31.24 -94.17
C HIS F 461 -6.48 -31.93 -94.79
N ASP F 462 -5.60 -31.19 -95.52
CA ASP F 462 -4.53 -31.80 -96.31
C ASP F 462 -3.21 -31.03 -96.14
N LYS F 463 -2.48 -31.32 -95.06
CA LYS F 463 -1.06 -30.95 -95.01
C LYS F 463 -0.20 -31.89 -94.15
N TYR F 464 -0.74 -32.95 -93.54
CA TYR F 464 0.05 -33.71 -92.55
C TYR F 464 -0.24 -35.21 -92.69
N THR F 465 0.64 -35.87 -93.43
CA THR F 465 0.61 -37.33 -93.53
C THR F 465 1.23 -37.94 -92.28
N LEU F 466 0.70 -39.08 -91.86
CA LEU F 466 1.34 -39.89 -90.83
C LEU F 466 2.15 -40.97 -91.53
N ARG F 467 3.44 -40.70 -91.75
CA ARG F 467 4.30 -41.64 -92.46
C ARG F 467 4.40 -42.92 -91.65
N LYS F 468 3.88 -44.01 -92.21
CA LYS F 468 3.68 -45.22 -91.42
C LYS F 468 5.00 -45.88 -91.07
N SER F 469 6.03 -45.69 -91.88
CA SER F 469 7.27 -46.43 -91.69
C SER F 469 8.01 -46.00 -90.44
N MET F 470 7.72 -44.80 -89.91
CA MET F 470 8.58 -44.12 -88.97
C MET F 470 7.93 -43.98 -87.58
N ILE F 471 6.88 -44.76 -87.32
CA ILE F 471 6.19 -44.71 -86.03
C ILE F 471 6.95 -45.61 -85.06
N PRO F 472 7.41 -45.14 -83.90
CA PRO F 472 8.11 -46.06 -82.98
C PRO F 472 7.15 -47.06 -82.36
N SER F 473 7.60 -48.31 -82.23
CA SER F 473 6.72 -49.40 -81.87
C SER F 473 6.27 -49.35 -80.42
N PHE F 474 6.85 -48.50 -79.58
CA PHE F 474 6.20 -48.14 -78.33
C PHE F 474 5.05 -47.15 -78.54
N MET F 475 4.74 -46.78 -79.78
CA MET F 475 3.63 -45.92 -80.12
C MET F 475 2.82 -46.67 -81.18
N THR F 476 1.66 -47.19 -80.82
CA THR F 476 0.84 -47.87 -81.81
C THR F 476 0.25 -46.85 -82.77
N MET F 477 -0.36 -47.36 -83.85
CA MET F 477 -0.97 -46.49 -84.84
C MET F 477 -2.09 -45.65 -84.21
N ASP F 478 -2.89 -46.25 -83.33
CA ASP F 478 -4.01 -45.53 -82.75
C ASP F 478 -3.54 -44.42 -81.83
N GLN F 479 -2.43 -44.64 -81.11
CA GLN F 479 -1.85 -43.56 -80.33
C GLN F 479 -1.24 -42.49 -81.22
N SER F 480 -0.49 -42.91 -82.26
CA SER F 480 0.16 -41.94 -83.14
C SER F 480 -0.84 -41.11 -83.94
N ARG F 481 -2.09 -41.56 -84.06
CA ARG F 481 -3.13 -40.80 -84.77
C ARG F 481 -3.89 -39.87 -83.84
N LYS F 482 -3.32 -39.51 -82.69
CA LYS F 482 -3.82 -38.41 -81.87
C LYS F 482 -2.77 -37.33 -81.65
N VAL F 483 -1.50 -37.72 -81.55
CA VAL F 483 -0.42 -36.73 -81.54
C VAL F 483 -0.47 -35.87 -82.79
N LEU F 484 -0.78 -36.47 -83.94
CA LEU F 484 -0.92 -35.66 -85.15
C LEU F 484 -2.09 -34.71 -85.05
N LEU F 485 -3.15 -35.09 -84.34
CA LEU F 485 -4.32 -34.24 -84.19
C LEU F 485 -4.14 -33.18 -83.11
N ILE F 486 -3.11 -33.29 -82.28
CA ILE F 486 -2.68 -32.18 -81.43
C ILE F 486 -1.67 -31.28 -82.13
N GLY F 487 -0.81 -31.84 -82.97
CA GLY F 487 0.30 -31.09 -83.50
C GLY F 487 -0.02 -30.35 -84.78
N LYS F 488 -0.84 -30.94 -85.65
CA LYS F 488 -1.41 -30.14 -86.74
C LYS F 488 -2.19 -28.96 -86.18
N SER F 489 -2.92 -29.16 -85.08
CA SER F 489 -3.74 -28.10 -84.52
C SER F 489 -2.89 -26.97 -83.96
N ILE F 490 -1.92 -27.31 -83.13
CA ILE F 490 -1.19 -26.28 -82.41
C ILE F 490 -0.38 -25.42 -83.39
N ASN F 491 0.17 -26.05 -84.43
CA ASN F 491 0.77 -25.29 -85.52
C ASN F 491 -0.28 -24.42 -86.21
N PHE F 492 -1.46 -24.97 -86.42
CA PHE F 492 -2.50 -24.34 -87.20
C PHE F 492 -3.14 -23.13 -86.54
N LEU F 493 -3.10 -23.04 -85.23
CA LEU F 493 -3.86 -22.00 -84.54
C LEU F 493 -3.40 -20.59 -84.94
N HIS F 494 -2.11 -20.45 -85.21
CA HIS F 494 -1.49 -19.13 -85.52
C HIS F 494 -2.01 -18.56 -86.82
N GLN F 495 -2.29 -19.41 -87.81
CA GLN F 495 -2.69 -19.01 -89.18
C GLN F 495 -3.28 -17.60 -89.30
N VAL F 496 -4.61 -17.42 -89.28
CA VAL F 496 -5.26 -16.11 -89.56
C VAL F 496 -5.71 -15.42 -88.27
N CYS F 497 -5.20 -14.21 -87.97
CA CYS F 497 -5.52 -13.40 -86.76
C CYS F 497 -4.41 -13.60 -85.72
N HIS F 498 -3.72 -14.75 -85.73
CA HIS F 498 -2.53 -15.02 -84.88
C HIS F 498 -2.80 -15.26 -83.40
N ASP F 499 -3.92 -14.83 -82.80
CA ASP F 499 -4.08 -15.04 -81.36
C ASP F 499 -3.67 -16.47 -81.00
N GLN F 500 -2.90 -16.62 -79.92
CA GLN F 500 -2.20 -17.88 -79.68
C GLN F 500 -2.03 -18.18 -78.21
N THR F 501 -1.92 -19.47 -77.92
CA THR F 501 -1.55 -20.03 -76.64
C THR F 501 -0.28 -20.85 -76.84
N PRO F 502 0.81 -20.63 -76.07
CA PRO F 502 2.01 -21.42 -76.33
C PRO F 502 2.04 -22.74 -75.57
N GLN F 531 -0.01 -42.66 -73.96
CA GLN F 531 -1.38 -42.19 -73.77
C GLN F 531 -1.58 -41.50 -72.43
N GLY F 532 -0.61 -41.63 -71.52
CA GLY F 532 -0.67 -40.92 -70.26
C GLY F 532 -0.76 -39.42 -70.46
N LYS F 533 0.11 -38.88 -71.31
CA LYS F 533 0.08 -37.45 -71.63
C LYS F 533 -0.88 -37.13 -72.77
N ILE F 534 -0.90 -37.98 -73.80
CA ILE F 534 -1.49 -37.60 -75.08
C ILE F 534 -2.99 -37.35 -74.91
N ASP F 535 -3.68 -38.20 -74.15
CA ASP F 535 -5.14 -38.06 -74.06
C ASP F 535 -5.55 -36.76 -73.37
N ALA F 536 -4.91 -36.44 -72.25
CA ALA F 536 -5.23 -35.19 -71.56
C ALA F 536 -4.81 -33.99 -72.41
N ALA F 537 -3.64 -34.09 -73.04
CA ALA F 537 -3.17 -33.01 -73.90
C ALA F 537 -4.11 -32.81 -75.07
N TYR F 538 -4.67 -33.89 -75.60
CA TYR F 538 -5.62 -33.77 -76.69
C TYR F 538 -6.91 -33.11 -76.25
N PHE F 539 -7.48 -33.54 -75.13
CA PHE F 539 -8.71 -32.88 -74.67
C PHE F 539 -8.46 -31.39 -74.47
N GLU F 540 -7.36 -31.06 -73.79
CA GLU F 540 -7.02 -29.66 -73.57
C GLU F 540 -6.76 -28.93 -74.88
N THR F 541 -6.03 -29.53 -75.82
CA THR F 541 -5.60 -28.79 -76.99
C THR F 541 -6.70 -28.73 -78.04
N SER F 542 -7.56 -29.74 -78.10
CA SER F 542 -8.82 -29.61 -78.81
C SER F 542 -9.54 -28.38 -78.29
N LYS F 543 -9.57 -28.21 -76.96
CA LYS F 543 -10.21 -27.01 -76.42
C LYS F 543 -9.41 -25.75 -76.80
N TYR F 544 -8.08 -25.83 -76.80
CA TYR F 544 -7.24 -24.72 -77.26
C TYR F 544 -7.64 -24.30 -78.67
N LEU F 545 -7.66 -25.25 -79.59
CA LEU F 545 -7.91 -24.93 -80.98
C LEU F 545 -9.32 -24.39 -81.16
N LEU F 546 -10.31 -25.02 -80.53
CA LEU F 546 -11.66 -24.57 -80.77
C LEU F 546 -11.91 -23.23 -80.08
N ASP F 547 -11.30 -22.98 -78.92
CA ASP F 547 -11.50 -21.70 -78.26
C ASP F 547 -10.75 -20.57 -78.95
N VAL F 548 -9.52 -20.83 -79.42
CA VAL F 548 -8.80 -19.78 -80.13
C VAL F 548 -9.43 -19.54 -81.50
N LEU F 549 -10.15 -20.52 -82.05
CA LEU F 549 -10.88 -20.31 -83.29
C LEU F 549 -12.31 -19.81 -83.06
N ASN F 550 -12.81 -19.84 -81.83
CA ASN F 550 -14.17 -19.42 -81.51
C ASN F 550 -14.24 -18.03 -80.88
N LYS F 551 -13.45 -17.76 -79.84
CA LYS F 551 -13.53 -16.51 -79.08
C LYS F 551 -12.47 -15.51 -79.52
N LYS F 552 -11.20 -15.93 -79.48
CA LYS F 552 -10.12 -15.06 -79.93
C LYS F 552 -10.30 -14.74 -81.41
N TYR F 553 -10.74 -15.72 -82.17
CA TYR F 553 -11.04 -15.59 -83.57
C TYR F 553 -12.56 -15.45 -83.58
N SER F 554 -13.21 -15.67 -84.72
CA SER F 554 -14.60 -16.10 -84.70
C SER F 554 -14.94 -16.98 -85.91
N LEU F 555 -15.32 -18.22 -85.65
CA LEU F 555 -15.65 -19.22 -86.66
C LEU F 555 -17.14 -19.52 -86.69
N LEU F 556 -17.71 -19.93 -85.56
CA LEU F 556 -19.13 -20.22 -85.46
C LEU F 556 -19.98 -18.98 -85.77
N ASP F 557 -19.57 -17.83 -85.22
CA ASP F 557 -20.33 -16.60 -85.42
C ASP F 557 -20.33 -16.19 -86.88
N HIS F 558 -19.20 -16.36 -87.58
CA HIS F 558 -19.19 -16.13 -89.02
C HIS F 558 -19.97 -17.21 -89.77
N MET F 559 -20.01 -18.43 -89.24
CA MET F 559 -20.73 -19.50 -89.90
C MET F 559 -22.23 -19.23 -89.92
N GLN F 560 -22.74 -18.53 -88.90
CA GLN F 560 -24.14 -18.09 -88.92
C GLN F 560 -24.47 -17.26 -90.16
N ALA F 561 -23.58 -16.34 -90.51
CA ALA F 561 -23.91 -15.41 -91.58
C ALA F 561 -23.88 -16.07 -92.95
N MET F 562 -23.10 -17.15 -93.11
CA MET F 562 -23.11 -17.83 -94.39
C MET F 562 -24.51 -18.39 -94.66
N ARG F 563 -25.17 -18.90 -93.62
CA ARG F 563 -26.60 -19.17 -93.74
C ARG F 563 -27.38 -17.90 -94.04
N ARG F 564 -27.09 -16.81 -93.31
CA ARG F 564 -27.93 -15.62 -93.46
C ARG F 564 -27.96 -15.09 -94.89
N TYR F 565 -26.82 -15.06 -95.58
CA TYR F 565 -26.75 -14.52 -96.93
C TYR F 565 -26.57 -15.60 -97.99
N LEU F 566 -25.54 -16.43 -97.90
CA LEU F 566 -25.25 -17.36 -98.99
C LEU F 566 -26.34 -18.43 -99.10
N LEU F 567 -27.04 -18.73 -98.01
CA LEU F 567 -28.23 -19.59 -98.04
C LEU F 567 -29.54 -18.81 -98.05
N LEU F 568 -29.48 -17.48 -98.20
CA LEU F 568 -30.66 -16.62 -98.30
C LEU F 568 -31.50 -16.62 -97.02
N GLY F 569 -30.87 -16.91 -95.88
CA GLY F 569 -31.61 -16.91 -94.63
C GLY F 569 -32.13 -15.52 -94.26
N GLN F 570 -31.26 -14.51 -94.33
CA GLN F 570 -31.67 -13.14 -94.11
C GLN F 570 -32.37 -12.66 -95.37
N GLY F 571 -33.66 -12.97 -95.50
CA GLY F 571 -34.35 -12.69 -96.74
C GLY F 571 -34.54 -11.21 -97.00
N ASP F 572 -34.55 -10.40 -95.93
CA ASP F 572 -34.72 -8.96 -96.10
C ASP F 572 -33.57 -8.35 -96.89
N PHE F 573 -32.34 -8.79 -96.59
CA PHE F 573 -31.18 -8.29 -97.35
C PHE F 573 -31.31 -8.66 -98.82
N ILE F 574 -31.66 -9.91 -99.10
CA ILE F 574 -31.81 -10.37 -100.47
C ILE F 574 -32.94 -9.61 -101.16
N ARG F 575 -34.00 -9.29 -100.42
CA ARG F 575 -35.15 -8.64 -101.02
C ARG F 575 -34.80 -7.21 -101.45
N HIS F 576 -34.14 -6.44 -100.57
CA HIS F 576 -33.65 -5.14 -101.03
C HIS F 576 -32.59 -5.26 -102.09
N LEU F 577 -31.81 -6.36 -102.09
CA LEU F 577 -30.82 -6.54 -103.15
C LEU F 577 -31.50 -6.60 -104.49
N MET F 578 -32.54 -7.41 -104.62
CA MET F 578 -33.21 -7.52 -105.92
C MET F 578 -34.01 -6.27 -106.24
N ASP F 579 -34.62 -5.66 -105.22
CA ASP F 579 -35.42 -4.45 -105.44
C ASP F 579 -34.56 -3.36 -106.05
N LEU F 580 -33.40 -3.09 -105.45
CA LEU F 580 -32.55 -2.05 -106.01
C LEU F 580 -31.82 -2.52 -107.27
N LEU F 581 -31.58 -3.83 -107.42
CA LEU F 581 -30.76 -4.37 -108.51
C LEU F 581 -31.65 -4.99 -109.59
N LYS F 582 -32.86 -4.47 -109.74
CA LYS F 582 -33.72 -4.91 -110.83
C LYS F 582 -33.17 -4.50 -112.20
N PRO F 583 -32.84 -3.23 -112.46
CA PRO F 583 -32.45 -2.88 -113.85
C PRO F 583 -31.16 -3.53 -114.30
N GLU F 584 -30.13 -3.46 -113.45
CA GLU F 584 -28.80 -3.89 -113.87
C GLU F 584 -28.74 -5.37 -114.22
N LEU F 585 -29.63 -6.18 -113.64
CA LEU F 585 -29.70 -7.58 -114.04
C LEU F 585 -30.44 -7.75 -115.37
N VAL F 586 -31.64 -7.17 -115.47
CA VAL F 586 -32.47 -7.44 -116.66
C VAL F 586 -31.79 -6.89 -117.91
N ARG F 587 -31.04 -5.80 -117.78
CA ARG F 587 -30.24 -5.35 -118.90
C ARG F 587 -29.14 -6.39 -119.15
N PRO F 588 -28.77 -6.68 -120.41
CA PRO F 588 -27.64 -7.60 -120.62
C PRO F 588 -26.37 -7.02 -120.03
N ALA F 589 -25.83 -7.72 -119.03
CA ALA F 589 -24.70 -7.23 -118.26
C ALA F 589 -23.36 -7.78 -118.78
N THR F 590 -23.33 -8.20 -120.04
CA THR F 590 -22.05 -8.51 -120.67
C THR F 590 -21.14 -7.29 -120.69
N THR F 591 -21.72 -6.09 -120.77
CA THR F 591 -20.97 -4.85 -120.71
C THR F 591 -20.62 -4.46 -119.28
N LEU F 592 -21.51 -4.75 -118.33
CA LEU F 592 -21.39 -4.30 -116.95
C LEU F 592 -20.11 -4.78 -116.28
N TYR F 593 -19.82 -4.22 -115.10
CA TYR F 593 -18.60 -4.50 -114.36
C TYR F 593 -18.95 -4.86 -112.92
N GLN F 594 -18.06 -5.62 -112.29
CA GLN F 594 -18.27 -6.09 -110.93
C GLN F 594 -18.29 -4.94 -109.93
N HIS F 595 -17.57 -3.85 -110.24
CA HIS F 595 -17.47 -2.74 -109.31
C HIS F 595 -18.82 -2.06 -109.10
N ASN F 596 -19.62 -1.92 -110.16
CA ASN F 596 -20.96 -1.36 -110.00
C ASN F 596 -21.79 -2.24 -109.07
N LEU F 597 -21.67 -3.56 -109.21
CA LEU F 597 -22.40 -4.48 -108.35
C LEU F 597 -21.96 -4.32 -106.90
N THR F 598 -20.65 -4.16 -106.68
CA THR F 598 -20.16 -3.88 -105.33
C THR F 598 -20.74 -2.58 -104.79
N GLY F 599 -20.78 -1.54 -105.62
CA GLY F 599 -21.29 -0.25 -105.17
C GLY F 599 -22.73 -0.32 -104.75
N ILE F 600 -23.56 -1.06 -105.49
CA ILE F 600 -24.95 -1.20 -105.09
C ILE F 600 -25.05 -2.08 -103.84
N LEU F 601 -24.20 -3.10 -103.72
CA LEU F 601 -24.22 -3.93 -102.52
C LEU F 601 -23.91 -3.11 -101.28
N GLU F 602 -23.10 -2.06 -101.43
CA GLU F 602 -22.71 -1.24 -100.28
C GLU F 602 -23.94 -0.65 -99.58
N THR F 603 -24.91 -0.16 -100.36
CA THR F 603 -26.15 0.33 -99.77
C THR F 603 -27.16 -0.79 -99.53
N ALA F 604 -27.05 -1.89 -100.27
CA ALA F 604 -27.93 -3.03 -100.00
C ALA F 604 -27.73 -3.54 -98.58
N VAL F 605 -26.47 -3.70 -98.16
CA VAL F 605 -26.22 -4.14 -96.79
C VAL F 605 -26.67 -3.10 -95.77
N ARG F 606 -26.71 -1.82 -96.17
CA ARG F 606 -27.12 -0.78 -95.23
C ARG F 606 -28.62 -0.76 -95.01
N ALA F 607 -29.40 -0.88 -96.09
CA ALA F 607 -30.84 -0.59 -96.02
C ALA F 607 -31.56 -1.53 -95.06
N THR F 608 -31.02 -2.73 -94.85
CA THR F 608 -31.61 -3.75 -93.99
C THR F 608 -30.87 -3.83 -92.67
N ASN F 609 -31.26 -4.81 -91.84
CA ASN F 609 -30.62 -5.05 -90.56
C ASN F 609 -29.28 -5.78 -90.68
N ALA F 610 -28.84 -6.10 -91.89
CA ALA F 610 -27.53 -6.72 -92.07
C ALA F 610 -26.43 -5.83 -91.52
N GLN F 611 -26.51 -4.51 -91.77
CA GLN F 611 -25.48 -3.61 -91.26
C GLN F 611 -25.39 -3.65 -89.74
N PHE F 612 -26.51 -3.88 -89.06
CA PHE F 612 -26.57 -3.80 -87.61
C PHE F 612 -26.10 -5.11 -86.96
N ASP F 613 -24.80 -5.38 -87.12
CA ASP F 613 -24.12 -6.45 -86.42
C ASP F 613 -22.61 -6.19 -86.54
N SER F 614 -21.80 -7.24 -86.40
CA SER F 614 -20.35 -7.13 -86.53
C SER F 614 -19.96 -6.58 -87.92
N PRO F 615 -19.01 -5.63 -88.01
CA PRO F 615 -18.60 -5.18 -89.36
C PRO F 615 -17.74 -6.16 -90.15
N GLU F 616 -16.91 -6.97 -89.48
CA GLU F 616 -15.99 -7.85 -90.21
C GLU F 616 -16.74 -8.88 -91.06
N ILE F 617 -17.84 -9.41 -90.55
CA ILE F 617 -18.68 -10.30 -91.36
C ILE F 617 -19.16 -9.61 -92.63
N LEU F 618 -19.61 -8.37 -92.52
CA LEU F 618 -20.19 -7.70 -93.69
C LEU F 618 -19.12 -7.22 -94.66
N ARG F 619 -17.94 -6.83 -94.17
CA ARG F 619 -16.89 -6.46 -95.12
C ARG F 619 -16.43 -7.70 -95.87
N ARG F 620 -16.44 -8.86 -95.22
CA ARG F 620 -15.90 -10.04 -95.89
C ARG F 620 -16.86 -10.59 -96.96
N LEU F 621 -18.11 -10.11 -96.98
CA LEU F 621 -19.02 -10.36 -98.11
C LEU F 621 -18.54 -9.66 -99.38
N ASP F 622 -18.88 -10.25 -100.53
CA ASP F 622 -18.56 -9.62 -101.82
C ASP F 622 -19.41 -10.24 -102.94
N VAL F 623 -19.53 -9.49 -104.05
CA VAL F 623 -20.20 -9.99 -105.25
C VAL F 623 -19.17 -10.74 -106.11
N ARG F 624 -19.67 -11.68 -106.92
CA ARG F 624 -18.84 -12.50 -107.78
C ARG F 624 -19.48 -12.68 -109.15
N LEU F 625 -18.62 -12.80 -110.16
CA LEU F 625 -18.99 -13.08 -111.54
C LEU F 625 -19.18 -14.58 -111.75
N LEU F 626 -19.78 -14.93 -112.89
CA LEU F 626 -19.99 -16.31 -113.31
C LEU F 626 -19.26 -16.61 -114.61
N GLU F 627 -19.24 -17.91 -114.93
CA GLU F 627 -18.54 -18.42 -116.09
C GLU F 627 -19.08 -17.82 -117.39
N VAL F 628 -18.24 -17.79 -118.42
CA VAL F 628 -18.59 -17.14 -119.67
C VAL F 628 -19.68 -17.94 -120.37
N SER F 629 -20.72 -17.23 -120.82
CA SER F 629 -21.86 -17.81 -121.50
C SER F 629 -22.25 -16.86 -122.63
N PRO F 630 -23.08 -17.27 -123.60
CA PRO F 630 -23.63 -16.28 -124.52
C PRO F 630 -24.55 -15.32 -123.78
N GLY F 631 -24.72 -14.13 -124.37
CA GLY F 631 -25.36 -13.00 -123.72
C GLY F 631 -26.63 -13.29 -122.95
N ASP F 632 -26.59 -13.03 -121.65
CA ASP F 632 -27.69 -13.35 -120.75
C ASP F 632 -27.92 -12.18 -119.80
N THR F 633 -29.12 -12.15 -119.22
CA THR F 633 -29.41 -11.17 -118.19
C THR F 633 -28.56 -11.45 -116.95
N GLY F 634 -28.29 -10.39 -116.18
CA GLY F 634 -27.59 -10.55 -114.91
C GLY F 634 -28.32 -11.45 -113.93
N TRP F 635 -29.63 -11.63 -114.13
CA TRP F 635 -30.42 -12.57 -113.34
C TRP F 635 -29.90 -14.00 -113.44
N ASP F 636 -29.12 -14.32 -114.47
CA ASP F 636 -28.50 -15.61 -114.61
C ASP F 636 -27.10 -15.67 -114.00
N VAL F 637 -26.43 -14.53 -113.86
CA VAL F 637 -25.00 -14.52 -113.55
C VAL F 637 -24.65 -13.59 -112.39
N PHE F 638 -25.60 -13.34 -111.49
CA PHE F 638 -25.34 -12.59 -110.26
C PHE F 638 -25.30 -13.55 -109.08
N SER F 639 -24.26 -13.43 -108.27
CA SER F 639 -24.12 -14.35 -107.13
C SER F 639 -23.23 -13.78 -106.04
N LEU F 640 -23.77 -13.71 -104.83
CA LEU F 640 -22.97 -13.49 -103.63
C LEU F 640 -21.92 -14.59 -103.51
N ASP F 641 -20.69 -14.20 -103.21
CA ASP F 641 -19.62 -15.13 -102.86
C ASP F 641 -18.93 -14.55 -101.63
N TYR F 642 -18.70 -15.38 -100.63
CA TYR F 642 -18.08 -14.95 -99.39
C TYR F 642 -16.68 -15.57 -99.32
N HIS F 643 -15.64 -14.74 -99.36
CA HIS F 643 -14.25 -15.20 -99.37
C HIS F 643 -13.63 -15.04 -97.98
N VAL F 644 -12.99 -16.10 -97.50
CA VAL F 644 -12.37 -16.10 -96.19
C VAL F 644 -11.04 -16.85 -96.27
N ASP F 645 -10.19 -16.63 -95.28
CA ASP F 645 -8.82 -17.14 -95.25
C ASP F 645 -8.54 -17.91 -93.98
N GLY F 646 -7.50 -18.74 -94.03
CA GLY F 646 -6.96 -19.40 -92.87
C GLY F 646 -7.89 -20.41 -92.23
N PRO F 647 -7.86 -20.53 -90.89
CA PRO F 647 -8.71 -21.52 -90.21
C PRO F 647 -10.18 -21.47 -90.53
N ILE F 648 -10.77 -20.27 -90.57
CA ILE F 648 -12.17 -20.18 -90.98
C ILE F 648 -12.32 -20.76 -92.38
N ALA F 649 -11.30 -20.60 -93.23
CA ALA F 649 -11.38 -21.11 -94.59
C ALA F 649 -11.15 -22.62 -94.68
N THR F 650 -10.34 -23.22 -93.81
CA THR F 650 -10.25 -24.68 -93.78
C THR F 650 -11.59 -25.26 -93.36
N VAL F 651 -12.20 -24.70 -92.32
CA VAL F 651 -13.56 -25.11 -91.98
C VAL F 651 -14.51 -24.79 -93.14
N PHE F 652 -14.18 -23.75 -93.92
CA PHE F 652 -14.86 -23.39 -95.17
C PHE F 652 -13.93 -23.69 -96.35
N THR F 653 -13.72 -24.99 -96.61
CA THR F 653 -12.81 -25.45 -97.69
C THR F 653 -13.19 -24.87 -99.04
N ARG F 654 -12.23 -24.77 -99.96
CA ARG F 654 -12.48 -24.28 -101.33
C ARG F 654 -13.55 -25.14 -101.99
N GLU F 655 -13.38 -26.47 -102.02
CA GLU F 655 -14.35 -27.34 -102.69
C GLU F 655 -15.74 -27.20 -102.09
N CYS F 656 -15.83 -26.91 -100.81
CA CYS F 656 -17.13 -26.77 -100.18
C CYS F 656 -17.82 -25.47 -100.58
N MET F 657 -17.03 -24.43 -100.89
CA MET F 657 -17.60 -23.19 -101.39
C MET F 657 -18.27 -23.39 -102.74
N SER F 658 -17.68 -24.24 -103.59
CA SER F 658 -18.30 -24.54 -104.88
C SER F 658 -19.69 -25.10 -104.70
N HIS F 659 -19.88 -25.92 -103.67
CA HIS F 659 -21.19 -26.52 -103.41
C HIS F 659 -22.16 -25.50 -102.82
N TYR F 660 -21.68 -24.61 -101.94
CA TYR F 660 -22.59 -23.56 -101.48
C TYR F 660 -23.04 -22.69 -102.63
N LEU F 661 -22.17 -22.45 -103.61
CA LEU F 661 -22.61 -21.60 -104.71
C LEU F 661 -23.68 -22.30 -105.52
N ARG F 662 -23.65 -23.64 -105.57
CA ARG F 662 -24.74 -24.36 -106.23
C ARG F 662 -26.03 -24.26 -105.42
N VAL F 663 -25.92 -24.36 -104.10
CA VAL F 663 -27.08 -24.11 -103.26
C VAL F 663 -27.62 -22.71 -103.52
N PHE F 664 -26.73 -21.73 -103.63
CA PHE F 664 -27.19 -20.39 -103.95
C PHE F 664 -27.84 -20.33 -105.31
N ASN F 665 -27.25 -20.98 -106.32
CA ASN F 665 -27.80 -20.95 -107.65
C ASN F 665 -29.23 -21.48 -107.65
N PHE F 666 -29.47 -22.60 -106.97
CA PHE F 666 -30.85 -23.12 -106.90
C PHE F 666 -31.76 -22.17 -106.16
N LEU F 667 -31.35 -21.73 -104.97
CA LEU F 667 -32.14 -20.77 -104.22
C LEU F 667 -32.38 -19.51 -105.02
N TRP F 668 -31.41 -19.12 -105.84
CA TRP F 668 -31.50 -17.88 -106.59
C TRP F 668 -32.46 -18.00 -107.77
N ARG F 669 -32.49 -19.16 -108.46
CA ARG F 669 -33.57 -19.30 -109.44
C ARG F 669 -34.93 -19.24 -108.75
N ALA F 670 -35.09 -19.96 -107.64
CA ALA F 670 -36.39 -19.99 -106.97
C ALA F 670 -36.79 -18.61 -106.49
N LYS F 671 -35.85 -17.91 -105.87
CA LYS F 671 -36.09 -16.57 -105.40
C LYS F 671 -36.41 -15.65 -106.57
N ARG F 672 -35.74 -15.87 -107.71
CA ARG F 672 -35.99 -15.04 -108.87
C ARG F 672 -37.42 -15.23 -109.34
N MET F 673 -37.89 -16.48 -109.33
CA MET F 673 -39.27 -16.75 -109.73
C MET F 673 -40.23 -16.05 -108.80
N GLU F 674 -40.02 -16.16 -107.48
CA GLU F 674 -40.95 -15.52 -106.56
C GLU F 674 -40.92 -13.99 -106.71
N TYR F 675 -39.72 -13.40 -106.81
CA TYR F 675 -39.61 -11.98 -107.06
C TYR F 675 -40.30 -11.53 -108.33
N ILE F 676 -39.98 -12.15 -109.47
CA ILE F 676 -40.57 -11.67 -110.70
C ILE F 676 -42.05 -11.90 -110.66
N LEU F 677 -42.52 -12.95 -110.00
CA LEU F 677 -43.94 -13.26 -110.07
C LEU F 677 -44.75 -12.38 -109.15
N THR F 678 -44.20 -11.97 -108.01
CA THR F 678 -44.82 -10.85 -107.31
C THR F 678 -44.72 -9.56 -108.10
N ASP F 679 -43.76 -9.43 -109.01
CA ASP F 679 -43.76 -8.27 -109.91
C ASP F 679 -44.83 -8.42 -111.00
N ILE F 680 -45.08 -9.64 -111.46
CA ILE F 680 -46.20 -9.86 -112.39
C ILE F 680 -47.51 -9.49 -111.70
N ARG F 681 -47.70 -9.97 -110.48
CA ARG F 681 -48.86 -9.60 -109.68
C ARG F 681 -48.95 -8.10 -109.48
N LYS F 682 -47.80 -7.44 -109.25
CA LYS F 682 -47.77 -5.99 -109.21
C LYS F 682 -48.31 -5.41 -110.51
N GLY F 683 -47.78 -5.89 -111.63
CA GLY F 683 -48.17 -5.36 -112.93
C GLY F 683 -49.64 -5.53 -113.21
N HIS F 684 -50.21 -6.67 -112.79
CA HIS F 684 -51.63 -6.94 -113.03
C HIS F 684 -52.52 -5.83 -112.49
N MET F 685 -52.60 -5.61 -111.18
CA MET F 685 -53.53 -4.57 -110.72
C MET F 685 -53.02 -3.18 -111.09
N CYS F 686 -51.69 -2.99 -111.17
CA CYS F 686 -51.10 -1.74 -111.65
C CYS F 686 -51.76 -1.28 -112.94
N ASN F 687 -51.69 -2.11 -113.96
CA ASN F 687 -52.37 -1.81 -115.22
C ASN F 687 -53.88 -1.87 -115.10
N ALA F 688 -54.40 -2.76 -114.23
CA ALA F 688 -55.83 -3.02 -114.21
C ALA F 688 -56.61 -1.78 -113.79
N LYS F 689 -56.11 -1.06 -112.79
CA LYS F 689 -56.85 0.12 -112.35
C LYS F 689 -56.96 1.17 -113.45
N LEU F 690 -55.95 1.29 -114.30
CA LEU F 690 -56.10 2.13 -115.49
C LEU F 690 -57.05 1.50 -116.51
N LEU F 691 -57.03 0.17 -116.63
CA LEU F 691 -57.70 -0.51 -117.74
C LEU F 691 -58.77 -1.49 -117.25
N ARG F 692 -59.63 -1.04 -116.34
CA ARG F 692 -60.78 -1.83 -115.87
C ARG F 692 -62.11 -1.33 -116.43
N ASN F 693 -62.09 -0.49 -117.46
CA ASN F 693 -63.29 -0.05 -118.16
C ASN F 693 -63.44 -0.70 -119.53
N MET F 694 -62.39 -0.67 -120.35
CA MET F 694 -62.32 -1.35 -121.64
C MET F 694 -62.74 -2.82 -121.55
N PRO F 695 -63.86 -3.23 -122.14
CA PRO F 695 -64.32 -4.62 -121.97
C PRO F 695 -63.67 -5.63 -122.90
N GLU F 696 -63.05 -5.19 -124.00
CA GLU F 696 -62.54 -6.13 -125.00
C GLU F 696 -61.34 -6.92 -124.49
N PHE F 697 -60.50 -6.29 -123.67
CA PHE F 697 -59.33 -6.92 -123.06
C PHE F 697 -59.62 -7.71 -121.79
N SER F 698 -60.78 -7.48 -121.17
CA SER F 698 -61.07 -8.08 -119.87
C SER F 698 -60.96 -9.61 -119.88
N GLY F 699 -61.45 -10.26 -120.94
CA GLY F 699 -61.39 -11.71 -121.00
C GLY F 699 -59.99 -12.30 -120.98
N VAL F 700 -59.16 -11.90 -121.94
CA VAL F 700 -57.79 -12.40 -121.98
C VAL F 700 -57.02 -11.95 -120.74
N LEU F 701 -57.35 -10.76 -120.22
CA LEU F 701 -56.74 -10.28 -118.98
C LEU F 701 -57.07 -11.18 -117.81
N HIS F 702 -58.33 -11.62 -117.72
CA HIS F 702 -58.76 -12.51 -116.65
C HIS F 702 -58.09 -13.87 -116.78
N GLN F 703 -58.00 -14.35 -118.03
CA GLN F 703 -57.23 -15.55 -118.34
C GLN F 703 -55.78 -15.41 -117.88
N CYS F 704 -55.24 -14.20 -117.93
CA CYS F 704 -53.88 -13.97 -117.45
C CYS F 704 -53.83 -14.06 -115.93
N HIS F 705 -54.81 -13.48 -115.24
CA HIS F 705 -54.80 -13.51 -113.78
C HIS F 705 -54.89 -14.92 -113.23
N ILE F 706 -55.72 -15.77 -113.85
CA ILE F 706 -55.86 -17.14 -113.33
C ILE F 706 -54.52 -17.88 -113.41
N LEU F 707 -53.83 -17.75 -114.55
CA LEU F 707 -52.53 -18.40 -114.70
C LEU F 707 -51.53 -17.84 -113.71
N ALA F 708 -51.58 -16.52 -113.48
CA ALA F 708 -50.71 -15.86 -112.52
C ALA F 708 -50.88 -16.48 -111.15
N SER F 709 -52.12 -16.54 -110.66
CA SER F 709 -52.38 -17.11 -109.34
C SER F 709 -51.89 -18.56 -109.23
N GLU F 710 -52.11 -19.35 -110.29
CA GLU F 710 -51.63 -20.74 -110.27
C GLU F 710 -50.12 -20.80 -110.05
N MET F 711 -49.39 -20.02 -110.84
CA MET F 711 -47.93 -20.02 -110.73
C MET F 711 -47.50 -19.52 -109.35
N VAL F 712 -48.19 -18.48 -108.87
CA VAL F 712 -47.91 -17.89 -107.57
C VAL F 712 -48.01 -18.94 -106.50
N HIS F 713 -49.10 -19.71 -106.51
CA HIS F 713 -49.25 -20.72 -105.48
C HIS F 713 -48.18 -21.78 -105.56
N PHE F 714 -47.87 -22.25 -106.78
CA PHE F 714 -46.90 -23.34 -106.88
C PHE F 714 -45.55 -22.92 -106.27
N ILE F 715 -45.07 -21.73 -106.60
CA ILE F 715 -43.73 -21.38 -106.14
C ILE F 715 -43.83 -20.99 -104.67
N HIS F 716 -44.98 -20.45 -104.27
CA HIS F 716 -45.19 -20.00 -102.91
C HIS F 716 -45.42 -21.17 -101.96
N GLN F 717 -45.63 -22.38 -102.46
CA GLN F 717 -45.56 -23.61 -101.66
C GLN F 717 -44.17 -24.22 -101.65
N MET F 718 -43.55 -24.34 -102.83
CA MET F 718 -42.27 -25.03 -102.88
C MET F 718 -41.23 -24.27 -102.08
N GLN F 719 -41.37 -22.94 -101.99
CA GLN F 719 -40.41 -22.20 -101.17
C GLN F 719 -40.62 -22.40 -99.67
N TYR F 720 -41.86 -22.63 -99.17
CA TYR F 720 -41.95 -23.01 -97.75
C TYR F 720 -41.39 -24.40 -97.51
N TYR F 721 -41.56 -25.31 -98.48
CA TYR F 721 -40.89 -26.60 -98.36
C TYR F 721 -39.39 -26.41 -98.16
N ILE F 722 -38.78 -25.59 -99.01
CA ILE F 722 -37.36 -25.30 -98.87
C ILE F 722 -37.08 -24.57 -97.56
N THR F 723 -37.98 -23.68 -97.13
CA THR F 723 -37.76 -22.90 -95.92
C THR F 723 -37.64 -23.79 -94.70
N PHE F 724 -38.68 -24.58 -94.42
CA PHE F 724 -38.72 -25.30 -93.16
C PHE F 724 -38.10 -26.68 -93.20
N GLU F 725 -38.24 -27.46 -94.27
CA GLU F 725 -37.75 -28.83 -94.15
C GLU F 725 -36.28 -28.96 -94.48
N VAL F 726 -35.77 -28.21 -95.45
CA VAL F 726 -34.42 -28.45 -95.94
C VAL F 726 -33.40 -27.62 -95.17
N LEU F 727 -33.74 -26.38 -94.83
CA LEU F 727 -32.77 -25.43 -94.26
C LEU F 727 -32.89 -25.27 -92.75
N GLU F 728 -34.09 -24.96 -92.24
CA GLU F 728 -34.21 -24.72 -90.81
C GLU F 728 -34.00 -25.99 -90.01
N CYS F 729 -34.61 -27.10 -90.43
CA CYS F 729 -34.45 -28.36 -89.71
C CYS F 729 -33.00 -28.82 -89.73
N SER F 730 -32.36 -28.76 -90.90
CA SER F 730 -30.96 -29.17 -90.97
C SER F 730 -30.08 -28.25 -90.14
N TRP F 731 -30.37 -26.95 -90.14
CA TRP F 731 -29.54 -26.01 -89.38
C TRP F 731 -29.69 -26.17 -87.89
N ASP F 732 -30.89 -26.50 -87.40
CA ASP F 732 -31.03 -26.70 -85.96
C ASP F 732 -30.10 -27.83 -85.50
N GLU F 733 -30.08 -28.92 -86.25
CA GLU F 733 -29.18 -30.04 -85.95
C GLU F 733 -27.72 -29.64 -86.09
N LEU F 734 -27.38 -28.94 -87.17
CA LEU F 734 -25.99 -28.56 -87.38
C LEU F 734 -25.51 -27.68 -86.24
N TRP F 735 -26.32 -26.69 -85.86
CA TRP F 735 -25.93 -25.79 -84.78
C TRP F 735 -25.75 -26.55 -83.48
N ASN F 736 -26.65 -27.47 -83.17
CA ASN F 736 -26.52 -28.20 -81.92
C ASN F 736 -25.25 -29.04 -81.90
N LYS F 737 -24.99 -29.81 -82.96
CA LYS F 737 -23.80 -30.66 -82.97
C LYS F 737 -22.53 -29.82 -82.95
N VAL F 738 -22.47 -28.73 -83.73
CA VAL F 738 -21.28 -27.90 -83.79
C VAL F 738 -21.03 -27.25 -82.43
N GLN F 739 -22.08 -26.77 -81.77
CA GLN F 739 -21.89 -26.12 -80.47
C GLN F 739 -21.39 -27.14 -79.45
N GLN F 740 -21.93 -28.35 -79.48
CA GLN F 740 -21.58 -29.31 -78.44
C GLN F 740 -20.22 -29.96 -78.69
N ALA F 741 -19.86 -30.23 -79.93
CA ALA F 741 -18.63 -30.95 -80.23
C ALA F 741 -17.41 -30.14 -79.79
N GLN F 742 -16.37 -30.85 -79.35
CA GLN F 742 -15.16 -30.23 -78.82
C GLN F 742 -13.94 -30.50 -79.70
N ASP F 743 -14.13 -30.89 -80.96
CA ASP F 743 -13.02 -31.20 -81.84
C ASP F 743 -13.27 -30.63 -83.23
N LEU F 744 -12.22 -30.08 -83.81
CA LEU F 744 -12.29 -29.50 -85.14
C LEU F 744 -12.22 -30.54 -86.25
N ASP F 745 -12.01 -31.83 -85.93
CA ASP F 745 -12.44 -32.88 -86.84
C ASP F 745 -13.91 -33.25 -86.66
N HIS F 746 -14.53 -32.86 -85.55
CA HIS F 746 -15.96 -32.98 -85.38
C HIS F 746 -16.70 -31.70 -85.78
N ILE F 747 -15.97 -30.70 -86.25
CA ILE F 747 -16.59 -29.49 -86.78
C ILE F 747 -16.53 -29.45 -88.30
N ILE F 748 -15.52 -30.06 -88.93
CA ILE F 748 -15.47 -30.17 -90.39
C ILE F 748 -16.33 -31.32 -90.90
N ALA F 749 -16.78 -32.22 -90.02
CA ALA F 749 -17.56 -33.38 -90.42
C ALA F 749 -19.03 -33.28 -90.02
N ALA F 750 -19.41 -32.31 -89.20
CA ALA F 750 -20.82 -31.98 -88.99
C ALA F 750 -21.30 -31.01 -90.05
N HIS F 751 -20.45 -30.06 -90.40
CA HIS F 751 -20.82 -28.99 -91.30
C HIS F 751 -20.82 -29.49 -92.75
N GLU F 752 -19.88 -30.38 -93.09
CA GLU F 752 -19.89 -30.99 -94.40
C GLU F 752 -21.13 -31.86 -94.61
N VAL F 753 -21.58 -32.56 -93.56
CA VAL F 753 -22.77 -33.39 -93.72
C VAL F 753 -24.04 -32.55 -93.67
N PHE F 754 -24.02 -31.39 -93.00
CA PHE F 754 -25.07 -30.40 -93.22
C PHE F 754 -25.18 -29.99 -94.69
N LEU F 755 -24.05 -29.73 -95.32
CA LEU F 755 -24.10 -29.38 -96.75
C LEU F 755 -24.60 -30.56 -97.58
N ASP F 756 -24.12 -31.76 -97.27
CA ASP F 756 -24.58 -32.96 -97.98
C ASP F 756 -26.06 -33.22 -97.74
N THR F 757 -26.59 -32.76 -96.60
CA THR F 757 -28.01 -32.92 -96.30
C THR F 757 -28.84 -31.91 -97.08
N ILE F 758 -28.36 -30.66 -97.20
CA ILE F 758 -29.09 -29.70 -98.03
C ILE F 758 -29.15 -30.18 -99.47
N ILE F 759 -28.02 -30.64 -100.02
CA ILE F 759 -28.02 -30.92 -101.46
C ILE F 759 -28.89 -32.12 -101.81
N SER F 760 -29.27 -32.94 -100.82
CA SER F 760 -30.15 -34.08 -101.03
C SER F 760 -31.59 -33.78 -100.65
N ARG F 761 -31.82 -33.00 -99.59
CA ARG F 761 -33.19 -32.69 -99.21
C ARG F 761 -33.79 -31.72 -100.23
N CYS F 762 -33.01 -30.73 -100.67
CA CYS F 762 -33.31 -30.08 -101.92
C CYS F 762 -33.02 -31.06 -103.05
N LEU F 763 -33.53 -30.75 -104.23
CA LEU F 763 -33.57 -31.72 -105.30
C LEU F 763 -32.28 -31.70 -106.15
N LEU F 764 -31.21 -31.09 -105.66
CA LEU F 764 -29.98 -30.92 -106.41
C LEU F 764 -29.18 -32.21 -106.57
N ASP F 765 -29.62 -33.31 -105.97
CA ASP F 765 -28.87 -34.55 -106.04
C ASP F 765 -28.88 -35.14 -107.45
N SER F 766 -27.89 -36.01 -107.70
CA SER F 766 -27.66 -36.52 -109.05
C SER F 766 -28.84 -37.36 -109.53
N ASP F 767 -29.40 -38.20 -108.65
CA ASP F 767 -30.52 -39.04 -109.05
C ASP F 767 -31.74 -38.18 -109.35
N SER F 768 -31.97 -37.15 -108.54
CA SER F 768 -33.08 -36.24 -108.72
C SER F 768 -32.80 -35.13 -109.74
N ARG F 769 -31.71 -35.24 -110.51
CA ARG F 769 -31.49 -34.30 -111.60
C ARG F 769 -32.66 -34.28 -112.57
N ALA F 770 -33.27 -35.43 -112.86
CA ALA F 770 -34.44 -35.44 -113.74
C ALA F 770 -35.61 -34.66 -113.13
N LEU F 771 -35.80 -34.81 -111.82
CA LEU F 771 -36.89 -34.10 -111.17
C LEU F 771 -36.65 -32.59 -111.23
N LEU F 772 -35.40 -32.16 -111.07
CA LEU F 772 -35.09 -30.75 -111.33
C LEU F 772 -35.23 -30.40 -112.80
N ASN F 773 -34.92 -31.33 -113.70
CA ASN F 773 -35.04 -31.04 -115.12
C ASN F 773 -36.48 -30.69 -115.46
N GLN F 774 -37.42 -31.22 -114.69
CA GLN F 774 -38.82 -30.81 -114.85
C GLN F 774 -39.16 -29.57 -114.02
N LEU F 775 -38.59 -29.42 -112.83
CA LEU F 775 -38.88 -28.22 -112.05
C LEU F 775 -38.39 -26.98 -112.80
N ARG F 776 -37.30 -27.13 -113.54
CA ARG F 776 -36.89 -26.09 -114.48
C ARG F 776 -37.94 -25.86 -115.55
N ALA F 777 -38.68 -26.89 -115.96
CA ALA F 777 -39.78 -26.67 -116.91
C ALA F 777 -40.86 -25.81 -116.28
N VAL F 778 -41.17 -26.05 -115.01
CA VAL F 778 -42.16 -25.20 -114.35
C VAL F 778 -41.62 -23.78 -114.23
N PHE F 779 -40.35 -23.64 -113.90
CA PHE F 779 -39.71 -22.34 -113.85
C PHE F 779 -39.79 -21.66 -115.21
N ASP F 780 -39.67 -22.47 -116.28
CA ASP F 780 -39.75 -21.97 -117.64
C ASP F 780 -41.16 -21.47 -117.95
N GLN F 781 -42.17 -22.18 -117.46
CA GLN F 781 -43.53 -21.74 -117.69
C GLN F 781 -43.82 -20.45 -116.94
N ILE F 782 -43.15 -20.23 -115.80
CA ILE F 782 -43.27 -18.93 -115.13
C ILE F 782 -42.60 -17.84 -115.96
N ILE F 783 -41.35 -18.07 -116.39
CA ILE F 783 -40.59 -17.04 -117.09
C ILE F 783 -41.21 -16.76 -118.46
N GLU F 784 -41.97 -17.69 -119.02
CA GLU F 784 -42.71 -17.40 -120.25
C GLU F 784 -43.75 -16.33 -120.03
N LEU F 785 -44.51 -16.43 -118.94
CA LEU F 785 -45.47 -15.36 -118.62
C LEU F 785 -44.80 -13.99 -118.46
N GLN F 786 -43.53 -13.95 -118.07
CA GLN F 786 -42.86 -12.68 -117.82
C GLN F 786 -42.67 -11.88 -119.09
N ASN F 787 -42.68 -12.55 -120.24
CA ASN F 787 -42.59 -11.93 -121.55
C ASN F 787 -43.94 -11.82 -122.22
N ALA F 788 -44.76 -12.86 -122.13
CA ALA F 788 -46.06 -12.80 -122.75
C ALA F 788 -46.93 -11.72 -122.13
N GLN F 789 -46.95 -11.64 -120.81
CA GLN F 789 -47.83 -10.73 -120.09
C GLN F 789 -47.51 -9.26 -120.38
N ASP F 790 -46.26 -8.87 -120.20
CA ASP F 790 -45.89 -7.50 -120.53
C ASP F 790 -45.93 -7.26 -122.02
N ALA F 791 -45.76 -8.30 -122.85
CA ALA F 791 -45.99 -8.14 -124.28
C ALA F 791 -47.45 -7.85 -124.58
N ILE F 792 -48.37 -8.39 -123.78
CA ILE F 792 -49.78 -8.03 -123.93
C ILE F 792 -49.97 -6.57 -123.61
N TYR F 793 -49.48 -6.13 -122.44
CA TYR F 793 -49.73 -4.73 -122.07
C TYR F 793 -49.03 -3.74 -123.00
N ARG F 794 -47.74 -3.95 -123.31
CA ARG F 794 -47.03 -2.97 -124.12
C ARG F 794 -47.61 -2.82 -125.53
N ALA F 795 -48.45 -3.75 -125.97
CA ALA F 795 -49.21 -3.60 -127.20
C ALA F 795 -50.62 -3.09 -126.96
N ALA F 796 -51.22 -3.50 -125.83
CA ALA F 796 -52.61 -3.16 -125.53
C ALA F 796 -52.74 -1.71 -125.09
N LEU F 797 -52.07 -1.36 -123.99
CA LEU F 797 -52.15 -0.01 -123.47
C LEU F 797 -51.54 1.02 -124.42
N GLU F 798 -50.74 0.59 -125.40
CA GLU F 798 -50.26 1.50 -126.44
C GLU F 798 -51.43 2.10 -127.20
N GLU F 799 -52.36 1.26 -127.65
CA GLU F 799 -53.54 1.77 -128.36
C GLU F 799 -54.31 2.70 -127.46
N LEU F 800 -54.39 2.39 -126.17
CA LEU F 800 -55.15 3.24 -125.26
C LEU F 800 -54.48 4.59 -125.07
N GLN F 801 -53.16 4.62 -124.97
CA GLN F 801 -52.44 5.88 -124.91
C GLN F 801 -52.73 6.71 -126.15
N ARG F 802 -52.68 6.07 -127.32
CA ARG F 802 -53.01 6.78 -128.55
C ARG F 802 -54.47 7.22 -128.53
N ARG F 803 -55.34 6.44 -127.90
CA ARG F 803 -56.75 6.83 -127.80
C ARG F 803 -56.91 8.06 -126.93
N LEU F 804 -56.11 8.17 -125.86
CA LEU F 804 -56.12 9.41 -125.08
C LEU F 804 -55.70 10.58 -125.95
N GLN F 805 -54.66 10.39 -126.77
CA GLN F 805 -54.24 11.47 -127.66
C GLN F 805 -55.30 11.77 -128.72
N PHE F 806 -56.04 10.75 -129.16
CA PHE F 806 -57.09 10.96 -130.15
C PHE F 806 -58.26 11.73 -129.55
N GLU F 807 -58.66 11.37 -128.33
CA GLU F 807 -59.68 12.16 -127.65
C GLU F 807 -59.20 13.57 -127.40
N GLU F 808 -57.91 13.74 -127.09
CA GLU F 808 -57.34 15.08 -126.95
C GLU F 808 -57.40 15.85 -128.25
N LYS F 809 -57.28 15.17 -129.39
CA LYS F 809 -57.50 15.84 -130.66
C LYS F 809 -58.95 16.28 -130.77
N LYS F 810 -59.88 15.45 -130.30
CA LYS F 810 -61.28 15.87 -130.28
C LYS F 810 -61.52 17.03 -129.31
N LYS F 811 -60.70 17.16 -128.27
CA LYS F 811 -60.89 18.22 -127.27
C LYS F 811 -60.64 19.60 -127.90
N ALA F 823 -64.52 12.34 -135.99
CA ALA F 823 -65.07 13.04 -137.15
C ALA F 823 -64.62 12.35 -138.44
N ALA F 824 -63.67 12.94 -139.19
CA ALA F 824 -63.16 12.32 -140.41
C ALA F 824 -62.09 11.27 -140.14
N GLU F 825 -61.55 11.23 -138.92
CA GLU F 825 -60.48 10.31 -138.54
C GLU F 825 -60.93 9.27 -137.52
N GLU F 826 -62.25 9.15 -137.27
CA GLU F 826 -62.74 8.18 -136.31
C GLU F 826 -62.41 6.75 -136.71
N GLU F 827 -62.28 6.48 -138.01
CA GLU F 827 -62.05 5.11 -138.48
C GLU F 827 -60.73 4.53 -137.99
N GLU F 828 -59.80 5.36 -137.51
CA GLU F 828 -58.56 4.86 -136.94
C GLU F 828 -58.83 3.89 -135.80
N GLU F 829 -59.67 4.31 -134.85
CA GLU F 829 -59.95 3.43 -133.70
C GLU F 829 -60.75 2.21 -134.13
N ASN F 830 -61.54 2.30 -135.20
CA ASN F 830 -62.21 1.12 -135.71
C ASN F 830 -61.21 0.14 -136.32
N LYS F 831 -60.17 0.65 -136.98
CA LYS F 831 -59.11 -0.23 -137.47
C LYS F 831 -58.33 -0.82 -136.30
N ARG F 832 -58.18 -0.08 -135.21
CA ARG F 832 -57.53 -0.63 -134.03
C ARG F 832 -58.39 -1.71 -133.40
N ILE F 833 -59.72 -1.56 -133.41
CA ILE F 833 -60.58 -2.64 -132.93
C ILE F 833 -60.45 -3.84 -133.87
N GLY F 834 -60.24 -3.59 -135.17
CA GLY F 834 -59.92 -4.69 -136.07
C GLY F 834 -58.66 -5.43 -135.67
N GLU F 835 -57.60 -4.67 -135.36
CA GLU F 835 -56.36 -5.27 -134.89
C GLU F 835 -56.60 -6.06 -133.61
N PHE F 836 -57.47 -5.56 -132.74
CA PHE F 836 -57.81 -6.28 -131.51
C PHE F 836 -58.52 -7.59 -131.81
N LYS F 837 -59.55 -7.57 -132.66
CA LYS F 837 -60.31 -8.79 -132.86
C LYS F 837 -59.58 -9.80 -133.74
N GLU F 838 -58.51 -9.39 -134.43
CA GLU F 838 -57.61 -10.38 -135.04
C GLU F 838 -56.48 -10.78 -134.10
N SER F 839 -56.22 -10.01 -133.03
CA SER F 839 -55.27 -10.43 -132.02
C SER F 839 -55.85 -11.46 -131.07
N ILE F 840 -57.15 -11.34 -130.73
CA ILE F 840 -57.77 -12.25 -129.74
C ILE F 840 -57.56 -13.71 -130.09
N PRO F 841 -57.81 -14.17 -131.33
CA PRO F 841 -57.57 -15.60 -131.62
C PRO F 841 -56.15 -16.04 -131.38
N LYS F 842 -55.17 -15.15 -131.48
CA LYS F 842 -53.77 -15.52 -131.28
C LYS F 842 -53.33 -15.34 -129.84
N MET F 843 -53.59 -14.17 -129.23
CA MET F 843 -53.14 -13.95 -127.87
C MET F 843 -53.89 -14.85 -126.89
N CYS F 844 -55.21 -14.97 -127.07
CA CYS F 844 -55.98 -15.81 -126.17
C CYS F 844 -55.57 -17.27 -126.31
N SER F 845 -55.36 -17.72 -127.55
CA SER F 845 -54.92 -19.10 -127.76
C SER F 845 -53.53 -19.34 -127.19
N GLN F 846 -52.63 -18.37 -127.34
CA GLN F 846 -51.28 -18.48 -126.78
C GLN F 846 -51.34 -18.62 -125.27
N LEU F 847 -52.17 -17.81 -124.63
CA LEU F 847 -52.31 -17.91 -123.19
C LEU F 847 -53.02 -19.21 -122.79
N ARG F 848 -53.98 -19.66 -123.60
CA ARG F 848 -54.66 -20.91 -123.31
C ARG F 848 -53.69 -22.09 -123.35
N ILE F 849 -52.87 -22.15 -124.40
CA ILE F 849 -51.89 -23.24 -124.49
C ILE F 849 -50.84 -23.10 -123.39
N LEU F 850 -50.54 -21.88 -122.95
CA LEU F 850 -49.62 -21.72 -121.83
C LEU F 850 -50.21 -22.33 -120.55
N THR F 851 -51.48 -22.03 -120.26
CA THR F 851 -52.13 -22.65 -119.10
C THR F 851 -52.14 -24.16 -119.25
N HIS F 852 -52.50 -24.66 -120.43
CA HIS F 852 -52.59 -26.10 -120.62
C HIS F 852 -51.23 -26.75 -120.42
N PHE F 853 -50.16 -26.12 -120.91
CA PHE F 853 -48.82 -26.65 -120.73
C PHE F 853 -48.45 -26.68 -119.25
N TYR F 854 -48.79 -25.61 -118.52
CA TYR F 854 -48.51 -25.56 -117.09
C TYR F 854 -49.25 -26.68 -116.34
N GLN F 855 -50.52 -26.86 -116.67
CA GLN F 855 -51.30 -27.88 -115.97
C GLN F 855 -50.78 -29.28 -116.31
N GLY F 856 -50.42 -29.50 -117.58
CA GLY F 856 -49.90 -30.80 -117.96
C GLY F 856 -48.55 -31.11 -117.34
N ILE F 857 -47.68 -30.11 -117.19
CA ILE F 857 -46.37 -30.36 -116.64
C ILE F 857 -46.44 -30.53 -115.13
N VAL F 858 -47.28 -29.72 -114.45
CA VAL F 858 -47.41 -29.88 -113.01
C VAL F 858 -48.10 -31.19 -112.65
N GLN F 859 -49.03 -31.66 -113.48
CA GLN F 859 -49.62 -32.97 -113.23
C GLN F 859 -48.57 -34.08 -113.31
N GLN F 860 -47.78 -34.11 -114.38
CA GLN F 860 -46.81 -35.18 -114.50
C GLN F 860 -45.67 -34.98 -113.49
N PHE F 861 -45.52 -33.76 -112.94
CA PHE F 861 -44.57 -33.57 -111.84
C PHE F 861 -45.09 -34.21 -110.56
N LEU F 862 -46.38 -33.97 -110.26
CA LEU F 862 -47.01 -34.59 -109.10
C LEU F 862 -47.02 -36.11 -109.23
N VAL F 863 -47.24 -36.62 -110.43
CA VAL F 863 -47.23 -38.06 -110.64
C VAL F 863 -45.82 -38.63 -110.70
N LEU F 864 -44.82 -37.80 -111.05
CA LEU F 864 -43.44 -38.24 -111.00
C LEU F 864 -42.96 -38.37 -109.57
N LEU F 865 -43.50 -37.58 -108.64
CA LEU F 865 -43.11 -37.71 -107.24
C LEU F 865 -43.76 -38.94 -106.62
N THR F 866 -43.32 -40.13 -107.10
CA THR F 866 -43.77 -41.41 -106.56
C THR F 866 -42.68 -42.45 -106.36
N THR F 867 -41.57 -42.41 -107.10
CA THR F 867 -40.59 -43.49 -107.11
C THR F 867 -39.38 -43.23 -106.20
N SER F 868 -39.31 -42.09 -105.53
CA SER F 868 -38.14 -41.72 -104.75
C SER F 868 -38.23 -42.31 -103.34
N SER F 869 -37.30 -41.92 -102.47
CA SER F 869 -37.37 -42.24 -101.05
C SER F 869 -38.72 -41.82 -100.47
N ASP F 870 -39.19 -40.64 -100.92
CA ASP F 870 -40.57 -40.19 -100.82
C ASP F 870 -41.02 -39.74 -99.43
N GLU F 871 -40.20 -39.94 -98.39
CA GLU F 871 -40.56 -39.41 -97.09
C GLU F 871 -40.41 -37.90 -97.05
N SER F 872 -39.29 -37.41 -97.57
CA SER F 872 -39.08 -35.96 -97.63
C SER F 872 -39.96 -35.29 -98.67
N LEU F 873 -40.38 -36.02 -99.71
CA LEU F 873 -41.14 -35.45 -100.82
C LEU F 873 -42.61 -35.86 -100.89
N ARG F 874 -43.08 -36.74 -100.01
CA ARG F 874 -44.54 -36.85 -99.84
C ARG F 874 -45.10 -35.52 -99.39
N PHE F 875 -44.33 -34.80 -98.57
CA PHE F 875 -44.71 -33.46 -98.18
C PHE F 875 -44.84 -32.56 -99.40
N LEU F 876 -44.00 -32.75 -100.41
CA LEU F 876 -44.10 -31.95 -101.64
C LEU F 876 -45.33 -32.33 -102.46
N SER F 877 -45.55 -33.62 -102.68
CA SER F 877 -46.68 -34.04 -103.50
C SER F 877 -47.98 -33.56 -102.89
N PHE F 878 -48.08 -33.64 -101.57
CA PHE F 878 -49.26 -33.15 -100.88
C PHE F 878 -49.28 -31.63 -100.74
N ARG F 879 -48.14 -30.95 -100.62
CA ARG F 879 -48.12 -29.49 -100.64
C ARG F 879 -48.38 -28.91 -102.02
N LEU F 880 -48.52 -29.76 -103.04
CA LEU F 880 -49.06 -29.33 -104.32
C LEU F 880 -50.53 -29.73 -104.50
N ASP F 881 -50.90 -30.97 -104.19
CA ASP F 881 -52.28 -31.45 -104.48
C ASP F 881 -53.18 -31.24 -103.25
N PHE F 882 -53.84 -30.09 -103.15
CA PHE F 882 -54.69 -29.76 -101.98
C PHE F 882 -56.01 -29.16 -102.45
N ASN F 883 -57.18 -29.70 -102.10
CA ASN F 883 -58.54 -29.35 -102.57
C ASN F 883 -58.91 -30.22 -103.77
N GLU F 884 -57.98 -31.05 -104.25
CA GLU F 884 -58.19 -31.91 -105.40
C GLU F 884 -58.59 -31.11 -106.64
N HIS F 885 -57.96 -29.93 -106.82
CA HIS F 885 -57.93 -29.34 -108.16
C HIS F 885 -57.16 -30.26 -109.10
N TYR F 886 -56.16 -30.96 -108.57
CA TYR F 886 -55.47 -32.04 -109.24
C TYR F 886 -55.89 -33.35 -108.58
N LYS F 887 -55.51 -34.48 -109.17
CA LYS F 887 -55.87 -35.83 -108.74
C LYS F 887 -57.34 -36.16 -108.98
N ALA F 888 -58.17 -35.20 -109.40
CA ALA F 888 -59.54 -35.43 -109.85
C ALA F 888 -59.59 -35.23 -111.35
N ARG F 889 -58.54 -35.70 -112.02
CA ARG F 889 -58.32 -35.45 -113.45
C ARG F 889 -58.30 -33.96 -113.75
N GLU F 890 -57.57 -33.23 -112.92
CA GLU F 890 -57.19 -31.85 -113.19
C GLU F 890 -58.43 -30.96 -113.32
N LEU G 150 47.65 -19.49 -96.91
CA LEU G 150 48.54 -18.76 -96.01
C LEU G 150 48.84 -17.38 -96.57
N GLN G 151 49.34 -17.35 -97.81
CA GLN G 151 49.62 -16.10 -98.50
C GLN G 151 48.37 -15.50 -99.16
N GLN G 152 47.41 -16.35 -99.53
CA GLN G 152 46.23 -15.88 -100.25
C GLN G 152 45.21 -15.16 -99.36
N SER G 153 45.24 -15.36 -98.04
CA SER G 153 44.33 -14.64 -97.15
C SER G 153 44.66 -13.14 -97.05
N LEU G 154 45.89 -12.77 -97.41
CA LEU G 154 46.26 -11.37 -97.51
C LEU G 154 45.30 -10.63 -98.42
N GLU G 155 44.88 -11.28 -99.51
CA GLU G 155 43.88 -10.71 -100.40
C GLU G 155 42.58 -10.43 -99.66
N LEU G 156 42.08 -11.44 -98.91
CA LEU G 156 40.82 -11.31 -98.20
C LEU G 156 40.82 -10.06 -97.33
N LYS G 157 41.86 -9.94 -96.48
CA LYS G 157 41.90 -8.91 -95.46
C LYS G 157 41.80 -7.50 -96.06
N ARG G 158 42.28 -7.32 -97.29
CA ARG G 158 42.24 -6.01 -97.95
C ARG G 158 40.81 -5.67 -98.38
N LYS G 159 40.17 -6.59 -99.11
CA LYS G 159 38.82 -6.36 -99.62
C LYS G 159 37.84 -6.07 -98.50
N MET G 160 37.90 -6.86 -97.42
CA MET G 160 36.91 -6.65 -96.37
C MET G 160 37.17 -5.35 -95.63
N LEU G 161 38.38 -4.81 -95.68
CA LEU G 161 38.57 -3.44 -95.24
C LEU G 161 37.84 -2.46 -96.15
N ARG G 162 38.11 -2.56 -97.46
CA ARG G 162 37.60 -1.57 -98.43
C ARG G 162 36.08 -1.44 -98.34
N ASP G 163 35.40 -2.58 -98.26
CA ASP G 163 33.93 -2.61 -98.24
C ASP G 163 33.38 -1.80 -97.08
N LYS G 164 34.07 -1.84 -95.94
CA LYS G 164 33.62 -1.16 -94.74
C LYS G 164 34.12 0.28 -94.69
N GLN G 165 35.29 0.54 -95.28
CA GLN G 165 35.82 1.89 -95.31
C GLN G 165 34.88 2.83 -96.04
N ASN G 166 34.47 2.45 -97.25
CA ASN G 166 33.71 3.42 -98.04
C ASN G 166 32.31 3.62 -97.48
N LYS G 167 31.73 2.60 -96.85
CA LYS G 167 30.31 2.66 -96.48
C LYS G 167 30.04 3.73 -95.43
N LYS G 168 30.81 3.73 -94.32
CA LYS G 168 30.46 4.62 -93.22
C LYS G 168 30.76 6.07 -93.57
N ASN G 169 32.03 6.38 -93.86
CA ASN G 169 32.46 7.70 -94.31
C ASN G 169 32.00 8.80 -93.34
N SER G 170 31.88 8.48 -92.05
CA SER G 170 31.43 9.44 -91.05
C SER G 170 32.15 9.29 -89.71
N GLY G 171 33.29 8.60 -89.69
CA GLY G 171 34.04 8.40 -88.47
C GLY G 171 35.51 8.23 -88.77
N GLN G 172 36.30 8.16 -87.71
CA GLN G 172 37.72 7.84 -87.87
C GLN G 172 37.87 6.51 -88.57
N HIS G 173 38.93 6.38 -89.35
CA HIS G 173 39.24 5.15 -90.07
C HIS G 173 39.29 3.97 -89.10
N LEU G 174 38.58 2.91 -89.46
CA LEU G 174 38.40 1.70 -88.64
C LEU G 174 39.74 1.15 -88.15
N PRO G 175 39.79 0.49 -86.99
CA PRO G 175 41.08 -0.02 -86.49
C PRO G 175 41.69 -1.05 -87.43
N ILE G 176 43.03 -1.09 -87.41
CA ILE G 176 43.80 -2.11 -88.09
C ILE G 176 44.95 -2.54 -87.18
N PHE G 177 45.40 -3.80 -87.35
CA PHE G 177 46.53 -4.28 -86.56
C PHE G 177 47.84 -3.98 -87.26
N PRO G 178 48.95 -3.83 -86.53
CA PRO G 178 50.25 -3.69 -87.20
C PRO G 178 50.61 -4.94 -87.99
N ALA G 179 51.44 -4.73 -89.01
CA ALA G 179 51.82 -5.82 -89.90
C ALA G 179 52.52 -6.95 -89.16
N TRP G 180 53.30 -6.62 -88.12
CA TRP G 180 54.06 -7.65 -87.41
C TRP G 180 53.15 -8.71 -86.80
N VAL G 181 51.91 -8.32 -86.46
CA VAL G 181 50.94 -9.26 -85.90
C VAL G 181 50.76 -10.46 -86.82
N TYR G 182 50.65 -10.21 -88.12
CA TYR G 182 50.50 -11.28 -89.10
C TYR G 182 51.83 -11.83 -89.57
N GLU G 183 52.88 -11.00 -89.58
CA GLU G 183 54.19 -11.48 -90.01
C GLU G 183 54.69 -12.58 -89.09
N ARG G 184 54.50 -12.42 -87.78
CA ARG G 184 55.13 -13.32 -86.82
C ARG G 184 54.58 -14.73 -86.96
N PRO G 185 55.40 -15.75 -87.27
CA PRO G 185 54.89 -17.12 -87.25
C PRO G 185 54.63 -17.65 -85.86
N ALA G 186 55.25 -17.05 -84.83
CA ALA G 186 55.17 -17.64 -83.49
C ALA G 186 53.77 -17.52 -82.89
N LEU G 187 53.05 -16.46 -83.21
CA LEU G 187 51.69 -16.32 -82.71
C LEU G 187 50.81 -17.47 -83.19
N ILE G 188 51.08 -17.97 -84.40
CA ILE G 188 50.32 -19.10 -84.92
C ILE G 188 50.82 -20.39 -84.27
N GLY G 189 49.94 -21.39 -84.21
CA GLY G 189 50.24 -22.61 -83.46
C GLY G 189 51.47 -23.34 -83.95
N ASP G 190 51.53 -23.60 -85.26
CA ASP G 190 52.63 -24.36 -85.85
C ASP G 190 53.70 -23.43 -86.39
N PHE G 191 54.90 -23.98 -86.58
CA PHE G 191 56.09 -23.20 -86.89
C PHE G 191 56.72 -23.51 -88.23
N LEU G 192 56.47 -24.69 -88.80
CA LEU G 192 56.69 -25.02 -90.20
C LEU G 192 58.17 -25.19 -90.57
N ILE G 193 59.09 -25.02 -89.62
CA ILE G 193 60.52 -25.21 -89.89
C ILE G 193 61.16 -25.85 -88.67
N THR G 201 66.70 -34.13 -81.32
CA THR G 201 66.18 -34.57 -82.60
C THR G 201 65.57 -35.97 -82.40
N ALA G 202 65.88 -36.94 -83.25
CA ALA G 202 65.39 -38.31 -83.14
C ALA G 202 66.55 -39.24 -82.85
N LEU G 203 66.36 -40.18 -81.92
CA LEU G 203 67.39 -41.16 -81.64
C LEU G 203 67.66 -41.98 -82.91
N PRO G 204 68.93 -42.19 -83.29
CA PRO G 204 69.20 -42.96 -84.52
C PRO G 204 69.22 -44.46 -84.35
N ILE G 205 68.92 -44.98 -83.15
CA ILE G 205 68.92 -46.41 -82.87
C ILE G 205 67.97 -47.19 -83.78
N GLY G 206 66.99 -46.50 -84.35
CA GLY G 206 65.96 -47.15 -85.14
C GLY G 206 64.79 -47.65 -84.31
N THR G 207 64.56 -47.04 -83.15
CA THR G 207 63.45 -47.37 -82.25
C THR G 207 63.38 -48.86 -81.98
N LEU G 208 64.55 -49.44 -81.67
CA LEU G 208 64.60 -50.89 -81.42
C LEU G 208 63.84 -51.31 -80.17
N PRO G 209 64.04 -50.69 -78.99
CA PRO G 209 63.36 -51.23 -77.80
C PRO G 209 61.86 -51.01 -77.84
N LEU G 210 61.12 -52.12 -77.92
CA LEU G 210 59.67 -52.04 -78.09
C LEU G 210 59.01 -51.42 -76.88
N ALA G 211 59.45 -51.80 -75.68
CA ALA G 211 58.83 -51.28 -74.47
C ALA G 211 59.06 -49.78 -74.28
N SER G 212 60.11 -49.22 -74.86
CA SER G 212 60.45 -47.81 -74.70
C SER G 212 59.86 -46.92 -75.78
N GLN G 213 59.54 -47.52 -76.94
CA GLN G 213 58.88 -46.77 -78.02
C GLN G 213 57.61 -46.12 -77.52
N GLU G 214 56.86 -46.82 -76.66
CA GLU G 214 55.61 -46.29 -76.15
C GLU G 214 55.83 -45.01 -75.36
N SER G 215 56.84 -45.02 -74.47
CA SER G 215 57.13 -43.83 -73.67
C SER G 215 57.57 -42.67 -74.55
N ALA G 216 58.41 -42.97 -75.55
CA ALA G 216 58.89 -41.89 -76.41
C ALA G 216 57.74 -41.28 -77.19
N VAL G 217 56.88 -42.12 -77.76
CA VAL G 217 55.84 -41.58 -78.63
C VAL G 217 54.74 -40.93 -77.80
N VAL G 218 54.49 -41.39 -76.57
CA VAL G 218 53.48 -40.70 -75.77
C VAL G 218 53.98 -39.32 -75.40
N GLU G 219 55.28 -39.16 -75.14
CA GLU G 219 55.77 -37.83 -74.83
C GLU G 219 55.69 -36.92 -76.06
N ASP G 220 56.13 -37.43 -77.22
CA ASP G 220 56.06 -36.66 -78.47
C ASP G 220 54.61 -36.30 -78.80
N LEU G 221 53.71 -37.24 -78.56
CA LEU G 221 52.30 -37.03 -78.84
C LEU G 221 51.71 -35.99 -77.89
N LEU G 222 52.13 -36.00 -76.63
CA LEU G 222 51.68 -34.99 -75.69
C LEU G 222 52.09 -33.60 -76.16
N TYR G 223 53.25 -33.49 -76.81
CA TYR G 223 53.63 -32.22 -77.40
C TYR G 223 52.76 -31.84 -78.61
N VAL G 224 52.54 -32.78 -79.53
CA VAL G 224 51.81 -32.40 -80.74
C VAL G 224 50.34 -32.09 -80.42
N LEU G 225 49.81 -32.61 -79.31
CA LEU G 225 48.44 -32.24 -78.94
C LEU G 225 48.28 -30.73 -78.73
N VAL G 226 49.31 -30.06 -78.19
CA VAL G 226 49.29 -28.61 -78.10
C VAL G 226 49.91 -27.93 -79.30
N GLY G 227 50.52 -28.70 -80.21
CA GLY G 227 50.84 -28.21 -81.53
C GLY G 227 52.30 -27.90 -81.76
N VAL G 228 53.10 -27.73 -80.71
CA VAL G 228 54.54 -27.73 -80.89
C VAL G 228 54.92 -29.11 -81.44
N ASP G 229 55.70 -29.12 -82.51
CA ASP G 229 56.05 -30.36 -83.22
C ASP G 229 56.76 -31.33 -82.29
N GLY G 230 57.01 -32.55 -82.79
CA GLY G 230 57.64 -33.60 -82.01
C GLY G 230 59.04 -33.95 -82.49
N ARG G 231 59.50 -35.13 -82.07
CA ARG G 231 60.72 -35.76 -82.56
C ARG G 231 60.42 -36.77 -83.65
N TYR G 232 59.42 -37.61 -83.40
CA TYR G 232 59.07 -38.74 -84.23
C TYR G 232 57.84 -38.42 -85.08
N VAL G 233 56.87 -37.72 -84.49
CA VAL G 233 55.80 -37.07 -85.23
C VAL G 233 56.29 -35.71 -85.71
N SER G 234 55.85 -35.30 -86.89
CA SER G 234 56.21 -34.00 -87.44
C SER G 234 55.09 -33.52 -88.34
N ALA G 235 54.70 -32.26 -88.18
CA ALA G 235 53.66 -31.67 -89.00
C ALA G 235 54.15 -31.49 -90.44
N GLN G 236 53.34 -31.92 -91.40
CA GLN G 236 53.64 -31.66 -92.80
C GLN G 236 53.31 -30.20 -93.14
N PRO G 237 54.00 -29.61 -94.13
CA PRO G 237 53.98 -28.15 -94.26
C PRO G 237 52.67 -27.55 -94.74
N LEU G 238 51.80 -28.32 -95.41
CA LEU G 238 50.68 -27.76 -96.17
C LEU G 238 49.78 -26.88 -95.31
N ALA G 239 49.40 -25.73 -95.88
CA ALA G 239 48.38 -24.87 -95.31
C ALA G 239 47.39 -24.35 -96.35
N GLY G 240 47.59 -24.62 -97.64
CA GLY G 240 46.57 -24.26 -98.62
C GLY G 240 45.28 -25.00 -98.36
N ARG G 241 45.36 -26.30 -98.12
CA ARG G 241 44.29 -27.07 -97.51
C ARG G 241 44.39 -26.90 -96.00
N GLN G 242 43.26 -27.10 -95.31
CA GLN G 242 43.19 -26.91 -93.87
C GLN G 242 43.04 -28.23 -93.12
N SER G 243 43.73 -29.27 -93.58
CA SER G 243 43.73 -30.57 -92.93
C SER G 243 44.90 -30.78 -91.97
N ARG G 244 46.06 -30.20 -92.26
CA ARG G 244 47.28 -30.40 -91.49
C ARG G 244 47.58 -31.88 -91.25
N THR G 245 47.84 -32.57 -92.35
CA THR G 245 48.31 -33.94 -92.25
C THR G 245 49.67 -33.96 -91.56
N PHE G 246 49.95 -35.09 -90.91
CA PHE G 246 51.12 -35.25 -90.04
C PHE G 246 52.01 -36.37 -90.56
N LEU G 247 53.31 -36.22 -90.32
CA LEU G 247 54.31 -37.23 -90.68
C LEU G 247 54.85 -37.89 -89.41
N VAL G 248 54.85 -39.23 -89.40
CA VAL G 248 55.46 -40.01 -88.34
C VAL G 248 56.68 -40.74 -88.90
N ASP G 249 57.53 -41.21 -87.99
CA ASP G 249 58.77 -41.86 -88.37
C ASP G 249 58.50 -43.16 -89.12
N PRO G 250 59.23 -43.47 -90.21
CA PRO G 250 58.84 -44.65 -91.01
C PRO G 250 59.05 -46.00 -90.33
N ASN G 251 60.14 -46.20 -89.59
CA ASN G 251 60.37 -47.46 -88.87
C ASN G 251 59.93 -47.31 -87.42
N LEU G 252 58.66 -47.64 -87.16
CA LEU G 252 58.03 -47.65 -85.86
C LEU G 252 57.31 -48.98 -85.70
N ASP G 253 56.77 -49.23 -84.51
CA ASP G 253 55.89 -50.38 -84.34
C ASP G 253 54.64 -50.14 -85.18
N LEU G 254 54.21 -51.18 -85.89
CA LEU G 254 53.04 -51.03 -86.76
C LEU G 254 51.79 -50.68 -85.96
N SER G 255 51.58 -51.39 -84.85
CA SER G 255 50.40 -51.15 -84.03
C SER G 255 50.42 -49.75 -83.46
N ILE G 256 51.58 -49.32 -83.00
CA ILE G 256 51.69 -48.02 -82.38
C ILE G 256 51.51 -46.93 -83.43
N ARG G 257 52.01 -47.19 -84.65
CA ARG G 257 51.75 -46.31 -85.79
C ARG G 257 50.27 -46.10 -86.01
N GLU G 258 49.52 -47.18 -86.10
CA GLU G 258 48.08 -47.02 -86.35
C GLU G 258 47.40 -46.36 -85.16
N LEU G 259 47.87 -46.62 -83.94
CA LEU G 259 47.26 -45.97 -82.77
C LEU G 259 47.54 -44.48 -82.76
N VAL G 260 48.76 -44.06 -83.09
CA VAL G 260 49.02 -42.63 -83.15
C VAL G 260 48.23 -42.00 -84.28
N HIS G 261 48.11 -42.68 -85.42
CA HIS G 261 47.19 -42.19 -86.46
C HIS G 261 45.76 -42.09 -85.94
N ARG G 262 45.37 -42.97 -85.01
CA ARG G 262 44.03 -42.87 -84.45
C ARG G 262 43.90 -41.66 -83.54
N ILE G 263 45.01 -41.26 -82.90
CA ILE G 263 44.97 -40.10 -82.01
C ILE G 263 45.20 -38.77 -82.72
N LEU G 264 45.90 -38.76 -83.84
CA LEU G 264 46.25 -37.51 -84.50
C LEU G 264 45.09 -36.62 -84.95
N PRO G 265 43.85 -37.11 -85.18
CA PRO G 265 42.78 -36.16 -85.51
C PRO G 265 42.53 -35.07 -84.47
N VAL G 266 42.79 -35.27 -83.18
CA VAL G 266 42.65 -34.11 -82.28
C VAL G 266 43.75 -33.09 -82.57
N ALA G 267 44.94 -33.55 -82.95
CA ALA G 267 46.00 -32.61 -83.31
C ALA G 267 45.64 -31.85 -84.58
N ALA G 268 45.08 -32.56 -85.58
CA ALA G 268 44.65 -31.91 -86.80
C ALA G 268 43.49 -30.96 -86.56
N SER G 269 42.59 -31.29 -85.65
CA SER G 269 41.45 -30.45 -85.32
C SER G 269 41.76 -29.47 -84.20
N TYR G 270 43.03 -29.36 -83.80
CA TYR G 270 43.57 -28.23 -83.06
C TYR G 270 44.39 -27.29 -83.93
N SER G 271 45.16 -27.83 -84.87
CA SER G 271 45.90 -27.00 -85.81
C SER G 271 44.96 -26.16 -86.66
N ALA G 272 43.75 -26.64 -86.91
CA ALA G 272 42.74 -25.87 -87.63
C ALA G 272 41.89 -25.01 -86.72
N VAL G 273 42.03 -25.15 -85.41
CA VAL G 273 41.39 -24.22 -84.49
C VAL G 273 42.31 -23.03 -84.21
N THR G 274 43.58 -23.28 -83.88
CA THR G 274 44.47 -22.19 -83.50
C THR G 274 44.68 -21.22 -84.65
N ARG G 275 44.77 -21.73 -85.88
CA ARG G 275 44.80 -20.85 -87.03
C ARG G 275 43.55 -20.01 -87.10
N PHE G 276 42.40 -20.62 -86.81
CA PHE G 276 41.14 -19.89 -86.88
C PHE G 276 41.12 -18.77 -85.85
N ILE G 277 41.61 -19.06 -84.63
CA ILE G 277 41.60 -18.06 -83.56
C ILE G 277 42.55 -16.92 -83.89
N GLU G 278 43.71 -17.22 -84.48
CA GLU G 278 44.61 -16.12 -84.80
C GLU G 278 44.10 -15.31 -85.97
N GLU G 279 43.62 -15.97 -87.03
CA GLU G 279 43.28 -15.24 -88.24
C GLU G 279 42.00 -14.43 -88.05
N LYS G 280 40.96 -15.01 -87.45
CA LYS G 280 39.68 -14.30 -87.36
C LYS G 280 39.54 -13.45 -86.11
N SER G 281 40.63 -13.22 -85.37
CA SER G 281 40.61 -12.26 -84.28
C SER G 281 40.82 -10.83 -84.75
N SER G 282 41.32 -10.65 -85.96
CA SER G 282 41.63 -9.33 -86.46
C SER G 282 40.34 -8.53 -86.66
N PHE G 283 40.47 -7.20 -86.64
CA PHE G 283 39.30 -6.34 -86.69
C PHE G 283 38.48 -6.48 -87.96
N GLU G 284 39.08 -6.95 -89.05
CA GLU G 284 38.36 -7.05 -90.32
C GLU G 284 37.14 -7.94 -90.22
N TYR G 285 37.25 -9.07 -89.55
CA TYR G 285 36.20 -10.10 -89.58
C TYR G 285 35.09 -9.79 -88.58
N GLY G 286 34.37 -8.70 -88.87
CA GLY G 286 33.12 -8.45 -88.20
C GLY G 286 33.35 -8.12 -86.73
N GLN G 287 32.26 -8.23 -85.98
CA GLN G 287 32.28 -8.15 -84.53
C GLN G 287 31.94 -9.47 -83.86
N VAL G 288 31.30 -10.39 -84.58
CA VAL G 288 30.85 -11.66 -84.03
C VAL G 288 31.89 -12.77 -84.21
N ASN G 289 32.61 -12.74 -85.33
CA ASN G 289 33.66 -13.73 -85.53
C ASN G 289 34.75 -13.58 -84.49
N HIS G 290 34.95 -12.35 -84.00
CA HIS G 290 35.82 -12.10 -82.86
C HIS G 290 35.39 -12.94 -81.67
N ALA G 291 34.11 -12.86 -81.31
CA ALA G 291 33.63 -13.56 -80.13
C ALA G 291 33.63 -15.06 -80.33
N LEU G 292 33.42 -15.52 -81.57
CA LEU G 292 33.54 -16.96 -81.82
C LEU G 292 34.97 -17.41 -81.53
N ALA G 293 35.97 -16.65 -82.01
CA ALA G 293 37.35 -16.97 -81.69
C ALA G 293 37.61 -16.93 -80.19
N ALA G 294 36.96 -15.99 -79.48
CA ALA G 294 37.16 -15.86 -78.03
C ALA G 294 36.60 -17.05 -77.26
N ALA G 295 35.34 -17.41 -77.53
CA ALA G 295 34.76 -18.56 -76.83
C ALA G 295 35.55 -19.81 -77.16
N MET G 296 35.99 -19.92 -78.41
CA MET G 296 36.85 -21.04 -78.77
C MET G 296 38.18 -20.97 -78.02
N ARG G 297 38.68 -19.77 -77.71
CA ARG G 297 39.86 -19.69 -76.85
C ARG G 297 39.57 -20.29 -75.48
N THR G 298 38.37 -20.04 -74.95
CA THR G 298 38.03 -20.61 -73.64
C THR G 298 38.03 -22.14 -73.70
N LEU G 299 37.44 -22.70 -74.75
CA LEU G 299 37.50 -24.16 -74.90
C LEU G 299 38.95 -24.62 -75.05
N VAL G 300 39.78 -23.85 -75.74
CA VAL G 300 41.21 -24.14 -75.82
C VAL G 300 41.90 -24.01 -74.47
N LYS G 301 41.41 -23.16 -73.57
CA LYS G 301 41.94 -23.11 -72.22
C LYS G 301 41.74 -24.44 -71.53
N GLU G 302 40.51 -24.96 -71.59
CA GLU G 302 40.25 -26.31 -71.10
C GLU G 302 41.21 -27.33 -71.72
N HIS G 303 41.38 -27.25 -73.04
CA HIS G 303 42.20 -28.24 -73.73
C HIS G 303 43.67 -28.16 -73.31
N LEU G 304 44.20 -26.97 -73.03
CA LEU G 304 45.58 -26.90 -72.55
C LEU G 304 45.70 -27.42 -71.13
N ILE G 305 44.71 -27.14 -70.28
CA ILE G 305 44.76 -27.64 -68.90
C ILE G 305 44.84 -29.16 -68.90
N LEU G 306 44.08 -29.81 -69.78
CA LEU G 306 44.13 -31.27 -69.80
C LEU G 306 45.52 -31.79 -70.18
N VAL G 307 46.15 -31.21 -71.21
CA VAL G 307 47.48 -31.68 -71.59
C VAL G 307 48.47 -31.44 -70.47
N SER G 308 48.33 -30.33 -69.75
CA SER G 308 49.26 -30.05 -68.65
C SER G 308 49.10 -31.06 -67.52
N GLN G 309 47.86 -31.37 -67.14
CA GLN G 309 47.64 -32.32 -66.06
C GLN G 309 48.13 -33.71 -66.45
N LEU G 310 47.90 -34.09 -67.71
CA LEU G 310 48.39 -35.40 -68.15
C LEU G 310 49.90 -35.41 -68.24
N GLU G 311 50.52 -34.27 -68.56
CA GLU G 311 51.98 -34.18 -68.51
C GLU G 311 52.48 -34.38 -67.10
N GLN G 312 51.78 -33.82 -66.11
CA GLN G 312 52.19 -34.05 -64.73
C GLN G 312 52.07 -35.53 -64.39
N LEU G 313 51.02 -36.18 -64.89
CA LEU G 313 50.86 -37.61 -64.64
C LEU G 313 51.98 -38.42 -65.30
N HIS G 314 52.42 -38.02 -66.48
CA HIS G 314 53.44 -38.79 -67.21
C HIS G 314 54.76 -38.88 -66.44
N ARG G 315 55.10 -37.86 -65.65
CA ARG G 315 56.41 -37.84 -64.99
C ARG G 315 56.60 -39.05 -64.09
N GLN G 316 55.53 -39.54 -63.47
CA GLN G 316 55.60 -40.64 -62.52
C GLN G 316 55.61 -42.01 -63.19
N GLY G 317 55.72 -42.08 -64.52
CA GLY G 317 55.74 -43.35 -65.22
C GLY G 317 54.43 -44.11 -65.16
N LEU G 318 53.36 -43.46 -64.70
CA LEU G 318 52.04 -44.06 -64.57
C LEU G 318 51.13 -43.72 -65.73
N LEU G 319 51.69 -43.54 -66.93
CA LEU G 319 50.93 -43.21 -68.13
C LEU G 319 51.34 -44.14 -69.26
N SER G 320 50.34 -44.61 -70.01
CA SER G 320 50.52 -45.48 -71.15
C SER G 320 49.74 -44.90 -72.32
N LEU G 321 50.08 -45.35 -73.53
CA LEU G 321 49.38 -44.88 -74.72
C LEU G 321 47.89 -45.19 -74.66
N GLN G 322 47.53 -46.40 -74.23
CA GLN G 322 46.12 -46.78 -74.13
C GLN G 322 45.42 -45.92 -73.09
N LYS G 323 46.07 -45.71 -71.95
CA LYS G 323 45.53 -44.80 -70.94
C LYS G 323 45.29 -43.42 -71.53
N LEU G 324 46.26 -42.90 -72.28
CA LEU G 324 46.10 -41.57 -72.88
C LEU G 324 44.93 -41.56 -73.84
N TRP G 325 44.82 -42.60 -74.68
CA TRP G 325 43.77 -42.66 -75.69
C TRP G 325 42.39 -42.61 -75.03
N PHE G 326 42.21 -43.41 -73.98
CA PHE G 326 41.04 -43.28 -73.13
C PHE G 326 40.87 -41.87 -72.60
N TYR G 327 41.94 -41.27 -72.08
CA TYR G 327 41.83 -39.98 -71.42
C TYR G 327 41.42 -38.88 -72.40
N ILE G 328 41.88 -38.98 -73.65
CA ILE G 328 41.67 -37.91 -74.62
C ILE G 328 40.44 -38.11 -75.47
N GLN G 329 39.73 -39.25 -75.33
CA GLN G 329 38.42 -39.41 -75.96
C GLN G 329 37.53 -38.17 -75.92
N PRO G 330 37.37 -37.46 -74.80
CA PRO G 330 36.57 -36.22 -74.84
C PRO G 330 37.15 -35.15 -75.74
N ALA G 331 38.48 -35.04 -75.83
CA ALA G 331 39.06 -33.99 -76.67
C ALA G 331 38.89 -34.30 -78.14
N MET G 332 38.91 -35.60 -78.51
CA MET G 332 38.60 -36.00 -79.88
C MET G 332 37.18 -35.63 -80.28
N ARG G 333 36.30 -35.35 -79.33
CA ARG G 333 34.99 -34.83 -79.64
C ARG G 333 35.06 -33.32 -79.82
N THR G 334 35.44 -32.61 -78.76
CA THR G 334 35.33 -31.15 -78.73
C THR G 334 36.14 -30.49 -79.83
N MET G 335 37.41 -30.90 -79.96
CA MET G 335 38.27 -30.27 -80.96
C MET G 335 37.73 -30.50 -82.37
N ASP G 336 37.09 -31.64 -82.61
CA ASP G 336 36.56 -31.90 -83.95
C ASP G 336 35.28 -31.13 -84.22
N ILE G 337 34.43 -30.94 -83.20
CA ILE G 337 33.29 -30.04 -83.39
C ILE G 337 33.80 -28.65 -83.74
N LEU G 338 34.82 -28.19 -83.03
CA LEU G 338 35.37 -26.88 -83.31
C LEU G 338 36.09 -26.81 -84.66
N ALA G 339 36.64 -27.92 -85.15
CA ALA G 339 37.27 -27.92 -86.46
C ALA G 339 36.24 -27.91 -87.56
N SER G 340 35.12 -28.61 -87.39
CA SER G 340 34.02 -28.51 -88.33
C SER G 340 33.50 -27.08 -88.39
N LEU G 341 33.34 -26.45 -87.22
CA LEU G 341 32.88 -25.06 -87.19
C LEU G 341 33.86 -24.12 -87.88
N ALA G 342 35.16 -24.27 -87.61
CA ALA G 342 36.15 -23.40 -88.23
C ALA G 342 36.19 -23.62 -89.74
N THR G 343 36.14 -24.87 -90.17
CA THR G 343 36.23 -25.13 -91.61
C THR G 343 34.98 -24.66 -92.33
N SER G 344 33.81 -24.73 -91.70
CA SER G 344 32.60 -24.24 -92.35
C SER G 344 32.59 -22.73 -92.43
N VAL G 345 33.00 -22.05 -91.35
CA VAL G 345 33.05 -20.59 -91.37
C VAL G 345 34.08 -20.11 -92.40
N ASP G 346 35.16 -20.87 -92.58
CA ASP G 346 36.15 -20.52 -93.60
C ASP G 346 35.63 -20.83 -95.00
N LYS G 347 35.01 -22.00 -95.18
CA LYS G 347 34.56 -22.43 -96.51
C LYS G 347 33.53 -21.46 -97.07
N GLY G 348 32.47 -21.20 -96.32
CA GLY G 348 31.52 -20.18 -96.69
C GLY G 348 31.88 -18.94 -95.93
N GLU G 349 32.30 -17.87 -96.62
CA GLU G 349 32.64 -16.65 -95.90
C GLU G 349 31.41 -16.22 -95.13
N CYS G 350 31.47 -16.42 -93.82
CA CYS G 350 30.41 -16.01 -92.91
C CYS G 350 30.90 -14.86 -92.06
N LEU G 351 30.14 -13.77 -92.05
CA LEU G 351 30.52 -12.57 -91.33
C LEU G 351 29.25 -11.90 -90.87
N GLY G 352 29.02 -11.89 -89.56
CA GLY G 352 27.86 -11.25 -88.99
C GLY G 352 26.69 -12.18 -88.73
N GLY G 353 25.65 -12.07 -89.55
CA GLY G 353 24.48 -12.89 -89.39
C GLY G 353 24.64 -14.26 -90.00
N SER G 354 25.52 -14.38 -91.00
CA SER G 354 25.78 -15.68 -91.60
C SER G 354 26.48 -16.62 -90.62
N THR G 355 27.44 -16.09 -89.86
CA THR G 355 28.11 -16.90 -88.85
C THR G 355 27.27 -17.06 -87.59
N LEU G 356 26.19 -16.29 -87.45
CA LEU G 356 25.19 -16.51 -86.43
C LEU G 356 24.08 -17.44 -86.89
N SER G 357 23.98 -17.68 -88.20
CA SER G 357 23.09 -18.68 -88.77
C SER G 357 23.74 -20.05 -88.76
N LEU G 358 25.02 -20.11 -89.13
CA LEU G 358 25.74 -21.37 -89.17
C LEU G 358 25.81 -22.02 -87.80
N LEU G 359 26.00 -21.24 -86.74
CA LEU G 359 26.05 -21.81 -85.41
C LEU G 359 24.67 -22.31 -84.98
N HIS G 360 23.62 -21.57 -85.32
CA HIS G 360 22.27 -22.05 -85.10
C HIS G 360 21.94 -23.28 -85.94
N ASP G 361 22.69 -23.52 -87.03
CA ASP G 361 22.48 -24.70 -87.83
C ASP G 361 23.18 -25.91 -87.23
N ARG G 362 24.43 -25.75 -86.78
CA ARG G 362 25.07 -26.84 -86.05
C ARG G 362 24.34 -27.13 -84.75
N SER G 363 23.63 -26.14 -84.19
CA SER G 363 22.85 -26.40 -82.99
C SER G 363 21.63 -27.30 -83.24
N PHE G 364 21.28 -27.55 -84.50
CA PHE G 364 20.43 -28.67 -84.90
C PHE G 364 21.20 -29.88 -85.42
N SER G 365 22.31 -29.65 -86.13
CA SER G 365 23.14 -30.77 -86.57
C SER G 365 23.55 -31.65 -85.40
N TYR G 366 23.78 -31.04 -84.23
CA TYR G 366 23.90 -31.74 -82.96
C TYR G 366 22.75 -31.28 -82.07
N THR G 367 21.75 -32.13 -81.92
CA THR G 367 20.76 -32.01 -80.86
C THR G 367 20.67 -33.31 -80.07
N GLY G 368 21.40 -34.35 -80.50
CA GLY G 368 21.25 -35.67 -79.93
C GLY G 368 22.43 -36.11 -79.11
N ASP G 369 23.64 -35.64 -79.43
CA ASP G 369 24.80 -36.08 -78.65
C ASP G 369 24.72 -35.57 -77.22
N SER G 370 24.38 -34.29 -77.04
CA SER G 370 24.31 -33.65 -75.73
C SER G 370 25.66 -33.49 -75.04
N GLN G 371 26.75 -33.90 -75.71
CA GLN G 371 28.11 -33.55 -75.34
C GLN G 371 28.69 -32.55 -76.33
N ALA G 372 28.57 -32.87 -77.63
CA ALA G 372 28.87 -31.94 -78.69
C ALA G 372 27.75 -30.94 -78.93
N GLN G 373 26.68 -30.96 -78.13
CA GLN G 373 25.66 -29.92 -78.20
C GLN G 373 26.05 -28.78 -77.27
N GLU G 374 26.20 -29.08 -75.98
CA GLU G 374 26.53 -28.10 -74.95
C GLU G 374 27.68 -27.19 -75.37
N LEU G 375 28.72 -27.77 -75.96
CA LEU G 375 29.80 -26.99 -76.55
C LEU G 375 29.26 -25.98 -77.56
N CYS G 376 28.44 -26.45 -78.49
CA CYS G 376 27.92 -25.56 -79.53
C CYS G 376 26.95 -24.53 -78.96
N LEU G 377 26.13 -24.94 -77.99
CA LEU G 377 25.15 -24.05 -77.38
C LEU G 377 25.81 -23.02 -76.48
N TYR G 378 27.03 -23.28 -76.03
CA TYR G 378 27.85 -22.28 -75.37
C TYR G 378 28.52 -21.36 -76.38
N LEU G 379 29.04 -21.91 -77.47
CA LEU G 379 29.61 -21.07 -78.52
C LEU G 379 28.57 -20.13 -79.11
N THR G 380 27.32 -20.58 -79.23
CA THR G 380 26.28 -19.69 -79.72
C THR G 380 26.03 -18.56 -78.74
N LYS G 381 25.87 -18.86 -77.46
CA LYS G 381 25.57 -17.83 -76.50
C LYS G 381 26.73 -16.84 -76.36
N ALA G 382 27.96 -17.29 -76.57
CA ALA G 382 29.10 -16.38 -76.49
C ALA G 382 29.27 -15.55 -77.76
N ALA G 383 29.22 -16.18 -78.94
CA ALA G 383 29.50 -15.46 -80.16
C ALA G 383 28.34 -14.55 -80.53
N SER G 384 27.12 -14.94 -80.18
CA SER G 384 25.94 -14.16 -80.49
C SER G 384 25.79 -12.91 -79.64
N ALA G 385 26.44 -12.86 -78.48
CA ALA G 385 26.37 -11.67 -77.64
C ALA G 385 26.80 -10.40 -78.36
N PRO G 386 27.87 -10.40 -79.16
CA PRO G 386 28.11 -9.23 -80.02
C PRO G 386 26.94 -8.93 -80.94
N TYR G 387 26.37 -9.95 -81.60
CA TYR G 387 25.27 -9.65 -82.51
C TYR G 387 24.04 -9.16 -81.76
N PHE G 388 23.73 -9.74 -80.60
CA PHE G 388 22.64 -9.18 -79.82
C PHE G 388 22.96 -7.76 -79.39
N GLU G 389 24.19 -7.51 -78.94
CA GLU G 389 24.52 -6.21 -78.35
C GLU G 389 24.26 -5.09 -79.34
N VAL G 390 24.59 -5.31 -80.62
CA VAL G 390 24.13 -4.40 -81.66
C VAL G 390 22.61 -4.41 -81.75
N LEU G 391 22.00 -5.59 -81.57
CA LEU G 391 20.56 -5.70 -81.73
C LEU G 391 19.81 -4.88 -80.67
N GLU G 392 20.07 -5.11 -79.36
CA GLU G 392 19.42 -4.24 -78.36
C GLU G 392 19.76 -2.78 -78.59
N LYS G 393 20.94 -2.52 -79.14
CA LYS G 393 21.26 -1.17 -79.58
C LYS G 393 20.28 -0.73 -80.65
N TRP G 394 19.89 -1.65 -81.53
CA TRP G 394 18.95 -1.32 -82.59
C TRP G 394 17.51 -1.31 -82.08
N ILE G 395 17.12 -2.33 -81.31
CA ILE G 395 15.73 -2.44 -80.87
C ILE G 395 15.37 -1.37 -79.85
N TYR G 396 16.26 -1.11 -78.89
CA TYR G 396 15.95 -0.27 -77.74
C TYR G 396 16.56 1.12 -77.81
N ARG G 397 17.58 1.30 -78.63
CA ARG G 397 18.11 2.61 -78.98
C ARG G 397 17.99 2.77 -80.48
N GLY G 398 17.95 4.00 -80.96
CA GLY G 398 17.97 4.21 -82.39
C GLY G 398 19.33 3.97 -83.02
N ILE G 399 20.38 3.82 -82.22
CA ILE G 399 21.74 3.73 -82.75
C ILE G 399 22.02 2.30 -83.22
N ILE G 400 22.88 2.22 -84.24
CA ILE G 400 23.53 1.00 -84.68
C ILE G 400 25.02 1.30 -84.67
N HIS G 401 25.76 0.59 -83.82
CA HIS G 401 27.16 0.92 -83.65
C HIS G 401 27.93 0.60 -84.93
N ASP G 402 27.79 -0.64 -85.46
CA ASP G 402 28.35 -1.17 -86.72
C ASP G 402 29.65 -0.50 -87.14
N PRO G 403 30.74 -0.72 -86.40
CA PRO G 403 32.04 -0.38 -86.97
C PRO G 403 32.23 -1.16 -88.25
N TYR G 404 31.74 -2.40 -88.24
CA TYR G 404 31.60 -3.22 -89.42
C TYR G 404 30.11 -3.45 -89.60
N SER G 405 29.62 -3.37 -90.83
CA SER G 405 28.18 -3.51 -91.07
C SER G 405 27.79 -4.99 -91.16
N GLU G 406 28.07 -5.69 -90.06
CA GLU G 406 27.58 -7.05 -89.89
C GLU G 406 26.06 -7.07 -89.77
N PHE G 407 25.51 -6.05 -89.10
CA PHE G 407 24.11 -6.04 -88.75
C PHE G 407 23.25 -6.04 -90.01
N MET G 408 22.11 -6.73 -89.93
CA MET G 408 21.22 -6.87 -91.07
C MET G 408 20.76 -5.51 -91.59
N VAL G 409 20.51 -4.57 -90.67
CA VAL G 409 20.19 -3.20 -91.07
C VAL G 409 21.46 -2.47 -91.44
N GLU G 410 21.35 -1.50 -92.36
CA GLU G 410 22.43 -0.57 -92.66
C GLU G 410 21.87 0.85 -92.79
N GLU G 411 22.63 1.79 -92.23
CA GLU G 411 22.28 3.22 -92.26
C GLU G 411 22.83 3.86 -93.54
N HIS G 412 22.07 4.79 -94.11
CA HIS G 412 22.50 5.52 -95.30
C HIS G 412 22.33 7.02 -95.09
N GLU G 413 23.16 7.81 -95.77
CA GLU G 413 23.28 9.25 -95.56
C GLU G 413 22.47 10.04 -96.60
N LEU G 414 21.16 10.06 -96.37
CA LEU G 414 20.18 10.63 -97.31
C LEU G 414 19.59 11.97 -96.89
N ARG G 415 20.17 12.69 -95.91
CA ARG G 415 19.73 14.06 -95.63
C ARG G 415 20.62 15.08 -96.32
N LYS G 416 21.40 14.66 -97.30
CA LYS G 416 22.31 15.57 -97.99
C LYS G 416 21.49 16.62 -98.75
N GLU G 417 22.15 17.74 -99.08
CA GLU G 417 21.43 18.83 -99.73
C GLU G 417 20.89 18.41 -101.09
N ARG G 418 21.61 17.50 -101.78
CA ARG G 418 21.07 16.93 -103.02
C ARG G 418 19.73 16.29 -102.78
N ILE G 419 19.59 15.59 -101.64
CA ILE G 419 18.31 15.03 -101.29
C ILE G 419 17.38 16.18 -100.94
N GLN G 420 16.21 16.21 -101.56
CA GLN G 420 15.15 17.13 -101.18
C GLN G 420 14.40 16.47 -100.02
N GLU G 421 13.20 16.97 -99.71
CA GLU G 421 12.38 16.26 -98.74
C GLU G 421 12.11 14.82 -99.18
N ASP G 422 12.09 14.58 -100.51
CA ASP G 422 11.96 13.22 -101.11
C ASP G 422 12.63 13.23 -102.48
N TYR G 423 13.93 12.93 -102.56
CA TYR G 423 14.70 12.82 -103.83
C TYR G 423 15.04 11.35 -103.99
N ASN G 424 14.92 10.58 -102.91
CA ASN G 424 15.32 9.16 -102.86
C ASN G 424 14.09 8.36 -102.44
N ASP G 425 12.88 8.70 -102.91
CA ASP G 425 11.67 8.13 -102.34
C ASP G 425 11.75 8.63 -100.91
N LYS G 426 10.87 8.16 -100.04
CA LYS G 426 10.94 8.62 -98.67
C LYS G 426 12.08 7.88 -97.95
N TYR G 427 12.60 8.48 -96.88
CA TYR G 427 13.83 7.93 -96.30
C TYR G 427 13.54 6.53 -95.75
N TRP G 428 12.30 6.29 -95.32
CA TRP G 428 11.81 4.92 -95.10
C TRP G 428 12.05 4.04 -96.29
N ASP G 429 11.87 4.57 -97.50
CA ASP G 429 12.04 3.71 -98.66
C ASP G 429 13.51 3.44 -98.95
N GLN G 430 14.40 4.45 -98.80
CA GLN G 430 15.80 4.23 -99.20
C GLN G 430 16.87 4.42 -98.11
N ARG G 431 16.82 5.49 -97.29
CA ARG G 431 17.84 5.75 -96.26
C ARG G 431 18.12 4.50 -95.43
N TYR G 432 17.07 3.73 -95.19
CA TYR G 432 17.17 2.49 -94.43
C TYR G 432 16.72 1.33 -95.30
N THR G 433 17.54 0.28 -95.31
CA THR G 433 17.25 -0.94 -96.02
C THR G 433 17.58 -2.09 -95.08
N ILE G 434 17.06 -3.26 -95.42
CA ILE G 434 17.36 -4.49 -94.71
C ILE G 434 18.25 -5.32 -95.62
N VAL G 435 19.41 -5.70 -95.11
CA VAL G 435 20.31 -6.54 -95.87
C VAL G 435 19.87 -7.99 -95.73
N GLN G 436 20.03 -8.74 -96.82
CA GLN G 436 19.44 -10.07 -96.90
C GLN G 436 20.32 -11.11 -96.23
N GLN G 437 21.55 -11.27 -96.71
CA GLN G 437 22.36 -12.41 -96.29
C GLN G 437 22.80 -12.34 -94.83
N GLN G 438 22.78 -11.16 -94.21
CA GLN G 438 23.21 -10.99 -92.83
C GLN G 438 22.03 -10.96 -91.87
N ILE G 439 20.98 -11.71 -92.17
CA ILE G 439 19.86 -11.93 -91.26
C ILE G 439 20.15 -13.25 -90.54
N PRO G 440 19.99 -13.33 -89.20
CA PRO G 440 20.52 -14.50 -88.48
C PRO G 440 19.91 -15.85 -88.89
N SER G 441 18.81 -15.88 -89.64
CA SER G 441 18.10 -17.05 -90.14
C SER G 441 17.22 -17.69 -89.06
N PHE G 442 17.27 -17.23 -87.81
CA PHE G 442 16.26 -17.52 -86.80
C PHE G 442 15.50 -16.27 -86.39
N LEU G 443 15.57 -15.20 -87.18
CA LEU G 443 14.79 -13.98 -86.98
C LEU G 443 13.97 -13.59 -88.20
N GLN G 444 14.00 -14.39 -89.28
CA GLN G 444 13.45 -13.97 -90.57
C GLN G 444 11.97 -13.64 -90.48
N LYS G 445 11.25 -14.32 -89.59
CA LYS G 445 9.81 -14.08 -89.47
C LYS G 445 9.53 -12.66 -88.97
N MET G 446 10.46 -12.05 -88.23
CA MET G 446 10.32 -10.70 -87.69
C MET G 446 11.23 -9.68 -88.37
N ALA G 447 12.13 -10.13 -89.26
CA ALA G 447 13.20 -9.28 -89.76
C ALA G 447 12.66 -7.99 -90.37
N ASP G 448 11.53 -8.09 -91.06
CA ASP G 448 10.85 -6.89 -91.55
C ASP G 448 10.46 -5.98 -90.39
N LYS G 449 9.95 -6.56 -89.30
CA LYS G 449 9.52 -5.74 -88.17
C LYS G 449 10.70 -5.09 -87.46
N ILE G 450 11.83 -5.79 -87.35
CA ILE G 450 12.97 -5.24 -86.61
C ILE G 450 13.51 -3.97 -87.27
N LEU G 451 13.63 -4.00 -88.61
CA LEU G 451 14.07 -2.81 -89.33
C LEU G 451 13.14 -1.65 -89.03
N SER G 452 11.83 -1.90 -89.12
CA SER G 452 10.88 -0.85 -88.81
C SER G 452 11.00 -0.40 -87.36
N THR G 453 11.35 -1.31 -86.46
CA THR G 453 11.42 -0.96 -85.04
C THR G 453 12.51 0.07 -84.77
N GLY G 454 13.74 -0.23 -85.18
CA GLY G 454 14.82 0.71 -84.95
C GLY G 454 14.72 1.96 -85.81
N LYS G 455 14.30 1.80 -87.08
CA LYS G 455 13.80 2.91 -87.87
C LYS G 455 12.87 3.79 -87.07
N TYR G 456 11.92 3.18 -86.38
CA TYR G 456 10.91 3.96 -85.71
C TYR G 456 11.54 4.72 -84.55
N LEU G 457 12.61 4.15 -83.98
CA LEU G 457 13.32 4.81 -82.89
C LEU G 457 14.17 6.00 -83.36
N ASN G 458 14.84 5.88 -84.52
CA ASN G 458 15.81 6.90 -84.91
C ASN G 458 15.17 8.28 -85.08
N VAL G 459 13.94 8.31 -85.63
CA VAL G 459 13.29 9.57 -85.92
C VAL G 459 13.01 10.36 -84.65
N VAL G 460 12.57 9.69 -83.57
CA VAL G 460 12.30 10.45 -82.36
C VAL G 460 13.58 11.07 -81.83
N ARG G 461 14.73 10.40 -82.06
CA ARG G 461 16.03 10.86 -81.58
C ARG G 461 16.54 12.07 -82.33
N GLU G 462 16.26 12.16 -83.64
CA GLU G 462 16.77 13.32 -84.37
C GLU G 462 16.27 14.62 -83.73
N CYS G 463 14.98 14.70 -83.41
CA CYS G 463 14.47 15.91 -82.76
C CYS G 463 14.65 15.87 -81.25
N GLY G 464 13.90 14.99 -80.57
CA GLY G 464 14.04 14.84 -79.13
C GLY G 464 15.05 13.78 -78.77
N HIS G 465 16.02 14.08 -77.91
CA HIS G 465 17.07 13.10 -77.62
C HIS G 465 16.49 11.83 -77.01
N ASP G 466 15.41 11.96 -76.26
CA ASP G 466 14.96 10.91 -75.35
C ASP G 466 14.34 9.73 -76.09
N VAL G 467 14.64 8.53 -75.61
CA VAL G 467 14.00 7.31 -76.09
C VAL G 467 12.98 6.75 -75.10
N THR G 468 13.20 6.93 -73.79
CA THR G 468 12.33 6.46 -72.70
C THR G 468 11.87 5.02 -72.92
N CYS G 469 12.80 4.11 -73.15
CA CYS G 469 12.48 2.70 -73.32
C CYS G 469 12.45 2.01 -71.95
N PRO G 470 11.30 1.52 -71.48
CA PRO G 470 11.25 0.92 -70.13
C PRO G 470 11.44 -0.58 -70.10
N VAL G 471 11.68 -1.22 -71.25
CA VAL G 471 11.77 -2.67 -71.31
C VAL G 471 13.16 -3.13 -70.86
N ALA G 472 14.18 -2.78 -71.64
CA ALA G 472 15.59 -3.02 -71.28
C ALA G 472 15.86 -4.48 -70.93
N LYS G 473 15.26 -5.39 -71.68
CA LYS G 473 15.42 -6.82 -71.47
C LYS G 473 16.59 -7.30 -72.33
N GLU G 474 17.59 -7.92 -71.70
CA GLU G 474 18.67 -8.51 -72.47
C GLU G 474 18.11 -9.66 -73.30
N ILE G 475 18.44 -9.67 -74.59
CA ILE G 475 18.01 -10.72 -75.50
C ILE G 475 19.20 -11.65 -75.64
N ILE G 476 19.00 -12.92 -75.27
CA ILE G 476 20.05 -13.92 -75.20
C ILE G 476 19.67 -15.10 -76.09
N TYR G 477 20.68 -15.84 -76.53
CA TYR G 477 20.42 -16.89 -77.49
C TYR G 477 19.75 -18.05 -76.77
N THR G 478 18.64 -18.53 -77.33
CA THR G 478 17.95 -19.69 -76.78
C THR G 478 17.50 -20.58 -77.93
N LEU G 479 17.75 -21.88 -77.79
CA LEU G 479 17.35 -22.85 -78.79
C LEU G 479 16.03 -23.45 -78.29
N LYS G 480 15.16 -23.81 -79.21
CA LYS G 480 13.87 -24.48 -78.98
C LYS G 480 12.86 -23.59 -78.27
N GLU G 481 13.19 -22.37 -77.86
CA GLU G 481 12.30 -21.53 -77.07
C GLU G 481 12.40 -20.12 -77.64
N ARG G 482 11.36 -19.72 -78.36
CA ARG G 482 11.25 -18.41 -78.98
C ARG G 482 10.78 -17.38 -77.96
N ALA G 483 11.73 -16.91 -77.13
CA ALA G 483 11.51 -15.75 -76.25
C ALA G 483 11.92 -14.45 -76.90
N TYR G 484 12.92 -14.49 -77.79
CA TYR G 484 13.34 -13.37 -78.62
C TYR G 484 12.38 -13.08 -79.76
N VAL G 485 11.18 -13.63 -79.75
CA VAL G 485 10.11 -13.26 -80.65
C VAL G 485 9.10 -12.39 -79.93
N GLU G 486 8.63 -12.86 -78.77
CA GLU G 486 7.80 -12.03 -77.92
C GLU G 486 8.56 -10.78 -77.50
N GLN G 487 9.88 -10.88 -77.29
CA GLN G 487 10.62 -9.68 -76.91
C GLN G 487 10.66 -8.66 -78.04
N ILE G 488 10.89 -9.13 -79.28
CA ILE G 488 10.90 -8.22 -80.42
C ILE G 488 9.52 -7.59 -80.60
N GLU G 489 8.45 -8.37 -80.43
CA GLU G 489 7.11 -7.77 -80.52
C GLU G 489 6.88 -6.77 -79.39
N LYS G 490 7.32 -7.10 -78.18
CA LYS G 490 7.19 -6.19 -77.04
C LYS G 490 7.85 -4.87 -77.34
N ALA G 491 9.01 -4.91 -77.99
CA ALA G 491 9.71 -3.69 -78.32
C ALA G 491 9.04 -2.95 -79.47
N PHE G 492 8.75 -3.65 -80.57
CA PHE G 492 8.10 -3.05 -81.73
C PHE G 492 6.83 -2.34 -81.37
N ASN G 493 6.07 -2.89 -80.42
CA ASN G 493 4.90 -2.19 -79.90
C ASN G 493 5.29 -0.81 -79.41
N TYR G 494 6.22 -0.74 -78.45
CA TYR G 494 6.57 0.54 -77.86
C TYR G 494 7.25 1.47 -78.87
N ALA G 495 8.08 0.92 -79.76
CA ALA G 495 8.86 1.76 -80.67
C ALA G 495 7.97 2.42 -81.71
N SER G 496 7.13 1.63 -82.37
CA SER G 496 6.14 2.22 -83.26
C SER G 496 5.20 3.14 -82.49
N LYS G 497 4.89 2.79 -81.24
CA LYS G 497 4.06 3.67 -80.45
C LYS G 497 4.77 4.99 -80.18
N VAL G 498 6.05 4.94 -79.85
CA VAL G 498 6.70 6.16 -79.40
C VAL G 498 6.86 7.11 -80.56
N LEU G 499 7.22 6.64 -81.78
CA LEU G 499 7.35 7.66 -82.81
C LEU G 499 5.98 8.14 -83.22
N LEU G 500 4.98 7.25 -83.29
CA LEU G 500 3.67 7.71 -83.73
C LEU G 500 3.11 8.72 -82.74
N ASP G 501 3.22 8.43 -81.44
CA ASP G 501 2.82 9.35 -80.40
C ASP G 501 3.67 10.61 -80.44
N PHE G 502 4.96 10.46 -80.73
CA PHE G 502 5.86 11.60 -80.84
C PHE G 502 5.47 12.53 -81.98
N LEU G 503 5.29 11.97 -83.17
CA LEU G 503 4.94 12.79 -84.31
C LEU G 503 3.55 13.41 -84.13
N MET G 504 2.68 12.76 -83.35
CA MET G 504 1.34 13.29 -83.12
C MET G 504 1.34 14.37 -82.02
N GLU G 505 2.10 14.18 -80.94
CA GLU G 505 2.16 15.16 -79.85
C GLU G 505 3.12 16.31 -80.19
N GLU G 506 4.34 15.96 -80.56
CA GLU G 506 5.44 16.89 -80.82
C GLU G 506 5.57 16.99 -82.33
N LYS G 507 5.71 18.20 -82.86
CA LYS G 507 5.64 18.37 -84.32
C LYS G 507 4.33 17.79 -84.86
N GLU G 508 3.25 17.93 -84.06
CA GLU G 508 1.95 17.32 -84.31
C GLU G 508 1.53 17.38 -85.77
N LEU G 509 1.27 16.22 -86.36
CA LEU G 509 0.98 16.10 -87.78
C LEU G 509 -0.49 16.24 -88.12
N VAL G 510 -1.36 16.29 -87.11
CA VAL G 510 -2.70 16.76 -87.39
C VAL G 510 -2.65 18.22 -87.83
N ALA G 511 -1.90 19.06 -87.09
CA ALA G 511 -1.94 20.50 -87.32
C ALA G 511 -1.21 20.88 -88.60
N HIS G 512 -0.03 20.31 -88.85
CA HIS G 512 0.67 20.61 -90.09
C HIS G 512 -0.16 20.20 -91.30
N LEU G 513 -0.85 19.07 -91.21
CA LEU G 513 -1.67 18.65 -92.33
C LEU G 513 -2.91 19.54 -92.50
N ARG G 514 -3.51 20.00 -91.40
CA ARG G 514 -4.57 20.99 -91.52
C ARG G 514 -4.06 22.28 -92.17
N SER G 515 -2.86 22.72 -91.80
CA SER G 515 -2.32 23.94 -92.38
C SER G 515 -1.90 23.74 -93.83
N ILE G 516 -1.58 22.52 -94.24
CA ILE G 516 -1.40 22.27 -95.66
C ILE G 516 -2.74 22.33 -96.38
N LYS G 517 -3.79 21.78 -95.77
CA LYS G 517 -5.12 21.87 -96.36
C LYS G 517 -5.55 23.32 -96.51
N ARG G 518 -5.32 24.13 -95.47
CA ARG G 518 -5.87 25.47 -95.39
C ARG G 518 -5.47 26.33 -96.58
N TYR G 519 -4.29 26.07 -97.15
CA TYR G 519 -3.72 26.90 -98.19
C TYR G 519 -3.58 26.18 -99.53
N PHE G 520 -3.42 24.87 -99.55
CA PHE G 520 -3.30 24.16 -100.81
C PHE G 520 -4.65 23.68 -101.34
N LEU G 521 -5.57 23.34 -100.43
CA LEU G 521 -6.90 22.88 -100.82
C LEU G 521 -7.98 23.94 -100.62
N MET G 522 -7.63 25.16 -100.23
CA MET G 522 -8.55 26.30 -100.29
C MET G 522 -9.73 26.14 -99.33
N ASP G 523 -9.49 25.53 -98.17
CA ASP G 523 -10.51 25.57 -97.12
C ASP G 523 -10.77 27.00 -96.67
N GLN G 524 -9.71 27.78 -96.48
CA GLN G 524 -9.81 29.19 -96.09
C GLN G 524 -9.77 30.03 -97.36
N GLY G 525 -10.95 30.28 -97.93
CA GLY G 525 -11.06 31.08 -99.15
C GLY G 525 -11.13 32.57 -98.91
N ASP G 526 -11.41 33.00 -97.69
CA ASP G 526 -11.10 34.36 -97.26
C ASP G 526 -9.73 34.80 -97.76
N PHE G 527 -8.71 34.07 -97.33
CA PHE G 527 -7.34 34.31 -97.73
C PHE G 527 -7.19 34.38 -99.24
N PHE G 528 -7.87 33.49 -99.95
CA PHE G 528 -7.59 33.38 -101.37
C PHE G 528 -8.26 34.50 -102.15
N VAL G 529 -9.45 34.92 -101.73
CA VAL G 529 -10.07 36.10 -102.32
C VAL G 529 -9.18 37.31 -102.07
N HIS G 530 -8.71 37.48 -100.83
CA HIS G 530 -7.94 38.67 -100.50
C HIS G 530 -6.60 38.69 -101.23
N PHE G 531 -5.90 37.55 -101.28
CA PHE G 531 -4.66 37.51 -102.02
C PHE G 531 -4.90 37.70 -103.51
N MET G 532 -6.01 37.15 -104.02
CA MET G 532 -6.33 37.29 -105.43
C MET G 532 -6.47 38.76 -105.84
N ASP G 533 -7.28 39.54 -105.12
CA ASP G 533 -7.37 40.94 -105.53
C ASP G 533 -6.07 41.67 -105.24
N LEU G 534 -5.40 41.38 -104.12
CA LEU G 534 -4.19 42.11 -103.80
C LEU G 534 -3.03 41.79 -104.73
N ALA G 535 -3.12 40.73 -105.54
CA ALA G 535 -2.05 40.35 -106.45
C ALA G 535 -2.40 40.39 -107.93
N GLU G 536 -3.69 40.46 -108.29
CA GLU G 536 -4.06 40.29 -109.69
C GLU G 536 -3.47 41.36 -110.59
N GLU G 537 -3.46 42.63 -110.14
CA GLU G 537 -2.79 43.65 -110.93
C GLU G 537 -1.32 43.32 -111.13
N GLU G 538 -0.69 42.63 -110.16
CA GLU G 538 0.70 42.21 -110.33
C GLU G 538 0.75 40.94 -111.17
N LEU G 539 -0.23 40.05 -111.02
CA LEU G 539 -0.19 38.76 -111.70
C LEU G 539 -0.27 38.89 -113.22
N ARG G 540 -1.09 39.82 -113.72
CA ARG G 540 -1.43 39.84 -115.13
C ARG G 540 -0.22 40.01 -116.06
N LYS G 541 0.91 40.52 -115.56
CA LYS G 541 2.08 40.68 -116.42
C LYS G 541 2.77 39.33 -116.65
N PRO G 542 3.56 39.20 -117.71
CA PRO G 542 4.27 37.94 -117.96
C PRO G 542 5.50 37.76 -117.07
N VAL G 543 6.10 36.57 -117.18
CA VAL G 543 7.27 36.23 -116.36
C VAL G 543 8.48 37.02 -116.84
N GLU G 544 9.48 37.12 -115.95
CA GLU G 544 10.70 37.92 -116.11
C GLU G 544 10.44 39.41 -115.95
N ASP G 545 9.18 39.81 -115.74
CA ASP G 545 8.79 41.14 -115.30
C ASP G 545 8.11 41.12 -113.95
N ILE G 546 7.99 39.96 -113.31
CA ILE G 546 7.34 39.79 -112.01
C ILE G 546 8.42 39.63 -110.96
N THR G 547 8.30 40.42 -109.88
CA THR G 547 9.33 40.44 -108.85
C THR G 547 8.91 39.60 -107.65
N PRO G 548 9.61 38.49 -107.35
CA PRO G 548 9.23 37.64 -106.22
C PRO G 548 9.13 38.41 -104.91
N PRO G 549 10.00 39.38 -104.63
CA PRO G 549 9.77 40.19 -103.41
C PRO G 549 8.40 40.85 -103.35
N ARG G 550 7.89 41.37 -104.46
CA ARG G 550 6.61 42.08 -104.42
C ARG G 550 5.50 41.06 -104.17
N LEU G 551 5.54 39.95 -104.91
CA LEU G 551 4.50 38.93 -104.69
C LEU G 551 4.57 38.38 -103.27
N GLU G 552 5.78 38.17 -102.77
CA GLU G 552 5.95 37.63 -101.43
C GLU G 552 5.36 38.57 -100.41
N ALA G 553 5.67 39.88 -100.51
CA ALA G 553 5.17 40.86 -99.55
C ALA G 553 3.65 40.92 -99.58
N LEU G 554 3.07 40.82 -100.78
CA LEU G 554 1.62 40.70 -100.87
C LEU G 554 1.14 39.46 -100.12
N LEU G 555 1.91 38.37 -100.19
CA LEU G 555 1.45 37.15 -99.55
C LEU G 555 1.35 37.34 -98.05
N GLU G 556 2.41 37.88 -97.42
CA GLU G 556 2.30 38.14 -95.98
C GLU G 556 1.18 39.13 -95.68
N LEU G 557 1.02 40.17 -96.49
CA LEU G 557 0.00 41.16 -96.15
C LEU G 557 -1.39 40.53 -96.16
N ALA G 558 -1.70 39.74 -97.19
CA ALA G 558 -2.98 39.03 -97.23
C ALA G 558 -3.11 38.05 -96.07
N LEU G 559 -2.02 37.39 -95.69
CA LEU G 559 -2.09 36.38 -94.63
C LEU G 559 -2.42 37.01 -93.29
N ARG G 560 -1.79 38.13 -92.97
CA ARG G 560 -2.21 38.88 -91.78
C ARG G 560 -3.63 39.41 -91.92
N MET G 561 -4.02 39.83 -93.12
CA MET G 561 -5.35 40.42 -93.28
C MET G 561 -6.45 39.40 -93.04
N SER G 562 -6.27 38.17 -93.51
CA SER G 562 -7.36 37.19 -93.49
C SER G 562 -7.68 36.75 -92.06
N THR G 563 -8.83 36.08 -91.92
CA THR G 563 -9.18 35.47 -90.63
C THR G 563 -8.34 34.23 -90.33
N ALA G 564 -7.58 33.72 -91.30
CA ALA G 564 -6.67 32.60 -91.10
C ALA G 564 -5.30 33.07 -90.61
N ASN G 565 -5.31 33.93 -89.59
CA ASN G 565 -4.10 34.38 -88.91
C ASN G 565 -3.94 33.73 -87.55
N THR G 566 -4.70 32.65 -87.29
CA THR G 566 -4.63 31.89 -86.06
C THR G 566 -3.88 30.59 -86.23
N ASP G 567 -3.43 30.26 -87.44
CA ASP G 567 -2.67 29.04 -87.67
C ASP G 567 -1.23 29.26 -87.21
N PRO G 568 -0.68 28.39 -86.34
CA PRO G 568 0.69 28.65 -85.85
C PRO G 568 1.74 28.63 -86.94
N PHE G 569 1.59 27.77 -87.95
CA PHE G 569 2.62 27.52 -88.95
C PHE G 569 2.39 28.32 -90.24
N LYS G 570 1.61 29.39 -90.16
CA LYS G 570 1.27 30.18 -91.35
C LYS G 570 2.51 30.68 -92.09
N ASP G 571 3.59 30.96 -91.37
CA ASP G 571 4.77 31.55 -91.99
C ASP G 571 5.46 30.62 -92.99
N ASP G 572 5.12 29.32 -92.97
CA ASP G 572 5.81 28.36 -93.84
C ASP G 572 5.64 28.68 -95.32
N LEU G 573 4.52 29.31 -95.71
CA LEU G 573 4.20 29.48 -97.12
C LEU G 573 5.26 30.29 -97.86
N LYS G 574 5.65 29.80 -99.03
CA LYS G 574 6.54 30.52 -99.94
C LYS G 574 5.96 30.49 -101.35
N ILE G 575 6.13 31.58 -102.10
CA ILE G 575 5.68 31.67 -103.48
C ILE G 575 6.81 31.22 -104.39
N ASP G 576 6.52 30.29 -105.29
CA ASP G 576 7.42 29.95 -106.37
C ASP G 576 6.67 29.89 -107.69
N LEU G 577 7.45 29.73 -108.76
CA LEU G 577 6.96 29.56 -110.11
C LEU G 577 7.19 28.12 -110.52
N MET G 578 6.23 27.57 -111.27
CA MET G 578 6.37 26.22 -111.79
C MET G 578 6.81 26.35 -113.25
N PRO G 579 8.05 26.03 -113.60
CA PRO G 579 8.47 26.23 -115.00
C PRO G 579 7.77 25.25 -115.92
N HIS G 580 7.12 25.80 -116.94
CA HIS G 580 6.33 25.15 -117.98
C HIS G 580 4.97 24.71 -117.46
N ASP G 581 4.65 24.90 -116.19
CA ASP G 581 3.29 24.71 -115.64
C ASP G 581 2.76 23.31 -115.96
N LEU G 582 1.53 23.17 -116.48
CA LEU G 582 1.00 21.83 -116.69
C LEU G 582 1.65 21.12 -117.88
N ILE G 583 2.48 21.80 -118.66
CA ILE G 583 3.12 21.15 -119.80
C ILE G 583 4.15 20.12 -119.33
N THR G 584 4.88 20.42 -118.25
CA THR G 584 5.81 19.44 -117.68
C THR G 584 5.07 18.16 -117.27
N GLN G 585 3.86 18.30 -116.74
CA GLN G 585 3.07 17.15 -116.33
C GLN G 585 2.83 16.23 -117.53
N LEU G 586 2.84 14.93 -117.27
CA LEU G 586 2.73 13.91 -118.30
C LEU G 586 1.52 14.10 -119.20
N GLU G 607 2.06 29.36 -122.88
CA GLU G 607 3.48 29.71 -122.92
C GLU G 607 4.05 29.83 -121.53
N LEU G 608 5.35 29.54 -121.38
CA LEU G 608 6.00 29.84 -120.11
C LEU G 608 6.06 31.34 -119.88
N ALA G 609 6.12 32.13 -120.96
CA ALA G 609 6.08 33.58 -120.82
C ALA G 609 4.76 34.04 -120.22
N LEU G 610 3.66 33.38 -120.57
CA LEU G 610 2.38 33.67 -119.95
C LEU G 610 2.45 33.38 -118.47
N SER G 611 1.74 34.17 -117.68
CA SER G 611 1.93 34.15 -116.23
C SER G 611 0.65 34.59 -115.53
N GLY G 612 0.77 34.77 -114.22
CA GLY G 612 -0.30 35.29 -113.39
C GLY G 612 -1.03 34.17 -112.69
N LEU G 613 -2.28 33.94 -113.10
CA LEU G 613 -2.91 32.67 -112.80
C LEU G 613 -2.08 31.50 -113.34
N GLU G 614 -1.39 31.73 -114.46
CA GLU G 614 -0.83 30.63 -115.22
C GLU G 614 0.37 30.01 -114.49
N ALA G 615 1.21 30.85 -113.86
CA ALA G 615 2.51 30.44 -113.37
C ALA G 615 2.66 30.59 -111.85
N PHE G 616 1.57 30.48 -111.11
CA PHE G 616 1.58 30.62 -109.66
C PHE G 616 1.72 29.26 -108.98
N SER G 617 2.56 29.17 -107.95
CA SER G 617 2.54 27.97 -107.12
C SER G 617 2.97 28.30 -105.69
N PHE G 618 2.30 27.68 -104.72
CA PHE G 618 2.72 27.72 -103.33
C PHE G 618 3.78 26.65 -103.05
N ASP G 619 4.44 26.79 -101.90
CA ASP G 619 5.40 25.79 -101.44
C ASP G 619 5.45 25.90 -99.92
N TYR G 620 5.72 24.78 -99.25
CA TYR G 620 5.63 24.69 -97.81
C TYR G 620 6.95 24.15 -97.27
N ILE G 621 7.40 24.65 -96.12
CA ILE G 621 8.68 24.27 -95.54
C ILE G 621 8.48 23.35 -94.35
N VAL G 622 9.29 22.30 -94.29
CA VAL G 622 9.26 21.32 -93.20
C VAL G 622 10.69 20.89 -92.89
N LYS G 623 10.99 20.76 -91.60
CA LYS G 623 12.31 20.38 -91.11
C LYS G 623 12.46 18.86 -91.23
N TRP G 624 13.54 18.30 -90.68
CA TRP G 624 13.65 16.84 -90.62
C TRP G 624 12.47 16.09 -90.03
N PRO G 625 11.90 16.44 -88.89
CA PRO G 625 10.81 15.62 -88.33
C PRO G 625 9.65 15.30 -89.28
N LEU G 626 9.03 16.31 -89.91
CA LEU G 626 7.86 16.09 -90.75
C LEU G 626 8.14 16.15 -92.25
N SER G 627 9.38 16.48 -92.65
CA SER G 627 9.79 16.23 -94.03
C SER G 627 9.70 14.75 -94.36
N LEU G 628 9.79 13.91 -93.34
CA LEU G 628 9.72 12.48 -93.53
C LEU G 628 8.38 12.04 -94.05
N ILE G 629 7.30 12.72 -93.66
CA ILE G 629 5.96 12.33 -94.08
C ILE G 629 5.56 13.21 -95.26
N ILE G 630 5.54 14.53 -95.07
CA ILE G 630 5.23 15.46 -96.15
C ILE G 630 6.54 15.74 -96.87
N ASN G 631 6.73 15.09 -98.01
CA ASN G 631 7.98 15.11 -98.75
C ASN G 631 7.75 15.70 -100.16
N ARG G 632 8.81 15.68 -100.98
CA ARG G 632 8.74 16.32 -102.29
C ARG G 632 7.68 15.67 -103.16
N LYS G 633 7.61 14.33 -103.15
CA LYS G 633 6.60 13.64 -103.94
C LYS G 633 5.21 14.04 -103.47
N ALA G 634 5.03 14.21 -102.16
CA ALA G 634 3.73 14.63 -101.64
C ALA G 634 3.41 16.08 -102.04
N LEU G 635 4.37 16.99 -101.90
CA LEU G 635 4.08 18.41 -102.10
C LEU G 635 4.09 18.82 -103.57
N THR G 636 4.76 18.10 -104.45
CA THR G 636 4.58 18.39 -105.87
C THR G 636 3.16 18.09 -106.30
N ARG G 637 2.53 17.06 -105.71
CA ARG G 637 1.15 16.75 -106.04
C ARG G 637 0.16 17.65 -105.30
N TYR G 638 0.46 18.03 -104.06
CA TYR G 638 -0.32 19.09 -103.43
C TYR G 638 -0.31 20.36 -104.28
N GLN G 639 0.87 20.74 -104.78
CA GLN G 639 0.97 21.90 -105.67
C GLN G 639 0.14 21.69 -106.94
N MET G 640 0.30 20.53 -107.58
CA MET G 640 -0.37 20.33 -108.87
C MET G 640 -1.88 20.36 -108.70
N LEU G 641 -2.40 19.91 -107.55
CA LEU G 641 -3.83 20.02 -107.31
C LEU G 641 -4.24 21.47 -107.08
N PHE G 642 -3.46 22.15 -106.24
CA PHE G 642 -3.71 23.56 -105.97
C PHE G 642 -3.81 24.38 -107.24
N ARG G 643 -2.87 24.18 -108.16
CA ARG G 643 -2.82 24.96 -109.38
C ARG G 643 -4.08 24.75 -110.23
N HIS G 644 -4.50 23.50 -110.41
CA HIS G 644 -5.66 23.26 -111.25
C HIS G 644 -6.90 23.89 -110.64
N MET G 645 -7.07 23.79 -109.33
CA MET G 645 -8.25 24.42 -108.73
C MET G 645 -8.11 25.93 -108.61
N PHE G 646 -6.88 26.45 -108.62
CA PHE G 646 -6.67 27.89 -108.73
C PHE G 646 -7.17 28.41 -110.06
N TYR G 647 -6.91 27.67 -111.15
CA TYR G 647 -7.49 28.08 -112.42
C TYR G 647 -9.00 28.17 -112.34
N CYS G 648 -9.65 27.20 -111.70
CA CYS G 648 -11.10 27.21 -111.66
C CYS G 648 -11.61 28.41 -110.86
N LYS G 649 -11.02 28.67 -109.70
CA LYS G 649 -11.44 29.80 -108.89
C LYS G 649 -11.16 31.11 -109.61
N HIS G 650 -10.02 31.19 -110.29
CA HIS G 650 -9.55 32.43 -110.86
C HIS G 650 -10.38 32.81 -112.08
N VAL G 651 -10.66 31.83 -112.95
CA VAL G 651 -11.49 32.13 -114.11
C VAL G 651 -12.96 32.28 -113.73
N GLU G 652 -13.42 31.68 -112.63
CA GLU G 652 -14.75 32.02 -112.16
C GLU G 652 -14.80 33.49 -111.75
N ARG G 653 -13.74 33.97 -111.10
CA ARG G 653 -13.73 35.39 -110.76
C ARG G 653 -13.47 36.27 -111.98
N GLN G 654 -12.81 35.77 -113.02
CA GLN G 654 -12.79 36.53 -114.27
C GLN G 654 -14.17 36.68 -114.85
N LEU G 655 -14.97 35.61 -114.84
CA LEU G 655 -16.31 35.71 -115.39
C LEU G 655 -17.16 36.66 -114.54
N CYS G 656 -16.89 36.68 -113.23
CA CYS G 656 -17.53 37.67 -112.37
C CYS G 656 -17.08 39.09 -112.73
N SER G 657 -15.79 39.26 -113.04
CA SER G 657 -15.27 40.60 -113.26
C SER G 657 -15.78 41.17 -114.57
N VAL G 658 -15.84 40.34 -115.59
CA VAL G 658 -16.37 40.76 -116.85
C VAL G 658 -17.86 41.08 -116.70
N TRP G 659 -18.54 40.34 -115.81
CA TRP G 659 -19.93 40.68 -115.54
C TRP G 659 -20.07 42.02 -114.82
N ILE G 660 -19.16 42.36 -113.89
CA ILE G 660 -19.34 43.64 -113.20
C ILE G 660 -19.05 44.77 -114.19
N SER G 661 -18.10 44.56 -115.09
CA SER G 661 -17.78 45.59 -116.07
C SER G 661 -18.99 45.91 -116.93
N ASN G 662 -19.71 44.90 -117.41
CA ASN G 662 -20.92 45.26 -118.14
C ASN G 662 -22.00 45.79 -117.22
N LYS G 663 -22.03 45.35 -115.97
CA LYS G 663 -23.10 45.69 -115.02
C LYS G 663 -24.45 45.32 -115.62
N GLN G 674 -28.12 48.56 -127.27
CA GLN G 674 -27.60 48.96 -125.97
C GLN G 674 -27.31 47.75 -125.10
N TRP G 675 -26.04 47.37 -125.01
CA TRP G 675 -25.59 46.21 -124.23
C TRP G 675 -26.34 44.95 -124.64
N PHE G 676 -26.17 44.60 -125.91
CA PHE G 676 -26.85 43.45 -126.51
C PHE G 676 -26.53 42.17 -125.75
N ALA G 677 -27.55 41.32 -125.59
CA ALA G 677 -27.54 40.20 -124.64
C ALA G 677 -26.64 39.04 -125.06
N GLY G 678 -26.09 39.09 -126.27
CA GLY G 678 -25.17 38.09 -126.78
C GLY G 678 -24.12 37.62 -125.80
N ALA G 679 -23.41 38.58 -125.19
CA ALA G 679 -22.37 38.22 -124.23
C ALA G 679 -22.95 37.51 -123.02
N PHE G 680 -24.12 37.93 -122.58
CA PHE G 680 -24.64 37.45 -121.31
C PHE G 680 -25.17 36.03 -121.41
N THR G 681 -25.69 35.62 -122.57
CA THR G 681 -26.12 34.23 -122.70
C THR G 681 -24.93 33.29 -122.46
N LEU G 682 -23.85 33.54 -123.18
CA LEU G 682 -22.66 32.71 -123.09
C LEU G 682 -21.97 32.86 -121.74
N ARG G 683 -21.96 34.07 -121.16
CA ARG G 683 -21.31 34.24 -119.87
C ARG G 683 -22.05 33.47 -118.78
N GLN G 684 -23.38 33.54 -118.78
CA GLN G 684 -24.17 32.77 -117.82
C GLN G 684 -23.89 31.29 -117.97
N ARG G 685 -23.94 30.81 -119.23
CA ARG G 685 -23.58 29.44 -119.59
C ARG G 685 -22.30 29.02 -118.86
N MET G 686 -21.24 29.78 -119.12
CA MET G 686 -19.90 29.38 -118.76
C MET G 686 -19.68 29.45 -117.26
N LEU G 687 -20.14 30.52 -116.62
CA LEU G 687 -19.89 30.64 -115.18
C LEU G 687 -20.70 29.61 -114.39
N ASN G 688 -21.96 29.36 -114.76
CA ASN G 688 -22.67 28.35 -113.98
C ASN G 688 -22.07 26.98 -114.18
N PHE G 689 -21.59 26.67 -115.39
CA PHE G 689 -20.81 25.44 -115.58
C PHE G 689 -19.65 25.35 -114.59
N VAL G 690 -18.84 26.39 -114.54
CA VAL G 690 -17.61 26.31 -113.75
C VAL G 690 -17.93 26.19 -112.27
N GLN G 691 -18.91 26.96 -111.80
CA GLN G 691 -19.28 26.88 -110.38
C GLN G 691 -19.84 25.50 -110.04
N ASN G 692 -20.54 24.86 -110.98
CA ASN G 692 -20.97 23.49 -110.73
C ASN G 692 -19.77 22.55 -110.62
N ILE G 693 -18.78 22.74 -111.48
CA ILE G 693 -17.58 21.92 -111.43
C ILE G 693 -16.90 22.06 -110.08
N GLN G 694 -16.82 23.29 -109.57
CA GLN G 694 -16.05 23.45 -108.34
C GLN G 694 -16.85 23.01 -107.13
N TYR G 695 -18.19 23.02 -107.20
CA TYR G 695 -18.98 22.37 -106.16
C TYR G 695 -18.67 20.87 -106.10
N TYR G 696 -18.58 20.24 -107.27
CA TYR G 696 -18.18 18.84 -107.30
C TYR G 696 -16.81 18.69 -106.66
N MET G 697 -15.84 19.44 -107.16
CA MET G 697 -14.42 19.30 -106.73
C MET G 697 -14.30 19.53 -105.22
N MET G 698 -15.02 20.49 -104.64
CA MET G 698 -14.85 20.87 -103.21
C MET G 698 -15.57 19.92 -102.25
N PHE G 699 -16.74 19.37 -102.61
CA PHE G 699 -17.55 18.56 -101.65
C PHE G 699 -17.77 17.12 -102.11
N GLU G 700 -17.54 16.78 -103.38
CA GLU G 700 -17.66 15.39 -103.82
C GLU G 700 -16.33 14.65 -103.59
N VAL G 701 -15.21 15.36 -103.74
CA VAL G 701 -13.84 14.74 -103.66
C VAL G 701 -13.07 15.25 -102.45
N MET G 702 -12.72 16.54 -102.40
CA MET G 702 -11.82 17.08 -101.34
C MET G 702 -12.35 16.77 -99.93
N GLU G 703 -13.52 17.28 -99.57
CA GLU G 703 -14.06 17.12 -98.20
C GLU G 703 -14.15 15.64 -97.79
N PRO G 704 -14.87 14.76 -98.51
CA PRO G 704 -14.93 13.32 -98.23
C PRO G 704 -13.57 12.69 -97.98
N THR G 705 -12.65 12.78 -98.95
CA THR G 705 -11.41 12.05 -98.83
C THR G 705 -10.54 12.55 -97.70
N TRP G 706 -10.63 13.84 -97.36
CA TRP G 706 -9.90 14.32 -96.20
C TRP G 706 -10.50 13.74 -94.93
N HIS G 707 -11.82 13.60 -94.88
CA HIS G 707 -12.42 12.96 -93.72
C HIS G 707 -12.02 11.49 -93.64
N ILE G 708 -11.65 10.88 -94.76
CA ILE G 708 -11.08 9.52 -94.73
C ILE G 708 -9.67 9.56 -94.15
N LEU G 709 -8.85 10.53 -94.59
CA LEU G 709 -7.47 10.56 -94.12
C LEU G 709 -7.39 10.85 -92.62
N GLU G 710 -8.15 11.82 -92.13
CA GLU G 710 -8.08 12.11 -90.71
C GLU G 710 -8.58 10.96 -89.87
N LYS G 711 -9.45 10.11 -90.44
CA LYS G 711 -9.97 8.96 -89.72
C LYS G 711 -8.93 7.85 -89.69
N ASN G 712 -8.28 7.59 -90.82
CA ASN G 712 -7.32 6.50 -90.89
C ASN G 712 -6.04 6.84 -90.13
N LEU G 713 -5.62 8.10 -90.18
CA LEU G 713 -4.44 8.49 -89.41
C LEU G 713 -4.74 8.53 -87.91
N LYS G 714 -6.01 8.58 -87.53
CA LYS G 714 -6.36 8.52 -86.12
C LYS G 714 -6.33 7.10 -85.58
N SER G 715 -6.45 6.09 -86.45
CA SER G 715 -6.43 4.69 -86.05
C SER G 715 -5.24 3.95 -86.62
N ALA G 716 -4.26 4.64 -87.17
CA ALA G 716 -3.01 3.98 -87.51
C ALA G 716 -2.26 3.65 -86.23
N SER G 717 -1.50 2.57 -86.30
CA SER G 717 -0.59 2.15 -85.24
C SER G 717 0.85 2.16 -85.68
N ASN G 718 1.11 2.18 -86.99
CA ASN G 718 2.45 2.22 -87.54
C ASN G 718 2.56 3.43 -88.46
N ILE G 719 3.65 4.15 -88.31
CA ILE G 719 3.86 5.36 -89.07
C ILE G 719 4.24 5.03 -90.52
N ASP G 720 4.62 3.77 -90.79
CA ASP G 720 4.55 3.28 -92.17
C ASP G 720 3.10 3.19 -92.66
N ASP G 721 2.16 2.86 -91.76
CA ASP G 721 0.76 2.90 -92.17
C ASP G 721 0.30 4.35 -92.36
N VAL G 722 0.93 5.29 -91.66
CA VAL G 722 0.75 6.72 -91.98
C VAL G 722 1.28 7.04 -93.39
N LEU G 723 2.42 6.45 -93.80
CA LEU G 723 2.79 6.54 -95.23
C LEU G 723 1.64 6.08 -96.11
N GLY G 724 1.07 4.93 -95.79
CA GLY G 724 0.05 4.37 -96.67
C GLY G 724 -1.16 5.27 -96.76
N HIS G 725 -1.64 5.75 -95.61
CA HIS G 725 -2.81 6.62 -95.58
C HIS G 725 -2.55 7.94 -96.29
N HIS G 726 -1.37 8.53 -96.08
CA HIS G 726 -1.07 9.85 -96.64
C HIS G 726 -1.09 9.81 -98.16
N THR G 727 -0.26 8.97 -98.75
CA THR G 727 -0.21 8.86 -100.20
C THR G 727 -1.50 8.27 -100.75
N GLY G 728 -2.23 7.48 -99.95
CA GLY G 728 -3.53 7.00 -100.41
C GLY G 728 -4.52 8.12 -100.60
N PHE G 729 -4.62 9.01 -99.61
CA PHE G 729 -5.51 10.16 -99.74
C PHE G 729 -5.10 11.03 -100.91
N LEU G 730 -3.79 11.28 -101.05
CA LEU G 730 -3.31 12.14 -102.12
C LEU G 730 -3.67 11.55 -103.49
N ASP G 731 -3.45 10.23 -103.64
CA ASP G 731 -3.76 9.59 -104.91
C ASP G 731 -5.26 9.52 -105.16
N THR G 732 -6.05 9.29 -104.10
CA THR G 732 -7.51 9.26 -104.28
C THR G 732 -8.03 10.60 -104.76
N CYS G 733 -7.58 11.69 -104.15
CA CYS G 733 -8.02 13.00 -104.63
C CYS G 733 -7.56 13.25 -106.06
N LEU G 734 -6.27 12.98 -106.34
CA LEU G 734 -5.72 13.31 -107.65
C LEU G 734 -6.34 12.46 -108.74
N LYS G 735 -6.75 11.24 -108.41
CA LYS G 735 -7.37 10.35 -109.40
C LYS G 735 -8.85 10.62 -109.55
N ASP G 736 -9.58 10.76 -108.43
CA ASP G 736 -11.03 10.88 -108.51
C ASP G 736 -11.44 12.24 -109.05
N CYS G 737 -10.66 13.28 -108.80
CA CYS G 737 -10.83 14.50 -109.56
C CYS G 737 -10.39 14.24 -111.00
N MET G 738 -10.75 15.17 -111.90
CA MET G 738 -10.54 14.89 -113.32
C MET G 738 -9.08 15.00 -113.75
N LEU G 739 -8.14 15.20 -112.82
CA LEU G 739 -6.73 15.34 -113.19
C LEU G 739 -6.22 14.07 -113.89
N THR G 740 -6.63 12.90 -113.42
CA THR G 740 -6.21 11.62 -114.00
C THR G 740 -7.25 11.13 -114.99
N ASN G 741 -6.93 11.29 -116.28
CA ASN G 741 -7.63 10.63 -117.37
C ASN G 741 -6.56 10.21 -118.38
N PRO G 742 -6.79 9.16 -119.17
CA PRO G 742 -5.74 8.75 -120.13
C PRO G 742 -5.33 9.85 -121.10
N GLU G 743 -6.30 10.62 -121.60
CA GLU G 743 -6.05 11.82 -122.40
C GLU G 743 -6.24 13.11 -121.62
N LEU G 744 -6.37 13.03 -120.29
CA LEU G 744 -6.38 14.12 -119.31
C LEU G 744 -7.69 14.90 -119.33
N LEU G 745 -8.70 14.47 -120.10
CA LEU G 745 -9.86 15.32 -120.39
C LEU G 745 -9.39 16.67 -120.89
N LYS G 746 -8.62 16.62 -121.98
CA LYS G 746 -8.08 17.82 -122.62
C LYS G 746 -9.20 18.74 -123.09
N VAL G 747 -10.41 18.23 -123.26
CA VAL G 747 -11.56 19.06 -123.58
C VAL G 747 -11.81 20.08 -122.47
N PHE G 748 -11.60 19.69 -121.21
CA PHE G 748 -11.76 20.66 -120.14
C PHE G 748 -10.73 21.78 -120.25
N SER G 749 -9.49 21.44 -120.60
CA SER G 749 -8.46 22.46 -120.82
C SER G 749 -8.87 23.39 -121.95
N LYS G 750 -9.32 22.83 -123.08
CA LYS G 750 -9.79 23.66 -124.18
C LYS G 750 -10.98 24.52 -123.74
N LEU G 751 -11.83 24.00 -122.86
CA LEU G 751 -12.98 24.77 -122.39
C LEU G 751 -12.52 25.97 -121.57
N MET G 752 -11.53 25.75 -120.70
CA MET G 752 -10.93 26.86 -119.97
C MET G 752 -10.25 27.86 -120.91
N SER G 753 -9.64 27.37 -121.99
CA SER G 753 -9.01 28.30 -122.93
C SER G 753 -10.05 29.21 -123.55
N VAL G 754 -11.18 28.63 -124.00
CA VAL G 754 -12.22 29.48 -124.58
C VAL G 754 -12.83 30.38 -123.50
N CYS G 755 -12.83 29.96 -122.24
CA CYS G 755 -13.33 30.84 -121.17
C CYS G 755 -12.45 32.08 -121.02
N VAL G 756 -11.13 31.88 -120.99
CA VAL G 756 -10.27 33.04 -120.83
C VAL G 756 -10.33 33.92 -122.08
N MET G 757 -10.43 33.30 -123.26
CA MET G 757 -10.57 34.11 -124.48
C MET G 757 -11.87 34.89 -124.49
N PHE G 758 -12.97 34.28 -124.06
CA PHE G 758 -14.24 34.98 -124.01
C PHE G 758 -14.17 36.17 -123.08
N THR G 759 -13.70 35.94 -121.85
CA THR G 759 -13.65 37.02 -120.88
C THR G 759 -12.75 38.15 -121.38
N ASN G 760 -11.57 37.78 -121.89
CA ASN G 760 -10.61 38.71 -122.43
C ASN G 760 -11.24 39.57 -123.53
N CYS G 761 -11.60 38.94 -124.65
CA CYS G 761 -12.10 39.67 -125.85
C CYS G 761 -13.38 40.45 -125.54
N MET G 762 -14.28 39.92 -124.72
CA MET G 762 -15.57 40.59 -124.43
C MET G 762 -15.27 41.82 -123.58
N GLN G 763 -14.45 41.66 -122.55
CA GLN G 763 -14.04 42.80 -121.68
C GLN G 763 -13.37 43.86 -122.55
N LYS G 764 -12.55 43.46 -123.51
CA LYS G 764 -11.84 44.36 -124.41
C LYS G 764 -12.83 45.14 -125.27
N PHE G 765 -13.87 44.47 -125.76
CA PHE G 765 -14.87 45.13 -126.60
C PHE G 765 -15.66 46.17 -125.82
N THR G 766 -16.05 45.86 -124.58
CA THR G 766 -16.83 46.86 -123.84
C THR G 766 -15.98 48.06 -123.47
N GLN G 767 -14.70 47.83 -123.15
CA GLN G 767 -13.77 48.93 -122.99
C GLN G 767 -13.68 49.74 -124.29
N SER G 768 -13.60 49.05 -125.43
CA SER G 768 -13.44 49.72 -126.71
C SER G 768 -14.66 50.57 -127.05
N MET G 769 -15.87 50.02 -126.88
CA MET G 769 -17.08 50.76 -127.23
C MET G 769 -17.28 51.94 -126.29
N LYS G 770 -17.01 51.75 -125.00
CA LYS G 770 -17.09 52.88 -124.07
C LYS G 770 -16.07 53.96 -124.45
N LEU G 771 -14.88 53.54 -124.88
CA LEU G 771 -13.77 54.45 -125.16
C LEU G 771 -13.32 54.31 -126.61
N LEU G 814 -20.74 47.10 -134.10
CA LEU G 814 -21.36 46.97 -132.79
C LEU G 814 -21.80 45.53 -132.57
N VAL G 815 -22.37 44.92 -133.62
CA VAL G 815 -22.70 43.51 -133.63
C VAL G 815 -22.02 42.75 -134.76
N SER G 816 -21.46 43.45 -135.75
CA SER G 816 -20.76 42.77 -136.84
C SER G 816 -19.58 41.97 -136.32
N GLY G 817 -18.86 42.51 -135.35
CA GLY G 817 -17.78 41.80 -134.69
C GLY G 817 -18.25 41.12 -133.42
N PHE G 818 -19.05 41.84 -132.64
CA PHE G 818 -19.43 41.38 -131.32
C PHE G 818 -20.26 40.11 -131.42
N GLU G 819 -21.46 40.20 -131.99
CA GLU G 819 -22.34 39.04 -132.10
C GLU G 819 -21.70 37.93 -132.91
N ALA G 820 -20.79 38.25 -133.83
CA ALA G 820 -20.03 37.22 -134.53
C ALA G 820 -19.22 36.39 -133.54
N THR G 821 -18.43 37.06 -132.70
CA THR G 821 -17.65 36.34 -131.70
C THR G 821 -18.56 35.60 -130.73
N ILE G 822 -19.69 36.21 -130.37
CA ILE G 822 -20.65 35.56 -129.47
C ILE G 822 -21.13 34.24 -130.05
N ASN G 823 -21.63 34.26 -131.29
CA ASN G 823 -22.24 33.04 -131.81
C ASN G 823 -21.18 31.96 -132.02
N LYS G 824 -19.99 32.33 -132.52
CA LYS G 824 -19.00 31.30 -132.75
C LYS G 824 -18.50 30.72 -131.43
N PHE G 825 -18.31 31.56 -130.40
CA PHE G 825 -17.90 31.03 -129.10
C PHE G 825 -19.00 30.22 -128.45
N ASP G 826 -20.26 30.63 -128.58
CA ASP G 826 -21.34 29.86 -127.98
C ASP G 826 -21.43 28.49 -128.63
N LYS G 827 -21.25 28.43 -129.95
CA LYS G 827 -21.25 27.16 -130.64
C LYS G 827 -20.10 26.28 -130.17
N ASN G 828 -18.90 26.87 -130.05
CA ASN G 828 -17.75 26.09 -129.60
C ASN G 828 -17.93 25.61 -128.17
N PHE G 829 -18.47 26.47 -127.30
CA PHE G 829 -18.67 26.08 -125.90
C PHE G 829 -19.70 24.97 -125.78
N SER G 830 -20.84 25.10 -126.46
CA SER G 830 -21.82 24.03 -126.38
C SER G 830 -21.26 22.74 -126.94
N ALA G 831 -20.48 22.83 -128.02
CA ALA G 831 -19.85 21.64 -128.58
C ALA G 831 -18.92 20.98 -127.57
N HIS G 832 -18.03 21.75 -126.95
CA HIS G 832 -17.07 21.15 -126.03
C HIS G 832 -17.70 20.74 -124.71
N LEU G 833 -18.76 21.42 -124.27
CA LEU G 833 -19.50 20.99 -123.09
C LEU G 833 -20.16 19.63 -123.32
N LEU G 834 -20.83 19.48 -124.47
CA LEU G 834 -21.47 18.21 -124.76
C LEU G 834 -20.41 17.14 -125.01
N ASP G 835 -19.27 17.52 -125.57
CA ASP G 835 -18.17 16.56 -125.74
C ASP G 835 -17.64 16.10 -124.38
N LEU G 836 -17.54 17.02 -123.41
CA LEU G 836 -17.14 16.65 -122.07
C LEU G 836 -18.11 15.65 -121.47
N LEU G 837 -19.42 15.95 -121.57
CA LEU G 837 -20.42 15.04 -121.03
C LEU G 837 -20.37 13.68 -121.72
N ALA G 838 -20.22 13.67 -123.05
CA ALA G 838 -20.19 12.41 -123.78
C ALA G 838 -18.96 11.58 -123.42
N ARG G 839 -17.79 12.22 -123.42
CA ARG G 839 -16.55 11.51 -123.16
C ARG G 839 -16.36 11.15 -121.68
N LEU G 840 -17.16 11.73 -120.78
CA LEU G 840 -17.16 11.32 -119.38
C LEU G 840 -18.26 10.32 -119.06
N SER G 841 -19.29 10.23 -119.90
CA SER G 841 -20.32 9.23 -119.68
C SER G 841 -19.80 7.81 -119.97
N ILE G 842 -18.78 7.69 -120.82
CA ILE G 842 -18.24 6.37 -121.14
C ILE G 842 -17.67 5.71 -119.89
N TYR G 843 -17.14 6.50 -118.97
CA TYR G 843 -16.66 5.99 -117.69
C TYR G 843 -17.87 5.53 -116.88
N SER G 844 -18.08 4.21 -116.85
CA SER G 844 -19.25 3.61 -116.21
C SER G 844 -20.54 4.19 -116.78
N GLY G 851 -19.63 7.92 -107.38
CA GLY G 851 -19.13 9.25 -107.67
C GLY G 851 -18.58 9.40 -109.07
N MET G 852 -19.21 8.72 -110.02
CA MET G 852 -18.77 8.71 -111.41
C MET G 852 -19.60 9.64 -112.29
N ALA G 853 -20.91 9.42 -112.39
CA ALA G 853 -21.79 10.18 -113.27
C ALA G 853 -22.44 11.37 -112.57
N SER G 854 -22.05 11.64 -111.31
CA SER G 854 -22.53 12.76 -110.53
C SER G 854 -22.43 14.06 -111.30
N VAL G 855 -21.22 14.41 -111.73
CA VAL G 855 -20.99 15.71 -112.37
C VAL G 855 -21.73 15.80 -113.69
N ILE G 856 -21.87 14.68 -114.42
CA ILE G 856 -22.57 14.72 -115.69
C ILE G 856 -24.03 15.13 -115.47
N SER G 857 -24.74 14.37 -114.64
CA SER G 857 -26.15 14.67 -114.43
C SER G 857 -26.32 15.99 -113.68
N ARG G 858 -25.34 16.35 -112.84
CA ARG G 858 -25.28 17.69 -112.28
C ARG G 858 -25.29 18.76 -113.38
N LEU G 859 -24.42 18.59 -114.38
CA LEU G 859 -24.31 19.56 -115.45
C LEU G 859 -25.62 19.68 -116.21
N ASP G 860 -26.35 18.57 -116.38
CA ASP G 860 -27.67 18.61 -117.03
C ASP G 860 -28.80 18.22 -116.08
N PHE G 861 -28.90 18.89 -114.94
CA PHE G 861 -30.06 18.72 -114.06
C PHE G 861 -31.38 19.08 -114.74
N ASN G 862 -32.47 18.44 -114.30
CA ASN G 862 -33.88 18.66 -114.66
C ASN G 862 -34.24 18.17 -116.07
N GLY G 863 -33.27 18.10 -116.96
CA GLY G 863 -33.51 17.68 -118.32
C GLY G 863 -33.25 18.74 -119.37
N PHE G 864 -32.43 19.75 -119.07
CA PHE G 864 -32.04 20.74 -120.04
C PHE G 864 -30.68 20.31 -120.56
N TYR G 865 -30.58 20.04 -121.86
CA TYR G 865 -29.42 19.43 -122.52
C TYR G 865 -29.15 18.00 -122.05
N THR G 866 -30.04 17.37 -121.28
CA THR G 866 -29.81 15.97 -120.93
C THR G 866 -29.83 15.10 -122.17
N GLU G 867 -30.75 15.40 -123.09
CA GLU G 867 -30.99 14.60 -124.29
C GLU G 867 -30.97 15.55 -125.47
N ARG G 868 -29.80 15.67 -126.09
CA ARG G 868 -29.63 16.47 -127.29
C ARG G 868 -29.24 15.54 -128.42
N LEU G 869 -28.19 14.76 -128.19
CA LEU G 869 -27.68 13.79 -129.15
C LEU G 869 -27.05 12.67 -128.35
N GLU G 870 -27.67 11.50 -128.36
CA GLU G 870 -27.06 10.32 -127.75
C GLU G 870 -25.91 9.89 -128.64
N ARG G 871 -24.74 9.67 -128.02
CA ARG G 871 -23.58 9.24 -128.79
C ARG G 871 -23.90 7.95 -129.52
N LEU G 872 -24.03 8.04 -130.84
CA LEU G 872 -24.50 6.93 -131.67
C LEU G 872 -25.83 6.39 -131.13
N ILE H 245 72.27 -29.08 -72.79
CA ILE H 245 71.47 -28.32 -71.83
C ILE H 245 70.24 -29.10 -71.45
N THR H 246 69.60 -28.67 -70.36
CA THR H 246 68.40 -29.28 -69.82
C THR H 246 67.24 -28.29 -69.77
N GLU H 247 66.03 -28.84 -69.79
CA GLU H 247 64.81 -28.03 -69.78
C GLU H 247 64.61 -27.33 -68.45
N ALA H 248 65.08 -27.92 -67.35
CA ALA H 248 64.95 -27.26 -66.05
C ALA H 248 65.67 -25.92 -66.05
N ALA H 249 66.75 -25.81 -66.81
CA ALA H 249 67.43 -24.52 -66.96
C ALA H 249 66.64 -23.59 -67.87
N LEU H 250 66.03 -24.15 -68.92
CA LEU H 250 65.21 -23.34 -69.82
C LEU H 250 64.05 -22.68 -69.08
N VAL H 251 63.50 -23.36 -68.07
CA VAL H 251 62.37 -22.76 -67.36
C VAL H 251 62.83 -21.53 -66.56
N ARG H 252 63.90 -21.68 -65.77
CA ARG H 252 64.40 -20.57 -64.97
C ARG H 252 64.88 -19.43 -65.85
N ASP H 253 65.36 -19.76 -67.07
CA ASP H 253 65.91 -18.74 -67.96
C ASP H 253 64.82 -17.99 -68.71
N ILE H 254 63.87 -18.73 -69.27
CA ILE H 254 62.77 -18.09 -69.98
C ILE H 254 61.90 -17.32 -68.99
N LEU H 255 61.94 -17.68 -67.70
CA LEU H 255 61.22 -16.88 -66.72
C LEU H 255 61.76 -15.45 -66.66
N TYR H 256 63.06 -15.29 -66.90
CA TYR H 256 63.62 -13.95 -67.05
C TYR H 256 63.29 -13.37 -68.43
N VAL H 257 63.25 -14.21 -69.45
CA VAL H 257 62.88 -13.69 -70.77
C VAL H 257 61.46 -13.11 -70.79
N PHE H 258 60.55 -13.59 -69.94
CA PHE H 258 59.26 -12.90 -69.84
C PHE H 258 59.43 -11.46 -69.35
N GLN H 259 60.33 -11.24 -68.40
CA GLN H 259 60.62 -9.86 -68.00
C GLN H 259 61.43 -9.12 -69.05
N GLY H 260 62.02 -9.84 -70.01
CA GLY H 260 62.76 -9.24 -71.09
C GLY H 260 64.25 -9.30 -70.89
N ILE H 261 64.71 -9.64 -69.69
CA ILE H 261 66.13 -9.74 -69.40
C ILE H 261 66.73 -10.84 -70.25
N ASP H 262 67.87 -10.54 -70.86
CA ASP H 262 68.56 -11.53 -71.67
C ASP H 262 68.92 -12.75 -70.83
N GLY H 263 68.97 -13.91 -71.50
CA GLY H 263 69.11 -15.18 -70.84
C GLY H 263 70.49 -15.79 -71.03
N LYS H 264 70.69 -16.91 -70.32
CA LYS H 264 71.93 -17.67 -70.45
C LYS H 264 72.01 -18.36 -71.80
N ASN H 265 71.01 -19.18 -72.13
CA ASN H 265 70.97 -19.98 -73.33
C ASN H 265 70.25 -19.29 -74.48
N ILE H 266 69.24 -18.51 -74.15
CA ILE H 266 68.48 -17.72 -75.15
C ILE H 266 69.19 -16.37 -75.25
N LYS H 267 70.22 -16.34 -76.09
CA LYS H 267 71.09 -15.16 -76.14
C LYS H 267 70.40 -13.97 -76.81
N MET H 268 69.69 -14.20 -77.91
CA MET H 268 69.28 -13.10 -78.75
C MET H 268 68.10 -12.34 -78.12
N ASN H 269 68.03 -11.04 -78.43
CA ASN H 269 67.13 -10.10 -77.77
C ASN H 269 66.42 -9.21 -78.80
N ASN H 270 65.86 -9.85 -79.83
CA ASN H 270 65.10 -9.20 -80.91
C ASN H 270 65.90 -8.10 -81.60
N THR H 271 67.23 -8.16 -81.54
CA THR H 271 68.05 -7.18 -82.25
C THR H 271 67.83 -7.28 -83.75
N GLU H 272 67.97 -8.49 -84.29
CA GLU H 272 67.56 -8.81 -85.65
C GLU H 272 66.48 -9.88 -85.56
N ASN H 273 65.36 -9.63 -86.23
CA ASN H 273 64.21 -10.54 -86.24
C ASN H 273 63.69 -10.63 -84.81
N CYS H 274 63.71 -11.79 -84.16
CA CYS H 274 63.11 -11.96 -82.84
C CYS H 274 64.04 -12.84 -82.00
N TYR H 275 63.55 -13.18 -80.80
CA TYR H 275 64.30 -14.03 -79.87
C TYR H 275 64.61 -15.38 -80.50
N LYS H 276 65.77 -15.92 -80.13
CA LYS H 276 66.24 -17.18 -80.69
C LYS H 276 67.09 -17.87 -79.63
N VAL H 277 67.03 -19.21 -79.63
CA VAL H 277 67.75 -20.05 -78.67
C VAL H 277 68.82 -20.82 -79.40
N GLU H 278 70.03 -20.81 -78.84
CA GLU H 278 71.17 -21.57 -79.35
C GLU H 278 71.58 -22.58 -78.31
N GLY H 279 71.48 -23.87 -78.65
CA GLY H 279 71.82 -24.93 -77.72
C GLY H 279 72.12 -26.23 -78.42
N LYS H 280 72.79 -27.12 -77.68
CA LYS H 280 73.15 -28.46 -78.15
C LYS H 280 72.27 -29.55 -77.56
N ALA H 281 71.22 -29.21 -76.80
CA ALA H 281 70.24 -30.21 -76.42
C ALA H 281 69.62 -30.88 -77.64
N ASN H 282 69.48 -30.13 -78.73
CA ASN H 282 68.93 -30.64 -79.99
C ASN H 282 67.53 -31.24 -79.80
N LEU H 283 66.80 -30.75 -78.80
CA LEU H 283 65.41 -31.14 -78.59
C LEU H 283 64.59 -30.33 -79.57
N SER H 284 64.11 -30.98 -80.62
CA SER H 284 63.45 -30.27 -81.72
C SER H 284 62.33 -29.37 -81.22
N ARG H 285 61.63 -29.79 -80.17
CA ARG H 285 60.35 -29.19 -79.84
C ARG H 285 60.53 -28.29 -78.62
N SER H 286 61.24 -28.81 -77.62
CA SER H 286 61.43 -28.13 -76.35
C SER H 286 62.47 -27.04 -76.46
N LEU H 287 63.64 -27.38 -77.00
CA LEU H 287 64.72 -26.40 -77.14
C LEU H 287 64.30 -25.23 -78.01
N ARG H 288 63.57 -25.50 -79.10
CA ARG H 288 63.25 -24.47 -80.07
C ARG H 288 61.76 -24.12 -80.02
N ASP H 289 60.86 -25.05 -80.37
CA ASP H 289 59.49 -24.66 -80.72
C ASP H 289 58.75 -24.09 -79.53
N THR H 290 58.74 -24.82 -78.40
CA THR H 290 58.04 -24.32 -77.23
C THR H 290 58.69 -23.05 -76.70
N ALA H 291 60.02 -23.01 -76.71
CA ALA H 291 60.73 -21.85 -76.21
C ALA H 291 60.40 -20.61 -77.03
N VAL H 292 60.47 -20.71 -78.36
CA VAL H 292 60.15 -19.55 -79.20
C VAL H 292 58.69 -19.17 -79.05
N ARG H 293 57.80 -20.17 -78.94
CA ARG H 293 56.37 -19.88 -78.76
C ARG H 293 56.13 -19.06 -77.51
N LEU H 294 56.90 -19.34 -76.44
CA LEU H 294 56.74 -18.61 -75.21
C LEU H 294 57.52 -17.30 -75.17
N SER H 295 58.57 -17.17 -76.00
CA SER H 295 59.39 -15.97 -75.97
C SER H 295 58.69 -14.75 -76.55
N GLU H 296 57.63 -14.92 -77.32
CA GLU H 296 57.03 -13.75 -77.93
C GLU H 296 56.28 -12.92 -76.90
N LEU H 297 55.92 -13.52 -75.75
CA LEU H 297 55.42 -12.73 -74.63
C LEU H 297 56.50 -11.76 -74.17
N GLY H 298 57.74 -12.20 -74.13
CA GLY H 298 58.84 -11.34 -73.76
C GLY H 298 59.09 -10.30 -74.83
N TRP H 299 58.92 -10.68 -76.09
CA TRP H 299 59.07 -9.74 -77.19
C TRP H 299 58.00 -8.64 -77.13
N LEU H 300 56.76 -9.02 -76.82
CA LEU H 300 55.71 -8.02 -76.62
C LEU H 300 56.04 -7.14 -75.43
N HIS H 301 56.63 -7.73 -74.39
CA HIS H 301 57.04 -6.95 -73.24
C HIS H 301 58.14 -5.96 -73.65
N ASN H 302 59.04 -6.39 -74.53
CA ASN H 302 60.09 -5.50 -75.00
C ASN H 302 59.49 -4.32 -75.75
N LYS H 303 58.49 -4.57 -76.59
CA LYS H 303 57.86 -3.47 -77.32
C LYS H 303 57.15 -2.50 -76.38
N ILE H 304 56.29 -3.03 -75.49
CA ILE H 304 55.51 -2.17 -74.60
C ILE H 304 56.45 -1.38 -73.67
N ARG H 305 57.49 -2.03 -73.16
CA ARG H 305 58.34 -1.35 -72.19
C ARG H 305 59.36 -0.46 -72.86
N ARG H 306 59.81 -0.77 -74.07
CA ARG H 306 60.63 0.19 -74.81
C ARG H 306 59.84 1.46 -75.05
N TYR H 307 58.56 1.31 -75.42
CA TYR H 307 57.78 2.52 -75.65
C TYR H 307 57.62 3.32 -74.37
N THR H 308 57.33 2.68 -73.24
CA THR H 308 57.12 3.50 -72.06
C THR H 308 58.43 4.02 -71.48
N ASP H 309 59.56 3.33 -71.72
CA ASP H 309 60.86 3.84 -71.29
C ASP H 309 61.31 5.04 -72.10
N GLN H 310 60.92 5.14 -73.37
CA GLN H 310 61.29 6.30 -74.17
C GLN H 310 60.32 7.46 -74.04
N ARG H 311 59.03 7.18 -73.94
CA ARG H 311 58.04 8.25 -73.81
C ARG H 311 58.20 9.05 -72.53
N SER H 312 58.30 8.37 -71.38
CA SER H 312 58.43 9.04 -70.08
C SER H 312 59.61 10.00 -70.05
N LEU H 313 60.63 9.72 -70.86
CA LEU H 313 61.82 10.55 -71.01
C LEU H 313 61.62 11.72 -71.98
N ASP H 314 60.37 12.13 -72.22
CA ASP H 314 60.10 13.24 -73.14
C ASP H 314 58.78 13.87 -72.76
N ARG H 315 58.82 15.12 -72.27
CA ARG H 315 57.60 15.81 -71.88
C ARG H 315 56.76 16.18 -73.11
N SER H 316 57.38 16.24 -74.30
CA SER H 316 56.67 16.48 -75.54
C SER H 316 55.73 15.35 -75.92
N PHE H 317 55.84 14.21 -75.23
CA PHE H 317 55.01 13.05 -75.51
C PHE H 317 53.52 13.39 -75.35
N GLY H 318 53.19 14.32 -74.47
CA GLY H 318 51.84 14.80 -74.26
C GLY H 318 51.34 14.49 -72.85
N LEU H 319 50.47 15.34 -72.34
CA LEU H 319 49.94 15.15 -70.99
C LEU H 319 48.98 13.95 -70.94
N VAL H 320 48.01 13.89 -71.84
CA VAL H 320 47.19 12.68 -71.94
C VAL H 320 48.02 11.51 -72.39
N GLY H 321 49.06 11.75 -73.17
CA GLY H 321 49.99 10.71 -73.50
C GLY H 321 50.58 10.08 -72.26
N GLN H 322 51.13 10.91 -71.37
CA GLN H 322 51.72 10.40 -70.14
C GLN H 322 50.68 9.69 -69.29
N SER H 323 49.43 10.14 -69.34
CA SER H 323 48.37 9.39 -68.68
C SER H 323 48.24 7.99 -69.29
N PHE H 324 48.37 7.89 -70.61
CA PHE H 324 48.35 6.58 -71.27
C PHE H 324 49.56 5.75 -70.88
N CYS H 325 50.72 6.38 -70.75
CA CYS H 325 51.95 5.64 -70.44
C CYS H 325 52.03 5.24 -68.98
N ALA H 326 51.22 5.86 -68.12
CA ALA H 326 51.07 5.43 -66.74
C ALA H 326 49.90 4.49 -66.54
N ALA H 327 48.94 4.49 -67.46
CA ALA H 327 47.93 3.42 -67.51
C ALA H 327 48.52 2.14 -68.10
N LEU H 328 49.51 2.28 -68.98
CA LEU H 328 50.20 1.16 -69.59
C LEU H 328 51.19 0.50 -68.64
N HIS H 329 51.44 1.12 -67.49
CA HIS H 329 52.25 0.53 -66.43
C HIS H 329 51.41 -0.20 -65.39
N GLN H 330 50.18 0.26 -65.16
CA GLN H 330 49.29 -0.46 -64.26
C GLN H 330 49.04 -1.87 -64.76
N GLU H 331 48.96 -2.04 -66.08
CA GLU H 331 48.73 -3.35 -66.67
C GLU H 331 50.03 -4.11 -66.91
N LEU H 332 51.17 -3.54 -66.56
CA LEU H 332 52.45 -4.22 -66.62
C LEU H 332 52.92 -4.67 -65.23
N ARG H 333 52.53 -3.93 -64.19
CA ARG H 333 52.83 -4.38 -62.83
C ARG H 333 52.16 -5.71 -62.54
N GLU H 334 50.89 -5.86 -62.95
CA GLU H 334 50.20 -7.12 -62.72
C GLU H 334 50.82 -8.24 -63.54
N TYR H 335 51.34 -7.92 -64.72
CA TYR H 335 52.14 -8.90 -65.46
C TYR H 335 53.34 -9.36 -64.65
N TYR H 336 54.04 -8.41 -64.01
CA TYR H 336 55.16 -8.81 -63.15
C TYR H 336 54.69 -9.61 -61.94
N ARG H 337 53.50 -9.29 -61.42
CA ARG H 337 52.94 -10.07 -60.31
C ARG H 337 52.71 -11.51 -60.73
N LEU H 338 52.18 -11.71 -61.92
CA LEU H 338 52.01 -13.06 -62.43
C LEU H 338 53.37 -13.74 -62.57
N LEU H 339 54.38 -13.00 -63.04
CA LEU H 339 55.72 -13.57 -63.13
C LEU H 339 56.25 -13.98 -61.75
N SER H 340 55.95 -13.18 -60.73
CA SER H 340 56.36 -13.52 -59.37
C SER H 340 55.74 -14.83 -58.93
N VAL H 341 54.45 -15.02 -59.22
CA VAL H 341 53.80 -16.30 -58.89
C VAL H 341 54.45 -17.44 -59.67
N LEU H 342 54.75 -17.21 -60.94
CA LEU H 342 55.42 -18.22 -61.76
C LEU H 342 56.74 -18.63 -61.13
N HIS H 343 57.51 -17.65 -60.64
CA HIS H 343 58.75 -17.98 -59.97
C HIS H 343 58.50 -18.74 -58.69
N SER H 344 57.47 -18.34 -57.94
CA SER H 344 57.24 -18.93 -56.62
C SER H 344 56.97 -20.42 -56.73
N GLN H 345 56.24 -20.84 -57.76
CA GLN H 345 55.94 -22.26 -57.90
C GLN H 345 57.03 -23.06 -58.62
N LEU H 346 58.19 -22.45 -58.91
CA LEU H 346 59.23 -23.18 -59.65
C LEU H 346 59.75 -24.39 -58.89
N GLN H 347 59.79 -24.33 -57.56
CA GLN H 347 60.19 -25.48 -56.74
C GLN H 347 59.22 -25.66 -55.58
N LEU H 362 56.55 -26.23 -61.51
CA LEU H 362 55.62 -25.45 -62.31
C LEU H 362 56.02 -25.52 -63.78
N THR H 363 55.57 -26.57 -64.46
CA THR H 363 55.74 -26.72 -65.91
C THR H 363 54.37 -27.14 -66.46
N LEU H 364 53.48 -26.16 -66.65
CA LEU H 364 52.13 -26.42 -67.20
C LEU H 364 52.19 -26.38 -68.72
N ARG H 365 52.58 -27.53 -69.27
CA ARG H 365 53.05 -27.62 -70.63
C ARG H 365 54.07 -26.50 -70.88
N ARG H 366 55.02 -26.39 -69.95
CA ARG H 366 56.03 -25.35 -69.97
C ARG H 366 55.37 -23.97 -69.93
N LEU H 367 54.40 -23.83 -69.03
CA LEU H 367 53.76 -22.59 -68.62
C LEU H 367 52.75 -22.10 -69.64
N LEU H 368 52.49 -22.83 -70.72
CA LEU H 368 51.61 -22.28 -71.76
C LEU H 368 50.20 -22.08 -71.24
N VAL H 369 49.77 -22.88 -70.27
CA VAL H 369 48.49 -22.62 -69.60
C VAL H 369 48.49 -21.24 -68.96
N TRP H 370 49.45 -20.98 -68.07
CA TRP H 370 49.48 -19.69 -67.39
C TRP H 370 49.73 -18.55 -68.35
N THR H 371 50.46 -18.80 -69.44
CA THR H 371 50.74 -17.72 -70.40
C THR H 371 49.59 -17.50 -71.37
N TYR H 372 48.59 -18.38 -71.40
CA TYR H 372 47.55 -18.25 -72.43
C TYR H 372 46.63 -17.06 -72.15
N ASP H 373 46.29 -16.79 -70.89
CA ASP H 373 45.47 -15.62 -70.60
C ASP H 373 46.28 -14.33 -70.75
N PRO H 374 47.53 -14.24 -70.28
CA PRO H 374 48.50 -13.34 -70.89
C PRO H 374 48.80 -13.79 -72.31
N LYS H 375 49.70 -13.09 -72.98
CA LYS H 375 49.96 -13.23 -74.42
C LYS H 375 48.73 -12.73 -75.20
N ILE H 376 47.71 -12.19 -74.50
CA ILE H 376 46.50 -11.64 -75.07
C ILE H 376 46.29 -10.21 -74.58
N ARG H 377 46.42 -10.01 -73.26
CA ARG H 377 46.65 -8.69 -72.71
C ARG H 377 47.85 -8.06 -73.39
N LEU H 378 48.95 -8.80 -73.50
CA LEU H 378 50.16 -8.23 -74.09
C LEU H 378 50.03 -8.04 -75.60
N LYS H 379 49.32 -8.92 -76.30
CA LYS H 379 49.11 -8.70 -77.72
C LYS H 379 48.28 -7.44 -77.95
N THR H 380 47.22 -7.27 -77.15
CA THR H 380 46.40 -6.07 -77.23
C THR H 380 47.23 -4.84 -76.90
N LEU H 381 48.07 -4.94 -75.87
CA LEU H 381 48.88 -3.83 -75.40
C LEU H 381 50.13 -3.61 -76.22
N ALA H 382 50.42 -4.47 -77.19
CA ALA H 382 51.43 -4.21 -78.20
C ALA H 382 50.83 -3.72 -79.50
N ALA H 383 49.52 -3.92 -79.70
CA ALA H 383 48.82 -3.32 -80.82
C ALA H 383 48.40 -1.89 -80.51
N LEU H 384 47.91 -1.64 -79.29
CA LEU H 384 47.67 -0.28 -78.85
C LEU H 384 48.96 0.55 -78.82
N VAL H 385 50.12 -0.08 -78.66
CA VAL H 385 51.40 0.63 -78.55
C VAL H 385 52.18 0.61 -79.86
N ASP H 386 51.54 0.21 -80.97
CA ASP H 386 52.13 0.39 -82.30
C ASP H 386 51.18 1.10 -83.24
N HIS H 387 49.88 0.82 -83.17
CA HIS H 387 48.92 1.60 -83.95
C HIS H 387 48.87 3.03 -83.43
N CYS H 388 49.02 3.21 -82.12
CA CYS H 388 49.10 4.53 -81.52
C CYS H 388 50.55 5.04 -81.48
N GLN H 389 51.16 5.12 -82.65
CA GLN H 389 52.53 5.61 -82.81
C GLN H 389 52.51 6.92 -83.57
N GLY H 390 53.19 7.93 -83.02
CA GLY H 390 53.26 9.25 -83.63
C GLY H 390 52.08 10.14 -83.33
N ARG H 391 51.10 9.67 -82.56
CA ARG H 391 49.87 10.41 -82.27
C ARG H 391 50.07 11.11 -80.92
N LYS H 392 49.11 11.92 -80.49
CA LYS H 392 49.22 12.64 -79.22
C LYS H 392 47.90 13.35 -78.95
N GLY H 393 47.69 13.76 -77.71
CA GLY H 393 46.49 14.50 -77.37
C GLY H 393 45.23 13.70 -77.60
N GLY H 394 44.10 14.37 -77.80
CA GLY H 394 42.83 13.70 -78.08
C GLY H 394 42.88 12.79 -79.29
N GLU H 395 43.85 13.00 -80.17
CA GLU H 395 44.10 12.08 -81.26
C GLU H 395 44.63 10.74 -80.76
N LEU H 396 45.02 10.65 -79.49
CA LEU H 396 45.40 9.40 -78.84
C LEU H 396 44.25 8.75 -78.05
N ALA H 397 43.40 9.56 -77.42
CA ALA H 397 42.17 9.05 -76.84
C ALA H 397 41.12 8.74 -77.91
N SER H 398 41.46 8.96 -79.18
CA SER H 398 40.74 8.42 -80.31
C SER H 398 41.32 7.11 -80.82
N ALA H 399 42.64 6.95 -80.78
CA ALA H 399 43.24 5.69 -81.23
C ALA H 399 43.17 4.60 -80.18
N VAL H 400 42.94 4.95 -78.91
CA VAL H 400 42.62 3.95 -77.91
C VAL H 400 41.12 3.64 -77.91
N HIS H 401 40.28 4.58 -78.35
CA HIS H 401 38.89 4.29 -78.64
C HIS H 401 38.69 3.53 -79.94
N ALA H 402 39.71 3.48 -80.78
CA ALA H 402 39.65 2.64 -81.97
C ALA H 402 39.68 1.15 -81.64
N TYR H 403 39.96 0.77 -80.38
CA TYR H 403 40.15 -0.62 -80.01
C TYR H 403 39.08 -1.12 -79.04
N THR H 404 38.03 -0.33 -78.79
CA THR H 404 36.88 -0.75 -78.01
C THR H 404 35.73 -1.16 -78.92
N LYS H 405 36.09 -1.84 -80.00
CA LYS H 405 35.17 -2.25 -81.05
C LYS H 405 35.44 -3.72 -81.37
N THR H 406 35.55 -4.52 -80.33
CA THR H 406 36.00 -5.91 -80.43
C THR H 406 34.98 -6.78 -79.72
N GLY H 407 34.42 -7.76 -80.43
CA GLY H 407 33.45 -8.65 -79.82
C GLY H 407 34.00 -9.41 -78.63
N ASP H 408 35.27 -9.80 -78.69
CA ASP H 408 35.97 -10.45 -77.60
C ASP H 408 35.81 -9.64 -76.32
N PRO H 409 35.04 -10.08 -75.31
CA PRO H 409 34.87 -9.24 -74.12
C PRO H 409 36.13 -9.07 -73.30
N TYR H 410 37.17 -9.87 -73.53
CA TYR H 410 38.41 -9.70 -72.77
C TYR H 410 39.16 -8.46 -73.27
N MET H 411 39.25 -8.31 -74.59
CA MET H 411 39.86 -7.11 -75.16
C MET H 411 39.01 -5.87 -74.89
N ARG H 412 37.68 -6.01 -75.02
CA ARG H 412 36.80 -4.89 -74.76
C ARG H 412 36.91 -4.46 -73.31
N SER H 413 37.00 -5.43 -72.40
CA SER H 413 37.09 -5.14 -70.98
C SER H 413 38.46 -4.68 -70.55
N LEU H 414 39.50 -4.96 -71.35
CA LEU H 414 40.81 -4.39 -71.07
C LEU H 414 40.86 -2.92 -71.48
N VAL H 415 40.47 -2.63 -72.73
CA VAL H 415 40.72 -1.30 -73.24
C VAL H 415 39.59 -0.32 -72.95
N GLN H 416 38.46 -0.78 -72.43
CA GLN H 416 37.49 0.16 -71.87
C GLN H 416 37.90 0.63 -70.48
N HIS H 417 38.91 -0.01 -69.88
CA HIS H 417 39.57 0.46 -68.68
C HIS H 417 40.78 1.31 -69.01
N ILE H 418 41.58 0.87 -69.98
CA ILE H 418 42.71 1.69 -70.41
C ILE H 418 42.20 3.03 -70.94
N LEU H 419 41.12 3.02 -71.72
CA LEU H 419 40.55 4.26 -72.21
C LEU H 419 39.96 5.08 -71.09
N SER H 420 39.47 4.44 -70.03
CA SER H 420 38.93 5.21 -68.92
C SER H 420 40.03 5.93 -68.17
N LEU H 421 41.23 5.33 -68.11
CA LEU H 421 42.38 6.05 -67.57
C LEU H 421 42.84 7.16 -68.51
N VAL H 422 42.98 6.84 -69.81
CA VAL H 422 43.52 7.81 -70.76
C VAL H 422 42.64 9.03 -70.85
N SER H 423 41.32 8.85 -70.88
CA SER H 423 40.39 9.95 -71.13
C SER H 423 39.94 10.63 -69.85
N HIS H 424 40.73 10.53 -68.79
CA HIS H 424 40.53 11.35 -67.61
C HIS H 424 41.09 12.76 -67.83
N PRO H 425 42.36 12.92 -68.26
CA PRO H 425 42.84 14.27 -68.59
C PRO H 425 41.96 15.00 -69.62
N VAL H 426 41.50 14.30 -70.66
CA VAL H 426 40.70 14.96 -71.69
C VAL H 426 39.28 15.28 -71.24
N LEU H 427 38.81 14.65 -70.16
CA LEU H 427 37.54 14.99 -69.55
C LEU H 427 37.72 15.78 -68.26
N SER H 428 38.95 16.19 -67.96
CA SER H 428 39.21 17.25 -67.00
C SER H 428 39.49 18.57 -67.70
N PHE H 429 40.20 18.53 -68.83
CA PHE H 429 40.34 19.71 -69.66
C PHE H 429 38.98 20.25 -70.02
N LEU H 430 38.09 19.36 -70.45
CA LEU H 430 36.77 19.73 -70.91
C LEU H 430 35.83 20.04 -69.76
N TYR H 431 36.27 19.84 -68.51
CA TYR H 431 35.43 20.09 -67.35
C TYR H 431 35.87 21.34 -66.61
N ARG H 432 37.11 21.80 -66.84
CA ARG H 432 37.54 23.15 -66.49
C ARG H 432 37.50 24.09 -67.68
N TRP H 433 37.43 23.55 -68.91
CA TRP H 433 37.21 24.38 -70.08
C TRP H 433 35.79 24.92 -70.09
N ILE H 434 34.86 24.25 -69.40
CA ILE H 434 33.43 24.59 -69.44
C ILE H 434 33.00 25.33 -68.18
N TYR H 435 33.01 24.66 -67.04
CA TYR H 435 32.31 25.19 -65.87
C TYR H 435 33.04 26.37 -65.25
N ASP H 436 34.35 26.49 -65.45
CA ASP H 436 35.13 27.59 -64.91
C ASP H 436 35.79 28.46 -65.97
N GLY H 437 36.27 27.88 -67.06
CA GLY H 437 36.88 28.64 -68.14
C GLY H 437 38.38 28.64 -68.02
N GLU H 438 39.05 27.74 -68.73
CA GLU H 438 40.50 27.65 -68.68
C GLU H 438 40.98 26.81 -69.84
N LEU H 439 42.09 27.22 -70.46
CA LEU H 439 42.73 26.46 -71.52
C LEU H 439 44.23 26.45 -71.21
N GLU H 440 44.63 25.50 -70.38
CA GLU H 440 46.03 25.35 -69.98
C GLU H 440 46.51 24.04 -70.58
N ASP H 441 47.22 24.16 -71.70
CA ASP H 441 47.91 23.01 -72.27
C ASP H 441 49.12 23.56 -73.04
N THR H 442 50.30 23.46 -72.43
CA THR H 442 51.52 23.84 -73.10
C THR H 442 51.78 22.99 -74.35
N TYR H 443 51.13 21.84 -74.46
CA TYR H 443 51.28 20.95 -75.61
C TYR H 443 50.00 21.01 -76.44
N HIS H 444 50.09 20.48 -77.66
CA HIS H 444 49.00 20.54 -78.63
C HIS H 444 48.04 19.37 -78.44
N GLU H 445 47.23 19.48 -77.38
CA GLU H 445 46.35 18.38 -76.96
C GLU H 445 44.86 18.71 -77.08
N PHE H 446 44.37 19.71 -76.37
CA PHE H 446 42.92 19.94 -76.34
C PHE H 446 42.44 20.42 -77.70
N PHE H 447 41.19 20.09 -78.03
CA PHE H 447 40.71 20.36 -79.39
C PHE H 447 40.63 21.85 -79.66
N VAL H 448 40.21 22.66 -78.69
CA VAL H 448 40.35 24.10 -78.83
C VAL H 448 41.83 24.45 -78.79
N ALA H 449 42.22 25.46 -79.57
CA ALA H 449 43.60 25.94 -79.53
C ALA H 449 43.56 27.46 -79.67
N SER H 450 43.67 28.14 -78.53
CA SER H 450 43.55 29.59 -78.54
C SER H 450 44.78 30.24 -79.14
N ASP H 451 44.57 31.34 -79.86
CA ASP H 451 45.65 32.09 -80.50
C ASP H 451 46.04 33.29 -79.65
N PRO H 452 47.32 33.44 -79.22
CA PRO H 452 47.68 34.65 -78.45
C PRO H 452 47.80 35.88 -79.33
N THR H 453 48.30 36.98 -78.77
CA THR H 453 48.40 38.28 -79.45
C THR H 453 47.02 38.86 -79.73
N VAL H 454 46.07 38.59 -78.85
CA VAL H 454 44.73 39.15 -78.96
C VAL H 454 44.30 39.64 -77.58
N LYS H 455 44.51 40.92 -77.32
CA LYS H 455 44.04 41.59 -76.11
C LYS H 455 42.85 42.49 -76.39
N THR H 456 42.34 42.48 -77.62
CA THR H 456 41.37 43.42 -78.15
C THR H 456 39.99 42.77 -78.17
N ASP H 457 39.05 43.40 -78.88
CA ASP H 457 37.74 42.84 -79.17
C ASP H 457 37.76 41.62 -80.07
N ARG H 458 38.91 41.20 -80.56
CA ARG H 458 39.01 40.08 -81.50
C ARG H 458 39.15 38.73 -80.82
N LEU H 459 38.92 38.64 -79.50
CA LEU H 459 38.88 37.33 -78.88
C LEU H 459 37.70 36.53 -79.41
N TRP H 460 36.59 37.22 -79.67
CA TRP H 460 35.38 36.54 -80.10
C TRP H 460 35.55 35.98 -81.50
N HIS H 461 36.20 36.73 -82.39
CA HIS H 461 36.24 36.45 -83.81
C HIS H 461 37.52 35.71 -84.20
N ASP H 462 38.57 35.88 -83.41
CA ASP H 462 39.83 35.18 -83.54
C ASP H 462 40.07 34.58 -82.16
N LYS H 463 41.31 34.18 -81.89
CA LYS H 463 41.75 33.75 -80.57
C LYS H 463 41.26 32.37 -80.15
N TYR H 464 40.34 31.76 -80.89
CA TYR H 464 39.84 30.43 -80.57
C TYR H 464 39.54 29.70 -81.86
N THR H 465 40.08 28.48 -81.98
CA THR H 465 39.87 27.68 -83.18
C THR H 465 39.74 26.23 -82.77
N LEU H 466 38.72 25.57 -83.32
CA LEU H 466 38.44 24.16 -83.06
C LEU H 466 39.35 23.35 -83.98
N ARG H 467 40.57 23.06 -83.50
CA ARG H 467 41.50 22.29 -84.30
C ARG H 467 40.90 20.91 -84.57
N LYS H 468 40.76 20.56 -85.85
CA LYS H 468 39.99 19.40 -86.26
C LYS H 468 40.84 18.12 -86.27
N SER H 469 42.04 18.16 -85.70
CA SER H 469 42.88 16.98 -85.51
C SER H 469 42.79 16.41 -84.10
N MET H 470 42.66 17.28 -83.10
CA MET H 470 42.61 16.89 -81.69
C MET H 470 41.19 16.64 -81.18
N ILE H 471 40.19 16.59 -82.05
CA ILE H 471 38.83 16.33 -81.58
C ILE H 471 38.71 14.84 -81.28
N PRO H 472 38.35 14.42 -80.06
CA PRO H 472 38.34 12.98 -79.78
C PRO H 472 37.24 12.26 -80.53
N SER H 473 37.49 10.97 -80.79
CA SER H 473 36.57 10.19 -81.62
C SER H 473 35.20 10.05 -80.98
N PHE H 474 35.13 10.00 -79.65
CA PHE H 474 33.86 9.67 -79.02
C PHE H 474 32.92 10.87 -78.94
N MET H 475 33.30 12.04 -79.43
CA MET H 475 32.39 13.15 -79.65
C MET H 475 32.39 13.53 -81.13
N THR H 476 31.22 13.87 -81.64
CA THR H 476 31.09 14.34 -83.01
C THR H 476 31.17 15.86 -83.10
N MET H 477 31.10 16.33 -84.35
CA MET H 477 31.31 17.75 -84.63
C MET H 477 30.29 18.63 -83.93
N ASP H 478 29.01 18.27 -83.99
CA ASP H 478 28.03 19.15 -83.36
C ASP H 478 28.24 19.19 -81.86
N GLN H 479 28.71 18.09 -81.26
CA GLN H 479 29.06 18.13 -79.86
C GLN H 479 30.20 19.11 -79.58
N SER H 480 31.23 19.13 -80.43
CA SER H 480 32.40 19.97 -80.13
C SER H 480 32.24 21.43 -80.54
N ARG H 481 31.41 21.72 -81.56
CA ARG H 481 31.08 23.10 -81.89
C ARG H 481 30.43 23.80 -80.73
N LYS H 482 29.63 23.07 -79.94
CA LYS H 482 29.05 23.70 -78.77
C LYS H 482 30.13 23.95 -77.73
N VAL H 483 31.05 23.00 -77.54
CA VAL H 483 32.04 23.10 -76.47
C VAL H 483 32.95 24.31 -76.68
N LEU H 484 33.38 24.56 -77.92
CA LEU H 484 34.22 25.73 -78.15
C LEU H 484 33.47 27.01 -77.77
N LEU H 485 32.22 27.14 -78.22
CA LEU H 485 31.40 28.29 -77.85
C LEU H 485 31.25 28.39 -76.33
N ILE H 486 31.13 27.25 -75.67
CA ILE H 486 30.86 27.21 -74.24
C ILE H 486 32.06 27.74 -73.46
N GLY H 487 33.20 27.08 -73.65
CA GLY H 487 34.38 27.47 -72.92
C GLY H 487 34.82 28.87 -73.26
N LYS H 488 34.70 29.24 -74.54
CA LYS H 488 34.95 30.61 -74.97
C LYS H 488 34.03 31.61 -74.29
N SER H 489 32.75 31.26 -74.10
CA SER H 489 31.81 32.19 -73.48
C SER H 489 32.09 32.37 -72.00
N ILE H 490 32.73 31.40 -71.35
CA ILE H 490 33.14 31.62 -69.96
C ILE H 490 34.52 32.30 -69.87
N ASN H 491 35.43 31.98 -70.81
CA ASN H 491 36.69 32.71 -70.88
C ASN H 491 36.46 34.19 -71.08
N PHE H 492 35.58 34.56 -72.01
CA PHE H 492 35.32 35.98 -72.25
C PHE H 492 34.78 36.67 -71.01
N LEU H 493 34.03 35.94 -70.18
CA LEU H 493 33.57 36.50 -68.93
C LEU H 493 34.75 36.78 -67.99
N HIS H 494 35.71 35.84 -67.89
CA HIS H 494 36.83 36.06 -66.96
C HIS H 494 37.91 36.97 -67.51
N GLN H 495 38.12 36.99 -68.82
CA GLN H 495 39.19 37.73 -69.47
C GLN H 495 38.55 38.70 -70.44
N VAL H 496 39.07 39.94 -70.47
CA VAL H 496 38.48 41.12 -71.11
C VAL H 496 37.29 41.61 -70.29
N CYS H 497 36.26 40.78 -70.08
CA CYS H 497 35.20 41.20 -69.14
C CYS H 497 35.72 41.32 -67.71
N HIS H 498 36.59 40.40 -67.27
CA HIS H 498 37.20 40.46 -65.94
C HIS H 498 36.15 40.45 -64.84
N ASP H 499 35.16 39.58 -64.98
CA ASP H 499 34.26 39.22 -63.90
C ASP H 499 34.66 37.83 -63.42
N GLN H 500 34.64 37.62 -62.10
CA GLN H 500 34.88 36.31 -61.51
C GLN H 500 33.78 35.97 -60.51
N THR H 501 32.68 35.43 -61.02
CA THR H 501 31.65 34.81 -60.19
C THR H 501 31.13 33.51 -60.82
N PRO H 502 31.97 32.44 -60.88
CA PRO H 502 31.37 31.17 -61.35
C PRO H 502 30.46 30.46 -60.35
N THR H 503 29.22 30.93 -60.24
CA THR H 503 28.20 30.31 -59.40
C THR H 503 27.16 29.65 -60.30
N THR H 504 27.11 28.32 -60.26
CA THR H 504 26.19 27.55 -61.07
C THR H 504 26.03 26.17 -60.45
N LYS H 505 25.03 25.45 -60.92
CA LYS H 505 24.75 24.11 -60.41
C LYS H 505 23.89 23.30 -61.37
N THR H 524 27.81 5.51 -77.52
CA THR H 524 27.96 6.12 -76.19
C THR H 524 29.27 6.88 -76.09
N ASP H 525 29.19 8.21 -76.12
CA ASP H 525 30.39 9.04 -76.03
C ASP H 525 31.11 8.79 -74.71
N LEU H 526 30.38 8.93 -73.60
CA LEU H 526 30.86 8.69 -72.25
C LEU H 526 29.76 7.95 -71.50
N GLU H 527 29.21 6.90 -72.12
CA GLU H 527 27.94 6.30 -71.71
C GLU H 527 26.81 7.31 -71.87
N ASN H 528 26.88 8.11 -72.94
CA ASN H 528 25.89 9.14 -73.24
C ASN H 528 25.76 10.12 -72.08
N ALA H 529 26.91 10.56 -71.58
CA ALA H 529 26.98 11.46 -70.42
C ALA H 529 27.05 12.92 -70.83
N PHE H 530 27.77 13.21 -71.91
CA PHE H 530 28.09 14.60 -72.27
C PHE H 530 26.82 15.39 -72.55
N GLN H 531 25.95 14.86 -73.42
CA GLN H 531 24.87 15.64 -74.00
C GLN H 531 23.94 16.23 -72.96
N GLY H 532 23.59 15.45 -71.94
CA GLY H 532 22.65 15.93 -70.93
C GLY H 532 23.17 17.15 -70.19
N LYS H 533 24.43 17.10 -69.75
CA LYS H 533 24.99 18.23 -69.02
C LYS H 533 25.36 19.38 -69.95
N ILE H 534 25.69 19.09 -71.21
CA ILE H 534 26.19 20.15 -72.10
C ILE H 534 25.10 21.15 -72.43
N ASP H 535 23.87 20.69 -72.64
CA ASP H 535 22.79 21.62 -72.96
C ASP H 535 22.44 22.51 -71.77
N ALA H 536 22.44 21.95 -70.56
CA ALA H 536 22.24 22.78 -69.38
C ALA H 536 23.37 23.80 -69.25
N ALA H 537 24.61 23.34 -69.46
CA ALA H 537 25.74 24.26 -69.48
C ALA H 537 25.57 25.33 -70.53
N TYR H 538 24.97 24.99 -71.68
CA TYR H 538 24.76 25.96 -72.74
C TYR H 538 23.81 27.05 -72.29
N PHE H 539 22.65 26.65 -71.77
CA PHE H 539 21.69 27.62 -71.26
C PHE H 539 22.21 28.38 -70.05
N GLU H 540 23.27 27.90 -69.41
CA GLU H 540 23.94 28.62 -68.33
C GLU H 540 25.29 29.20 -68.77
N THR H 541 25.63 29.15 -70.05
CA THR H 541 26.89 29.69 -70.55
C THR H 541 26.68 30.82 -71.55
N SER H 542 26.03 30.52 -72.69
CA SER H 542 25.80 31.59 -73.67
C SER H 542 24.71 32.55 -73.19
N LYS H 543 23.58 31.99 -72.74
CA LYS H 543 22.52 32.78 -72.12
C LYS H 543 23.04 33.52 -70.90
N TYR H 544 23.88 32.87 -70.12
CA TYR H 544 24.45 33.50 -68.93
C TYR H 544 25.38 34.65 -69.31
N LEU H 545 26.14 34.49 -70.38
CA LEU H 545 27.00 35.55 -70.85
C LEU H 545 26.18 36.75 -71.29
N LEU H 546 25.04 36.50 -71.94
CA LEU H 546 24.11 37.60 -72.21
C LEU H 546 23.71 38.25 -70.89
N ASP H 547 23.28 37.43 -69.94
CA ASP H 547 22.79 37.94 -68.67
C ASP H 547 23.82 38.80 -67.93
N VAL H 548 25.11 38.53 -68.12
CA VAL H 548 26.14 39.29 -67.41
C VAL H 548 26.56 40.52 -68.21
N LEU H 549 26.69 40.43 -69.54
CA LEU H 549 26.93 41.64 -70.32
C LEU H 549 25.79 42.63 -70.21
N ASN H 550 24.55 42.13 -70.11
CA ASN H 550 23.39 43.01 -70.02
C ASN H 550 23.50 43.93 -68.80
N LYS H 551 23.97 43.42 -67.67
CA LYS H 551 24.05 44.20 -66.44
C LYS H 551 25.43 44.82 -66.20
N LYS H 552 26.48 44.00 -66.08
CA LYS H 552 27.82 44.51 -65.81
C LYS H 552 28.26 45.61 -66.76
N TYR H 553 28.42 45.29 -68.05
CA TYR H 553 28.97 46.23 -69.02
C TYR H 553 27.92 46.71 -70.02
N SER H 554 26.66 46.33 -69.83
CA SER H 554 25.50 46.94 -70.49
C SER H 554 25.63 47.07 -72.01
N LEU H 555 25.69 45.94 -72.72
CA LEU H 555 25.58 45.98 -74.16
C LEU H 555 24.26 46.60 -74.59
N LEU H 556 23.20 46.35 -73.82
CA LEU H 556 21.87 46.87 -74.15
C LEU H 556 21.88 48.39 -74.22
N ASP H 557 22.43 49.05 -73.20
CA ASP H 557 22.35 50.51 -73.15
C ASP H 557 23.28 51.15 -74.17
N HIS H 558 24.44 50.54 -74.45
CA HIS H 558 25.31 51.07 -75.49
C HIS H 558 24.64 50.98 -76.86
N MET H 559 24.06 49.82 -77.17
CA MET H 559 23.39 49.72 -78.45
C MET H 559 22.12 50.59 -78.48
N GLN H 560 21.56 50.89 -77.31
CA GLN H 560 20.36 51.72 -77.23
C GLN H 560 20.67 53.20 -77.47
N ALA H 561 21.80 53.70 -76.95
CA ALA H 561 22.17 55.10 -77.10
C ALA H 561 23.06 55.35 -78.32
N MET H 562 23.53 54.30 -78.99
CA MET H 562 24.37 54.51 -80.15
C MET H 562 23.56 55.11 -81.29
N ARG H 563 22.30 54.69 -81.42
CA ARG H 563 21.42 55.37 -82.36
C ARG H 563 21.21 56.83 -81.97
N ARG H 564 20.98 57.07 -80.67
CA ARG H 564 20.57 58.39 -80.21
C ARG H 564 21.67 59.43 -80.45
N TYR H 565 22.93 59.00 -80.34
CA TYR H 565 24.06 59.92 -80.55
C TYR H 565 24.77 59.76 -81.88
N LEU H 566 25.18 58.57 -82.30
CA LEU H 566 25.98 58.47 -83.51
C LEU H 566 25.14 58.30 -84.78
N LEU H 567 23.87 57.92 -84.66
CA LEU H 567 22.94 57.89 -85.78
C LEU H 567 21.92 59.03 -85.71
N LEU H 568 22.20 60.07 -84.93
CA LEU H 568 21.38 61.27 -84.87
C LEU H 568 19.97 60.99 -84.32
N GLY H 569 19.81 59.92 -83.52
CA GLY H 569 18.50 59.63 -82.94
C GLY H 569 17.97 60.70 -82.02
N GLN H 570 18.84 61.37 -81.29
CA GLN H 570 18.33 62.39 -80.38
C GLN H 570 17.91 63.63 -81.15
N GLY H 571 18.68 64.04 -82.16
CA GLY H 571 18.31 65.13 -83.04
C GLY H 571 18.42 66.50 -82.41
N ASP H 572 17.78 66.68 -81.27
CA ASP H 572 17.99 67.87 -80.45
C ASP H 572 19.47 68.06 -80.17
N PHE H 573 20.16 66.97 -79.84
CA PHE H 573 21.60 67.07 -79.56
C PHE H 573 22.36 67.55 -80.77
N ILE H 574 22.05 66.99 -81.95
CA ILE H 574 22.77 67.39 -83.16
C ILE H 574 22.45 68.84 -83.50
N ARG H 575 21.20 69.26 -83.30
CA ARG H 575 20.84 70.66 -83.51
C ARG H 575 21.67 71.57 -82.63
N HIS H 576 21.74 71.28 -81.34
CA HIS H 576 22.40 72.22 -80.45
C HIS H 576 23.90 72.20 -80.69
N LEU H 577 24.45 71.02 -80.99
CA LEU H 577 25.86 70.91 -81.37
C LEU H 577 26.15 71.75 -82.60
N MET H 578 25.31 71.67 -83.63
CA MET H 578 25.48 72.49 -84.83
C MET H 578 25.38 73.98 -84.51
N ASP H 579 24.37 74.33 -83.71
CA ASP H 579 24.11 75.73 -83.36
C ASP H 579 25.35 76.35 -82.75
N LEU H 580 25.94 75.68 -81.76
CA LEU H 580 27.12 76.29 -81.14
C LEU H 580 28.39 76.06 -81.95
N LEU H 581 28.45 75.03 -82.79
CA LEU H 581 29.68 74.66 -83.48
C LEU H 581 29.72 75.19 -84.91
N LYS H 582 28.82 76.12 -85.27
CA LYS H 582 28.91 76.72 -86.60
C LYS H 582 30.22 77.47 -86.81
N PRO H 583 30.64 78.40 -85.93
CA PRO H 583 31.80 79.26 -86.29
C PRO H 583 33.09 78.51 -86.55
N GLU H 584 33.43 77.57 -85.66
CA GLU H 584 34.71 76.86 -85.77
C GLU H 584 34.75 76.03 -87.04
N LEU H 585 33.62 75.45 -87.43
CA LEU H 585 33.58 74.59 -88.60
C LEU H 585 33.63 75.39 -89.89
N VAL H 586 32.90 76.50 -89.96
CA VAL H 586 32.97 77.33 -91.16
C VAL H 586 34.37 77.92 -91.29
N ARG H 587 35.01 78.21 -90.17
CA ARG H 587 36.42 78.57 -90.22
C ARG H 587 37.20 77.37 -90.74
N PRO H 588 38.28 77.58 -91.52
CA PRO H 588 39.07 76.43 -91.97
C PRO H 588 39.65 75.66 -90.78
N ALA H 589 39.31 74.38 -90.71
CA ALA H 589 39.67 73.57 -89.55
C ALA H 589 41.11 73.10 -89.56
N THR H 590 41.90 73.46 -90.57
CA THR H 590 43.33 73.21 -90.50
C THR H 590 43.97 73.92 -89.32
N THR H 591 43.39 75.06 -88.92
CA THR H 591 43.81 75.76 -87.70
C THR H 591 43.17 75.16 -86.46
N LEU H 592 42.00 74.56 -86.58
CA LEU H 592 41.25 74.07 -85.45
C LEU H 592 41.84 72.77 -84.90
N TYR H 593 41.58 72.51 -83.62
CA TYR H 593 42.08 71.33 -82.95
C TYR H 593 41.03 70.76 -82.00
N GLN H 594 41.23 69.49 -81.63
CA GLN H 594 40.17 68.66 -81.08
C GLN H 594 39.66 69.15 -79.72
N HIS H 595 40.56 69.72 -78.91
CA HIS H 595 40.20 70.07 -77.54
C HIS H 595 39.03 71.06 -77.49
N ASN H 596 39.01 72.02 -78.41
CA ASN H 596 37.91 72.97 -78.46
C ASN H 596 36.59 72.25 -78.76
N LEU H 597 36.63 71.29 -79.69
CA LEU H 597 35.41 70.55 -80.03
C LEU H 597 34.92 69.74 -78.83
N THR H 598 35.85 69.14 -78.10
CA THR H 598 35.48 68.40 -76.89
C THR H 598 34.82 69.31 -75.87
N GLY H 599 35.44 70.48 -75.64
CA GLY H 599 34.91 71.38 -74.64
C GLY H 599 33.53 71.89 -74.98
N ILE H 600 33.30 72.20 -76.25
CA ILE H 600 31.97 72.67 -76.63
C ILE H 600 30.96 71.53 -76.58
N LEU H 601 31.40 70.31 -76.92
CA LEU H 601 30.50 69.17 -76.89
C LEU H 601 29.99 68.92 -75.48
N GLU H 602 30.84 69.12 -74.48
CA GLU H 602 30.41 68.88 -73.10
C GLU H 602 29.19 69.74 -72.75
N THR H 603 29.28 71.04 -73.00
CA THR H 603 28.16 71.91 -72.68
C THR H 603 26.98 71.67 -73.63
N ALA H 604 27.24 71.20 -74.85
CA ALA H 604 26.12 70.81 -75.72
C ALA H 604 25.32 69.68 -75.08
N VAL H 605 26.03 68.68 -74.55
CA VAL H 605 25.37 67.55 -73.90
C VAL H 605 24.62 68.03 -72.66
N ARG H 606 25.19 68.98 -71.93
CA ARG H 606 24.43 69.54 -70.81
C ARG H 606 23.20 70.28 -71.30
N ALA H 607 23.27 70.94 -72.44
CA ALA H 607 22.12 71.72 -72.90
C ALA H 607 20.97 70.81 -73.31
N THR H 608 21.27 69.70 -73.97
CA THR H 608 20.20 68.82 -74.43
C THR H 608 19.75 67.87 -73.33
N ASN H 609 18.72 67.07 -73.63
CA ASN H 609 18.26 66.03 -72.72
C ASN H 609 19.20 64.83 -72.67
N ALA H 610 20.26 64.82 -73.48
CA ALA H 610 21.22 63.72 -73.45
C ALA H 610 21.82 63.52 -72.06
N GLN H 611 21.92 64.59 -71.27
CA GLN H 611 22.49 64.45 -69.93
C GLN H 611 21.72 63.47 -69.07
N PHE H 612 20.42 63.26 -69.35
CA PHE H 612 19.58 62.37 -68.56
C PHE H 612 19.79 60.93 -69.02
N ASP H 613 21.05 60.50 -68.96
CA ASP H 613 21.50 59.18 -69.39
C ASP H 613 22.62 58.76 -68.45
N SER H 614 23.07 57.53 -68.59
CA SER H 614 24.10 57.03 -67.68
C SER H 614 25.47 57.62 -68.04
N PRO H 615 26.27 58.04 -67.04
CA PRO H 615 27.52 58.74 -67.36
C PRO H 615 28.52 57.90 -68.14
N GLU H 616 28.46 56.58 -68.07
CA GLU H 616 29.44 55.78 -68.82
C GLU H 616 29.28 56.02 -70.32
N ILE H 617 28.05 55.85 -70.83
CA ILE H 617 27.84 56.14 -72.24
C ILE H 617 28.10 57.62 -72.52
N LEU H 618 27.71 58.50 -71.59
CA LEU H 618 27.96 59.91 -71.85
C LEU H 618 29.44 60.27 -71.92
N ARG H 619 30.32 59.47 -71.33
CA ARG H 619 31.76 59.72 -71.41
C ARG H 619 32.45 58.96 -72.54
N ARG H 620 31.91 57.82 -72.98
CA ARG H 620 32.57 57.10 -74.07
C ARG H 620 32.64 57.93 -75.35
N LEU H 621 31.64 58.77 -75.60
CA LEU H 621 31.59 59.54 -76.83
C LEU H 621 32.73 60.57 -76.90
N ASP H 622 33.30 60.74 -78.09
CA ASP H 622 34.35 61.73 -78.31
C ASP H 622 34.36 62.16 -79.78
N VAL H 623 34.73 63.42 -80.01
CA VAL H 623 34.85 63.96 -81.36
C VAL H 623 36.06 63.32 -82.06
N ARG H 624 35.98 63.21 -83.38
CA ARG H 624 37.06 62.65 -84.19
C ARG H 624 37.43 63.63 -85.29
N LEU H 625 38.71 63.99 -85.37
CA LEU H 625 39.23 64.58 -86.59
C LEU H 625 39.32 63.51 -87.67
N LEU H 626 39.14 63.93 -88.91
CA LEU H 626 39.38 63.07 -90.06
C LEU H 626 40.80 63.33 -90.54
N GLU H 627 41.19 62.72 -91.66
CA GLU H 627 42.35 63.21 -92.39
C GLU H 627 42.12 64.68 -92.73
N VAL H 628 43.15 65.50 -92.52
CA VAL H 628 42.99 66.93 -92.71
C VAL H 628 43.03 67.22 -94.19
N SER H 629 41.87 67.20 -94.83
CA SER H 629 41.79 67.32 -96.28
C SER H 629 42.33 68.67 -96.71
N PRO H 630 43.09 68.74 -97.82
CA PRO H 630 43.70 70.03 -98.19
C PRO H 630 42.67 71.06 -98.59
N GLY H 631 43.00 72.33 -98.30
CA GLY H 631 42.16 73.49 -98.59
C GLY H 631 40.68 73.30 -98.32
N ASP H 632 40.35 72.94 -97.08
CA ASP H 632 39.02 72.47 -96.73
C ASP H 632 38.52 73.25 -95.52
N THR H 633 37.22 73.13 -95.25
CA THR H 633 36.56 73.71 -94.10
C THR H 633 36.16 72.61 -93.13
N GLY H 634 35.93 72.99 -91.88
CA GLY H 634 35.64 72.01 -90.84
C GLY H 634 34.42 71.15 -91.14
N TRP H 635 33.42 71.71 -91.82
CA TRP H 635 32.18 70.98 -92.08
C TRP H 635 32.42 69.69 -92.85
N ASP H 636 33.43 69.66 -93.72
CA ASP H 636 33.68 68.47 -94.52
C ASP H 636 34.46 67.41 -93.75
N VAL H 637 35.23 67.82 -92.73
CA VAL H 637 36.00 66.89 -91.92
C VAL H 637 35.68 67.11 -90.44
N PHE H 638 34.68 66.36 -89.96
CA PHE H 638 34.32 66.37 -88.55
C PHE H 638 33.31 65.24 -88.35
N SER H 639 33.62 64.30 -87.46
CA SER H 639 32.74 63.16 -87.24
C SER H 639 32.91 62.64 -85.83
N LEU H 640 31.79 62.27 -85.21
CA LEU H 640 31.85 61.59 -83.92
C LEU H 640 32.40 60.18 -84.12
N ASP H 641 33.08 59.66 -83.09
CA ASP H 641 33.66 58.33 -83.11
C ASP H 641 32.98 57.38 -82.15
N TYR H 642 32.80 57.79 -80.89
CA TYR H 642 32.35 56.89 -79.84
C TYR H 642 33.30 55.71 -79.71
N HIS H 643 34.53 56.03 -79.33
CA HIS H 643 35.53 55.02 -79.07
C HIS H 643 35.01 54.01 -78.04
N VAL H 644 35.24 52.74 -78.33
CA VAL H 644 34.78 51.65 -77.47
C VAL H 644 35.89 50.61 -77.40
N ASP H 645 36.21 50.18 -76.18
CA ASP H 645 37.22 49.16 -75.95
C ASP H 645 36.77 48.30 -74.79
N GLY H 646 37.04 46.99 -74.89
CA GLY H 646 36.69 46.06 -73.86
C GLY H 646 35.52 45.15 -74.22
N PRO H 647 34.63 44.85 -73.25
CA PRO H 647 33.54 43.91 -73.52
C PRO H 647 32.57 44.31 -74.62
N ILE H 648 32.14 45.57 -74.64
CA ILE H 648 31.17 46.01 -75.63
C ILE H 648 31.82 46.08 -77.00
N ALA H 649 33.15 46.23 -77.03
CA ALA H 649 33.86 46.24 -78.30
C ALA H 649 33.74 44.90 -79.01
N THR H 650 33.46 43.83 -78.26
CA THR H 650 33.18 42.54 -78.89
C THR H 650 32.03 42.65 -79.89
N VAL H 651 30.92 43.27 -79.49
CA VAL H 651 29.83 43.48 -80.43
C VAL H 651 30.20 44.57 -81.44
N PHE H 652 30.81 45.64 -80.97
CA PHE H 652 31.10 46.80 -81.81
C PHE H 652 32.57 46.75 -82.22
N THR H 653 32.83 46.10 -83.36
CA THR H 653 34.18 45.87 -83.83
C THR H 653 34.64 47.03 -84.73
N ARG H 654 35.87 46.91 -85.21
CA ARG H 654 36.45 47.90 -86.12
C ARG H 654 35.60 48.06 -87.37
N GLU H 655 35.12 46.95 -87.93
CA GLU H 655 34.29 47.01 -89.13
C GLU H 655 33.00 47.78 -88.84
N CYS H 656 32.43 47.56 -87.66
CA CYS H 656 31.23 48.28 -87.27
C CYS H 656 31.51 49.77 -87.17
N MET H 657 32.62 50.16 -86.54
CA MET H 657 32.91 51.58 -86.40
C MET H 657 33.14 52.23 -87.75
N SER H 658 33.81 51.53 -88.67
CA SER H 658 34.03 52.12 -89.99
C SER H 658 32.72 52.30 -90.74
N HIS H 659 31.81 51.34 -90.64
CA HIS H 659 30.55 51.48 -91.34
C HIS H 659 29.66 52.54 -90.68
N TYR H 660 29.71 52.65 -89.35
CA TYR H 660 29.03 53.76 -88.69
C TYR H 660 29.60 55.09 -89.14
N LEU H 661 30.91 55.15 -89.42
CA LEU H 661 31.47 56.40 -89.91
C LEU H 661 31.01 56.71 -91.33
N ARG H 662 30.84 55.69 -92.17
CA ARG H 662 30.24 55.95 -93.48
C ARG H 662 28.82 56.48 -93.32
N VAL H 663 28.05 55.87 -92.42
CA VAL H 663 26.68 56.29 -92.17
C VAL H 663 26.66 57.73 -91.67
N PHE H 664 27.56 58.07 -90.75
CA PHE H 664 27.60 59.43 -90.23
C PHE H 664 28.05 60.40 -91.30
N ASN H 665 28.97 59.99 -92.18
CA ASN H 665 29.34 60.82 -93.31
C ASN H 665 28.11 61.20 -94.13
N PHE H 666 27.22 60.23 -94.38
CA PHE H 666 26.03 60.55 -95.15
C PHE H 666 25.07 61.44 -94.35
N LEU H 667 24.78 61.07 -93.11
CA LEU H 667 23.79 61.83 -92.34
C LEU H 667 24.28 63.21 -91.95
N TRP H 668 25.58 63.43 -91.83
CA TRP H 668 26.04 64.77 -91.53
C TRP H 668 25.82 65.69 -92.72
N ARG H 669 26.09 65.21 -93.93
CA ARG H 669 25.71 65.99 -95.11
C ARG H 669 24.22 66.23 -95.13
N ALA H 670 23.42 65.18 -95.02
CA ALA H 670 21.99 65.33 -95.19
C ALA H 670 21.33 66.02 -94.01
N LYS H 671 22.09 66.35 -92.97
CA LYS H 671 21.58 67.08 -91.84
C LYS H 671 22.11 68.52 -91.85
N ARG H 672 23.40 68.69 -92.16
CA ARG H 672 23.98 70.00 -92.34
C ARG H 672 23.24 70.75 -93.41
N MET H 673 22.93 70.11 -94.52
CA MET H 673 22.36 70.85 -95.65
C MET H 673 20.93 71.28 -95.37
N GLU H 674 20.18 70.51 -94.58
CA GLU H 674 18.88 71.03 -94.16
C GLU H 674 19.06 72.26 -93.31
N TYR H 675 19.99 72.24 -92.35
CA TYR H 675 20.21 73.47 -91.60
C TYR H 675 20.89 74.56 -92.42
N ILE H 676 21.65 74.22 -93.45
CA ILE H 676 22.18 75.25 -94.34
C ILE H 676 21.02 75.94 -95.02
N LEU H 677 20.14 75.17 -95.66
CA LEU H 677 18.99 75.76 -96.34
C LEU H 677 18.09 76.48 -95.35
N THR H 678 18.08 76.04 -94.10
CA THR H 678 17.30 76.75 -93.11
C THR H 678 17.97 78.05 -92.71
N ASP H 679 19.30 78.10 -92.76
CA ASP H 679 20.00 79.37 -92.58
C ASP H 679 19.84 80.26 -93.80
N ILE H 680 19.74 79.66 -94.98
CA ILE H 680 19.40 80.41 -96.18
C ILE H 680 18.06 81.10 -95.99
N ARG H 681 17.06 80.34 -95.54
CA ARG H 681 15.71 80.89 -95.28
C ARG H 681 15.81 81.85 -94.09
N LYS H 682 16.72 81.57 -93.15
CA LYS H 682 16.93 82.47 -91.99
C LYS H 682 17.36 83.84 -92.51
N GLY H 683 18.44 83.91 -93.30
CA GLY H 683 18.94 85.14 -93.89
C GLY H 683 17.96 85.78 -94.85
N HIS H 684 17.28 84.97 -95.67
CA HIS H 684 16.27 85.50 -96.59
C HIS H 684 15.20 86.29 -95.87
N MET H 685 14.55 85.71 -94.86
CA MET H 685 13.48 86.41 -94.19
C MET H 685 14.02 87.56 -93.36
N CYS H 686 15.25 87.42 -92.87
CA CYS H 686 15.83 88.43 -92.00
C CYS H 686 16.61 89.51 -92.72
N ASN H 687 16.77 89.40 -94.03
CA ASN H 687 17.29 90.48 -94.86
C ASN H 687 16.17 91.13 -95.66
N ALA H 688 15.15 90.38 -96.05
CA ALA H 688 14.03 90.98 -96.75
C ALA H 688 13.27 91.95 -95.87
N LYS H 689 13.28 91.74 -94.54
CA LYS H 689 12.43 92.57 -93.71
C LYS H 689 12.98 93.98 -93.50
N LEU H 690 14.15 94.31 -94.06
CA LEU H 690 14.70 95.67 -94.03
C LEU H 690 15.00 96.19 -95.42
N LEU H 691 14.61 95.47 -96.48
CA LEU H 691 15.05 95.79 -97.84
C LEU H 691 13.86 96.03 -98.78
N ARG H 692 12.67 96.33 -98.24
CA ARG H 692 11.50 96.64 -99.06
C ARG H 692 11.13 98.12 -99.04
N ASN H 693 12.12 98.99 -98.81
CA ASN H 693 12.09 100.38 -99.26
C ASN H 693 13.04 100.58 -100.43
N MET H 694 13.60 99.49 -100.98
CA MET H 694 14.50 99.55 -102.13
C MET H 694 14.01 98.57 -103.19
N PRO H 695 12.80 98.81 -103.77
CA PRO H 695 12.19 97.84 -104.68
C PRO H 695 13.01 97.43 -105.89
N GLU H 696 14.13 98.10 -106.15
CA GLU H 696 15.09 97.62 -107.13
C GLU H 696 15.47 96.18 -106.84
N PHE H 697 15.83 95.92 -105.57
CA PHE H 697 16.30 94.59 -105.13
C PHE H 697 15.14 93.62 -104.92
N SER H 698 13.96 94.07 -104.51
CA SER H 698 12.84 93.17 -104.18
C SER H 698 12.51 92.19 -105.31
N GLY H 699 12.54 92.62 -106.57
CA GLY H 699 12.20 91.79 -107.71
C GLY H 699 13.22 90.68 -107.93
N VAL H 700 14.50 91.00 -107.86
CA VAL H 700 15.53 89.97 -107.98
C VAL H 700 15.52 89.07 -106.74
N LEU H 701 15.10 89.63 -105.60
CA LEU H 701 15.08 88.92 -104.33
C LEU H 701 14.12 87.74 -104.42
N HIS H 702 12.97 87.97 -105.03
CA HIS H 702 11.95 86.93 -105.18
C HIS H 702 12.46 85.73 -105.98
N GLN H 703 13.33 85.97 -106.97
CA GLN H 703 13.90 84.86 -107.73
C GLN H 703 14.76 83.96 -106.86
N CYS H 704 15.53 84.55 -105.94
CA CYS H 704 16.30 83.75 -105.00
C CYS H 704 15.37 82.97 -104.07
N HIS H 705 14.29 83.61 -103.63
CA HIS H 705 13.35 82.95 -102.72
C HIS H 705 12.76 81.69 -103.35
N ILE H 706 12.34 81.77 -104.60
CA ILE H 706 11.66 80.62 -105.20
C ILE H 706 12.62 79.44 -105.32
N LEU H 707 13.87 79.68 -105.69
CA LEU H 707 14.82 78.58 -105.80
C LEU H 707 15.11 77.98 -104.42
N ALA H 708 15.30 78.82 -103.42
CA ALA H 708 15.63 78.28 -102.09
C ALA H 708 14.48 77.43 -101.54
N SER H 709 13.25 77.88 -101.70
CA SER H 709 12.11 77.11 -101.23
C SER H 709 11.71 75.98 -102.16
N GLU H 710 12.26 75.95 -103.37
CA GLU H 710 12.18 74.73 -104.15
C GLU H 710 13.18 73.71 -103.66
N MET H 711 14.36 74.17 -103.23
CA MET H 711 15.36 73.26 -102.68
C MET H 711 14.95 72.67 -101.34
N VAL H 712 14.10 73.39 -100.58
CA VAL H 712 13.69 72.89 -99.26
C VAL H 712 13.05 71.50 -99.36
N HIS H 713 12.23 71.27 -100.39
CA HIS H 713 11.37 70.10 -100.39
C HIS H 713 12.16 68.83 -100.64
N PHE H 714 13.17 68.91 -101.54
CA PHE H 714 14.04 67.79 -101.88
C PHE H 714 14.58 67.18 -100.59
N ILE H 715 15.08 68.05 -99.74
CA ILE H 715 15.72 67.57 -98.52
C ILE H 715 14.63 67.10 -97.58
N HIS H 716 13.65 67.95 -97.28
CA HIS H 716 12.70 67.63 -96.21
C HIS H 716 11.86 66.39 -96.55
N GLN H 717 11.80 65.99 -97.82
CA GLN H 717 11.26 64.69 -98.22
C GLN H 717 12.27 63.56 -98.10
N MET H 718 13.51 63.77 -98.57
CA MET H 718 14.52 62.75 -98.35
C MET H 718 14.79 62.53 -96.86
N GLN H 719 14.39 63.46 -96.01
CA GLN H 719 14.56 63.35 -94.58
C GLN H 719 13.52 62.38 -94.06
N TYR H 720 12.25 62.60 -94.37
CA TYR H 720 11.24 61.70 -93.84
C TYR H 720 11.37 60.32 -94.49
N TYR H 721 12.09 60.23 -95.62
CA TYR H 721 12.58 58.94 -96.07
C TYR H 721 13.61 58.36 -95.10
N ILE H 722 14.75 59.05 -94.91
CA ILE H 722 15.84 58.49 -94.12
C ILE H 722 15.41 58.24 -92.67
N THR H 723 14.43 59.00 -92.19
CA THR H 723 13.94 58.88 -90.83
C THR H 723 13.14 57.61 -90.60
N PHE H 724 11.94 57.51 -91.20
CA PHE H 724 11.00 56.45 -90.87
C PHE H 724 11.01 55.30 -91.87
N GLU H 725 11.98 55.24 -92.77
CA GLU H 725 12.09 54.12 -93.69
C GLU H 725 13.50 53.55 -93.76
N VAL H 726 14.48 54.15 -93.08
CA VAL H 726 15.84 53.61 -93.07
C VAL H 726 16.39 53.47 -91.65
N LEU H 727 15.88 54.26 -90.69
CA LEU H 727 16.43 54.32 -89.34
C LEU H 727 15.41 54.07 -88.22
N GLU H 728 14.14 53.82 -88.53
CA GLU H 728 13.17 53.32 -87.56
C GLU H 728 12.70 51.91 -87.85
N CYS H 729 12.43 51.56 -89.11
CA CYS H 729 12.06 50.18 -89.39
C CYS H 729 13.23 49.23 -89.14
N SER H 730 14.42 49.64 -89.58
CA SER H 730 15.62 48.86 -89.30
C SER H 730 15.87 48.78 -87.80
N TRP H 731 15.68 49.89 -87.08
CA TRP H 731 15.90 49.84 -85.63
C TRP H 731 14.89 48.97 -84.92
N ASP H 732 13.61 49.03 -85.31
CA ASP H 732 12.61 48.22 -84.63
C ASP H 732 12.90 46.74 -84.88
N GLU H 733 13.26 46.40 -86.12
CA GLU H 733 13.70 45.05 -86.44
C GLU H 733 14.86 44.62 -85.55
N LEU H 734 15.90 45.46 -85.48
CA LEU H 734 17.07 45.16 -84.67
C LEU H 734 16.67 44.96 -83.23
N TRP H 735 15.88 45.89 -82.69
CA TRP H 735 15.57 45.89 -81.27
C TRP H 735 14.80 44.65 -80.88
N ASN H 736 13.79 44.28 -81.66
CA ASN H 736 13.05 43.07 -81.31
C ASN H 736 13.95 41.83 -81.40
N LYS H 737 14.74 41.73 -82.47
CA LYS H 737 15.57 40.54 -82.62
C LYS H 737 16.67 40.46 -81.57
N VAL H 738 17.04 41.57 -80.97
CA VAL H 738 18.07 41.59 -79.93
C VAL H 738 17.47 41.38 -78.54
N GLN H 739 16.35 42.04 -78.24
CA GLN H 739 15.77 41.85 -76.91
C GLN H 739 15.28 40.43 -76.72
N GLN H 740 14.82 39.78 -77.80
CA GLN H 740 14.29 38.43 -77.65
C GLN H 740 15.37 37.35 -77.61
N ALA H 741 16.62 37.69 -77.98
CA ALA H 741 17.66 36.69 -78.16
C ALA H 741 18.03 36.00 -76.85
N GLN H 742 18.64 34.81 -77.00
CA GLN H 742 19.21 34.03 -75.91
C GLN H 742 20.69 33.74 -76.14
N ASP H 743 21.06 33.36 -77.36
CA ASP H 743 22.46 33.22 -77.74
C ASP H 743 23.04 34.55 -78.23
N LEU H 744 24.23 34.90 -77.73
CA LEU H 744 24.86 36.17 -78.04
C LEU H 744 25.33 36.26 -79.50
N ASP H 745 25.63 35.12 -80.12
CA ASP H 745 26.01 35.14 -81.52
C ASP H 745 24.89 35.69 -82.40
N HIS H 746 23.64 35.54 -81.95
CA HIS H 746 22.49 36.08 -82.66
C HIS H 746 22.26 37.55 -82.32
N ILE H 747 22.89 38.06 -81.26
CA ILE H 747 22.99 39.52 -81.10
C ILE H 747 23.92 40.08 -82.15
N ILE H 748 25.09 39.47 -82.28
CA ILE H 748 26.12 40.01 -83.18
C ILE H 748 25.65 39.92 -84.63
N ALA H 749 25.27 38.71 -85.05
CA ALA H 749 24.92 38.48 -86.44
C ALA H 749 23.57 39.07 -86.83
N ALA H 750 22.85 39.70 -85.91
CA ALA H 750 21.65 40.48 -86.22
C ALA H 750 21.93 41.98 -86.22
N HIS H 751 22.79 42.43 -85.30
CA HIS H 751 23.18 43.83 -85.31
C HIS H 751 23.93 44.15 -86.59
N GLU H 752 24.72 43.20 -87.09
CA GLU H 752 25.38 43.40 -88.37
C GLU H 752 24.39 43.43 -89.53
N VAL H 753 23.28 42.71 -89.44
CA VAL H 753 22.24 42.82 -90.45
C VAL H 753 21.60 44.20 -90.43
N PHE H 754 21.35 44.72 -89.23
CA PHE H 754 20.82 46.08 -89.10
C PHE H 754 21.76 47.09 -89.76
N LEU H 755 23.06 46.94 -89.53
CA LEU H 755 24.05 47.78 -90.20
C LEU H 755 23.96 47.64 -91.73
N ASP H 756 24.01 46.41 -92.23
CA ASP H 756 24.08 46.21 -93.67
C ASP H 756 22.75 46.44 -94.37
N THR H 757 21.67 46.63 -93.63
CA THR H 757 20.41 47.08 -94.19
C THR H 757 20.28 48.59 -94.18
N ILE H 758 20.87 49.28 -93.21
CA ILE H 758 21.00 50.73 -93.37
C ILE H 758 21.82 51.05 -94.61
N ILE H 759 22.92 50.32 -94.82
CA ILE H 759 23.79 50.70 -95.93
C ILE H 759 23.13 50.49 -97.28
N SER H 760 22.06 49.69 -97.35
CA SER H 760 21.33 49.47 -98.60
C SER H 760 20.05 50.30 -98.70
N ARG H 761 19.35 50.55 -97.59
CA ARG H 761 18.20 51.44 -97.65
C ARG H 761 18.64 52.89 -97.84
N CYS H 762 19.80 53.26 -97.33
CA CYS H 762 20.45 54.48 -97.78
C CYS H 762 21.13 54.19 -99.10
N LEU H 763 21.79 55.20 -99.68
CA LEU H 763 22.41 55.08 -100.98
C LEU H 763 23.91 54.78 -100.88
N LEU H 764 24.38 54.31 -99.72
CA LEU H 764 25.81 54.13 -99.51
C LEU H 764 26.35 52.83 -100.11
N ASP H 765 25.49 51.93 -100.57
CA ASP H 765 25.95 50.67 -101.09
C ASP H 765 26.66 50.89 -102.43
N SER H 766 27.53 49.94 -102.80
CA SER H 766 28.31 50.07 -104.01
C SER H 766 27.46 50.08 -105.28
N ASP H 767 26.20 49.66 -105.21
CA ASP H 767 25.32 49.64 -106.38
C ASP H 767 24.42 50.86 -106.45
N SER H 768 23.92 51.35 -105.31
CA SER H 768 23.30 52.67 -105.22
C SER H 768 24.32 53.79 -105.20
N ARG H 769 25.61 53.48 -105.38
CA ARG H 769 26.63 54.52 -105.43
C ARG H 769 26.38 55.50 -106.56
N ALA H 770 25.91 55.03 -107.72
CA ALA H 770 25.61 55.95 -108.81
C ALA H 770 24.51 56.93 -108.42
N LEU H 771 23.48 56.43 -107.75
CA LEU H 771 22.40 57.31 -107.32
C LEU H 771 22.92 58.31 -106.30
N LEU H 772 23.81 57.85 -105.42
CA LEU H 772 24.45 58.76 -104.47
C LEU H 772 25.32 59.78 -105.22
N ASN H 773 26.02 59.34 -106.27
CA ASN H 773 26.89 60.23 -107.01
C ASN H 773 26.10 61.37 -107.63
N GLN H 774 24.91 61.07 -108.15
CA GLN H 774 24.07 62.15 -108.63
C GLN H 774 23.51 62.98 -107.48
N LEU H 775 23.27 62.35 -106.33
CA LEU H 775 22.84 63.11 -105.16
C LEU H 775 23.92 64.07 -104.66
N ARG H 776 25.19 63.73 -104.91
CA ARG H 776 26.29 64.63 -104.56
C ARG H 776 26.11 65.97 -105.25
N ALA H 777 25.58 65.96 -106.48
CA ALA H 777 25.41 67.21 -107.20
C ALA H 777 24.41 68.12 -106.50
N VAL H 778 23.29 67.56 -106.01
CA VAL H 778 22.33 68.37 -105.28
C VAL H 778 22.92 68.86 -103.97
N PHE H 779 23.61 67.97 -103.25
CA PHE H 779 24.19 68.38 -101.98
C PHE H 779 25.29 69.41 -102.19
N ASP H 780 25.88 69.46 -103.39
CA ASP H 780 26.79 70.53 -103.75
C ASP H 780 26.02 71.81 -104.06
N GLN H 781 24.97 71.72 -104.88
CA GLN H 781 24.25 72.92 -105.29
C GLN H 781 23.63 73.66 -104.12
N ILE H 782 23.33 72.97 -103.02
CA ILE H 782 22.84 73.69 -101.84
C ILE H 782 23.90 74.67 -101.33
N ILE H 783 25.13 74.21 -101.12
CA ILE H 783 26.15 75.14 -100.62
C ILE H 783 26.61 76.09 -101.73
N GLU H 784 26.44 75.73 -103.00
CA GLU H 784 26.64 76.71 -104.06
C GLU H 784 25.65 77.86 -103.90
N LEU H 785 24.38 77.53 -103.63
CA LEU H 785 23.41 78.58 -103.33
C LEU H 785 23.79 79.32 -102.06
N GLN H 786 24.43 78.65 -101.11
CA GLN H 786 24.91 79.35 -99.92
C GLN H 786 25.89 80.45 -100.29
N ASN H 787 26.87 80.13 -101.13
CA ASN H 787 27.83 81.15 -101.55
C ASN H 787 27.16 82.24 -102.38
N ALA H 788 26.27 81.85 -103.31
CA ALA H 788 25.59 82.83 -104.14
C ALA H 788 24.74 83.78 -103.29
N GLN H 789 23.76 83.22 -102.56
CA GLN H 789 22.95 83.96 -101.60
C GLN H 789 23.79 84.85 -100.71
N ASP H 790 24.94 84.36 -100.24
CA ASP H 790 25.83 85.18 -99.45
C ASP H 790 26.28 86.41 -100.23
N ALA H 791 26.69 86.25 -101.49
CA ALA H 791 27.21 87.39 -102.26
C ALA H 791 26.13 88.41 -102.58
N ILE H 792 24.99 87.93 -103.12
CA ILE H 792 23.90 88.83 -103.48
C ILE H 792 23.44 89.66 -102.29
N TYR H 793 23.30 89.05 -101.11
CA TYR H 793 23.04 89.91 -99.94
C TYR H 793 24.26 90.72 -99.52
N ARG H 794 25.47 90.19 -99.67
CA ARG H 794 26.65 90.82 -99.08
C ARG H 794 26.86 92.20 -99.65
N ALA H 795 26.98 92.30 -100.97
CA ALA H 795 27.31 93.59 -101.58
C ALA H 795 26.09 94.50 -101.71
N ALA H 796 24.92 93.91 -101.90
CA ALA H 796 23.68 94.69 -101.88
C ALA H 796 23.53 95.45 -100.57
N LEU H 797 23.56 94.72 -99.45
CA LEU H 797 23.45 95.36 -98.15
C LEU H 797 24.63 96.28 -97.85
N GLU H 798 25.81 95.95 -98.38
CA GLU H 798 26.97 96.82 -98.25
C GLU H 798 26.66 98.21 -98.80
N GLU H 799 26.11 98.25 -100.02
CA GLU H 799 25.70 99.54 -100.58
C GLU H 799 24.65 100.22 -99.72
N LEU H 800 23.69 99.47 -99.20
CA LEU H 800 22.60 100.08 -98.43
C LEU H 800 23.16 100.78 -97.20
N GLN H 801 24.12 100.13 -96.53
CA GLN H 801 24.79 100.76 -95.40
C GLN H 801 25.51 102.04 -95.83
N ARG H 802 26.19 102.01 -96.98
CA ARG H 802 26.83 103.25 -97.44
C ARG H 802 25.80 104.31 -97.78
N ARG H 803 24.61 103.91 -98.24
CA ARG H 803 23.56 104.90 -98.50
C ARG H 803 23.11 105.57 -97.20
N LEU H 804 23.00 104.78 -96.12
CA LEU H 804 22.67 105.38 -94.83
C LEU H 804 23.76 106.37 -94.40
N GLN H 805 25.03 106.00 -94.57
CA GLN H 805 26.08 106.96 -94.22
C GLN H 805 26.08 108.17 -95.15
N PHE H 806 25.63 108.00 -96.39
CA PHE H 806 25.54 109.14 -97.31
C PHE H 806 24.46 110.12 -96.86
N GLU H 807 23.30 109.60 -96.50
CA GLU H 807 22.26 110.50 -96.00
C GLU H 807 22.69 111.11 -94.68
N GLU H 808 23.49 110.39 -93.88
CA GLU H 808 24.04 110.98 -92.66
C GLU H 808 25.04 112.09 -92.96
N LYS H 809 25.79 111.98 -94.06
CA LYS H 809 26.61 113.11 -94.49
C LYS H 809 25.73 114.29 -94.84
N LYS H 810 24.57 114.03 -95.46
CA LYS H 810 23.61 115.11 -95.67
C LYS H 810 23.03 115.64 -94.36
N LYS H 811 22.95 114.82 -93.32
CA LYS H 811 22.38 115.26 -92.05
C LYS H 811 23.25 116.34 -91.42
N GLU H 827 25.59 112.39 -106.05
CA GLU H 827 26.28 112.01 -107.28
C GLU H 827 27.01 110.66 -107.10
N GLU H 828 27.61 110.46 -105.93
CA GLU H 828 28.21 109.18 -105.62
C GLU H 828 27.17 108.08 -105.61
N GLU H 829 26.02 108.35 -105.01
CA GLU H 829 24.95 107.37 -105.05
C GLU H 829 24.34 107.23 -106.43
N ASN H 830 24.49 108.21 -107.32
CA ASN H 830 24.13 107.97 -108.71
C ASN H 830 25.11 107.02 -109.38
N LYS H 831 26.39 107.08 -109.02
CA LYS H 831 27.30 106.06 -109.53
C LYS H 831 26.96 104.68 -108.95
N ARG H 832 26.43 104.67 -107.73
CA ARG H 832 25.99 103.40 -107.16
C ARG H 832 24.73 102.89 -107.86
N ILE H 833 23.85 103.77 -108.31
CA ILE H 833 22.76 103.32 -109.16
C ILE H 833 23.30 102.79 -110.48
N GLY H 834 24.38 103.38 -110.98
CA GLY H 834 24.98 102.86 -112.21
C GLY H 834 25.47 101.44 -112.06
N GLU H 835 26.26 101.19 -111.00
CA GLU H 835 26.75 99.83 -110.80
C GLU H 835 25.59 98.89 -110.48
N PHE H 836 24.51 99.41 -109.89
CA PHE H 836 23.32 98.57 -109.69
C PHE H 836 22.72 98.15 -111.02
N LYS H 837 22.50 99.10 -111.93
CA LYS H 837 21.80 98.76 -113.16
C LYS H 837 22.65 97.89 -114.07
N GLU H 838 23.98 97.90 -113.91
CA GLU H 838 24.80 96.95 -114.63
C GLU H 838 25.01 95.64 -113.87
N SER H 839 24.75 95.60 -112.56
CA SER H 839 24.90 94.37 -111.80
C SER H 839 23.66 93.49 -111.85
N ILE H 840 22.47 94.10 -111.97
CA ILE H 840 21.23 93.32 -112.04
C ILE H 840 21.27 92.27 -113.15
N PRO H 841 21.64 92.60 -114.41
CA PRO H 841 21.64 91.57 -115.46
C PRO H 841 22.57 90.39 -115.19
N LYS H 842 23.81 90.65 -114.76
CA LYS H 842 24.75 89.55 -114.55
C LYS H 842 24.26 88.63 -113.43
N MET H 843 23.82 89.20 -112.32
CA MET H 843 23.35 88.35 -111.23
C MET H 843 22.09 87.59 -111.66
N CYS H 844 21.21 88.25 -112.40
CA CYS H 844 20.00 87.59 -112.87
C CYS H 844 20.34 86.38 -113.73
N SER H 845 21.27 86.55 -114.67
CA SER H 845 21.66 85.43 -115.53
C SER H 845 22.35 84.33 -114.73
N GLN H 846 23.16 84.71 -113.74
CA GLN H 846 23.82 83.71 -112.90
C GLN H 846 22.80 82.88 -112.15
N LEU H 847 21.82 83.55 -111.53
CA LEU H 847 20.77 82.83 -110.82
C LEU H 847 19.93 82.01 -111.79
N ARG H 848 19.75 82.50 -113.02
CA ARG H 848 18.94 81.77 -113.98
C ARG H 848 19.62 80.46 -114.36
N ILE H 849 20.93 80.50 -114.63
CA ILE H 849 21.63 79.27 -114.95
C ILE H 849 21.70 78.37 -113.73
N LEU H 850 21.75 78.95 -112.52
CA LEU H 850 21.68 78.13 -111.31
C LEU H 850 20.37 77.36 -111.24
N THR H 851 19.25 78.06 -111.42
CA THR H 851 17.94 77.39 -111.41
C THR H 851 17.87 76.32 -112.50
N HIS H 852 18.30 76.65 -113.72
CA HIS H 852 18.20 75.68 -114.81
C HIS H 852 19.08 74.46 -114.51
N PHE H 853 20.28 74.68 -113.98
CA PHE H 853 21.16 73.55 -113.67
C PHE H 853 20.57 72.69 -112.56
N TYR H 854 19.96 73.32 -111.56
CA TYR H 854 19.27 72.56 -110.52
C TYR H 854 18.12 71.76 -111.10
N GLN H 855 17.37 72.34 -112.03
CA GLN H 855 16.30 71.57 -112.66
C GLN H 855 16.87 70.41 -113.45
N GLY H 856 17.95 70.65 -114.20
CA GLY H 856 18.54 69.61 -115.01
C GLY H 856 19.08 68.45 -114.18
N ILE H 857 19.57 68.74 -112.99
CA ILE H 857 20.10 67.67 -112.13
C ILE H 857 18.98 66.99 -111.35
N VAL H 858 18.03 67.75 -110.80
CA VAL H 858 16.99 67.13 -109.97
C VAL H 858 16.04 66.32 -110.84
N GLN H 859 15.75 66.77 -112.07
CA GLN H 859 14.87 65.98 -112.92
C GLN H 859 15.52 64.66 -113.31
N GLN H 860 16.81 64.69 -113.65
CA GLN H 860 17.50 63.47 -114.01
C GLN H 860 17.63 62.54 -112.83
N PHE H 861 17.76 63.09 -111.62
CA PHE H 861 17.85 62.25 -110.43
C PHE H 861 16.48 61.68 -110.09
N LEU H 862 15.44 62.50 -110.24
CA LEU H 862 14.11 62.08 -109.86
C LEU H 862 13.60 61.00 -110.81
N VAL H 863 13.90 61.12 -112.10
CA VAL H 863 13.62 60.01 -113.02
C VAL H 863 14.52 58.83 -112.72
N LEU H 864 15.77 59.08 -112.32
CA LEU H 864 16.64 57.99 -111.88
C LEU H 864 16.06 57.23 -110.68
N LEU H 865 15.15 57.85 -109.92
CA LEU H 865 14.36 57.12 -108.93
C LEU H 865 13.20 56.37 -109.61
N THR H 866 13.57 55.43 -110.49
CA THR H 866 12.62 54.47 -111.01
C THR H 866 12.46 53.31 -110.02
N THR H 867 11.46 52.47 -110.27
CA THR H 867 11.42 51.19 -109.60
C THR H 867 12.75 50.49 -109.85
N SER H 868 13.61 50.49 -108.83
CA SER H 868 14.83 49.71 -108.84
C SER H 868 14.76 48.74 -107.68
N SER H 869 14.66 49.22 -106.43
CA SER H 869 14.36 48.35 -105.30
C SER H 869 12.87 48.38 -104.97
N ASP H 870 12.28 49.58 -104.97
CA ASP H 870 10.84 49.82 -104.96
C ASP H 870 10.24 49.63 -103.55
N GLU H 871 11.01 49.10 -102.60
CA GLU H 871 10.59 49.17 -101.21
C GLU H 871 10.40 50.61 -100.78
N SER H 872 11.32 51.51 -101.19
CA SER H 872 11.20 52.92 -100.85
C SER H 872 11.58 53.89 -101.96
N LEU H 873 12.19 53.45 -103.07
CA LEU H 873 12.72 54.44 -104.02
C LEU H 873 11.71 54.88 -105.07
N ARG H 874 10.90 53.98 -105.62
CA ARG H 874 9.83 54.45 -106.50
C ARG H 874 8.83 55.26 -105.68
N PHE H 875 8.61 54.81 -104.46
CA PHE H 875 7.75 55.53 -103.54
C PHE H 875 8.32 56.91 -103.28
N LEU H 876 9.66 57.01 -103.18
CA LEU H 876 10.28 58.28 -102.88
C LEU H 876 10.14 59.22 -104.08
N SER H 877 10.26 58.69 -105.29
CA SER H 877 10.00 59.49 -106.48
C SER H 877 8.59 60.09 -106.45
N PHE H 878 7.60 59.26 -106.08
CA PHE H 878 6.26 59.82 -105.81
C PHE H 878 6.30 60.93 -104.76
N ARG H 879 7.02 60.71 -103.66
CA ARG H 879 7.15 61.72 -102.61
C ARG H 879 7.65 63.05 -103.18
N LEU H 880 8.78 62.99 -103.88
CA LEU H 880 9.37 64.18 -104.50
C LEU H 880 8.40 64.86 -105.45
N ASP H 881 7.76 64.10 -106.34
CA ASP H 881 7.00 64.68 -107.44
C ASP H 881 5.49 64.61 -107.18
N PHE H 882 5.08 64.73 -105.93
CA PHE H 882 3.67 64.94 -105.66
C PHE H 882 3.23 66.29 -106.20
N ASN H 883 2.08 66.28 -106.87
CA ASN H 883 1.42 67.35 -107.66
C ASN H 883 1.86 67.26 -109.12
N GLU H 884 2.74 66.32 -109.46
CA GLU H 884 3.24 66.12 -110.83
C GLU H 884 3.73 67.45 -111.41
N HIS H 885 4.52 68.21 -110.64
CA HIS H 885 5.24 69.33 -111.25
C HIS H 885 6.32 68.83 -112.18
N TYR H 886 7.14 67.87 -111.70
CA TYR H 886 8.05 67.12 -112.55
C TYR H 886 7.27 66.00 -113.23
N LYS H 887 7.89 65.41 -114.25
CA LYS H 887 7.32 64.41 -115.16
C LYS H 887 6.24 64.95 -116.09
N ALA H 888 5.77 66.19 -115.91
CA ALA H 888 4.94 66.88 -116.89
C ALA H 888 5.80 67.77 -117.77
N ARG H 889 7.01 67.29 -118.05
CA ARG H 889 8.07 68.07 -118.69
C ARG H 889 8.32 69.36 -117.92
N GLU H 890 8.24 69.26 -116.59
CA GLU H 890 8.58 70.35 -115.68
C GLU H 890 7.74 71.60 -115.96
N LEU I 150 81.22 18.73 -53.60
CA LEU I 150 81.36 18.60 -52.16
C LEU I 150 81.98 19.88 -51.59
N GLN I 151 83.22 20.16 -51.97
CA GLN I 151 83.88 21.38 -51.53
C GLN I 151 83.20 22.62 -52.13
N GLN I 152 82.70 22.49 -53.36
CA GLN I 152 82.16 23.67 -54.05
C GLN I 152 80.86 24.21 -53.44
N SER I 153 80.13 23.40 -52.67
CA SER I 153 78.90 23.89 -52.05
C SER I 153 79.18 24.91 -50.95
N LEU I 154 80.32 24.75 -50.26
CA LEU I 154 80.65 25.59 -49.11
C LEU I 154 80.66 27.07 -49.46
N GLU I 155 81.13 27.39 -50.66
CA GLU I 155 81.08 28.77 -51.14
C GLU I 155 79.63 29.24 -51.21
N LEU I 156 78.82 28.56 -52.05
CA LEU I 156 77.42 28.89 -52.30
C LEU I 156 76.66 29.21 -51.02
N LYS I 157 76.86 28.39 -49.98
CA LYS I 157 76.18 28.64 -48.72
C LYS I 157 76.52 30.02 -48.16
N ARG I 158 77.82 30.35 -48.13
CA ARG I 158 78.25 31.62 -47.54
C ARG I 158 77.80 32.79 -48.41
N LYS I 159 77.96 32.64 -49.74
CA LYS I 159 77.55 33.70 -50.65
C LYS I 159 76.07 34.03 -50.47
N MET I 160 75.23 33.01 -50.29
CA MET I 160 73.85 33.32 -49.97
C MET I 160 73.72 34.00 -48.62
N LEU I 161 74.50 33.57 -47.63
CA LEU I 161 74.32 34.11 -46.28
C LEU I 161 74.59 35.62 -46.24
N ARG I 162 75.60 36.08 -46.99
CA ARG I 162 75.96 37.50 -46.96
C ARG I 162 74.80 38.38 -47.46
N ASP I 163 74.10 37.93 -48.51
CA ASP I 163 73.00 38.73 -49.05
C ASP I 163 71.93 38.96 -48.00
N LYS I 164 71.61 37.92 -47.24
CA LYS I 164 70.61 38.06 -46.20
C LYS I 164 71.13 38.93 -45.06
N GLN I 165 72.42 38.84 -44.75
CA GLN I 165 72.96 39.63 -43.66
C GLN I 165 72.90 41.11 -43.98
N ASN I 166 73.36 41.52 -45.18
CA ASN I 166 73.33 42.95 -45.47
C ASN I 166 71.90 43.42 -45.74
N LYS I 167 71.02 42.55 -46.25
CA LYS I 167 69.65 42.98 -46.47
C LYS I 167 68.94 43.30 -45.17
N LYS I 168 69.09 42.45 -44.15
CA LYS I 168 68.32 42.55 -42.91
C LYS I 168 69.28 42.73 -41.74
N ASN I 169 69.20 43.90 -41.10
CA ASN I 169 70.01 44.21 -39.93
C ASN I 169 69.20 44.36 -38.65
N SER I 170 67.87 44.46 -38.75
CA SER I 170 67.05 44.49 -37.54
C SER I 170 67.09 43.15 -36.83
N GLY I 171 66.99 42.07 -37.60
CA GLY I 171 67.19 40.73 -37.09
C GLY I 171 68.64 40.36 -37.26
N GLN I 172 69.31 40.09 -36.15
CA GLN I 172 70.76 39.99 -36.08
C GLN I 172 71.20 38.55 -35.85
N HIS I 173 72.43 38.27 -36.28
CA HIS I 173 73.07 36.96 -36.08
C HIS I 173 72.20 35.84 -36.64
N LEU I 174 71.97 35.93 -37.95
CA LEU I 174 71.17 34.93 -38.64
C LEU I 174 71.83 33.55 -38.50
N PRO I 175 71.06 32.50 -38.18
CA PRO I 175 71.67 31.27 -37.67
C PRO I 175 72.52 30.54 -38.70
N ILE I 176 73.47 29.75 -38.19
CA ILE I 176 74.23 28.78 -38.97
C ILE I 176 74.40 27.50 -38.16
N PHE I 177 74.61 26.36 -38.90
CA PHE I 177 74.86 25.09 -38.24
C PHE I 177 76.36 24.92 -37.99
N PRO I 178 76.78 24.14 -36.99
CA PRO I 178 78.22 23.90 -36.79
C PRO I 178 78.88 23.26 -38.00
N ALA I 179 80.20 23.46 -38.09
CA ALA I 179 80.96 22.97 -39.24
C ALA I 179 80.87 21.45 -39.37
N TRP I 180 80.90 20.73 -38.25
CA TRP I 180 80.83 19.27 -38.34
C TRP I 180 79.51 18.76 -38.89
N VAL I 181 78.44 19.56 -38.84
CA VAL I 181 77.17 19.15 -39.43
C VAL I 181 77.35 18.82 -40.91
N TYR I 182 78.26 19.52 -41.58
CA TYR I 182 78.62 19.25 -42.97
C TYR I 182 79.86 18.38 -43.10
N GLU I 183 80.84 18.52 -42.19
CA GLU I 183 82.09 17.79 -42.35
C GLU I 183 81.90 16.29 -42.12
N ARG I 184 81.11 15.92 -41.11
CA ARG I 184 80.96 14.51 -40.75
C ARG I 184 80.22 13.75 -41.85
N PRO I 185 80.79 12.69 -42.44
CA PRO I 185 80.10 12.05 -43.57
C PRO I 185 79.06 11.01 -43.17
N ALA I 186 79.08 10.53 -41.93
CA ALA I 186 78.13 9.51 -41.50
C ALA I 186 76.74 10.09 -41.23
N LEU I 187 76.68 11.36 -40.80
CA LEU I 187 75.39 11.98 -40.51
C LEU I 187 74.50 11.98 -41.75
N ILE I 188 75.09 12.12 -42.92
CA ILE I 188 74.32 12.06 -44.16
C ILE I 188 74.11 10.59 -44.56
N GLY I 189 73.13 10.37 -45.43
CA GLY I 189 72.66 9.02 -45.70
C GLY I 189 73.71 8.12 -46.31
N ASP I 190 74.41 8.60 -47.33
CA ASP I 190 75.28 7.77 -48.16
C ASP I 190 76.74 7.93 -47.76
N PHE I 191 77.49 6.85 -47.90
CA PHE I 191 78.95 6.88 -47.81
C PHE I 191 79.53 5.81 -48.73
N THR I 201 87.05 -12.45 -46.44
CA THR I 201 85.98 -13.38 -46.12
C THR I 201 84.93 -13.42 -47.24
N ALA I 202 84.96 -12.46 -48.15
CA ALA I 202 84.04 -12.45 -49.28
C ALA I 202 84.28 -13.68 -50.15
N LEU I 203 83.31 -14.59 -50.17
CA LEU I 203 83.43 -15.77 -51.00
C LEU I 203 83.51 -15.37 -52.47
N PRO I 204 84.34 -16.02 -53.29
CA PRO I 204 84.32 -15.73 -54.73
C PRO I 204 82.98 -16.13 -55.32
N ILE I 205 82.25 -15.13 -55.83
CA ILE I 205 80.89 -15.38 -56.31
C ILE I 205 80.86 -16.30 -57.52
N GLY I 206 81.98 -16.47 -58.21
CA GLY I 206 82.00 -17.32 -59.39
C GLY I 206 81.60 -18.76 -59.12
N THR I 207 82.06 -19.34 -58.01
CA THR I 207 82.05 -20.77 -57.82
C THR I 207 80.75 -21.34 -57.25
N LEU I 208 79.77 -20.51 -56.91
CA LEU I 208 78.53 -20.97 -56.28
C LEU I 208 77.51 -21.46 -57.30
N PRO I 209 76.47 -22.16 -56.83
CA PRO I 209 75.30 -22.39 -57.68
C PRO I 209 74.47 -21.11 -57.84
N LEU I 210 73.53 -21.16 -58.77
CA LEU I 210 72.87 -19.95 -59.25
C LEU I 210 71.90 -19.41 -58.20
N ALA I 211 71.02 -20.26 -57.68
CA ALA I 211 69.96 -19.82 -56.78
C ALA I 211 70.47 -19.38 -55.42
N SER I 212 71.76 -19.62 -55.13
CA SER I 212 72.41 -19.04 -53.96
C SER I 212 73.02 -17.68 -54.28
N GLN I 213 73.54 -17.52 -55.50
CA GLN I 213 73.92 -16.19 -55.94
C GLN I 213 72.74 -15.25 -55.88
N GLU I 214 71.53 -15.74 -56.22
CA GLU I 214 70.34 -14.90 -56.15
C GLU I 214 70.10 -14.42 -54.72
N SER I 215 70.16 -15.34 -53.76
CA SER I 215 69.96 -14.94 -52.36
C SER I 215 71.02 -13.95 -51.91
N ALA I 216 72.27 -14.15 -52.33
CA ALA I 216 73.33 -13.24 -51.94
C ALA I 216 73.09 -11.84 -52.49
N VAL I 217 72.81 -11.74 -53.79
CA VAL I 217 72.62 -10.41 -54.38
C VAL I 217 71.39 -9.77 -53.79
N VAL I 218 70.36 -10.55 -53.48
CA VAL I 218 69.17 -9.99 -52.85
C VAL I 218 69.53 -9.39 -51.50
N GLU I 219 70.38 -10.07 -50.73
CA GLU I 219 70.81 -9.51 -49.44
C GLU I 219 71.57 -8.19 -49.65
N ASP I 220 72.49 -8.16 -50.61
CA ASP I 220 73.27 -6.94 -50.84
C ASP I 220 72.38 -5.80 -51.30
N LEU I 221 71.44 -6.06 -52.22
CA LEU I 221 70.50 -5.03 -52.66
C LEU I 221 69.59 -4.54 -51.54
N LEU I 222 69.08 -5.45 -50.68
CA LEU I 222 68.29 -4.99 -49.54
C LEU I 222 69.10 -4.07 -48.65
N TYR I 223 70.41 -4.26 -48.58
CA TYR I 223 71.24 -3.26 -47.91
C TYR I 223 71.39 -1.98 -48.74
N VAL I 224 71.55 -2.11 -50.06
CA VAL I 224 71.80 -0.93 -50.89
C VAL I 224 70.63 0.04 -50.83
N LEU I 225 69.41 -0.49 -50.68
CA LEU I 225 68.23 0.38 -50.75
C LEU I 225 68.25 1.47 -49.68
N VAL I 226 68.91 1.22 -48.55
CA VAL I 226 69.03 2.24 -47.50
C VAL I 226 70.29 3.09 -47.65
N GLY I 227 71.10 2.86 -48.69
CA GLY I 227 72.25 3.69 -48.97
C GLY I 227 73.58 3.09 -48.54
N VAL I 228 73.57 2.04 -47.71
CA VAL I 228 74.79 1.45 -47.19
C VAL I 228 75.28 0.42 -48.18
N ASP I 229 76.60 0.38 -48.38
CA ASP I 229 77.26 -0.49 -49.35
C ASP I 229 76.91 -1.96 -49.13
N GLY I 230 77.14 -2.78 -50.16
CA GLY I 230 76.95 -4.21 -50.08
C GLY I 230 78.26 -4.93 -50.34
N ARG I 231 78.29 -6.22 -49.98
CA ARG I 231 79.50 -7.00 -50.16
C ARG I 231 79.81 -7.24 -51.63
N TYR I 232 78.79 -7.58 -52.42
CA TYR I 232 78.97 -7.91 -53.82
C TYR I 232 78.65 -6.76 -54.77
N VAL I 233 77.98 -5.72 -54.28
CA VAL I 233 77.67 -4.52 -55.07
C VAL I 233 78.13 -3.30 -54.28
N SER I 234 78.87 -2.42 -54.93
CA SER I 234 79.45 -1.23 -54.30
C SER I 234 78.85 0.04 -54.91
N ALA I 235 78.66 1.06 -54.08
CA ALA I 235 78.24 2.37 -54.57
C ALA I 235 79.49 3.17 -54.92
N GLN I 236 79.64 3.54 -56.19
CA GLN I 236 80.86 4.20 -56.63
C GLN I 236 81.00 5.56 -55.93
N PRO I 237 82.18 5.91 -55.43
CA PRO I 237 82.30 7.13 -54.61
C PRO I 237 82.52 8.41 -55.39
N LEU I 238 82.58 8.34 -56.73
CA LEU I 238 82.76 9.51 -57.58
C LEU I 238 81.81 10.65 -57.19
N ALA I 239 80.50 10.40 -57.31
CA ALA I 239 79.48 11.41 -57.04
C ALA I 239 79.72 12.69 -57.85
N GLY I 240 80.32 12.56 -59.03
CA GLY I 240 80.51 13.69 -59.88
C GLY I 240 79.20 14.18 -60.48
N ARG I 241 79.16 15.48 -60.75
CA ARG I 241 77.91 16.18 -61.05
C ARG I 241 76.95 15.77 -59.94
N GLN I 242 75.84 15.08 -60.24
CA GLN I 242 74.93 14.60 -59.21
C GLN I 242 74.53 13.14 -59.42
N SER I 243 74.94 12.52 -60.53
CA SER I 243 74.42 11.22 -60.92
C SER I 243 75.22 10.13 -60.21
N ARG I 244 74.57 9.46 -59.26
CA ARG I 244 75.21 8.35 -58.56
C ARG I 244 75.29 7.15 -59.47
N THR I 245 76.39 6.40 -59.33
CA THR I 245 76.64 5.20 -60.10
C THR I 245 77.04 4.07 -59.16
N PHE I 246 76.82 2.84 -59.60
CA PHE I 246 77.06 1.65 -58.81
C PHE I 246 77.86 0.66 -59.64
N LEU I 247 78.65 -0.16 -58.94
CA LEU I 247 79.52 -1.17 -59.55
C LEU I 247 79.11 -2.53 -58.99
N VAL I 248 78.49 -3.34 -59.84
CA VAL I 248 78.20 -4.73 -59.51
C VAL I 248 79.47 -5.54 -59.75
N ASP I 249 79.58 -6.67 -59.06
CA ASP I 249 80.74 -7.53 -59.22
C ASP I 249 80.85 -7.98 -60.68
N PRO I 250 82.06 -8.04 -61.25
CA PRO I 250 82.14 -8.33 -62.70
C PRO I 250 81.70 -9.73 -63.05
N ASN I 251 82.13 -10.73 -62.29
CA ASN I 251 81.81 -12.14 -62.56
C ASN I 251 80.50 -12.57 -61.90
N LEU I 252 79.39 -12.34 -62.60
CA LEU I 252 78.07 -12.80 -62.17
C LEU I 252 77.38 -13.37 -63.39
N ASP I 253 76.21 -13.97 -63.19
CA ASP I 253 75.40 -14.48 -64.29
C ASP I 253 74.78 -13.28 -64.99
N LEU I 254 74.88 -13.26 -66.32
CA LEU I 254 74.46 -12.11 -67.11
C LEU I 254 73.03 -11.69 -66.79
N SER I 255 72.13 -12.67 -66.62
CA SER I 255 70.74 -12.37 -66.31
C SER I 255 70.62 -11.64 -64.98
N ILE I 256 71.30 -12.16 -63.95
CA ILE I 256 71.20 -11.53 -62.63
C ILE I 256 71.85 -10.17 -62.66
N ARG I 257 72.94 -10.02 -63.40
CA ARG I 257 73.62 -8.73 -63.51
C ARG I 257 72.68 -7.69 -64.11
N GLU I 258 71.99 -8.05 -65.20
CA GLU I 258 71.11 -7.09 -65.84
C GLU I 258 69.92 -6.75 -64.93
N LEU I 259 69.36 -7.74 -64.24
CA LEU I 259 68.28 -7.43 -63.29
C LEU I 259 68.76 -6.55 -62.16
N VAL I 260 70.00 -6.75 -61.68
CA VAL I 260 70.56 -5.85 -60.68
C VAL I 260 70.68 -4.44 -61.23
N HIS I 261 71.13 -4.30 -62.48
CA HIS I 261 71.12 -2.96 -63.08
C HIS I 261 69.71 -2.38 -63.15
N ARG I 262 68.71 -3.20 -63.45
CA ARG I 262 67.37 -2.64 -63.60
C ARG I 262 66.75 -2.31 -62.25
N ILE I 263 67.21 -2.96 -61.18
CA ILE I 263 66.78 -2.64 -59.82
C ILE I 263 67.58 -1.50 -59.21
N LEU I 264 68.80 -1.27 -59.68
CA LEU I 264 69.68 -0.28 -59.10
C LEU I 264 69.25 1.19 -59.20
N PRO I 265 68.44 1.65 -60.18
CA PRO I 265 68.19 3.10 -60.25
C PRO I 265 67.51 3.67 -59.02
N VAL I 266 66.80 2.87 -58.22
CA VAL I 266 66.21 3.43 -57.01
C VAL I 266 67.30 3.76 -55.99
N ALA I 267 68.45 3.09 -56.05
CA ALA I 267 69.53 3.41 -55.14
C ALA I 267 70.20 4.73 -55.51
N ALA I 268 70.47 4.92 -56.80
CA ALA I 268 70.97 6.21 -57.27
C ALA I 268 69.95 7.31 -57.05
N SER I 269 68.66 6.98 -57.04
CA SER I 269 67.58 7.93 -56.78
C SER I 269 67.18 7.97 -55.31
N TYR I 270 67.94 7.30 -54.45
CA TYR I 270 67.87 7.49 -53.01
C TYR I 270 69.07 8.27 -52.48
N SER I 271 70.25 8.02 -53.04
CA SER I 271 71.44 8.71 -52.54
C SER I 271 71.38 10.21 -52.85
N ALA I 272 70.99 10.57 -54.06
CA ALA I 272 70.81 11.98 -54.39
C ALA I 272 69.66 12.58 -53.59
N VAL I 273 68.61 11.80 -53.34
CA VAL I 273 67.46 12.31 -52.60
C VAL I 273 67.83 12.62 -51.16
N THR I 274 68.67 11.78 -50.54
CA THR I 274 69.10 12.10 -49.19
C THR I 274 70.09 13.27 -49.21
N ARG I 275 71.01 13.32 -50.18
CA ARG I 275 71.97 14.43 -50.22
C ARG I 275 71.24 15.76 -50.34
N PHE I 276 70.20 15.79 -51.16
CA PHE I 276 69.41 16.99 -51.31
C PHE I 276 68.82 17.40 -49.97
N ILE I 277 68.32 16.42 -49.21
CA ILE I 277 67.71 16.72 -47.93
C ILE I 277 68.72 17.22 -46.91
N GLU I 278 69.98 16.79 -46.99
CA GLU I 278 70.94 17.31 -46.02
C GLU I 278 71.45 18.68 -46.42
N GLU I 279 71.92 18.83 -47.67
CA GLU I 279 72.53 20.09 -48.06
C GLU I 279 71.52 21.23 -48.13
N LYS I 280 70.25 20.93 -48.47
CA LYS I 280 69.24 21.96 -48.61
C LYS I 280 68.33 22.03 -47.39
N SER I 281 68.81 21.56 -46.24
CA SER I 281 68.17 21.77 -44.95
C SER I 281 68.98 22.69 -44.05
N SER I 282 70.10 23.21 -44.53
CA SER I 282 70.77 24.26 -43.81
C SER I 282 69.94 25.54 -43.92
N PHE I 283 70.14 26.45 -42.96
CA PHE I 283 69.31 27.65 -42.93
C PHE I 283 69.40 28.48 -44.21
N GLU I 284 70.58 28.55 -44.82
CA GLU I 284 70.86 29.56 -45.84
C GLU I 284 69.92 29.45 -47.04
N TYR I 285 69.47 28.23 -47.37
CA TYR I 285 68.73 28.02 -48.61
C TYR I 285 67.29 28.50 -48.54
N GLY I 286 66.76 28.81 -47.36
CA GLY I 286 65.50 29.51 -47.24
C GLY I 286 64.39 28.60 -46.74
N GLN I 287 63.32 29.25 -46.24
CA GLN I 287 62.27 28.53 -45.53
C GLN I 287 61.59 27.50 -46.42
N VAL I 288 61.43 27.81 -47.70
CA VAL I 288 60.71 26.92 -48.60
C VAL I 288 61.54 25.70 -48.94
N ASN I 289 62.81 25.94 -49.28
CA ASN I 289 63.72 24.84 -49.54
C ASN I 289 63.95 23.99 -48.29
N HIS I 290 63.69 24.53 -47.10
CA HIS I 290 63.73 23.69 -45.91
C HIS I 290 62.56 22.71 -45.90
N ALA I 291 61.34 23.20 -46.12
CA ALA I 291 60.18 22.32 -46.00
C ALA I 291 60.12 21.32 -47.14
N LEU I 292 60.66 21.66 -48.32
CA LEU I 292 60.74 20.67 -49.39
C LEU I 292 61.53 19.45 -48.95
N ALA I 293 62.69 19.68 -48.35
CA ALA I 293 63.48 18.57 -47.84
C ALA I 293 62.83 17.92 -46.62
N ALA I 294 62.13 18.71 -45.81
CA ALA I 294 61.54 18.19 -44.58
C ALA I 294 60.31 17.32 -44.85
N ALA I 295 59.66 17.49 -46.00
CA ALA I 295 58.55 16.64 -46.41
C ALA I 295 58.96 15.57 -47.40
N MET I 296 60.13 15.72 -48.03
CA MET I 296 60.76 14.61 -48.73
C MET I 296 61.32 13.59 -47.73
N ARG I 297 61.63 14.07 -46.54
CA ARG I 297 62.22 13.24 -45.51
C ARG I 297 61.22 12.24 -44.94
N THR I 298 59.93 12.59 -44.91
CA THR I 298 58.91 11.64 -44.47
C THR I 298 58.81 10.47 -45.45
N LEU I 299 58.88 10.75 -46.75
CA LEU I 299 58.86 9.67 -47.72
C LEU I 299 60.13 8.85 -47.67
N VAL I 300 61.25 9.45 -47.27
CA VAL I 300 62.43 8.64 -47.02
C VAL I 300 62.19 7.67 -45.87
N LYS I 301 61.54 8.15 -44.80
CA LYS I 301 61.20 7.27 -43.69
C LYS I 301 60.31 6.12 -44.16
N GLU I 302 59.31 6.41 -45.00
CA GLU I 302 58.39 5.36 -45.40
C GLU I 302 59.08 4.35 -46.32
N HIS I 303 60.05 4.80 -47.11
CA HIS I 303 60.89 3.86 -47.86
C HIS I 303 61.64 2.94 -46.89
N LEU I 304 62.13 3.50 -45.79
CA LEU I 304 62.80 2.67 -44.80
C LEU I 304 61.84 1.65 -44.18
N ILE I 305 60.58 2.03 -43.95
CA ILE I 305 59.57 1.08 -43.46
C ILE I 305 59.47 -0.09 -44.42
N LEU I 306 59.37 0.23 -45.71
CA LEU I 306 59.18 -0.81 -46.71
C LEU I 306 60.35 -1.78 -46.71
N VAL I 307 61.58 -1.25 -46.73
CA VAL I 307 62.73 -2.17 -46.79
C VAL I 307 62.84 -2.98 -45.50
N SER I 308 62.34 -2.47 -44.37
CA SER I 308 62.32 -3.29 -43.17
C SER I 308 61.40 -4.50 -43.33
N GLN I 309 60.21 -4.26 -43.91
CA GLN I 309 59.31 -5.39 -44.14
C GLN I 309 59.94 -6.40 -45.11
N LEU I 310 60.61 -5.90 -46.14
CA LEU I 310 61.32 -6.79 -47.05
C LEU I 310 62.42 -7.57 -46.35
N GLU I 311 63.10 -6.96 -45.37
CA GLU I 311 64.08 -7.73 -44.61
C GLU I 311 63.43 -8.86 -43.84
N GLN I 312 62.27 -8.61 -43.23
CA GLN I 312 61.58 -9.70 -42.52
C GLN I 312 61.27 -10.84 -43.46
N LEU I 313 60.73 -10.51 -44.63
CA LEU I 313 60.38 -11.56 -45.58
C LEU I 313 61.63 -12.31 -46.04
N HIS I 314 62.72 -11.59 -46.26
CA HIS I 314 63.95 -12.25 -46.69
C HIS I 314 64.51 -13.14 -45.59
N ARG I 315 64.31 -12.75 -44.32
CA ARG I 315 64.75 -13.61 -43.23
C ARG I 315 64.01 -14.94 -43.29
N GLN I 316 62.72 -14.91 -43.61
CA GLN I 316 61.96 -16.14 -43.71
C GLN I 316 62.22 -16.91 -45.02
N GLY I 317 63.26 -16.55 -45.78
CA GLY I 317 63.65 -17.28 -46.97
C GLY I 317 62.61 -17.27 -48.07
N LEU I 318 61.63 -16.36 -47.94
CA LEU I 318 60.43 -16.35 -48.75
C LEU I 318 60.41 -15.18 -49.74
N LEU I 319 61.59 -14.62 -50.05
CA LEU I 319 61.70 -13.52 -50.99
C LEU I 319 62.76 -13.87 -52.02
N SER I 320 62.55 -13.42 -53.25
CA SER I 320 63.50 -13.64 -54.33
C SER I 320 63.64 -12.34 -55.10
N LEU I 321 64.61 -12.33 -56.02
CA LEU I 321 64.90 -11.12 -56.77
C LEU I 321 63.72 -10.74 -57.65
N GLN I 322 63.00 -11.75 -58.17
CA GLN I 322 61.87 -11.48 -59.05
C GLN I 322 60.69 -10.87 -58.30
N LYS I 323 60.50 -11.26 -57.04
CA LYS I 323 59.45 -10.72 -56.19
C LYS I 323 59.83 -9.34 -55.68
N LEU I 324 61.13 -9.15 -55.43
CA LEU I 324 61.68 -7.84 -55.13
C LEU I 324 61.37 -6.85 -56.24
N TRP I 325 61.59 -7.27 -57.49
CA TRP I 325 61.30 -6.43 -58.65
C TRP I 325 59.88 -5.88 -58.58
N PHE I 326 58.90 -6.74 -58.34
CA PHE I 326 57.52 -6.26 -58.23
C PHE I 326 57.34 -5.33 -57.03
N TYR I 327 57.85 -5.70 -55.86
CA TYR I 327 57.55 -4.92 -54.67
C TYR I 327 58.13 -3.51 -54.73
N ILE I 328 59.26 -3.33 -55.42
CA ILE I 328 59.88 -2.00 -55.47
C ILE I 328 59.37 -1.10 -56.60
N GLN I 329 58.39 -1.55 -57.40
CA GLN I 329 57.89 -0.66 -58.45
C GLN I 329 57.18 0.58 -57.91
N PRO I 330 56.23 0.49 -56.96
CA PRO I 330 55.52 1.71 -56.54
C PRO I 330 56.44 2.77 -55.93
N ALA I 331 57.47 2.35 -55.21
CA ALA I 331 58.43 3.28 -54.64
C ALA I 331 59.53 3.65 -55.60
N MET I 332 59.71 2.91 -56.70
CA MET I 332 60.61 3.38 -57.75
C MET I 332 60.07 4.65 -58.40
N ARG I 333 58.76 4.72 -58.64
CA ARG I 333 58.20 5.91 -59.24
C ARG I 333 58.33 7.08 -58.26
N THR I 334 58.03 6.82 -56.99
CA THR I 334 58.19 7.85 -55.95
C THR I 334 59.61 8.39 -55.94
N MET I 335 60.59 7.49 -55.92
CA MET I 335 61.98 7.91 -55.85
C MET I 335 62.42 8.64 -57.11
N ASP I 336 61.98 8.18 -58.29
CA ASP I 336 62.36 8.87 -59.52
C ASP I 336 61.77 10.28 -59.58
N ILE I 337 60.52 10.45 -59.15
CA ILE I 337 59.95 11.79 -59.13
C ILE I 337 60.71 12.67 -58.16
N LEU I 338 61.02 12.15 -56.96
CA LEU I 338 61.72 12.98 -55.97
C LEU I 338 63.13 13.33 -56.43
N ALA I 339 63.82 12.39 -57.09
CA ALA I 339 65.21 12.64 -57.47
C ALA I 339 65.31 13.58 -58.65
N SER I 340 64.45 13.41 -59.66
CA SER I 340 64.47 14.36 -60.77
C SER I 340 64.05 15.75 -60.30
N LEU I 341 63.05 15.82 -59.42
CA LEU I 341 62.62 17.10 -58.89
C LEU I 341 63.75 17.77 -58.10
N ALA I 342 64.48 16.99 -57.29
CA ALA I 342 65.60 17.55 -56.56
C ALA I 342 66.71 18.00 -57.50
N THR I 343 66.95 17.22 -58.56
CA THR I 343 67.96 17.61 -59.54
C THR I 343 67.61 18.95 -60.16
N SER I 344 66.35 19.14 -60.52
CA SER I 344 65.93 20.40 -61.13
C SER I 344 66.02 21.55 -60.13
N VAL I 345 65.57 21.33 -58.89
CA VAL I 345 65.60 22.38 -57.88
C VAL I 345 67.03 22.83 -57.61
N ASP I 346 67.95 21.88 -57.49
CA ASP I 346 69.34 22.23 -57.23
C ASP I 346 69.96 22.87 -58.46
N LYS I 347 69.70 22.32 -59.64
CA LYS I 347 70.33 22.81 -60.86
C LYS I 347 69.95 24.26 -61.13
N GLY I 348 68.67 24.58 -60.97
CA GLY I 348 68.25 25.94 -61.23
C GLY I 348 68.65 26.95 -60.18
N GLU I 349 69.28 26.50 -59.09
CA GLU I 349 69.60 27.35 -57.95
C GLU I 349 68.36 28.09 -57.47
N CYS I 350 67.23 27.39 -57.53
CA CYS I 350 65.94 27.99 -57.24
C CYS I 350 65.68 27.98 -55.74
N LEU I 351 65.17 29.09 -55.24
CA LEU I 351 64.95 29.27 -53.82
C LEU I 351 63.82 30.27 -53.62
N GLY I 352 63.04 30.05 -52.57
CA GLY I 352 61.91 30.92 -52.27
C GLY I 352 60.65 30.56 -53.05
N GLY I 353 60.33 31.35 -54.07
CA GLY I 353 59.18 31.11 -54.91
C GLY I 353 59.57 30.49 -56.23
N SER I 354 60.86 30.57 -56.58
CA SER I 354 61.36 29.82 -57.72
C SER I 354 61.29 28.31 -57.48
N THR I 355 61.35 27.86 -56.22
CA THR I 355 61.15 26.46 -55.87
C THR I 355 59.73 26.26 -55.31
N LEU I 356 58.82 27.14 -55.70
CA LEU I 356 57.38 26.95 -55.57
C LEU I 356 56.68 27.04 -56.91
N SER I 357 57.33 27.63 -57.91
CA SER I 357 56.92 27.57 -59.31
C SER I 357 57.22 26.20 -59.92
N LEU I 358 58.41 25.69 -59.65
CA LEU I 358 58.82 24.42 -60.24
C LEU I 358 57.96 23.28 -59.72
N LEU I 359 57.53 23.36 -58.46
CA LEU I 359 56.63 22.38 -57.90
C LEU I 359 55.20 22.51 -58.43
N HIS I 360 54.84 23.68 -58.97
CA HIS I 360 53.55 23.81 -59.63
C HIS I 360 53.61 23.27 -61.06
N ASP I 361 54.70 23.55 -61.76
CA ASP I 361 54.81 23.11 -63.14
C ASP I 361 55.00 21.60 -63.22
N ARG I 362 55.79 21.02 -62.31
CA ARG I 362 55.91 19.56 -62.34
C ARG I 362 54.60 18.89 -61.94
N SER I 363 53.75 19.56 -61.16
CA SER I 363 52.45 18.99 -60.83
C SER I 363 51.46 19.10 -62.00
N PHE I 364 51.49 20.18 -62.78
CA PHE I 364 50.81 20.12 -64.08
C PHE I 364 51.35 19.01 -64.96
N SER I 365 52.68 18.79 -64.94
CA SER I 365 53.30 17.85 -65.87
C SER I 365 52.62 16.49 -65.85
N TYR I 366 52.25 16.00 -64.65
CA TYR I 366 51.49 14.77 -64.50
C TYR I 366 50.10 15.13 -63.97
N THR I 367 49.08 15.13 -64.84
CA THR I 367 47.71 15.43 -64.42
C THR I 367 46.79 14.22 -64.41
N GLY I 368 47.08 13.20 -65.23
CA GLY I 368 46.27 12.01 -65.32
C GLY I 368 46.93 10.79 -64.73
N ASP I 369 48.23 10.88 -64.47
CA ASP I 369 48.97 9.77 -63.88
C ASP I 369 48.35 9.37 -62.54
N SER I 370 48.29 10.31 -61.61
CA SER I 370 47.65 10.14 -60.30
C SER I 370 48.40 9.18 -59.37
N GLN I 371 49.51 8.59 -59.83
CA GLN I 371 50.42 7.88 -58.95
C GLN I 371 51.54 8.81 -58.50
N ALA I 372 52.01 9.65 -59.41
CA ALA I 372 52.96 10.71 -59.09
C ALA I 372 52.27 12.04 -58.82
N GLN I 373 51.04 12.24 -59.29
CA GLN I 373 50.35 13.49 -59.00
C GLN I 373 50.06 13.64 -57.52
N GLU I 374 49.62 12.57 -56.86
CA GLU I 374 49.37 12.68 -55.42
C GLU I 374 50.66 12.95 -54.67
N LEU I 375 51.75 12.34 -55.11
CA LEU I 375 53.07 12.64 -54.55
C LEU I 375 53.39 14.12 -54.67
N CYS I 376 53.28 14.67 -55.87
CA CYS I 376 53.69 16.06 -56.08
C CYS I 376 52.75 17.02 -55.36
N LEU I 377 51.45 16.73 -55.37
CA LEU I 377 50.50 17.56 -54.65
C LEU I 377 50.77 17.54 -53.15
N TYR I 378 51.15 16.39 -52.60
CA TYR I 378 51.49 16.32 -51.19
C TYR I 378 52.79 17.07 -50.89
N LEU I 379 53.81 16.87 -51.73
CA LEU I 379 55.06 17.59 -51.56
C LEU I 379 54.85 19.09 -51.60
N THR I 380 53.97 19.57 -52.47
CA THR I 380 53.82 21.01 -52.57
C THR I 380 52.94 21.53 -51.47
N LYS I 381 51.97 20.73 -51.02
CA LYS I 381 51.22 21.08 -49.81
C LYS I 381 52.17 21.28 -48.64
N ALA I 382 53.18 20.42 -48.51
CA ALA I 382 54.07 20.50 -47.36
C ALA I 382 55.17 21.56 -47.56
N ALA I 383 55.65 21.75 -48.78
CA ALA I 383 56.74 22.67 -49.06
C ALA I 383 56.27 24.10 -49.27
N SER I 384 54.97 24.31 -49.42
CA SER I 384 54.38 25.63 -49.49
C SER I 384 53.83 26.12 -48.17
N ALA I 385 53.92 25.32 -47.11
CA ALA I 385 53.58 25.82 -45.79
C ALA I 385 54.50 26.98 -45.39
N PRO I 386 55.81 26.94 -45.66
CA PRO I 386 56.62 28.12 -45.33
C PRO I 386 56.24 29.37 -46.10
N TYR I 387 56.23 29.32 -47.45
CA TYR I 387 56.00 30.53 -48.23
C TYR I 387 54.64 31.11 -47.90
N PHE I 388 53.63 30.25 -47.80
CA PHE I 388 52.28 30.74 -47.59
C PHE I 388 52.16 31.31 -46.19
N GLU I 389 52.93 30.80 -45.24
CA GLU I 389 52.93 31.40 -43.92
C GLU I 389 53.56 32.78 -43.95
N VAL I 390 54.58 32.99 -44.80
CA VAL I 390 55.08 34.34 -45.03
C VAL I 390 54.02 35.17 -45.73
N LEU I 391 53.42 34.65 -46.81
CA LEU I 391 52.42 35.43 -47.53
C LEU I 391 51.19 35.65 -46.67
N GLU I 392 50.79 34.65 -45.88
CA GLU I 392 49.61 34.79 -45.04
C GLU I 392 49.81 35.89 -44.02
N LYS I 393 51.01 36.00 -43.48
CA LYS I 393 51.28 37.10 -42.58
C LYS I 393 51.35 38.41 -43.35
N TRP I 394 51.95 38.36 -44.55
CA TRP I 394 52.12 39.57 -45.34
C TRP I 394 50.77 40.16 -45.78
N ILE I 395 49.81 39.32 -46.13
CA ILE I 395 48.53 39.85 -46.62
C ILE I 395 47.66 40.31 -45.45
N TYR I 396 47.65 39.56 -44.33
CA TYR I 396 46.75 39.88 -43.23
C TYR I 396 47.39 40.77 -42.18
N ARG I 397 48.71 40.94 -42.23
CA ARG I 397 49.50 41.80 -41.35
C ARG I 397 50.56 42.51 -42.18
N GLY I 398 51.02 43.64 -41.66
CA GLY I 398 52.10 44.32 -42.33
C GLY I 398 53.46 43.68 -42.15
N ILE I 399 53.53 42.65 -41.32
CA ILE I 399 54.81 42.04 -40.95
C ILE I 399 55.38 41.31 -42.16
N ILE I 400 56.66 41.56 -42.43
CA ILE I 400 57.48 40.68 -43.25
C ILE I 400 58.60 40.21 -42.35
N HIS I 401 58.44 39.06 -41.70
CA HIS I 401 59.62 38.43 -41.11
C HIS I 401 60.66 38.20 -42.19
N ASP I 402 60.39 37.23 -43.09
CA ASP I 402 61.22 36.84 -44.23
C ASP I 402 62.69 36.93 -43.85
N PRO I 403 63.13 36.15 -42.85
CA PRO I 403 64.47 36.36 -42.30
C PRO I 403 65.55 36.27 -43.35
N TYR I 404 65.31 35.44 -44.37
CA TYR I 404 66.14 35.35 -45.55
C TYR I 404 65.39 35.86 -46.76
N SER I 405 66.14 36.38 -47.73
CA SER I 405 65.57 37.11 -48.86
C SER I 405 64.97 36.08 -49.79
N GLU I 406 63.76 35.67 -49.47
CA GLU I 406 63.09 34.59 -50.16
C GLU I 406 61.72 35.02 -50.66
N PHE I 407 61.02 35.83 -49.87
CA PHE I 407 59.68 36.25 -50.23
C PHE I 407 59.75 37.22 -51.40
N MET I 408 58.70 37.21 -52.23
CA MET I 408 58.68 38.04 -53.43
C MET I 408 58.77 39.52 -53.08
N VAL I 409 58.04 39.95 -52.06
CA VAL I 409 58.16 41.31 -51.58
C VAL I 409 59.42 41.44 -50.74
N GLU I 410 60.09 42.60 -50.85
CA GLU I 410 61.26 42.89 -50.05
C GLU I 410 61.14 44.29 -49.45
N GLU I 411 61.81 44.46 -48.33
CA GLU I 411 61.83 45.69 -47.56
C GLU I 411 63.23 46.30 -47.66
N HIS I 412 63.35 47.36 -48.44
CA HIS I 412 64.58 48.13 -48.52
C HIS I 412 64.66 49.08 -47.34
N GLU I 413 65.89 49.31 -46.85
CA GLU I 413 66.12 50.20 -45.71
C GLU I 413 66.40 51.61 -46.22
N LEU I 414 65.36 52.23 -46.77
CA LEU I 414 65.44 53.61 -47.26
C LEU I 414 65.17 54.62 -46.14
N ARG I 415 65.06 54.14 -44.90
CA ARG I 415 64.91 55.02 -43.76
C ARG I 415 66.18 55.83 -43.52
N LYS I 416 67.33 55.29 -43.87
CA LYS I 416 68.59 55.98 -43.61
C LYS I 416 68.61 57.34 -44.31
N GLU I 417 68.08 57.39 -45.54
CA GLU I 417 67.96 58.67 -46.23
C GLU I 417 66.72 59.43 -45.80
N ARG I 418 65.53 58.79 -45.86
CA ARG I 418 64.26 59.52 -45.75
C ARG I 418 63.65 59.27 -44.37
N ILE I 419 63.87 60.20 -43.42
CA ILE I 419 63.46 59.97 -42.04
C ILE I 419 62.83 61.19 -41.36
N GLN I 420 62.61 62.30 -42.08
CA GLN I 420 61.86 63.43 -41.50
C GLN I 420 60.66 63.84 -42.34
N GLU I 421 60.95 64.39 -43.52
CA GLU I 421 59.92 64.66 -44.51
C GLU I 421 59.65 63.40 -45.33
N ASP I 422 60.59 62.44 -45.29
CA ASP I 422 60.49 61.22 -46.12
C ASP I 422 60.30 61.72 -47.55
N TYR I 423 61.16 62.65 -48.00
CA TYR I 423 61.12 63.24 -49.36
C TYR I 423 60.78 62.20 -50.43
N ASN I 424 61.34 61.01 -50.34
CA ASN I 424 61.18 59.97 -51.38
C ASN I 424 59.76 59.40 -51.42
N ASP I 425 58.90 59.67 -50.42
CA ASP I 425 57.58 59.01 -50.38
C ASP I 425 57.92 57.54 -50.40
N LYS I 426 58.87 57.09 -49.57
CA LYS I 426 59.45 55.76 -49.66
C LYS I 426 58.47 54.65 -49.28
N TYR I 427 57.63 54.88 -48.26
CA TYR I 427 56.62 53.90 -47.88
C TYR I 427 55.75 53.46 -49.05
N TRP I 428 55.52 54.35 -50.02
CA TRP I 428 54.76 54.08 -51.24
C TRP I 428 55.55 54.24 -52.53
N ASP I 429 56.86 54.48 -52.47
CA ASP I 429 57.67 54.50 -53.69
C ASP I 429 58.68 53.37 -53.73
N GLN I 430 59.55 53.24 -52.72
CA GLN I 430 60.66 52.30 -52.81
C GLN I 430 60.99 51.65 -51.47
N ARG I 431 60.11 51.75 -50.46
CA ARG I 431 60.39 51.04 -49.22
C ARG I 431 60.10 49.57 -49.41
N TYR I 432 58.83 49.24 -49.66
CA TYR I 432 58.39 47.87 -49.92
C TYR I 432 58.32 47.71 -51.44
N THR I 433 59.29 46.99 -52.01
CA THR I 433 59.39 46.81 -53.45
C THR I 433 59.31 45.32 -53.77
N ILE I 434 59.24 45.02 -55.06
CA ILE I 434 58.96 43.66 -55.53
C ILE I 434 60.24 43.06 -56.10
N VAL I 435 60.31 41.73 -56.08
CA VAL I 435 61.36 40.96 -56.72
C VAL I 435 60.72 40.15 -57.84
N GLN I 436 61.43 40.04 -58.96
CA GLN I 436 60.87 39.42 -60.16
C GLN I 436 61.07 37.91 -60.16
N GLN I 437 62.29 37.45 -59.94
CA GLN I 437 62.58 36.02 -60.05
C GLN I 437 62.03 35.21 -58.89
N GLN I 438 61.61 35.84 -57.79
CA GLN I 438 61.11 35.14 -56.61
C GLN I 438 59.60 35.27 -56.47
N ILE I 439 58.88 35.38 -57.57
CA ILE I 439 57.43 35.37 -57.56
C ILE I 439 56.98 33.93 -57.82
N PRO I 440 56.02 33.39 -57.07
CA PRO I 440 55.68 31.95 -57.25
C PRO I 440 55.23 31.56 -58.64
N SER I 441 54.64 32.48 -59.40
CA SER I 441 54.21 32.32 -60.79
C SER I 441 52.90 31.58 -60.95
N PHE I 442 52.30 31.09 -59.86
CA PHE I 442 50.85 30.94 -59.86
C PHE I 442 50.16 32.25 -59.45
N LEU I 443 50.88 33.13 -58.76
CA LEU I 443 50.39 34.42 -58.28
C LEU I 443 50.86 35.64 -59.08
N GLN I 444 51.53 35.49 -60.23
CA GLN I 444 51.85 36.66 -61.06
C GLN I 444 50.63 37.50 -61.39
N LYS I 445 49.48 36.86 -61.57
CA LYS I 445 48.26 37.60 -61.88
C LYS I 445 47.92 38.57 -60.75
N MET I 446 48.18 38.17 -59.51
CA MET I 446 47.90 38.97 -58.32
C MET I 446 49.12 39.67 -57.71
N ALA I 447 50.30 39.52 -58.34
CA ALA I 447 51.56 39.89 -57.69
C ALA I 447 51.59 41.35 -57.25
N ASP I 448 51.25 42.28 -58.15
CA ASP I 448 51.24 43.69 -57.80
C ASP I 448 50.23 43.96 -56.68
N LYS I 449 49.06 43.32 -56.76
CA LYS I 449 48.03 43.55 -55.76
C LYS I 449 48.48 43.09 -54.37
N ILE I 450 49.29 42.02 -54.29
CA ILE I 450 49.80 41.59 -52.99
C ILE I 450 50.72 42.63 -52.37
N LEU I 451 51.66 43.15 -53.17
CA LEU I 451 52.54 44.19 -52.68
C LEU I 451 51.74 45.37 -52.16
N SER I 452 50.76 45.80 -52.96
CA SER I 452 49.83 46.83 -52.50
C SER I 452 49.10 46.41 -51.23
N THR I 453 48.72 45.13 -51.16
CA THR I 453 47.88 44.63 -50.08
C THR I 453 48.57 44.84 -48.75
N GLY I 454 49.80 44.37 -48.64
CA GLY I 454 50.50 44.40 -47.38
C GLY I 454 51.16 45.74 -47.13
N LYS I 455 51.52 46.44 -48.21
CA LYS I 455 52.07 47.78 -48.07
C LYS I 455 51.04 48.70 -47.45
N TYR I 456 49.77 48.47 -47.75
CA TYR I 456 48.72 49.23 -47.07
C TYR I 456 48.60 48.86 -45.59
N LEU I 457 48.93 47.61 -45.22
CA LEU I 457 48.84 47.21 -43.81
C LEU I 457 50.00 47.76 -42.98
N ASN I 458 51.19 47.91 -43.58
CA ASN I 458 52.34 48.33 -42.79
C ASN I 458 52.09 49.63 -42.06
N VAL I 459 51.54 50.61 -42.75
CA VAL I 459 51.54 51.99 -42.28
C VAL I 459 50.39 52.26 -41.30
N VAL I 460 49.57 51.25 -41.04
CA VAL I 460 48.71 51.25 -39.85
C VAL I 460 49.29 50.38 -38.75
N ARG I 461 50.06 49.35 -39.10
CA ARG I 461 50.86 48.66 -38.10
C ARG I 461 51.99 49.52 -37.55
N GLU I 462 52.36 50.60 -38.25
CA GLU I 462 53.46 51.46 -37.85
C GLU I 462 53.05 52.43 -36.77
N CYS I 463 51.81 52.91 -36.81
CA CYS I 463 51.31 53.91 -35.88
C CYS I 463 50.67 53.29 -34.65
N GLY I 464 50.75 51.96 -34.51
CA GLY I 464 50.32 51.29 -33.30
C GLY I 464 48.87 50.90 -33.24
N HIS I 465 48.03 51.46 -34.11
CA HIS I 465 46.64 51.03 -34.14
C HIS I 465 46.57 49.58 -34.61
N ASP I 466 46.05 48.71 -33.74
CA ASP I 466 46.06 47.28 -34.03
C ASP I 466 45.18 46.99 -35.23
N VAL I 467 45.75 46.31 -36.22
CA VAL I 467 45.03 45.94 -37.43
C VAL I 467 45.03 44.43 -37.49
N THR I 468 43.84 43.86 -37.58
CA THR I 468 43.68 42.42 -37.72
C THR I 468 42.52 42.16 -38.66
N CYS I 469 42.72 41.21 -39.55
CA CYS I 469 41.66 40.78 -40.45
C CYS I 469 40.48 40.27 -39.62
N PRO I 470 39.24 40.42 -40.09
CA PRO I 470 38.12 39.89 -39.31
C PRO I 470 38.22 38.38 -39.13
N VAL I 471 38.58 37.68 -40.21
CA VAL I 471 38.82 36.24 -40.18
C VAL I 471 40.08 35.99 -41.00
N ALA I 472 41.08 35.38 -40.38
CA ALA I 472 42.30 34.98 -41.08
C ALA I 472 42.09 33.59 -41.68
N LYS I 473 42.04 33.51 -43.01
CA LYS I 473 41.91 32.23 -43.70
C LYS I 473 43.28 31.71 -44.09
N GLU I 474 43.58 30.50 -43.63
CA GLU I 474 44.80 29.82 -44.01
C GLU I 474 44.69 29.36 -45.45
N ILE I 475 45.81 29.41 -46.16
CA ILE I 475 45.85 29.22 -47.61
C ILE I 475 46.76 28.03 -47.90
N ILE I 476 46.29 27.13 -48.75
CA ILE I 476 46.98 25.88 -49.07
C ILE I 476 47.12 25.74 -50.57
N TYR I 477 48.21 25.14 -51.01
CA TYR I 477 48.47 25.00 -52.44
C TYR I 477 47.39 24.12 -53.06
N THR I 478 47.05 24.44 -54.31
CA THR I 478 45.95 23.80 -54.97
C THR I 478 46.25 23.76 -56.46
N LEU I 479 45.72 22.73 -57.12
CA LEU I 479 45.90 22.52 -58.54
C LEU I 479 44.55 22.50 -59.20
N LYS I 480 44.46 23.10 -60.38
CA LYS I 480 43.29 23.19 -61.25
C LYS I 480 42.26 24.18 -60.70
N GLU I 481 42.47 24.76 -59.52
CA GLU I 481 41.46 25.57 -58.84
C GLU I 481 42.14 26.79 -58.23
N ARG I 482 41.90 27.96 -58.82
CA ARG I 482 42.47 29.22 -58.37
C ARG I 482 41.54 29.87 -57.35
N ALA I 483 41.54 29.29 -56.14
CA ALA I 483 40.85 29.88 -54.99
C ALA I 483 41.76 30.82 -54.21
N TYR I 484 43.07 30.66 -54.32
CA TYR I 484 43.96 31.64 -53.72
C TYR I 484 43.71 33.01 -54.32
N VAL I 485 43.32 33.08 -55.59
CA VAL I 485 43.09 34.37 -56.22
C VAL I 485 42.00 35.14 -55.49
N GLU I 486 40.84 34.51 -55.29
CA GLU I 486 39.76 35.21 -54.61
C GLU I 486 40.11 35.44 -53.15
N GLN I 487 40.93 34.58 -52.55
CA GLN I 487 41.37 34.88 -51.18
C GLN I 487 42.26 36.12 -51.13
N ILE I 488 43.20 36.26 -52.07
CA ILE I 488 43.99 37.49 -52.14
C ILE I 488 43.10 38.70 -52.36
N GLU I 489 42.08 38.58 -53.22
CA GLU I 489 41.20 39.73 -53.45
C GLU I 489 40.37 40.05 -52.20
N LYS I 490 39.91 39.02 -51.51
CA LYS I 490 39.13 39.19 -50.29
C LYS I 490 39.96 39.88 -49.21
N ALA I 491 41.26 39.60 -49.18
CA ALA I 491 42.15 40.32 -48.28
C ALA I 491 42.48 41.72 -48.79
N PHE I 492 42.67 41.86 -50.11
CA PHE I 492 43.01 43.15 -50.71
C PHE I 492 41.96 44.21 -50.45
N ASN I 493 40.69 43.88 -50.66
CA ASN I 493 39.66 44.90 -50.52
C ASN I 493 39.54 45.35 -49.06
N TYR I 494 39.65 44.40 -48.14
CA TYR I 494 39.66 44.77 -46.72
C TYR I 494 40.91 45.57 -46.37
N ALA I 495 42.06 45.24 -46.96
CA ALA I 495 43.27 46.02 -46.72
C ALA I 495 43.09 47.47 -47.18
N SER I 496 42.49 47.65 -48.36
CA SER I 496 42.25 48.99 -48.85
C SER I 496 41.30 49.76 -47.94
N LYS I 497 40.21 49.13 -47.49
CA LYS I 497 39.36 49.75 -46.49
C LYS I 497 40.16 50.08 -45.23
N VAL I 498 40.99 49.14 -44.80
CA VAL I 498 41.78 49.30 -43.58
C VAL I 498 42.61 50.56 -43.64
N LEU I 499 43.45 50.68 -44.67
CA LEU I 499 44.33 51.83 -44.67
C LEU I 499 43.58 53.11 -44.97
N LEU I 500 42.78 53.16 -46.04
CA LEU I 500 42.07 54.40 -46.36
C LEU I 500 41.29 54.89 -45.13
N ASP I 501 40.57 54.00 -44.44
CA ASP I 501 39.84 54.37 -43.25
C ASP I 501 40.78 54.83 -42.14
N PHE I 502 41.88 54.12 -41.93
CA PHE I 502 42.80 54.49 -40.85
C PHE I 502 43.36 55.87 -41.08
N LEU I 503 43.77 56.15 -42.31
CA LEU I 503 44.35 57.44 -42.65
C LEU I 503 43.30 58.55 -42.63
N MET I 504 42.03 58.21 -42.90
CA MET I 504 40.96 59.19 -42.97
C MET I 504 40.22 59.40 -41.65
N GLU I 505 40.53 58.63 -40.60
CA GLU I 505 40.03 58.86 -39.24
C GLU I 505 41.12 59.16 -38.25
N GLU I 506 42.16 58.33 -38.16
CA GLU I 506 43.41 58.70 -37.54
C GLU I 506 44.21 59.41 -38.61
N LYS I 507 45.11 60.32 -38.21
CA LYS I 507 45.96 60.99 -39.20
C LYS I 507 45.13 61.72 -40.25
N GLU I 508 43.98 62.22 -39.80
CA GLU I 508 42.81 62.44 -40.66
C GLU I 508 43.11 63.45 -41.76
N LEU I 509 43.27 62.94 -42.99
CA LEU I 509 43.96 63.67 -44.04
C LEU I 509 43.19 64.87 -44.58
N VAL I 510 41.85 64.86 -44.52
CA VAL I 510 41.09 65.95 -45.14
C VAL I 510 41.34 67.27 -44.40
N ALA I 511 41.36 67.24 -43.06
CA ALA I 511 41.59 68.48 -42.31
C ALA I 511 43.03 68.97 -42.46
N HIS I 512 44.01 68.06 -42.48
CA HIS I 512 45.37 68.45 -42.87
C HIS I 512 45.40 69.15 -44.21
N LEU I 513 44.73 68.59 -45.21
CA LEU I 513 44.82 69.20 -46.54
C LEU I 513 44.13 70.56 -46.55
N ARG I 514 43.04 70.69 -45.81
CA ARG I 514 42.36 71.98 -45.69
C ARG I 514 43.29 73.00 -45.03
N SER I 515 43.88 72.62 -43.90
CA SER I 515 44.72 73.54 -43.15
C SER I 515 46.08 73.72 -43.79
N ILE I 516 46.37 73.03 -44.88
CA ILE I 516 47.49 73.35 -45.73
C ILE I 516 47.10 74.36 -46.80
N LYS I 517 45.92 74.21 -47.39
CA LYS I 517 45.51 75.19 -48.39
C LYS I 517 45.33 76.55 -47.73
N ARG I 518 44.86 76.58 -46.49
CA ARG I 518 44.52 77.85 -45.86
C ARG I 518 45.72 78.76 -45.77
N TYR I 519 46.90 78.18 -45.56
CA TYR I 519 48.11 78.96 -45.38
C TYR I 519 48.92 79.05 -46.66
N PHE I 520 49.17 77.93 -47.34
CA PHE I 520 49.97 78.02 -48.55
C PHE I 520 49.21 78.66 -49.71
N LEU I 521 47.94 78.29 -49.91
CA LEU I 521 47.11 78.91 -50.93
C LEU I 521 46.31 80.10 -50.40
N MET I 522 46.36 80.39 -49.10
CA MET I 522 46.01 81.69 -48.53
C MET I 522 44.51 81.97 -48.50
N ASP I 523 43.65 80.94 -48.52
CA ASP I 523 42.20 81.09 -48.35
C ASP I 523 41.85 82.07 -47.25
N GLN I 524 42.43 81.90 -46.07
CA GLN I 524 42.24 82.90 -45.01
C GLN I 524 43.10 84.12 -45.32
N GLY I 525 42.45 85.27 -45.44
CA GLY I 525 43.13 86.52 -45.72
C GLY I 525 43.41 87.35 -44.48
N ASP I 526 42.58 87.19 -43.45
CA ASP I 526 42.87 87.78 -42.14
C ASP I 526 44.30 87.50 -41.74
N PHE I 527 44.69 86.24 -41.77
CA PHE I 527 46.00 85.86 -41.24
C PHE I 527 47.10 86.49 -42.08
N PHE I 528 46.93 86.56 -43.40
CA PHE I 528 48.00 87.14 -44.21
C PHE I 528 48.09 88.65 -44.09
N VAL I 529 46.97 89.37 -44.07
CA VAL I 529 47.09 90.81 -43.95
C VAL I 529 47.64 91.18 -42.58
N HIS I 530 47.19 90.51 -41.53
CA HIS I 530 47.76 90.77 -40.21
C HIS I 530 49.23 90.37 -40.17
N PHE I 531 49.60 89.27 -40.82
CA PHE I 531 50.99 88.86 -40.88
C PHE I 531 51.84 89.88 -41.62
N MET I 532 51.31 90.43 -42.71
CA MET I 532 52.09 91.32 -43.56
C MET I 532 52.27 92.69 -42.94
N ASP I 533 51.19 93.23 -42.35
CA ASP I 533 51.27 94.53 -41.69
C ASP I 533 52.31 94.53 -40.59
N LEU I 534 52.32 93.48 -39.78
CA LEU I 534 53.28 93.35 -38.70
C LEU I 534 54.68 92.99 -39.17
N ALA I 535 54.85 92.43 -40.37
CA ALA I 535 56.09 91.81 -40.78
C ALA I 535 56.90 92.63 -41.78
N GLU I 536 56.24 93.43 -42.61
CA GLU I 536 56.91 94.02 -43.77
C GLU I 536 58.10 94.88 -43.37
N GLU I 537 57.99 95.62 -42.26
CA GLU I 537 59.09 96.44 -41.80
C GLU I 537 60.32 95.60 -41.47
N GLU I 538 60.12 94.40 -40.93
CA GLU I 538 61.25 93.48 -40.77
C GLU I 538 61.69 92.98 -42.15
N LEU I 539 60.72 92.76 -43.04
CA LEU I 539 61.02 92.12 -44.32
C LEU I 539 61.94 92.99 -45.17
N ARG I 540 61.77 94.32 -45.12
CA ARG I 540 62.54 95.20 -46.00
C ARG I 540 64.05 95.08 -45.77
N LYS I 541 64.45 94.59 -44.61
CA LYS I 541 65.86 94.38 -44.33
C LYS I 541 66.39 93.21 -45.15
N PRO I 542 67.67 93.21 -45.52
CA PRO I 542 68.21 92.14 -46.37
C PRO I 542 68.55 90.88 -45.57
N VAL I 543 69.00 89.85 -46.30
CA VAL I 543 69.39 88.61 -45.63
C VAL I 543 70.64 88.89 -44.79
N GLU I 544 70.82 88.10 -43.72
CA GLU I 544 71.91 88.19 -42.76
C GLU I 544 71.75 89.41 -41.84
N ASP I 545 70.74 90.25 -42.10
CA ASP I 545 70.41 91.43 -41.32
C ASP I 545 69.09 91.25 -40.58
N ILE I 546 68.43 90.09 -40.75
CA ILE I 546 67.18 89.76 -40.06
C ILE I 546 67.38 88.44 -39.34
N THR I 547 66.55 88.22 -38.32
CA THR I 547 66.64 87.03 -37.49
C THR I 547 65.44 86.11 -37.71
N PRO I 548 65.64 84.81 -37.93
CA PRO I 548 64.49 83.89 -38.02
C PRO I 548 63.58 83.92 -36.80
N PRO I 549 64.11 83.94 -35.56
CA PRO I 549 63.19 83.89 -34.42
C PRO I 549 62.24 85.07 -34.32
N ARG I 550 62.68 86.26 -34.71
CA ARG I 550 61.78 87.42 -34.77
C ARG I 550 60.55 87.10 -35.60
N LEU I 551 60.78 86.61 -36.83
CA LEU I 551 59.68 86.26 -37.71
C LEU I 551 58.86 85.11 -37.14
N GLU I 552 59.51 84.17 -36.44
CA GLU I 552 58.77 83.04 -35.87
C GLU I 552 57.78 83.52 -34.81
N ALA I 553 58.25 84.35 -33.89
CA ALA I 553 57.37 84.91 -32.87
C ALA I 553 56.28 85.76 -33.50
N LEU I 554 56.64 86.49 -34.56
CA LEU I 554 55.66 87.31 -35.25
C LEU I 554 54.58 86.45 -35.89
N LEU I 555 54.97 85.31 -36.49
CA LEU I 555 53.99 84.40 -37.07
C LEU I 555 53.08 83.85 -35.99
N GLU I 556 53.64 83.48 -34.85
CA GLU I 556 52.80 82.99 -33.76
C GLU I 556 51.78 84.05 -33.35
N LEU I 557 52.25 85.30 -33.21
CA LEU I 557 51.35 86.39 -32.83
C LEU I 557 50.25 86.58 -33.86
N ALA I 558 50.61 86.68 -35.13
CA ALA I 558 49.61 86.92 -36.18
C ALA I 558 48.63 85.76 -36.27
N LEU I 559 49.13 84.54 -36.19
CA LEU I 559 48.30 83.36 -36.32
C LEU I 559 47.28 83.29 -35.20
N ARG I 560 47.69 83.53 -33.96
CA ARG I 560 46.71 83.47 -32.87
C ARG I 560 45.80 84.69 -32.90
N MET I 561 46.30 85.82 -33.39
CA MET I 561 45.48 87.03 -33.44
C MET I 561 44.36 86.89 -34.47
N SER I 562 44.64 86.23 -35.58
CA SER I 562 43.66 86.06 -36.65
C SER I 562 42.49 85.20 -36.18
N THR I 563 41.45 85.14 -37.02
CA THR I 563 40.36 84.21 -36.82
C THR I 563 40.68 82.81 -37.33
N ALA I 564 41.95 82.53 -37.67
CA ALA I 564 42.42 81.18 -37.97
C ALA I 564 42.91 80.44 -36.74
N ASN I 565 42.34 80.78 -35.58
CA ASN I 565 42.72 80.20 -34.29
C ASN I 565 41.82 79.02 -33.93
N THR I 566 41.00 78.55 -34.86
CA THR I 566 40.15 77.38 -34.65
C THR I 566 40.82 76.08 -35.08
N ASP I 567 41.52 76.11 -36.21
CA ASP I 567 42.07 74.89 -36.76
C ASP I 567 43.17 74.32 -35.87
N PRO I 568 43.35 72.97 -35.83
CA PRO I 568 44.28 72.39 -34.86
C PRO I 568 45.74 72.40 -35.27
N PHE I 569 46.07 72.11 -36.52
CA PHE I 569 47.47 71.89 -36.91
C PHE I 569 48.16 73.17 -37.34
N LYS I 570 47.68 74.31 -36.86
CA LYS I 570 48.28 75.62 -37.08
C LYS I 570 49.51 75.86 -36.24
N ASP I 571 49.57 75.26 -35.05
CA ASP I 571 50.62 75.56 -34.09
C ASP I 571 52.01 75.18 -34.57
N ASP I 572 52.11 74.36 -35.63
CA ASP I 572 53.39 73.95 -36.20
C ASP I 572 53.48 74.48 -37.63
N LEU I 573 53.87 75.74 -37.76
CA LEU I 573 54.21 76.36 -39.03
C LEU I 573 55.62 76.92 -38.92
N LYS I 574 56.49 76.59 -39.87
CA LYS I 574 57.92 76.89 -39.78
C LYS I 574 58.29 77.86 -40.89
N ILE I 575 58.58 79.11 -40.55
CA ILE I 575 59.11 80.03 -41.55
C ILE I 575 60.50 79.54 -41.94
N ASP I 576 60.72 79.36 -43.24
CA ASP I 576 62.04 79.04 -43.76
C ASP I 576 62.36 79.93 -44.96
N LEU I 577 63.66 80.04 -45.23
CA LEU I 577 64.17 80.86 -46.32
C LEU I 577 64.41 80.01 -47.55
N MET I 578 64.39 80.66 -48.70
CA MET I 578 64.75 80.04 -49.98
C MET I 578 65.95 80.79 -50.54
N PRO I 579 67.17 80.21 -50.61
CA PRO I 579 68.34 81.04 -50.95
C PRO I 579 68.34 81.59 -52.37
N HIS I 580 68.12 80.75 -53.38
CA HIS I 580 68.32 81.15 -54.76
C HIS I 580 67.08 81.77 -55.41
N ASP I 581 65.96 81.88 -54.69
CA ASP I 581 64.74 82.53 -55.18
C ASP I 581 64.29 81.84 -56.47
N LEU I 582 63.93 82.58 -57.52
CA LEU I 582 63.37 81.97 -58.74
C LEU I 582 64.43 81.25 -59.56
N ILE I 583 65.71 81.43 -59.24
CA ILE I 583 66.75 80.64 -59.91
C ILE I 583 66.58 79.16 -59.61
N THR I 584 65.96 78.82 -58.47
CA THR I 584 65.67 77.42 -58.13
C THR I 584 64.85 76.71 -59.20
N GLN I 585 64.06 77.46 -59.97
CA GLN I 585 63.21 76.86 -61.01
C GLN I 585 64.05 76.03 -61.97
N LEU I 586 63.66 74.77 -62.14
CA LEU I 586 64.43 73.80 -62.92
C LEU I 586 64.55 74.23 -64.38
N GLU I 607 66.85 88.31 -55.47
CA GLU I 607 68.30 88.32 -55.30
C GLU I 607 68.71 87.59 -54.03
N LEU I 608 69.97 87.16 -53.97
CA LEU I 608 70.47 86.54 -52.76
C LEU I 608 70.48 87.53 -51.60
N ALA I 609 70.65 88.82 -51.88
CA ALA I 609 70.79 89.83 -50.83
C ALA I 609 69.44 90.41 -50.40
N LEU I 610 68.37 89.61 -50.52
CA LEU I 610 67.03 90.05 -50.17
C LEU I 610 66.37 88.94 -49.37
N SER I 611 65.89 89.27 -48.17
CA SER I 611 65.18 88.32 -47.32
C SER I 611 63.92 89.00 -46.81
N GLY I 612 62.77 88.39 -47.07
CA GLY I 612 61.48 88.95 -46.82
C GLY I 612 60.88 89.60 -48.05
N LEU I 613 61.73 90.14 -48.92
CA LEU I 613 61.27 90.63 -50.21
C LEU I 613 61.10 89.48 -51.19
N GLU I 614 62.08 88.57 -51.25
CA GLU I 614 62.04 87.50 -52.23
C GLU I 614 62.50 86.13 -51.72
N ALA I 615 62.83 85.97 -50.44
CA ALA I 615 63.40 84.72 -49.95
C ALA I 615 62.58 84.11 -48.81
N PHE I 616 61.33 84.53 -48.65
CA PHE I 616 60.45 84.08 -47.57
C PHE I 616 59.62 82.89 -48.03
N SER I 617 59.37 81.95 -47.12
CA SER I 617 58.43 80.88 -47.46
C SER I 617 57.97 80.20 -46.18
N PHE I 618 56.74 79.71 -46.19
CA PHE I 618 56.27 78.81 -45.14
C PHE I 618 56.80 77.40 -45.38
N ASP I 619 56.82 76.63 -44.30
CA ASP I 619 57.11 75.21 -44.31
C ASP I 619 56.19 74.56 -43.27
N TYR I 620 55.97 73.26 -43.43
CA TYR I 620 55.07 72.52 -42.56
C TYR I 620 55.72 71.22 -42.14
N ILE I 621 55.63 70.91 -40.85
CA ILE I 621 56.16 69.67 -40.32
C ILE I 621 55.08 68.59 -40.50
N VAL I 622 55.41 67.59 -41.32
CA VAL I 622 54.49 66.51 -41.64
C VAL I 622 54.79 65.33 -40.74
N LYS I 623 53.75 64.71 -40.20
CA LYS I 623 53.95 63.44 -39.51
C LYS I 623 54.39 62.38 -40.50
N TRP I 624 55.05 61.35 -39.97
CA TRP I 624 55.53 60.25 -40.80
C TRP I 624 54.45 59.53 -41.59
N PRO I 625 53.30 59.13 -41.02
CA PRO I 625 52.27 58.51 -41.86
C PRO I 625 51.73 59.43 -42.94
N LEU I 626 51.57 60.72 -42.66
CA LEU I 626 51.07 61.64 -43.68
C LEU I 626 52.16 62.11 -44.62
N SER I 627 53.41 61.83 -44.30
CA SER I 627 54.51 62.39 -45.05
C SER I 627 54.48 61.89 -46.49
N LEU I 628 53.87 60.72 -46.66
CA LEU I 628 53.37 60.23 -47.94
C LEU I 628 52.80 61.31 -48.85
N ILE I 629 51.64 61.85 -48.48
CA ILE I 629 50.90 62.70 -49.40
C ILE I 629 51.61 64.04 -49.52
N ILE I 630 51.85 64.67 -48.38
CA ILE I 630 52.63 65.89 -48.31
C ILE I 630 54.06 65.47 -48.01
N ASN I 631 54.86 65.30 -49.06
CA ASN I 631 56.27 64.93 -48.98
C ASN I 631 57.10 66.13 -49.40
N ARG I 632 58.41 65.93 -49.56
CA ARG I 632 59.29 67.03 -49.96
C ARG I 632 58.76 67.62 -51.26
N LYS I 633 58.49 66.76 -52.24
CA LYS I 633 57.94 67.20 -53.52
C LYS I 633 56.69 68.06 -53.33
N ALA I 634 55.62 67.49 -52.76
CA ALA I 634 54.34 68.20 -52.71
C ALA I 634 54.45 69.47 -51.89
N LEU I 635 55.17 69.43 -50.78
CA LEU I 635 55.33 70.62 -49.96
C LEU I 635 56.14 71.68 -50.69
N THR I 636 57.11 71.26 -51.51
CA THR I 636 57.84 72.24 -52.31
C THR I 636 56.96 72.85 -53.40
N ARG I 637 56.10 72.05 -54.03
CA ARG I 637 55.14 72.65 -54.96
C ARG I 637 54.22 73.63 -54.25
N TYR I 638 53.77 73.27 -53.04
CA TYR I 638 53.01 74.21 -52.21
C TYR I 638 53.80 75.49 -51.99
N GLN I 639 55.10 75.36 -51.73
CA GLN I 639 55.93 76.53 -51.47
C GLN I 639 56.06 77.37 -52.73
N MET I 640 56.61 76.81 -53.81
CA MET I 640 56.87 77.60 -55.02
C MET I 640 55.59 78.16 -55.63
N LEU I 641 54.41 77.61 -55.30
CA LEU I 641 53.18 78.32 -55.61
C LEU I 641 52.96 79.47 -54.66
N PHE I 642 53.11 79.20 -53.36
CA PHE I 642 52.82 80.21 -52.35
C PHE I 642 53.73 81.42 -52.49
N ARG I 643 55.02 81.19 -52.66
CA ARG I 643 55.97 82.28 -52.83
C ARG I 643 55.65 83.08 -54.08
N HIS I 644 55.28 82.41 -55.17
CA HIS I 644 54.97 83.15 -56.39
C HIS I 644 53.76 84.05 -56.19
N MET I 645 52.74 83.56 -55.48
CA MET I 645 51.57 84.39 -55.21
C MET I 645 51.85 85.39 -54.09
N PHE I 646 52.87 85.13 -53.27
CA PHE I 646 53.31 86.09 -52.28
C PHE I 646 53.81 87.35 -52.95
N TYR I 647 54.52 87.21 -54.07
CA TYR I 647 54.96 88.38 -54.83
C TYR I 647 53.75 89.17 -55.32
N CYS I 648 52.70 88.47 -55.73
CA CYS I 648 51.53 89.16 -56.24
C CYS I 648 50.84 89.95 -55.13
N LYS I 649 50.55 89.29 -53.99
CA LYS I 649 50.00 90.01 -52.84
C LYS I 649 50.92 91.13 -52.40
N HIS I 650 52.23 90.90 -52.48
CA HIS I 650 53.23 91.90 -52.11
C HIS I 650 53.12 93.14 -52.97
N VAL I 651 53.10 92.99 -54.29
CA VAL I 651 53.02 94.17 -55.12
C VAL I 651 51.66 94.84 -54.96
N GLU I 652 50.61 94.08 -54.66
CA GLU I 652 49.32 94.72 -54.47
C GLU I 652 49.32 95.61 -53.23
N ARG I 653 49.86 95.12 -52.12
CA ARG I 653 49.98 95.96 -50.93
C ARG I 653 50.95 97.12 -51.17
N GLN I 654 52.03 96.90 -51.93
CA GLN I 654 52.91 98.01 -52.29
C GLN I 654 52.16 99.11 -53.03
N LEU I 655 51.43 98.78 -54.08
CA LEU I 655 50.74 99.83 -54.83
C LEU I 655 49.68 100.53 -53.98
N CYS I 656 48.99 99.79 -53.11
CA CYS I 656 47.99 100.46 -52.29
C CYS I 656 48.57 101.33 -51.20
N SER I 657 49.70 100.95 -50.60
CA SER I 657 50.33 101.84 -49.63
C SER I 657 50.98 103.02 -50.33
N VAL I 658 51.47 102.80 -51.54
CA VAL I 658 52.03 103.85 -52.37
C VAL I 658 50.96 104.88 -52.75
N TRP I 659 49.72 104.42 -52.97
CA TRP I 659 48.65 105.37 -53.31
C TRP I 659 48.32 106.33 -52.15
N ILE I 660 48.31 105.83 -50.90
CA ILE I 660 47.94 106.71 -49.79
C ILE I 660 49.03 107.75 -49.51
N SER I 661 50.18 107.64 -50.19
CA SER I 661 51.22 108.66 -50.08
C SER I 661 50.67 110.06 -50.35
N ASN I 662 49.77 110.18 -51.32
CA ASN I 662 49.03 111.42 -51.57
C ASN I 662 47.53 111.21 -51.61
N LYS I 663 47.04 110.03 -51.22
CA LYS I 663 45.61 109.69 -51.21
C LYS I 663 44.94 110.01 -52.55
N GLN I 674 50.04 121.09 -62.03
CA GLN I 674 51.17 120.65 -61.22
C GLN I 674 50.72 119.41 -60.47
N TRP I 675 51.64 118.69 -59.85
CA TRP I 675 51.35 117.40 -59.21
C TRP I 675 50.78 116.45 -60.25
N PHE I 676 51.52 116.33 -61.35
CA PHE I 676 51.00 115.78 -62.60
C PHE I 676 50.39 114.40 -62.40
N ALA I 677 49.17 114.22 -62.88
CA ALA I 677 48.39 113.02 -62.59
C ALA I 677 48.74 111.83 -63.49
N GLY I 678 49.87 111.90 -64.20
CA GLY I 678 50.33 110.74 -64.95
C GLY I 678 50.69 109.58 -64.03
N ALA I 679 51.34 109.87 -62.90
CA ALA I 679 51.65 108.82 -61.93
C ALA I 679 50.39 108.11 -61.45
N PHE I 680 49.34 108.89 -61.17
CA PHE I 680 48.06 108.35 -60.77
C PHE I 680 47.47 107.45 -61.88
N THR I 681 47.53 107.94 -63.11
CA THR I 681 47.05 107.17 -64.25
C THR I 681 47.81 105.86 -64.37
N LEU I 682 49.12 105.89 -64.10
CA LEU I 682 49.91 104.67 -64.15
C LEU I 682 49.54 103.71 -63.04
N ARG I 683 49.18 104.27 -61.87
CA ARG I 683 48.83 103.48 -60.67
C ARG I 683 47.61 102.60 -60.93
N GLN I 684 46.50 103.08 -61.51
CA GLN I 684 45.37 102.16 -61.75
C GLN I 684 45.83 101.07 -62.69
N ARG I 685 46.43 101.39 -63.84
CA ARG I 685 46.64 100.30 -64.78
C ARG I 685 47.43 99.18 -64.11
N MET I 686 48.48 99.57 -63.39
CA MET I 686 49.33 98.58 -62.74
C MET I 686 48.54 97.77 -61.72
N LEU I 687 47.71 98.46 -60.93
CA LEU I 687 46.87 97.78 -59.94
C LEU I 687 45.98 96.76 -60.61
N ASN I 688 45.12 97.22 -61.51
CA ASN I 688 44.09 96.32 -62.04
C ASN I 688 44.71 95.18 -62.82
N PHE I 689 45.91 95.37 -63.38
CA PHE I 689 46.61 94.18 -63.86
C PHE I 689 46.84 93.21 -62.72
N VAL I 690 47.43 93.68 -61.62
CA VAL I 690 47.74 92.77 -60.50
C VAL I 690 46.47 92.13 -59.97
N GLN I 691 45.42 92.93 -59.78
CA GLN I 691 44.22 92.46 -59.11
C GLN I 691 43.41 91.53 -60.03
N ASN I 692 43.41 91.79 -61.34
CA ASN I 692 42.71 90.92 -62.26
C ASN I 692 43.42 89.59 -62.43
N ILE I 693 44.76 89.60 -62.59
CA ILE I 693 45.50 88.35 -62.55
C ILE I 693 45.21 87.60 -61.26
N GLN I 694 45.16 88.31 -60.13
CA GLN I 694 44.98 87.55 -58.91
C GLN I 694 43.58 86.99 -58.82
N TYR I 695 42.53 87.81 -59.06
CA TYR I 695 41.15 87.30 -59.03
C TYR I 695 40.98 86.09 -59.94
N TYR I 696 41.64 86.11 -61.11
CA TYR I 696 41.69 84.93 -61.95
C TYR I 696 42.26 83.75 -61.18
N MET I 697 43.43 83.95 -60.55
CA MET I 697 44.05 82.88 -59.77
C MET I 697 43.16 82.45 -58.62
N MET I 698 42.46 83.40 -58.01
CA MET I 698 41.71 83.15 -56.79
C MET I 698 40.54 82.23 -57.06
N PHE I 699 39.75 82.53 -58.09
CA PHE I 699 38.45 81.87 -58.28
C PHE I 699 38.30 81.14 -59.60
N GLU I 700 39.40 80.88 -60.34
CA GLU I 700 39.33 80.02 -61.51
C GLU I 700 40.09 78.72 -61.35
N VAL I 701 41.26 78.76 -60.70
CA VAL I 701 42.14 77.60 -60.62
C VAL I 701 42.10 77.02 -59.20
N MET I 702 42.41 77.84 -58.20
CA MET I 702 42.57 77.33 -56.84
C MET I 702 41.26 76.79 -56.29
N GLU I 703 40.28 77.66 -56.10
CA GLU I 703 39.05 77.28 -55.40
C GLU I 703 38.27 76.20 -56.15
N PRO I 704 38.00 76.34 -57.46
CA PRO I 704 37.19 75.30 -58.12
C PRO I 704 37.89 73.96 -58.18
N THR I 705 39.16 73.96 -58.57
CA THR I 705 39.88 72.71 -58.68
C THR I 705 40.06 72.05 -57.32
N TRP I 706 40.13 72.83 -56.25
CA TRP I 706 40.14 72.23 -54.92
C TRP I 706 38.78 71.61 -54.61
N HIS I 707 37.69 72.24 -55.05
CA HIS I 707 36.40 71.59 -54.86
C HIS I 707 36.32 70.28 -55.63
N ILE I 708 37.11 70.16 -56.72
CA ILE I 708 37.19 68.87 -57.42
C ILE I 708 38.04 67.86 -56.65
N LEU I 709 39.20 68.30 -56.13
CA LEU I 709 40.05 67.37 -55.37
C LEU I 709 39.33 66.85 -54.14
N GLU I 710 38.55 67.69 -53.47
CA GLU I 710 37.80 67.25 -52.30
C GLU I 710 36.77 66.20 -52.62
N LYS I 711 36.41 66.05 -53.91
CA LYS I 711 35.52 64.99 -54.38
C LYS I 711 36.29 63.76 -54.81
N ASN I 712 37.42 63.96 -55.50
CA ASN I 712 38.19 62.81 -55.96
C ASN I 712 38.76 62.02 -54.80
N LEU I 713 39.32 62.71 -53.78
CA LEU I 713 39.74 62.01 -52.57
C LEU I 713 38.58 61.60 -51.68
N LYS I 714 37.37 62.06 -51.96
CA LYS I 714 36.19 61.53 -51.29
C LYS I 714 35.70 60.25 -51.95
N SER I 715 36.05 60.04 -53.23
CA SER I 715 35.67 58.84 -53.96
C SER I 715 36.86 57.96 -54.31
N ALA I 716 38.02 58.16 -53.69
CA ALA I 716 39.14 57.27 -53.89
C ALA I 716 38.95 55.98 -53.09
N SER I 717 39.57 54.92 -53.58
CA SER I 717 39.46 53.59 -52.97
C SER I 717 40.73 53.16 -52.24
N ASN I 718 41.90 53.54 -52.74
CA ASN I 718 43.16 53.15 -52.13
C ASN I 718 44.14 54.32 -52.15
N ILE I 719 45.28 54.09 -51.49
CA ILE I 719 46.24 55.14 -51.18
C ILE I 719 47.33 55.22 -52.27
N ASP I 720 47.12 54.56 -53.40
CA ASP I 720 47.78 54.93 -54.65
C ASP I 720 46.90 55.85 -55.49
N ASP I 721 45.59 55.78 -55.30
CA ASP I 721 44.65 56.66 -56.01
C ASP I 721 44.51 57.99 -55.31
N VAL I 722 44.59 58.01 -53.98
CA VAL I 722 44.72 59.28 -53.27
C VAL I 722 45.95 60.03 -53.76
N LEU I 723 47.07 59.32 -53.94
CA LEU I 723 48.28 59.96 -54.43
C LEU I 723 48.15 60.42 -55.87
N GLY I 724 47.56 59.58 -56.73
CA GLY I 724 47.34 60.01 -58.09
C GLY I 724 46.53 61.29 -58.14
N HIS I 725 45.45 61.34 -57.36
CA HIS I 725 44.61 62.53 -57.35
C HIS I 725 45.33 63.74 -56.76
N HIS I 726 46.08 63.54 -55.67
CA HIS I 726 46.76 64.66 -55.03
C HIS I 726 47.84 65.25 -55.94
N THR I 727 48.72 64.41 -56.49
CA THR I 727 49.75 64.95 -57.36
C THR I 727 49.15 65.50 -58.65
N GLY I 728 48.05 64.90 -59.12
CA GLY I 728 47.37 65.46 -60.28
C GLY I 728 46.82 66.84 -60.01
N PHE I 729 46.16 67.01 -58.87
CA PHE I 729 45.75 68.35 -58.43
C PHE I 729 46.87 69.34 -58.37
N LEU I 730 47.94 69.03 -57.65
CA LEU I 730 48.97 70.04 -57.43
C LEU I 730 49.66 70.39 -58.76
N ASP I 731 49.97 69.38 -59.55
CA ASP I 731 50.61 69.62 -60.83
C ASP I 731 49.66 70.35 -61.80
N THR I 732 48.39 69.96 -61.82
CA THR I 732 47.42 70.58 -62.71
C THR I 732 47.21 72.03 -62.34
N CYS I 733 47.05 72.33 -61.04
CA CYS I 733 46.89 73.71 -60.63
C CYS I 733 48.12 74.54 -60.92
N LEU I 734 49.32 73.97 -60.76
CA LEU I 734 50.52 74.72 -61.13
C LEU I 734 50.55 75.01 -62.61
N LYS I 735 50.15 74.05 -63.45
CA LYS I 735 50.18 74.30 -64.89
C LYS I 735 49.11 75.27 -65.32
N ASP I 736 47.89 75.15 -64.77
CA ASP I 736 46.83 76.05 -65.17
C ASP I 736 47.09 77.46 -64.67
N CYS I 737 47.79 77.58 -63.54
CA CYS I 737 48.29 78.87 -63.15
C CYS I 737 49.41 79.27 -64.10
N MET I 738 49.80 80.54 -64.04
CA MET I 738 50.90 81.03 -64.86
C MET I 738 52.26 80.58 -64.33
N LEU I 739 52.30 79.81 -63.24
CA LEU I 739 53.56 79.32 -62.68
C LEU I 739 54.40 78.59 -63.72
N THR I 740 53.77 77.70 -64.49
CA THR I 740 54.48 76.83 -65.43
C THR I 740 54.39 77.43 -66.83
N ASN I 741 55.55 77.60 -67.48
CA ASN I 741 55.59 78.03 -68.87
C ASN I 741 56.92 77.61 -69.47
N PRO I 742 57.00 77.38 -70.78
CA PRO I 742 58.32 77.10 -71.38
C PRO I 742 59.29 78.26 -71.23
N GLU I 743 58.84 79.48 -71.50
CA GLU I 743 59.67 80.66 -71.31
C GLU I 743 59.66 81.18 -69.88
N LEU I 744 58.99 80.48 -68.95
CA LEU I 744 58.83 80.89 -67.55
C LEU I 744 58.01 82.18 -67.40
N LEU I 745 57.45 82.71 -68.48
CA LEU I 745 56.80 84.00 -68.50
C LEU I 745 57.68 85.07 -67.84
N LYS I 746 58.88 85.21 -68.40
CA LYS I 746 59.76 86.31 -68.00
C LYS I 746 59.13 87.66 -68.29
N VAL I 747 58.16 87.71 -69.20
CA VAL I 747 57.31 88.90 -69.32
C VAL I 747 56.72 89.27 -67.98
N PHE I 748 56.28 88.28 -67.20
CA PHE I 748 55.68 88.56 -65.90
C PHE I 748 56.73 89.00 -64.89
N SER I 749 57.91 88.37 -64.93
CA SER I 749 58.97 88.77 -64.02
C SER I 749 59.39 90.21 -64.28
N LYS I 750 59.57 90.59 -65.54
CA LYS I 750 59.96 91.96 -65.84
C LYS I 750 58.82 92.95 -65.58
N LEU I 751 57.58 92.55 -65.81
CA LEU I 751 56.46 93.44 -65.50
C LEU I 751 56.40 93.73 -64.01
N MET I 752 56.49 92.70 -63.18
CA MET I 752 56.50 92.94 -61.75
C MET I 752 57.78 93.63 -61.32
N SER I 753 58.87 93.44 -62.05
CA SER I 753 60.10 94.14 -61.73
C SER I 753 59.92 95.64 -61.87
N VAL I 754 59.42 96.09 -63.03
CA VAL I 754 59.19 97.52 -63.21
C VAL I 754 58.08 98.01 -62.29
N CYS I 755 57.15 97.13 -61.88
CA CYS I 755 56.15 97.55 -60.91
C CYS I 755 56.80 97.89 -59.57
N VAL I 756 57.71 97.04 -59.13
CA VAL I 756 58.41 97.28 -57.87
C VAL I 756 59.33 98.49 -57.99
N MET I 757 59.96 98.67 -59.15
CA MET I 757 60.76 99.87 -59.37
C MET I 757 59.92 101.13 -59.22
N PHE I 758 58.73 101.15 -59.83
CA PHE I 758 57.91 102.35 -59.74
C PHE I 758 57.47 102.59 -58.31
N THR I 759 57.00 101.55 -57.63
CA THR I 759 56.50 101.75 -56.26
C THR I 759 57.61 102.19 -55.31
N ASN I 760 58.81 101.63 -55.48
CA ASN I 760 59.95 102.05 -54.67
C ASN I 760 60.30 103.51 -54.95
N CYS I 761 60.64 103.82 -56.20
CA CYS I 761 61.11 105.16 -56.54
C CYS I 761 60.02 106.21 -56.30
N MET I 762 58.77 105.88 -56.60
CA MET I 762 57.65 106.85 -56.49
C MET I 762 57.60 107.36 -55.06
N GLN I 763 57.59 106.45 -54.10
CA GLN I 763 57.58 106.77 -52.67
C GLN I 763 58.84 107.50 -52.26
N LYS I 764 59.99 107.16 -52.90
CA LYS I 764 61.23 107.86 -52.57
C LYS I 764 61.10 109.35 -52.85
N PHE I 765 60.61 109.74 -54.04
CA PHE I 765 60.54 111.18 -54.25
C PHE I 765 59.44 111.77 -53.38
N THR I 766 58.38 110.98 -53.07
CA THR I 766 57.29 111.59 -52.31
C THR I 766 57.72 111.96 -50.91
N GLN I 767 58.49 111.10 -50.24
CA GLN I 767 59.05 111.50 -48.96
C GLN I 767 60.02 112.67 -49.16
N SER I 768 60.69 112.74 -50.32
CA SER I 768 61.42 113.96 -50.62
C SER I 768 60.46 115.16 -50.79
N MET I 769 59.26 114.92 -51.31
CA MET I 769 58.36 115.97 -51.76
C MET I 769 57.69 116.68 -50.58
N LYS I 770 57.22 115.93 -49.58
CA LYS I 770 56.79 116.60 -48.36
C LYS I 770 57.93 117.38 -47.73
N LEU I 771 59.14 116.84 -47.78
CA LEU I 771 60.32 117.56 -47.31
C LEU I 771 60.71 118.65 -48.31
N LEU I 814 62.07 117.99 -60.66
CA LEU I 814 60.74 118.05 -60.11
C LEU I 814 59.77 117.31 -61.03
N VAL I 815 59.94 117.50 -62.33
CA VAL I 815 59.23 116.70 -63.32
C VAL I 815 60.14 115.73 -64.07
N SER I 816 61.46 115.96 -64.09
CA SER I 816 62.36 114.94 -64.62
C SER I 816 62.30 113.68 -63.76
N GLY I 817 62.26 113.85 -62.44
CA GLY I 817 62.12 112.70 -61.55
C GLY I 817 60.70 112.23 -61.36
N PHE I 818 59.71 113.04 -61.75
CA PHE I 818 58.31 112.65 -61.62
C PHE I 818 57.74 112.24 -62.96
N GLU I 819 57.47 113.17 -63.88
CA GLU I 819 56.63 112.85 -65.03
C GLU I 819 57.43 112.07 -66.07
N ALA I 820 58.70 112.40 -66.23
CA ALA I 820 59.53 111.67 -67.19
C ALA I 820 59.68 110.22 -66.79
N THR I 821 59.93 109.98 -65.50
CA THR I 821 60.03 108.60 -65.01
C THR I 821 58.69 107.89 -65.13
N ILE I 822 57.57 108.57 -64.84
CA ILE I 822 56.27 107.94 -65.03
C ILE I 822 56.04 107.55 -66.48
N ASN I 823 56.35 108.43 -67.44
CA ASN I 823 56.04 108.05 -68.82
C ASN I 823 57.00 106.96 -69.31
N LYS I 824 58.25 106.96 -68.86
CA LYS I 824 59.14 105.85 -69.19
C LYS I 824 58.57 104.55 -68.63
N PHE I 825 58.14 104.57 -67.38
CA PHE I 825 57.54 103.40 -66.75
C PHE I 825 56.27 102.99 -67.49
N ASP I 826 55.45 103.97 -67.87
CA ASP I 826 54.20 103.69 -68.55
C ASP I 826 54.45 103.02 -69.89
N LYS I 827 55.43 103.52 -70.65
CA LYS I 827 55.77 102.93 -71.93
C LYS I 827 56.24 101.49 -71.75
N ASN I 828 57.21 101.29 -70.85
CA ASN I 828 57.78 99.96 -70.68
C ASN I 828 56.73 98.97 -70.16
N PHE I 829 55.92 99.41 -69.20
CA PHE I 829 54.90 98.55 -68.61
C PHE I 829 53.80 98.22 -69.60
N SER I 830 53.35 99.20 -70.38
CA SER I 830 52.36 98.93 -71.41
C SER I 830 52.92 97.98 -72.46
N ALA I 831 54.19 98.18 -72.86
CA ALA I 831 54.82 97.33 -73.86
C ALA I 831 54.86 95.88 -73.39
N HIS I 832 55.41 95.64 -72.20
CA HIS I 832 55.44 94.28 -71.69
C HIS I 832 54.05 93.74 -71.39
N LEU I 833 53.10 94.60 -71.01
CA LEU I 833 51.74 94.13 -70.80
C LEU I 833 51.14 93.59 -72.09
N LEU I 834 51.28 94.33 -73.18
CA LEU I 834 50.73 93.87 -74.46
C LEU I 834 51.49 92.65 -74.98
N ASP I 835 52.80 92.60 -74.75
CA ASP I 835 53.57 91.42 -75.15
C ASP I 835 53.06 90.18 -74.41
N LEU I 836 52.82 90.33 -73.10
CA LEU I 836 52.27 89.26 -72.27
C LEU I 836 50.90 88.84 -72.77
N LEU I 837 50.05 89.82 -73.06
CA LEU I 837 48.70 89.52 -73.50
C LEU I 837 48.72 88.77 -74.83
N ALA I 838 49.59 89.21 -75.75
CA ALA I 838 49.77 88.52 -77.03
C ALA I 838 50.20 87.08 -76.86
N ARG I 839 51.14 86.83 -75.94
CA ARG I 839 51.61 85.46 -75.73
C ARG I 839 50.52 84.59 -75.08
N LEU I 840 49.82 85.15 -74.09
CA LEU I 840 48.65 84.45 -73.54
C LEU I 840 47.59 84.24 -74.60
N SER I 841 47.59 85.06 -75.65
CA SER I 841 46.64 84.90 -76.74
C SER I 841 47.07 83.85 -77.76
N ILE I 842 48.38 83.69 -78.02
CA ILE I 842 48.77 82.60 -78.94
C ILE I 842 48.37 81.29 -78.29
N TYR I 843 48.57 81.18 -76.98
CA TYR I 843 48.20 79.97 -76.21
C TYR I 843 46.75 79.64 -76.55
N SER I 844 46.51 78.55 -77.30
CA SER I 844 45.16 78.12 -77.73
C SER I 844 44.07 78.96 -77.04
N GLY I 851 39.16 80.69 -70.72
CA GLY I 851 40.15 80.35 -69.71
C GLY I 851 41.48 81.04 -69.87
N MET I 852 42.19 80.60 -70.91
CA MET I 852 43.59 81.00 -71.07
C MET I 852 43.73 82.49 -71.34
N ALA I 853 43.25 82.97 -72.50
CA ALA I 853 43.35 84.38 -72.86
C ALA I 853 42.11 85.19 -72.46
N SER I 854 41.23 84.55 -71.69
CA SER I 854 40.08 85.25 -71.12
C SER I 854 40.53 86.40 -70.23
N VAL I 855 41.74 86.31 -69.66
CA VAL I 855 42.25 87.44 -68.89
C VAL I 855 42.57 88.63 -69.80
N ILE I 856 43.01 88.38 -71.04
CA ILE I 856 43.16 89.52 -71.95
C ILE I 856 41.80 90.15 -72.23
N SER I 857 40.79 89.31 -72.48
CA SER I 857 39.46 89.86 -72.71
C SER I 857 38.91 90.54 -71.45
N ARG I 858 39.33 90.06 -70.27
CA ARG I 858 39.04 90.75 -69.02
C ARG I 858 39.67 92.14 -69.00
N LEU I 859 40.95 92.22 -69.35
CA LEU I 859 41.69 93.47 -69.20
C LEU I 859 41.16 94.55 -70.14
N ASP I 860 40.87 94.19 -71.38
CA ASP I 860 40.26 95.12 -72.33
C ASP I 860 38.75 94.86 -72.40
N PHE I 861 38.07 95.18 -71.30
CA PHE I 861 36.61 95.00 -71.25
C PHE I 861 35.88 96.09 -72.01
N ASN I 862 35.96 97.33 -71.52
CA ASN I 862 35.21 98.44 -72.11
C ASN I 862 35.61 98.73 -73.54
N GLY I 863 36.77 98.25 -73.97
CA GLY I 863 37.26 98.46 -75.31
C GLY I 863 38.36 99.48 -75.46
N PHE I 864 38.89 100.04 -74.37
CA PHE I 864 40.06 100.89 -74.47
C PHE I 864 41.27 100.01 -74.75
N TYR I 865 41.99 100.35 -75.82
CA TYR I 865 43.12 99.54 -76.30
C TYR I 865 42.67 98.10 -76.50
N THR I 866 41.49 97.95 -77.12
CA THR I 866 40.94 96.62 -77.39
C THR I 866 41.89 95.79 -78.23
N GLU I 867 42.61 96.42 -79.16
CA GLU I 867 43.64 95.73 -79.92
C GLU I 867 44.50 96.78 -80.60
N ARG I 868 45.82 96.71 -80.42
CA ARG I 868 46.75 97.69 -81.01
C ARG I 868 47.51 97.13 -82.21
N LEU I 869 48.29 96.07 -82.01
CA LEU I 869 49.06 95.43 -83.07
C LEU I 869 48.65 93.97 -83.17
N GLU I 870 47.87 93.64 -84.18
CA GLU I 870 47.51 92.25 -84.41
C GLU I 870 48.75 91.52 -84.93
N ARG I 871 49.12 90.45 -84.24
CA ARG I 871 50.39 89.78 -84.54
C ARG I 871 50.26 89.01 -85.84
N LEU I 872 51.14 89.32 -86.79
CA LEU I 872 51.17 88.66 -88.10
C LEU I 872 49.82 88.82 -88.80
N ILE J 245 82.53 -12.63 -36.14
CA ILE J 245 81.80 -11.64 -35.34
C ILE J 245 80.42 -11.45 -35.96
N THR J 246 79.46 -12.27 -35.51
CA THR J 246 78.14 -12.27 -36.10
C THR J 246 77.39 -10.96 -35.83
N GLU J 247 76.33 -10.75 -36.60
CA GLU J 247 75.53 -9.55 -36.49
C GLU J 247 74.79 -9.48 -35.16
N ALA J 248 74.43 -10.64 -34.60
CA ALA J 248 73.76 -10.64 -33.29
C ALA J 248 74.61 -9.98 -32.22
N ALA J 249 75.93 -10.10 -32.32
CA ALA J 249 76.81 -9.39 -31.39
C ALA J 249 76.76 -7.90 -31.63
N LEU J 250 76.73 -7.48 -32.90
CA LEU J 250 76.69 -6.05 -33.20
C LEU J 250 75.39 -5.41 -32.75
N VAL J 251 74.27 -6.13 -32.84
CA VAL J 251 73.00 -5.56 -32.34
C VAL J 251 73.11 -5.34 -30.83
N ARG J 252 73.63 -6.32 -30.10
CA ARG J 252 73.70 -6.21 -28.65
C ARG J 252 74.66 -5.09 -28.25
N ASP J 253 75.73 -4.90 -29.01
CA ASP J 253 76.67 -3.81 -28.72
C ASP J 253 76.08 -2.46 -29.09
N ILE J 254 75.50 -2.35 -30.30
CA ILE J 254 75.02 -1.07 -30.81
C ILE J 254 73.87 -0.55 -29.97
N LEU J 255 73.15 -1.43 -29.29
CA LEU J 255 72.07 -0.91 -28.45
C LEU J 255 72.60 -0.19 -27.21
N TYR J 256 73.94 -0.12 -27.01
CA TYR J 256 74.55 0.73 -25.98
C TYR J 256 75.25 1.99 -26.48
N VAL J 257 75.61 2.09 -27.76
CA VAL J 257 76.28 3.32 -28.21
C VAL J 257 75.32 4.49 -28.07
N PHE J 258 74.02 4.23 -28.27
CA PHE J 258 73.02 5.28 -28.19
C PHE J 258 73.00 5.92 -26.81
N GLN J 259 73.15 5.11 -25.76
CA GLN J 259 73.37 5.62 -24.41
C GLN J 259 74.73 6.30 -24.33
N GLY J 260 75.70 5.84 -25.13
CA GLY J 260 77.03 6.41 -25.18
C GLY J 260 78.08 5.61 -24.45
N ILE J 261 77.72 4.46 -23.90
CA ILE J 261 78.67 3.55 -23.28
C ILE J 261 79.34 2.75 -24.38
N ASP J 262 80.67 2.81 -24.43
CA ASP J 262 81.47 2.05 -25.40
C ASP J 262 81.11 0.57 -25.35
N GLY J 263 80.90 -0.02 -26.52
CA GLY J 263 80.48 -1.40 -26.61
C GLY J 263 81.64 -2.37 -26.52
N LYS J 264 81.31 -3.66 -26.69
CA LYS J 264 82.31 -4.70 -26.61
C LYS J 264 83.22 -4.67 -27.84
N ASN J 265 82.62 -4.80 -29.03
CA ASN J 265 83.35 -4.74 -30.29
C ASN J 265 83.22 -3.38 -30.97
N ILE J 266 82.59 -2.41 -30.31
CA ILE J 266 82.48 -1.04 -30.80
C ILE J 266 83.03 -0.13 -29.71
N LYS J 267 83.93 0.78 -30.08
CA LYS J 267 84.55 1.67 -29.12
C LYS J 267 84.91 2.98 -29.81
N MET J 268 84.98 4.05 -29.02
CA MET J 268 85.51 5.33 -29.47
C MET J 268 87.04 5.29 -29.43
N ASN J 269 87.61 4.44 -30.30
CA ASN J 269 89.05 4.22 -30.30
C ASN J 269 89.80 5.52 -30.54
N ASN J 270 89.41 6.26 -31.58
CA ASN J 270 89.89 7.62 -31.80
C ASN J 270 88.98 8.57 -31.03
N THR J 271 89.58 9.38 -30.15
CA THR J 271 88.80 10.07 -29.13
C THR J 271 87.81 11.07 -29.74
N GLU J 272 88.22 11.79 -30.78
CA GLU J 272 87.35 12.80 -31.37
C GLU J 272 86.41 12.18 -32.40
N ASN J 273 86.93 11.31 -33.27
CA ASN J 273 86.12 10.69 -34.29
C ASN J 273 85.11 9.74 -33.66
N CYS J 274 84.16 9.31 -34.48
CA CYS J 274 83.09 8.44 -34.00
C CYS J 274 83.62 7.04 -33.70
N TYR J 275 82.74 6.22 -33.16
CA TYR J 275 83.07 4.84 -32.83
C TYR J 275 83.44 4.09 -34.12
N LYS J 276 84.53 3.31 -34.05
CA LYS J 276 84.95 2.46 -35.15
C LYS J 276 84.92 1.01 -34.69
N VAL J 277 84.32 0.15 -35.52
CA VAL J 277 84.29 -1.27 -35.22
C VAL J 277 85.70 -1.83 -35.25
N GLU J 278 85.99 -2.75 -34.32
CA GLU J 278 87.26 -3.46 -34.28
C GLU J 278 87.03 -4.89 -34.74
N ARG J 285 81.09 -6.25 -43.57
CA ARG J 285 81.70 -5.09 -44.21
C ARG J 285 80.61 -4.07 -44.51
N SER J 286 79.62 -4.51 -45.30
CA SER J 286 78.37 -3.78 -45.40
C SER J 286 77.81 -3.56 -44.00
N LEU J 287 77.90 -4.60 -43.18
CA LEU J 287 77.45 -4.56 -41.79
C LEU J 287 78.19 -3.47 -41.02
N ARG J 288 79.51 -3.40 -41.21
CA ARG J 288 80.32 -2.37 -40.55
C ARG J 288 79.81 -1.00 -40.97
N ASP J 289 79.51 -0.85 -42.26
CA ASP J 289 79.06 0.43 -42.78
C ASP J 289 77.69 0.82 -42.23
N THR J 290 76.84 -0.15 -41.91
CA THR J 290 75.60 0.19 -41.20
C THR J 290 75.92 0.74 -39.81
N ALA J 291 76.93 0.16 -39.16
CA ALA J 291 77.21 0.49 -37.76
C ALA J 291 77.48 1.97 -37.55
N VAL J 292 78.25 2.59 -38.43
CA VAL J 292 78.63 3.99 -38.24
C VAL J 292 77.40 4.89 -38.26
N ARG J 293 76.51 4.70 -39.23
CA ARG J 293 75.34 5.59 -39.29
C ARG J 293 74.48 5.39 -38.05
N LEU J 294 74.44 4.17 -37.53
CA LEU J 294 73.70 4.02 -36.27
C LEU J 294 74.42 4.66 -35.08
N SER J 295 75.75 4.65 -35.07
CA SER J 295 76.52 5.16 -33.93
C SER J 295 76.65 6.68 -33.88
N GLU J 296 76.36 7.37 -34.98
CA GLU J 296 76.37 8.82 -34.92
C GLU J 296 75.37 9.35 -33.89
N LEU J 297 74.27 8.62 -33.64
CA LEU J 297 73.40 9.01 -32.55
C LEU J 297 74.11 8.96 -31.21
N GLY J 298 74.97 7.96 -31.01
CA GLY J 298 75.72 7.89 -29.78
C GLY J 298 76.68 9.05 -29.63
N TRP J 299 77.34 9.42 -30.73
CA TRP J 299 78.28 10.54 -30.69
C TRP J 299 77.55 11.86 -30.41
N LEU J 300 76.42 12.09 -31.08
CA LEU J 300 75.64 13.30 -30.82
C LEU J 300 75.14 13.31 -29.38
N HIS J 301 74.76 12.14 -28.88
CA HIS J 301 74.40 11.99 -27.47
C HIS J 301 75.57 12.34 -26.56
N ASN J 302 76.79 11.96 -26.96
CA ASN J 302 77.94 12.30 -26.13
C ASN J 302 78.10 13.81 -26.04
N LYS J 303 77.94 14.51 -27.16
CA LYS J 303 77.98 15.97 -27.12
C LYS J 303 76.91 16.52 -26.18
N ILE J 304 75.65 16.15 -26.39
CA ILE J 304 74.56 16.76 -25.63
C ILE J 304 74.68 16.42 -24.14
N ARG J 305 74.93 15.15 -23.83
CA ARG J 305 74.95 14.73 -22.45
C ARG J 305 76.16 15.32 -21.73
N ARG J 306 77.36 15.11 -22.29
CA ARG J 306 78.58 15.61 -21.68
C ARG J 306 78.54 17.13 -21.49
N TYR J 307 77.76 17.84 -22.31
CA TYR J 307 77.61 19.26 -22.07
C TYR J 307 76.65 19.56 -20.93
N THR J 308 75.52 18.84 -20.83
CA THR J 308 74.55 19.16 -19.78
C THR J 308 74.90 18.56 -18.42
N ASP J 309 75.80 17.58 -18.32
CA ASP J 309 76.33 17.22 -17.00
C ASP J 309 77.14 18.37 -16.42
N GLN J 310 78.10 18.87 -17.19
CA GLN J 310 79.04 19.86 -16.67
C GLN J 310 78.38 21.22 -16.51
N ARG J 311 77.65 21.68 -17.52
CA ARG J 311 77.04 23.01 -17.43
C ARG J 311 75.96 23.06 -16.37
N SER J 312 75.37 21.91 -16.00
CA SER J 312 74.36 21.88 -14.96
C SER J 312 74.94 22.08 -13.57
N LEU J 313 76.20 21.70 -13.36
CA LEU J 313 76.85 21.88 -12.06
C LEU J 313 77.52 23.24 -11.94
N ASP J 314 77.57 24.03 -13.02
CA ASP J 314 78.24 25.32 -13.04
C ASP J 314 77.20 26.41 -12.82
N ARG J 315 77.19 26.97 -11.62
CA ARG J 315 76.29 28.07 -11.30
C ARG J 315 76.70 29.38 -11.96
N SER J 316 77.89 29.45 -12.55
CA SER J 316 78.31 30.68 -13.22
C SER J 316 77.58 30.87 -14.55
N PHE J 317 77.17 29.76 -15.19
CA PHE J 317 76.53 29.85 -16.50
C PHE J 317 75.26 30.69 -16.47
N GLY J 318 74.52 30.67 -15.36
CA GLY J 318 73.43 31.60 -15.14
C GLY J 318 72.07 30.93 -15.16
N LEU J 319 71.10 31.67 -14.59
CA LEU J 319 69.70 31.24 -14.55
C LEU J 319 69.23 30.85 -15.94
N VAL J 320 69.57 31.66 -16.94
CA VAL J 320 69.38 31.30 -18.33
C VAL J 320 70.62 30.55 -18.78
N GLY J 321 70.43 29.32 -19.23
CA GLY J 321 71.53 28.42 -19.55
C GLY J 321 71.46 27.20 -18.67
N GLN J 322 71.23 27.39 -17.37
CA GLN J 322 70.90 26.24 -16.55
C GLN J 322 69.55 25.66 -16.95
N SER J 323 68.58 26.50 -17.32
CA SER J 323 67.31 25.97 -17.83
C SER J 323 67.47 25.38 -19.22
N PHE J 324 68.41 25.89 -20.00
CA PHE J 324 68.70 25.29 -21.31
C PHE J 324 69.21 23.87 -21.15
N CYS J 325 70.15 23.67 -20.22
CA CYS J 325 70.62 22.32 -19.93
C CYS J 325 69.49 21.46 -19.35
N ALA J 326 68.62 22.07 -18.54
CA ALA J 326 67.43 21.37 -18.06
C ALA J 326 66.61 20.78 -19.21
N ALA J 327 66.26 21.62 -20.19
CA ALA J 327 65.43 21.17 -21.30
C ALA J 327 66.12 20.08 -22.11
N LEU J 328 67.42 20.25 -22.34
CA LEU J 328 68.20 19.22 -23.02
C LEU J 328 68.14 17.89 -22.29
N HIS J 329 68.17 17.91 -20.96
CA HIS J 329 68.13 16.65 -20.24
C HIS J 329 66.73 16.04 -20.22
N GLN J 330 65.69 16.87 -20.10
CA GLN J 330 64.34 16.36 -20.23
C GLN J 330 64.10 15.72 -21.59
N GLU J 331 64.75 16.21 -22.65
CA GLU J 331 64.62 15.55 -23.94
C GLU J 331 65.38 14.23 -23.98
N LEU J 332 66.56 14.19 -23.37
CA LEU J 332 67.33 12.96 -23.37
C LEU J 332 66.59 11.86 -22.59
N ARG J 333 65.83 12.25 -21.57
CA ARG J 333 64.93 11.32 -20.88
C ARG J 333 64.01 10.59 -21.86
N GLU J 334 63.34 11.34 -22.73
CA GLU J 334 62.39 10.72 -23.64
C GLU J 334 63.11 9.85 -24.65
N TYR J 335 64.36 10.22 -24.98
CA TYR J 335 65.16 9.36 -25.85
C TYR J 335 65.45 8.01 -25.16
N TYR J 336 65.70 8.05 -23.85
CA TYR J 336 65.89 6.81 -23.09
C TYR J 336 64.62 5.98 -22.97
N ARG J 337 63.43 6.60 -23.03
CA ARG J 337 62.21 5.77 -23.03
C ARG J 337 62.20 4.84 -24.25
N LEU J 338 62.56 5.36 -25.42
CA LEU J 338 62.67 4.51 -26.60
C LEU J 338 63.72 3.43 -26.40
N LEU J 339 64.88 3.82 -25.86
CA LEU J 339 65.98 2.88 -25.75
C LEU J 339 65.62 1.69 -24.85
N SER J 340 64.90 1.95 -23.75
CA SER J 340 64.46 0.87 -22.87
C SER J 340 63.59 -0.14 -23.62
N VAL J 341 62.67 0.37 -24.45
CA VAL J 341 61.81 -0.51 -25.23
C VAL J 341 62.65 -1.42 -26.14
N LEU J 342 63.67 -0.85 -26.79
CA LEU J 342 64.57 -1.70 -27.58
C LEU J 342 65.21 -2.82 -26.75
N HIS J 343 65.71 -2.48 -25.56
CA HIS J 343 66.20 -3.55 -24.67
C HIS J 343 65.16 -4.62 -24.42
N SER J 344 63.93 -4.22 -24.07
CA SER J 344 62.90 -5.23 -23.80
C SER J 344 62.63 -6.07 -25.04
N GLN J 345 62.61 -5.46 -26.22
CA GLN J 345 62.42 -6.21 -27.46
C GLN J 345 63.56 -7.16 -27.77
N LEU J 346 64.73 -7.00 -27.15
CA LEU J 346 65.71 -8.11 -27.17
C LEU J 346 65.28 -9.11 -26.10
N GLN J 347 64.60 -10.17 -26.55
CA GLN J 347 64.03 -11.20 -25.67
C GLN J 347 63.09 -10.60 -24.64
N SER J 361 62.82 -11.28 -34.68
CA SER J 361 64.09 -10.57 -34.51
C SER J 361 63.83 -9.08 -34.39
N LEU J 362 64.90 -8.33 -34.10
CA LEU J 362 64.84 -6.87 -33.96
C LEU J 362 65.95 -6.22 -34.77
N THR J 363 66.07 -6.62 -36.04
CA THR J 363 66.94 -5.94 -36.99
C THR J 363 66.05 -5.38 -38.11
N LEU J 364 65.48 -4.19 -37.88
CA LEU J 364 64.78 -3.44 -38.92
C LEU J 364 65.83 -2.61 -39.65
N ARG J 365 66.50 -3.31 -40.56
CA ARG J 365 67.79 -2.94 -41.10
C ARG J 365 68.72 -2.55 -39.95
N ARG J 366 68.61 -3.30 -38.85
CA ARG J 366 69.20 -2.91 -37.58
C ARG J 366 68.76 -1.52 -37.17
N LEU J 367 67.45 -1.39 -36.87
CA LEU J 367 66.85 -0.13 -36.33
C LEU J 367 66.90 1.02 -37.32
N LEU J 368 67.42 0.89 -38.54
CA LEU J 368 67.53 2.08 -39.42
C LEU J 368 66.22 2.86 -39.39
N VAL J 369 65.08 2.20 -39.15
CA VAL J 369 63.73 2.86 -39.08
C VAL J 369 63.48 3.42 -37.67
N TRP J 370 63.75 2.66 -36.61
CA TRP J 370 63.47 3.05 -35.23
C TRP J 370 64.25 4.30 -34.85
N THR J 371 65.54 4.33 -35.19
CA THR J 371 66.44 5.40 -34.80
C THR J 371 66.25 6.66 -35.62
N TYR J 372 65.56 6.59 -36.76
CA TYR J 372 65.59 7.70 -37.68
C TYR J 372 64.95 8.94 -37.08
N ASP J 373 63.81 8.78 -36.38
CA ASP J 373 63.11 9.93 -35.82
C ASP J 373 63.88 10.58 -34.68
N PRO J 374 64.46 9.82 -33.74
CA PRO J 374 65.37 10.47 -32.78
C PRO J 374 66.60 11.08 -33.42
N LYS J 375 67.02 10.62 -34.60
CA LYS J 375 68.28 11.10 -35.14
C LYS J 375 68.19 12.56 -35.56
N ILE J 376 67.04 13.00 -36.08
CA ILE J 376 66.90 14.40 -36.44
C ILE J 376 66.75 15.25 -35.18
N ARG J 377 66.02 14.75 -34.18
CA ARG J 377 65.88 15.42 -32.89
C ARG J 377 67.19 15.43 -32.10
N LEU J 378 68.19 14.65 -32.52
CA LEU J 378 69.53 14.72 -31.96
C LEU J 378 70.45 15.64 -32.74
N LYS J 379 70.35 15.62 -34.08
CA LYS J 379 71.14 16.56 -34.88
C LYS J 379 70.80 18.00 -34.50
N THR J 380 69.52 18.28 -34.27
CA THR J 380 69.12 19.66 -34.06
C THR J 380 69.67 20.20 -32.74
N LEU J 381 69.59 19.41 -31.67
CA LEU J 381 70.09 19.86 -30.37
C LEU J 381 71.61 19.89 -30.35
N ALA J 382 72.27 18.94 -31.02
CA ALA J 382 73.72 18.99 -31.11
C ALA J 382 74.17 20.23 -31.86
N ALA J 383 73.36 20.74 -32.79
CA ALA J 383 73.66 22.04 -33.39
C ALA J 383 73.39 23.19 -32.43
N LEU J 384 72.29 23.11 -31.66
CA LEU J 384 71.94 24.20 -30.76
C LEU J 384 73.00 24.45 -29.70
N VAL J 385 73.60 23.40 -29.15
CA VAL J 385 74.52 23.64 -28.03
C VAL J 385 75.74 24.43 -28.49
N ASP J 386 76.18 24.20 -29.72
CA ASP J 386 77.38 24.79 -30.26
C ASP J 386 77.12 26.04 -31.08
N HIS J 387 75.86 26.33 -31.39
CA HIS J 387 75.50 27.70 -31.73
C HIS J 387 75.29 28.56 -30.50
N CYS J 388 75.01 27.94 -29.34
CA CYS J 388 74.89 28.63 -28.07
C CYS J 388 76.15 28.55 -27.23
N GLN J 389 77.27 28.06 -27.79
CA GLN J 389 78.54 28.02 -27.06
C GLN J 389 79.12 29.42 -26.98
N GLY J 390 79.56 29.81 -25.79
CA GLY J 390 80.09 31.13 -25.55
C GLY J 390 79.05 32.13 -25.15
N ARG J 391 77.81 31.94 -25.59
CA ARG J 391 76.72 32.86 -25.33
C ARG J 391 76.05 32.52 -24.00
N LYS J 392 75.23 33.45 -23.54
CA LYS J 392 74.50 33.27 -22.29
C LYS J 392 73.38 34.29 -22.21
N GLY J 393 72.49 34.06 -21.25
CA GLY J 393 71.43 35.03 -20.97
C GLY J 393 70.55 35.31 -22.17
N GLY J 394 70.28 36.60 -22.36
CA GLY J 394 69.53 37.03 -23.53
C GLY J 394 70.20 36.61 -24.82
N GLU J 395 71.53 36.53 -24.82
CA GLU J 395 72.26 36.09 -26.00
C GLU J 395 71.95 34.63 -26.34
N LEU J 396 71.93 33.76 -25.33
CA LEU J 396 71.58 32.37 -25.60
C LEU J 396 70.12 32.24 -26.03
N ALA J 397 69.22 32.99 -25.37
CA ALA J 397 67.83 32.99 -25.82
C ALA J 397 67.71 33.51 -27.25
N SER J 398 68.57 34.45 -27.63
CA SER J 398 68.62 34.94 -29.00
C SER J 398 69.02 33.82 -29.94
N ALA J 399 70.02 33.03 -29.56
CA ALA J 399 70.42 31.89 -30.40
C ALA J 399 69.27 30.90 -30.57
N VAL J 400 68.53 30.65 -29.49
CA VAL J 400 67.40 29.72 -29.57
C VAL J 400 66.34 30.30 -30.51
N HIS J 401 66.07 31.60 -30.41
CA HIS J 401 65.13 32.23 -31.31
C HIS J 401 65.66 32.28 -32.75
N ALA J 402 66.99 32.28 -32.91
CA ALA J 402 67.58 32.22 -34.23
C ALA J 402 67.31 30.88 -34.88
N TYR J 403 67.31 29.80 -34.10
CA TYR J 403 67.09 28.48 -34.71
C TYR J 403 65.63 28.15 -34.99
N THR J 404 64.67 28.99 -34.61
CA THR J 404 63.29 28.84 -35.08
C THR J 404 63.02 29.72 -36.31
N LYS J 405 63.90 29.58 -37.30
CA LYS J 405 63.77 30.22 -38.61
C LYS J 405 64.07 29.22 -39.71
N THR J 406 63.51 28.01 -39.57
CA THR J 406 63.59 26.96 -40.59
C THR J 406 62.17 26.54 -40.95
N GLY J 407 61.92 26.43 -42.25
CA GLY J 407 60.62 25.97 -42.71
C GLY J 407 60.26 24.59 -42.19
N ASP J 408 61.28 23.74 -41.95
CA ASP J 408 61.16 22.38 -41.42
C ASP J 408 60.18 22.36 -40.24
N PRO J 409 58.99 21.76 -40.38
CA PRO J 409 57.99 21.89 -39.31
C PRO J 409 58.37 21.15 -38.04
N TYR J 410 58.97 19.97 -38.17
CA TYR J 410 59.32 19.17 -36.99
C TYR J 410 60.43 19.84 -36.20
N MET J 411 61.45 20.35 -36.89
CA MET J 411 62.54 21.05 -36.22
C MET J 411 62.07 22.36 -35.62
N ARG J 412 61.20 23.09 -36.32
CA ARG J 412 60.69 24.33 -35.78
C ARG J 412 59.80 24.07 -34.57
N SER J 413 59.05 22.96 -34.59
CA SER J 413 58.25 22.61 -33.43
C SER J 413 59.12 22.28 -32.23
N LEU J 414 60.20 21.51 -32.42
CA LEU J 414 61.07 21.16 -31.30
C LEU J 414 61.73 22.40 -30.71
N VAL J 415 62.33 23.22 -31.58
CA VAL J 415 63.06 24.40 -31.14
C VAL J 415 62.12 25.39 -30.44
N GLN J 416 60.87 25.51 -30.91
CA GLN J 416 59.98 26.51 -30.32
C GLN J 416 59.30 26.05 -29.04
N HIS J 417 59.50 24.80 -28.61
CA HIS J 417 59.21 24.44 -27.21
C HIS J 417 60.44 24.64 -26.33
N ILE J 418 61.61 24.28 -26.88
CA ILE J 418 62.86 24.58 -26.19
C ILE J 418 62.94 26.07 -25.88
N LEU J 419 62.51 26.92 -26.82
CA LEU J 419 62.57 28.36 -26.58
C LEU J 419 61.62 28.77 -25.48
N SER J 420 60.45 28.13 -25.39
CA SER J 420 59.53 28.51 -24.32
C SER J 420 60.16 28.24 -22.97
N LEU J 421 60.77 27.07 -22.82
CA LEU J 421 61.44 26.81 -21.55
C LEU J 421 62.67 27.70 -21.35
N VAL J 422 63.51 27.83 -22.37
CA VAL J 422 64.76 28.57 -22.24
C VAL J 422 64.50 30.03 -21.90
N SER J 423 63.63 30.68 -22.65
CA SER J 423 63.34 32.09 -22.43
C SER J 423 62.25 32.31 -21.38
N HIS J 424 61.78 31.24 -20.72
CA HIS J 424 60.91 31.46 -19.56
C HIS J 424 61.63 32.21 -18.45
N PRO J 425 62.86 31.84 -18.05
CA PRO J 425 63.62 32.72 -17.15
C PRO J 425 63.80 34.14 -17.66
N VAL J 426 64.12 34.30 -18.95
CA VAL J 426 64.30 35.63 -19.52
C VAL J 426 63.01 36.44 -19.38
N LEU J 427 61.90 35.85 -19.79
CA LEU J 427 60.63 36.53 -19.66
C LEU J 427 60.17 36.62 -18.21
N SER J 428 60.72 35.81 -17.31
CA SER J 428 60.43 35.96 -15.89
C SER J 428 61.14 37.18 -15.33
N PHE J 429 62.40 37.38 -15.73
CA PHE J 429 63.07 38.65 -15.44
C PHE J 429 62.24 39.80 -15.99
N LEU J 430 61.70 39.63 -17.21
CA LEU J 430 60.97 40.71 -17.85
C LEU J 430 59.67 41.01 -17.12
N TYR J 431 58.96 39.97 -16.68
CA TYR J 431 57.66 40.12 -16.04
C TYR J 431 57.77 40.34 -14.53
N ARG J 432 59.00 40.36 -14.00
CA ARG J 432 59.25 40.70 -12.60
C ARG J 432 59.84 42.09 -12.51
N TRP J 433 60.81 42.41 -13.38
CA TRP J 433 61.41 43.72 -13.45
C TRP J 433 60.42 44.75 -13.99
N ILE J 434 59.23 44.33 -14.43
CA ILE J 434 58.17 45.25 -14.81
C ILE J 434 57.16 45.28 -13.68
N TYR J 435 56.57 44.13 -13.37
CA TYR J 435 55.46 44.09 -12.43
C TYR J 435 55.95 44.12 -10.98
N ASP J 436 56.85 43.20 -10.62
CA ASP J 436 57.20 43.01 -9.21
C ASP J 436 57.87 44.26 -8.63
N GLY J 437 58.78 44.87 -9.39
CA GLY J 437 59.48 46.08 -8.98
C GLY J 437 60.99 45.94 -8.93
N GLU J 438 61.49 44.73 -8.64
CA GLU J 438 62.90 44.52 -8.35
C GLU J 438 63.52 43.56 -9.35
N LEU J 439 64.82 43.72 -9.57
CA LEU J 439 65.62 42.87 -10.44
C LEU J 439 66.62 42.12 -9.59
N GLU J 440 66.60 40.79 -9.66
CA GLU J 440 67.48 39.92 -8.90
C GLU J 440 68.21 39.02 -9.87
N ASP J 441 69.32 39.53 -10.41
CA ASP J 441 70.26 38.72 -11.19
C ASP J 441 71.63 38.96 -10.59
N THR J 442 72.30 37.87 -10.24
CA THR J 442 73.67 37.99 -9.74
C THR J 442 74.68 38.05 -10.88
N TYR J 443 74.45 37.33 -11.98
CA TYR J 443 75.32 37.42 -13.14
C TYR J 443 74.70 38.41 -14.13
N HIS J 444 75.38 38.64 -15.26
CA HIS J 444 74.85 39.56 -16.26
C HIS J 444 73.75 38.88 -17.07
N GLU J 445 72.64 38.57 -16.42
CA GLU J 445 71.59 37.74 -16.98
C GLU J 445 70.50 38.52 -17.70
N PHE J 446 70.60 39.86 -17.72
CA PHE J 446 69.53 40.71 -18.23
C PHE J 446 70.18 41.86 -19.01
N PHE J 447 69.37 42.56 -19.80
CA PHE J 447 69.86 43.70 -20.58
C PHE J 447 69.87 45.01 -19.77
N VAL J 448 69.73 44.96 -18.45
CA VAL J 448 69.85 46.14 -17.59
C VAL J 448 71.00 45.89 -16.61
N ALA J 449 71.71 46.96 -16.25
CA ALA J 449 72.91 46.86 -15.41
C ALA J 449 72.84 47.95 -14.34
N SER J 450 72.28 47.61 -13.19
CA SER J 450 72.27 48.53 -12.06
C SER J 450 73.67 48.74 -11.52
N ASP J 451 73.91 49.94 -10.99
CA ASP J 451 75.19 50.31 -10.38
C ASP J 451 74.93 50.98 -9.03
N PRO J 452 75.50 50.50 -7.92
CA PRO J 452 75.28 51.18 -6.64
C PRO J 452 76.17 52.41 -6.45
N THR J 453 75.54 53.51 -6.05
CA THR J 453 76.23 54.75 -5.68
C THR J 453 75.32 55.51 -4.72
N VAL J 454 75.82 56.65 -4.24
CA VAL J 454 75.13 57.39 -3.18
C VAL J 454 73.75 57.83 -3.65
N LYS J 455 73.68 58.41 -4.85
CA LYS J 455 72.42 58.66 -5.56
C LYS J 455 71.47 59.55 -4.75
N THR J 456 71.98 60.62 -4.15
CA THR J 456 71.07 61.50 -3.41
C THR J 456 70.05 62.15 -4.33
N ASP J 457 70.47 63.17 -5.09
CA ASP J 457 69.61 63.89 -6.01
C ASP J 457 69.86 63.50 -7.44
N ARG J 458 70.90 62.72 -7.70
CA ARG J 458 71.23 62.21 -9.01
C ARG J 458 70.64 60.82 -9.22
N LEU J 459 69.74 60.38 -8.32
CA LEU J 459 69.26 59.00 -8.23
C LEU J 459 68.83 58.43 -9.57
N TRP J 460 67.86 59.08 -10.18
CA TRP J 460 67.15 58.45 -11.27
C TRP J 460 67.99 58.48 -12.54
N HIS J 461 68.95 59.40 -12.65
CA HIS J 461 69.59 59.59 -13.94
C HIS J 461 70.56 58.45 -14.30
N ASP J 462 71.21 57.82 -13.30
CA ASP J 462 72.35 56.95 -13.59
C ASP J 462 72.35 55.60 -12.87
N LYS J 463 71.40 55.29 -11.96
CA LYS J 463 71.49 54.00 -11.29
C LYS J 463 71.29 52.82 -12.24
N TYR J 464 70.37 52.94 -13.20
CA TYR J 464 70.00 51.85 -14.10
C TYR J 464 70.35 52.23 -15.52
N THR J 465 71.07 51.35 -16.22
CA THR J 465 71.55 51.63 -17.57
C THR J 465 71.37 50.40 -18.45
N LEU J 466 71.08 50.66 -19.73
CA LEU J 466 70.79 49.60 -20.70
C LEU J 466 72.09 48.98 -21.17
N ARG J 467 72.34 47.74 -20.75
CA ARG J 467 73.41 46.96 -21.36
C ARG J 467 73.00 46.62 -22.79
N LYS J 468 74.00 46.43 -23.66
CA LYS J 468 73.79 46.30 -25.09
C LYS J 468 74.20 44.94 -25.66
N SER J 469 74.87 44.09 -24.88
CA SER J 469 75.20 42.75 -25.33
C SER J 469 74.11 41.74 -25.05
N MET J 470 73.15 42.06 -24.17
CA MET J 470 72.23 41.08 -23.61
C MET J 470 70.77 41.35 -23.98
N ILE J 471 70.49 42.25 -24.91
CA ILE J 471 69.12 42.40 -25.42
C ILE J 471 68.88 41.20 -26.32
N PRO J 472 67.89 40.34 -26.07
CA PRO J 472 67.69 39.20 -26.96
C PRO J 472 67.16 39.62 -28.33
N SER J 473 67.52 38.83 -29.34
CA SER J 473 67.32 39.23 -30.73
C SER J 473 65.86 39.43 -31.10
N PHE J 474 64.92 38.88 -30.33
CA PHE J 474 63.50 39.02 -30.65
C PHE J 474 62.88 40.20 -29.90
N MET J 475 63.67 41.25 -29.69
CA MET J 475 63.22 42.49 -29.06
C MET J 475 63.85 43.66 -29.80
N THR J 476 63.10 44.75 -29.90
CA THR J 476 63.62 45.99 -30.48
C THR J 476 64.32 46.81 -29.42
N MET J 477 65.31 47.58 -29.87
CA MET J 477 66.03 48.50 -28.99
C MET J 477 65.06 49.46 -28.31
N ASP J 478 64.02 49.89 -29.02
CA ASP J 478 62.99 50.73 -28.41
C ASP J 478 62.29 50.00 -27.28
N GLN J 479 61.96 48.71 -27.49
CA GLN J 479 61.32 47.95 -26.43
C GLN J 479 62.21 47.82 -25.21
N SER J 480 63.51 47.57 -25.42
CA SER J 480 64.43 47.47 -24.29
C SER J 480 64.49 48.79 -23.53
N ARG J 481 64.53 49.91 -24.25
CA ARG J 481 64.65 51.20 -23.59
C ARG J 481 63.38 51.51 -22.79
N LYS J 482 62.22 51.18 -23.35
CA LYS J 482 60.95 51.45 -22.68
C LYS J 482 60.74 50.53 -21.48
N VAL J 483 61.16 49.26 -21.55
CA VAL J 483 61.04 48.39 -20.38
C VAL J 483 62.00 48.84 -19.29
N LEU J 484 63.20 49.32 -19.66
CA LEU J 484 64.06 49.91 -18.65
C LEU J 484 63.35 51.05 -17.94
N LEU J 485 62.69 51.92 -18.70
CA LEU J 485 62.01 53.04 -18.06
C LEU J 485 60.87 52.56 -17.15
N ILE J 486 60.20 51.46 -17.51
CA ILE J 486 59.14 50.94 -16.63
C ILE J 486 59.75 50.39 -15.34
N GLY J 487 60.71 49.49 -15.47
CA GLY J 487 61.30 48.86 -14.29
C GLY J 487 61.91 49.88 -13.36
N LYS J 488 62.55 50.88 -13.94
CA LYS J 488 63.13 51.98 -13.20
C LYS J 488 62.07 52.78 -12.45
N SER J 489 60.93 53.08 -13.08
CA SER J 489 59.86 53.78 -12.39
C SER J 489 59.35 52.95 -11.21
N ILE J 490 59.10 51.67 -11.44
CA ILE J 490 58.50 50.84 -10.38
C ILE J 490 59.49 50.54 -9.25
N ASN J 491 60.80 50.63 -9.49
CA ASN J 491 61.78 50.45 -8.41
C ASN J 491 62.05 51.74 -7.64
N PHE J 492 62.04 52.87 -8.34
CA PHE J 492 62.15 54.16 -7.67
C PHE J 492 60.97 54.34 -6.74
N LEU J 493 59.78 53.91 -7.18
CA LEU J 493 58.56 54.00 -6.39
C LEU J 493 58.66 53.29 -5.05
N HIS J 494 59.44 52.22 -4.97
CA HIS J 494 59.61 51.52 -3.70
C HIS J 494 60.77 52.10 -2.90
N GLN J 495 61.95 52.22 -3.52
CA GLN J 495 63.11 52.52 -2.71
C GLN J 495 63.21 53.97 -2.25
N VAL J 496 62.48 54.93 -2.87
CA VAL J 496 62.52 56.30 -2.35
C VAL J 496 61.16 56.91 -2.07
N CYS J 497 60.13 56.45 -2.77
CA CYS J 497 58.78 57.00 -2.53
C CYS J 497 58.06 56.19 -1.46
N THR J 524 56.86 36.33 -34.52
CA THR J 524 56.32 36.39 -33.17
C THR J 524 57.43 36.55 -32.14
N ASP J 525 57.56 37.75 -31.59
CA ASP J 525 58.51 37.98 -30.50
C ASP J 525 58.01 37.30 -29.24
N LEU J 526 56.82 37.69 -28.80
CA LEU J 526 56.11 37.05 -27.70
C LEU J 526 54.66 36.84 -28.12
N GLU J 527 54.47 36.30 -29.32
CA GLU J 527 53.17 36.29 -30.00
C GLU J 527 52.63 37.71 -30.16
N ASN J 528 53.53 38.68 -30.28
CA ASN J 528 53.19 40.10 -30.36
C ASN J 528 52.30 40.52 -29.19
N ALA J 529 52.75 40.13 -27.99
CA ALA J 529 52.13 40.54 -26.73
C ALA J 529 52.98 41.52 -25.95
N PHE J 530 54.29 41.59 -26.23
CA PHE J 530 55.10 42.68 -25.71
C PHE J 530 54.48 44.03 -26.03
N GLN J 531 54.22 44.29 -27.31
CA GLN J 531 53.76 45.61 -27.71
C GLN J 531 52.39 45.96 -27.11
N GLY J 532 51.64 44.97 -26.64
CA GLY J 532 50.36 45.22 -26.00
C GLY J 532 50.46 45.38 -24.49
N LYS J 533 51.31 44.56 -23.86
CA LYS J 533 51.41 44.56 -22.41
C LYS J 533 52.35 45.66 -21.91
N ILE J 534 53.52 45.77 -22.54
CA ILE J 534 54.58 46.63 -22.02
C ILE J 534 54.14 48.10 -22.09
N ASP J 535 53.54 48.51 -23.21
CA ASP J 535 53.06 49.89 -23.32
C ASP J 535 51.93 50.19 -22.33
N ALA J 536 51.06 49.21 -22.08
CA ALA J 536 50.00 49.42 -21.09
C ALA J 536 50.61 49.65 -19.71
N ALA J 537 51.56 48.78 -19.33
CA ALA J 537 52.27 48.95 -18.08
C ALA J 537 52.99 50.29 -18.05
N TYR J 538 53.60 50.67 -19.16
CA TYR J 538 54.29 51.95 -19.28
C TYR J 538 53.37 53.11 -18.96
N PHE J 539 52.20 53.14 -19.58
CA PHE J 539 51.28 54.24 -19.38
C PHE J 539 50.87 54.31 -17.91
N GLU J 540 50.45 53.16 -17.37
CA GLU J 540 49.98 53.12 -15.98
C GLU J 540 51.10 53.50 -15.00
N THR J 541 52.22 52.77 -15.05
CA THR J 541 53.42 53.03 -14.24
C THR J 541 53.84 54.49 -14.26
N SER J 542 54.11 55.05 -15.44
CA SER J 542 54.47 56.46 -15.55
C SER J 542 53.49 57.38 -14.82
N LYS J 543 52.22 57.33 -15.24
CA LYS J 543 51.25 58.27 -14.67
C LYS J 543 51.09 58.05 -13.16
N TYR J 544 51.25 56.81 -12.71
CA TYR J 544 51.15 56.52 -11.30
C TYR J 544 52.38 57.00 -10.53
N LEU J 545 53.56 56.88 -11.14
CA LEU J 545 54.79 57.26 -10.48
C LEU J 545 54.68 58.75 -10.17
N LEU J 546 54.23 59.53 -11.14
CA LEU J 546 54.02 60.95 -10.84
C LEU J 546 52.87 61.16 -9.86
N ASP J 547 51.82 60.33 -9.95
CA ASP J 547 50.71 60.46 -9.03
C ASP J 547 51.20 60.35 -7.59
N VAL J 548 52.22 59.53 -7.33
CA VAL J 548 52.74 59.37 -5.97
C VAL J 548 53.76 60.46 -5.63
N LEU J 549 54.63 60.86 -6.57
CA LEU J 549 55.51 61.99 -6.26
C LEU J 549 54.72 63.25 -5.95
N ASN J 550 53.54 63.39 -6.54
CA ASN J 550 52.73 64.59 -6.37
C ASN J 550 51.68 64.44 -5.28
N LYS J 551 51.77 63.39 -4.45
CA LYS J 551 50.89 63.27 -3.29
C LYS J 551 51.57 62.82 -2.01
N LYS J 552 52.71 62.14 -2.06
CA LYS J 552 53.31 61.60 -0.85
C LYS J 552 54.27 62.62 -0.27
N TYR J 553 55.35 62.91 -0.98
CA TYR J 553 56.32 63.92 -0.60
C TYR J 553 56.16 65.23 -1.38
N SER J 554 55.25 65.28 -2.35
CA SER J 554 54.81 66.52 -3.00
C SER J 554 55.89 67.25 -3.79
N LEU J 555 56.40 66.60 -4.86
CA LEU J 555 57.31 67.23 -5.81
C LEU J 555 56.79 68.59 -6.27
N LEU J 556 55.49 68.70 -6.52
CA LEU J 556 54.92 69.96 -6.97
C LEU J 556 55.05 71.06 -5.93
N ASP J 557 54.76 70.75 -4.65
CA ASP J 557 54.90 71.77 -3.62
C ASP J 557 56.35 72.15 -3.42
N HIS J 558 57.27 71.18 -3.56
CA HIS J 558 58.69 71.51 -3.48
C HIS J 558 59.09 72.43 -4.63
N MET J 559 58.57 72.19 -5.84
CA MET J 559 58.78 73.13 -6.94
C MET J 559 58.26 74.52 -6.62
N GLN J 560 57.06 74.62 -6.07
CA GLN J 560 56.45 75.92 -5.82
C GLN J 560 57.22 76.67 -4.74
N ALA J 561 57.63 75.97 -3.69
CA ALA J 561 58.28 76.58 -2.55
C ALA J 561 59.78 76.64 -2.70
N MET J 562 60.34 76.16 -3.82
CA MET J 562 61.77 76.23 -4.02
C MET J 562 62.14 77.46 -4.84
N ARG J 563 61.18 78.03 -5.58
CA ARG J 563 61.32 79.37 -6.13
C ARG J 563 60.81 80.40 -5.16
N ARG J 564 59.71 80.10 -4.44
CA ARG J 564 59.18 81.09 -3.49
C ARG J 564 60.24 81.57 -2.51
N TYR J 565 61.12 80.67 -2.06
CA TYR J 565 62.13 81.04 -1.07
C TYR J 565 63.52 81.26 -1.66
N LEU J 566 64.12 80.26 -2.30
CA LEU J 566 65.53 80.39 -2.69
C LEU J 566 65.69 81.45 -3.77
N LEU J 567 64.77 81.50 -4.73
CA LEU J 567 64.83 82.49 -5.81
C LEU J 567 64.12 83.78 -5.43
N LEU J 568 63.89 84.04 -4.14
CA LEU J 568 63.38 85.31 -3.62
C LEU J 568 61.95 85.56 -4.06
N GLY J 569 61.24 84.55 -4.57
CA GLY J 569 59.86 84.73 -4.99
C GLY J 569 58.96 85.25 -3.89
N GLN J 570 59.17 84.76 -2.66
CA GLN J 570 58.27 85.11 -1.57
C GLN J 570 58.41 86.59 -1.23
N GLY J 571 59.63 87.10 -1.28
CA GLY J 571 59.89 88.53 -1.14
C GLY J 571 59.82 89.03 0.28
N ASP J 572 58.70 88.77 0.96
CA ASP J 572 58.53 89.17 2.35
C ASP J 572 59.60 88.52 3.22
N PHE J 573 59.83 87.23 2.99
CA PHE J 573 60.82 86.50 3.75
C PHE J 573 62.21 87.09 3.53
N ILE J 574 62.52 87.42 2.28
CA ILE J 574 63.81 88.04 1.98
C ILE J 574 63.93 89.39 2.66
N ARG J 575 62.85 90.18 2.64
CA ARG J 575 62.92 91.51 3.26
C ARG J 575 63.25 91.39 4.73
N HIS J 576 62.47 90.59 5.46
CA HIS J 576 62.65 90.59 6.89
C HIS J 576 63.95 89.88 7.26
N LEU J 577 64.42 88.97 6.41
CA LEU J 577 65.72 88.35 6.65
C LEU J 577 66.86 89.35 6.43
N MET J 578 66.81 90.13 5.34
CA MET J 578 67.76 91.23 5.17
C MET J 578 67.76 92.17 6.37
N ASP J 579 66.57 92.52 6.85
CA ASP J 579 66.47 93.49 7.93
C ASP J 579 67.11 92.97 9.20
N LEU J 580 66.77 91.73 9.58
CA LEU J 580 67.34 91.19 10.80
C LEU J 580 68.80 90.78 10.63
N LEU J 581 69.28 90.58 9.41
CA LEU J 581 70.64 90.13 9.15
C LEU J 581 71.61 91.24 8.79
N LYS J 582 71.17 92.50 8.78
CA LYS J 582 72.13 93.59 8.55
C LYS J 582 73.28 93.59 9.55
N PRO J 583 73.04 93.59 10.88
CA PRO J 583 74.17 93.81 11.81
C PRO J 583 75.24 92.74 11.73
N GLU J 584 74.84 91.48 11.66
CA GLU J 584 75.82 90.39 11.56
C GLU J 584 76.65 90.53 10.29
N LEU J 585 75.99 90.84 9.18
CA LEU J 585 76.68 90.75 7.89
C LEU J 585 77.61 91.93 7.68
N VAL J 586 77.28 93.10 8.23
CA VAL J 586 78.17 94.25 8.05
C VAL J 586 79.55 94.01 8.67
N ARG J 587 79.67 93.08 9.60
CA ARG J 587 80.93 92.68 10.19
C ARG J 587 81.66 91.73 9.22
N PRO J 588 83.00 91.79 9.11
CA PRO J 588 83.70 90.86 8.20
C PRO J 588 83.46 89.41 8.58
N ALA J 589 83.11 88.60 7.57
CA ALA J 589 82.63 87.24 7.80
C ALA J 589 83.75 86.22 7.95
N THR J 590 85.01 86.65 7.93
CA THR J 590 86.08 85.71 8.28
C THR J 590 85.93 85.20 9.71
N THR J 591 85.32 86.02 10.59
CA THR J 591 85.10 85.68 11.99
C THR J 591 83.64 85.35 12.30
N LEU J 592 82.87 84.91 11.31
CA LEU J 592 81.46 84.59 11.50
C LEU J 592 81.27 83.10 11.75
N TYR J 593 80.22 82.78 12.50
CA TYR J 593 79.90 81.42 12.91
C TYR J 593 78.49 81.06 12.46
N GLN J 594 78.33 79.82 12.01
CA GLN J 594 77.08 79.41 11.36
C GLN J 594 75.91 79.34 12.33
N HIS J 595 76.19 79.16 13.63
CA HIS J 595 75.14 78.92 14.60
C HIS J 595 74.14 80.07 14.67
N ASN J 596 74.62 81.31 14.61
CA ASN J 596 73.72 82.45 14.76
C ASN J 596 72.93 82.71 13.50
N LEU J 597 73.48 82.33 12.34
CA LEU J 597 72.74 82.43 11.08
C LEU J 597 71.62 81.40 11.01
N THR J 598 71.94 80.16 11.37
CA THR J 598 70.91 79.14 11.46
C THR J 598 69.82 79.54 12.45
N GLY J 599 70.20 80.21 13.54
CA GLY J 599 69.21 80.71 14.47
C GLY J 599 68.34 81.81 13.89
N ILE J 600 68.95 82.78 13.20
CA ILE J 600 68.21 83.98 12.84
C ILE J 600 67.27 83.69 11.67
N LEU J 601 67.64 82.76 10.77
CA LEU J 601 66.69 82.35 9.72
C LEU J 601 65.39 81.84 10.32
N GLU J 602 65.47 81.11 11.42
CA GLU J 602 64.26 80.62 12.08
C GLU J 602 63.38 81.78 12.51
N THR J 603 63.99 82.83 13.07
CA THR J 603 63.25 84.02 13.48
C THR J 603 62.55 84.67 12.28
N ALA J 604 63.27 84.81 11.17
CA ALA J 604 62.65 85.42 9.99
C ALA J 604 61.47 84.59 9.50
N VAL J 605 61.65 83.27 9.46
CA VAL J 605 60.61 82.37 8.98
C VAL J 605 59.37 82.44 9.86
N ARG J 606 59.56 82.46 11.18
CA ARG J 606 58.38 82.48 12.04
C ARG J 606 57.74 83.85 12.01
N ALA J 607 58.52 84.90 11.73
CA ALA J 607 57.98 86.24 11.79
C ALA J 607 57.14 86.56 10.55
N THR J 608 57.63 86.21 9.37
CA THR J 608 56.98 86.60 8.13
C THR J 608 56.00 85.53 7.66
N ASN J 609 55.34 85.81 6.53
CA ASN J 609 54.31 84.93 5.99
C ASN J 609 54.84 83.56 5.56
N ALA J 610 56.16 83.39 5.48
CA ALA J 610 56.76 82.09 5.18
C ALA J 610 56.24 80.97 6.08
N GLN J 611 55.93 81.28 7.35
CA GLN J 611 55.47 80.25 8.29
C GLN J 611 54.25 79.52 7.75
N PHE J 612 53.38 80.21 7.01
CA PHE J 612 52.18 79.61 6.44
C PHE J 612 52.55 78.74 5.23
N ASP J 613 53.34 77.70 5.51
CA ASP J 613 53.82 76.80 4.47
C ASP J 613 54.13 75.45 5.11
N SER J 614 54.46 74.47 4.27
CA SER J 614 54.56 73.11 4.74
C SER J 614 55.77 72.92 5.66
N PRO J 615 55.62 72.20 6.79
CA PRO J 615 56.79 71.98 7.66
C PRO J 615 57.91 71.19 7.01
N GLU J 616 57.63 70.32 6.04
CA GLU J 616 58.70 69.53 5.42
C GLU J 616 59.67 70.43 4.66
N ILE J 617 59.13 71.25 3.75
CA ILE J 617 59.97 72.23 3.06
C ILE J 617 60.60 73.19 4.04
N LEU J 618 59.88 73.52 5.11
CA LEU J 618 60.43 74.46 6.08
C LEU J 618 61.65 73.86 6.77
N ARG J 619 61.62 72.55 7.03
CA ARG J 619 62.79 71.88 7.58
C ARG J 619 63.89 71.79 6.55
N ARG J 620 63.53 71.53 5.28
CA ARG J 620 64.53 71.39 4.23
C ARG J 620 65.22 72.69 3.88
N LEU J 621 64.67 73.82 4.29
CA LEU J 621 65.28 75.13 4.04
C LEU J 621 66.17 75.53 5.21
N ASP J 622 67.42 75.90 4.92
CA ASP J 622 68.37 76.32 5.94
C ASP J 622 69.45 77.19 5.30
N VAL J 623 70.14 77.98 6.13
CA VAL J 623 71.24 78.83 5.66
C VAL J 623 72.42 77.99 5.19
N ARG J 624 73.36 78.63 4.50
CA ARG J 624 74.64 78.01 4.20
C ARG J 624 75.65 79.13 3.96
N LEU J 625 76.94 78.76 3.99
CA LEU J 625 78.05 79.68 3.75
C LEU J 625 79.01 79.12 2.72
N LEU J 626 79.62 80.03 1.98
CA LEU J 626 80.61 79.72 0.96
C LEU J 626 82.01 79.71 1.60
N GLU J 627 83.03 79.46 0.79
CA GLU J 627 84.40 79.55 1.26
C GLU J 627 84.71 80.98 1.69
N VAL J 628 85.60 81.10 2.66
CA VAL J 628 86.02 82.39 3.17
C VAL J 628 86.98 83.05 2.17
N SER J 629 87.00 84.39 2.18
CA SER J 629 87.90 85.19 1.37
C SER J 629 88.91 85.93 2.27
N PRO J 630 90.11 86.27 1.78
CA PRO J 630 91.00 87.11 2.60
C PRO J 630 90.39 88.45 2.96
N GLY J 631 89.76 89.12 1.98
CA GLY J 631 88.94 90.30 2.25
C GLY J 631 87.48 89.93 2.11
N ASP J 632 86.79 89.76 3.25
CA ASP J 632 85.45 89.19 3.28
C ASP J 632 84.50 90.09 4.05
N THR J 633 83.24 90.04 3.63
CA THR J 633 82.11 90.61 4.35
C THR J 633 80.98 89.60 4.34
N GLY J 634 80.02 89.82 5.24
CA GLY J 634 78.85 88.97 5.25
C GLY J 634 78.10 89.03 3.94
N TRP J 635 78.05 90.20 3.32
CA TRP J 635 77.36 90.34 2.05
C TRP J 635 78.13 89.69 0.92
N ASP J 636 79.43 89.45 1.11
CA ASP J 636 80.24 88.75 0.13
C ASP J 636 80.11 87.24 0.26
N VAL J 637 79.99 86.74 1.50
CA VAL J 637 79.93 85.30 1.74
C VAL J 637 78.70 84.99 2.58
N PHE J 638 77.59 84.67 1.89
CA PHE J 638 76.37 84.20 2.53
C PHE J 638 75.51 83.56 1.44
N SER J 639 74.63 82.65 1.83
CA SER J 639 73.68 82.09 0.89
C SER J 639 72.62 81.30 1.63
N LEU J 640 71.46 81.18 0.99
CA LEU J 640 70.41 80.27 1.41
C LEU J 640 70.54 78.99 0.60
N ASP J 641 70.23 77.85 1.23
CA ASP J 641 70.34 76.57 0.57
C ASP J 641 69.26 75.63 1.07
N TYR J 642 68.46 75.12 0.14
CA TYR J 642 67.39 74.19 0.43
C TYR J 642 67.87 72.79 0.02
N HIS J 643 67.83 71.86 0.98
CA HIS J 643 68.46 70.55 0.83
C HIS J 643 67.43 69.45 0.62
N VAL J 644 67.76 68.51 -0.27
CA VAL J 644 66.87 67.41 -0.62
C VAL J 644 67.72 66.16 -0.80
N ASP J 645 67.21 65.00 -0.31
CA ASP J 645 67.94 63.74 -0.47
C ASP J 645 67.03 62.52 -0.68
N GLY J 646 65.80 62.65 -1.16
CA GLY J 646 64.87 61.55 -1.23
C GLY J 646 64.16 61.37 -2.58
N PRO J 647 62.80 61.39 -2.63
CA PRO J 647 62.11 61.18 -3.91
C PRO J 647 62.35 62.29 -4.92
N ILE J 648 62.09 63.52 -4.47
CA ILE J 648 62.26 64.76 -5.22
C ILE J 648 63.72 65.04 -5.57
N ALA J 649 64.60 64.21 -5.02
CA ALA J 649 65.99 64.06 -5.40
C ALA J 649 66.15 63.29 -6.72
N THR J 650 65.37 63.71 -7.73
CA THR J 650 65.73 63.55 -9.14
C THR J 650 65.50 64.85 -9.89
N VAL J 651 64.58 65.67 -9.40
CA VAL J 651 64.21 66.89 -10.11
C VAL J 651 64.92 68.08 -9.50
N PHE J 652 65.55 67.92 -8.33
CA PHE J 652 66.48 68.93 -7.79
C PHE J 652 67.87 68.29 -7.69
N THR J 653 68.32 67.76 -8.82
CA THR J 653 69.60 67.07 -8.91
C THR J 653 70.75 67.98 -8.48
N ARG J 654 71.78 67.34 -7.90
CA ARG J 654 72.98 68.05 -7.43
C ARG J 654 73.66 68.87 -8.52
N GLU J 655 73.47 68.51 -9.79
CA GLU J 655 74.09 69.28 -10.86
C GLU J 655 73.35 70.59 -11.11
N CYS J 656 72.03 70.62 -10.87
CA CYS J 656 71.26 71.85 -11.03
C CYS J 656 71.37 72.77 -9.83
N MET J 657 71.85 72.27 -8.69
CA MET J 657 72.01 73.14 -7.53
C MET J 657 73.09 74.17 -7.77
N SER J 658 74.15 73.81 -8.52
CA SER J 658 75.19 74.79 -8.80
C SER J 658 74.63 75.95 -9.64
N HIS J 659 73.80 75.62 -10.63
CA HIS J 659 73.19 76.65 -11.46
C HIS J 659 72.23 77.51 -10.62
N TYR J 660 71.43 76.88 -9.76
CA TYR J 660 70.52 77.66 -8.91
C TYR J 660 71.30 78.57 -7.96
N LEU J 661 72.42 78.08 -7.43
CA LEU J 661 73.25 78.89 -6.56
C LEU J 661 73.82 80.09 -7.30
N ARG J 662 74.25 79.89 -8.56
CA ARG J 662 74.73 81.02 -9.35
C ARG J 662 73.63 82.04 -9.57
N VAL J 663 72.42 81.57 -9.90
CA VAL J 663 71.30 82.49 -10.13
C VAL J 663 70.98 83.24 -8.85
N PHE J 664 70.94 82.54 -7.72
CA PHE J 664 70.67 83.20 -6.45
C PHE J 664 71.77 84.19 -6.10
N ASN J 665 73.02 83.86 -6.41
CA ASN J 665 74.12 84.79 -6.17
C ASN J 665 73.89 86.08 -6.93
N PHE J 666 73.48 85.99 -8.19
CA PHE J 666 73.17 87.21 -8.92
C PHE J 666 71.99 87.95 -8.29
N LEU J 667 70.91 87.24 -7.97
CA LEU J 667 69.69 87.89 -7.52
C LEU J 667 69.73 88.25 -6.04
N TRP J 668 70.83 87.94 -5.35
CA TRP J 668 71.08 88.42 -4.01
C TRP J 668 71.74 89.78 -4.05
N ARG J 669 72.73 89.95 -4.94
CA ARG J 669 73.38 91.23 -5.12
C ARG J 669 72.36 92.33 -5.41
N ALA J 670 71.48 92.12 -6.39
CA ALA J 670 70.60 93.20 -6.82
C ALA J 670 69.54 93.53 -5.79
N LYS J 671 69.01 92.54 -5.08
CA LYS J 671 68.10 92.77 -3.97
C LYS J 671 68.81 93.30 -2.75
N ARG J 672 70.15 93.29 -2.76
CA ARG J 672 70.92 94.00 -1.76
C ARG J 672 71.23 95.43 -2.19
N MET J 673 71.54 95.64 -3.46
CA MET J 673 71.84 96.99 -3.95
C MET J 673 70.60 97.87 -3.86
N GLU J 674 69.41 97.33 -4.14
CA GLU J 674 68.21 98.12 -3.87
C GLU J 674 68.12 98.48 -2.40
N TYR J 675 68.61 97.60 -1.52
CA TYR J 675 68.56 97.88 -0.09
C TYR J 675 69.63 98.89 0.31
N ILE J 676 70.80 98.84 -0.32
CA ILE J 676 71.83 99.85 -0.09
C ILE J 676 71.33 101.22 -0.54
N LEU J 677 70.71 101.28 -1.72
CA LEU J 677 70.20 102.56 -2.21
C LEU J 677 69.07 103.09 -1.35
N THR J 678 68.12 102.24 -0.96
CA THR J 678 67.06 102.76 -0.10
C THR J 678 67.62 103.09 1.27
N ASP J 679 68.68 102.40 1.72
CA ASP J 679 69.31 102.79 2.97
C ASP J 679 69.95 104.16 2.83
N ILE J 680 70.63 104.42 1.72
CA ILE J 680 71.26 105.73 1.50
C ILE J 680 70.20 106.81 1.44
N ARG J 681 69.12 106.55 0.71
CA ARG J 681 68.08 107.56 0.52
C ARG J 681 67.29 107.75 1.81
N LYS J 682 67.02 106.66 2.52
CA LYS J 682 66.39 106.73 3.82
C LYS J 682 67.24 107.55 4.77
N GLY J 683 68.55 107.31 4.78
CA GLY J 683 69.44 108.09 5.62
C GLY J 683 69.47 109.56 5.25
N HIS J 684 69.39 109.87 3.95
CA HIS J 684 69.24 111.25 3.54
C HIS J 684 67.96 111.84 4.13
N MET J 685 66.86 111.12 3.99
CA MET J 685 65.53 111.52 4.46
C MET J 685 65.44 111.57 5.98
N CYS J 686 66.42 111.03 6.69
CA CYS J 686 66.53 111.08 8.14
C CYS J 686 67.48 112.16 8.64
N ASN J 687 68.66 112.27 8.05
CA ASN J 687 69.68 113.18 8.55
C ASN J 687 69.46 114.60 8.06
N ALA J 688 69.03 114.78 6.80
CA ALA J 688 68.82 116.12 6.31
C ALA J 688 67.71 116.85 7.04
N LYS J 689 66.80 116.11 7.71
CA LYS J 689 65.76 116.75 8.50
C LYS J 689 66.24 117.12 9.91
N LEU J 690 67.50 116.83 10.25
CA LEU J 690 68.18 117.43 11.39
C LEU J 690 69.28 118.41 11.02
N LEU J 691 69.88 118.28 9.84
CA LEU J 691 70.92 119.22 9.39
C LEU J 691 70.29 120.41 8.66
N ARG J 692 69.38 121.08 9.35
CA ARG J 692 68.67 122.22 8.77
C ARG J 692 69.28 123.56 9.11
N ASN J 693 70.00 123.66 10.22
CA ASN J 693 70.67 124.89 10.60
C ASN J 693 72.05 125.04 9.99
N MET J 694 72.52 124.03 9.24
CA MET J 694 73.85 124.07 8.64
C MET J 694 73.72 124.52 7.18
N PRO J 695 74.16 125.74 6.81
CA PRO J 695 74.13 126.11 5.39
C PRO J 695 75.36 125.67 4.61
N GLU J 696 76.50 125.46 5.28
CA GLU J 696 77.73 125.22 4.54
C GLU J 696 77.71 123.87 3.83
N PHE J 697 77.06 122.87 4.43
CA PHE J 697 77.01 121.54 3.84
C PHE J 697 76.04 121.42 2.68
N SER J 698 75.16 122.41 2.50
CA SER J 698 74.02 122.30 1.58
C SER J 698 74.41 121.82 0.19
N GLY J 699 75.50 122.36 -0.37
CA GLY J 699 75.95 121.94 -1.68
C GLY J 699 76.31 120.47 -1.79
N VAL J 700 77.25 120.03 -0.96
CA VAL J 700 77.70 118.65 -1.01
C VAL J 700 76.56 117.71 -0.63
N LEU J 701 75.72 118.12 0.31
CA LEU J 701 74.56 117.31 0.69
C LEU J 701 73.59 117.16 -0.48
N HIS J 702 73.37 118.25 -1.22
CA HIS J 702 72.40 118.22 -2.32
C HIS J 702 72.90 117.36 -3.48
N GLN J 703 74.17 117.54 -3.86
CA GLN J 703 74.73 116.80 -5.01
C GLN J 703 74.50 115.30 -4.88
N CYS J 704 74.77 114.77 -3.69
CA CYS J 704 74.70 113.34 -3.46
C CYS J 704 73.30 112.81 -3.71
N HIS J 705 72.27 113.59 -3.41
CA HIS J 705 70.89 113.10 -3.56
C HIS J 705 70.51 112.98 -5.03
N ILE J 706 70.94 113.93 -5.87
CA ILE J 706 70.78 113.77 -7.31
C ILE J 706 71.49 112.51 -7.76
N LEU J 707 72.76 112.38 -7.34
CA LEU J 707 73.57 111.22 -7.69
C LEU J 707 72.90 109.92 -7.27
N ALA J 708 72.27 109.93 -6.10
CA ALA J 708 71.52 108.78 -5.65
C ALA J 708 70.35 108.50 -6.57
N SER J 709 69.70 109.54 -7.09
CA SER J 709 68.52 109.28 -7.90
C SER J 709 68.84 108.66 -9.26
N GLU J 710 69.95 109.04 -9.91
CA GLU J 710 70.27 108.32 -11.14
C GLU J 710 70.50 106.83 -10.86
N MET J 711 71.02 106.52 -9.68
CA MET J 711 71.36 105.14 -9.34
C MET J 711 70.11 104.35 -8.95
N VAL J 712 69.21 104.98 -8.19
CA VAL J 712 67.91 104.40 -7.87
C VAL J 712 67.14 104.06 -9.14
N HIS J 713 67.19 104.95 -10.13
CA HIS J 713 66.56 104.66 -11.42
C HIS J 713 67.07 103.35 -11.99
N PHE J 714 68.39 103.22 -12.11
CA PHE J 714 69.01 102.05 -12.72
C PHE J 714 68.63 100.76 -11.99
N ILE J 715 68.75 100.76 -10.66
CA ILE J 715 68.43 99.54 -9.91
C ILE J 715 66.96 99.20 -10.07
N HIS J 716 66.09 100.20 -10.05
CA HIS J 716 64.67 99.90 -10.06
C HIS J 716 64.26 99.37 -11.44
N GLN J 717 64.85 99.93 -12.51
CA GLN J 717 64.65 99.38 -13.87
C GLN J 717 65.09 97.93 -13.93
N MET J 718 66.34 97.68 -13.52
CA MET J 718 66.89 96.33 -13.64
C MET J 718 66.06 95.35 -12.83
N GLN J 719 65.58 95.81 -11.68
CA GLN J 719 64.94 94.92 -10.77
C GLN J 719 63.60 94.47 -11.34
N TYR J 720 62.86 95.42 -11.95
CA TYR J 720 61.63 95.01 -12.60
C TYR J 720 61.87 94.12 -13.81
N TYR J 721 62.94 94.37 -14.59
CA TYR J 721 63.21 93.46 -15.69
C TYR J 721 63.63 92.08 -15.20
N ILE J 722 64.27 92.00 -14.03
CA ILE J 722 64.57 90.72 -13.39
C ILE J 722 63.32 90.09 -12.81
N THR J 723 62.24 90.86 -12.66
CA THR J 723 61.01 90.35 -12.08
C THR J 723 60.05 89.79 -13.12
N PHE J 724 59.67 90.57 -14.12
CA PHE J 724 58.51 90.23 -14.92
C PHE J 724 58.86 89.56 -16.24
N GLU J 725 60.12 89.66 -16.69
CA GLU J 725 60.58 89.01 -17.91
C GLU J 725 61.56 87.87 -17.66
N VAL J 726 62.22 87.83 -16.50
CA VAL J 726 63.22 86.82 -16.23
C VAL J 726 62.59 85.66 -15.46
N LEU J 727 61.94 85.97 -14.33
CA LEU J 727 61.56 84.97 -13.35
C LEU J 727 60.04 84.88 -13.15
N GLU J 728 59.27 85.36 -14.11
CA GLU J 728 57.82 85.13 -14.18
C GLU J 728 57.36 84.52 -15.50
N CYS J 729 57.92 84.98 -16.62
CA CYS J 729 57.57 84.37 -17.91
C CYS J 729 58.02 82.92 -17.94
N SER J 730 59.30 82.68 -17.62
CA SER J 730 59.82 81.32 -17.62
C SER J 730 59.14 80.49 -16.55
N TRP J 731 58.71 81.13 -15.46
CA TRP J 731 58.10 80.37 -14.38
C TRP J 731 56.72 79.89 -14.77
N ASP J 732 55.92 80.77 -15.39
CA ASP J 732 54.63 80.36 -15.93
C ASP J 732 54.82 79.28 -16.98
N GLU J 733 55.83 79.44 -17.84
CA GLU J 733 56.10 78.45 -18.87
C GLU J 733 56.35 77.06 -18.27
N LEU J 734 57.27 76.98 -17.28
CA LEU J 734 57.50 75.71 -16.62
C LEU J 734 56.24 75.20 -15.96
N TRP J 735 55.51 76.08 -15.27
CA TRP J 735 54.34 75.64 -14.50
C TRP J 735 53.29 75.03 -15.41
N ASN J 736 53.14 75.56 -16.62
CA ASN J 736 52.24 74.93 -17.58
C ASN J 736 52.81 73.60 -18.07
N LYS J 737 54.06 73.59 -18.52
CA LYS J 737 54.64 72.37 -19.09
C LYS J 737 54.79 71.25 -18.07
N VAL J 738 54.64 71.56 -16.78
CA VAL J 738 54.64 70.54 -15.74
C VAL J 738 53.21 70.14 -15.41
N GLN J 739 52.33 71.13 -15.20
CA GLN J 739 51.00 70.79 -14.75
C GLN J 739 50.20 70.03 -15.80
N GLN J 740 50.57 70.16 -17.09
CA GLN J 740 49.93 69.28 -18.07
C GLN J 740 50.66 67.94 -18.15
N ALA J 741 51.99 67.97 -18.12
CA ALA J 741 52.81 66.80 -18.44
C ALA J 741 52.55 65.64 -17.48
N GLN J 742 52.62 64.43 -18.04
CA GLN J 742 52.41 63.19 -17.30
C GLN J 742 53.59 62.24 -17.52
N ASP J 743 54.80 62.76 -17.36
CA ASP J 743 55.97 61.89 -17.36
C ASP J 743 57.12 62.54 -16.60
N LEU J 744 57.83 61.71 -15.83
CA LEU J 744 58.94 62.19 -15.03
C LEU J 744 60.10 62.62 -15.92
N ASP J 745 60.27 61.97 -17.06
CA ASP J 745 61.31 62.36 -17.99
C ASP J 745 61.04 63.74 -18.59
N HIS J 746 59.76 64.15 -18.67
CA HIS J 746 59.42 65.47 -19.18
C HIS J 746 59.41 66.55 -18.10
N ILE J 747 58.96 66.24 -16.88
CA ILE J 747 59.08 67.22 -15.80
C ILE J 747 60.55 67.56 -15.56
N ILE J 748 61.41 66.52 -15.56
CA ILE J 748 62.86 66.70 -15.52
C ILE J 748 63.33 67.69 -16.59
N ALA J 749 63.01 67.40 -17.85
CA ALA J 749 63.53 68.17 -18.97
C ALA J 749 62.84 69.52 -19.13
N ALA J 750 61.80 69.80 -18.36
CA ALA J 750 61.24 71.14 -18.29
C ALA J 750 61.90 71.98 -17.21
N HIS J 751 62.24 71.34 -16.09
CA HIS J 751 63.10 71.99 -15.10
C HIS J 751 64.42 72.41 -15.73
N GLU J 752 64.99 71.52 -16.55
CA GLU J 752 66.25 71.82 -17.24
C GLU J 752 66.18 73.12 -18.03
N VAL J 753 65.14 73.27 -18.85
CA VAL J 753 65.09 74.43 -19.74
C VAL J 753 64.72 75.69 -18.96
N PHE J 754 63.90 75.56 -17.91
CA PHE J 754 63.69 76.70 -17.02
C PHE J 754 64.99 77.23 -16.44
N LEU J 755 65.83 76.33 -15.93
CA LEU J 755 67.10 76.78 -15.39
C LEU J 755 67.96 77.40 -16.47
N ASP J 756 68.06 76.75 -17.63
CA ASP J 756 68.94 77.26 -18.68
C ASP J 756 68.46 78.60 -19.22
N THR J 757 67.14 78.81 -19.29
CA THR J 757 66.65 80.08 -19.81
C THR J 757 66.83 81.18 -18.79
N ILE J 758 66.72 80.88 -17.49
CA ILE J 758 67.04 81.95 -16.54
C ILE J 758 68.52 82.31 -16.62
N ILE J 759 69.41 81.37 -16.96
CA ILE J 759 70.81 81.77 -17.10
C ILE J 759 70.97 82.78 -18.25
N SER J 760 70.12 82.73 -19.26
CA SER J 760 70.24 83.62 -20.41
C SER J 760 69.47 84.94 -20.23
N ARG J 761 68.29 84.91 -19.61
CA ARG J 761 67.59 86.16 -19.34
C ARG J 761 68.30 86.95 -18.25
N CYS J 762 69.04 86.29 -17.36
CA CYS J 762 70.08 86.96 -16.63
C CYS J 762 71.35 86.98 -17.48
N LEU J 763 72.32 87.79 -17.07
CA LEU J 763 73.56 88.00 -17.82
C LEU J 763 74.66 87.03 -17.39
N LEU J 764 74.29 85.88 -16.83
CA LEU J 764 75.23 84.93 -16.27
C LEU J 764 75.76 83.92 -17.30
N ASP J 765 75.43 84.08 -18.57
CA ASP J 765 75.85 83.13 -19.59
C ASP J 765 77.36 83.26 -19.81
N SER J 766 77.93 82.33 -20.59
CA SER J 766 79.35 82.34 -20.94
C SER J 766 79.68 83.28 -22.09
N ASP J 767 78.69 83.87 -22.74
CA ASP J 767 78.88 84.79 -23.86
C ASP J 767 78.67 86.24 -23.48
N SER J 768 77.81 86.51 -22.50
CA SER J 768 77.52 87.84 -22.01
C SER J 768 78.50 88.29 -20.90
N ARG J 769 79.69 87.70 -20.86
CA ARG J 769 80.64 87.97 -19.79
C ARG J 769 81.03 89.45 -19.74
N ALA J 770 81.25 90.08 -20.89
CA ALA J 770 81.61 91.50 -20.90
C ALA J 770 80.49 92.35 -20.32
N LEU J 771 79.25 92.07 -20.72
CA LEU J 771 78.12 92.82 -20.19
C LEU J 771 77.98 92.61 -18.69
N LEU J 772 78.22 91.38 -18.23
CA LEU J 772 78.13 91.08 -16.81
C LEU J 772 79.22 91.81 -16.03
N ASN J 773 80.43 91.91 -16.60
CA ASN J 773 81.48 92.66 -15.93
C ASN J 773 81.14 94.13 -15.83
N GLN J 774 80.56 94.69 -16.89
CA GLN J 774 80.12 96.08 -16.82
C GLN J 774 79.04 96.25 -15.74
N LEU J 775 78.16 95.26 -15.64
CA LEU J 775 77.15 95.28 -14.60
C LEU J 775 77.76 95.24 -13.19
N ARG J 776 78.79 94.42 -13.02
CA ARG J 776 79.48 94.38 -11.74
C ARG J 776 80.12 95.73 -11.45
N ALA J 777 80.61 96.41 -12.50
CA ALA J 777 81.25 97.70 -12.34
C ALA J 777 80.26 98.83 -12.03
N VAL J 778 78.96 98.63 -12.32
CA VAL J 778 77.95 99.61 -11.92
C VAL J 778 77.35 99.30 -10.55
N PHE J 779 77.50 98.07 -10.05
CA PHE J 779 77.26 97.83 -8.61
C PHE J 779 78.45 98.24 -7.74
N ASP J 780 79.65 98.23 -8.30
CA ASP J 780 80.83 98.68 -7.58
C ASP J 780 80.65 100.11 -7.10
N GLN J 781 80.19 100.99 -7.99
CA GLN J 781 79.99 102.39 -7.63
C GLN J 781 78.88 102.55 -6.60
N ILE J 782 77.93 101.61 -6.53
CA ILE J 782 76.91 101.68 -5.49
C ILE J 782 77.54 101.48 -4.13
N ILE J 783 78.32 100.41 -3.97
CA ILE J 783 78.92 100.19 -2.66
C ILE J 783 79.95 101.29 -2.35
N GLU J 784 80.62 101.81 -3.39
CA GLU J 784 81.51 102.94 -3.20
C GLU J 784 80.75 104.15 -2.66
N LEU J 785 79.58 104.45 -3.23
CA LEU J 785 78.79 105.57 -2.73
C LEU J 785 78.33 105.31 -1.30
N GLN J 786 78.02 104.06 -0.96
CA GLN J 786 77.62 103.76 0.41
C GLN J 786 78.73 104.17 1.38
N ASN J 787 79.96 103.73 1.10
CA ASN J 787 81.09 104.10 1.96
C ASN J 787 81.33 105.61 1.94
N ALA J 788 81.37 106.21 0.75
CA ALA J 788 81.66 107.64 0.63
C ALA J 788 80.64 108.49 1.38
N GLN J 789 79.36 108.27 1.13
CA GLN J 789 78.29 109.02 1.79
C GLN J 789 78.38 108.89 3.30
N ASP J 790 78.57 107.66 3.78
CA ASP J 790 78.72 107.51 5.23
C ASP J 790 79.95 108.26 5.73
N ALA J 791 80.98 108.36 4.90
CA ALA J 791 82.15 109.15 5.29
C ALA J 791 81.81 110.63 5.40
N ILE J 792 81.03 111.14 4.45
CA ILE J 792 80.63 112.55 4.48
C ILE J 792 79.91 112.83 5.80
N TYR J 793 78.96 111.97 6.13
CA TYR J 793 78.20 112.15 7.36
C TYR J 793 79.09 111.94 8.59
N ARG J 794 80.06 111.01 8.49
CA ARG J 794 80.91 110.69 9.62
C ARG J 794 81.71 111.92 10.03
N ALA J 795 82.25 112.64 9.05
CA ALA J 795 83.05 113.82 9.32
C ALA J 795 82.23 115.10 9.38
N ALA J 796 80.92 115.05 9.10
CA ALA J 796 80.07 116.24 9.17
C ALA J 796 79.29 116.33 10.48
N LEU J 797 78.46 115.32 10.76
CA LEU J 797 77.52 115.40 11.88
C LEU J 797 78.23 115.55 13.22
N GLU J 798 79.38 114.90 13.37
CA GLU J 798 80.13 114.96 14.62
C GLU J 798 80.44 116.39 15.01
N GLU J 799 80.82 117.23 14.04
CA GLU J 799 81.13 118.61 14.40
C GLU J 799 79.87 119.33 14.87
N LEU J 800 78.72 119.02 14.28
CA LEU J 800 77.49 119.66 14.74
C LEU J 800 77.24 119.31 16.20
N GLN J 801 77.43 118.04 16.55
CA GLN J 801 77.32 117.65 17.96
C GLN J 801 78.31 118.44 18.80
N ARG J 802 79.56 118.55 18.33
CA ARG J 802 80.57 119.28 19.08
C ARG J 802 80.22 120.77 19.17
N ARG J 803 79.56 121.32 18.16
CA ARG J 803 79.18 122.73 18.18
C ARG J 803 78.09 122.96 19.22
N LEU J 804 77.17 122.01 19.35
CA LEU J 804 76.20 122.10 20.44
C LEU J 804 76.91 122.06 21.78
N GLN J 805 77.92 121.20 21.90
CA GLN J 805 78.69 121.19 23.14
C GLN J 805 79.56 122.46 23.31
N PHE J 806 79.95 123.09 22.21
CA PHE J 806 80.68 124.35 22.29
C PHE J 806 79.79 125.45 22.84
N GLU J 807 78.52 125.47 22.40
CA GLU J 807 77.59 126.42 22.98
C GLU J 807 77.29 126.06 24.43
N GLU J 808 77.27 124.76 24.75
CA GLU J 808 77.08 124.33 26.14
C GLU J 808 78.18 124.85 27.04
N LYS J 809 79.41 124.94 26.51
CA LYS J 809 80.48 125.57 27.28
C LYS J 809 80.14 127.02 27.59
N LYS J 810 79.41 127.69 26.69
CA LYS J 810 79.02 129.08 26.93
C LYS J 810 77.82 129.20 27.88
N LYS J 811 76.88 128.25 27.88
CA LYS J 811 75.68 128.44 28.71
C LYS J 811 76.07 128.41 30.19
N GLU J 827 86.62 131.04 19.13
CA GLU J 827 87.78 130.87 18.27
C GLU J 827 88.02 129.41 17.89
N GLU J 828 87.70 128.50 18.80
CA GLU J 828 87.89 127.08 18.50
C GLU J 828 86.94 126.62 17.40
N GLU J 829 85.64 126.93 17.52
CA GLU J 829 84.76 126.62 16.41
C GLU J 829 85.09 127.44 15.18
N ASN J 830 85.71 128.61 15.32
CA ASN J 830 86.21 129.30 14.13
C ASN J 830 87.29 128.49 13.43
N LYS J 831 88.14 127.79 14.20
CA LYS J 831 89.09 126.89 13.54
C LYS J 831 88.40 125.68 12.93
N ARG J 832 87.30 125.21 13.52
CA ARG J 832 86.54 124.15 12.87
C ARG J 832 85.90 124.64 11.56
N ILE J 833 85.42 125.88 11.52
CA ILE J 833 84.97 126.43 10.24
C ILE J 833 86.14 126.52 9.27
N GLY J 834 87.32 126.87 9.77
CA GLY J 834 88.48 126.92 8.90
C GLY J 834 88.77 125.57 8.25
N GLU J 835 88.90 124.53 9.08
CA GLU J 835 89.21 123.22 8.52
C GLU J 835 88.07 122.71 7.65
N PHE J 836 86.84 123.20 7.85
CA PHE J 836 85.83 122.99 6.82
C PHE J 836 86.17 123.70 5.52
N LYS J 837 86.64 124.94 5.59
CA LYS J 837 86.95 125.63 4.34
C LYS J 837 88.18 125.08 3.63
N GLU J 838 88.96 124.19 4.27
CA GLU J 838 89.85 123.30 3.51
C GLU J 838 89.23 121.94 3.15
N SER J 839 88.36 121.35 3.97
CA SER J 839 87.91 119.99 3.73
C SER J 839 86.79 119.93 2.70
N ILE J 840 85.82 120.85 2.78
CA ILE J 840 84.65 120.83 1.90
C ILE J 840 85.03 120.79 0.42
N PRO J 841 85.95 121.64 -0.08
CA PRO J 841 86.24 121.60 -1.53
C PRO J 841 86.73 120.25 -2.04
N LYS J 842 87.65 119.61 -1.32
CA LYS J 842 88.16 118.32 -1.77
C LYS J 842 87.08 117.25 -1.70
N MET J 843 86.24 117.30 -0.67
CA MET J 843 85.09 116.41 -0.58
C MET J 843 84.18 116.57 -1.80
N CYS J 844 83.89 117.82 -2.13
CA CYS J 844 83.09 118.12 -3.31
C CYS J 844 83.73 117.52 -4.56
N SER J 845 85.01 117.80 -4.79
CA SER J 845 85.67 117.32 -6.00
C SER J 845 85.69 115.80 -6.07
N GLN J 846 85.83 115.14 -4.92
CA GLN J 846 85.73 113.67 -4.88
C GLN J 846 84.36 113.23 -5.37
N LEU J 847 83.30 113.85 -4.85
CA LEU J 847 81.97 113.46 -5.28
C LEU J 847 81.74 113.80 -6.76
N ARG J 848 82.34 114.89 -7.25
CA ARG J 848 82.22 115.23 -8.67
C ARG J 848 82.84 114.15 -9.55
N ILE J 849 84.05 113.71 -9.21
CA ILE J 849 84.72 112.72 -10.05
C ILE J 849 83.98 111.38 -9.95
N LEU J 850 83.46 111.05 -8.76
CA LEU J 850 82.65 109.85 -8.63
C LEU J 850 81.43 109.91 -9.55
N THR J 851 80.74 111.06 -9.54
CA THR J 851 79.60 111.27 -10.44
C THR J 851 79.99 111.04 -11.89
N HIS J 852 81.04 111.73 -12.35
CA HIS J 852 81.43 111.61 -13.76
C HIS J 852 81.79 110.17 -14.11
N PHE J 853 82.52 109.50 -13.23
CA PHE J 853 82.90 108.11 -13.49
C PHE J 853 81.67 107.21 -13.62
N TYR J 854 80.68 107.42 -12.75
CA TYR J 854 79.48 106.60 -12.79
C TYR J 854 78.67 106.87 -14.07
N GLN J 855 78.50 108.15 -14.41
CA GLN J 855 77.78 108.49 -15.65
C GLN J 855 78.45 107.85 -16.84
N GLY J 856 79.78 107.89 -16.87
CA GLY J 856 80.51 107.33 -18.00
C GLY J 856 80.37 105.83 -18.09
N ILE J 857 80.37 105.13 -16.96
CA ILE J 857 80.30 103.67 -17.02
C ILE J 857 78.88 103.23 -17.36
N VAL J 858 77.83 103.91 -16.89
CA VAL J 858 76.48 103.52 -17.32
C VAL J 858 76.31 103.79 -18.82
N GLN J 859 76.93 104.85 -19.34
CA GLN J 859 76.89 105.09 -20.77
C GLN J 859 77.56 103.95 -21.54
N GLN J 860 78.70 103.48 -21.03
CA GLN J 860 79.38 102.35 -21.66
C GLN J 860 78.50 101.10 -21.58
N PHE J 861 77.75 100.94 -20.50
CA PHE J 861 76.87 99.79 -20.39
C PHE J 861 75.78 99.83 -21.45
N LEU J 862 75.15 100.99 -21.67
CA LEU J 862 74.12 101.05 -22.70
C LEU J 862 74.68 100.80 -24.09
N VAL J 863 75.83 101.40 -24.41
CA VAL J 863 76.34 101.22 -25.77
C VAL J 863 76.75 99.77 -26.00
N LEU J 864 77.27 99.09 -24.95
CA LEU J 864 77.47 97.65 -25.07
C LEU J 864 76.15 96.90 -25.14
N LEU J 865 75.12 97.41 -24.45
CA LEU J 865 73.82 96.76 -24.42
C LEU J 865 73.14 96.74 -25.78
N THR J 866 73.54 97.65 -26.68
CA THR J 866 72.93 97.65 -28.01
C THR J 866 73.12 96.32 -28.74
N THR J 867 74.34 95.77 -28.73
CA THR J 867 74.64 94.52 -29.43
C THR J 867 74.42 93.38 -28.45
N SER J 868 73.34 92.63 -28.65
CA SER J 868 72.91 91.66 -27.66
C SER J 868 71.96 90.67 -28.35
N SER J 869 71.33 89.81 -27.55
CA SER J 869 70.20 89.02 -28.02
C SER J 869 69.18 89.93 -28.70
N ASP J 870 68.42 89.35 -29.63
CA ASP J 870 67.68 90.13 -30.63
C ASP J 870 66.78 91.18 -29.98
N GLU J 871 65.98 90.76 -28.99
CA GLU J 871 64.88 91.61 -28.54
C GLU J 871 64.95 91.85 -27.04
N SER J 872 65.29 90.81 -26.28
CA SER J 872 65.36 90.78 -24.81
C SER J 872 66.10 91.93 -24.15
N LEU J 873 67.38 92.11 -24.49
CA LEU J 873 68.16 93.17 -23.88
C LEU J 873 67.75 94.55 -24.38
N ARG J 874 67.31 94.65 -25.63
CA ARG J 874 66.92 95.97 -26.15
C ARG J 874 65.67 96.47 -25.44
N PHE J 875 64.81 95.55 -24.98
CA PHE J 875 63.72 95.94 -24.07
C PHE J 875 64.22 96.86 -22.97
N LEU J 876 65.17 96.37 -22.18
CA LEU J 876 65.69 97.13 -21.04
C LEU J 876 66.42 98.37 -21.49
N SER J 877 67.03 98.32 -22.68
CA SER J 877 67.74 99.49 -23.18
C SER J 877 66.79 100.67 -23.31
N PHE J 878 65.56 100.43 -23.80
CA PHE J 878 64.59 101.53 -23.86
C PHE J 878 64.21 102.04 -22.47
N ARG J 879 64.03 101.13 -21.50
CA ARG J 879 63.62 101.59 -20.17
C ARG J 879 64.66 102.51 -19.57
N LEU J 880 65.95 102.17 -19.73
CA LEU J 880 66.98 102.96 -19.09
C LEU J 880 67.00 104.39 -19.60
N ASP J 881 66.57 104.62 -20.85
CA ASP J 881 66.35 105.98 -21.36
C ASP J 881 64.98 106.04 -22.02
N PHE J 882 63.94 106.13 -21.19
CA PHE J 882 62.67 106.68 -21.64
C PHE J 882 62.83 108.13 -22.09
N ASN J 883 63.37 108.98 -21.21
CA ASN J 883 63.47 110.41 -21.51
C ASN J 883 64.60 110.76 -22.45
N GLU J 884 65.57 109.89 -22.61
CA GLU J 884 66.85 110.30 -23.16
C GLU J 884 67.37 111.54 -22.44
N HIS J 885 67.39 111.50 -21.10
CA HIS J 885 68.34 112.34 -20.38
C HIS J 885 69.77 111.95 -20.74
N TYR J 886 70.07 110.65 -20.70
CA TYR J 886 71.21 110.09 -21.40
C TYR J 886 70.82 109.97 -22.87
N LYS J 887 71.72 109.49 -23.72
CA LYS J 887 71.45 109.31 -25.16
C LYS J 887 71.32 110.68 -25.87
N ALA J 888 71.45 111.81 -25.15
CA ALA J 888 71.43 113.15 -25.70
C ALA J 888 72.57 113.97 -25.12
N ARG J 889 73.54 113.32 -24.46
CA ARG J 889 74.71 113.95 -23.88
C ARG J 889 75.97 113.70 -24.69
N GLU J 890 75.95 112.71 -25.58
CA GLU J 890 77.06 112.43 -26.48
C GLU J 890 77.23 113.57 -27.48
N MET K 1 70.54 -9.16 -9.30
CA MET K 1 71.09 -8.03 -10.09
C MET K 1 70.08 -6.89 -10.14
N ILE K 2 68.86 -7.19 -10.60
CA ILE K 2 67.80 -6.17 -10.64
C ILE K 2 67.02 -6.07 -9.34
N HIS K 3 67.35 -6.88 -8.34
CA HIS K 3 66.94 -6.64 -6.97
C HIS K 3 68.11 -6.21 -6.09
N GLU K 4 69.29 -6.76 -6.34
CA GLU K 4 70.49 -6.29 -5.68
C GLU K 4 70.75 -4.83 -6.02
N LEU K 5 70.44 -4.43 -7.26
CA LEU K 5 70.63 -3.04 -7.67
C LEU K 5 69.50 -2.15 -7.16
N LEU K 6 68.26 -2.63 -7.17
CA LEU K 6 67.15 -1.84 -6.64
C LEU K 6 67.17 -1.79 -5.11
N LEU K 7 68.13 -2.45 -4.47
CA LEU K 7 68.46 -2.22 -3.06
C LEU K 7 69.78 -1.49 -2.86
N ALA K 8 70.75 -1.70 -3.75
CA ALA K 8 72.02 -0.97 -3.65
C ALA K 8 71.82 0.51 -3.92
N LEU K 9 70.90 0.84 -4.82
CA LEU K 9 70.51 2.24 -5.00
C LEU K 9 69.94 2.79 -3.70
N SER K 10 69.29 1.93 -2.91
CA SER K 10 68.89 2.28 -1.55
C SER K 10 70.12 2.15 -0.65
N GLY K 11 69.90 2.16 0.67
CA GLY K 11 71.02 2.23 1.60
C GLY K 11 71.97 1.06 1.53
N TYR K 12 71.46 -0.13 1.24
CA TYR K 12 72.16 -1.38 1.53
C TYR K 12 73.09 -1.79 0.39
N PRO K 13 74.43 -1.69 0.54
CA PRO K 13 75.28 -1.74 -0.67
C PRO K 13 75.38 -3.11 -1.31
N GLY K 14 75.61 -4.17 -0.53
CA GLY K 14 75.77 -5.50 -1.07
C GLY K 14 77.19 -5.81 -1.55
N SER K 15 77.37 -7.06 -1.95
CA SER K 15 78.69 -7.54 -2.36
C SER K 15 79.05 -7.02 -3.75
N ILE K 16 78.08 -6.98 -4.66
CA ILE K 16 78.34 -6.50 -6.01
C ILE K 16 78.82 -5.05 -5.96
N PHE K 17 78.07 -4.21 -5.25
CA PHE K 17 78.32 -2.77 -5.21
C PHE K 17 79.04 -2.42 -3.91
N THR K 18 80.32 -2.80 -3.88
CA THR K 18 81.16 -2.57 -2.70
C THR K 18 81.27 -1.08 -2.38
N TRP K 19 81.08 -0.74 -1.12
CA TRP K 19 81.22 0.64 -0.65
C TRP K 19 82.65 0.89 -0.17
N ASN K 20 83.12 2.12 -0.38
CA ASN K 20 84.45 2.54 0.03
C ASN K 20 84.38 4.02 0.37
N LYS K 21 85.27 4.45 1.27
CA LYS K 21 85.20 5.84 1.74
C LYS K 21 85.59 6.80 0.62
N ARG K 22 86.68 6.51 -0.09
CA ARG K 22 87.13 7.41 -1.14
C ARG K 22 86.10 7.53 -2.25
N SER K 23 85.41 6.44 -2.55
CA SER K 23 84.36 6.45 -3.57
C SER K 23 83.36 5.36 -3.20
N GLY K 24 82.07 5.66 -3.39
CA GLY K 24 80.99 4.80 -2.91
C GLY K 24 80.29 4.02 -4.01
N LEU K 25 79.92 2.78 -3.68
CA LEU K 25 79.19 1.85 -4.54
C LEU K 25 79.77 1.70 -5.96
N GLN K 26 81.07 1.43 -6.08
CA GLN K 26 81.68 1.06 -7.37
C GLN K 26 81.86 -0.45 -7.42
N VAL K 27 80.88 -1.13 -8.02
CA VAL K 27 81.10 -2.49 -8.49
C VAL K 27 82.33 -2.49 -9.40
N SER K 28 83.30 -3.35 -9.07
CA SER K 28 84.52 -3.50 -9.87
C SER K 28 84.82 -5.00 -9.94
N GLN K 29 84.26 -5.64 -10.96
CA GLN K 29 84.40 -7.08 -11.15
C GLN K 29 84.11 -7.40 -12.62
N ASP K 30 84.73 -8.47 -13.10
CA ASP K 30 84.43 -9.03 -14.42
C ASP K 30 83.44 -10.18 -14.23
N PHE K 31 82.18 -9.96 -14.63
CA PHE K 31 81.09 -10.91 -14.40
C PHE K 31 80.65 -11.53 -15.72
N PRO K 32 80.54 -12.87 -15.84
CA PRO K 32 79.96 -13.41 -17.08
C PRO K 32 78.50 -13.02 -17.29
N PHE K 33 77.71 -12.95 -16.22
CA PHE K 33 76.27 -12.72 -16.39
C PHE K 33 76.01 -11.32 -16.95
N LEU K 34 76.57 -10.30 -16.33
CA LEU K 34 76.43 -8.95 -16.88
C LEU K 34 77.20 -8.82 -18.18
N HIS K 35 76.68 -8.00 -19.08
CA HIS K 35 77.40 -7.67 -20.29
C HIS K 35 78.66 -6.88 -19.92
N PRO K 36 79.78 -7.03 -20.68
CA PRO K 36 81.02 -6.33 -20.30
C PRO K 36 80.90 -4.84 -20.01
N SER K 37 80.12 -4.13 -20.81
CA SER K 37 80.06 -2.68 -20.69
C SER K 37 78.99 -2.20 -19.72
N GLU K 38 78.10 -3.09 -19.27
CA GLU K 38 77.04 -2.70 -18.35
C GLU K 38 77.59 -2.13 -17.05
N THR K 39 78.84 -2.43 -16.69
CA THR K 39 79.44 -1.82 -15.52
C THR K 39 79.49 -0.30 -15.66
N SER K 40 79.82 0.19 -16.85
CA SER K 40 79.86 1.63 -17.09
C SER K 40 78.48 2.24 -16.87
N VAL K 41 77.44 1.63 -17.44
CA VAL K 41 76.07 2.04 -17.14
C VAL K 41 75.84 1.98 -15.63
N LEU K 42 76.29 0.89 -15.02
CA LEU K 42 76.13 0.75 -13.58
C LEU K 42 76.93 1.81 -12.83
N ASN K 43 78.10 2.20 -13.32
CA ASN K 43 78.85 3.26 -12.66
C ASN K 43 78.08 4.57 -12.67
N ARG K 44 77.58 4.95 -13.86
CA ARG K 44 76.77 6.16 -13.99
C ARG K 44 75.57 6.10 -13.07
N LEU K 45 74.94 4.94 -12.98
CA LEU K 45 73.79 4.78 -12.08
C LEU K 45 74.20 4.81 -10.61
N CYS K 46 75.35 4.22 -10.27
CA CYS K 46 75.78 4.17 -8.88
C CYS K 46 76.16 5.54 -8.36
N ARG K 47 76.45 6.51 -9.24
CA ARG K 47 76.60 7.88 -8.74
C ARG K 47 75.36 8.29 -7.92
N LEU K 48 74.16 7.94 -8.43
CA LEU K 48 72.93 8.27 -7.73
C LEU K 48 72.85 7.56 -6.37
N GLY K 49 73.11 6.25 -6.35
CA GLY K 49 73.08 5.54 -5.09
C GLY K 49 74.09 6.06 -4.08
N THR K 50 75.34 6.27 -4.53
CA THR K 50 76.39 6.83 -3.67
C THR K 50 75.93 8.12 -3.03
N ASP K 51 75.36 9.00 -3.83
CA ASP K 51 74.80 10.23 -3.28
C ASP K 51 73.77 9.92 -2.21
N TYR K 52 72.93 8.90 -2.45
CA TYR K 52 71.86 8.59 -1.49
C TYR K 52 72.42 8.18 -0.12
N ILE K 53 73.46 7.33 -0.12
CA ILE K 53 74.10 7.00 1.16
C ILE K 53 74.66 8.26 1.80
N ARG K 54 75.23 9.16 1.00
CA ARG K 54 75.81 10.36 1.60
C ARG K 54 74.74 11.21 2.29
N PHE K 55 73.58 11.43 1.65
CA PHE K 55 72.56 12.19 2.36
C PHE K 55 72.09 11.43 3.59
N THR K 56 71.94 10.11 3.49
CA THR K 56 71.39 9.36 4.61
C THR K 56 72.29 9.45 5.83
N GLU K 57 73.60 9.29 5.62
CA GLU K 57 74.59 9.57 6.66
C GLU K 57 74.40 10.96 7.26
N PHE K 58 74.23 11.97 6.40
CA PHE K 58 74.16 13.35 6.88
C PHE K 58 72.91 13.56 7.75
N ILE K 59 71.77 13.02 7.33
CA ILE K 59 70.56 13.08 8.17
C ILE K 59 70.74 12.26 9.44
N GLU K 60 71.49 11.17 9.38
CA GLU K 60 71.66 10.34 10.57
C GLU K 60 72.37 11.09 11.68
N GLN K 61 73.53 11.69 11.37
CA GLN K 61 74.35 12.22 12.45
C GLN K 61 73.67 13.41 13.16
N TYR K 62 72.94 14.23 12.41
CA TYR K 62 72.07 15.26 13.01
C TYR K 62 70.66 14.71 13.21
N THR K 63 69.73 15.60 13.55
CA THR K 63 68.38 15.24 13.99
C THR K 63 68.39 14.17 15.07
N GLY K 79 81.28 21.43 19.01
CA GLY K 79 82.56 21.43 18.33
C GLY K 79 82.40 21.52 16.82
N GLY K 80 81.69 20.54 16.25
CA GLY K 80 81.37 20.54 14.84
C GLY K 80 80.09 21.29 14.55
N LEU K 81 79.45 20.90 13.45
CA LEU K 81 78.16 21.47 13.11
C LEU K 81 77.12 21.09 14.17
N HIS K 82 76.26 22.04 14.51
CA HIS K 82 75.17 21.77 15.42
C HIS K 82 74.14 22.89 15.29
N GLY K 83 72.93 22.60 15.74
CA GLY K 83 71.90 23.61 15.83
C GLY K 83 70.53 22.99 15.63
N ILE K 84 69.53 23.86 15.65
CA ILE K 84 68.16 23.47 15.32
C ILE K 84 67.95 23.55 13.80
N TYR K 85 68.75 24.35 13.11
CA TYR K 85 68.58 24.46 11.67
C TYR K 85 69.14 23.23 10.97
N LEU K 86 70.23 22.66 11.48
CA LEU K 86 70.63 21.34 11.00
C LEU K 86 69.68 20.22 11.43
N ARG K 87 68.75 20.50 12.36
CA ARG K 87 67.66 19.60 12.67
C ARG K 87 66.39 19.93 11.88
N ALA K 88 66.45 20.92 11.00
CA ALA K 88 65.35 21.26 10.09
C ALA K 88 65.69 21.06 8.62
N PHE K 89 66.91 21.43 8.21
CA PHE K 89 67.37 21.16 6.85
C PHE K 89 67.37 19.66 6.57
N CYS K 90 67.78 18.86 7.55
CA CYS K 90 67.80 17.42 7.34
C CYS K 90 66.39 16.84 7.27
N THR K 91 65.47 17.35 8.08
CA THR K 91 64.07 16.94 7.96
C THR K 91 63.51 17.26 6.58
N GLY K 92 63.88 18.42 6.03
CA GLY K 92 63.51 18.71 4.64
C GLY K 92 64.17 17.79 3.63
N LEU K 93 65.43 17.45 3.88
CA LEU K 93 66.17 16.53 3.02
C LEU K 93 65.60 15.11 3.07
N ASP K 94 64.82 14.78 4.09
CA ASP K 94 64.07 13.53 4.06
C ASP K 94 62.92 13.63 3.04
N SER K 95 62.25 14.78 3.02
CA SER K 95 61.07 14.93 2.17
C SER K 95 61.44 15.02 0.69
N VAL K 96 62.57 15.67 0.37
CA VAL K 96 62.99 15.69 -1.04
C VAL K 96 63.33 14.29 -1.51
N LEU K 97 63.84 13.44 -0.61
CA LEU K 97 64.18 12.06 -0.96
C LEU K 97 63.00 11.10 -0.91
N GLN K 98 61.85 11.52 -0.35
CA GLN K 98 60.71 10.61 -0.30
C GLN K 98 60.22 10.16 -1.67
N PRO K 99 60.06 11.04 -2.68
CA PRO K 99 59.72 10.55 -4.02
C PRO K 99 60.85 9.80 -4.69
N TYR K 100 62.05 9.78 -4.12
CA TYR K 100 63.12 8.92 -4.61
C TYR K 100 63.07 7.54 -3.95
N ARG K 101 62.37 7.39 -2.82
CA ARG K 101 62.14 6.07 -2.27
C ARG K 101 60.96 5.41 -2.96
N GLN K 102 59.83 6.15 -3.09
CA GLN K 102 58.66 5.57 -3.73
C GLN K 102 58.96 5.16 -5.18
N ALA K 103 59.82 5.92 -5.86
CA ALA K 103 60.16 5.64 -7.25
C ALA K 103 61.17 4.50 -7.39
N LEU K 104 61.73 4.03 -6.28
CA LEU K 104 62.50 2.78 -6.28
C LEU K 104 61.64 1.59 -5.86
N LEU K 105 60.58 1.81 -5.09
CA LEU K 105 59.59 0.75 -4.90
C LEU K 105 58.90 0.40 -6.21
N ASP K 106 58.45 1.41 -6.96
CA ASP K 106 57.67 1.16 -8.16
C ASP K 106 58.47 0.38 -9.20
N LEU K 107 59.76 0.70 -9.33
CA LEU K 107 60.64 -0.03 -10.24
C LEU K 107 60.62 -1.53 -9.94
N GLU K 108 60.79 -1.88 -8.66
CA GLU K 108 60.76 -3.30 -8.30
C GLU K 108 59.40 -3.91 -8.59
N GLN K 109 58.32 -3.18 -8.32
CA GLN K 109 57.00 -3.71 -8.63
C GLN K 109 56.87 -4.07 -10.10
N GLU K 110 57.37 -3.22 -10.99
CA GLU K 110 57.32 -3.55 -12.41
C GLU K 110 58.24 -4.71 -12.76
N PHE K 111 59.46 -4.72 -12.19
CA PHE K 111 60.45 -5.74 -12.52
C PHE K 111 60.03 -7.13 -12.02
N LEU K 112 59.22 -7.19 -10.98
CA LEU K 112 58.75 -8.48 -10.46
C LEU K 112 57.96 -9.22 -11.53
N GLY K 113 57.09 -8.51 -12.23
CA GLY K 113 56.25 -9.14 -13.24
C GLY K 113 56.97 -9.28 -14.56
N ASP K 114 57.49 -8.19 -15.10
CA ASP K 114 58.08 -8.27 -16.42
C ASP K 114 59.46 -8.93 -16.33
N PRO K 115 59.68 -10.10 -16.95
CA PRO K 115 60.94 -10.82 -16.74
C PRO K 115 62.06 -10.46 -17.71
N HIS K 116 61.77 -9.70 -18.75
CA HIS K 116 62.75 -9.37 -19.79
C HIS K 116 63.33 -7.97 -19.63
N LEU K 117 62.64 -7.11 -18.89
CA LEU K 117 63.03 -5.71 -18.72
C LEU K 117 64.44 -5.62 -18.15
N SER K 118 65.26 -4.71 -18.71
CA SER K 118 66.68 -4.64 -18.45
C SER K 118 67.03 -3.41 -17.61
N ILE K 119 68.34 -3.18 -17.44
CA ILE K 119 68.83 -2.11 -16.58
C ILE K 119 68.45 -0.74 -17.12
N SER K 120 68.41 -0.60 -18.44
CA SER K 120 68.18 0.71 -19.05
C SER K 120 66.85 1.32 -18.63
N HIS K 121 65.84 0.49 -18.34
CA HIS K 121 64.65 1.06 -17.74
C HIS K 121 64.92 1.66 -16.37
N VAL K 122 65.80 1.05 -15.58
CA VAL K 122 66.20 1.67 -14.33
C VAL K 122 66.86 3.02 -14.62
N ASN K 123 67.75 3.03 -15.62
CA ASN K 123 68.40 4.26 -16.06
C ASN K 123 67.38 5.34 -16.40
N TYR K 124 66.46 5.03 -17.32
CA TYR K 124 65.47 5.99 -17.76
C TYR K 124 64.60 6.45 -16.60
N PHE K 125 64.07 5.51 -15.82
CA PHE K 125 63.14 5.85 -14.77
C PHE K 125 63.82 6.69 -13.70
N LEU K 126 65.04 6.32 -13.32
CA LEU K 126 65.85 7.12 -12.40
C LEU K 126 66.86 7.95 -13.19
N ASP K 127 66.38 8.72 -14.17
CA ASP K 127 67.17 9.77 -14.78
C ASP K 127 66.73 11.16 -14.35
N GLN K 128 65.49 11.33 -13.89
CA GLN K 128 65.09 12.62 -13.33
C GLN K 128 65.77 12.90 -12.00
N PHE K 129 66.41 11.91 -11.39
CA PHE K 129 67.09 12.05 -10.11
C PHE K 129 68.60 12.21 -10.28
N GLN K 130 69.07 12.46 -11.51
CA GLN K 130 70.44 12.86 -11.76
C GLN K 130 70.57 14.36 -12.03
N LEU K 131 69.54 15.13 -11.67
CA LEU K 131 69.58 16.60 -11.65
C LEU K 131 69.27 17.15 -10.27
N LEU K 132 68.29 16.58 -9.56
CA LEU K 132 68.03 16.99 -8.19
C LEU K 132 69.21 16.68 -7.29
N PHE K 133 69.80 15.48 -7.46
CA PHE K 133 70.79 15.02 -6.48
C PHE K 133 72.14 15.71 -6.64
N PRO K 134 72.76 15.77 -7.83
CA PRO K 134 74.13 16.32 -7.90
C PRO K 134 74.24 17.75 -7.43
N SER K 135 73.22 18.57 -7.70
CA SER K 135 73.22 19.97 -7.34
C SER K 135 72.61 20.25 -5.96
N VAL K 136 72.07 19.23 -5.27
CA VAL K 136 71.87 19.34 -3.82
C VAL K 136 73.10 18.87 -3.07
N MET K 137 73.92 18.03 -3.70
CA MET K 137 75.13 17.55 -3.05
C MET K 137 76.11 18.70 -2.84
N VAL K 138 76.17 19.65 -3.78
CA VAL K 138 77.04 20.80 -3.59
C VAL K 138 76.56 21.64 -2.42
N VAL K 139 75.24 21.76 -2.23
CA VAL K 139 74.72 22.47 -1.06
C VAL K 139 75.19 21.79 0.22
N VAL K 140 75.13 20.46 0.26
CA VAL K 140 75.49 19.76 1.49
C VAL K 140 76.99 19.85 1.75
N GLU K 141 77.81 19.64 0.72
CA GLU K 141 79.25 19.79 0.91
C GLU K 141 79.63 21.22 1.27
N GLN K 142 78.91 22.21 0.74
CA GLN K 142 79.15 23.58 1.19
C GLN K 142 78.87 23.71 2.68
N ILE K 143 77.74 23.14 3.13
CA ILE K 143 77.35 23.28 4.52
C ILE K 143 78.33 22.56 5.44
N LYS K 144 79.03 21.56 4.93
CA LYS K 144 80.02 20.83 5.73
C LYS K 144 81.40 21.47 5.67
N SER K 145 81.90 21.78 4.46
CA SER K 145 83.23 22.35 4.32
C SER K 145 83.30 23.74 4.96
N GLN K 146 82.25 24.54 4.84
CA GLN K 146 82.12 25.80 5.56
C GLN K 146 81.08 25.59 6.66
N LYS K 147 81.46 25.90 7.89
CA LYS K 147 80.60 25.63 9.05
C LYS K 147 79.55 26.74 9.07
N ILE K 148 78.53 26.53 8.25
CA ILE K 148 77.37 27.41 8.17
C ILE K 148 76.35 26.82 9.14
N HIS K 149 76.48 27.12 10.42
CA HIS K 149 75.72 26.39 11.43
C HIS K 149 74.39 27.04 11.75
N GLY K 150 74.38 28.35 11.87
CA GLY K 150 73.25 29.09 12.37
C GLY K 150 72.25 29.50 11.32
N CYS K 151 71.88 30.76 11.36
CA CYS K 151 70.91 31.35 10.46
C CYS K 151 71.43 31.52 9.04
N GLN K 152 72.74 31.38 8.82
CA GLN K 152 73.28 31.53 7.47
C GLN K 152 73.03 30.31 6.59
N ILE K 153 72.42 29.26 7.15
CA ILE K 153 72.00 28.11 6.34
C ILE K 153 70.93 28.52 5.35
N LEU K 154 70.05 29.43 5.76
CA LEU K 154 69.03 29.97 4.86
C LEU K 154 69.70 30.65 3.69
N GLU K 155 70.84 31.30 3.93
CA GLU K 155 71.59 31.92 2.86
C GLU K 155 72.07 30.90 1.83
N THR K 156 72.71 29.82 2.28
CA THR K 156 73.25 28.88 1.30
C THR K 156 72.15 28.07 0.62
N VAL K 157 70.95 28.02 1.18
CA VAL K 157 69.82 27.40 0.48
C VAL K 157 69.18 28.38 -0.50
N TYR K 158 68.95 29.63 -0.09
CA TYR K 158 68.39 30.66 -0.94
C TYR K 158 69.34 31.14 -2.04
N LYS K 159 70.63 30.87 -1.92
CA LYS K 159 71.58 31.31 -2.93
C LYS K 159 71.64 30.34 -4.08
N HIS K 160 71.32 29.08 -3.83
CA HIS K 160 71.19 28.06 -4.87
C HIS K 160 69.74 27.86 -5.29
N SER K 161 68.77 28.34 -4.51
CA SER K 161 67.37 28.21 -4.88
C SER K 161 67.01 29.09 -6.05
N CYS K 162 67.78 30.15 -6.33
CA CYS K 162 67.60 30.86 -7.58
C CYS K 162 67.86 29.92 -8.75
N GLY K 163 68.95 29.18 -8.71
CA GLY K 163 69.16 28.04 -9.59
C GLY K 163 69.06 28.36 -11.06
N GLY K 164 68.10 27.73 -11.72
CA GLY K 164 67.93 27.81 -13.17
C GLY K 164 67.55 26.46 -13.72
N LEU K 165 68.00 25.38 -13.05
CA LEU K 165 67.60 23.99 -13.41
C LEU K 165 66.33 23.68 -12.62
N PRO K 166 65.13 23.65 -13.24
CA PRO K 166 63.87 23.49 -12.49
C PRO K 166 63.71 22.31 -11.51
N PRO K 167 64.32 21.12 -11.73
CA PRO K 167 64.15 20.05 -10.77
C PRO K 167 64.75 20.48 -9.43
N VAL K 168 65.98 20.98 -9.44
CA VAL K 168 66.70 21.43 -8.25
C VAL K 168 66.30 22.82 -7.82
N ARG K 169 65.51 23.55 -8.61
CA ARG K 169 65.01 24.85 -8.15
C ARG K 169 63.78 24.68 -7.29
N SER K 170 63.00 23.64 -7.54
CA SER K 170 61.88 23.31 -6.67
C SER K 170 62.29 22.42 -5.50
N ALA K 171 63.29 21.56 -5.68
CA ALA K 171 63.80 20.75 -4.56
C ALA K 171 64.31 21.62 -3.42
N LEU K 172 65.26 22.50 -3.73
CA LEU K 172 65.75 23.44 -2.74
C LEU K 172 64.66 24.37 -2.23
N GLU K 173 63.60 24.59 -2.99
CA GLU K 173 62.47 25.33 -2.44
C GLU K 173 61.76 24.54 -1.35
N LYS K 174 61.53 23.24 -1.56
CA LYS K 174 60.95 22.43 -0.48
C LYS K 174 61.85 22.45 0.74
N ILE K 175 63.16 22.34 0.53
CA ILE K 175 64.10 22.39 1.65
C ILE K 175 63.99 23.73 2.39
N LEU K 176 63.97 24.83 1.63
CA LEU K 176 64.09 26.16 2.20
C LEU K 176 62.85 26.52 3.02
N ALA K 177 61.66 26.14 2.53
CA ALA K 177 60.43 26.55 3.20
C ALA K 177 60.37 26.00 4.63
N VAL K 178 60.94 24.81 4.86
CA VAL K 178 61.00 24.27 6.21
C VAL K 178 61.86 25.17 7.11
N CYS K 179 63.01 25.60 6.60
CA CYS K 179 63.86 26.51 7.37
C CYS K 179 63.13 27.80 7.71
N HIS K 180 62.38 28.36 6.75
CA HIS K 180 61.50 29.47 7.11
C HIS K 180 60.41 29.04 8.10
N GLY K 181 59.99 27.79 8.07
CA GLY K 181 59.03 27.34 9.07
C GLY K 181 59.60 27.39 10.46
N VAL K 182 60.91 27.18 10.59
CA VAL K 182 61.56 27.33 11.88
C VAL K 182 61.73 28.81 12.22
N MET K 183 62.10 29.62 11.23
CA MET K 183 62.36 31.04 11.43
C MET K 183 61.10 31.84 11.70
N TYR K 184 59.94 31.31 11.34
CA TYR K 184 58.67 31.97 11.57
C TYR K 184 58.06 31.57 12.89
N LYS K 185 58.74 30.69 13.66
CA LYS K 185 58.36 30.41 15.03
C LYS K 185 59.39 30.92 16.00
N GLN K 186 60.67 30.97 15.60
CA GLN K 186 61.67 31.69 16.38
C GLN K 186 61.39 33.17 16.40
N LEU K 187 61.07 33.77 15.25
CA LEU K 187 60.75 35.18 15.15
C LEU K 187 59.25 35.45 15.26
N SER K 188 58.46 34.45 15.65
CA SER K 188 57.10 34.67 16.14
C SER K 188 56.99 34.51 17.64
N ALA K 189 57.88 33.75 18.27
CA ALA K 189 57.98 33.80 19.72
C ALA K 189 58.54 35.14 20.18
N TRP K 190 59.46 35.70 19.40
CA TRP K 190 60.13 36.95 19.77
C TRP K 190 59.18 38.14 19.65
N MET K 191 58.41 38.22 18.57
CA MET K 191 57.60 39.40 18.28
C MET K 191 56.30 39.47 19.08
N LEU K 192 55.75 38.33 19.49
CA LEU K 192 54.37 38.21 19.91
C LEU K 192 54.23 37.85 21.38
N HIS K 193 54.97 36.84 21.85
CA HIS K 193 54.95 36.45 23.26
C HIS K 193 56.11 37.05 24.04
N GLY K 194 57.21 37.43 23.36
CA GLY K 194 58.31 38.14 23.98
C GLY K 194 59.43 37.27 24.51
N LEU K 195 59.41 35.97 24.24
CA LEU K 195 60.39 35.05 24.83
C LEU K 195 61.81 35.43 24.47
N LEU K 196 62.64 35.60 25.50
CA LEU K 196 64.08 35.79 25.32
C LEU K 196 64.73 34.44 25.04
N LEU K 197 65.74 34.46 24.17
CA LEU K 197 66.46 33.26 23.74
C LEU K 197 65.49 32.14 23.37
N ASP K 198 64.68 32.40 22.34
CA ASP K 198 63.80 31.40 21.76
C ASP K 198 64.59 30.14 21.39
N GLN K 199 65.86 30.32 21.00
CA GLN K 199 66.78 29.24 20.71
C GLN K 199 68.09 29.53 21.43
N HIS K 200 69.01 28.57 21.38
CA HIS K 200 70.36 28.84 21.84
C HIS K 200 71.09 29.70 20.79
N GLU K 201 72.16 30.36 21.24
CA GLU K 201 72.85 31.35 20.43
C GLU K 201 73.32 30.75 19.10
N GLU K 202 72.99 31.45 18.01
CA GLU K 202 73.25 30.98 16.64
C GLU K 202 72.72 29.56 16.43
N GLN K 256 69.17 45.02 27.03
CA GLN K 256 68.82 43.68 26.61
C GLN K 256 69.67 43.29 25.39
N PHE K 257 69.36 42.14 24.80
CA PHE K 257 70.08 41.70 23.61
C PHE K 257 69.69 42.55 22.41
N SER K 258 70.53 42.49 21.37
CA SER K 258 70.38 43.33 20.19
C SER K 258 70.90 42.57 18.98
N LEU K 259 70.79 43.23 17.81
CA LEU K 259 70.99 42.60 16.51
C LEU K 259 72.31 41.83 16.43
N ARG K 260 72.25 40.69 15.74
CA ARG K 260 73.43 39.90 15.38
C ARG K 260 73.56 39.97 13.86
N VAL K 261 74.23 41.02 13.39
CA VAL K 261 74.19 41.39 11.97
C VAL K 261 74.80 40.30 11.10
N GLU K 262 75.86 39.66 11.58
CA GLU K 262 76.62 38.73 10.75
C GLU K 262 75.77 37.56 10.26
N ILE K 263 74.80 37.13 11.07
CA ILE K 263 73.98 35.96 10.74
C ILE K 263 72.67 36.33 10.06
N LEU K 264 72.36 37.60 9.89
CA LEU K 264 71.12 37.99 9.24
C LEU K 264 71.15 37.53 7.77
N PRO K 265 70.09 36.89 7.26
CA PRO K 265 70.11 36.53 5.84
C PRO K 265 70.12 37.78 4.97
N SER K 266 70.80 37.66 3.82
CA SER K 266 70.98 38.82 2.95
C SER K 266 69.64 39.36 2.47
N TYR K 267 68.75 38.45 2.08
CA TYR K 267 67.48 38.86 1.51
C TYR K 267 66.57 39.57 2.52
N ILE K 268 66.68 39.24 3.81
CA ILE K 268 66.02 40.06 4.83
C ILE K 268 66.85 41.32 5.01
N PRO K 269 66.35 42.53 4.74
CA PRO K 269 67.18 43.71 4.91
C PRO K 269 67.40 44.14 6.36
N VAL K 270 68.51 44.86 6.55
CA VAL K 270 68.91 45.32 7.87
C VAL K 270 67.82 46.21 8.46
N ARG K 271 67.13 46.99 7.61
CA ARG K 271 66.09 47.89 8.10
C ARG K 271 64.90 47.13 8.69
N VAL K 272 64.44 46.06 8.03
CA VAL K 272 63.34 45.31 8.63
C VAL K 272 63.82 44.60 9.89
N ALA K 273 65.09 44.18 9.93
CA ALA K 273 65.60 43.58 11.16
C ALA K 273 65.54 44.57 12.33
N GLU K 274 65.96 45.81 12.10
CA GLU K 274 65.79 46.85 13.10
C GLU K 274 64.32 47.02 13.47
N LYS K 275 63.42 46.86 12.49
CA LYS K 275 62.00 46.98 12.81
C LYS K 275 61.58 45.84 13.74
N ILE K 276 62.16 44.65 13.55
CA ILE K 276 61.82 43.48 14.35
C ILE K 276 62.20 43.72 15.82
N LEU K 277 63.42 44.23 16.03
CA LEU K 277 63.95 44.28 17.40
C LEU K 277 63.09 45.11 18.32
N PHE K 278 62.64 46.29 17.88
CA PHE K 278 61.89 47.14 18.79
C PHE K 278 60.58 46.46 19.17
N VAL K 279 59.96 45.78 18.21
CA VAL K 279 58.77 44.98 18.47
C VAL K 279 59.06 43.96 19.56
N GLY K 280 60.20 43.29 19.47
CA GLY K 280 60.56 42.30 20.47
C GLY K 280 60.73 42.90 21.85
N GLU K 281 61.46 44.01 21.91
CA GLU K 281 61.72 44.69 23.18
C GLU K 281 60.42 45.16 23.82
N SER K 282 59.42 45.52 23.01
CA SER K 282 58.19 46.08 23.58
C SER K 282 57.48 45.09 24.50
N VAL K 283 57.40 43.82 24.09
CA VAL K 283 56.52 42.86 24.76
C VAL K 283 57.00 42.58 26.19
N GLN K 284 58.32 42.59 26.40
CA GLN K 284 58.86 42.41 27.74
C GLN K 284 58.27 43.43 28.71
N MET K 285 58.10 44.67 28.25
CA MET K 285 57.72 45.78 29.10
C MET K 285 56.22 45.74 29.35
N SER K 298 49.32 44.68 27.03
CA SER K 298 49.11 45.31 25.72
C SER K 298 47.89 44.72 25.02
N ILE K 299 47.45 45.39 23.95
CA ILE K 299 46.42 44.84 23.07
C ILE K 299 47.05 43.84 22.09
N LEU K 300 48.38 43.74 22.07
CA LEU K 300 49.03 42.65 21.37
C LEU K 300 48.53 41.31 21.87
N LYS K 301 48.33 41.18 23.18
CA LYS K 301 47.74 39.95 23.71
C LYS K 301 46.31 39.76 23.19
N ASN K 302 45.56 40.85 23.04
CA ASN K 302 44.17 40.74 22.58
C ASN K 302 44.10 40.21 21.16
N GLN K 303 44.90 40.77 20.24
CA GLN K 303 44.87 40.38 18.83
C GLN K 303 46.07 39.46 18.50
N GLU K 304 46.58 38.82 19.56
CA GLU K 304 47.71 37.91 19.52
C GLU K 304 47.54 36.80 18.50
N ASP K 305 46.48 36.02 18.65
CA ASP K 305 46.30 34.87 17.79
C ASP K 305 46.02 35.29 16.36
N THR K 306 45.41 36.46 16.16
CA THR K 306 45.25 36.99 14.82
C THR K 306 46.61 37.20 14.16
N PHE K 307 47.51 37.96 14.81
CA PHE K 307 48.85 38.14 14.23
C PHE K 307 49.61 36.84 14.08
N ALA K 308 49.40 35.89 15.00
CA ALA K 308 49.96 34.57 14.80
C ALA K 308 49.34 33.90 13.58
N ALA K 309 48.08 34.19 13.29
CA ALA K 309 47.41 33.62 12.13
C ALA K 309 48.06 34.08 10.82
N GLU K 310 48.26 35.40 10.64
CA GLU K 310 48.92 35.81 9.41
C GLU K 310 50.36 35.28 9.34
N LEU K 311 51.06 35.25 10.47
CA LEU K 311 52.39 34.66 10.43
C LEU K 311 52.32 33.19 10.04
N HIS K 312 51.27 32.49 10.45
CA HIS K 312 51.13 31.09 10.07
C HIS K 312 50.88 30.96 8.57
N ARG K 313 50.07 31.86 7.99
CA ARG K 313 49.92 31.82 6.54
C ARG K 313 51.25 32.08 5.84
N LEU K 314 52.03 33.05 6.33
CA LEU K 314 53.35 33.27 5.72
C LEU K 314 54.21 32.02 5.84
N LYS K 315 54.01 31.23 6.88
CA LYS K 315 54.59 29.89 6.93
C LYS K 315 54.08 29.03 5.79
N GLN K 316 52.76 29.08 5.54
CA GLN K 316 52.12 28.14 4.62
C GLN K 316 52.54 28.36 3.16
N GLN K 317 52.65 29.61 2.69
CA GLN K 317 52.88 29.80 1.26
C GLN K 317 54.23 29.19 0.85
N PRO K 318 54.37 28.68 -0.38
CA PRO K 318 55.59 27.94 -0.71
C PRO K 318 56.84 28.81 -0.77
N LEU K 319 56.83 29.88 -1.57
CA LEU K 319 58.03 30.67 -1.82
C LEU K 319 57.93 31.98 -1.05
N PHE K 320 59.08 32.55 -0.75
CA PHE K 320 59.17 33.67 0.17
C PHE K 320 59.11 34.96 -0.63
N SER K 321 58.26 35.89 -0.22
CA SER K 321 58.21 37.21 -0.82
C SER K 321 58.45 38.26 0.26
N LEU K 322 59.52 39.04 0.07
CA LEU K 322 59.86 40.07 1.02
C LEU K 322 58.73 41.09 1.10
N VAL K 323 58.06 41.34 -0.02
CA VAL K 323 56.96 42.31 -0.07
C VAL K 323 55.85 41.91 0.91
N ASP K 324 55.55 40.62 1.01
CA ASP K 324 54.54 40.16 1.96
C ASP K 324 55.09 40.15 3.38
N PHE K 325 56.36 39.78 3.55
CA PHE K 325 56.92 39.75 4.90
C PHE K 325 56.91 41.14 5.52
N GLU K 326 57.30 42.15 4.74
CA GLU K 326 57.22 43.54 5.19
C GLU K 326 55.82 43.88 5.64
N GLN K 327 54.81 43.41 4.92
CA GLN K 327 53.45 43.79 5.30
C GLN K 327 53.09 43.24 6.67
N VAL K 328 53.48 42.01 6.97
CA VAL K 328 53.20 41.43 8.28
C VAL K 328 54.02 42.13 9.36
N VAL K 329 55.31 42.33 9.11
CA VAL K 329 56.15 43.05 10.05
C VAL K 329 55.58 44.44 10.31
N ASP K 330 55.15 45.14 9.25
CA ASP K 330 54.60 46.48 9.40
C ASP K 330 53.27 46.45 10.15
N ARG K 331 52.44 45.43 9.91
CA ARG K 331 51.19 45.33 10.65
C ARG K 331 51.46 45.13 12.13
N ILE K 332 52.46 44.33 12.46
CA ILE K 332 52.87 44.18 13.85
C ILE K 332 53.56 45.45 14.32
N ARG K 333 54.16 46.25 13.43
CA ARG K 333 54.75 47.50 13.86
C ARG K 333 53.68 48.54 14.20
N SER K 334 52.71 48.74 13.32
CA SER K 334 51.61 49.62 13.64
C SER K 334 50.88 49.25 14.93
N THR K 335 51.06 48.01 15.43
CA THR K 335 50.47 47.55 16.68
C THR K 335 51.50 47.22 17.77
N VAL K 336 52.80 47.47 17.53
CA VAL K 336 53.83 47.40 18.59
C VAL K 336 54.73 48.65 18.58
N ALA K 337 55.23 49.02 17.41
CA ALA K 337 56.04 50.22 17.19
C ALA K 337 55.48 51.45 17.90
N GLU K 338 54.19 51.74 17.68
CA GLU K 338 53.51 52.84 18.35
C GLU K 338 52.72 52.38 19.56
N HIS K 339 52.63 51.07 19.78
CA HIS K 339 51.84 50.54 20.87
C HIS K 339 52.69 50.33 22.12
N LEU K 340 54.01 50.51 22.01
CA LEU K 340 54.86 50.66 23.18
C LEU K 340 54.69 52.09 23.71
N TRP K 341 54.77 53.07 22.81
CA TRP K 341 54.34 54.42 23.12
C TRP K 341 52.93 54.46 23.70
N LYS K 342 52.03 53.60 23.21
CA LYS K 342 50.69 53.51 23.80
C LYS K 342 50.76 53.14 25.28
N LEU K 343 51.60 52.17 25.62
CA LEU K 343 51.67 51.70 26.99
C LEU K 343 52.45 52.67 27.88
N MET K 344 53.38 53.41 27.29
CA MET K 344 54.16 54.37 28.06
C MET K 344 53.35 55.64 28.34
N VAL K 345 52.71 56.20 27.31
CA VAL K 345 52.04 57.49 27.50
C VAL K 345 50.79 57.34 28.35
N GLU K 346 49.99 56.31 28.12
CA GLU K 346 48.69 56.21 28.80
C GLU K 346 48.74 55.21 29.96
N GLU K 347 49.22 53.98 29.73
CA GLU K 347 49.24 52.98 30.80
C GLU K 347 50.40 53.13 31.78
N SER K 348 51.56 53.61 31.36
CA SER K 348 52.69 53.81 32.28
C SER K 348 52.80 55.25 32.78
N ASP K 349 51.98 56.17 32.27
CA ASP K 349 51.96 57.56 32.73
C ASP K 349 53.34 58.21 32.59
N LEU K 350 53.92 58.10 31.39
CA LEU K 350 55.19 58.77 31.07
C LEU K 350 55.13 60.26 31.38
N LEU K 351 54.10 60.93 30.84
CA LEU K 351 53.95 62.37 31.05
C LEU K 351 53.82 62.69 32.52
N GLY K 352 53.04 61.90 33.25
CA GLY K 352 52.86 62.14 34.68
C GLY K 352 54.15 61.95 35.46
N GLN K 353 54.94 60.95 35.09
CA GLN K 353 56.16 60.65 35.86
C GLN K 353 57.24 61.69 35.60
N LEU K 354 57.25 62.28 34.40
CA LEU K 354 58.21 63.35 34.14
C LEU K 354 57.99 64.53 35.08
N LYS K 355 56.72 64.86 35.35
CA LYS K 355 56.39 65.84 36.38
C LYS K 355 56.98 65.49 37.73
N ILE K 356 56.86 64.22 38.15
CA ILE K 356 57.41 63.84 39.45
C ILE K 356 58.91 64.04 39.45
N ILE K 357 59.55 63.71 38.32
CA ILE K 357 61.00 63.90 38.22
C ILE K 357 61.35 65.36 38.47
N LYS K 358 60.82 66.28 37.67
CA LYS K 358 61.24 67.68 37.87
C LYS K 358 60.85 68.17 39.26
N ASP K 359 59.67 67.79 39.75
CA ASP K 359 59.19 68.32 41.02
C ASP K 359 60.12 67.95 42.16
N PHE K 360 60.48 66.67 42.27
CA PHE K 360 61.26 66.16 43.44
C PHE K 360 62.73 65.92 43.11
N TYR K 361 63.19 66.23 41.90
CA TYR K 361 64.58 65.92 41.49
C TYR K 361 65.36 67.16 41.05
N LEU K 362 64.78 68.02 40.23
CA LEU K 362 65.44 69.21 39.69
C LEU K 362 65.05 70.47 40.47
N LEU K 363 64.70 70.29 41.74
CA LEU K 363 64.27 71.36 42.63
C LEU K 363 63.03 72.08 42.09
N GLY K 364 62.19 71.35 41.35
CA GLY K 364 60.98 71.93 40.84
C GLY K 364 59.91 72.21 41.87
N ARG K 365 60.12 71.82 43.12
CA ARG K 365 59.21 72.10 44.21
C ARG K 365 59.89 73.08 45.16
N GLY K 366 59.12 74.03 45.67
CA GLY K 366 59.63 74.98 46.63
C GLY K 366 59.61 74.42 48.04
N GLU K 367 58.47 73.84 48.42
CA GLU K 367 58.26 73.43 49.81
C GLU K 367 59.24 72.36 50.22
N LEU K 368 59.33 71.30 49.41
CA LEU K 368 60.03 70.09 49.81
C LEU K 368 61.52 70.31 49.90
N PHE K 369 62.06 71.21 49.07
CA PHE K 369 63.49 71.48 49.03
C PHE K 369 63.89 72.82 49.64
N GLN K 370 62.94 73.55 50.24
CA GLN K 370 63.26 74.71 51.07
C GLN K 370 63.10 74.38 52.55
N ALA K 371 61.93 73.87 52.95
CA ALA K 371 61.76 73.47 54.33
C ALA K 371 62.71 72.35 54.71
N PHE K 372 63.08 71.50 53.73
CA PHE K 372 64.07 70.47 53.98
C PHE K 372 65.41 71.06 54.40
N ILE K 373 65.89 72.09 53.69
CA ILE K 373 67.16 72.68 54.07
C ILE K 373 67.01 73.39 55.41
N ASP K 374 65.84 74.02 55.64
CA ASP K 374 65.62 74.73 56.89
C ASP K 374 65.69 73.77 58.09
N THR K 375 65.11 72.59 57.95
CA THR K 375 65.07 71.60 59.02
C THR K 375 66.17 70.54 58.91
N ALA K 376 67.12 70.71 57.99
CA ALA K 376 68.25 69.80 57.85
C ALA K 376 69.58 70.53 57.74
N GLN K 377 69.63 71.81 58.13
CA GLN K 377 70.88 72.57 58.08
C GLN K 377 71.98 71.93 58.90
N HIS K 378 71.63 71.19 59.96
CA HIS K 378 72.64 70.74 60.92
C HIS K 378 73.67 69.80 60.30
N MET K 379 73.30 69.11 59.22
CA MET K 379 74.25 68.22 58.53
C MET K 379 75.19 69.04 57.64
N LEU K 380 76.03 69.83 58.31
CA LEU K 380 77.09 70.60 57.68
C LEU K 380 78.47 70.00 57.89
N LYS K 381 78.63 69.14 58.89
CA LYS K 381 79.91 68.51 59.18
C LYS K 381 80.18 67.38 58.20
N THR K 382 81.46 67.02 58.09
CA THR K 382 81.83 65.88 57.27
C THR K 382 81.25 64.60 57.89
N PRO K 383 80.37 63.87 57.19
CA PRO K 383 79.80 62.67 57.78
C PRO K 383 80.55 61.41 57.38
N PRO K 384 80.64 60.40 58.25
CA PRO K 384 81.01 59.06 57.78
C PRO K 384 79.83 58.20 57.37
N THR K 385 78.62 58.78 57.28
CA THR K 385 77.34 58.15 56.94
C THR K 385 76.78 57.34 58.10
N ALA K 386 77.36 57.46 59.30
CA ALA K 386 76.91 56.65 60.43
C ALA K 386 75.48 56.99 60.83
N VAL K 387 75.20 58.28 61.00
CA VAL K 387 73.97 58.76 61.62
C VAL K 387 73.26 59.71 60.66
N THR K 388 74.03 60.63 60.08
CA THR K 388 73.48 61.67 59.24
C THR K 388 72.78 61.08 58.02
N GLU K 389 73.29 59.96 57.50
CA GLU K 389 72.68 59.32 56.34
C GLU K 389 71.22 58.95 56.60
N HIS K 390 70.95 58.29 57.73
CA HIS K 390 69.57 58.01 58.09
C HIS K 390 68.81 59.29 58.35
N ASP K 391 69.43 60.22 59.09
CA ASP K 391 68.73 61.42 59.54
C ASP K 391 68.28 62.27 58.36
N VAL K 392 69.01 62.25 57.25
CA VAL K 392 68.64 63.13 56.13
C VAL K 392 67.36 62.65 55.46
N ASN K 393 67.22 61.34 55.25
CA ASN K 393 65.98 60.81 54.68
C ASN K 393 64.82 60.99 55.65
N VAL K 394 65.10 60.82 56.95
CA VAL K 394 64.08 61.13 57.96
C VAL K 394 63.62 62.58 57.82
N ALA K 395 64.57 63.50 57.63
CA ALA K 395 64.24 64.90 57.46
C ALA K 395 63.44 65.13 56.19
N PHE K 396 63.79 64.42 55.11
CA PHE K 396 63.07 64.57 53.85
C PHE K 396 61.60 64.22 53.99
N GLN K 397 61.31 63.03 54.54
CA GLN K 397 59.91 62.65 54.67
C GLN K 397 59.18 63.52 55.68
N GLN K 398 59.86 63.91 56.76
CA GLN K 398 59.26 64.87 57.70
C GLN K 398 58.92 66.18 57.01
N SER K 399 59.84 66.69 56.17
CA SER K 399 59.61 67.91 55.41
C SER K 399 58.37 67.77 54.55
N ALA K 400 58.25 66.64 53.86
CA ALA K 400 57.08 66.41 53.02
C ALA K 400 55.79 66.42 53.85
N HIS K 401 55.85 65.97 55.10
CA HIS K 401 54.62 65.85 55.89
C HIS K 401 54.03 67.18 56.36
N LYS K 402 54.72 68.32 56.20
CA LYS K 402 54.21 69.56 56.77
C LYS K 402 52.87 69.98 56.17
N VAL K 403 52.74 69.96 54.83
CA VAL K 403 51.47 70.29 54.19
C VAL K 403 51.16 69.28 53.10
N LEU K 404 50.25 68.36 53.42
CA LEU K 404 49.74 67.32 52.50
C LEU K 404 50.94 66.66 51.83
N LEU K 405 50.97 66.53 50.50
CA LEU K 405 52.10 65.97 49.77
C LEU K 405 52.44 64.59 50.32
N ASP K 406 51.41 63.85 50.73
CA ASP K 406 51.54 62.53 51.34
C ASP K 406 50.71 61.57 50.51
N ASP K 407 51.29 61.13 49.41
CA ASP K 407 50.73 60.12 48.54
C ASP K 407 51.92 59.46 47.86
N ASP K 408 51.95 58.13 47.86
CA ASP K 408 53.14 57.33 47.58
C ASP K 408 54.36 57.97 48.25
N ASN K 409 55.35 58.44 47.48
CA ASN K 409 56.57 59.06 48.00
C ASN K 409 57.45 58.06 48.76
N LEU K 410 57.18 56.76 48.63
CA LEU K 410 58.06 55.76 49.22
C LEU K 410 59.40 55.74 48.51
N LEU K 411 59.39 55.87 47.19
CA LEU K 411 60.53 55.60 46.32
C LEU K 411 61.70 56.57 46.51
N PRO K 412 61.48 57.89 46.62
CA PRO K 412 62.63 58.81 46.71
C PRO K 412 63.49 58.54 47.93
N LEU K 413 64.80 58.38 47.69
CA LEU K 413 65.78 58.07 48.72
C LEU K 413 67.02 58.93 48.53
N LEU K 414 67.40 59.65 49.58
CA LEU K 414 68.65 60.41 49.61
C LEU K 414 69.77 59.53 50.15
N HIS K 415 70.98 59.77 49.64
CA HIS K 415 72.15 58.97 49.97
C HIS K 415 73.36 59.88 50.14
N LEU K 416 74.22 59.48 51.08
CA LEU K 416 75.48 60.17 51.36
C LEU K 416 76.64 59.27 50.97
N THR K 417 77.53 59.79 50.13
CA THR K 417 78.68 59.01 49.68
C THR K 417 79.61 58.68 50.85
N SER K 448 81.66 69.07 54.65
CA SER K 448 81.11 68.48 53.44
C SER K 448 79.77 67.81 53.71
N GLY K 449 79.07 68.25 54.76
CA GLY K 449 77.79 67.64 55.10
C GLY K 449 76.76 67.79 54.00
N TRP K 450 76.74 68.94 53.33
CA TRP K 450 75.84 69.19 52.21
C TRP K 450 76.50 68.95 50.86
N ALA K 451 77.76 68.54 50.83
CA ALA K 451 78.47 68.39 49.56
C ALA K 451 77.94 67.21 48.76
N ALA K 452 77.59 66.12 49.43
CA ALA K 452 77.10 64.90 48.79
C ALA K 452 75.75 64.54 49.38
N LEU K 453 74.68 64.70 48.58
CA LEU K 453 73.34 64.33 48.99
C LEU K 453 72.63 63.66 47.81
N GLY K 454 73.31 62.72 47.16
CA GLY K 454 72.80 62.15 45.92
C GLY K 454 71.48 61.43 46.05
N LEU K 455 70.51 61.75 45.19
CA LEU K 455 69.19 61.14 45.26
C LEU K 455 69.12 59.97 44.29
N SER K 456 68.31 58.97 44.65
CA SER K 456 68.09 57.80 43.81
C SER K 456 66.60 57.47 43.79
N TYR K 457 66.06 57.37 42.58
CA TYR K 457 64.66 57.03 42.34
C TYR K 457 64.59 55.64 41.72
N LYS K 458 63.65 54.84 42.20
CA LYS K 458 63.48 53.45 41.78
C LYS K 458 62.44 53.39 40.67
N VAL K 459 62.92 53.57 39.45
CA VAL K 459 62.15 53.34 38.23
C VAL K 459 62.66 52.05 37.59
N GLN K 460 61.79 51.05 37.53
CA GLN K 460 62.18 49.71 37.10
C GLN K 460 62.35 49.63 35.58
N TRP K 461 63.28 48.75 35.15
CA TRP K 461 63.47 48.46 33.72
C TRP K 461 62.25 47.88 33.00
N PRO K 462 61.53 46.91 33.53
CA PRO K 462 60.28 46.50 32.83
C PRO K 462 59.29 47.64 32.70
N LEU K 463 59.32 48.63 33.62
CA LEU K 463 58.38 49.74 33.54
C LEU K 463 58.83 50.81 32.55
N HIS K 464 60.12 51.18 32.57
CA HIS K 464 60.61 52.31 31.78
C HIS K 464 62.03 52.01 31.33
N ILE K 465 62.22 51.76 30.03
CA ILE K 465 63.56 51.70 29.46
C ILE K 465 64.12 53.08 29.15
N LEU K 466 63.29 54.12 29.19
CA LEU K 466 63.77 55.46 28.86
C LEU K 466 64.81 55.93 29.88
N PHE K 467 64.56 55.71 31.16
CA PHE K 467 65.46 56.14 32.22
C PHE K 467 66.47 55.02 32.50
N THR K 468 67.76 55.36 32.42
CA THR K 468 68.88 54.44 32.38
C THR K 468 69.88 54.82 33.45
N PRO K 469 70.93 54.00 33.69
CA PRO K 469 71.79 54.31 34.83
C PRO K 469 72.59 55.57 34.63
N ALA K 470 73.18 55.70 33.43
CA ALA K 470 73.94 56.89 33.09
C ALA K 470 73.04 58.10 33.07
N VAL K 471 71.83 57.93 32.57
CA VAL K 471 70.92 59.07 32.44
C VAL K 471 70.52 59.56 33.82
N LEU K 472 70.15 58.64 34.73
CA LEU K 472 69.88 59.02 36.11
C LEU K 472 71.14 59.55 36.79
N GLU K 473 72.31 59.10 36.37
CA GLU K 473 73.56 59.65 36.89
C GLU K 473 73.77 61.08 36.41
N LYS K 474 73.59 61.30 35.11
CA LYS K 474 73.70 62.66 34.52
C LYS K 474 72.67 63.51 35.24
N TYR K 475 71.47 62.98 35.41
CA TYR K 475 70.41 63.66 36.18
C TYR K 475 70.97 64.03 37.55
N ASN K 476 71.67 63.10 38.20
CA ASN K 476 72.15 63.33 39.58
C ASN K 476 73.17 64.47 39.62
N VAL K 477 74.11 64.51 38.67
CA VAL K 477 75.08 65.60 38.61
C VAL K 477 74.35 66.95 38.58
N VAL K 478 73.30 67.03 37.76
CA VAL K 478 72.51 68.27 37.66
C VAL K 478 71.89 68.62 39.00
N PHE K 479 71.31 67.63 39.70
CA PHE K 479 70.66 67.92 40.97
C PHE K 479 71.64 68.46 42.01
N LYS K 480 72.83 67.86 42.11
CA LYS K 480 73.79 68.35 43.10
C LYS K 480 74.17 69.79 42.80
N TYR K 481 74.41 70.08 41.51
CA TYR K 481 74.74 71.46 41.15
C TYR K 481 73.64 72.42 41.55
N LEU K 482 72.39 72.11 41.20
CA LEU K 482 71.34 73.10 41.42
C LEU K 482 71.05 73.29 42.91
N LEU K 483 71.25 72.23 43.70
CA LEU K 483 71.14 72.37 45.15
C LEU K 483 72.19 73.33 45.68
N SER K 484 73.39 73.34 45.07
CA SER K 484 74.42 74.26 45.54
C SER K 484 73.96 75.72 45.48
N VAL K 485 73.42 76.14 44.33
CA VAL K 485 73.00 77.54 44.18
C VAL K 485 71.84 77.84 45.13
N ARG K 486 70.89 76.90 45.25
CA ARG K 486 69.76 77.16 46.14
C ARG K 486 70.24 77.36 47.59
N ARG K 487 71.18 76.52 48.04
CA ARG K 487 71.67 76.62 49.40
C ARG K 487 72.37 77.95 49.63
N VAL K 488 73.24 78.39 48.70
CA VAL K 488 73.95 79.62 48.96
C VAL K 488 72.97 80.79 49.02
N GLN K 489 71.98 80.82 48.13
CA GLN K 489 71.09 81.98 48.15
C GLN K 489 70.20 81.97 49.38
N ALA K 490 69.92 80.78 49.94
CA ALA K 490 69.29 80.73 51.26
C ALA K 490 70.20 81.35 52.31
N GLU K 491 71.51 81.07 52.22
CA GLU K 491 72.45 81.67 53.17
C GLU K 491 72.42 83.19 53.07
N LEU K 492 72.36 83.73 51.85
CA LEU K 492 72.42 85.19 51.71
C LEU K 492 71.15 85.86 52.21
N GLN K 493 69.99 85.29 51.88
CA GLN K 493 68.78 85.87 52.44
C GLN K 493 68.82 85.84 53.97
N HIS K 494 69.43 84.81 54.58
CA HIS K 494 69.51 84.82 56.03
C HIS K 494 70.53 85.84 56.53
N CYS K 495 71.65 85.97 55.81
CA CYS K 495 72.67 86.97 56.12
C CYS K 495 72.15 88.38 55.98
N TRP K 496 71.01 88.58 55.31
CA TRP K 496 70.31 89.86 55.35
C TRP K 496 69.62 90.03 56.72
N ALA K 497 70.47 90.11 57.75
CA ALA K 497 70.08 90.23 59.15
C ALA K 497 70.41 91.59 59.72
N LEU K 498 71.06 92.45 58.94
CA LEU K 498 71.33 93.79 59.42
C LEU K 498 70.01 94.52 59.57
N GLN K 499 69.13 94.37 58.57
CA GLN K 499 67.76 94.95 58.62
C GLN K 499 67.01 94.26 59.76
N MET K 500 67.23 92.96 59.95
CA MET K 500 66.45 92.19 60.94
C MET K 500 66.75 92.64 62.37
N GLN K 501 68.02 92.73 62.77
CA GLN K 501 68.33 92.98 64.20
C GLN K 501 69.41 94.05 64.46
N ARG K 502 70.52 94.11 63.72
CA ARG K 502 71.61 95.01 64.10
C ARG K 502 71.25 96.49 63.95
N LYS K 503 70.77 96.91 62.77
CA LYS K 503 70.29 98.28 62.62
C LYS K 503 68.88 98.47 63.14
N HIS K 504 68.31 97.44 63.76
CA HIS K 504 66.89 97.36 64.05
C HIS K 504 66.73 97.80 65.51
N LEU K 505 66.26 99.04 65.73
CA LEU K 505 66.22 99.78 67.00
C LEU K 505 67.56 100.34 67.45
N LYS K 506 68.66 99.99 66.78
CA LYS K 506 70.00 100.35 67.23
C LYS K 506 70.75 101.01 66.09
N SER K 507 71.19 102.25 66.31
CA SER K 507 72.00 102.93 65.31
C SER K 507 73.33 102.21 65.11
N ASN K 508 73.94 101.75 66.20
CA ASN K 508 75.25 101.09 66.18
C ASN K 508 76.24 102.05 65.51
N GLN K 509 77.01 101.61 64.52
CA GLN K 509 77.94 102.48 63.79
C GLN K 509 77.84 102.11 62.31
N THR K 510 77.70 103.13 61.46
CA THR K 510 77.68 102.96 60.01
C THR K 510 78.92 103.60 59.41
N ASP K 511 79.64 102.81 58.61
CA ASP K 511 80.96 103.04 58.04
C ASP K 511 82.11 102.92 59.03
N ALA K 512 81.82 102.99 60.33
CA ALA K 512 82.81 102.59 61.32
C ALA K 512 82.72 101.10 61.54
N ILE K 513 81.50 100.58 61.67
CA ILE K 513 81.27 99.15 61.81
C ILE K 513 80.20 98.72 60.81
N LYS K 514 80.62 98.38 59.59
CA LYS K 514 79.77 97.77 58.59
C LYS K 514 80.65 96.90 57.69
N TRP K 515 80.03 95.90 57.07
CA TRP K 515 80.74 95.04 56.12
C TRP K 515 80.70 95.60 54.70
N ARG K 516 80.35 96.88 54.53
CA ARG K 516 80.27 97.58 53.25
C ARG K 516 79.01 97.20 52.48
N LEU K 517 78.12 96.38 53.07
CA LEU K 517 76.92 95.89 52.40
C LEU K 517 77.24 95.24 51.04
N ARG K 518 78.40 94.58 50.96
CA ARG K 518 78.71 93.83 49.76
C ARG K 518 77.76 92.65 49.54
N ASN K 519 77.07 92.22 50.60
CA ASN K 519 76.09 91.13 50.57
C ASN K 519 75.16 91.20 49.37
N HIS K 520 74.84 92.40 48.89
CA HIS K 520 73.83 92.58 47.87
C HIS K 520 74.36 92.52 46.45
N MET K 521 75.58 93.02 46.19
CA MET K 521 76.24 92.69 44.93
C MET K 521 76.48 91.19 44.83
N ALA K 522 76.96 90.60 45.93
CA ALA K 522 77.13 89.15 45.99
C ALA K 522 75.79 88.46 45.77
N PHE K 523 74.72 89.01 46.33
CA PHE K 523 73.40 88.47 46.14
C PHE K 523 73.01 88.50 44.67
N LEU K 524 73.33 89.61 43.99
CA LEU K 524 72.95 89.75 42.59
C LEU K 524 73.60 88.67 41.73
N VAL K 525 74.87 88.36 41.99
CA VAL K 525 75.55 87.39 41.12
C VAL K 525 74.83 86.04 41.15
N ASP K 526 74.57 85.52 42.35
CA ASP K 526 73.91 84.22 42.48
C ASP K 526 72.45 84.29 42.07
N ASN K 527 71.76 85.39 42.41
CA ASN K 527 70.37 85.56 42.01
C ASN K 527 70.21 85.44 40.50
N LEU K 528 71.04 86.14 39.73
CA LEU K 528 70.92 86.12 38.28
C LEU K 528 71.34 84.77 37.69
N GLN K 529 72.29 84.09 38.34
CA GLN K 529 72.56 82.72 37.92
C GLN K 529 71.32 81.84 38.08
N TYR K 530 70.55 82.05 39.16
CA TYR K 530 69.34 81.25 39.31
C TYR K 530 68.35 81.54 38.20
N TYR K 531 68.21 82.82 37.85
CA TYR K 531 67.33 83.22 36.72
C TYR K 531 67.83 82.49 35.49
N LEU K 532 69.14 82.33 35.35
CA LEU K 532 69.74 81.58 34.21
C LEU K 532 69.15 80.18 34.22
N GLN K 533 69.16 79.54 35.40
CA GLN K 533 68.65 78.15 35.51
C GLN K 533 67.15 78.15 35.21
N VAL K 534 66.41 79.18 35.60
CA VAL K 534 64.95 79.15 35.47
C VAL K 534 64.55 79.15 34.00
N ASP K 535 65.18 80.01 33.21
CA ASP K 535 64.80 80.08 31.81
C ASP K 535 65.18 78.80 31.08
N VAL K 536 66.38 78.27 31.35
CA VAL K 536 66.83 77.06 30.65
C VAL K 536 65.88 75.90 30.96
N LEU K 537 65.61 75.69 32.25
CA LEU K 537 64.80 74.53 32.65
C LEU K 537 63.37 74.65 32.12
N GLU K 538 62.72 75.80 32.33
CA GLU K 538 61.33 75.91 31.92
C GLU K 538 61.19 75.78 30.40
N SER K 539 62.10 76.39 29.63
CA SER K 539 61.98 76.30 28.17
C SER K 539 62.18 74.86 27.69
N GLN K 540 63.26 74.22 28.15
CA GLN K 540 63.55 72.86 27.70
C GLN K 540 62.40 71.92 28.07
N PHE K 541 61.83 72.09 29.26
CA PHE K 541 60.76 71.20 29.68
C PHE K 541 59.47 71.43 28.88
N SER K 542 59.19 72.69 28.51
CA SER K 542 58.02 72.94 27.67
C SER K 542 58.19 72.27 26.31
N GLN K 543 59.36 72.42 25.69
CA GLN K 543 59.50 71.83 24.36
C GLN K 543 59.48 70.32 24.45
N LEU K 544 60.08 69.75 25.51
CA LEU K 544 60.09 68.30 25.64
C LEU K 544 58.68 67.73 25.73
N LEU K 545 57.82 68.31 26.56
CA LEU K 545 56.49 67.72 26.68
C LEU K 545 55.55 68.10 25.56
N HIS K 546 55.89 69.07 24.73
CA HIS K 546 55.06 69.30 23.55
C HIS K 546 55.47 68.41 22.38
N GLN K 547 56.77 68.18 22.21
CA GLN K 547 57.26 67.13 21.31
C GLN K 547 56.67 65.77 21.67
N ILE K 548 56.67 65.43 22.96
CA ILE K 548 56.16 64.11 23.38
C ILE K 548 54.69 63.98 22.99
N ASN K 549 53.90 65.03 23.23
CA ASN K 549 52.49 64.96 22.88
C ASN K 549 52.31 64.85 21.36
N SER K 550 53.19 65.49 20.60
CA SER K 550 53.01 65.49 19.15
C SER K 550 53.37 64.14 18.55
N THR K 551 54.62 63.70 18.73
CA THR K 551 55.09 62.54 17.99
C THR K 551 54.55 61.25 18.61
N ARG K 552 54.79 60.12 17.90
CA ARG K 552 54.10 58.87 18.20
C ARG K 552 55.01 57.64 18.21
N ASP K 553 56.33 57.80 18.12
CA ASP K 553 57.27 56.67 18.14
C ASP K 553 58.26 56.83 19.29
N PHE K 554 58.39 55.78 20.10
CA PHE K 554 59.17 55.87 21.33
C PHE K 554 60.65 56.13 21.03
N GLU K 555 61.15 55.59 19.92
CA GLU K 555 62.55 55.84 19.56
C GLU K 555 62.79 57.33 19.34
N SER K 556 61.84 58.01 18.69
CA SER K 556 61.94 59.47 18.54
C SER K 556 61.78 60.18 19.88
N ILE K 557 60.85 59.70 20.71
CA ILE K 557 60.71 60.25 22.07
C ILE K 557 62.05 60.19 22.82
N ARG K 558 62.80 59.11 22.62
CA ARG K 558 64.09 58.97 23.28
C ARG K 558 65.08 60.01 22.79
N LEU K 559 65.06 60.30 21.49
CA LEU K 559 65.90 61.38 20.96
C LEU K 559 65.51 62.71 21.60
N ALA K 560 64.20 62.96 21.70
CA ALA K 560 63.71 64.19 22.31
C ALA K 560 64.25 64.34 23.72
N HIS K 561 64.17 63.28 24.50
CA HIS K 561 64.63 63.36 25.89
C HIS K 561 66.14 63.44 26.02
N ASP K 562 66.89 62.67 25.21
CA ASP K 562 68.33 62.76 25.31
C ASP K 562 68.86 64.08 24.77
N HIS K 563 68.02 64.86 24.07
CA HIS K 563 68.36 66.20 23.66
C HIS K 563 67.93 67.22 24.72
N PHE K 564 66.80 66.96 25.40
CA PHE K 564 66.45 67.67 26.63
C PHE K 564 67.61 67.73 27.62
N LEU K 565 68.06 66.56 28.09
CA LEU K 565 69.11 66.57 29.10
C LEU K 565 70.43 67.14 28.55
N SER K 566 70.73 66.83 27.28
CA SER K 566 71.97 67.31 26.69
C SER K 566 72.01 68.82 26.63
N ASN K 567 70.88 69.48 26.29
CA ASN K 567 70.87 70.93 26.33
C ASN K 567 70.89 71.46 27.75
N LEU K 568 70.20 70.80 28.69
CA LEU K 568 70.20 71.28 30.08
C LEU K 568 71.61 71.38 30.62
N LEU K 569 72.45 70.38 30.34
CA LEU K 569 73.82 70.40 30.85
C LEU K 569 74.61 71.62 30.38
N ALA K 570 74.81 71.72 29.07
CA ALA K 570 75.64 72.80 28.52
C ALA K 570 75.04 74.16 28.83
N GLN K 571 73.72 74.31 28.69
CA GLN K 571 73.11 75.62 28.86
C GLN K 571 73.17 76.08 30.32
N SER K 572 73.09 75.16 31.27
CA SER K 572 73.27 75.53 32.67
C SER K 572 74.74 75.64 33.07
N PHE K 573 75.68 75.23 32.20
CA PHE K 573 77.13 75.34 32.38
C PHE K 573 77.68 74.23 33.28
N ILE K 574 76.84 73.32 33.78
CA ILE K 574 77.34 72.21 34.57
C ILE K 574 78.31 71.34 33.78
N LEU K 575 78.15 71.28 32.46
CA LEU K 575 79.18 70.67 31.63
C LEU K 575 80.51 71.34 31.97
N LEU K 576 81.46 70.51 32.42
CA LEU K 576 82.67 70.99 33.09
C LEU K 576 83.38 72.03 32.24
N LYS K 577 83.66 73.18 32.85
CA LYS K 577 84.18 74.31 32.10
C LYS K 577 84.94 75.23 33.05
N PRO K 578 85.84 76.06 32.52
CA PRO K 578 86.43 77.10 33.37
C PRO K 578 85.39 78.03 33.95
N VAL K 579 84.32 78.30 33.21
CA VAL K 579 83.23 79.14 33.73
C VAL K 579 82.66 78.52 34.99
N PHE K 580 82.43 77.20 34.97
CA PHE K 580 81.93 76.52 36.16
C PHE K 580 82.95 76.58 37.29
N HIS K 581 84.23 76.38 37.01
CA HIS K 581 85.21 76.43 38.10
C HIS K 581 85.26 77.81 38.75
N CYS K 582 85.27 78.88 37.94
CA CYS K 582 85.19 80.23 38.50
C CYS K 582 83.90 80.44 39.29
N LEU K 583 82.78 79.92 38.80
CA LEU K 583 81.52 80.11 39.51
C LEU K 583 81.53 79.38 40.85
N ASN K 584 82.11 78.19 40.89
CA ASN K 584 82.19 77.46 42.16
C ASN K 584 83.11 78.20 43.14
N GLU K 585 84.16 78.84 42.63
CA GLU K 585 84.98 79.68 43.48
C GLU K 585 84.21 80.87 44.02
N ILE K 586 83.36 81.49 43.18
CA ILE K 586 82.45 82.53 43.67
C ILE K 586 81.61 81.98 44.82
N LEU K 587 81.07 80.78 44.65
CA LEU K 587 80.21 80.20 45.68
C LEU K 587 80.98 79.97 46.98
N ASP K 588 82.23 79.54 46.88
CA ASP K 588 83.01 79.29 48.10
C ASP K 588 83.37 80.58 48.83
N LEU K 589 83.67 81.63 48.03
CA LEU K 589 83.94 83.00 48.56
C LEU K 589 82.60 83.55 49.07
N CYS K 590 81.50 83.18 48.45
CA CYS K 590 80.15 83.62 48.90
C CYS K 590 79.88 82.98 50.26
N HIS K 591 80.25 81.71 50.40
CA HIS K 591 80.02 80.97 51.66
C HIS K 591 80.87 81.56 52.80
N SER K 592 82.15 81.84 52.56
CA SER K 592 83.05 82.38 53.57
C SER K 592 82.57 83.73 54.09
N PHE K 593 81.98 84.55 53.22
CA PHE K 593 81.45 85.83 53.70
C PHE K 593 80.27 85.61 54.65
N CYS K 594 79.40 84.64 54.32
CA CYS K 594 78.35 84.27 55.27
C CYS K 594 78.94 83.82 56.59
N SER K 595 80.03 83.05 56.54
CA SER K 595 80.70 82.61 57.76
C SER K 595 81.19 83.78 58.59
N LEU K 596 81.77 84.79 57.94
CA LEU K 596 82.26 85.95 58.67
C LEU K 596 81.10 86.66 59.38
N VAL K 597 80.04 86.99 58.64
CA VAL K 597 78.98 87.79 59.26
C VAL K 597 78.23 86.99 60.32
N SER K 598 78.20 85.65 60.21
CA SER K 598 77.48 84.84 61.18
C SER K 598 78.03 85.04 62.61
N GLN K 599 79.34 84.89 62.78
CA GLN K 599 79.92 84.80 64.13
C GLN K 599 79.96 86.14 64.86
N ASN K 600 79.90 87.26 64.13
CA ASN K 600 80.18 88.55 64.74
C ASN K 600 79.18 88.90 65.84
N LEU K 601 77.90 88.59 65.63
CA LEU K 601 76.80 88.93 66.56
C LEU K 601 76.77 90.46 66.59
N GLY K 602 76.99 91.10 67.74
CA GLY K 602 76.88 92.54 67.85
C GLY K 602 77.87 93.20 66.91
N PRO K 603 77.51 94.37 66.33
CA PRO K 603 78.46 95.01 65.40
C PRO K 603 79.79 95.30 66.07
N LEU K 604 80.84 94.68 65.56
CA LEU K 604 82.19 94.87 66.05
C LEU K 604 83.15 94.36 64.99
N ASP K 605 84.38 94.85 65.03
CA ASP K 605 85.46 94.44 64.14
C ASP K 605 86.51 93.75 65.00
N GLU K 606 86.35 92.43 65.17
CA GLU K 606 87.33 91.61 65.87
C GLU K 606 88.45 91.21 64.91
N ARG K 607 89.11 92.24 64.37
CA ARG K 607 90.00 92.09 63.22
C ARG K 607 89.26 91.51 62.01
N GLY K 608 87.95 91.77 61.94
CA GLY K 608 87.17 91.33 60.79
C GLY K 608 87.58 92.01 59.50
N ALA K 609 88.15 93.21 59.61
CA ALA K 609 88.56 93.97 58.42
C ALA K 609 89.52 93.19 57.54
N ALA K 610 90.44 92.42 58.13
CA ALA K 610 91.38 91.64 57.35
C ALA K 610 90.66 90.62 56.47
N GLN K 611 89.76 89.84 57.10
CA GLN K 611 89.00 88.84 56.35
C GLN K 611 88.16 89.52 55.28
N LEU K 612 87.50 90.61 55.64
CA LEU K 612 86.66 91.33 54.69
C LEU K 612 87.48 91.85 53.52
N SER K 613 88.72 92.32 53.78
CA SER K 613 89.57 92.81 52.70
C SER K 613 89.89 91.69 51.72
N ILE K 614 90.26 90.51 52.24
CA ILE K 614 90.51 89.38 51.34
C ILE K 614 89.27 89.06 50.52
N LEU K 615 88.11 89.02 51.17
CA LEU K 615 86.89 88.61 50.47
C LEU K 615 86.49 89.63 49.41
N VAL K 616 86.52 90.94 49.75
CA VAL K 616 86.09 91.94 48.79
C VAL K 616 87.02 91.94 47.58
N LYS K 617 88.33 91.84 47.82
CA LYS K 617 89.28 91.82 46.71
C LYS K 617 89.08 90.60 45.83
N GLY K 618 88.93 89.42 46.43
CA GLY K 618 88.72 88.23 45.64
C GLY K 618 87.42 88.27 44.86
N PHE K 619 86.35 88.76 45.47
CA PHE K 619 85.08 88.84 44.78
C PHE K 619 85.16 89.77 43.57
N SER K 620 85.80 90.93 43.73
CA SER K 620 85.96 91.81 42.57
C SER K 620 86.78 91.13 41.48
N ARG K 621 87.86 90.45 41.88
CA ARG K 621 88.72 89.77 40.91
C ARG K 621 87.94 88.74 40.10
N GLN K 622 87.09 87.97 40.78
CA GLN K 622 86.42 86.85 40.12
C GLN K 622 85.19 87.33 39.35
N SER K 623 84.51 88.36 39.87
CA SER K 623 83.47 89.00 39.09
C SER K 623 84.03 89.57 37.79
N SER K 624 85.29 90.00 37.80
CA SER K 624 85.93 90.37 36.54
C SER K 624 86.07 89.17 35.61
N LEU K 625 86.38 87.98 36.14
CA LEU K 625 86.41 86.78 35.31
C LEU K 625 85.04 86.47 34.73
N LEU K 626 83.97 86.88 35.42
CA LEU K 626 82.63 86.68 34.88
C LEU K 626 82.34 87.51 33.62
N PHE K 627 83.25 88.40 33.21
CA PHE K 627 83.13 89.08 31.92
C PHE K 627 83.66 88.25 30.76
N LYS K 628 84.21 87.05 31.01
CA LYS K 628 84.49 86.13 29.92
C LYS K 628 83.20 85.74 29.22
N ILE K 629 82.10 85.65 29.98
CA ILE K 629 80.80 85.40 29.36
C ILE K 629 80.41 86.57 28.46
N LEU K 630 80.65 87.80 28.92
CA LEU K 630 80.37 88.97 28.09
C LEU K 630 81.21 88.93 26.82
N SER K 631 82.45 88.46 26.91
CA SER K 631 83.27 88.26 25.73
C SER K 631 82.63 87.22 24.81
N GLU L 351 29.25 -28.76 14.76
CA GLU L 351 28.31 -29.81 14.36
C GLU L 351 27.97 -30.69 15.55
N LEU L 352 29.00 -31.19 16.22
CA LEU L 352 28.79 -31.96 17.44
C LEU L 352 28.16 -31.10 18.54
N VAL L 353 28.36 -29.78 18.48
CA VAL L 353 27.88 -28.87 19.52
C VAL L 353 26.37 -28.91 19.69
N LYS L 354 25.63 -29.30 18.64
CA LYS L 354 24.17 -29.38 18.75
C LYS L 354 23.79 -30.33 19.87
N ASP L 355 24.47 -31.48 19.92
CA ASP L 355 24.30 -32.41 21.02
C ASP L 355 24.51 -31.69 22.34
N VAL L 356 25.62 -30.96 22.47
CA VAL L 356 25.99 -30.32 23.74
C VAL L 356 24.91 -29.33 24.18
N LEU L 357 24.37 -28.57 23.22
CA LEU L 357 23.24 -27.69 23.50
C LEU L 357 22.10 -28.47 24.14
N ASN L 358 21.79 -29.64 23.58
CA ASN L 358 20.76 -30.47 24.22
C ASN L 358 21.27 -31.30 25.41
N VAL L 359 22.59 -31.39 25.61
CA VAL L 359 23.16 -32.03 26.80
C VAL L 359 22.89 -31.17 28.01
N LEU L 360 22.75 -29.86 27.81
CA LEU L 360 22.28 -29.03 28.90
C LEU L 360 20.95 -29.56 29.45
N ILE L 361 20.04 -29.97 28.56
CA ILE L 361 18.87 -30.76 28.91
C ILE L 361 19.29 -32.22 28.98
N GLY L 362 18.45 -33.09 29.54
CA GLY L 362 18.70 -34.52 29.46
C GLY L 362 18.50 -35.05 28.05
N VAL L 363 19.53 -35.68 27.48
CA VAL L 363 19.44 -36.38 26.19
C VAL L 363 20.20 -37.70 26.31
N VAL L 364 20.23 -38.45 25.21
CA VAL L 364 20.90 -39.75 25.15
C VAL L 364 22.24 -39.67 24.43
N SER L 365 22.41 -38.69 23.52
CA SER L 365 23.69 -38.51 22.84
C SER L 365 24.83 -38.45 23.84
N ALA L 366 24.72 -37.56 24.81
CA ALA L 366 25.43 -37.68 26.08
C ALA L 366 24.43 -38.23 27.09
N THR L 367 24.94 -38.69 28.24
CA THR L 367 24.15 -39.59 29.08
C THR L 367 24.28 -39.23 30.55
N PHE L 368 23.26 -39.65 31.31
CA PHE L 368 23.21 -39.56 32.76
C PHE L 368 22.74 -40.94 33.27
N SER L 369 23.51 -41.97 32.96
CA SER L 369 23.25 -43.28 33.54
C SER L 369 23.09 -43.17 35.04
N LEU L 370 21.88 -43.50 35.52
CA LEU L 370 21.51 -43.37 36.93
C LEU L 370 22.22 -44.50 37.67
N CYS L 371 23.49 -44.25 38.00
CA CYS L 371 24.38 -45.32 38.39
C CYS L 371 25.49 -44.77 39.29
N GLN L 372 26.39 -45.66 39.68
CA GLN L 372 27.47 -45.30 40.59
C GLN L 372 28.51 -44.48 39.81
N PRO L 373 28.96 -43.27 40.31
CA PRO L 373 29.89 -42.43 39.54
C PRO L 373 31.08 -43.13 38.89
N ALA L 374 31.14 -43.04 37.55
CA ALA L 374 32.27 -43.43 36.71
C ALA L 374 32.48 -44.94 36.57
N GLN L 375 31.74 -45.75 37.34
CA GLN L 375 31.73 -47.20 37.13
C GLN L 375 30.65 -47.60 36.13
N ALA L 376 29.42 -47.13 36.32
CA ALA L 376 28.35 -47.30 35.34
C ALA L 376 27.70 -45.95 35.00
N PHE L 377 27.70 -45.02 35.95
CA PHE L 377 27.37 -43.63 35.63
C PHE L 377 28.34 -43.16 34.57
N VAL L 378 27.83 -42.48 33.54
CA VAL L 378 28.64 -42.14 32.38
C VAL L 378 28.07 -40.90 31.71
N VAL L 379 28.92 -40.23 30.96
CA VAL L 379 28.55 -39.23 29.96
C VAL L 379 29.30 -39.60 28.70
N LYS L 380 28.66 -39.50 27.53
CA LYS L 380 29.33 -39.89 26.29
C LYS L 380 30.61 -39.09 26.14
N ARG L 381 31.70 -39.80 25.86
CA ARG L 381 33.00 -39.20 25.68
C ARG L 381 33.76 -40.01 24.66
N GLY L 382 34.70 -39.35 23.99
CA GLY L 382 35.65 -40.01 23.12
C GLY L 382 37.02 -39.99 23.76
N VAL L 383 37.58 -41.19 23.94
CA VAL L 383 38.85 -41.37 24.62
C VAL L 383 39.81 -42.01 23.64
N HIS L 384 41.08 -41.60 23.71
CA HIS L 384 42.10 -42.03 22.77
C HIS L 384 41.64 -41.71 21.35
N VAL L 385 41.41 -42.73 20.51
CA VAL L 385 40.97 -42.47 19.14
C VAL L 385 39.60 -41.79 19.16
N SER L 386 39.46 -40.73 18.36
CA SER L 386 38.21 -40.00 18.28
C SER L 386 38.15 -39.29 16.94
N GLY L 387 36.93 -38.96 16.51
CA GLY L 387 36.73 -38.29 15.23
C GLY L 387 36.81 -36.79 15.34
N ALA L 388 37.97 -36.22 14.99
CA ALA L 388 38.21 -34.78 15.03
C ALA L 388 37.91 -34.20 16.41
N SER L 389 38.40 -34.90 17.44
CA SER L 389 38.16 -34.53 18.83
C SER L 389 39.43 -34.74 19.64
N PRO L 390 40.38 -33.81 19.56
CA PRO L 390 41.48 -33.81 20.53
C PRO L 390 40.95 -33.72 21.96
N GLU L 391 41.76 -34.21 22.89
CA GLU L 391 41.38 -34.40 24.30
C GLU L 391 40.76 -33.15 24.94
N SER L 392 41.29 -31.97 24.61
CA SER L 392 40.76 -30.72 25.17
C SER L 392 39.28 -30.55 24.90
N ILE L 393 38.84 -30.94 23.70
CA ILE L 393 37.42 -30.86 23.35
C ILE L 393 36.61 -31.72 24.30
N SER L 394 37.09 -32.94 24.56
CA SER L 394 36.42 -33.83 25.51
C SER L 394 36.37 -33.22 26.90
N SER L 395 37.45 -32.55 27.32
CA SER L 395 37.46 -31.94 28.65
C SER L 395 36.44 -30.81 28.77
N LEU L 396 36.34 -29.96 27.74
CA LEU L 396 35.33 -28.91 27.74
C LEU L 396 33.93 -29.50 27.77
N LEU L 397 33.71 -30.54 26.95
CA LEU L 397 32.48 -31.30 27.01
C LEU L 397 32.26 -31.88 28.40
N SER L 398 33.34 -32.19 29.12
CA SER L 398 33.21 -32.76 30.47
C SER L 398 32.72 -31.74 31.48
N GLU L 399 33.17 -30.48 31.39
CA GLU L 399 32.56 -29.49 32.28
C GLU L 399 31.09 -29.28 31.95
N VAL L 400 30.77 -29.16 30.65
CA VAL L 400 29.36 -29.03 30.29
C VAL L 400 28.59 -30.25 30.75
N ALA L 401 29.25 -31.42 30.73
CA ALA L 401 28.65 -32.63 31.27
C ALA L 401 28.39 -32.52 32.76
N GLU L 402 29.33 -31.93 33.51
CA GLU L 402 29.08 -31.72 34.94
C GLU L 402 27.79 -30.93 35.13
N TYR L 403 27.65 -29.82 34.40
CA TYR L 403 26.39 -29.07 34.46
C TYR L 403 25.20 -29.96 34.11
N GLY L 404 25.35 -30.79 33.07
CA GLY L 404 24.25 -31.65 32.65
C GLY L 404 23.82 -32.62 33.73
N THR L 405 24.78 -33.32 34.34
CA THR L 405 24.46 -34.25 35.43
C THR L 405 23.77 -33.53 36.57
N CYS L 406 24.25 -32.34 36.94
CA CYS L 406 23.56 -31.59 37.99
C CYS L 406 22.13 -31.27 37.59
N TYR L 407 21.90 -30.87 36.35
CA TYR L 407 20.52 -30.63 35.90
C TYR L 407 19.66 -31.87 36.05
N THR L 408 20.13 -33.01 35.53
CA THR L 408 19.31 -34.22 35.58
C THR L 408 18.99 -34.64 37.01
N ARG L 409 20.01 -34.64 37.89
CA ARG L 409 19.77 -35.02 39.28
C ARG L 409 18.80 -34.06 39.96
N LEU L 410 19.02 -32.76 39.81
CA LEU L 410 18.15 -31.78 40.45
C LEU L 410 16.74 -31.86 39.88
N SER L 411 16.63 -32.09 38.57
CA SER L 411 15.32 -32.22 37.95
C SER L 411 14.59 -33.43 38.49
N HIS L 412 15.28 -34.55 38.70
CA HIS L 412 14.63 -35.70 39.33
C HIS L 412 14.18 -35.36 40.74
N PHE L 413 15.08 -34.76 41.53
CA PHE L 413 14.80 -34.45 42.93
C PHE L 413 13.55 -33.59 43.06
N SER L 414 13.41 -32.57 42.21
CA SER L 414 12.24 -31.71 42.31
C SER L 414 11.04 -32.33 41.60
N LEU L 415 11.26 -33.03 40.49
CA LEU L 415 10.19 -33.61 39.69
C LEU L 415 9.35 -34.58 40.50
N GLN L 416 10.01 -35.42 41.32
CA GLN L 416 9.29 -36.40 42.13
C GLN L 416 8.21 -35.69 42.96
N PRO L 417 6.91 -35.79 42.58
CA PRO L 417 5.91 -34.95 43.23
C PRO L 417 5.52 -35.49 44.61
N VAL L 418 4.53 -34.87 45.24
CA VAL L 418 4.06 -35.37 46.53
C VAL L 418 3.53 -36.79 46.40
N LEU L 419 2.77 -37.07 45.35
CA LEU L 419 2.07 -38.34 45.07
C LEU L 419 0.85 -38.48 46.00
N ASP L 420 0.55 -37.49 46.84
CA ASP L 420 -0.60 -37.40 47.74
C ASP L 420 -0.44 -38.30 48.96
N SER L 421 0.67 -39.02 49.08
CA SER L 421 0.93 -39.88 50.24
C SER L 421 2.37 -39.74 50.68
N LEU L 422 2.89 -38.51 50.74
CA LEU L 422 4.30 -38.28 51.06
C LEU L 422 4.44 -38.19 52.58
N TYR L 423 4.52 -39.36 53.21
CA TYR L 423 4.61 -39.41 54.66
C TYR L 423 5.99 -39.00 55.15
N SER L 424 7.05 -39.43 54.46
CA SER L 424 8.41 -39.17 54.92
C SER L 424 8.70 -37.68 55.00
N LYS L 425 8.43 -36.94 53.93
CA LYS L 425 8.63 -35.50 53.90
C LYS L 425 7.36 -34.79 54.38
N GLY L 426 7.46 -33.45 54.47
CA GLY L 426 6.39 -32.63 54.95
C GLY L 426 5.74 -31.78 53.87
N LEU L 427 4.65 -31.12 54.30
CA LEU L 427 3.96 -30.16 53.44
C LEU L 427 4.93 -29.05 53.01
N VAL L 428 5.80 -28.63 53.93
CA VAL L 428 6.75 -27.57 53.62
C VAL L 428 7.80 -28.05 52.61
N PHE L 429 8.20 -29.33 52.70
CA PHE L 429 9.10 -29.87 51.68
C PHE L 429 8.41 -29.90 50.32
N GLN L 430 7.12 -30.22 50.30
CA GLN L 430 6.39 -30.21 49.04
C GLN L 430 6.34 -28.81 48.43
N ALA L 431 6.14 -27.80 49.28
CA ALA L 431 6.23 -26.41 48.81
C ALA L 431 7.62 -26.08 48.28
N PHE L 432 8.66 -26.54 48.98
CA PHE L 432 10.03 -26.32 48.54
C PHE L 432 10.27 -26.89 47.16
N THR L 433 9.84 -28.14 46.94
CA THR L 433 10.03 -28.76 45.64
C THR L 433 9.29 -28.01 44.55
N SER L 434 8.07 -27.53 44.85
CA SER L 434 7.35 -26.75 43.85
C SER L 434 8.14 -25.51 43.43
N GLY L 435 8.60 -24.72 44.40
CA GLY L 435 9.39 -23.53 44.07
C GLY L 435 10.65 -23.87 43.29
N LEU L 436 11.35 -24.93 43.71
CA LEU L 436 12.53 -25.36 42.99
C LEU L 436 12.20 -25.66 41.54
N ARG L 437 11.09 -26.38 41.30
CA ARG L 437 10.68 -26.66 39.91
C ARG L 437 10.44 -25.37 39.14
N ARG L 438 9.93 -24.34 39.80
CA ARG L 438 9.76 -23.06 39.11
C ARG L 438 11.10 -22.57 38.58
N TYR L 439 12.13 -22.63 39.43
CA TYR L 439 13.46 -22.23 38.96
C TYR L 439 13.94 -23.12 37.83
N LEU L 440 13.77 -24.44 37.98
CA LEU L 440 14.22 -25.38 36.94
C LEU L 440 13.58 -25.08 35.61
N GLN L 441 12.29 -24.71 35.63
CA GLN L 441 11.62 -24.36 34.38
C GLN L 441 12.28 -23.15 33.75
N TYR L 442 12.63 -22.14 34.57
CA TYR L 442 13.30 -20.97 34.02
C TYR L 442 14.67 -21.33 33.43
N TYR L 443 15.44 -22.15 34.16
CA TYR L 443 16.75 -22.58 33.65
C TYR L 443 16.61 -23.30 32.33
N ARG L 444 15.63 -24.21 32.23
CA ARG L 444 15.36 -24.89 30.97
C ARG L 444 15.05 -23.88 29.88
N ALA L 445 14.28 -22.84 30.21
CA ALA L 445 13.95 -21.83 29.22
C ALA L 445 15.19 -21.14 28.67
N CYS L 446 16.15 -20.81 29.55
CA CYS L 446 17.38 -20.19 29.05
C CYS L 446 18.16 -21.17 28.16
N VAL L 447 18.21 -22.44 28.56
CA VAL L 447 18.87 -23.47 27.75
C VAL L 447 18.25 -23.49 26.36
N LEU L 448 16.92 -23.40 26.30
CA LEU L 448 16.24 -23.32 25.00
C LEU L 448 16.62 -22.06 24.25
N SER L 449 16.64 -20.93 24.96
CA SER L 449 16.86 -19.64 24.30
C SER L 449 18.25 -19.52 23.70
N THR L 450 19.19 -20.39 24.10
CA THR L 450 20.47 -20.47 23.42
C THR L 450 20.26 -20.61 21.90
N PRO L 451 20.96 -19.82 21.07
CA PRO L 451 20.82 -20.01 19.60
C PRO L 451 21.22 -21.42 19.19
N PRO L 452 20.53 -22.03 18.22
CA PRO L 452 21.02 -23.33 17.71
C PRO L 452 22.37 -23.23 17.06
N THR L 453 22.65 -22.14 16.33
CA THR L 453 23.94 -21.91 15.69
C THR L 453 24.77 -21.05 16.62
N LEU L 454 25.76 -21.65 17.26
CA LEU L 454 26.66 -20.94 18.16
C LEU L 454 27.98 -21.69 18.19
N SER L 455 29.06 -20.95 18.45
CA SER L 455 30.38 -21.53 18.40
C SER L 455 30.68 -22.37 19.65
N LEU L 456 31.61 -23.30 19.46
CA LEU L 456 31.85 -24.36 20.43
C LEU L 456 32.27 -23.80 21.79
N LEU L 457 33.32 -22.98 21.82
CA LEU L 457 33.74 -22.38 23.08
C LEU L 457 32.70 -21.43 23.61
N THR L 458 32.05 -20.69 22.70
CA THR L 458 31.12 -19.64 23.09
C THR L 458 29.95 -20.19 23.87
N ILE L 459 29.54 -21.43 23.58
CA ILE L 459 28.43 -22.01 24.33
C ILE L 459 28.80 -22.13 25.81
N GLY L 460 29.96 -22.71 26.11
CA GLY L 460 30.36 -22.90 27.48
C GLY L 460 30.65 -21.59 28.19
N PHE L 461 31.36 -20.68 27.53
CA PHE L 461 31.57 -19.36 28.10
C PHE L 461 30.27 -18.62 28.36
N LEU L 462 29.26 -18.82 27.50
CA LEU L 462 27.98 -18.18 27.72
C LEU L 462 27.32 -18.73 28.97
N PHE L 463 27.46 -20.03 29.21
CA PHE L 463 26.74 -20.69 30.29
C PHE L 463 27.54 -20.88 31.57
N LYS L 464 28.76 -20.35 31.67
CA LYS L 464 29.56 -20.50 32.90
C LYS L 464 28.82 -20.03 34.16
N LYS L 465 28.29 -18.81 34.14
CA LYS L 465 27.69 -18.24 35.35
C LYS L 465 26.52 -19.09 35.82
N LEU L 466 25.65 -19.48 34.89
CA LEU L 466 24.51 -20.31 35.24
C LEU L 466 24.97 -21.69 35.68
N GLY L 467 26.05 -22.20 35.09
CA GLY L 467 26.58 -23.48 35.50
C GLY L 467 27.02 -23.50 36.95
N ARG L 468 27.83 -22.52 37.34
CA ARG L 468 28.25 -22.46 38.75
C ARG L 468 27.07 -22.18 39.67
N GLN L 469 26.16 -21.29 39.25
CA GLN L 469 24.96 -21.02 40.04
C GLN L 469 24.18 -22.30 40.28
N LEU L 470 23.98 -23.11 39.24
CA LEU L 470 23.21 -24.34 39.38
C LEU L 470 23.96 -25.36 40.21
N ARG L 471 25.28 -25.48 40.05
CA ARG L 471 26.03 -26.44 40.86
C ARG L 471 25.95 -26.06 42.33
N TYR L 472 26.03 -24.77 42.63
CA TYR L 472 25.80 -24.32 44.00
C TYR L 472 24.40 -24.71 44.48
N LEU L 473 23.38 -24.44 43.67
CA LEU L 473 22.02 -24.80 44.05
C LEU L 473 21.90 -26.30 44.32
N ALA L 474 22.59 -27.10 43.51
CA ALA L 474 22.60 -28.55 43.70
C ALA L 474 23.19 -28.90 45.06
N GLU L 475 24.38 -28.37 45.35
CA GLU L 475 25.02 -28.66 46.62
C GLU L 475 24.19 -28.16 47.80
N LEU L 476 23.36 -27.14 47.59
CA LEU L 476 22.46 -26.69 48.67
C LEU L 476 21.58 -27.83 49.16
N CYS L 477 21.04 -28.63 48.24
CA CYS L 477 20.29 -29.82 48.59
C CYS L 477 21.25 -31.00 48.71
N GLY L 478 20.90 -31.95 49.59
CA GLY L 478 21.73 -33.12 49.74
C GLY L 478 21.89 -33.91 48.45
N VAL L 479 20.77 -34.11 47.73
CA VAL L 479 20.77 -34.93 46.51
C VAL L 479 21.76 -34.35 45.50
N GLY L 480 21.66 -33.04 45.25
CA GLY L 480 22.62 -32.40 44.36
C GLY L 480 24.04 -32.47 44.88
N ALA L 481 24.22 -32.26 46.18
CA ALA L 481 25.55 -32.42 46.79
C ALA L 481 26.06 -33.84 46.62
N VAL L 482 25.18 -34.83 46.85
CA VAL L 482 25.55 -36.22 46.63
C VAL L 482 25.64 -36.48 45.12
N LEU L 483 26.38 -37.53 44.77
CA LEU L 483 26.80 -37.79 43.40
C LEU L 483 27.48 -36.57 42.77
N PRO L 484 28.46 -35.96 43.44
CA PRO L 484 29.13 -34.81 42.81
C PRO L 484 29.96 -35.21 41.60
N GLY L 485 30.38 -36.47 41.52
CA GLY L 485 31.39 -36.93 40.60
C GLY L 485 32.71 -37.25 41.29
N THR L 486 32.97 -36.63 42.44
CA THR L 486 34.14 -36.93 43.26
C THR L 486 33.85 -37.92 44.38
N CYS L 487 32.59 -38.32 44.56
CA CYS L 487 32.24 -39.31 45.57
C CYS L 487 31.03 -40.07 45.07
N GLY L 488 30.82 -41.25 45.63
CA GLY L 488 29.75 -42.14 45.19
C GLY L 488 28.39 -41.66 45.62
N GLY L 489 27.38 -42.43 45.22
CA GLY L 489 26.02 -42.22 45.67
C GLY L 489 25.72 -42.84 47.01
N GLY L 490 26.68 -43.54 47.63
CA GLY L 490 26.54 -44.14 48.93
C GLY L 490 26.17 -43.20 50.08
N PRO L 491 26.79 -42.00 50.16
CA PRO L 491 26.52 -41.15 51.35
C PRO L 491 25.02 -40.85 51.55
N ARG L 492 24.32 -40.42 50.51
CA ARG L 492 22.89 -40.22 50.53
C ARG L 492 22.46 -39.36 51.71
N ALA L 493 23.10 -38.19 51.85
CA ALA L 493 22.94 -37.33 53.02
C ALA L 493 21.48 -37.01 53.27
N ALA L 494 21.07 -37.13 54.53
CA ALA L 494 19.68 -36.86 54.88
C ALA L 494 19.37 -35.40 54.70
N PHE L 495 18.30 -35.11 53.98
CA PHE L 495 17.82 -33.76 53.77
C PHE L 495 16.87 -33.38 54.91
N PRO L 496 17.04 -32.23 55.57
CA PRO L 496 16.11 -31.89 56.66
C PRO L 496 14.71 -31.67 56.13
N THR L 497 13.73 -31.87 57.00
CA THR L 497 12.33 -31.67 56.66
C THR L 497 11.64 -30.96 57.82
N GLY L 498 10.63 -30.16 57.48
CA GLY L 498 9.88 -29.42 58.48
C GLY L 498 10.54 -28.14 58.95
N VAL L 499 10.39 -27.87 60.25
CA VAL L 499 11.04 -26.71 60.86
C VAL L 499 12.54 -26.82 60.71
N LYS L 500 13.09 -28.03 60.80
CA LYS L 500 14.51 -28.26 60.54
C LYS L 500 14.91 -27.73 59.16
N LEU L 501 14.11 -28.07 58.13
CA LEU L 501 14.40 -27.61 56.78
C LEU L 501 14.33 -26.09 56.69
N LEU L 502 13.26 -25.51 57.24
CA LEU L 502 13.08 -24.06 57.15
C LEU L 502 14.22 -23.32 57.83
N SER L 503 14.59 -23.76 59.02
CA SER L 503 15.70 -23.14 59.75
C SER L 503 17.02 -23.33 59.01
N TYR L 504 17.26 -24.53 58.49
CA TYR L 504 18.49 -24.78 57.75
C TYR L 504 18.61 -23.83 56.57
N LEU L 505 17.49 -23.63 55.85
CA LEU L 505 17.50 -22.70 54.73
C LEU L 505 17.84 -21.29 55.21
N TYR L 506 17.26 -20.86 56.33
CA TYR L 506 17.53 -19.50 56.81
C TYR L 506 18.98 -19.31 57.26
N GLN L 507 19.56 -20.27 57.99
CA GLN L 507 20.98 -20.14 58.31
C GLN L 507 21.84 -20.12 57.06
N GLU L 508 21.53 -20.96 56.06
CA GLU L 508 22.26 -20.84 54.80
C GLU L 508 22.05 -19.46 54.17
N ALA L 509 20.88 -18.87 54.35
CA ALA L 509 20.64 -17.52 53.83
C ALA L 509 21.57 -16.50 54.49
N LEU L 510 21.70 -16.58 55.82
CA LEU L 510 22.66 -15.71 56.51
C LEU L 510 24.09 -15.99 56.03
N HIS L 511 24.45 -17.27 55.89
CA HIS L 511 25.82 -17.60 55.52
C HIS L 511 26.15 -17.05 54.13
N ASN L 512 25.20 -17.13 53.21
CA ASN L 512 25.43 -16.79 51.82
C ASN L 512 24.62 -15.57 51.39
N CYS L 513 24.40 -14.63 52.32
CA CYS L 513 23.62 -13.43 52.02
C CYS L 513 24.25 -12.59 50.91
N SER L 514 25.53 -12.28 51.02
CA SER L 514 26.12 -11.26 50.16
C SER L 514 26.48 -11.75 48.75
N ASN L 515 26.60 -13.05 48.54
CA ASN L 515 27.11 -13.53 47.27
C ASN L 515 26.04 -13.38 46.19
N GLU L 516 26.47 -13.50 44.93
CA GLU L 516 25.57 -13.35 43.78
C GLU L 516 24.39 -14.31 43.84
N HIS L 517 24.53 -15.45 44.53
CA HIS L 517 23.52 -16.50 44.52
C HIS L 517 22.32 -16.21 45.43
N TYR L 518 22.34 -15.13 46.21
CA TYR L 518 21.31 -14.91 47.24
C TYR L 518 19.88 -14.75 46.73
N PRO L 519 19.60 -14.20 45.52
CA PRO L 519 18.18 -14.04 45.11
C PRO L 519 17.43 -15.36 45.09
N VAL L 520 18.11 -16.40 44.62
CA VAL L 520 17.48 -17.72 44.52
C VAL L 520 17.03 -18.17 45.89
N LEU L 521 17.90 -18.00 46.90
CA LEU L 521 17.56 -18.41 48.25
C LEU L 521 16.38 -17.62 48.78
N LEU L 522 16.38 -16.31 48.53
CA LEU L 522 15.25 -15.50 48.98
C LEU L 522 13.93 -15.99 48.38
N SER L 523 13.93 -16.29 47.08
CA SER L 523 12.71 -16.75 46.43
C SER L 523 12.22 -18.07 47.03
N LEU L 524 13.14 -19.03 47.17
CA LEU L 524 12.78 -20.31 47.79
C LEU L 524 12.21 -20.10 49.18
N LEU L 525 12.84 -19.24 49.98
CA LEU L 525 12.36 -19.02 51.35
C LEU L 525 10.96 -18.39 51.35
N LYS L 526 10.72 -17.40 50.48
CA LYS L 526 9.41 -16.78 50.40
C LYS L 526 8.34 -17.82 50.13
N THR L 527 8.56 -18.69 49.14
CA THR L 527 7.57 -19.72 48.87
C THR L 527 7.44 -20.68 50.05
N SER L 528 8.58 -21.11 50.61
CA SER L 528 8.57 -22.18 51.62
C SER L 528 7.86 -21.75 52.91
N CYS L 529 7.89 -20.46 53.24
CA CYS L 529 7.35 -20.04 54.55
C CYS L 529 5.83 -20.11 54.62
N GLU L 530 5.13 -20.03 53.48
CA GLU L 530 3.68 -19.84 53.41
C GLU L 530 2.88 -20.84 54.22
N PRO L 531 3.15 -22.16 54.11
CA PRO L 531 2.44 -23.13 54.97
C PRO L 531 2.44 -22.77 56.45
N TYR L 532 3.59 -22.37 56.98
CA TYR L 532 3.65 -22.02 58.40
C TYR L 532 2.87 -20.76 58.70
N THR L 533 2.86 -19.80 57.76
CA THR L 533 2.03 -18.62 57.95
C THR L 533 0.56 -19.01 58.06
N ARG L 534 0.13 -19.96 57.22
CA ARG L 534 -1.28 -20.32 57.23
C ARG L 534 -1.61 -21.13 58.49
N PHE L 535 -0.71 -22.02 58.91
CA PHE L 535 -0.88 -22.69 60.21
C PHE L 535 -1.04 -21.67 61.33
N ILE L 536 -0.17 -20.65 61.32
CA ILE L 536 -0.24 -19.57 62.30
C ILE L 536 -1.62 -18.93 62.26
N HIS L 537 -2.08 -18.57 61.05
CA HIS L 537 -3.37 -17.92 60.90
C HIS L 537 -4.49 -18.77 61.48
N ASP L 538 -4.50 -20.07 61.15
CA ASP L 538 -5.59 -20.92 61.57
C ASP L 538 -5.66 -21.07 63.07
N TRP L 539 -4.52 -21.14 63.76
CA TRP L 539 -4.55 -21.28 65.21
C TRP L 539 -4.24 -19.93 65.89
N VAL L 540 -4.40 -18.80 65.17
CA VAL L 540 -4.31 -17.47 65.78
C VAL L 540 -5.66 -16.76 65.68
N TYR L 541 -6.08 -16.42 64.46
CA TYR L 541 -7.40 -15.77 64.32
C TYR L 541 -8.51 -16.74 64.66
N SER L 542 -8.38 -17.98 64.24
CA SER L 542 -9.23 -19.07 64.70
C SER L 542 -8.46 -19.91 65.71
N GLY L 543 -9.21 -20.75 66.42
CA GLY L 543 -8.65 -21.75 67.30
C GLY L 543 -8.56 -23.12 66.70
N VAL L 544 -8.88 -23.27 65.41
CA VAL L 544 -8.93 -24.59 64.80
C VAL L 544 -7.53 -25.17 64.74
N PHE L 545 -7.42 -26.43 65.17
CA PHE L 545 -6.16 -27.18 65.20
C PHE L 545 -6.16 -28.13 63.99
N ARG L 546 -5.17 -27.98 63.13
CA ARG L 546 -5.10 -28.76 61.89
C ARG L 546 -3.65 -29.09 61.56
N ASP L 547 -3.38 -30.37 61.32
CA ASP L 547 -2.08 -30.83 60.84
C ASP L 547 -2.22 -32.28 60.37
N ALA L 548 -1.26 -32.70 59.55
CA ALA L 548 -1.22 -34.06 59.02
C ALA L 548 -0.01 -34.84 59.52
N TYR L 549 1.21 -34.33 59.31
CA TYR L 549 2.43 -35.00 59.77
C TYR L 549 2.95 -34.44 61.08
N GLY L 550 2.31 -33.43 61.66
CA GLY L 550 2.80 -32.85 62.89
C GLY L 550 4.18 -32.24 62.78
N GLU L 551 4.51 -31.67 61.62
CA GLU L 551 5.74 -30.89 61.50
C GLU L 551 5.60 -29.54 62.20
N PHE L 552 4.37 -29.01 62.27
CA PHE L 552 4.13 -27.81 63.03
C PHE L 552 4.53 -28.05 64.47
N MET L 553 5.27 -27.12 65.05
CA MET L 553 5.78 -27.29 66.41
C MET L 553 4.65 -27.53 67.41
N ILE L 554 3.73 -26.57 67.50
CA ILE L 554 2.63 -26.66 68.46
C ILE L 554 1.87 -27.95 68.13
N GLN L 555 1.87 -28.91 69.06
CA GLN L 555 1.24 -30.20 68.84
C GLN L 555 -0.09 -30.28 69.57
N VAL L 556 -1.08 -30.82 68.88
CA VAL L 556 -2.42 -31.03 69.43
C VAL L 556 -2.66 -32.54 69.46
N ASN L 557 -3.38 -32.98 70.48
CA ASN L 557 -3.66 -34.39 70.68
C ASN L 557 -5.15 -34.61 70.91
N HIS L 558 -5.51 -35.88 71.05
CA HIS L 558 -6.88 -36.26 71.37
C HIS L 558 -7.19 -36.14 72.85
N GLU L 559 -6.17 -36.00 73.72
CA GLU L 559 -6.47 -35.89 75.14
C GLU L 559 -7.19 -34.57 75.45
N TYR L 560 -7.04 -33.56 74.57
CA TYR L 560 -7.93 -32.39 74.62
C TYR L 560 -9.40 -32.79 74.59
N LEU L 561 -9.75 -33.78 73.78
CA LEU L 561 -11.16 -34.10 73.53
C LEU L 561 -11.87 -34.58 74.79
N SER L 562 -11.13 -35.08 75.79
CA SER L 562 -11.76 -35.49 77.04
C SER L 562 -12.32 -34.31 77.84
N PHE L 563 -11.86 -33.10 77.57
CA PHE L 563 -12.46 -31.87 78.08
C PHE L 563 -12.55 -31.87 79.61
N ARG L 564 -11.35 -31.82 80.22
CA ARG L 564 -11.20 -31.87 81.67
C ARG L 564 -9.98 -31.06 82.13
N ASP L 565 -9.47 -31.29 83.35
CA ASP L 565 -8.29 -30.60 83.89
C ASP L 565 -7.00 -31.39 83.69
N LYS L 566 -6.99 -32.69 83.98
CA LYS L 566 -5.89 -33.54 83.57
C LYS L 566 -5.97 -33.73 82.07
N LEU L 567 -5.07 -34.57 81.56
CA LEU L 567 -4.89 -34.86 80.13
C LEU L 567 -4.24 -33.69 79.40
N TYR L 568 -3.94 -32.58 80.09
CA TYR L 568 -3.25 -31.44 79.50
C TYR L 568 -1.80 -31.38 79.92
N TRP L 569 -1.43 -32.16 80.93
CA TRP L 569 -0.05 -32.56 81.11
C TRP L 569 0.41 -33.44 79.94
N THR L 570 -0.54 -34.16 79.30
CA THR L 570 -0.23 -34.92 78.08
C THR L 570 -0.37 -34.06 76.83
N HIS L 571 -1.45 -33.28 76.72
CA HIS L 571 -1.61 -32.31 75.64
C HIS L 571 -0.74 -31.11 76.07
N GLY L 572 -0.79 -29.95 75.41
CA GLY L 572 0.21 -28.92 75.57
C GLY L 572 0.84 -28.62 74.23
N TYR L 573 2.17 -28.65 74.14
CA TYR L 573 2.82 -28.33 72.88
C TYR L 573 4.26 -28.80 73.00
N VAL L 574 4.92 -29.00 71.86
CA VAL L 574 6.33 -29.40 71.91
C VAL L 574 7.02 -28.17 72.46
N LEU L 575 8.21 -28.31 73.04
CA LEU L 575 8.83 -27.21 73.74
C LEU L 575 9.01 -26.01 72.79
N ILE L 576 9.24 -24.83 73.39
CA ILE L 576 9.44 -23.55 72.70
C ILE L 576 10.34 -23.76 71.49
N SER L 577 11.37 -24.60 71.65
CA SER L 577 12.12 -25.19 70.56
C SER L 577 11.57 -26.57 70.24
N LYS L 578 11.44 -26.89 68.95
CA LYS L 578 11.15 -28.28 68.57
C LYS L 578 12.27 -29.16 69.12
N GLU L 579 11.96 -29.96 70.14
CA GLU L 579 13.01 -30.59 70.95
C GLU L 579 13.93 -29.47 71.44
N VAL L 580 15.18 -29.40 70.96
CA VAL L 580 16.04 -28.24 71.17
C VAL L 580 16.18 -27.40 69.91
N GLU L 581 15.59 -27.81 68.79
CA GLU L 581 15.73 -27.13 67.50
C GLU L 581 14.66 -26.05 67.37
N ASP L 582 14.99 -24.84 67.84
CA ASP L 582 14.11 -23.69 67.66
C ASP L 582 14.26 -23.11 66.26
N CYS L 583 13.14 -22.64 65.70
CA CYS L 583 13.15 -21.87 64.47
C CYS L 583 13.23 -20.39 64.86
N VAL L 584 14.46 -19.94 65.09
CA VAL L 584 14.70 -18.50 65.23
C VAL L 584 14.23 -17.74 64.01
N PRO L 585 14.31 -18.27 62.78
CA PRO L 585 13.72 -17.55 61.63
C PRO L 585 12.26 -17.16 61.78
N VAL L 586 11.39 -18.07 62.21
CA VAL L 586 9.94 -17.82 62.18
C VAL L 586 9.51 -17.39 63.56
N PHE L 587 9.82 -18.19 64.57
CA PHE L 587 9.40 -17.89 65.94
C PHE L 587 10.25 -16.80 66.59
N LEU L 588 11.54 -16.73 66.26
CA LEU L 588 12.54 -15.86 66.90
C LEU L 588 12.77 -16.22 68.37
N LYS L 589 12.15 -17.30 68.86
CA LYS L 589 11.94 -17.61 70.29
C LYS L 589 10.98 -16.63 70.96
N HIS L 590 10.47 -15.63 70.23
CA HIS L 590 9.61 -14.62 70.82
C HIS L 590 8.15 -15.04 70.74
N ILE L 591 7.67 -15.34 69.53
CA ILE L 591 6.29 -15.74 69.34
C ILE L 591 6.11 -17.25 69.54
N ALA L 592 7.20 -17.96 69.85
CA ALA L 592 7.11 -19.39 70.16
C ALA L 592 6.13 -19.65 71.30
N HIS L 593 6.22 -18.86 72.36
CA HIS L 593 5.28 -18.99 73.48
C HIS L 593 3.98 -18.27 73.21
N ASP L 594 4.04 -17.10 72.56
CA ASP L 594 2.85 -16.28 72.38
C ASP L 594 1.83 -16.95 71.47
N ILE L 595 2.31 -17.62 70.41
CA ILE L 595 1.40 -18.36 69.52
C ILE L 595 0.64 -19.41 70.31
N TYR L 596 1.34 -20.15 71.16
CA TYR L 596 0.69 -21.13 72.03
C TYR L 596 -0.34 -20.48 72.94
N VAL L 597 0.04 -19.38 73.58
CA VAL L 597 -0.84 -18.73 74.55
C VAL L 597 -2.12 -18.27 73.88
N CYS L 598 -2.00 -17.50 72.79
CA CYS L 598 -3.19 -17.02 72.09
C CYS L 598 -4.00 -18.18 71.52
N GLY L 599 -3.33 -19.23 71.02
CA GLY L 599 -4.07 -20.36 70.50
C GLY L 599 -4.93 -21.05 71.55
N LYS L 600 -4.33 -21.34 72.71
CA LYS L 600 -5.13 -21.97 73.76
C LYS L 600 -6.20 -21.03 74.26
N THR L 601 -5.92 -19.73 74.28
CA THR L 601 -6.93 -18.75 74.70
C THR L 601 -8.13 -18.70 73.79
N ILE L 602 -7.89 -18.54 72.49
CA ILE L 602 -8.99 -18.42 71.56
C ILE L 602 -9.78 -19.72 71.55
N ASN L 603 -9.08 -20.87 71.55
CA ASN L 603 -9.75 -22.15 71.59
C ASN L 603 -10.57 -22.30 72.87
N LEU L 604 -10.09 -21.76 73.99
CA LEU L 604 -10.80 -21.86 75.27
C LEU L 604 -12.07 -21.01 75.32
N LEU L 605 -11.95 -19.71 75.09
CA LEU L 605 -13.13 -18.86 75.20
C LEU L 605 -14.17 -19.28 74.17
N LYS L 606 -13.70 -19.56 72.96
CA LYS L 606 -14.55 -20.06 71.91
C LYS L 606 -15.24 -21.37 72.31
N LEU L 607 -14.52 -22.26 73.00
CA LEU L 607 -15.12 -23.49 73.52
C LEU L 607 -16.22 -23.17 74.53
N CYS L 608 -15.98 -22.20 75.41
CA CYS L 608 -16.99 -21.81 76.38
C CYS L 608 -18.29 -21.43 75.70
N CYS L 609 -18.25 -20.34 74.91
CA CYS L 609 -19.48 -19.91 74.27
C CYS L 609 -19.22 -18.77 73.30
N PRO L 610 -20.09 -18.53 72.31
CA PRO L 610 -19.92 -17.31 71.52
C PRO L 610 -20.13 -16.06 72.37
N ARG L 611 -19.14 -15.18 72.37
CA ARG L 611 -19.15 -13.94 73.11
C ARG L 611 -19.18 -12.78 72.13
N HIS L 612 -19.51 -11.60 72.64
CA HIS L 612 -19.68 -10.42 71.79
C HIS L 612 -18.43 -10.10 70.99
N TYR L 613 -17.25 -10.22 71.60
CA TYR L 613 -16.04 -9.79 70.89
C TYR L 613 -15.66 -10.74 69.75
N LEU L 614 -15.77 -12.07 69.94
CA LEU L 614 -15.38 -13.04 68.90
C LEU L 614 -16.54 -13.84 68.34
N CYS L 615 -17.26 -14.60 69.15
CA CYS L 615 -18.33 -15.50 68.69
C CYS L 615 -17.90 -16.31 67.47
N TRP L 616 -16.94 -17.20 67.69
CA TRP L 616 -16.31 -17.97 66.60
C TRP L 616 -15.69 -16.96 65.62
N SER L 617 -15.98 -17.03 64.32
CA SER L 617 -15.41 -16.14 63.32
C SER L 617 -16.21 -14.85 63.13
N ASP L 618 -17.07 -14.49 64.07
CA ASP L 618 -17.91 -13.31 63.89
C ASP L 618 -17.10 -12.02 63.92
N VAL L 619 -15.83 -12.07 64.32
CA VAL L 619 -14.94 -10.91 64.33
C VAL L 619 -14.92 -10.30 62.93
N PRO L 620 -15.08 -8.98 62.77
CA PRO L 620 -15.26 -8.42 61.42
C PRO L 620 -13.94 -8.19 60.69
N VAL L 621 -13.83 -8.77 59.50
CA VAL L 621 -12.76 -8.59 58.51
C VAL L 621 -11.38 -8.46 59.16
N PRO L 622 -10.89 -9.50 59.83
CA PRO L 622 -9.48 -9.50 60.24
C PRO L 622 -8.61 -9.80 59.03
N ARG L 623 -7.70 -8.89 58.70
CA ARG L 623 -6.78 -9.13 57.59
C ARG L 623 -5.94 -10.36 57.90
N ILE L 624 -5.95 -11.32 56.97
CA ILE L 624 -5.31 -12.60 57.21
C ILE L 624 -3.81 -12.42 57.44
N SER L 625 -3.19 -11.48 56.71
CA SER L 625 -1.81 -11.06 56.90
C SER L 625 -0.86 -12.27 56.90
N VAL L 626 -0.15 -12.52 58.01
CA VAL L 626 0.79 -13.64 58.18
C VAL L 626 1.67 -13.88 56.96
N GLU L 1476 18.50 -4.21 47.24
CA GLU L 1476 19.79 -4.87 47.34
C GLU L 1476 19.52 -6.37 47.47
N LEU L 1477 18.35 -6.79 46.97
CA LEU L 1477 17.63 -8.06 47.22
C LEU L 1477 16.94 -8.08 48.58
N LEU L 1478 17.43 -7.25 49.50
CA LEU L 1478 16.74 -6.80 50.71
C LEU L 1478 17.57 -5.62 51.16
N THR L 1479 17.05 -4.40 51.01
CA THR L 1479 17.80 -3.22 51.39
C THR L 1479 18.21 -3.29 52.86
N LEU L 1480 17.34 -3.87 53.69
CA LEU L 1480 17.62 -4.14 55.09
C LEU L 1480 18.16 -5.55 55.24
N PRO L 1481 18.77 -5.89 56.37
CA PRO L 1481 19.21 -7.28 56.57
C PRO L 1481 18.06 -8.27 56.58
N VAL L 1482 18.41 -9.54 56.38
CA VAL L 1482 17.41 -10.59 56.20
C VAL L 1482 16.60 -10.78 57.47
N LEU L 1483 17.19 -10.49 58.64
CA LEU L 1483 16.49 -10.67 59.90
C LEU L 1483 15.28 -9.76 60.03
N MET L 1484 15.18 -8.69 59.23
CA MET L 1484 14.02 -7.81 59.31
C MET L 1484 12.74 -8.48 58.83
N LYS L 1485 12.80 -9.66 58.21
CA LYS L 1485 11.58 -10.33 57.76
C LYS L 1485 10.60 -10.59 58.91
N ARG L 1486 11.07 -10.50 60.15
CA ARG L 1486 10.19 -10.46 61.32
C ARG L 1486 9.17 -9.34 61.25
N SER L 1487 9.47 -8.26 60.53
CA SER L 1487 8.50 -7.16 60.40
C SER L 1487 7.23 -7.65 59.72
N ILE L 1488 7.36 -8.55 58.75
CA ILE L 1488 6.18 -9.08 58.06
C ILE L 1488 5.33 -9.90 59.02
N THR L 1489 5.95 -10.61 59.96
CA THR L 1489 5.25 -11.42 60.94
C THR L 1489 4.85 -10.65 62.19
N ALA L 1490 5.27 -9.38 62.29
CA ALA L 1490 4.86 -8.55 63.43
C ALA L 1490 3.36 -8.48 63.69
N PRO L 1491 2.44 -8.35 62.68
CA PRO L 1491 1.02 -8.07 62.98
C PRO L 1491 0.31 -9.04 63.91
N LEU L 1492 0.86 -10.25 64.09
CA LEU L 1492 0.33 -11.23 65.03
C LEU L 1492 0.13 -10.65 66.43
N ALA L 1493 1.04 -9.75 66.84
CA ALA L 1493 0.92 -9.10 68.14
C ALA L 1493 -0.42 -8.42 68.33
N ALA L 1494 -0.98 -7.86 67.26
CA ALA L 1494 -2.28 -7.21 67.36
C ALA L 1494 -3.35 -8.16 67.87
N HIS L 1495 -3.48 -9.32 67.21
CA HIS L 1495 -4.46 -10.29 67.66
C HIS L 1495 -4.10 -10.83 69.04
N ILE L 1496 -2.81 -10.97 69.34
CA ILE L 1496 -2.41 -11.40 70.68
C ILE L 1496 -2.95 -10.43 71.73
N SER L 1497 -2.73 -9.13 71.52
CA SER L 1497 -3.18 -8.12 72.48
C SER L 1497 -4.69 -8.13 72.60
N LEU L 1498 -5.40 -8.18 71.47
CA LEU L 1498 -6.86 -8.20 71.51
C LEU L 1498 -7.36 -9.44 72.27
N VAL L 1499 -6.70 -10.57 72.07
CA VAL L 1499 -7.02 -11.79 72.81
C VAL L 1499 -6.82 -11.58 74.31
N ASN L 1500 -5.66 -11.04 74.71
CA ASN L 1500 -5.36 -10.92 76.14
C ASN L 1500 -6.28 -9.89 76.82
N LYS L 1501 -6.80 -8.92 76.08
CA LYS L 1501 -7.73 -7.96 76.69
C LYS L 1501 -9.17 -8.47 76.71
N ALA L 1502 -9.58 -9.20 75.68
CA ALA L 1502 -11.00 -9.48 75.39
C ALA L 1502 -11.83 -9.96 76.58
N ASP L 1505 -8.32 -12.12 80.84
CA ASP L 1505 -9.60 -11.59 80.39
C ASP L 1505 -10.66 -12.71 80.28
N TYR L 1506 -10.37 -13.72 79.47
CA TYR L 1506 -11.11 -14.98 79.49
C TYR L 1506 -11.20 -15.59 80.90
N PHE L 1507 -10.07 -15.79 81.56
CA PHE L 1507 -10.09 -16.16 82.98
C PHE L 1507 -10.68 -15.05 83.85
N PHE L 1508 -10.33 -13.79 83.58
CA PHE L 1508 -10.56 -12.79 84.61
C PHE L 1508 -11.96 -12.20 84.52
N VAL L 1509 -12.32 -11.59 83.39
CA VAL L 1509 -13.59 -10.87 83.32
C VAL L 1509 -14.70 -11.76 82.76
N GLU L 1510 -14.39 -12.54 81.71
CA GLU L 1510 -15.37 -13.43 81.12
C GLU L 1510 -15.83 -14.49 82.12
N LEU L 1511 -14.89 -15.20 82.75
CA LEU L 1511 -15.22 -16.33 83.62
C LEU L 1511 -15.40 -15.95 85.08
N HIS L 1512 -15.11 -14.71 85.46
CA HIS L 1512 -15.14 -14.31 86.87
C HIS L 1512 -14.29 -15.24 87.73
N LEU L 1513 -13.01 -15.35 87.36
CA LEU L 1513 -12.09 -16.18 88.13
C LEU L 1513 -11.90 -15.66 89.54
N GLU L 1514 -11.83 -14.33 89.71
CA GLU L 1514 -11.66 -13.78 91.06
C GLU L 1514 -12.82 -14.19 91.94
N ALA L 1515 -14.03 -14.24 91.37
CA ALA L 1515 -15.19 -14.69 92.14
C ALA L 1515 -15.03 -16.15 92.57
N HIS L 1516 -14.42 -16.99 91.74
CA HIS L 1516 -14.23 -18.40 92.11
C HIS L 1516 -13.15 -18.57 93.17
N TYR L 1517 -12.01 -17.89 93.01
CA TYR L 1517 -11.03 -17.84 94.10
C TYR L 1517 -11.71 -17.38 95.39
N GLU L 1518 -12.55 -16.34 95.29
CA GLU L 1518 -13.24 -15.78 96.44
C GLU L 1518 -14.22 -16.77 97.07
N ALA L 1519 -15.03 -17.44 96.27
CA ALA L 1519 -16.00 -18.39 96.82
C ALA L 1519 -15.31 -19.58 97.45
N LEU L 1520 -14.27 -20.09 96.79
CA LEU L 1520 -13.46 -21.16 97.34
C LEU L 1520 -12.80 -20.73 98.65
N ARG L 1521 -12.38 -19.47 98.72
CA ARG L 1521 -11.82 -18.90 99.95
C ARG L 1521 -12.93 -18.87 101.00
N HIS L 1522 -14.16 -18.48 100.61
CA HIS L 1522 -15.27 -18.37 101.54
C HIS L 1522 -15.61 -19.71 102.19
N PHE L 1523 -15.72 -20.75 101.37
CA PHE L 1523 -16.29 -22.02 101.83
C PHE L 1523 -15.22 -23.02 102.27
N LEU L 1524 -14.19 -23.26 101.43
CA LEU L 1524 -13.22 -24.29 101.80
C LEU L 1524 -12.28 -23.75 102.88
N LEU L 1525 -11.76 -22.54 102.68
CA LEU L 1525 -10.89 -21.90 103.67
C LEU L 1525 -11.70 -21.13 104.72
N MET L 1526 -13.03 -21.14 104.61
CA MET L 1526 -13.92 -20.75 105.69
C MET L 1526 -13.80 -19.27 106.04
N GLU L 1527 -13.99 -18.37 105.06
CA GLU L 1527 -13.98 -16.95 105.39
C GLU L 1527 -15.33 -16.54 105.95
N ASP L 1528 -16.42 -16.89 105.26
CA ASP L 1528 -17.75 -16.65 105.79
C ASP L 1528 -17.92 -17.43 107.08
N GLY L 1529 -18.09 -16.70 108.18
CA GLY L 1529 -18.11 -17.33 109.49
C GLY L 1529 -19.31 -18.25 109.69
N GLU L 1530 -20.48 -17.82 109.23
CA GLU L 1530 -21.71 -18.55 109.50
C GLU L 1530 -21.69 -19.94 108.86
N PHE L 1531 -21.24 -20.04 107.60
CA PHE L 1531 -21.14 -21.34 106.95
C PHE L 1531 -20.23 -22.28 107.74
N ALA L 1532 -19.05 -21.78 108.11
CA ALA L 1532 -18.10 -22.60 108.83
C ALA L 1532 -18.68 -23.07 110.15
N GLN L 1533 -19.29 -22.15 110.91
CA GLN L 1533 -19.79 -22.51 112.23
C GLN L 1533 -20.94 -23.51 112.11
N SER L 1534 -21.84 -23.33 111.14
CA SER L 1534 -22.99 -24.24 111.06
C SER L 1534 -22.58 -25.62 110.58
N LEU L 1535 -21.76 -25.67 109.51
CA LEU L 1535 -21.29 -26.95 108.99
C LEU L 1535 -20.53 -27.70 110.05
N SER L 1536 -19.66 -27.01 110.79
CA SER L 1536 -18.95 -27.65 111.87
C SER L 1536 -19.91 -28.07 112.99
N ASP L 1537 -20.91 -27.23 113.28
CA ASP L 1537 -21.76 -27.42 114.45
C ASP L 1537 -22.61 -28.68 114.34
N LEU L 1538 -23.32 -28.85 113.22
CA LEU L 1538 -24.15 -30.05 113.08
C LEU L 1538 -23.31 -31.32 113.17
N LEU L 1539 -22.20 -31.34 112.41
CA LEU L 1539 -21.30 -32.48 112.41
C LEU L 1539 -20.78 -32.76 113.81
N PHE L 1540 -20.43 -31.71 114.56
CA PHE L 1540 -19.92 -31.89 115.92
C PHE L 1540 -20.99 -32.46 116.84
N GLU L 1541 -22.23 -31.96 116.74
CA GLU L 1541 -23.30 -32.50 117.59
C GLU L 1541 -23.44 -33.99 117.38
N LYS L 1542 -23.49 -34.42 116.13
CA LYS L 1542 -23.56 -35.86 115.87
C LYS L 1542 -22.28 -36.58 116.31
N LEU L 1543 -21.13 -35.94 116.09
CA LEU L 1543 -19.84 -36.56 116.36
C LEU L 1543 -19.68 -36.90 117.83
N GLY L 1544 -19.89 -35.91 118.72
CA GLY L 1544 -19.75 -36.16 120.13
C GLY L 1544 -20.84 -37.07 120.68
N ALA L 1545 -22.08 -36.86 120.24
CA ALA L 1545 -23.22 -37.56 120.82
C ALA L 1545 -23.14 -39.08 120.60
N GLY L 1546 -22.76 -39.48 119.39
CA GLY L 1546 -22.75 -40.90 119.07
C GLY L 1546 -22.53 -41.11 117.58
N GLN L 1547 -23.10 -42.20 117.07
CA GLN L 1547 -22.90 -42.64 115.69
C GLN L 1547 -21.42 -42.84 115.35
N THR L 1548 -20.60 -43.13 116.37
CA THR L 1548 -19.15 -43.17 116.18
C THR L 1548 -18.66 -44.18 115.16
N PRO L 1549 -19.16 -45.45 115.06
CA PRO L 1549 -18.58 -46.36 114.07
C PRO L 1549 -19.01 -46.02 112.65
N GLY L 1550 -18.60 -44.85 112.17
CA GLY L 1550 -18.89 -44.44 110.81
C GLY L 1550 -20.36 -44.41 110.42
N GLU L 1551 -21.26 -44.25 111.40
CA GLU L 1551 -22.67 -44.00 111.08
C GLU L 1551 -22.92 -42.52 110.81
N LEU L 1552 -22.01 -41.66 111.23
CA LEU L 1552 -21.96 -40.26 110.82
C LEU L 1552 -21.35 -40.07 109.44
N LEU L 1553 -20.76 -41.11 108.86
CA LEU L 1553 -20.17 -41.04 107.54
C LEU L 1553 -21.11 -41.48 106.43
N ASN L 1554 -22.39 -41.64 106.74
CA ASN L 1554 -23.32 -42.09 105.71
C ASN L 1554 -23.41 -41.00 104.63
N PRO L 1555 -23.43 -41.35 103.35
CA PRO L 1555 -23.58 -40.31 102.32
C PRO L 1555 -24.79 -39.42 102.51
N LEU L 1556 -25.91 -39.94 103.00
CA LEU L 1556 -27.11 -39.12 103.10
C LEU L 1556 -26.88 -38.00 104.11
N VAL L 1557 -26.31 -38.35 105.28
CA VAL L 1557 -26.12 -37.35 106.32
C VAL L 1557 -25.03 -36.35 105.91
N LEU L 1558 -23.96 -36.83 105.28
CA LEU L 1558 -22.92 -35.90 104.82
C LEU L 1558 -23.49 -34.88 103.82
N ASN L 1559 -24.21 -35.36 102.81
CA ASN L 1559 -24.78 -34.45 101.82
C ASN L 1559 -25.82 -33.52 102.46
N SER L 1560 -26.63 -34.06 103.38
CA SER L 1560 -27.67 -33.27 104.01
C SER L 1560 -27.07 -32.12 104.83
N VAL L 1561 -26.04 -32.41 105.63
CA VAL L 1561 -25.46 -31.35 106.44
C VAL L 1561 -24.77 -30.33 105.55
N LEU L 1562 -24.14 -30.78 104.46
CA LEU L 1562 -23.56 -29.81 103.52
C LEU L 1562 -24.63 -28.88 102.96
N SER L 1563 -25.72 -29.45 102.44
CA SER L 1563 -26.77 -28.60 101.87
C SER L 1563 -27.36 -27.68 102.91
N LYS L 1564 -27.59 -28.18 104.12
CA LYS L 1564 -28.14 -27.37 105.19
C LYS L 1564 -27.22 -26.19 105.51
N ALA L 1565 -25.92 -26.46 105.62
CA ALA L 1565 -24.96 -25.40 105.94
C ALA L 1565 -24.90 -24.37 104.81
N LEU L 1566 -24.86 -24.83 103.56
CA LEU L 1566 -24.83 -23.90 102.43
C LEU L 1566 -26.07 -23.00 102.42
N GLN L 1567 -27.24 -23.60 102.68
CA GLN L 1567 -28.47 -22.81 102.69
C GLN L 1567 -28.48 -21.82 103.85
N CYS L 1568 -28.05 -22.25 105.04
CA CYS L 1568 -28.13 -21.43 106.24
C CYS L 1568 -26.92 -20.53 106.46
N SER L 1569 -25.95 -20.52 105.54
CA SER L 1569 -24.83 -19.59 105.65
C SER L 1569 -25.30 -18.15 105.69
N LEU L 1570 -26.26 -17.79 104.83
CA LEU L 1570 -26.84 -16.45 104.71
C LEU L 1570 -25.89 -15.46 104.05
N HIS L 1571 -24.65 -15.85 103.75
CA HIS L 1571 -23.81 -14.98 102.93
C HIS L 1571 -24.37 -14.86 101.52
N GLY L 1572 -25.08 -15.88 101.06
CA GLY L 1572 -25.82 -15.83 99.81
C GLY L 1572 -25.85 -17.18 99.15
N ASP L 1573 -26.87 -17.39 98.32
CA ASP L 1573 -27.00 -18.54 97.44
C ASP L 1573 -26.71 -18.06 96.04
N THR L 1574 -25.70 -18.65 95.40
CA THR L 1574 -25.16 -18.17 94.15
C THR L 1574 -24.89 -19.35 93.23
N PRO L 1575 -24.69 -19.11 91.93
CA PRO L 1575 -24.13 -20.17 91.08
C PRO L 1575 -22.77 -20.65 91.57
N HIS L 1576 -22.02 -19.77 92.24
CA HIS L 1576 -20.73 -20.15 92.79
C HIS L 1576 -20.88 -21.21 93.87
N ALA L 1577 -22.02 -21.23 94.56
CA ALA L 1577 -22.30 -22.27 95.55
C ALA L 1577 -22.38 -23.65 94.91
N SER L 1578 -22.55 -23.72 93.59
CA SER L 1578 -22.38 -24.99 92.91
C SER L 1578 -20.93 -25.44 93.02
N ASN L 1579 -20.71 -26.74 92.76
CA ASN L 1579 -19.42 -27.44 92.75
C ASN L 1579 -18.93 -27.76 94.17
N LEU L 1580 -19.60 -27.28 95.21
CA LEU L 1580 -19.23 -27.64 96.58
C LEU L 1580 -19.67 -29.06 96.86
N SER L 1581 -18.76 -29.90 97.36
CA SER L 1581 -19.10 -31.27 97.70
C SER L 1581 -18.43 -31.64 99.01
N LEU L 1582 -19.15 -32.42 99.83
CA LEU L 1582 -18.64 -32.97 101.07
C LEU L 1582 -18.33 -34.44 100.84
N ALA L 1583 -17.12 -34.88 101.17
CA ALA L 1583 -16.70 -36.24 100.87
C ALA L 1583 -15.72 -36.68 101.95
N LEU L 1584 -15.19 -37.89 101.79
CA LEU L 1584 -14.24 -38.47 102.72
C LEU L 1584 -13.18 -39.25 101.94
N LYS L 1585 -11.98 -39.33 102.52
CA LYS L 1585 -10.88 -40.06 101.87
C LYS L 1585 -10.45 -41.31 102.62
N TYR L 1586 -9.91 -41.17 103.83
CA TYR L 1586 -9.63 -42.34 104.66
C TYR L 1586 -10.90 -42.73 105.39
N LEU L 1587 -11.08 -44.04 105.62
CA LEU L 1587 -12.28 -44.53 106.28
C LEU L 1587 -11.98 -44.79 107.75
N PRO L 1588 -12.54 -44.01 108.69
CA PRO L 1588 -12.34 -44.34 110.11
C PRO L 1588 -13.00 -45.65 110.50
N GLU L 1589 -12.23 -46.51 111.17
CA GLU L 1589 -12.80 -47.72 111.75
C GLU L 1589 -13.80 -47.37 112.85
N VAL L 1590 -13.46 -46.42 113.71
CA VAL L 1590 -14.39 -45.88 114.69
C VAL L 1590 -13.79 -44.58 115.22
N PHE L 1591 -14.65 -43.67 115.64
CA PHE L 1591 -14.20 -42.42 116.22
C PHE L 1591 -13.68 -42.66 117.64
N ALA L 1592 -12.59 -41.97 117.96
CA ALA L 1592 -11.74 -42.26 119.12
C ALA L 1592 -12.35 -41.65 120.37
N PRO L 1593 -11.84 -41.94 121.58
CA PRO L 1593 -12.39 -41.28 122.77
C PRO L 1593 -12.27 -39.77 122.71
N ASN L 1594 -13.32 -39.11 123.18
CA ASN L 1594 -13.59 -37.68 123.10
C ASN L 1594 -14.01 -37.26 121.69
N ALA L 1595 -14.20 -38.20 120.76
CA ALA L 1595 -14.51 -37.91 119.36
C ALA L 1595 -13.58 -36.86 118.79
N PRO L 1596 -12.25 -37.05 118.87
CA PRO L 1596 -11.34 -35.93 118.53
C PRO L 1596 -11.37 -35.53 117.07
N ASP L 1597 -11.41 -36.51 116.16
CA ASP L 1597 -11.30 -36.27 114.73
C ASP L 1597 -10.05 -35.42 114.43
N VAL L 1598 -8.93 -35.78 115.07
CA VAL L 1598 -7.68 -35.05 114.89
C VAL L 1598 -7.20 -35.15 113.45
N LEU L 1599 -7.47 -36.27 112.78
CA LEU L 1599 -7.10 -36.47 111.38
C LEU L 1599 -8.25 -37.02 110.56
N SER L 1600 -9.50 -36.82 110.99
CA SER L 1600 -10.67 -37.19 110.23
C SER L 1600 -10.58 -36.66 108.80
N CYS L 1601 -10.52 -37.57 107.84
CA CYS L 1601 -10.33 -37.21 106.44
C CYS L 1601 -11.70 -36.95 105.80
N LEU L 1602 -12.26 -35.79 106.14
CA LEU L 1602 -13.47 -35.24 105.52
C LEU L 1602 -12.99 -34.15 104.56
N GLU L 1603 -13.02 -34.47 103.26
CA GLU L 1603 -12.47 -33.60 102.23
C GLU L 1603 -13.59 -32.83 101.56
N LEU L 1604 -13.46 -31.50 101.53
CA LEU L 1604 -14.32 -30.67 100.69
C LEU L 1604 -13.78 -30.68 99.28
N ARG L 1605 -14.60 -31.13 98.33
CA ARG L 1605 -14.20 -31.31 96.94
C ARG L 1605 -14.84 -30.23 96.08
N TYR L 1606 -14.05 -29.67 95.17
CA TYR L 1606 -14.48 -28.58 94.30
C TYR L 1606 -14.18 -28.93 92.86
N LYS L 1607 -15.24 -29.07 92.04
CA LYS L 1607 -15.03 -29.30 90.61
C LYS L 1607 -14.62 -28.00 89.94
N VAL L 1608 -13.81 -28.13 88.90
CA VAL L 1608 -13.24 -27.00 88.16
C VAL L 1608 -13.44 -27.20 86.65
N ASP L 1609 -13.99 -26.18 85.99
CA ASP L 1609 -14.25 -26.23 84.56
C ASP L 1609 -12.94 -25.97 83.80
N TRP L 1610 -12.88 -26.41 82.53
CA TRP L 1610 -11.65 -26.32 81.73
C TRP L 1610 -11.06 -24.92 81.75
N PRO L 1611 -11.84 -23.84 81.61
CA PRO L 1611 -11.33 -22.51 82.00
C PRO L 1611 -10.71 -22.43 83.39
N LEU L 1612 -11.38 -22.98 84.40
CA LEU L 1612 -10.87 -22.95 85.81
C LEU L 1612 -9.92 -24.13 86.05
N ASN L 1613 -9.42 -24.78 85.00
CA ASN L 1613 -8.57 -25.99 85.15
C ASN L 1613 -7.09 -25.65 84.95
N ILE L 1614 -6.75 -24.77 84.01
CA ILE L 1614 -5.34 -24.31 83.83
C ILE L 1614 -5.06 -23.37 85.01
N VAL L 1615 -6.13 -22.82 85.60
CA VAL L 1615 -6.02 -21.90 86.75
C VAL L 1615 -5.84 -22.75 88.01
N ILE L 1616 -6.78 -23.66 88.27
CA ILE L 1616 -6.73 -24.53 89.49
C ILE L 1616 -6.22 -25.92 89.13
N THR L 1617 -5.20 -26.44 89.84
CA THR L 1617 -4.67 -27.78 89.63
C THR L 1617 -4.94 -28.61 90.89
N GLU L 1618 -4.92 -29.94 90.72
CA GLU L 1618 -5.34 -30.84 91.81
C GLU L 1618 -4.46 -30.66 93.03
N GLY L 1619 -3.14 -30.54 92.83
CA GLY L 1619 -2.24 -30.31 93.95
C GLY L 1619 -2.61 -29.08 94.74
N CYS L 1620 -3.07 -28.03 94.05
CA CYS L 1620 -3.48 -26.81 94.73
C CYS L 1620 -4.64 -27.05 95.68
N VAL L 1621 -5.62 -27.86 95.26
CA VAL L 1621 -6.75 -28.15 96.15
C VAL L 1621 -6.37 -29.17 97.23
N SER L 1622 -5.42 -30.04 96.94
CA SER L 1622 -4.83 -30.86 97.99
C SER L 1622 -4.23 -29.99 99.08
N LYS L 1623 -3.54 -28.92 98.69
CA LYS L 1623 -3.01 -28.00 99.69
C LYS L 1623 -4.14 -27.22 100.36
N TYR L 1624 -5.18 -26.84 99.60
CA TYR L 1624 -6.32 -26.15 100.20
C TYR L 1624 -6.86 -26.91 101.40
N SER L 1625 -7.05 -28.23 101.24
CA SER L 1625 -7.78 -29.02 102.23
C SER L 1625 -7.14 -28.98 103.62
N GLY L 1626 -5.81 -28.82 103.68
CA GLY L 1626 -5.11 -28.85 104.96
C GLY L 1626 -5.63 -27.83 105.95
N VAL L 1627 -5.82 -26.60 105.49
CA VAL L 1627 -6.29 -25.58 106.42
C VAL L 1627 -7.69 -25.89 106.87
N PHE L 1628 -8.54 -26.44 105.99
CA PHE L 1628 -9.87 -26.84 106.42
C PHE L 1628 -9.77 -27.83 107.57
N SER L 1629 -8.87 -28.79 107.45
CA SER L 1629 -8.67 -29.77 108.53
C SER L 1629 -8.30 -29.07 109.84
N PHE L 1630 -7.26 -28.24 109.79
CA PHE L 1630 -6.73 -27.63 111.01
C PHE L 1630 -7.73 -26.62 111.59
N LEU L 1631 -8.36 -25.82 110.73
CA LEU L 1631 -9.35 -24.88 111.19
C LEU L 1631 -10.51 -25.61 111.83
N LEU L 1632 -10.98 -26.69 111.20
CA LEU L 1632 -12.10 -27.45 111.74
C LEU L 1632 -11.78 -28.00 113.11
N GLN L 1633 -10.57 -28.52 113.31
CA GLN L 1633 -10.26 -29.01 114.65
C GLN L 1633 -10.18 -27.84 115.65
N LEU L 1634 -9.77 -26.66 115.20
CA LEU L 1634 -9.88 -25.49 116.09
C LEU L 1634 -11.34 -25.21 116.44
N LYS L 1635 -12.25 -25.26 115.45
CA LYS L 1635 -13.67 -25.06 115.74
C LYS L 1635 -14.16 -26.13 116.70
N LEU L 1636 -13.68 -27.37 116.52
CA LEU L 1636 -14.05 -28.47 117.41
C LEU L 1636 -13.64 -28.16 118.84
N MET L 1637 -12.43 -27.64 119.02
CA MET L 1637 -12.01 -27.20 120.34
C MET L 1637 -12.93 -26.12 120.88
N MET L 1638 -13.19 -25.09 120.08
CA MET L 1638 -13.98 -23.95 120.54
C MET L 1638 -15.39 -24.41 120.91
N TRP L 1639 -15.92 -25.38 120.16
CA TRP L 1639 -17.26 -25.93 120.40
C TRP L 1639 -17.38 -26.44 121.84
N ALA L 1640 -16.54 -27.40 122.20
CA ALA L 1640 -16.65 -28.04 123.51
C ALA L 1640 -16.48 -27.03 124.64
N LEU L 1641 -15.64 -26.01 124.43
CA LEU L 1641 -15.41 -25.02 125.47
C LEU L 1641 -16.61 -24.07 125.60
N LYS L 1642 -17.18 -23.64 124.47
CA LYS L 1642 -18.47 -22.96 124.51
C LYS L 1642 -19.47 -23.80 125.28
N ASP L 1643 -19.42 -25.11 125.06
CA ASP L 1643 -20.38 -26.01 125.68
C ASP L 1643 -20.12 -26.21 127.17
N VAL L 1644 -18.87 -26.15 127.64
CA VAL L 1644 -18.68 -26.28 129.09
C VAL L 1644 -19.04 -24.98 129.80
N CYS L 1645 -18.79 -23.81 129.19
CA CYS L 1645 -19.37 -22.60 129.78
C CYS L 1645 -20.89 -22.68 129.79
N PHE L 1646 -21.48 -23.13 128.68
CA PHE L 1646 -22.91 -23.37 128.59
C PHE L 1646 -23.36 -24.50 129.52
N HIS L 1647 -22.45 -25.39 129.92
CA HIS L 1647 -22.76 -26.47 130.86
C HIS L 1647 -22.73 -25.98 132.30
N LEU L 1648 -21.77 -25.12 132.63
CA LEU L 1648 -21.75 -24.59 133.97
C LEU L 1648 -22.92 -23.64 134.15
N LYS L 1649 -23.36 -23.00 133.05
CA LYS L 1649 -24.61 -22.25 133.05
C LYS L 1649 -25.84 -23.14 132.90
N ARG L 1650 -25.69 -24.38 132.42
CA ARG L 1650 -26.75 -25.38 132.57
C ARG L 1650 -26.98 -25.65 134.05
N THR L 1651 -25.90 -25.91 134.78
CA THR L 1651 -25.97 -25.86 136.22
C THR L 1651 -26.50 -24.51 136.67
N ALA L 1652 -26.02 -23.43 136.04
CA ALA L 1652 -26.43 -22.05 136.32
C ALA L 1652 -26.10 -21.60 137.73
N LEU L 1653 -25.50 -22.46 138.53
CA LEU L 1653 -25.70 -22.43 139.97
C LEU L 1653 -27.19 -22.25 140.28
N LEU L 1654 -28.02 -23.05 139.57
CA LEU L 1654 -29.47 -22.89 139.60
C LEU L 1654 -30.00 -22.96 141.02
N SER L 1655 -29.36 -23.77 141.86
CA SER L 1655 -29.49 -23.66 143.30
C SER L 1655 -28.65 -22.49 143.79
N HIS L 1656 -29.05 -21.27 143.35
CA HIS L 1656 -28.37 -20.05 143.78
C HIS L 1656 -28.39 -19.92 145.30
N MET L 1657 -29.40 -20.51 145.94
CA MET L 1657 -29.42 -20.73 147.38
C MET L 1657 -28.08 -21.26 147.89
N ALA L 1658 -27.45 -22.15 147.14
CA ALA L 1658 -26.15 -22.73 147.48
C ALA L 1658 -25.09 -22.16 146.56
N GLY L 1659 -24.22 -21.31 147.10
CA GLY L 1659 -23.07 -20.79 146.38
C GLY L 1659 -21.80 -21.54 146.72
N SER L 1660 -21.26 -22.30 145.77
CA SER L 1660 -20.18 -23.24 146.04
C SER L 1660 -18.82 -22.66 145.72
N VAL L 1661 -17.90 -22.76 146.68
CA VAL L 1661 -16.56 -22.22 146.50
C VAL L 1661 -15.84 -22.93 145.35
N GLN L 1662 -15.96 -24.26 145.26
CA GLN L 1662 -15.24 -25.01 144.24
C GLN L 1662 -15.78 -24.68 142.84
N PHE L 1663 -17.09 -24.45 142.73
CA PHE L 1663 -17.70 -23.84 141.55
C PHE L 1663 -16.91 -22.59 141.15
N ARG L 1664 -16.65 -21.71 142.14
CA ARG L 1664 -15.90 -20.49 141.84
C ARG L 1664 -14.52 -20.82 141.26
N GLN L 1665 -13.80 -21.77 141.87
CA GLN L 1665 -12.47 -22.14 141.38
C GLN L 1665 -12.54 -22.68 139.94
N LEU L 1666 -13.51 -23.56 139.71
CA LEU L 1666 -13.55 -24.30 138.47
C LEU L 1666 -13.84 -23.40 137.27
N GLN L 1667 -14.65 -22.36 137.44
CA GLN L 1667 -14.82 -21.47 136.29
C GLN L 1667 -13.51 -20.77 135.93
N LEU L 1668 -12.65 -20.48 136.93
CA LEU L 1668 -11.35 -19.89 136.63
C LEU L 1668 -10.50 -20.87 135.83
N PHE L 1669 -10.51 -22.14 136.25
CA PHE L 1669 -9.78 -23.15 135.49
C PHE L 1669 -10.28 -23.23 134.04
N LYS L 1670 -11.60 -23.11 133.84
CA LYS L 1670 -12.15 -23.07 132.48
C LYS L 1670 -11.63 -21.87 131.69
N HIS L 1671 -11.65 -20.69 132.32
CA HIS L 1671 -11.23 -19.45 131.65
C HIS L 1671 -9.83 -19.57 131.10
N GLU L 1672 -8.94 -20.21 131.86
CA GLU L 1672 -7.56 -20.43 131.43
C GLU L 1672 -7.52 -20.95 129.99
N MET L 1673 -8.08 -22.15 129.80
CA MET L 1673 -7.90 -22.88 128.54
C MET L 1673 -8.74 -22.27 127.43
N GLN L 1674 -9.92 -21.71 127.75
CA GLN L 1674 -10.69 -21.10 126.68
C GLN L 1674 -9.93 -19.90 126.12
N HIS L 1675 -9.27 -19.12 127.00
CA HIS L 1675 -8.47 -18.01 126.47
C HIS L 1675 -7.26 -18.50 125.71
N PHE L 1676 -6.64 -19.61 126.11
CA PHE L 1676 -5.51 -20.14 125.35
C PHE L 1676 -5.94 -20.50 123.93
N VAL L 1677 -7.04 -21.25 123.79
CA VAL L 1677 -7.48 -21.62 122.46
C VAL L 1677 -8.02 -20.44 121.69
N LYS L 1678 -8.46 -19.40 122.40
CA LYS L 1678 -8.84 -18.16 121.74
C LYS L 1678 -7.61 -17.51 121.13
N VAL L 1679 -6.50 -17.50 121.85
CA VAL L 1679 -5.27 -16.89 121.35
C VAL L 1679 -4.71 -17.67 120.17
N ILE L 1680 -4.73 -19.00 120.23
CA ILE L 1680 -4.17 -19.79 119.11
C ILE L 1680 -4.97 -19.54 117.83
N GLN L 1681 -6.30 -19.59 117.94
CA GLN L 1681 -7.16 -19.35 116.79
C GLN L 1681 -6.95 -17.93 116.26
N GLY L 1682 -6.88 -16.96 117.17
CA GLY L 1682 -6.62 -15.58 116.76
C GLY L 1682 -5.26 -15.44 116.11
N TYR L 1683 -4.26 -16.17 116.62
CA TYR L 1683 -2.91 -16.13 116.10
C TYR L 1683 -2.93 -16.50 114.63
N ILE L 1684 -3.32 -17.73 114.34
CA ILE L 1684 -3.33 -18.18 112.94
C ILE L 1684 -4.25 -17.28 112.12
N ALA L 1685 -5.32 -16.78 112.73
CA ALA L 1685 -6.24 -15.94 111.99
C ALA L 1685 -5.59 -14.64 111.54
N ASN L 1686 -4.76 -14.06 112.40
CA ASN L 1686 -4.08 -12.82 112.06
C ASN L 1686 -2.80 -13.04 111.27
N GLN L 1687 -2.28 -14.28 111.27
CA GLN L 1687 -1.07 -14.64 110.49
C GLN L 1687 -1.44 -14.83 109.02
N ILE L 1688 -2.52 -15.55 108.76
CA ILE L 1688 -2.99 -15.81 107.36
C ILE L 1688 -4.35 -15.10 107.24
N LEU L 1689 -5.31 -15.67 106.53
CA LEU L 1689 -6.63 -15.04 106.30
C LEU L 1689 -6.50 -13.68 105.57
N HIS L 1690 -6.80 -12.55 106.23
CA HIS L 1690 -6.74 -11.23 105.60
C HIS L 1690 -5.33 -10.86 105.18
N VAL L 1691 -4.30 -11.24 105.95
CA VAL L 1691 -2.93 -10.86 105.65
C VAL L 1691 -2.51 -11.36 104.27
N THR L 1692 -2.40 -12.69 104.13
CA THR L 1692 -1.89 -13.22 102.87
C THR L 1692 -2.87 -13.01 101.73
N TRP L 1693 -4.17 -13.02 102.01
CA TRP L 1693 -5.14 -12.87 100.93
C TRP L 1693 -5.08 -11.47 100.33
N CYS L 1694 -4.78 -10.46 101.15
CA CYS L 1694 -4.57 -9.11 100.60
C CYS L 1694 -3.40 -9.11 99.62
N GLU L 1695 -2.27 -9.70 100.03
CA GLU L 1695 -1.11 -9.84 99.15
C GLU L 1695 -1.48 -10.56 97.87
N PHE L 1696 -2.21 -11.66 98.00
CA PHE L 1696 -2.61 -12.44 96.84
C PHE L 1696 -3.49 -11.63 95.91
N ARG L 1697 -4.42 -10.85 96.47
CA ARG L 1697 -5.28 -10.03 95.62
C ARG L 1697 -4.46 -9.00 94.85
N ALA L 1698 -3.48 -8.38 95.52
CA ALA L 1698 -2.60 -7.46 94.81
C ALA L 1698 -1.85 -8.16 93.69
N ARG L 1699 -1.29 -9.33 93.97
CA ARG L 1699 -0.59 -10.10 92.95
C ARG L 1699 -1.54 -10.52 91.83
N LEU L 1700 -2.78 -10.87 92.18
CA LEU L 1700 -3.78 -11.23 91.19
C LEU L 1700 -4.08 -10.07 90.25
N ALA L 1701 -4.15 -8.86 90.80
CA ALA L 1701 -4.27 -7.69 89.94
C ALA L 1701 -3.05 -7.54 89.05
N THR L 1702 -1.86 -7.87 89.58
CA THR L 1702 -0.62 -7.63 88.86
C THR L 1702 -0.42 -8.63 87.71
N VAL L 1703 -0.76 -9.91 87.91
CA VAL L 1703 -0.43 -10.96 86.95
C VAL L 1703 -1.08 -10.67 85.61
N GLY L 1704 -0.32 -10.89 84.53
CA GLY L 1704 -0.78 -10.64 83.17
C GLY L 1704 -0.52 -11.76 82.18
N ASP L 1705 -0.22 -12.97 82.68
CA ASP L 1705 0.11 -14.09 81.81
C ASP L 1705 -0.18 -15.37 82.59
N LEU L 1706 -0.38 -16.47 81.85
CA LEU L 1706 -0.74 -17.77 82.44
C LEU L 1706 0.23 -18.19 83.55
N GLU L 1707 1.53 -18.14 83.26
CA GLU L 1707 2.52 -18.56 84.25
C GLU L 1707 2.50 -17.65 85.46
N GLU L 1708 2.34 -16.35 85.23
CA GLU L 1708 2.24 -15.39 86.32
C GLU L 1708 1.03 -15.70 87.20
N ILE L 1709 -0.11 -16.01 86.58
CA ILE L 1709 -1.32 -16.35 87.33
C ILE L 1709 -1.09 -17.61 88.14
N GLN L 1710 -0.38 -18.59 87.58
CA GLN L 1710 -0.10 -19.82 88.31
C GLN L 1710 0.73 -19.57 89.55
N ARG L 1711 1.82 -18.81 89.41
CA ARG L 1711 2.74 -18.67 90.53
C ARG L 1711 2.20 -17.78 91.62
N ALA L 1712 1.32 -16.83 91.29
CA ALA L 1712 0.75 -15.97 92.31
C ALA L 1712 -0.08 -16.79 93.29
N HIS L 1713 -0.98 -17.63 92.77
CA HIS L 1713 -1.79 -18.45 93.63
C HIS L 1713 -0.95 -19.53 94.31
N ALA L 1714 0.07 -20.04 93.61
CA ALA L 1714 0.94 -21.05 94.22
C ALA L 1714 1.62 -20.51 95.47
N GLU L 1715 2.15 -19.29 95.41
CA GLU L 1715 2.78 -18.70 96.57
C GLU L 1715 1.78 -18.12 97.56
N TYR L 1716 0.57 -17.78 97.12
CA TYR L 1716 -0.51 -17.51 98.07
C TYR L 1716 -0.72 -18.69 99.00
N LEU L 1717 -0.80 -19.90 98.45
CA LEU L 1717 -1.02 -21.09 99.25
C LEU L 1717 0.22 -21.51 100.02
N HIS L 1718 1.40 -21.40 99.41
CA HIS L 1718 2.61 -21.79 100.13
C HIS L 1718 2.87 -20.86 101.30
N LYS L 1719 2.64 -19.56 101.13
CA LYS L 1719 2.73 -18.63 102.25
C LYS L 1719 1.68 -18.93 103.30
N ALA L 1720 0.46 -19.27 102.88
CA ALA L 1720 -0.58 -19.60 103.84
C ALA L 1720 -0.18 -20.79 104.70
N VAL L 1721 0.38 -21.84 104.10
CA VAL L 1721 0.79 -23.01 104.88
C VAL L 1721 1.96 -22.65 105.81
N PHE L 1722 2.95 -21.93 105.27
CA PHE L 1722 4.13 -21.55 106.05
C PHE L 1722 3.74 -20.76 107.30
N ARG L 1723 2.86 -19.77 107.13
CA ARG L 1723 2.35 -19.02 108.26
C ARG L 1723 1.37 -19.84 109.10
N GLY L 1724 0.79 -20.90 108.53
CA GLY L 1724 -0.12 -21.74 109.27
C GLY L 1724 0.58 -22.67 110.25
N LEU L 1725 1.87 -22.91 110.04
CA LEU L 1725 2.73 -23.72 110.92
C LEU L 1725 2.53 -25.21 110.64
N LEU L 1726 1.60 -25.59 109.77
CA LEU L 1726 1.46 -26.98 109.38
C LEU L 1726 2.65 -27.46 108.55
N THR L 1727 3.48 -26.54 108.07
CA THR L 1727 4.71 -26.89 107.36
C THR L 1727 5.56 -27.83 108.20
N GLU L 1728 6.23 -28.75 107.51
CA GLU L 1728 6.96 -29.82 108.18
C GLU L 1728 8.07 -29.29 109.08
N LYS L 1729 8.75 -28.22 108.67
CA LYS L 1729 9.85 -27.70 109.46
C LYS L 1729 9.38 -27.14 110.81
N ALA L 1730 8.12 -26.70 110.87
CA ALA L 1730 7.52 -26.15 112.09
C ALA L 1730 6.73 -27.20 112.87
N ALA L 1731 7.03 -28.48 112.67
CA ALA L 1731 6.36 -29.57 113.39
C ALA L 1731 6.37 -29.47 114.91
N PRO L 1732 7.47 -29.07 115.58
CA PRO L 1732 7.47 -29.10 117.06
C PRO L 1732 6.36 -28.31 117.73
N VAL L 1733 6.14 -27.07 117.28
CA VAL L 1733 5.09 -26.25 117.89
C VAL L 1733 3.73 -26.92 117.71
N MET L 1734 3.49 -27.47 116.52
CA MET L 1734 2.23 -28.15 116.26
C MET L 1734 2.08 -29.38 117.15
N ASN L 1735 3.18 -30.04 117.48
CA ASN L 1735 3.12 -31.18 118.40
C ASN L 1735 2.69 -30.73 119.80
N VAL L 1736 3.28 -29.62 120.27
CA VAL L 1736 2.86 -29.09 121.58
C VAL L 1736 1.38 -28.70 121.55
N ILE L 1737 0.94 -28.12 120.44
CA ILE L 1737 -0.49 -27.84 120.25
C ILE L 1737 -1.33 -29.12 120.35
N HIS L 1738 -0.88 -30.20 119.72
CA HIS L 1738 -1.61 -31.47 119.84
C HIS L 1738 -1.76 -31.89 121.29
N SER L 1739 -0.65 -31.86 122.05
CA SER L 1739 -0.71 -32.29 123.44
C SER L 1739 -1.68 -31.43 124.25
N ILE L 1740 -1.56 -30.11 124.10
CA ILE L 1740 -2.42 -29.18 124.83
C ILE L 1740 -3.88 -29.42 124.48
N PHE L 1741 -4.16 -29.59 123.18
CA PHE L 1741 -5.52 -29.74 122.71
C PHE L 1741 -6.13 -31.04 123.23
N SER L 1742 -5.35 -32.13 123.22
CA SER L 1742 -5.85 -33.39 123.76
C SER L 1742 -6.22 -33.25 125.24
N LEU L 1743 -5.34 -32.60 126.02
CA LEU L 1743 -5.65 -32.36 127.43
C LEU L 1743 -6.95 -31.60 127.60
N VAL L 1744 -7.10 -30.48 126.87
CA VAL L 1744 -8.27 -29.64 127.04
C VAL L 1744 -9.53 -30.43 126.73
N LEU L 1745 -9.53 -31.14 125.59
CA LEU L 1745 -10.69 -31.91 125.18
C LEU L 1745 -11.09 -32.93 126.25
N LYS L 1746 -10.16 -33.79 126.64
CA LYS L 1746 -10.50 -34.91 127.51
C LYS L 1746 -10.94 -34.42 128.90
N PHE L 1747 -10.19 -33.47 129.47
CA PHE L 1747 -10.47 -33.11 130.85
C PHE L 1747 -11.66 -32.16 130.92
N ARG L 1748 -12.02 -31.52 129.79
CA ARG L 1748 -13.30 -30.85 129.72
C ARG L 1748 -14.45 -31.85 129.63
N SER L 1749 -14.21 -32.99 128.97
CA SER L 1749 -15.25 -34.03 128.91
C SER L 1749 -15.57 -34.58 130.30
N GLN L 1750 -14.56 -34.71 131.16
CA GLN L 1750 -14.77 -35.39 132.44
C GLN L 1750 -15.77 -34.63 133.34
N LEU L 1751 -15.64 -33.30 133.42
CA LEU L 1751 -16.58 -32.54 134.25
C LEU L 1751 -18.00 -32.72 133.77
N ILE L 1752 -18.20 -32.86 132.46
CA ILE L 1752 -19.52 -33.14 131.94
C ILE L 1752 -19.96 -34.53 132.35
N SER L 1753 -19.00 -35.48 132.39
CA SER L 1753 -19.36 -36.85 132.77
C SER L 1753 -19.95 -36.90 134.16
N GLN L 1754 -19.34 -36.20 135.12
CA GLN L 1754 -19.82 -36.24 136.50
C GLN L 1754 -20.94 -35.23 136.76
N ALA L 1755 -21.56 -35.34 137.96
CA ALA L 1755 -22.69 -34.52 138.38
C ALA L 1755 -22.51 -34.03 139.82
N TRP L 1756 -23.20 -32.94 140.16
CA TRP L 1756 -23.00 -32.29 141.45
C TRP L 1756 -23.52 -33.15 142.61
N GLY L 1757 -23.23 -32.68 143.84
CA GLY L 1757 -23.54 -33.39 145.06
C GLY L 1757 -24.39 -32.60 146.05
N PRO L 1758 -24.66 -33.18 147.23
CA PRO L 1758 -25.52 -32.52 148.24
C PRO L 1758 -25.00 -31.15 148.65
N PRO L 1759 -25.91 -30.17 148.92
CA PRO L 1759 -25.45 -28.84 149.37
C PRO L 1759 -25.11 -28.77 150.86
N GLY L 1760 -23.83 -28.70 151.21
CA GLY L 1760 -23.47 -28.49 152.60
C GLY L 1760 -22.02 -28.11 152.84
N GLY L 1761 -21.80 -27.05 153.62
CA GLY L 1761 -20.49 -26.61 154.01
C GLY L 1761 -19.59 -26.34 152.81
N PRO L 1762 -18.30 -26.69 152.90
CA PRO L 1762 -17.49 -26.73 151.68
C PRO L 1762 -17.84 -27.98 150.88
N ARG L 1763 -18.15 -27.78 149.60
CA ARG L 1763 -18.64 -28.85 148.73
C ARG L 1763 -17.79 -28.88 147.47
N GLY L 1764 -16.62 -29.53 147.57
CA GLY L 1764 -15.92 -29.93 146.38
C GLY L 1764 -16.57 -31.11 145.70
N ALA L 1765 -17.23 -31.98 146.50
CA ALA L 1765 -17.70 -33.27 146.01
C ALA L 1765 -18.63 -33.17 144.82
N GLU L 1766 -19.25 -32.01 144.60
CA GLU L 1766 -19.95 -31.79 143.34
C GLU L 1766 -18.98 -32.05 142.19
N HIS L 1767 -19.33 -33.03 141.36
CA HIS L 1767 -18.42 -33.53 140.35
C HIS L 1767 -17.09 -33.92 140.99
N PRO L 1768 -17.03 -35.03 141.75
CA PRO L 1768 -15.85 -35.29 142.59
C PRO L 1768 -14.55 -35.49 141.83
N ASN L 1769 -14.59 -35.68 140.51
CA ASN L 1769 -13.38 -35.79 139.68
C ASN L 1769 -12.56 -34.49 139.61
N PHE L 1770 -13.01 -33.41 140.28
CA PHE L 1770 -12.28 -32.13 140.26
C PHE L 1770 -10.83 -32.30 140.71
N ALA L 1771 -10.57 -33.21 141.65
CA ALA L 1771 -9.21 -33.41 142.15
C ALA L 1771 -8.28 -33.86 141.03
N LEU L 1772 -8.73 -34.84 140.24
CA LEU L 1772 -7.97 -35.27 139.08
C LEU L 1772 -7.84 -34.13 138.08
N MET L 1773 -8.90 -33.33 137.95
CA MET L 1773 -8.81 -32.16 137.09
C MET L 1773 -7.74 -31.16 137.54
N GLN L 1774 -7.51 -30.98 138.83
CA GLN L 1774 -6.51 -30.00 139.24
C GLN L 1774 -5.12 -30.42 138.77
N GLN L 1775 -4.80 -31.71 138.88
CA GLN L 1775 -3.59 -32.23 138.27
C GLN L 1775 -3.57 -31.95 136.77
N SER L 1776 -4.71 -32.15 136.10
CA SER L 1776 -4.75 -31.89 134.65
C SER L 1776 -4.50 -30.41 134.35
N TYR L 1777 -5.07 -29.53 135.18
CA TYR L 1777 -4.88 -28.10 135.03
C TYR L 1777 -3.40 -27.76 135.12
N ASN L 1778 -2.70 -28.40 136.06
CA ASN L 1778 -1.27 -28.18 136.16
C ASN L 1778 -0.52 -28.73 134.96
N THR L 1779 -0.96 -29.86 134.40
CA THR L 1779 -0.27 -30.41 133.23
C THR L 1779 -0.44 -29.49 132.02
N PHE L 1780 -1.65 -28.95 131.82
CA PHE L 1780 -1.87 -28.00 130.74
C PHE L 1780 -0.98 -26.78 130.92
N LYS L 1781 -0.90 -26.27 132.16
CA LYS L 1781 -0.03 -25.13 132.42
C LYS L 1781 1.42 -25.47 132.11
N TYR L 1782 1.84 -26.70 132.41
CA TYR L 1782 3.20 -27.11 132.08
C TYR L 1782 3.44 -27.05 130.57
N TYR L 1783 2.50 -27.57 129.78
CA TYR L 1783 2.66 -27.44 128.32
C TYR L 1783 2.69 -25.98 127.89
N SER L 1784 1.90 -25.12 128.52
CA SER L 1784 1.92 -23.69 128.17
C SER L 1784 3.30 -23.08 128.40
N HIS L 1785 3.87 -23.33 129.58
CA HIS L 1785 5.21 -22.81 129.87
C HIS L 1785 6.22 -23.38 128.88
N PHE L 1786 6.10 -24.67 128.59
CA PHE L 1786 7.01 -25.32 127.66
C PHE L 1786 6.91 -24.69 126.27
N LEU L 1787 5.69 -24.32 125.86
CA LEU L 1787 5.50 -23.68 124.56
C LEU L 1787 6.17 -22.31 124.50
N PHE L 1788 6.07 -21.54 125.58
CA PHE L 1788 6.84 -20.30 125.66
C PHE L 1788 8.34 -20.54 125.55
N LYS L 1789 8.82 -21.66 126.07
CA LYS L 1789 10.23 -21.96 125.84
C LYS L 1789 10.49 -22.36 124.39
N VAL L 1790 9.58 -23.15 123.81
CA VAL L 1790 9.82 -23.77 122.50
C VAL L 1790 9.91 -22.71 121.41
N VAL L 1791 8.98 -21.75 121.43
CA VAL L 1791 8.94 -20.75 120.35
C VAL L 1791 10.25 -19.96 120.32
N THR L 1792 10.75 -19.55 121.49
CA THR L 1792 12.02 -18.82 121.54
C THR L 1792 13.19 -19.72 121.14
N LYS L 1793 13.17 -20.99 121.59
CA LYS L 1793 14.19 -21.93 121.16
C LYS L 1793 14.31 -21.93 119.64
N LEU L 1794 13.18 -21.96 118.94
CA LEU L 1794 13.25 -22.05 117.49
C LEU L 1794 13.59 -20.70 116.86
N VAL L 1795 13.10 -19.58 117.42
CA VAL L 1795 13.34 -18.28 116.77
C VAL L 1795 14.83 -17.95 116.80
N ASN L 1796 15.51 -18.26 117.90
CA ASN L 1796 16.92 -17.87 117.98
C ASN L 1796 17.79 -18.63 117.00
N ARG L 1797 17.51 -19.91 116.76
CA ARG L 1797 18.34 -20.70 115.87
C ARG L 1797 18.32 -20.16 114.44
N GLY L 1798 17.11 -19.95 113.91
CA GLY L 1798 16.91 -19.58 112.52
C GLY L 1798 16.13 -18.30 112.38
N TYR L 1799 15.48 -18.10 111.24
CA TYR L 1799 14.76 -16.85 110.93
C TYR L 1799 13.33 -17.18 110.57
N GLN L 1800 12.42 -16.92 111.51
CA GLN L 1800 11.01 -17.31 111.43
C GLN L 1800 10.16 -16.19 112.04
N PRO L 1801 9.84 -15.15 111.25
CA PRO L 1801 9.06 -14.02 111.81
C PRO L 1801 7.72 -14.41 112.42
N HIS L 1802 7.04 -15.38 111.82
CA HIS L 1802 5.78 -15.87 112.38
C HIS L 1802 5.98 -16.38 113.80
N LEU L 1803 7.15 -16.95 114.10
CA LEU L 1803 7.40 -17.43 115.46
C LEU L 1803 7.57 -16.27 116.43
N GLU L 1804 8.16 -15.15 115.99
CA GLU L 1804 8.22 -13.98 116.86
C GLU L 1804 6.82 -13.47 117.18
N ASP L 1805 5.99 -13.41 116.15
CA ASP L 1805 4.59 -13.08 116.35
C ASP L 1805 3.95 -14.02 117.36
N PHE L 1806 4.30 -15.31 117.29
CA PHE L 1806 3.68 -16.31 118.16
C PHE L 1806 4.18 -16.18 119.58
N LEU L 1807 5.47 -15.86 119.76
CA LEU L 1807 6.01 -15.82 121.11
C LEU L 1807 5.47 -14.62 121.86
N LEU L 1808 5.07 -13.55 121.16
CA LEU L 1808 4.41 -12.47 121.88
C LEU L 1808 2.92 -12.71 122.09
N ARG L 1809 2.23 -13.39 121.14
CA ARG L 1809 0.83 -13.72 121.37
C ARG L 1809 0.65 -14.62 122.60
N ILE L 1810 1.45 -15.68 122.69
CA ILE L 1810 1.30 -16.61 123.80
C ILE L 1810 1.51 -15.91 125.13
N ASN L 1811 2.47 -14.97 125.19
CA ASN L 1811 2.67 -14.15 126.39
C ASN L 1811 2.88 -12.72 125.93
N PHE L 1812 1.84 -11.91 126.12
CA PHE L 1812 1.74 -10.48 125.87
C PHE L 1812 2.07 -9.62 127.09
N ASN L 1813 1.59 -9.99 128.28
CA ASN L 1813 1.50 -9.05 129.39
C ASN L 1813 2.56 -9.25 130.46
N ASN L 1814 2.80 -10.48 130.90
CA ASN L 1814 3.78 -10.82 131.93
C ASN L 1814 4.78 -11.80 131.36
N TYR L 1815 5.77 -12.15 132.19
CA TYR L 1815 6.73 -13.18 131.82
C TYR L 1815 6.02 -14.45 131.38
N TYR L 1816 4.94 -14.81 132.08
CA TYR L 1816 4.03 -15.83 131.58
C TYR L 1816 2.59 -15.43 131.86
N GLN L 1817 1.74 -15.63 130.87
CA GLN L 1817 0.31 -15.58 131.05
C GLN L 1817 -0.14 -16.68 132.00
N LEU M 150 -15.56 -51.27 30.74
CA LEU M 150 -16.65 -50.82 29.88
C LEU M 150 -17.90 -51.63 30.18
N GLN M 151 -17.85 -52.91 29.81
CA GLN M 151 -18.97 -53.81 30.10
C GLN M 151 -19.15 -54.01 31.60
N GLN M 152 -18.04 -54.07 32.34
CA GLN M 152 -18.11 -54.34 33.78
C GLN M 152 -18.80 -53.21 34.55
N SER M 153 -18.78 -51.99 34.02
CA SER M 153 -19.37 -50.85 34.75
C SER M 153 -20.88 -50.98 34.87
N LEU M 154 -21.53 -51.64 33.89
CA LEU M 154 -22.99 -51.73 33.87
C LEU M 154 -23.53 -52.33 35.16
N GLU M 155 -22.82 -53.30 35.73
CA GLU M 155 -23.20 -53.98 36.95
C GLU M 155 -23.30 -52.98 38.10
N LEU M 156 -22.23 -52.23 38.25
CA LEU M 156 -22.06 -51.23 39.30
C LEU M 156 -23.22 -50.25 39.22
N LYS M 157 -23.44 -49.75 38.00
CA LYS M 157 -24.49 -48.76 37.77
C LYS M 157 -25.85 -49.32 38.15
N ARG M 158 -26.11 -50.57 37.79
CA ARG M 158 -27.43 -51.15 38.04
C ARG M 158 -27.66 -51.33 39.54
N LYS M 159 -26.65 -51.81 40.30
CA LYS M 159 -26.92 -52.05 41.72
C LYS M 159 -27.22 -50.71 42.38
N MET M 160 -26.47 -49.67 41.97
CA MET M 160 -26.65 -48.36 42.60
C MET M 160 -28.03 -47.79 42.26
N LEU M 161 -28.52 -48.02 41.04
CA LEU M 161 -29.84 -47.53 40.68
C LEU M 161 -30.94 -48.20 41.52
N ARG M 162 -30.79 -49.51 41.77
CA ARG M 162 -31.79 -50.21 42.57
C ARG M 162 -31.96 -49.60 43.97
N ASP M 163 -30.87 -49.09 44.56
CA ASP M 163 -30.96 -48.55 45.91
C ASP M 163 -31.82 -47.29 45.91
N LYS M 164 -31.62 -46.39 44.96
CA LYS M 164 -32.45 -45.21 44.91
C LYS M 164 -33.88 -45.58 44.58
N GLN M 165 -34.07 -46.63 43.77
CA GLN M 165 -35.42 -47.00 43.38
C GLN M 165 -36.22 -47.51 44.57
N ASN M 166 -35.65 -48.44 45.36
CA ASN M 166 -36.43 -48.94 46.50
C ASN M 166 -36.53 -47.89 47.60
N LYS M 167 -35.52 -47.02 47.73
CA LYS M 167 -35.58 -45.99 48.75
C LYS M 167 -36.72 -45.01 48.49
N LYS M 168 -36.84 -44.53 47.24
CA LYS M 168 -37.75 -43.42 46.91
C LYS M 168 -38.75 -43.92 45.88
N ASN M 169 -40.02 -44.02 46.28
CA ASN M 169 -41.11 -44.42 45.38
C ASN M 169 -42.03 -43.28 45.00
N SER M 170 -41.97 -42.13 45.68
CA SER M 170 -42.79 -40.99 45.27
C SER M 170 -42.32 -40.45 43.92
N GLY M 171 -41.02 -40.37 43.73
CA GLY M 171 -40.43 -40.06 42.44
C GLY M 171 -40.11 -41.36 41.73
N GLN M 172 -40.73 -41.55 40.56
CA GLN M 172 -40.74 -42.81 39.85
C GLN M 172 -39.96 -42.71 38.54
N HIS M 173 -39.55 -43.87 38.03
CA HIS M 173 -38.87 -44.00 36.74
C HIS M 173 -37.61 -43.12 36.68
N LEU M 174 -36.70 -43.38 37.60
CA LEU M 174 -35.44 -42.66 37.64
C LEU M 174 -34.70 -42.84 36.31
N PRO M 175 -34.24 -41.77 35.65
CA PRO M 175 -33.77 -41.91 34.27
C PRO M 175 -32.50 -42.73 34.15
N ILE M 176 -32.34 -43.31 32.96
CA ILE M 176 -31.11 -43.99 32.54
C ILE M 176 -30.79 -43.57 31.11
N PHE M 177 -29.47 -43.67 30.76
CA PHE M 177 -29.07 -43.39 29.38
C PHE M 177 -29.20 -44.66 28.54
N PRO M 178 -29.39 -44.55 27.22
CA PRO M 178 -29.39 -45.76 26.38
C PRO M 178 -28.09 -46.55 26.49
N ALA M 179 -28.19 -47.85 26.20
CA ALA M 179 -27.03 -48.72 26.28
C ALA M 179 -25.93 -48.30 25.32
N TRP M 180 -26.32 -47.85 24.11
CA TRP M 180 -25.31 -47.50 23.13
C TRP M 180 -24.48 -46.29 23.52
N VAL M 181 -24.96 -45.49 24.49
CA VAL M 181 -24.15 -44.38 25.02
C VAL M 181 -22.84 -44.91 25.55
N TYR M 182 -22.87 -46.07 26.20
CA TYR M 182 -21.68 -46.71 26.73
C TYR M 182 -21.04 -47.66 25.72
N GLU M 183 -21.86 -48.35 24.92
CA GLU M 183 -21.30 -49.34 24.00
C GLU M 183 -20.46 -48.69 22.91
N ARG M 184 -20.93 -47.55 22.37
CA ARG M 184 -20.26 -46.92 21.23
C ARG M 184 -18.84 -46.46 21.62
N PRO M 185 -17.79 -46.90 20.91
CA PRO M 185 -16.44 -46.48 21.31
C PRO M 185 -15.99 -45.15 20.69
N ALA M 186 -16.61 -44.71 19.60
CA ALA M 186 -16.20 -43.45 18.99
C ALA M 186 -16.56 -42.26 19.87
N LEU M 187 -17.63 -42.38 20.67
CA LEU M 187 -18.08 -41.25 21.47
C LEU M 187 -17.02 -40.83 22.48
N ILE M 188 -16.32 -41.80 23.07
CA ILE M 188 -15.28 -41.48 24.04
C ILE M 188 -14.02 -41.01 23.33
N GLY M 189 -13.19 -40.27 24.06
CA GLY M 189 -12.10 -39.54 23.42
C GLY M 189 -11.09 -40.42 22.72
N ASP M 190 -10.64 -41.48 23.40
CA ASP M 190 -9.55 -42.30 22.89
C ASP M 190 -10.07 -43.52 22.14
N PHE M 191 -9.34 -43.89 21.09
CA PHE M 191 -9.60 -45.12 20.35
C PHE M 191 -8.27 -45.73 19.88
N THR M 201 2.68 -46.64 2.97
CA THR M 201 3.16 -45.32 2.59
C THR M 201 4.02 -44.70 3.71
N ALA M 202 4.01 -45.32 4.90
CA ALA M 202 4.87 -44.88 5.99
C ALA M 202 6.33 -45.02 5.60
N LEU M 203 7.02 -43.90 5.43
CA LEU M 203 8.42 -43.93 5.02
C LEU M 203 9.26 -44.61 6.10
N PRO M 204 10.31 -45.37 5.74
CA PRO M 204 11.20 -45.90 6.78
C PRO M 204 12.00 -44.79 7.45
N ILE M 205 11.69 -44.54 8.72
CA ILE M 205 12.29 -43.43 9.44
C ILE M 205 13.79 -43.61 9.61
N GLY M 206 14.29 -44.85 9.55
CA GLY M 206 15.71 -45.08 9.73
C GLY M 206 16.57 -44.38 8.71
N THR M 207 16.10 -44.28 7.47
CA THR M 207 16.89 -43.73 6.38
C THR M 207 16.86 -42.20 6.31
N LEU M 208 16.05 -41.55 7.15
CA LEU M 208 15.81 -40.12 7.02
C LEU M 208 16.95 -39.30 7.65
N PRO M 209 17.04 -38.01 7.33
CA PRO M 209 17.91 -37.12 8.11
C PRO M 209 17.28 -36.77 9.44
N LEU M 210 18.11 -36.22 10.33
CA LEU M 210 17.73 -36.09 11.74
C LEU M 210 16.64 -35.02 11.93
N ALA M 211 16.86 -33.83 11.37
CA ALA M 211 15.96 -32.71 11.61
C ALA M 211 14.61 -32.87 10.91
N SER M 212 14.45 -33.88 10.06
CA SER M 212 13.15 -34.28 9.53
C SER M 212 12.47 -35.30 10.41
N GLN M 213 13.25 -36.20 11.02
CA GLN M 213 12.69 -37.07 12.05
C GLN M 213 12.11 -36.25 13.18
N GLU M 214 12.77 -35.15 13.55
CA GLU M 214 12.24 -34.32 14.62
C GLU M 214 10.87 -33.75 14.25
N SER M 215 10.74 -33.24 13.03
CA SER M 215 9.46 -32.68 12.60
C SER M 215 8.37 -33.74 12.54
N ALA M 216 8.70 -34.92 12.00
CA ALA M 216 7.70 -35.98 11.91
C ALA M 216 7.23 -36.40 13.30
N VAL M 217 8.17 -36.59 14.22
CA VAL M 217 7.84 -37.00 15.58
C VAL M 217 6.99 -35.94 16.26
N VAL M 218 7.31 -34.66 16.02
CA VAL M 218 6.50 -33.59 16.60
C VAL M 218 5.07 -33.65 16.05
N GLU M 219 4.93 -33.91 14.75
CA GLU M 219 3.58 -33.98 14.17
C GLU M 219 2.79 -35.13 14.80
N ASP M 220 3.44 -36.29 14.95
CA ASP M 220 2.74 -37.42 15.57
C ASP M 220 2.37 -37.13 17.01
N LEU M 221 3.27 -36.46 17.75
CA LEU M 221 2.98 -36.15 19.14
C LEU M 221 1.83 -35.14 19.27
N LEU M 222 1.82 -34.12 18.41
CA LEU M 222 0.70 -33.18 18.40
C LEU M 222 -0.62 -33.88 18.10
N TYR M 223 -0.60 -34.92 17.27
CA TYR M 223 -1.80 -35.73 17.13
C TYR M 223 -2.07 -36.57 18.39
N VAL M 224 -1.02 -37.05 19.05
CA VAL M 224 -1.19 -37.91 20.22
C VAL M 224 -1.89 -37.16 21.34
N LEU M 225 -1.57 -35.87 21.50
CA LEU M 225 -2.03 -35.12 22.67
C LEU M 225 -3.56 -35.06 22.77
N VAL M 226 -4.25 -35.05 21.62
CA VAL M 226 -5.70 -34.88 21.62
C VAL M 226 -6.45 -36.21 21.69
N GLY M 227 -5.77 -37.32 21.91
CA GLY M 227 -6.42 -38.63 21.87
C GLY M 227 -5.65 -39.65 21.05
N VAL M 228 -6.23 -40.01 19.91
CA VAL M 228 -5.69 -41.08 19.07
C VAL M 228 -4.25 -40.77 18.65
N ASP M 229 -3.53 -41.85 18.36
CA ASP M 229 -2.09 -41.91 18.13
C ASP M 229 -1.71 -41.41 16.74
N GLY M 230 -0.49 -41.72 16.27
CA GLY M 230 -0.03 -41.23 15.00
C GLY M 230 0.78 -42.27 14.27
N ARG M 231 1.46 -41.81 13.21
CA ARG M 231 2.07 -42.75 12.27
C ARG M 231 3.23 -43.50 12.91
N TYR M 232 4.10 -42.78 13.60
CA TYR M 232 5.33 -43.36 14.14
C TYR M 232 5.21 -43.75 15.61
N VAL M 233 4.17 -43.31 16.30
CA VAL M 233 3.92 -43.65 17.70
C VAL M 233 2.48 -44.14 17.80
N SER M 234 2.29 -45.26 18.51
CA SER M 234 0.98 -45.90 18.66
C SER M 234 0.55 -45.86 20.12
N ALA M 235 -0.75 -45.78 20.35
CA ALA M 235 -1.33 -45.89 21.68
C ALA M 235 -1.75 -47.34 21.91
N GLN M 236 -1.13 -48.01 22.87
CA GLN M 236 -1.36 -49.44 23.06
C GLN M 236 -2.81 -49.66 23.48
N PRO M 237 -3.51 -50.66 22.92
CA PRO M 237 -4.94 -50.83 23.23
C PRO M 237 -5.24 -51.66 24.47
N LEU M 238 -4.22 -52.10 25.20
CA LEU M 238 -4.42 -52.88 26.42
C LEU M 238 -5.39 -52.20 27.38
N ALA M 239 -5.02 -51.02 27.87
CA ALA M 239 -5.81 -50.29 28.86
C ALA M 239 -6.11 -51.16 30.09
N GLY M 240 -5.20 -52.08 30.41
CA GLY M 240 -5.39 -52.91 31.58
C GLY M 240 -5.24 -52.11 32.85
N ARG M 241 -5.95 -52.57 33.89
CA ARG M 241 -6.14 -51.80 35.11
C ARG M 241 -6.62 -50.41 34.70
N GLN M 242 -5.88 -49.33 35.02
CA GLN M 242 -6.25 -47.99 34.57
C GLN M 242 -5.10 -47.25 33.89
N SER M 243 -3.93 -47.87 33.75
CA SER M 243 -2.72 -47.21 33.27
C SER M 243 -2.60 -47.39 31.76
N ARG M 244 -2.73 -46.28 31.02
CA ARG M 244 -2.51 -46.30 29.57
C ARG M 244 -1.02 -46.37 29.26
N THR M 245 -0.69 -47.04 28.17
CA THR M 245 0.69 -47.15 27.69
C THR M 245 0.76 -46.85 26.19
N PHE M 246 1.96 -46.46 25.76
CA PHE M 246 2.22 -46.06 24.39
C PHE M 246 3.48 -46.77 23.89
N LEU M 247 3.52 -46.98 22.56
CA LEU M 247 4.59 -47.69 21.88
C LEU M 247 5.18 -46.80 20.81
N VAL M 248 6.41 -46.34 21.01
CA VAL M 248 7.13 -45.59 19.99
C VAL M 248 7.70 -46.58 18.98
N ASP M 249 7.96 -46.10 17.77
CA ASP M 249 8.61 -46.95 16.77
C ASP M 249 9.97 -47.40 17.30
N PRO M 250 10.37 -48.65 17.04
CA PRO M 250 11.65 -49.11 17.60
C PRO M 250 12.85 -48.41 16.99
N ASN M 251 12.90 -48.29 15.66
CA ASN M 251 14.03 -47.67 14.97
C ASN M 251 13.89 -46.15 14.95
N LEU M 252 14.53 -45.50 15.91
CA LEU M 252 14.60 -44.05 15.97
C LEU M 252 15.98 -43.67 16.49
N ASP M 253 16.24 -42.38 16.61
CA ASP M 253 17.42 -41.89 17.31
C ASP M 253 17.11 -41.92 18.81
N LEU M 254 18.01 -42.56 19.57
CA LEU M 254 17.79 -42.76 20.99
C LEU M 254 17.56 -41.43 21.72
N SER M 255 18.28 -40.39 21.31
CA SER M 255 18.13 -39.08 21.93
C SER M 255 16.73 -38.54 21.74
N ILE M 256 16.20 -38.64 20.52
CA ILE M 256 14.82 -38.23 20.28
C ILE M 256 13.87 -39.12 21.05
N ARG M 257 14.15 -40.43 21.08
CA ARG M 257 13.23 -41.41 21.62
C ARG M 257 12.97 -41.16 23.10
N GLU M 258 14.02 -40.88 23.88
CA GLU M 258 13.77 -40.68 25.31
C GLU M 258 12.96 -39.41 25.52
N LEU M 259 13.22 -38.37 24.73
CA LEU M 259 12.44 -37.13 24.85
C LEU M 259 10.98 -37.36 24.51
N VAL M 260 10.72 -38.21 23.51
CA VAL M 260 9.34 -38.61 23.24
C VAL M 260 8.74 -39.28 24.47
N HIS M 261 9.45 -40.28 25.03
CA HIS M 261 8.91 -40.98 26.19
C HIS M 261 8.66 -40.05 27.37
N ARG M 262 9.52 -39.04 27.54
CA ARG M 262 9.36 -38.09 28.62
C ARG M 262 8.21 -37.12 28.34
N ILE M 263 7.84 -36.93 27.07
CA ILE M 263 6.67 -36.14 26.73
C ILE M 263 5.37 -36.94 26.82
N LEU M 264 5.42 -38.26 26.63
CA LEU M 264 4.21 -39.07 26.58
C LEU M 264 3.33 -39.16 27.84
N PRO M 265 3.81 -38.95 29.09
CA PRO M 265 2.88 -39.13 30.23
C PRO M 265 1.64 -38.25 30.19
N VAL M 266 1.66 -37.12 29.46
CA VAL M 266 0.46 -36.31 29.36
C VAL M 266 -0.61 -37.01 28.54
N ALA M 267 -0.24 -37.91 27.62
CA ALA M 267 -1.25 -38.63 26.85
C ALA M 267 -1.89 -39.72 27.69
N ALA M 268 -1.09 -40.42 28.51
CA ALA M 268 -1.63 -41.36 29.48
C ALA M 268 -2.48 -40.65 30.52
N SER M 269 -2.17 -39.39 30.81
CA SER M 269 -2.99 -38.56 31.69
C SER M 269 -4.02 -37.75 30.91
N TYR M 270 -4.23 -38.05 29.64
CA TYR M 270 -5.35 -37.52 28.87
C TYR M 270 -6.43 -38.56 28.63
N SER M 271 -6.05 -39.76 28.19
CA SER M 271 -7.06 -40.76 27.90
C SER M 271 -7.79 -41.23 29.15
N ALA M 272 -7.05 -41.46 30.23
CA ALA M 272 -7.66 -41.84 31.49
C ALA M 272 -8.53 -40.71 32.02
N VAL M 273 -8.13 -39.46 31.78
CA VAL M 273 -8.94 -38.34 32.21
C VAL M 273 -10.27 -38.32 31.45
N THR M 274 -10.24 -38.57 30.15
CA THR M 274 -11.50 -38.57 29.40
C THR M 274 -12.42 -39.70 29.84
N ARG M 275 -11.88 -40.91 30.05
CA ARG M 275 -12.72 -42.05 30.40
C ARG M 275 -13.52 -41.79 31.68
N PHE M 276 -12.88 -41.14 32.66
CA PHE M 276 -13.55 -40.77 33.90
C PHE M 276 -14.75 -39.88 33.62
N ILE M 277 -14.57 -38.91 32.72
CA ILE M 277 -15.61 -37.94 32.40
C ILE M 277 -16.76 -38.59 31.65
N GLU M 278 -16.50 -39.63 30.87
CA GLU M 278 -17.59 -40.29 30.17
C GLU M 278 -18.35 -41.22 31.11
N GLU M 279 -17.63 -42.03 31.88
CA GLU M 279 -18.32 -43.04 32.68
C GLU M 279 -19.12 -42.44 33.82
N LYS M 280 -18.60 -41.41 34.49
CA LYS M 280 -19.27 -40.85 35.67
C LYS M 280 -20.06 -39.59 35.34
N SER M 281 -20.65 -39.53 34.15
CA SER M 281 -21.68 -38.56 33.81
C SER M 281 -23.07 -39.15 33.84
N SER M 282 -23.22 -40.43 34.20
CA SER M 282 -24.52 -41.08 34.23
C SER M 282 -25.27 -40.71 35.51
N PHE M 283 -26.59 -40.92 35.47
CA PHE M 283 -27.45 -40.48 36.56
C PHE M 283 -27.14 -41.21 37.86
N GLU M 284 -26.67 -42.46 37.77
CA GLU M 284 -26.56 -43.32 38.94
C GLU M 284 -25.54 -42.79 39.95
N TYR M 285 -24.41 -42.25 39.48
CA TYR M 285 -23.31 -41.93 40.37
C TYR M 285 -23.58 -40.76 41.31
N GLY M 286 -24.65 -40.01 41.10
CA GLY M 286 -25.05 -38.96 42.02
C GLY M 286 -24.75 -37.57 41.50
N GLN M 287 -25.36 -36.59 42.18
CA GLN M 287 -25.42 -35.23 41.66
C GLN M 287 -24.05 -34.53 41.68
N VAL M 288 -23.21 -34.83 42.65
CA VAL M 288 -21.93 -34.12 42.79
C VAL M 288 -20.88 -34.71 41.86
N ASN M 289 -20.91 -36.04 41.67
CA ASN M 289 -20.02 -36.67 40.71
C ASN M 289 -20.34 -36.23 39.30
N HIS M 290 -21.57 -35.80 39.04
CA HIS M 290 -21.89 -35.18 37.76
C HIS M 290 -21.15 -33.86 37.61
N ALA M 291 -21.23 -33.00 38.64
CA ALA M 291 -20.63 -31.67 38.55
C ALA M 291 -19.11 -31.73 38.46
N LEU M 292 -18.49 -32.72 39.13
CA LEU M 292 -17.04 -32.82 39.09
C LEU M 292 -16.54 -33.06 37.66
N ALA M 293 -17.14 -34.01 36.96
CA ALA M 293 -16.74 -34.26 35.57
C ALA M 293 -17.22 -33.14 34.65
N ALA M 294 -18.32 -32.48 35.01
CA ALA M 294 -18.84 -31.40 34.18
C ALA M 294 -17.97 -30.16 34.21
N ALA M 295 -17.25 -29.93 35.32
CA ALA M 295 -16.26 -28.87 35.38
C ALA M 295 -14.87 -29.36 34.99
N MET M 296 -14.67 -30.68 34.93
CA MET M 296 -13.40 -31.22 34.48
C MET M 296 -13.30 -31.26 32.95
N ARG M 297 -14.43 -31.32 32.25
CA ARG M 297 -14.39 -31.36 30.78
C ARG M 297 -13.99 -30.01 30.19
N THR M 298 -14.23 -28.92 30.93
CA THR M 298 -13.83 -27.60 30.46
C THR M 298 -12.31 -27.50 30.30
N LEU M 299 -11.57 -28.10 31.25
CA LEU M 299 -10.12 -28.09 31.16
C LEU M 299 -9.64 -28.90 29.96
N VAL M 300 -10.41 -29.90 29.53
CA VAL M 300 -10.09 -30.64 28.33
C VAL M 300 -10.29 -29.77 27.10
N LYS M 301 -11.36 -28.95 27.11
CA LYS M 301 -11.51 -27.96 26.04
C LYS M 301 -10.29 -27.04 25.98
N GLU M 302 -9.82 -26.55 27.12
CA GLU M 302 -8.69 -25.63 27.11
C GLU M 302 -7.40 -26.32 26.65
N HIS M 303 -7.22 -27.60 27.02
CA HIS M 303 -6.10 -28.37 26.48
C HIS M 303 -6.16 -28.44 24.96
N LEU M 304 -7.34 -28.71 24.41
CA LEU M 304 -7.48 -28.74 22.96
C LEU M 304 -7.16 -27.39 22.34
N ILE M 305 -7.54 -26.32 23.02
CA ILE M 305 -7.22 -24.98 22.55
C ILE M 305 -5.70 -24.77 22.50
N LEU M 306 -4.99 -25.28 23.51
CA LEU M 306 -3.53 -25.18 23.50
C LEU M 306 -2.94 -25.93 22.31
N VAL M 307 -3.44 -27.15 22.06
CA VAL M 307 -2.87 -27.96 20.99
C VAL M 307 -3.13 -27.30 19.64
N SER M 308 -4.22 -26.54 19.51
CA SER M 308 -4.47 -25.81 18.27
C SER M 308 -3.36 -24.81 17.98
N GLN M 309 -2.98 -24.02 18.99
CA GLN M 309 -1.95 -23.01 18.81
C GLN M 309 -0.60 -23.65 18.52
N LEU M 310 -0.30 -24.74 19.24
CA LEU M 310 0.95 -25.44 19.00
C LEU M 310 1.00 -26.01 17.58
N GLU M 311 -0.14 -26.48 17.06
CA GLU M 311 -0.17 -26.98 15.69
C GLU M 311 0.07 -25.85 14.69
N GLN M 312 -0.47 -24.67 14.94
CA GLN M 312 -0.22 -23.55 14.03
C GLN M 312 1.26 -23.18 14.00
N LEU M 313 1.88 -23.12 15.18
CA LEU M 313 3.31 -22.84 15.22
C LEU M 313 4.10 -23.93 14.49
N HIS M 314 3.69 -25.19 14.65
CA HIS M 314 4.31 -26.27 13.89
C HIS M 314 4.10 -26.09 12.39
N ARG M 315 2.97 -25.52 11.98
CA ARG M 315 2.74 -25.28 10.55
C ARG M 315 3.80 -24.34 10.00
N GLN M 316 4.11 -23.29 10.76
CA GLN M 316 5.08 -22.31 10.27
C GLN M 316 6.53 -22.75 10.46
N GLY M 317 6.78 -24.02 10.74
CA GLY M 317 8.14 -24.54 10.83
C GLY M 317 8.97 -23.90 11.93
N LEU M 318 8.29 -23.21 12.85
CA LEU M 318 8.92 -22.41 13.89
C LEU M 318 8.82 -23.09 15.26
N LEU M 319 8.47 -24.37 15.30
CA LEU M 319 8.38 -25.16 16.51
C LEU M 319 9.22 -26.40 16.35
N SER M 320 9.85 -26.82 17.46
CA SER M 320 10.69 -28.00 17.49
C SER M 320 10.25 -28.86 18.66
N LEU M 321 10.74 -30.10 18.69
CA LEU M 321 10.44 -30.98 19.82
C LEU M 321 10.97 -30.39 21.12
N GLN M 322 12.14 -29.77 21.06
CA GLN M 322 12.77 -29.25 22.27
C GLN M 322 11.99 -28.05 22.78
N LYS M 323 11.36 -27.28 21.88
CA LYS M 323 10.48 -26.19 22.26
C LYS M 323 9.16 -26.70 22.81
N LEU M 324 8.60 -27.73 22.16
CA LEU M 324 7.35 -28.34 22.60
C LEU M 324 7.46 -28.81 24.03
N TRP M 325 8.62 -29.37 24.39
CA TRP M 325 8.89 -29.70 25.80
C TRP M 325 8.51 -28.57 26.75
N PHE M 326 9.13 -27.40 26.59
CA PHE M 326 8.82 -26.31 27.51
C PHE M 326 7.39 -25.80 27.32
N TYR M 327 6.87 -25.87 26.10
CA TYR M 327 5.52 -25.35 25.86
C TYR M 327 4.47 -26.13 26.64
N ILE M 328 4.62 -27.46 26.73
CA ILE M 328 3.56 -28.28 27.31
C ILE M 328 3.70 -28.47 28.82
N GLN M 329 4.78 -27.98 29.44
CA GLN M 329 4.96 -28.18 30.88
C GLN M 329 3.82 -27.62 31.74
N PRO M 330 3.29 -26.41 31.50
CA PRO M 330 2.23 -25.91 32.39
C PRO M 330 0.97 -26.77 32.41
N ALA M 331 0.59 -27.38 31.29
CA ALA M 331 -0.61 -28.19 31.24
C ALA M 331 -0.37 -29.62 31.72
N MET M 332 0.89 -30.08 31.72
CA MET M 332 1.18 -31.42 32.21
C MET M 332 0.81 -31.55 33.68
N ARG M 333 1.11 -30.52 34.47
CA ARG M 333 0.81 -30.56 35.89
C ARG M 333 -0.70 -30.58 36.13
N THR M 334 -1.44 -29.73 35.41
CA THR M 334 -2.90 -29.70 35.57
C THR M 334 -3.48 -31.07 35.27
N MET M 335 -3.03 -31.69 34.17
CA MET M 335 -3.56 -32.97 33.79
C MET M 335 -3.16 -34.07 34.79
N ASP M 336 -1.96 -33.97 35.37
CA ASP M 336 -1.57 -34.93 36.39
C ASP M 336 -2.45 -34.84 37.62
N ILE M 337 -2.73 -33.61 38.08
CA ILE M 337 -3.63 -33.44 39.23
C ILE M 337 -5.01 -33.98 38.91
N LEU M 338 -5.54 -33.66 37.72
CA LEU M 338 -6.88 -34.11 37.39
C LEU M 338 -6.94 -35.63 37.28
N ALA M 339 -5.89 -36.25 36.75
CA ALA M 339 -5.91 -37.70 36.59
C ALA M 339 -5.79 -38.41 37.93
N SER M 340 -4.94 -37.90 38.83
CA SER M 340 -4.84 -38.50 40.15
C SER M 340 -6.14 -38.35 40.92
N LEU M 341 -6.74 -37.17 40.87
CA LEU M 341 -8.00 -36.94 41.57
C LEU M 341 -9.11 -37.83 41.01
N ALA M 342 -9.15 -37.98 39.69
CA ALA M 342 -10.13 -38.88 39.07
C ALA M 342 -9.93 -40.32 39.51
N THR M 343 -8.66 -40.76 39.53
CA THR M 343 -8.36 -42.12 39.96
C THR M 343 -8.81 -42.35 41.40
N SER M 344 -8.56 -41.38 42.28
CA SER M 344 -8.95 -41.56 43.69
C SER M 344 -10.47 -41.58 43.84
N VAL M 345 -11.17 -40.69 43.14
CA VAL M 345 -12.62 -40.64 43.23
C VAL M 345 -13.22 -41.95 42.71
N ASP M 346 -12.63 -42.51 41.66
CA ASP M 346 -13.10 -43.81 41.18
C ASP M 346 -12.76 -44.92 42.16
N LYS M 347 -11.55 -44.90 42.71
CA LYS M 347 -11.06 -45.98 43.56
C LYS M 347 -11.89 -46.12 44.81
N GLY M 348 -12.22 -45.00 45.46
CA GLY M 348 -12.96 -45.09 46.70
C GLY M 348 -14.44 -45.32 46.57
N GLU M 349 -14.96 -45.40 45.33
CA GLU M 349 -16.39 -45.45 45.06
C GLU M 349 -17.09 -44.33 45.84
N CYS M 350 -16.52 -43.14 45.70
CA CYS M 350 -17.01 -41.98 46.42
C CYS M 350 -18.11 -41.29 45.63
N LEU M 351 -19.22 -41.01 46.31
CA LEU M 351 -20.37 -40.37 45.70
C LEU M 351 -21.08 -39.53 46.75
N GLY M 352 -21.67 -38.43 46.30
CA GLY M 352 -22.37 -37.54 47.18
C GLY M 352 -21.42 -36.61 47.91
N GLY M 353 -21.21 -36.87 49.21
CA GLY M 353 -20.31 -36.06 50.02
C GLY M 353 -18.96 -36.71 50.25
N SER M 354 -18.89 -38.02 50.00
CA SER M 354 -17.59 -38.69 50.04
C SER M 354 -16.65 -38.19 48.95
N THR M 355 -17.20 -37.69 47.84
CA THR M 355 -16.42 -37.04 46.79
C THR M 355 -16.59 -35.51 46.84
N LEU M 356 -16.98 -34.99 48.00
CA LEU M 356 -16.88 -33.58 48.36
C LEU M 356 -15.93 -33.36 49.52
N SER M 357 -15.63 -34.41 50.29
CA SER M 357 -14.61 -34.41 51.32
C SER M 357 -13.22 -34.59 50.72
N LEU M 358 -13.10 -35.50 49.76
CA LEU M 358 -11.83 -35.75 49.09
C LEU M 358 -11.33 -34.50 48.37
N LEU M 359 -12.25 -33.71 47.80
CA LEU M 359 -11.85 -32.51 47.08
C LEU M 359 -11.40 -31.42 48.05
N HIS M 360 -11.97 -31.40 49.25
CA HIS M 360 -11.53 -30.46 50.27
C HIS M 360 -10.19 -30.85 50.85
N ASP M 361 -9.92 -32.15 51.01
CA ASP M 361 -8.65 -32.60 51.57
C ASP M 361 -7.50 -32.43 50.57
N ARG M 362 -7.76 -32.71 49.28
CA ARG M 362 -6.70 -32.54 48.30
C ARG M 362 -6.31 -31.07 48.16
N SER M 363 -7.23 -30.15 48.45
CA SER M 363 -6.88 -28.73 48.43
C SER M 363 -5.89 -28.38 49.55
N PHE M 364 -6.05 -28.99 50.73
CA PHE M 364 -5.05 -28.82 51.78
C PHE M 364 -3.72 -29.46 51.38
N SER M 365 -3.77 -30.59 50.67
CA SER M 365 -2.56 -31.32 50.31
C SER M 365 -1.54 -30.43 49.62
N TYR M 366 -1.94 -29.71 48.57
CA TYR M 366 -1.14 -28.64 47.97
C TYR M 366 -1.58 -27.32 48.59
N THR M 367 -0.80 -26.81 49.56
CA THR M 367 -1.07 -25.54 50.20
C THR M 367 -0.10 -24.43 49.82
N GLY M 368 1.09 -24.78 49.29
CA GLY M 368 2.08 -23.80 48.90
C GLY M 368 2.28 -23.68 47.40
N ASP M 369 1.80 -24.67 46.65
CA ASP M 369 2.07 -24.73 45.21
C ASP M 369 1.48 -23.54 44.47
N SER M 370 0.16 -23.37 44.56
CA SER M 370 -0.60 -22.27 43.94
C SER M 370 -0.77 -22.43 42.42
N GLN M 371 -0.15 -23.44 41.81
CA GLN M 371 -0.38 -23.76 40.41
C GLN M 371 -1.39 -24.89 40.25
N ALA M 372 -1.28 -25.92 41.08
CA ALA M 372 -2.28 -26.98 41.17
C ALA M 372 -3.36 -26.67 42.20
N GLN M 373 -3.00 -25.88 43.21
CA GLN M 373 -3.95 -25.49 44.25
C GLN M 373 -5.16 -24.78 43.66
N GLU M 374 -4.94 -23.76 42.83
CA GLU M 374 -6.04 -22.98 42.27
C GLU M 374 -6.97 -23.88 41.45
N LEU M 375 -6.40 -24.85 40.74
CA LEU M 375 -7.20 -25.86 40.07
C LEU M 375 -8.08 -26.60 41.06
N CYS M 376 -7.50 -27.05 42.18
CA CYS M 376 -8.26 -27.85 43.12
C CYS M 376 -9.40 -27.05 43.76
N LEU M 377 -9.15 -25.80 44.13
CA LEU M 377 -10.26 -24.95 44.59
C LEU M 377 -11.31 -24.72 43.50
N TYR M 378 -10.90 -24.58 42.24
CA TYR M 378 -11.91 -24.39 41.20
C TYR M 378 -12.80 -25.63 41.05
N LEU M 379 -12.19 -26.83 41.10
CA LEU M 379 -12.98 -28.05 41.09
C LEU M 379 -13.90 -28.15 42.29
N THR M 380 -13.44 -27.72 43.48
CA THR M 380 -14.33 -27.87 44.64
C THR M 380 -15.47 -26.86 44.58
N LYS M 381 -15.18 -25.62 44.15
CA LYS M 381 -16.24 -24.63 43.99
C LYS M 381 -17.26 -25.09 42.96
N ALA M 382 -16.81 -25.72 41.88
CA ALA M 382 -17.75 -26.19 40.87
C ALA M 382 -18.57 -27.38 41.37
N ALA M 383 -17.92 -28.32 42.07
CA ALA M 383 -18.61 -29.54 42.47
C ALA M 383 -19.49 -29.37 43.70
N SER M 384 -19.31 -28.30 44.47
CA SER M 384 -20.12 -28.09 45.67
C SER M 384 -21.40 -27.33 45.41
N ALA M 385 -21.66 -26.92 44.16
CA ALA M 385 -22.87 -26.16 43.89
C ALA M 385 -24.15 -26.93 44.16
N PRO M 386 -24.30 -28.20 43.75
CA PRO M 386 -25.57 -28.88 44.04
C PRO M 386 -25.76 -29.21 45.51
N TYR M 387 -24.69 -29.66 46.20
CA TYR M 387 -24.84 -30.05 47.59
C TYR M 387 -25.24 -28.86 48.46
N PHE M 388 -24.61 -27.71 48.21
CA PHE M 388 -24.99 -26.51 48.95
C PHE M 388 -26.40 -26.05 48.61
N GLU M 389 -26.88 -26.35 47.40
CA GLU M 389 -28.29 -26.06 47.09
C GLU M 389 -29.22 -26.95 47.91
N VAL M 390 -28.88 -28.24 48.03
CA VAL M 390 -29.68 -29.13 48.86
C VAL M 390 -29.63 -28.68 50.31
N LEU M 391 -28.45 -28.25 50.79
CA LEU M 391 -28.36 -27.78 52.16
C LEU M 391 -29.12 -26.48 52.36
N GLU M 392 -29.16 -25.60 51.36
CA GLU M 392 -29.96 -24.39 51.48
C GLU M 392 -31.44 -24.73 51.61
N LYS M 393 -31.91 -25.69 50.80
CA LYS M 393 -33.30 -26.12 50.89
C LYS M 393 -33.59 -26.73 52.25
N TRP M 394 -32.71 -27.61 52.72
CA TRP M 394 -32.90 -28.24 54.02
C TRP M 394 -32.89 -27.24 55.16
N ILE M 395 -31.97 -26.29 55.12
CA ILE M 395 -31.82 -25.35 56.22
C ILE M 395 -32.98 -24.37 56.27
N TYR M 396 -33.44 -23.86 55.12
CA TYR M 396 -34.44 -22.81 55.12
C TYR M 396 -35.88 -23.32 54.97
N ARG M 397 -36.08 -24.56 54.56
CA ARG M 397 -37.41 -25.16 54.61
C ARG M 397 -37.25 -26.64 54.96
N GLY M 398 -38.33 -27.23 55.44
CA GLY M 398 -38.28 -28.63 55.87
C GLY M 398 -38.10 -29.63 54.74
N ILE M 399 -38.26 -29.20 53.49
CA ILE M 399 -38.18 -30.13 52.37
C ILE M 399 -36.75 -30.56 52.12
N ILE M 400 -36.58 -31.85 51.81
CA ILE M 400 -35.32 -32.44 51.36
C ILE M 400 -35.61 -33.08 50.01
N HIS M 401 -35.35 -32.34 48.92
CA HIS M 401 -35.64 -32.86 47.60
C HIS M 401 -34.86 -34.13 47.32
N ASP M 402 -33.52 -34.02 47.29
CA ASP M 402 -32.53 -35.11 47.30
C ASP M 402 -32.95 -36.32 46.48
N PRO M 403 -33.11 -36.20 45.15
CA PRO M 403 -33.64 -37.33 44.36
C PRO M 403 -32.82 -38.61 44.51
N TYR M 404 -31.51 -38.51 44.58
CA TYR M 404 -30.63 -39.62 44.88
C TYR M 404 -30.19 -39.55 46.34
N SER M 405 -29.79 -40.69 46.88
CA SER M 405 -29.32 -40.77 48.27
C SER M 405 -27.91 -40.20 48.33
N GLU M 406 -27.82 -38.88 48.49
CA GLU M 406 -26.54 -38.20 48.68
C GLU M 406 -26.53 -37.27 49.89
N PHE M 407 -27.63 -36.59 50.18
CA PHE M 407 -27.61 -35.62 51.26
C PHE M 407 -27.45 -36.33 52.61
N MET M 408 -26.73 -35.67 53.52
CA MET M 408 -26.40 -36.29 54.81
C MET M 408 -27.65 -36.57 55.62
N VAL M 409 -28.61 -35.64 55.63
CA VAL M 409 -29.86 -35.86 56.33
C VAL M 409 -30.76 -36.70 55.44
N GLU M 410 -31.52 -37.60 56.06
CA GLU M 410 -32.42 -38.49 55.36
C GLU M 410 -33.76 -38.55 56.09
N GLU M 411 -34.81 -38.76 55.29
CA GLU M 411 -36.20 -38.79 55.74
C GLU M 411 -36.75 -40.19 55.53
N HIS M 412 -36.96 -40.92 56.62
CA HIS M 412 -37.68 -42.19 56.53
C HIS M 412 -39.18 -41.98 56.60
N GLU M 413 -39.92 -42.76 55.81
CA GLU M 413 -41.38 -42.68 55.71
C GLU M 413 -41.97 -43.51 56.84
N LEU M 414 -41.67 -43.08 58.06
CA LEU M 414 -41.99 -43.80 59.27
C LEU M 414 -43.43 -43.50 59.73
N ARG M 415 -44.17 -42.76 58.91
CA ARG M 415 -45.57 -42.51 59.14
C ARG M 415 -46.36 -43.81 59.05
N LYS M 416 -45.89 -44.78 58.26
CA LYS M 416 -46.60 -46.04 58.09
C LYS M 416 -46.89 -46.70 59.43
N GLU M 417 -45.88 -46.80 60.29
CA GLU M 417 -46.10 -47.35 61.62
C GLU M 417 -46.71 -46.30 62.55
N ARG M 418 -46.09 -45.13 62.65
CA ARG M 418 -46.65 -44.05 63.48
C ARG M 418 -47.62 -43.16 62.71
N ILE M 419 -48.90 -43.46 62.88
CA ILE M 419 -50.00 -42.68 62.33
C ILE M 419 -51.22 -42.91 63.22
N GLN M 420 -52.17 -41.98 63.18
CA GLN M 420 -53.26 -41.87 64.15
C GLN M 420 -52.74 -41.63 65.57
N GLU M 421 -51.93 -42.54 66.11
CA GLU M 421 -51.14 -42.28 67.31
C GLU M 421 -49.66 -42.30 66.94
N ASP M 422 -48.93 -41.24 67.34
CA ASP M 422 -47.47 -41.21 67.21
C ASP M 422 -46.85 -41.93 68.41
N TYR M 423 -46.81 -43.25 68.29
CA TYR M 423 -46.34 -44.12 69.36
C TYR M 423 -44.90 -43.79 69.78
N ASN M 424 -44.01 -43.61 68.79
CA ASN M 424 -42.57 -43.44 69.01
C ASN M 424 -42.13 -41.99 69.14
N ASP M 425 -43.01 -41.02 68.93
CA ASP M 425 -42.61 -39.62 68.76
C ASP M 425 -41.60 -39.52 67.62
N LYS M 426 -41.99 -40.04 66.46
CA LYS M 426 -41.05 -40.27 65.36
C LYS M 426 -40.33 -39.00 64.93
N TYR M 427 -41.05 -37.87 64.93
CA TYR M 427 -40.45 -36.61 64.49
C TYR M 427 -39.19 -36.28 65.27
N TRP M 428 -39.24 -36.48 66.59
CA TRP M 428 -38.10 -36.22 67.44
C TRP M 428 -37.19 -37.44 67.59
N ASP M 429 -37.62 -38.63 67.15
CA ASP M 429 -36.88 -39.84 67.48
C ASP M 429 -36.16 -40.44 66.29
N GLN M 430 -36.87 -40.74 65.20
CA GLN M 430 -36.28 -41.56 64.15
C GLN M 430 -36.93 -41.31 62.79
N ARG M 431 -37.70 -40.23 62.63
CA ARG M 431 -38.25 -39.87 61.32
C ARG M 431 -37.21 -39.17 60.44
N TYR M 432 -36.69 -38.01 60.89
CA TYR M 432 -35.66 -37.27 60.18
C TYR M 432 -34.33 -37.55 60.88
N THR M 433 -33.45 -38.32 60.23
CA THR M 433 -32.21 -38.78 60.85
C THR M 433 -31.00 -38.44 59.98
N ILE M 434 -29.82 -38.78 60.50
CA ILE M 434 -28.55 -38.39 59.90
C ILE M 434 -27.92 -39.59 59.21
N VAL M 435 -27.04 -39.31 58.24
CA VAL M 435 -26.15 -40.29 57.62
C VAL M 435 -24.72 -39.89 57.94
N GLN M 436 -23.87 -40.90 58.17
CA GLN M 436 -22.51 -40.67 58.65
C GLN M 436 -21.50 -40.50 57.50
N GLN M 437 -21.49 -41.44 56.56
CA GLN M 437 -20.46 -41.43 55.51
C GLN M 437 -20.67 -40.34 54.47
N GLN M 438 -21.81 -39.64 54.49
CA GLN M 438 -22.13 -38.61 53.51
C GLN M 438 -22.06 -37.21 54.13
N ILE M 439 -21.11 -37.01 55.05
CA ILE M 439 -20.91 -35.72 55.70
C ILE M 439 -19.69 -35.07 55.05
N PRO M 440 -19.73 -33.79 54.68
CA PRO M 440 -18.71 -33.26 53.76
C PRO M 440 -17.31 -33.17 54.35
N SER M 441 -17.15 -33.36 55.66
CA SER M 441 -15.89 -33.31 56.40
C SER M 441 -15.40 -31.88 56.65
N PHE M 442 -16.05 -30.87 56.07
CA PHE M 442 -15.86 -29.49 56.46
C PHE M 442 -17.06 -28.95 57.24
N LEU M 443 -18.22 -29.59 57.11
CA LEU M 443 -19.41 -29.24 57.85
C LEU M 443 -19.65 -30.17 59.04
N GLN M 444 -18.67 -31.04 59.36
CA GLN M 444 -18.83 -31.98 60.46
C GLN M 444 -19.04 -31.27 61.79
N LYS M 445 -18.44 -30.08 61.95
CA LYS M 445 -18.62 -29.33 63.18
C LYS M 445 -20.07 -28.89 63.35
N MET M 446 -20.79 -28.67 62.25
CA MET M 446 -22.19 -28.26 62.27
C MET M 446 -23.19 -29.37 61.97
N ALA M 447 -22.73 -30.62 61.81
CA ALA M 447 -23.58 -31.71 61.35
C ALA M 447 -24.85 -31.87 62.18
N ASP M 448 -24.71 -31.97 63.51
CA ASP M 448 -25.87 -32.16 64.36
C ASP M 448 -26.79 -30.93 64.33
N LYS M 449 -26.19 -29.74 64.34
CA LYS M 449 -26.98 -28.51 64.33
C LYS M 449 -27.84 -28.41 63.08
N ILE M 450 -27.32 -28.88 61.94
CA ILE M 450 -28.10 -28.87 60.69
C ILE M 450 -29.34 -29.75 60.80
N LEU M 451 -29.17 -30.99 61.26
CA LEU M 451 -30.31 -31.88 61.46
C LEU M 451 -31.32 -31.23 62.39
N SER M 452 -30.84 -30.67 63.50
CA SER M 452 -31.74 -29.96 64.40
C SER M 452 -32.42 -28.80 63.69
N THR M 453 -31.68 -28.07 62.86
CA THR M 453 -32.18 -26.86 62.21
C THR M 453 -33.42 -27.16 61.39
N GLY M 454 -33.36 -28.22 60.59
CA GLY M 454 -34.47 -28.52 59.70
C GLY M 454 -35.53 -29.41 60.32
N LYS M 455 -35.12 -30.30 61.23
CA LYS M 455 -36.10 -31.10 61.95
C LYS M 455 -37.01 -30.21 62.76
N TYR M 456 -36.46 -29.14 63.32
CA TYR M 456 -37.29 -28.17 64.02
C TYR M 456 -38.32 -27.56 63.07
N LEU M 457 -37.91 -27.26 61.83
CA LEU M 457 -38.84 -26.66 60.88
C LEU M 457 -40.00 -27.60 60.56
N ASN M 458 -39.69 -28.90 60.45
CA ASN M 458 -40.68 -29.82 59.89
C ASN M 458 -41.95 -29.92 60.74
N VAL M 459 -41.84 -29.86 62.07
CA VAL M 459 -43.02 -30.07 62.92
C VAL M 459 -43.99 -28.89 62.89
N VAL M 460 -43.62 -27.80 62.21
CA VAL M 460 -44.54 -26.72 61.88
C VAL M 460 -44.88 -26.71 60.40
N ARG M 461 -43.95 -27.05 59.52
CA ARG M 461 -44.27 -27.16 58.11
C ARG M 461 -45.25 -28.31 57.83
N GLU M 462 -45.37 -29.27 58.73
CA GLU M 462 -46.27 -30.41 58.54
C GLU M 462 -47.70 -30.08 58.92
N CYS M 463 -47.91 -29.03 59.71
CA CYS M 463 -49.21 -28.71 60.29
C CYS M 463 -49.98 -27.67 59.48
N GLY M 464 -49.45 -27.22 58.34
CA GLY M 464 -50.05 -26.21 57.51
C GLY M 464 -49.48 -24.82 57.74
N HIS M 465 -49.14 -24.47 58.98
CA HIS M 465 -48.55 -23.17 59.26
C HIS M 465 -47.16 -23.10 58.64
N ASP M 466 -46.87 -21.98 57.98
CA ASP M 466 -45.69 -21.86 57.12
C ASP M 466 -44.55 -21.25 57.92
N VAL M 467 -43.48 -22.02 58.12
CA VAL M 467 -42.24 -21.53 58.72
C VAL M 467 -41.31 -21.00 57.64
N THR M 468 -41.53 -19.75 57.24
CA THR M 468 -40.66 -19.11 56.27
C THR M 468 -39.52 -18.39 57.00
N CYS M 469 -38.38 -18.34 56.33
CA CYS M 469 -37.21 -17.65 56.85
C CYS M 469 -37.32 -16.15 56.57
N PRO M 470 -36.60 -15.30 57.32
CA PRO M 470 -36.54 -13.90 56.89
C PRO M 470 -35.91 -13.77 55.53
N VAL M 471 -34.92 -14.62 55.24
CA VAL M 471 -34.16 -14.55 54.01
C VAL M 471 -33.44 -15.88 53.84
N ALA M 472 -33.49 -16.43 52.63
CA ALA M 472 -32.82 -17.68 52.29
C ALA M 472 -31.44 -17.40 51.67
N LYS M 473 -30.49 -17.04 52.52
CA LYS M 473 -29.11 -16.79 52.09
C LYS M 473 -28.57 -17.96 51.28
N GLU M 474 -28.20 -17.68 50.03
CA GLU M 474 -27.57 -18.70 49.21
C GLU M 474 -26.19 -19.03 49.77
N ILE M 475 -25.84 -20.32 49.74
CA ILE M 475 -24.60 -20.83 50.31
C ILE M 475 -23.78 -21.50 49.22
N ILE M 476 -22.45 -21.30 49.30
CA ILE M 476 -21.51 -21.85 48.34
C ILE M 476 -20.24 -22.19 49.11
N TYR M 477 -19.48 -23.16 48.59
CA TYR M 477 -18.24 -23.55 49.26
C TYR M 477 -17.23 -22.42 49.15
N THR M 478 -16.43 -22.27 50.20
CA THR M 478 -15.28 -21.39 50.14
C THR M 478 -14.19 -21.99 51.02
N LEU M 479 -12.95 -21.90 50.56
CA LEU M 479 -11.79 -22.42 51.27
C LEU M 479 -11.14 -21.27 52.02
N LYS M 480 -10.74 -21.51 53.26
CA LYS M 480 -10.16 -20.52 54.18
C LYS M 480 -11.20 -19.56 54.74
N GLU M 481 -12.47 -19.69 54.36
CA GLU M 481 -13.53 -18.79 54.80
C GLU M 481 -14.72 -19.63 55.25
N ARG M 482 -15.22 -19.35 56.45
CA ARG M 482 -16.25 -20.13 57.11
C ARG M 482 -17.52 -19.31 57.27
N ALA M 483 -17.94 -18.65 56.19
CA ALA M 483 -19.19 -17.88 56.24
C ALA M 483 -20.41 -18.81 56.33
N TYR M 484 -20.37 -19.94 55.61
CA TYR M 484 -21.43 -20.94 55.72
C TYR M 484 -21.63 -21.40 57.16
N VAL M 485 -20.56 -21.43 57.96
CA VAL M 485 -20.65 -21.83 59.36
C VAL M 485 -21.60 -20.90 60.12
N GLU M 486 -21.36 -19.59 59.99
CA GLU M 486 -22.23 -18.62 60.62
C GLU M 486 -23.61 -18.62 60.00
N GLN M 487 -23.71 -18.89 58.69
CA GLN M 487 -25.03 -19.00 58.06
C GLN M 487 -25.86 -20.07 58.73
N ILE M 488 -25.23 -21.23 58.99
CA ILE M 488 -25.95 -22.36 59.54
C ILE M 488 -26.43 -22.00 60.94
N GLU M 489 -25.56 -21.36 61.74
CA GLU M 489 -26.04 -20.83 63.03
C GLU M 489 -27.17 -19.81 62.88
N LYS M 490 -27.08 -18.89 61.92
CA LYS M 490 -28.14 -17.88 61.76
C LYS M 490 -29.49 -18.53 61.51
N ALA M 491 -29.54 -19.46 60.55
CA ALA M 491 -30.78 -20.13 60.23
C ALA M 491 -31.28 -20.96 61.42
N PHE M 492 -30.36 -21.65 62.10
CA PHE M 492 -30.74 -22.40 63.29
C PHE M 492 -31.38 -21.50 64.34
N ASN M 493 -30.78 -20.33 64.58
CA ASN M 493 -31.34 -19.40 65.57
C ASN M 493 -32.74 -18.98 65.21
N TYR M 494 -32.94 -18.51 63.96
CA TYR M 494 -34.26 -17.97 63.64
C TYR M 494 -35.31 -19.08 63.64
N ALA M 495 -34.99 -20.23 63.02
CA ALA M 495 -35.95 -21.32 62.96
C ALA M 495 -36.32 -21.76 64.36
N SER M 496 -35.31 -21.95 65.22
CA SER M 496 -35.56 -22.33 66.61
C SER M 496 -36.38 -21.27 67.34
N LYS M 497 -36.33 -20.01 66.89
CA LYS M 497 -37.20 -18.99 67.45
C LYS M 497 -38.65 -19.14 66.98
N VAL M 498 -38.87 -19.42 65.69
CA VAL M 498 -40.23 -19.61 65.18
C VAL M 498 -40.86 -20.89 65.71
N LEU M 499 -40.05 -21.77 66.27
CA LEU M 499 -40.59 -22.98 66.90
C LEU M 499 -41.57 -22.66 68.03
N LEU M 500 -41.28 -21.65 68.85
CA LEU M 500 -42.27 -21.21 69.82
C LEU M 500 -43.37 -20.38 69.18
N ASP M 501 -43.13 -19.82 68.00
CA ASP M 501 -44.16 -19.10 67.27
C ASP M 501 -45.14 -20.06 66.59
N PHE M 502 -44.84 -21.37 66.60
CA PHE M 502 -45.83 -22.37 66.25
C PHE M 502 -46.42 -23.07 67.47
N LEU M 503 -45.59 -23.67 68.34
CA LEU M 503 -46.16 -24.56 69.36
C LEU M 503 -47.07 -23.82 70.33
N MET M 504 -46.99 -22.49 70.38
CA MET M 504 -47.86 -21.66 71.20
C MET M 504 -48.94 -20.93 70.39
N GLU M 505 -48.98 -21.11 69.06
CA GLU M 505 -49.95 -20.37 68.23
C GLU M 505 -50.97 -21.29 67.57
N GLU M 506 -50.51 -22.20 66.69
CA GLU M 506 -51.35 -23.28 66.21
C GLU M 506 -50.96 -24.56 66.92
N LYS M 507 -51.95 -25.45 67.09
CA LYS M 507 -51.75 -26.67 67.86
C LYS M 507 -51.24 -26.28 69.26
N GLU M 508 -51.88 -25.25 69.79
CA GLU M 508 -51.50 -24.56 71.03
C GLU M 508 -51.29 -25.53 72.18
N LEU M 509 -50.12 -25.44 72.81
CA LEU M 509 -49.74 -26.34 73.89
C LEU M 509 -50.22 -25.88 75.27
N VAL M 510 -50.42 -24.58 75.47
CA VAL M 510 -50.73 -24.08 76.82
C VAL M 510 -52.10 -24.59 77.27
N ALA M 511 -53.11 -24.51 76.40
CA ALA M 511 -54.43 -24.99 76.76
C ALA M 511 -54.44 -26.50 76.87
N HIS M 512 -53.69 -27.18 76.01
CA HIS M 512 -53.60 -28.64 76.04
C HIS M 512 -53.01 -29.10 77.38
N LEU M 513 -51.98 -28.41 77.87
CA LEU M 513 -51.42 -28.72 79.18
C LEU M 513 -52.40 -28.38 80.29
N ARG M 514 -53.15 -27.28 80.16
CA ARG M 514 -54.11 -26.94 81.20
C ARG M 514 -55.19 -28.01 81.30
N SER M 515 -55.66 -28.49 80.15
CA SER M 515 -56.72 -29.50 80.09
C SER M 515 -56.20 -30.91 80.32
N ILE M 516 -54.89 -31.11 80.42
CA ILE M 516 -54.34 -32.29 81.07
C ILE M 516 -54.32 -32.14 82.59
N LYS M 517 -53.97 -30.94 83.05
CA LYS M 517 -53.92 -30.68 84.49
C LYS M 517 -55.30 -30.79 85.12
N ARG M 518 -56.33 -30.36 84.38
CA ARG M 518 -57.67 -30.28 84.96
C ARG M 518 -58.19 -31.66 85.40
N TYR M 519 -57.78 -32.72 84.72
CA TYR M 519 -58.27 -34.07 84.97
C TYR M 519 -57.24 -34.99 85.59
N PHE M 520 -55.96 -34.90 85.21
CA PHE M 520 -54.97 -35.79 85.82
C PHE M 520 -54.55 -35.33 87.20
N LEU M 521 -54.35 -34.02 87.37
CA LEU M 521 -54.01 -33.44 88.66
C LEU M 521 -55.24 -32.99 89.45
N MET M 522 -56.44 -33.12 88.89
CA MET M 522 -57.69 -32.99 89.64
C MET M 522 -57.96 -31.55 90.07
N ASP M 523 -57.73 -30.59 89.17
CA ASP M 523 -58.10 -29.21 89.49
C ASP M 523 -59.61 -29.07 89.67
N GLN M 524 -60.38 -29.73 88.80
CA GLN M 524 -61.83 -29.67 88.86
C GLN M 524 -62.34 -30.75 89.80
N GLY M 525 -62.91 -30.32 90.93
CA GLY M 525 -63.40 -31.24 91.94
C GLY M 525 -64.86 -31.63 91.75
N ASP M 526 -65.61 -30.80 91.03
CA ASP M 526 -67.01 -31.15 90.72
C ASP M 526 -67.07 -32.44 89.92
N PHE M 527 -66.17 -32.58 88.95
CA PHE M 527 -66.11 -33.78 88.12
C PHE M 527 -65.92 -35.02 88.98
N PHE M 528 -65.01 -34.96 89.96
CA PHE M 528 -64.75 -36.13 90.79
C PHE M 528 -65.85 -36.37 91.82
N VAL M 529 -66.39 -35.33 92.45
CA VAL M 529 -67.44 -35.56 93.44
C VAL M 529 -68.67 -36.17 92.78
N HIS M 530 -68.92 -35.86 91.50
CA HIS M 530 -69.98 -36.57 90.79
C HIS M 530 -69.54 -37.99 90.38
N PHE M 531 -68.38 -38.10 89.72
CA PHE M 531 -67.97 -39.38 89.14
C PHE M 531 -67.74 -40.46 90.19
N MET M 532 -67.11 -40.10 91.32
CA MET M 532 -66.85 -41.08 92.38
C MET M 532 -68.15 -41.70 92.88
N ASP M 533 -69.14 -40.85 93.16
CA ASP M 533 -70.43 -41.33 93.64
C ASP M 533 -71.11 -42.20 92.58
N LEU M 534 -71.06 -41.78 91.32
CA LEU M 534 -71.68 -42.56 90.26
C LEU M 534 -70.84 -43.77 89.82
N ALA M 535 -69.65 -43.95 90.40
CA ALA M 535 -68.73 -45.00 89.97
C ALA M 535 -68.51 -46.10 91.01
N GLU M 536 -68.45 -45.77 92.31
CA GLU M 536 -67.87 -46.68 93.29
C GLU M 536 -68.60 -48.02 93.35
N GLU M 537 -69.94 -48.02 93.24
CA GLU M 537 -70.68 -49.29 93.30
C GLU M 537 -70.25 -50.22 92.16
N GLU M 538 -69.90 -49.66 91.02
CA GLU M 538 -69.33 -50.45 89.92
C GLU M 538 -67.87 -50.79 90.21
N LEU M 539 -67.13 -49.85 90.80
CA LEU M 539 -65.70 -50.01 90.96
C LEU M 539 -65.37 -51.16 91.91
N ARG M 540 -66.16 -51.33 92.96
CA ARG M 540 -65.84 -52.32 93.99
C ARG M 540 -65.83 -53.75 93.44
N LYS M 541 -66.46 -54.00 92.30
CA LYS M 541 -66.41 -55.32 91.68
C LYS M 541 -65.00 -55.63 91.17
N PRO M 542 -64.63 -56.91 91.08
CA PRO M 542 -63.28 -57.26 90.62
C PRO M 542 -63.16 -57.17 89.10
N VAL M 543 -61.93 -57.40 88.61
CA VAL M 543 -61.68 -57.37 87.17
C VAL M 543 -62.39 -58.56 86.53
N GLU M 544 -62.54 -58.50 85.20
CA GLU M 544 -63.17 -59.51 84.35
C GLU M 544 -64.67 -59.62 84.60
N ASP M 545 -65.24 -58.79 85.47
CA ASP M 545 -66.67 -58.76 85.74
C ASP M 545 -67.27 -57.38 85.52
N ILE M 546 -66.45 -56.32 85.41
CA ILE M 546 -66.93 -55.01 85.02
C ILE M 546 -66.85 -54.93 83.51
N THR M 547 -67.77 -54.16 82.92
CA THR M 547 -67.81 -53.96 81.47
C THR M 547 -67.29 -52.56 81.14
N PRO M 548 -66.22 -52.42 80.35
CA PRO M 548 -65.67 -51.07 80.06
C PRO M 548 -66.69 -50.11 79.46
N PRO M 549 -67.62 -50.55 78.58
CA PRO M 549 -68.61 -49.59 78.07
C PRO M 549 -69.42 -48.85 79.13
N ARG M 550 -69.85 -49.51 80.21
CA ARG M 550 -70.59 -48.80 81.25
C ARG M 550 -69.73 -47.73 81.91
N LEU M 551 -68.49 -48.06 82.27
CA LEU M 551 -67.63 -47.04 82.85
C LEU M 551 -67.35 -45.91 81.87
N GLU M 552 -67.25 -46.23 80.58
CA GLU M 552 -67.05 -45.21 79.56
C GLU M 552 -68.24 -44.25 79.53
N ALA M 553 -69.45 -44.80 79.54
CA ALA M 553 -70.65 -43.97 79.53
C ALA M 553 -70.77 -43.16 80.82
N LEU M 554 -70.41 -43.76 81.96
CA LEU M 554 -70.45 -43.00 83.22
C LEU M 554 -69.45 -41.85 83.22
N LEU M 555 -68.24 -42.07 82.68
CA LEU M 555 -67.28 -40.97 82.58
C LEU M 555 -67.82 -39.87 81.67
N GLU M 556 -68.40 -40.24 80.53
CA GLU M 556 -68.95 -39.23 79.64
C GLU M 556 -70.04 -38.44 80.35
N LEU M 557 -70.95 -39.14 81.02
CA LEU M 557 -72.10 -38.52 81.67
C LEU M 557 -71.65 -37.58 82.78
N ALA M 558 -70.72 -38.03 83.63
CA ALA M 558 -70.23 -37.18 84.71
C ALA M 558 -69.51 -35.97 84.17
N LEU M 559 -68.71 -36.17 83.11
CA LEU M 559 -67.94 -35.06 82.55
C LEU M 559 -68.88 -33.98 82.01
N ARG M 560 -69.95 -34.39 81.30
CA ARG M 560 -70.88 -33.38 80.78
C ARG M 560 -71.74 -32.76 81.89
N MET M 561 -72.12 -33.53 82.92
CA MET M 561 -72.85 -32.92 84.04
C MET M 561 -72.02 -31.87 84.77
N SER M 562 -70.75 -32.14 84.99
CA SER M 562 -69.95 -31.24 85.81
C SER M 562 -69.76 -29.89 85.11
N THR M 563 -69.25 -28.92 85.87
CA THR M 563 -68.93 -27.61 85.33
C THR M 563 -67.61 -27.59 84.56
N ALA M 564 -67.03 -28.76 84.27
CA ALA M 564 -65.89 -28.89 83.37
C ALA M 564 -66.33 -29.13 81.93
N ASN M 565 -67.51 -28.61 81.55
CA ASN M 565 -68.06 -28.79 80.22
C ASN M 565 -67.71 -27.63 79.28
N THR M 566 -66.74 -26.79 79.66
CA THR M 566 -66.31 -25.64 78.87
C THR M 566 -65.12 -25.96 77.98
N ASP M 567 -64.13 -26.68 78.52
CA ASP M 567 -62.87 -26.86 77.81
C ASP M 567 -63.07 -27.77 76.59
N PRO M 568 -62.27 -27.56 75.52
CA PRO M 568 -62.52 -28.30 74.26
C PRO M 568 -62.00 -29.72 74.26
N PHE M 569 -60.85 -29.94 74.91
CA PHE M 569 -60.13 -31.21 74.82
C PHE M 569 -60.60 -32.22 75.87
N LYS M 570 -61.83 -32.08 76.34
CA LYS M 570 -62.44 -33.02 77.29
C LYS M 570 -63.09 -34.21 76.60
N ASP M 571 -63.59 -34.02 75.37
CA ASP M 571 -64.49 -35.00 74.76
C ASP M 571 -63.82 -36.34 74.48
N ASP M 572 -62.50 -36.39 74.44
CA ASP M 572 -61.74 -37.63 74.18
C ASP M 572 -60.89 -37.94 75.40
N LEU M 573 -61.51 -38.60 76.38
CA LEU M 573 -60.83 -39.16 77.55
C LEU M 573 -61.11 -40.65 77.57
N LYS M 574 -60.06 -41.47 77.74
CA LYS M 574 -60.16 -42.92 77.57
C LYS M 574 -59.87 -43.60 78.90
N ILE M 575 -60.87 -44.27 79.48
CA ILE M 575 -60.60 -45.11 80.65
C ILE M 575 -59.79 -46.32 80.20
N ASP M 576 -58.65 -46.55 80.84
CA ASP M 576 -57.87 -47.75 80.62
C ASP M 576 -57.46 -48.37 81.95
N LEU M 577 -57.13 -49.65 81.88
CA LEU M 577 -56.74 -50.44 83.04
C LEU M 577 -55.22 -50.50 83.14
N MET M 578 -54.75 -50.71 84.37
CA MET M 578 -53.34 -50.94 84.65
C MET M 578 -53.21 -52.28 85.37
N PRO M 579 -52.58 -53.33 84.78
CA PRO M 579 -52.72 -54.67 85.36
C PRO M 579 -52.00 -54.88 86.69
N HIS M 580 -50.73 -54.50 86.79
CA HIS M 580 -49.92 -54.90 87.93
C HIS M 580 -49.99 -53.91 89.10
N ASP M 581 -50.69 -52.79 88.94
CA ASP M 581 -50.91 -51.83 90.03
C ASP M 581 -49.56 -51.29 90.50
N LEU M 582 -49.19 -51.41 91.78
CA LEU M 582 -47.96 -50.81 92.27
C LEU M 582 -46.72 -51.47 91.67
N ILE M 583 -46.83 -52.70 91.18
CA ILE M 583 -45.67 -53.38 90.61
C ILE M 583 -45.22 -52.69 89.33
N THR M 584 -46.13 -52.00 88.64
CA THR M 584 -45.73 -51.23 87.46
C THR M 584 -44.69 -50.18 87.83
N GLN M 585 -44.90 -49.48 88.94
CA GLN M 585 -43.88 -48.58 89.45
C GLN M 585 -42.64 -49.37 89.84
N LEU M 586 -41.48 -48.85 89.45
CA LEU M 586 -40.21 -49.52 89.70
C LEU M 586 -39.77 -49.35 91.15
N GLU M 607 -54.05 -55.25 93.57
CA GLU M 607 -54.04 -56.65 93.18
C GLU M 607 -54.61 -56.84 91.78
N LEU M 608 -54.22 -57.95 91.14
CA LEU M 608 -54.72 -58.21 89.79
C LEU M 608 -56.22 -58.45 89.78
N ALA M 609 -56.79 -58.96 90.88
CA ALA M 609 -58.20 -59.29 90.94
C ALA M 609 -59.05 -58.12 91.43
N LEU M 610 -58.62 -56.88 91.17
CA LEU M 610 -59.32 -55.67 91.59
C LEU M 610 -59.32 -54.71 90.41
N SER M 611 -60.49 -54.23 90.03
CA SER M 611 -60.63 -53.25 88.94
C SER M 611 -61.60 -52.16 89.38
N GLY M 612 -61.11 -50.93 89.41
CA GLY M 612 -61.80 -49.80 90.00
C GLY M 612 -61.30 -49.47 91.39
N LEU M 613 -60.90 -50.49 92.14
CA LEU M 613 -60.29 -50.27 93.44
C LEU M 613 -58.83 -49.84 93.32
N GLU M 614 -58.06 -50.52 92.44
CA GLU M 614 -56.65 -50.17 92.26
C GLU M 614 -56.14 -50.22 90.82
N ALA M 615 -56.97 -50.50 89.81
CA ALA M 615 -56.49 -50.73 88.45
C ALA M 615 -57.04 -49.73 87.44
N PHE M 616 -57.60 -48.61 87.91
CA PHE M 616 -58.30 -47.64 87.09
C PHE M 616 -57.35 -46.52 86.70
N SER M 617 -57.44 -46.03 85.46
CA SER M 617 -56.63 -44.87 85.11
C SER M 617 -57.19 -44.16 83.89
N PHE M 618 -57.03 -42.84 83.85
CA PHE M 618 -57.31 -42.05 82.68
C PHE M 618 -56.20 -42.17 81.65
N ASP M 619 -56.56 -41.99 80.38
CA ASP M 619 -55.62 -41.94 79.27
C ASP M 619 -56.11 -40.87 78.30
N TYR M 620 -55.17 -40.32 77.52
CA TYR M 620 -55.48 -39.21 76.62
C TYR M 620 -54.81 -39.46 75.27
N ILE M 621 -55.47 -39.04 74.21
CA ILE M 621 -55.01 -39.19 72.83
C ILE M 621 -54.29 -37.91 72.42
N VAL M 622 -53.09 -38.07 71.85
CA VAL M 622 -52.26 -36.96 71.39
C VAL M 622 -52.02 -37.10 69.90
N LYS M 623 -52.05 -35.97 69.20
CA LYS M 623 -51.82 -35.95 67.77
C LYS M 623 -50.33 -35.98 67.47
N TRP M 624 -50.02 -36.07 66.18
CA TRP M 624 -48.64 -36.32 65.76
C TRP M 624 -47.72 -35.16 66.14
N PRO M 625 -48.07 -33.89 65.92
CA PRO M 625 -47.16 -32.80 66.34
C PRO M 625 -47.12 -32.54 67.83
N LEU M 626 -48.18 -32.83 68.60
CA LEU M 626 -48.10 -32.80 70.07
C LEU M 626 -47.71 -34.12 70.70
N SER M 627 -47.47 -35.17 69.91
CA SER M 627 -46.79 -36.32 70.46
C SER M 627 -45.33 -36.01 70.77
N LEU M 628 -44.80 -34.88 70.31
CA LEU M 628 -43.43 -34.50 70.59
C LEU M 628 -43.21 -34.30 72.09
N ILE M 629 -44.11 -33.55 72.75
CA ILE M 629 -43.94 -33.17 74.15
C ILE M 629 -44.67 -34.16 75.05
N ILE M 630 -45.99 -34.22 74.92
CA ILE M 630 -46.81 -35.14 75.72
C ILE M 630 -46.80 -36.46 74.96
N ASN M 631 -45.99 -37.41 75.43
CA ASN M 631 -45.80 -38.68 74.75
C ASN M 631 -46.04 -39.82 75.74
N ARG M 632 -45.67 -41.03 75.33
CA ARG M 632 -45.86 -42.21 76.17
C ARG M 632 -45.17 -42.05 77.52
N LYS M 633 -43.92 -41.59 77.51
CA LYS M 633 -43.18 -41.42 78.76
C LYS M 633 -43.89 -40.40 79.65
N ALA M 634 -44.27 -39.26 79.10
CA ALA M 634 -44.94 -38.24 79.91
C ALA M 634 -46.27 -38.76 80.41
N LEU M 635 -47.03 -39.42 79.54
CA LEU M 635 -48.37 -39.87 79.91
C LEU M 635 -48.30 -40.95 80.99
N THR M 636 -47.33 -41.87 80.92
CA THR M 636 -47.22 -42.86 81.98
C THR M 636 -46.81 -42.22 83.30
N ARG M 637 -45.95 -41.19 83.25
CA ARG M 637 -45.66 -40.47 84.50
C ARG M 637 -46.91 -39.78 85.05
N TYR M 638 -47.69 -39.09 84.19
CA TYR M 638 -48.91 -38.45 84.67
C TYR M 638 -49.89 -39.48 85.24
N GLN M 639 -49.98 -40.64 84.59
CA GLN M 639 -50.92 -41.67 85.02
C GLN M 639 -50.50 -42.26 86.35
N MET M 640 -49.20 -42.53 86.53
CA MET M 640 -48.73 -43.09 87.79
C MET M 640 -48.72 -42.06 88.92
N LEU M 641 -48.77 -40.77 88.60
CA LEU M 641 -49.02 -39.76 89.62
C LEU M 641 -50.50 -39.72 90.00
N PHE M 642 -51.37 -39.60 88.99
CA PHE M 642 -52.81 -39.48 89.22
C PHE M 642 -53.37 -40.68 89.96
N ARG M 643 -52.93 -41.89 89.58
CA ARG M 643 -53.42 -43.10 90.25
C ARG M 643 -53.06 -43.09 91.73
N HIS M 644 -51.84 -42.68 92.07
CA HIS M 644 -51.46 -42.59 93.48
C HIS M 644 -52.32 -41.57 94.21
N MET M 645 -52.57 -40.41 93.59
CA MET M 645 -53.42 -39.41 94.24
C MET M 645 -54.85 -39.90 94.38
N PHE M 646 -55.28 -40.80 93.50
CA PHE M 646 -56.64 -41.32 93.54
C PHE M 646 -56.94 -42.02 94.86
N TYR M 647 -55.94 -42.70 95.44
CA TYR M 647 -56.16 -43.40 96.71
C TYR M 647 -56.34 -42.41 97.86
N CYS M 648 -55.56 -41.33 97.86
CA CYS M 648 -55.74 -40.31 98.89
C CYS M 648 -57.07 -39.59 98.74
N LYS M 649 -57.54 -39.44 97.51
CA LYS M 649 -58.84 -38.81 97.28
C LYS M 649 -59.98 -39.76 97.66
N HIS M 650 -59.78 -41.08 97.51
CA HIS M 650 -60.86 -42.05 97.71
C HIS M 650 -61.00 -42.48 99.17
N VAL M 651 -59.90 -42.87 99.80
CA VAL M 651 -59.98 -43.42 101.15
C VAL M 651 -60.43 -42.34 102.14
N GLU M 652 -60.11 -41.08 101.85
CA GLU M 652 -60.57 -39.98 102.69
C GLU M 652 -62.09 -39.93 102.75
N ARG M 653 -62.72 -39.92 101.57
CA ARG M 653 -64.18 -39.82 101.55
C ARG M 653 -64.80 -41.12 102.04
N GLN M 654 -64.09 -42.24 101.92
CA GLN M 654 -64.56 -43.47 102.55
C GLN M 654 -64.67 -43.29 104.06
N LEU M 655 -63.62 -42.75 104.69
CA LEU M 655 -63.67 -42.54 106.14
C LEU M 655 -64.72 -41.49 106.52
N CYS M 656 -64.85 -40.45 105.71
CA CYS M 656 -65.88 -39.44 105.96
C CYS M 656 -67.28 -40.04 105.85
N SER M 657 -67.46 -40.98 104.92
CA SER M 657 -68.75 -41.66 104.81
C SER M 657 -69.00 -42.54 106.03
N VAL M 658 -67.95 -43.18 106.55
CA VAL M 658 -68.09 -43.95 107.78
C VAL M 658 -68.50 -43.04 108.94
N TRP M 659 -68.01 -41.80 108.94
CA TRP M 659 -68.28 -40.89 110.06
C TRP M 659 -69.78 -40.63 110.23
N ILE M 660 -70.50 -40.38 109.13
CA ILE M 660 -71.90 -40.00 109.24
C ILE M 660 -72.79 -41.20 109.57
N SER M 661 -72.19 -42.40 109.66
CA SER M 661 -72.94 -43.56 110.15
C SER M 661 -73.54 -43.30 111.52
N ASN M 662 -72.79 -42.59 112.39
CA ASN M 662 -73.30 -42.13 113.67
C ASN M 662 -73.10 -40.63 113.87
N LYS M 663 -72.77 -39.89 112.81
CA LYS M 663 -72.61 -38.43 112.83
C LYS M 663 -71.76 -37.92 114.01
N GLN M 674 -71.02 -46.39 128.07
CA GLN M 674 -72.05 -46.54 127.05
C GLN M 674 -71.34 -46.31 125.69
N TRP M 675 -71.58 -45.20 124.97
CA TRP M 675 -70.85 -44.89 123.75
C TRP M 675 -69.91 -43.72 124.05
N PHE M 676 -68.62 -44.03 124.18
CA PHE M 676 -67.59 -43.03 124.49
C PHE M 676 -66.88 -42.65 123.19
N ALA M 677 -65.80 -41.87 123.30
CA ALA M 677 -65.12 -41.29 122.14
C ALA M 677 -63.88 -42.08 121.72
N GLY M 678 -63.90 -43.39 121.91
CA GLY M 678 -62.77 -44.22 121.57
C GLY M 678 -62.46 -44.20 120.08
N ALA M 679 -63.47 -44.50 119.26
CA ALA M 679 -63.30 -44.43 117.81
C ALA M 679 -63.29 -42.99 117.33
N PHE M 680 -63.91 -42.07 118.07
CA PHE M 680 -63.88 -40.69 117.62
C PHE M 680 -62.45 -40.15 117.65
N THR M 681 -61.67 -40.59 118.64
CA THR M 681 -60.25 -40.25 118.68
C THR M 681 -59.53 -40.72 117.40
N LEU M 682 -59.61 -42.03 117.11
CA LEU M 682 -58.88 -42.57 115.98
C LEU M 682 -59.40 -42.01 114.66
N ARG M 683 -60.73 -41.88 114.54
CA ARG M 683 -61.34 -41.42 113.30
C ARG M 683 -60.91 -39.98 113.00
N GLN M 684 -60.94 -39.11 114.00
CA GLN M 684 -60.50 -37.75 113.75
C GLN M 684 -58.99 -37.69 113.51
N ARG M 685 -58.23 -38.57 114.16
CA ARG M 685 -56.78 -38.63 113.92
C ARG M 685 -56.51 -38.96 112.46
N MET M 686 -57.17 -40.01 111.97
CA MET M 686 -56.88 -40.49 110.62
C MET M 686 -57.40 -39.50 109.59
N LEU M 687 -58.55 -38.88 109.87
CA LEU M 687 -59.05 -37.82 109.00
C LEU M 687 -58.07 -36.67 108.92
N ASN M 688 -57.51 -36.26 110.07
CA ASN M 688 -56.57 -35.15 110.09
C ASN M 688 -55.30 -35.48 109.32
N PHE M 689 -54.77 -36.69 109.49
CA PHE M 689 -53.58 -37.12 108.76
C PHE M 689 -53.82 -37.12 107.25
N VAL M 690 -54.89 -37.78 106.82
CA VAL M 690 -55.16 -37.92 105.38
C VAL M 690 -55.44 -36.54 104.77
N GLN M 691 -56.21 -35.70 105.48
CA GLN M 691 -56.51 -34.38 104.97
C GLN M 691 -55.25 -33.51 104.91
N ASN M 692 -54.32 -33.70 105.85
CA ASN M 692 -53.03 -33.01 105.75
C ASN M 692 -52.25 -33.46 104.53
N ILE M 693 -52.29 -34.77 104.22
CA ILE M 693 -51.64 -35.26 103.01
C ILE M 693 -52.23 -34.54 101.80
N GLN M 694 -53.56 -34.47 101.74
CA GLN M 694 -54.22 -33.81 100.63
C GLN M 694 -53.83 -32.34 100.53
N TYR M 695 -53.95 -31.59 101.63
CA TYR M 695 -53.68 -30.15 101.59
C TYR M 695 -52.22 -29.85 101.27
N TYR M 696 -51.30 -30.63 101.87
CA TYR M 696 -49.90 -30.59 101.50
C TYR M 696 -49.73 -30.66 100.00
N MET M 697 -50.28 -31.70 99.38
CA MET M 697 -50.07 -31.89 97.95
C MET M 697 -50.70 -30.75 97.17
N MET M 698 -51.88 -30.29 97.58
CA MET M 698 -52.62 -29.35 96.76
C MET M 698 -51.97 -27.98 96.76
N PHE M 699 -51.38 -27.56 97.90
CA PHE M 699 -50.86 -26.20 98.02
C PHE M 699 -49.41 -26.13 98.50
N GLU M 700 -48.56 -27.10 98.15
CA GLU M 700 -47.12 -26.85 98.24
C GLU M 700 -46.38 -27.16 96.95
N VAL M 701 -46.72 -28.24 96.25
CA VAL M 701 -45.90 -28.75 95.16
C VAL M 701 -46.54 -28.47 93.81
N MET M 702 -47.74 -29.03 93.59
CA MET M 702 -48.33 -29.04 92.26
C MET M 702 -48.69 -27.63 91.79
N GLU M 703 -49.36 -26.85 92.63
CA GLU M 703 -49.90 -25.57 92.18
C GLU M 703 -48.82 -24.53 92.02
N PRO M 704 -47.92 -24.29 92.99
CA PRO M 704 -46.85 -23.30 92.77
C PRO M 704 -45.92 -23.68 91.64
N THR M 705 -45.50 -24.94 91.60
CA THR M 705 -44.60 -25.35 90.53
C THR M 705 -45.28 -25.33 89.17
N TRP M 706 -46.60 -25.53 89.13
CA TRP M 706 -47.29 -25.38 87.85
C TRP M 706 -47.31 -23.92 87.43
N HIS M 707 -47.47 -23.02 88.39
CA HIS M 707 -47.29 -21.60 88.09
C HIS M 707 -45.88 -21.30 87.60
N ILE M 708 -44.89 -22.08 88.06
CA ILE M 708 -43.52 -21.90 87.58
C ILE M 708 -43.37 -22.43 86.15
N LEU M 709 -43.95 -23.59 85.85
CA LEU M 709 -43.85 -24.14 84.50
C LEU M 709 -44.56 -23.24 83.50
N GLU M 710 -45.68 -22.65 83.89
CA GLU M 710 -46.37 -21.74 82.97
C GLU M 710 -45.55 -20.48 82.67
N LYS M 711 -44.49 -20.22 83.43
CA LYS M 711 -43.54 -19.15 83.18
C LYS M 711 -42.32 -19.63 82.40
N ASN M 712 -41.80 -20.81 82.72
CA ASN M 712 -40.64 -21.33 81.98
C ASN M 712 -41.02 -21.65 80.53
N LEU M 713 -42.17 -22.27 80.30
CA LEU M 713 -42.60 -22.52 78.93
C LEU M 713 -43.03 -21.24 78.24
N LYS M 714 -43.36 -20.19 78.98
CA LYS M 714 -43.69 -18.90 78.42
C LYS M 714 -42.43 -18.12 78.02
N SER M 715 -41.30 -18.42 78.66
CA SER M 715 -40.01 -17.80 78.34
C SER M 715 -39.03 -18.79 77.70
N ALA M 716 -39.51 -19.88 77.13
CA ALA M 716 -38.65 -20.79 76.39
C ALA M 716 -38.29 -20.18 75.04
N SER M 717 -37.28 -20.77 74.37
CA SER M 717 -36.85 -20.33 73.05
C SER M 717 -37.11 -21.35 71.94
N ASN M 718 -36.81 -22.63 72.17
CA ASN M 718 -37.05 -23.68 71.19
C ASN M 718 -37.62 -24.89 71.89
N ILE M 719 -38.04 -25.88 71.08
CA ILE M 719 -38.88 -26.94 71.61
C ILE M 719 -38.06 -27.98 72.35
N ASP M 720 -36.74 -27.95 72.23
CA ASP M 720 -35.93 -28.75 73.13
C ASP M 720 -35.91 -28.16 74.53
N ASP M 721 -36.03 -26.84 74.66
CA ASP M 721 -36.20 -26.20 75.96
C ASP M 721 -37.63 -26.33 76.48
N VAL M 722 -38.61 -26.31 75.59
CA VAL M 722 -39.99 -26.63 76.00
C VAL M 722 -40.04 -28.05 76.58
N LEU M 723 -39.44 -29.01 75.86
CA LEU M 723 -39.41 -30.39 76.33
C LEU M 723 -38.61 -30.52 77.62
N GLY M 724 -37.47 -29.84 77.72
CA GLY M 724 -36.67 -29.91 78.93
C GLY M 724 -37.41 -29.37 80.14
N HIS M 725 -38.05 -28.21 79.99
CA HIS M 725 -38.83 -27.65 81.08
C HIS M 725 -40.02 -28.56 81.42
N HIS M 726 -40.64 -29.14 80.41
CA HIS M 726 -41.82 -29.98 80.64
C HIS M 726 -41.45 -31.24 81.43
N THR M 727 -40.41 -31.95 80.97
CA THR M 727 -39.97 -33.15 81.68
C THR M 727 -39.38 -32.81 83.04
N GLY M 728 -38.70 -31.65 83.15
CA GLY M 728 -38.19 -31.24 84.43
C GLY M 728 -39.30 -30.97 85.42
N PHE M 729 -40.37 -30.32 84.97
CA PHE M 729 -41.56 -30.18 85.79
C PHE M 729 -42.14 -31.50 86.25
N LEU M 730 -42.39 -32.42 85.31
CA LEU M 730 -43.06 -33.64 85.73
C LEU M 730 -42.19 -34.43 86.71
N ASP M 731 -40.90 -34.53 86.42
CA ASP M 731 -39.99 -35.22 87.33
C ASP M 731 -39.89 -34.49 88.67
N THR M 732 -39.80 -33.16 88.65
CA THR M 732 -39.59 -32.41 89.89
C THR M 732 -40.81 -32.49 90.80
N CYS M 733 -42.01 -32.35 90.23
CA CYS M 733 -43.20 -32.51 91.05
C CYS M 733 -43.35 -33.93 91.56
N LEU M 734 -43.02 -34.93 90.73
CA LEU M 734 -43.12 -36.31 91.20
C LEU M 734 -42.14 -36.56 92.35
N LYS M 735 -40.94 -35.97 92.27
CA LYS M 735 -39.94 -36.20 93.31
C LYS M 735 -40.28 -35.43 94.58
N ASP M 736 -40.73 -34.17 94.45
CA ASP M 736 -41.04 -33.37 95.63
C ASP M 736 -42.27 -33.92 96.34
N CYS M 737 -43.21 -34.47 95.59
CA CYS M 737 -44.29 -35.22 96.21
C CYS M 737 -43.73 -36.53 96.77
N MET M 738 -44.55 -37.22 97.56
CA MET M 738 -44.16 -38.48 98.17
C MET M 738 -44.18 -39.65 97.18
N LEU M 739 -44.48 -39.39 95.91
CA LEU M 739 -44.49 -40.45 94.89
C LEU M 739 -43.15 -41.19 94.82
N THR M 740 -42.04 -40.46 94.81
CA THR M 740 -40.71 -41.03 94.63
C THR M 740 -40.05 -41.22 95.99
N ASN M 741 -39.61 -42.44 96.26
CA ASN M 741 -38.86 -42.74 97.49
C ASN M 741 -38.02 -43.98 97.25
N PRO M 742 -36.87 -44.14 97.91
CA PRO M 742 -36.11 -45.39 97.76
C PRO M 742 -36.87 -46.62 98.24
N GLU M 743 -37.49 -46.56 99.40
CA GLU M 743 -38.26 -47.66 99.95
C GLU M 743 -39.70 -47.70 99.42
N LEU M 744 -40.06 -46.80 98.52
CA LEU M 744 -41.40 -46.71 97.94
C LEU M 744 -42.48 -46.37 98.97
N LEU M 745 -42.07 -45.90 100.15
CA LEU M 745 -42.95 -45.55 101.27
C LEU M 745 -44.02 -46.61 101.49
N LYS M 746 -43.56 -47.85 101.70
CA LYS M 746 -44.46 -48.93 102.08
C LYS M 746 -45.11 -48.67 103.43
N VAL M 747 -44.51 -47.80 104.25
CA VAL M 747 -45.18 -47.24 105.43
C VAL M 747 -46.53 -46.66 105.04
N PHE M 748 -46.59 -45.94 103.91
CA PHE M 748 -47.84 -45.31 103.48
C PHE M 748 -48.84 -46.36 103.01
N SER M 749 -48.35 -47.38 102.29
CA SER M 749 -49.25 -48.44 101.83
C SER M 749 -49.87 -49.18 102.99
N LYS M 750 -49.06 -49.53 104.00
CA LYS M 750 -49.61 -50.24 105.15
C LYS M 750 -50.54 -49.35 105.98
N LEU M 751 -50.22 -48.06 106.08
CA LEU M 751 -51.08 -47.12 106.79
C LEU M 751 -52.45 -47.04 106.12
N MET M 752 -52.48 -46.92 104.79
CA MET M 752 -53.77 -46.89 104.10
C MET M 752 -54.46 -48.25 104.11
N SER M 753 -53.70 -49.34 104.17
CA SER M 753 -54.32 -50.66 104.30
C SER M 753 -55.11 -50.74 105.59
N VAL M 754 -54.50 -50.35 106.71
CA VAL M 754 -55.24 -50.34 107.97
C VAL M 754 -56.32 -49.27 107.99
N CYS M 755 -56.17 -48.17 107.23
CA CYS M 755 -57.28 -47.23 107.10
C CYS M 755 -58.50 -47.89 106.47
N VAL M 756 -58.29 -48.64 105.39
CA VAL M 756 -59.40 -49.26 104.69
C VAL M 756 -60.04 -50.34 105.55
N MET M 757 -59.21 -51.15 106.21
CA MET M 757 -59.80 -52.24 106.99
C MET M 757 -60.53 -51.69 108.22
N PHE M 758 -60.02 -50.58 108.81
CA PHE M 758 -60.79 -49.86 109.81
C PHE M 758 -62.14 -49.38 109.30
N THR M 759 -62.15 -48.71 108.14
CA THR M 759 -63.41 -48.17 107.64
C THR M 759 -64.41 -49.29 107.35
N ASN M 760 -63.94 -50.37 106.74
CA ASN M 760 -64.83 -51.50 106.45
C ASN M 760 -65.34 -52.13 107.74
N CYS M 761 -64.46 -52.32 108.74
CA CYS M 761 -64.88 -52.90 110.00
C CYS M 761 -65.92 -52.02 110.69
N MET M 762 -65.70 -50.71 110.71
CA MET M 762 -66.66 -49.82 111.35
C MET M 762 -68.01 -49.84 110.65
N GLN M 763 -68.02 -49.77 109.32
CA GLN M 763 -69.31 -49.76 108.63
C GLN M 763 -70.03 -51.09 108.81
N LYS M 764 -69.28 -52.20 108.78
CA LYS M 764 -69.86 -53.51 109.05
C LYS M 764 -70.45 -53.54 110.46
N PHE M 765 -69.74 -52.97 111.43
CA PHE M 765 -70.24 -52.98 112.80
C PHE M 765 -71.53 -52.16 112.92
N THR M 766 -71.54 -50.96 112.34
CA THR M 766 -72.71 -50.09 112.49
C THR M 766 -73.93 -50.69 111.82
N GLN M 767 -73.76 -51.34 110.66
CA GLN M 767 -74.90 -52.06 110.10
C GLN M 767 -75.25 -53.29 110.93
N SER M 768 -74.25 -54.01 111.44
CA SER M 768 -74.47 -55.15 112.34
C SER M 768 -74.42 -54.80 113.83
N MET M 769 -75.11 -53.75 114.28
CA MET M 769 -75.50 -53.61 115.69
C MET M 769 -76.93 -54.07 115.94
N LYS M 770 -77.86 -53.60 115.12
CA LYS M 770 -79.29 -53.94 115.26
C LYS M 770 -79.72 -54.94 114.21
N LEU M 771 -79.41 -54.67 112.95
CA LEU M 771 -79.83 -55.50 111.84
C LEU M 771 -78.80 -56.60 111.57
N LEU M 814 -70.90 -51.62 121.27
CA LEU M 814 -70.31 -50.31 121.02
C LEU M 814 -69.33 -49.93 122.13
N VAL M 815 -69.61 -50.37 123.36
CA VAL M 815 -68.74 -50.04 124.47
C VAL M 815 -67.44 -50.84 124.41
N SER M 816 -67.54 -52.15 124.15
CA SER M 816 -66.45 -53.09 124.44
C SER M 816 -65.80 -53.69 123.21
N GLY M 817 -66.55 -54.44 122.38
CA GLY M 817 -65.95 -55.06 121.21
C GLY M 817 -65.55 -54.03 120.16
N PHE M 818 -66.40 -53.03 119.99
CA PHE M 818 -66.07 -51.89 119.15
C PHE M 818 -64.72 -51.31 119.57
N GLU M 819 -64.57 -50.98 120.85
CA GLU M 819 -63.29 -50.47 121.38
C GLU M 819 -62.17 -51.46 121.16
N ALA M 820 -62.48 -52.76 121.23
CA ALA M 820 -61.44 -53.78 121.10
C ALA M 820 -60.82 -53.70 119.70
N THR M 821 -61.65 -53.49 118.68
CA THR M 821 -61.11 -53.23 117.35
C THR M 821 -60.43 -51.87 117.27
N ILE M 822 -61.00 -50.85 117.92
CA ILE M 822 -60.47 -49.49 117.79
C ILE M 822 -59.04 -49.43 118.27
N ASN M 823 -58.74 -50.06 119.41
CA ASN M 823 -57.40 -49.89 120.00
C ASN M 823 -56.32 -50.56 119.15
N LYS M 824 -56.59 -51.75 118.60
CA LYS M 824 -55.58 -52.38 117.76
C LYS M 824 -55.38 -51.58 116.48
N PHE M 825 -56.46 -51.05 115.90
CA PHE M 825 -56.29 -50.12 114.79
C PHE M 825 -55.50 -48.87 115.22
N ASP M 826 -55.72 -48.39 116.44
CA ASP M 826 -55.00 -47.21 116.91
C ASP M 826 -53.51 -47.47 117.02
N LYS M 827 -53.13 -48.59 117.66
CA LYS M 827 -51.72 -48.92 117.82
C LYS M 827 -51.05 -49.13 116.47
N ASN M 828 -51.69 -49.88 115.58
CA ASN M 828 -51.10 -50.14 114.27
C ASN M 828 -50.92 -48.85 113.49
N PHE M 829 -51.93 -47.98 113.51
CA PHE M 829 -51.84 -46.74 112.76
C PHE M 829 -50.76 -45.83 113.33
N SER M 830 -50.70 -45.74 114.68
CA SER M 830 -49.67 -44.92 115.32
C SER M 830 -48.28 -45.43 114.99
N ALA M 831 -48.09 -46.75 114.98
CA ALA M 831 -46.80 -47.30 114.58
C ALA M 831 -46.45 -46.91 113.15
N HIS M 832 -47.39 -47.15 112.22
CA HIS M 832 -47.15 -46.83 110.82
C HIS M 832 -46.99 -45.33 110.59
N LEU M 833 -47.48 -44.51 111.53
CA LEU M 833 -47.42 -43.07 111.43
C LEU M 833 -46.10 -42.53 111.93
N LEU M 834 -45.70 -42.95 113.14
CA LEU M 834 -44.45 -42.47 113.71
C LEU M 834 -43.25 -43.00 112.93
N ASP M 835 -43.33 -44.23 112.43
CA ASP M 835 -42.26 -44.73 111.57
C ASP M 835 -42.14 -43.86 110.32
N LEU M 836 -43.28 -43.49 109.73
CA LEU M 836 -43.29 -42.63 108.55
C LEU M 836 -42.65 -41.29 108.86
N LEU M 837 -43.08 -40.65 109.95
CA LEU M 837 -42.58 -39.32 110.27
C LEU M 837 -41.10 -39.33 110.60
N ALA M 838 -40.61 -40.37 111.26
CA ALA M 838 -39.19 -40.43 111.55
C ALA M 838 -38.37 -40.67 110.28
N ARG M 839 -38.81 -41.63 109.45
CA ARG M 839 -38.12 -41.90 108.19
C ARG M 839 -38.23 -40.75 107.21
N LEU M 840 -39.12 -39.79 107.44
CA LEU M 840 -39.13 -38.54 106.69
C LEU M 840 -38.31 -37.46 107.39
N SER M 841 -38.19 -37.53 108.72
CA SER M 841 -37.36 -36.58 109.45
C SER M 841 -35.89 -36.75 109.12
N ILE M 842 -35.47 -37.97 108.75
CA ILE M 842 -34.05 -38.16 108.44
C ILE M 842 -33.60 -37.28 107.27
N TYR M 843 -34.50 -37.05 106.30
CA TYR M 843 -34.16 -36.29 105.11
C TYR M 843 -33.95 -34.82 105.45
N SER M 844 -32.68 -34.40 105.55
CA SER M 844 -32.29 -33.02 105.79
C SER M 844 -33.06 -32.37 106.95
N GLY M 851 -39.21 -26.08 102.44
CA GLY M 851 -40.23 -26.75 101.64
C GLY M 851 -40.22 -28.24 101.84
N MET M 852 -39.03 -28.84 101.75
CA MET M 852 -38.91 -30.28 101.98
C MET M 852 -39.29 -30.63 103.41
N ALA M 853 -38.85 -29.83 104.38
CA ALA M 853 -39.11 -30.07 105.78
C ALA M 853 -40.39 -29.42 106.28
N SER M 854 -41.11 -28.67 105.43
CA SER M 854 -42.38 -28.06 105.79
C SER M 854 -43.47 -29.08 106.11
N VAL M 855 -43.28 -30.35 105.72
CA VAL M 855 -44.35 -31.34 105.79
C VAL M 855 -44.67 -31.72 107.24
N ILE M 856 -43.67 -32.18 108.00
CA ILE M 856 -43.91 -32.90 109.25
C ILE M 856 -44.62 -32.00 110.26
N SER M 857 -44.09 -30.81 110.48
CA SER M 857 -44.67 -29.92 111.48
C SER M 857 -46.06 -29.48 111.08
N ARG M 858 -46.37 -29.43 109.79
CA ARG M 858 -47.75 -29.18 109.40
C ARG M 858 -48.64 -30.35 109.77
N LEU M 859 -48.13 -31.59 109.60
CA LEU M 859 -48.94 -32.74 110.00
C LEU M 859 -49.27 -32.72 111.49
N ASP M 860 -48.37 -32.18 112.32
CA ASP M 860 -48.68 -31.87 113.73
C ASP M 860 -48.36 -30.40 113.96
N PHE M 861 -49.31 -29.54 113.58
CA PHE M 861 -49.23 -28.12 113.86
C PHE M 861 -49.18 -27.80 115.34
N ASN M 862 -49.86 -28.58 116.17
CA ASN M 862 -50.06 -28.16 117.55
C ASN M 862 -48.87 -28.50 118.43
N GLY M 863 -48.15 -29.54 118.06
CA GLY M 863 -47.26 -30.23 118.96
C GLY M 863 -47.91 -31.43 119.58
N PHE M 864 -49.05 -31.86 119.08
CA PHE M 864 -49.61 -33.14 119.51
C PHE M 864 -48.73 -34.23 118.95
N TYR M 865 -48.32 -35.15 119.82
CA TYR M 865 -47.34 -36.17 119.47
C TYR M 865 -46.11 -35.52 118.87
N THR M 866 -45.65 -34.43 119.50
CA THR M 866 -44.48 -33.71 119.01
C THR M 866 -43.28 -34.64 118.89
N GLU M 867 -43.11 -35.54 119.87
CA GLU M 867 -42.12 -36.61 119.79
C GLU M 867 -42.46 -37.67 120.83
N ARG M 868 -42.64 -38.92 120.39
CA ARG M 868 -42.94 -40.04 121.28
C ARG M 868 -41.69 -40.83 121.63
N LEU M 869 -41.00 -41.35 120.61
CA LEU M 869 -39.82 -42.20 120.79
C LEU M 869 -38.66 -41.57 120.02
N GLU M 870 -37.65 -41.12 120.74
CA GLU M 870 -36.44 -40.60 120.11
C GLU M 870 -35.64 -41.77 119.55
N ARG M 871 -35.36 -41.73 118.24
CA ARG M 871 -34.66 -42.83 117.61
C ARG M 871 -33.19 -42.82 118.04
N LEU M 872 -32.75 -43.93 118.63
CA LEU M 872 -31.38 -44.08 119.11
C LEU M 872 -31.05 -42.97 120.11
N ILE N 245 -2.37 -39.66 -3.42
CA ILE N 245 -3.53 -39.03 -2.81
C ILE N 245 -3.05 -38.09 -1.70
N THR N 246 -2.71 -36.87 -2.11
CA THR N 246 -2.18 -35.88 -1.19
C THR N 246 -3.24 -35.42 -0.18
N GLU N 247 -2.78 -34.65 0.81
CA GLU N 247 -3.65 -34.16 1.87
C GLU N 247 -4.68 -33.15 1.36
N ALA N 248 -4.30 -32.33 0.37
CA ALA N 248 -5.23 -31.36 -0.19
C ALA N 248 -6.49 -32.02 -0.73
N ALA N 249 -6.38 -33.23 -1.25
CA ALA N 249 -7.57 -33.95 -1.70
C ALA N 249 -8.44 -34.34 -0.50
N LEU N 250 -7.81 -34.82 0.57
CA LEU N 250 -8.56 -35.26 1.75
C LEU N 250 -9.33 -34.10 2.38
N VAL N 251 -8.71 -32.91 2.44
CA VAL N 251 -9.41 -31.76 3.03
C VAL N 251 -10.65 -31.41 2.22
N ARG N 252 -10.50 -31.34 0.89
CA ARG N 252 -11.60 -31.00 0.01
C ARG N 252 -12.71 -32.05 0.10
N ASP N 253 -12.34 -33.30 0.35
CA ASP N 253 -13.35 -34.35 0.44
C ASP N 253 -14.09 -34.29 1.78
N ILE N 254 -13.35 -34.16 2.90
CA ILE N 254 -13.99 -34.22 4.22
C ILE N 254 -14.95 -33.05 4.41
N LEU N 255 -14.64 -31.91 3.78
CA LEU N 255 -15.53 -30.77 3.95
C LEU N 255 -16.92 -31.04 3.39
N TYR N 256 -17.10 -32.07 2.55
CA TYR N 256 -18.43 -32.47 2.10
C TYR N 256 -19.06 -33.56 2.97
N VAL N 257 -18.28 -34.52 3.47
CA VAL N 257 -18.88 -35.55 4.30
C VAL N 257 -19.29 -35.02 5.66
N PHE N 258 -18.84 -33.82 6.02
CA PHE N 258 -19.40 -33.20 7.21
C PHE N 258 -20.91 -32.96 7.07
N GLN N 259 -21.38 -32.61 5.86
CA GLN N 259 -22.81 -32.51 5.62
C GLN N 259 -23.47 -33.87 5.47
N GLY N 260 -22.72 -34.89 5.08
CA GLY N 260 -23.25 -36.22 4.81
C GLY N 260 -23.17 -36.64 3.36
N ILE N 261 -22.70 -35.78 2.47
CA ILE N 261 -22.55 -36.13 1.05
C ILE N 261 -21.27 -36.96 0.92
N ASP N 262 -21.39 -38.13 0.29
CA ASP N 262 -20.24 -39.00 0.10
C ASP N 262 -19.17 -38.29 -0.73
N GLY N 263 -17.92 -38.39 -0.29
CA GLY N 263 -16.82 -37.72 -0.95
C GLY N 263 -16.28 -38.50 -2.12
N LYS N 264 -15.23 -37.95 -2.72
CA LYS N 264 -14.57 -38.61 -3.85
C LYS N 264 -13.75 -39.80 -3.39
N ASN N 265 -12.81 -39.57 -2.49
CA ASN N 265 -11.96 -40.62 -1.92
C ASN N 265 -12.42 -41.06 -0.53
N ILE N 266 -13.55 -40.55 -0.05
CA ILE N 266 -14.18 -40.99 1.18
C ILE N 266 -15.62 -41.33 0.84
N LYS N 267 -16.05 -42.52 1.25
CA LYS N 267 -17.39 -42.99 0.95
C LYS N 267 -17.89 -43.88 2.07
N MET N 268 -19.22 -43.92 2.17
CA MET N 268 -19.91 -44.73 3.16
C MET N 268 -20.01 -46.18 2.64
N ASN N 269 -18.85 -46.75 2.36
CA ASN N 269 -18.78 -48.00 1.60
C ASN N 269 -19.52 -49.13 2.31
N ASN N 270 -19.23 -49.34 3.59
CA ASN N 270 -20.05 -50.21 4.42
C ASN N 270 -21.24 -49.40 4.89
N THR N 271 -22.43 -49.88 4.56
CA THR N 271 -23.64 -49.07 4.72
C THR N 271 -23.86 -48.69 6.18
N GLU N 272 -23.72 -49.65 7.09
CA GLU N 272 -23.92 -49.37 8.50
C GLU N 272 -22.65 -48.81 9.12
N ASN N 273 -21.49 -49.42 8.86
CA ASN N 273 -20.27 -49.00 9.53
C ASN N 273 -19.74 -47.71 8.91
N CYS N 274 -18.73 -47.12 9.56
CA CYS N 274 -18.38 -45.72 9.33
C CYS N 274 -17.78 -45.52 7.93
N TYR N 275 -17.66 -44.24 7.56
CA TYR N 275 -16.96 -43.86 6.34
C TYR N 275 -15.53 -44.36 6.39
N LYS N 276 -15.11 -45.05 5.32
CA LYS N 276 -13.76 -45.58 5.21
C LYS N 276 -13.07 -45.00 3.99
N VAL N 277 -11.84 -44.53 4.18
CA VAL N 277 -11.04 -44.03 3.07
C VAL N 277 -10.73 -45.17 2.12
N GLU N 278 -10.76 -44.88 0.83
CA GLU N 278 -10.49 -45.86 -0.21
C GLU N 278 -9.34 -45.38 -1.09
N ARG N 285 -0.66 -42.75 6.73
CA ARG N 285 -1.46 -43.68 7.52
C ARG N 285 -2.23 -42.92 8.59
N SER N 286 -1.52 -42.09 9.36
CA SER N 286 -2.19 -41.21 10.33
C SER N 286 -3.01 -40.11 9.64
N LEU N 287 -2.61 -39.71 8.43
CA LEU N 287 -3.33 -38.69 7.70
C LEU N 287 -4.79 -39.10 7.49
N ARG N 288 -5.00 -40.34 7.08
CA ARG N 288 -6.36 -40.85 6.91
C ARG N 288 -7.04 -41.00 8.26
N ASP N 289 -6.29 -41.42 9.28
CA ASP N 289 -6.84 -41.64 10.62
C ASP N 289 -7.27 -40.34 11.31
N THR N 290 -6.88 -39.18 10.79
CA THR N 290 -7.57 -37.97 11.21
C THR N 290 -9.06 -38.05 10.84
N ALA N 291 -9.35 -38.66 9.69
CA ALA N 291 -10.72 -38.71 9.19
C ALA N 291 -11.63 -39.55 10.08
N VAL N 292 -11.11 -40.61 10.73
CA VAL N 292 -11.99 -41.50 11.49
C VAL N 292 -12.62 -40.74 12.66
N ARG N 293 -11.98 -39.66 13.12
CA ARG N 293 -12.63 -38.74 14.02
C ARG N 293 -13.45 -37.68 13.29
N LEU N 294 -12.90 -37.09 12.23
CA LEU N 294 -13.58 -35.94 11.62
C LEU N 294 -14.91 -36.33 10.98
N SER N 295 -14.99 -37.54 10.43
CA SER N 295 -16.18 -37.97 9.69
C SER N 295 -17.40 -38.17 10.58
N GLU N 296 -17.18 -38.48 11.87
CA GLU N 296 -18.30 -38.86 12.73
C GLU N 296 -19.31 -37.73 12.90
N LEU N 297 -18.88 -36.48 12.71
CA LEU N 297 -19.83 -35.37 12.66
C LEU N 297 -20.80 -35.51 11.51
N GLY N 298 -20.41 -36.24 10.46
CA GLY N 298 -21.29 -36.49 9.34
C GLY N 298 -22.24 -37.64 9.63
N TRP N 299 -21.77 -38.65 10.35
CA TRP N 299 -22.66 -39.76 10.71
C TRP N 299 -23.72 -39.31 11.70
N LEU N 300 -23.33 -38.53 12.71
CA LEU N 300 -24.31 -37.97 13.64
C LEU N 300 -25.26 -37.02 12.92
N HIS N 301 -24.72 -36.22 12.00
CA HIS N 301 -25.54 -35.37 11.17
C HIS N 301 -26.55 -36.18 10.37
N ASN N 302 -26.11 -37.32 9.83
CA ASN N 302 -27.02 -38.16 9.06
C ASN N 302 -28.13 -38.72 9.94
N LYS N 303 -27.78 -39.09 11.17
CA LYS N 303 -28.79 -39.61 12.11
C LYS N 303 -29.86 -38.55 12.39
N ILE N 304 -29.44 -37.30 12.61
CA ILE N 304 -30.46 -36.30 12.95
C ILE N 304 -31.28 -35.93 11.71
N ARG N 305 -30.62 -35.81 10.55
CA ARG N 305 -31.32 -35.27 9.38
C ARG N 305 -32.28 -36.29 8.79
N ARG N 306 -31.93 -37.59 8.77
CA ARG N 306 -32.84 -38.54 8.15
C ARG N 306 -34.12 -38.65 8.96
N TYR N 307 -34.04 -38.35 10.26
CA TYR N 307 -35.20 -38.49 11.13
C TYR N 307 -36.06 -37.23 11.11
N THR N 308 -35.45 -36.04 11.08
CA THR N 308 -36.28 -34.83 11.01
C THR N 308 -36.78 -34.54 9.59
N ASP N 309 -36.20 -35.14 8.56
CA ASP N 309 -36.77 -35.00 7.22
C ASP N 309 -38.09 -35.74 7.13
N GLN N 310 -38.13 -36.98 7.62
CA GLN N 310 -39.32 -37.80 7.50
C GLN N 310 -40.38 -37.44 8.54
N ARG N 311 -39.97 -37.27 9.80
CA ARG N 311 -40.95 -37.03 10.85
C ARG N 311 -41.69 -35.71 10.68
N SER N 312 -41.11 -34.74 9.96
CA SER N 312 -41.78 -33.47 9.77
C SER N 312 -42.96 -33.57 8.82
N LEU N 313 -42.96 -34.53 7.90
CA LEU N 313 -44.04 -34.70 6.92
C LEU N 313 -45.18 -35.57 7.43
N ASP N 314 -45.01 -36.23 8.57
CA ASP N 314 -45.94 -37.26 9.04
C ASP N 314 -46.83 -36.65 10.11
N ARG N 315 -48.08 -36.31 9.74
CA ARG N 315 -48.98 -35.67 10.68
C ARG N 315 -49.41 -36.60 11.81
N SER N 316 -49.18 -37.92 11.68
CA SER N 316 -49.57 -38.85 12.74
C SER N 316 -48.72 -38.66 14.00
N PHE N 317 -47.49 -38.15 13.85
CA PHE N 317 -46.61 -38.02 15.00
C PHE N 317 -47.17 -37.08 16.06
N GLY N 318 -47.78 -35.97 15.67
CA GLY N 318 -48.55 -35.16 16.58
C GLY N 318 -47.92 -33.79 16.85
N LEU N 319 -48.78 -32.89 17.33
CA LEU N 319 -48.43 -31.50 17.62
C LEU N 319 -47.18 -31.41 18.48
N VAL N 320 -47.09 -32.25 19.50
CA VAL N 320 -45.85 -32.46 20.23
C VAL N 320 -45.07 -33.53 19.48
N GLY N 321 -43.88 -33.16 19.02
CA GLY N 321 -43.07 -34.00 18.16
C GLY N 321 -42.79 -33.33 16.83
N GLN N 322 -43.81 -32.72 16.20
CA GLN N 322 -43.47 -31.87 15.05
C GLN N 322 -42.71 -30.62 15.48
N SER N 323 -42.99 -30.09 16.67
CA SER N 323 -42.20 -28.97 17.18
C SER N 323 -40.80 -29.43 17.60
N PHE N 324 -40.67 -30.67 18.08
CA PHE N 324 -39.34 -31.22 18.34
C PHE N 324 -38.52 -31.31 17.05
N CYS N 325 -39.17 -31.76 15.96
CA CYS N 325 -38.49 -31.79 14.68
C CYS N 325 -38.10 -30.38 14.22
N ALA N 326 -39.01 -29.43 14.39
CA ALA N 326 -38.71 -28.03 14.11
C ALA N 326 -37.44 -27.56 14.82
N ALA N 327 -37.35 -27.85 16.11
CA ALA N 327 -36.19 -27.42 16.89
C ALA N 327 -34.91 -28.08 16.38
N LEU N 328 -34.99 -29.38 16.05
CA LEU N 328 -33.82 -30.07 15.53
C LEU N 328 -33.33 -29.46 14.21
N HIS N 329 -34.26 -29.12 13.31
CA HIS N 329 -33.86 -28.59 12.02
C HIS N 329 -33.30 -27.18 12.14
N GLN N 330 -33.96 -26.33 12.94
CA GLN N 330 -33.42 -25.01 13.22
C GLN N 330 -32.02 -25.09 13.80
N GLU N 331 -31.74 -26.13 14.59
CA GLU N 331 -30.39 -26.24 15.13
C GLU N 331 -29.39 -26.67 14.06
N LEU N 332 -29.80 -27.57 13.14
CA LEU N 332 -28.89 -28.03 12.09
C LEU N 332 -28.48 -26.88 11.16
N ARG N 333 -29.38 -25.92 10.96
CA ARG N 333 -29.07 -24.74 10.14
C ARG N 333 -27.77 -24.07 10.60
N GLU N 334 -27.58 -23.95 11.91
CA GLU N 334 -26.42 -23.23 12.42
C GLU N 334 -25.12 -23.99 12.15
N TYR N 335 -25.17 -25.33 12.14
CA TYR N 335 -24.02 -26.13 11.73
C TYR N 335 -23.68 -25.87 10.26
N TYR N 336 -24.71 -25.74 9.42
CA TYR N 336 -24.42 -25.37 8.03
C TYR N 336 -23.82 -23.97 7.91
N ARG N 337 -24.15 -23.05 8.82
CA ARG N 337 -23.53 -21.72 8.75
C ARG N 337 -22.02 -21.83 8.94
N LEU N 338 -21.56 -22.67 9.87
CA LEU N 338 -20.12 -22.92 10.03
C LEU N 338 -19.53 -23.53 8.78
N LEU N 339 -20.21 -24.52 8.20
CA LEU N 339 -19.64 -25.22 7.07
C LEU N 339 -19.46 -24.30 5.87
N SER N 340 -20.39 -23.36 5.66
CA SER N 340 -20.22 -22.38 4.57
C SER N 340 -18.96 -21.55 4.78
N VAL N 341 -18.69 -21.15 6.02
CA VAL N 341 -17.51 -20.35 6.32
C VAL N 341 -16.25 -21.14 5.97
N LEU N 342 -16.21 -22.43 6.35
CA LEU N 342 -15.11 -23.28 5.88
C LEU N 342 -14.99 -23.29 4.36
N HIS N 343 -16.13 -23.41 3.66
CA HIS N 343 -16.13 -23.37 2.19
C HIS N 343 -15.45 -22.12 1.67
N SER N 344 -15.84 -20.96 2.22
CA SER N 344 -15.25 -19.70 1.78
C SER N 344 -13.74 -19.68 2.06
N GLN N 345 -13.33 -20.19 3.22
CA GLN N 345 -11.90 -20.26 3.52
C GLN N 345 -11.10 -21.14 2.58
N LEU N 346 -11.72 -22.12 1.90
CA LEU N 346 -11.00 -22.80 0.82
C LEU N 346 -10.99 -21.87 -0.38
N GLN N 347 -9.94 -21.06 -0.46
CA GLN N 347 -9.79 -19.99 -1.47
C GLN N 347 -10.96 -19.03 -1.35
N SER N 361 -2.66 -22.32 5.31
CA SER N 361 -3.75 -23.10 4.75
C SER N 361 -4.75 -23.44 5.86
N LEU N 362 -5.64 -24.40 5.61
CA LEU N 362 -6.74 -24.72 6.52
C LEU N 362 -6.71 -26.15 7.03
N THR N 363 -5.55 -26.60 7.53
CA THR N 363 -5.44 -27.87 8.24
C THR N 363 -5.07 -27.60 9.69
N LEU N 364 -6.07 -27.26 10.52
CA LEU N 364 -5.87 -27.16 11.97
C LEU N 364 -6.11 -28.53 12.57
N ARG N 365 -5.04 -29.34 12.48
CA ARG N 365 -5.11 -30.78 12.64
C ARG N 365 -6.20 -31.33 11.72
N ARG N 366 -6.26 -30.75 10.52
CA ARG N 366 -7.31 -31.07 9.55
C ARG N 366 -8.70 -30.83 10.14
N LEU N 367 -8.88 -29.64 10.73
CA LEU N 367 -10.16 -29.10 11.19
C LEU N 367 -10.65 -29.75 12.48
N LEU N 368 -9.77 -30.38 13.26
CA LEU N 368 -10.25 -30.95 14.53
C LEU N 368 -10.68 -29.85 15.48
N VAL N 369 -9.92 -28.77 15.53
CA VAL N 369 -10.24 -27.64 16.40
C VAL N 369 -11.59 -27.07 16.02
N TRP N 370 -11.84 -26.91 14.71
CA TRP N 370 -13.08 -26.29 14.28
C TRP N 370 -14.25 -27.21 14.59
N THR N 371 -14.05 -28.52 14.43
CA THR N 371 -15.13 -29.49 14.58
C THR N 371 -15.48 -29.83 16.02
N TYR N 372 -14.58 -29.56 16.99
CA TYR N 372 -14.85 -30.02 18.35
C TYR N 372 -16.17 -29.46 18.91
N ASP N 373 -16.43 -28.17 18.72
CA ASP N 373 -17.59 -27.57 19.36
C ASP N 373 -18.91 -28.05 18.75
N PRO N 374 -19.04 -28.15 17.42
CA PRO N 374 -20.25 -28.82 16.88
C PRO N 374 -20.36 -30.29 17.25
N LYS N 375 -19.24 -30.97 17.49
CA LYS N 375 -19.25 -32.42 17.69
C LYS N 375 -19.98 -32.80 18.98
N ILE N 376 -19.73 -32.04 20.06
CA ILE N 376 -20.39 -32.32 21.33
C ILE N 376 -21.86 -31.92 21.27
N ARG N 377 -22.18 -30.87 20.50
CA ARG N 377 -23.55 -30.46 20.25
C ARG N 377 -24.29 -31.38 19.29
N LEU N 378 -23.57 -32.25 18.59
CA LEU N 378 -24.17 -33.29 17.75
C LEU N 378 -24.43 -34.57 18.51
N LYS N 379 -23.53 -34.92 19.44
CA LYS N 379 -23.69 -36.15 20.21
C LYS N 379 -24.99 -36.14 21.01
N THR N 380 -25.30 -35.02 21.67
CA THR N 380 -26.45 -35.00 22.55
C THR N 380 -27.75 -35.12 21.76
N LEU N 381 -27.84 -34.44 20.63
CA LEU N 381 -29.07 -34.48 19.84
C LEU N 381 -29.24 -35.85 19.19
N ALA N 382 -28.14 -36.46 18.73
CA ALA N 382 -28.24 -37.81 18.21
C ALA N 382 -28.66 -38.80 19.30
N ALA N 383 -28.35 -38.50 20.56
CA ALA N 383 -28.91 -39.29 21.65
C ALA N 383 -30.41 -39.01 21.85
N LEU N 384 -30.81 -37.74 21.77
CA LEU N 384 -32.20 -37.39 22.02
C LEU N 384 -33.15 -38.04 21.03
N VAL N 385 -32.76 -38.15 19.75
CA VAL N 385 -33.70 -38.73 18.78
C VAL N 385 -33.99 -40.19 19.12
N ASP N 386 -32.97 -40.94 19.51
CA ASP N 386 -33.14 -42.36 19.80
C ASP N 386 -33.70 -42.62 21.20
N HIS N 387 -33.62 -41.63 22.11
CA HIS N 387 -34.35 -41.75 23.36
C HIS N 387 -35.81 -41.32 23.21
N CYS N 388 -36.13 -40.51 22.19
CA CYS N 388 -37.49 -40.10 21.90
C CYS N 388 -38.13 -40.95 20.80
N GLN N 389 -37.48 -42.01 20.35
CA GLN N 389 -38.06 -42.93 19.37
C GLN N 389 -39.15 -43.78 20.01
N GLY N 390 -40.30 -43.85 19.35
CA GLY N 390 -41.46 -44.60 19.82
C GLY N 390 -42.42 -43.77 20.64
N ARG N 391 -41.88 -42.90 21.48
CA ARG N 391 -42.69 -42.01 22.29
C ARG N 391 -43.23 -40.85 21.47
N LYS N 392 -44.45 -40.44 21.80
CA LYS N 392 -45.06 -39.26 21.17
C LYS N 392 -45.93 -38.56 22.20
N GLY N 393 -46.37 -37.36 21.84
CA GLY N 393 -47.19 -36.57 22.74
C GLY N 393 -46.46 -36.25 24.03
N GLY N 394 -47.17 -36.40 25.15
CA GLY N 394 -46.58 -36.08 26.45
C GLY N 394 -45.39 -36.95 26.80
N GLU N 395 -45.37 -38.20 26.30
CA GLU N 395 -44.26 -39.08 26.60
C GLU N 395 -42.97 -38.57 25.97
N LEU N 396 -43.05 -37.95 24.79
CA LEU N 396 -41.85 -37.36 24.20
C LEU N 396 -41.36 -36.17 25.03
N ALA N 397 -42.28 -35.36 25.55
CA ALA N 397 -41.87 -34.24 26.38
C ALA N 397 -41.22 -34.73 27.67
N SER N 398 -41.74 -35.80 28.26
CA SER N 398 -41.09 -36.36 29.43
C SER N 398 -39.73 -36.94 29.07
N ALA N 399 -39.60 -37.52 27.87
CA ALA N 399 -38.31 -38.05 27.43
C ALA N 399 -37.29 -36.97 27.11
N VAL N 400 -37.74 -35.72 26.91
CA VAL N 400 -36.81 -34.60 26.76
C VAL N 400 -36.49 -34.04 28.14
N HIS N 401 -37.47 -34.05 29.04
CA HIS N 401 -37.20 -33.62 30.41
C HIS N 401 -36.27 -34.58 31.13
N ALA N 402 -36.19 -35.83 30.66
CA ALA N 402 -35.26 -36.78 31.26
C ALA N 402 -33.81 -36.34 31.08
N TYR N 403 -33.49 -35.74 29.93
CA TYR N 403 -32.11 -35.40 29.60
C TYR N 403 -31.63 -34.08 30.20
N THR N 404 -32.50 -33.30 30.83
CA THR N 404 -32.07 -32.10 31.56
C THR N 404 -31.91 -32.40 33.05
N LYS N 405 -31.11 -33.43 33.33
CA LYS N 405 -30.82 -33.86 34.68
C LYS N 405 -29.33 -34.20 34.84
N THR N 406 -28.47 -33.47 34.11
CA THR N 406 -27.05 -33.75 34.01
C THR N 406 -26.27 -32.52 34.42
N GLY N 407 -25.22 -32.71 35.22
CA GLY N 407 -24.43 -31.60 35.72
C GLY N 407 -23.82 -30.75 34.62
N ASP N 408 -23.44 -31.38 33.50
CA ASP N 408 -22.81 -30.75 32.34
C ASP N 408 -23.51 -29.45 31.95
N PRO N 409 -22.88 -28.27 32.08
CA PRO N 409 -23.62 -27.03 31.82
C PRO N 409 -23.94 -26.81 30.35
N TYR N 410 -23.01 -27.09 29.45
CA TYR N 410 -23.21 -26.83 28.04
C TYR N 410 -24.33 -27.71 27.46
N MET N 411 -24.32 -29.00 27.82
CA MET N 411 -25.37 -29.89 27.31
C MET N 411 -26.70 -29.59 27.98
N ARG N 412 -26.67 -29.20 29.26
CA ARG N 412 -27.90 -28.79 29.93
C ARG N 412 -28.45 -27.51 29.32
N SER N 413 -27.58 -26.57 28.97
CA SER N 413 -28.03 -25.35 28.31
C SER N 413 -28.60 -25.65 26.94
N LEU N 414 -28.06 -26.65 26.25
CA LEU N 414 -28.61 -27.00 24.95
C LEU N 414 -30.00 -27.64 25.09
N VAL N 415 -30.13 -28.66 25.94
CA VAL N 415 -31.38 -29.41 26.01
C VAL N 415 -32.51 -28.55 26.58
N GLN N 416 -32.22 -27.76 27.62
CA GLN N 416 -33.30 -27.02 28.29
C GLN N 416 -33.88 -25.93 27.41
N HIS N 417 -33.25 -25.59 26.30
CA HIS N 417 -33.82 -24.70 25.30
C HIS N 417 -34.77 -25.44 24.37
N ILE N 418 -34.38 -26.64 23.95
CA ILE N 418 -35.26 -27.49 23.15
C ILE N 418 -36.54 -27.78 23.91
N LEU N 419 -36.42 -28.00 25.22
CA LEU N 419 -37.59 -28.39 25.99
C LEU N 419 -38.64 -27.29 26.04
N SER N 420 -38.21 -26.02 26.07
CA SER N 420 -39.18 -24.93 26.11
C SER N 420 -40.02 -24.89 24.84
N LEU N 421 -39.40 -25.19 23.69
CA LEU N 421 -40.16 -25.29 22.45
C LEU N 421 -41.07 -26.50 22.46
N VAL N 422 -40.55 -27.66 22.88
CA VAL N 422 -41.32 -28.90 22.85
C VAL N 422 -42.57 -28.77 23.73
N SER N 423 -42.42 -28.19 24.91
CA SER N 423 -43.48 -28.12 25.91
C SER N 423 -44.33 -26.86 25.81
N HIS N 424 -44.21 -26.10 24.72
CA HIS N 424 -45.14 -25.00 24.51
C HIS N 424 -46.52 -25.50 24.08
N PRO N 425 -46.64 -26.40 23.07
CA PRO N 425 -47.96 -27.01 22.77
C PRO N 425 -48.68 -27.63 23.95
N VAL N 426 -47.99 -28.42 24.78
CA VAL N 426 -48.66 -29.08 25.90
C VAL N 426 -49.26 -28.06 26.85
N LEU N 427 -48.50 -26.98 27.14
CA LEU N 427 -49.05 -25.90 27.95
C LEU N 427 -50.13 -25.13 27.21
N SER N 428 -50.17 -25.17 25.88
CA SER N 428 -51.26 -24.55 25.16
C SER N 428 -52.56 -25.32 25.36
N PHE N 429 -52.48 -26.65 25.41
CA PHE N 429 -53.62 -27.45 25.83
C PHE N 429 -53.98 -27.15 27.29
N LEU N 430 -52.99 -26.84 28.11
CA LEU N 430 -53.23 -26.65 29.54
C LEU N 430 -53.96 -25.34 29.81
N TYR N 431 -53.53 -24.25 29.17
CA TYR N 431 -54.10 -22.93 29.42
C TYR N 431 -55.35 -22.67 28.58
N ARG N 432 -55.84 -23.67 27.85
CA ARG N 432 -57.09 -23.63 27.12
C ARG N 432 -58.15 -24.51 27.76
N TRP N 433 -57.79 -25.74 28.11
CA TRP N 433 -58.66 -26.65 28.85
C TRP N 433 -58.92 -26.18 30.29
N ILE N 434 -58.29 -25.09 30.73
CA ILE N 434 -58.55 -24.49 32.04
C ILE N 434 -59.44 -23.28 31.77
N TYR N 435 -58.92 -22.34 30.97
CA TYR N 435 -59.62 -21.08 30.71
C TYR N 435 -60.75 -21.26 29.71
N ASP N 436 -60.42 -21.72 28.50
CA ASP N 436 -61.39 -21.65 27.38
C ASP N 436 -62.63 -22.49 27.66
N GLY N 437 -62.46 -23.69 28.22
CA GLY N 437 -63.56 -24.55 28.60
C GLY N 437 -63.57 -25.89 27.87
N GLU N 438 -63.03 -25.93 26.65
CA GLU N 438 -63.09 -27.12 25.80
C GLU N 438 -61.69 -27.61 25.51
N LEU N 439 -61.62 -28.87 25.08
CA LEU N 439 -60.38 -29.54 24.71
C LEU N 439 -60.51 -29.97 23.26
N GLU N 440 -59.47 -29.71 22.46
CA GLU N 440 -59.44 -30.05 21.04
C GLU N 440 -58.08 -30.66 20.71
N ASP N 441 -57.99 -31.99 20.86
CA ASP N 441 -56.86 -32.75 20.37
C ASP N 441 -57.40 -33.88 19.51
N THR N 442 -57.01 -33.88 18.23
CA THR N 442 -57.43 -34.97 17.36
C THR N 442 -56.83 -36.28 17.83
N TYR N 443 -55.56 -36.24 18.21
CA TYR N 443 -54.80 -37.41 18.61
C TYR N 443 -54.64 -37.44 20.12
N HIS N 444 -54.34 -38.63 20.64
CA HIS N 444 -54.35 -38.88 22.07
C HIS N 444 -53.00 -38.46 22.64
N GLU N 445 -52.87 -37.16 22.94
CA GLU N 445 -51.63 -36.59 23.45
C GLU N 445 -51.83 -36.03 24.85
N PHE N 446 -52.88 -35.23 25.03
CA PHE N 446 -53.06 -34.54 26.30
C PHE N 446 -53.56 -35.53 27.35
N PHE N 447 -53.25 -35.25 28.62
CA PHE N 447 -53.35 -36.26 29.66
C PHE N 447 -54.77 -36.46 30.23
N VAL N 448 -55.84 -36.01 29.57
CA VAL N 448 -57.21 -36.35 29.92
C VAL N 448 -57.82 -37.07 28.73
N ALA N 449 -58.74 -38.00 29.01
CA ALA N 449 -59.33 -38.88 28.01
C ALA N 449 -60.85 -38.73 28.08
N SER N 450 -61.38 -37.75 27.37
CA SER N 450 -62.82 -37.62 27.26
C SER N 450 -63.37 -38.75 26.39
N ASP N 451 -64.50 -39.33 26.80
CA ASP N 451 -65.15 -40.40 26.03
C ASP N 451 -66.55 -39.96 25.59
N PRO N 452 -66.86 -39.85 24.30
CA PRO N 452 -68.18 -39.31 23.91
C PRO N 452 -69.31 -40.33 24.05
N THR N 453 -70.35 -39.94 24.77
CA THR N 453 -71.60 -40.68 24.95
C THR N 453 -72.65 -39.67 25.40
N VAL N 454 -73.89 -40.13 25.60
CA VAL N 454 -75.01 -39.21 25.82
C VAL N 454 -74.77 -38.39 27.09
N LYS N 455 -74.47 -39.06 28.21
CA LYS N 455 -74.10 -38.41 29.47
C LYS N 455 -75.08 -37.30 29.86
N THR N 456 -76.37 -37.63 29.82
CA THR N 456 -77.42 -36.68 30.15
C THR N 456 -77.21 -36.16 31.57
N ASP N 457 -77.25 -37.09 32.52
CA ASP N 457 -77.10 -36.78 33.94
C ASP N 457 -75.81 -37.34 34.54
N ARG N 458 -75.16 -38.27 33.84
CA ARG N 458 -73.94 -38.92 34.29
C ARG N 458 -72.68 -38.15 33.88
N LEU N 459 -72.82 -36.98 33.25
CA LEU N 459 -71.72 -36.22 32.68
C LEU N 459 -70.56 -36.02 33.65
N TRP N 460 -70.85 -35.44 34.82
CA TRP N 460 -69.79 -35.00 35.72
C TRP N 460 -68.90 -36.17 36.11
N HIS N 461 -69.50 -37.35 36.31
CA HIS N 461 -68.79 -38.47 36.90
C HIS N 461 -67.88 -39.21 35.93
N ASP N 462 -68.28 -39.31 34.66
CA ASP N 462 -67.72 -40.31 33.76
C ASP N 462 -67.20 -39.80 32.42
N LYS N 463 -67.57 -38.59 31.97
CA LYS N 463 -67.10 -38.14 30.67
C LYS N 463 -65.59 -37.95 30.59
N TYR N 464 -64.96 -37.48 31.68
CA TYR N 464 -63.56 -37.06 31.65
C TYR N 464 -62.79 -37.82 32.72
N THR N 465 -61.65 -38.41 32.33
CA THR N 465 -60.83 -39.22 33.22
C THR N 465 -59.35 -38.97 32.94
N LEU N 466 -58.54 -39.06 33.99
CA LEU N 466 -57.12 -38.74 33.91
C LEU N 466 -56.37 -39.91 33.27
N ARG N 467 -55.88 -39.72 32.05
CA ARG N 467 -54.93 -40.67 31.47
C ARG N 467 -53.61 -40.54 32.21
N LYS N 468 -52.87 -41.66 32.30
CA LYS N 468 -51.66 -41.73 33.12
C LYS N 468 -50.38 -41.89 32.31
N SER N 469 -50.48 -42.17 31.01
CA SER N 469 -49.29 -42.31 30.18
C SER N 469 -48.77 -40.98 29.66
N MET N 470 -49.57 -39.91 29.73
CA MET N 470 -49.28 -38.65 29.06
C MET N 470 -49.09 -37.48 30.02
N ILE N 471 -49.04 -37.71 31.33
CA ILE N 471 -48.77 -36.60 32.24
C ILE N 471 -47.28 -36.28 32.09
N PRO N 472 -46.90 -35.06 31.71
CA PRO N 472 -45.46 -34.80 31.50
C PRO N 472 -44.69 -34.81 32.81
N SER N 473 -43.40 -35.17 32.71
CA SER N 473 -42.61 -35.49 33.90
C SER N 473 -42.43 -34.31 34.85
N PHE N 474 -42.61 -33.08 34.37
CA PHE N 474 -42.42 -31.88 35.19
C PHE N 474 -43.72 -31.41 35.83
N MET N 475 -44.62 -32.34 36.12
CA MET N 475 -45.89 -32.07 36.77
C MET N 475 -46.15 -33.11 37.85
N THR N 476 -46.75 -32.67 38.95
CA THR N 476 -47.15 -33.59 40.01
C THR N 476 -48.50 -34.22 39.71
N MET N 477 -48.68 -35.44 40.22
CA MET N 477 -49.95 -36.14 40.05
C MET N 477 -51.10 -35.33 40.64
N ASP N 478 -50.85 -34.62 41.75
CA ASP N 478 -51.85 -33.74 42.32
C ASP N 478 -52.23 -32.63 41.34
N GLN N 479 -51.23 -32.03 40.68
CA GLN N 479 -51.52 -30.99 39.70
C GLN N 479 -52.34 -31.53 38.54
N SER N 480 -51.99 -32.73 38.07
CA SER N 480 -52.73 -33.33 36.95
C SER N 480 -54.17 -33.60 37.35
N ARG N 481 -54.41 -33.99 38.61
CA ARG N 481 -55.77 -34.22 39.05
C ARG N 481 -56.55 -32.91 39.18
N LYS N 482 -55.91 -31.87 39.71
CA LYS N 482 -56.61 -30.61 39.95
C LYS N 482 -56.94 -29.90 38.63
N VAL N 483 -56.06 -29.97 37.63
CA VAL N 483 -56.36 -29.35 36.34
C VAL N 483 -57.52 -30.06 35.65
N LEU N 484 -57.57 -31.39 35.75
CA LEU N 484 -58.75 -32.12 35.31
C LEU N 484 -60.00 -31.61 36.00
N LEU N 485 -59.91 -31.38 37.32
CA LEU N 485 -61.09 -30.89 38.03
C LEU N 485 -61.54 -29.53 37.50
N ILE N 486 -60.58 -28.66 37.14
CA ILE N 486 -60.95 -27.36 36.60
C ILE N 486 -61.68 -27.51 35.27
N GLY N 487 -61.09 -28.29 34.36
CA GLY N 487 -61.69 -28.47 33.06
C GLY N 487 -63.09 -29.03 33.12
N LYS N 488 -63.29 -30.05 33.96
CA LYS N 488 -64.62 -30.61 34.12
C LYS N 488 -65.59 -29.58 34.67
N SER N 489 -65.19 -28.81 35.68
CA SER N 489 -66.12 -27.84 36.25
C SER N 489 -66.53 -26.80 35.20
N ILE N 490 -65.57 -26.29 34.45
CA ILE N 490 -65.89 -25.23 33.49
C ILE N 490 -66.66 -25.75 32.28
N ASN N 491 -66.57 -27.05 31.98
CA ASN N 491 -67.41 -27.58 30.90
C ASN N 491 -68.81 -27.95 31.37
N PHE N 492 -68.93 -28.44 32.61
CA PHE N 492 -70.23 -28.72 33.18
C PHE N 492 -71.04 -27.44 33.29
N LEU N 493 -70.37 -26.34 33.68
CA LEU N 493 -71.04 -25.06 33.87
C LEU N 493 -71.71 -24.56 32.60
N HIS N 494 -71.18 -24.93 31.43
CA HIS N 494 -71.79 -24.57 30.16
C HIS N 494 -72.81 -25.61 29.71
N GLN N 495 -72.37 -26.86 29.55
CA GLN N 495 -73.24 -27.81 28.87
C GLN N 495 -74.44 -28.24 29.70
N VAL N 496 -74.46 -27.99 31.03
CA VAL N 496 -75.62 -28.36 31.84
C VAL N 496 -76.31 -27.12 32.39
N CYS N 497 -75.59 -26.36 33.23
CA CYS N 497 -76.19 -25.25 33.96
C CYS N 497 -76.82 -24.21 33.04
N HIS N 498 -76.38 -24.15 31.78
CA HIS N 498 -76.93 -23.23 30.79
C HIS N 498 -76.77 -21.78 31.26
N ASP N 499 -75.61 -21.50 31.85
CA ASP N 499 -75.18 -20.15 32.19
C ASP N 499 -73.86 -19.89 31.49
N GLN N 500 -73.95 -19.50 30.21
CA GLN N 500 -72.76 -19.27 29.39
C GLN N 500 -72.21 -17.88 29.68
N THR N 501 -71.40 -17.79 30.74
CA THR N 501 -70.73 -16.56 31.11
C THR N 501 -69.34 -16.54 30.47
N PRO N 502 -69.14 -15.83 29.35
CA PRO N 502 -67.89 -16.01 28.61
C PRO N 502 -66.67 -15.46 29.35
N THR N 503 -65.52 -16.06 29.01
CA THR N 503 -64.23 -15.69 29.56
C THR N 503 -64.28 -15.65 31.09
N THR N 504 -64.73 -16.77 31.66
CA THR N 504 -64.64 -16.95 33.11
C THR N 504 -63.18 -17.22 33.47
N LYS N 505 -62.49 -16.20 33.98
CA LYS N 505 -61.06 -16.30 34.21
C LYS N 505 -60.78 -17.14 35.46
N THR N 524 -37.77 -25.98 38.52
CA THR N 524 -38.72 -25.13 37.80
C THR N 524 -39.58 -25.96 36.86
N ASP N 525 -40.84 -26.17 37.24
CA ASP N 525 -41.78 -26.85 36.36
C ASP N 525 -42.20 -25.95 35.21
N LEU N 526 -42.77 -24.78 35.54
CA LEU N 526 -43.10 -23.74 34.58
C LEU N 526 -42.64 -22.40 35.15
N GLU N 527 -41.38 -22.37 35.61
CA GLU N 527 -40.83 -21.26 36.39
C GLU N 527 -41.61 -21.07 37.69
N ASN N 528 -42.17 -22.15 38.22
CA ASN N 528 -43.05 -22.12 39.39
C ASN N 528 -44.18 -21.11 39.19
N ALA N 529 -44.78 -21.20 38.01
CA ALA N 529 -45.99 -20.47 37.68
C ALA N 529 -47.22 -21.36 37.59
N PHE N 530 -47.04 -22.67 37.41
CA PHE N 530 -48.12 -23.60 37.66
C PHE N 530 -48.68 -23.45 39.06
N GLN N 531 -47.86 -23.56 40.09
CA GLN N 531 -48.41 -23.54 41.44
C GLN N 531 -48.96 -22.18 41.84
N GLY N 532 -48.72 -21.14 41.04
CA GLY N 532 -49.36 -19.84 41.23
C GLY N 532 -50.59 -19.63 40.38
N LYS N 533 -50.57 -20.09 39.13
CA LYS N 533 -51.66 -19.87 38.19
C LYS N 533 -52.73 -20.95 38.29
N ILE N 534 -52.35 -22.22 38.37
CA ILE N 534 -53.35 -23.29 38.35
C ILE N 534 -54.16 -23.27 39.63
N ASP N 535 -53.53 -23.08 40.79
CA ASP N 535 -54.30 -22.93 42.02
C ASP N 535 -55.15 -21.66 41.99
N ALA N 536 -54.59 -20.56 41.46
CA ALA N 536 -55.38 -19.34 41.37
C ALA N 536 -56.59 -19.53 40.46
N ALA N 537 -56.37 -20.12 39.29
CA ALA N 537 -57.48 -20.45 38.40
C ALA N 537 -58.40 -21.47 39.04
N TYR N 538 -57.88 -22.28 39.95
CA TYR N 538 -58.73 -23.21 40.68
C TYR N 538 -59.66 -22.42 41.61
N PHE N 539 -59.15 -21.35 42.23
CA PHE N 539 -60.04 -20.49 43.03
C PHE N 539 -61.04 -19.74 42.15
N GLU N 540 -60.63 -19.30 40.96
CA GLU N 540 -61.60 -18.74 40.02
C GLU N 540 -62.66 -19.78 39.65
N THR N 541 -62.27 -20.81 38.90
CA THR N 541 -63.15 -21.92 38.47
C THR N 541 -62.57 -23.20 39.06
N SER N 542 -63.37 -24.18 39.46
CA SER N 542 -62.93 -25.40 40.20
C SER N 542 -63.29 -25.13 41.65
N LYS N 543 -63.32 -26.15 42.52
CA LYS N 543 -63.81 -25.96 43.91
C LYS N 543 -65.34 -25.80 43.79
N TYR N 544 -65.87 -25.64 42.58
CA TYR N 544 -67.28 -25.47 42.29
C TYR N 544 -67.98 -26.80 42.11
N LEU N 545 -67.22 -27.90 42.08
CA LEU N 545 -67.69 -29.27 41.94
C LEU N 545 -68.97 -29.49 42.76
N LEU N 546 -68.99 -29.02 44.01
CA LEU N 546 -70.22 -29.07 44.81
C LEU N 546 -71.05 -27.79 44.75
N ASP N 547 -70.44 -26.60 44.64
CA ASP N 547 -71.17 -25.32 44.58
C ASP N 547 -72.20 -25.31 43.46
N VAL N 548 -71.72 -25.60 42.25
CA VAL N 548 -72.58 -25.61 41.07
C VAL N 548 -73.71 -26.63 41.25
N LEU N 549 -73.39 -27.81 41.77
CA LEU N 549 -74.41 -28.83 42.01
C LEU N 549 -75.42 -28.37 43.07
N ASN N 550 -74.98 -27.57 44.04
CA ASN N 550 -75.80 -27.19 45.18
C ASN N 550 -76.49 -25.84 45.01
N LYS N 551 -76.27 -25.14 43.89
CA LYS N 551 -77.00 -23.89 43.62
C LYS N 551 -77.70 -23.89 42.27
N LYS N 552 -77.10 -24.51 41.25
CA LYS N 552 -77.80 -24.61 39.98
C LYS N 552 -78.85 -25.71 39.97
N TYR N 553 -78.70 -26.73 40.85
CA TYR N 553 -79.75 -27.74 40.97
C TYR N 553 -80.02 -28.16 42.41
N SER N 554 -79.35 -27.57 43.40
CA SER N 554 -79.53 -27.87 44.83
C SER N 554 -79.62 -29.36 45.16
N LEU N 555 -78.54 -30.09 44.85
CA LEU N 555 -78.37 -31.49 45.25
C LEU N 555 -78.76 -31.74 46.70
N LEU N 556 -78.42 -30.81 47.59
CA LEU N 556 -78.68 -31.02 49.02
C LEU N 556 -80.15 -30.87 49.34
N ASP N 557 -80.83 -29.88 48.74
CA ASP N 557 -82.27 -29.76 48.94
C ASP N 557 -83.00 -30.96 48.37
N HIS N 558 -82.49 -31.55 47.28
CA HIS N 558 -83.11 -32.78 46.79
C HIS N 558 -83.00 -33.90 47.81
N MET N 559 -81.85 -34.02 48.46
CA MET N 559 -81.71 -35.03 49.51
C MET N 559 -82.63 -34.75 50.69
N GLN N 560 -82.80 -33.48 51.06
CA GLN N 560 -83.71 -33.15 52.15
C GLN N 560 -85.16 -33.51 51.80
N ALA N 561 -85.57 -33.21 50.57
CA ALA N 561 -86.95 -33.41 50.14
C ALA N 561 -87.18 -34.79 49.56
N MET N 562 -86.16 -35.65 49.55
CA MET N 562 -86.32 -37.05 49.22
C MET N 562 -86.47 -37.94 50.44
N ARG N 563 -86.12 -37.44 51.63
CA ARG N 563 -86.52 -38.10 52.88
C ARG N 563 -87.79 -37.48 53.43
N ARG N 564 -87.96 -36.17 53.27
CA ARG N 564 -89.18 -35.53 53.75
C ARG N 564 -90.43 -36.17 53.14
N TYR N 565 -90.46 -36.30 51.80
CA TYR N 565 -91.66 -36.78 51.13
C TYR N 565 -91.68 -38.29 50.89
N LEU N 566 -90.64 -38.84 50.25
CA LEU N 566 -90.72 -40.24 49.85
C LEU N 566 -90.71 -41.17 51.05
N LEU N 567 -89.85 -40.90 52.03
CA LEU N 567 -89.68 -41.77 53.19
C LEU N 567 -90.62 -41.41 54.34
N LEU N 568 -91.69 -40.67 54.06
CA LEU N 568 -92.76 -40.33 55.00
C LEU N 568 -92.29 -39.34 56.05
N GLY N 569 -91.10 -38.75 55.91
CA GLY N 569 -90.66 -37.72 56.85
C GLY N 569 -91.55 -36.50 56.86
N GLN N 570 -92.29 -36.26 55.78
CA GLN N 570 -93.17 -35.10 55.77
C GLN N 570 -94.35 -35.33 56.69
N GLY N 571 -94.90 -36.55 56.67
CA GLY N 571 -95.91 -36.95 57.65
C GLY N 571 -97.29 -36.41 57.43
N ASP N 572 -97.45 -35.09 57.52
CA ASP N 572 -98.79 -34.51 57.43
C ASP N 572 -99.33 -34.64 56.02
N PHE N 573 -98.49 -34.37 55.02
CA PHE N 573 -98.80 -34.65 53.63
C PHE N 573 -99.24 -36.09 53.44
N ILE N 574 -98.47 -37.03 54.01
CA ILE N 574 -98.80 -38.43 53.85
C ILE N 574 -100.13 -38.73 54.53
N ARG N 575 -100.43 -38.02 55.62
CA ARG N 575 -101.65 -38.28 56.36
C ARG N 575 -102.88 -37.83 55.59
N HIS N 576 -102.84 -36.61 55.04
CA HIS N 576 -103.99 -36.13 54.29
C HIS N 576 -104.11 -36.82 52.94
N LEU N 577 -102.98 -37.26 52.37
CA LEU N 577 -103.03 -38.06 51.16
C LEU N 577 -103.71 -39.39 51.42
N MET N 578 -103.33 -40.08 52.50
CA MET N 578 -103.97 -41.34 52.84
C MET N 578 -105.45 -41.14 53.11
N ASP N 579 -105.79 -40.06 53.82
CA ASP N 579 -107.18 -39.80 54.16
C ASP N 579 -108.04 -39.59 52.93
N LEU N 580 -107.57 -38.77 51.98
CA LEU N 580 -108.35 -38.57 50.76
C LEU N 580 -108.29 -39.76 49.80
N LEU N 581 -107.26 -40.60 49.92
CA LEU N 581 -107.08 -41.76 49.06
C LEU N 581 -107.71 -43.03 49.62
N LYS N 582 -108.39 -42.95 50.77
CA LYS N 582 -109.09 -44.14 51.27
C LYS N 582 -110.12 -44.68 50.28
N PRO N 583 -111.09 -43.90 49.79
CA PRO N 583 -112.18 -44.51 49.00
C PRO N 583 -111.69 -45.20 47.74
N GLU N 584 -110.72 -44.59 47.05
CA GLU N 584 -110.24 -45.16 45.79
C GLU N 584 -109.53 -46.49 46.03
N LEU N 585 -108.73 -46.57 47.08
CA LEU N 585 -107.83 -47.70 47.25
C LEU N 585 -108.56 -48.95 47.71
N VAL N 586 -109.59 -48.80 48.55
CA VAL N 586 -110.35 -49.94 49.05
C VAL N 586 -111.05 -50.71 47.93
N ARG N 587 -111.22 -50.09 46.75
CA ARG N 587 -111.73 -50.76 45.57
C ARG N 587 -110.60 -51.56 44.91
N PRO N 588 -110.86 -52.75 44.35
CA PRO N 588 -109.75 -53.52 43.73
C PRO N 588 -109.07 -52.75 42.61
N ALA N 589 -107.74 -52.68 42.69
CA ALA N 589 -106.96 -51.83 41.81
C ALA N 589 -106.63 -52.48 40.47
N THR N 590 -107.17 -53.67 40.18
CA THR N 590 -107.16 -54.14 38.80
C THR N 590 -107.96 -53.20 37.90
N THR N 591 -108.96 -52.51 38.46
CA THR N 591 -109.84 -51.61 37.73
C THR N 591 -109.50 -50.15 37.96
N LEU N 592 -108.26 -49.85 38.36
CA LEU N 592 -107.83 -48.49 38.69
C LEU N 592 -107.07 -47.87 37.53
N TYR N 593 -107.21 -46.55 37.39
CA TYR N 593 -106.64 -45.78 36.30
C TYR N 593 -105.83 -44.63 36.86
N GLN N 594 -104.66 -44.38 36.24
CA GLN N 594 -103.66 -43.48 36.77
C GLN N 594 -104.18 -42.05 36.94
N HIS N 595 -104.98 -41.58 35.97
CA HIS N 595 -105.29 -40.15 35.85
C HIS N 595 -105.96 -39.57 37.09
N ASN N 596 -106.60 -40.40 37.91
CA ASN N 596 -107.24 -39.92 39.14
C ASN N 596 -106.27 -39.90 40.31
N LEU N 597 -105.29 -40.82 40.33
CA LEU N 597 -104.25 -40.78 41.36
C LEU N 597 -103.34 -39.58 41.16
N THR N 598 -102.93 -39.36 39.90
CA THR N 598 -102.13 -38.17 39.58
C THR N 598 -102.87 -36.90 39.97
N GLY N 599 -104.19 -36.89 39.81
CA GLY N 599 -105.00 -35.79 40.28
C GLY N 599 -104.96 -35.61 41.79
N ILE N 600 -105.36 -36.65 42.53
CA ILE N 600 -105.58 -36.51 43.96
C ILE N 600 -104.28 -36.13 44.68
N LEU N 601 -103.13 -36.57 44.16
CA LEU N 601 -101.88 -36.14 44.80
C LEU N 601 -101.73 -34.61 44.76
N GLU N 602 -102.14 -33.98 43.67
CA GLU N 602 -102.06 -32.53 43.57
C GLU N 602 -102.91 -31.87 44.66
N THR N 603 -104.13 -32.37 44.86
CA THR N 603 -104.99 -31.83 45.91
C THR N 603 -104.34 -31.98 47.28
N ALA N 604 -103.75 -33.16 47.54
CA ALA N 604 -103.08 -33.36 48.83
C ALA N 604 -101.95 -32.37 49.03
N VAL N 605 -101.10 -32.21 48.01
CA VAL N 605 -99.92 -31.36 48.12
C VAL N 605 -100.33 -29.91 48.36
N ARG N 606 -101.35 -29.44 47.66
CA ARG N 606 -101.77 -28.05 47.84
C ARG N 606 -102.54 -27.85 49.14
N ALA N 607 -103.29 -28.86 49.59
CA ALA N 607 -104.06 -28.70 50.82
C ALA N 607 -103.15 -28.64 52.03
N THR N 608 -102.14 -29.51 52.08
CA THR N 608 -101.30 -29.68 53.27
C THR N 608 -100.06 -28.79 53.20
N ASN N 609 -99.19 -28.93 54.21
CA ASN N 609 -97.99 -28.11 54.32
C ASN N 609 -96.99 -28.34 53.17
N ALA N 610 -97.15 -29.40 52.39
CA ALA N 610 -96.24 -29.71 51.29
C ALA N 610 -96.07 -28.54 50.32
N GLN N 611 -97.14 -27.76 50.12
CA GLN N 611 -97.09 -26.63 49.19
C GLN N 611 -95.94 -25.68 49.52
N PHE N 612 -95.63 -25.53 50.81
CA PHE N 612 -94.55 -24.64 51.25
C PHE N 612 -93.18 -25.31 51.01
N ASP N 613 -92.91 -25.59 49.74
CA ASP N 613 -91.67 -26.24 49.33
C ASP N 613 -91.38 -25.86 47.88
N SER N 614 -90.17 -26.20 47.44
CA SER N 614 -89.70 -25.69 46.17
C SER N 614 -90.52 -26.28 45.00
N PRO N 615 -90.96 -25.46 44.03
CA PRO N 615 -91.75 -26.02 42.93
C PRO N 615 -91.02 -27.04 42.09
N GLU N 616 -89.68 -26.98 42.03
CA GLU N 616 -88.95 -27.94 41.22
C GLU N 616 -89.11 -29.35 41.76
N ILE N 617 -88.76 -29.55 43.04
CA ILE N 617 -88.95 -30.86 43.67
C ILE N 617 -90.44 -31.23 43.68
N LEU N 618 -91.32 -30.23 43.81
CA LEU N 618 -92.75 -30.55 43.77
C LEU N 618 -93.14 -31.11 42.41
N ARG N 619 -92.61 -30.53 41.32
CA ARG N 619 -92.89 -31.05 39.99
C ARG N 619 -92.29 -32.44 39.83
N ARG N 620 -91.11 -32.66 40.40
CA ARG N 620 -90.45 -33.95 40.26
C ARG N 620 -91.15 -35.04 41.07
N LEU N 621 -91.97 -34.67 42.04
CA LEU N 621 -92.73 -35.64 42.83
C LEU N 621 -94.07 -35.93 42.15
N ASP N 622 -94.35 -37.21 41.91
CA ASP N 622 -95.61 -37.63 41.30
C ASP N 622 -95.87 -39.10 41.63
N VAL N 623 -97.14 -39.50 41.51
CA VAL N 623 -97.57 -40.87 41.80
C VAL N 623 -97.00 -41.86 40.79
N ARG N 624 -97.12 -43.14 41.11
CA ARG N 624 -96.77 -44.24 40.22
C ARG N 624 -97.55 -45.47 40.66
N LEU N 625 -97.58 -46.47 39.79
CA LEU N 625 -98.24 -47.73 40.07
C LEU N 625 -97.32 -48.91 39.75
N LEU N 626 -97.46 -49.96 40.54
CA LEU N 626 -96.73 -51.20 40.33
C LEU N 626 -97.54 -52.11 39.40
N GLU N 627 -96.99 -53.29 39.11
CA GLU N 627 -97.68 -54.26 38.27
C GLU N 627 -98.94 -54.76 38.97
N VAL N 628 -99.94 -55.10 38.16
CA VAL N 628 -101.22 -55.58 38.68
C VAL N 628 -101.07 -57.03 39.13
N SER N 629 -101.86 -57.39 40.16
CA SER N 629 -101.96 -58.75 40.69
C SER N 629 -103.33 -59.33 40.38
N PRO N 630 -103.46 -60.68 40.25
CA PRO N 630 -104.81 -61.24 40.06
C PRO N 630 -105.74 -60.92 41.22
N GLY N 631 -105.26 -60.99 42.46
CA GLY N 631 -105.96 -60.48 43.62
C GLY N 631 -105.31 -59.20 44.09
N ASP N 632 -105.93 -58.06 43.81
CA ASP N 632 -105.33 -56.75 44.00
C ASP N 632 -106.24 -55.83 44.79
N THR N 633 -105.61 -54.95 45.56
CA THR N 633 -106.27 -53.81 46.18
C THR N 633 -105.37 -52.60 46.01
N GLY N 634 -105.97 -51.43 46.19
CA GLY N 634 -105.19 -50.20 46.10
C GLY N 634 -104.08 -50.16 47.12
N TRP N 635 -104.34 -50.70 48.31
CA TRP N 635 -103.29 -50.75 49.33
C TRP N 635 -102.22 -51.77 49.00
N ASP N 636 -102.49 -52.70 48.08
CA ASP N 636 -101.48 -53.64 47.62
C ASP N 636 -100.65 -53.06 46.49
N VAL N 637 -101.26 -52.26 45.61
CA VAL N 637 -100.57 -51.69 44.46
C VAL N 637 -100.73 -50.19 44.46
N PHE N 638 -99.77 -49.49 45.06
CA PHE N 638 -99.67 -48.04 44.99
C PHE N 638 -98.29 -47.65 45.49
N SER N 639 -97.79 -46.50 45.01
CA SER N 639 -96.51 -46.00 45.49
C SER N 639 -96.32 -44.55 45.06
N LEU N 640 -95.52 -43.83 45.85
CA LEU N 640 -95.01 -42.52 45.51
C LEU N 640 -93.57 -42.66 45.05
N ASP N 641 -93.25 -42.08 43.90
CA ASP N 641 -91.92 -42.15 43.31
C ASP N 641 -91.45 -40.76 42.93
N TYR N 642 -90.27 -40.38 43.41
CA TYR N 642 -89.61 -39.15 43.03
C TYR N 642 -88.60 -39.45 41.91
N HIS N 643 -88.74 -38.77 40.78
CA HIS N 643 -87.87 -38.95 39.62
C HIS N 643 -86.91 -37.77 39.48
N VAL N 644 -85.73 -38.05 38.92
CA VAL N 644 -84.68 -37.06 38.73
C VAL N 644 -84.20 -37.14 37.28
N ASP N 645 -83.96 -35.97 36.69
CA ASP N 645 -83.46 -35.86 35.32
C ASP N 645 -82.32 -34.84 35.20
N GLY N 646 -81.79 -34.34 36.32
CA GLY N 646 -80.62 -33.48 36.31
C GLY N 646 -79.38 -34.26 36.71
N PRO N 647 -78.20 -33.59 36.79
CA PRO N 647 -76.94 -34.31 37.05
C PRO N 647 -76.87 -35.10 38.37
N ILE N 648 -77.90 -34.97 39.21
CA ILE N 648 -78.00 -35.69 40.47
C ILE N 648 -78.28 -37.18 40.28
N ALA N 649 -78.60 -37.60 39.05
CA ALA N 649 -78.96 -38.99 38.77
C ALA N 649 -77.92 -39.98 39.28
N THR N 650 -76.64 -39.62 39.21
CA THR N 650 -75.62 -40.53 39.72
C THR N 650 -75.55 -40.53 41.25
N VAL N 651 -76.08 -39.51 41.91
CA VAL N 651 -76.14 -39.50 43.37
C VAL N 651 -77.41 -40.18 43.90
N PHE N 652 -78.46 -40.23 43.08
CA PHE N 652 -79.70 -40.97 43.36
C PHE N 652 -79.91 -41.95 42.21
N THR N 653 -78.88 -42.73 41.91
CA THR N 653 -78.84 -43.54 40.71
C THR N 653 -80.01 -44.53 40.66
N ARG N 654 -80.28 -45.02 39.44
CA ARG N 654 -81.41 -45.92 39.21
C ARG N 654 -81.33 -47.17 40.08
N GLU N 655 -80.12 -47.59 40.48
CA GLU N 655 -80.00 -48.76 41.32
C GLU N 655 -80.39 -48.46 42.77
N CYS N 656 -80.26 -47.20 43.20
CA CYS N 656 -80.70 -46.80 44.53
C CYS N 656 -82.19 -46.49 44.60
N MET N 657 -82.83 -46.21 43.45
CA MET N 657 -84.28 -46.04 43.45
C MET N 657 -85.00 -47.31 43.85
N SER N 658 -84.46 -48.48 43.50
CA SER N 658 -85.09 -49.73 43.89
C SER N 658 -85.03 -49.93 45.40
N HIS N 659 -83.90 -49.59 46.01
CA HIS N 659 -83.76 -49.73 47.45
C HIS N 659 -84.67 -48.73 48.17
N TYR N 660 -84.76 -47.49 47.67
CA TYR N 660 -85.68 -46.54 48.25
C TYR N 660 -87.12 -47.02 48.11
N LEU N 661 -87.47 -47.62 46.97
CA LEU N 661 -88.81 -48.13 46.77
C LEU N 661 -89.13 -49.26 47.74
N ARG N 662 -88.17 -50.14 47.98
CA ARG N 662 -88.39 -51.24 48.94
C ARG N 662 -88.59 -50.69 50.34
N VAL N 663 -87.78 -49.71 50.73
CA VAL N 663 -87.91 -49.13 52.07
C VAL N 663 -89.26 -48.44 52.21
N PHE N 664 -89.68 -47.69 51.19
CA PHE N 664 -90.98 -47.04 51.22
C PHE N 664 -92.10 -48.06 51.28
N ASN N 665 -91.95 -49.18 50.56
CA ASN N 665 -92.95 -50.24 50.62
C ASN N 665 -93.11 -50.75 52.04
N PHE N 666 -91.99 -50.94 52.75
CA PHE N 666 -92.10 -51.32 54.16
C PHE N 666 -92.78 -50.23 54.98
N LEU N 667 -92.40 -48.97 54.79
CA LEU N 667 -92.88 -47.90 55.66
C LEU N 667 -94.26 -47.38 55.26
N TRP N 668 -94.87 -47.92 54.20
CA TRP N 668 -96.24 -47.61 53.84
C TRP N 668 -97.22 -48.53 54.56
N ARG N 669 -96.90 -49.83 54.60
CA ARG N 669 -97.75 -50.80 55.28
C ARG N 669 -98.02 -50.39 56.72
N ALA N 670 -96.98 -50.13 57.49
CA ALA N 670 -97.15 -49.89 58.92
C ALA N 670 -97.87 -48.57 59.19
N LYS N 671 -97.70 -47.58 58.31
CA LYS N 671 -98.36 -46.30 58.47
C LYS N 671 -99.81 -46.34 58.00
N ARG N 672 -100.20 -47.38 57.26
CA ARG N 672 -101.60 -47.68 57.04
C ARG N 672 -102.18 -48.47 58.21
N MET N 673 -101.43 -49.47 58.69
CA MET N 673 -101.93 -50.37 59.71
C MET N 673 -102.15 -49.66 61.04
N GLU N 674 -101.30 -48.68 61.37
CA GLU N 674 -101.58 -47.91 62.58
C GLU N 674 -102.85 -47.10 62.42
N TYR N 675 -103.13 -46.60 61.21
CA TYR N 675 -104.36 -45.85 60.99
C TYR N 675 -105.57 -46.77 61.12
N ILE N 676 -105.39 -48.00 60.65
CA ILE N 676 -106.43 -49.01 60.76
C ILE N 676 -106.74 -49.30 62.24
N LEU N 677 -105.70 -49.43 63.06
CA LEU N 677 -105.92 -49.73 64.47
C LEU N 677 -106.47 -48.53 65.24
N THR N 678 -105.97 -47.32 65.00
CA THR N 678 -106.56 -46.17 65.66
C THR N 678 -107.96 -45.89 65.15
N ASP N 679 -108.34 -46.41 63.97
CA ASP N 679 -109.71 -46.36 63.54
C ASP N 679 -110.58 -47.33 64.32
N ILE N 680 -110.05 -48.50 64.70
CA ILE N 680 -110.80 -49.34 65.64
C ILE N 680 -110.98 -48.65 66.98
N ARG N 681 -109.92 -48.03 67.50
CA ARG N 681 -110.07 -47.40 68.81
C ARG N 681 -111.06 -46.25 68.73
N LYS N 682 -111.04 -45.54 67.60
CA LYS N 682 -112.06 -44.54 67.26
C LYS N 682 -113.46 -45.15 67.28
N GLY N 683 -113.62 -46.30 66.62
CA GLY N 683 -114.92 -46.96 66.58
C GLY N 683 -115.41 -47.34 67.95
N HIS N 684 -114.52 -47.89 68.78
CA HIS N 684 -114.89 -48.24 70.16
C HIS N 684 -115.37 -47.00 70.90
N MET N 685 -114.58 -45.93 70.89
CA MET N 685 -114.94 -44.79 71.71
C MET N 685 -116.17 -44.07 71.18
N CYS N 686 -116.58 -44.34 69.93
CA CYS N 686 -117.84 -43.79 69.41
C CYS N 686 -119.03 -44.69 69.68
N ASN N 687 -118.90 -46.00 69.47
CA ASN N 687 -120.05 -46.90 69.58
C ASN N 687 -120.39 -47.20 71.04
N ALA N 688 -119.38 -47.39 71.90
CA ALA N 688 -119.65 -47.77 73.28
C ALA N 688 -120.42 -46.70 74.03
N LYS N 689 -120.33 -45.44 73.61
CA LYS N 689 -121.09 -44.37 74.27
C LYS N 689 -122.54 -44.29 73.79
N LEU N 690 -122.91 -45.04 72.75
CA LEU N 690 -124.31 -45.21 72.35
C LEU N 690 -124.90 -46.54 72.78
N LEU N 691 -124.07 -47.55 73.08
CA LEU N 691 -124.55 -48.85 73.49
C LEU N 691 -124.33 -49.07 74.99
N ARG N 692 -124.59 -48.03 75.80
CA ARG N 692 -124.40 -48.10 77.24
C ARG N 692 -125.68 -48.46 78.00
N ASN N 693 -126.83 -48.46 77.32
CA ASN N 693 -128.05 -49.03 77.91
C ASN N 693 -128.08 -50.55 77.88
N MET N 694 -127.14 -51.18 77.17
CA MET N 694 -127.14 -52.63 76.97
C MET N 694 -126.18 -53.29 77.96
N PRO N 695 -126.67 -54.09 78.94
CA PRO N 695 -125.72 -54.72 79.88
C PRO N 695 -125.12 -56.05 79.42
N GLU N 696 -125.80 -56.79 78.54
CA GLU N 696 -125.34 -58.14 78.22
C GLU N 696 -124.10 -58.14 77.33
N PHE N 697 -123.94 -57.12 76.47
CA PHE N 697 -122.78 -57.08 75.57
C PHE N 697 -121.49 -56.69 76.26
N SER N 698 -121.57 -56.19 77.50
CA SER N 698 -120.44 -55.61 78.23
C SER N 698 -119.19 -56.49 78.23
N GLY N 699 -119.34 -57.79 78.49
CA GLY N 699 -118.19 -58.68 78.50
C GLY N 699 -117.46 -58.76 77.18
N VAL N 700 -118.19 -59.02 76.10
CA VAL N 700 -117.56 -59.15 74.78
C VAL N 700 -116.96 -57.82 74.36
N LEU N 701 -117.68 -56.72 74.59
CA LEU N 701 -117.18 -55.40 74.23
C LEU N 701 -115.89 -55.08 74.99
N HIS N 702 -115.83 -55.43 76.26
CA HIS N 702 -114.64 -55.11 77.04
C HIS N 702 -113.47 -55.99 76.62
N GLN N 703 -113.72 -57.27 76.35
CA GLN N 703 -112.66 -58.15 75.85
C GLN N 703 -112.10 -57.63 74.52
N CYS N 704 -112.98 -57.08 73.67
CA CYS N 704 -112.50 -56.41 72.46
C CYS N 704 -111.62 -55.21 72.80
N HIS N 705 -112.00 -54.45 73.83
CA HIS N 705 -111.17 -53.31 74.24
C HIS N 705 -109.78 -53.76 74.67
N ILE N 706 -109.67 -54.91 75.33
CA ILE N 706 -108.34 -55.38 75.74
C ILE N 706 -107.52 -55.80 74.52
N LEU N 707 -108.10 -56.69 73.69
CA LEU N 707 -107.40 -57.18 72.52
C LEU N 707 -106.98 -56.07 71.59
N ALA N 708 -107.74 -54.96 71.57
CA ALA N 708 -107.29 -53.77 70.86
C ALA N 708 -105.97 -53.26 71.44
N SER N 709 -105.89 -53.22 72.78
CA SER N 709 -104.76 -52.55 73.43
C SER N 709 -103.44 -53.27 73.20
N GLU N 710 -103.45 -54.62 73.16
CA GLU N 710 -102.15 -55.25 72.86
C GLU N 710 -101.66 -54.94 71.44
N MET N 711 -102.55 -54.94 70.45
CA MET N 711 -102.17 -54.52 69.12
C MET N 711 -101.64 -53.11 69.11
N VAL N 712 -102.32 -52.19 69.83
CA VAL N 712 -101.93 -50.79 69.81
C VAL N 712 -100.52 -50.63 70.38
N HIS N 713 -100.24 -51.30 71.49
CA HIS N 713 -98.89 -51.27 72.05
C HIS N 713 -97.86 -51.72 71.01
N PHE N 714 -98.07 -52.88 70.38
CA PHE N 714 -97.04 -53.43 69.51
C PHE N 714 -96.82 -52.53 68.30
N ILE N 715 -97.91 -52.04 67.70
CA ILE N 715 -97.81 -51.21 66.50
C ILE N 715 -97.13 -49.89 66.82
N HIS N 716 -97.43 -49.31 67.98
CA HIS N 716 -96.80 -48.06 68.36
C HIS N 716 -95.29 -48.23 68.56
N GLN N 717 -94.89 -49.34 69.19
CA GLN N 717 -93.47 -49.59 69.35
C GLN N 717 -92.79 -49.72 67.99
N MET N 718 -93.48 -50.35 67.02
CA MET N 718 -92.97 -50.35 65.65
C MET N 718 -92.83 -48.92 65.10
N GLN N 719 -93.85 -48.08 65.32
CA GLN N 719 -93.88 -46.78 64.66
C GLN N 719 -93.00 -45.74 65.34
N TYR N 720 -92.35 -46.09 66.46
CA TYR N 720 -91.25 -45.28 67.01
C TYR N 720 -89.88 -45.91 66.90
N TYR N 721 -89.75 -47.24 66.85
CA TYR N 721 -88.43 -47.78 66.53
C TYR N 721 -88.10 -47.54 65.05
N ILE N 722 -89.12 -47.42 64.19
CA ILE N 722 -88.91 -47.08 62.79
C ILE N 722 -88.51 -45.62 62.60
N THR N 723 -88.70 -44.79 63.62
CA THR N 723 -88.47 -43.35 63.54
C THR N 723 -87.17 -42.94 64.21
N PHE N 724 -87.00 -43.31 65.48
CA PHE N 724 -85.92 -42.73 66.28
C PHE N 724 -84.62 -43.51 66.24
N GLU N 725 -84.61 -44.74 65.74
CA GLU N 725 -83.40 -45.54 65.64
C GLU N 725 -83.05 -45.96 64.23
N VAL N 726 -84.00 -45.93 63.29
CA VAL N 726 -83.80 -46.40 61.93
C VAL N 726 -83.50 -45.23 61.00
N LEU N 727 -84.45 -44.31 60.89
CA LEU N 727 -84.44 -43.26 59.87
C LEU N 727 -84.10 -41.88 60.42
N GLU N 728 -83.49 -41.80 61.60
CA GLU N 728 -83.06 -40.47 62.04
C GLU N 728 -81.61 -40.47 62.49
N CYS N 729 -81.14 -41.52 63.18
CA CYS N 729 -79.73 -41.62 63.53
C CYS N 729 -78.88 -41.73 62.28
N SER N 730 -79.28 -42.62 61.36
CA SER N 730 -78.56 -42.75 60.11
C SER N 730 -78.63 -41.46 59.31
N TRP N 731 -79.73 -40.71 59.45
CA TRP N 731 -79.88 -39.47 58.71
C TRP N 731 -78.91 -38.43 59.25
N ASP N 732 -78.79 -38.34 60.58
CA ASP N 732 -77.81 -37.45 61.19
C ASP N 732 -76.40 -37.84 60.77
N GLU N 733 -76.11 -39.15 60.79
CA GLU N 733 -74.79 -39.64 60.42
C GLU N 733 -74.44 -39.23 58.98
N LEU N 734 -75.36 -39.48 58.05
CA LEU N 734 -75.15 -39.03 56.67
C LEU N 734 -74.95 -37.52 56.61
N TRP N 735 -75.81 -36.77 57.30
CA TRP N 735 -75.77 -35.31 57.19
C TRP N 735 -74.42 -34.78 57.66
N ASN N 736 -73.85 -35.39 58.69
CA ASN N 736 -72.50 -35.01 59.09
C ASN N 736 -71.48 -35.39 58.03
N LYS N 737 -71.51 -36.65 57.57
CA LYS N 737 -70.51 -37.11 56.60
C LYS N 737 -70.61 -36.45 55.23
N VAL N 738 -71.69 -35.71 54.97
CA VAL N 738 -71.80 -34.94 53.72
C VAL N 738 -71.33 -33.53 54.03
N GLN N 739 -71.87 -32.93 55.11
CA GLN N 739 -71.62 -31.51 55.34
C GLN N 739 -70.15 -31.24 55.68
N GLN N 740 -69.41 -32.24 56.18
CA GLN N 740 -67.96 -32.03 56.35
C GLN N 740 -67.22 -32.33 55.05
N ALA N 741 -67.63 -33.38 54.34
CA ALA N 741 -66.92 -33.83 53.15
C ALA N 741 -66.88 -32.75 52.07
N GLN N 742 -65.76 -32.71 51.36
CA GLN N 742 -65.58 -31.79 50.23
C GLN N 742 -65.17 -32.61 49.01
N ASP N 743 -65.93 -33.69 48.75
CA ASP N 743 -65.71 -34.47 47.54
C ASP N 743 -66.99 -35.25 47.22
N LEU N 744 -67.38 -35.21 45.94
CA LEU N 744 -68.58 -35.90 45.52
C LEU N 744 -68.41 -37.42 45.56
N ASP N 745 -67.17 -37.90 45.37
CA ASP N 745 -66.92 -39.33 45.50
C ASP N 745 -67.17 -39.83 46.91
N HIS N 746 -67.09 -38.95 47.91
CA HIS N 746 -67.45 -39.30 49.28
C HIS N 746 -68.92 -39.06 49.57
N ILE N 747 -69.53 -38.04 48.94
CA ILE N 747 -70.97 -37.86 49.05
C ILE N 747 -71.70 -39.12 48.57
N ILE N 748 -71.28 -39.63 47.41
CA ILE N 748 -71.83 -40.88 46.86
C ILE N 748 -71.74 -41.99 47.90
N ALA N 749 -70.54 -42.21 48.44
CA ALA N 749 -70.28 -43.33 49.34
C ALA N 749 -70.86 -43.13 50.73
N ALA N 750 -71.36 -41.92 51.05
CA ALA N 750 -72.12 -41.71 52.28
C ALA N 750 -73.60 -41.97 52.07
N HIS N 751 -74.12 -41.58 50.92
CA HIS N 751 -75.49 -41.94 50.55
C HIS N 751 -75.64 -43.45 50.49
N GLU N 752 -74.65 -44.13 49.92
CA GLU N 752 -74.64 -45.59 49.82
C GLU N 752 -74.81 -46.25 51.19
N VAL N 753 -74.01 -45.83 52.17
CA VAL N 753 -74.02 -46.49 53.47
C VAL N 753 -75.27 -46.13 54.25
N PHE N 754 -75.77 -44.90 54.10
CA PHE N 754 -77.10 -44.58 54.63
C PHE N 754 -78.18 -45.54 54.12
N LEU N 755 -78.24 -45.74 52.81
CA LEU N 755 -79.27 -46.60 52.26
C LEU N 755 -79.10 -48.04 52.75
N ASP N 756 -77.87 -48.54 52.74
CA ASP N 756 -77.60 -49.90 53.20
C ASP N 756 -77.92 -50.06 54.69
N THR N 757 -77.63 -49.04 55.49
CA THR N 757 -77.89 -49.13 56.92
C THR N 757 -79.38 -49.09 57.21
N ILE N 758 -80.16 -48.35 56.42
CA ILE N 758 -81.59 -48.45 56.60
C ILE N 758 -82.10 -49.83 56.21
N ILE N 759 -81.49 -50.49 55.21
CA ILE N 759 -81.98 -51.84 54.90
C ILE N 759 -81.76 -52.79 56.07
N SER N 760 -80.71 -52.58 56.87
CA SER N 760 -80.42 -53.49 57.96
C SER N 760 -81.15 -53.12 59.24
N ARG N 761 -81.32 -51.83 59.52
CA ARG N 761 -82.14 -51.45 60.67
C ARG N 761 -83.61 -51.80 60.46
N CYS N 762 -84.11 -51.69 59.22
CA CYS N 762 -85.34 -52.37 58.89
C CYS N 762 -85.05 -53.86 58.69
N LEU N 763 -86.11 -54.66 58.64
CA LEU N 763 -86.00 -56.10 58.52
C LEU N 763 -86.06 -56.58 57.08
N LEU N 764 -85.66 -55.73 56.13
CA LEU N 764 -85.72 -55.99 54.70
C LEU N 764 -84.47 -56.68 54.16
N ASP N 765 -83.52 -57.07 55.02
CA ASP N 765 -82.30 -57.70 54.56
C ASP N 765 -82.62 -59.09 54.02
N SER N 766 -81.64 -59.73 53.38
CA SER N 766 -81.80 -61.07 52.85
C SER N 766 -81.64 -62.16 53.92
N ASP N 767 -81.25 -61.80 55.14
CA ASP N 767 -81.07 -62.74 56.25
C ASP N 767 -82.21 -62.68 57.26
N SER N 768 -82.85 -61.53 57.41
CA SER N 768 -83.96 -61.33 58.34
C SER N 768 -85.32 -61.69 57.72
N ARG N 769 -85.32 -62.53 56.68
CA ARG N 769 -86.57 -62.90 56.00
C ARG N 769 -87.54 -63.59 56.94
N ALA N 770 -87.05 -64.49 57.80
CA ALA N 770 -87.94 -65.16 58.75
C ALA N 770 -88.56 -64.16 59.73
N LEU N 771 -87.77 -63.21 60.22
CA LEU N 771 -88.29 -62.21 61.14
C LEU N 771 -89.33 -61.34 60.45
N LEU N 772 -89.08 -60.98 59.19
CA LEU N 772 -90.04 -60.20 58.42
C LEU N 772 -91.34 -60.98 58.25
N ASN N 773 -91.25 -62.27 57.94
CA ASN N 773 -92.45 -63.08 57.78
C ASN N 773 -93.25 -63.15 59.08
N GLN N 774 -92.54 -63.27 60.22
CA GLN N 774 -93.24 -63.24 61.49
C GLN N 774 -93.95 -61.90 61.70
N LEU N 775 -93.30 -60.80 61.35
CA LEU N 775 -93.93 -59.49 61.52
C LEU N 775 -95.18 -59.36 60.65
N ARG N 776 -95.10 -59.86 59.41
CA ARG N 776 -96.27 -59.88 58.55
C ARG N 776 -97.38 -60.72 59.18
N ALA N 777 -97.00 -61.81 59.84
CA ALA N 777 -97.98 -62.69 60.47
C ALA N 777 -98.58 -62.09 61.74
N VAL N 778 -97.94 -61.06 62.33
CA VAL N 778 -98.58 -60.30 63.40
C VAL N 778 -99.48 -59.20 62.86
N PHE N 779 -99.23 -58.71 61.64
CA PHE N 779 -100.17 -57.78 61.00
C PHE N 779 -101.42 -58.48 60.47
N ASP N 780 -101.28 -59.76 60.11
CA ASP N 780 -102.41 -60.56 59.67
C ASP N 780 -103.51 -60.56 60.72
N GLN N 781 -103.13 -60.76 61.99
CA GLN N 781 -104.12 -60.78 63.06
C GLN N 781 -104.77 -59.41 63.25
N ILE N 782 -104.08 -58.32 62.91
CA ILE N 782 -104.71 -57.01 63.01
C ILE N 782 -105.84 -56.90 62.01
N ILE N 783 -105.58 -57.25 60.74
CA ILE N 783 -106.68 -57.14 59.77
C ILE N 783 -107.80 -58.14 60.08
N GLU N 784 -107.43 -59.33 60.60
CA GLU N 784 -108.44 -60.27 61.07
C GLU N 784 -109.34 -59.64 62.12
N LEU N 785 -108.73 -58.97 63.11
CA LEU N 785 -109.52 -58.27 64.11
C LEU N 785 -110.39 -57.18 63.48
N GLN N 786 -109.90 -56.56 62.39
CA GLN N 786 -110.70 -55.52 61.75
C GLN N 786 -112.01 -56.10 61.26
N ASN N 787 -111.94 -57.28 60.64
CA ASN N 787 -113.18 -57.92 60.20
C ASN N 787 -114.02 -58.32 61.41
N ALA N 788 -113.41 -58.99 62.39
CA ALA N 788 -114.15 -59.63 63.47
C ALA N 788 -114.92 -58.61 64.32
N GLN N 789 -114.27 -57.52 64.72
CA GLN N 789 -114.89 -56.50 65.55
C GLN N 789 -116.15 -55.92 64.94
N ASP N 790 -116.02 -55.31 63.77
CA ASP N 790 -117.19 -54.70 63.17
C ASP N 790 -118.19 -55.75 62.69
N ALA N 791 -117.75 -57.00 62.46
CA ALA N 791 -118.70 -58.07 62.20
C ALA N 791 -119.58 -58.32 63.41
N ILE N 792 -119.00 -58.31 64.61
CA ILE N 792 -119.82 -58.39 65.82
C ILE N 792 -120.76 -57.20 65.91
N TYR N 793 -120.25 -56.00 65.57
CA TYR N 793 -121.10 -54.81 65.69
C TYR N 793 -122.30 -54.85 64.74
N ARG N 794 -122.08 -55.27 63.48
CA ARG N 794 -123.15 -55.20 62.47
C ARG N 794 -124.27 -56.19 62.73
N ALA N 795 -124.14 -57.09 63.71
CA ALA N 795 -125.22 -57.94 64.18
C ALA N 795 -125.74 -57.50 65.54
N ALA N 796 -124.86 -57.08 66.43
CA ALA N 796 -125.25 -56.60 67.74
C ALA N 796 -126.12 -55.35 67.67
N LEU N 797 -125.56 -54.25 67.15
CA LEU N 797 -126.27 -52.98 67.09
C LEU N 797 -127.60 -53.07 66.33
N GLU N 798 -127.64 -53.92 65.30
CA GLU N 798 -128.86 -54.09 64.51
C GLU N 798 -130.03 -54.47 65.42
N GLU N 799 -129.77 -55.36 66.39
CA GLU N 799 -130.83 -55.74 67.32
C GLU N 799 -131.27 -54.56 68.18
N LEU N 800 -130.34 -53.70 68.60
CA LEU N 800 -130.73 -52.52 69.37
C LEU N 800 -131.64 -51.62 68.56
N GLN N 801 -131.34 -51.45 67.27
CA GLN N 801 -132.24 -50.71 66.40
C GLN N 801 -133.61 -51.38 66.35
N ARG N 802 -133.62 -52.71 66.23
CA ARG N 802 -134.91 -53.41 66.19
C ARG N 802 -135.65 -53.30 67.52
N ARG N 803 -134.92 -53.27 68.64
CA ARG N 803 -135.56 -53.13 69.95
C ARG N 803 -136.19 -51.76 70.10
N LEU N 804 -135.54 -50.72 69.56
CA LEU N 804 -136.19 -49.41 69.58
C LEU N 804 -137.47 -49.44 68.74
N GLN N 805 -137.43 -50.11 67.59
CA GLN N 805 -138.66 -50.24 66.80
C GLN N 805 -139.69 -51.13 67.50
N PHE N 806 -139.25 -52.09 68.31
CA PHE N 806 -140.17 -52.91 69.08
C PHE N 806 -140.88 -52.10 70.14
N GLU N 807 -140.16 -51.17 70.77
CA GLU N 807 -140.83 -50.26 71.71
C GLU N 807 -141.75 -49.32 70.96
N GLU N 808 -141.36 -48.89 69.75
CA GLU N 808 -142.25 -48.07 68.93
C GLU N 808 -143.54 -48.80 68.59
N LYS N 809 -143.47 -50.13 68.46
CA LYS N 809 -144.69 -50.90 68.25
C LYS N 809 -145.61 -50.79 69.46
N LYS N 810 -145.04 -50.71 70.67
CA LYS N 810 -145.85 -50.50 71.86
C LYS N 810 -146.36 -49.06 71.96
N LYS N 811 -145.60 -48.10 71.44
CA LYS N 811 -145.99 -46.70 71.53
C LYS N 811 -147.27 -46.42 70.75
N GLU N 827 -142.48 -60.69 74.09
CA GLU N 827 -142.10 -62.09 73.89
C GLU N 827 -141.14 -62.24 72.73
N GLU N 828 -141.34 -61.44 71.67
CA GLU N 828 -140.45 -61.52 70.53
C GLU N 828 -139.04 -61.05 70.90
N GLU N 829 -138.94 -59.89 71.57
CA GLU N 829 -137.64 -59.49 72.07
C GLU N 829 -137.10 -60.44 73.13
N ASN N 830 -137.97 -61.15 73.85
CA ASN N 830 -137.48 -62.20 74.73
C ASN N 830 -136.83 -63.32 73.92
N LYS N 831 -137.34 -63.63 72.73
CA LYS N 831 -136.66 -64.59 71.86
C LYS N 831 -135.36 -64.04 71.31
N ARG N 832 -135.29 -62.72 71.09
CA ARG N 832 -133.99 -62.14 70.73
C ARG N 832 -132.99 -62.21 71.88
N ILE N 833 -133.44 -62.05 73.14
CA ILE N 833 -132.53 -62.31 74.26
C ILE N 833 -132.13 -63.78 74.26
N GLY N 834 -133.06 -64.68 73.92
CA GLY N 834 -132.71 -66.09 73.86
C GLY N 834 -131.61 -66.37 72.86
N GLU N 835 -131.79 -65.92 71.61
CA GLU N 835 -130.77 -66.19 70.61
C GLU N 835 -129.48 -65.47 70.95
N PHE N 836 -129.54 -64.41 71.77
CA PHE N 836 -128.31 -63.86 72.32
C PHE N 836 -127.66 -64.84 73.29
N LYS N 837 -128.46 -65.48 74.14
CA LYS N 837 -127.87 -66.42 75.09
C LYS N 837 -127.39 -67.72 74.44
N GLU N 838 -127.68 -67.95 73.15
CA GLU N 838 -126.85 -68.89 72.37
C GLU N 838 -125.70 -68.21 71.61
N SER N 839 -125.85 -66.98 71.13
CA SER N 839 -124.84 -66.41 70.23
C SER N 839 -123.65 -65.81 70.98
N ILE N 840 -123.90 -65.13 72.10
CA ILE N 840 -122.81 -64.47 72.85
C ILE N 840 -121.69 -65.45 73.23
N PRO N 841 -121.97 -66.63 73.80
CA PRO N 841 -120.85 -67.52 74.20
C PRO N 841 -119.91 -67.90 73.07
N LYS N 842 -120.42 -68.21 71.88
CA LYS N 842 -119.53 -68.64 70.80
C LYS N 842 -118.70 -67.47 70.30
N MET N 843 -119.28 -66.27 70.26
CA MET N 843 -118.52 -65.07 69.92
C MET N 843 -117.40 -64.83 70.93
N CYS N 844 -117.72 -64.99 72.21
CA CYS N 844 -116.70 -64.88 73.26
C CYS N 844 -115.57 -65.88 73.03
N SER N 845 -115.92 -67.15 72.77
CA SER N 845 -114.88 -68.16 72.55
C SER N 845 -114.05 -67.87 71.31
N GLN N 846 -114.67 -67.30 70.27
CA GLN N 846 -113.94 -66.92 69.07
C GLN N 846 -112.89 -65.87 69.40
N LEU N 847 -113.31 -64.81 70.10
CA LEU N 847 -112.36 -63.78 70.50
C LEU N 847 -111.29 -64.34 71.43
N ARG N 848 -111.64 -65.31 72.27
CA ARG N 848 -110.68 -65.93 73.18
C ARG N 848 -109.56 -66.64 72.40
N ILE N 849 -109.95 -67.46 71.42
CA ILE N 849 -108.94 -68.20 70.66
C ILE N 849 -108.11 -67.24 69.82
N LEU N 850 -108.74 -66.20 69.27
CA LEU N 850 -108.00 -65.18 68.53
C LEU N 850 -106.93 -64.53 69.42
N THR N 851 -107.32 -64.13 70.63
CA THR N 851 -106.40 -63.54 71.59
C THR N 851 -105.21 -64.45 71.85
N HIS N 852 -105.48 -65.72 72.17
CA HIS N 852 -104.39 -66.64 72.46
C HIS N 852 -103.45 -66.80 71.27
N PHE N 853 -104.01 -66.90 70.06
CA PHE N 853 -103.20 -67.07 68.88
C PHE N 853 -102.28 -65.87 68.66
N TYR N 854 -102.80 -64.67 68.88
CA TYR N 854 -101.98 -63.48 68.71
C TYR N 854 -100.87 -63.40 69.77
N GLN N 855 -101.21 -63.68 71.05
CA GLN N 855 -100.18 -63.69 72.08
C GLN N 855 -99.08 -64.68 71.73
N GLY N 856 -99.45 -65.85 71.20
CA GLY N 856 -98.46 -66.85 70.87
C GLY N 856 -97.54 -66.39 69.75
N ILE N 857 -98.10 -65.74 68.73
CA ILE N 857 -97.27 -65.36 67.59
C ILE N 857 -96.37 -64.17 67.94
N VAL N 858 -96.84 -63.21 68.77
CA VAL N 858 -95.93 -62.13 69.16
C VAL N 858 -94.83 -62.67 70.06
N GLN N 859 -95.15 -63.66 70.91
CA GLN N 859 -94.11 -64.30 71.71
C GLN N 859 -93.08 -64.97 70.82
N GLN N 860 -93.55 -65.64 69.75
CA GLN N 860 -92.63 -66.25 68.80
C GLN N 860 -91.78 -65.19 68.12
N PHE N 861 -92.36 -64.01 67.85
CA PHE N 861 -91.58 -62.94 67.24
C PHE N 861 -90.46 -62.47 68.15
N LEU N 862 -90.75 -62.29 69.44
CA LEU N 862 -89.70 -61.83 70.35
C LEU N 862 -88.59 -62.88 70.52
N VAL N 863 -88.96 -64.16 70.65
CA VAL N 863 -87.92 -65.16 70.83
C VAL N 863 -87.07 -65.27 69.56
N LEU N 864 -87.67 -65.09 68.38
CA LEU N 864 -86.85 -65.03 67.18
C LEU N 864 -86.02 -63.75 67.12
N LEU N 865 -86.55 -62.64 67.64
CA LEU N 865 -85.83 -61.37 67.69
C LEU N 865 -84.57 -61.44 68.53
N THR N 866 -84.52 -62.36 69.50
CA THR N 866 -83.33 -62.47 70.34
C THR N 866 -82.06 -62.67 69.50
N THR N 867 -82.13 -63.49 68.45
CA THR N 867 -80.99 -63.72 67.55
C THR N 867 -81.11 -62.74 66.38
N SER N 868 -80.29 -61.70 66.38
CA SER N 868 -80.37 -60.65 65.38
C SER N 868 -79.04 -59.89 65.39
N SER N 869 -78.98 -58.80 64.63
CA SER N 869 -77.87 -57.85 64.70
C SER N 869 -77.61 -57.44 66.14
N ASP N 870 -76.37 -57.01 66.40
CA ASP N 870 -75.87 -56.88 67.76
C ASP N 870 -76.71 -55.93 68.61
N GLU N 871 -76.97 -54.72 68.12
CA GLU N 871 -77.59 -53.66 68.91
C GLU N 871 -78.93 -53.20 68.34
N SER N 872 -78.95 -52.86 67.06
CA SER N 872 -80.07 -52.16 66.44
C SER N 872 -81.37 -52.94 66.62
N LEU N 873 -81.37 -54.21 66.23
CA LEU N 873 -82.58 -55.02 66.38
C LEU N 873 -82.81 -55.41 67.83
N ARG N 874 -81.74 -55.56 68.62
CA ARG N 874 -81.91 -55.98 70.02
C ARG N 874 -82.66 -54.93 70.82
N PHE N 875 -82.50 -53.64 70.48
CA PHE N 875 -83.22 -52.59 71.20
C PHE N 875 -84.73 -52.74 71.03
N LEU N 876 -85.14 -53.33 69.91
CA LEU N 876 -86.55 -53.50 69.62
C LEU N 876 -87.23 -54.35 70.69
N SER N 877 -86.52 -55.36 71.19
CA SER N 877 -87.09 -56.22 72.24
C SER N 877 -87.36 -55.43 73.51
N PHE N 878 -86.43 -54.56 73.92
CA PHE N 878 -86.65 -53.78 75.13
C PHE N 878 -87.82 -52.84 74.95
N ARG N 879 -87.87 -52.17 73.78
CA ARG N 879 -89.04 -51.36 73.43
C ARG N 879 -90.33 -52.16 73.55
N LEU N 880 -90.35 -53.38 73.01
CA LEU N 880 -91.57 -54.18 73.00
C LEU N 880 -91.94 -54.73 74.37
N ASP N 881 -90.96 -54.93 75.26
CA ASP N 881 -91.19 -55.62 76.53
C ASP N 881 -90.64 -54.75 77.67
N PHE N 882 -91.00 -53.46 77.62
CA PHE N 882 -90.70 -52.53 78.71
C PHE N 882 -91.25 -53.00 80.06
N ASN N 883 -92.56 -53.31 80.12
CA ASN N 883 -93.21 -53.61 81.40
C ASN N 883 -93.23 -55.10 81.71
N GLU N 884 -92.56 -55.92 80.91
CA GLU N 884 -92.35 -57.34 81.21
C GLU N 884 -93.67 -58.10 81.37
N HIS N 885 -94.69 -57.70 80.61
CA HIS N 885 -95.85 -58.57 80.47
C HIS N 885 -95.47 -59.84 79.71
N TYR N 886 -94.67 -59.70 78.67
CA TYR N 886 -94.06 -60.83 77.98
C TYR N 886 -92.71 -61.12 78.64
N LYS N 887 -92.28 -62.38 78.52
CA LYS N 887 -91.08 -62.92 79.16
C LYS N 887 -91.25 -63.08 80.67
N ALA N 888 -92.43 -62.82 81.22
CA ALA N 888 -92.79 -63.21 82.58
C ALA N 888 -94.02 -64.11 82.60
N ARG N 889 -94.54 -64.48 81.43
CA ARG N 889 -95.68 -65.39 81.30
C ARG N 889 -95.24 -66.83 81.04
N GLU N 890 -94.03 -67.03 80.56
CA GLU N 890 -93.50 -68.37 80.32
C GLU N 890 -93.27 -69.08 81.65
N LEU O 150 37.79 -116.53 -38.40
CA LEU O 150 37.89 -117.81 -37.71
C LEU O 150 36.49 -118.40 -37.54
N GLN O 151 36.43 -119.70 -37.27
CA GLN O 151 35.15 -120.39 -37.13
C GLN O 151 34.67 -120.42 -35.68
N GLN O 152 35.55 -120.83 -34.77
CA GLN O 152 35.15 -120.99 -33.37
C GLN O 152 34.72 -119.67 -32.73
N SER O 153 35.24 -118.55 -33.22
CA SER O 153 34.86 -117.26 -32.66
C SER O 153 33.43 -116.88 -33.06
N LEU O 154 32.99 -117.31 -34.25
CA LEU O 154 31.64 -117.02 -34.70
C LEU O 154 30.58 -117.59 -33.78
N GLU O 155 30.89 -118.69 -33.09
CA GLU O 155 29.90 -119.35 -32.22
C GLU O 155 29.42 -118.41 -31.12
N LEU O 156 30.36 -117.72 -30.48
CA LEU O 156 30.02 -116.77 -29.42
C LEU O 156 29.04 -115.72 -29.94
N LYS O 157 29.33 -115.18 -31.12
CA LYS O 157 28.47 -114.13 -31.68
C LYS O 157 27.09 -114.67 -32.04
N ARG O 158 27.03 -115.84 -32.69
CA ARG O 158 25.72 -116.42 -33.03
C ARG O 158 24.88 -116.68 -31.79
N LYS O 159 25.49 -117.30 -30.76
CA LYS O 159 24.76 -117.58 -29.52
C LYS O 159 24.24 -116.29 -28.91
N MET O 160 25.13 -115.30 -28.75
CA MET O 160 24.75 -114.10 -28.03
C MET O 160 23.74 -113.31 -28.83
N LEU O 161 23.83 -113.37 -30.18
CA LEU O 161 22.82 -112.74 -31.03
C LEU O 161 21.46 -113.35 -30.79
N ARG O 162 21.37 -114.68 -30.68
CA ARG O 162 20.07 -115.27 -30.38
C ARG O 162 19.61 -114.82 -29.00
N ASP O 163 20.53 -114.82 -28.03
CA ASP O 163 20.19 -114.48 -26.65
C ASP O 163 19.60 -113.07 -26.55
N LYS O 164 20.23 -112.11 -27.22
CA LYS O 164 19.75 -110.73 -27.17
C LYS O 164 18.53 -110.51 -28.06
N GLN O 165 18.46 -111.19 -29.21
CA GLN O 165 17.28 -111.05 -30.07
C GLN O 165 16.03 -111.55 -29.35
N ASN O 166 16.18 -112.58 -28.51
CA ASN O 166 15.06 -113.12 -27.74
C ASN O 166 14.30 -112.03 -26.99
N LYS O 167 15.04 -111.11 -26.36
CA LYS O 167 14.39 -110.07 -25.55
C LYS O 167 13.68 -109.05 -26.44
N LYS O 168 14.33 -108.62 -27.52
CA LYS O 168 13.82 -107.54 -28.36
C LYS O 168 12.82 -108.07 -29.40
N ASN O 169 11.64 -108.43 -28.92
CA ASN O 169 10.55 -108.72 -29.85
C ASN O 169 10.06 -107.46 -30.54
N SER O 170 9.98 -106.35 -29.80
CA SER O 170 9.42 -105.12 -30.35
C SER O 170 10.31 -104.54 -31.43
N GLY O 171 11.55 -104.19 -31.07
CA GLY O 171 12.44 -103.56 -32.02
C GLY O 171 12.91 -104.52 -33.10
N GLN O 172 13.28 -103.95 -34.24
CA GLN O 172 13.84 -104.74 -35.34
C GLN O 172 15.20 -105.29 -34.92
N HIS O 173 15.72 -106.22 -35.73
CA HIS O 173 16.99 -106.88 -35.44
C HIS O 173 18.11 -105.88 -35.15
N LEU O 174 18.88 -106.17 -34.12
CA LEU O 174 19.95 -105.28 -33.70
C LEU O 174 21.01 -105.18 -34.80
N PRO O 175 21.86 -104.14 -34.76
CA PRO O 175 22.89 -103.97 -35.80
C PRO O 175 23.77 -105.19 -35.96
N ILE O 176 24.13 -105.48 -37.21
CA ILE O 176 24.97 -106.63 -37.57
C ILE O 176 26.04 -106.16 -38.55
N PHE O 177 27.31 -106.47 -38.26
CA PHE O 177 28.36 -106.22 -39.24
C PHE O 177 28.29 -107.17 -40.43
N PRO O 178 28.87 -106.78 -41.57
CA PRO O 178 28.83 -107.63 -42.77
C PRO O 178 29.55 -108.95 -42.57
N ALA O 179 29.44 -109.79 -43.60
CA ALA O 179 30.16 -111.06 -43.61
C ALA O 179 31.67 -110.86 -43.78
N TRP O 180 32.07 -110.01 -44.73
CA TRP O 180 33.46 -109.97 -45.16
C TRP O 180 34.39 -109.41 -44.09
N VAL O 181 33.92 -108.48 -43.27
CA VAL O 181 34.80 -107.83 -42.29
C VAL O 181 35.40 -108.86 -41.34
N TYR O 182 34.62 -109.91 -41.01
CA TYR O 182 35.16 -111.01 -40.22
C TYR O 182 36.08 -111.90 -41.05
N GLU O 183 35.78 -112.06 -42.34
CA GLU O 183 36.48 -113.05 -43.17
C GLU O 183 37.88 -112.58 -43.56
N ARG O 184 38.04 -111.29 -43.89
CA ARG O 184 39.23 -110.79 -44.59
C ARG O 184 40.51 -111.03 -43.79
N PRO O 185 41.55 -111.70 -44.36
CA PRO O 185 42.78 -111.93 -43.58
C PRO O 185 43.76 -110.76 -43.59
N ALA O 186 43.84 -110.03 -44.71
CA ALA O 186 44.85 -108.99 -44.85
C ALA O 186 44.60 -107.83 -43.90
N LEU O 187 43.33 -107.57 -43.57
CA LEU O 187 42.99 -106.44 -42.73
C LEU O 187 43.59 -106.57 -41.33
N ILE O 188 43.87 -107.81 -40.90
CA ILE O 188 44.35 -108.03 -39.53
C ILE O 188 45.83 -107.67 -39.45
N GLY O 189 46.30 -107.43 -38.22
CA GLY O 189 47.63 -106.88 -38.02
C GLY O 189 48.74 -107.75 -38.58
N ASP O 190 48.71 -109.05 -38.29
CA ASP O 190 49.74 -109.99 -38.70
C ASP O 190 49.13 -111.05 -39.62
N PHE O 191 49.84 -111.37 -40.69
CA PHE O 191 49.43 -112.44 -41.59
C PHE O 191 50.64 -113.05 -42.28
N PRO O 204 74.61 -116.31 -47.81
CA PRO O 204 75.96 -115.85 -47.45
C PRO O 204 75.97 -114.97 -46.21
N ILE O 205 74.97 -115.15 -45.34
CA ILE O 205 74.90 -114.37 -44.11
C ILE O 205 76.11 -114.68 -43.24
N GLY O 206 76.57 -115.93 -43.26
CA GLY O 206 77.80 -116.26 -42.56
C GLY O 206 79.02 -115.55 -43.14
N THR O 207 78.99 -115.26 -44.45
CA THR O 207 80.11 -114.57 -45.07
C THR O 207 80.07 -113.06 -44.86
N LEU O 208 78.88 -112.48 -44.62
CA LEU O 208 78.84 -111.03 -44.49
C LEU O 208 79.46 -110.58 -43.16
N PRO O 209 80.07 -109.39 -43.11
CA PRO O 209 80.58 -108.88 -41.84
C PRO O 209 79.48 -108.60 -40.82
N LEU O 210 79.92 -108.45 -39.56
CA LEU O 210 78.98 -108.21 -38.47
C LEU O 210 78.19 -106.92 -38.66
N ALA O 211 78.78 -105.89 -39.28
CA ALA O 211 78.07 -104.62 -39.43
C ALA O 211 76.96 -104.71 -40.47
N SER O 212 77.23 -105.35 -41.61
CA SER O 212 76.20 -105.52 -42.63
C SER O 212 75.06 -106.37 -42.09
N GLN O 213 75.40 -107.44 -41.36
CA GLN O 213 74.38 -108.25 -40.72
C GLN O 213 73.63 -107.44 -39.66
N GLU O 214 74.33 -106.54 -38.96
CA GLU O 214 73.68 -105.68 -37.98
C GLU O 214 72.59 -104.85 -38.65
N SER O 215 72.94 -104.21 -39.77
CA SER O 215 71.94 -103.43 -40.50
C SER O 215 70.78 -104.32 -40.98
N ALA O 216 71.10 -105.50 -41.52
CA ALA O 216 70.06 -106.37 -42.03
C ALA O 216 69.12 -106.83 -40.93
N VAL O 217 69.67 -107.27 -39.80
CA VAL O 217 68.84 -107.81 -38.73
C VAL O 217 68.00 -106.69 -38.12
N VAL O 218 68.58 -105.50 -37.92
CA VAL O 218 67.78 -104.47 -37.27
C VAL O 218 66.70 -104.00 -38.24
N GLU O 219 66.97 -104.01 -39.54
CA GLU O 219 65.95 -103.69 -40.53
C GLU O 219 64.78 -104.68 -40.49
N ASP O 220 65.08 -105.98 -40.53
CA ASP O 220 63.99 -106.96 -40.56
C ASP O 220 63.25 -107.00 -39.22
N LEU O 221 63.99 -106.79 -38.13
CA LEU O 221 63.40 -106.66 -36.81
C LEU O 221 62.43 -105.50 -36.76
N LEU O 222 62.84 -104.36 -37.33
CA LEU O 222 61.98 -103.19 -37.41
C LEU O 222 60.71 -103.51 -38.18
N TYR O 223 60.86 -104.25 -39.29
CA TYR O 223 59.70 -104.65 -40.07
C TYR O 223 58.74 -105.47 -39.23
N VAL O 224 59.27 -106.47 -38.51
CA VAL O 224 58.41 -107.36 -37.73
C VAL O 224 57.75 -106.65 -36.55
N LEU O 225 58.36 -105.59 -36.03
CA LEU O 225 57.76 -104.87 -34.90
C LEU O 225 56.36 -104.36 -35.24
N VAL O 226 56.10 -104.08 -36.51
CA VAL O 226 54.84 -103.46 -36.94
C VAL O 226 53.94 -104.45 -37.68
N GLY O 227 54.20 -105.76 -37.54
CA GLY O 227 53.22 -106.76 -37.96
C GLY O 227 53.30 -107.23 -39.39
N VAL O 228 54.38 -106.94 -40.11
CA VAL O 228 54.67 -107.56 -41.41
C VAL O 228 55.90 -108.42 -41.24
N ASP O 229 55.82 -109.66 -41.71
CA ASP O 229 56.93 -110.60 -41.56
C ASP O 229 58.20 -110.09 -42.24
N GLY O 230 59.34 -110.29 -41.56
CA GLY O 230 60.63 -109.91 -42.09
C GLY O 230 61.33 -111.09 -42.77
N ARG O 231 62.47 -110.79 -43.40
CA ARG O 231 63.19 -111.83 -44.12
C ARG O 231 63.99 -112.70 -43.17
N TYR O 232 64.90 -112.09 -42.42
CA TYR O 232 65.83 -112.86 -41.61
C TYR O 232 65.11 -113.44 -40.39
N VAL O 233 64.32 -112.62 -39.72
CA VAL O 233 63.39 -113.04 -38.67
C VAL O 233 62.00 -113.20 -39.30
N SER O 234 61.30 -114.28 -38.95
CA SER O 234 60.00 -114.59 -39.53
C SER O 234 59.10 -115.22 -38.47
N ALA O 235 57.83 -114.83 -38.48
CA ALA O 235 56.82 -115.45 -37.61
C ALA O 235 56.56 -116.90 -38.00
N GLN O 236 56.43 -117.77 -37.00
CA GLN O 236 55.92 -119.12 -37.23
C GLN O 236 54.48 -119.09 -37.75
N PRO O 237 54.10 -120.01 -38.62
CA PRO O 237 52.67 -120.37 -38.69
C PRO O 237 52.24 -121.04 -37.40
N LEU O 238 51.32 -120.40 -36.69
CA LEU O 238 50.86 -120.87 -35.38
C LEU O 238 49.36 -121.11 -35.43
N ALA O 239 48.93 -122.21 -34.82
CA ALA O 239 47.54 -122.60 -34.76
C ALA O 239 47.16 -122.84 -33.31
N GLY O 240 45.87 -122.70 -33.02
CA GLY O 240 45.39 -122.74 -31.65
C GLY O 240 45.48 -121.39 -30.97
N ARG O 241 45.18 -121.40 -29.68
CA ARG O 241 45.13 -120.18 -28.86
C ARG O 241 46.42 -120.11 -28.05
N GLN O 242 47.46 -119.52 -28.64
CA GLN O 242 48.74 -119.32 -27.96
C GLN O 242 49.35 -118.00 -28.41
N SER O 243 50.28 -117.50 -27.61
CA SER O 243 51.04 -116.31 -27.98
C SER O 243 51.94 -116.61 -29.18
N ARG O 244 52.11 -115.60 -30.03
CA ARG O 244 52.86 -115.79 -31.27
C ARG O 244 54.33 -116.06 -30.99
N THR O 245 54.91 -116.98 -31.75
CA THR O 245 56.32 -117.34 -31.65
C THR O 245 56.99 -117.27 -33.02
N PHE O 246 58.28 -116.92 -33.01
CA PHE O 246 58.99 -116.47 -34.20
C PHE O 246 60.26 -117.29 -34.39
N LEU O 247 60.71 -117.41 -35.65
CA LEU O 247 62.00 -117.99 -35.97
C LEU O 247 63.03 -116.91 -36.25
N VAL O 248 64.30 -117.33 -36.22
CA VAL O 248 65.44 -116.50 -36.63
C VAL O 248 66.32 -117.42 -37.47
N ASP O 249 67.05 -116.83 -38.42
CA ASP O 249 68.00 -117.61 -39.20
C ASP O 249 69.04 -118.19 -38.24
N PRO O 250 69.44 -119.47 -38.41
CA PRO O 250 70.34 -120.05 -37.40
C PRO O 250 71.76 -119.50 -37.47
N ASN O 251 72.33 -119.38 -38.67
CA ASN O 251 73.75 -119.08 -38.83
C ASN O 251 73.99 -117.58 -38.73
N LEU O 252 73.84 -117.05 -37.52
CA LEU O 252 74.13 -115.67 -37.17
C LEU O 252 75.09 -115.65 -36.00
N ASP O 253 75.60 -114.45 -35.70
CA ASP O 253 76.43 -114.26 -34.51
C ASP O 253 75.59 -114.52 -33.27
N LEU O 254 76.15 -115.27 -32.32
CA LEU O 254 75.37 -115.73 -31.17
C LEU O 254 74.90 -114.57 -30.29
N SER O 255 75.74 -113.54 -30.14
CA SER O 255 75.34 -112.39 -29.33
C SER O 255 74.12 -111.70 -29.92
N ILE O 256 74.09 -111.56 -31.23
CA ILE O 256 72.93 -110.94 -31.86
C ILE O 256 71.77 -111.94 -31.91
N ARG O 257 72.05 -113.25 -31.90
CA ARG O 257 70.98 -114.22 -31.80
C ARG O 257 70.23 -114.10 -30.48
N GLU O 258 70.94 -113.83 -29.38
CA GLU O 258 70.26 -113.65 -28.10
C GLU O 258 69.69 -112.24 -27.94
N LEU O 259 70.28 -111.22 -28.57
CA LEU O 259 69.62 -109.90 -28.60
C LEU O 259 68.27 -109.97 -29.32
N VAL O 260 68.21 -110.70 -30.43
CA VAL O 260 66.96 -110.83 -31.18
C VAL O 260 65.88 -111.47 -30.30
N HIS O 261 66.24 -112.55 -29.59
CA HIS O 261 65.31 -113.14 -28.63
C HIS O 261 65.05 -112.23 -27.44
N ARG O 262 65.97 -111.31 -27.12
CA ARG O 262 65.71 -110.33 -26.07
C ARG O 262 64.56 -109.43 -26.47
N ILE O 263 64.46 -109.09 -27.76
CA ILE O 263 63.56 -108.03 -28.21
C ILE O 263 62.21 -108.57 -28.69
N LEU O 264 62.14 -109.72 -29.39
CA LEU O 264 60.84 -110.17 -29.94
C LEU O 264 59.61 -110.28 -29.02
N PRO O 265 59.74 -110.42 -27.67
CA PRO O 265 58.53 -110.43 -26.83
C PRO O 265 57.52 -109.31 -27.09
N VAL O 266 57.99 -108.08 -27.33
CA VAL O 266 57.06 -106.98 -27.57
C VAL O 266 56.29 -107.20 -28.88
N ALA O 267 56.95 -107.70 -29.91
CA ALA O 267 56.26 -108.01 -31.17
C ALA O 267 55.22 -109.09 -30.96
N ALA O 268 55.57 -110.14 -30.20
CA ALA O 268 54.62 -111.20 -29.94
C ALA O 268 53.40 -110.69 -29.18
N SER O 269 53.62 -109.78 -28.23
CA SER O 269 52.50 -109.19 -27.50
C SER O 269 51.65 -108.28 -28.40
N TYR O 270 52.32 -107.54 -29.29
CA TYR O 270 51.61 -106.67 -30.24
C TYR O 270 50.66 -107.49 -31.09
N SER O 271 51.13 -108.68 -31.52
CA SER O 271 50.29 -109.57 -32.31
C SER O 271 48.98 -109.86 -31.60
N ALA O 272 49.04 -110.17 -30.29
CA ALA O 272 47.82 -110.47 -29.56
C ALA O 272 46.94 -109.24 -29.41
N VAL O 273 47.55 -108.08 -29.18
CA VAL O 273 46.76 -106.87 -28.96
C VAL O 273 45.99 -106.52 -30.23
N THR O 274 46.62 -106.71 -31.40
CA THR O 274 45.94 -106.38 -32.65
C THR O 274 44.69 -107.23 -32.86
N ARG O 275 44.80 -108.56 -32.65
CA ARG O 275 43.64 -109.42 -32.84
C ARG O 275 42.54 -109.10 -31.83
N PHE O 276 42.92 -108.82 -30.59
CA PHE O 276 41.92 -108.46 -29.59
C PHE O 276 41.16 -107.22 -30.02
N ILE O 277 41.89 -106.22 -30.54
CA ILE O 277 41.26 -104.96 -30.92
C ILE O 277 40.34 -105.15 -32.12
N GLU O 278 40.74 -105.95 -33.11
CA GLU O 278 39.92 -106.04 -34.32
C GLU O 278 38.78 -107.04 -34.17
N GLU O 279 38.80 -107.88 -33.13
CA GLU O 279 37.77 -108.91 -32.96
C GLU O 279 36.73 -108.53 -31.93
N LYS O 280 37.13 -107.91 -30.82
CA LYS O 280 36.10 -107.57 -29.83
C LYS O 280 35.23 -106.40 -30.26
N SER O 281 35.59 -105.68 -31.32
CA SER O 281 34.75 -104.61 -31.85
C SER O 281 33.70 -105.13 -32.83
N SER O 282 32.91 -106.11 -32.37
CA SER O 282 31.71 -106.56 -33.07
C SER O 282 30.51 -106.38 -32.14
N PHE O 283 29.33 -106.17 -32.74
CA PHE O 283 28.16 -105.77 -31.95
C PHE O 283 27.79 -106.76 -30.85
N GLU O 284 28.06 -108.04 -31.02
CA GLU O 284 27.65 -109.02 -30.02
C GLU O 284 28.42 -108.86 -28.71
N TYR O 285 29.68 -108.42 -28.79
CA TYR O 285 30.54 -108.44 -27.61
C TYR O 285 30.21 -107.36 -26.58
N GLY O 286 29.44 -106.34 -26.94
CA GLY O 286 28.99 -105.35 -25.98
C GLY O 286 29.73 -104.03 -26.07
N GLN O 287 29.06 -102.97 -25.62
CA GLN O 287 29.55 -101.60 -25.77
C GLN O 287 30.82 -101.36 -24.95
N VAL O 288 30.90 -101.93 -23.75
CA VAL O 288 32.09 -101.71 -22.93
C VAL O 288 33.30 -102.39 -23.57
N ASN O 289 33.10 -103.56 -24.15
CA ASN O 289 34.20 -104.23 -24.83
C ASN O 289 34.60 -103.46 -26.08
N HIS O 290 33.62 -102.87 -26.76
CA HIS O 290 33.91 -102.01 -27.90
C HIS O 290 34.79 -100.83 -27.49
N ALA O 291 34.42 -100.18 -26.38
CA ALA O 291 35.18 -99.01 -25.92
C ALA O 291 36.55 -99.39 -25.41
N LEU O 292 36.70 -100.59 -24.83
CA LEU O 292 38.04 -101.08 -24.49
C LEU O 292 38.88 -101.23 -25.74
N ALA O 293 38.31 -101.81 -26.80
CA ALA O 293 39.09 -101.98 -28.03
C ALA O 293 39.48 -100.63 -28.62
N ALA O 294 38.59 -99.63 -28.51
CA ALA O 294 38.92 -98.30 -29.03
C ALA O 294 40.04 -97.63 -28.24
N ALA O 295 39.94 -97.68 -26.91
CA ALA O 295 40.95 -97.04 -26.09
C ALA O 295 42.29 -97.76 -26.20
N MET O 296 42.27 -99.05 -26.54
CA MET O 296 43.50 -99.77 -26.81
C MET O 296 44.06 -99.43 -28.19
N ARG O 297 43.18 -99.17 -29.16
CA ARG O 297 43.62 -98.78 -30.50
C ARG O 297 44.39 -97.48 -30.45
N THR O 298 43.89 -96.53 -29.66
CA THR O 298 44.57 -95.25 -29.52
C THR O 298 45.99 -95.44 -29.01
N LEU O 299 46.19 -96.38 -28.07
CA LEU O 299 47.52 -96.63 -27.56
C LEU O 299 48.40 -97.37 -28.57
N VAL O 300 47.80 -98.23 -29.40
CA VAL O 300 48.58 -98.91 -30.45
C VAL O 300 49.19 -97.90 -31.42
N LYS O 301 48.48 -96.79 -31.64
CA LYS O 301 48.95 -95.81 -32.63
C LYS O 301 50.32 -95.25 -32.26
N GLU O 302 50.61 -95.05 -30.96
CA GLU O 302 51.92 -94.54 -30.58
C GLU O 302 53.04 -95.54 -30.84
N HIS O 303 52.76 -96.85 -30.69
CA HIS O 303 53.74 -97.85 -31.13
C HIS O 303 54.10 -97.64 -32.59
N LEU O 304 53.06 -97.52 -33.43
CA LEU O 304 53.33 -97.31 -34.85
C LEU O 304 54.02 -95.97 -35.12
N ILE O 305 53.79 -94.96 -34.27
CA ILE O 305 54.45 -93.67 -34.45
C ILE O 305 55.93 -93.76 -34.05
N LEU O 306 56.21 -94.37 -32.91
CA LEU O 306 57.58 -94.46 -32.40
C LEU O 306 58.49 -95.20 -33.36
N VAL O 307 58.02 -96.34 -33.84
CA VAL O 307 58.94 -97.23 -34.56
C VAL O 307 59.38 -96.56 -35.86
N SER O 308 58.62 -95.57 -36.37
CA SER O 308 58.98 -94.90 -37.63
C SER O 308 60.12 -93.91 -37.43
N GLN O 309 60.16 -93.27 -36.27
CA GLN O 309 61.32 -92.44 -35.94
C GLN O 309 62.55 -93.34 -35.82
N LEU O 310 62.34 -94.54 -35.28
CA LEU O 310 63.43 -95.52 -35.29
C LEU O 310 63.86 -95.85 -36.73
N GLU O 311 62.88 -95.93 -37.65
CA GLU O 311 63.18 -96.20 -39.06
C GLU O 311 64.06 -95.12 -39.68
N GLN O 312 63.70 -93.84 -39.48
CA GLN O 312 64.53 -92.78 -40.07
C GLN O 312 65.92 -92.82 -39.49
N LEU O 313 66.04 -93.14 -38.20
CA LEU O 313 67.38 -93.34 -37.62
C LEU O 313 68.14 -94.43 -38.37
N HIS O 314 67.46 -95.52 -38.75
CA HIS O 314 68.15 -96.52 -39.58
C HIS O 314 68.58 -95.92 -40.91
N ARG O 315 67.77 -95.03 -41.47
CA ARG O 315 68.12 -94.51 -42.80
C ARG O 315 69.38 -93.66 -42.74
N GLN O 316 69.52 -92.77 -41.75
CA GLN O 316 70.83 -92.10 -41.64
C GLN O 316 71.88 -92.98 -40.93
N GLY O 317 71.54 -94.21 -40.56
CA GLY O 317 72.52 -95.15 -40.07
C GLY O 317 73.06 -94.87 -38.68
N LEU O 318 72.38 -93.97 -37.96
CA LEU O 318 72.76 -93.61 -36.59
C LEU O 318 71.94 -94.41 -35.58
N LEU O 319 72.05 -95.74 -35.65
CA LEU O 319 71.33 -96.55 -34.68
C LEU O 319 71.93 -97.94 -34.56
N SER O 320 71.94 -98.46 -33.33
CA SER O 320 72.42 -99.80 -33.02
C SER O 320 71.40 -100.52 -32.13
N LEU O 321 71.59 -101.83 -32.00
CA LEU O 321 70.64 -102.67 -31.28
C LEU O 321 70.48 -102.25 -29.83
N GLN O 322 71.59 -101.93 -29.15
CA GLN O 322 71.51 -101.56 -27.74
C GLN O 322 70.71 -100.27 -27.55
N LYS O 323 70.93 -99.30 -28.43
CA LYS O 323 70.19 -98.05 -28.37
C LYS O 323 68.72 -98.28 -28.67
N LEU O 324 68.42 -99.13 -29.65
CA LEU O 324 67.03 -99.45 -29.96
C LEU O 324 66.33 -100.08 -28.75
N TRP O 325 66.99 -101.05 -28.12
CA TRP O 325 66.46 -101.71 -26.93
C TRP O 325 66.13 -100.68 -25.84
N PHE O 326 67.10 -99.81 -25.56
CA PHE O 326 66.92 -98.77 -24.56
C PHE O 326 65.75 -97.85 -24.91
N TYR O 327 65.63 -97.47 -26.18
CA TYR O 327 64.52 -96.61 -26.59
C TYR O 327 63.18 -97.31 -26.39
N ILE O 328 63.11 -98.63 -26.66
CA ILE O 328 61.82 -99.31 -26.63
C ILE O 328 61.45 -99.80 -25.24
N GLN O 329 62.32 -99.58 -24.24
CA GLN O 329 62.03 -100.10 -22.90
C GLN O 329 60.66 -99.70 -22.35
N PRO O 330 60.20 -98.44 -22.46
CA PRO O 330 58.83 -98.16 -22.00
C PRO O 330 57.74 -98.87 -22.78
N ALA O 331 57.89 -98.90 -24.12
CA ALA O 331 56.81 -99.38 -24.97
C ALA O 331 56.59 -100.88 -24.81
N MET O 332 57.67 -101.64 -24.65
CA MET O 332 57.51 -103.09 -24.47
C MET O 332 56.73 -103.40 -23.20
N ARG O 333 57.00 -102.67 -22.12
CA ARG O 333 56.21 -102.85 -20.90
C ARG O 333 54.75 -102.49 -21.14
N THR O 334 54.49 -101.33 -21.73
CA THR O 334 53.10 -100.90 -21.92
C THR O 334 52.33 -101.91 -22.76
N MET O 335 52.96 -102.40 -23.83
CA MET O 335 52.35 -103.40 -24.68
C MET O 335 52.12 -104.69 -23.91
N ASP O 336 53.02 -105.01 -22.96
CA ASP O 336 52.84 -106.22 -22.17
C ASP O 336 51.61 -106.12 -21.25
N ILE O 337 51.39 -104.97 -20.62
CA ILE O 337 50.18 -104.83 -19.81
C ILE O 337 48.94 -104.91 -20.69
N LEU O 338 49.00 -104.32 -21.89
CA LEU O 338 47.86 -104.44 -22.79
C LEU O 338 47.59 -105.90 -23.14
N ALA O 339 48.65 -106.68 -23.35
CA ALA O 339 48.46 -108.11 -23.61
C ALA O 339 47.88 -108.83 -22.40
N SER O 340 48.27 -108.42 -21.19
CA SER O 340 47.72 -109.04 -19.99
C SER O 340 46.20 -108.83 -19.93
N LEU O 341 45.74 -107.60 -20.15
CA LEU O 341 44.30 -107.38 -20.23
C LEU O 341 43.69 -108.15 -21.39
N ALA O 342 44.40 -108.26 -22.51
CA ALA O 342 43.86 -108.95 -23.68
C ALA O 342 43.59 -110.42 -23.38
N THR O 343 44.49 -111.07 -22.64
CA THR O 343 44.27 -112.47 -22.30
C THR O 343 43.25 -112.64 -21.20
N SER O 344 43.21 -111.73 -20.22
CA SER O 344 42.31 -111.90 -19.10
C SER O 344 40.86 -111.61 -19.48
N VAL O 345 40.62 -110.66 -20.38
CA VAL O 345 39.27 -110.39 -20.83
C VAL O 345 38.74 -111.55 -21.67
N ASP O 346 39.60 -112.16 -22.48
CA ASP O 346 39.15 -113.17 -23.44
C ASP O 346 38.93 -114.52 -22.77
N LYS O 347 39.97 -115.05 -22.09
CA LYS O 347 39.96 -116.45 -21.65
C LYS O 347 38.69 -116.81 -20.85
N GLY O 348 38.27 -115.92 -19.97
CA GLY O 348 36.94 -115.97 -19.40
C GLY O 348 36.02 -115.02 -20.15
N GLU O 349 34.94 -115.52 -20.74
CA GLU O 349 34.04 -114.65 -21.48
C GLU O 349 33.45 -113.60 -20.55
N CYS O 350 33.79 -112.33 -20.81
CA CYS O 350 33.32 -111.19 -20.02
C CYS O 350 32.77 -110.13 -20.95
N LEU O 351 31.45 -109.93 -20.91
CA LEU O 351 30.78 -108.83 -21.59
C LEU O 351 30.06 -108.01 -20.53
N GLY O 352 30.20 -106.68 -20.62
CA GLY O 352 29.55 -105.81 -19.65
C GLY O 352 30.28 -105.70 -18.32
N GLY O 353 29.51 -105.91 -17.25
CA GLY O 353 30.03 -105.71 -15.90
C GLY O 353 31.21 -106.59 -15.59
N SER O 354 31.25 -107.79 -16.16
CA SER O 354 32.39 -108.67 -15.92
C SER O 354 33.69 -108.05 -16.42
N THR O 355 33.67 -107.48 -17.63
CA THR O 355 34.86 -106.88 -18.22
C THR O 355 35.04 -105.42 -17.83
N LEU O 356 34.19 -104.88 -16.95
CA LEU O 356 34.49 -103.65 -16.24
C LEU O 356 35.05 -103.91 -14.84
N SER O 357 34.55 -104.94 -14.16
CA SER O 357 35.11 -105.33 -12.87
C SER O 357 36.51 -105.89 -13.03
N LEU O 358 36.74 -106.64 -14.11
CA LEU O 358 38.07 -107.16 -14.37
C LEU O 358 39.08 -106.02 -14.55
N LEU O 359 38.68 -104.91 -15.16
CA LEU O 359 39.58 -103.78 -15.32
C LEU O 359 39.61 -102.88 -14.11
N HIS O 360 38.68 -103.05 -13.16
CA HIS O 360 38.86 -102.40 -11.87
C HIS O 360 39.79 -103.14 -10.94
N ASP O 361 39.86 -104.48 -11.04
CA ASP O 361 40.69 -105.25 -10.11
C ASP O 361 42.02 -105.70 -10.70
N ARG O 362 42.22 -105.54 -12.01
CA ARG O 362 43.58 -105.50 -12.55
C ARG O 362 44.24 -104.14 -12.36
N SER O 363 43.59 -103.18 -11.69
CA SER O 363 44.17 -101.88 -11.41
C SER O 363 44.76 -101.78 -10.00
N PHE O 364 44.46 -102.73 -9.13
CA PHE O 364 45.05 -102.80 -7.79
C PHE O 364 46.26 -103.71 -7.74
N SER O 365 46.51 -104.51 -8.78
CA SER O 365 47.68 -105.38 -8.78
C SER O 365 48.96 -104.56 -9.01
N TYR O 366 48.91 -103.60 -9.92
CA TYR O 366 50.03 -102.71 -10.19
C TYR O 366 49.96 -101.55 -9.20
N THR O 367 50.75 -101.63 -8.12
CA THR O 367 50.67 -100.69 -7.01
C THR O 367 51.80 -99.66 -7.04
N GLY O 368 53.04 -100.09 -7.20
CA GLY O 368 54.19 -99.22 -7.04
C GLY O 368 54.95 -98.93 -8.32
N ASP O 369 54.34 -99.20 -9.47
CA ASP O 369 54.99 -98.91 -10.75
C ASP O 369 54.74 -97.48 -11.21
N SER O 370 53.54 -96.95 -10.99
CA SER O 370 53.14 -95.60 -11.34
C SER O 370 53.06 -95.37 -12.85
N GLN O 371 53.14 -96.43 -13.66
CA GLN O 371 52.95 -96.37 -15.11
C GLN O 371 51.73 -97.16 -15.53
N ALA O 372 51.63 -98.41 -15.09
CA ALA O 372 50.40 -99.15 -15.25
C ALA O 372 49.25 -98.49 -14.52
N GLN O 373 49.53 -97.68 -13.48
CA GLN O 373 48.46 -96.98 -12.79
C GLN O 373 47.75 -96.01 -13.70
N GLU O 374 48.50 -95.12 -14.38
CA GLU O 374 47.88 -94.18 -15.30
C GLU O 374 47.29 -94.91 -16.50
N LEU O 375 47.99 -95.94 -17.01
CA LEU O 375 47.46 -96.71 -18.13
C LEU O 375 46.08 -97.30 -17.80
N CYS O 376 45.98 -97.97 -16.65
CA CYS O 376 44.74 -98.62 -16.28
C CYS O 376 43.65 -97.61 -15.95
N LEU O 377 44.02 -96.50 -15.30
CA LEU O 377 43.05 -95.43 -15.07
C LEU O 377 42.47 -94.91 -16.39
N TYR O 378 43.33 -94.70 -17.38
CA TYR O 378 42.86 -94.21 -18.67
C TYR O 378 41.95 -95.23 -19.34
N LEU O 379 42.35 -96.51 -19.35
CA LEU O 379 41.51 -97.52 -19.98
C LEU O 379 40.17 -97.67 -19.26
N THR O 380 40.17 -97.61 -17.93
CA THR O 380 38.92 -97.79 -17.20
C THR O 380 38.02 -96.59 -17.44
N LYS O 381 38.56 -95.38 -17.34
CA LYS O 381 37.82 -94.16 -17.66
C LYS O 381 37.20 -94.25 -19.06
N ALA O 382 37.94 -94.80 -20.01
CA ALA O 382 37.41 -94.91 -21.37
C ALA O 382 36.32 -95.96 -21.46
N ALA O 383 36.49 -97.09 -20.79
CA ALA O 383 35.51 -98.17 -20.85
C ALA O 383 34.31 -97.94 -19.94
N SER O 384 34.35 -96.96 -19.05
CA SER O 384 33.22 -96.65 -18.20
C SER O 384 32.20 -95.75 -18.85
N ALA O 385 32.54 -95.11 -19.98
CA ALA O 385 31.58 -94.19 -20.60
C ALA O 385 30.34 -94.91 -21.11
N PRO O 386 30.42 -96.05 -21.80
CA PRO O 386 29.16 -96.71 -22.21
C PRO O 386 28.33 -97.21 -21.05
N TYR O 387 28.95 -97.79 -20.03
CA TYR O 387 28.19 -98.38 -18.93
C TYR O 387 27.55 -97.29 -18.06
N PHE O 388 28.32 -96.26 -17.69
CA PHE O 388 27.78 -95.20 -16.85
C PHE O 388 26.69 -94.41 -17.57
N GLU O 389 26.78 -94.29 -18.90
CA GLU O 389 25.73 -93.59 -19.62
C GLU O 389 24.38 -94.27 -19.46
N VAL O 390 24.39 -95.60 -19.36
CA VAL O 390 23.14 -96.31 -19.10
C VAL O 390 22.63 -95.96 -17.71
N LEU O 391 23.53 -95.83 -16.74
CA LEU O 391 23.12 -95.47 -15.38
C LEU O 391 22.55 -94.06 -15.33
N GLU O 392 23.10 -93.14 -16.14
CA GLU O 392 22.54 -91.80 -16.20
C GLU O 392 21.11 -91.79 -16.73
N LYS O 393 20.71 -92.85 -17.43
CA LYS O 393 19.34 -93.01 -17.89
C LYS O 393 18.47 -93.80 -16.90
N TRP O 394 19.07 -94.58 -16.01
CA TRP O 394 18.34 -95.48 -15.12
C TRP O 394 18.05 -94.86 -13.75
N ILE O 395 19.01 -94.16 -13.14
CA ILE O 395 18.76 -93.53 -11.85
C ILE O 395 17.98 -92.24 -11.99
N TYR O 396 18.33 -91.37 -12.95
CA TYR O 396 17.71 -90.06 -13.02
C TYR O 396 16.37 -90.07 -13.74
N ARG O 397 16.22 -90.88 -14.79
CA ARG O 397 15.02 -90.81 -15.63
C ARG O 397 14.29 -92.15 -15.74
N GLY O 398 14.81 -93.21 -15.12
CA GLY O 398 14.05 -94.45 -14.97
C GLY O 398 13.73 -95.18 -16.25
N ILE O 399 14.63 -95.15 -17.23
CA ILE O 399 14.52 -95.96 -18.44
C ILE O 399 15.77 -96.79 -18.56
N ILE O 400 15.60 -98.07 -18.88
CA ILE O 400 16.73 -99.00 -18.84
C ILE O 400 17.73 -98.60 -19.92
N HIS O 401 17.23 -98.40 -21.14
CA HIS O 401 17.99 -97.86 -22.27
C HIS O 401 19.33 -98.57 -22.45
N ASP O 402 19.26 -99.89 -22.61
CA ASP O 402 20.41 -100.70 -23.01
C ASP O 402 19.98 -101.55 -24.21
N PRO O 403 20.38 -101.18 -25.44
CA PRO O 403 20.07 -102.09 -26.56
C PRO O 403 20.68 -103.47 -26.36
N TYR O 404 21.84 -103.53 -25.70
CA TYR O 404 22.52 -104.78 -25.39
C TYR O 404 22.32 -105.12 -23.91
N SER O 405 22.34 -106.42 -23.61
CA SER O 405 22.13 -106.87 -22.24
C SER O 405 23.46 -106.82 -21.51
N GLU O 406 23.76 -105.67 -20.91
CA GLU O 406 25.00 -105.44 -20.20
C GLU O 406 24.75 -104.90 -18.79
N PHE O 407 23.67 -104.14 -18.62
CA PHE O 407 23.40 -103.45 -17.37
C PHE O 407 22.84 -104.44 -16.35
N MET O 408 23.06 -104.15 -15.06
CA MET O 408 22.69 -105.10 -14.02
C MET O 408 21.20 -105.33 -13.99
N VAL O 409 20.41 -104.27 -14.21
CA VAL O 409 18.96 -104.36 -14.15
C VAL O 409 18.44 -104.82 -15.50
N GLU O 410 18.15 -106.12 -15.61
CA GLU O 410 17.37 -106.61 -16.74
C GLU O 410 15.88 -106.34 -16.48
N GLU O 411 15.06 -106.56 -17.51
CA GLU O 411 13.63 -106.31 -17.46
C GLU O 411 12.86 -107.53 -17.94
N HIS O 412 11.85 -107.93 -17.19
CA HIS O 412 10.90 -108.97 -17.59
C HIS O 412 9.51 -108.38 -17.71
N GLU O 413 8.84 -108.70 -18.82
CA GLU O 413 7.51 -108.17 -19.14
C GLU O 413 6.47 -109.05 -18.46
N LEU O 414 5.95 -108.58 -17.34
CA LEU O 414 4.93 -109.31 -16.58
C LEU O 414 3.91 -108.36 -15.98
N ASP O 429 9.01 -107.06 -7.83
CA ASP O 429 10.29 -107.67 -8.21
C ASP O 429 10.24 -108.34 -9.58
N GLN O 430 9.02 -108.71 -10.01
CA GLN O 430 8.86 -109.41 -11.27
C GLN O 430 9.33 -108.56 -12.44
N ARG O 431 9.20 -107.24 -12.34
CA ARG O 431 9.51 -106.37 -13.47
C ARG O 431 11.02 -106.21 -13.67
N TYR O 432 11.78 -106.05 -12.59
CA TYR O 432 13.21 -105.74 -12.68
C TYR O 432 13.96 -106.62 -11.68
N THR O 433 14.76 -107.55 -12.19
CA THR O 433 15.54 -108.48 -11.37
C THR O 433 17.02 -108.27 -11.66
N ILE O 434 17.82 -108.05 -10.62
CA ILE O 434 19.23 -107.76 -10.82
C ILE O 434 19.94 -109.01 -11.32
N VAL O 435 20.91 -108.83 -12.22
CA VAL O 435 21.74 -109.89 -12.75
C VAL O 435 23.04 -109.89 -11.95
N GLN O 436 23.29 -110.95 -11.19
CA GLN O 436 24.41 -110.98 -10.26
C GLN O 436 25.74 -110.79 -10.97
N GLN O 437 25.91 -111.41 -12.14
CA GLN O 437 27.20 -111.34 -12.84
C GLN O 437 27.50 -109.92 -13.33
N GLN O 438 26.50 -109.26 -13.93
CA GLN O 438 26.75 -107.97 -14.55
C GLN O 438 26.94 -106.84 -13.55
N ILE O 439 26.67 -107.08 -12.27
CA ILE O 439 26.92 -106.07 -11.23
C ILE O 439 28.38 -105.67 -11.29
N PRO O 440 28.72 -104.39 -11.47
CA PRO O 440 30.14 -104.02 -11.38
C PRO O 440 30.65 -104.20 -9.96
N SER O 441 31.85 -104.77 -9.85
CA SER O 441 32.43 -105.03 -8.53
C SER O 441 32.69 -103.72 -7.78
N PHE O 442 33.13 -102.68 -8.49
CA PHE O 442 33.41 -101.42 -7.82
C PHE O 442 32.15 -100.68 -7.41
N LEU O 443 31.01 -100.95 -8.06
CA LEU O 443 29.72 -100.39 -7.69
C LEU O 443 28.84 -101.41 -6.97
N GLN O 444 29.45 -102.40 -6.31
CA GLN O 444 28.66 -103.49 -5.73
C GLN O 444 27.95 -103.07 -4.45
N LYS O 445 28.50 -102.12 -3.71
CA LYS O 445 27.75 -101.55 -2.59
C LYS O 445 26.58 -100.74 -3.12
N MET O 446 26.79 -99.97 -4.18
CA MET O 446 25.72 -99.18 -4.77
C MET O 446 24.93 -99.94 -5.82
N ALA O 447 25.39 -101.11 -6.28
CA ALA O 447 24.63 -101.89 -7.26
C ALA O 447 23.16 -102.06 -6.86
N ASP O 448 22.96 -102.54 -5.64
CA ASP O 448 21.61 -102.63 -5.09
C ASP O 448 20.95 -101.26 -5.06
N LYS O 449 21.71 -100.21 -4.74
CA LYS O 449 21.15 -98.85 -4.79
C LYS O 449 20.77 -98.44 -6.20
N ILE O 450 21.50 -98.91 -7.20
CA ILE O 450 21.21 -98.56 -8.59
C ILE O 450 19.87 -99.17 -9.01
N LEU O 451 19.71 -100.48 -8.79
CA LEU O 451 18.38 -101.06 -8.96
C LEU O 451 17.38 -100.44 -8.01
N SER O 452 17.83 -99.94 -6.85
CA SER O 452 16.93 -99.46 -5.82
C SER O 452 16.68 -97.96 -5.88
N THR O 453 17.12 -97.33 -6.96
CA THR O 453 16.82 -95.93 -7.25
C THR O 453 16.27 -95.74 -8.66
N GLY O 454 16.56 -96.63 -9.60
CA GLY O 454 15.93 -96.55 -10.91
C GLY O 454 14.60 -97.26 -11.07
N LYS O 455 14.17 -98.07 -10.10
CA LYS O 455 12.96 -98.87 -10.30
C LYS O 455 11.69 -98.05 -10.16
N TYR O 456 11.31 -97.70 -8.94
CA TYR O 456 10.33 -96.66 -8.72
C TYR O 456 10.95 -95.36 -9.20
N LEU O 457 10.09 -94.45 -9.65
CA LEU O 457 10.30 -93.37 -10.62
C LEU O 457 10.01 -93.92 -12.00
N ASN O 458 9.92 -95.25 -12.11
CA ASN O 458 9.09 -95.83 -13.16
C ASN O 458 7.62 -95.78 -12.76
N VAL O 459 7.34 -95.59 -11.45
CA VAL O 459 5.99 -95.33 -10.96
C VAL O 459 5.38 -94.16 -11.74
N VAL O 460 6.21 -93.20 -12.14
CA VAL O 460 5.77 -92.00 -12.83
C VAL O 460 6.38 -91.82 -14.21
N ARG O 461 7.28 -92.71 -14.65
CA ARG O 461 8.01 -92.57 -15.90
C ARG O 461 7.08 -92.20 -17.07
N GLU O 462 5.98 -92.94 -17.27
CA GLU O 462 4.93 -92.49 -18.19
C GLU O 462 3.60 -92.27 -17.45
N CYS O 463 3.65 -91.61 -16.29
CA CYS O 463 2.47 -90.94 -15.74
C CYS O 463 2.82 -89.51 -15.33
N GLY O 464 4.07 -89.27 -14.95
CA GLY O 464 4.62 -87.94 -14.96
C GLY O 464 6.03 -87.94 -15.50
N HIS O 465 6.21 -87.37 -16.69
CA HIS O 465 7.52 -87.38 -17.34
C HIS O 465 8.54 -86.59 -16.54
N ASP O 466 8.11 -85.48 -15.95
CA ASP O 466 9.00 -84.61 -15.18
C ASP O 466 9.70 -85.35 -14.04
N VAL O 467 11.01 -85.53 -14.17
CA VAL O 467 11.85 -85.99 -13.07
C VAL O 467 12.58 -84.83 -12.40
N THR O 468 12.74 -83.71 -13.10
CA THR O 468 13.21 -82.44 -12.56
C THR O 468 14.53 -82.60 -11.80
N CYS O 469 15.53 -83.19 -12.45
CA CYS O 469 16.77 -83.55 -11.78
C CYS O 469 17.77 -82.37 -11.80
N PRO O 470 18.13 -81.79 -10.65
CA PRO O 470 19.13 -80.71 -10.64
C PRO O 470 20.55 -81.14 -10.29
N VAL O 471 20.77 -82.42 -10.00
CA VAL O 471 22.14 -82.88 -9.76
C VAL O 471 22.92 -82.78 -11.06
N ALA O 472 22.47 -83.51 -12.09
CA ALA O 472 22.97 -83.41 -13.47
C ALA O 472 24.49 -83.45 -13.51
N LYS O 473 25.07 -84.23 -12.61
CA LYS O 473 26.50 -84.24 -12.38
C LYS O 473 27.12 -85.31 -13.26
N GLU O 474 28.07 -84.91 -14.09
CA GLU O 474 28.71 -85.85 -14.99
C GLU O 474 29.56 -86.82 -14.18
N ILE O 475 29.29 -88.11 -14.37
CA ILE O 475 29.99 -89.19 -13.68
C ILE O 475 31.06 -89.75 -14.62
N ILE O 476 32.31 -89.60 -14.21
CA ILE O 476 33.47 -90.13 -14.90
C ILE O 476 34.25 -90.95 -13.90
N TYR O 477 34.63 -92.16 -14.27
CA TYR O 477 35.34 -93.04 -13.35
C TYR O 477 36.63 -92.37 -12.89
N THR O 478 36.96 -92.56 -11.61
CA THR O 478 38.26 -92.17 -11.09
C THR O 478 38.83 -93.31 -10.26
N LEU O 479 40.13 -93.52 -10.38
CA LEU O 479 40.86 -94.54 -9.64
C LEU O 479 41.61 -93.89 -8.49
N LYS O 480 41.47 -94.44 -7.30
CA LYS O 480 41.98 -93.96 -6.01
C LYS O 480 41.13 -92.83 -5.41
N GLU O 481 40.07 -92.36 -6.09
CA GLU O 481 39.20 -91.31 -5.55
C GLU O 481 37.75 -91.66 -5.86
N ARG O 482 37.01 -92.02 -4.81
CA ARG O 482 35.57 -92.31 -4.91
C ARG O 482 34.79 -91.00 -4.91
N ALA O 483 34.69 -90.40 -6.11
CA ALA O 483 33.73 -89.33 -6.34
C ALA O 483 32.38 -89.87 -6.78
N TYR O 484 32.38 -91.03 -7.45
CA TYR O 484 31.17 -91.71 -7.89
C TYR O 484 30.49 -92.50 -6.77
N VAL O 485 30.87 -92.27 -5.51
CA VAL O 485 30.11 -92.70 -4.35
C VAL O 485 29.34 -91.53 -3.76
N GLU O 486 30.02 -90.40 -3.58
CA GLU O 486 29.34 -89.19 -3.14
C GLU O 486 28.29 -88.77 -4.14
N GLN O 487 28.60 -88.88 -5.44
CA GLN O 487 27.65 -88.48 -6.47
C GLN O 487 26.41 -89.36 -6.45
N ILE O 488 26.60 -90.68 -6.32
CA ILE O 488 25.47 -91.58 -6.24
C ILE O 488 24.63 -91.28 -5.00
N GLU O 489 25.28 -90.96 -3.88
CA GLU O 489 24.51 -90.57 -2.70
C GLU O 489 23.73 -89.27 -2.94
N LYS O 490 24.36 -88.31 -3.60
CA LYS O 490 23.70 -87.03 -3.89
C LYS O 490 22.45 -87.28 -4.71
N ALA O 491 22.54 -88.17 -5.70
CA ALA O 491 21.38 -88.52 -6.51
C ALA O 491 20.37 -89.31 -5.70
N PHE O 492 20.84 -90.20 -4.81
CA PHE O 492 19.97 -91.00 -3.95
C PHE O 492 19.07 -90.12 -3.11
N ASN O 493 19.62 -89.08 -2.51
CA ASN O 493 18.83 -88.19 -1.67
C ASN O 493 17.74 -87.50 -2.46
N TYR O 494 18.11 -86.89 -3.58
CA TYR O 494 17.13 -86.11 -4.32
C TYR O 494 16.12 -87.04 -4.99
N ALA O 495 16.56 -88.25 -5.35
CA ALA O 495 15.64 -89.27 -5.84
C ALA O 495 14.59 -89.59 -4.79
N SER O 496 15.01 -89.77 -3.54
CA SER O 496 14.01 -89.97 -2.49
C SER O 496 13.22 -88.70 -2.18
N LYS O 497 13.65 -87.54 -2.66
CA LYS O 497 12.75 -86.38 -2.63
C LYS O 497 11.68 -86.47 -3.70
N VAL O 498 12.08 -86.53 -4.98
CA VAL O 498 11.08 -86.53 -6.06
C VAL O 498 10.22 -87.74 -5.93
N LEU O 499 10.81 -88.93 -6.02
CA LEU O 499 10.05 -90.15 -5.93
C LEU O 499 9.06 -90.15 -4.78
N LEU O 500 9.55 -89.98 -3.56
CA LEU O 500 8.66 -90.09 -2.41
C LEU O 500 7.61 -88.97 -2.41
N ASP O 501 8.02 -87.71 -2.46
CA ASP O 501 7.04 -86.64 -2.29
C ASP O 501 6.14 -86.48 -3.52
N PHE O 502 6.72 -86.48 -4.72
CA PHE O 502 5.89 -86.39 -5.93
C PHE O 502 4.93 -87.56 -6.01
N LEU O 503 5.38 -88.77 -5.66
CA LEU O 503 4.49 -89.93 -5.72
C LEU O 503 3.41 -89.86 -4.65
N MET O 504 3.72 -89.28 -3.48
CA MET O 504 2.72 -89.16 -2.42
C MET O 504 1.84 -87.93 -2.54
N GLU O 505 2.18 -86.98 -3.42
CA GLU O 505 1.37 -85.78 -3.61
C GLU O 505 0.54 -85.93 -4.86
N GLU O 506 1.22 -86.13 -5.98
CA GLU O 506 0.62 -86.51 -7.25
C GLU O 506 0.58 -88.04 -7.33
N LYS O 507 -0.51 -88.56 -7.88
CA LYS O 507 -0.74 -90.01 -7.95
C LYS O 507 -0.68 -90.63 -6.55
N GLU O 508 -1.07 -89.83 -5.54
CA GLU O 508 -0.81 -90.13 -4.14
C GLU O 508 -1.35 -91.49 -3.70
N LEU O 509 -0.44 -92.29 -3.15
CA LEU O 509 -0.72 -93.58 -2.51
C LEU O 509 -1.42 -93.43 -1.18
N VAL O 510 -1.75 -92.21 -0.73
CA VAL O 510 -2.74 -92.05 0.32
C VAL O 510 -4.13 -91.85 -0.29
N ALA O 511 -4.28 -91.97 -1.63
CA ALA O 511 -5.60 -91.95 -2.25
C ALA O 511 -5.94 -93.33 -2.78
N HIS O 512 -5.13 -93.92 -3.69
CA HIS O 512 -5.58 -95.17 -4.29
C HIS O 512 -5.28 -96.37 -3.38
N LEU O 513 -4.21 -96.33 -2.59
CA LEU O 513 -4.05 -97.38 -1.57
C LEU O 513 -4.98 -97.15 -0.39
N ARG O 514 -5.23 -95.90 0.00
CA ARG O 514 -6.33 -95.70 0.94
C ARG O 514 -7.65 -96.11 0.31
N SER O 515 -7.74 -96.17 -1.02
CA SER O 515 -8.92 -96.71 -1.69
C SER O 515 -8.92 -98.24 -1.72
N ILE O 516 -7.74 -98.87 -1.70
CA ILE O 516 -7.62 -100.30 -1.41
C ILE O 516 -7.71 -100.53 0.11
N LYS O 517 -8.06 -99.50 0.86
CA LYS O 517 -8.63 -99.64 2.20
C LYS O 517 -10.10 -99.23 2.26
N ARG O 518 -10.54 -98.40 1.31
CA ARG O 518 -11.93 -98.00 1.12
C ARG O 518 -12.79 -99.17 0.66
N TYR O 519 -12.24 -99.97 -0.26
CA TYR O 519 -12.89 -101.10 -0.93
C TYR O 519 -12.47 -102.46 -0.39
N PHE O 520 -11.19 -102.67 -0.06
CA PHE O 520 -10.72 -103.99 0.38
C PHE O 520 -10.81 -104.15 1.89
N LEU O 521 -10.19 -103.24 2.64
CA LEU O 521 -10.26 -103.26 4.11
C LEU O 521 -11.53 -102.60 4.58
N MET O 522 -12.23 -101.89 3.69
CA MET O 522 -13.62 -101.50 3.88
C MET O 522 -13.75 -100.51 5.03
N ASP O 523 -12.92 -99.47 4.98
CA ASP O 523 -13.05 -98.35 5.91
C ASP O 523 -14.47 -97.77 5.88
N GLN O 524 -15.13 -97.86 4.72
CA GLN O 524 -16.42 -97.23 4.54
C GLN O 524 -17.47 -98.32 4.45
N GLY O 525 -18.62 -98.06 5.03
CA GLY O 525 -19.78 -98.93 4.84
C GLY O 525 -20.84 -98.28 3.97
N ASP O 526 -20.58 -97.07 3.45
CA ASP O 526 -21.55 -96.44 2.57
C ASP O 526 -21.55 -97.10 1.20
N PHE O 527 -20.39 -97.54 0.73
CA PHE O 527 -20.28 -98.23 -0.55
C PHE O 527 -20.71 -99.69 -0.46
N PHE O 528 -20.86 -100.23 0.75
CA PHE O 528 -21.24 -101.62 0.94
C PHE O 528 -22.68 -101.82 1.41
N VAL O 529 -23.22 -100.97 2.27
CA VAL O 529 -24.65 -101.05 2.58
C VAL O 529 -25.44 -101.05 1.29
N HIS O 530 -25.05 -100.18 0.36
CA HIS O 530 -25.71 -100.13 -0.94
C HIS O 530 -25.42 -101.37 -1.77
N PHE O 531 -24.15 -101.80 -1.84
CA PHE O 531 -23.82 -102.93 -2.71
C PHE O 531 -24.53 -104.21 -2.26
N MET O 532 -24.39 -104.60 -0.98
CA MET O 532 -25.09 -105.80 -0.53
C MET O 532 -26.60 -105.63 -0.60
N ASP O 533 -27.14 -104.47 -0.23
CA ASP O 533 -28.58 -104.28 -0.30
C ASP O 533 -29.08 -104.41 -1.74
N LEU O 534 -28.24 -104.02 -2.70
CA LEU O 534 -28.64 -103.99 -4.10
C LEU O 534 -28.51 -105.36 -4.76
N ALA O 535 -27.40 -106.06 -4.49
CA ALA O 535 -26.99 -107.22 -5.29
C ALA O 535 -26.97 -108.54 -4.53
N GLU O 536 -27.54 -108.61 -3.32
CA GLU O 536 -27.48 -109.84 -2.54
C GLU O 536 -28.19 -111.00 -3.23
N GLU O 537 -29.36 -110.77 -3.81
CA GLU O 537 -30.15 -111.87 -4.36
C GLU O 537 -29.47 -112.47 -5.59
N GLU O 538 -29.10 -111.61 -6.53
CA GLU O 538 -28.45 -112.07 -7.76
C GLU O 538 -27.09 -112.66 -7.49
N LEU O 539 -26.49 -112.41 -6.32
CA LEU O 539 -25.32 -113.15 -5.88
C LEU O 539 -25.71 -114.48 -5.25
N ARG O 540 -26.82 -114.49 -4.50
CA ARG O 540 -27.33 -115.71 -3.88
C ARG O 540 -27.65 -116.76 -4.93
N LYS O 541 -27.78 -116.36 -6.19
CA LYS O 541 -27.99 -117.30 -7.32
C LYS O 541 -26.77 -118.21 -7.49
N PRO O 542 -26.85 -119.33 -8.27
CA PRO O 542 -25.67 -120.16 -8.56
C PRO O 542 -24.69 -119.34 -9.39
N VAL O 543 -23.37 -119.48 -9.23
CA VAL O 543 -22.43 -118.59 -9.91
C VAL O 543 -22.61 -118.65 -11.42
N GLU O 544 -22.85 -119.84 -11.96
CA GLU O 544 -23.07 -119.96 -13.40
C GLU O 544 -24.34 -119.22 -13.83
N ASP O 545 -25.38 -119.28 -13.01
CA ASP O 545 -26.62 -118.60 -13.34
C ASP O 545 -26.48 -117.08 -13.23
N ILE O 546 -25.56 -116.59 -12.39
CA ILE O 546 -25.40 -115.14 -12.25
C ILE O 546 -25.00 -114.55 -13.60
N THR O 547 -25.64 -113.43 -13.97
CA THR O 547 -25.33 -112.68 -15.18
C THR O 547 -24.18 -111.71 -14.90
N PRO O 548 -22.99 -111.87 -15.48
CA PRO O 548 -21.84 -111.01 -15.11
C PRO O 548 -22.07 -109.53 -15.35
N PRO O 549 -22.67 -109.10 -16.48
CA PRO O 549 -22.79 -107.64 -16.70
C PRO O 549 -23.58 -106.92 -15.61
N ARG O 550 -24.61 -107.59 -15.09
CA ARG O 550 -25.50 -106.97 -14.11
C ARG O 550 -24.74 -106.61 -12.84
N LEU O 551 -23.81 -107.47 -12.42
CA LEU O 551 -23.06 -107.21 -11.20
C LEU O 551 -22.22 -105.95 -11.33
N GLU O 552 -21.53 -105.80 -12.47
CA GLU O 552 -20.69 -104.61 -12.65
C GLU O 552 -21.54 -103.36 -12.75
N ALA O 553 -22.69 -103.44 -13.42
CA ALA O 553 -23.58 -102.28 -13.48
C ALA O 553 -24.08 -101.90 -12.10
N LEU O 554 -24.41 -102.91 -11.28
CA LEU O 554 -24.90 -102.65 -9.94
C LEU O 554 -23.80 -102.03 -9.08
N LEU O 555 -22.56 -102.49 -9.27
CA LEU O 555 -21.41 -101.87 -8.62
C LEU O 555 -21.32 -100.41 -8.98
N GLU O 556 -21.46 -100.08 -10.27
CA GLU O 556 -21.38 -98.69 -10.68
C GLU O 556 -22.48 -97.86 -10.02
N LEU O 557 -23.69 -98.41 -9.91
CA LEU O 557 -24.76 -97.67 -9.25
C LEU O 557 -24.42 -97.38 -7.80
N ALA O 558 -23.94 -98.40 -7.08
CA ALA O 558 -23.66 -98.20 -5.66
C ALA O 558 -22.46 -97.29 -5.47
N LEU O 559 -21.48 -97.37 -6.37
CA LEU O 559 -20.31 -96.51 -6.31
C LEU O 559 -20.70 -95.05 -6.52
N ARG O 560 -21.60 -94.80 -7.47
CA ARG O 560 -22.00 -93.41 -7.70
C ARG O 560 -22.82 -92.91 -6.51
N MET O 561 -23.70 -93.76 -5.96
CA MET O 561 -24.55 -93.30 -4.85
C MET O 561 -23.73 -93.02 -3.60
N SER O 562 -22.71 -93.82 -3.31
CA SER O 562 -21.95 -93.64 -2.08
C SER O 562 -21.13 -92.37 -2.13
N THR O 563 -20.40 -92.10 -1.03
CA THR O 563 -19.46 -90.99 -1.00
C THR O 563 -18.22 -91.23 -1.87
N ALA O 564 -18.06 -92.44 -2.43
CA ALA O 564 -16.91 -92.76 -3.29
C ALA O 564 -16.95 -92.03 -4.62
N ASN O 565 -18.00 -91.28 -4.89
CA ASN O 565 -18.01 -90.41 -6.06
C ASN O 565 -16.86 -89.40 -6.02
N THR O 566 -16.46 -88.95 -4.84
CA THR O 566 -15.36 -88.00 -4.72
C THR O 566 -13.98 -88.65 -4.76
N ASP O 567 -13.91 -89.98 -4.88
CA ASP O 567 -12.62 -90.64 -5.05
C ASP O 567 -12.21 -90.54 -6.51
N PRO O 568 -11.09 -89.88 -6.85
CA PRO O 568 -10.73 -89.79 -8.27
C PRO O 568 -10.47 -91.15 -8.90
N PHE O 569 -9.88 -92.08 -8.16
CA PHE O 569 -9.57 -93.41 -8.65
C PHE O 569 -10.67 -94.42 -8.37
N LYS O 570 -11.92 -94.10 -8.71
CA LYS O 570 -13.01 -95.05 -8.53
C LYS O 570 -13.18 -95.96 -9.74
N ASP O 571 -12.84 -95.44 -10.93
CA ASP O 571 -13.03 -96.19 -12.20
C ASP O 571 -12.16 -97.46 -12.22
N ASP O 572 -11.12 -97.56 -11.37
CA ASP O 572 -10.21 -98.70 -11.46
C ASP O 572 -10.82 -100.00 -10.94
N LEU O 573 -11.95 -99.95 -10.22
CA LEU O 573 -12.56 -101.15 -9.69
C LEU O 573 -13.24 -101.99 -10.76
N LYS O 574 -12.98 -103.30 -10.72
CA LYS O 574 -13.58 -104.25 -11.62
C LYS O 574 -14.08 -105.44 -10.80
N ILE O 575 -14.99 -106.22 -11.39
CA ILE O 575 -15.48 -107.46 -10.79
C ILE O 575 -14.64 -108.62 -11.31
N ASP O 576 -14.17 -109.45 -10.37
CA ASP O 576 -13.53 -110.71 -10.70
C ASP O 576 -14.16 -111.79 -9.83
N LEU O 577 -14.42 -112.95 -10.43
CA LEU O 577 -15.05 -114.09 -9.76
C LEU O 577 -14.02 -115.22 -9.72
N MET O 578 -13.64 -115.63 -8.50
CA MET O 578 -12.57 -116.57 -8.28
C MET O 578 -13.09 -118.00 -8.21
N PRO O 579 -12.19 -119.00 -8.32
CA PRO O 579 -12.66 -120.39 -8.25
C PRO O 579 -13.23 -120.78 -6.89
N HIS O 580 -12.48 -120.56 -5.80
CA HIS O 580 -12.84 -121.05 -4.48
C HIS O 580 -12.47 -119.99 -3.46
N ASP O 581 -13.24 -119.92 -2.37
CA ASP O 581 -13.07 -118.86 -1.37
C ASP O 581 -11.68 -118.93 -0.76
N LEU O 582 -11.28 -120.09 -0.25
CA LEU O 582 -9.98 -120.26 0.39
C LEU O 582 -9.48 -121.65 0.06
N ILE O 583 -8.24 -121.74 -0.41
CA ILE O 583 -7.64 -123.00 -0.81
C ILE O 583 -6.13 -122.88 -0.61
N THR O 584 -5.52 -123.99 -0.19
CA THR O 584 -4.09 -124.07 0.13
C THR O 584 -3.77 -122.95 1.13
N GLN O 585 -2.75 -122.12 0.90
CA GLN O 585 -2.42 -121.02 1.79
C GLN O 585 -3.20 -119.77 1.44
N ALA O 609 -16.61 -121.14 -4.94
CA ALA O 609 -17.63 -122.17 -4.84
C ALA O 609 -18.77 -121.87 -5.80
N LEU O 610 -19.92 -122.51 -5.61
CA LEU O 610 -21.08 -122.36 -6.48
C LEU O 610 -22.11 -121.38 -5.91
N SER O 611 -21.64 -120.33 -5.22
CA SER O 611 -22.49 -119.29 -4.67
C SER O 611 -21.82 -117.95 -4.89
N GLY O 612 -22.56 -116.98 -5.45
CA GLY O 612 -22.00 -115.67 -5.68
C GLY O 612 -21.54 -115.00 -4.40
N LEU O 613 -22.36 -115.07 -3.35
CA LEU O 613 -21.87 -114.79 -2.02
C LEU O 613 -20.78 -115.80 -1.70
N GLU O 614 -19.68 -115.32 -1.12
CA GLU O 614 -18.46 -116.09 -0.82
C GLU O 614 -17.67 -116.39 -2.09
N ALA O 615 -18.11 -115.90 -3.26
CA ALA O 615 -17.35 -115.97 -4.50
C ALA O 615 -17.10 -114.59 -5.11
N PHE O 616 -17.64 -113.54 -4.52
CA PHE O 616 -17.40 -112.19 -5.01
C PHE O 616 -15.99 -111.72 -4.64
N SER O 617 -15.33 -111.01 -5.57
CA SER O 617 -14.02 -110.46 -5.32
C SER O 617 -13.74 -109.30 -6.28
N PHE O 618 -12.77 -108.47 -5.90
CA PHE O 618 -12.40 -107.25 -6.62
C PHE O 618 -11.02 -107.35 -7.26
N ASP O 619 -10.90 -106.75 -8.44
CA ASP O 619 -9.64 -106.52 -9.14
C ASP O 619 -9.50 -105.02 -9.38
N TYR O 620 -8.25 -104.54 -9.41
CA TYR O 620 -7.95 -103.11 -9.45
C TYR O 620 -6.91 -102.86 -10.54
N ILE O 621 -7.35 -102.28 -11.67
CA ILE O 621 -6.46 -102.06 -12.81
C ILE O 621 -5.39 -101.03 -12.44
N VAL O 622 -4.15 -101.29 -12.87
CA VAL O 622 -3.06 -100.34 -12.73
C VAL O 622 -2.27 -100.31 -14.04
N LYS O 623 -1.71 -99.15 -14.37
CA LYS O 623 -1.10 -98.92 -15.67
C LYS O 623 0.30 -99.53 -15.72
N TRP O 624 1.04 -99.30 -16.81
CA TRP O 624 2.38 -99.90 -16.91
C TRP O 624 3.39 -99.21 -16.01
N PRO O 625 3.55 -97.90 -16.04
CA PRO O 625 4.56 -97.30 -15.18
C PRO O 625 4.09 -97.24 -13.74
N LEU O 626 2.81 -96.92 -13.54
CA LEU O 626 2.21 -96.92 -12.21
C LEU O 626 1.87 -98.33 -11.72
N SER O 627 2.30 -99.37 -12.44
CA SER O 627 2.15 -100.75 -12.00
C SER O 627 2.77 -101.04 -10.64
N LEU O 628 3.84 -100.33 -10.28
CA LEU O 628 4.77 -100.78 -9.24
C LEU O 628 4.27 -100.41 -7.84
N ILE O 629 2.94 -100.42 -7.68
CA ILE O 629 2.30 -100.23 -6.39
C ILE O 629 1.34 -101.39 -6.16
N ILE O 630 0.75 -101.92 -7.25
CA ILE O 630 -0.14 -103.08 -7.17
C ILE O 630 0.49 -104.17 -8.03
N ASN O 631 1.35 -104.98 -7.43
CA ASN O 631 1.87 -106.15 -8.11
C ASN O 631 0.83 -107.26 -8.04
N ARG O 632 0.90 -108.20 -8.99
CA ARG O 632 -0.07 -109.30 -9.03
C ARG O 632 -0.09 -110.07 -7.71
N LYS O 633 1.09 -110.32 -7.14
CA LYS O 633 1.21 -110.97 -5.83
C LYS O 633 0.52 -110.16 -4.74
N ALA O 634 0.80 -108.85 -4.69
CA ALA O 634 0.22 -108.01 -3.66
C ALA O 634 -1.29 -107.98 -3.79
N LEU O 635 -1.78 -107.85 -5.02
CA LEU O 635 -3.22 -107.79 -5.25
C LEU O 635 -3.90 -109.07 -4.83
N THR O 636 -3.35 -110.24 -5.18
CA THR O 636 -4.02 -111.48 -4.81
C THR O 636 -4.09 -111.63 -3.28
N ARG O 637 -3.05 -111.17 -2.57
CA ARG O 637 -3.14 -111.26 -1.10
C ARG O 637 -4.16 -110.25 -0.54
N TYR O 638 -4.22 -109.04 -1.10
CA TYR O 638 -5.30 -108.12 -0.71
C TYR O 638 -6.68 -108.74 -0.97
N GLN O 639 -6.83 -109.43 -2.10
CA GLN O 639 -8.10 -110.08 -2.42
C GLN O 639 -8.49 -111.08 -1.35
N MET O 640 -7.55 -111.94 -0.94
CA MET O 640 -7.87 -112.94 0.07
C MET O 640 -8.34 -112.28 1.36
N LEU O 641 -7.62 -111.25 1.80
CA LEU O 641 -8.02 -110.52 3.01
C LEU O 641 -9.42 -109.94 2.88
N PHE O 642 -9.71 -109.28 1.75
CA PHE O 642 -11.00 -108.66 1.54
C PHE O 642 -12.12 -109.70 1.58
N ARG O 643 -11.92 -110.82 0.90
CA ARG O 643 -12.94 -111.86 0.85
C ARG O 643 -13.30 -112.35 2.25
N HIS O 644 -12.28 -112.61 3.09
CA HIS O 644 -12.60 -113.03 4.45
C HIS O 644 -13.41 -111.97 5.19
N MET O 645 -12.97 -110.71 5.13
CA MET O 645 -13.68 -109.67 5.87
C MET O 645 -15.10 -109.49 5.34
N PHE O 646 -15.29 -109.66 4.02
CA PHE O 646 -16.60 -109.51 3.41
C PHE O 646 -17.57 -110.57 3.89
N TYR O 647 -17.10 -111.83 3.99
CA TYR O 647 -17.96 -112.86 4.55
C TYR O 647 -18.36 -112.52 5.99
N CYS O 648 -17.39 -112.02 6.76
CA CYS O 648 -17.70 -111.63 8.14
C CYS O 648 -18.72 -110.50 8.19
N LYS O 649 -18.74 -109.62 7.18
CA LYS O 649 -19.77 -108.58 7.14
C LYS O 649 -21.13 -109.16 6.73
N HIS O 650 -21.13 -110.12 5.82
CA HIS O 650 -22.38 -110.68 5.33
C HIS O 650 -23.17 -111.34 6.47
N VAL O 651 -22.47 -112.08 7.33
CA VAL O 651 -23.19 -112.74 8.42
C VAL O 651 -23.84 -111.71 9.35
N GLU O 652 -23.22 -110.54 9.52
CA GLU O 652 -23.79 -109.50 10.38
C GLU O 652 -25.11 -108.99 9.82
N ARG O 653 -25.16 -108.72 8.52
CA ARG O 653 -26.39 -108.25 7.90
C ARG O 653 -27.47 -109.31 8.02
N GLN O 654 -27.10 -110.59 7.86
CA GLN O 654 -28.10 -111.65 7.98
C GLN O 654 -28.71 -111.69 9.38
N LEU O 655 -27.88 -111.57 10.41
CA LEU O 655 -28.42 -111.64 11.77
C LEU O 655 -29.27 -110.40 12.05
N CYS O 656 -28.86 -109.23 11.56
CA CYS O 656 -29.71 -108.05 11.73
C CYS O 656 -31.02 -108.20 10.98
N SER O 657 -31.02 -108.93 9.86
CA SER O 657 -32.27 -109.27 9.19
C SER O 657 -33.16 -110.09 10.10
N VAL O 658 -32.55 -111.03 10.83
CA VAL O 658 -33.32 -111.77 11.81
C VAL O 658 -33.87 -110.84 12.90
N TRP O 659 -33.09 -109.86 13.35
CA TRP O 659 -33.59 -109.04 14.45
C TRP O 659 -34.77 -108.18 13.99
N ILE O 660 -34.62 -107.51 12.84
CA ILE O 660 -35.71 -106.69 12.28
C ILE O 660 -36.96 -107.53 12.08
N SER O 661 -36.81 -108.74 11.56
CA SER O 661 -38.00 -109.56 11.33
C SER O 661 -38.58 -110.13 12.62
N ASN O 662 -37.71 -110.52 13.55
CA ASN O 662 -38.13 -111.29 14.72
C ASN O 662 -38.79 -110.41 15.77
N LYS O 663 -38.40 -109.13 15.88
CA LYS O 663 -39.16 -108.25 16.75
C LYS O 663 -40.61 -108.18 16.31
N THR O 664 -41.52 -108.67 17.15
CA THR O 664 -42.95 -108.68 16.87
C THR O 664 -43.72 -108.11 18.05
N ALA O 665 -44.90 -107.56 17.76
CA ALA O 665 -45.76 -107.00 18.79
C ALA O 665 -46.44 -108.11 19.58
N TRP O 675 -42.41 -116.28 20.39
CA TRP O 675 -43.04 -117.40 21.06
C TRP O 675 -42.16 -117.87 22.22
N PHE O 676 -40.85 -117.93 21.97
CA PHE O 676 -39.88 -118.40 22.96
C PHE O 676 -38.66 -117.49 22.92
N ALA O 677 -37.95 -117.43 24.05
CA ALA O 677 -36.71 -116.65 24.18
C ALA O 677 -35.45 -117.50 23.97
N GLY O 678 -35.62 -118.79 23.67
CA GLY O 678 -34.47 -119.68 23.57
C GLY O 678 -33.55 -119.30 22.43
N ALA O 679 -34.12 -118.91 21.30
CA ALA O 679 -33.33 -118.44 20.17
C ALA O 679 -32.92 -116.98 20.30
N PHE O 680 -33.64 -116.20 21.13
CA PHE O 680 -33.18 -114.84 21.40
C PHE O 680 -31.85 -114.84 22.14
N THR O 681 -31.70 -115.72 23.14
CA THR O 681 -30.42 -115.75 23.85
C THR O 681 -29.29 -116.28 22.96
N LEU O 682 -29.58 -117.25 22.09
CA LEU O 682 -28.54 -117.76 21.21
C LEU O 682 -28.14 -116.70 20.18
N ARG O 683 -29.11 -115.94 19.68
CA ARG O 683 -28.80 -114.77 18.87
C ARG O 683 -27.91 -113.81 19.64
N GLN O 684 -28.17 -113.66 20.93
CA GLN O 684 -27.38 -112.75 21.75
C GLN O 684 -25.95 -113.24 21.95
N ARG O 685 -25.73 -114.55 21.89
CA ARG O 685 -24.37 -115.09 21.89
C ARG O 685 -23.72 -115.15 20.51
N MET O 686 -24.48 -115.02 19.42
CA MET O 686 -23.86 -114.95 18.09
C MET O 686 -23.51 -113.53 17.69
N LEU O 687 -24.47 -112.61 17.80
CA LEU O 687 -24.29 -111.23 17.38
C LEU O 687 -23.12 -110.57 18.10
N ASN O 688 -23.10 -110.66 19.43
CA ASN O 688 -22.08 -110.02 20.24
C ASN O 688 -20.85 -110.90 20.41
N PHE O 689 -20.72 -111.93 19.58
CA PHE O 689 -19.45 -112.58 19.33
C PHE O 689 -18.87 -112.13 18.00
N VAL O 690 -19.67 -112.18 16.94
CA VAL O 690 -19.13 -111.82 15.63
C VAL O 690 -18.76 -110.35 15.59
N GLN O 691 -19.61 -109.48 16.16
CA GLN O 691 -19.31 -108.05 16.14
C GLN O 691 -18.01 -107.76 16.90
N ASN O 692 -17.72 -108.54 17.94
CA ASN O 692 -16.46 -108.38 18.66
C ASN O 692 -15.29 -108.86 17.81
N ILE O 693 -15.51 -109.95 17.07
CA ILE O 693 -14.51 -110.41 16.11
C ILE O 693 -14.18 -109.29 15.15
N GLN O 694 -15.18 -108.57 14.68
CA GLN O 694 -14.96 -107.57 13.64
C GLN O 694 -14.23 -106.35 14.19
N TYR O 695 -14.64 -105.87 15.38
CA TYR O 695 -13.90 -104.78 16.01
C TYR O 695 -12.44 -105.15 16.21
N TYR O 696 -12.15 -106.40 16.56
CA TYR O 696 -10.76 -106.81 16.63
C TYR O 696 -10.08 -106.87 15.26
N MET O 697 -10.72 -107.51 14.26
CA MET O 697 -10.20 -107.53 12.90
C MET O 697 -9.70 -106.18 12.42
N MET O 698 -10.43 -105.10 12.72
CA MET O 698 -10.05 -103.79 12.18
C MET O 698 -9.33 -102.88 13.18
N PHE O 699 -9.94 -102.56 14.32
CA PHE O 699 -9.42 -101.47 15.14
C PHE O 699 -8.32 -101.90 16.10
N GLU O 700 -7.73 -103.09 15.89
CA GLU O 700 -6.50 -103.49 16.56
C GLU O 700 -5.43 -103.80 15.51
N VAL O 701 -5.81 -104.53 14.47
CA VAL O 701 -4.86 -104.92 13.43
C VAL O 701 -4.71 -103.84 12.38
N MET O 702 -5.81 -103.53 11.68
CA MET O 702 -5.74 -102.79 10.43
C MET O 702 -5.29 -101.36 10.66
N GLU O 703 -6.03 -100.63 11.49
CA GLU O 703 -5.75 -99.21 11.65
C GLU O 703 -4.36 -98.96 12.21
N PRO O 704 -3.87 -99.67 13.26
CA PRO O 704 -2.47 -99.47 13.67
C PRO O 704 -1.45 -99.85 12.62
N THR O 705 -1.62 -101.00 11.94
CA THR O 705 -0.58 -101.41 11.01
C THR O 705 -0.48 -100.44 9.83
N TRP O 706 -1.63 -99.95 9.35
CA TRP O 706 -1.58 -98.94 8.29
C TRP O 706 -1.01 -97.63 8.81
N HIS O 707 -1.28 -97.31 10.08
CA HIS O 707 -0.70 -96.12 10.69
C HIS O 707 0.81 -96.21 10.74
N ILE O 708 1.36 -97.42 10.90
CA ILE O 708 2.81 -97.60 10.82
C ILE O 708 3.29 -97.42 9.39
N LEU O 709 2.53 -97.96 8.42
CA LEU O 709 2.94 -97.83 7.03
C LEU O 709 2.89 -96.39 6.53
N GLU O 710 2.07 -95.54 7.13
CA GLU O 710 1.94 -94.17 6.64
C GLU O 710 3.06 -93.24 7.11
N LYS O 711 3.89 -93.69 8.05
CA LYS O 711 5.10 -93.00 8.47
C LYS O 711 6.33 -93.62 7.82
N ASN O 712 6.37 -94.96 7.78
CA ASN O 712 7.51 -95.62 7.16
C ASN O 712 7.60 -95.28 5.68
N LEU O 713 6.45 -95.15 5.01
CA LEU O 713 6.39 -94.74 3.61
C LEU O 713 6.37 -93.22 3.45
N LYS O 714 6.42 -92.47 4.55
CA LYS O 714 6.57 -91.02 4.50
C LYS O 714 8.03 -90.62 4.64
N SER O 715 8.87 -91.48 5.22
CA SER O 715 10.31 -91.26 5.22
C SER O 715 11.06 -92.50 4.74
N ALA O 716 10.51 -93.20 3.75
CA ALA O 716 11.26 -94.25 3.07
C ALA O 716 12.35 -93.63 2.19
N SER O 717 13.58 -94.14 2.32
CA SER O 717 14.73 -93.53 1.65
C SER O 717 14.93 -93.99 0.22
N ASN O 718 14.23 -95.03 -0.26
CA ASN O 718 14.38 -95.47 -1.65
C ASN O 718 13.31 -96.53 -1.91
N ILE O 719 13.40 -97.21 -3.07
CA ILE O 719 12.29 -98.08 -3.47
C ILE O 719 12.16 -99.19 -2.45
N ASP O 720 13.31 -99.63 -1.92
CA ASP O 720 13.37 -100.88 -1.20
C ASP O 720 12.90 -100.69 0.22
N ASP O 721 13.18 -99.53 0.81
CA ASP O 721 12.44 -99.17 2.01
C ASP O 721 10.95 -99.09 1.70
N VAL O 722 10.56 -98.47 0.59
CA VAL O 722 9.13 -98.38 0.29
C VAL O 722 8.52 -99.78 0.14
N LEU O 723 9.21 -100.66 -0.58
CA LEU O 723 8.70 -101.98 -0.92
C LEU O 723 8.70 -102.90 0.30
N GLY O 724 9.77 -102.89 1.08
CA GLY O 724 9.80 -103.70 2.29
C GLY O 724 8.80 -103.23 3.31
N HIS O 725 8.62 -101.91 3.46
CA HIS O 725 7.63 -101.39 4.40
C HIS O 725 6.24 -101.82 3.97
N HIS O 726 5.95 -101.70 2.67
CA HIS O 726 4.67 -102.10 2.10
C HIS O 726 4.42 -103.59 2.29
N THR O 727 5.43 -104.40 1.95
CA THR O 727 5.34 -105.84 2.07
C THR O 727 5.15 -106.25 3.53
N GLY O 728 5.87 -105.59 4.43
CA GLY O 728 5.74 -105.89 5.84
C GLY O 728 4.37 -105.53 6.37
N PHE O 729 3.80 -104.42 5.88
CA PHE O 729 2.43 -104.10 6.26
C PHE O 729 1.49 -105.22 5.86
N LEU O 730 1.53 -105.64 4.58
CA LEU O 730 0.58 -106.65 4.15
C LEU O 730 0.81 -107.97 4.87
N ASP O 731 2.07 -108.40 5.01
CA ASP O 731 2.34 -109.71 5.59
C ASP O 731 1.99 -109.75 7.07
N THR O 732 2.39 -108.73 7.83
CA THR O 732 2.07 -108.70 9.25
C THR O 732 0.57 -108.53 9.48
N CYS O 733 -0.07 -107.69 8.67
CA CYS O 733 -1.50 -107.51 8.76
C CYS O 733 -2.28 -108.77 8.44
N LEU O 734 -1.71 -109.68 7.64
CA LEU O 734 -2.33 -110.99 7.44
C LEU O 734 -2.04 -111.91 8.63
N LYS O 735 -0.78 -111.99 9.04
CA LYS O 735 -0.41 -112.95 10.09
C LYS O 735 -1.10 -112.67 11.42
N ASP O 736 -1.33 -111.40 11.77
CA ASP O 736 -1.96 -111.12 13.05
C ASP O 736 -3.48 -111.24 13.03
N CYS O 737 -4.08 -111.64 11.90
CA CYS O 737 -5.44 -112.16 11.85
C CYS O 737 -5.38 -113.67 11.69
N MET O 738 -6.55 -114.32 11.75
CA MET O 738 -6.56 -115.79 11.75
C MET O 738 -6.25 -116.40 10.39
N LEU O 739 -6.00 -115.59 9.35
CA LEU O 739 -5.91 -116.12 7.99
C LEU O 739 -4.80 -117.14 7.86
N THR O 740 -3.60 -116.81 8.34
CA THR O 740 -2.39 -117.59 8.04
C THR O 740 -2.09 -118.60 9.13
N ASN O 741 -3.11 -119.34 9.56
CA ASN O 741 -2.97 -120.44 10.50
C ASN O 741 -2.85 -121.75 9.71
N PRO O 742 -2.03 -122.73 10.14
CA PRO O 742 -1.86 -123.95 9.31
C PRO O 742 -3.17 -124.65 8.92
N GLU O 743 -4.16 -124.63 9.80
CA GLU O 743 -5.50 -125.11 9.48
C GLU O 743 -6.53 -123.97 9.53
N LEU O 744 -6.07 -122.73 9.33
CA LEU O 744 -6.92 -121.54 9.17
C LEU O 744 -7.75 -121.23 10.42
N LEU O 745 -7.50 -121.92 11.52
CA LEU O 745 -8.45 -121.99 12.62
C LEU O 745 -9.85 -122.30 12.06
N LYS O 746 -9.93 -123.47 11.40
CA LYS O 746 -11.15 -123.88 10.71
C LYS O 746 -12.33 -124.01 11.65
N VAL O 747 -12.06 -124.13 12.95
CA VAL O 747 -13.09 -123.97 13.98
C VAL O 747 -13.88 -122.69 13.74
N PHE O 748 -13.18 -121.63 13.31
CA PHE O 748 -13.83 -120.38 12.93
C PHE O 748 -14.76 -120.58 11.72
N SER O 749 -14.29 -121.28 10.69
CA SER O 749 -15.12 -121.46 9.51
C SER O 749 -16.37 -122.26 9.83
N LYS O 750 -16.22 -123.31 10.64
CA LYS O 750 -17.40 -124.10 11.01
C LYS O 750 -18.34 -123.31 11.91
N LEU O 751 -17.77 -122.45 12.78
CA LEU O 751 -18.61 -121.59 13.60
C LEU O 751 -19.44 -120.66 12.72
N MET O 752 -18.83 -120.07 11.69
CA MET O 752 -19.58 -119.23 10.78
C MET O 752 -20.59 -120.03 9.97
N SER O 753 -20.25 -121.27 9.60
CA SER O 753 -21.19 -122.11 8.86
C SER O 753 -22.44 -122.38 9.69
N VAL O 754 -22.26 -122.80 10.95
CA VAL O 754 -23.43 -123.08 11.78
C VAL O 754 -24.16 -121.78 12.08
N CYS O 755 -23.44 -120.67 12.16
CA CYS O 755 -24.08 -119.38 12.36
C CYS O 755 -25.05 -119.06 11.22
N VAL O 756 -24.55 -119.18 10.00
CA VAL O 756 -25.39 -118.95 8.82
C VAL O 756 -26.57 -119.90 8.80
N MET O 757 -26.32 -121.18 9.09
CA MET O 757 -27.41 -122.16 9.01
C MET O 757 -28.48 -121.89 10.06
N PHE O 758 -28.08 -121.60 11.31
CA PHE O 758 -29.01 -121.22 12.34
C PHE O 758 -29.78 -119.97 11.96
N THR O 759 -29.07 -118.97 11.42
CA THR O 759 -29.72 -117.72 11.05
C THR O 759 -30.72 -117.98 9.93
N ASN O 760 -30.41 -118.91 9.03
CA ASN O 760 -31.35 -119.29 7.98
C ASN O 760 -32.60 -119.94 8.58
N CYS O 761 -32.43 -120.81 9.58
CA CYS O 761 -33.60 -121.34 10.26
C CYS O 761 -34.39 -120.24 10.95
N MET O 762 -33.71 -119.17 11.38
CA MET O 762 -34.42 -118.01 11.92
C MET O 762 -35.09 -117.20 10.82
N GLN O 763 -34.56 -117.24 9.59
CA GLN O 763 -35.21 -116.56 8.47
C GLN O 763 -36.62 -117.08 8.21
N LYS O 764 -36.94 -118.28 8.69
CA LYS O 764 -38.32 -118.74 8.72
C LYS O 764 -39.02 -118.25 9.98
N PHE O 765 -38.92 -116.94 10.23
CA PHE O 765 -39.61 -116.29 11.34
C PHE O 765 -41.13 -116.37 11.20
N THR O 766 -41.67 -115.96 10.04
CA THR O 766 -43.12 -115.97 9.81
C THR O 766 -43.57 -117.23 9.09
N GLN O 767 -43.37 -118.37 9.74
CA GLN O 767 -44.05 -119.59 9.33
C GLN O 767 -45.57 -119.48 9.49
N SER O 768 -46.06 -118.48 10.23
CA SER O 768 -47.48 -118.19 10.32
C SER O 768 -47.71 -116.69 10.29
N LEU O 814 -43.31 -127.31 13.68
CA LEU O 814 -43.53 -127.64 15.08
C LEU O 814 -42.64 -126.81 16.00
N VAL O 815 -43.26 -126.22 17.01
CA VAL O 815 -42.52 -125.39 17.96
C VAL O 815 -41.52 -126.24 18.73
N SER O 816 -41.94 -127.44 19.15
CA SER O 816 -41.04 -128.31 19.90
C SER O 816 -39.87 -128.75 19.04
N GLY O 817 -40.12 -129.11 17.79
CA GLY O 817 -39.04 -129.45 16.89
C GLY O 817 -38.08 -128.28 16.70
N PHE O 818 -38.63 -127.09 16.54
CA PHE O 818 -37.78 -125.90 16.39
C PHE O 818 -36.92 -125.70 17.63
N GLU O 819 -37.53 -125.76 18.81
CA GLU O 819 -36.79 -125.59 20.07
C GLU O 819 -35.71 -126.64 20.24
N ALA O 820 -36.00 -127.89 19.89
CA ALA O 820 -35.00 -128.94 20.02
C ALA O 820 -33.83 -128.66 19.10
N THR O 821 -34.13 -128.19 17.88
CA THR O 821 -33.05 -127.75 17.01
C THR O 821 -32.28 -126.57 17.57
N ILE O 822 -32.95 -125.60 18.22
CA ILE O 822 -32.23 -124.46 18.79
C ILE O 822 -31.23 -124.93 19.82
N ASN O 823 -31.65 -125.84 20.70
CA ASN O 823 -30.71 -126.32 21.71
C ASN O 823 -29.60 -127.18 21.09
N LYS O 824 -29.91 -127.91 20.02
CA LYS O 824 -28.86 -128.59 19.25
C LYS O 824 -27.84 -127.59 18.70
N PHE O 825 -28.32 -126.50 18.09
CA PHE O 825 -27.41 -125.44 17.66
C PHE O 825 -26.63 -124.89 18.85
N ASP O 826 -27.29 -124.82 20.01
CA ASP O 826 -26.63 -124.29 21.20
C ASP O 826 -25.40 -125.12 21.56
N LYS O 827 -25.54 -126.44 21.67
CA LYS O 827 -24.36 -127.26 21.95
C LYS O 827 -23.34 -127.19 20.82
N ASN O 828 -23.77 -127.32 19.56
CA ASN O 828 -22.79 -127.34 18.47
C ASN O 828 -22.00 -126.02 18.43
N PHE O 829 -22.70 -124.89 18.58
CA PHE O 829 -22.08 -123.57 18.61
C PHE O 829 -21.16 -123.41 19.81
N SER O 830 -21.64 -123.76 21.00
CA SER O 830 -20.84 -123.58 22.20
C SER O 830 -19.55 -124.39 22.14
N ALA O 831 -19.65 -125.67 21.74
CA ALA O 831 -18.44 -126.47 21.57
C ALA O 831 -17.50 -125.86 20.55
N HIS O 832 -18.04 -125.42 19.40
CA HIS O 832 -17.17 -124.86 18.38
C HIS O 832 -16.54 -123.54 18.85
N LEU O 833 -17.22 -122.81 19.72
CA LEU O 833 -16.66 -121.58 20.28
C LEU O 833 -15.55 -121.87 21.29
N LEU O 834 -15.78 -122.84 22.17
CA LEU O 834 -14.77 -123.21 23.14
C LEU O 834 -13.54 -123.77 22.44
N ASP O 835 -13.78 -124.44 21.31
CA ASP O 835 -12.67 -124.96 20.46
C ASP O 835 -11.92 -123.76 19.91
N LEU O 836 -12.64 -122.71 19.51
CA LEU O 836 -12.00 -121.51 18.95
C LEU O 836 -11.09 -120.88 20.02
N LEU O 837 -11.57 -120.70 21.26
CA LEU O 837 -10.83 -120.02 22.31
C LEU O 837 -9.67 -120.88 22.83
N ALA O 838 -9.89 -122.18 22.99
CA ALA O 838 -8.84 -123.06 23.50
C ALA O 838 -7.70 -123.18 22.51
N ARG O 839 -8.01 -123.49 21.24
CA ARG O 839 -6.98 -123.67 20.24
C ARG O 839 -6.22 -122.37 19.99
N LEU O 840 -6.90 -121.22 20.11
CA LEU O 840 -6.21 -119.96 19.96
C LEU O 840 -5.33 -119.64 21.17
N SER O 841 -5.75 -120.06 22.37
CA SER O 841 -4.89 -119.92 23.53
C SER O 841 -3.63 -120.76 23.36
N ILE O 842 -3.76 -121.96 22.82
CA ILE O 842 -2.60 -122.80 22.56
C ILE O 842 -1.73 -122.18 21.47
N TYR O 843 -2.36 -121.63 20.43
CA TYR O 843 -1.62 -121.06 19.30
C TYR O 843 -0.83 -119.84 19.74
N SER O 844 0.37 -119.68 19.17
CA SER O 844 1.21 -118.53 19.46
C SER O 844 1.94 -118.06 18.20
N GLY O 851 -0.72 -110.37 22.57
CA GLY O 851 -1.40 -110.76 21.35
C GLY O 851 -2.57 -111.71 21.58
N MET O 852 -2.32 -112.77 22.34
CA MET O 852 -3.35 -113.78 22.60
C MET O 852 -4.35 -113.28 23.63
N ALA O 853 -3.85 -112.75 24.75
CA ALA O 853 -4.72 -112.16 25.76
C ALA O 853 -5.61 -111.07 25.16
N SER O 854 -5.07 -110.31 24.20
CA SER O 854 -5.82 -109.22 23.59
C SER O 854 -7.09 -109.74 22.93
N VAL O 855 -6.94 -110.76 22.09
CA VAL O 855 -8.10 -111.32 21.39
C VAL O 855 -9.00 -112.06 22.36
N ILE O 856 -8.44 -112.82 23.32
CA ILE O 856 -9.28 -113.61 24.21
C ILE O 856 -10.18 -112.70 25.04
N SER O 857 -9.59 -111.66 25.63
CA SER O 857 -10.35 -110.67 26.36
C SER O 857 -11.33 -109.91 25.46
N ARG O 858 -10.97 -109.69 24.19
CA ARG O 858 -11.98 -109.13 23.29
C ARG O 858 -13.18 -110.05 23.19
N LEU O 859 -12.94 -111.36 23.12
CA LEU O 859 -14.03 -112.29 22.86
C LEU O 859 -14.92 -112.46 24.10
N ASP O 860 -14.33 -112.51 25.30
CA ASP O 860 -15.10 -112.67 26.55
C ASP O 860 -14.60 -111.69 27.62
N PHE O 861 -14.63 -110.39 27.27
CA PHE O 861 -14.23 -109.33 28.20
C PHE O 861 -14.94 -109.45 29.53
N ASN O 862 -16.24 -109.75 29.52
CA ASN O 862 -16.97 -109.87 30.77
C ASN O 862 -16.44 -111.01 31.62
N GLY O 863 -15.97 -112.08 30.99
CA GLY O 863 -15.69 -113.32 31.68
C GLY O 863 -16.88 -114.25 31.77
N PHE O 864 -17.97 -113.96 31.03
CA PHE O 864 -19.13 -114.86 31.00
C PHE O 864 -18.74 -116.27 30.60
N TYR O 865 -17.72 -116.41 29.75
CA TYR O 865 -17.14 -117.70 29.40
C TYR O 865 -15.87 -117.88 30.22
N THR O 866 -15.93 -118.73 31.24
CA THR O 866 -14.75 -119.17 31.96
C THR O 866 -14.92 -120.64 32.30
N GLU O 867 -13.94 -121.45 31.91
CA GLU O 867 -14.02 -122.90 32.06
C GLU O 867 -12.75 -123.47 32.68
N ARG P 3 -30.30 -96.88 4.52
CA ARG P 3 -31.51 -96.20 4.07
C ARG P 3 -31.76 -94.96 4.92
N GLU P 4 -32.41 -93.96 4.35
CA GLU P 4 -32.54 -92.66 5.00
C GLU P 4 -33.51 -92.72 6.18
N ILE P 5 -33.21 -91.91 7.20
CA ILE P 5 -33.97 -91.89 8.45
C ILE P 5 -34.89 -90.67 8.44
N ILE P 6 -36.13 -90.85 8.89
CA ILE P 6 -37.11 -89.77 8.96
C ILE P 6 -37.39 -89.50 10.43
N THR P 7 -37.29 -88.23 10.83
CA THR P 7 -37.45 -87.85 12.23
C THR P 7 -38.81 -87.18 12.44
N LEU P 8 -39.63 -87.80 13.29
CA LEU P 8 -41.02 -87.41 13.48
C LEU P 8 -41.14 -86.61 14.78
N GLN P 9 -40.74 -85.34 14.73
CA GLN P 9 -40.75 -84.50 15.91
C GLN P 9 -42.15 -83.92 16.15
N LEU P 10 -42.66 -84.13 17.36
CA LEU P 10 -44.06 -83.86 17.69
C LEU P 10 -44.14 -83.27 19.09
N GLY P 11 -45.20 -82.51 19.35
CA GLY P 11 -45.36 -81.86 20.63
C GLY P 11 -44.45 -80.64 20.74
N GLN P 12 -44.79 -79.76 21.68
CA GLN P 12 -44.03 -78.53 21.84
C GLN P 12 -42.59 -78.82 22.23
N CYS P 13 -42.40 -79.62 23.29
CA CYS P 13 -41.04 -79.96 23.74
C CYS P 13 -40.29 -80.75 22.67
N GLY P 14 -40.96 -81.74 22.07
CA GLY P 14 -40.33 -82.53 21.02
C GLY P 14 -39.90 -81.68 19.84
N ASN P 15 -40.72 -80.72 19.45
CA ASN P 15 -40.37 -79.83 18.36
C ASN P 15 -39.21 -78.91 18.77
N GLN P 16 -39.14 -78.52 20.05
CA GLN P 16 -38.01 -77.70 20.48
C GLN P 16 -36.71 -78.48 20.36
N ILE P 17 -36.71 -79.73 20.82
CA ILE P 17 -35.47 -80.50 20.78
C ILE P 17 -35.12 -80.95 19.36
N GLY P 18 -36.10 -81.19 18.50
CA GLY P 18 -35.81 -81.49 17.11
C GLY P 18 -35.27 -80.29 16.36
N PHE P 19 -35.85 -79.13 16.65
CA PHE P 19 -35.35 -77.87 16.12
C PHE P 19 -33.88 -77.69 16.47
N GLU P 20 -33.55 -77.86 17.76
CA GLU P 20 -32.16 -77.67 18.17
C GLU P 20 -31.25 -78.74 17.58
N PHE P 21 -31.72 -79.99 17.49
CA PHE P 21 -30.90 -81.06 16.93
C PHE P 21 -30.55 -80.78 15.47
N TRP P 22 -31.55 -80.38 14.68
CA TRP P 22 -31.29 -80.10 13.28
C TRP P 22 -30.41 -78.86 13.12
N LYS P 23 -30.57 -77.87 14.01
CA LYS P 23 -29.65 -76.74 14.00
C LYS P 23 -28.22 -77.18 14.32
N GLN P 24 -28.06 -78.08 15.29
CA GLN P 24 -26.75 -78.55 15.68
C GLN P 24 -26.09 -79.28 14.52
N LEU P 25 -26.84 -80.10 13.80
CA LEU P 25 -26.29 -80.78 12.64
C LEU P 25 -26.10 -79.85 11.44
N CYS P 26 -26.85 -78.75 11.37
CA CYS P 26 -26.54 -77.72 10.38
C CYS P 26 -25.16 -77.14 10.62
N ALA P 27 -24.90 -76.71 11.85
CA ALA P 27 -23.58 -76.18 12.17
C ALA P 27 -22.51 -77.23 11.98
N GLU P 28 -22.76 -78.46 12.43
CA GLU P 28 -21.74 -79.50 12.37
C GLU P 28 -21.42 -79.89 10.94
N HIS P 29 -22.44 -80.05 10.09
CA HIS P 29 -22.25 -80.36 8.69
C HIS P 29 -21.98 -79.08 7.91
N GLY P 30 -21.73 -79.22 6.61
CA GLY P 30 -21.56 -78.08 5.74
C GLY P 30 -22.89 -77.51 5.27
N ILE P 31 -23.61 -76.85 6.17
CA ILE P 31 -24.93 -76.30 5.87
C ILE P 31 -25.00 -74.90 6.49
N SER P 32 -25.60 -73.96 5.76
CA SER P 32 -25.82 -72.60 6.21
C SER P 32 -27.23 -72.50 6.77
N PRO P 33 -27.63 -71.37 7.36
CA PRO P 33 -29.01 -71.27 7.87
C PRO P 33 -30.08 -71.34 6.79
N GLU P 34 -29.72 -71.13 5.53
CA GLU P 34 -30.65 -71.24 4.41
C GLU P 34 -30.54 -72.58 3.70
N GLY P 35 -29.85 -73.56 4.29
CA GLY P 35 -29.74 -74.88 3.71
C GLY P 35 -28.72 -75.02 2.60
N ILE P 36 -28.02 -73.95 2.24
CA ILE P 36 -27.07 -73.99 1.13
C ILE P 36 -25.78 -74.63 1.59
N VAL P 37 -25.12 -75.36 0.68
CA VAL P 37 -23.81 -75.91 0.97
C VAL P 37 -22.86 -74.77 1.32
N GLU P 38 -22.14 -74.94 2.42
CA GLU P 38 -21.27 -73.87 2.89
C GLU P 38 -20.04 -73.76 2.01
N GLU P 39 -19.66 -72.51 1.70
N GLU P 39 -19.67 -72.52 1.70
CA GLU P 39 -18.50 -72.29 0.85
CA GLU P 39 -18.49 -72.29 0.85
C GLU P 39 -17.23 -72.79 1.52
C GLU P 39 -17.22 -72.79 1.51
N PHE P 40 -17.10 -72.61 2.83
CA PHE P 40 -15.88 -73.03 3.53
C PHE P 40 -15.66 -74.53 3.42
N ALA P 41 -16.74 -75.32 3.35
CA ALA P 41 -16.62 -76.76 3.23
C ALA P 41 -15.99 -77.13 1.89
N THR P 45 -16.84 -85.13 2.98
CA THR P 45 -16.23 -86.27 3.67
C THR P 45 -17.21 -86.97 4.62
N ASP P 46 -18.48 -86.60 4.57
CA ASP P 46 -19.50 -87.09 5.50
C ASP P 46 -20.63 -87.76 4.74
N ARG P 47 -21.32 -88.69 5.41
CA ARG P 47 -22.47 -89.39 4.85
C ARG P 47 -23.70 -88.56 5.20
N LYS P 48 -23.99 -87.56 4.37
CA LYS P 48 -25.15 -86.69 4.57
C LYS P 48 -26.43 -87.29 3.98
N ASP P 49 -26.33 -88.41 3.27
CA ASP P 49 -27.50 -89.01 2.62
C ASP P 49 -28.58 -89.39 3.62
N VAL P 50 -28.19 -89.99 4.75
CA VAL P 50 -29.16 -90.63 5.63
C VAL P 50 -30.09 -89.59 6.25
N PHE P 51 -29.54 -88.48 6.73
CA PHE P 51 -30.30 -87.52 7.54
C PHE P 51 -30.84 -86.34 6.74
N PHE P 52 -30.16 -85.94 5.66
CA PHE P 52 -30.51 -84.75 4.90
C PHE P 52 -30.88 -85.12 3.46
N TYR P 53 -32.07 -84.71 3.04
CA TYR P 53 -32.48 -84.84 1.65
C TYR P 53 -31.67 -83.87 0.79
N GLN P 54 -31.37 -84.29 -0.44
CA GLN P 54 -30.53 -83.54 -1.36
C GLN P 54 -31.42 -82.81 -2.36
N ALA P 55 -31.37 -81.47 -2.37
CA ALA P 55 -31.93 -80.72 -3.47
C ALA P 55 -30.87 -80.46 -4.54
N ASP P 56 -31.32 -80.00 -5.71
CA ASP P 56 -30.43 -79.86 -6.86
C ASP P 56 -29.45 -78.70 -6.69
N ASP P 57 -29.91 -77.60 -6.10
CA ASP P 57 -29.07 -76.43 -5.84
C ASP P 57 -28.54 -76.45 -4.41
N GLU P 58 -28.19 -77.67 -3.96
CA GLU P 58 -27.54 -77.91 -2.68
C GLU P 58 -28.33 -77.34 -1.51
N HIS P 59 -29.65 -77.46 -1.58
CA HIS P 59 -30.50 -77.18 -0.41
C HIS P 59 -30.60 -78.51 0.33
N TYR P 60 -29.89 -78.60 1.45
CA TYR P 60 -29.88 -79.82 2.28
C TYR P 60 -30.98 -79.69 3.32
N ILE P 61 -32.17 -80.16 2.96
CA ILE P 61 -33.35 -80.06 3.80
C ILE P 61 -33.47 -81.37 4.59
N PRO P 62 -33.52 -81.35 5.92
CA PRO P 62 -33.67 -82.62 6.66
C PRO P 62 -35.05 -83.22 6.47
N ARG P 63 -35.12 -84.55 6.66
CA ARG P 63 -36.39 -85.27 6.63
C ARG P 63 -37.10 -85.18 7.99
N ALA P 64 -37.41 -83.94 8.35
CA ALA P 64 -38.11 -83.62 9.58
C ALA P 64 -39.61 -83.53 9.32
N VAL P 65 -40.40 -84.23 10.13
CA VAL P 65 -41.85 -84.11 10.16
C VAL P 65 -42.19 -83.40 11.47
N LEU P 66 -42.60 -82.14 11.36
CA LEU P 66 -42.93 -81.32 12.52
C LEU P 66 -44.45 -81.35 12.70
N LEU P 67 -44.89 -81.94 13.80
CA LEU P 67 -46.31 -82.07 14.11
C LEU P 67 -46.67 -81.08 15.22
N ASP P 68 -47.63 -80.19 14.95
CA ASP P 68 -48.10 -79.21 15.90
C ASP P 68 -49.54 -79.47 16.29
N LEU P 69 -49.84 -79.28 17.58
CA LEU P 69 -51.19 -79.38 18.12
C LEU P 69 -51.40 -78.24 19.09
N GLU P 70 -52.44 -77.43 18.84
CA GLU P 70 -52.65 -76.18 19.54
C GLU P 70 -51.36 -75.32 19.49
N PRO P 71 -50.93 -74.97 18.27
CA PRO P 71 -49.56 -74.43 18.12
C PRO P 71 -49.34 -73.11 18.84
N ARG P 72 -48.28 -73.08 19.65
CA ARG P 72 -47.74 -71.83 20.17
C ARG P 72 -46.27 -71.66 19.80
N VAL P 73 -45.45 -72.67 20.08
CA VAL P 73 -44.01 -72.56 19.84
C VAL P 73 -43.65 -72.90 18.40
N ILE P 74 -44.58 -73.48 17.65
CA ILE P 74 -44.27 -73.78 16.26
C ILE P 74 -44.25 -72.52 15.43
N HIS P 75 -44.99 -71.50 15.86
CA HIS P 75 -44.91 -70.19 15.22
C HIS P 75 -43.53 -69.59 15.45
N SER P 76 -42.99 -69.77 16.66
CA SER P 76 -41.64 -69.31 16.94
C SER P 76 -40.62 -70.08 16.11
N ILE P 77 -40.86 -71.38 15.91
CA ILE P 77 -40.02 -72.16 15.02
C ILE P 77 -40.06 -71.58 13.61
N LEU P 78 -41.25 -71.19 13.14
CA LEU P 78 -41.37 -70.61 11.80
C LEU P 78 -40.61 -69.30 11.67
N ASN P 79 -40.71 -68.40 12.64
CA ASN P 79 -40.04 -67.10 12.49
C ASN P 79 -38.57 -67.21 12.96
N SER P 80 -37.80 -67.98 12.20
CA SER P 80 -36.42 -68.28 12.51
C SER P 80 -35.58 -68.21 11.23
N PRO P 81 -34.27 -67.99 11.35
CA PRO P 81 -33.41 -68.03 10.15
C PRO P 81 -33.39 -69.37 9.45
N TYR P 82 -33.70 -70.46 10.16
CA TYR P 82 -33.62 -71.82 9.62
C TYR P 82 -34.94 -72.29 9.02
N ALA P 83 -35.94 -71.40 9.00
CA ALA P 83 -37.25 -71.75 8.43
C ALA P 83 -37.12 -72.18 6.98
N LYS P 84 -36.23 -71.54 6.23
CA LYS P 84 -35.95 -72.06 4.89
C LYS P 84 -35.38 -73.46 5.02
N LEU P 85 -34.40 -73.64 5.93
CA LEU P 85 -33.62 -74.88 5.99
C LEU P 85 -34.51 -76.09 6.13
N TYR P 86 -35.48 -76.03 7.04
CA TYR P 86 -36.50 -77.08 7.15
C TYR P 86 -37.73 -76.61 6.37
N ASN P 87 -37.77 -76.96 5.08
CA ASN P 87 -38.93 -76.71 4.22
C ASN P 87 -39.26 -77.95 3.41
N PRO P 88 -39.74 -79.02 4.03
CA PRO P 88 -40.59 -79.97 3.29
C PRO P 88 -42.03 -79.48 3.16
N GLU P 89 -42.38 -78.37 3.80
CA GLU P 89 -43.72 -77.78 3.72
C GLU P 89 -44.78 -78.78 4.19
N ASN P 90 -44.54 -79.36 5.37
CA ASN P 90 -45.33 -80.49 5.88
C ASN P 90 -45.70 -80.26 7.35
N ILE P 91 -46.18 -79.05 7.67
CA ILE P 91 -46.66 -78.72 9.02
C ILE P 91 -48.16 -78.53 8.94
N TYR P 92 -48.89 -79.34 9.71
CA TYR P 92 -50.35 -79.41 9.68
C TYR P 92 -50.93 -79.19 11.07
N LEU P 93 -51.80 -78.20 11.18
CA LEU P 93 -52.51 -77.90 12.42
C LEU P 93 -53.55 -78.96 12.74
N GLY P 101 -54.96 -80.15 24.17
CA GLY P 101 -55.14 -80.27 25.60
C GLY P 101 -53.92 -80.82 26.29
N ASN P 102 -53.91 -80.76 27.62
CA ASN P 102 -52.82 -81.24 28.44
C ASN P 102 -53.02 -82.68 28.91
N ASN P 103 -54.03 -83.38 28.37
CA ASN P 103 -54.35 -84.74 28.76
C ASN P 103 -53.96 -85.71 27.66
N TRP P 104 -53.53 -86.91 28.08
CA TRP P 104 -53.18 -87.95 27.13
C TRP P 104 -54.37 -88.32 26.26
N ALA P 105 -55.54 -88.48 26.87
CA ALA P 105 -56.73 -88.83 26.10
C ALA P 105 -57.09 -87.72 25.11
N SER P 106 -56.96 -86.46 25.53
CA SER P 106 -57.26 -85.36 24.64
C SER P 106 -56.31 -85.36 23.44
N GLY P 107 -55.02 -85.61 23.69
CA GLY P 107 -54.07 -85.67 22.60
C GLY P 107 -54.33 -86.82 21.66
N PHE P 108 -54.67 -87.99 22.22
CA PHE P 108 -54.97 -89.17 21.41
C PHE P 108 -56.18 -88.91 20.52
N SER P 109 -57.24 -88.35 21.11
CA SER P 109 -58.45 -88.07 20.35
C SER P 109 -58.21 -87.02 19.27
N GLN P 110 -57.45 -85.98 19.59
CA GLN P 110 -57.14 -84.96 18.60
C GLN P 110 -56.29 -85.54 17.47
N GLY P 111 -55.40 -86.49 17.79
CA GLY P 111 -54.62 -87.13 16.75
C GLY P 111 -55.47 -88.00 15.83
N GLU P 112 -56.49 -88.66 16.40
CA GLU P 112 -57.27 -89.62 15.62
C GLU P 112 -57.95 -88.96 14.43
N LYS P 113 -58.49 -87.74 14.60
CA LYS P 113 -59.23 -87.10 13.52
C LYS P 113 -58.33 -86.65 12.37
N ILE P 114 -57.10 -86.23 12.67
CA ILE P 114 -56.15 -85.78 11.64
C ILE P 114 -55.16 -86.88 11.25
N HIS P 115 -55.40 -88.12 11.64
CA HIS P 115 -54.43 -89.17 11.39
C HIS P 115 -54.14 -89.38 9.91
N GLU P 116 -55.15 -89.23 9.04
CA GLU P 116 -54.93 -89.52 7.63
C GLU P 116 -54.05 -88.47 6.95
N ASP P 117 -54.27 -87.18 7.22
CA ASP P 117 -53.45 -86.18 6.55
C ASP P 117 -52.01 -86.20 7.03
N ILE P 118 -51.82 -86.42 8.33
CA ILE P 118 -50.47 -86.55 8.87
C ILE P 118 -49.80 -87.78 8.28
N PHE P 119 -50.56 -88.86 8.09
CA PHE P 119 -49.96 -90.06 7.53
C PHE P 119 -49.68 -89.90 6.05
N ASP P 120 -50.45 -89.06 5.35
CA ASP P 120 -50.11 -88.76 3.96
C ASP P 120 -48.85 -87.92 3.90
N ILE P 121 -48.65 -87.03 4.87
CA ILE P 121 -47.37 -86.34 5.00
C ILE P 121 -46.25 -87.35 5.21
N ILE P 122 -46.48 -88.40 6.00
CA ILE P 122 -45.46 -89.43 6.17
C ILE P 122 -45.17 -90.11 4.84
N ASP P 123 -46.24 -90.46 4.13
CA ASP P 123 -46.12 -91.17 2.86
C ASP P 123 -45.33 -90.36 1.86
N ARG P 124 -45.56 -89.05 1.81
CA ARG P 124 -44.84 -88.19 0.90
C ARG P 124 -43.33 -88.33 1.08
N GLU P 125 -42.85 -88.21 2.33
CA GLU P 125 -41.42 -88.33 2.56
C GLU P 125 -40.92 -89.73 2.23
N ALA P 126 -41.69 -90.76 2.59
CA ALA P 126 -41.29 -92.13 2.28
C ALA P 126 -41.14 -92.33 0.78
N ASP P 127 -42.07 -91.76 -0.01
CA ASP P 127 -42.00 -91.86 -1.46
C ASP P 127 -40.83 -91.05 -2.01
N GLY P 128 -40.64 -89.83 -1.50
CA GLY P 128 -39.60 -88.97 -2.02
C GLY P 128 -38.21 -89.53 -1.80
N SER P 129 -38.00 -90.15 -0.64
CA SER P 129 -36.71 -90.77 -0.37
C SER P 129 -36.50 -91.96 -1.30
N ASP P 130 -35.22 -92.25 -1.59
CA ASP P 130 -34.90 -93.49 -2.27
C ASP P 130 -35.41 -94.69 -1.48
N SER P 131 -35.24 -94.65 -0.16
CA SER P 131 -35.63 -95.73 0.71
C SER P 131 -35.67 -95.22 2.15
N LEU P 132 -36.22 -96.03 3.05
CA LEU P 132 -36.46 -95.64 4.44
C LEU P 132 -36.13 -96.79 5.38
N GLU P 133 -35.32 -96.53 6.41
CA GLU P 133 -35.09 -97.50 7.47
C GLU P 133 -35.95 -97.24 8.71
N GLY P 134 -36.02 -96.01 9.20
CA GLY P 134 -36.44 -95.78 10.57
C GLY P 134 -37.15 -94.47 10.81
N PHE P 135 -38.01 -94.49 11.82
CA PHE P 135 -38.78 -93.34 12.30
C PHE P 135 -38.23 -92.97 13.67
N VAL P 136 -37.55 -91.83 13.77
CA VAL P 136 -36.88 -91.40 14.99
C VAL P 136 -37.71 -90.28 15.61
N LEU P 137 -38.32 -90.54 16.75
CA LEU P 137 -39.31 -89.63 17.34
C LEU P 137 -38.68 -88.88 18.50
N CYS P 138 -38.74 -87.55 18.44
CA CYS P 138 -38.39 -86.68 19.57
C CYS P 138 -39.58 -86.59 20.54
N HIS P 139 -39.99 -87.75 21.04
CA HIS P 139 -41.23 -87.87 21.78
C HIS P 139 -41.07 -87.28 23.20
N SER P 140 -42.17 -86.76 23.73
CA SER P 140 -42.23 -86.26 25.10
C SER P 140 -43.20 -87.13 25.90
N ILE P 141 -42.68 -87.80 26.93
CA ILE P 141 -43.52 -88.57 27.84
C ILE P 141 -44.27 -87.61 28.74
N ALA P 142 -45.57 -87.83 28.88
CA ALA P 142 -46.45 -86.97 29.67
C ALA P 142 -46.27 -85.50 29.25
N GLY P 143 -46.30 -85.28 27.94
CA GLY P 143 -46.07 -83.97 27.37
C GLY P 143 -47.34 -83.24 27.00
N GLY P 144 -48.43 -83.53 27.71
CA GLY P 144 -49.71 -82.93 27.38
C GLY P 144 -50.15 -83.30 25.97
N THR P 145 -50.05 -82.35 25.05
CA THR P 145 -50.36 -82.62 23.66
C THR P 145 -49.41 -83.66 23.08
N GLY P 146 -48.13 -83.62 23.46
CA GLY P 146 -47.16 -84.55 22.89
C GLY P 146 -47.53 -86.00 23.17
N SER P 147 -47.82 -86.32 24.42
CA SER P 147 -48.28 -87.65 24.76
C SER P 147 -49.73 -87.82 24.32
N GLY P 148 -50.11 -89.08 24.11
CA GLY P 148 -51.41 -89.39 23.53
C GLY P 148 -51.37 -89.36 22.02
N LEU P 149 -51.11 -88.17 21.45
CA LEU P 149 -50.90 -88.10 20.01
C LEU P 149 -49.68 -88.91 19.60
N GLY P 150 -48.61 -88.83 20.39
CA GLY P 150 -47.44 -89.63 20.07
C GLY P 150 -47.76 -91.11 20.11
N SER P 151 -48.44 -91.55 21.18
CA SER P 151 -48.74 -92.98 21.36
C SER P 151 -49.63 -93.51 20.25
N TYR P 152 -50.65 -92.75 19.85
CA TYR P 152 -51.47 -93.14 18.72
C TYR P 152 -50.64 -93.28 17.45
N LEU P 153 -49.74 -92.32 17.22
CA LEU P 153 -48.91 -92.37 16.02
C LEU P 153 -47.94 -93.56 16.07
N LEU P 154 -47.41 -93.89 17.26
CA LEU P 154 -46.61 -95.10 17.42
C LEU P 154 -47.41 -96.33 17.04
N GLU P 155 -48.68 -96.38 17.46
CA GLU P 155 -49.49 -97.55 17.16
C GLU P 155 -49.76 -97.64 15.67
N ARG P 156 -49.88 -96.50 14.98
CA ARG P 156 -50.15 -96.54 13.54
C ARG P 156 -48.92 -96.94 12.72
N LEU P 157 -47.73 -96.40 13.05
CA LEU P 157 -46.58 -96.62 12.19
C LEU P 157 -46.18 -98.09 12.10
N ASN P 158 -46.18 -98.83 13.22
CA ASN P 158 -45.75 -100.21 13.15
C ASN P 158 -46.68 -101.04 12.28
N ASP P 159 -47.98 -100.81 12.39
CA ASP P 159 -48.95 -101.52 11.56
C ASP P 159 -48.71 -101.20 10.08
N ARG P 160 -48.53 -99.92 9.76
CA ARG P 160 -48.37 -99.57 8.35
C ARG P 160 -47.03 -100.02 7.79
N TYR P 161 -45.98 -100.06 8.61
CA TYR P 161 -44.64 -100.43 8.20
C TYR P 161 -44.14 -101.55 9.12
N PRO P 162 -44.68 -102.77 8.97
CA PRO P 162 -44.28 -103.84 9.88
C PRO P 162 -42.79 -104.15 9.86
N LYS P 163 -42.15 -104.02 8.69
CA LYS P 163 -40.72 -104.28 8.62
C LYS P 163 -39.91 -103.18 9.28
N LYS P 164 -40.37 -101.93 9.17
CA LYS P 164 -39.59 -100.77 9.59
C LYS P 164 -39.59 -100.61 11.10
N LEU P 165 -38.68 -99.75 11.59
CA LEU P 165 -38.44 -99.58 13.02
C LEU P 165 -38.77 -98.17 13.48
N VAL P 166 -39.09 -98.09 14.77
CA VAL P 166 -39.33 -96.83 15.47
C VAL P 166 -38.36 -96.73 16.63
N GLN P 167 -37.58 -95.65 16.65
CA GLN P 167 -36.78 -95.27 17.80
C GLN P 167 -37.45 -94.05 18.44
N THR P 168 -37.29 -93.94 19.76
CA THR P 168 -37.91 -92.85 20.51
C THR P 168 -36.87 -92.24 21.44
N TYR P 169 -36.47 -91.00 21.15
CA TYR P 169 -35.63 -90.22 22.06
C TYR P 169 -36.53 -89.60 23.14
N SER P 170 -37.09 -90.48 23.95
CA SER P 170 -38.06 -90.07 24.97
C SER P 170 -37.38 -89.23 26.05
N VAL P 171 -37.87 -88.01 26.23
CA VAL P 171 -37.46 -87.17 27.36
C VAL P 171 -38.41 -87.46 28.52
N PHE P 172 -38.09 -88.52 29.27
CA PHE P 172 -38.88 -88.88 30.43
C PHE P 172 -38.89 -87.72 31.43
N PRO P 173 -40.07 -87.18 31.80
CA PRO P 173 -40.05 -86.04 32.73
C PRO P 173 -39.98 -86.45 34.18
N ASN P 174 -38.90 -86.06 34.85
CA ASN P 174 -38.80 -86.13 36.29
C ASN P 174 -38.28 -84.78 36.73
N GLN P 175 -39.13 -83.98 37.37
CA GLN P 175 -38.83 -82.63 37.79
C GLN P 175 -39.01 -82.48 39.29
N ASP P 176 -38.68 -83.55 40.03
CA ASP P 176 -38.93 -83.68 41.46
C ASP P 176 -40.41 -83.72 41.79
N GLU P 177 -41.25 -83.99 40.77
CA GLU P 177 -42.71 -84.06 40.93
C GLU P 177 -43.27 -82.79 41.56
N ASP P 180 -47.09 -76.94 36.47
CA ASP P 180 -47.30 -78.26 37.04
C ASP P 180 -48.48 -78.95 36.38
N VAL P 181 -48.35 -80.26 36.22
CA VAL P 181 -49.42 -81.13 35.72
C VAL P 181 -49.68 -82.17 36.79
N VAL P 182 -50.93 -82.28 37.23
CA VAL P 182 -51.27 -83.25 38.27
C VAL P 182 -51.47 -84.66 37.70
N VAL P 183 -51.73 -84.79 36.40
CA VAL P 183 -52.03 -86.08 35.78
C VAL P 183 -50.80 -86.73 35.14
N GLN P 184 -49.59 -86.26 35.49
CA GLN P 184 -48.36 -86.82 34.94
C GLN P 184 -48.25 -88.34 35.06
N PRO P 185 -48.46 -88.96 36.23
CA PRO P 185 -48.31 -90.42 36.30
C PRO P 185 -49.25 -91.16 35.38
N TYR P 186 -50.50 -90.69 35.29
CA TYR P 186 -51.49 -91.37 34.46
C TYR P 186 -51.08 -91.31 32.99
N ASN P 187 -50.77 -90.09 32.54
CA ASN P 187 -50.35 -89.88 31.15
C ASN P 187 -49.12 -90.71 30.82
N SER P 188 -48.10 -90.62 31.67
CA SER P 188 -46.88 -91.36 31.44
C SER P 188 -47.15 -92.85 31.40
N LEU P 189 -47.99 -93.34 32.32
CA LEU P 189 -48.33 -94.76 32.39
C LEU P 189 -48.85 -95.26 31.06
N LEU P 190 -49.80 -94.53 30.47
CA LEU P 190 -50.34 -94.97 29.18
C LEU P 190 -49.26 -94.96 28.10
N THR P 191 -48.41 -93.92 28.10
CA THR P 191 -47.35 -93.86 27.08
C THR P 191 -46.44 -95.07 27.19
N LEU P 192 -46.13 -95.51 28.41
CA LEU P 192 -45.20 -96.64 28.54
C LEU P 192 -45.81 -97.93 28.03
N LYS P 193 -47.11 -98.15 28.22
CA LYS P 193 -47.72 -99.35 27.64
C LYS P 193 -47.54 -99.36 26.13
N ARG P 194 -47.89 -98.24 25.49
CA ARG P 194 -47.73 -98.16 24.04
C ARG P 194 -46.26 -98.32 23.63
N LEU P 195 -45.35 -97.67 24.35
CA LEU P 195 -43.93 -97.73 24.03
C LEU P 195 -43.36 -99.12 24.25
N THR P 196 -43.81 -99.82 25.30
CA THR P 196 -43.26 -101.12 25.61
C THR P 196 -43.64 -102.15 24.57
N GLN P 197 -44.88 -102.08 24.04
CA GLN P 197 -45.29 -103.09 23.07
C GLN P 197 -45.11 -102.65 21.61
N ASN P 198 -44.98 -101.35 21.34
CA ASN P 198 -45.04 -100.83 19.96
C ASN P 198 -43.86 -99.94 19.59
N ALA P 199 -42.72 -100.07 20.27
CA ALA P 199 -41.53 -99.28 19.94
C ALA P 199 -40.31 -100.20 19.88
N ASP P 200 -39.59 -100.13 18.76
CA ASP P 200 -38.42 -100.99 18.59
C ASP P 200 -37.27 -100.56 19.50
N CYS P 201 -37.07 -99.26 19.69
CA CYS P 201 -36.03 -98.79 20.61
C CYS P 201 -36.45 -97.51 21.31
N VAL P 202 -35.92 -97.31 22.52
CA VAL P 202 -36.15 -96.11 23.31
C VAL P 202 -34.84 -95.71 23.96
N VAL P 203 -34.55 -94.42 23.92
CA VAL P 203 -33.39 -93.82 24.60
C VAL P 203 -33.95 -92.90 25.68
N VAL P 204 -33.63 -93.20 26.94
CA VAL P 204 -34.21 -92.49 28.07
C VAL P 204 -33.33 -91.30 28.44
N LEU P 205 -33.97 -90.17 28.68
CA LEU P 205 -33.34 -88.98 29.25
C LEU P 205 -34.23 -88.49 30.38
N ASP P 206 -33.61 -87.83 31.36
CA ASP P 206 -34.31 -87.43 32.59
C ASP P 206 -34.10 -85.95 32.86
N ASN P 207 -35.22 -85.25 33.08
CA ASN P 207 -35.17 -83.81 33.33
C ASN P 207 -34.38 -83.49 34.59
N THR P 208 -34.66 -84.21 35.69
CA THR P 208 -33.94 -83.93 36.93
C THR P 208 -32.46 -84.28 36.79
N ALA P 209 -32.14 -85.37 36.11
CA ALA P 209 -30.74 -85.74 35.94
C ALA P 209 -30.00 -84.66 35.17
N LEU P 210 -30.60 -84.17 34.08
CA LEU P 210 -29.98 -83.12 33.30
C LEU P 210 -29.93 -81.80 34.08
N ASN P 211 -30.94 -81.54 34.91
CA ASN P 211 -30.93 -80.34 35.75
C ASN P 211 -29.84 -80.41 36.82
N ARG P 212 -29.65 -81.58 37.41
CA ARG P 212 -28.58 -81.76 38.39
C ARG P 212 -27.22 -81.57 37.72
N ILE P 213 -27.08 -82.08 36.50
CA ILE P 213 -25.86 -81.82 35.74
C ILE P 213 -25.72 -80.33 35.46
N ALA P 214 -26.82 -79.64 35.19
CA ALA P 214 -26.77 -78.21 34.95
C ALA P 214 -26.27 -77.47 36.19
N THR P 215 -26.77 -77.83 37.37
CA THR P 215 -26.27 -77.23 38.60
C THR P 215 -24.81 -77.55 38.81
N ASP P 216 -24.39 -78.76 38.45
CA ASP P 216 -22.99 -79.16 38.60
C ASP P 216 -22.08 -78.29 37.73
N ARG P 217 -22.28 -78.36 36.41
CA ARG P 217 -21.38 -77.68 35.47
C ARG P 217 -21.54 -76.16 35.49
N LEU P 218 -22.75 -75.65 35.73
CA LEU P 218 -23.05 -74.23 35.72
C LEU P 218 -23.93 -73.86 36.91
N HIS P 219 -24.16 -72.55 37.07
CA HIS P 219 -25.05 -72.02 38.10
C HIS P 219 -26.49 -71.90 37.63
N ILE P 220 -26.78 -72.21 36.37
CA ILE P 220 -28.14 -72.16 35.84
C ILE P 220 -29.05 -73.09 36.64
N GLN P 221 -30.07 -72.51 37.27
CA GLN P 221 -31.11 -73.28 37.95
C GLN P 221 -32.51 -72.93 37.44
N ASN P 222 -32.83 -71.63 37.41
CA ASN P 222 -34.19 -71.25 37.02
C ASN P 222 -34.49 -71.52 35.55
N PRO P 223 -33.64 -71.11 34.56
CA PRO P 223 -33.93 -71.40 33.15
C PRO P 223 -33.45 -72.78 32.71
N SER P 224 -33.86 -73.82 33.46
CA SER P 224 -33.37 -75.17 33.21
C SER P 224 -33.69 -75.67 31.81
N PHE P 225 -34.94 -75.46 31.36
CA PHE P 225 -35.38 -76.04 30.10
C PHE P 225 -34.58 -75.52 28.91
N SER P 226 -34.37 -74.19 28.87
CA SER P 226 -33.70 -73.59 27.70
C SER P 226 -32.28 -74.11 27.57
N GLN P 227 -31.55 -74.19 28.68
CA GLN P 227 -30.16 -74.62 28.63
C GLN P 227 -30.05 -76.13 28.48
N ILE P 228 -30.96 -76.89 29.11
CA ILE P 228 -30.90 -78.35 29.03
C ILE P 228 -31.12 -78.83 27.60
N ASN P 229 -31.78 -78.01 26.78
CA ASN P 229 -31.94 -78.31 25.36
C ASN P 229 -30.60 -78.58 24.70
N GLN P 230 -29.59 -77.75 25.02
CA GLN P 230 -28.27 -77.92 24.42
C GLN P 230 -27.65 -79.27 24.81
N LEU P 231 -27.76 -79.63 26.09
CA LEU P 231 -27.21 -80.91 26.54
C LEU P 231 -27.92 -82.07 25.84
N VAL P 232 -29.24 -81.97 25.71
CA VAL P 232 -30.01 -83.00 25.02
C VAL P 232 -29.59 -83.09 23.55
N SER P 233 -29.36 -81.95 22.92
CA SER P 233 -28.96 -81.91 21.52
C SER P 233 -27.60 -82.56 21.33
N THR P 234 -26.66 -82.27 22.24
CA THR P 234 -25.36 -82.94 22.18
C THR P 234 -25.50 -84.44 22.28
N ILE P 235 -26.35 -84.94 23.19
CA ILE P 235 -26.56 -86.38 23.29
C ILE P 235 -27.07 -86.92 21.96
N MET P 236 -28.08 -86.27 21.39
CA MET P 236 -28.70 -86.79 20.17
C MET P 236 -27.73 -86.79 19.00
N SER P 237 -26.95 -85.71 18.84
CA SER P 237 -25.99 -85.64 17.74
C SER P 237 -24.90 -86.70 17.90
N ALA P 238 -24.33 -86.81 19.11
CA ALA P 238 -23.28 -87.80 19.34
C ALA P 238 -23.80 -89.21 19.12
N SER P 239 -25.05 -89.48 19.51
CA SER P 239 -25.60 -90.83 19.39
C SER P 239 -25.71 -91.27 17.93
N THR P 240 -25.79 -90.33 16.99
CA THR P 240 -25.90 -90.63 15.58
C THR P 240 -24.61 -90.38 14.81
N THR P 241 -23.59 -89.77 15.45
CA THR P 241 -22.37 -89.41 14.73
C THR P 241 -21.73 -90.59 14.01
N THR P 242 -21.81 -91.81 14.56
CA THR P 242 -21.19 -92.94 13.87
C THR P 242 -21.93 -93.28 12.57
N LEU P 243 -23.22 -92.94 12.48
CA LEU P 243 -23.95 -93.08 11.23
C LEU P 243 -23.69 -91.90 10.30
N ARG P 244 -23.79 -90.68 10.82
CA ARG P 244 -23.58 -89.47 10.02
C ARG P 244 -22.17 -89.39 9.48
N TYR P 245 -21.20 -89.99 10.16
CA TYR P 245 -19.82 -90.07 9.72
C TYR P 245 -19.41 -91.52 9.51
N PRO P 246 -18.80 -91.87 8.37
CA PRO P 246 -18.56 -93.29 8.06
C PRO P 246 -17.57 -93.95 9.00
N GLY P 247 -17.60 -95.28 9.01
CA GLY P 247 -16.61 -96.04 9.76
C GLY P 247 -16.49 -97.47 9.29
N TYR P 248 -15.57 -98.20 9.93
CA TYR P 248 -15.34 -99.60 9.63
C TYR P 248 -16.55 -100.49 9.93
N MET P 249 -17.26 -100.23 11.01
CA MET P 249 -18.44 -101.01 11.37
C MET P 249 -19.55 -100.07 11.81
N ASN P 250 -20.72 -100.67 12.01
CA ASN P 250 -21.88 -99.94 12.51
C ASN P 250 -22.21 -98.80 11.57
N ASN P 251 -22.20 -99.09 10.27
CA ASN P 251 -22.51 -98.11 9.26
C ASN P 251 -24.00 -98.02 8.97
N ASP P 252 -24.83 -98.53 9.88
CA ASP P 252 -26.27 -98.39 9.74
C ASP P 252 -26.91 -98.53 11.13
N LEU P 253 -28.10 -97.94 11.26
CA LEU P 253 -28.76 -97.81 12.54
C LEU P 253 -29.02 -99.16 13.19
N ILE P 254 -29.55 -100.11 12.41
CA ILE P 254 -29.86 -101.42 12.98
C ILE P 254 -28.58 -102.10 13.47
N GLY P 255 -27.49 -101.94 12.71
CA GLY P 255 -26.21 -102.45 13.14
C GLY P 255 -25.77 -101.88 14.47
N LEU P 256 -26.09 -100.60 14.72
CA LEU P 256 -25.88 -100.10 16.07
C LEU P 256 -26.80 -100.82 17.05
N ILE P 257 -28.11 -100.83 16.76
CA ILE P 257 -29.13 -101.00 17.79
C ILE P 257 -29.12 -102.43 18.34
N ALA P 258 -28.76 -103.39 17.48
CA ALA P 258 -28.87 -104.81 17.84
C ALA P 258 -28.10 -105.13 19.12
N SER P 259 -26.85 -104.67 19.21
CA SER P 259 -26.05 -104.93 20.40
C SER P 259 -26.66 -104.26 21.63
N LEU P 260 -27.17 -103.05 21.47
CA LEU P 260 -27.66 -102.28 22.62
C LEU P 260 -28.92 -102.88 23.23
N ILE P 261 -29.84 -103.39 22.41
CA ILE P 261 -31.04 -104.04 22.90
C ILE P 261 -30.91 -105.55 22.68
N PRO P 262 -30.69 -106.34 23.77
CA PRO P 262 -30.51 -107.79 23.57
C PRO P 262 -31.81 -108.57 23.53
N THR P 263 -32.83 -108.11 24.28
CA THR P 263 -34.15 -108.73 24.33
C THR P 263 -35.21 -107.69 24.01
N PRO P 264 -36.30 -108.05 23.28
CA PRO P 264 -37.22 -107.01 22.80
C PRO P 264 -37.85 -106.14 23.88
N ARG P 265 -38.23 -106.72 25.02
CA ARG P 265 -38.89 -105.95 26.06
C ARG P 265 -37.97 -104.87 26.64
N LEU P 266 -36.72 -105.24 26.91
CA LEU P 266 -35.81 -104.35 27.64
C LEU P 266 -35.03 -103.53 26.60
N HIS P 267 -35.68 -102.48 26.10
CA HIS P 267 -35.18 -101.69 24.99
C HIS P 267 -35.01 -100.22 25.34
N PHE P 268 -34.80 -99.91 26.62
CA PHE P 268 -34.63 -98.54 27.11
C PHE P 268 -33.15 -98.33 27.40
N LEU P 269 -32.58 -97.27 26.84
CA LEU P 269 -31.13 -97.10 26.80
C LEU P 269 -30.70 -95.85 27.55
N MET P 270 -29.74 -96.02 28.46
CA MET P 270 -29.13 -94.98 29.26
C MET P 270 -28.03 -94.29 28.47
N THR P 271 -27.75 -93.05 28.82
CA THR P 271 -26.80 -92.19 28.13
C THR P 271 -25.66 -91.79 29.05
N GLY P 272 -24.57 -91.35 28.45
CA GLY P 272 -23.50 -90.74 29.22
C GLY P 272 -22.49 -90.06 28.31
N TYR P 273 -21.83 -89.03 28.84
CA TYR P 273 -20.90 -88.22 28.05
C TYR P 273 -19.68 -87.88 28.90
N THR P 274 -18.49 -88.20 28.39
CA THR P 274 -17.27 -88.03 29.20
C THR P 274 -16.99 -86.57 29.53
N PRO P 275 -16.68 -85.67 28.56
CA PRO P 275 -16.51 -84.27 28.95
C PRO P 275 -17.83 -83.54 28.97
N LEU P 276 -18.58 -83.68 30.07
CA LEU P 276 -19.78 -82.87 30.28
C LEU P 276 -19.45 -81.40 30.09
N THR P 277 -18.28 -80.98 30.54
CA THR P 277 -17.70 -79.69 30.17
C THR P 277 -16.80 -79.82 28.94
N THR P 278 -17.43 -80.19 27.82
CA THR P 278 -16.72 -80.21 26.54
C THR P 278 -16.34 -78.79 26.09
N ASP P 279 -16.99 -77.78 26.62
CA ASP P 279 -16.55 -76.40 26.42
C ASP P 279 -15.29 -76.13 27.23
N LYS P 287 -3.51 -83.70 26.06
CA LYS P 287 -4.72 -84.33 25.55
C LYS P 287 -5.09 -85.50 26.47
N THR P 288 -6.36 -85.88 26.47
CA THR P 288 -6.86 -86.95 27.31
C THR P 288 -6.81 -88.26 26.52
N THR P 289 -6.13 -89.25 27.07
CA THR P 289 -6.03 -90.53 26.40
C THR P 289 -7.33 -91.31 26.56
N VAL P 290 -7.49 -92.31 25.69
CA VAL P 290 -8.70 -93.13 25.68
C VAL P 290 -8.89 -93.84 27.02
N LEU P 291 -7.79 -94.27 27.66
CA LEU P 291 -7.89 -94.85 28.99
C LEU P 291 -8.61 -93.90 29.93
N ASP P 292 -8.21 -92.63 29.90
CA ASP P 292 -8.80 -91.65 30.79
C ASP P 292 -10.27 -91.46 30.46
N VAL P 293 -10.61 -91.19 29.19
CA VAL P 293 -12.01 -90.88 28.89
C VAL P 293 -12.91 -92.07 29.16
N MET P 294 -12.50 -93.28 28.73
CA MET P 294 -13.29 -94.48 28.91
C MET P 294 -13.33 -94.92 30.38
N ARG P 295 -12.47 -94.36 31.23
CA ARG P 295 -12.58 -94.57 32.67
C ARG P 295 -13.50 -93.53 33.31
N ARG P 296 -13.34 -92.25 32.97
CA ARG P 296 -14.23 -91.21 33.50
C ARG P 296 -15.68 -91.52 33.18
N LEU P 297 -15.93 -92.06 31.98
CA LEU P 297 -17.30 -92.17 31.49
C LEU P 297 -18.13 -93.07 32.40
N LEU P 298 -17.52 -94.11 32.96
CA LEU P 298 -18.25 -95.07 33.78
C LEU P 298 -18.67 -94.51 35.13
N GLN P 299 -18.02 -93.44 35.61
CA GLN P 299 -18.40 -92.88 36.91
C GLN P 299 -19.82 -92.33 36.84
N PRO P 300 -20.57 -92.32 37.97
CA PRO P 300 -21.97 -91.90 37.90
C PRO P 300 -22.18 -90.42 37.61
N LYS P 301 -21.18 -89.55 37.83
CA LYS P 301 -21.39 -88.13 37.53
C LYS P 301 -21.57 -87.91 36.04
N ASN P 302 -20.80 -88.60 35.21
CA ASN P 302 -20.95 -88.47 33.77
C ASN P 302 -22.27 -89.04 33.29
N VAL P 303 -22.87 -89.98 34.02
CA VAL P 303 -24.14 -90.56 33.63
C VAL P 303 -25.23 -89.48 33.76
N MET P 304 -26.22 -89.54 32.87
CA MET P 304 -27.22 -88.49 32.72
C MET P 304 -28.60 -88.97 33.16
N VAL P 305 -28.65 -89.99 34.02
CA VAL P 305 -29.89 -90.58 34.51
C VAL P 305 -29.87 -90.55 36.03
N SER P 306 -31.03 -90.25 36.63
CA SER P 306 -31.15 -90.11 38.08
C SER P 306 -31.58 -91.42 38.72
N THR P 313 -31.11 -105.27 46.92
CA THR P 313 -31.10 -106.10 45.72
C THR P 313 -30.00 -105.67 44.76
N ASN P 314 -29.29 -106.66 44.22
CA ASN P 314 -28.25 -106.39 43.24
C ASN P 314 -28.86 -105.71 42.01
N HIS P 315 -28.05 -104.90 41.33
CA HIS P 315 -28.42 -104.29 40.06
C HIS P 315 -27.22 -104.32 39.13
N CYS P 316 -27.49 -104.42 37.83
CA CYS P 316 -26.43 -104.72 36.87
C CYS P 316 -26.79 -104.19 35.49
N TYR P 317 -25.78 -103.82 34.72
CA TYR P 317 -25.96 -103.56 33.30
C TYR P 317 -26.30 -104.86 32.58
N ILE P 318 -26.99 -104.72 31.44
CA ILE P 318 -27.15 -105.84 30.51
C ILE P 318 -26.08 -105.80 29.43
N ALA P 319 -25.79 -104.61 28.90
CA ALA P 319 -24.74 -104.44 27.90
C ALA P 319 -24.38 -102.97 27.80
N ILE P 320 -23.14 -102.69 27.38
CA ILE P 320 -22.61 -101.34 27.30
C ILE P 320 -21.96 -101.15 25.94
N LEU P 321 -22.03 -99.93 25.42
CA LEU P 321 -21.28 -99.54 24.24
C LEU P 321 -20.79 -98.11 24.43
N ASN P 322 -19.62 -97.82 23.87
CA ASN P 322 -19.03 -96.48 23.94
C ASN P 322 -18.43 -96.11 22.59
N ILE P 323 -18.67 -94.86 22.19
CA ILE P 323 -18.17 -94.28 20.95
C ILE P 323 -17.33 -93.07 21.32
N ILE P 324 -16.13 -93.00 20.76
CA ILE P 324 -15.17 -91.94 21.03
C ILE P 324 -14.92 -91.19 19.73
N GLN P 325 -14.93 -89.85 19.78
CA GLN P 325 -14.64 -89.03 18.60
C GLN P 325 -13.52 -88.06 18.98
N GLY P 326 -12.35 -88.23 18.37
CA GLY P 326 -11.28 -87.28 18.59
C GLY P 326 -9.95 -87.79 18.05
N GLU P 327 -8.89 -87.16 18.53
CA GLU P 327 -7.51 -87.55 18.20
C GLU P 327 -7.17 -88.77 19.04
N VAL P 328 -7.65 -89.92 18.58
CA VAL P 328 -7.50 -91.18 19.30
C VAL P 328 -6.43 -92.02 18.62
N ASP P 329 -5.38 -92.33 19.37
CA ASP P 329 -4.35 -93.22 18.87
C ASP P 329 -4.92 -94.64 18.76
N PRO P 330 -4.64 -95.36 17.66
CA PRO P 330 -5.38 -96.62 17.45
C PRO P 330 -4.86 -97.78 18.27
N THR P 331 -3.53 -97.90 18.46
CA THR P 331 -2.99 -99.05 19.17
C THR P 331 -3.40 -99.07 20.64
N GLN P 332 -3.67 -97.91 21.22
CA GLN P 332 -4.00 -97.86 22.64
C GLN P 332 -5.46 -98.18 22.96
N VAL P 333 -6.37 -98.24 21.97
CA VAL P 333 -7.78 -98.45 22.29
C VAL P 333 -7.99 -99.85 22.85
N HIS P 334 -7.32 -100.84 22.29
CA HIS P 334 -7.41 -102.20 22.81
C HIS P 334 -6.80 -102.30 24.20
N LYS P 335 -5.62 -101.70 24.40
CA LYS P 335 -5.00 -101.71 25.72
C LYS P 335 -5.90 -100.99 26.74
N SER P 336 -6.64 -99.98 26.27
CA SER P 336 -7.60 -99.29 27.12
C SER P 336 -8.75 -100.20 27.53
N LEU P 337 -9.24 -100.99 26.57
CA LEU P 337 -10.26 -101.97 26.91
C LEU P 337 -9.74 -102.93 27.97
N GLN P 338 -8.49 -103.37 27.81
CA GLN P 338 -7.87 -104.27 28.79
C GLN P 338 -7.80 -103.59 30.15
N ARG P 339 -7.41 -102.31 30.15
CA ARG P 339 -7.21 -101.57 31.39
C ARG P 339 -8.54 -101.39 32.12
N ILE P 340 -9.60 -101.06 31.38
CA ILE P 340 -10.92 -100.96 32.00
C ILE P 340 -11.38 -102.32 32.50
N ARG P 341 -10.98 -103.40 31.83
CA ARG P 341 -11.30 -104.73 32.36
C ARG P 341 -10.65 -104.91 33.73
N GLU P 342 -9.42 -104.42 33.88
CA GLU P 342 -8.75 -104.52 35.17
C GLU P 342 -9.41 -103.61 36.21
N ARG P 343 -9.78 -102.39 35.80
CA ARG P 343 -10.41 -101.47 36.76
C ARG P 343 -11.74 -102.00 37.25
N LYS P 344 -12.54 -102.59 36.37
CA LYS P 344 -13.84 -103.17 36.73
C LYS P 344 -14.76 -102.10 37.34
N LEU P 345 -14.69 -100.88 36.79
CA LEU P 345 -15.50 -99.80 37.31
C LEU P 345 -16.99 -100.03 37.07
N ALA P 346 -17.34 -100.70 35.98
CA ALA P 346 -18.72 -101.00 35.63
C ALA P 346 -19.02 -102.44 36.03
N ASN P 347 -19.94 -102.61 36.96
CA ASN P 347 -20.25 -103.91 37.54
C ASN P 347 -21.49 -104.48 36.86
N PHE P 348 -21.34 -105.65 36.24
CA PHE P 348 -22.46 -106.27 35.55
C PHE P 348 -22.25 -107.77 35.46
N ILE P 349 -23.28 -108.52 35.87
CA ILE P 349 -23.32 -109.97 35.76
C ILE P 349 -24.72 -110.36 35.28
N PRO P 350 -25.14 -109.90 34.10
CA PRO P 350 -26.50 -110.18 33.65
C PRO P 350 -26.58 -111.57 33.02
N TRP P 351 -27.80 -111.91 32.60
CA TRP P 351 -27.97 -113.08 31.73
C TRP P 351 -27.19 -112.88 30.44
N GLY P 352 -27.05 -111.64 29.99
CA GLY P 352 -26.40 -111.31 28.75
C GLY P 352 -24.90 -111.62 28.77
N PRO P 353 -24.35 -112.07 27.65
CA PRO P 353 -22.88 -112.16 27.51
C PRO P 353 -22.25 -110.94 26.86
N ALA P 354 -23.05 -109.94 26.48
CA ALA P 354 -22.56 -108.86 25.65
C ALA P 354 -21.64 -107.96 26.46
N SER P 355 -20.38 -107.88 26.04
CA SER P 355 -19.37 -107.12 26.76
C SER P 355 -19.17 -105.75 26.12
N ILE P 356 -18.55 -104.85 26.89
CA ILE P 356 -18.35 -103.49 26.43
C ILE P 356 -17.40 -103.45 25.26
N GLN P 357 -17.66 -102.55 24.32
CA GLN P 357 -16.94 -102.48 23.05
C GLN P 357 -16.47 -101.04 22.82
N VAL P 358 -15.22 -100.89 22.40
CA VAL P 358 -14.64 -99.57 22.11
C VAL P 358 -14.87 -99.29 20.63
N ALA P 359 -15.66 -98.26 20.34
CA ALA P 359 -15.91 -97.82 18.97
C ALA P 359 -15.41 -96.40 18.78
N LEU P 360 -15.12 -96.05 17.52
CA LEU P 360 -14.54 -94.76 17.18
C LEU P 360 -15.32 -94.16 16.03
N SER P 361 -15.48 -92.83 16.09
CA SER P 361 -16.12 -92.05 15.05
C SER P 361 -15.27 -90.81 14.80
N ARG P 362 -15.63 -90.06 13.77
CA ARG P 362 -14.82 -88.95 13.28
C ARG P 362 -15.33 -87.65 13.88
N LYS P 363 -14.44 -86.94 14.57
CA LYS P 363 -14.73 -85.56 14.97
C LYS P 363 -14.73 -84.69 13.73
N SER P 364 -15.71 -83.79 13.66
CA SER P 364 -15.96 -83.03 12.45
C SER P 364 -15.06 -81.80 12.40
N PRO P 365 -14.78 -81.25 11.19
CA PRO P 365 -14.08 -79.97 11.11
C PRO P 365 -15.02 -78.77 11.24
N TYR P 366 -14.45 -77.56 11.18
CA TYR P 366 -15.13 -76.26 11.21
C TYR P 366 -15.71 -75.86 12.57
N LEU P 367 -15.88 -76.80 13.50
CA LEU P 367 -16.37 -76.47 14.82
C LEU P 367 -15.20 -76.55 15.80
N PRO P 368 -15.30 -75.97 17.00
CA PRO P 368 -14.17 -76.03 17.93
C PRO P 368 -13.83 -77.47 18.31
N SER P 369 -12.52 -77.73 18.39
CA SER P 369 -11.99 -79.04 18.77
C SER P 369 -11.60 -79.08 20.24
N ALA P 370 -12.20 -78.24 21.07
CA ALA P 370 -11.90 -78.23 22.49
C ALA P 370 -12.22 -79.58 23.12
N HIS P 371 -11.36 -80.01 24.04
CA HIS P 371 -11.35 -81.39 24.53
C HIS P 371 -11.32 -82.34 23.33
N ARG P 372 -10.15 -82.32 22.67
CA ARG P 372 -9.90 -83.02 21.41
C ARG P 372 -10.48 -84.43 21.39
N VAL P 373 -10.33 -85.16 22.49
CA VAL P 373 -10.93 -86.48 22.66
C VAL P 373 -12.17 -86.35 23.54
N SER P 374 -13.30 -86.85 23.04
CA SER P 374 -14.58 -86.73 23.72
C SER P 374 -15.45 -87.91 23.34
N GLY P 375 -16.13 -88.52 24.32
CA GLY P 375 -16.84 -89.75 24.11
C GLY P 375 -18.23 -89.79 24.75
N LEU P 376 -18.98 -90.82 24.35
CA LEU P 376 -20.33 -91.08 24.83
C LEU P 376 -20.52 -92.58 25.03
N MET P 377 -21.45 -92.93 25.93
CA MET P 377 -21.87 -94.32 26.11
C MET P 377 -23.38 -94.41 25.97
N MET P 378 -23.79 -95.52 25.35
CA MET P 378 -25.18 -95.97 25.33
C MET P 378 -25.19 -97.36 25.99
N ALA P 379 -26.05 -97.53 26.99
CA ALA P 379 -26.01 -98.77 27.78
C ALA P 379 -27.41 -99.20 28.18
N ASN P 380 -27.59 -100.52 28.32
CA ASN P 380 -28.80 -101.09 28.89
C ASN P 380 -28.54 -101.39 30.36
N HIS P 381 -29.22 -100.65 31.25
CA HIS P 381 -29.03 -100.74 32.69
C HIS P 381 -30.35 -101.00 33.39
N THR P 382 -30.33 -101.86 34.40
CA THR P 382 -31.53 -102.21 35.14
C THR P 382 -32.01 -101.08 36.06
N SER P 383 -31.16 -100.07 36.32
CA SER P 383 -31.54 -99.02 37.25
C SER P 383 -32.72 -98.21 36.76
N ILE P 384 -32.89 -98.09 35.44
CA ILE P 384 -34.00 -97.32 34.89
C ILE P 384 -35.36 -97.91 35.28
N SER P 385 -35.38 -99.19 35.64
CA SER P 385 -36.59 -99.78 36.21
C SER P 385 -37.04 -99.01 37.44
N SER P 386 -36.09 -98.50 38.23
CA SER P 386 -36.45 -97.69 39.38
C SER P 386 -37.19 -96.44 38.96
N LEU P 387 -36.71 -95.76 37.92
CA LEU P 387 -37.38 -94.55 37.46
C LEU P 387 -38.77 -94.84 36.93
N PHE P 388 -38.93 -95.96 36.22
CA PHE P 388 -40.29 -96.36 35.84
C PHE P 388 -41.15 -96.63 37.07
N GLU P 389 -40.60 -97.32 38.05
CA GLU P 389 -41.38 -97.69 39.23
C GLU P 389 -41.76 -96.47 40.04
N ARG P 390 -40.97 -95.39 39.98
CA ARG P 390 -41.36 -94.17 40.69
C ARG P 390 -42.65 -93.57 40.12
N THR P 391 -42.77 -93.49 38.80
CA THR P 391 -44.02 -92.97 38.24
C THR P 391 -45.16 -93.97 38.42
N CYS P 392 -44.87 -95.29 38.38
CA CYS P 392 -45.92 -96.23 38.74
C CYS P 392 -46.34 -96.10 40.21
N ARG P 393 -45.41 -95.73 41.09
CA ARG P 393 -45.75 -95.51 42.50
C ARG P 393 -46.64 -94.29 42.66
N GLN P 394 -46.28 -93.20 42.00
CA GLN P 394 -47.14 -92.01 42.00
C GLN P 394 -48.51 -92.34 41.44
N TYR P 395 -48.55 -93.11 40.35
CA TYR P 395 -49.81 -93.49 39.74
C TYR P 395 -50.65 -94.34 40.70
N ASP P 396 -50.03 -95.29 41.38
CA ASP P 396 -50.76 -96.17 42.27
C ASP P 396 -51.37 -95.40 43.42
N LYS P 397 -50.59 -94.49 44.02
CA LYS P 397 -51.12 -93.65 45.09
C LYS P 397 -52.27 -92.79 44.59
N LEU P 398 -52.06 -92.13 43.44
CA LEU P 398 -53.09 -91.29 42.85
C LEU P 398 -54.32 -92.10 42.50
N ARG P 399 -54.12 -93.36 42.10
CA ARG P 399 -55.22 -94.23 41.67
C ARG P 399 -56.06 -94.66 42.86
N LYS P 400 -55.42 -94.99 43.98
CA LYS P 400 -56.18 -95.27 45.19
C LYS P 400 -56.97 -94.04 45.63
N ARG P 401 -56.36 -92.86 45.52
CA ARG P 401 -57.11 -91.66 45.89
C ARG P 401 -58.26 -91.39 44.93
N GLU P 402 -58.07 -91.65 43.63
CA GLU P 402 -58.87 -91.05 42.55
C GLU P 402 -58.92 -89.53 42.68
N ALA P 403 -57.84 -88.94 43.22
CA ALA P 403 -57.80 -87.50 43.39
C ALA P 403 -57.83 -86.80 42.05
N PHE P 404 -57.13 -87.36 41.06
CA PHE P 404 -57.12 -86.85 39.70
C PHE P 404 -57.44 -88.00 38.74
N LEU P 405 -58.75 -88.29 38.62
CA LEU P 405 -59.27 -89.05 37.48
C LEU P 405 -59.55 -88.16 36.28
N GLU P 406 -59.48 -86.83 36.46
CA GLU P 406 -59.73 -85.85 35.37
C GLU P 406 -61.22 -85.92 35.01
N GLN P 407 -61.72 -87.10 34.65
CA GLN P 407 -63.16 -87.32 34.37
C GLN P 407 -63.76 -86.17 33.57
N PHE P 408 -62.99 -85.54 32.68
CA PHE P 408 -63.55 -84.51 31.79
C PHE P 408 -64.58 -85.25 30.94
N ARG P 409 -65.39 -84.59 30.12
CA ARG P 409 -66.26 -85.37 29.24
C ARG P 409 -65.45 -86.03 28.12
N LYS P 410 -64.45 -85.33 27.56
CA LYS P 410 -63.51 -86.00 26.68
C LYS P 410 -62.89 -87.23 27.33
N GLU P 411 -62.43 -87.06 28.58
CA GLU P 411 -61.68 -88.11 29.28
C GLU P 411 -62.54 -89.35 29.45
N ASP P 412 -63.69 -89.14 30.03
CA ASP P 412 -64.54 -90.21 30.45
C ASP P 412 -65.22 -90.87 29.23
N MET P 413 -65.67 -90.09 28.27
CA MET P 413 -66.27 -90.65 27.07
C MET P 413 -65.23 -91.48 26.30
N PHE P 414 -63.98 -90.99 26.23
CA PHE P 414 -62.95 -91.78 25.57
C PHE P 414 -62.70 -93.09 26.29
N LYS P 415 -62.63 -93.06 27.64
CA LYS P 415 -62.44 -94.27 28.44
C LYS P 415 -63.38 -94.24 29.66
N ASP P 416 -64.58 -94.78 29.45
CA ASP P 416 -65.53 -94.91 30.55
C ASP P 416 -65.06 -95.98 31.53
N ASN P 417 -64.63 -97.13 31.00
CA ASN P 417 -64.21 -98.23 31.85
C ASN P 417 -62.98 -97.86 32.67
N PHE P 418 -62.14 -96.96 32.15
CA PHE P 418 -60.89 -96.55 32.79
C PHE P 418 -59.95 -97.75 32.94
N ASP P 419 -60.09 -98.74 32.05
CA ASP P 419 -59.43 -100.03 32.19
C ASP P 419 -58.17 -100.15 31.34
N GLU P 420 -57.99 -99.27 30.35
CA GLU P 420 -56.69 -99.18 29.70
C GLU P 420 -55.61 -98.79 30.70
N MET P 421 -55.99 -98.07 31.75
CA MET P 421 -55.05 -97.69 32.79
C MET P 421 -54.56 -98.93 33.54
N ASP P 422 -55.46 -99.85 33.87
CA ASP P 422 -55.05 -101.10 34.52
C ASP P 422 -54.28 -101.99 33.56
N THR P 423 -54.65 -101.99 32.28
CA THR P 423 -53.88 -102.75 31.29
C THR P 423 -52.45 -102.22 31.22
N SER P 424 -52.28 -100.90 31.22
CA SER P 424 -50.96 -100.30 31.26
C SER P 424 -50.24 -100.65 32.56
N ARG P 425 -50.98 -100.69 33.67
CA ARG P 425 -50.34 -100.99 34.95
C ARG P 425 -49.79 -102.42 34.94
N GLU P 426 -50.56 -103.38 34.43
CA GLU P 426 -50.04 -104.75 34.39
C GLU P 426 -48.90 -104.89 33.39
N ILE P 427 -48.97 -104.19 32.25
CA ILE P 427 -47.90 -104.29 31.26
C ILE P 427 -46.61 -103.70 31.82
N VAL P 428 -46.70 -102.53 32.44
CA VAL P 428 -45.48 -101.91 32.99
C VAL P 428 -44.99 -102.71 34.20
N GLN P 429 -45.89 -103.34 34.95
CA GLN P 429 -45.45 -104.19 36.04
C GLN P 429 -44.70 -105.42 35.50
N GLN P 430 -45.18 -105.96 34.38
CA GLN P 430 -44.42 -107.01 33.68
C GLN P 430 -43.04 -106.51 33.31
N LEU P 431 -42.94 -105.27 32.85
CA LEU P 431 -41.63 -104.71 32.48
C LEU P 431 -40.72 -104.61 33.70
N ILE P 432 -41.25 -104.13 34.84
CA ILE P 432 -40.44 -104.05 36.06
C ILE P 432 -39.95 -105.44 36.46
N ASP P 433 -40.87 -106.41 36.46
CA ASP P 433 -40.52 -107.77 36.84
C ASP P 433 -39.49 -108.35 35.88
N GLU P 434 -39.62 -108.02 34.59
CA GLU P 434 -38.67 -108.50 33.59
C GLU P 434 -37.28 -107.92 33.82
N TYR P 435 -37.19 -106.63 34.16
CA TYR P 435 -35.90 -106.05 34.53
C TYR P 435 -35.27 -106.81 35.69
N HIS P 436 -36.03 -107.00 36.77
CA HIS P 436 -35.46 -107.70 37.92
C HIS P 436 -35.18 -109.17 37.61
N ALA P 437 -35.94 -109.79 36.71
CA ALA P 437 -35.61 -111.13 36.26
C ALA P 437 -34.30 -111.14 35.48
N ALA P 438 -34.07 -110.11 34.66
CA ALA P 438 -32.79 -109.98 33.98
C ALA P 438 -31.65 -109.87 34.98
N THR P 439 -31.90 -109.17 36.10
CA THR P 439 -30.92 -109.19 37.19
C THR P 439 -30.70 -110.61 37.70
N ARG P 440 -31.76 -111.40 37.83
CA ARG P 440 -31.60 -112.75 38.36
C ARG P 440 -30.77 -113.63 37.44
N PRO P 441 -30.17 -114.73 37.96
CA PRO P 441 -29.33 -115.58 37.11
C PRO P 441 -30.08 -116.38 36.07
N ASP P 442 -31.41 -116.44 36.13
CA ASP P 442 -32.19 -117.41 35.38
C ASP P 442 -33.21 -116.73 34.48
N TYR P 443 -32.78 -115.73 33.71
CA TYR P 443 -33.62 -115.15 32.68
C TYR P 443 -33.71 -116.06 31.46
N ILE P 444 -32.96 -117.16 31.44
CA ILE P 444 -33.17 -118.21 30.45
C ILE P 444 -34.61 -118.70 30.50
N SER P 445 -35.17 -118.80 31.70
CA SER P 445 -36.60 -119.04 31.85
C SER P 445 -37.38 -117.78 31.52
N TRP P 446 -38.70 -117.94 31.37
CA TRP P 446 -39.55 -116.81 30.99
C TRP P 446 -39.45 -115.68 32.00
N GLY P 447 -39.35 -114.46 31.49
CA GLY P 447 -39.22 -113.26 32.31
C GLY P 447 -40.51 -112.45 32.34
N ARG Q 3 -51.14 -78.97 -38.68
CA ARG Q 3 -52.01 -77.90 -39.14
C ARG Q 3 -52.44 -77.03 -37.94
N GLU Q 4 -52.78 -75.78 -38.22
CA GLU Q 4 -53.09 -74.82 -37.17
C GLU Q 4 -54.42 -75.15 -36.48
N ILE Q 5 -54.50 -74.78 -35.20
CA ILE Q 5 -55.66 -75.06 -34.35
C ILE Q 5 -56.41 -73.75 -34.10
N ILE Q 6 -57.74 -73.79 -34.20
CA ILE Q 6 -58.58 -72.61 -33.98
C ILE Q 6 -59.37 -72.85 -32.70
N THR Q 7 -59.37 -71.85 -31.80
CA THR Q 7 -60.03 -71.97 -30.51
C THR Q 7 -61.32 -71.15 -30.49
N LEU Q 8 -62.45 -71.85 -30.36
CA LEU Q 8 -63.78 -71.24 -30.40
C LEU Q 8 -64.29 -71.01 -28.98
N GLN Q 9 -63.80 -69.96 -28.35
CA GLN Q 9 -64.18 -69.67 -26.97
C GLN Q 9 -65.48 -68.87 -26.93
N LEU Q 10 -66.44 -69.37 -26.15
CA LEU Q 10 -67.81 -68.90 -26.15
C LEU Q 10 -68.35 -68.89 -24.73
N GLY Q 11 -69.36 -68.06 -24.50
CA GLY Q 11 -69.93 -67.93 -23.18
C GLY Q 11 -69.04 -67.09 -22.27
N GLN Q 12 -69.64 -66.59 -21.20
CA GLN Q 12 -68.90 -65.72 -20.28
C GLN Q 12 -67.74 -66.48 -19.62
N CYS Q 13 -68.04 -67.64 -19.04
CA CYS Q 13 -67.00 -68.46 -18.41
C CYS Q 13 -65.96 -68.93 -19.42
N GLY Q 14 -66.43 -69.41 -20.57
CA GLY Q 14 -65.50 -69.89 -21.59
C GLY Q 14 -64.58 -68.79 -22.09
N ASN Q 15 -65.12 -67.58 -22.25
CA ASN Q 15 -64.31 -66.46 -22.67
C ASN Q 15 -63.32 -66.07 -21.58
N GLN Q 16 -63.72 -66.20 -20.30
CA GLN Q 16 -62.78 -65.90 -19.23
C GLN Q 16 -61.59 -66.86 -19.26
N ILE Q 17 -61.87 -68.16 -19.43
CA ILE Q 17 -60.77 -69.13 -19.41
C ILE Q 17 -59.94 -69.08 -20.68
N GLY Q 18 -60.54 -68.74 -21.82
CA GLY Q 18 -59.76 -68.58 -23.04
C GLY Q 18 -58.89 -67.35 -23.00
N PHE Q 19 -59.44 -66.27 -22.44
CA PHE Q 19 -58.66 -65.07 -22.18
C PHE Q 19 -57.44 -65.39 -21.34
N GLU Q 20 -57.65 -66.09 -20.22
CA GLU Q 20 -56.52 -66.38 -19.35
C GLU Q 20 -55.54 -67.34 -20.02
N PHE Q 21 -56.04 -68.30 -20.81
CA PHE Q 21 -55.16 -69.24 -21.50
C PHE Q 21 -54.28 -68.51 -22.51
N TRP Q 22 -54.86 -67.62 -23.30
CA TRP Q 22 -54.07 -66.89 -24.28
C TRP Q 22 -53.11 -65.93 -23.61
N LYS Q 23 -53.48 -65.33 -22.48
CA LYS Q 23 -52.53 -64.53 -21.73
C LYS Q 23 -51.39 -65.40 -21.18
N GLN Q 24 -51.73 -66.61 -20.73
CA GLN Q 24 -50.71 -67.52 -20.21
C GLN Q 24 -49.72 -67.88 -21.31
N LEU Q 25 -50.22 -68.16 -22.51
CA LEU Q 25 -49.31 -68.43 -23.62
C LEU Q 25 -48.62 -67.19 -24.14
N CYS Q 26 -49.17 -66.00 -23.91
CA CYS Q 26 -48.43 -64.77 -24.18
C CYS Q 26 -47.19 -64.68 -23.32
N ALA Q 27 -47.37 -64.82 -22.01
CA ALA Q 27 -46.22 -64.79 -21.11
C ALA Q 27 -45.26 -65.92 -21.41
N GLU Q 28 -45.77 -67.13 -21.64
CA GLU Q 28 -44.91 -68.29 -21.81
C GLU Q 28 -44.12 -68.20 -23.11
N HIS Q 29 -44.75 -67.75 -24.19
CA HIS Q 29 -44.05 -67.53 -25.45
C HIS Q 29 -43.38 -66.16 -25.43
N GLY Q 30 -42.60 -65.86 -26.47
CA GLY Q 30 -41.98 -64.56 -26.59
C GLY Q 30 -42.92 -63.53 -27.17
N ILE Q 31 -43.97 -63.19 -26.42
CA ILE Q 31 -45.01 -62.28 -26.87
C ILE Q 31 -45.32 -61.30 -25.74
N SER Q 32 -45.49 -60.02 -26.10
CA SER Q 32 -45.81 -58.95 -25.16
C SER Q 32 -47.31 -58.71 -25.18
N PRO Q 33 -47.87 -57.83 -24.34
CA PRO Q 33 -49.32 -57.60 -24.41
C PRO Q 33 -49.80 -56.98 -25.71
N GLU Q 34 -48.92 -56.41 -26.53
CA GLU Q 34 -49.29 -55.86 -27.84
C GLU Q 34 -49.05 -56.85 -28.98
N GLY Q 35 -48.64 -58.07 -28.68
CA GLY Q 35 -48.42 -59.08 -29.70
C GLY Q 35 -47.09 -58.99 -30.41
N ILE Q 36 -46.27 -57.99 -30.11
CA ILE Q 36 -44.96 -57.85 -30.77
C ILE Q 36 -44.01 -58.90 -30.20
N VAL Q 37 -43.10 -59.39 -31.06
CA VAL Q 37 -42.08 -60.33 -30.61
C VAL Q 37 -41.26 -59.66 -29.51
N GLU Q 38 -41.05 -60.39 -28.43
CA GLU Q 38 -40.35 -59.82 -27.29
C GLU Q 38 -38.86 -59.69 -27.59
N GLU Q 39 -38.29 -58.55 -27.19
N GLU Q 39 -38.29 -58.55 -27.19
CA GLU Q 39 -36.87 -58.31 -27.45
CA GLU Q 39 -36.87 -58.31 -27.45
C GLU Q 39 -36.00 -59.33 -26.74
C GLU Q 39 -36.00 -59.33 -26.74
N PHE Q 40 -36.35 -59.69 -25.51
CA PHE Q 40 -35.51 -60.60 -24.72
C PHE Q 40 -35.39 -61.97 -25.38
N ALA Q 41 -36.43 -62.40 -26.10
CA ALA Q 41 -36.42 -63.69 -26.77
C ALA Q 41 -35.35 -63.71 -27.85
N THR Q 45 -37.11 -70.95 -30.71
CA THR Q 45 -36.87 -72.38 -30.53
C THR Q 45 -38.16 -73.20 -30.43
N ASP Q 46 -39.32 -72.55 -30.57
CA ASP Q 46 -40.61 -73.20 -30.36
C ASP Q 46 -41.46 -73.11 -31.63
N ARG Q 47 -42.43 -74.03 -31.73
CA ARG Q 47 -43.40 -74.04 -32.83
C ARG Q 47 -44.59 -73.18 -32.43
N LYS Q 48 -44.49 -71.89 -32.73
CA LYS Q 48 -45.59 -70.95 -32.55
C LYS Q 48 -46.60 -71.00 -33.68
N ASP Q 49 -46.33 -71.76 -34.75
CA ASP Q 49 -47.18 -71.76 -35.93
C ASP Q 49 -48.61 -72.19 -35.62
N VAL Q 50 -48.76 -73.27 -34.85
CA VAL Q 50 -50.07 -73.91 -34.68
C VAL Q 50 -51.04 -72.97 -33.98
N PHE Q 51 -50.57 -72.31 -32.91
CA PHE Q 51 -51.45 -71.58 -32.01
C PHE Q 51 -51.46 -70.06 -32.23
N PHE Q 52 -50.42 -69.49 -32.84
CA PHE Q 52 -50.34 -68.06 -33.08
C PHE Q 52 -50.14 -67.76 -34.57
N TYR Q 53 -51.07 -66.99 -35.14
CA TYR Q 53 -50.93 -66.51 -36.51
C TYR Q 53 -49.83 -65.45 -36.59
N GLN Q 54 -49.10 -65.49 -37.70
CA GLN Q 54 -47.93 -64.64 -37.92
C GLN Q 54 -48.34 -63.44 -38.76
N ALA Q 55 -48.30 -62.24 -38.17
CA ALA Q 55 -48.40 -61.04 -38.98
C ALA Q 55 -47.03 -60.66 -39.53
N ASP Q 56 -47.03 -59.71 -40.47
CA ASP Q 56 -45.78 -59.31 -41.11
C ASP Q 56 -44.83 -58.66 -40.12
N ASP Q 57 -45.36 -57.83 -39.22
CA ASP Q 57 -44.56 -57.07 -38.25
C ASP Q 57 -44.57 -57.76 -36.89
N GLU Q 58 -44.52 -59.09 -36.90
CA GLU Q 58 -44.38 -59.92 -35.70
C GLU Q 58 -45.50 -59.68 -34.69
N HIS Q 59 -46.71 -59.41 -35.19
CA HIS Q 59 -47.90 -59.47 -34.34
C HIS Q 59 -48.36 -60.92 -34.33
N TYR Q 60 -48.10 -61.59 -33.22
CA TYR Q 60 -48.51 -62.98 -33.02
C TYR Q 60 -49.91 -62.97 -32.42
N ILE Q 61 -50.89 -62.91 -33.31
CA ILE Q 61 -52.30 -62.85 -32.92
C ILE Q 61 -52.82 -64.29 -32.86
N PRO Q 62 -53.40 -64.75 -31.75
CA PRO Q 62 -53.92 -66.12 -31.73
C PRO Q 62 -55.18 -66.26 -32.57
N ARG Q 63 -55.43 -67.48 -33.04
CA ARG Q 63 -56.66 -67.79 -33.77
C ARG Q 63 -57.81 -68.06 -32.80
N ALA Q 64 -58.14 -67.01 -32.04
CA ALA Q 64 -59.22 -67.03 -31.06
C ALA Q 64 -60.49 -66.50 -31.70
N VAL Q 65 -61.56 -67.27 -31.61
CA VAL Q 65 -62.89 -66.84 -32.00
C VAL Q 65 -63.66 -66.63 -30.71
N LEU Q 66 -63.90 -65.36 -30.37
CA LEU Q 66 -64.57 -64.98 -29.14
C LEU Q 66 -66.03 -64.72 -29.45
N LEU Q 67 -66.92 -65.56 -28.93
CA LEU Q 67 -68.35 -65.44 -29.16
C LEU Q 67 -69.01 -64.90 -27.90
N ASP Q 68 -69.70 -63.76 -28.02
CA ASP Q 68 -70.40 -63.13 -26.92
C ASP Q 68 -71.90 -63.16 -27.15
N LEU Q 69 -72.64 -63.42 -26.07
CA LEU Q 69 -74.10 -63.39 -26.09
C LEU Q 69 -74.56 -62.68 -24.83
N GLU Q 70 -75.34 -61.61 -25.00
CA GLU Q 70 -75.73 -60.74 -23.90
C GLU Q 70 -74.48 -60.23 -23.19
N PRO Q 71 -73.59 -59.55 -23.89
CA PRO Q 71 -72.22 -59.35 -23.37
C PRO Q 71 -72.16 -58.49 -22.12
N ARG Q 72 -71.48 -59.01 -21.09
CA ARG Q 72 -71.09 -58.21 -19.95
C ARG Q 72 -69.57 -58.26 -19.72
N VAL Q 73 -69.01 -59.48 -19.68
CA VAL Q 73 -67.58 -59.63 -19.41
C VAL Q 73 -66.73 -59.45 -20.66
N ILE Q 74 -67.34 -59.47 -21.85
CA ILE Q 74 -66.55 -59.30 -23.05
C ILE Q 74 -66.12 -57.85 -23.19
N HIS Q 75 -66.88 -56.92 -22.61
CA HIS Q 75 -66.45 -55.53 -22.56
C HIS Q 75 -65.21 -55.40 -21.67
N SER Q 76 -65.18 -56.14 -20.56
CA SER Q 76 -64.01 -56.15 -19.70
C SER Q 76 -62.82 -56.79 -20.43
N ILE Q 77 -63.09 -57.81 -21.23
CA ILE Q 77 -62.04 -58.38 -22.07
C ILE Q 77 -61.48 -57.32 -23.01
N LEU Q 78 -62.37 -56.52 -23.61
CA LEU Q 78 -61.91 -55.48 -24.53
C LEU Q 78 -61.04 -54.44 -23.83
N ASN Q 79 -61.44 -53.95 -22.65
CA ASN Q 79 -60.67 -52.88 -22.01
C ASN Q 79 -59.51 -53.48 -21.19
N SER Q 80 -58.61 -54.13 -21.91
CA SER Q 80 -57.47 -54.83 -21.32
C SER Q 80 -56.23 -54.50 -22.13
N PRO Q 81 -55.04 -54.64 -21.55
CA PRO Q 81 -53.81 -54.40 -22.34
C PRO Q 81 -53.65 -55.32 -23.53
N TYR Q 82 -54.23 -56.52 -23.47
CA TYR Q 82 -54.00 -57.54 -24.48
C TYR Q 82 -55.01 -57.49 -25.62
N ALA Q 83 -55.90 -56.49 -25.62
CA ALA Q 83 -56.85 -56.32 -26.71
C ALA Q 83 -56.12 -56.22 -28.04
N LYS Q 84 -54.98 -55.52 -28.06
CA LYS Q 84 -54.19 -55.48 -29.29
C LYS Q 84 -53.56 -56.83 -29.59
N LEU Q 85 -53.27 -57.65 -28.57
CA LEU Q 85 -52.76 -58.99 -28.83
C LEU Q 85 -53.78 -59.80 -29.61
N TYR Q 86 -55.02 -59.87 -29.13
CA TYR Q 86 -56.08 -60.62 -29.80
C TYR Q 86 -56.91 -59.62 -30.61
N ASN Q 87 -56.54 -59.48 -31.89
CA ASN Q 87 -57.30 -58.67 -32.84
C ASN Q 87 -57.42 -59.38 -34.19
N PRO Q 88 -58.19 -60.48 -34.27
CA PRO Q 88 -58.77 -60.84 -35.57
C PRO Q 88 -60.00 -60.02 -35.91
N GLU Q 89 -60.50 -59.20 -34.98
CA GLU Q 89 -61.70 -58.39 -35.16
C GLU Q 89 -62.88 -59.29 -35.52
N ASN Q 90 -63.16 -60.23 -34.59
CA ASN Q 90 -64.08 -61.35 -34.82
C ASN Q 90 -64.99 -61.56 -33.60
N ILE Q 91 -65.52 -60.47 -33.06
CA ILE Q 91 -66.46 -60.52 -31.94
C ILE Q 91 -67.80 -60.01 -32.45
N TYR Q 92 -68.83 -60.86 -32.37
CA TYR Q 92 -70.15 -60.56 -32.91
C TYR Q 92 -71.20 -60.72 -31.82
N LEU Q 93 -71.94 -59.65 -31.56
CA LEU Q 93 -73.05 -59.66 -30.62
C LEU Q 93 -74.22 -60.47 -31.19
N GLY Q 101 -79.81 -65.54 -22.57
CA GLY Q 101 -80.58 -66.07 -21.46
C GLY Q 101 -79.81 -67.12 -20.69
N ASN Q 102 -80.35 -67.51 -19.53
CA ASN Q 102 -79.73 -68.52 -18.68
C ASN Q 102 -80.27 -69.92 -18.96
N ASN Q 103 -81.01 -70.10 -20.06
CA ASN Q 103 -81.58 -71.38 -20.43
C ASN Q 103 -80.87 -71.95 -21.65
N TRP Q 104 -80.75 -73.29 -21.67
CA TRP Q 104 -80.15 -73.97 -22.80
C TRP Q 104 -80.94 -73.71 -24.07
N ALA Q 105 -82.27 -73.80 -23.98
CA ALA Q 105 -83.12 -73.53 -25.14
C ALA Q 105 -82.94 -72.09 -25.61
N SER Q 106 -82.88 -71.14 -24.68
CA SER Q 106 -82.71 -69.74 -25.06
C SER Q 106 -81.38 -69.53 -25.77
N GLY Q 107 -80.31 -70.17 -25.28
CA GLY Q 107 -79.02 -70.01 -25.92
C GLY Q 107 -78.99 -70.64 -27.30
N PHE Q 108 -79.60 -71.83 -27.43
CA PHE Q 108 -79.65 -72.50 -28.73
C PHE Q 108 -80.42 -71.65 -29.73
N SER Q 109 -81.57 -71.12 -29.32
CA SER Q 109 -82.40 -70.31 -30.21
C SER Q 109 -81.68 -69.03 -30.62
N GLN Q 110 -81.03 -68.36 -29.66
CA GLN Q 110 -80.29 -67.15 -29.98
C GLN Q 110 -79.14 -67.46 -30.93
N GLY Q 111 -78.49 -68.60 -30.75
CA GLY Q 111 -77.42 -68.98 -31.66
C GLY Q 111 -77.91 -69.23 -33.08
N GLU Q 112 -79.12 -69.77 -33.21
CA GLU Q 112 -79.62 -70.16 -34.53
C GLU Q 112 -79.71 -68.97 -35.48
N LYS Q 113 -80.16 -67.81 -34.97
CA LYS Q 113 -80.39 -66.66 -35.86
C LYS Q 113 -79.08 -65.98 -36.28
N ILE Q 114 -78.04 -66.06 -35.45
CA ILE Q 114 -76.72 -65.49 -35.74
C ILE Q 114 -75.78 -66.53 -36.36
N HIS Q 115 -76.25 -67.76 -36.60
CA HIS Q 115 -75.36 -68.86 -36.97
C HIS Q 115 -74.54 -68.56 -38.24
N GLU Q 116 -75.10 -67.81 -39.19
CA GLU Q 116 -74.43 -67.70 -40.48
C GLU Q 116 -73.20 -66.80 -40.43
N ASP Q 117 -73.29 -65.67 -39.72
CA ASP Q 117 -72.17 -64.72 -39.69
C ASP Q 117 -71.06 -65.17 -38.76
N ILE Q 118 -71.40 -65.81 -37.64
CA ILE Q 118 -70.37 -66.45 -36.83
C ILE Q 118 -69.71 -67.58 -37.60
N PHE Q 119 -70.47 -68.29 -38.44
CA PHE Q 119 -69.83 -69.32 -39.25
C PHE Q 119 -68.96 -68.69 -40.33
N ASP Q 120 -69.31 -67.49 -40.81
CA ASP Q 120 -68.44 -66.80 -41.73
C ASP Q 120 -67.15 -66.37 -41.04
N ILE Q 121 -67.26 -65.98 -39.77
CA ILE Q 121 -66.09 -65.70 -38.95
C ILE Q 121 -65.21 -66.94 -38.84
N ILE Q 122 -65.83 -68.11 -38.69
CA ILE Q 122 -65.06 -69.35 -38.68
C ILE Q 122 -64.36 -69.55 -40.02
N ASP Q 123 -65.11 -69.35 -41.10
CA ASP Q 123 -64.59 -69.61 -42.45
C ASP Q 123 -63.39 -68.74 -42.75
N ARG Q 124 -63.48 -67.46 -42.41
CA ARG Q 124 -62.37 -66.54 -42.65
C ARG Q 124 -61.08 -67.01 -42.01
N GLU Q 125 -61.13 -67.36 -40.72
CA GLU Q 125 -59.93 -67.84 -40.05
C GLU Q 125 -59.45 -69.16 -40.67
N ALA Q 126 -60.40 -70.05 -41.02
CA ALA Q 126 -60.01 -71.35 -41.54
C ALA Q 126 -59.24 -71.21 -42.85
N ASP Q 127 -59.72 -70.34 -43.74
CA ASP Q 127 -59.01 -70.10 -45.00
C ASP Q 127 -57.78 -69.22 -44.77
N GLY Q 128 -57.85 -68.30 -43.82
CA GLY Q 128 -56.71 -67.45 -43.53
C GLY Q 128 -55.50 -68.26 -43.10
N SER Q 129 -55.73 -69.33 -42.34
CA SER Q 129 -54.68 -70.26 -42.02
C SER Q 129 -54.20 -70.95 -43.29
N ASP Q 130 -52.93 -71.36 -43.29
CA ASP Q 130 -52.45 -72.27 -44.33
C ASP Q 130 -53.30 -73.53 -44.32
N SER Q 131 -53.65 -74.02 -43.14
CA SER Q 131 -54.44 -75.24 -42.99
C SER Q 131 -54.95 -75.30 -41.56
N LEU Q 132 -55.85 -76.26 -41.31
CA LEU Q 132 -56.62 -76.26 -40.07
C LEU Q 132 -56.89 -77.70 -39.65
N GLU Q 133 -56.46 -78.07 -38.44
CA GLU Q 133 -56.70 -79.43 -37.93
C GLU Q 133 -57.95 -79.51 -37.06
N GLY Q 134 -58.10 -78.61 -36.10
CA GLY Q 134 -59.01 -78.85 -35.00
C GLY Q 134 -59.65 -77.60 -34.45
N PHE Q 135 -60.84 -77.80 -33.87
CA PHE Q 135 -61.62 -76.74 -33.25
C PHE Q 135 -61.65 -77.04 -31.75
N VAL Q 136 -61.02 -76.17 -30.95
CA VAL Q 136 -60.86 -76.38 -29.52
C VAL Q 136 -61.80 -75.41 -28.81
N LEU Q 137 -62.81 -75.93 -28.12
CA LEU Q 137 -63.86 -75.11 -27.54
C LEU Q 137 -63.67 -74.99 -26.04
N CYS Q 138 -63.63 -73.75 -25.56
CA CYS Q 138 -63.59 -73.45 -24.13
C CYS Q 138 -65.01 -73.50 -23.54
N HIS Q 139 -65.66 -74.64 -23.73
CA HIS Q 139 -67.09 -74.71 -23.52
C HIS Q 139 -67.43 -74.73 -22.04
N SER Q 140 -68.60 -74.20 -21.70
CA SER Q 140 -69.15 -74.25 -20.34
C SER Q 140 -70.42 -75.08 -20.35
N ILE Q 141 -70.40 -76.20 -19.63
CA ILE Q 141 -71.58 -77.04 -19.49
C ILE Q 141 -72.55 -76.36 -18.53
N ALA Q 142 -73.82 -76.32 -18.93
CA ALA Q 142 -74.87 -75.64 -18.16
C ALA Q 142 -74.47 -74.20 -17.82
N GLY Q 143 -73.93 -73.52 -18.83
CA GLY Q 143 -73.39 -72.19 -18.67
C GLY Q 143 -74.36 -71.10 -19.05
N GLY Q 144 -75.66 -71.37 -18.93
CA GLY Q 144 -76.66 -70.42 -19.36
C GLY Q 144 -76.54 -70.10 -20.82
N THR Q 145 -76.01 -68.91 -21.13
CA THR Q 145 -75.78 -68.54 -22.52
C THR Q 145 -74.77 -69.47 -23.19
N GLY Q 146 -73.74 -69.89 -22.44
CA GLY Q 146 -72.73 -70.75 -23.02
C GLY Q 146 -73.30 -72.06 -23.54
N SER Q 147 -74.08 -72.74 -22.72
CA SER Q 147 -74.72 -73.98 -23.14
C SER Q 147 -75.92 -73.67 -24.01
N GLY Q 148 -76.29 -74.64 -24.85
CA GLY Q 148 -77.29 -74.43 -25.87
C GLY Q 148 -76.68 -73.86 -27.13
N LEU Q 149 -76.11 -72.65 -27.01
CA LEU Q 149 -75.33 -72.11 -28.12
C LEU Q 149 -74.14 -72.99 -28.45
N GLY Q 150 -73.41 -73.44 -27.43
CA GLY Q 150 -72.27 -74.30 -27.69
C GLY Q 150 -72.69 -75.60 -28.32
N SER Q 151 -73.80 -76.18 -27.86
CA SER Q 151 -74.30 -77.41 -28.44
C SER Q 151 -74.69 -77.23 -29.91
N TYR Q 152 -75.34 -76.10 -30.22
CA TYR Q 152 -75.71 -75.85 -31.62
C TYR Q 152 -74.48 -75.74 -32.50
N LEU Q 153 -73.47 -74.99 -32.05
CA LEU Q 153 -72.25 -74.88 -32.85
C LEU Q 153 -71.49 -76.20 -32.95
N LEU Q 154 -71.52 -77.03 -31.90
CA LEU Q 154 -70.96 -78.37 -32.03
C LEU Q 154 -71.67 -79.15 -33.11
N GLU Q 155 -72.98 -78.99 -33.22
CA GLU Q 155 -73.71 -79.71 -34.25
C GLU Q 155 -73.38 -79.18 -35.64
N ARG Q 156 -73.12 -77.87 -35.75
CA ARG Q 156 -72.83 -77.30 -37.06
C ARG Q 156 -71.42 -77.64 -37.55
N LEU Q 157 -70.42 -77.55 -36.66
CA LEU Q 157 -69.03 -77.71 -37.10
C LEU Q 157 -68.75 -79.08 -37.69
N ASN Q 158 -69.26 -80.15 -37.07
CA ASN Q 158 -68.95 -81.47 -37.61
C ASN Q 158 -69.53 -81.66 -39.00
N ASP Q 159 -70.76 -81.17 -39.21
CA ASP Q 159 -71.38 -81.27 -40.54
C ASP Q 159 -70.58 -80.48 -41.57
N ARG Q 160 -70.17 -79.26 -41.22
CA ARG Q 160 -69.46 -78.44 -42.20
C ARG Q 160 -68.04 -78.95 -42.44
N TYR Q 161 -67.41 -79.55 -41.44
CA TYR Q 161 -66.03 -80.05 -41.52
C TYR Q 161 -66.01 -81.51 -41.08
N PRO Q 162 -66.56 -82.43 -41.89
CA PRO Q 162 -66.64 -83.83 -41.45
C PRO Q 162 -65.27 -84.46 -41.18
N LYS Q 163 -64.25 -84.10 -41.95
CA LYS Q 163 -62.92 -84.68 -41.72
C LYS Q 163 -62.30 -84.14 -40.44
N LYS Q 164 -62.61 -82.88 -40.08
CA LYS Q 164 -61.97 -82.20 -38.97
C LYS Q 164 -62.53 -82.64 -37.62
N LEU Q 165 -61.74 -82.38 -36.58
CA LEU Q 165 -62.01 -82.87 -35.23
C LEU Q 165 -62.27 -81.71 -34.26
N VAL Q 166 -63.07 -82.00 -33.24
CA VAL Q 166 -63.48 -81.05 -32.22
C VAL Q 166 -63.00 -81.56 -30.87
N GLN Q 167 -62.28 -80.73 -30.14
CA GLN Q 167 -61.98 -80.96 -28.74
C GLN Q 167 -62.75 -79.94 -27.91
N THR Q 168 -63.13 -80.35 -26.70
CA THR Q 168 -63.92 -79.48 -25.82
C THR Q 168 -63.31 -79.54 -24.42
N TYR Q 169 -62.76 -78.42 -23.97
CA TYR Q 169 -62.26 -78.28 -22.59
C TYR Q 169 -63.44 -77.93 -21.69
N SER Q 170 -64.34 -78.89 -21.55
CA SER Q 170 -65.56 -78.70 -20.79
C SER Q 170 -65.24 -78.49 -19.31
N VAL Q 171 -65.64 -77.33 -18.79
CA VAL Q 171 -65.62 -77.08 -17.35
C VAL Q 171 -66.97 -77.56 -16.80
N PHE Q 172 -67.05 -78.86 -16.53
CA PHE Q 172 -68.28 -79.43 -16.02
C PHE Q 172 -68.60 -78.82 -14.66
N PRO Q 173 -69.77 -78.18 -14.47
CA PRO Q 173 -70.01 -77.51 -13.19
C PRO Q 173 -70.52 -78.45 -12.11
N ASN Q 174 -69.74 -78.56 -11.04
CA ASN Q 174 -70.19 -79.18 -9.81
C ASN Q 174 -69.76 -78.24 -8.70
N GLN Q 175 -70.74 -77.58 -8.08
CA GLN Q 175 -70.51 -76.60 -7.03
C GLN Q 175 -71.25 -77.00 -5.76
N ASP Q 176 -71.31 -78.30 -5.50
CA ASP Q 176 -72.09 -78.92 -4.43
C ASP Q 176 -73.59 -78.74 -4.64
N GLU Q 177 -74.01 -78.39 -5.85
CA GLU Q 177 -75.42 -78.18 -6.18
C GLU Q 177 -76.09 -77.17 -5.25
N ASP Q 180 -77.30 -68.90 -8.27
CA ASP Q 180 -77.75 -70.28 -8.39
C ASP Q 180 -78.67 -70.41 -9.61
N VAL Q 181 -78.56 -71.55 -10.29
CA VAL Q 181 -79.40 -71.89 -11.43
C VAL Q 181 -80.13 -73.18 -11.10
N VAL Q 182 -81.46 -73.15 -11.17
CA VAL Q 182 -82.25 -74.32 -10.82
C VAL Q 182 -82.35 -75.32 -11.97
N VAL Q 183 -82.06 -74.92 -13.22
CA VAL Q 183 -82.23 -75.77 -14.39
C VAL Q 183 -80.91 -76.42 -14.83
N GLN Q 184 -79.88 -76.43 -13.95
CA GLN Q 184 -78.59 -77.02 -14.30
C GLN Q 184 -78.67 -78.45 -14.81
N PRO Q 185 -79.38 -79.39 -14.16
CA PRO Q 185 -79.38 -80.76 -14.70
C PRO Q 185 -79.97 -80.85 -16.09
N TYR Q 186 -81.06 -80.12 -16.36
CA TYR Q 186 -81.67 -80.15 -17.68
C TYR Q 186 -80.68 -79.64 -18.73
N ASN Q 187 -80.07 -78.49 -18.45
CA ASN Q 187 -79.14 -77.88 -19.39
C ASN Q 187 -77.96 -78.80 -19.67
N SER Q 188 -77.33 -79.29 -18.59
CA SER Q 188 -76.19 -80.18 -18.73
C SER Q 188 -76.57 -81.46 -19.45
N LEU Q 189 -77.77 -81.99 -19.18
CA LEU Q 189 -78.23 -83.19 -19.85
C LEU Q 189 -78.23 -83.01 -21.35
N LEU Q 190 -78.82 -81.91 -21.82
CA LEU Q 190 -78.88 -81.69 -23.27
C LEU Q 190 -77.47 -81.50 -23.85
N THR Q 191 -76.62 -80.75 -23.15
CA THR Q 191 -75.25 -80.55 -23.64
C THR Q 191 -74.51 -81.86 -23.76
N LEU Q 192 -74.66 -82.76 -22.79
CA LEU Q 192 -73.97 -84.04 -22.87
C LEU Q 192 -74.49 -84.92 -23.99
N LYS Q 193 -75.77 -84.83 -24.35
CA LYS Q 193 -76.22 -85.58 -25.53
C LYS Q 193 -75.47 -85.09 -26.77
N ARG Q 194 -75.47 -83.77 -26.97
CA ARG Q 194 -74.78 -83.23 -28.15
C ARG Q 194 -73.28 -83.54 -28.10
N LEU Q 195 -72.67 -83.44 -26.93
CA LEU Q 195 -71.25 -83.72 -26.78
C LEU Q 195 -70.93 -85.19 -26.96
N THR Q 196 -71.78 -86.08 -26.46
CA THR Q 196 -71.53 -87.51 -26.57
C THR Q 196 -71.56 -87.96 -28.02
N GLN Q 197 -72.46 -87.38 -28.82
CA GLN Q 197 -72.68 -87.90 -30.17
C GLN Q 197 -72.07 -87.02 -31.27
N ASN Q 198 -71.58 -85.81 -30.94
CA ASN Q 198 -71.04 -84.89 -31.95
C ASN Q 198 -69.71 -84.26 -31.57
N ALA Q 199 -68.94 -84.85 -30.66
CA ALA Q 199 -67.64 -84.29 -30.25
C ALA Q 199 -66.58 -85.37 -30.30
N ASP Q 200 -65.44 -85.05 -30.92
CA ASP Q 200 -64.38 -86.04 -31.07
C ASP Q 200 -63.64 -86.28 -29.75
N CYS Q 201 -63.41 -85.23 -28.96
CA CYS Q 201 -62.80 -85.40 -27.65
C CYS Q 201 -63.31 -84.35 -26.66
N VAL Q 202 -63.32 -84.73 -25.38
CA VAL Q 202 -63.74 -83.86 -24.30
C VAL Q 202 -62.78 -84.06 -23.14
N VAL Q 203 -62.26 -82.97 -22.60
CA VAL Q 203 -61.44 -82.98 -21.40
C VAL Q 203 -62.28 -82.36 -20.29
N VAL Q 204 -62.62 -83.16 -19.29
CA VAL Q 204 -63.56 -82.76 -18.26
C VAL Q 204 -62.80 -82.11 -17.11
N LEU Q 205 -63.36 -81.03 -16.57
CA LEU Q 205 -62.88 -80.39 -15.35
C LEU Q 205 -64.07 -80.18 -14.43
N ASP Q 206 -63.78 -80.06 -13.13
CA ASP Q 206 -64.82 -80.01 -12.10
C ASP Q 206 -64.58 -78.82 -11.17
N ASN Q 207 -65.64 -78.02 -11.04
CA ASN Q 207 -65.56 -76.83 -10.20
C ASN Q 207 -65.31 -77.20 -8.74
N THR Q 208 -66.04 -78.18 -8.21
CA THR Q 208 -65.82 -78.57 -6.82
C THR Q 208 -64.43 -79.16 -6.64
N ALA Q 209 -63.95 -79.95 -7.61
CA ALA Q 209 -62.63 -80.55 -7.48
C ALA Q 209 -61.56 -79.46 -7.39
N LEU Q 210 -61.66 -78.47 -8.27
CA LEU Q 210 -60.68 -77.39 -8.24
C LEU Q 210 -60.86 -76.52 -7.00
N ASN Q 211 -62.09 -76.36 -6.51
CA ASN Q 211 -62.32 -75.63 -5.27
C ASN Q 211 -61.71 -76.35 -4.07
N ARG Q 212 -61.87 -77.67 -4.00
CA ARG Q 212 -61.28 -78.45 -2.93
C ARG Q 212 -59.77 -78.34 -2.97
N ILE Q 213 -59.20 -78.35 -4.18
CA ILE Q 213 -57.77 -78.14 -4.33
C ILE Q 213 -57.39 -76.74 -3.88
N ALA Q 214 -58.26 -75.75 -4.14
CA ALA Q 214 -58.00 -74.39 -3.68
C ALA Q 214 -57.94 -74.33 -2.17
N THR Q 215 -58.88 -75.00 -1.50
CA THR Q 215 -58.84 -75.05 -0.03
C THR Q 215 -57.58 -75.77 0.45
N ASP Q 216 -57.15 -76.80 -0.28
CA ASP Q 216 -55.94 -77.52 0.08
C ASP Q 216 -54.70 -76.62 -0.01
N ARG Q 217 -54.38 -76.14 -1.22
CA ARG Q 217 -53.15 -75.40 -1.43
C ARG Q 217 -53.18 -74.00 -0.81
N LEU Q 218 -54.34 -73.35 -0.78
CA LEU Q 218 -54.50 -72.00 -0.24
C LEU Q 218 -55.71 -71.95 0.69
N HIS Q 219 -55.91 -70.78 1.30
CA HIS Q 219 -57.07 -70.49 2.12
C HIS Q 219 -58.23 -69.90 1.31
N ILE Q 220 -58.06 -69.74 0.00
CA ILE Q 220 -59.08 -69.08 -0.82
C ILE Q 220 -60.34 -69.94 -0.84
N GLN Q 221 -61.44 -69.39 -0.34
CA GLN Q 221 -62.75 -70.06 -0.38
C GLN Q 221 -63.82 -69.23 -1.09
N ASN Q 222 -63.94 -67.94 -0.74
CA ASN Q 222 -65.06 -67.16 -1.26
C ASN Q 222 -64.87 -66.76 -2.73
N PRO Q 223 -63.72 -66.17 -3.17
CA PRO Q 223 -63.52 -65.85 -4.58
C PRO Q 223 -62.99 -67.03 -5.39
N SER Q 224 -63.70 -68.16 -5.32
CA SER Q 224 -63.22 -69.40 -5.91
C SER Q 224 -63.00 -69.29 -7.42
N PHE Q 225 -63.94 -68.66 -8.12
CA PHE Q 225 -63.88 -68.63 -9.58
C PHE Q 225 -62.63 -67.91 -10.08
N SER Q 226 -62.28 -66.80 -9.45
CA SER Q 226 -61.18 -65.98 -9.94
C SER Q 226 -59.85 -66.73 -9.87
N GLN Q 227 -59.58 -67.39 -8.74
CA GLN Q 227 -58.32 -68.10 -8.58
C GLN Q 227 -58.32 -69.41 -9.35
N ILE Q 228 -59.46 -70.10 -9.41
CA ILE Q 228 -59.55 -71.37 -10.11
C ILE Q 228 -59.26 -71.19 -11.60
N ASN Q 229 -59.47 -69.98 -12.12
CA ASN Q 229 -59.12 -69.68 -13.50
C ASN Q 229 -57.65 -69.98 -13.77
N GLN Q 230 -56.77 -69.62 -12.83
CA GLN Q 230 -55.35 -69.91 -13.00
C GLN Q 230 -55.10 -71.41 -13.07
N LEU Q 231 -55.77 -72.19 -12.21
CA LEU Q 231 -55.60 -73.64 -12.23
C LEU Q 231 -56.01 -74.21 -13.58
N VAL Q 232 -57.15 -73.74 -14.09
CA VAL Q 232 -57.63 -74.18 -15.39
C VAL Q 232 -56.65 -73.79 -16.48
N SER Q 233 -56.10 -72.59 -16.40
CA SER Q 233 -55.19 -72.10 -17.42
C SER Q 233 -53.91 -72.93 -17.45
N THR Q 234 -53.39 -73.26 -16.26
CA THR Q 234 -52.22 -74.13 -16.20
C THR Q 234 -52.51 -75.48 -16.83
N ILE Q 235 -53.67 -76.06 -16.54
CA ILE Q 235 -53.99 -77.36 -17.15
C ILE Q 235 -54.07 -77.23 -18.67
N MET Q 236 -54.73 -76.19 -19.16
CA MET Q 236 -54.90 -76.02 -20.59
C MET Q 236 -53.56 -75.82 -21.30
N SER Q 237 -52.68 -74.99 -20.74
CA SER Q 237 -51.37 -74.76 -21.35
C SER Q 237 -50.53 -76.03 -21.33
N ALA Q 238 -50.46 -76.70 -20.18
CA ALA Q 238 -49.64 -77.89 -20.06
C ALA Q 238 -50.14 -79.01 -20.99
N SER Q 239 -51.45 -79.10 -21.19
CA SER Q 239 -51.99 -80.15 -22.06
C SER Q 239 -51.53 -79.99 -23.50
N THR Q 240 -51.19 -78.77 -23.92
CA THR Q 240 -50.76 -78.49 -25.28
C THR Q 240 -49.27 -78.24 -25.43
N THR Q 241 -48.53 -78.14 -24.32
CA THR Q 241 -47.12 -77.76 -24.38
C THR Q 241 -46.32 -78.69 -25.30
N THR Q 242 -46.68 -79.97 -25.39
CA THR Q 242 -45.96 -80.87 -26.28
C THR Q 242 -46.16 -80.49 -27.74
N LEU Q 243 -47.32 -79.93 -28.08
CA LEU Q 243 -47.50 -79.36 -29.42
C LEU Q 243 -46.75 -78.04 -29.57
N ARG Q 244 -46.87 -77.18 -28.58
CA ARG Q 244 -46.26 -75.86 -28.65
C ARG Q 244 -44.73 -75.91 -28.71
N TYR Q 245 -44.12 -77.02 -28.30
CA TYR Q 245 -42.69 -77.20 -28.35
C TYR Q 245 -42.33 -78.47 -29.12
N PRO Q 246 -41.32 -78.45 -30.02
CA PRO Q 246 -41.05 -79.66 -30.80
C PRO Q 246 -40.59 -80.81 -29.93
N GLY Q 247 -40.89 -82.02 -30.39
CA GLY Q 247 -40.50 -83.21 -29.68
C GLY Q 247 -40.39 -84.37 -30.65
N TYR Q 248 -40.05 -85.52 -30.10
CA TYR Q 248 -39.89 -86.70 -30.94
C TYR Q 248 -41.23 -87.28 -31.36
N MET Q 249 -42.17 -87.37 -30.44
CA MET Q 249 -43.45 -88.03 -30.66
C MET Q 249 -44.54 -87.12 -30.13
N ASN Q 250 -45.76 -87.38 -30.60
CA ASN Q 250 -46.90 -86.50 -30.35
C ASN Q 250 -46.57 -85.09 -30.84
N ASN Q 251 -46.08 -85.02 -32.08
CA ASN Q 251 -45.95 -83.77 -32.82
C ASN Q 251 -47.26 -83.38 -33.51
N ASP Q 252 -48.38 -83.97 -33.07
CA ASP Q 252 -49.68 -83.62 -33.59
C ASP Q 252 -50.72 -83.92 -32.52
N LEU Q 253 -51.72 -83.02 -32.44
CA LEU Q 253 -52.82 -83.19 -31.51
C LEU Q 253 -53.47 -84.55 -31.74
N ILE Q 254 -53.73 -84.86 -33.00
CA ILE Q 254 -54.35 -86.12 -33.37
C ILE Q 254 -53.52 -87.33 -32.93
N GLY Q 255 -52.20 -87.26 -33.13
CA GLY Q 255 -51.35 -88.35 -32.70
C GLY Q 255 -51.42 -88.57 -31.20
N LEU Q 256 -51.57 -87.47 -30.47
CA LEU Q 256 -51.74 -87.58 -29.02
C LEU Q 256 -53.11 -88.14 -28.66
N ILE Q 257 -54.16 -87.64 -29.33
CA ILE Q 257 -55.55 -87.99 -29.00
C ILE Q 257 -55.81 -89.47 -29.19
N ALA Q 258 -55.20 -90.06 -30.23
CA ALA Q 258 -55.49 -91.44 -30.61
C ALA Q 258 -55.27 -92.41 -29.45
N SER Q 259 -54.13 -92.30 -28.77
CA SER Q 259 -53.84 -93.22 -27.67
C SER Q 259 -54.83 -93.05 -26.54
N LEU Q 260 -55.17 -91.81 -26.20
CA LEU Q 260 -56.03 -91.56 -25.06
C LEU Q 260 -57.45 -92.04 -25.30
N ILE Q 261 -57.92 -92.02 -26.54
CA ILE Q 261 -59.30 -92.39 -26.86
C ILE Q 261 -59.28 -93.74 -27.57
N PRO Q 262 -59.56 -94.86 -26.83
CA PRO Q 262 -59.59 -96.17 -27.51
C PRO Q 262 -60.92 -96.48 -28.16
N THR Q 263 -62.03 -95.95 -27.63
CA THR Q 263 -63.37 -96.13 -28.18
C THR Q 263 -64.08 -94.79 -28.29
N PRO Q 264 -64.91 -94.56 -29.33
CA PRO Q 264 -65.46 -93.21 -29.52
C PRO Q 264 -66.34 -92.72 -28.39
N ARG Q 265 -67.27 -93.56 -27.90
CA ARG Q 265 -68.26 -93.10 -26.93
C ARG Q 265 -67.61 -92.59 -25.67
N LEU Q 266 -66.55 -93.26 -25.22
CA LEU Q 266 -65.92 -92.94 -23.94
C LEU Q 266 -64.80 -91.94 -24.22
N HIS Q 267 -65.19 -90.71 -24.60
CA HIS Q 267 -64.23 -89.71 -25.06
C HIS Q 267 -64.04 -88.58 -24.04
N PHE Q 268 -64.13 -88.91 -22.75
CA PHE Q 268 -64.03 -87.95 -21.67
C PHE Q 268 -62.75 -88.20 -20.87
N LEU Q 269 -62.04 -87.11 -20.57
CA LEU Q 269 -60.65 -87.12 -20.14
C LEU Q 269 -60.41 -86.44 -18.80
N MET Q 270 -59.79 -87.18 -17.87
CA MET Q 270 -59.42 -86.74 -16.55
C MET Q 270 -58.04 -86.10 -16.58
N THR Q 271 -57.80 -85.20 -15.64
CA THR Q 271 -56.58 -84.41 -15.56
C THR Q 271 -55.88 -84.64 -14.24
N GLY Q 272 -54.59 -84.33 -14.22
CA GLY Q 272 -53.82 -84.34 -12.99
C GLY Q 272 -52.53 -83.57 -13.19
N TYR Q 273 -52.05 -82.96 -12.10
CA TYR Q 273 -50.84 -82.14 -12.14
C TYR Q 273 -50.00 -82.42 -10.91
N THR Q 274 -48.72 -82.76 -11.14
CA THR Q 274 -47.88 -83.22 -10.02
C THR Q 274 -47.60 -82.12 -9.00
N PRO Q 275 -46.90 -81.01 -9.33
CA PRO Q 275 -46.81 -79.92 -8.35
C PRO Q 275 -48.01 -78.99 -8.46
N LEU Q 276 -49.13 -79.37 -7.85
CA LEU Q 276 -50.23 -78.43 -7.71
C LEU Q 276 -49.74 -77.13 -7.08
N THR Q 277 -48.80 -77.24 -6.13
CA THR Q 277 -48.00 -76.12 -5.67
C THR Q 277 -46.71 -75.99 -6.48
N THR Q 278 -46.87 -75.72 -7.78
CA THR Q 278 -45.70 -75.44 -8.63
C THR Q 278 -45.05 -74.11 -8.27
N ASP Q 279 -45.75 -73.24 -7.56
CA ASP Q 279 -45.11 -72.05 -7.01
C ASP Q 279 -44.21 -72.44 -5.84
N LYS Q 287 -33.79 -81.45 -6.46
CA LYS Q 287 -34.73 -81.58 -7.55
C LYS Q 287 -35.48 -82.89 -7.37
N THR Q 288 -36.65 -82.94 -7.97
CA THR Q 288 -37.56 -84.08 -7.89
C THR Q 288 -37.30 -84.99 -9.07
N THR Q 289 -37.00 -86.25 -8.79
CA THR Q 289 -36.79 -87.20 -9.86
C THR Q 289 -38.14 -87.62 -10.47
N VAL Q 290 -38.04 -88.09 -11.71
CA VAL Q 290 -39.23 -88.49 -12.46
C VAL Q 290 -39.99 -89.57 -11.71
N LEU Q 291 -39.28 -90.47 -11.02
CA LEU Q 291 -39.97 -91.46 -10.21
C LEU Q 291 -40.94 -90.78 -9.27
N ASP Q 292 -40.46 -89.79 -8.53
CA ASP Q 292 -41.30 -89.12 -7.55
C ASP Q 292 -42.45 -88.39 -8.23
N VAL Q 293 -42.18 -87.70 -9.34
CA VAL Q 293 -43.26 -86.87 -9.88
C VAL Q 293 -44.41 -87.72 -10.44
N MET Q 294 -44.12 -88.81 -11.15
CA MET Q 294 -45.20 -89.70 -11.61
C MET Q 294 -45.92 -90.36 -10.43
N ARG Q 295 -45.16 -90.86 -9.45
CA ARG Q 295 -45.75 -91.37 -8.21
C ARG Q 295 -46.69 -90.40 -7.54
N ARG Q 296 -46.28 -89.16 -7.38
CA ARG Q 296 -47.15 -88.20 -6.75
C ARG Q 296 -48.40 -87.98 -7.58
N LEU Q 297 -48.22 -87.94 -8.90
CA LEU Q 297 -49.32 -87.64 -9.78
C LEU Q 297 -50.41 -88.70 -9.68
N LEU Q 298 -50.02 -89.97 -9.58
CA LEU Q 298 -51.02 -91.03 -9.53
C LEU Q 298 -51.89 -90.97 -8.26
N GLN Q 299 -51.42 -90.32 -7.19
CA GLN Q 299 -52.16 -90.28 -5.94
C GLN Q 299 -53.36 -89.33 -6.09
N PRO Q 300 -54.51 -89.59 -5.43
CA PRO Q 300 -55.74 -88.87 -5.80
C PRO Q 300 -55.79 -87.38 -5.47
N LYS Q 301 -54.97 -86.87 -4.56
CA LYS Q 301 -55.02 -85.44 -4.29
C LYS Q 301 -54.58 -84.66 -5.53
N ASN Q 302 -53.56 -85.15 -6.23
CA ASN Q 302 -53.11 -84.50 -7.44
C ASN Q 302 -54.14 -84.61 -8.57
N VAL Q 303 -55.07 -85.57 -8.48
CA VAL Q 303 -56.15 -85.65 -9.46
C VAL Q 303 -57.10 -84.48 -9.25
N MET Q 304 -57.64 -83.96 -10.36
CA MET Q 304 -58.43 -82.74 -10.36
C MET Q 304 -59.89 -83.02 -10.73
N VAL Q 305 -60.38 -84.21 -10.38
CA VAL Q 305 -61.74 -84.63 -10.63
C VAL Q 305 -62.31 -85.14 -9.31
N SER Q 306 -63.56 -84.79 -9.02
CA SER Q 306 -64.20 -85.20 -7.77
C SER Q 306 -64.94 -86.52 -7.95
N THR Q 313 -68.78 -102.21 -6.83
CA THR Q 313 -68.37 -102.54 -8.19
C THR Q 313 -66.96 -102.03 -8.47
N ASN Q 314 -66.17 -102.86 -9.15
CA ASN Q 314 -64.81 -102.48 -9.51
C ASN Q 314 -64.85 -101.25 -10.41
N HIS Q 315 -63.77 -100.47 -10.37
CA HIS Q 315 -63.59 -99.35 -11.30
C HIS Q 315 -62.12 -99.31 -11.72
N CYS Q 316 -61.89 -98.83 -12.94
CA CYS Q 316 -60.59 -98.97 -13.58
C CYS Q 316 -60.37 -97.88 -14.60
N TYR Q 317 -59.10 -97.49 -14.77
CA TYR Q 317 -58.72 -96.68 -15.92
C TYR Q 317 -58.84 -97.49 -17.20
N ILE Q 318 -59.07 -96.80 -18.31
CA ILE Q 318 -58.93 -97.42 -19.62
C ILE Q 318 -57.53 -97.19 -20.19
N ALA Q 319 -56.99 -95.98 -20.01
CA ALA Q 319 -55.65 -95.66 -20.48
C ALA Q 319 -55.15 -94.42 -19.76
N ILE Q 320 -53.83 -94.31 -19.63
CA ILE Q 320 -53.20 -93.23 -18.89
C ILE Q 320 -52.08 -92.65 -19.74
N LEU Q 321 -51.81 -91.36 -19.57
CA LEU Q 321 -50.66 -90.68 -20.17
C LEU Q 321 -50.08 -89.70 -19.18
N ASN Q 322 -48.76 -89.53 -19.23
CA ASN Q 322 -48.07 -88.52 -18.44
C ASN Q 322 -47.05 -87.82 -19.32
N ILE Q 323 -47.01 -86.50 -19.18
CA ILE Q 323 -46.09 -85.61 -19.88
C ILE Q 323 -45.32 -84.83 -18.82
N ILE Q 324 -43.98 -84.83 -18.93
CA ILE Q 324 -43.11 -84.23 -17.94
C ILE Q 324 -42.29 -83.14 -18.63
N GLN Q 325 -42.24 -81.96 -18.02
CA GLN Q 325 -41.49 -80.82 -18.56
C GLN Q 325 -40.52 -80.37 -17.46
N GLY Q 326 -39.23 -80.58 -17.69
CA GLY Q 326 -38.24 -80.08 -16.75
C GLY Q 326 -36.87 -80.68 -16.99
N GLU Q 327 -36.02 -80.56 -15.97
CA GLU Q 327 -34.67 -81.10 -15.99
C GLU Q 327 -34.77 -82.59 -15.71
N VAL Q 328 -35.10 -83.34 -16.76
CA VAL Q 328 -35.34 -84.78 -16.66
C VAL Q 328 -34.17 -85.51 -17.29
N ASP Q 329 -33.51 -86.36 -16.50
CA ASP Q 329 -32.44 -87.18 -17.03
C ASP Q 329 -33.02 -88.28 -17.91
N PRO Q 330 -32.42 -88.59 -19.08
CA PRO Q 330 -33.09 -89.51 -20.00
C PRO Q 330 -33.01 -90.98 -19.62
N THR Q 331 -31.90 -91.44 -19.03
CA THR Q 331 -31.79 -92.87 -18.74
C THR Q 331 -32.77 -93.32 -17.65
N GLN Q 332 -33.16 -92.42 -16.73
CA GLN Q 332 -33.95 -92.86 -15.58
C GLN Q 332 -35.43 -93.01 -15.88
N VAL Q 333 -35.94 -92.45 -16.98
CA VAL Q 333 -37.38 -92.45 -17.19
C VAL Q 333 -37.91 -93.85 -17.44
N HIS Q 334 -37.18 -94.66 -18.21
CA HIS Q 334 -37.64 -96.01 -18.49
C HIS Q 334 -37.64 -96.84 -17.21
N LYS Q 335 -36.55 -96.74 -16.44
CA LYS Q 335 -36.47 -97.40 -15.14
C LYS Q 335 -37.57 -96.89 -14.22
N SER Q 336 -37.95 -95.62 -14.36
CA SER Q 336 -39.05 -95.06 -13.60
C SER Q 336 -40.36 -95.72 -13.94
N LEU Q 337 -40.60 -95.93 -15.24
CA LEU Q 337 -41.81 -96.64 -15.63
C LEU Q 337 -41.79 -98.05 -15.06
N GLN Q 338 -40.62 -98.67 -15.00
CA GLN Q 338 -40.53 -100.00 -14.41
C GLN Q 338 -40.91 -99.93 -12.93
N ARG Q 339 -40.45 -98.89 -12.25
CA ARG Q 339 -40.71 -98.70 -10.83
C ARG Q 339 -42.19 -98.45 -10.58
N ILE Q 340 -42.80 -97.64 -11.46
CA ILE Q 340 -44.24 -97.45 -11.50
C ILE Q 340 -44.94 -98.79 -11.62
N ARG Q 341 -44.40 -99.68 -12.45
CA ARG Q 341 -45.00 -101.00 -12.66
C ARG Q 341 -44.85 -101.86 -11.41
N GLU Q 342 -43.74 -101.74 -10.69
CA GLU Q 342 -43.59 -102.58 -9.50
C GLU Q 342 -44.51 -102.13 -8.37
N ARG Q 343 -44.56 -100.83 -8.09
CA ARG Q 343 -45.34 -100.40 -6.94
C ARG Q 343 -46.83 -100.17 -7.26
N LYS Q 344 -47.24 -100.19 -8.53
CA LYS Q 344 -48.65 -100.43 -8.91
C LYS Q 344 -49.64 -99.48 -8.23
N LEU Q 345 -49.35 -98.17 -8.22
CA LEU Q 345 -50.34 -97.27 -7.63
C LEU Q 345 -51.63 -97.21 -8.45
N ALA Q 346 -51.53 -97.31 -9.76
CA ALA Q 346 -52.68 -97.14 -10.64
C ALA Q 346 -53.23 -98.52 -10.97
N ASN Q 347 -54.45 -98.79 -10.53
CA ASN Q 347 -55.09 -100.09 -10.68
C ASN Q 347 -56.06 -100.01 -11.86
N PHE Q 348 -55.84 -100.85 -12.87
CA PHE Q 348 -56.74 -100.86 -14.01
C PHE Q 348 -56.63 -102.20 -14.70
N ILE Q 349 -57.78 -102.77 -15.05
CA ILE Q 349 -57.85 -104.01 -15.83
C ILE Q 349 -58.91 -103.88 -16.92
N PRO Q 350 -58.82 -102.87 -17.78
CA PRO Q 350 -59.89 -102.62 -18.73
C PRO Q 350 -59.82 -103.55 -19.92
N TRP Q 351 -60.86 -103.48 -20.76
CA TRP Q 351 -60.82 -104.17 -22.04
C TRP Q 351 -59.64 -103.68 -22.88
N GLY Q 352 -59.31 -102.41 -22.78
CA GLY Q 352 -58.22 -101.85 -23.55
C GLY Q 352 -56.89 -102.38 -23.06
N PRO Q 353 -55.92 -102.60 -23.96
CA PRO Q 353 -54.56 -102.90 -23.51
C PRO Q 353 -53.64 -101.70 -23.39
N ALA Q 354 -54.16 -100.47 -23.47
CA ALA Q 354 -53.32 -99.28 -23.47
C ALA Q 354 -52.62 -99.13 -22.12
N SER Q 355 -51.30 -99.17 -22.15
CA SER Q 355 -50.47 -99.04 -20.95
C SER Q 355 -50.00 -97.61 -20.76
N ILE Q 356 -49.63 -97.30 -19.51
CA ILE Q 356 -49.09 -95.98 -19.22
C ILE Q 356 -47.75 -95.82 -19.91
N GLN Q 357 -47.53 -94.62 -20.45
CA GLN Q 357 -46.42 -94.31 -21.32
C GLN Q 357 -45.87 -92.95 -20.97
N VAL Q 358 -44.54 -92.86 -20.84
CA VAL Q 358 -43.88 -91.72 -20.24
C VAL Q 358 -43.43 -90.80 -21.38
N ALA Q 359 -43.93 -89.57 -21.38
CA ALA Q 359 -43.58 -88.59 -22.42
C ALA Q 359 -42.87 -87.41 -21.79
N LEU Q 360 -42.06 -86.74 -22.60
CA LEU Q 360 -41.24 -85.61 -22.18
C LEU Q 360 -41.45 -84.45 -23.12
N SER Q 361 -41.48 -83.25 -22.55
CA SER Q 361 -41.62 -82.01 -23.28
C SER Q 361 -40.64 -81.00 -22.70
N ARG Q 362 -40.57 -79.83 -23.34
CA ARG Q 362 -39.58 -78.81 -23.00
C ARG Q 362 -40.18 -77.76 -22.08
N LYS Q 363 -39.57 -77.57 -20.92
CA LYS Q 363 -39.87 -76.42 -20.09
C LYS Q 363 -39.35 -75.16 -20.77
N SER Q 364 -40.15 -74.09 -20.73
CA SER Q 364 -39.86 -72.90 -21.51
C SER Q 364 -38.88 -72.01 -20.77
N PRO Q 365 -38.14 -71.11 -21.49
CA PRO Q 365 -37.36 -70.09 -20.79
C PRO Q 365 -38.17 -68.85 -20.44
N TYR Q 366 -37.51 -67.88 -19.79
CA TYR Q 366 -38.02 -66.56 -19.39
C TYR Q 366 -39.01 -66.59 -18.22
N LEU Q 367 -39.62 -67.72 -17.91
CA LEU Q 367 -40.56 -67.81 -16.79
C LEU Q 367 -39.86 -68.54 -15.65
N PRO Q 368 -40.36 -68.42 -14.40
CA PRO Q 368 -39.68 -69.11 -13.30
C PRO Q 368 -39.66 -70.61 -13.49
N SER Q 369 -38.52 -71.21 -13.13
CA SER Q 369 -38.31 -72.65 -13.21
C SER Q 369 -38.50 -73.34 -11.86
N ALA Q 370 -39.28 -72.72 -10.97
CA ALA Q 370 -39.55 -73.31 -9.66
C ALA Q 370 -40.20 -74.68 -9.82
N HIS Q 371 -39.78 -75.62 -8.97
CA HIS Q 371 -40.07 -77.04 -9.16
C HIS Q 371 -39.66 -77.45 -10.57
N ARG Q 372 -38.34 -77.43 -10.77
CA ARG Q 372 -37.67 -77.65 -12.05
C ARG Q 372 -38.30 -78.76 -12.88
N VAL Q 373 -38.65 -79.88 -12.24
CA VAL Q 373 -39.38 -80.97 -12.87
C VAL Q 373 -40.83 -80.88 -12.45
N SER Q 374 -41.73 -80.82 -13.43
CA SER Q 374 -43.15 -80.65 -13.18
C SER Q 374 -43.91 -81.35 -14.30
N GLY Q 375 -44.97 -82.08 -13.95
CA GLY Q 375 -45.64 -82.94 -14.90
C GLY Q 375 -47.16 -82.84 -14.80
N LEU Q 376 -47.78 -83.40 -15.83
CA LEU Q 376 -49.23 -83.50 -15.96
C LEU Q 376 -49.58 -84.87 -16.50
N MET Q 377 -50.69 -85.42 -15.99
CA MET Q 377 -51.26 -86.65 -16.52
C MET Q 377 -52.62 -86.36 -17.11
N MET Q 378 -52.91 -87.08 -18.18
CA MET Q 378 -54.19 -86.99 -18.84
C MET Q 378 -54.63 -88.44 -19.08
N ALA Q 379 -55.86 -88.79 -18.69
CA ALA Q 379 -56.25 -90.21 -18.68
C ALA Q 379 -57.74 -90.42 -18.90
N ASN Q 380 -58.07 -91.62 -19.40
CA ASN Q 380 -59.45 -92.07 -19.53
C ASN Q 380 -59.78 -92.95 -18.32
N HIS Q 381 -60.71 -92.49 -17.48
CA HIS Q 381 -61.08 -93.16 -16.24
C HIS Q 381 -62.59 -93.37 -16.18
N THR Q 382 -63.01 -94.54 -15.67
CA THR Q 382 -64.42 -94.85 -15.54
C THR Q 382 -65.10 -94.10 -14.39
N SER Q 383 -64.32 -93.47 -13.50
CA SER Q 383 -64.92 -92.80 -12.35
C SER Q 383 -65.83 -91.66 -12.77
N ILE Q 384 -65.53 -91.00 -13.89
CA ILE Q 384 -66.31 -89.84 -14.33
C ILE Q 384 -67.75 -90.21 -14.65
N SER Q 385 -68.01 -91.49 -14.92
CA SER Q 385 -69.39 -91.94 -15.07
C SER Q 385 -70.20 -91.61 -13.83
N SER Q 386 -69.56 -91.68 -12.66
CA SER Q 386 -70.23 -91.28 -11.43
C SER Q 386 -70.68 -89.83 -11.50
N LEU Q 387 -69.80 -88.93 -11.95
CA LEU Q 387 -70.15 -87.52 -12.03
C LEU Q 387 -71.27 -87.27 -13.03
N PHE Q 388 -71.23 -87.95 -14.18
CA PHE Q 388 -72.35 -87.84 -15.11
C PHE Q 388 -73.64 -88.35 -14.48
N GLU Q 389 -73.56 -89.46 -13.75
CA GLU Q 389 -74.75 -90.04 -13.16
C GLU Q 389 -75.30 -89.16 -12.04
N ARG Q 390 -74.46 -88.36 -11.39
CA ARG Q 390 -74.97 -87.45 -10.37
C ARG Q 390 -75.89 -86.39 -10.98
N THR Q 391 -75.48 -85.79 -12.09
CA THR Q 391 -76.37 -84.82 -12.73
C THR Q 391 -77.57 -85.52 -13.37
N CYS Q 392 -77.40 -86.75 -13.87
CA CYS Q 392 -78.56 -87.50 -14.34
C CYS Q 392 -79.52 -87.81 -13.19
N ARG Q 393 -78.99 -88.01 -11.98
CA ARG Q 393 -79.82 -88.27 -10.81
C ARG Q 393 -80.61 -87.02 -10.42
N GLN Q 394 -79.92 -85.88 -10.39
CA GLN Q 394 -80.59 -84.61 -10.14
C GLN Q 394 -81.66 -84.37 -11.19
N TYR Q 395 -81.34 -84.64 -12.45
CA TYR Q 395 -82.30 -84.44 -13.53
C TYR Q 395 -83.50 -85.36 -13.37
N ASP Q 396 -83.27 -86.63 -13.02
CA ASP Q 396 -84.37 -87.57 -12.89
C ASP Q 396 -85.32 -87.16 -11.78
N LYS Q 397 -84.76 -86.76 -10.63
CA LYS Q 397 -85.58 -86.27 -9.53
C LYS Q 397 -86.37 -85.04 -9.95
N LEU Q 398 -85.68 -84.08 -10.58
CA LEU Q 398 -86.32 -82.86 -11.03
C LEU Q 398 -87.37 -83.16 -12.09
N ARG Q 399 -87.14 -84.19 -12.90
CA ARG Q 399 -88.06 -84.54 -13.97
C ARG Q 399 -89.34 -85.14 -13.42
N LYS Q 400 -89.22 -86.01 -12.41
CA LYS Q 400 -90.42 -86.51 -11.74
C LYS Q 400 -91.19 -85.36 -11.09
N ARG Q 401 -90.48 -84.46 -10.40
CA ARG Q 401 -91.19 -83.36 -9.76
C ARG Q 401 -91.84 -82.44 -10.78
N GLU Q 402 -91.19 -82.24 -11.92
CA GLU Q 402 -91.52 -81.17 -12.88
C GLU Q 402 -91.52 -79.81 -12.18
N ALA Q 403 -90.67 -79.68 -11.16
CA ALA Q 403 -90.58 -78.41 -10.42
C ALA Q 403 -90.04 -77.31 -11.32
N PHE Q 404 -89.03 -77.63 -12.14
CA PHE Q 404 -88.44 -76.68 -13.08
C PHE Q 404 -88.47 -77.31 -14.47
N LEU Q 405 -89.64 -77.27 -15.10
CA LEU Q 405 -89.76 -77.38 -16.55
C LEU Q 405 -89.48 -76.05 -17.24
N GLU Q 406 -89.36 -74.97 -16.47
CA GLU Q 406 -89.09 -73.63 -17.05
C GLU Q 406 -90.08 -73.42 -18.19
N GLN Q 407 -91.37 -73.35 -17.90
CA GLN Q 407 -92.45 -73.24 -18.93
C GLN Q 407 -92.28 -72.02 -19.83
N PHE Q 408 -91.33 -71.12 -19.56
CA PHE Q 408 -91.05 -69.94 -20.42
C PHE Q 408 -91.51 -70.21 -21.85
N ARG Q 409 -92.19 -69.25 -22.50
CA ARG Q 409 -92.70 -69.44 -23.85
C ARG Q 409 -91.58 -69.84 -24.80
N LYS Q 410 -90.39 -69.26 -24.64
CA LYS Q 410 -89.21 -69.74 -25.37
C LYS Q 410 -89.05 -71.24 -25.26
N GLU Q 411 -88.98 -71.74 -24.02
CA GLU Q 411 -88.76 -73.16 -23.77
C GLU Q 411 -89.86 -74.01 -24.38
N ASP Q 412 -91.12 -73.58 -24.24
CA ASP Q 412 -92.23 -74.42 -24.63
C ASP Q 412 -92.40 -74.45 -26.15
N MET Q 413 -92.32 -73.30 -26.83
CA MET Q 413 -92.45 -73.32 -28.28
C MET Q 413 -91.25 -74.00 -28.92
N PHE Q 414 -90.05 -73.79 -28.38
CA PHE Q 414 -88.89 -74.48 -28.92
C PHE Q 414 -89.03 -75.99 -28.71
N LYS Q 415 -89.52 -76.40 -27.54
CA LYS Q 415 -89.72 -77.81 -27.21
C LYS Q 415 -91.10 -77.99 -26.58
N ASP Q 416 -92.12 -78.20 -27.41
CA ASP Q 416 -93.43 -78.58 -26.89
C ASP Q 416 -93.42 -80.02 -26.39
N ASN Q 417 -92.82 -80.92 -27.17
CA ASN Q 417 -92.82 -82.34 -26.82
C ASN Q 417 -91.99 -82.60 -25.57
N PHE Q 418 -90.93 -81.83 -25.37
CA PHE Q 418 -90.01 -82.02 -24.23
C PHE Q 418 -89.35 -83.40 -24.26
N ASP Q 419 -89.26 -84.00 -25.45
CA ASP Q 419 -88.77 -85.37 -25.62
C ASP Q 419 -87.30 -85.45 -26.02
N GLU Q 420 -86.69 -84.34 -26.43
CA GLU Q 420 -85.24 -84.33 -26.58
C GLU Q 420 -84.55 -84.55 -25.25
N MET Q 421 -85.18 -84.13 -24.15
CA MET Q 421 -84.58 -84.42 -22.85
C MET Q 421 -84.59 -85.92 -22.57
N ASP Q 422 -85.65 -86.61 -22.98
CA ASP Q 422 -85.69 -88.06 -22.85
C ASP Q 422 -84.70 -88.73 -23.80
N THR Q 423 -84.54 -88.18 -25.01
CA THR Q 423 -83.54 -88.68 -25.93
C THR Q 423 -82.14 -88.53 -25.33
N SER Q 424 -81.89 -87.38 -24.69
CA SER Q 424 -80.64 -87.17 -23.99
C SER Q 424 -80.50 -88.12 -22.82
N ARG Q 425 -81.60 -88.39 -22.12
CA ARG Q 425 -81.54 -89.30 -20.98
C ARG Q 425 -81.15 -90.71 -21.43
N GLU Q 426 -81.76 -91.19 -22.52
CA GLU Q 426 -81.40 -92.52 -23.00
C GLU Q 426 -80.00 -92.55 -23.58
N ILE Q 427 -79.56 -91.47 -24.25
CA ILE Q 427 -78.21 -91.44 -24.80
C ILE Q 427 -77.17 -91.43 -23.68
N VAL Q 428 -77.39 -90.59 -22.66
CA VAL Q 428 -76.43 -90.53 -21.56
C VAL Q 428 -76.50 -91.80 -20.73
N GLN Q 429 -77.67 -92.43 -20.66
CA GLN Q 429 -77.76 -93.71 -19.96
C GLN Q 429 -76.99 -94.79 -20.73
N GLN Q 430 -77.04 -94.74 -22.07
CA GLN Q 430 -76.18 -95.60 -22.88
C GLN Q 430 -74.71 -95.33 -22.55
N LEU Q 431 -74.35 -94.06 -22.36
CA LEU Q 431 -72.96 -93.75 -22.03
C LEU Q 431 -72.57 -94.33 -20.66
N ILE Q 432 -73.46 -94.21 -19.66
CA ILE Q 432 -73.19 -94.79 -18.35
C ILE Q 432 -73.01 -96.29 -18.47
N ASP Q 433 -73.92 -96.95 -19.19
CA ASP Q 433 -73.85 -98.39 -19.37
C ASP Q 433 -72.58 -98.78 -20.13
N GLU Q 434 -72.17 -97.96 -21.09
CA GLU Q 434 -70.95 -98.21 -21.83
C GLU Q 434 -69.72 -98.13 -20.93
N TYR Q 435 -69.68 -97.13 -20.04
CA TYR Q 435 -68.61 -97.04 -19.05
C TYR Q 435 -68.54 -98.31 -18.21
N HIS Q 436 -69.67 -98.71 -17.62
CA HIS Q 436 -69.64 -99.90 -16.78
C HIS Q 436 -69.35 -101.16 -17.59
N ALA Q 437 -69.80 -101.22 -18.85
CA ALA Q 437 -69.45 -102.36 -19.70
C ALA Q 437 -67.96 -102.39 -20.00
N ALA Q 438 -67.34 -101.21 -20.13
CA ALA Q 438 -65.88 -101.16 -20.26
C ALA Q 438 -65.22 -101.70 -19.01
N THR Q 439 -65.81 -101.42 -17.83
CA THR Q 439 -65.32 -102.06 -16.62
C THR Q 439 -65.44 -103.59 -16.72
N ARG Q 440 -66.51 -104.08 -17.35
CA ARG Q 440 -66.71 -105.53 -17.45
C ARG Q 440 -65.63 -106.17 -18.32
N PRO Q 441 -65.39 -107.49 -18.17
CA PRO Q 441 -64.35 -108.13 -18.98
C PRO Q 441 -64.69 -108.29 -20.45
N ASP Q 442 -65.93 -108.04 -20.84
CA ASP Q 442 -66.43 -108.45 -22.16
C ASP Q 442 -66.94 -107.27 -22.98
N TYR Q 443 -66.16 -106.19 -23.03
CA TYR Q 443 -66.44 -105.08 -23.91
C TYR Q 443 -66.10 -105.41 -25.37
N ILE Q 444 -65.53 -106.58 -25.63
CA ILE Q 444 -65.41 -107.07 -27.01
C ILE Q 444 -66.79 -107.17 -27.65
N SER Q 445 -67.78 -107.59 -26.87
CA SER Q 445 -69.16 -107.54 -27.29
C SER Q 445 -69.65 -106.09 -27.27
N TRP Q 446 -70.89 -105.90 -27.73
CA TRP Q 446 -71.46 -104.56 -27.82
C TRP Q 446 -71.48 -103.90 -26.45
N GLY Q 447 -71.11 -102.63 -26.42
CA GLY Q 447 -71.13 -101.83 -25.20
C GLY Q 447 -72.28 -100.85 -25.17
N ARG R 3 -52.86 -44.79 -76.38
CA ARG R 3 -53.50 -43.50 -76.65
C ARG R 3 -54.39 -43.07 -75.47
N GLU R 4 -54.58 -41.77 -75.35
CA GLU R 4 -55.14 -41.16 -74.14
C GLU R 4 -56.66 -41.34 -74.05
N ILE R 5 -57.19 -41.22 -72.83
CA ILE R 5 -58.62 -41.43 -72.53
C ILE R 5 -59.23 -40.16 -71.98
N ILE R 6 -60.43 -39.81 -72.45
CA ILE R 6 -61.18 -38.62 -72.03
C ILE R 6 -62.34 -39.06 -71.16
N THR R 7 -62.57 -38.34 -70.06
CA THR R 7 -63.63 -38.68 -69.11
C THR R 7 -64.74 -37.65 -69.19
N LEU R 8 -65.93 -38.09 -69.60
CA LEU R 8 -67.06 -37.21 -69.91
C LEU R 8 -68.02 -37.17 -68.73
N GLN R 9 -67.62 -36.48 -67.67
CA GLN R 9 -68.42 -36.45 -66.45
C GLN R 9 -69.54 -35.41 -66.57
N LEU R 10 -70.78 -35.86 -66.33
CA LEU R 10 -71.97 -35.08 -66.61
C LEU R 10 -72.99 -35.32 -65.51
N GLY R 11 -73.89 -34.36 -65.34
CA GLY R 11 -74.85 -34.43 -64.27
C GLY R 11 -74.22 -34.08 -62.94
N GLN R 12 -75.07 -33.72 -61.98
CA GLN R 12 -74.58 -33.31 -60.68
C GLN R 12 -73.84 -34.46 -59.98
N CYS R 13 -74.48 -35.62 -59.91
CA CYS R 13 -73.86 -36.79 -59.28
C CYS R 13 -72.60 -37.20 -60.03
N GLY R 14 -72.68 -37.28 -61.36
CA GLY R 14 -71.53 -37.66 -62.16
C GLY R 14 -70.36 -36.71 -61.98
N ASN R 15 -70.65 -35.41 -61.92
CA ASN R 15 -69.59 -34.44 -61.71
C ASN R 15 -69.00 -34.57 -60.31
N GLN R 16 -69.83 -34.91 -59.32
CA GLN R 16 -69.29 -35.11 -57.98
C GLN R 16 -68.31 -36.27 -57.95
N ILE R 17 -68.68 -37.38 -58.60
CA ILE R 17 -67.84 -38.56 -58.53
C ILE R 17 -66.60 -38.42 -59.42
N GLY R 18 -66.69 -37.67 -60.52
CA GLY R 18 -65.51 -37.40 -61.33
C GLY R 18 -64.56 -36.44 -60.65
N PHE R 19 -65.12 -35.45 -59.97
CA PHE R 19 -64.34 -34.56 -59.13
C PHE R 19 -63.52 -35.36 -58.12
N GLU R 20 -64.19 -36.25 -57.40
CA GLU R 20 -63.47 -37.03 -56.40
C GLU R 20 -62.47 -37.98 -57.06
N PHE R 21 -62.81 -38.55 -58.22
CA PHE R 21 -61.88 -39.47 -58.89
C PHE R 21 -60.60 -38.75 -59.29
N TRP R 22 -60.74 -37.58 -59.90
CA TRP R 22 -59.56 -36.80 -60.30
C TRP R 22 -58.78 -36.31 -59.10
N LYS R 23 -59.47 -35.97 -58.00
CA LYS R 23 -58.73 -35.64 -56.78
C LYS R 23 -57.98 -36.86 -56.22
N GLN R 24 -58.60 -38.04 -56.31
CA GLN R 24 -57.95 -39.26 -55.87
C GLN R 24 -56.69 -39.52 -56.69
N LEU R 25 -56.78 -39.36 -58.01
CA LEU R 25 -55.61 -39.54 -58.85
C LEU R 25 -54.61 -38.39 -58.71
N CYS R 26 -55.05 -37.22 -58.26
CA CYS R 26 -54.11 -36.17 -57.90
C CYS R 26 -53.25 -36.61 -56.73
N ALA R 27 -53.89 -37.05 -55.65
CA ALA R 27 -53.12 -37.51 -54.49
C ALA R 27 -52.28 -38.72 -54.85
N GLU R 28 -52.83 -39.66 -55.61
CA GLU R 28 -52.11 -40.89 -55.90
C GLU R 28 -50.91 -40.65 -56.79
N HIS R 29 -51.07 -39.85 -57.85
CA HIS R 29 -49.94 -39.47 -58.69
C HIS R 29 -49.17 -38.33 -58.01
N GLY R 30 -48.04 -37.95 -58.60
CA GLY R 30 -47.27 -36.83 -58.11
C GLY R 30 -47.84 -35.50 -58.55
N ILE R 31 -49.01 -35.15 -58.02
CA ILE R 31 -49.77 -33.99 -58.46
C ILE R 31 -50.14 -33.17 -57.23
N SER R 32 -50.01 -31.84 -57.33
CA SER R 32 -50.44 -30.92 -56.28
C SER R 32 -51.82 -30.38 -56.63
N PRO R 33 -52.50 -29.66 -55.73
CA PRO R 33 -53.82 -29.13 -56.09
C PRO R 33 -53.80 -28.08 -57.19
N GLU R 34 -52.63 -27.53 -57.53
CA GLU R 34 -52.49 -26.62 -58.67
C GLU R 34 -51.99 -27.32 -59.92
N GLY R 35 -51.92 -28.65 -59.93
CA GLY R 35 -51.47 -29.39 -61.10
C GLY R 35 -49.97 -29.45 -61.26
N ILE R 36 -49.21 -28.89 -60.32
CA ILE R 36 -47.76 -28.81 -60.45
C ILE R 36 -47.16 -30.15 -60.07
N VAL R 37 -46.03 -30.50 -60.71
CA VAL R 37 -45.30 -31.70 -60.32
C VAL R 37 -44.91 -31.58 -58.86
N GLU R 38 -45.20 -32.62 -58.08
CA GLU R 38 -44.89 -32.58 -56.67
C GLU R 38 -43.38 -32.74 -56.47
N GLU R 39 -42.83 -31.90 -55.59
N GLU R 39 -42.83 -31.90 -55.59
CA GLU R 39 -41.39 -31.93 -55.34
CA GLU R 39 -41.39 -31.93 -55.34
C GLU R 39 -40.95 -33.26 -54.73
C GLU R 39 -40.95 -33.26 -54.73
N PHE R 40 -41.77 -33.83 -53.85
CA PHE R 40 -41.41 -35.09 -53.20
C PHE R 40 -41.22 -36.21 -54.22
N ALA R 41 -41.97 -36.19 -55.32
CA ALA R 41 -41.85 -37.22 -56.34
C ALA R 41 -40.47 -37.18 -56.98
N THR R 45 -42.27 -42.82 -62.56
CA THR R 45 -42.36 -44.26 -62.78
C THR R 45 -43.75 -44.70 -63.23
N ASP R 46 -44.64 -43.75 -63.52
CA ASP R 46 -46.05 -44.02 -63.81
C ASP R 46 -46.40 -43.54 -65.22
N ARG R 47 -47.45 -44.13 -65.80
CA ARG R 47 -47.93 -43.78 -67.13
C ARG R 47 -48.97 -42.68 -66.95
N LYS R 48 -48.51 -41.44 -66.79
CA LYS R 48 -49.41 -40.31 -66.64
C LYS R 48 -49.88 -39.76 -67.98
N ASP R 49 -49.37 -40.28 -69.09
CA ASP R 49 -49.78 -39.82 -70.41
C ASP R 49 -51.27 -40.01 -70.64
N VAL R 50 -51.81 -41.16 -70.26
CA VAL R 50 -53.13 -41.56 -70.73
C VAL R 50 -54.21 -40.65 -70.14
N PHE R 51 -54.15 -40.40 -68.83
CA PHE R 51 -55.20 -39.66 -68.13
C PHE R 51 -54.89 -38.20 -67.89
N PHE R 52 -53.61 -37.80 -67.88
CA PHE R 52 -53.23 -36.42 -67.60
C PHE R 52 -52.50 -35.82 -68.79
N TYR R 53 -53.05 -34.75 -69.35
CA TYR R 53 -52.40 -33.98 -70.40
C TYR R 53 -51.18 -33.24 -69.83
N GLN R 54 -50.12 -33.20 -70.63
CA GLN R 54 -48.86 -32.56 -70.26
C GLN R 54 -48.82 -31.13 -70.78
N ALA R 55 -48.81 -30.16 -69.86
CA ALA R 55 -48.45 -28.80 -70.22
C ALA R 55 -46.94 -28.63 -70.22
N ASP R 56 -46.50 -27.47 -70.70
CA ASP R 56 -45.06 -27.21 -70.77
C ASP R 56 -44.44 -27.10 -69.39
N ASP R 57 -45.11 -26.44 -68.45
CA ASP R 57 -44.59 -26.16 -67.12
C ASP R 57 -45.13 -27.15 -66.08
N GLU R 58 -45.25 -28.42 -66.47
CA GLU R 58 -45.68 -29.50 -65.58
C GLU R 58 -47.02 -29.22 -64.93
N HIS R 59 -47.92 -28.60 -65.70
CA HIS R 59 -49.34 -28.60 -65.33
C HIS R 59 -49.95 -29.84 -65.95
N TYR R 60 -50.20 -30.82 -65.08
CA TYR R 60 -50.85 -32.08 -65.44
C TYR R 60 -52.35 -31.88 -65.29
N ILE R 61 -52.96 -31.41 -66.36
CA ILE R 61 -54.39 -31.14 -66.40
C ILE R 61 -55.10 -32.39 -66.92
N PRO R 62 -56.05 -32.97 -66.21
CA PRO R 62 -56.71 -34.17 -66.73
C PRO R 62 -57.64 -33.84 -67.89
N ARG R 63 -57.86 -34.84 -68.74
CA ARG R 63 -58.79 -34.70 -69.87
C ARG R 63 -60.23 -34.94 -69.40
N ALA R 64 -60.66 -34.06 -68.50
CA ALA R 64 -62.00 -34.08 -67.94
C ALA R 64 -62.89 -33.13 -68.72
N VAL R 65 -64.05 -33.63 -69.15
CA VAL R 65 -65.10 -32.82 -69.74
C VAL R 65 -66.22 -32.77 -68.71
N LEU R 66 -66.40 -31.61 -68.09
CA LEU R 66 -67.40 -31.40 -67.07
C LEU R 66 -68.61 -30.75 -67.72
N LEU R 67 -69.73 -31.46 -67.77
CA LEU R 67 -70.96 -30.94 -68.36
C LEU R 67 -71.95 -30.60 -67.24
N ASP R 68 -72.39 -29.35 -67.21
CA ASP R 68 -73.34 -28.86 -66.22
C ASP R 68 -74.66 -28.51 -66.90
N LEU R 69 -75.76 -28.82 -66.22
CA LEU R 69 -77.09 -28.43 -66.67
C LEU R 69 -77.88 -27.99 -65.45
N GLU R 70 -78.37 -26.75 -65.48
CA GLU R 70 -78.96 -26.10 -64.31
C GLU R 70 -77.96 -26.12 -63.17
N PRO R 71 -76.79 -25.51 -63.32
CA PRO R 71 -75.69 -25.75 -62.40
C PRO R 71 -75.97 -25.27 -60.98
N ARG R 72 -75.79 -26.18 -60.02
CA ARG R 72 -75.74 -25.82 -58.60
C ARG R 72 -74.42 -26.27 -57.98
N VAL R 73 -74.06 -27.55 -58.19
CA VAL R 73 -72.84 -28.08 -57.57
C VAL R 73 -71.61 -27.77 -58.40
N ILE R 74 -71.77 -27.30 -59.63
CA ILE R 74 -70.59 -27.04 -60.44
C ILE R 74 -69.94 -25.74 -59.99
N HIS R 75 -70.71 -24.81 -59.44
CA HIS R 75 -70.14 -23.64 -58.79
C HIS R 75 -69.31 -24.06 -57.58
N SER R 76 -69.80 -25.05 -56.82
CA SER R 76 -69.02 -25.55 -55.70
C SER R 76 -67.75 -26.23 -56.18
N ILE R 77 -67.83 -26.94 -57.31
CA ILE R 77 -66.63 -27.52 -57.91
C ILE R 77 -65.64 -26.41 -58.25
N LEU R 78 -66.14 -25.30 -58.82
CA LEU R 78 -65.25 -24.20 -59.18
C LEU R 78 -64.55 -23.61 -57.97
N ASN R 79 -65.27 -23.34 -56.88
CA ASN R 79 -64.63 -22.69 -55.72
C ASN R 79 -63.96 -23.74 -54.83
N SER R 80 -62.95 -24.38 -55.40
CA SER R 80 -62.19 -25.45 -54.76
C SER R 80 -60.72 -25.23 -55.00
N PRO R 81 -59.84 -25.81 -54.17
CA PRO R 81 -58.40 -25.68 -54.41
C PRO R 81 -57.94 -26.28 -55.72
N TYR R 82 -58.67 -27.25 -56.26
CA TYR R 82 -58.23 -27.99 -57.44
C TYR R 82 -58.74 -27.39 -58.74
N ALA R 83 -59.43 -26.25 -58.68
CA ALA R 83 -59.91 -25.59 -59.88
C ALA R 83 -58.77 -25.30 -60.84
N LYS R 84 -57.61 -24.91 -60.31
CA LYS R 84 -56.45 -24.74 -61.17
C LYS R 84 -55.94 -26.07 -61.70
N LEU R 85 -56.14 -27.16 -60.96
CA LEU R 85 -55.74 -28.48 -61.47
C LEU R 85 -56.51 -28.81 -62.74
N TYR R 86 -57.84 -28.71 -62.68
CA TYR R 86 -58.68 -28.99 -63.85
C TYR R 86 -59.04 -27.67 -64.52
N ASN R 87 -58.23 -27.27 -65.51
CA ASN R 87 -58.51 -26.11 -66.35
C ASN R 87 -58.28 -26.43 -67.83
N PRO R 88 -59.12 -27.28 -68.43
CA PRO R 88 -59.26 -27.22 -69.89
C PRO R 88 -60.22 -26.12 -70.36
N GLU R 89 -60.76 -25.32 -69.43
CA GLU R 89 -61.68 -24.21 -69.72
C GLU R 89 -62.82 -24.65 -70.65
N ASN R 90 -63.49 -25.74 -70.26
CA ASN R 90 -64.45 -26.44 -71.12
C ASN R 90 -65.73 -26.80 -70.35
N ILE R 91 -66.28 -25.83 -69.61
CA ILE R 91 -67.53 -26.01 -68.89
C ILE R 91 -68.56 -25.10 -69.54
N TYR R 92 -69.67 -25.69 -70.02
CA TYR R 92 -70.69 -24.97 -70.77
C TYR R 92 -72.06 -25.16 -70.15
N LEU R 93 -72.68 -24.04 -69.79
CA LEU R 93 -74.04 -24.03 -69.26
C LEU R 93 -75.05 -24.37 -70.35
N GLY R 101 -83.85 -29.97 -65.87
CA GLY R 101 -85.04 -30.58 -65.27
C GLY R 101 -84.74 -31.95 -64.70
N ASN R 102 -85.69 -32.47 -63.92
CA ASN R 102 -85.57 -33.78 -63.29
C ASN R 102 -86.15 -34.89 -64.15
N ASN R 103 -86.48 -34.62 -65.41
CA ASN R 103 -87.03 -35.59 -66.33
C ASN R 103 -86.02 -35.96 -67.40
N TRP R 104 -86.06 -37.23 -67.82
CA TRP R 104 -85.19 -37.70 -68.89
C TRP R 104 -85.48 -36.93 -70.17
N ALA R 105 -86.77 -36.70 -70.47
CA ALA R 105 -87.13 -35.93 -71.65
C ALA R 105 -86.57 -34.51 -71.58
N SER R 106 -86.69 -33.86 -70.42
CA SER R 106 -86.17 -32.51 -70.28
C SER R 106 -84.67 -32.47 -70.48
N GLY R 107 -83.95 -33.46 -69.93
CA GLY R 107 -82.51 -33.49 -70.11
C GLY R 107 -82.13 -33.72 -71.55
N PHE R 108 -82.83 -34.63 -72.23
CA PHE R 108 -82.53 -34.93 -73.63
C PHE R 108 -82.79 -33.71 -74.50
N SER R 109 -83.92 -33.02 -74.28
CA SER R 109 -84.25 -31.85 -75.09
C SER R 109 -83.27 -30.72 -74.82
N GLN R 110 -82.92 -30.48 -73.56
CA GLN R 110 -81.95 -29.44 -73.24
C GLN R 110 -80.60 -29.76 -73.86
N GLY R 111 -80.25 -31.04 -73.94
CA GLY R 111 -79.00 -31.42 -74.59
C GLY R 111 -79.02 -31.15 -76.08
N GLU R 112 -80.17 -31.37 -76.73
CA GLU R 112 -80.22 -31.26 -78.18
C GLU R 112 -79.86 -29.86 -78.67
N LYS R 113 -80.28 -28.83 -77.93
CA LYS R 113 -80.03 -27.46 -78.39
C LYS R 113 -78.56 -27.06 -78.24
N ILE R 114 -77.87 -27.55 -77.22
CA ILE R 114 -76.46 -27.21 -76.99
C ILE R 114 -75.52 -28.29 -77.50
N HIS R 115 -76.01 -29.24 -78.30
CA HIS R 115 -75.18 -30.37 -78.69
C HIS R 115 -73.94 -29.95 -79.49
N GLU R 116 -74.04 -28.92 -80.32
CA GLU R 116 -72.89 -28.55 -81.16
C GLU R 116 -71.73 -28.00 -80.34
N ASP R 117 -72.00 -27.14 -79.36
CA ASP R 117 -70.91 -26.50 -78.63
C ASP R 117 -70.20 -27.49 -77.71
N ILE R 118 -70.96 -28.35 -77.03
CA ILE R 118 -70.34 -29.38 -76.20
C ILE R 118 -69.58 -30.36 -77.07
N PHE R 119 -70.07 -30.64 -78.27
CA PHE R 119 -69.34 -31.52 -79.15
C PHE R 119 -68.07 -30.87 -79.68
N ASP R 120 -68.08 -29.55 -79.87
CA ASP R 120 -66.84 -28.87 -80.22
C ASP R 120 -65.85 -28.96 -79.05
N ILE R 121 -66.36 -28.88 -77.83
CA ILE R 121 -65.51 -29.12 -76.66
C ILE R 121 -64.93 -30.53 -76.71
N ILE R 122 -65.72 -31.52 -77.11
CA ILE R 122 -65.20 -32.88 -77.23
C ILE R 122 -64.09 -32.91 -78.27
N ASP R 123 -64.34 -32.24 -79.40
CA ASP R 123 -63.37 -32.22 -80.49
C ASP R 123 -62.04 -31.68 -79.99
N ARG R 124 -62.06 -30.52 -79.32
CA ARG R 124 -60.83 -29.89 -78.85
C ARG R 124 -59.95 -30.81 -78.02
N GLU R 125 -60.53 -31.54 -77.06
CA GLU R 125 -59.73 -32.44 -76.24
C GLU R 125 -59.24 -33.63 -77.04
N ALA R 126 -60.09 -34.19 -77.92
CA ALA R 126 -59.63 -35.23 -78.84
C ALA R 126 -58.44 -34.74 -79.66
N ASP R 127 -58.45 -33.45 -79.97
CA ASP R 127 -57.46 -32.86 -80.86
C ASP R 127 -56.16 -32.61 -80.12
N GLY R 128 -56.27 -32.07 -78.90
CA GLY R 128 -55.11 -31.83 -78.08
C GLY R 128 -54.39 -33.11 -77.74
N SER R 129 -55.14 -34.20 -77.56
CA SER R 129 -54.49 -35.49 -77.39
C SER R 129 -53.78 -35.88 -78.67
N ASP R 130 -52.64 -36.56 -78.51
CA ASP R 130 -52.04 -37.22 -79.66
C ASP R 130 -53.02 -38.20 -80.28
N SER R 131 -53.75 -38.94 -79.44
CA SER R 131 -54.63 -40.00 -79.88
C SER R 131 -55.62 -40.29 -78.76
N LEU R 132 -56.72 -40.97 -79.12
CA LEU R 132 -57.91 -41.08 -78.27
C LEU R 132 -58.54 -42.45 -78.36
N GLU R 133 -58.57 -43.19 -77.24
CA GLU R 133 -59.20 -44.53 -77.19
C GLU R 133 -60.62 -44.51 -76.67
N GLY R 134 -60.86 -43.89 -75.51
CA GLY R 134 -62.08 -44.15 -74.78
C GLY R 134 -62.73 -42.91 -74.21
N PHE R 135 -64.06 -42.96 -74.14
CA PHE R 135 -64.88 -41.97 -73.46
C PHE R 135 -65.47 -42.64 -72.23
N VAL R 136 -64.98 -42.22 -71.07
CA VAL R 136 -65.35 -42.82 -69.79
C VAL R 136 -66.36 -41.89 -69.15
N LEU R 137 -67.63 -42.30 -69.13
CA LEU R 137 -68.70 -41.43 -68.69
C LEU R 137 -69.00 -41.76 -67.24
N CYS R 138 -68.88 -40.76 -66.37
CA CYS R 138 -69.32 -40.89 -64.98
C CYS R 138 -70.84 -40.71 -64.90
N HIS R 139 -71.54 -41.59 -65.62
CA HIS R 139 -72.93 -41.35 -65.93
C HIS R 139 -73.81 -41.68 -64.72
N SER R 140 -74.91 -40.94 -64.59
CA SER R 140 -75.90 -41.16 -63.55
C SER R 140 -77.20 -41.64 -64.21
N ILE R 141 -77.60 -42.86 -63.87
CA ILE R 141 -78.87 -43.40 -64.36
C ILE R 141 -80.00 -42.81 -63.55
N ALA R 142 -81.06 -42.40 -64.25
CA ALA R 142 -82.19 -41.69 -63.64
C ALA R 142 -81.71 -40.54 -62.77
N GLY R 143 -80.79 -39.76 -63.33
CA GLY R 143 -80.15 -38.67 -62.63
C GLY R 143 -80.76 -37.32 -62.92
N GLY R 144 -82.05 -37.31 -63.27
CA GLY R 144 -82.71 -36.08 -63.66
C GLY R 144 -82.03 -35.45 -64.86
N THR R 145 -81.27 -34.40 -64.63
CA THR R 145 -80.52 -33.76 -65.72
C THR R 145 -79.48 -34.71 -66.30
N GLY R 146 -78.82 -35.49 -65.45
CA GLY R 146 -77.77 -36.38 -65.93
C GLY R 146 -78.28 -37.37 -66.97
N SER R 147 -79.39 -38.02 -66.66
CA SER R 147 -80.02 -38.92 -67.61
C SER R 147 -80.74 -38.11 -68.69
N GLY R 148 -80.90 -38.72 -69.85
CA GLY R 148 -81.42 -38.03 -71.01
C GLY R 148 -80.31 -37.31 -71.74
N LEU R 149 -79.65 -36.38 -71.05
CA LEU R 149 -78.47 -35.75 -71.62
C LEU R 149 -77.37 -36.75 -71.88
N GLY R 150 -77.11 -37.65 -70.93
CA GLY R 150 -76.08 -38.64 -71.14
C GLY R 150 -76.45 -39.62 -72.24
N SER R 151 -77.73 -39.98 -72.33
CA SER R 151 -78.17 -40.88 -73.38
C SER R 151 -78.02 -40.22 -74.75
N TYR R 152 -78.41 -38.96 -74.89
CA TYR R 152 -78.26 -38.26 -76.16
C TYR R 152 -76.79 -38.16 -76.55
N LEU R 153 -75.94 -37.77 -75.60
CA LEU R 153 -74.51 -37.67 -75.89
C LEU R 153 -73.94 -39.03 -76.27
N LEU R 154 -74.41 -40.09 -75.61
CA LEU R 154 -73.96 -41.44 -75.93
C LEU R 154 -74.33 -41.80 -77.35
N GLU R 155 -75.52 -41.39 -77.79
CA GLU R 155 -75.94 -41.66 -79.15
C GLU R 155 -75.09 -40.88 -80.15
N ARG R 156 -74.70 -39.65 -79.80
CA ARG R 156 -73.89 -38.85 -80.72
C ARG R 156 -72.46 -39.37 -80.86
N LEU R 157 -71.86 -39.81 -79.74
CA LEU R 157 -70.44 -40.16 -79.75
C LEU R 157 -70.13 -41.32 -80.69
N ASN R 158 -70.93 -42.39 -80.65
CA ASN R 158 -70.63 -43.54 -81.49
C ASN R 158 -70.77 -43.20 -82.97
N ASP R 159 -71.81 -42.42 -83.32
CA ASP R 159 -72.01 -42.04 -84.71
C ASP R 159 -70.83 -41.22 -85.20
N ARG R 160 -70.40 -40.24 -84.41
CA ARG R 160 -69.28 -39.41 -84.87
C ARG R 160 -67.97 -40.19 -84.92
N TYR R 161 -67.73 -41.08 -83.96
CA TYR R 161 -66.46 -41.80 -83.83
C TYR R 161 -66.76 -43.29 -83.78
N PRO R 162 -67.13 -43.90 -84.92
CA PRO R 162 -67.50 -45.33 -84.89
C PRO R 162 -66.39 -46.25 -84.41
N LYS R 163 -65.14 -45.97 -84.79
CA LYS R 163 -64.04 -46.84 -84.40
C LYS R 163 -63.80 -46.78 -82.89
N LYS R 164 -64.18 -45.68 -82.25
CA LYS R 164 -63.84 -45.44 -80.85
C LYS R 164 -64.87 -46.08 -79.92
N LEU R 165 -64.49 -46.18 -78.64
CA LEU R 165 -65.27 -46.91 -77.64
C LEU R 165 -65.75 -45.99 -76.52
N VAL R 166 -66.90 -46.37 -75.96
CA VAL R 166 -67.50 -45.68 -74.84
C VAL R 166 -67.63 -46.67 -73.69
N GLN R 167 -67.04 -46.33 -72.55
CA GLN R 167 -67.23 -46.99 -71.27
C GLN R 167 -68.04 -46.08 -70.36
N THR R 168 -68.82 -46.70 -69.47
CA THR R 168 -69.72 -45.94 -68.60
C THR R 168 -69.65 -46.51 -67.19
N TYR R 169 -69.18 -45.67 -66.25
CA TYR R 169 -69.21 -46.01 -64.84
C TYR R 169 -70.59 -45.63 -64.28
N SER R 170 -71.59 -46.37 -64.76
CA SER R 170 -72.97 -46.10 -64.40
C SER R 170 -73.22 -46.36 -62.93
N VAL R 171 -73.70 -45.35 -62.22
CA VAL R 171 -74.27 -45.53 -60.88
C VAL R 171 -75.77 -45.76 -61.03
N PHE R 172 -76.16 -47.01 -61.27
CA PHE R 172 -77.57 -47.38 -61.21
C PHE R 172 -78.14 -47.03 -59.83
N PRO R 173 -79.23 -46.24 -59.76
CA PRO R 173 -79.77 -45.91 -58.45
C PRO R 173 -80.74 -46.96 -57.93
N ASN R 174 -80.36 -47.56 -56.82
CA ASN R 174 -81.28 -48.35 -55.99
C ASN R 174 -81.13 -47.78 -54.59
N GLN R 175 -82.18 -47.15 -54.09
CA GLN R 175 -82.21 -46.51 -52.78
C GLN R 175 -83.38 -47.04 -51.94
N ASP R 176 -83.71 -48.31 -52.14
CA ASP R 176 -84.92 -48.96 -51.62
C ASP R 176 -86.19 -48.36 -52.20
N GLU R 177 -86.08 -47.65 -53.32
CA GLU R 177 -87.21 -47.01 -54.00
C GLU R 177 -87.98 -46.09 -53.04
N ASP R 180 -86.81 -37.60 -53.15
CA ASP R 180 -87.40 -38.68 -53.93
C ASP R 180 -87.76 -38.23 -55.34
N VAL R 181 -87.55 -39.12 -56.30
CA VAL R 181 -88.00 -38.95 -57.68
C VAL R 181 -88.95 -40.10 -58.00
N VAL R 182 -90.16 -39.75 -58.42
CA VAL R 182 -91.18 -40.76 -58.73
C VAL R 182 -91.03 -41.37 -60.12
N VAL R 183 -90.34 -40.69 -61.04
CA VAL R 183 -90.26 -41.15 -62.42
C VAL R 183 -88.98 -41.97 -62.68
N GLN R 184 -88.31 -42.43 -61.61
CA GLN R 184 -87.08 -43.21 -61.73
C GLN R 184 -87.19 -44.41 -62.67
N PRO R 185 -88.20 -45.29 -62.57
CA PRO R 185 -88.22 -46.45 -63.48
C PRO R 185 -88.30 -46.05 -64.94
N TYR R 186 -89.13 -45.05 -65.25
CA TYR R 186 -89.27 -44.59 -66.62
C TYR R 186 -87.94 -44.06 -67.15
N ASN R 187 -87.31 -43.17 -66.38
CA ASN R 187 -86.05 -42.57 -66.80
C ASN R 187 -84.98 -43.64 -67.01
N SER R 188 -84.82 -44.51 -66.01
CA SER R 188 -83.81 -45.56 -66.10
C SER R 188 -84.09 -46.49 -67.26
N LEU R 189 -85.37 -46.80 -67.52
CA LEU R 189 -85.73 -47.65 -68.65
C LEU R 189 -85.20 -47.08 -69.94
N LEU R 190 -85.41 -45.78 -70.17
CA LEU R 190 -84.93 -45.19 -71.42
C LEU R 190 -83.40 -45.19 -71.48
N THR R 191 -82.75 -44.86 -70.37
CA THR R 191 -81.29 -44.84 -70.36
C THR R 191 -80.73 -46.21 -70.68
N LEU R 192 -81.34 -47.27 -70.17
CA LEU R 192 -80.82 -48.61 -70.45
C LEU R 192 -80.98 -48.98 -71.92
N LYS R 193 -82.05 -48.55 -72.58
CA LYS R 193 -82.16 -48.83 -74.02
C LYS R 193 -80.99 -48.21 -74.76
N ARG R 194 -80.75 -46.92 -74.49
CA ARG R 194 -79.63 -46.24 -75.15
C ARG R 194 -78.30 -46.90 -74.78
N LEU R 195 -78.13 -47.27 -73.52
CA LEU R 195 -76.88 -47.89 -73.09
C LEU R 195 -76.69 -49.27 -73.68
N THR R 196 -77.77 -50.04 -73.79
CA THR R 196 -77.68 -51.40 -74.28
C THR R 196 -77.29 -51.43 -75.74
N GLN R 197 -77.80 -50.49 -76.55
CA GLN R 197 -77.46 -50.52 -77.97
C GLN R 197 -76.29 -49.62 -78.34
N ASN R 198 -75.92 -48.64 -77.51
CA ASN R 198 -74.98 -47.60 -77.90
C ASN R 198 -73.82 -47.42 -76.92
N ALA R 199 -73.50 -48.44 -76.10
CA ALA R 199 -72.39 -48.35 -75.15
C ALA R 199 -71.54 -49.61 -75.27
N ASP R 200 -70.23 -49.43 -75.44
CA ASP R 200 -69.34 -50.57 -75.59
C ASP R 200 -69.10 -51.29 -74.27
N CYS R 201 -69.04 -50.55 -73.15
CA CYS R 201 -68.95 -51.21 -71.85
C CYS R 201 -69.62 -50.41 -70.75
N VAL R 202 -70.10 -51.11 -69.74
CA VAL R 202 -70.76 -50.52 -68.58
C VAL R 202 -70.29 -51.24 -67.33
N VAL R 203 -70.00 -50.46 -66.28
CA VAL R 203 -69.62 -50.98 -64.97
C VAL R 203 -70.75 -50.65 -63.99
N VAL R 204 -71.37 -51.68 -63.41
CA VAL R 204 -72.54 -51.52 -62.55
C VAL R 204 -72.11 -51.24 -61.12
N LEU R 205 -72.75 -50.24 -60.52
CA LEU R 205 -72.65 -49.93 -59.10
C LEU R 205 -74.07 -49.69 -58.60
N ASP R 206 -74.27 -49.88 -57.30
CA ASP R 206 -75.60 -49.78 -56.68
C ASP R 206 -75.55 -48.97 -55.39
N ASN R 207 -76.47 -48.00 -55.28
CA ASN R 207 -76.51 -47.16 -54.09
C ASN R 207 -76.89 -47.96 -52.84
N THR R 208 -77.90 -48.84 -52.93
CA THR R 208 -78.18 -49.69 -51.77
C THR R 208 -77.00 -50.60 -51.42
N ALA R 209 -76.34 -51.18 -52.43
CA ALA R 209 -75.20 -52.05 -52.13
C ALA R 209 -74.12 -51.28 -51.37
N LEU R 210 -73.78 -50.09 -51.87
CA LEU R 210 -72.72 -49.32 -51.22
C LEU R 210 -73.18 -48.79 -49.87
N ASN R 211 -74.47 -48.46 -49.73
CA ASN R 211 -75.00 -48.03 -48.44
C ASN R 211 -74.98 -49.15 -47.41
N ARG R 212 -75.34 -50.36 -47.83
CA ARG R 212 -75.26 -51.51 -46.92
C ARG R 212 -73.82 -51.75 -46.50
N ILE R 213 -72.89 -51.61 -47.43
CA ILE R 213 -71.47 -51.73 -47.08
C ILE R 213 -71.07 -50.62 -46.11
N ALA R 214 -71.65 -49.42 -46.29
CA ALA R 214 -71.34 -48.32 -45.38
C ALA R 214 -71.83 -48.64 -43.97
N THR R 215 -73.05 -49.18 -43.85
CA THR R 215 -73.53 -49.59 -42.52
C THR R 215 -72.64 -50.69 -41.94
N ASP R 216 -72.12 -51.58 -42.80
CA ASP R 216 -71.22 -52.62 -42.34
C ASP R 216 -69.93 -52.04 -41.76
N ARG R 217 -69.15 -51.36 -42.60
CA ARG R 217 -67.83 -50.89 -42.20
C ARG R 217 -67.88 -49.73 -41.20
N LEU R 218 -68.89 -48.87 -41.28
CA LEU R 218 -69.03 -47.70 -40.42
C LEU R 218 -70.47 -47.58 -39.93
N HIS R 219 -70.70 -46.61 -39.06
CA HIS R 219 -72.03 -46.30 -38.54
C HIS R 219 -72.78 -45.28 -39.38
N ILE R 220 -72.14 -44.72 -40.41
CA ILE R 220 -72.78 -43.73 -41.27
C ILE R 220 -74.02 -44.31 -41.91
N GLN R 221 -75.17 -43.64 -41.69
CA GLN R 221 -76.41 -43.98 -42.38
C GLN R 221 -76.99 -42.75 -43.09
N ASN R 222 -77.09 -41.63 -42.36
CA ASN R 222 -77.79 -40.47 -42.91
C ASN R 222 -76.99 -39.77 -44.00
N PRO R 223 -75.70 -39.41 -43.83
CA PRO R 223 -74.94 -38.74 -44.89
C PRO R 223 -74.34 -39.71 -45.90
N SER R 224 -75.19 -40.58 -46.46
CA SER R 224 -74.71 -41.65 -47.33
C SER R 224 -73.97 -41.11 -48.55
N PHE R 225 -74.58 -40.18 -49.29
CA PHE R 225 -74.04 -39.76 -50.58
C PHE R 225 -72.62 -39.24 -50.45
N SER R 226 -72.35 -38.43 -49.42
CA SER R 226 -71.03 -37.86 -49.25
C SER R 226 -69.97 -38.93 -49.03
N GLN R 227 -70.27 -39.92 -48.19
CA GLN R 227 -69.27 -40.93 -47.84
C GLN R 227 -69.12 -42.00 -48.92
N ILE R 228 -70.23 -42.40 -49.56
CA ILE R 228 -70.17 -43.39 -50.63
C ILE R 228 -69.37 -42.87 -51.82
N ASN R 229 -69.24 -41.55 -51.94
CA ASN R 229 -68.39 -40.97 -52.98
C ASN R 229 -66.98 -41.52 -52.87
N GLN R 230 -66.47 -41.64 -51.64
CA GLN R 230 -65.14 -42.20 -51.45
C GLN R 230 -65.06 -43.62 -51.98
N LEU R 231 -66.08 -44.44 -51.69
CA LEU R 231 -66.06 -45.84 -52.10
C LEU R 231 -66.01 -45.95 -53.62
N VAL R 232 -66.88 -45.19 -54.30
CA VAL R 232 -66.89 -45.24 -55.76
C VAL R 232 -65.57 -44.72 -56.31
N SER R 233 -64.99 -43.70 -55.67
CA SER R 233 -63.71 -43.16 -56.16
C SER R 233 -62.61 -44.21 -56.05
N THR R 234 -62.59 -44.94 -54.93
CA THR R 234 -61.61 -46.01 -54.78
C THR R 234 -61.79 -47.04 -55.89
N ILE R 235 -63.03 -47.44 -56.17
CA ILE R 235 -63.26 -48.43 -57.21
C ILE R 235 -62.80 -47.90 -58.56
N MET R 236 -63.10 -46.62 -58.84
CA MET R 236 -62.76 -46.07 -60.14
C MET R 236 -61.25 -46.00 -60.35
N SER R 237 -60.53 -45.45 -59.38
CA SER R 237 -59.08 -45.33 -59.52
C SER R 237 -58.44 -46.71 -59.60
N ALA R 238 -58.87 -47.62 -58.72
CA ALA R 238 -58.28 -48.94 -58.70
C ALA R 238 -58.55 -49.71 -59.98
N SER R 239 -59.74 -49.54 -60.58
CA SER R 239 -60.07 -50.25 -61.80
C SER R 239 -59.17 -49.86 -62.97
N THR R 240 -58.59 -48.66 -62.92
CA THR R 240 -57.70 -48.18 -63.97
C THR R 240 -56.23 -48.27 -63.59
N THR R 241 -55.92 -48.64 -62.34
CA THR R 241 -54.52 -48.65 -61.90
C THR R 241 -53.60 -49.46 -62.81
N THR R 242 -54.09 -50.54 -63.40
CA THR R 242 -53.23 -51.30 -64.31
C THR R 242 -52.87 -50.49 -65.55
N LEU R 243 -53.77 -49.59 -65.97
CA LEU R 243 -53.45 -48.70 -67.08
C LEU R 243 -52.53 -47.57 -66.62
N ARG R 244 -52.84 -47.01 -65.46
CA ARG R 244 -52.06 -45.90 -64.91
C ARG R 244 -50.63 -46.29 -64.58
N TYR R 245 -50.34 -47.58 -64.39
CA TYR R 245 -49.00 -48.05 -64.07
C TYR R 245 -48.57 -49.13 -65.05
N PRO R 246 -47.32 -49.10 -65.57
CA PRO R 246 -46.95 -50.10 -66.59
C PRO R 246 -46.97 -51.51 -66.03
N GLY R 247 -47.16 -52.46 -66.94
CA GLY R 247 -47.20 -53.86 -66.57
C GLY R 247 -46.83 -54.70 -67.77
N TYR R 248 -46.91 -56.01 -67.59
CA TYR R 248 -46.60 -56.93 -68.67
C TYR R 248 -47.79 -57.18 -69.59
N MET R 249 -48.99 -57.20 -69.03
CA MET R 249 -50.21 -57.48 -69.76
C MET R 249 -51.24 -56.43 -69.41
N ASN R 250 -52.22 -56.26 -70.30
CA ASN R 250 -53.37 -55.42 -70.05
C ASN R 250 -52.91 -53.96 -69.91
N ASN R 251 -52.06 -53.54 -70.84
CA ASN R 251 -51.51 -52.20 -70.85
C ASN R 251 -52.31 -51.28 -71.75
N ASP R 252 -53.52 -51.69 -72.12
CA ASP R 252 -54.44 -50.86 -72.88
C ASP R 252 -55.85 -51.23 -72.48
N LEU R 253 -56.71 -50.20 -72.48
CA LEU R 253 -58.06 -50.36 -71.97
C LEU R 253 -58.82 -51.43 -72.74
N ILE R 254 -58.68 -51.43 -74.07
CA ILE R 254 -59.35 -52.45 -74.87
C ILE R 254 -58.90 -53.84 -74.46
N GLY R 255 -57.59 -54.00 -74.19
CA GLY R 255 -57.08 -55.27 -73.72
C GLY R 255 -57.71 -55.70 -72.42
N LEU R 256 -57.98 -54.75 -71.53
CA LEU R 256 -58.76 -55.08 -70.33
C LEU R 256 -60.17 -55.53 -70.71
N ILE R 257 -60.81 -54.75 -71.58
CA ILE R 257 -62.26 -54.80 -71.75
C ILE R 257 -62.71 -56.09 -72.40
N ALA R 258 -61.92 -56.57 -73.36
CA ALA R 258 -62.34 -57.71 -74.17
C ALA R 258 -62.62 -58.95 -73.30
N SER R 259 -61.75 -59.23 -72.33
CA SER R 259 -61.94 -60.41 -71.48
C SER R 259 -63.24 -60.30 -70.69
N LEU R 260 -63.54 -59.10 -70.22
CA LEU R 260 -64.69 -58.92 -69.34
C LEU R 260 -66.02 -59.01 -70.08
N ILE R 261 -66.10 -58.49 -71.30
CA ILE R 261 -67.35 -58.53 -72.07
C ILE R 261 -67.22 -59.61 -73.15
N PRO R 262 -67.88 -60.79 -72.97
CA PRO R 262 -67.69 -61.89 -73.92
C PRO R 262 -68.67 -61.86 -75.09
N THR R 263 -69.89 -61.39 -74.84
CA THR R 263 -70.89 -61.17 -75.87
C THR R 263 -71.38 -59.73 -75.76
N PRO R 264 -71.55 -59.00 -76.88
CA PRO R 264 -71.72 -57.54 -76.77
C PRO R 264 -72.91 -57.09 -75.94
N ARG R 265 -74.04 -57.79 -76.02
CA ARG R 265 -75.22 -57.37 -75.28
C ARG R 265 -74.94 -57.40 -73.78
N LEU R 266 -74.18 -58.40 -73.32
CA LEU R 266 -73.96 -58.60 -71.89
C LEU R 266 -72.64 -57.93 -71.51
N HIS R 267 -72.69 -56.60 -71.38
CA HIS R 267 -71.51 -55.77 -71.18
C HIS R 267 -71.54 -55.00 -69.86
N PHE R 268 -72.27 -55.53 -68.87
CA PHE R 268 -72.43 -54.90 -67.56
C PHE R 268 -71.58 -55.67 -66.55
N LEU R 269 -70.70 -54.96 -65.84
CA LEU R 269 -69.64 -55.58 -65.04
C LEU R 269 -69.81 -55.25 -63.57
N MET R 270 -69.89 -56.29 -62.73
CA MET R 270 -69.93 -56.12 -61.29
C MET R 270 -68.54 -55.91 -60.74
N THR R 271 -68.49 -55.29 -59.57
CA THR R 271 -67.27 -54.83 -58.92
C THR R 271 -67.06 -55.56 -57.61
N GLY R 272 -65.81 -55.52 -57.14
CA GLY R 272 -65.48 -56.05 -55.84
C GLY R 272 -64.14 -55.50 -55.38
N TYR R 273 -63.99 -55.38 -54.06
CA TYR R 273 -62.77 -54.88 -53.44
C TYR R 273 -62.52 -55.66 -52.16
N THR R 274 -61.36 -56.33 -52.07
CA THR R 274 -61.11 -57.22 -50.95
C THR R 274 -61.02 -56.50 -49.61
N PRO R 275 -60.06 -55.58 -49.37
CA PRO R 275 -60.12 -54.82 -48.12
C PRO R 275 -61.04 -53.63 -48.25
N LEU R 276 -62.35 -53.87 -48.15
CA LEU R 276 -63.30 -52.78 -48.06
C LEU R 276 -62.92 -51.83 -46.92
N THR R 277 -62.40 -52.39 -45.83
CA THR R 277 -61.68 -51.64 -44.81
C THR R 277 -60.18 -51.60 -45.11
N THR R 278 -59.84 -50.98 -46.24
CA THR R 278 -58.44 -50.76 -46.57
C THR R 278 -57.77 -49.77 -45.62
N ASP R 279 -58.56 -48.95 -44.92
CA ASP R 279 -58.01 -48.10 -43.87
C ASP R 279 -57.57 -48.94 -42.68
N LYS R 287 -48.99 -59.66 -42.96
CA LYS R 287 -49.46 -59.32 -44.30
C LYS R 287 -50.42 -60.41 -44.77
N THR R 288 -51.31 -60.06 -45.70
CA THR R 288 -52.31 -60.98 -46.22
C THR R 288 -51.77 -61.62 -47.49
N THR R 289 -51.76 -62.94 -47.53
CA THR R 289 -51.26 -63.64 -48.70
C THR R 289 -52.29 -63.62 -49.84
N VAL R 290 -51.78 -63.82 -51.05
CA VAL R 290 -52.62 -63.73 -52.24
C VAL R 290 -53.70 -64.79 -52.22
N LEU R 291 -53.39 -65.96 -51.66
CA LEU R 291 -54.41 -66.95 -51.32
C LEU R 291 -55.56 -66.29 -50.57
N ASP R 292 -55.23 -65.50 -49.56
CA ASP R 292 -56.25 -64.96 -48.69
C ASP R 292 -57.06 -63.90 -49.40
N VAL R 293 -56.42 -63.02 -50.16
CA VAL R 293 -57.18 -61.95 -50.81
C VAL R 293 -58.07 -62.53 -51.91
N MET R 294 -57.56 -63.44 -52.74
CA MET R 294 -58.41 -64.09 -53.73
C MET R 294 -59.54 -64.85 -53.06
N ARG R 295 -59.28 -65.44 -51.89
CA ARG R 295 -60.37 -66.06 -51.13
C ARG R 295 -61.41 -65.03 -50.72
N ARG R 296 -60.98 -63.92 -50.10
CA ARG R 296 -61.91 -62.96 -49.55
C ARG R 296 -62.77 -62.33 -50.63
N LEU R 297 -62.23 -62.16 -51.82
CA LEU R 297 -62.99 -61.48 -52.85
C LEU R 297 -64.05 -62.34 -53.52
N LEU R 298 -64.06 -63.65 -53.28
CA LEU R 298 -65.10 -64.53 -53.81
C LEU R 298 -66.26 -64.69 -52.82
N GLN R 299 -66.39 -63.77 -51.85
CA GLN R 299 -67.47 -63.75 -50.87
C GLN R 299 -68.48 -62.66 -51.24
N PRO R 300 -69.77 -62.82 -50.91
CA PRO R 300 -70.75 -61.77 -51.28
C PRO R 300 -70.66 -60.49 -50.46
N LYS R 301 -70.07 -60.51 -49.26
CA LYS R 301 -69.95 -59.26 -48.50
C LYS R 301 -69.04 -58.28 -49.21
N ASN R 302 -67.90 -58.75 -49.73
CA ASN R 302 -67.00 -57.87 -50.47
C ASN R 302 -67.62 -57.36 -51.76
N VAL R 303 -68.61 -58.07 -52.31
CA VAL R 303 -69.25 -57.65 -53.55
C VAL R 303 -70.07 -56.39 -53.29
N MET R 304 -70.08 -55.50 -54.29
CA MET R 304 -70.65 -54.16 -54.17
C MET R 304 -71.90 -54.01 -55.03
N VAL R 305 -72.60 -55.12 -55.26
CA VAL R 305 -73.85 -55.14 -56.03
C VAL R 305 -74.91 -55.81 -55.17
N SER R 306 -76.12 -55.26 -55.18
CA SER R 306 -77.20 -55.76 -54.34
C SER R 306 -78.03 -56.79 -55.08
N THR R 313 -84.06 -70.88 -60.24
CA THR R 313 -83.23 -70.84 -61.43
C THR R 313 -81.75 -70.72 -61.07
N ASN R 314 -80.93 -71.54 -61.73
CA ASN R 314 -79.47 -71.43 -61.57
C ASN R 314 -79.02 -70.04 -62.02
N HIS R 315 -77.92 -69.57 -61.43
CA HIS R 315 -77.28 -68.33 -61.86
C HIS R 315 -75.78 -68.51 -61.80
N CYS R 316 -75.06 -67.81 -62.69
CA CYS R 316 -73.65 -68.09 -62.90
C CYS R 316 -72.94 -66.87 -63.46
N TYR R 317 -71.68 -66.72 -63.08
CA TYR R 317 -70.80 -65.77 -63.73
C TYR R 317 -70.58 -66.17 -65.19
N ILE R 318 -70.26 -65.19 -66.03
CA ILE R 318 -69.78 -65.47 -67.38
C ILE R 318 -68.26 -65.44 -67.43
N ALA R 319 -67.63 -64.50 -66.73
CA ALA R 319 -66.18 -64.39 -66.70
C ALA R 319 -65.77 -63.50 -65.53
N ILE R 320 -64.59 -63.79 -64.97
CA ILE R 320 -64.10 -63.09 -63.80
C ILE R 320 -62.67 -62.64 -64.06
N LEU R 321 -62.29 -61.51 -63.48
CA LEU R 321 -60.93 -60.99 -63.51
C LEU R 321 -60.63 -60.36 -62.17
N ASN R 322 -59.38 -60.50 -61.72
CA ASN R 322 -58.93 -59.88 -60.49
C ASN R 322 -57.55 -59.29 -60.69
N ILE R 323 -57.38 -58.07 -60.17
CA ILE R 323 -56.11 -57.34 -60.21
C ILE R 323 -55.73 -57.02 -58.77
N ILE R 324 -54.48 -57.36 -58.42
CA ILE R 324 -53.99 -57.28 -57.04
C ILE R 324 -52.85 -56.27 -57.03
N GLN R 325 -52.87 -55.31 -56.11
CA GLN R 325 -51.83 -54.30 -55.99
C GLN R 325 -51.26 -54.39 -54.57
N GLY R 326 -50.02 -54.85 -54.46
CA GLY R 326 -49.35 -54.84 -53.17
C GLY R 326 -48.08 -55.65 -53.19
N GLU R 327 -47.61 -55.98 -51.99
CA GLU R 327 -46.42 -56.80 -51.78
C GLU R 327 -46.83 -58.26 -51.99
N VAL R 328 -46.95 -58.63 -53.25
CA VAL R 328 -47.41 -59.96 -53.63
C VAL R 328 -46.22 -60.77 -54.08
N ASP R 329 -45.96 -61.87 -53.39
CA ASP R 329 -44.90 -62.77 -53.81
C ASP R 329 -45.34 -63.47 -55.11
N PRO R 330 -44.45 -63.60 -56.11
CA PRO R 330 -44.94 -64.06 -57.42
C PRO R 330 -45.18 -65.55 -57.53
N THR R 331 -44.30 -66.38 -56.96
CA THR R 331 -44.39 -67.82 -57.16
C THR R 331 -45.65 -68.40 -56.53
N GLN R 332 -46.17 -67.77 -55.49
CA GLN R 332 -47.41 -68.26 -54.87
C GLN R 332 -48.65 -67.93 -55.68
N VAL R 333 -48.58 -67.04 -56.69
CA VAL R 333 -49.80 -66.57 -57.34
C VAL R 333 -50.45 -67.67 -58.18
N HIS R 334 -49.67 -68.43 -58.95
CA HIS R 334 -50.31 -69.45 -59.77
C HIS R 334 -50.84 -70.56 -58.88
N LYS R 335 -50.09 -70.86 -57.82
CA LYS R 335 -50.56 -71.78 -56.80
C LYS R 335 -51.86 -71.29 -56.20
N SER R 336 -52.00 -69.97 -56.06
CA SER R 336 -53.22 -69.40 -55.51
C SER R 336 -54.37 -69.60 -56.46
N LEU R 337 -54.12 -69.47 -57.76
CA LEU R 337 -55.16 -69.79 -58.72
C LEU R 337 -55.59 -71.24 -58.53
N GLN R 338 -54.61 -72.13 -58.36
CA GLN R 338 -54.92 -73.55 -58.19
C GLN R 338 -55.72 -73.78 -56.91
N ARG R 339 -55.34 -73.08 -55.85
CA ARG R 339 -56.01 -73.23 -54.56
C ARG R 339 -57.44 -72.72 -54.62
N ILE R 340 -57.67 -71.58 -55.25
CA ILE R 340 -59.03 -71.09 -55.45
C ILE R 340 -59.82 -72.03 -56.35
N ARG R 341 -59.17 -72.70 -57.31
CA ARG R 341 -59.89 -73.69 -58.10
C ARG R 341 -60.38 -74.79 -57.19
N GLU R 342 -59.53 -75.23 -56.26
CA GLU R 342 -59.94 -76.28 -55.33
C GLU R 342 -61.06 -75.82 -54.42
N ARG R 343 -60.98 -74.58 -53.93
CA ARG R 343 -62.03 -74.05 -53.06
C ARG R 343 -63.36 -73.96 -53.79
N LYS R 344 -63.34 -73.60 -55.08
CA LYS R 344 -64.56 -73.43 -55.89
C LYS R 344 -65.54 -72.47 -55.24
N LEU R 345 -65.02 -71.38 -54.66
CA LEU R 345 -65.89 -70.42 -53.99
C LEU R 345 -66.83 -69.74 -54.98
N ALA R 346 -66.37 -69.54 -56.21
CA ALA R 346 -67.14 -68.91 -57.27
C ALA R 346 -67.71 -70.02 -58.14
N ASN R 347 -69.03 -70.08 -58.23
CA ASN R 347 -69.72 -71.12 -58.98
C ASN R 347 -70.19 -70.55 -60.32
N PHE R 348 -69.71 -71.14 -61.41
CA PHE R 348 -70.20 -70.69 -62.71
C PHE R 348 -69.90 -71.71 -63.79
N ILE R 349 -70.90 -72.02 -64.60
CA ILE R 349 -70.76 -72.93 -65.74
C ILE R 349 -71.37 -72.26 -66.96
N PRO R 350 -70.80 -71.15 -67.43
CA PRO R 350 -71.42 -70.39 -68.52
C PRO R 350 -71.16 -71.05 -69.87
N TRP R 351 -71.66 -70.39 -70.92
CA TRP R 351 -71.36 -70.87 -72.27
C TRP R 351 -69.88 -70.63 -72.62
N GLY R 352 -69.32 -69.50 -72.20
CA GLY R 352 -67.96 -69.16 -72.51
C GLY R 352 -66.94 -69.82 -71.60
N PRO R 353 -65.75 -70.18 -72.11
CA PRO R 353 -64.70 -70.73 -71.25
C PRO R 353 -63.72 -69.73 -70.67
N ALA R 354 -64.04 -68.43 -70.68
CA ALA R 354 -63.30 -67.47 -69.88
C ALA R 354 -63.18 -67.96 -68.44
N SER R 355 -61.97 -68.28 -68.02
CA SER R 355 -61.68 -68.63 -66.65
C SER R 355 -61.18 -67.41 -65.88
N ILE R 356 -61.23 -67.52 -64.56
CA ILE R 356 -60.70 -66.43 -63.74
C ILE R 356 -59.21 -66.33 -63.96
N GLN R 357 -58.72 -65.10 -64.09
CA GLN R 357 -57.36 -64.81 -64.52
C GLN R 357 -56.73 -63.88 -63.49
N VAL R 358 -55.53 -64.23 -63.05
CA VAL R 358 -54.89 -63.58 -61.91
C VAL R 358 -53.93 -62.53 -62.46
N ALA R 359 -54.18 -61.26 -62.12
CA ALA R 359 -53.38 -60.15 -62.60
C ALA R 359 -52.79 -59.37 -61.42
N LEU R 360 -51.68 -58.69 -61.70
CA LEU R 360 -50.96 -57.91 -60.71
C LEU R 360 -50.70 -56.52 -61.26
N SER R 361 -50.76 -55.54 -60.36
CA SER R 361 -50.48 -54.14 -60.66
C SER R 361 -49.64 -53.58 -59.54
N ARG R 362 -49.17 -52.34 -59.73
CA ARG R 362 -48.23 -51.71 -58.82
C ARG R 362 -48.98 -50.81 -57.85
N LYS R 363 -48.78 -51.05 -56.56
CA LYS R 363 -49.19 -50.09 -55.54
C LYS R 363 -48.30 -48.85 -55.65
N SER R 364 -48.91 -47.68 -55.47
CA SER R 364 -48.21 -46.42 -55.69
C SER R 364 -47.46 -45.99 -54.43
N PRO R 365 -46.39 -45.17 -54.56
CA PRO R 365 -45.78 -44.59 -53.37
C PRO R 365 -46.48 -43.33 -52.89
N TYR R 366 -45.97 -42.75 -51.80
CA TYR R 366 -46.41 -41.49 -51.17
C TYR R 366 -47.75 -41.56 -50.43
N LEU R 367 -48.56 -42.58 -50.69
CA LEU R 367 -49.83 -42.72 -49.99
C LEU R 367 -49.69 -43.85 -48.97
N PRO R 368 -50.59 -43.94 -47.98
CA PRO R 368 -50.43 -44.99 -46.96
C PRO R 368 -50.49 -46.38 -47.56
N SER R 369 -49.66 -47.27 -47.01
CA SER R 369 -49.56 -48.66 -47.45
C SER R 369 -50.33 -49.61 -46.54
N ALA R 370 -51.33 -49.11 -45.82
CA ALA R 370 -52.13 -49.96 -44.95
C ALA R 370 -52.81 -51.07 -45.76
N HIS R 371 -52.86 -52.26 -45.18
CA HIS R 371 -53.28 -53.48 -45.88
C HIS R 371 -52.48 -53.62 -47.17
N ARG R 372 -51.18 -53.87 -46.97
CA ARG R 372 -50.17 -53.84 -48.03
C ARG R 372 -50.61 -54.54 -49.31
N VAL R 373 -51.27 -55.69 -49.18
CA VAL R 373 -51.85 -56.40 -50.31
C VAL R 373 -53.36 -56.10 -50.33
N SER R 374 -53.84 -55.59 -51.46
CA SER R 374 -55.22 -55.15 -51.61
C SER R 374 -55.60 -55.32 -53.08
N GLY R 375 -56.79 -55.86 -53.35
CA GLY R 375 -57.17 -56.23 -54.69
C GLY R 375 -58.62 -55.88 -55.02
N LEU R 376 -58.93 -55.98 -56.32
CA LEU R 376 -60.30 -55.78 -56.78
C LEU R 376 -60.61 -56.84 -57.85
N MET R 377 -61.91 -57.03 -58.06
CA MET R 377 -62.45 -57.97 -59.02
C MET R 377 -63.48 -57.28 -59.91
N MET R 378 -63.36 -57.54 -61.21
CA MET R 378 -64.33 -57.13 -62.21
C MET R 378 -64.85 -58.38 -62.87
N ALA R 379 -66.17 -58.58 -62.87
CA ALA R 379 -66.73 -59.82 -63.41
C ALA R 379 -68.03 -59.54 -64.13
N ASN R 380 -68.39 -60.43 -65.05
CA ASN R 380 -69.70 -60.44 -65.70
C ASN R 380 -70.56 -61.50 -65.03
N HIS R 381 -71.61 -61.05 -64.32
CA HIS R 381 -72.47 -61.93 -63.53
C HIS R 381 -73.91 -61.78 -63.97
N THR R 382 -74.61 -62.91 -64.06
CA THR R 382 -76.01 -62.91 -64.47
C THR R 382 -76.95 -62.35 -63.40
N SER R 383 -76.47 -62.19 -62.17
CA SER R 383 -77.34 -61.72 -61.10
C SER R 383 -77.89 -60.34 -61.38
N ILE R 384 -77.10 -59.48 -62.03
CA ILE R 384 -77.51 -58.10 -62.29
C ILE R 384 -78.73 -58.02 -63.19
N SER R 385 -79.06 -59.10 -63.91
CA SER R 385 -80.34 -59.17 -64.59
C SER R 385 -81.48 -58.96 -63.59
N SER R 386 -81.31 -59.47 -62.37
CA SER R 386 -82.30 -59.23 -61.34
C SER R 386 -82.47 -57.74 -61.07
N LEU R 387 -81.37 -57.01 -60.93
CA LEU R 387 -81.47 -55.59 -60.64
C LEU R 387 -82.12 -54.83 -61.78
N PHE R 388 -81.79 -55.19 -63.02
CA PHE R 388 -82.49 -54.58 -64.15
C PHE R 388 -83.98 -54.90 -64.10
N GLU R 389 -84.33 -56.16 -63.84
CA GLU R 389 -85.73 -56.56 -63.84
C GLU R 389 -86.50 -55.89 -62.71
N ARG R 390 -85.83 -55.52 -61.62
CA ARG R 390 -86.54 -54.80 -60.56
C ARG R 390 -87.06 -53.45 -61.04
N THR R 391 -86.22 -52.68 -61.75
CA THR R 391 -86.71 -51.41 -62.26
C THR R 391 -87.68 -51.61 -63.42
N CYS R 392 -87.50 -52.67 -64.23
CA CYS R 392 -88.54 -52.97 -65.21
C CYS R 392 -89.86 -53.35 -64.54
N ARG R 393 -89.81 -54.00 -63.38
CA ARG R 393 -91.03 -54.34 -62.64
C ARG R 393 -91.72 -53.09 -62.14
N GLN R 394 -90.94 -52.19 -61.54
CA GLN R 394 -91.49 -50.91 -61.09
C GLN R 394 -92.09 -50.15 -62.26
N TYR R 395 -91.40 -50.15 -63.39
CA TYR R 395 -91.89 -49.46 -64.58
C TYR R 395 -93.18 -50.08 -65.07
N ASP R 396 -93.26 -51.41 -65.08
CA ASP R 396 -94.46 -52.08 -65.59
C ASP R 396 -95.67 -51.75 -64.72
N LYS R 397 -95.49 -51.79 -63.40
CA LYS R 397 -96.57 -51.43 -62.49
C LYS R 397 -96.99 -49.97 -62.71
N LEU R 398 -96.02 -49.07 -62.75
CA LEU R 398 -96.29 -47.66 -62.97
C LEU R 398 -96.95 -47.43 -64.33
N ARG R 399 -96.57 -48.23 -65.32
CA ARG R 399 -97.09 -48.08 -66.68
C ARG R 399 -98.55 -48.50 -66.74
N LYS R 400 -98.90 -49.61 -66.09
CA LYS R 400 -100.31 -49.99 -66.02
C LYS R 400 -101.11 -48.93 -65.29
N ARG R 401 -100.59 -48.41 -64.17
CA ARG R 401 -101.34 -47.37 -63.47
C ARG R 401 -101.47 -46.11 -64.30
N GLU R 402 -100.43 -45.76 -65.06
CA GLU R 402 -100.29 -44.44 -65.68
C GLU R 402 -100.46 -43.33 -64.64
N ALA R 403 -100.03 -43.62 -63.41
CA ALA R 403 -100.08 -42.62 -62.35
C ALA R 403 -99.16 -41.45 -62.67
N PHE R 404 -97.94 -41.75 -63.13
CA PHE R 404 -96.96 -40.72 -63.43
C PHE R 404 -96.43 -40.99 -64.85
N LEU R 405 -97.25 -40.60 -65.82
CA LEU R 405 -96.81 -40.29 -67.18
C LEU R 405 -96.15 -38.93 -67.26
N GLU R 406 -96.12 -38.17 -66.16
CA GLU R 406 -95.57 -36.80 -66.15
C GLU R 406 -96.51 -35.94 -66.99
N GLN R 407 -96.63 -36.21 -68.30
CA GLN R 407 -97.56 -35.49 -69.22
C GLN R 407 -97.28 -33.98 -69.16
N PHE R 408 -96.11 -33.60 -68.66
CA PHE R 408 -95.71 -32.17 -68.68
C PHE R 408 -95.55 -31.83 -70.15
N ARG R 409 -95.87 -30.61 -70.60
CA ARG R 409 -95.84 -30.35 -72.03
C ARG R 409 -94.53 -30.78 -72.65
N LYS R 410 -93.39 -30.53 -71.98
CA LYS R 410 -92.11 -31.03 -72.49
C LYS R 410 -92.18 -32.53 -72.78
N GLU R 411 -92.65 -33.31 -71.80
CA GLU R 411 -92.82 -34.74 -71.97
C GLU R 411 -93.72 -35.07 -73.15
N ASP R 412 -94.89 -34.43 -73.24
CA ASP R 412 -95.90 -34.87 -74.20
C ASP R 412 -95.54 -34.48 -75.62
N MET R 413 -95.13 -33.22 -75.86
CA MET R 413 -94.72 -32.87 -77.22
C MET R 413 -93.46 -33.61 -77.63
N PHE R 414 -92.52 -33.85 -76.70
CA PHE R 414 -91.34 -34.63 -77.08
C PHE R 414 -91.73 -36.05 -77.46
N LYS R 415 -92.60 -36.70 -76.68
CA LYS R 415 -93.07 -38.06 -76.96
C LYS R 415 -94.60 -38.09 -76.81
N ASP R 416 -95.29 -37.79 -77.91
CA ASP R 416 -96.75 -37.91 -77.93
C ASP R 416 -97.16 -39.38 -77.98
N ASN R 417 -96.48 -40.16 -78.82
CA ASN R 417 -96.79 -41.58 -78.92
C ASN R 417 -96.48 -42.32 -77.63
N PHE R 418 -95.45 -41.88 -76.90
CA PHE R 418 -94.96 -42.55 -75.70
C PHE R 418 -94.51 -43.97 -76.02
N ASP R 419 -94.08 -44.20 -77.27
CA ASP R 419 -93.75 -45.53 -77.77
C ASP R 419 -92.27 -45.82 -77.75
N GLU R 420 -91.41 -44.81 -77.60
CA GLU R 420 -90.02 -45.08 -77.26
C GLU R 420 -89.94 -45.82 -75.93
N MET R 421 -90.91 -45.60 -75.05
CA MET R 421 -90.89 -46.25 -73.75
C MET R 421 -91.14 -47.75 -73.90
N ASP R 422 -92.08 -48.13 -74.78
CA ASP R 422 -92.31 -49.54 -75.07
C ASP R 422 -91.14 -50.13 -75.85
N THR R 423 -90.52 -49.33 -76.74
CA THR R 423 -89.33 -49.81 -77.42
C THR R 423 -88.22 -50.13 -76.43
N SER R 424 -88.06 -49.28 -75.42
CA SER R 424 -87.09 -49.55 -74.37
C SER R 424 -87.49 -50.79 -73.58
N ARG R 425 -88.79 -50.97 -73.35
CA ARG R 425 -89.24 -52.14 -72.61
C ARG R 425 -88.90 -53.43 -73.34
N GLU R 426 -89.14 -53.46 -74.66
CA GLU R 426 -88.84 -54.68 -75.41
C GLU R 426 -87.33 -54.89 -75.53
N ILE R 427 -86.54 -53.81 -75.68
CA ILE R 427 -85.09 -53.97 -75.77
C ILE R 427 -84.54 -54.50 -74.45
N VAL R 428 -84.98 -53.93 -73.33
CA VAL R 428 -84.47 -54.40 -72.05
C VAL R 428 -84.99 -55.80 -71.74
N GLN R 429 -86.21 -56.13 -72.20
CA GLN R 429 -86.69 -57.49 -72.03
C GLN R 429 -85.84 -58.47 -72.83
N GLN R 430 -85.42 -58.07 -74.03
CA GLN R 430 -84.45 -58.86 -74.78
C GLN R 430 -83.17 -59.05 -73.97
N LEU R 431 -82.72 -58.00 -73.29
CA LEU R 431 -81.50 -58.12 -72.48
C LEU R 431 -81.70 -59.13 -71.34
N ILE R 432 -82.84 -59.05 -70.65
CA ILE R 432 -83.13 -60.00 -69.56
C ILE R 432 -83.14 -61.43 -70.11
N ASP R 433 -83.81 -61.63 -71.24
CA ASP R 433 -83.88 -62.95 -71.83
C ASP R 433 -82.50 -63.43 -72.24
N GLU R 434 -81.67 -62.52 -72.74
CA GLU R 434 -80.31 -62.87 -73.13
C GLU R 434 -79.48 -63.30 -71.92
N TYR R 435 -79.63 -62.60 -70.79
CA TYR R 435 -78.96 -63.03 -69.55
C TYR R 435 -79.36 -64.45 -69.16
N HIS R 436 -80.67 -64.71 -69.10
CA HIS R 436 -81.08 -66.06 -68.70
C HIS R 436 -80.70 -67.10 -69.76
N ALA R 437 -80.71 -66.74 -71.04
CA ALA R 437 -80.24 -67.65 -72.07
C ALA R 437 -78.76 -67.93 -71.92
N ALA R 438 -77.99 -66.95 -71.47
CA ALA R 438 -76.59 -67.19 -71.15
C ALA R 438 -76.47 -68.19 -70.01
N THR R 439 -77.37 -68.12 -69.03
CA THR R 439 -77.40 -69.15 -68.01
C THR R 439 -77.68 -70.53 -68.62
N ARG R 440 -78.53 -70.58 -69.65
CA ARG R 440 -78.86 -71.87 -70.26
C ARG R 440 -77.63 -72.49 -70.93
N PRO R 441 -77.67 -73.81 -71.20
CA PRO R 441 -76.50 -74.44 -71.87
C PRO R 441 -76.36 -74.09 -73.34
N ASP R 442 -77.35 -73.46 -73.95
CA ASP R 442 -77.43 -73.35 -75.41
C ASP R 442 -77.50 -71.90 -75.87
N TYR R 443 -76.59 -71.08 -75.37
CA TYR R 443 -76.38 -69.75 -75.90
C TYR R 443 -75.60 -69.77 -77.21
N ILE R 444 -75.15 -70.96 -77.65
CA ILE R 444 -74.67 -71.10 -79.02
C ILE R 444 -75.76 -70.72 -80.00
N SER R 445 -76.99 -71.15 -79.71
CA SER R 445 -78.15 -70.67 -80.44
C SER R 445 -78.46 -69.23 -80.04
N TRP R 446 -79.27 -68.58 -80.86
CA TRP R 446 -79.48 -67.14 -80.71
C TRP R 446 -80.11 -66.84 -79.35
N GLY R 447 -79.63 -65.77 -78.72
CA GLY R 447 -80.11 -65.36 -77.41
C GLY R 447 -81.05 -64.17 -77.50
N ARG S 3 -39.75 -1.75 -98.96
CA ARG S 3 -39.67 -0.31 -98.93
C ARG S 3 -40.59 0.09 -97.78
N GLU S 4 -40.34 1.24 -97.17
CA GLU S 4 -41.07 1.61 -95.96
C GLU S 4 -42.54 1.86 -96.29
N ILE S 5 -43.42 1.44 -95.37
CA ILE S 5 -44.88 1.48 -95.57
C ILE S 5 -45.45 2.68 -94.84
N ILE S 6 -46.33 3.42 -95.51
CA ILE S 6 -46.93 4.63 -94.97
C ILE S 6 -48.39 4.31 -94.66
N THR S 7 -48.82 4.59 -93.43
CA THR S 7 -50.14 4.21 -92.98
C THR S 7 -51.05 5.44 -92.93
N LEU S 8 -52.08 5.44 -93.78
CA LEU S 8 -52.88 6.62 -94.07
C LEU S 8 -54.17 6.55 -93.26
N GLN S 9 -54.05 6.69 -91.94
CA GLN S 9 -55.21 6.51 -91.09
C GLN S 9 -56.10 7.74 -91.13
N LEU S 10 -57.38 7.53 -91.40
CA LEU S 10 -58.32 8.59 -91.70
C LEU S 10 -59.67 8.29 -91.08
N GLY S 11 -60.44 9.33 -90.81
CA GLY S 11 -61.70 9.20 -90.12
C GLY S 11 -61.47 9.04 -88.63
N GLN S 12 -62.54 9.29 -87.86
CA GLN S 12 -62.44 9.17 -86.41
C GLN S 12 -62.13 7.73 -86.00
N CYS S 13 -62.92 6.78 -86.49
CA CYS S 13 -62.70 5.37 -86.17
C CYS S 13 -61.34 4.89 -86.69
N GLY S 14 -61.02 5.24 -87.94
CA GLY S 14 -59.74 4.84 -88.49
C GLY S 14 -58.56 5.38 -87.71
N ASN S 15 -58.66 6.65 -87.29
CA ASN S 15 -57.62 7.24 -86.47
C ASN S 15 -57.51 6.56 -85.12
N GLN S 16 -58.63 6.14 -84.54
CA GLN S 16 -58.57 5.46 -83.25
C GLN S 16 -57.88 4.11 -83.38
N ILE S 17 -58.20 3.35 -84.42
CA ILE S 17 -57.54 2.06 -84.57
C ILE S 17 -56.08 2.21 -84.98
N GLY S 18 -55.72 3.25 -85.74
CA GLY S 18 -54.33 3.47 -86.08
C GLY S 18 -53.54 3.90 -84.87
N PHE S 19 -54.15 4.74 -84.03
CA PHE S 19 -53.57 5.09 -82.75
C PHE S 19 -53.26 3.85 -81.93
N GLU S 20 -54.24 2.95 -81.80
CA GLU S 20 -54.01 1.78 -80.98
C GLU S 20 -52.98 0.86 -81.63
N PHE S 21 -52.97 0.77 -82.96
CA PHE S 21 -51.99 -0.07 -83.65
C PHE S 21 -50.57 0.43 -83.41
N TRP S 22 -50.35 1.74 -83.57
CA TRP S 22 -49.01 2.29 -83.35
C TRP S 22 -48.61 2.17 -81.88
N LYS S 23 -49.56 2.32 -80.96
CA LYS S 23 -49.24 2.06 -79.56
C LYS S 23 -48.86 0.60 -79.32
N GLN S 24 -49.56 -0.31 -79.99
CA GLN S 24 -49.26 -1.73 -79.86
C GLN S 24 -47.85 -2.03 -80.36
N LEU S 25 -47.47 -1.45 -81.50
CA LEU S 25 -46.13 -1.65 -82.01
C LEU S 25 -45.08 -0.87 -81.23
N CYS S 26 -45.48 0.18 -80.52
CA CYS S 26 -44.57 0.82 -79.57
C CYS S 26 -44.22 -0.15 -78.45
N ALA S 27 -45.24 -0.71 -77.80
CA ALA S 27 -44.98 -1.67 -76.74
C ALA S 27 -44.22 -2.89 -77.27
N GLU S 28 -44.62 -3.38 -78.45
CA GLU S 28 -44.02 -4.59 -78.99
C GLU S 28 -42.55 -4.36 -79.38
N HIS S 29 -42.26 -3.26 -80.08
CA HIS S 29 -40.89 -2.93 -80.42
C HIS S 29 -40.20 -2.29 -79.22
N GLY S 30 -38.92 -2.01 -79.35
CA GLY S 30 -38.20 -1.31 -78.32
C GLY S 30 -38.40 0.19 -78.43
N ILE S 31 -39.61 0.66 -78.10
CA ILE S 31 -39.97 2.07 -78.22
C ILE S 31 -40.74 2.47 -76.97
N SER S 32 -40.45 3.66 -76.47
CA SER S 32 -41.08 4.24 -75.30
C SER S 32 -42.20 5.16 -75.76
N PRO S 33 -43.01 5.73 -74.86
CA PRO S 33 -44.05 6.67 -75.32
C PRO S 33 -43.52 7.96 -75.90
N GLU S 34 -42.24 8.30 -75.69
CA GLU S 34 -41.63 9.45 -76.34
C GLU S 34 -40.84 9.09 -77.58
N GLY S 35 -40.97 7.87 -78.08
CA GLY S 35 -40.26 7.44 -79.27
C GLY S 35 -38.82 7.06 -79.05
N ILE S 36 -38.33 7.12 -77.82
CA ILE S 36 -36.92 6.84 -77.54
C ILE S 36 -36.70 5.34 -77.55
N VAL S 37 -35.53 4.93 -78.03
CA VAL S 37 -35.16 3.52 -77.95
C VAL S 37 -35.16 3.10 -76.49
N GLU S 38 -35.81 1.97 -76.22
CA GLU S 38 -35.92 1.53 -74.83
C GLU S 38 -34.59 0.99 -74.34
N GLU S 39 -34.25 1.36 -73.09
N GLU S 39 -34.25 1.36 -73.09
CA GLU S 39 -33.00 0.91 -72.50
CA GLU S 39 -33.01 0.91 -72.50
C GLU S 39 -32.98 -0.60 -72.33
C GLU S 39 -32.98 -0.60 -72.33
N PHE S 40 -34.12 -1.19 -71.95
CA PHE S 40 -34.16 -2.63 -71.72
C PHE S 40 -33.83 -3.41 -72.99
N ALA S 41 -34.19 -2.88 -74.15
CA ALA S 41 -33.90 -3.54 -75.42
C ALA S 41 -32.40 -3.64 -75.63
N THR S 45 -33.03 -6.70 -82.91
CA THR S 45 -33.19 -7.91 -83.71
C THR S 45 -34.37 -7.84 -84.67
N ASP S 46 -34.96 -6.65 -84.83
CA ASP S 46 -36.20 -6.46 -85.57
C ASP S 46 -36.00 -5.51 -86.74
N ARG S 47 -36.83 -5.69 -87.78
CA ARG S 47 -36.80 -4.84 -88.97
C ARG S 47 -37.74 -3.67 -88.71
N LYS S 48 -37.24 -2.70 -87.95
CA LYS S 48 -38.01 -1.49 -87.67
C LYS S 48 -37.89 -0.44 -88.76
N ASP S 49 -37.06 -0.70 -89.79
CA ASP S 49 -36.95 0.23 -90.91
C ASP S 49 -38.30 0.44 -91.59
N VAL S 50 -39.05 -0.64 -91.83
CA VAL S 50 -40.18 -0.56 -92.74
C VAL S 50 -41.29 0.31 -92.14
N PHE S 51 -41.57 0.14 -90.85
CA PHE S 51 -42.71 0.78 -90.21
C PHE S 51 -42.36 2.03 -89.43
N PHE S 52 -41.10 2.19 -89.01
CA PHE S 52 -40.68 3.32 -88.19
C PHE S 52 -39.53 4.06 -88.86
N TYR S 53 -39.72 5.36 -89.09
CA TYR S 53 -38.65 6.22 -89.56
C TYR S 53 -37.63 6.40 -88.44
N GLN S 54 -36.36 6.35 -88.81
CA GLN S 54 -35.25 6.47 -87.87
C GLN S 54 -34.86 7.94 -87.77
N ALA S 55 -35.05 8.54 -86.59
CA ALA S 55 -34.41 9.82 -86.32
C ALA S 55 -33.00 9.59 -85.80
N ASP S 56 -32.21 10.66 -85.81
CA ASP S 56 -30.81 10.54 -85.43
C ASP S 56 -30.65 10.19 -83.96
N ASP S 57 -31.48 10.77 -83.10
CA ASP S 57 -31.41 10.56 -81.65
C ASP S 57 -32.43 9.51 -81.21
N GLU S 58 -32.57 8.46 -82.03
CA GLU S 58 -33.38 7.28 -81.71
C GLU S 58 -34.82 7.64 -81.38
N HIS S 59 -35.35 8.67 -82.05
CA HIS S 59 -36.79 8.90 -82.08
C HIS S 59 -37.33 8.09 -83.24
N TYR S 60 -37.97 6.98 -82.90
CA TYR S 60 -38.57 6.09 -83.87
C TYR S 60 -40.00 6.57 -84.10
N ILE S 61 -40.14 7.49 -85.05
CA ILE S 61 -41.42 8.10 -85.37
C ILE S 61 -42.06 7.26 -86.48
N PRO S 62 -43.29 6.77 -86.32
CA PRO S 62 -43.89 5.99 -87.41
C PRO S 62 -44.31 6.88 -88.56
N ARG S 63 -44.33 6.28 -89.76
CA ARG S 63 -44.83 6.95 -90.95
C ARG S 63 -46.36 6.93 -90.99
N ALA S 64 -46.94 7.55 -89.97
CA ALA S 64 -48.38 7.68 -89.83
C ALA S 64 -48.84 8.99 -90.43
N VAL S 65 -49.86 8.92 -91.28
CA VAL S 65 -50.54 10.10 -91.80
C VAL S 65 -51.93 10.10 -91.20
N LEU S 66 -52.17 11.03 -90.29
CA LEU S 66 -53.43 11.15 -89.56
C LEU S 66 -54.28 12.23 -90.21
N LEU S 67 -55.42 11.84 -90.79
CA LEU S 67 -56.33 12.80 -91.39
C LEU S 67 -57.54 13.01 -90.50
N ASP S 68 -57.78 14.27 -90.16
CA ASP S 68 -58.93 14.68 -89.35
C ASP S 68 -59.90 15.48 -90.21
N LEU S 69 -61.18 15.29 -89.95
CA LEU S 69 -62.23 16.10 -90.58
C LEU S 69 -63.29 16.37 -89.52
N GLU S 70 -63.56 17.65 -89.28
CA GLU S 70 -64.43 18.07 -88.18
C GLU S 70 -63.91 17.50 -86.86
N PRO S 71 -62.68 17.80 -86.48
CA PRO S 71 -61.99 17.02 -85.43
C PRO S 71 -62.68 17.12 -84.07
N ARG S 72 -62.95 15.95 -83.48
CA ARG S 72 -63.32 15.83 -82.08
C ARG S 72 -62.36 14.91 -81.35
N VAL S 73 -62.11 13.72 -81.91
CA VAL S 73 -61.24 12.73 -81.27
C VAL S 73 -59.78 12.94 -81.59
N ILE S 74 -59.46 13.75 -82.59
CA ILE S 74 -58.05 13.96 -82.89
C ILE S 74 -57.43 14.82 -81.80
N HIS S 75 -58.21 15.67 -81.15
CA HIS S 75 -57.70 16.42 -80.01
C HIS S 75 -57.35 15.48 -78.87
N SER S 76 -58.17 14.42 -78.69
CA SER S 76 -57.86 13.43 -77.67
C SER S 76 -56.59 12.67 -78.03
N ILE S 77 -56.39 12.39 -79.32
CA ILE S 77 -55.14 11.76 -79.74
C ILE S 77 -53.95 12.67 -79.44
N LEU S 78 -54.07 13.98 -79.69
CA LEU S 78 -52.98 14.88 -79.34
C LEU S 78 -52.69 14.88 -77.84
N ASN S 79 -53.70 14.96 -76.97
CA ASN S 79 -53.41 15.08 -75.54
C ASN S 79 -53.19 13.68 -74.93
N SER S 80 -52.11 13.04 -75.40
CA SER S 80 -51.78 11.67 -75.02
C SER S 80 -50.28 11.60 -74.75
N PRO S 81 -49.83 10.59 -73.98
CA PRO S 81 -48.39 10.43 -73.77
C PRO S 81 -47.60 10.15 -75.04
N TYR S 82 -48.24 9.62 -76.08
CA TYR S 82 -47.55 9.19 -77.28
C TYR S 82 -47.52 10.28 -78.36
N ALA S 83 -48.01 11.48 -78.03
CA ALA S 83 -48.00 12.58 -78.99
C ALA S 83 -46.58 12.86 -79.46
N LYS S 84 -45.61 12.79 -78.56
CA LYS S 84 -44.22 12.93 -78.98
C LYS S 84 -43.78 11.74 -79.83
N LEU S 85 -44.34 10.55 -79.60
CA LEU S 85 -43.97 9.40 -80.41
C LEU S 85 -44.32 9.65 -81.87
N TYR S 86 -45.56 10.05 -82.14
CA TYR S 86 -46.00 10.34 -83.50
C TYR S 86 -45.93 11.85 -83.71
N ASN S 87 -44.79 12.33 -84.23
CA ASN S 87 -44.61 13.73 -84.60
C ASN S 87 -43.93 13.85 -85.96
N PRO S 88 -44.59 13.48 -87.05
CA PRO S 88 -44.23 14.08 -88.34
C PRO S 88 -44.84 15.46 -88.55
N GLU S 89 -45.71 15.91 -87.63
CA GLU S 89 -46.36 17.21 -87.73
C GLU S 89 -47.15 17.28 -89.05
N ASN S 90 -48.08 16.32 -89.20
CA ASN S 90 -48.75 16.04 -90.49
C ASN S 90 -50.24 15.82 -90.27
N ILE S 91 -50.87 16.69 -89.47
CA ILE S 91 -52.31 16.66 -89.24
C ILE S 91 -52.88 17.95 -89.81
N TYR S 92 -53.85 17.83 -90.71
CA TYR S 92 -54.46 18.97 -91.39
C TYR S 92 -55.97 18.93 -91.27
N LEU S 93 -56.52 19.98 -90.67
CA LEU S 93 -57.97 20.15 -90.54
C LEU S 93 -58.62 20.33 -91.90
N GLY S 101 -69.08 16.16 -92.18
CA GLY S 101 -70.44 15.65 -92.23
C GLY S 101 -70.51 14.15 -92.14
N ASN S 102 -71.70 13.62 -91.93
CA ASN S 102 -71.93 12.18 -91.81
C ASN S 102 -72.29 11.53 -93.14
N ASN S 103 -72.19 12.26 -94.24
CA ASN S 103 -72.56 11.77 -95.56
C ASN S 103 -71.33 11.52 -96.40
N TRP S 104 -71.41 10.50 -97.25
CA TRP S 104 -70.31 10.18 -98.15
C TRP S 104 -70.06 11.35 -99.10
N ALA S 105 -71.14 11.97 -99.60
CA ALA S 105 -70.99 13.13 -100.46
C ALA S 105 -70.30 14.28 -99.76
N SER S 106 -70.71 14.56 -98.51
CA SER S 106 -70.07 15.65 -97.76
C SER S 106 -68.60 15.36 -97.54
N GLY S 107 -68.27 14.11 -97.21
CA GLY S 107 -66.87 13.77 -96.99
C GLY S 107 -66.05 13.89 -98.27
N PHE S 108 -66.61 13.44 -99.39
CA PHE S 108 -65.89 13.52 -100.66
C PHE S 108 -65.67 14.99 -101.05
N SER S 109 -66.72 15.81 -100.91
CA SER S 109 -66.60 17.22 -101.28
C SER S 109 -65.60 17.95 -100.38
N GLN S 110 -65.66 17.69 -99.06
CA GLN S 110 -64.71 18.31 -98.15
C GLN S 110 -63.29 17.85 -98.45
N GLY S 111 -63.12 16.59 -98.84
CA GLY S 111 -61.78 16.13 -99.21
C GLY S 111 -61.25 16.82 -100.46
N GLU S 112 -62.14 17.11 -101.41
CA GLU S 112 -61.70 17.67 -102.68
C GLU S 112 -61.00 19.02 -102.50
N LYS S 113 -61.54 19.87 -101.63
CA LYS S 113 -60.98 21.22 -101.51
C LYS S 113 -59.60 21.20 -100.84
N ILE S 114 -59.35 20.27 -99.92
CA ILE S 114 -58.07 20.17 -99.23
C ILE S 114 -57.18 19.08 -99.83
N HIS S 115 -57.51 18.58 -101.02
CA HIS S 115 -56.76 17.47 -101.59
C HIS S 115 -55.27 17.79 -101.75
N GLU S 116 -54.93 19.03 -102.12
CA GLU S 116 -53.55 19.32 -102.49
C GLU S 116 -52.64 19.33 -101.27
N ASP S 117 -53.07 19.92 -100.16
CA ASP S 117 -52.20 20.02 -98.99
C ASP S 117 -51.98 18.67 -98.33
N ILE S 118 -53.04 17.86 -98.24
CA ILE S 118 -52.88 16.52 -97.69
C ILE S 118 -52.01 15.67 -98.61
N PHE S 119 -52.12 15.90 -99.92
CA PHE S 119 -51.25 15.15 -100.83
C PHE S 119 -49.81 15.60 -100.72
N ASP S 120 -49.57 16.87 -100.39
CA ASP S 120 -48.19 17.29 -100.11
C ASP S 120 -47.69 16.65 -98.83
N ILE S 121 -48.59 16.48 -97.85
CA ILE S 121 -48.24 15.72 -96.65
C ILE S 121 -47.87 14.29 -97.02
N ILE S 122 -48.57 13.70 -97.99
CA ILE S 122 -48.20 12.35 -98.45
C ILE S 122 -46.82 12.39 -99.08
N ASP S 123 -46.61 13.37 -99.96
CA ASP S 123 -45.41 13.43 -100.75
C ASP S 123 -44.19 13.56 -99.87
N ARG S 124 -44.27 14.43 -98.85
CA ARG S 124 -43.15 14.66 -97.95
C ARG S 124 -42.66 13.36 -97.33
N GLU S 125 -43.59 12.54 -96.82
CA GLU S 125 -43.19 11.24 -96.28
C GLU S 125 -42.60 10.35 -97.37
N ALA S 126 -43.21 10.36 -98.56
CA ALA S 126 -42.72 9.53 -99.64
C ALA S 126 -41.27 9.86 -99.99
N ASP S 127 -40.92 11.14 -99.91
CA ASP S 127 -39.58 11.61 -100.21
C ASP S 127 -38.62 11.40 -99.04
N GLY S 128 -39.08 11.69 -97.82
CA GLY S 128 -38.23 11.53 -96.66
C GLY S 128 -37.81 10.10 -96.46
N SER S 129 -38.69 9.16 -96.78
CA SER S 129 -38.29 7.76 -96.77
C SER S 129 -37.26 7.52 -97.85
N ASP S 130 -36.38 6.55 -97.60
CA ASP S 130 -35.51 6.07 -98.66
C ASP S 130 -36.34 5.60 -99.85
N SER S 131 -37.46 4.95 -99.57
CA SER S 131 -38.25 4.34 -100.61
C SER S 131 -39.60 3.96 -100.01
N LEU S 132 -40.57 3.65 -100.87
CA LEU S 132 -41.96 3.47 -100.46
C LEU S 132 -42.59 2.32 -101.23
N GLU S 133 -43.11 1.31 -100.53
CA GLU S 133 -43.82 0.21 -101.20
C GLU S 133 -45.34 0.39 -101.17
N GLY S 134 -45.91 0.71 -100.01
CA GLY S 134 -47.34 0.54 -99.82
C GLY S 134 -47.99 1.59 -98.95
N PHE S 135 -49.25 1.86 -99.27
CA PHE S 135 -50.10 2.79 -98.52
C PHE S 135 -51.17 1.96 -97.83
N VAL S 136 -51.15 1.92 -96.50
CA VAL S 136 -52.03 1.07 -95.71
C VAL S 136 -53.09 1.96 -95.07
N LEU S 137 -54.33 1.84 -95.50
CA LEU S 137 -55.40 2.72 -95.07
C LEU S 137 -56.19 2.06 -93.95
N CYS S 138 -56.25 2.71 -92.78
CA CYS S 138 -57.11 2.28 -91.68
C CYS S 138 -58.53 2.77 -91.93
N HIS S 139 -59.08 2.37 -93.07
CA HIS S 139 -60.30 2.99 -93.57
C HIS S 139 -61.51 2.51 -92.77
N SER S 140 -62.53 3.36 -92.70
CA SER S 140 -63.82 3.01 -92.10
C SER S 140 -64.89 3.10 -93.17
N ILE S 141 -65.55 1.98 -93.46
CA ILE S 141 -66.64 1.97 -94.43
C ILE S 141 -67.87 2.57 -93.79
N ALA S 142 -68.56 3.43 -94.53
CA ALA S 142 -69.74 4.15 -94.04
C ALA S 142 -69.43 4.84 -92.71
N GLY S 143 -68.29 5.53 -92.69
CA GLY S 143 -67.80 6.18 -91.50
C GLY S 143 -68.11 7.66 -91.46
N GLY S 144 -69.16 8.07 -92.17
CA GLY S 144 -69.48 9.47 -92.28
C GLY S 144 -68.33 10.23 -92.92
N THR S 145 -67.57 10.95 -92.10
CA THR S 145 -66.41 11.69 -92.58
C THR S 145 -65.36 10.74 -93.17
N GLY S 146 -65.14 9.60 -92.52
CA GLY S 146 -64.13 8.67 -93.00
C GLY S 146 -64.40 8.20 -94.42
N SER S 147 -65.63 7.76 -94.67
CA SER S 147 -66.03 7.37 -96.01
C SER S 147 -66.27 8.63 -96.85
N GLY S 148 -66.14 8.47 -98.16
CA GLY S 148 -66.16 9.61 -99.06
C GLY S 148 -64.78 10.20 -99.20
N LEU S 149 -64.24 10.70 -98.10
CA LEU S 149 -62.88 11.21 -98.12
C LEU S 149 -61.89 10.09 -98.40
N GLY S 150 -62.11 8.91 -97.81
CA GLY S 150 -61.20 7.81 -98.07
C GLY S 150 -61.30 7.34 -99.51
N SER S 151 -62.50 7.37 -100.07
CA SER S 151 -62.67 6.99 -101.48
C SER S 151 -61.98 7.99 -102.40
N TYR S 152 -62.13 9.29 -102.14
CA TYR S 152 -61.49 10.31 -102.95
C TYR S 152 -59.98 10.18 -102.88
N LEU S 153 -59.45 10.04 -101.67
CA LEU S 153 -58.03 9.80 -101.50
C LEU S 153 -57.60 8.52 -102.21
N LEU S 154 -58.45 7.50 -102.20
CA LEU S 154 -58.10 6.24 -102.83
C LEU S 154 -57.94 6.41 -104.33
N GLU S 155 -58.82 7.20 -104.95
CA GLU S 155 -58.69 7.41 -106.38
C GLU S 155 -57.54 8.36 -106.70
N ARG S 156 -57.17 9.25 -105.76
CA ARG S 156 -56.04 10.14 -106.04
C ARG S 156 -54.69 9.43 -105.93
N LEU S 157 -54.48 8.65 -104.87
CA LEU S 157 -53.17 8.01 -104.66
C LEU S 157 -52.80 7.09 -105.80
N ASN S 158 -53.73 6.30 -106.31
CA ASN S 158 -53.33 5.31 -107.29
C ASN S 158 -52.90 5.97 -108.60
N ASP S 159 -53.62 7.02 -109.01
CA ASP S 159 -53.22 7.79 -110.19
C ASP S 159 -51.84 8.39 -109.98
N ARG S 160 -51.60 8.97 -108.80
CA ARG S 160 -50.31 9.61 -108.57
C ARG S 160 -49.18 8.59 -108.46
N TYR S 161 -49.48 7.38 -107.98
CA TYR S 161 -48.50 6.32 -107.81
C TYR S 161 -49.02 5.05 -108.49
N PRO S 162 -49.01 5.02 -109.83
CA PRO S 162 -49.51 3.81 -110.51
C PRO S 162 -48.78 2.54 -110.15
N LYS S 163 -47.46 2.60 -109.98
CA LYS S 163 -46.70 1.40 -109.66
C LYS S 163 -46.99 0.92 -108.24
N LYS S 164 -47.28 1.83 -107.33
CA LYS S 164 -47.42 1.49 -105.92
C LYS S 164 -48.78 0.88 -105.61
N LEU S 165 -48.84 0.19 -104.46
CA LEU S 165 -50.01 -0.57 -104.03
C LEU S 165 -50.63 0.03 -102.77
N VAL S 166 -51.95 -0.15 -102.70
CA VAL S 166 -52.77 0.34 -101.60
C VAL S 166 -53.45 -0.86 -100.96
N GLN S 167 -53.20 -1.04 -99.67
CA GLN S 167 -53.94 -1.99 -98.85
C GLN S 167 -54.90 -1.20 -97.97
N THR S 168 -56.01 -1.84 -97.61
CA THR S 168 -57.04 -1.19 -96.80
C THR S 168 -57.49 -2.18 -95.74
N TYR S 169 -57.22 -1.86 -94.47
CA TYR S 169 -57.77 -2.60 -93.35
C TYR S 169 -59.13 -2.01 -93.02
N SER S 170 -60.04 -2.17 -93.97
CA SER S 170 -61.35 -1.54 -93.87
C SER S 170 -62.24 -2.26 -92.86
N VAL S 171 -62.78 -1.50 -91.91
CA VAL S 171 -63.74 -2.04 -90.95
C VAL S 171 -65.15 -1.89 -91.51
N PHE S 172 -65.61 -2.90 -92.25
CA PHE S 172 -67.00 -2.92 -92.70
C PHE S 172 -67.94 -2.88 -91.50
N PRO S 173 -68.86 -1.91 -91.43
CA PRO S 173 -69.80 -1.90 -90.31
C PRO S 173 -71.01 -2.78 -90.53
N ASN S 174 -71.17 -3.76 -89.63
CA ASN S 174 -72.45 -4.42 -89.43
C ASN S 174 -72.72 -4.37 -87.94
N GLN S 175 -73.74 -3.61 -87.54
CA GLN S 175 -74.11 -3.43 -86.15
C GLN S 175 -75.53 -3.90 -85.89
N ASP S 176 -75.93 -4.98 -86.58
CA ASP S 176 -77.30 -5.48 -86.64
C ASP S 176 -78.23 -4.47 -87.32
N GLU S 177 -77.67 -3.52 -88.05
CA GLU S 177 -78.43 -2.46 -88.73
C GLU S 177 -79.34 -1.72 -87.75
N ASP S 180 -76.90 5.73 -84.57
CA ASP S 180 -77.47 5.17 -85.78
C ASP S 180 -77.29 6.12 -86.95
N VAL S 181 -77.01 5.55 -88.12
CA VAL S 181 -76.96 6.28 -89.38
C VAL S 181 -77.91 5.58 -90.34
N VAL S 182 -78.82 6.35 -90.94
CA VAL S 182 -79.80 5.76 -91.86
C VAL S 182 -79.22 5.56 -93.26
N VAL S 183 -78.20 6.31 -93.65
CA VAL S 183 -77.67 6.30 -95.01
C VAL S 183 -76.50 5.32 -95.17
N GLN S 184 -76.32 4.40 -94.19
CA GLN S 184 -75.23 3.42 -94.24
C GLN S 184 -75.16 2.64 -95.55
N PRO S 185 -76.26 2.07 -96.08
CA PRO S 185 -76.11 1.29 -97.32
C PRO S 185 -75.63 2.12 -98.48
N TYR S 186 -76.14 3.34 -98.62
CA TYR S 186 -75.74 4.22 -99.72
C TYR S 186 -74.25 4.50 -99.63
N ASN S 187 -73.80 4.90 -98.43
CA ASN S 187 -72.40 5.23 -98.22
C ASN S 187 -71.51 4.05 -98.51
N SER S 188 -71.82 2.89 -97.91
CA SER S 188 -71.01 1.71 -98.10
C SER S 188 -71.00 1.29 -99.56
N LEU S 189 -72.15 1.40 -100.24
CA LEU S 189 -72.23 1.07 -101.65
C LEU S 189 -71.21 1.86 -102.46
N LEU S 190 -71.18 3.18 -102.28
CA LEU S 190 -70.26 4.00 -103.06
C LEU S 190 -68.81 3.66 -102.72
N THR S 191 -68.51 3.47 -101.43
CA THR S 191 -67.15 3.13 -101.05
C THR S 191 -66.72 1.83 -101.70
N LEU S 192 -67.63 0.85 -101.77
CA LEU S 192 -67.24 -0.44 -102.34
C LEU S 192 -66.95 -0.34 -103.82
N LYS S 193 -67.63 0.54 -104.55
CA LYS S 193 -67.27 0.74 -105.96
C LYS S 193 -65.84 1.27 -106.06
N ARG S 194 -65.53 2.31 -105.29
CA ARG S 194 -64.18 2.87 -105.34
C ARG S 194 -63.14 1.85 -104.90
N LEU S 195 -63.44 1.09 -103.85
CA LEU S 195 -62.52 0.07 -103.37
C LEU S 195 -62.36 -1.07 -104.35
N THR S 196 -63.43 -1.46 -105.03
CA THR S 196 -63.34 -2.59 -105.94
C THR S 196 -62.48 -2.26 -107.14
N GLN S 197 -62.54 -1.02 -107.65
CA GLN S 197 -61.77 -0.71 -108.85
C GLN S 197 -60.46 0.03 -108.55
N ASN S 198 -60.26 0.54 -107.32
CA ASN S 198 -59.13 1.39 -107.01
C ASN S 198 -58.38 0.97 -105.74
N ALA S 199 -58.48 -0.29 -105.32
CA ALA S 199 -57.77 -0.77 -104.13
C ALA S 199 -57.05 -2.07 -104.49
N ASP S 200 -55.76 -2.14 -104.17
CA ASP S 200 -54.98 -3.32 -104.52
C ASP S 200 -55.29 -4.49 -103.60
N CYS S 201 -55.48 -4.23 -102.30
CA CYS S 201 -55.89 -5.29 -101.38
C CYS S 201 -56.78 -4.73 -100.28
N VAL S 202 -57.68 -5.58 -99.77
CA VAL S 202 -58.60 -5.19 -98.71
C VAL S 202 -58.70 -6.34 -97.72
N VAL S 203 -58.65 -5.99 -96.43
CA VAL S 203 -58.80 -6.96 -95.34
C VAL S 203 -60.12 -6.65 -94.67
N VAL S 204 -61.04 -7.62 -94.68
CA VAL S 204 -62.39 -7.42 -94.17
C VAL S 204 -62.39 -7.69 -92.67
N LEU S 205 -62.96 -6.77 -91.93
CA LEU S 205 -63.25 -6.95 -90.51
C LEU S 205 -64.71 -6.55 -90.32
N ASP S 206 -65.31 -7.00 -89.22
CA ASP S 206 -66.74 -6.84 -89.02
C ASP S 206 -67.02 -6.51 -87.56
N ASN S 207 -67.77 -5.43 -87.36
CA ASN S 207 -68.13 -5.00 -86.02
C ASN S 207 -68.98 -6.06 -85.31
N THR S 208 -69.99 -6.59 -85.99
CA THR S 208 -70.85 -7.60 -85.35
C THR S 208 -70.05 -8.86 -85.01
N ALA S 209 -69.19 -9.31 -85.93
CA ALA S 209 -68.41 -10.50 -85.66
C ALA S 209 -67.52 -10.30 -84.44
N LEU S 210 -66.85 -9.15 -84.36
CA LEU S 210 -65.98 -8.92 -83.22
C LEU S 210 -66.79 -8.70 -81.95
N ASN S 211 -68.00 -8.13 -82.06
CA ASN S 211 -68.86 -7.96 -80.89
C ASN S 211 -69.34 -9.31 -80.37
N ARG S 212 -69.72 -10.23 -81.26
CA ARG S 212 -70.10 -11.56 -80.83
C ARG S 212 -68.93 -12.25 -80.16
N ILE S 213 -67.72 -12.05 -80.69
CA ILE S 213 -66.54 -12.60 -80.04
C ILE S 213 -66.34 -11.95 -78.68
N ALA S 214 -66.67 -10.67 -78.55
CA ALA S 214 -66.56 -10.00 -77.25
C ALA S 214 -67.51 -10.62 -76.25
N THR S 215 -68.76 -10.87 -76.66
CA THR S 215 -69.71 -11.54 -75.77
C THR S 215 -69.21 -12.94 -75.41
N ASP S 216 -68.56 -13.61 -76.36
CA ASP S 216 -67.99 -14.93 -76.12
C ASP S 216 -66.91 -14.90 -75.04
N ARG S 217 -65.82 -14.17 -75.31
CA ARG S 217 -64.66 -14.19 -74.44
C ARG S 217 -64.88 -13.42 -73.14
N LEU S 218 -65.64 -12.33 -73.18
CA LEU S 218 -65.89 -11.47 -72.03
C LEU S 218 -67.38 -11.17 -71.94
N HIS S 219 -67.75 -10.44 -70.88
CA HIS S 219 -69.11 -9.97 -70.66
C HIS S 219 -69.35 -8.58 -71.23
N ILE S 220 -68.35 -7.99 -71.89
CA ILE S 220 -68.47 -6.64 -72.42
C ILE S 220 -69.54 -6.62 -73.52
N GLN S 221 -70.61 -5.86 -73.30
CA GLN S 221 -71.66 -5.67 -74.30
C GLN S 221 -71.88 -4.20 -74.64
N ASN S 222 -72.03 -3.36 -73.61
CA ASN S 222 -72.40 -1.96 -73.87
C ASN S 222 -71.24 -1.12 -74.38
N PRO S 223 -70.04 -1.10 -73.75
CA PRO S 223 -68.88 -0.39 -74.32
C PRO S 223 -68.12 -1.25 -75.33
N SER S 224 -68.84 -1.76 -76.33
CA SER S 224 -68.24 -2.67 -77.31
C SER S 224 -67.08 -2.02 -78.03
N PHE S 225 -67.27 -0.78 -78.50
CA PHE S 225 -66.32 -0.19 -79.43
C PHE S 225 -64.94 -0.02 -78.80
N SER S 226 -64.90 0.37 -77.54
CA SER S 226 -63.62 0.61 -76.87
C SER S 226 -62.77 -0.65 -76.78
N GLN S 227 -63.39 -1.77 -76.38
CA GLN S 227 -62.64 -3.01 -76.20
C GLN S 227 -62.30 -3.66 -77.54
N ILE S 228 -63.22 -3.59 -78.50
CA ILE S 228 -63.00 -4.21 -79.81
C ILE S 228 -61.79 -3.60 -80.51
N ASN S 229 -61.44 -2.36 -80.14
CA ASN S 229 -60.24 -1.72 -80.64
C ASN S 229 -59.02 -2.60 -80.38
N GLN S 230 -58.96 -3.20 -79.20
CA GLN S 230 -57.85 -4.11 -78.89
C GLN S 230 -57.82 -5.28 -79.86
N LEU S 231 -58.99 -5.87 -80.15
CA LEU S 231 -59.04 -7.03 -81.02
C LEU S 231 -58.52 -6.67 -82.40
N VAL S 232 -59.01 -5.55 -82.95
CA VAL S 232 -58.57 -5.16 -84.28
C VAL S 232 -57.09 -4.83 -84.26
N SER S 233 -56.59 -4.21 -83.18
CA SER S 233 -55.18 -3.85 -83.12
C SER S 233 -54.30 -5.10 -83.13
N THR S 234 -54.70 -6.13 -82.38
CA THR S 234 -53.99 -7.41 -82.45
C THR S 234 -53.97 -7.95 -83.87
N ILE S 235 -55.12 -7.89 -84.55
CA ILE S 235 -55.17 -8.38 -85.93
C ILE S 235 -54.18 -7.60 -86.79
N MET S 236 -54.18 -6.28 -86.64
CA MET S 236 -53.37 -5.42 -87.49
C MET S 236 -51.87 -5.66 -87.28
N SER S 237 -51.43 -5.67 -86.01
CA SER S 237 -50.01 -5.89 -85.74
C SER S 237 -49.58 -7.29 -86.15
N ALA S 238 -50.37 -8.30 -85.77
CA ALA S 238 -50.00 -9.67 -86.06
C ALA S 238 -49.96 -9.93 -87.56
N SER S 239 -50.85 -9.28 -88.33
CA SER S 239 -50.86 -9.47 -89.77
C SER S 239 -49.57 -8.99 -90.43
N THR S 240 -48.85 -8.06 -89.79
CA THR S 240 -47.63 -7.48 -90.33
C THR S 240 -46.38 -8.03 -89.67
N THR S 241 -46.53 -8.84 -88.60
CA THR S 241 -45.37 -9.31 -87.85
C THR S 241 -44.32 -9.98 -88.74
N THR S 242 -44.73 -10.71 -89.77
CA THR S 242 -43.74 -11.38 -90.61
C THR S 242 -42.87 -10.39 -91.36
N LEU S 243 -43.42 -9.23 -91.72
CA LEU S 243 -42.62 -8.15 -92.30
C LEU S 243 -41.76 -7.46 -91.24
N ARG S 244 -42.37 -7.13 -90.11
CA ARG S 244 -41.65 -6.41 -89.05
C ARG S 244 -40.48 -7.22 -88.48
N TYR S 245 -40.50 -8.55 -88.62
CA TYR S 245 -39.43 -9.39 -88.10
C TYR S 245 -38.86 -10.25 -89.24
N PRO S 246 -37.54 -10.39 -89.37
CA PRO S 246 -37.00 -11.07 -90.56
C PRO S 246 -37.41 -12.52 -90.63
N GLY S 247 -37.33 -13.07 -91.84
CA GLY S 247 -37.66 -14.47 -92.06
C GLY S 247 -36.99 -14.98 -93.32
N TYR S 248 -37.26 -16.25 -93.61
CA TYR S 248 -36.75 -16.88 -94.83
C TYR S 248 -37.57 -16.52 -96.05
N MET S 249 -38.89 -16.41 -95.90
CA MET S 249 -39.82 -16.16 -96.99
C MET S 249 -40.82 -15.13 -96.52
N ASN S 250 -41.40 -14.43 -97.49
CA ASN S 250 -42.41 -13.42 -97.23
C ASN S 250 -41.78 -12.27 -96.45
N ASN S 251 -40.62 -11.80 -96.93
CA ASN S 251 -39.94 -10.63 -96.38
C ASN S 251 -40.41 -9.33 -97.01
N ASP S 252 -41.55 -9.35 -97.68
CA ASP S 252 -42.12 -8.14 -98.26
C ASP S 252 -43.63 -8.29 -98.42
N LEU S 253 -44.29 -7.14 -98.33
CA LEU S 253 -45.74 -7.09 -98.35
C LEU S 253 -46.29 -7.69 -99.64
N ILE S 254 -45.73 -7.30 -100.78
CA ILE S 254 -46.19 -7.83 -102.06
C ILE S 254 -46.03 -9.35 -102.10
N GLY S 255 -44.92 -9.85 -101.55
CA GLY S 255 -44.72 -11.29 -101.46
C GLY S 255 -45.83 -11.97 -100.69
N LEU S 256 -46.30 -11.33 -99.62
CA LEU S 256 -47.48 -11.86 -98.94
C LEU S 256 -48.70 -11.81 -99.85
N ILE S 257 -48.94 -10.63 -100.44
CA ILE S 257 -50.22 -10.29 -101.04
C ILE S 257 -50.51 -11.17 -102.25
N ALA S 258 -49.46 -11.55 -102.99
CA ALA S 258 -49.63 -12.28 -104.24
C ALA S 258 -50.40 -13.58 -104.03
N SER S 259 -50.02 -14.35 -103.00
CA SER S 259 -50.74 -15.59 -102.75
C SER S 259 -52.18 -15.32 -102.37
N LEU S 260 -52.42 -14.31 -101.53
CA LEU S 260 -53.73 -14.18 -100.90
C LEU S 260 -54.76 -13.55 -101.81
N ILE S 261 -54.36 -12.81 -102.83
CA ILE S 261 -55.29 -12.30 -103.84
C ILE S 261 -54.94 -12.94 -105.19
N PRO S 262 -55.71 -13.98 -105.63
CA PRO S 262 -55.36 -14.63 -106.90
C PRO S 262 -55.93 -13.94 -108.13
N THR S 263 -57.13 -13.36 -108.01
CA THR S 263 -57.75 -12.58 -109.08
C THR S 263 -58.09 -11.19 -108.55
N PRO S 264 -57.85 -10.12 -109.33
CA PRO S 264 -57.86 -8.77 -108.74
C PRO S 264 -59.17 -8.37 -108.10
N ARG S 265 -60.29 -8.71 -108.73
CA ARG S 265 -61.58 -8.31 -108.21
C ARG S 265 -61.82 -8.90 -106.83
N LEU S 266 -61.39 -10.15 -106.63
CA LEU S 266 -61.65 -10.86 -105.38
C LEU S 266 -60.43 -10.65 -104.49
N HIS S 267 -60.33 -9.44 -103.93
CA HIS S 267 -59.18 -9.03 -103.15
C HIS S 267 -59.55 -8.73 -101.70
N PHE S 268 -60.66 -9.31 -101.22
CA PHE S 268 -61.16 -9.09 -99.88
C PHE S 268 -60.77 -10.30 -99.03
N LEU S 269 -60.14 -10.04 -97.90
CA LEU S 269 -59.42 -11.06 -97.15
C LEU S 269 -59.98 -11.18 -95.75
N MET S 270 -60.47 -12.37 -95.39
CA MET S 270 -60.96 -12.67 -94.05
C MET S 270 -59.82 -12.99 -93.10
N THR S 271 -60.11 -12.85 -91.82
CA THR S 271 -59.14 -12.94 -90.74
C THR S 271 -59.46 -14.08 -89.80
N GLY S 272 -58.47 -14.44 -89.00
CA GLY S 272 -58.65 -15.44 -87.96
C GLY S 272 -57.48 -15.39 -87.01
N TYR S 273 -57.74 -15.76 -85.77
CA TYR S 273 -56.73 -15.74 -84.71
C TYR S 273 -56.98 -16.93 -83.79
N THR S 274 -55.96 -17.77 -83.62
CA THR S 274 -56.17 -19.02 -82.87
C THR S 274 -56.51 -18.75 -81.41
N PRO S 275 -55.60 -18.23 -80.55
CA PRO S 275 -56.02 -17.95 -79.18
C PRO S 275 -56.70 -16.60 -79.06
N LEU S 276 -57.99 -16.54 -79.41
CA LEU S 276 -58.77 -15.34 -79.19
C LEU S 276 -58.64 -14.89 -77.74
N THR S 277 -58.55 -15.85 -76.81
CA THR S 277 -58.08 -15.60 -75.45
C THR S 277 -56.56 -15.82 -75.37
N THR S 278 -55.82 -14.96 -76.08
CA THR S 278 -54.37 -14.94 -75.95
C THR S 278 -53.93 -14.44 -74.57
N ASP S 279 -54.81 -13.77 -73.85
CA ASP S 279 -54.58 -13.49 -72.44
C ASP S 279 -54.75 -14.76 -71.61
N LYS S 287 -47.90 -26.81 -73.51
CA LYS S 287 -47.88 -25.91 -74.66
C LYS S 287 -48.76 -26.52 -75.76
N THR S 288 -49.29 -25.67 -76.63
CA THR S 288 -50.18 -26.09 -77.71
C THR S 288 -49.35 -26.33 -78.96
N THR S 289 -49.49 -27.51 -79.54
CA THR S 289 -48.74 -27.81 -80.74
C THR S 289 -49.38 -27.17 -81.97
N VAL S 290 -48.59 -27.13 -83.03
CA VAL S 290 -49.03 -26.55 -84.29
C VAL S 290 -50.27 -27.28 -84.83
N LEU S 291 -50.35 -28.58 -84.63
CA LEU S 291 -51.55 -29.32 -85.05
C LEU S 291 -52.79 -28.72 -84.41
N ASP S 292 -52.70 -28.43 -83.10
CA ASP S 292 -53.84 -27.93 -82.35
C ASP S 292 -54.20 -26.52 -82.77
N VAL S 293 -53.20 -25.64 -82.90
CA VAL S 293 -53.52 -24.27 -83.26
C VAL S 293 -54.12 -24.21 -84.66
N MET S 294 -53.60 -25.00 -85.59
CA MET S 294 -54.08 -24.99 -86.97
C MET S 294 -55.53 -25.46 -87.02
N ARG S 295 -55.80 -26.63 -86.42
CA ARG S 295 -57.17 -27.15 -86.41
C ARG S 295 -58.12 -26.21 -85.70
N ARG S 296 -57.74 -25.68 -84.53
CA ARG S 296 -58.60 -24.75 -83.82
C ARG S 296 -58.91 -23.56 -84.71
N LEU S 297 -57.91 -23.09 -85.43
CA LEU S 297 -58.04 -21.89 -86.23
C LEU S 297 -59.09 -22.07 -87.32
N LEU S 298 -59.09 -23.21 -88.00
CA LEU S 298 -60.06 -23.37 -89.08
C LEU S 298 -61.51 -23.41 -88.60
N GLN S 299 -61.76 -23.64 -87.31
CA GLN S 299 -63.13 -23.65 -86.82
C GLN S 299 -63.77 -22.26 -86.95
N PRO S 300 -65.09 -22.18 -87.10
CA PRO S 300 -65.71 -20.86 -87.32
C PRO S 300 -65.77 -19.95 -86.11
N LYS S 301 -65.64 -20.45 -84.87
CA LYS S 301 -65.65 -19.54 -83.73
C LYS S 301 -64.44 -18.61 -83.77
N ASN S 302 -63.28 -19.13 -84.15
CA ASN S 302 -62.08 -18.33 -84.22
C ASN S 302 -62.14 -17.31 -85.35
N VAL S 303 -62.95 -17.55 -86.38
CA VAL S 303 -63.07 -16.60 -87.48
C VAL S 303 -63.76 -15.35 -86.97
N MET S 304 -63.35 -14.20 -87.50
CA MET S 304 -63.73 -12.89 -87.00
C MET S 304 -64.64 -12.15 -87.98
N VAL S 305 -65.43 -12.91 -88.74
CA VAL S 305 -66.35 -12.39 -89.74
C VAL S 305 -67.70 -13.06 -89.53
N SER S 306 -68.78 -12.29 -89.72
CA SER S 306 -70.14 -12.84 -89.52
C SER S 306 -70.68 -13.41 -90.82
N THR S 313 -76.56 -23.33 -101.95
CA THR S 313 -75.41 -23.07 -102.81
C THR S 313 -74.11 -23.43 -102.10
N ASN S 314 -73.25 -24.17 -102.80
CA ASN S 314 -71.93 -24.47 -102.29
C ASN S 314 -71.16 -23.17 -102.05
N HIS S 315 -70.26 -23.19 -101.07
CA HIS S 315 -69.33 -22.08 -100.85
C HIS S 315 -67.97 -22.64 -100.44
N CYS S 316 -66.92 -21.92 -100.83
CA CYS S 316 -65.57 -22.47 -100.78
C CYS S 316 -64.55 -21.35 -100.63
N TYR S 317 -63.49 -21.63 -99.88
CA TYR S 317 -62.31 -20.78 -99.90
C TYR S 317 -61.69 -20.75 -101.29
N ILE S 318 -61.02 -19.64 -101.60
CA ILE S 318 -60.17 -19.55 -102.79
C ILE S 318 -58.71 -19.81 -102.44
N ALA S 319 -58.24 -19.31 -101.30
CA ALA S 319 -56.87 -19.57 -100.88
C ALA S 319 -56.73 -19.20 -99.41
N ILE S 320 -55.82 -19.88 -98.71
CA ILE S 320 -55.66 -19.73 -97.27
C ILE S 320 -54.17 -19.59 -96.96
N LEU S 321 -53.85 -18.75 -95.98
CA LEU S 321 -52.53 -18.67 -95.38
C LEU S 321 -52.67 -18.54 -93.88
N ASN S 322 -51.70 -19.13 -93.16
CA ASN S 322 -51.59 -18.99 -91.72
C ASN S 322 -50.14 -18.73 -91.34
N ILE S 323 -49.97 -17.78 -90.43
CA ILE S 323 -48.68 -17.41 -89.86
C ILE S 323 -48.75 -17.63 -88.36
N ILE S 324 -47.78 -18.38 -87.83
CA ILE S 324 -47.75 -18.80 -86.44
C ILE S 324 -46.48 -18.25 -85.81
N GLN S 325 -46.62 -17.68 -84.62
CA GLN S 325 -45.53 -17.04 -83.89
C GLN S 325 -45.49 -17.71 -82.52
N GLY S 326 -44.40 -18.41 -82.22
CA GLY S 326 -44.24 -18.94 -80.89
C GLY S 326 -43.15 -20.00 -80.82
N GLU S 327 -43.21 -20.77 -79.74
CA GLU S 327 -42.26 -21.85 -79.48
C GLU S 327 -42.71 -23.05 -80.31
N VAL S 328 -42.38 -23.00 -81.60
CA VAL S 328 -42.84 -23.97 -82.57
C VAL S 328 -41.67 -24.88 -82.95
N ASP S 329 -41.89 -26.18 -82.82
CA ASP S 329 -40.90 -27.15 -83.27
C ASP S 329 -40.92 -27.21 -84.81
N PRO S 330 -39.74 -27.20 -85.49
CA PRO S 330 -39.79 -27.17 -86.97
C PRO S 330 -40.24 -28.46 -87.64
N THR S 331 -39.78 -29.63 -87.16
CA THR S 331 -40.06 -30.85 -87.89
C THR S 331 -41.55 -31.19 -87.88
N GLN S 332 -42.29 -30.74 -86.87
CA GLN S 332 -43.69 -31.10 -86.78
C GLN S 332 -44.60 -30.25 -87.66
N VAL S 333 -44.14 -29.11 -88.20
CA VAL S 333 -45.05 -28.26 -88.96
C VAL S 333 -45.47 -28.95 -90.25
N HIS S 334 -44.53 -29.67 -90.87
CA HIS S 334 -44.84 -30.43 -92.08
C HIS S 334 -45.86 -31.52 -91.77
N LYS S 335 -45.60 -32.30 -90.72
CA LYS S 335 -46.53 -33.33 -90.28
C LYS S 335 -47.87 -32.72 -89.89
N SER S 336 -47.85 -31.47 -89.41
CA SER S 336 -49.08 -30.79 -89.03
C SER S 336 -49.92 -30.49 -90.24
N LEU S 337 -49.29 -29.93 -91.27
CA LEU S 337 -49.98 -29.64 -92.52
C LEU S 337 -50.54 -30.91 -93.14
N GLN S 338 -49.77 -32.01 -93.07
CA GLN S 338 -50.29 -33.33 -93.40
C GLN S 338 -51.54 -33.67 -92.59
N ARG S 339 -51.49 -33.45 -91.29
CA ARG S 339 -52.58 -33.91 -90.45
C ARG S 339 -53.82 -33.07 -90.71
N ILE S 340 -53.64 -31.77 -90.95
CA ILE S 340 -54.75 -30.91 -91.36
C ILE S 340 -55.35 -31.43 -92.65
N ARG S 341 -54.52 -31.94 -93.56
CA ARG S 341 -55.08 -32.52 -94.78
C ARG S 341 -55.94 -33.74 -94.45
N GLU S 342 -55.49 -34.56 -93.50
CA GLU S 342 -56.31 -35.73 -93.14
C GLU S 342 -57.61 -35.30 -92.48
N ARG S 343 -57.58 -34.22 -91.70
CA ARG S 343 -58.79 -33.66 -91.10
C ARG S 343 -59.78 -33.13 -92.12
N LYS S 344 -59.30 -32.39 -93.12
CA LYS S 344 -60.16 -31.74 -94.13
C LYS S 344 -61.23 -30.86 -93.51
N LEU S 345 -60.89 -30.13 -92.44
CA LEU S 345 -61.88 -29.20 -91.89
C LEU S 345 -62.17 -28.06 -92.85
N ALA S 346 -61.21 -27.69 -93.69
CA ALA S 346 -61.36 -26.57 -94.59
C ALA S 346 -61.83 -27.11 -95.93
N ASN S 347 -63.11 -26.90 -96.22
CA ASN S 347 -63.74 -27.44 -97.42
C ASN S 347 -63.68 -26.35 -98.48
N PHE S 348 -62.93 -26.61 -99.55
CA PHE S 348 -62.89 -25.66 -100.65
C PHE S 348 -62.51 -26.37 -101.93
N ILE S 349 -63.15 -25.97 -103.02
CA ILE S 349 -62.94 -26.50 -104.36
C ILE S 349 -62.97 -25.35 -105.37
N PRO S 350 -62.12 -24.34 -105.23
CA PRO S 350 -62.20 -23.19 -106.13
C PRO S 350 -61.53 -23.46 -107.47
N TRP S 351 -61.79 -22.55 -108.41
CA TRP S 351 -61.07 -22.50 -109.67
C TRP S 351 -59.56 -22.47 -109.45
N GLY S 352 -59.10 -21.76 -108.42
CA GLY S 352 -57.70 -21.72 -108.12
C GLY S 352 -57.22 -23.06 -107.60
N PRO S 353 -55.95 -23.40 -107.80
CA PRO S 353 -55.38 -24.57 -107.11
C PRO S 353 -54.87 -24.25 -105.71
N ALA S 354 -55.13 -23.03 -105.22
CA ALA S 354 -54.45 -22.51 -104.04
C ALA S 354 -54.93 -23.22 -102.78
N SER S 355 -54.02 -23.95 -102.18
CA SER S 355 -54.16 -24.61 -100.90
C SER S 355 -53.69 -23.74 -99.72
N ILE S 356 -53.76 -24.33 -98.54
CA ILE S 356 -53.32 -23.67 -97.31
C ILE S 356 -51.80 -23.75 -97.17
N GLN S 357 -51.24 -22.81 -96.40
CA GLN S 357 -49.80 -22.65 -96.15
C GLN S 357 -49.52 -22.73 -94.67
N VAL S 358 -48.29 -23.12 -94.32
CA VAL S 358 -47.79 -22.97 -92.97
C VAL S 358 -46.58 -22.04 -93.01
N ALA S 359 -46.71 -20.86 -92.40
CA ALA S 359 -45.63 -19.90 -92.31
C ALA S 359 -45.34 -19.59 -90.85
N LEU S 360 -44.10 -19.18 -90.56
CA LEU S 360 -43.65 -18.97 -89.19
C LEU S 360 -43.04 -17.59 -89.05
N SER S 361 -43.30 -16.97 -87.91
CA SER S 361 -42.76 -15.66 -87.56
C SER S 361 -42.25 -15.69 -86.14
N ARG S 362 -41.58 -14.62 -85.74
CA ARG S 362 -40.90 -14.55 -84.44
C ARG S 362 -41.79 -13.84 -83.43
N LYS S 363 -42.10 -14.53 -82.34
CA LYS S 363 -42.70 -13.86 -81.19
C LYS S 363 -41.68 -12.89 -80.60
N SER S 364 -42.15 -11.71 -80.22
CA SER S 364 -41.25 -10.66 -79.78
C SER S 364 -40.89 -10.83 -78.30
N PRO S 365 -39.73 -10.27 -77.86
CA PRO S 365 -39.46 -10.23 -76.43
C PRO S 365 -40.09 -9.03 -75.73
N TYR S 366 -39.91 -8.96 -74.41
CA TYR S 366 -40.37 -7.92 -73.49
C TYR S 366 -41.88 -7.92 -73.20
N LEU S 367 -42.68 -8.60 -74.02
CA LEU S 367 -44.11 -8.68 -73.76
C LEU S 367 -44.43 -10.08 -73.23
N PRO S 368 -45.60 -10.28 -72.59
CA PRO S 368 -45.91 -11.61 -72.06
C PRO S 368 -45.98 -12.67 -73.15
N SER S 369 -45.46 -13.85 -72.84
CA SER S 369 -45.47 -14.99 -73.74
C SER S 369 -46.60 -15.96 -73.43
N ALA S 370 -47.68 -15.48 -72.81
CA ALA S 370 -48.83 -16.33 -72.51
C ALA S 370 -49.38 -16.96 -73.79
N HIS S 371 -49.76 -18.23 -73.69
CA HIS S 371 -50.07 -19.05 -74.86
C HIS S 371 -48.91 -18.98 -75.84
N ARG S 372 -47.84 -19.68 -75.46
CA ARG S 372 -46.53 -19.62 -76.11
C ARG S 372 -46.61 -19.74 -77.63
N VAL S 373 -47.45 -20.64 -78.14
CA VAL S 373 -47.73 -20.74 -79.57
C VAL S 373 -49.07 -20.06 -79.85
N SER S 374 -49.06 -19.13 -80.81
CA SER S 374 -50.24 -18.38 -81.19
C SER S 374 -50.14 -18.05 -82.66
N GLY S 375 -51.23 -18.25 -83.40
CA GLY S 375 -51.21 -18.06 -84.84
C GLY S 375 -52.41 -17.26 -85.33
N LEU S 376 -52.36 -16.94 -86.61
CA LEU S 376 -53.47 -16.25 -87.26
C LEU S 376 -53.58 -16.77 -88.68
N MET S 377 -54.75 -16.52 -89.28
CA MET S 377 -55.06 -16.91 -90.64
C MET S 377 -55.57 -15.71 -91.40
N MET S 378 -55.12 -15.59 -92.64
CA MET S 378 -55.71 -14.69 -93.63
C MET S 378 -56.15 -15.55 -94.82
N ALA S 379 -57.42 -15.43 -95.23
CA ALA S 379 -57.97 -16.32 -96.26
C ALA S 379 -59.03 -15.63 -97.11
N ASN S 380 -59.06 -15.99 -98.40
CA ASN S 380 -60.16 -15.61 -99.29
C ASN S 380 -61.26 -16.65 -99.20
N HIS S 381 -62.47 -16.21 -98.91
CA HIS S 381 -63.64 -17.07 -98.83
C HIS S 381 -64.77 -16.42 -99.61
N THR S 382 -65.55 -17.24 -100.32
CA THR S 382 -66.70 -16.73 -101.03
C THR S 382 -67.82 -16.29 -100.09
N SER S 383 -67.73 -16.61 -98.80
CA SER S 383 -68.79 -16.28 -97.86
C SER S 383 -69.02 -14.78 -97.74
N ILE S 384 -67.95 -13.98 -97.79
CA ILE S 384 -68.07 -12.54 -97.58
C ILE S 384 -68.90 -11.87 -98.68
N SER S 385 -69.11 -12.54 -99.81
CA SER S 385 -70.09 -12.07 -100.78
C SER S 385 -71.44 -11.89 -100.11
N SER S 386 -71.76 -12.76 -99.15
CA SER S 386 -72.98 -12.61 -98.38
C SER S 386 -73.02 -11.27 -97.65
N LEU S 387 -71.92 -10.89 -96.98
CA LEU S 387 -71.91 -9.63 -96.25
C LEU S 387 -72.04 -8.43 -97.17
N PHE S 388 -71.38 -8.49 -98.33
CA PHE S 388 -71.59 -7.41 -99.30
C PHE S 388 -73.04 -7.37 -99.77
N GLU S 389 -73.63 -8.53 -100.02
CA GLU S 389 -74.99 -8.58 -100.54
C GLU S 389 -76.01 -8.13 -99.50
N ARG S 390 -75.72 -8.30 -98.21
CA ARG S 390 -76.65 -7.80 -97.19
C ARG S 390 -76.78 -6.28 -97.27
N THR S 391 -75.65 -5.57 -97.41
CA THR S 391 -75.73 -4.13 -97.58
C THR S 391 -76.33 -3.76 -98.93
N CYS S 392 -76.04 -4.54 -99.97
CA CYS S 392 -76.71 -4.28 -101.25
C CYS S 392 -78.22 -4.47 -101.15
N ARG S 393 -78.66 -5.42 -100.31
CA ARG S 393 -80.09 -5.66 -100.10
C ARG S 393 -80.72 -4.47 -99.38
N GLN S 394 -80.06 -4.01 -98.31
CA GLN S 394 -80.55 -2.84 -97.59
C GLN S 394 -80.61 -1.64 -98.52
N TYR S 395 -79.58 -1.46 -99.36
CA TYR S 395 -79.55 -0.36 -100.30
C TYR S 395 -80.69 -0.47 -101.30
N ASP S 396 -80.94 -1.66 -101.82
CA ASP S 396 -81.98 -1.81 -102.82
C ASP S 396 -83.35 -1.48 -102.23
N LYS S 397 -83.62 -1.97 -101.02
CA LYS S 397 -84.87 -1.64 -100.36
C LYS S 397 -85.00 -0.14 -100.13
N LEU S 398 -83.94 0.46 -99.58
CA LEU S 398 -83.94 1.90 -99.33
C LEU S 398 -84.07 2.68 -100.63
N ARG S 399 -83.52 2.15 -101.73
CA ARG S 399 -83.53 2.83 -103.00
C ARG S 399 -84.93 2.84 -103.59
N LYS S 400 -85.63 1.71 -103.51
CA LYS S 400 -87.02 1.69 -103.93
C LYS S 400 -87.86 2.65 -103.09
N ARG S 401 -87.66 2.63 -101.77
CA ARG S 401 -88.44 3.54 -100.93
C ARG S 401 -88.12 4.99 -101.23
N GLU S 402 -86.87 5.29 -101.58
CA GLU S 402 -86.33 6.66 -101.63
C GLU S 402 -86.50 7.36 -100.29
N ALA S 403 -86.52 6.58 -99.20
CA ALA S 403 -86.77 7.14 -97.88
C ALA S 403 -85.63 8.05 -97.45
N PHE S 404 -84.39 7.65 -97.72
CA PHE S 404 -83.21 8.45 -97.40
C PHE S 404 -82.40 8.61 -98.68
N LEU S 405 -82.86 9.52 -99.53
CA LEU S 405 -82.02 10.13 -100.56
C LEU S 405 -81.20 11.28 -99.99
N GLU S 406 -81.54 11.74 -98.79
CA GLU S 406 -81.01 12.84 -98.00
C GLU S 406 -81.36 14.21 -98.55
N GLN S 407 -81.44 14.33 -99.89
CA GLN S 407 -81.87 15.53 -100.62
C GLN S 407 -81.22 16.82 -100.11
N PHE S 408 -80.12 16.73 -99.35
CA PHE S 408 -79.48 17.93 -98.84
C PHE S 408 -78.80 18.59 -100.02
N ARG S 409 -78.69 19.92 -99.98
CA ARG S 409 -78.24 20.62 -101.18
C ARG S 409 -76.84 20.17 -101.57
N LYS S 410 -75.99 19.86 -100.59
CA LYS S 410 -74.72 19.19 -100.88
C LYS S 410 -74.95 17.92 -101.69
N GLU S 411 -75.83 17.05 -101.20
CA GLU S 411 -76.09 15.78 -101.87
C GLU S 411 -76.59 15.97 -103.29
N ASP S 412 -77.61 16.81 -103.47
CA ASP S 412 -78.24 16.90 -104.77
C ASP S 412 -77.34 17.63 -105.76
N MET S 413 -76.69 18.71 -105.34
CA MET S 413 -75.78 19.42 -106.24
C MET S 413 -74.58 18.55 -106.61
N PHE S 414 -74.01 17.83 -105.65
CA PHE S 414 -72.89 16.95 -105.98
C PHE S 414 -73.32 15.84 -106.92
N LYS S 415 -74.49 15.23 -106.67
CA LYS S 415 -75.06 14.20 -107.53
C LYS S 415 -76.54 14.53 -107.80
N ASP S 416 -76.77 15.31 -108.85
CA ASP S 416 -78.14 15.56 -109.28
C ASP S 416 -78.72 14.32 -109.94
N ASN S 417 -77.93 13.67 -110.78
CA ASN S 417 -78.40 12.49 -111.50
C ASN S 417 -78.62 11.32 -110.55
N PHE S 418 -77.84 11.25 -109.47
CA PHE S 418 -77.87 10.14 -108.52
C PHE S 418 -77.51 8.81 -109.19
N ASP S 419 -76.73 8.88 -110.28
CA ASP S 419 -76.40 7.70 -111.07
C ASP S 419 -75.05 7.09 -110.72
N GLU S 420 -74.21 7.78 -109.95
CA GLU S 420 -73.05 7.10 -109.38
C GLU S 420 -73.50 5.97 -108.46
N MET S 421 -74.65 6.14 -107.80
CA MET S 421 -75.19 5.07 -106.96
C MET S 421 -75.55 3.85 -107.80
N ASP S 422 -76.15 4.07 -108.98
CA ASP S 422 -76.48 2.94 -109.85
C ASP S 422 -75.22 2.31 -110.45
N THR S 423 -74.23 3.13 -110.80
CA THR S 423 -72.97 2.59 -111.28
C THR S 423 -72.33 1.71 -110.22
N SER S 424 -72.37 2.16 -108.96
CA SER S 424 -71.86 1.36 -107.86
C SER S 424 -72.67 0.08 -107.69
N ARG S 425 -73.99 0.17 -107.85
CA ARG S 425 -74.81 -1.03 -107.72
C ARG S 425 -74.43 -2.06 -108.77
N GLU S 426 -74.22 -1.61 -110.00
CA GLU S 426 -73.85 -2.56 -111.05
C GLU S 426 -72.46 -3.11 -110.82
N ILE S 427 -71.52 -2.28 -110.35
CA ILE S 427 -70.15 -2.75 -110.14
C ILE S 427 -70.12 -3.77 -109.00
N VAL S 428 -70.80 -3.48 -107.89
CA VAL S 428 -70.80 -4.43 -106.79
C VAL S 428 -71.59 -5.68 -107.18
N GLN S 429 -72.59 -5.56 -108.04
CA GLN S 429 -73.29 -6.74 -108.51
C GLN S 429 -72.36 -7.61 -109.36
N GLN S 430 -71.51 -6.98 -110.18
CA GLN S 430 -70.47 -7.71 -110.87
C GLN S 430 -69.59 -8.45 -109.87
N LEU S 431 -69.26 -7.80 -108.76
CA LEU S 431 -68.42 -8.44 -107.75
C LEU S 431 -69.12 -9.66 -107.14
N ILE S 432 -70.40 -9.52 -106.80
CA ILE S 432 -71.16 -10.65 -106.25
C ILE S 432 -71.16 -11.81 -107.25
N ASP S 433 -71.45 -11.49 -108.52
CA ASP S 433 -71.50 -12.52 -109.55
C ASP S 433 -70.13 -13.16 -109.74
N GLU S 434 -69.07 -12.37 -109.61
CA GLU S 434 -67.72 -12.90 -109.74
C GLU S 434 -67.39 -13.86 -108.61
N TYR S 435 -67.80 -13.53 -107.38
CA TYR S 435 -67.65 -14.46 -106.27
C TYR S 435 -68.34 -15.78 -106.54
N HIS S 436 -69.61 -15.73 -106.92
CA HIS S 436 -70.32 -16.98 -107.18
C HIS S 436 -69.75 -17.71 -108.40
N ALA S 437 -69.29 -16.98 -109.41
CA ALA S 437 -68.63 -17.64 -110.53
C ALA S 437 -67.35 -18.34 -110.08
N ALA S 438 -66.64 -17.75 -109.13
CA ALA S 438 -65.47 -18.42 -108.56
C ALA S 438 -65.88 -19.69 -107.85
N THR S 439 -67.05 -19.68 -107.21
CA THR S 439 -67.59 -20.94 -106.68
C THR S 439 -67.81 -21.94 -107.81
N ARG S 440 -68.28 -21.48 -108.97
CA ARG S 440 -68.57 -22.40 -110.06
C ARG S 440 -67.29 -23.07 -110.57
N PRO S 441 -67.40 -24.21 -111.26
CA PRO S 441 -66.18 -24.87 -111.76
C PRO S 441 -65.53 -24.16 -112.93
N ASP S 442 -66.18 -23.16 -113.52
CA ASP S 442 -65.77 -22.63 -114.82
C ASP S 442 -65.48 -21.14 -114.72
N TYR S 443 -64.71 -20.76 -113.71
CA TYR S 443 -64.15 -19.42 -113.60
C TYR S 443 -62.94 -19.22 -114.50
N ILE S 444 -62.51 -20.26 -115.21
CA ILE S 444 -61.59 -20.06 -116.33
C ILE S 444 -62.21 -19.09 -117.33
N SER S 445 -63.50 -19.26 -117.59
CA SER S 445 -64.24 -18.35 -118.46
C SER S 445 -64.43 -17.01 -117.75
N TRP S 446 -65.03 -16.07 -118.48
CA TRP S 446 -65.28 -14.74 -117.93
C TRP S 446 -66.11 -14.82 -116.66
N GLY S 447 -65.70 -14.05 -115.66
CA GLY S 447 -66.39 -14.01 -114.38
C GLY S 447 -67.03 -12.67 -114.12
N ARG T 3 -13.69 41.40 -100.63
CA ARG T 3 -13.36 42.62 -99.92
C ARG T 3 -14.47 42.85 -98.88
N GLU T 4 -14.34 43.88 -98.06
CA GLU T 4 -15.35 44.16 -97.04
C GLU T 4 -16.59 44.82 -97.66
N ILE T 5 -17.75 44.59 -97.04
CA ILE T 5 -19.03 45.03 -97.56
C ILE T 5 -19.58 46.15 -96.71
N ILE T 6 -20.12 47.18 -97.36
CA ILE T 6 -20.76 48.33 -96.71
C ILE T 6 -22.26 48.19 -96.88
N THR T 7 -23.01 48.28 -95.78
CA THR T 7 -24.45 48.10 -95.80
C THR T 7 -25.14 49.44 -95.61
N LEU T 8 -25.86 49.89 -96.64
CA LEU T 8 -26.33 51.27 -96.74
C LEU T 8 -27.81 51.34 -96.37
N GLN T 9 -28.11 51.05 -95.11
CA GLN T 9 -29.51 50.92 -94.71
C GLN T 9 -30.16 52.28 -94.54
N LEU T 10 -31.31 52.47 -95.19
CA LEU T 10 -31.95 53.76 -95.34
C LEU T 10 -33.46 53.61 -95.21
N GLY T 11 -34.12 54.68 -94.82
CA GLY T 11 -35.55 54.66 -94.59
C GLY T 11 -35.89 54.04 -93.24
N GLN T 12 -37.10 54.33 -92.76
CA GLN T 12 -37.51 53.80 -91.48
C GLN T 12 -37.63 52.27 -91.50
N CYS T 13 -38.30 51.73 -92.51
CA CYS T 13 -38.41 50.28 -92.63
C CYS T 13 -37.05 49.65 -92.85
N GLY T 14 -36.26 50.23 -93.75
CA GLY T 14 -34.94 49.71 -94.03
C GLY T 14 -34.04 49.70 -92.81
N ASN T 15 -34.11 50.78 -92.01
CA ASN T 15 -33.32 50.86 -90.80
C ASN T 15 -33.78 49.85 -89.77
N GLN T 16 -35.08 49.58 -89.71
CA GLN T 16 -35.55 48.53 -88.78
C GLN T 16 -34.97 47.18 -89.18
N ILE T 17 -35.00 46.87 -90.47
CA ILE T 17 -34.54 45.54 -90.89
C ILE T 17 -33.02 45.44 -90.80
N GLY T 18 -32.28 46.52 -91.04
CA GLY T 18 -30.83 46.48 -90.93
C GLY T 18 -30.39 46.40 -89.48
N PHE T 19 -31.10 47.13 -88.61
CA PHE T 19 -30.94 46.95 -87.17
C PHE T 19 -31.07 45.49 -86.78
N GLU T 20 -32.15 44.85 -87.23
CA GLU T 20 -32.38 43.48 -86.80
C GLU T 20 -31.34 42.55 -87.42
N PHE T 21 -30.90 42.83 -88.64
CA PHE T 21 -29.88 42.00 -89.29
C PHE T 21 -28.56 42.07 -88.52
N TRP T 22 -28.13 43.28 -88.17
CA TRP T 22 -26.88 43.41 -87.42
C TRP T 22 -27.01 42.80 -86.03
N LYS T 23 -28.17 42.90 -85.41
CA LYS T 23 -28.36 42.21 -84.13
C LYS T 23 -28.31 40.70 -84.30
N GLN T 24 -28.89 40.19 -85.39
CA GLN T 24 -28.84 38.76 -85.68
C GLN T 24 -27.40 38.30 -85.85
N LEU T 25 -26.59 39.07 -86.58
CA LEU T 25 -25.19 38.72 -86.74
C LEU T 25 -24.35 38.98 -85.50
N CYS T 26 -24.82 39.86 -84.61
CA CYS T 26 -24.18 39.97 -83.30
C CYS T 26 -24.33 38.69 -82.51
N ALA T 27 -25.57 38.22 -82.38
CA ALA T 27 -25.79 36.96 -81.67
C ALA T 27 -25.08 35.81 -82.36
N GLU T 28 -25.14 35.76 -83.69
CA GLU T 28 -24.57 34.64 -84.43
C GLU T 28 -23.05 34.64 -84.33
N HIS T 29 -22.41 35.80 -84.48
CA HIS T 29 -20.97 35.90 -84.30
C HIS T 29 -20.63 36.02 -82.82
N GLY T 30 -19.34 35.96 -82.51
CA GLY T 30 -18.90 36.14 -81.15
C GLY T 30 -18.85 37.61 -80.78
N ILE T 31 -20.01 38.24 -80.68
CA ILE T 31 -20.11 39.67 -80.39
C ILE T 31 -21.24 39.88 -79.38
N SER T 32 -20.99 40.77 -78.42
CA SER T 32 -21.94 41.14 -77.39
C SER T 32 -22.63 42.43 -77.80
N PRO T 33 -23.62 42.93 -77.05
CA PRO T 33 -24.27 44.20 -77.45
C PRO T 33 -23.37 45.42 -77.39
N GLU T 34 -22.19 45.35 -76.76
CA GLU T 34 -21.22 46.44 -76.78
C GLU T 34 -20.13 46.26 -77.83
N GLY T 35 -20.25 45.25 -78.70
CA GLY T 35 -19.27 45.03 -79.73
C GLY T 35 -18.00 44.32 -79.28
N ILE T 36 -17.87 44.01 -78.00
CA ILE T 36 -16.67 43.35 -77.49
C ILE T 36 -16.72 41.87 -77.85
N VAL T 37 -15.53 41.30 -78.14
CA VAL T 37 -15.45 39.88 -78.43
C VAL T 37 -15.97 39.10 -77.25
N GLU T 38 -16.81 38.11 -77.53
CA GLU T 38 -17.44 37.34 -76.46
C GLU T 38 -16.44 36.37 -75.83
N GLU T 39 -16.51 36.28 -74.50
N GLU T 39 -16.52 36.27 -74.50
CA GLU T 39 -15.60 35.41 -73.76
CA GLU T 39 -15.61 35.41 -73.75
C GLU T 39 -15.79 33.95 -74.13
C GLU T 39 -15.79 33.95 -74.13
N PHE T 40 -17.05 33.51 -74.27
CA PHE T 40 -17.33 32.11 -74.58
C PHE T 40 -16.71 31.68 -75.91
N ALA T 41 -16.60 32.61 -76.86
CA ALA T 41 -16.02 32.29 -78.15
C ALA T 41 -14.54 31.95 -77.99
N THR T 45 -13.18 31.08 -85.84
CA THR T 45 -13.34 30.19 -86.97
C THR T 45 -14.12 30.82 -88.11
N ASP T 46 -14.42 32.12 -88.01
CA ASP T 46 -15.31 32.80 -88.93
C ASP T 46 -14.61 33.97 -89.62
N ARG T 47 -15.12 34.30 -90.81
CA ARG T 47 -14.63 35.45 -91.58
C ARG T 47 -15.47 36.66 -91.19
N LYS T 48 -15.11 37.27 -90.07
CA LYS T 48 -15.72 38.52 -89.63
C LYS T 48 -15.08 39.74 -90.26
N ASP T 49 -14.03 39.56 -91.06
CA ASP T 49 -13.42 40.66 -91.80
C ASP T 49 -14.43 41.39 -92.67
N VAL T 50 -15.22 40.63 -93.43
CA VAL T 50 -16.01 41.23 -94.49
C VAL T 50 -17.09 42.14 -93.91
N PHE T 51 -17.80 41.67 -92.90
CA PHE T 51 -19.00 42.35 -92.42
C PHE T 51 -18.74 43.25 -91.21
N PHE T 52 -17.69 43.01 -90.45
CA PHE T 52 -17.38 43.76 -89.24
C PHE T 52 -16.01 44.39 -89.33
N TYR T 53 -15.95 45.71 -89.15
CA TYR T 53 -14.68 46.41 -88.99
C TYR T 53 -14.05 46.04 -87.65
N GLN T 54 -12.73 45.92 -87.65
CA GLN T 54 -11.96 45.49 -86.50
C GLN T 54 -11.40 46.71 -85.79
N ALA T 55 -11.84 46.96 -84.56
CA ALA T 55 -11.17 47.94 -83.72
C ALA T 55 -10.02 47.27 -82.98
N ASP T 56 -9.15 48.11 -82.40
CA ASP T 56 -7.97 47.60 -81.72
C ASP T 56 -8.32 46.77 -80.49
N ASP T 57 -9.34 47.20 -79.74
CA ASP T 57 -9.75 46.54 -78.50
C ASP T 57 -10.97 45.65 -78.74
N GLU T 58 -10.98 44.97 -79.89
CA GLU T 58 -12.00 43.97 -80.23
C GLU T 58 -13.41 44.55 -80.18
N HIS T 59 -13.56 45.82 -80.53
CA HIS T 59 -14.87 46.38 -80.85
C HIS T 59 -15.12 46.09 -82.32
N TYR T 60 -15.99 45.13 -82.56
CA TYR T 60 -16.37 44.70 -83.89
C TYR T 60 -17.58 45.54 -84.29
N ILE T 61 -17.30 46.71 -84.84
CA ILE T 61 -18.33 47.64 -85.28
C ILE T 61 -18.70 47.29 -86.71
N PRO T 62 -19.96 47.06 -87.03
CA PRO T 62 -20.29 46.75 -88.42
C PRO T 62 -20.19 47.97 -89.31
N ARG T 63 -19.85 47.73 -90.57
CA ARG T 63 -19.81 48.79 -91.58
C ARG T 63 -21.23 49.11 -92.05
N ALA T 64 -21.99 49.69 -91.11
CA ALA T 64 -23.36 50.13 -91.34
C ALA T 64 -23.40 51.63 -91.61
N VAL T 65 -24.12 52.03 -92.66
CA VAL T 65 -24.46 53.42 -92.90
C VAL T 65 -25.96 53.54 -92.69
N LEU T 66 -26.36 54.24 -91.63
CA LEU T 66 -27.75 54.42 -91.27
C LEU T 66 -28.18 55.80 -91.74
N LEU T 67 -29.11 55.85 -92.69
CA LEU T 67 -29.59 57.11 -93.24
C LEU T 67 -30.99 57.38 -92.71
N ASP T 68 -31.16 58.52 -92.03
CA ASP T 68 -32.42 58.92 -91.43
C ASP T 68 -32.97 60.15 -92.14
N LEU T 69 -34.28 60.20 -92.31
CA LEU T 69 -34.94 61.36 -92.90
C LEU T 69 -36.26 61.59 -92.19
N GLU T 70 -36.44 62.79 -91.64
CA GLU T 70 -37.49 63.06 -90.67
C GLU T 70 -37.47 62.00 -89.56
N PRO T 71 -36.40 61.94 -88.78
CA PRO T 71 -36.19 60.78 -87.89
C PRO T 71 -37.26 60.65 -86.82
N ARG T 72 -37.87 59.46 -86.76
CA ARG T 72 -38.70 59.05 -85.65
C ARG T 72 -38.17 57.75 -85.06
N VAL T 73 -37.90 56.77 -85.92
CA VAL T 73 -37.44 55.45 -85.46
C VAL T 73 -35.95 55.40 -85.22
N ILE T 74 -35.20 56.39 -85.71
CA ILE T 74 -33.75 56.32 -85.54
C ILE T 74 -33.38 56.71 -84.12
N HIS T 75 -34.21 57.53 -83.47
CA HIS T 75 -34.03 57.79 -82.05
C HIS T 75 -34.23 56.50 -81.24
N SER T 76 -35.19 55.68 -81.66
CA SER T 76 -35.42 54.41 -80.98
C SER T 76 -34.27 53.45 -81.22
N ILE T 77 -33.70 53.46 -82.43
CA ILE T 77 -32.49 52.67 -82.67
C ILE T 77 -31.36 53.15 -81.77
N LEU T 78 -31.21 54.47 -81.60
CA LEU T 78 -30.16 54.98 -80.72
C LEU T 78 -30.33 54.52 -79.28
N ASN T 79 -31.54 54.63 -78.72
CA ASN T 79 -31.71 54.28 -77.29
C ASN T 79 -31.91 52.76 -77.14
N SER T 80 -30.86 52.03 -77.49
CA SER T 80 -30.87 50.58 -77.52
C SER T 80 -29.57 50.06 -76.93
N PRO T 81 -29.55 48.80 -76.48
CA PRO T 81 -28.30 48.24 -75.96
C PRO T 81 -27.18 48.14 -76.98
N TYR T 82 -27.51 48.10 -78.27
CA TYR T 82 -26.53 47.86 -79.32
C TYR T 82 -25.99 49.17 -79.91
N ALA T 83 -26.39 50.31 -79.35
CA ALA T 83 -25.91 51.60 -79.84
C ALA T 83 -24.40 51.67 -79.81
N LYS T 84 -23.79 51.11 -78.76
CA LYS T 84 -22.34 51.05 -78.73
C LYS T 84 -21.81 50.07 -79.77
N LEU T 85 -22.59 49.03 -80.11
CA LEU T 85 -22.14 48.09 -81.13
C LEU T 85 -21.95 48.79 -82.47
N TYR T 86 -22.97 49.54 -82.91
CA TYR T 86 -22.90 50.28 -84.17
C TYR T 86 -22.54 51.74 -83.87
N ASN T 87 -21.25 52.07 -83.90
CA ASN T 87 -20.81 53.46 -83.65
C ASN T 87 -19.83 53.92 -84.70
N PRO T 88 -20.24 54.15 -85.96
CA PRO T 88 -19.39 54.77 -86.95
C PRO T 88 -19.71 56.27 -86.84
N GLU T 89 -20.53 56.66 -85.85
CA GLU T 89 -20.95 58.08 -85.66
C GLU T 89 -21.20 58.66 -87.05
N ASN T 90 -22.05 58.01 -87.86
CA ASN T 90 -22.26 58.40 -89.25
C ASN T 90 -23.76 58.40 -89.59
N ILE T 91 -24.56 58.99 -88.71
CA ILE T 91 -26.00 59.18 -88.94
C ILE T 91 -26.22 60.67 -89.14
N TYR T 92 -26.76 61.04 -90.29
CA TYR T 92 -26.94 62.45 -90.68
C TYR T 92 -28.40 62.74 -90.98
N LEU T 93 -28.95 63.71 -90.27
CA LEU T 93 -30.32 64.18 -90.47
C LEU T 93 -30.42 64.90 -91.81
N GLY T 101 -40.78 63.39 -96.31
CA GLY T 101 -42.12 63.32 -96.85
C GLY T 101 -42.46 61.92 -97.34
N ASN T 102 -43.75 61.68 -97.58
CA ASN T 102 -44.24 60.37 -98.01
C ASN T 102 -44.26 60.22 -99.53
N ASN T 103 -43.63 61.14 -100.26
CA ASN T 103 -43.59 61.12 -101.71
C ASN T 103 -42.18 60.76 -102.18
N TRP T 104 -42.12 60.03 -103.30
CA TRP T 104 -40.82 59.74 -103.91
C TRP T 104 -40.13 61.02 -104.31
N ALA T 105 -40.88 61.97 -104.87
CA ALA T 105 -40.31 63.25 -105.25
C ALA T 105 -39.77 63.99 -104.02
N SER T 106 -40.52 63.99 -102.92
CA SER T 106 -40.05 64.66 -101.71
C SER T 106 -38.77 64.04 -101.21
N GLY T 107 -38.71 62.71 -101.22
CA GLY T 107 -37.50 62.04 -100.76
C GLY T 107 -36.32 62.32 -101.65
N PHE T 108 -36.53 62.31 -102.96
CA PHE T 108 -35.45 62.58 -103.89
C PHE T 108 -34.92 64.01 -103.70
N SER T 109 -35.83 64.97 -103.56
CA SER T 109 -35.43 66.37 -103.37
C SER T 109 -34.67 66.55 -102.07
N GLN T 110 -35.17 65.95 -100.99
CA GLN T 110 -34.46 66.03 -99.71
C GLN T 110 -33.11 65.33 -99.79
N GLY T 111 -33.00 64.32 -100.64
CA GLY T 111 -31.71 63.64 -100.79
C GLY T 111 -30.66 64.50 -101.47
N GLU T 112 -31.04 65.23 -102.52
CA GLU T 112 -30.01 65.95 -103.28
C GLU T 112 -29.34 67.05 -102.46
N LYS T 113 -30.07 67.71 -101.57
CA LYS T 113 -29.46 68.83 -100.85
C LYS T 113 -28.45 68.35 -99.80
N ILE T 114 -28.61 67.12 -99.30
CA ILE T 114 -27.71 66.50 -98.33
C ILE T 114 -26.70 65.55 -99.00
N HIS T 115 -26.74 65.44 -100.33
CA HIS T 115 -26.01 64.37 -101.03
C HIS T 115 -24.49 64.39 -100.77
N GLU T 116 -23.88 65.56 -100.57
CA GLU T 116 -22.42 65.57 -100.42
C GLU T 116 -21.97 64.93 -99.11
N ASP T 117 -22.58 65.31 -97.99
CA ASP T 117 -22.05 64.88 -96.70
C ASP T 117 -22.36 63.42 -96.40
N ILE T 118 -23.52 62.92 -96.83
CA ILE T 118 -23.75 61.48 -96.71
C ILE T 118 -22.78 60.73 -97.60
N PHE T 119 -22.42 61.28 -98.75
CA PHE T 119 -21.41 60.59 -99.55
C PHE T 119 -20.05 60.66 -98.87
N ASP T 120 -19.77 61.71 -98.11
CA ASP T 120 -18.53 61.74 -97.34
C ASP T 120 -18.55 60.66 -96.27
N ILE T 121 -19.71 60.45 -95.64
CA ILE T 121 -19.88 59.30 -94.75
C ILE T 121 -19.59 58.01 -95.47
N ILE T 122 -19.98 57.88 -96.74
CA ILE T 122 -19.65 56.68 -97.50
C ILE T 122 -18.14 56.57 -97.66
N ASP T 123 -17.52 57.70 -98.03
CA ASP T 123 -16.10 57.74 -98.38
C ASP T 123 -15.23 57.32 -97.20
N ARG T 124 -15.63 57.74 -96.01
CA ARG T 124 -14.86 57.43 -94.81
C ARG T 124 -14.81 55.93 -94.59
N GLU T 125 -15.94 55.26 -94.73
CA GLU T 125 -16.00 53.80 -94.61
C GLU T 125 -15.20 53.13 -95.75
N ALA T 126 -15.24 53.72 -96.95
CA ALA T 126 -14.48 53.23 -98.04
C ALA T 126 -12.96 53.27 -97.72
N ASP T 127 -12.53 54.27 -96.96
CA ASP T 127 -11.17 54.34 -96.47
C ASP T 127 -10.92 53.33 -95.35
N GLY T 128 -11.85 53.21 -94.43
CA GLY T 128 -11.69 52.37 -93.28
C GLY T 128 -11.47 50.92 -93.66
N SER T 129 -12.22 50.43 -94.62
CA SER T 129 -12.02 49.07 -95.09
C SER T 129 -10.72 49.00 -95.90
N ASP T 130 -10.04 47.85 -95.81
CA ASP T 130 -8.86 47.64 -96.64
C ASP T 130 -9.24 47.72 -98.11
N SER T 131 -10.39 47.17 -98.46
CA SER T 131 -10.96 47.29 -99.80
C SER T 131 -12.46 47.11 -99.68
N LEU T 132 -13.16 47.51 -100.74
CA LEU T 132 -14.62 47.60 -100.74
C LEU T 132 -15.12 46.87 -101.99
N GLU T 133 -15.98 45.88 -101.79
CA GLU T 133 -16.55 45.11 -102.90
C GLU T 133 -18.00 45.46 -103.21
N GLY T 134 -18.83 45.69 -102.21
CA GLY T 134 -20.25 45.84 -102.45
C GLY T 134 -20.96 46.75 -101.49
N PHE T 135 -21.98 47.40 -102.02
CA PHE T 135 -22.88 48.28 -101.29
C PHE T 135 -24.24 47.57 -101.23
N VAL T 136 -24.62 47.13 -100.04
CA VAL T 136 -25.82 46.32 -99.83
C VAL T 136 -26.88 47.21 -99.20
N LEU T 137 -27.94 47.53 -99.93
CA LEU T 137 -28.93 48.51 -99.49
C LEU T 137 -30.12 47.78 -98.89
N CYS T 138 -30.42 48.04 -97.62
CA CYS T 138 -31.62 47.49 -96.97
C CYS T 138 -32.82 48.36 -97.34
N HIS T 139 -33.05 48.41 -98.64
CA HIS T 139 -33.88 49.43 -99.26
C HIS T 139 -35.34 48.99 -99.37
N SER T 140 -36.25 49.97 -99.26
CA SER T 140 -37.68 49.76 -99.39
C SER T 140 -38.19 50.45 -100.65
N ILE T 141 -38.87 49.68 -101.51
CA ILE T 141 -39.77 50.24 -102.52
C ILE T 141 -40.92 50.94 -101.83
N ALA T 142 -41.27 52.11 -102.37
CA ALA T 142 -42.46 52.87 -101.95
C ALA T 142 -42.50 53.08 -100.46
N GLY T 143 -41.36 53.52 -99.93
CA GLY T 143 -41.19 53.70 -98.50
C GLY T 143 -41.38 55.13 -98.06
N GLY T 144 -42.09 55.92 -98.87
CA GLY T 144 -42.16 57.34 -98.61
C GLY T 144 -40.76 57.92 -98.63
N THR T 145 -40.22 58.18 -97.44
CA THR T 145 -38.88 58.73 -97.32
C THR T 145 -37.83 57.78 -97.87
N GLY T 146 -37.96 56.48 -97.61
CA GLY T 146 -36.95 55.53 -98.07
C GLY T 146 -36.80 55.55 -99.58
N SER T 147 -37.92 55.48 -100.29
CA SER T 147 -37.91 55.60 -101.73
C SER T 147 -37.68 57.05 -102.13
N GLY T 148 -37.14 57.23 -103.34
CA GLY T 148 -36.70 58.53 -103.78
C GLY T 148 -35.27 58.78 -103.34
N LEU T 149 -35.05 58.81 -102.03
CA LEU T 149 -33.69 58.96 -101.54
C LEU T 149 -32.86 57.74 -101.89
N GLY T 150 -33.43 56.54 -101.79
CA GLY T 150 -32.68 55.36 -102.18
C GLY T 150 -32.40 55.33 -103.66
N SER T 151 -33.35 55.79 -104.47
CA SER T 151 -33.13 55.85 -105.91
C SER T 151 -32.03 56.84 -106.28
N TYR T 152 -32.08 58.03 -105.68
CA TYR T 152 -31.04 59.03 -105.95
C TYR T 152 -29.67 58.52 -105.53
N LEU T 153 -29.59 57.94 -104.33
CA LEU T 153 -28.34 57.39 -103.86
C LEU T 153 -27.84 56.26 -104.75
N LEU T 154 -28.77 55.45 -105.26
CA LEU T 154 -28.41 54.38 -106.18
C LEU T 154 -27.82 54.95 -107.46
N GLU T 155 -28.36 56.07 -107.92
CA GLU T 155 -27.81 56.71 -109.10
C GLU T 155 -26.43 57.27 -108.83
N ARG T 156 -26.20 57.80 -107.63
CA ARG T 156 -24.88 58.40 -107.34
C ARG T 156 -23.79 57.35 -107.21
N LEU T 157 -24.08 56.23 -106.53
CA LEU T 157 -23.02 55.25 -106.24
C LEU T 157 -22.44 54.63 -107.50
N ASN T 158 -23.27 54.29 -108.49
CA ASN T 158 -22.71 53.62 -109.66
C ASN T 158 -21.76 54.53 -110.42
N ASP T 159 -22.12 55.81 -110.57
CA ASP T 159 -21.24 56.76 -111.22
C ASP T 159 -19.94 56.92 -110.44
N ARG T 160 -20.05 57.06 -109.12
CA ARG T 160 -18.87 57.36 -108.34
C ARG T 160 -17.98 56.12 -108.17
N TYR T 161 -18.55 54.93 -108.23
CA TYR T 161 -17.83 53.65 -108.15
C TYR T 161 -18.26 52.78 -109.34
N PRO T 162 -17.83 53.11 -110.56
CA PRO T 162 -18.27 52.31 -111.72
C PRO T 162 -17.87 50.85 -111.64
N LYS T 163 -16.67 50.58 -111.12
CA LYS T 163 -16.22 49.20 -111.00
C LYS T 163 -17.04 48.44 -109.96
N LYS T 164 -17.43 49.09 -108.87
CA LYS T 164 -18.02 48.41 -107.74
C LYS T 164 -19.48 48.05 -108.00
N LEU T 165 -20.03 47.20 -107.13
CA LEU T 165 -21.37 46.66 -107.29
C LEU T 165 -22.32 47.07 -106.17
N VAL T 166 -23.60 47.15 -106.53
CA VAL T 166 -24.68 47.47 -105.60
C VAL T 166 -25.68 46.32 -105.60
N GLN T 167 -25.98 45.80 -104.41
CA GLN T 167 -27.06 44.87 -104.19
C GLN T 167 -28.15 45.57 -103.39
N THR T 168 -29.39 45.12 -103.57
CA THR T 168 -30.54 45.76 -102.93
C THR T 168 -31.43 44.66 -102.34
N TYR T 169 -31.55 44.65 -101.01
CA TYR T 169 -32.54 43.80 -100.33
C TYR T 169 -33.89 44.51 -100.32
N SER T 170 -34.43 44.66 -101.52
CA SER T 170 -35.69 45.35 -101.74
C SER T 170 -36.85 44.63 -101.07
N VAL T 171 -37.54 45.31 -100.17
CA VAL T 171 -38.81 44.83 -99.62
C VAL T 171 -39.97 45.40 -100.41
N PHE T 172 -40.29 44.77 -101.54
CA PHE T 172 -41.40 45.16 -102.40
C PHE T 172 -42.70 45.16 -101.58
N PRO T 173 -43.40 46.30 -101.45
CA PRO T 173 -44.60 46.29 -100.63
C PRO T 173 -45.81 45.82 -101.41
N ASN T 174 -46.37 44.71 -100.98
CA ASN T 174 -47.67 44.26 -101.44
C ASN T 174 -48.42 43.91 -100.16
N GLN T 175 -49.40 44.73 -99.81
CA GLN T 175 -50.17 44.59 -98.59
C GLN T 175 -51.65 44.41 -98.91
N ASP T 176 -51.93 43.74 -100.04
CA ASP T 176 -53.24 43.63 -100.66
C ASP T 176 -53.77 44.99 -101.10
N GLU T 177 -52.89 45.98 -101.24
CA GLU T 177 -53.23 47.33 -101.68
C GLU T 177 -54.29 47.95 -100.77
N ASP T 180 -52.03 53.51 -94.76
CA ASP T 180 -52.19 53.44 -96.20
C ASP T 180 -51.46 54.58 -96.90
N VAL T 181 -50.85 54.26 -98.04
CA VAL T 181 -50.26 55.24 -98.95
C VAL T 181 -50.96 55.05 -100.29
N VAL T 182 -51.54 56.13 -100.79
CA VAL T 182 -52.25 56.07 -102.07
C VAL T 182 -51.31 56.16 -103.27
N VAL T 183 -50.14 56.76 -103.13
CA VAL T 183 -49.24 57.01 -104.27
C VAL T 183 -48.23 55.87 -104.46
N GLN T 184 -48.47 54.72 -103.82
CA GLN T 184 -47.57 53.57 -103.90
C GLN T 184 -47.21 53.16 -105.32
N PRO T 185 -48.16 53.02 -106.26
CA PRO T 185 -47.76 52.59 -107.60
C PRO T 185 -46.81 53.57 -108.28
N TYR T 186 -47.07 54.86 -108.14
CA TYR T 186 -46.22 55.87 -108.76
C TYR T 186 -44.81 55.78 -108.18
N ASN T 187 -44.73 55.73 -106.84
CA ASN T 187 -43.44 55.67 -106.16
C ASN T 187 -42.66 54.44 -106.59
N SER T 188 -43.31 53.28 -106.51
CA SER T 188 -42.64 52.03 -106.85
C SER T 188 -42.21 52.05 -108.31
N LEU T 189 -43.05 52.59 -109.20
CA LEU T 189 -42.71 52.67 -110.62
C LEU T 189 -41.39 53.40 -110.81
N LEU T 190 -41.26 54.57 -110.19
CA LEU T 190 -40.02 55.33 -110.38
C LEU T 190 -38.82 54.58 -109.79
N THR T 191 -39.00 54.00 -108.60
CA THR T 191 -37.91 53.23 -107.98
C THR T 191 -37.48 52.10 -108.89
N LEU T 192 -38.41 51.47 -109.58
CA LEU T 192 -38.07 50.33 -110.42
C LEU T 192 -37.29 50.77 -111.66
N LYS T 193 -37.57 51.94 -112.22
CA LYS T 193 -36.73 52.43 -113.33
C LYS T 193 -35.29 52.60 -112.86
N ARG T 194 -35.12 53.28 -111.72
CA ARG T 194 -33.77 53.48 -111.20
C ARG T 194 -33.11 52.15 -110.86
N LEU T 195 -33.87 51.23 -110.27
CA LEU T 195 -33.31 49.94 -109.90
C LEU T 195 -32.97 49.10 -111.13
N THR T 196 -33.81 49.15 -112.15
CA THR T 196 -33.60 48.31 -113.32
C THR T 196 -32.36 48.72 -114.08
N GLN T 197 -32.09 50.02 -114.19
CA GLN T 197 -30.91 50.44 -114.94
C GLN T 197 -29.68 50.67 -114.08
N ASN T 198 -29.84 50.86 -112.76
CA ASN T 198 -28.74 51.31 -111.91
C ASN T 198 -28.55 50.43 -110.67
N ALA T 199 -29.00 49.18 -110.68
CA ALA T 199 -28.77 48.25 -109.58
C ALA T 199 -28.23 46.95 -110.14
N ASP T 200 -27.07 46.51 -109.63
CA ASP T 200 -26.44 45.31 -110.17
C ASP T 200 -27.15 44.05 -109.72
N CYS T 201 -27.67 44.00 -108.50
CA CYS T 201 -28.50 42.88 -108.09
C CYS T 201 -29.60 43.32 -107.14
N VAL T 202 -30.71 42.58 -107.15
CA VAL T 202 -31.84 42.85 -106.27
C VAL T 202 -32.38 41.52 -105.78
N VAL T 203 -32.71 41.45 -104.49
CA VAL T 203 -33.38 40.30 -103.89
C VAL T 203 -34.76 40.76 -103.47
N VAL T 204 -35.80 40.17 -104.06
CA VAL T 204 -37.16 40.62 -103.86
C VAL T 204 -37.78 39.91 -102.68
N LEU T 205 -38.45 40.68 -101.82
CA LEU T 205 -39.24 40.16 -100.71
C LEU T 205 -40.60 40.85 -100.75
N ASP T 206 -41.61 40.19 -100.19
CA ASP T 206 -42.99 40.65 -100.32
C ASP T 206 -43.68 40.64 -98.97
N ASN T 207 -44.31 41.77 -98.65
CA ASN T 207 -45.00 41.90 -97.37
C ASN T 207 -46.14 40.90 -97.28
N THR T 208 -46.96 40.78 -98.33
CA THR T 208 -48.07 39.84 -98.27
C THR T 208 -47.57 38.40 -98.21
N ALA T 209 -46.50 38.08 -98.95
CA ALA T 209 -45.97 36.73 -98.90
C ALA T 209 -45.53 36.36 -97.49
N LEU T 210 -44.78 37.25 -96.85
CA LEU T 210 -44.33 36.97 -95.49
C LEU T 210 -45.49 37.02 -94.50
N ASN T 211 -46.51 37.86 -94.76
CA ASN T 211 -47.69 37.87 -93.90
C ASN T 211 -48.47 36.57 -94.00
N ARG T 212 -48.61 36.05 -95.22
CA ARG T 212 -49.27 34.75 -95.40
C ARG T 212 -48.51 33.66 -94.67
N ILE T 213 -47.18 33.70 -94.76
CA ILE T 213 -46.37 32.73 -94.02
C ILE T 213 -46.55 32.93 -92.52
N ALA T 214 -46.71 34.19 -92.09
CA ALA T 214 -46.93 34.46 -90.69
C ALA T 214 -48.23 33.83 -90.21
N THR T 215 -49.30 33.98 -90.99
CA THR T 215 -50.56 33.32 -90.66
C THR T 215 -50.40 31.80 -90.65
N ASP T 216 -49.58 31.28 -91.56
CA ASP T 216 -49.37 29.83 -91.64
C ASP T 216 -48.69 29.30 -90.37
N ARG T 217 -47.46 29.78 -90.11
CA ARG T 217 -46.67 29.26 -88.99
C ARG T 217 -47.21 29.71 -87.63
N LEU T 218 -47.80 30.91 -87.54
CA LEU T 218 -48.30 31.47 -86.28
C LEU T 218 -49.67 32.11 -86.49
N HIS T 219 -50.25 32.56 -85.39
CA HIS T 219 -51.54 33.25 -85.38
C HIS T 219 -51.40 34.76 -85.49
N ILE T 220 -50.17 35.28 -85.53
CA ILE T 220 -49.95 36.72 -85.66
C ILE T 220 -50.58 37.23 -86.95
N GLN T 221 -51.49 38.22 -86.82
CA GLN T 221 -52.06 38.90 -87.97
C GLN T 221 -51.91 40.41 -87.88
N ASN T 222 -52.27 40.98 -86.72
CA ASN T 222 -52.29 42.44 -86.58
C ASN T 222 -50.90 43.05 -86.49
N PRO T 223 -49.96 42.54 -85.63
CA PRO T 223 -48.60 43.09 -85.59
C PRO T 223 -47.67 42.46 -86.63
N SER T 224 -48.09 42.52 -87.90
CA SER T 224 -47.35 41.88 -88.99
C SER T 224 -45.93 42.41 -89.11
N PHE T 225 -45.76 43.74 -89.05
CA PHE T 225 -44.44 44.33 -89.30
C PHE T 225 -43.41 43.87 -88.28
N SER T 226 -43.77 43.85 -87.00
CA SER T 226 -42.80 43.58 -85.95
C SER T 226 -42.24 42.17 -86.07
N GLN T 227 -43.11 41.19 -86.32
CA GLN T 227 -42.68 39.79 -86.38
C GLN T 227 -42.01 39.46 -87.71
N ILE T 228 -42.53 40.02 -88.81
CA ILE T 228 -41.98 39.73 -90.14
C ILE T 228 -40.53 40.19 -90.23
N ASN T 229 -40.16 41.18 -89.40
CA ASN T 229 -38.77 41.60 -89.28
C ASN T 229 -37.86 40.40 -89.03
N GLN T 230 -38.30 39.51 -88.14
CA GLN T 230 -37.51 38.32 -87.83
C GLN T 230 -37.30 37.46 -89.08
N LEU T 231 -38.36 37.26 -89.86
CA LEU T 231 -38.26 36.41 -91.05
C LEU T 231 -37.26 37.00 -92.04
N VAL T 232 -37.38 38.30 -92.31
CA VAL T 232 -36.48 38.93 -93.26
C VAL T 232 -35.05 38.91 -92.73
N SER T 233 -34.90 39.04 -91.41
CA SER T 233 -33.57 39.01 -90.81
C SER T 233 -32.92 37.66 -91.02
N THR T 234 -33.68 36.60 -90.79
CA THR T 234 -33.19 35.26 -91.09
C THR T 234 -32.75 35.14 -92.54
N ILE T 235 -33.57 35.63 -93.48
CA ILE T 235 -33.19 35.51 -94.89
C ILE T 235 -31.90 36.28 -95.17
N MET T 236 -31.80 37.51 -94.67
CA MET T 236 -30.62 38.32 -94.97
C MET T 236 -29.36 37.71 -94.40
N SER T 237 -29.39 37.30 -93.12
CA SER T 237 -28.20 36.70 -92.52
C SER T 237 -27.83 35.40 -93.22
N ALA T 238 -28.82 34.54 -93.46
CA ALA T 238 -28.54 33.24 -94.05
C ALA T 238 -28.03 33.38 -95.48
N SER T 239 -28.51 34.38 -96.21
CA SER T 239 -28.05 34.60 -97.58
C SER T 239 -26.56 34.94 -97.65
N THR T 240 -26.01 35.50 -96.58
CA THR T 240 -24.61 35.88 -96.51
C THR T 240 -23.75 34.92 -95.72
N THR T 241 -24.36 33.92 -95.05
CA THR T 241 -23.60 32.99 -94.23
C THR T 241 -22.44 32.35 -94.97
N THR T 242 -22.60 32.07 -96.27
CA THR T 242 -21.50 31.46 -97.01
C THR T 242 -20.30 32.40 -97.10
N LEU T 243 -20.55 33.71 -97.18
CA LEU T 243 -19.45 34.68 -97.18
C LEU T 243 -18.86 34.83 -95.79
N ARG T 244 -19.74 34.96 -94.78
CA ARG T 244 -19.31 35.16 -93.40
C ARG T 244 -18.55 33.97 -92.84
N TYR T 245 -18.71 32.77 -93.41
CA TYR T 245 -18.00 31.58 -92.95
C TYR T 245 -17.20 30.96 -94.11
N PRO T 246 -15.95 30.54 -93.91
CA PRO T 246 -15.15 30.10 -95.05
C PRO T 246 -15.72 28.87 -95.74
N GLY T 247 -15.25 28.66 -96.96
CA GLY T 247 -15.63 27.51 -97.75
C GLY T 247 -14.71 27.44 -98.95
N TYR T 248 -14.86 26.37 -99.72
CA TYR T 248 -14.07 26.22 -100.92
C TYR T 248 -14.57 27.14 -102.03
N MET T 249 -15.88 27.33 -102.13
CA MET T 249 -16.53 28.10 -103.18
C MET T 249 -17.45 29.15 -102.56
N ASN T 250 -17.81 30.12 -103.39
CA ASN T 250 -18.66 31.24 -103.00
C ASN T 250 -18.04 31.98 -101.82
N ASN T 251 -16.76 32.26 -101.97
CA ASN T 251 -16.00 33.03 -101.01
C ASN T 251 -16.04 34.52 -101.30
N ASP T 252 -16.74 34.93 -102.35
CA ASP T 252 -16.88 36.33 -102.67
C ASP T 252 -18.26 36.56 -103.28
N LEU T 253 -18.81 37.72 -102.96
CA LEU T 253 -20.19 38.03 -103.31
C LEU T 253 -20.38 37.99 -104.82
N ILE T 254 -19.41 38.52 -105.58
CA ILE T 254 -19.50 38.46 -107.04
C ILE T 254 -19.53 37.00 -107.50
N GLY T 255 -18.72 36.16 -106.87
CA GLY T 255 -18.70 34.73 -107.16
C GLY T 255 -20.08 34.11 -107.03
N LEU T 256 -20.82 34.51 -105.99
CA LEU T 256 -22.16 33.97 -105.81
C LEU T 256 -23.16 34.63 -106.78
N ILE T 257 -23.08 35.95 -106.93
CA ILE T 257 -24.08 36.72 -107.66
C ILE T 257 -24.19 36.29 -109.12
N ALA T 258 -23.05 36.03 -109.77
CA ALA T 258 -23.05 35.90 -111.22
C ALA T 258 -23.97 34.77 -111.70
N SER T 259 -23.90 33.61 -111.06
CA SER T 259 -24.76 32.50 -111.47
C SER T 259 -26.24 32.85 -111.29
N LEU T 260 -26.56 33.54 -110.19
CA LEU T 260 -27.95 33.88 -109.90
C LEU T 260 -28.54 34.82 -110.95
N ILE T 261 -27.77 35.80 -111.42
CA ILE T 261 -28.25 36.77 -112.40
C ILE T 261 -27.61 36.44 -113.76
N PRO T 262 -28.41 35.89 -114.72
CA PRO T 262 -27.82 35.45 -116.00
C PRO T 262 -27.67 36.56 -117.03
N THR T 263 -28.63 37.47 -117.04
CA THR T 263 -28.69 38.61 -117.92
C THR T 263 -28.93 39.87 -117.10
N PRO T 264 -28.32 41.01 -117.45
CA PRO T 264 -28.35 42.16 -116.53
C PRO T 264 -29.73 42.63 -116.15
N ARG T 265 -30.66 42.65 -117.11
CA ARG T 265 -31.97 43.21 -116.84
C ARG T 265 -32.70 42.37 -115.81
N LEU T 266 -32.61 41.04 -115.95
CA LEU T 266 -33.30 40.08 -115.08
C LEU T 266 -32.40 39.75 -113.90
N HIS T 267 -32.38 40.65 -112.90
CA HIS T 267 -31.48 40.57 -111.76
C HIS T 267 -32.21 40.56 -110.43
N PHE T 268 -33.48 40.11 -110.45
CA PHE T 268 -34.33 40.09 -109.27
C PHE T 268 -34.45 38.64 -108.80
N LEU T 269 -34.20 38.41 -107.53
CA LEU T 269 -34.01 37.07 -106.99
C LEU T 269 -35.10 36.72 -105.98
N MET T 270 -35.71 35.57 -106.19
CA MET T 270 -36.73 34.97 -105.35
C MET T 270 -36.07 34.21 -104.21
N THR T 271 -36.75 34.18 -103.08
CA THR T 271 -36.18 33.66 -101.83
C THR T 271 -36.94 32.42 -101.38
N GLY T 272 -36.26 31.61 -100.59
CA GLY T 272 -36.88 30.45 -100.00
C GLY T 272 -36.07 29.95 -98.82
N TYR T 273 -36.77 29.30 -97.89
CA TYR T 273 -36.18 28.77 -96.66
C TYR T 273 -36.92 27.50 -96.29
N THR T 274 -36.22 26.37 -96.18
CA THR T 274 -36.95 25.12 -95.94
C THR T 274 -37.64 25.10 -94.59
N PRO T 275 -36.95 25.15 -93.45
CA PRO T 275 -37.68 25.17 -92.19
C PRO T 275 -38.11 26.58 -91.85
N LEU T 276 -39.18 27.04 -92.49
CA LEU T 276 -39.80 28.30 -92.08
C LEU T 276 -40.11 28.27 -90.59
N THR T 277 -40.52 27.10 -90.10
CA THR T 277 -40.52 26.80 -88.67
C THR T 277 -39.18 26.19 -88.24
N THR T 278 -38.11 27.00 -88.40
CA THR T 278 -36.80 26.60 -87.90
C THR T 278 -36.77 26.55 -86.38
N ASP T 279 -37.69 27.24 -85.70
CA ASP T 279 -37.84 27.07 -84.26
C ASP T 279 -38.42 25.70 -83.96
N LYS T 287 -32.99 13.16 -87.89
CA LYS T 287 -32.53 14.36 -88.58
C LYS T 287 -33.10 14.36 -90.00
N THR T 288 -33.17 15.53 -90.63
CA THR T 288 -33.78 15.70 -91.95
C THR T 288 -32.68 15.66 -93.00
N THR T 289 -32.78 14.69 -93.91
CA THR T 289 -31.74 14.54 -94.91
C THR T 289 -31.86 15.62 -95.98
N VAL T 290 -30.74 15.86 -96.67
CA VAL T 290 -30.68 16.89 -97.71
C VAL T 290 -31.74 16.64 -98.78
N LEU T 291 -32.01 15.37 -99.11
CA LEU T 291 -33.00 15.07 -100.15
C LEU T 291 -34.35 15.69 -99.81
N ASP T 292 -34.78 15.50 -98.57
CA ASP T 292 -36.11 15.95 -98.18
C ASP T 292 -36.10 17.46 -97.90
N VAL T 293 -34.97 17.99 -97.44
CA VAL T 293 -34.89 19.45 -97.27
C VAL T 293 -35.02 20.16 -98.63
N MET T 294 -34.30 19.66 -99.64
CA MET T 294 -34.39 20.17 -101.01
C MET T 294 -35.82 20.10 -101.50
N ARG T 295 -36.40 18.90 -101.33
CA ARG T 295 -37.81 18.64 -101.75
C ARG T 295 -38.70 19.71 -101.14
N ARG T 296 -38.66 19.88 -99.82
CA ARG T 296 -39.51 20.85 -99.17
C ARG T 296 -39.30 22.23 -99.77
N LEU T 297 -38.04 22.57 -100.03
CA LEU T 297 -37.69 23.92 -100.41
C LEU T 297 -38.34 24.29 -101.74
N LEU T 298 -38.32 23.37 -102.70
CA LEU T 298 -38.88 23.69 -104.00
C LEU T 298 -40.39 23.92 -103.95
N GLN T 299 -41.08 23.43 -102.91
CA GLN T 299 -42.52 23.59 -102.86
C GLN T 299 -42.90 25.07 -102.72
N PRO T 300 -44.07 25.49 -103.22
CA PRO T 300 -44.42 26.92 -103.16
C PRO T 300 -44.72 27.45 -101.76
N LYS T 301 -45.04 26.59 -100.79
CA LYS T 301 -45.26 27.10 -99.44
C LYS T 301 -43.98 27.69 -98.88
N ASN T 302 -42.86 27.01 -99.08
CA ASN T 302 -41.58 27.49 -98.59
C ASN T 302 -41.11 28.74 -99.34
N VAL T 303 -41.62 28.99 -100.54
CA VAL T 303 -41.28 30.21 -101.26
C VAL T 303 -41.93 31.40 -100.57
N MET T 304 -41.22 32.53 -100.58
CA MET T 304 -41.59 33.71 -99.80
C MET T 304 -41.98 34.88 -100.70
N VAL T 305 -42.53 34.57 -101.88
CA VAL T 305 -43.01 35.56 -102.84
C VAL T 305 -44.42 35.16 -103.23
N SER T 306 -45.29 36.16 -103.39
CA SER T 306 -46.69 35.91 -103.75
C SER T 306 -46.91 36.11 -105.24
N THR T 313 -50.06 31.10 -120.16
CA THR T 313 -48.69 31.20 -120.63
C THR T 313 -47.75 30.43 -119.71
N ASN T 314 -46.80 29.71 -120.32
CA ASN T 314 -45.80 28.99 -119.56
C ASN T 314 -44.99 29.97 -118.70
N HIS T 315 -44.48 29.49 -117.58
CA HIS T 315 -43.56 30.23 -116.74
C HIS T 315 -42.50 29.28 -116.20
N CYS T 316 -41.29 29.81 -116.00
CA CYS T 316 -40.13 28.96 -115.77
C CYS T 316 -39.06 29.72 -115.01
N TYR T 317 -38.33 29.01 -114.16
CA TYR T 317 -37.12 29.56 -113.59
C TYR T 317 -36.10 29.82 -114.68
N ILE T 318 -35.18 30.75 -114.42
CA ILE T 318 -34.00 30.90 -115.26
C ILE T 318 -32.81 30.16 -114.63
N ALA T 319 -32.67 30.23 -113.32
CA ALA T 319 -31.62 29.50 -112.63
C ALA T 319 -31.93 29.47 -111.14
N ILE T 320 -31.47 28.42 -110.48
CA ILE T 320 -31.77 28.16 -109.08
C ILE T 320 -30.46 27.89 -108.35
N LEU T 321 -30.41 28.26 -107.06
CA LEU T 321 -29.28 27.96 -106.21
C LEU T 321 -29.77 27.69 -104.80
N ASN T 322 -29.09 26.78 -104.11
CA ASN T 322 -29.45 26.33 -102.78
C ASN T 322 -28.20 26.19 -101.93
N ILE T 323 -28.26 26.78 -100.73
CA ILE T 323 -27.21 26.72 -99.72
C ILE T 323 -27.81 26.12 -98.45
N ILE T 324 -27.18 25.07 -97.93
CA ILE T 324 -27.67 24.31 -96.80
C ILE T 324 -26.63 24.35 -95.69
N GLN T 325 -27.06 24.61 -94.47
CA GLN T 325 -26.17 24.75 -93.31
C GLN T 325 -26.64 23.76 -92.25
N GLY T 326 -25.82 22.76 -91.96
CA GLY T 326 -26.16 21.82 -90.91
C GLY T 326 -25.27 20.60 -90.92
N GLU T 327 -25.73 19.57 -90.21
CA GLU T 327 -25.04 18.28 -90.17
C GLU T 327 -25.41 17.52 -91.43
N VAL T 328 -24.70 17.84 -92.51
CA VAL T 328 -24.98 17.28 -93.83
C VAL T 328 -23.92 16.25 -94.16
N ASP T 329 -24.35 15.04 -94.48
CA ASP T 329 -23.43 14.03 -94.97
C ASP T 329 -22.98 14.42 -96.39
N PRO T 330 -21.68 14.24 -96.72
CA PRO T 330 -21.20 14.72 -98.02
C PRO T 330 -21.52 13.81 -99.19
N THR T 331 -21.42 12.49 -99.01
CA THR T 331 -21.66 11.59 -100.14
C THR T 331 -23.10 11.63 -100.61
N GLN T 332 -24.04 11.95 -99.72
CA GLN T 332 -25.44 11.95 -100.14
C GLN T 332 -25.84 13.16 -100.94
N VAL T 333 -25.03 14.23 -100.98
CA VAL T 333 -25.52 15.47 -101.58
C VAL T 333 -25.65 15.32 -103.10
N HIS T 334 -24.67 14.69 -103.74
CA HIS T 334 -24.80 14.51 -105.18
C HIS T 334 -25.93 13.54 -105.49
N LYS T 335 -26.02 12.44 -104.74
CA LYS T 335 -27.16 11.54 -104.87
C LYS T 335 -28.48 12.27 -104.61
N SER T 336 -28.46 13.29 -103.76
CA SER T 336 -29.67 14.03 -103.47
C SER T 336 -30.14 14.75 -104.72
N LEU T 337 -29.24 15.49 -105.35
CA LEU T 337 -29.61 16.18 -106.58
C LEU T 337 -30.00 15.18 -107.67
N GLN T 338 -29.42 13.97 -107.63
CA GLN T 338 -29.83 12.96 -108.60
C GLN T 338 -31.31 12.57 -108.35
N ARG T 339 -31.67 12.45 -107.08
CA ARG T 339 -33.07 12.16 -106.75
C ARG T 339 -33.98 13.29 -107.16
N ILE T 340 -33.51 14.54 -107.08
CA ILE T 340 -34.37 15.65 -107.51
C ILE T 340 -34.54 15.63 -109.03
N ARG T 341 -33.47 15.34 -109.80
CA ARG T 341 -33.65 15.28 -111.24
C ARG T 341 -34.60 14.15 -111.62
N GLU T 342 -34.75 13.13 -110.75
CA GLU T 342 -35.91 12.25 -110.90
C GLU T 342 -37.22 12.94 -110.52
N ARG T 343 -37.25 13.75 -109.44
CA ARG T 343 -38.55 14.32 -109.06
C ARG T 343 -39.10 15.33 -110.07
N LYS T 344 -38.25 16.16 -110.67
CA LYS T 344 -38.69 17.26 -111.56
C LYS T 344 -39.65 18.22 -110.85
N LEU T 345 -39.31 18.61 -109.62
CA LEU T 345 -40.22 19.49 -108.88
C LEU T 345 -40.14 20.92 -109.36
N ALA T 346 -38.98 21.36 -109.82
CA ALA T 346 -38.79 22.70 -110.36
C ALA T 346 -38.81 22.58 -111.87
N ASN T 347 -39.85 23.13 -112.48
CA ASN T 347 -40.04 23.04 -113.92
C ASN T 347 -39.46 24.31 -114.54
N PHE T 348 -38.40 24.14 -115.33
CA PHE T 348 -37.84 25.28 -116.03
C PHE T 348 -37.19 24.84 -117.33
N ILE T 349 -37.53 25.55 -118.40
CA ILE T 349 -36.94 25.36 -119.73
C ILE T 349 -36.59 26.76 -120.24
N PRO T 350 -35.65 27.45 -119.60
CA PRO T 350 -35.31 28.81 -120.03
C PRO T 350 -34.27 28.79 -121.14
N TRP T 351 -34.07 29.97 -121.72
CA TRP T 351 -32.91 30.18 -122.58
C TRP T 351 -31.60 29.85 -121.88
N GLY T 352 -31.49 30.17 -120.59
CA GLY T 352 -30.29 29.88 -119.84
C GLY T 352 -30.12 28.37 -119.64
N PRO T 353 -28.89 27.87 -119.61
CA PRO T 353 -28.66 26.46 -119.27
C PRO T 353 -28.26 26.18 -117.84
N ALA T 354 -28.33 27.17 -116.94
CA ALA T 354 -27.78 26.98 -115.60
C ALA T 354 -28.58 25.93 -114.85
N SER T 355 -27.89 24.89 -114.42
CA SER T 355 -28.43 23.85 -113.57
C SER T 355 -28.35 24.26 -112.11
N ILE T 356 -29.25 23.71 -111.30
CA ILE T 356 -29.24 24.00 -109.87
C ILE T 356 -27.97 23.44 -109.24
N GLN T 357 -27.51 24.11 -108.19
CA GLN T 357 -26.27 23.77 -107.49
C GLN T 357 -26.51 23.43 -106.04
N VAL T 358 -25.72 22.49 -105.56
CA VAL T 358 -25.74 22.06 -104.16
C VAL T 358 -24.59 22.81 -103.48
N ALA T 359 -24.92 23.74 -102.60
CA ALA T 359 -23.95 24.46 -101.82
C ALA T 359 -24.17 24.14 -100.35
N LEU T 360 -23.08 24.17 -99.59
CA LEU T 360 -23.12 23.79 -98.19
C LEU T 360 -22.22 24.71 -97.38
N SER T 361 -22.81 25.33 -96.37
CA SER T 361 -22.16 26.29 -95.49
C SER T 361 -22.17 25.78 -94.06
N ARG T 362 -21.50 26.51 -93.19
CA ARG T 362 -21.28 26.09 -91.81
C ARG T 362 -22.34 26.71 -90.90
N LYS T 363 -23.10 25.86 -90.24
CA LYS T 363 -23.95 26.31 -89.14
C LYS T 363 -23.04 26.81 -88.02
N SER T 364 -23.44 27.91 -87.39
CA SER T 364 -22.59 28.56 -86.41
C SER T 364 -22.77 27.93 -85.04
N PRO T 365 -21.76 28.09 -84.13
CA PRO T 365 -21.97 27.67 -82.74
C PRO T 365 -22.65 28.75 -81.90
N TYR T 366 -22.87 28.41 -80.63
CA TYR T 366 -23.49 29.23 -79.59
C TYR T 366 -25.01 29.38 -79.70
N LEU T 367 -25.59 29.15 -80.87
CA LEU T 367 -27.01 29.38 -81.07
C LEU T 367 -27.73 28.04 -81.16
N PRO T 368 -29.05 27.98 -80.92
CA PRO T 368 -29.73 26.69 -80.97
C PRO T 368 -29.60 26.02 -82.34
N SER T 369 -29.36 24.72 -82.31
CA SER T 369 -29.19 23.91 -83.52
C SER T 369 -30.46 23.13 -83.86
N ALA T 370 -31.63 23.62 -83.42
CA ALA T 370 -32.90 22.98 -83.73
C ALA T 370 -33.09 22.86 -85.24
N HIS T 371 -33.65 21.73 -85.68
CA HIS T 371 -33.71 21.35 -87.09
C HIS T 371 -32.31 21.44 -87.69
N ARG T 372 -31.50 20.48 -87.24
CA ARG T 372 -30.06 20.46 -87.43
C ARG T 372 -29.62 20.76 -88.86
N VAL T 373 -30.39 20.32 -89.85
CA VAL T 373 -30.19 20.70 -91.26
C VAL T 373 -31.24 21.72 -91.66
N SER T 374 -30.79 22.81 -92.30
CA SER T 374 -31.68 23.87 -92.74
C SER T 374 -31.04 24.57 -93.93
N GLY T 375 -31.84 24.85 -94.97
CA GLY T 375 -31.33 25.46 -96.18
C GLY T 375 -32.20 26.59 -96.68
N LEU T 376 -31.67 27.30 -97.69
CA LEU T 376 -32.39 28.38 -98.35
C LEU T 376 -32.08 28.33 -99.83
N MET T 377 -32.93 28.97 -100.63
CA MET T 377 -32.73 29.10 -102.06
C MET T 377 -32.85 30.53 -102.53
N MET T 378 -31.97 30.86 -103.49
CA MET T 378 -32.02 32.08 -104.29
C MET T 378 -32.24 31.65 -105.73
N ALA T 379 -33.30 32.15 -106.37
CA ALA T 379 -33.61 31.72 -107.73
C ALA T 379 -34.19 32.85 -108.56
N ASN T 380 -33.81 32.87 -109.83
CA ASN T 380 -34.35 33.82 -110.80
C ASN T 380 -35.55 33.18 -111.47
N HIS T 381 -36.75 33.69 -111.18
CA HIS T 381 -38.01 33.12 -111.63
C HIS T 381 -38.81 34.18 -112.38
N THR T 382 -39.45 33.76 -113.47
CA THR T 382 -40.25 34.70 -114.26
C THR T 382 -41.54 35.10 -113.57
N SER T 383 -41.93 34.43 -112.49
CA SER T 383 -43.19 34.76 -111.83
C SER T 383 -43.19 36.18 -111.26
N ILE T 384 -42.04 36.68 -110.82
CA ILE T 384 -41.97 38.01 -110.23
C ILE T 384 -42.34 39.10 -111.23
N SER T 385 -42.25 38.80 -112.53
CA SER T 385 -42.76 39.72 -113.55
C SER T 385 -44.24 40.02 -113.29
N SER T 386 -44.98 39.02 -112.80
CA SER T 386 -46.38 39.25 -112.43
C SER T 386 -46.49 40.32 -111.35
N LEU T 387 -45.65 40.23 -110.32
CA LEU T 387 -45.74 41.20 -109.22
C LEU T 387 -45.40 42.60 -109.71
N PHE T 388 -44.40 42.71 -110.58
CA PHE T 388 -44.12 44.02 -111.18
C PHE T 388 -45.31 44.51 -111.99
N GLU T 389 -45.95 43.61 -112.74
CA GLU T 389 -47.05 44.03 -113.58
C GLU T 389 -48.27 44.42 -112.75
N ARG T 390 -48.43 43.87 -111.55
CA ARG T 390 -49.57 44.27 -110.71
C ARG T 390 -49.47 45.73 -110.32
N THR T 391 -48.29 46.19 -109.89
CA THR T 391 -48.16 47.60 -109.57
C THR T 391 -48.17 48.45 -110.84
N CYS T 392 -47.67 47.92 -111.96
CA CYS T 392 -47.84 48.65 -113.22
C CYS T 392 -49.31 48.80 -113.58
N ARG T 393 -50.13 47.80 -113.27
CA ARG T 393 -51.56 47.86 -113.55
C ARG T 393 -52.23 48.91 -112.66
N GLN T 394 -51.90 48.91 -111.36
CA GLN T 394 -52.43 49.92 -110.46
C GLN T 394 -52.01 51.31 -110.92
N TYR T 395 -50.75 51.45 -111.33
CA TYR T 395 -50.25 52.74 -111.81
C TYR T 395 -50.98 53.18 -113.06
N ASP T 396 -51.20 52.27 -114.00
CA ASP T 396 -51.87 52.65 -115.24
C ASP T 396 -53.30 53.11 -114.97
N LYS T 397 -54.01 52.38 -114.10
CA LYS T 397 -55.36 52.80 -113.74
C LYS T 397 -55.34 54.18 -113.08
N LEU T 398 -54.45 54.35 -112.10
CA LEU T 398 -54.33 55.62 -111.40
C LEU T 398 -53.92 56.74 -112.35
N ARG T 399 -53.11 56.41 -113.35
CA ARG T 399 -52.60 57.41 -114.29
C ARG T 399 -53.70 57.88 -115.23
N LYS T 400 -54.53 56.96 -115.72
CA LYS T 400 -55.68 57.37 -116.51
C LYS T 400 -56.61 58.24 -115.67
N ARG T 401 -56.88 57.84 -114.43
CA ARG T 401 -57.78 58.65 -113.61
C ARG T 401 -57.17 60.01 -113.31
N GLU T 402 -55.85 60.08 -113.13
CA GLU T 402 -55.16 61.25 -112.59
C GLU T 402 -55.77 61.67 -111.24
N ALA T 403 -56.27 60.68 -110.49
CA ALA T 403 -56.86 60.95 -109.20
C ALA T 403 -55.81 61.46 -108.22
N PHE T 404 -54.62 60.84 -108.23
CA PHE T 404 -53.55 61.23 -107.33
C PHE T 404 -52.28 61.40 -108.17
N LEU T 405 -52.23 62.55 -108.84
CA LEU T 405 -50.99 63.15 -109.32
C LEU T 405 -50.26 63.87 -108.21
N GLU T 406 -50.85 63.95 -107.01
CA GLU T 406 -50.24 64.66 -105.86
C GLU T 406 -50.07 66.13 -106.27
N GLN T 407 -49.25 66.41 -107.28
CA GLN T 407 -49.06 67.78 -107.85
C GLN T 407 -48.92 68.76 -106.68
N PHE T 408 -48.37 68.32 -105.56
CA PHE T 408 -48.05 69.25 -104.45
C PHE T 408 -47.01 70.16 -105.06
N ARG T 409 -46.78 71.36 -104.56
CA ARG T 409 -45.86 72.28 -105.23
C ARG T 409 -44.50 71.63 -105.44
N LYS T 410 -44.02 70.87 -104.45
CA LYS T 410 -42.81 70.05 -104.63
C LYS T 410 -42.92 69.14 -105.85
N GLU T 411 -44.00 68.36 -105.92
CA GLU T 411 -44.16 67.38 -106.99
C GLU T 411 -44.17 68.07 -108.35
N ASP T 412 -44.93 69.14 -108.47
CA ASP T 412 -45.07 69.80 -109.76
C ASP T 412 -43.78 70.49 -110.17
N MET T 413 -43.12 71.20 -109.24
CA MET T 413 -41.91 71.92 -109.63
C MET T 413 -40.81 70.93 -110.00
N PHE T 414 -40.68 69.83 -109.24
CA PHE T 414 -39.66 68.85 -109.57
C PHE T 414 -39.97 68.17 -110.90
N LYS T 415 -41.24 67.81 -111.13
CA LYS T 415 -41.67 67.16 -112.37
C LYS T 415 -42.91 67.90 -112.90
N ASP T 416 -42.67 68.99 -113.63
CA ASP T 416 -43.76 69.66 -114.34
C ASP T 416 -44.22 68.82 -115.51
N ASN T 417 -43.26 68.32 -116.28
CA ASN T 417 -43.56 67.47 -117.41
C ASN T 417 -44.20 66.14 -117.01
N PHE T 418 -43.89 65.64 -115.82
CA PHE T 418 -44.45 64.37 -115.30
C PHE T 418 -44.10 63.19 -116.21
N ASP T 419 -43.04 63.34 -117.02
CA ASP T 419 -42.69 62.37 -118.04
C ASP T 419 -41.60 61.40 -117.60
N GLU T 420 -40.95 61.63 -116.46
CA GLU T 420 -40.12 60.57 -115.91
C GLU T 420 -40.97 59.37 -115.53
N MET T 421 -42.23 59.60 -115.18
CA MET T 421 -43.14 58.49 -114.90
C MET T 421 -43.37 57.67 -116.16
N ASP T 422 -43.54 58.32 -117.30
CA ASP T 422 -43.71 57.60 -118.57
C ASP T 422 -42.42 56.91 -118.99
N THR T 423 -41.28 57.55 -118.75
CA THR T 423 -40.00 56.89 -119.02
C THR T 423 -39.88 55.62 -118.17
N SER T 424 -40.29 55.71 -116.91
CA SER T 424 -40.29 54.54 -116.05
C SER T 424 -41.28 53.49 -116.55
N ARG T 425 -42.43 53.93 -117.05
CA ARG T 425 -43.41 52.98 -117.55
C ARG T 425 -42.86 52.20 -118.74
N GLU T 426 -42.22 52.89 -119.68
CA GLU T 426 -41.66 52.18 -120.83
C GLU T 426 -40.48 51.31 -120.41
N ILE T 427 -39.67 51.76 -119.45
CA ILE T 427 -38.54 50.92 -119.01
C ILE T 427 -39.04 49.66 -118.30
N VAL T 428 -40.00 49.81 -117.40
CA VAL T 428 -40.51 48.64 -116.71
C VAL T 428 -41.29 47.75 -117.66
N GLN T 429 -41.92 48.33 -118.68
CA GLN T 429 -42.60 47.50 -119.67
C GLN T 429 -41.57 46.72 -120.49
N GLN T 430 -40.43 47.35 -120.79
CA GLN T 430 -39.33 46.60 -121.39
C GLN T 430 -38.92 45.44 -120.49
N LEU T 431 -38.89 45.66 -119.18
CA LEU T 431 -38.52 44.59 -118.26
C LEU T 431 -39.54 43.44 -118.30
N ILE T 432 -40.83 43.77 -118.28
CA ILE T 432 -41.87 42.74 -118.35
C ILE T 432 -41.73 41.94 -119.65
N ASP T 433 -41.58 42.65 -120.77
CA ASP T 433 -41.43 41.99 -122.06
C ASP T 433 -40.18 41.13 -122.08
N GLU T 434 -39.11 41.61 -121.44
CA GLU T 434 -37.87 40.87 -121.40
C GLU T 434 -38.04 39.56 -120.63
N TYR T 435 -38.78 39.61 -119.52
CA TYR T 435 -39.06 38.40 -118.75
C TYR T 435 -39.82 37.38 -119.60
N HIS T 436 -40.90 37.83 -120.24
CA HIS T 436 -41.67 36.89 -121.04
C HIS T 436 -40.87 36.40 -122.25
N ALA T 437 -40.01 37.25 -122.81
CA ALA T 437 -39.13 36.79 -123.87
C ALA T 437 -38.15 35.75 -123.36
N ALA T 438 -37.71 35.87 -122.11
CA ALA T 438 -36.91 34.82 -121.51
C ALA T 438 -37.69 33.51 -121.44
N THR T 439 -38.98 33.60 -121.14
CA THR T 439 -39.83 32.40 -121.21
C THR T 439 -39.83 31.83 -122.63
N ARG T 440 -39.82 32.70 -123.65
CA ARG T 440 -39.86 32.20 -125.03
C ARG T 440 -38.59 31.41 -125.36
N PRO T 441 -38.63 30.55 -126.39
CA PRO T 441 -37.43 29.77 -126.72
C PRO T 441 -36.31 30.58 -127.35
N ASP T 442 -36.55 31.84 -127.70
CA ASP T 442 -35.66 32.59 -128.58
C ASP T 442 -35.18 33.89 -127.94
N TYR T 443 -34.72 33.80 -126.71
CA TYR T 443 -34.06 34.90 -126.04
C TYR T 443 -32.65 35.14 -126.56
N ILE T 444 -32.15 34.26 -127.43
CA ILE T 444 -30.90 34.52 -128.15
C ILE T 444 -31.01 35.82 -128.93
N SER T 445 -32.16 36.04 -129.57
CA SER T 445 -32.46 37.33 -130.17
C SER T 445 -32.71 38.37 -129.09
N TRP T 446 -32.79 39.64 -129.51
CA TRP T 446 -32.95 40.74 -128.58
C TRP T 446 -34.22 40.56 -127.75
N GLY T 447 -34.12 40.84 -126.46
CA GLY T 447 -35.24 40.74 -125.53
C GLY T 447 -35.70 42.11 -125.07
N ARG U 3 17.24 76.58 -79.55
CA ARG U 3 17.31 77.60 -78.53
C ARG U 3 15.88 77.83 -77.99
N GLU U 4 15.76 78.44 -76.82
CA GLU U 4 14.46 78.56 -76.16
C GLU U 4 13.59 79.61 -76.83
N ILE U 5 12.27 79.42 -76.77
CA ILE U 5 11.30 80.28 -77.43
C ILE U 5 10.59 81.13 -76.38
N ILE U 6 10.45 82.43 -76.64
CA ILE U 6 9.79 83.36 -75.72
C ILE U 6 8.45 83.74 -76.33
N THR U 7 7.37 83.64 -75.54
CA THR U 7 6.01 83.84 -76.03
C THR U 7 5.49 85.18 -75.56
N LEU U 8 5.23 86.10 -76.50
CA LEU U 8 4.98 87.51 -76.21
C LEU U 8 3.49 87.78 -76.28
N GLN U 9 2.75 87.22 -75.31
CA GLN U 9 1.31 87.29 -75.37
C GLN U 9 0.80 88.65 -74.90
N LEU U 10 -0.03 89.28 -75.74
CA LEU U 10 -0.37 90.69 -75.61
C LEU U 10 -1.84 90.88 -75.95
N GLY U 11 -2.43 91.93 -75.38
CA GLY U 11 -3.84 92.17 -75.55
C GLY U 11 -4.67 91.19 -74.73
N GLN U 12 -5.91 91.56 -74.51
CA GLN U 12 -6.80 90.73 -73.71
C GLN U 12 -7.02 89.37 -74.36
N CYS U 13 -7.40 89.35 -75.64
CA CYS U 13 -7.68 88.10 -76.33
C CYS U 13 -6.42 87.25 -76.43
N GLY U 14 -5.31 87.88 -76.79
CA GLY U 14 -4.06 87.16 -76.90
C GLY U 14 -3.65 86.54 -75.58
N ASN U 15 -3.86 87.27 -74.48
CA ASN U 15 -3.52 86.74 -73.17
C ASN U 15 -4.45 85.61 -72.79
N GLN U 16 -5.68 85.65 -73.30
CA GLN U 16 -6.60 84.57 -73.00
C GLN U 16 -6.13 83.26 -73.63
N ILE U 17 -5.83 83.32 -74.93
CA ILE U 17 -5.31 82.14 -75.60
C ILE U 17 -3.97 81.77 -75.02
N GLY U 18 -3.23 82.73 -74.49
CA GLY U 18 -1.97 82.44 -73.86
C GLY U 18 -2.08 81.64 -72.58
N PHE U 19 -2.97 82.01 -71.65
CA PHE U 19 -2.94 81.26 -70.40
C PHE U 19 -3.45 79.87 -70.69
N GLU U 20 -4.40 79.75 -71.63
CA GLU U 20 -4.84 78.41 -71.99
C GLU U 20 -3.73 77.59 -72.65
N PHE U 21 -2.90 78.19 -73.50
CA PHE U 21 -1.81 77.43 -74.10
C PHE U 21 -0.85 76.94 -73.04
N TRP U 22 -0.46 77.84 -72.13
CA TRP U 22 0.45 77.43 -71.07
C TRP U 22 -0.16 76.39 -70.15
N LYS U 23 -1.43 76.54 -69.78
CA LYS U 23 -2.08 75.54 -68.95
C LYS U 23 -2.17 74.18 -69.66
N GLN U 24 -2.41 74.21 -70.97
CA GLN U 24 -2.43 72.97 -71.74
C GLN U 24 -1.08 72.29 -71.68
N LEU U 25 0.01 73.06 -71.82
CA LEU U 25 1.33 72.45 -71.69
C LEU U 25 1.69 72.13 -70.26
N CYS U 26 1.05 72.76 -69.28
CA CYS U 26 1.25 72.38 -67.89
C CYS U 26 0.74 70.98 -67.64
N ALA U 27 -0.51 70.72 -68.03
CA ALA U 27 -1.04 69.38 -67.90
C ALA U 27 -0.26 68.40 -68.77
N GLU U 28 0.04 68.79 -70.01
CA GLU U 28 0.69 67.86 -70.94
C GLU U 28 2.08 67.46 -70.46
N HIS U 29 2.87 68.42 -69.99
CA HIS U 29 4.16 68.12 -69.39
C HIS U 29 3.97 67.74 -67.92
N GLY U 30 5.04 67.30 -67.28
CA GLY U 30 4.97 66.90 -65.89
C GLY U 30 5.02 68.09 -64.95
N ILE U 31 4.01 68.94 -65.03
CA ILE U 31 3.97 70.20 -64.29
C ILE U 31 2.62 70.29 -63.59
N SER U 32 2.63 70.74 -62.33
CA SER U 32 1.42 70.95 -61.53
C SER U 32 1.07 72.43 -61.64
N PRO U 33 -0.03 72.90 -61.04
CA PRO U 33 -0.33 74.35 -61.13
C PRO U 33 0.66 75.25 -60.39
N GLU U 34 1.58 74.72 -59.58
CA GLU U 34 2.61 75.53 -58.94
C GLU U 34 3.97 75.44 -59.63
N GLY U 35 4.05 74.82 -60.80
CA GLY U 35 5.29 74.72 -61.53
C GLY U 35 6.26 73.67 -61.01
N ILE U 36 5.94 73.00 -59.92
CA ILE U 36 6.79 71.95 -59.38
C ILE U 36 6.68 70.71 -60.25
N VAL U 37 7.80 70.00 -60.42
CA VAL U 37 7.81 68.77 -61.21
C VAL U 37 6.82 67.79 -60.60
N GLU U 38 6.00 67.20 -61.45
CA GLU U 38 4.97 66.29 -60.97
C GLU U 38 5.58 64.99 -60.49
N GLU U 39 5.12 64.51 -59.35
N GLU U 39 5.12 64.51 -59.35
CA GLU U 39 5.64 63.27 -58.77
CA GLU U 39 5.64 63.27 -58.77
C GLU U 39 5.36 62.09 -59.69
C GLU U 39 5.36 62.08 -59.68
N PHE U 40 4.16 62.04 -60.28
CA PHE U 40 3.78 60.90 -61.11
C PHE U 40 4.74 60.73 -62.30
N ALA U 41 5.27 61.83 -62.81
CA ALA U 41 6.24 61.77 -63.91
C ALA U 41 7.51 61.07 -63.46
N THR U 45 11.34 62.45 -70.36
CA THR U 45 11.53 62.02 -71.74
C THR U 45 11.25 63.15 -72.74
N ASP U 46 11.09 64.38 -72.24
CA ASP U 46 10.65 65.50 -73.06
C ASP U 46 11.67 66.63 -73.02
N ARG U 47 11.72 67.38 -74.13
CA ARG U 47 12.63 68.52 -74.27
C ARG U 47 11.91 69.74 -73.72
N LYS U 48 11.93 69.86 -72.41
CA LYS U 48 11.30 70.98 -71.72
C LYS U 48 12.21 72.21 -71.65
N ASP U 49 13.43 72.13 -72.17
CA ASP U 49 14.30 73.30 -72.25
C ASP U 49 13.66 74.43 -73.04
N VAL U 50 13.09 74.12 -74.21
CA VAL U 50 12.76 75.16 -75.18
C VAL U 50 11.66 76.07 -74.63
N PHE U 51 10.63 75.49 -74.03
CA PHE U 51 9.44 76.24 -73.64
C PHE U 51 9.36 76.59 -72.16
N PHE U 52 10.11 75.88 -71.30
CA PHE U 52 10.10 76.13 -69.86
C PHE U 52 11.50 76.39 -69.33
N TYR U 53 11.68 77.56 -68.71
CA TYR U 53 12.90 77.89 -68.00
C TYR U 53 12.98 77.03 -66.74
N GLN U 54 14.17 76.53 -66.46
CA GLN U 54 14.43 75.60 -65.37
C GLN U 54 14.89 76.39 -64.14
N ALA U 55 14.05 76.43 -63.10
CA ALA U 55 14.49 76.95 -61.82
C ALA U 55 15.12 75.83 -61.01
N ASP U 56 15.89 76.22 -59.99
CA ASP U 56 16.73 75.26 -59.26
C ASP U 56 15.89 74.20 -58.56
N ASP U 57 14.76 74.60 -58.00
CA ASP U 57 13.88 73.69 -57.26
C ASP U 57 12.72 73.22 -58.12
N GLU U 58 13.03 72.96 -59.40
CA GLU U 58 12.09 72.36 -60.37
C GLU U 58 10.81 73.19 -60.50
N HIS U 59 10.92 74.50 -60.36
CA HIS U 59 9.87 75.40 -60.82
C HIS U 59 10.13 75.66 -62.30
N TYR U 60 9.29 75.03 -63.12
CA TYR U 60 9.36 75.15 -64.56
C TYR U 60 8.50 76.33 -64.96
N ILE U 61 9.08 77.52 -64.92
CA ILE U 61 8.37 78.75 -65.23
C ILE U 61 8.47 78.96 -66.75
N PRO U 62 7.37 79.15 -67.46
CA PRO U 62 7.50 79.40 -68.90
C PRO U 62 8.02 80.79 -69.19
N ARG U 63 8.67 80.93 -70.33
CA ARG U 63 9.15 82.23 -70.82
C ARG U 63 8.02 83.01 -71.48
N ALA U 64 7.01 83.31 -70.66
CA ALA U 64 5.83 84.06 -71.06
C ALA U 64 6.03 85.53 -70.74
N VAL U 65 5.83 86.39 -71.73
CA VAL U 65 5.79 87.83 -71.52
C VAL U 65 4.34 88.25 -71.71
N LEU U 66 3.70 88.62 -70.60
CA LEU U 66 2.30 88.99 -70.59
C LEU U 66 2.21 90.51 -70.59
N LEU U 67 1.65 91.08 -71.66
CA LEU U 67 1.53 92.54 -71.79
C LEU U 67 0.07 92.92 -71.62
N ASP U 68 -0.21 93.79 -70.64
CA ASP U 68 -1.55 94.26 -70.34
C ASP U 68 -1.67 95.75 -70.68
N LEU U 69 -2.84 96.14 -71.15
CA LEU U 69 -3.14 97.54 -71.44
C LEU U 69 -4.59 97.80 -71.09
N GLU U 70 -4.82 98.76 -70.20
CA GLU U 70 -6.11 98.94 -69.55
C GLU U 70 -6.57 97.61 -68.95
N PRO U 71 -5.83 97.04 -68.01
CA PRO U 71 -6.04 95.64 -67.63
C PRO U 71 -7.40 95.41 -67.00
N ARG U 72 -8.12 94.41 -67.54
CA ARG U 72 -9.31 93.88 -66.89
C ARG U 72 -9.17 92.38 -66.68
N VAL U 73 -8.77 91.64 -67.73
CA VAL U 73 -8.67 90.19 -67.64
C VAL U 73 -7.34 89.73 -67.07
N ILE U 74 -6.35 90.62 -67.01
CA ILE U 74 -5.06 90.17 -66.50
C ILE U 74 -5.14 90.02 -64.98
N HIS U 75 -6.02 90.78 -64.33
CA HIS U 75 -6.29 90.57 -62.92
C HIS U 75 -6.91 89.20 -62.70
N SER U 76 -7.80 88.77 -63.60
CA SER U 76 -8.38 87.43 -63.51
C SER U 76 -7.33 86.36 -63.77
N ILE U 77 -6.39 86.63 -64.68
CA ILE U 77 -5.26 85.73 -64.88
C ILE U 77 -4.47 85.62 -63.57
N LEU U 78 -4.25 86.75 -62.89
CA LEU U 78 -3.48 86.72 -61.64
C LEU U 78 -4.18 85.89 -60.56
N ASN U 79 -5.48 86.07 -60.36
CA ASN U 79 -6.15 85.35 -59.26
C ASN U 79 -6.55 83.94 -59.72
N SER U 80 -5.53 83.15 -60.05
CA SER U 80 -5.69 81.83 -60.61
C SER U 80 -4.71 80.88 -59.94
N PRO U 81 -4.99 79.56 -59.97
CA PRO U 81 -4.04 78.61 -59.36
C PRO U 81 -2.67 78.59 -60.02
N TYR U 82 -2.55 79.03 -61.26
CA TYR U 82 -1.30 78.91 -62.02
C TYR U 82 -0.44 80.17 -61.91
N ALA U 83 -0.88 81.15 -61.11
CA ALA U 83 -0.14 82.40 -60.98
C ALA U 83 1.28 82.16 -60.47
N LYS U 84 1.43 81.22 -59.54
CA LYS U 84 2.78 80.87 -59.11
C LYS U 84 3.56 80.24 -60.24
N LEU U 85 2.88 79.52 -61.14
CA LEU U 85 3.57 78.83 -62.21
C LEU U 85 4.19 79.83 -63.19
N TYR U 86 3.39 80.79 -63.66
CA TYR U 86 3.94 81.83 -64.55
C TYR U 86 4.32 83.02 -63.66
N ASN U 87 5.58 83.04 -63.22
CA ASN U 87 6.12 84.15 -62.44
C ASN U 87 7.55 84.48 -62.90
N PRO U 88 7.72 85.04 -64.08
CA PRO U 88 8.91 85.87 -64.31
C PRO U 88 8.78 87.27 -63.73
N GLU U 89 7.62 87.62 -63.18
CA GLU U 89 7.35 88.95 -62.63
C GLU U 89 7.59 90.02 -63.71
N ASN U 90 6.82 89.88 -64.80
CA ASN U 90 7.06 90.59 -66.06
C ASN U 90 5.74 91.09 -66.66
N ILE U 91 4.89 91.69 -65.83
CA ILE U 91 3.63 92.29 -66.27
C ILE U 91 3.70 93.77 -65.98
N TYR U 92 3.55 94.59 -67.02
CA TYR U 92 3.70 96.04 -66.91
C TYR U 92 2.48 96.74 -67.48
N LEU U 93 1.86 97.57 -66.66
CA LEU U 93 0.69 98.36 -67.06
C LEU U 93 1.10 99.47 -68.03
N GLY U 101 -7.29 101.73 -75.24
CA GLY U 101 -8.39 102.14 -76.10
C GLY U 101 -8.74 101.07 -77.12
N ASN U 102 -9.89 101.23 -77.77
CA ASN U 102 -10.36 100.27 -78.77
C ASN U 102 -9.88 100.61 -80.17
N ASN U 103 -8.93 101.54 -80.30
CA ASN U 103 -8.43 101.98 -81.58
C ASN U 103 -6.98 101.55 -81.76
N TRP U 104 -6.65 101.18 -82.99
CA TRP U 104 -5.29 100.79 -83.32
C TRP U 104 -4.31 101.91 -83.06
N ALA U 105 -4.67 103.13 -83.47
CA ALA U 105 -3.78 104.26 -83.22
C ALA U 105 -3.58 104.49 -81.73
N SER U 106 -4.66 104.37 -80.94
CA SER U 106 -4.54 104.55 -79.50
C SER U 106 -3.62 103.50 -78.90
N GLY U 107 -3.73 102.26 -79.39
CA GLY U 107 -2.85 101.21 -78.90
C GLY U 107 -1.41 101.46 -79.28
N PHE U 108 -1.17 101.91 -80.51
CA PHE U 108 0.19 102.21 -80.94
C PHE U 108 0.79 103.31 -80.08
N SER U 109 0.02 104.38 -79.84
CA SER U 109 0.54 105.51 -79.07
C SER U 109 0.81 105.10 -77.63
N GLN U 110 -0.09 104.32 -77.04
CA GLN U 110 0.12 103.87 -75.66
C GLN U 110 1.32 102.95 -75.56
N GLY U 111 1.57 102.14 -76.59
CA GLY U 111 2.80 101.35 -76.61
C GLY U 111 4.04 102.21 -76.75
N GLU U 112 3.93 103.30 -77.51
CA GLU U 112 5.11 104.10 -77.81
C GLU U 112 5.66 104.78 -76.56
N LYS U 113 4.82 105.01 -75.55
CA LYS U 113 5.33 105.62 -74.33
C LYS U 113 5.94 104.58 -73.38
N ILE U 114 5.55 103.31 -73.49
CA ILE U 114 6.02 102.24 -72.61
C ILE U 114 7.05 101.31 -73.29
N HIS U 115 7.56 101.67 -74.49
CA HIS U 115 8.36 100.72 -75.27
C HIS U 115 9.59 100.23 -74.50
N GLU U 116 10.23 101.13 -73.73
CA GLU U 116 11.57 100.83 -73.24
C GLU U 116 11.55 99.81 -72.10
N ASP U 117 10.61 99.93 -71.16
CA ASP U 117 10.58 99.02 -70.03
C ASP U 117 10.05 97.64 -70.41
N ILE U 118 9.05 97.58 -71.30
CA ILE U 118 8.66 96.27 -71.81
C ILE U 118 9.79 95.65 -72.60
N PHE U 119 10.58 96.44 -73.32
CA PHE U 119 11.74 95.86 -73.98
C PHE U 119 12.83 95.45 -73.00
N ASP U 120 12.94 96.11 -71.85
CA ASP U 120 13.88 95.62 -70.86
C ASP U 120 13.39 94.28 -70.30
N ILE U 121 12.07 94.14 -70.18
CA ILE U 121 11.50 92.83 -69.83
C ILE U 121 11.85 91.80 -70.90
N ILE U 122 11.80 92.18 -72.17
CA ILE U 122 12.21 91.26 -73.25
C ILE U 122 13.67 90.89 -73.06
N ASP U 123 14.50 91.89 -72.80
CA ASP U 123 15.94 91.69 -72.69
C ASP U 123 16.27 90.69 -71.59
N ARG U 124 15.65 90.86 -70.43
CA ARG U 124 15.92 90.00 -69.29
C ARG U 124 15.68 88.53 -69.61
N GLU U 125 14.52 88.24 -70.22
CA GLU U 125 14.23 86.86 -70.61
C GLU U 125 15.21 86.35 -71.65
N ALA U 126 15.54 87.18 -72.64
CA ALA U 126 16.48 86.75 -73.67
C ALA U 126 17.84 86.44 -73.07
N ASP U 127 18.19 87.18 -72.02
CA ASP U 127 19.48 87.03 -71.36
C ASP U 127 19.50 85.78 -70.49
N GLY U 128 18.41 85.55 -69.75
CA GLY U 128 18.33 84.39 -68.90
C GLY U 128 18.36 83.11 -69.69
N SER U 129 17.73 83.11 -70.87
CA SER U 129 17.90 81.96 -71.74
C SER U 129 19.34 81.90 -72.23
N ASP U 130 19.89 80.68 -72.26
CA ASP U 130 21.25 80.51 -72.79
C ASP U 130 21.31 80.97 -74.25
N SER U 131 20.22 80.80 -74.98
CA SER U 131 20.10 81.34 -76.32
C SER U 131 18.62 81.49 -76.63
N LEU U 132 18.34 82.21 -77.72
CA LEU U 132 16.99 82.59 -78.11
C LEU U 132 16.83 82.44 -79.61
N GLU U 133 15.81 81.68 -80.04
CA GLU U 133 15.50 81.53 -81.45
C GLU U 133 14.29 82.34 -81.91
N GLY U 134 13.20 82.34 -81.16
CA GLY U 134 11.95 82.85 -81.70
C GLY U 134 11.08 83.55 -80.68
N PHE U 135 10.36 84.55 -81.18
CA PHE U 135 9.40 85.33 -80.42
C PHE U 135 8.03 84.99 -80.98
N VAL U 136 7.20 84.36 -80.17
CA VAL U 136 5.92 83.82 -80.61
C VAL U 136 4.81 84.69 -80.04
N LEU U 137 4.13 85.44 -80.88
CA LEU U 137 3.15 86.43 -80.45
C LEU U 137 1.77 85.83 -80.54
N CYS U 138 1.06 85.81 -79.42
CA CYS U 138 -0.36 85.46 -79.39
C CYS U 138 -1.20 86.67 -79.81
N HIS U 139 -0.94 87.14 -81.03
CA HIS U 139 -1.50 88.41 -81.48
C HIS U 139 -2.99 88.27 -81.76
N SER U 140 -3.73 89.32 -81.42
CA SER U 140 -5.13 89.49 -81.80
C SER U 140 -5.23 90.64 -82.79
N ILE U 141 -5.71 90.35 -83.98
CA ILE U 141 -5.88 91.39 -85.00
C ILE U 141 -7.20 92.11 -84.75
N ALA U 142 -7.19 93.41 -84.96
CA ALA U 142 -8.33 94.28 -84.66
C ALA U 142 -8.83 94.02 -83.25
N GLY U 143 -7.87 93.94 -82.33
CA GLY U 143 -8.16 93.61 -80.95
C GLY U 143 -8.22 94.85 -80.08
N GLY U 144 -8.51 96.00 -80.68
CA GLY U 144 -8.46 97.24 -79.95
C GLY U 144 -7.07 97.46 -79.39
N THR U 145 -6.93 97.20 -78.08
CA THR U 145 -5.64 97.37 -77.42
C THR U 145 -4.59 96.44 -78.00
N GLY U 146 -4.96 95.18 -78.27
CA GLY U 146 -3.98 94.22 -78.75
C GLY U 146 -3.35 94.65 -80.06
N SER U 147 -4.17 95.05 -81.03
CA SER U 147 -3.67 95.59 -82.27
C SER U 147 -3.16 97.01 -82.05
N GLY U 148 -2.24 97.42 -82.92
CA GLY U 148 -1.54 98.67 -82.73
C GLY U 148 -0.34 98.46 -81.85
N LEU U 149 -0.57 98.05 -80.60
CA LEU U 149 0.56 97.73 -79.74
C LEU U 149 1.33 96.53 -80.28
N GLY U 150 0.63 95.52 -80.77
CA GLY U 150 1.33 94.38 -81.33
C GLY U 150 2.08 94.74 -82.59
N SER U 151 1.50 95.61 -83.42
CA SER U 151 2.19 96.05 -84.63
C SER U 151 3.43 96.86 -84.29
N TYR U 152 3.32 97.77 -83.31
CA TYR U 152 4.47 98.57 -82.90
C TYR U 152 5.58 97.68 -82.38
N LEU U 153 5.22 96.75 -81.50
CA LEU U 153 6.18 95.80 -80.95
C LEU U 153 6.77 94.94 -82.06
N LEU U 154 5.99 94.61 -83.07
CA LEU U 154 6.48 93.80 -84.18
C LEU U 154 7.49 94.58 -84.99
N GLU U 155 7.26 95.89 -85.15
CA GLU U 155 8.22 96.73 -85.86
C GLU U 155 9.48 96.94 -85.04
N ARG U 156 9.37 96.88 -83.72
CA ARG U 156 10.55 97.09 -82.87
C ARG U 156 11.44 95.85 -82.77
N LEU U 157 10.84 94.67 -82.57
CA LEU U 157 11.65 93.47 -82.35
C LEU U 157 12.55 93.17 -83.53
N ASN U 158 12.05 93.35 -84.75
CA ASN U 158 12.86 93.02 -85.92
C ASN U 158 14.12 93.87 -85.97
N ASP U 159 13.99 95.17 -85.68
CA ASP U 159 15.15 96.05 -85.69
C ASP U 159 16.15 95.65 -84.62
N ARG U 160 15.69 95.39 -83.39
CA ARG U 160 16.66 95.10 -82.33
C ARG U 160 17.29 93.71 -82.50
N TYR U 161 16.54 92.74 -83.01
CA TYR U 161 17.03 91.38 -83.23
C TYR U 161 16.95 91.09 -84.72
N PRO U 162 17.81 91.72 -85.53
CA PRO U 162 17.74 91.49 -86.98
C PRO U 162 17.90 90.04 -87.36
N LYS U 163 18.73 89.29 -86.63
CA LYS U 163 18.92 87.88 -86.96
C LYS U 163 17.68 87.05 -86.60
N LYS U 164 17.01 87.38 -85.50
CA LYS U 164 15.98 86.51 -84.93
C LYS U 164 14.66 86.60 -85.68
N LEU U 165 13.75 85.65 -85.36
CA LEU U 165 12.44 85.53 -86.01
C LEU U 165 11.27 85.76 -85.07
N VAL U 166 10.18 86.20 -85.70
CA VAL U 166 8.89 86.39 -85.07
C VAL U 166 7.89 85.46 -85.75
N GLN U 167 7.19 84.67 -84.94
CA GLN U 167 6.00 83.96 -85.38
C GLN U 167 4.80 84.63 -84.72
N THR U 168 3.65 84.54 -85.38
CA THR U 168 2.43 85.18 -84.89
C THR U 168 1.28 84.20 -85.02
N TYR U 169 0.75 83.74 -83.88
CA TYR U 169 -0.49 82.95 -83.86
C TYR U 169 -1.68 83.89 -83.91
N SER U 170 -1.78 84.58 -85.05
CA SER U 170 -2.77 85.62 -85.26
C SER U 170 -4.18 85.05 -85.37
N VAL U 171 -5.07 85.51 -84.50
CA VAL U 171 -6.49 85.16 -84.56
C VAL U 171 -7.25 86.20 -85.39
N PHE U 172 -7.23 86.02 -86.71
CA PHE U 172 -7.87 86.98 -87.60
C PHE U 172 -9.38 87.02 -87.32
N PRO U 173 -9.97 88.18 -86.96
CA PRO U 173 -11.38 88.17 -86.55
C PRO U 173 -12.34 88.21 -87.72
N ASN U 174 -13.16 87.19 -87.84
CA ASN U 174 -14.34 87.22 -88.71
C ASN U 174 -15.49 86.70 -87.87
N GLN U 175 -16.41 87.59 -87.53
CA GLN U 175 -17.56 87.29 -86.69
C GLN U 175 -18.85 87.57 -87.43
N ASP U 176 -18.83 87.32 -88.75
CA ASP U 176 -19.87 87.73 -89.69
C ASP U 176 -20.02 89.23 -89.75
N GLU U 177 -18.98 89.96 -89.35
CA GLU U 177 -18.96 91.42 -89.32
C GLU U 177 -20.14 91.98 -88.53
N ASP U 180 -19.53 94.80 -80.43
CA ASP U 180 -19.20 95.14 -81.81
C ASP U 180 -18.15 96.24 -81.84
N VAL U 181 -17.23 96.13 -82.79
CA VAL U 181 -16.28 97.18 -83.13
C VAL U 181 -16.51 97.55 -84.58
N VAL U 182 -16.76 98.83 -84.83
CA VAL U 182 -17.05 99.28 -86.19
C VAL U 182 -15.78 99.53 -87.01
N VAL U 183 -14.65 99.82 -86.38
CA VAL U 183 -13.43 100.22 -87.08
C VAL U 183 -12.51 99.03 -87.35
N GLN U 184 -13.04 97.81 -87.26
CA GLN U 184 -12.27 96.58 -87.51
C GLN U 184 -11.50 96.57 -88.81
N PRO U 185 -12.09 96.93 -89.97
CA PRO U 185 -11.31 96.85 -91.22
C PRO U 185 -10.10 97.76 -91.20
N TYR U 186 -10.24 98.97 -90.67
CA TYR U 186 -9.12 99.89 -90.58
C TYR U 186 -8.02 99.28 -89.72
N ASN U 187 -8.40 98.79 -88.54
CA ASN U 187 -7.43 98.21 -87.62
C ASN U 187 -6.67 97.07 -88.29
N SER U 188 -7.42 96.12 -88.83
CA SER U 188 -6.82 94.93 -89.41
C SER U 188 -5.97 95.29 -90.62
N LEU U 189 -6.40 96.27 -91.41
CA LEU U 189 -5.61 96.73 -92.55
C LEU U 189 -4.22 97.15 -92.11
N LEU U 190 -4.15 97.99 -91.08
CA LEU U 190 -2.85 98.47 -90.62
C LEU U 190 -1.99 97.33 -90.07
N THR U 191 -2.61 96.46 -89.25
CA THR U 191 -1.87 95.35 -88.66
C THR U 191 -1.30 94.46 -89.74
N LEU U 192 -2.08 94.21 -90.80
CA LEU U 192 -1.58 93.37 -91.88
C LEU U 192 -0.42 94.02 -92.63
N LYS U 193 -0.38 95.35 -92.73
CA LYS U 193 0.79 95.97 -93.36
C LYS U 193 2.05 95.64 -92.56
N ARG U 194 1.99 95.89 -91.25
CA ARG U 194 3.14 95.60 -90.34
C ARG U 194 3.45 94.10 -90.37
N LEU U 195 2.42 93.24 -90.44
CA LEU U 195 2.63 91.80 -90.44
C LEU U 195 3.19 91.31 -91.76
N THR U 196 2.80 91.94 -92.86
CA THR U 196 3.31 91.53 -94.17
C THR U 196 4.78 91.87 -94.31
N GLN U 197 5.22 93.01 -93.78
CA GLN U 197 6.61 93.40 -93.99
C GLN U 197 7.55 93.04 -92.85
N ASN U 198 7.03 92.81 -91.64
CA ASN U 198 7.87 92.75 -90.43
C ASN U 198 7.62 91.49 -89.60
N ALA U 199 7.06 90.43 -90.18
CA ALA U 199 6.81 89.18 -89.46
C ALA U 199 7.31 88.02 -90.31
N ASP U 200 8.14 87.18 -89.70
CA ASP U 200 8.72 86.07 -90.46
C ASP U 200 7.72 84.94 -90.68
N CYS U 201 6.80 84.72 -89.74
CA CYS U 201 5.74 83.75 -90.00
C CYS U 201 4.46 84.11 -89.27
N VAL U 202 3.34 83.67 -89.85
CA VAL U 202 2.02 83.90 -89.28
C VAL U 202 1.20 82.63 -89.48
N VAL U 203 0.51 82.20 -88.43
CA VAL U 203 -0.43 81.09 -88.49
C VAL U 203 -1.81 81.68 -88.29
N VAL U 204 -2.64 81.60 -89.33
CA VAL U 204 -3.91 82.31 -89.34
C VAL U 204 -4.99 81.44 -88.74
N LEU U 205 -5.79 82.03 -87.86
CA LEU U 205 -6.96 81.40 -87.28
C LEU U 205 -8.14 82.34 -87.46
N ASP U 206 -9.35 81.77 -87.41
CA ASP U 206 -10.54 82.48 -87.84
C ASP U 206 -11.67 82.21 -86.86
N ASN U 207 -12.22 83.29 -86.28
CA ASN U 207 -13.27 83.15 -85.30
C ASN U 207 -14.51 82.50 -85.91
N THR U 208 -14.90 82.93 -87.12
CA THR U 208 -16.08 82.34 -87.75
C THR U 208 -15.87 80.86 -88.04
N ALA U 209 -14.68 80.49 -88.54
CA ALA U 209 -14.42 79.09 -88.82
C ALA U 209 -14.50 78.25 -87.56
N LEU U 210 -13.88 78.72 -86.48
CA LEU U 210 -13.93 77.96 -85.23
C LEU U 210 -15.34 77.94 -84.67
N ASN U 211 -16.11 79.01 -84.85
CA ASN U 211 -17.51 79.01 -84.39
C ASN U 211 -18.34 78.00 -85.16
N ARG U 212 -18.14 77.92 -86.49
CA ARG U 212 -18.88 76.94 -87.29
C ARG U 212 -18.52 75.53 -86.85
N ILE U 213 -17.24 75.29 -86.57
CA ILE U 213 -16.83 74.00 -86.04
C ILE U 213 -17.46 73.76 -84.68
N ALA U 214 -17.60 74.82 -83.88
CA ALA U 214 -18.24 74.70 -82.57
C ALA U 214 -19.69 74.27 -82.72
N THR U 215 -20.41 74.87 -83.64
CA THR U 215 -21.79 74.46 -83.89
C THR U 215 -21.85 73.02 -84.38
N ASP U 216 -20.88 72.60 -85.20
CA ASP U 216 -20.84 71.22 -85.66
C ASP U 216 -20.66 70.24 -84.50
N ARG U 217 -19.51 70.31 -83.83
CA ARG U 217 -19.18 69.32 -82.80
C ARG U 217 -20.04 69.45 -81.56
N LEU U 218 -20.50 70.65 -81.23
CA LEU U 218 -21.31 70.90 -80.04
C LEU U 218 -22.45 71.87 -80.37
N HIS U 219 -23.33 72.06 -79.40
CA HIS U 219 -24.46 72.97 -79.51
C HIS U 219 -24.15 74.37 -79.02
N ILE U 220 -22.92 74.60 -78.54
CA ILE U 220 -22.50 75.93 -78.10
C ILE U 220 -22.61 76.92 -79.26
N GLN U 221 -23.38 77.99 -79.04
CA GLN U 221 -23.44 79.12 -79.97
C GLN U 221 -23.12 80.44 -79.26
N ASN U 222 -23.79 80.65 -78.11
CA ASN U 222 -23.69 81.95 -77.45
C ASN U 222 -22.37 82.16 -76.70
N PRO U 223 -21.86 81.19 -75.88
CA PRO U 223 -20.55 81.36 -75.25
C PRO U 223 -19.41 80.90 -76.17
N SER U 224 -19.38 81.47 -77.37
CA SER U 224 -18.43 81.04 -78.40
C SER U 224 -16.98 81.24 -77.95
N PHE U 225 -16.66 82.42 -77.41
CA PHE U 225 -15.26 82.76 -77.12
C PHE U 225 -14.66 81.81 -76.09
N SER U 226 -15.41 81.49 -75.04
CA SER U 226 -14.85 80.70 -73.95
C SER U 226 -14.46 79.30 -74.43
N GLN U 227 -15.30 78.68 -75.25
CA GLN U 227 -15.07 77.31 -75.68
C GLN U 227 -14.04 77.24 -76.80
N ILE U 228 -14.07 78.19 -77.74
CA ILE U 228 -13.12 78.20 -78.86
C ILE U 228 -11.68 78.37 -78.36
N ASN U 229 -11.53 78.93 -77.16
CA ASN U 229 -10.20 79.01 -76.54
C ASN U 229 -9.57 77.63 -76.48
N GLN U 230 -10.37 76.62 -76.13
CA GLN U 230 -9.85 75.26 -76.08
C GLN U 230 -9.31 74.84 -77.44
N LEU U 231 -10.07 75.16 -78.49
CA LEU U 231 -9.73 74.70 -79.83
C LEU U 231 -8.41 75.32 -80.28
N VAL U 232 -8.28 76.63 -80.11
CA VAL U 232 -7.05 77.31 -80.49
C VAL U 232 -5.88 76.82 -79.62
N SER U 233 -6.15 76.49 -78.36
CA SER U 233 -5.10 75.94 -77.50
C SER U 233 -4.59 74.62 -78.04
N THR U 234 -5.51 73.76 -78.47
CA THR U 234 -5.11 72.49 -79.08
C THR U 234 -4.26 72.71 -80.32
N ILE U 235 -4.67 73.64 -81.19
CA ILE U 235 -3.85 73.95 -82.36
C ILE U 235 -2.45 74.36 -81.91
N MET U 236 -2.39 75.26 -80.94
CA MET U 236 -1.13 75.87 -80.56
C MET U 236 -0.19 74.84 -79.95
N SER U 237 -0.69 74.00 -79.05
CA SER U 237 0.14 72.98 -78.44
C SER U 237 0.59 71.94 -79.47
N ALA U 238 -0.34 71.45 -80.29
CA ALA U 238 0.01 70.45 -81.27
C ALA U 238 1.01 70.98 -82.28
N SER U 239 0.91 72.27 -82.62
CA SER U 239 1.82 72.87 -83.58
C SER U 239 3.27 72.82 -83.11
N THR U 240 3.49 72.79 -81.80
CA THR U 240 4.81 72.80 -81.21
C THR U 240 5.25 71.46 -80.66
N THR U 241 4.35 70.47 -80.60
CA THR U 241 4.67 69.17 -80.00
C THR U 241 5.95 68.55 -80.57
N THR U 242 6.20 68.71 -81.87
CA THR U 242 7.41 68.14 -82.46
C THR U 242 8.67 68.78 -81.89
N LEU U 243 8.60 70.05 -81.50
CA LEU U 243 9.71 70.70 -80.82
C LEU U 243 9.79 70.27 -79.36
N ARG U 244 8.65 70.28 -78.68
CA ARG U 244 8.61 69.95 -77.25
C ARG U 244 9.02 68.51 -76.97
N TYR U 245 8.98 67.62 -77.96
CA TYR U 245 9.36 66.23 -77.77
C TYR U 245 10.43 65.82 -78.78
N PRO U 246 11.50 65.07 -78.38
CA PRO U 246 12.60 64.81 -79.33
C PRO U 246 12.22 63.95 -80.53
N GLY U 247 13.20 63.67 -81.38
CA GLY U 247 12.98 62.78 -82.50
C GLY U 247 14.15 62.79 -83.47
N TYR U 248 13.83 62.56 -84.75
CA TYR U 248 14.77 62.69 -85.86
C TYR U 248 14.67 63.97 -86.69
N MET U 249 13.56 64.70 -86.67
CA MET U 249 13.48 65.85 -87.58
C MET U 249 12.39 66.81 -87.14
N ASN U 250 12.54 68.05 -87.60
CA ASN U 250 11.84 69.19 -87.04
C ASN U 250 12.13 69.25 -85.54
N ASN U 251 13.42 69.18 -85.23
CA ASN U 251 13.95 69.48 -83.92
C ASN U 251 14.22 70.96 -83.75
N ASP U 252 13.89 71.80 -84.74
CA ASP U 252 13.96 73.24 -84.55
C ASP U 252 12.86 73.91 -85.35
N LEU U 253 12.44 75.05 -84.82
CA LEU U 253 11.33 75.79 -85.39
C LEU U 253 11.64 76.20 -86.83
N ILE U 254 12.77 76.85 -87.04
CA ILE U 254 13.14 77.32 -88.38
C ILE U 254 13.23 76.16 -89.37
N GLY U 255 13.74 75.02 -88.94
CA GLY U 255 13.75 73.84 -89.80
C GLY U 255 12.34 73.43 -90.20
N LEU U 256 11.39 73.58 -89.28
CA LEU U 256 9.99 73.30 -89.64
C LEU U 256 9.42 74.38 -90.56
N ILE U 257 9.65 75.65 -90.22
CA ILE U 257 9.03 76.77 -90.91
C ILE U 257 9.44 76.79 -92.38
N ALA U 258 10.69 76.41 -92.67
CA ALA U 258 11.23 76.60 -94.02
C ALA U 258 10.37 75.95 -95.09
N SER U 259 9.99 74.68 -94.89
CA SER U 259 9.18 73.99 -95.88
C SER U 259 7.79 74.60 -96.00
N LEU U 260 7.20 74.97 -94.85
CA LEU U 260 5.89 75.59 -94.87
C LEU U 260 5.89 76.92 -95.61
N ILE U 261 6.97 77.67 -95.53
CA ILE U 261 6.99 79.08 -95.88
C ILE U 261 7.91 79.24 -97.10
N PRO U 262 7.35 79.19 -98.33
CA PRO U 262 8.23 79.13 -99.51
C PRO U 262 8.67 80.48 -100.05
N THR U 263 7.82 81.49 -99.94
CA THR U 263 8.16 82.85 -100.34
C THR U 263 7.80 83.80 -99.20
N PRO U 264 8.60 84.84 -98.94
CA PRO U 264 8.37 85.62 -97.71
C PRO U 264 6.99 86.23 -97.62
N ARG U 265 6.49 86.83 -98.70
CA ARG U 265 5.18 87.49 -98.64
C ARG U 265 4.06 86.55 -98.23
N LEU U 266 4.02 85.35 -98.82
CA LEU U 266 2.90 84.44 -98.58
C LEU U 266 3.26 83.61 -97.35
N HIS U 267 3.23 84.27 -96.18
CA HIS U 267 3.66 83.66 -94.93
C HIS U 267 2.52 83.49 -93.93
N PHE U 268 1.33 83.20 -94.44
CA PHE U 268 0.15 82.97 -93.63
C PHE U 268 -0.24 81.51 -93.78
N LEU U 269 -0.35 80.79 -92.66
CA LEU U 269 -0.49 79.34 -92.67
C LEU U 269 -1.85 78.91 -92.16
N MET U 270 -2.52 78.06 -92.95
CA MET U 270 -3.80 77.46 -92.66
C MET U 270 -3.61 76.26 -91.75
N THR U 271 -4.59 76.02 -90.89
CA THR U 271 -4.54 74.98 -89.88
C THR U 271 -5.59 73.91 -90.17
N GLY U 272 -5.37 72.75 -89.56
CA GLY U 272 -6.42 71.73 -89.53
C GLY U 272 -6.05 70.65 -88.53
N TYR U 273 -7.09 70.00 -88.01
CA TYR U 273 -6.92 68.96 -86.99
C TYR U 273 -7.82 67.78 -87.31
N THR U 274 -7.24 66.59 -87.41
CA THR U 274 -8.00 65.44 -87.90
C THR U 274 -9.15 65.09 -86.97
N PRO U 275 -8.94 64.66 -85.71
CA PRO U 275 -10.09 64.45 -84.85
C PRO U 275 -10.49 65.74 -84.16
N LEU U 276 -11.23 66.60 -84.86
CA LEU U 276 -11.81 67.77 -84.22
C LEU U 276 -12.56 67.35 -82.97
N THR U 277 -13.27 66.22 -83.05
CA THR U 277 -13.78 65.51 -81.87
C THR U 277 -12.75 64.50 -81.37
N THR U 278 -11.60 65.03 -80.91
CA THR U 278 -10.60 64.19 -80.27
C THR U 278 -11.08 63.66 -78.92
N ASP U 279 -12.08 64.30 -78.32
CA ASP U 279 -12.69 63.76 -77.12
C ASP U 279 -13.52 62.53 -77.42
N LYS U 287 -8.74 51.25 -84.00
CA LYS U 287 -7.86 52.41 -84.10
C LYS U 287 -7.91 52.93 -85.54
N THR U 288 -7.63 54.23 -85.72
CA THR U 288 -7.69 54.88 -87.01
C THR U 288 -6.30 54.88 -87.63
N THR U 289 -6.18 54.33 -88.83
CA THR U 289 -4.89 54.28 -89.50
C THR U 289 -4.55 55.63 -90.13
N VAL U 290 -3.27 55.80 -90.42
CA VAL U 290 -2.75 57.05 -90.99
C VAL U 290 -3.45 57.40 -92.30
N LEU U 291 -3.81 56.40 -93.12
CA LEU U 291 -4.55 56.67 -94.35
C LEU U 291 -5.85 57.41 -94.04
N ASP U 292 -6.56 56.90 -93.03
CA ASP U 292 -7.82 57.51 -92.62
C ASP U 292 -7.57 58.91 -92.11
N VAL U 293 -6.52 59.08 -91.31
CA VAL U 293 -6.29 60.37 -90.67
C VAL U 293 -5.92 61.44 -91.71
N MET U 294 -5.01 61.11 -92.63
CA MET U 294 -4.63 62.05 -93.69
C MET U 294 -5.84 62.44 -94.53
N ARG U 295 -6.52 61.46 -95.10
CA ARG U 295 -7.69 61.72 -95.96
C ARG U 295 -8.67 62.56 -95.15
N ARG U 296 -9.12 62.06 -94.00
CA ARG U 296 -10.12 62.81 -93.25
C ARG U 296 -9.70 64.28 -93.12
N LEU U 297 -8.41 64.52 -92.88
CA LEU U 297 -7.98 65.88 -92.62
C LEU U 297 -8.09 66.75 -93.85
N LEU U 298 -7.68 66.22 -95.01
CA LEU U 298 -7.68 67.05 -96.22
C LEU U 298 -9.07 67.54 -96.58
N GLN U 299 -10.12 66.91 -96.07
CA GLN U 299 -11.47 67.36 -96.33
C GLN U 299 -11.67 68.77 -95.73
N PRO U 300 -12.52 69.62 -96.32
CA PRO U 300 -12.61 71.01 -95.83
C PRO U 300 -13.27 71.17 -94.48
N LYS U 301 -14.01 70.17 -93.98
CA LYS U 301 -14.61 70.32 -92.66
C LYS U 301 -13.55 70.39 -91.57
N ASN U 302 -12.52 69.54 -91.68
CA ASN U 302 -11.45 69.55 -90.69
C ASN U 302 -10.56 70.77 -90.82
N VAL U 303 -10.55 71.43 -91.98
CA VAL U 303 -9.85 72.71 -92.10
C VAL U 303 -10.57 73.73 -91.23
N MET U 304 -9.80 74.62 -90.60
CA MET U 304 -10.32 75.45 -89.52
C MET U 304 -10.34 76.92 -89.92
N VAL U 305 -10.42 77.18 -91.23
CA VAL U 305 -10.46 78.53 -91.81
C VAL U 305 -11.69 78.63 -92.70
N SER U 306 -12.27 79.82 -92.77
CA SER U 306 -13.48 80.04 -93.55
C SER U 306 -13.12 80.55 -94.94
N THR U 313 -12.10 81.28 -111.05
CA THR U 313 -10.65 81.28 -111.03
C THR U 313 -10.11 80.12 -110.19
N ASN U 314 -9.14 79.41 -110.75
CA ASN U 314 -8.49 78.32 -110.03
C ASN U 314 -7.81 78.80 -108.74
N HIS U 315 -7.71 77.92 -107.75
CA HIS U 315 -6.99 78.19 -106.52
C HIS U 315 -6.28 76.91 -106.07
N CYS U 316 -5.16 77.08 -105.38
CA CYS U 316 -4.26 75.96 -105.10
C CYS U 316 -3.46 76.21 -103.83
N TYR U 317 -3.14 75.13 -103.12
CA TYR U 317 -2.12 75.16 -102.09
C TYR U 317 -0.77 75.52 -102.69
N ILE U 318 0.13 76.01 -101.84
CA ILE U 318 1.54 76.10 -102.20
C ILE U 318 2.33 74.94 -101.61
N ALA U 319 2.08 74.56 -100.36
CA ALA U 319 2.79 73.45 -99.74
C ALA U 319 2.06 73.03 -98.48
N ILE U 320 2.14 71.72 -98.17
CA ILE U 320 1.37 71.12 -97.08
C ILE U 320 2.30 70.31 -96.17
N LEU U 321 1.99 70.34 -94.88
CA LEU U 321 2.70 69.59 -93.85
C LEU U 321 1.72 69.01 -92.86
N ASN U 322 2.03 67.81 -92.39
CA ASN U 322 1.22 67.06 -91.46
C ASN U 322 2.09 66.45 -90.38
N ILE U 323 1.60 66.49 -89.14
CA ILE U 323 2.23 65.86 -88.00
C ILE U 323 1.17 65.02 -87.31
N ILE U 324 1.47 63.74 -87.10
CA ILE U 324 0.55 62.80 -86.48
C ILE U 324 1.19 62.33 -85.19
N GLN U 325 0.41 62.31 -84.12
CA GLN U 325 0.90 61.90 -82.80
C GLN U 325 0.00 60.78 -82.28
N GLY U 326 0.55 59.57 -82.26
CA GLY U 326 -0.19 58.45 -81.70
C GLY U 326 0.46 57.13 -82.08
N GLU U 327 -0.31 56.07 -81.88
CA GLU U 327 0.13 54.71 -82.20
C GLU U 327 0.03 54.54 -83.71
N VAL U 328 1.07 55.01 -84.38
CA VAL U 328 1.19 54.96 -85.84
C VAL U 328 2.19 53.88 -86.19
N ASP U 329 1.78 52.94 -87.04
CA ASP U 329 2.70 51.94 -87.54
C ASP U 329 3.67 52.59 -88.54
N PRO U 330 4.99 52.31 -88.47
CA PRO U 330 5.91 53.00 -89.38
C PRO U 330 5.83 52.57 -90.85
N THR U 331 5.69 51.28 -91.13
CA THR U 331 5.75 50.84 -92.52
C THR U 331 4.56 51.33 -93.33
N GLN U 332 3.42 51.60 -92.69
CA GLN U 332 2.26 52.07 -93.44
C GLN U 332 2.30 53.56 -93.74
N VAL U 333 3.17 54.34 -93.11
CA VAL U 333 3.07 55.79 -93.25
C VAL U 333 3.43 56.22 -94.67
N HIS U 334 4.46 55.60 -95.25
CA HIS U 334 4.95 56.06 -96.53
C HIS U 334 4.04 55.51 -97.63
N LYS U 335 3.55 54.28 -97.43
CA LYS U 335 2.44 53.75 -98.22
C LYS U 335 1.20 54.62 -98.11
N SER U 336 0.99 55.24 -96.95
CA SER U 336 -0.16 56.14 -96.81
C SER U 336 0.01 57.35 -97.70
N LEU U 337 1.22 57.89 -97.75
CA LEU U 337 1.50 58.97 -98.69
C LEU U 337 1.22 58.52 -100.12
N GLN U 338 1.55 57.26 -100.43
CA GLN U 338 1.24 56.69 -101.74
C GLN U 338 -0.27 56.71 -101.99
N ARG U 339 -1.03 56.25 -101.01
CA ARG U 339 -2.47 56.13 -101.16
C ARG U 339 -3.12 57.49 -101.34
N ILE U 340 -2.72 58.47 -100.53
CA ILE U 340 -3.21 59.84 -100.70
C ILE U 340 -2.85 60.35 -102.10
N ARG U 341 -1.65 60.00 -102.58
CA ARG U 341 -1.25 60.41 -103.93
C ARG U 341 -2.16 59.81 -104.98
N GLU U 342 -2.68 58.60 -104.74
CA GLU U 342 -3.68 58.08 -105.66
C GLU U 342 -5.00 58.81 -105.54
N ARG U 343 -5.36 59.22 -104.32
CA ARG U 343 -6.65 59.86 -104.10
C ARG U 343 -6.77 61.25 -104.72
N LYS U 344 -5.70 62.04 -104.72
CA LYS U 344 -5.76 63.41 -105.29
C LYS U 344 -6.71 64.34 -104.52
N LEU U 345 -6.77 64.23 -103.19
CA LEU U 345 -7.75 65.08 -102.51
C LEU U 345 -7.30 66.54 -102.48
N ALA U 346 -6.01 66.78 -102.29
CA ALA U 346 -5.47 68.12 -102.18
C ALA U 346 -4.97 68.53 -103.56
N ASN U 347 -5.69 69.43 -104.20
CA ASN U 347 -5.41 69.84 -105.57
C ASN U 347 -4.55 71.08 -105.52
N PHE U 348 -3.34 70.99 -106.05
CA PHE U 348 -2.57 72.22 -106.20
C PHE U 348 -1.56 72.05 -107.32
N ILE U 349 -1.38 73.11 -108.10
CA ILE U 349 -0.38 73.16 -109.16
C ILE U 349 0.38 74.48 -109.05
N PRO U 350 1.01 74.76 -107.92
CA PRO U 350 1.65 76.06 -107.74
C PRO U 350 3.00 76.11 -108.43
N TRP U 351 3.57 77.32 -108.44
CA TRP U 351 4.95 77.49 -108.85
C TRP U 351 5.88 76.60 -108.02
N GLY U 352 5.58 76.48 -106.73
CA GLY U 352 6.41 75.68 -105.80
C GLY U 352 6.36 74.21 -106.11
N PRO U 353 7.50 73.50 -106.19
CA PRO U 353 7.48 72.06 -106.40
C PRO U 353 7.34 71.33 -105.07
N ALA U 354 6.96 72.02 -103.98
CA ALA U 354 6.92 71.40 -102.66
C ALA U 354 5.77 70.41 -102.57
N SER U 355 6.10 69.17 -102.20
CA SER U 355 5.15 68.11 -101.95
C SER U 355 4.52 68.22 -100.57
N ILE U 356 3.78 67.18 -100.16
CA ILE U 356 3.14 67.12 -98.86
C ILE U 356 4.08 66.38 -97.92
N GLN U 357 4.14 66.85 -96.67
CA GLN U 357 5.21 66.49 -95.73
C GLN U 357 4.63 65.65 -94.59
N VAL U 358 4.77 64.33 -94.69
CA VAL U 358 4.21 63.41 -93.69
C VAL U 358 5.19 63.32 -92.51
N ALA U 359 4.74 63.67 -91.31
CA ALA U 359 5.58 63.65 -90.13
C ALA U 359 4.85 63.05 -88.94
N LEU U 360 5.66 62.64 -87.95
CA LEU U 360 5.20 61.97 -86.75
C LEU U 360 5.85 62.62 -85.53
N SER U 361 5.10 62.67 -84.44
CA SER U 361 5.58 63.16 -83.15
C SER U 361 5.06 62.23 -82.06
N ARG U 362 5.49 62.48 -80.82
CA ARG U 362 5.19 61.60 -79.71
C ARG U 362 3.98 62.11 -78.94
N LYS U 363 2.95 61.27 -78.86
CA LYS U 363 1.83 61.53 -77.97
C LYS U 363 2.31 61.39 -76.52
N SER U 364 1.89 62.32 -75.68
CA SER U 364 2.47 62.42 -74.35
C SER U 364 1.80 61.44 -73.40
N PRO U 365 2.46 61.06 -72.28
CA PRO U 365 1.76 60.29 -71.25
C PRO U 365 0.99 61.16 -70.28
N TYR U 366 0.30 60.52 -69.33
CA TYR U 366 -0.49 61.11 -68.24
C TYR U 366 -1.82 61.75 -68.66
N LEU U 367 -2.00 62.04 -69.94
CA LEU U 367 -3.27 62.60 -70.40
C LEU U 367 -4.07 61.50 -71.10
N PRO U 368 -5.38 61.68 -71.29
CA PRO U 368 -6.13 60.69 -72.07
C PRO U 368 -5.61 60.59 -73.49
N SER U 369 -5.50 59.35 -73.96
CA SER U 369 -5.04 59.03 -75.31
C SER U 369 -6.20 58.73 -76.26
N ALA U 370 -7.40 59.21 -75.95
CA ALA U 370 -8.59 58.91 -76.74
C ALA U 370 -8.41 59.33 -78.20
N HIS U 371 -8.97 58.52 -79.11
CA HIS U 371 -8.59 58.56 -80.52
C HIS U 371 -7.09 58.41 -80.67
N ARG U 372 -6.68 57.16 -80.43
CA ARG U 372 -5.28 56.75 -80.26
C ARG U 372 -4.33 57.43 -81.25
N VAL U 373 -4.75 57.57 -82.52
CA VAL U 373 -4.01 58.32 -83.53
C VAL U 373 -4.74 59.63 -83.80
N SER U 374 -4.00 60.74 -83.83
CA SER U 374 -4.57 62.07 -84.03
C SER U 374 -3.52 62.96 -84.67
N GLY U 375 -3.93 63.75 -85.68
CA GLY U 375 -2.99 64.53 -86.47
C GLY U 375 -3.42 65.98 -86.64
N LEU U 376 -2.47 66.78 -87.15
CA LEU U 376 -2.66 68.19 -87.45
C LEU U 376 -1.94 68.50 -88.75
N MET U 377 -2.43 69.53 -89.45
CA MET U 377 -1.81 70.03 -90.69
C MET U 377 -1.64 71.53 -90.64
N MET U 378 -0.49 71.96 -91.18
CA MET U 378 -0.21 73.34 -91.53
C MET U 378 0.05 73.40 -93.03
N ALA U 379 -0.67 74.28 -93.74
CA ALA U 379 -0.48 74.39 -95.18
C ALA U 379 -0.59 75.84 -95.64
N ASN U 380 0.19 76.18 -96.66
CA ASN U 380 0.12 77.47 -97.32
C ASN U 380 -0.89 77.36 -98.46
N HIS U 381 -2.03 78.04 -98.30
CA HIS U 381 -3.13 77.97 -99.26
C HIS U 381 -3.48 79.36 -99.76
N THR U 382 -3.74 79.46 -101.06
CA THR U 382 -4.11 80.74 -101.65
C THR U 382 -5.49 81.20 -101.23
N SER U 383 -6.30 80.31 -100.65
CA SER U 383 -7.68 80.68 -100.32
C SER U 383 -7.73 81.80 -99.28
N ILE U 384 -6.74 81.86 -98.38
CA ILE U 384 -6.73 82.90 -97.36
C ILE U 384 -6.64 84.31 -97.95
N SER U 385 -6.17 84.42 -99.19
CA SER U 385 -6.20 85.71 -99.87
C SER U 385 -7.64 86.23 -99.95
N SER U 386 -8.60 85.32 -100.08
CA SER U 386 -10.00 85.73 -100.05
C SER U 386 -10.35 86.39 -98.74
N LEU U 387 -9.92 85.81 -97.62
CA LEU U 387 -10.22 86.41 -96.32
C LEU U 387 -9.58 87.77 -96.17
N PHE U 388 -8.34 87.92 -96.68
CA PHE U 388 -7.71 89.24 -96.65
C PHE U 388 -8.53 90.23 -97.47
N GLU U 389 -8.97 89.81 -98.65
CA GLU U 389 -9.70 90.71 -99.52
C GLU U 389 -11.08 91.05 -98.95
N ARG U 390 -11.67 90.19 -98.12
CA ARG U 390 -12.95 90.56 -97.51
C ARG U 390 -12.81 91.76 -96.59
N THR U 391 -11.80 91.76 -95.73
CA THR U 391 -11.62 92.92 -94.86
C THR U 391 -11.13 94.12 -95.67
N CYS U 392 -10.34 93.91 -96.72
CA CYS U 392 -10.00 95.03 -97.60
C CYS U 392 -11.24 95.60 -98.30
N ARG U 393 -12.21 94.74 -98.63
CA ARG U 393 -13.45 95.20 -99.24
C ARG U 393 -14.25 96.05 -98.26
N GLN U 394 -14.36 95.56 -97.02
CA GLN U 394 -15.04 96.34 -95.98
C GLN U 394 -14.33 97.67 -95.76
N TYR U 395 -13.00 97.65 -95.75
CA TYR U 395 -12.24 98.89 -95.55
C TYR U 395 -12.47 99.86 -96.69
N ASP U 396 -12.48 99.37 -97.92
CA ASP U 396 -12.66 100.25 -99.08
C ASP U 396 -14.03 100.90 -99.05
N LYS U 397 -15.06 100.12 -98.75
CA LYS U 397 -16.41 100.68 -98.63
C LYS U 397 -16.48 101.71 -97.51
N LEU U 398 -15.90 101.38 -96.36
CA LEU U 398 -15.88 102.32 -95.24
C LEU U 398 -15.07 103.56 -95.58
N ARG U 399 -14.06 103.41 -96.42
CA ARG U 399 -13.18 104.53 -96.77
C ARG U 399 -13.90 105.50 -97.70
N LYS U 400 -14.63 104.96 -98.67
CA LYS U 400 -15.42 105.82 -99.56
C LYS U 400 -16.52 106.52 -98.79
N ARG U 401 -17.30 105.77 -97.99
CA ARG U 401 -18.32 106.42 -97.17
C ARG U 401 -17.70 107.43 -96.22
N GLU U 402 -16.47 107.15 -95.79
CA GLU U 402 -15.72 107.97 -94.85
C GLU U 402 -16.52 108.13 -93.54
N ALA U 403 -17.32 107.11 -93.22
CA ALA U 403 -18.19 107.17 -92.06
C ALA U 403 -17.40 107.15 -90.76
N PHE U 404 -16.43 106.25 -90.66
CA PHE U 404 -15.69 106.06 -89.41
C PHE U 404 -14.19 106.21 -89.73
N LEU U 405 -13.79 107.47 -89.81
CA LEU U 405 -12.41 107.89 -89.65
C LEU U 405 -11.99 107.93 -88.19
N GLU U 406 -12.96 107.84 -87.26
CA GLU U 406 -12.70 107.98 -85.80
C GLU U 406 -12.51 109.47 -85.53
N GLN U 407 -11.48 110.10 -86.12
CA GLN U 407 -11.22 111.56 -85.98
C GLN U 407 -11.06 111.94 -84.51
N PHE U 408 -10.92 110.96 -83.62
CA PHE U 408 -10.64 111.26 -82.20
C PHE U 408 -9.32 112.03 -82.25
N ARG U 409 -9.09 113.03 -81.40
CA ARG U 409 -7.88 113.84 -81.50
C ARG U 409 -6.63 112.97 -81.49
N LYS U 410 -6.66 111.85 -80.77
CA LYS U 410 -5.59 110.86 -80.88
C LYS U 410 -5.39 110.43 -82.33
N GLU U 411 -6.48 110.00 -82.98
CA GLU U 411 -6.40 109.51 -84.35
C GLU U 411 -5.91 110.59 -85.30
N ASP U 412 -6.49 111.78 -85.22
CA ASP U 412 -6.19 112.81 -86.20
C ASP U 412 -4.78 113.36 -86.00
N MET U 413 -4.37 113.61 -84.75
CA MET U 413 -3.03 114.11 -84.50
C MET U 413 -1.98 113.07 -84.86
N PHE U 414 -2.19 111.81 -84.47
CA PHE U 414 -1.24 110.75 -84.79
C PHE U 414 -1.16 110.53 -86.30
N LYS U 415 -2.29 110.62 -87.00
CA LYS U 415 -2.35 110.54 -88.47
C LYS U 415 -3.23 111.66 -89.02
N ASP U 416 -2.64 112.83 -89.26
CA ASP U 416 -3.36 113.88 -89.96
C ASP U 416 -3.52 113.55 -91.43
N ASN U 417 -2.44 113.06 -92.04
CA ASN U 417 -2.49 112.69 -93.44
C ASN U 417 -3.41 111.50 -93.67
N PHE U 418 -3.48 110.59 -92.70
CA PHE U 418 -4.25 109.35 -92.82
C PHE U 418 -3.74 108.52 -94.00
N ASP U 419 -2.46 108.69 -94.34
CA ASP U 419 -1.87 108.06 -95.51
C ASP U 419 -1.17 106.75 -95.18
N GLU U 420 -0.95 106.44 -93.90
CA GLU U 420 -0.51 105.10 -93.55
C GLU U 420 -1.57 104.08 -93.93
N MET U 421 -2.85 104.47 -93.86
CA MET U 421 -3.92 103.59 -94.30
C MET U 421 -3.80 103.28 -95.79
N ASP U 422 -3.49 104.28 -96.61
CA ASP U 422 -3.34 104.04 -98.05
C ASP U 422 -2.07 103.24 -98.34
N THR U 423 -1.01 103.49 -97.58
CA THR U 423 0.19 102.67 -97.71
C THR U 423 -0.11 101.21 -97.39
N SER U 424 -0.91 100.99 -96.34
CA SER U 424 -1.33 99.63 -96.00
C SER U 424 -2.19 99.04 -97.12
N ARG U 425 -3.07 99.86 -97.70
CA ARG U 425 -3.93 99.33 -98.76
C ARG U 425 -3.11 98.88 -99.96
N GLU U 426 -2.11 99.67 -100.36
CA GLU U 426 -1.31 99.26 -101.50
C GLU U 426 -0.45 98.04 -101.14
N ILE U 427 0.05 97.97 -99.91
CA ILE U 427 0.88 96.83 -99.54
C ILE U 427 0.04 95.54 -99.50
N VAL U 428 -1.14 95.61 -98.91
CA VAL U 428 -1.98 94.41 -98.84
C VAL U 428 -2.51 94.08 -100.22
N GLN U 429 -2.74 95.06 -101.08
CA GLN U 429 -3.10 94.76 -102.45
C GLN U 429 -1.96 94.06 -103.18
N GLN U 430 -0.73 94.46 -102.90
CA GLN U 430 0.42 93.73 -103.43
C GLN U 430 0.38 92.29 -102.95
N LEU U 431 0.02 92.07 -101.69
CA LEU U 431 -0.07 90.72 -101.17
C LEU U 431 -1.15 89.91 -101.89
N ILE U 432 -2.33 90.51 -102.12
CA ILE U 432 -3.40 89.81 -102.84
C ILE U 432 -2.92 89.44 -104.23
N ASP U 433 -2.32 90.40 -104.93
CA ASP U 433 -1.85 90.18 -106.29
C ASP U 433 -0.77 89.12 -106.31
N GLU U 434 0.08 89.11 -105.29
CA GLU U 434 1.13 88.11 -105.17
C GLU U 434 0.55 86.71 -104.98
N TYR U 435 -0.49 86.59 -104.15
CA TYR U 435 -1.18 85.30 -103.99
C TYR U 435 -1.70 84.79 -105.32
N HIS U 436 -2.47 85.64 -106.01
CA HIS U 436 -3.02 85.19 -107.29
C HIS U 436 -1.93 84.95 -108.32
N ALA U 437 -0.84 85.71 -108.27
CA ALA U 437 0.30 85.43 -109.15
C ALA U 437 0.90 84.08 -108.83
N ALA U 438 0.95 83.71 -107.55
CA ALA U 438 1.42 82.38 -107.19
C ALA U 438 0.50 81.31 -107.75
N THR U 439 -0.80 81.61 -107.79
CA THR U 439 -1.71 80.72 -108.49
C THR U 439 -1.36 80.61 -109.97
N ARG U 440 -0.91 81.71 -110.58
CA ARG U 440 -0.54 81.67 -112.00
C ARG U 440 0.65 80.75 -112.25
N PRO U 441 0.83 80.27 -113.48
CA PRO U 441 2.00 79.42 -113.77
C PRO U 441 3.32 80.16 -113.77
N ASP U 442 3.31 81.49 -113.75
CA ASP U 442 4.50 82.30 -114.00
C ASP U 442 4.78 83.21 -112.81
N TYR U 443 4.74 82.65 -111.61
CA TYR U 443 5.31 83.26 -110.44
C TYR U 443 6.83 83.13 -110.40
N ILE U 444 7.42 82.49 -111.41
CA ILE U 444 8.85 82.67 -111.66
C ILE U 444 9.15 84.13 -111.93
N SER U 445 8.32 84.78 -112.75
CA SER U 445 8.43 86.21 -112.95
C SER U 445 7.89 86.94 -111.73
N TRP U 446 8.07 88.27 -111.72
CA TRP U 446 7.77 89.07 -110.55
C TRP U 446 6.32 88.91 -110.10
N GLY U 447 6.13 88.78 -108.80
CA GLY U 447 4.81 88.63 -108.21
C GLY U 447 4.37 89.88 -107.47
N ARG V 3 43.94 95.50 -40.43
CA ARG V 3 43.75 96.36 -39.27
C ARG V 3 42.24 96.58 -39.08
N GLU V 4 41.81 96.80 -37.84
CA GLU V 4 40.39 97.01 -37.54
C GLU V 4 39.92 98.41 -37.99
N ILE V 5 38.63 98.50 -38.32
CA ILE V 5 38.01 99.72 -38.84
C ILE V 5 37.08 100.32 -37.79
N ILE V 6 37.13 101.64 -37.61
CA ILE V 6 36.26 102.36 -36.67
C ILE V 6 35.29 103.21 -37.46
N THR V 7 34.01 103.14 -37.08
CA THR V 7 32.94 103.82 -37.81
C THR V 7 32.48 105.03 -37.02
N LEU V 8 32.68 106.21 -37.60
CA LEU V 8 32.48 107.49 -36.92
C LEU V 8 31.11 108.03 -37.30
N GLN V 9 30.06 107.42 -36.72
CA GLN V 9 28.71 107.81 -37.06
C GLN V 9 28.30 109.06 -36.29
N LEU V 10 27.79 110.05 -37.02
CA LEU V 10 27.58 111.40 -36.52
C LEU V 10 26.31 111.97 -37.13
N GLY V 11 25.71 112.91 -36.41
CA GLY V 11 24.47 113.52 -36.87
C GLY V 11 23.29 112.59 -36.65
N GLN V 12 22.10 113.17 -36.67
CA GLN V 12 20.89 112.39 -36.44
C GLN V 12 20.70 111.33 -37.53
N CYS V 13 20.73 111.76 -38.80
CA CYS V 13 20.56 110.82 -39.91
C CYS V 13 21.70 109.80 -39.96
N GLY V 14 22.94 110.28 -39.83
CA GLY V 14 24.08 109.38 -39.85
C GLY V 14 24.00 108.34 -38.77
N ASN V 15 23.59 108.75 -37.56
CA ASN V 15 23.44 107.80 -36.47
C ASN V 15 22.30 106.83 -36.72
N GLN V 16 21.24 107.28 -37.41
CA GLN V 16 20.16 106.36 -37.74
C GLN V 16 20.66 105.25 -38.66
N ILE V 17 21.43 105.64 -39.70
CA ILE V 17 21.90 104.62 -40.64
C ILE V 17 22.99 103.75 -40.01
N GLY V 18 23.83 104.29 -39.13
CA GLY V 18 24.82 103.48 -38.46
C GLY V 18 24.20 102.50 -37.49
N PHE V 19 23.18 102.96 -36.76
CA PHE V 19 22.41 102.09 -35.88
C PHE V 19 21.82 100.92 -36.65
N GLU V 20 21.16 101.22 -37.76
CA GLU V 20 20.59 100.15 -38.56
C GLU V 20 21.68 99.24 -39.12
N PHE V 21 22.83 99.81 -39.46
CA PHE V 21 23.89 99.00 -40.05
C PHE V 21 24.46 98.03 -39.03
N TRP V 22 24.72 98.51 -37.81
CA TRP V 22 25.24 97.62 -36.78
C TRP V 22 24.21 96.58 -36.39
N LYS V 23 22.93 96.92 -36.39
CA LYS V 23 21.91 95.89 -36.18
C LYS V 23 21.92 94.87 -37.31
N GLN V 24 22.13 95.33 -38.54
CA GLN V 24 22.17 94.43 -39.68
C GLN V 24 23.31 93.45 -39.54
N LEU V 25 24.49 93.93 -39.15
CA LEU V 25 25.62 93.04 -38.92
C LEU V 25 25.51 92.24 -37.63
N CYS V 26 24.69 92.68 -36.67
CA CYS V 26 24.38 91.84 -35.53
C CYS V 26 23.62 90.60 -35.98
N ALA V 27 22.54 90.80 -36.72
CA ALA V 27 21.80 89.66 -37.24
C ALA V 27 22.67 88.82 -38.16
N GLU V 28 23.42 89.46 -39.05
CA GLU V 28 24.20 88.73 -40.03
C GLU V 28 25.31 87.91 -39.38
N HIS V 29 26.02 88.47 -38.41
CA HIS V 29 27.06 87.75 -37.68
C HIS V 29 26.43 87.00 -36.51
N GLY V 30 27.23 86.18 -35.86
CA GLY V 30 26.74 85.42 -34.72
C GLY V 30 26.68 86.26 -33.46
N ILE V 31 25.76 87.22 -33.43
CA ILE V 31 25.64 88.16 -32.33
C ILE V 31 24.16 88.36 -32.04
N SER V 32 23.82 88.45 -30.75
CA SER V 32 22.46 88.68 -30.28
C SER V 32 22.32 90.15 -29.94
N PRO V 33 21.16 90.65 -29.53
CA PRO V 33 21.05 92.08 -29.20
C PRO V 33 21.88 92.53 -27.99
N GLU V 34 22.38 91.61 -27.16
CA GLU V 34 23.25 91.97 -26.04
C GLU V 34 24.72 91.79 -26.34
N GLY V 35 25.10 91.50 -27.58
CA GLY V 35 26.48 91.33 -27.94
C GLY V 35 27.07 89.95 -27.65
N ILE V 36 26.33 89.08 -26.98
CA ILE V 36 26.81 87.75 -26.66
C ILE V 36 26.82 86.88 -27.90
N VAL V 37 27.83 86.01 -28.02
CA VAL V 37 27.91 85.10 -29.15
C VAL V 37 26.66 84.23 -29.19
N GLU V 38 26.08 84.11 -30.37
CA GLU V 38 24.84 83.38 -30.51
C GLU V 38 25.08 81.89 -30.36
N GLU V 39 24.17 81.23 -29.63
N GLU V 39 24.17 81.23 -29.63
CA GLU V 39 24.29 79.79 -29.41
CA GLU V 39 24.30 79.79 -29.42
C GLU V 39 24.21 79.03 -30.73
C GLU V 39 24.21 79.03 -30.73
N PHE V 40 23.29 79.43 -31.62
CA PHE V 40 23.09 78.70 -32.87
C PHE V 40 24.35 78.68 -33.74
N ALA V 41 25.17 79.73 -33.65
CA ALA V 41 26.39 79.79 -34.45
C ALA V 41 27.35 78.68 -34.04
N THR V 45 33.32 81.03 -38.74
CA THR V 45 33.84 81.01 -40.10
C THR V 45 34.05 82.42 -40.68
N ASP V 46 33.89 83.45 -39.85
CA ASP V 46 33.86 84.83 -40.31
C ASP V 46 34.99 85.63 -39.70
N ARG V 47 35.39 86.68 -40.41
CA ARG V 47 36.42 87.62 -39.94
C ARG V 47 35.72 88.74 -39.19
N LYS V 48 35.38 88.48 -37.92
CA LYS V 48 34.77 89.49 -37.07
C LYS V 48 35.77 90.38 -36.37
N ASP V 49 37.07 90.10 -36.53
CA ASP V 49 38.11 90.94 -35.94
C ASP V 49 37.98 92.40 -36.40
N VAL V 50 37.78 92.60 -37.71
CA VAL V 50 37.91 93.94 -38.28
C VAL V 50 36.82 94.87 -37.76
N PHE V 51 35.57 94.41 -37.73
CA PHE V 51 34.44 95.31 -37.48
C PHE V 51 33.93 95.26 -36.05
N PHE V 52 34.22 94.18 -35.31
CA PHE V 52 33.79 94.02 -33.92
C PHE V 52 34.98 93.79 -33.02
N TYR V 53 35.09 94.64 -31.99
CA TYR V 53 36.04 94.41 -30.91
C TYR V 53 35.59 93.21 -30.09
N GLN V 54 36.58 92.43 -29.63
CA GLN V 54 36.34 91.17 -28.93
C GLN V 54 36.47 91.44 -27.44
N ALA V 55 35.38 91.24 -26.69
CA ALA V 55 35.47 91.25 -25.24
C ALA V 55 35.81 89.84 -24.75
N ASP V 56 36.19 89.76 -23.47
CA ASP V 56 36.60 88.49 -22.90
C ASP V 56 35.46 87.49 -22.86
N ASP V 57 34.25 87.95 -22.51
CA ASP V 57 33.08 87.09 -22.39
C ASP V 57 32.22 87.19 -23.65
N GLU V 58 32.87 87.26 -24.80
CA GLU V 58 32.22 87.13 -26.10
C GLU V 58 31.19 88.24 -26.33
N HIS V 59 31.41 89.40 -25.72
CA HIS V 59 30.68 90.60 -26.10
C HIS V 59 31.39 91.22 -27.28
N TYR V 60 30.77 91.06 -28.44
CA TYR V 60 31.28 91.61 -29.69
C TYR V 60 30.74 93.02 -29.84
N ILE V 61 31.42 93.96 -29.18
CA ILE V 61 31.02 95.36 -29.19
C ILE V 61 31.64 96.00 -30.43
N PRO V 62 30.86 96.66 -31.29
CA PRO V 62 31.47 97.27 -32.48
C PRO V 62 32.23 98.55 -32.13
N ARG V 63 33.21 98.86 -32.96
CA ARG V 63 33.99 100.10 -32.84
C ARG V 63 33.21 101.28 -33.45
N ALA V 64 32.05 101.54 -32.85
CA ALA V 64 31.18 102.63 -33.26
C ALA V 64 31.46 103.86 -32.40
N VAL V 65 31.70 105.00 -33.05
CA VAL V 65 31.80 106.28 -32.39
C VAL V 65 30.54 107.05 -32.72
N LEU V 66 29.65 107.19 -31.75
CA LEU V 66 28.37 107.85 -31.93
C LEU V 66 28.51 109.28 -31.44
N LEU V 67 28.42 110.25 -32.36
CA LEU V 67 28.52 111.66 -32.03
C LEU V 67 27.14 112.29 -32.11
N ASP V 68 26.69 112.88 -31.00
CA ASP V 68 25.40 113.55 -30.91
C ASP V 68 25.60 115.05 -30.74
N LEU V 69 24.75 115.84 -31.39
CA LEU V 69 24.74 117.28 -31.23
C LEU V 69 23.29 117.74 -31.17
N GLU V 70 22.92 118.41 -30.08
CA GLU V 70 21.53 118.73 -29.79
C GLU V 70 20.69 117.46 -29.81
N PRO V 71 21.00 116.47 -28.97
CA PRO V 71 20.46 115.12 -29.17
C PRO V 71 18.95 115.04 -29.03
N ARG V 72 18.32 114.41 -30.04
CA ARG V 72 16.92 113.99 -29.93
C ARG V 72 16.79 112.49 -30.21
N VAL V 73 17.39 112.01 -31.31
CA VAL V 73 17.26 110.60 -31.68
C VAL V 73 18.29 109.73 -30.99
N ILE V 74 19.31 110.31 -30.37
CA ILE V 74 20.31 109.47 -29.73
C ILE V 74 19.76 108.90 -28.43
N HIS V 75 18.83 109.62 -27.79
CA HIS V 75 18.10 109.05 -26.66
C HIS V 75 17.28 107.85 -27.11
N SER V 76 16.68 107.94 -28.30
CA SER V 76 15.94 106.82 -28.86
C SER V 76 16.87 105.65 -29.17
N ILE V 77 18.07 105.95 -29.67
CA ILE V 77 19.08 104.91 -29.87
C ILE V 77 19.42 104.23 -28.55
N LEU V 78 19.54 105.03 -27.48
CA LEU V 78 19.85 104.45 -26.17
C LEU V 78 18.74 103.52 -25.67
N ASN V 79 17.47 103.94 -25.76
CA ASN V 79 16.40 103.10 -25.20
C ASN V 79 15.98 102.04 -26.22
N SER V 80 16.93 101.16 -26.54
CA SER V 80 16.77 100.12 -27.54
C SER V 80 17.35 98.83 -26.99
N PRO V 81 16.93 97.67 -27.53
CA PRO V 81 17.51 96.41 -27.06
C PRO V 81 19.01 96.28 -27.32
N TYR V 82 19.55 97.01 -28.29
CA TYR V 82 20.94 96.84 -28.71
C TYR V 82 21.88 97.81 -28.00
N ALA V 83 21.37 98.60 -27.04
CA ALA V 83 22.22 99.50 -26.29
C ALA V 83 23.35 98.74 -25.61
N LYS V 84 23.06 97.54 -25.10
CA LYS V 84 24.12 96.72 -24.54
C LYS V 84 25.07 96.23 -25.63
N LEU V 85 24.57 96.05 -26.87
CA LEU V 85 25.47 95.64 -27.94
C LEU V 85 26.53 96.70 -28.19
N TYR V 86 26.12 97.95 -28.38
CA TYR V 86 27.06 99.04 -28.60
C TYR V 86 27.28 99.76 -27.27
N ASN V 87 28.33 99.36 -26.55
CA ASN V 87 28.76 100.04 -25.33
C ASN V 87 30.28 100.17 -25.27
N PRO V 88 30.87 101.03 -26.11
CA PRO V 88 32.16 101.59 -25.74
C PRO V 88 32.04 102.76 -24.78
N GLU V 89 30.81 103.18 -24.45
CA GLU V 89 30.54 104.31 -23.55
C GLU V 89 31.26 105.55 -24.06
N ASN V 90 30.89 105.94 -25.29
CA ASN V 90 31.62 106.94 -26.08
C ASN V 90 30.63 107.89 -26.77
N ILE V 91 29.63 108.37 -26.03
CA ILE V 91 28.67 109.33 -26.53
C ILE V 91 28.86 110.61 -25.73
N TYR V 92 29.14 111.71 -26.44
CA TYR V 92 29.44 112.99 -25.82
C TYR V 92 28.57 114.08 -26.41
N LEU V 93 27.80 114.74 -25.54
CA LEU V 93 26.94 115.86 -25.94
C LEU V 93 27.77 117.08 -26.30
N GLY V 101 22.49 123.33 -34.20
CA GLY V 101 21.81 124.18 -35.17
C GLY V 101 21.68 123.52 -36.52
N ASN V 102 20.85 124.11 -37.39
CA ASN V 102 20.63 123.61 -38.74
C ASN V 102 21.57 124.23 -39.75
N ASN V 103 22.62 124.91 -39.30
CA ASN V 103 23.58 125.58 -40.17
C ASN V 103 24.93 124.87 -40.12
N TRP V 104 25.60 124.85 -41.28
CA TRP V 104 26.94 124.28 -41.36
C TRP V 104 27.90 125.02 -40.44
N ALA V 105 27.82 126.35 -40.45
CA ALA V 105 28.69 127.15 -39.59
C ALA V 105 28.41 126.87 -38.12
N SER V 106 27.13 126.77 -37.75
CA SER V 106 26.80 126.49 -36.35
C SER V 106 27.34 125.13 -35.93
N GLY V 107 27.23 124.14 -36.81
CA GLY V 107 27.76 122.82 -36.49
C GLY V 107 29.27 122.83 -36.39
N PHE V 108 29.94 123.54 -37.30
CA PHE V 108 31.40 123.60 -37.28
C PHE V 108 31.87 124.26 -35.98
N SER V 109 31.22 125.35 -35.59
CA SER V 109 31.60 126.04 -34.37
C SER V 109 31.33 125.18 -33.13
N GLN V 110 30.18 124.52 -33.09
CA GLN V 110 29.86 123.66 -31.95
C GLN V 110 30.85 122.49 -31.86
N GLY V 111 31.34 122.00 -32.99
CA GLY V 111 32.39 121.00 -32.96
C GLY V 111 33.71 121.56 -32.45
N GLU V 112 34.00 122.81 -32.82
CA GLU V 112 35.31 123.39 -32.51
C GLU V 112 35.50 123.55 -31.00
N LYS V 113 34.42 123.65 -30.24
CA LYS V 113 34.58 123.76 -28.79
C LYS V 113 34.80 122.39 -28.12
N ILE V 114 34.28 121.31 -28.71
CA ILE V 114 34.31 119.97 -28.10
C ILE V 114 35.38 119.06 -28.73
N HIS V 115 36.21 119.57 -29.65
CA HIS V 115 37.06 118.70 -30.48
C HIS V 115 37.95 117.77 -29.65
N GLU V 116 38.43 118.25 -28.49
CA GLU V 116 39.50 117.53 -27.81
C GLU V 116 38.99 116.25 -27.14
N ASP V 117 37.82 116.32 -26.50
CA ASP V 117 37.31 115.13 -25.80
C ASP V 117 36.76 114.10 -26.78
N ILE V 118 36.12 114.54 -27.86
CA ILE V 118 35.71 113.58 -28.87
C ILE V 118 36.93 112.96 -29.53
N PHE V 119 38.00 113.72 -29.71
CA PHE V 119 39.20 113.11 -30.27
C PHE V 119 39.87 112.18 -29.26
N ASP V 120 39.69 112.43 -27.97
CA ASP V 120 40.15 111.46 -26.98
C ASP V 120 39.36 110.17 -27.10
N ILE V 121 38.06 110.29 -27.34
CA ILE V 121 37.24 109.11 -27.63
C ILE V 121 37.76 108.39 -28.86
N ILE V 122 38.17 109.14 -29.89
CA ILE V 122 38.78 108.51 -31.07
C ILE V 122 40.04 107.77 -30.66
N ASP V 123 40.86 108.42 -29.84
CA ASP V 123 42.15 107.89 -29.45
C ASP V 123 41.98 106.55 -28.75
N ARG V 124 41.08 106.50 -27.77
CA ARG V 124 40.86 105.30 -26.98
C ARG V 124 40.51 104.10 -27.84
N GLU V 125 39.61 104.29 -28.81
CA GLU V 125 39.25 103.19 -29.70
C GLU V 125 40.42 102.77 -30.57
N ALA V 126 41.16 103.76 -31.12
CA ALA V 126 42.34 103.44 -31.93
C ALA V 126 43.36 102.67 -31.12
N ASP V 127 43.39 102.92 -29.81
CA ASP V 127 44.33 102.29 -28.91
C ASP V 127 43.91 100.88 -28.53
N GLY V 128 42.64 100.72 -28.16
CA GLY V 128 42.12 99.41 -27.80
C GLY V 128 42.18 98.45 -28.96
N SER V 129 42.06 98.96 -30.18
CA SER V 129 42.33 98.11 -31.32
C SER V 129 43.79 97.71 -31.32
N ASP V 130 44.05 96.45 -31.70
CA ASP V 130 45.41 96.06 -32.03
C ASP V 130 45.98 96.94 -33.12
N SER V 131 45.12 97.36 -34.04
CA SER V 131 45.58 97.98 -35.27
C SER V 131 44.41 98.73 -35.89
N LEU V 132 44.74 99.77 -36.66
CA LEU V 132 43.75 100.66 -37.25
C LEU V 132 44.10 100.95 -38.70
N GLU V 133 43.19 100.64 -39.64
CA GLU V 133 43.32 101.07 -41.02
C GLU V 133 42.49 102.30 -41.35
N GLY V 134 41.22 102.34 -40.92
CA GLY V 134 40.28 103.28 -41.51
C GLY V 134 39.20 103.82 -40.60
N PHE V 135 38.77 105.03 -40.96
CA PHE V 135 37.68 105.76 -40.31
C PHE V 135 36.55 105.86 -41.33
N VAL V 136 35.43 105.22 -41.03
CA VAL V 136 34.29 105.15 -41.93
C VAL V 136 33.18 106.04 -41.38
N LEU V 137 32.90 107.14 -42.05
CA LEU V 137 31.99 108.16 -41.52
C LEU V 137 30.61 107.97 -42.15
N CYS V 138 29.60 107.76 -41.31
CA CYS V 138 28.21 107.75 -41.75
C CYS V 138 27.68 109.17 -41.90
N HIS V 139 28.35 109.93 -42.76
CA HIS V 139 28.15 111.36 -42.84
C HIS V 139 26.86 111.72 -43.57
N SER V 140 26.26 112.83 -43.15
CA SER V 140 25.09 113.42 -43.81
C SER V 140 25.47 114.78 -44.40
N ILE V 141 25.42 114.89 -45.73
CA ILE V 141 25.64 116.16 -46.40
C ILE V 141 24.43 117.05 -46.20
N ALA V 142 24.70 118.33 -45.89
CA ALA V 142 23.66 119.30 -45.57
C ALA V 142 22.71 118.74 -44.52
N GLY V 143 23.30 118.19 -43.47
CA GLY V 143 22.56 117.54 -42.41
C GLY V 143 22.38 118.41 -41.19
N GLY V 144 22.40 119.73 -41.37
CA GLY V 144 22.32 120.64 -40.26
C GLY V 144 23.47 120.41 -39.30
N THR V 145 23.18 119.75 -38.17
CA THR V 145 24.21 119.45 -37.20
C THR V 145 25.25 118.49 -37.78
N GLY V 146 24.81 117.50 -38.56
CA GLY V 146 25.74 116.54 -39.12
C GLY V 146 26.81 117.18 -39.99
N SER V 147 26.38 118.04 -40.92
CA SER V 147 27.31 118.79 -41.74
C SER V 147 27.93 119.91 -40.93
N GLY V 148 29.12 120.32 -41.35
CA GLY V 148 29.91 121.25 -40.58
C GLY V 148 30.75 120.53 -39.54
N LEU V 149 30.08 119.84 -38.62
CA LEU V 149 30.81 119.04 -37.66
C LEU V 149 31.55 117.91 -38.36
N GLY V 150 30.90 117.27 -39.35
CA GLY V 150 31.59 116.23 -40.08
C GLY V 150 32.76 116.77 -40.89
N SER V 151 32.59 117.95 -41.47
CA SER V 151 33.69 118.54 -42.24
C SER V 151 34.86 118.90 -41.34
N TYR V 152 34.58 119.50 -40.17
CA TYR V 152 35.65 119.83 -39.23
C TYR V 152 36.38 118.58 -38.76
N LEU V 153 35.61 117.56 -38.40
CA LEU V 153 36.21 116.32 -37.94
C LEU V 153 37.03 115.66 -39.05
N LEU V 154 36.55 115.76 -40.29
CA LEU V 154 37.29 115.25 -41.43
C LEU V 154 38.62 115.98 -41.58
N GLU V 155 38.61 117.29 -41.36
CA GLU V 155 39.85 118.06 -41.46
C GLU V 155 40.80 117.67 -40.34
N ARG V 156 40.27 117.36 -39.15
CA ARG V 156 41.15 117.00 -38.04
C ARG V 156 41.79 115.62 -38.26
N LEU V 157 41.01 114.63 -38.72
CA LEU V 157 41.53 113.26 -38.76
C LEU V 157 42.71 113.11 -39.72
N ASN V 158 42.66 113.75 -40.88
CA ASN V 158 43.77 113.53 -41.83
C ASN V 158 45.08 114.08 -41.29
N ASP V 159 45.03 115.26 -40.66
CA ASP V 159 46.22 115.83 -40.05
C ASP V 159 46.73 114.94 -38.93
N ARG V 160 45.83 114.46 -38.09
CA ARG V 160 46.28 113.71 -36.92
C ARG V 160 46.72 112.29 -37.27
N TYR V 161 46.17 111.71 -38.35
CA TYR V 161 46.55 110.39 -38.84
C TYR V 161 46.88 110.51 -40.33
N PRO V 162 48.02 111.10 -40.69
CA PRO V 162 48.34 111.27 -42.11
C PRO V 162 48.40 109.97 -42.88
N LYS V 163 48.89 108.89 -42.27
CA LYS V 163 48.98 107.62 -42.98
C LYS V 163 47.60 106.97 -43.14
N LYS V 164 46.70 107.15 -42.16
CA LYS V 164 45.46 106.42 -42.13
C LYS V 164 44.44 107.02 -43.10
N LEU V 165 43.36 106.27 -43.35
CA LEU V 165 42.42 106.58 -44.43
C LEU V 165 41.04 106.90 -43.87
N VAL V 166 40.32 107.75 -44.59
CA VAL V 166 38.94 108.11 -44.27
C VAL V 166 38.06 107.73 -45.46
N GLN V 167 37.05 106.92 -45.21
CA GLN V 167 35.96 106.71 -46.15
C GLN V 167 34.72 107.39 -45.59
N THR V 168 33.85 107.83 -46.50
CA THR V 168 32.62 108.52 -46.13
C THR V 168 31.46 107.90 -46.88
N TYR V 169 30.54 107.27 -46.15
CA TYR V 169 29.25 106.84 -46.68
C TYR V 169 28.31 108.03 -46.65
N SER V 170 28.64 109.02 -47.48
CA SER V 170 27.92 110.27 -47.53
C SER V 170 26.56 110.12 -48.21
N VAL V 171 25.51 110.52 -47.51
CA VAL V 171 24.18 110.61 -48.09
C VAL V 171 23.94 112.02 -48.63
N PHE V 172 24.38 112.30 -49.86
CA PHE V 172 24.00 113.55 -50.51
C PHE V 172 22.49 113.67 -50.55
N PRO V 173 21.89 114.75 -50.01
CA PRO V 173 20.43 114.87 -50.05
C PRO V 173 19.94 115.49 -51.34
N ASN V 174 19.09 114.77 -52.06
CA ASN V 174 18.34 115.33 -53.18
C ASN V 174 16.91 114.87 -52.97
N GLN V 175 16.03 115.81 -52.59
CA GLN V 175 14.64 115.53 -52.26
C GLN V 175 13.70 116.31 -53.16
N ASP V 176 14.08 116.47 -54.43
CA ASP V 176 13.42 117.36 -55.39
C ASP V 176 13.51 118.82 -54.96
N GLU V 177 14.43 119.14 -54.04
CA GLU V 177 14.61 120.48 -53.51
C GLU V 177 13.31 121.07 -52.98
N ASP V 180 11.80 121.30 -44.47
CA ASP V 180 12.58 121.90 -45.55
C ASP V 180 13.68 122.78 -44.97
N VAL V 181 14.84 122.76 -45.62
CA VAL V 181 15.97 123.62 -45.27
C VAL V 181 16.29 124.46 -46.49
N VAL V 182 16.33 125.78 -46.30
CA VAL V 182 16.61 126.68 -47.41
C VAL V 182 18.10 126.79 -47.72
N VAL V 183 18.98 126.51 -46.74
CA VAL V 183 20.41 126.74 -46.89
C VAL V 183 21.14 125.49 -47.38
N GLN V 184 20.41 124.49 -47.90
CA GLN V 184 21.02 123.25 -48.36
C GLN V 184 22.16 123.44 -49.35
N PRO V 185 22.03 124.24 -50.41
CA PRO V 185 23.17 124.36 -51.34
C PRO V 185 24.41 124.92 -50.69
N TYR V 186 24.26 125.90 -49.80
CA TYR V 186 25.41 126.51 -49.15
C TYR V 186 26.11 125.46 -48.28
N ASN V 187 25.32 124.76 -47.45
CA ASN V 187 25.88 123.74 -46.56
C ASN V 187 26.61 122.67 -47.36
N SER V 188 25.93 122.12 -48.36
CA SER V 188 26.51 121.06 -49.16
C SER V 188 27.75 121.55 -49.89
N LEU V 189 27.73 122.78 -50.39
CA LEU V 189 28.89 123.34 -51.07
C LEU V 189 30.11 123.30 -50.17
N LEU V 190 29.96 123.75 -48.93
CA LEU V 190 31.11 123.75 -48.03
C LEU V 190 31.57 122.33 -47.72
N THR V 191 30.62 121.42 -47.49
CA THR V 191 30.98 120.04 -47.16
C THR V 191 31.73 119.38 -48.29
N LEU V 192 31.31 119.62 -49.54
CA LEU V 192 32.05 119.05 -50.67
C LEU V 192 33.46 119.60 -50.79
N LYS V 193 33.70 120.86 -50.44
CA LYS V 193 35.09 121.34 -50.48
C LYS V 193 35.95 120.55 -49.50
N ARG V 194 35.47 120.43 -48.26
CA ARG V 194 36.22 119.66 -47.27
C ARG V 194 36.37 118.21 -47.72
N LEU V 195 35.31 117.63 -48.29
CA LEU V 195 35.37 116.24 -48.73
C LEU V 195 36.29 116.06 -49.93
N THR V 196 36.31 117.01 -50.85
CA THR V 196 37.13 116.85 -52.04
C THR V 196 38.61 116.88 -51.70
N GLN V 197 39.01 117.75 -50.75
CA GLN V 197 40.44 117.82 -50.46
C GLN V 197 40.87 116.97 -49.26
N ASN V 198 39.95 116.56 -48.39
CA ASN V 198 40.31 115.96 -47.11
C ASN V 198 39.65 114.61 -46.86
N ALA V 199 39.20 113.90 -47.89
CA ALA V 199 38.57 112.58 -47.74
C ALA V 199 39.20 111.60 -48.71
N ASP V 200 39.61 110.43 -48.21
CA ASP V 200 40.29 109.46 -49.07
C ASP V 200 39.31 108.75 -49.99
N CYS V 201 38.11 108.42 -49.53
CA CYS V 201 37.09 107.87 -50.40
C CYS V 201 35.70 108.31 -49.98
N VAL V 202 34.78 108.37 -50.95
CA VAL V 202 33.40 108.74 -50.71
C VAL V 202 32.52 107.81 -51.53
N VAL V 203 31.40 107.38 -50.96
CA VAL V 203 30.42 106.56 -51.66
C VAL V 203 29.13 107.38 -51.73
N VAL V 204 28.67 107.65 -52.96
CA VAL V 204 27.52 108.53 -53.18
C VAL V 204 26.23 107.74 -53.07
N LEU V 205 25.28 108.31 -52.33
CA LEU V 205 23.91 107.85 -52.28
C LEU V 205 23.00 109.07 -52.43
N ASP V 206 21.77 108.84 -52.85
CA ASP V 206 20.82 109.90 -53.16
C ASP V 206 19.45 109.58 -52.59
N ASN V 207 18.89 110.54 -51.86
CA ASN V 207 17.57 110.36 -51.29
C ASN V 207 16.52 110.15 -52.37
N THR V 208 16.52 111.00 -53.41
CA THR V 208 15.52 110.84 -54.46
C THR V 208 15.70 109.54 -55.22
N ALA V 209 16.95 109.14 -55.46
CA ALA V 209 17.18 107.89 -56.19
C ALA V 209 16.62 106.71 -55.43
N LEU V 210 16.93 106.62 -54.14
CA LEU V 210 16.41 105.51 -53.36
C LEU V 210 14.90 105.66 -53.13
N ASN V 211 14.39 106.88 -53.08
CA ASN V 211 12.94 107.07 -52.96
C ASN V 211 12.22 106.59 -54.22
N ARG V 212 12.80 106.87 -55.39
CA ARG V 212 12.24 106.37 -56.64
C ARG V 212 12.27 104.85 -56.65
N ILE V 213 13.35 104.26 -56.14
CA ILE V 213 13.40 102.81 -56.02
C ILE V 213 12.32 102.31 -55.07
N ALA V 214 12.07 103.06 -54.00
CA ALA V 214 11.03 102.68 -53.06
C ALA V 214 9.66 102.70 -53.71
N THR V 215 9.37 103.74 -54.50
CA THR V 215 8.11 103.77 -55.24
C THR V 215 8.03 102.60 -56.22
N ASP V 216 9.16 102.23 -56.82
CA ASP V 216 9.18 101.09 -57.74
C ASP V 216 8.83 99.80 -57.02
N ARG V 217 9.67 99.39 -56.07
CA ARG V 217 9.52 98.08 -55.42
C ARG V 217 8.32 98.01 -54.47
N LEU V 218 7.91 99.14 -53.88
CA LEU V 218 6.80 99.18 -52.94
C LEU V 218 5.96 100.44 -53.19
N HIS V 219 4.86 100.54 -52.46
CA HIS V 219 3.96 101.69 -52.51
C HIS V 219 4.33 102.80 -51.54
N ILE V 220 5.34 102.59 -50.70
CA ILE V 220 5.73 103.58 -49.70
C ILE V 220 6.14 104.89 -50.39
N GLN V 221 5.46 105.99 -50.03
CA GLN V 221 5.86 107.32 -50.47
C GLN V 221 6.06 108.28 -49.30
N ASN V 222 5.07 108.35 -48.40
CA ASN V 222 5.12 109.38 -47.36
C ASN V 222 6.17 109.10 -46.29
N PRO V 223 6.25 107.89 -45.68
CA PRO V 223 7.30 107.61 -44.69
C PRO V 223 8.61 107.15 -45.33
N SER V 224 9.15 107.96 -46.24
CA SER V 224 10.31 107.56 -47.03
C SER V 224 11.53 107.26 -46.16
N PHE V 225 11.82 108.12 -45.17
CA PHE V 225 13.08 107.99 -44.42
C PHE V 225 13.19 106.65 -43.70
N SER V 226 12.10 106.17 -43.11
CA SER V 226 12.18 104.98 -42.26
C SER V 226 12.60 103.74 -43.06
N GLN V 227 12.00 103.55 -44.23
CA GLN V 227 12.23 102.32 -45.00
C GLN V 227 13.52 102.40 -45.80
N ILE V 228 13.85 103.58 -46.31
CA ILE V 228 15.08 103.77 -47.08
C ILE V 228 16.30 103.47 -46.22
N ASN V 229 16.16 103.60 -44.89
CA ASN V 229 17.21 103.18 -43.97
C ASN V 229 17.61 101.74 -44.23
N GLN V 230 16.62 100.88 -44.48
CA GLN V 230 16.90 99.49 -44.78
C GLN V 230 17.74 99.37 -46.04
N LEU V 231 17.40 100.14 -47.07
CA LEU V 231 18.12 100.05 -48.34
C LEU V 231 19.57 100.44 -48.15
N VAL V 232 19.80 101.57 -47.49
CA VAL V 232 21.18 102.03 -47.30
C VAL V 232 21.94 101.06 -46.40
N SER V 233 21.25 100.45 -45.43
CA SER V 233 21.90 99.44 -44.60
C SER V 233 22.38 98.26 -45.43
N THR V 234 21.54 97.80 -46.36
CA THR V 234 21.94 96.73 -47.27
C THR V 234 23.15 97.13 -48.10
N ILE V 235 23.13 98.37 -48.64
CA ILE V 235 24.28 98.85 -49.40
C ILE V 235 25.54 98.77 -48.54
N MET V 236 25.45 99.29 -47.31
CA MET V 236 26.61 99.47 -46.48
C MET V 236 27.18 98.13 -46.01
N SER V 237 26.30 97.20 -45.60
CA SER V 237 26.78 95.88 -45.19
C SER V 237 27.36 95.10 -46.36
N ALA V 238 26.65 95.08 -47.49
CA ALA V 238 27.12 94.33 -48.64
C ALA V 238 28.45 94.88 -49.15
N SER V 239 28.65 96.20 -49.04
CA SER V 239 29.88 96.80 -49.50
C SER V 239 31.10 96.34 -48.72
N THR V 240 30.91 95.87 -47.49
CA THR V 240 31.99 95.42 -46.63
C THR V 240 32.07 93.90 -46.50
N THR V 241 31.06 93.18 -46.99
CA THR V 241 31.02 91.72 -46.81
C THR V 241 32.31 91.02 -47.23
N THR V 242 32.97 91.48 -48.30
CA THR V 242 34.21 90.83 -48.73
C THR V 242 35.29 90.96 -47.67
N LEU V 243 35.27 92.02 -46.88
CA LEU V 243 36.21 92.18 -45.77
C LEU V 243 35.75 91.37 -44.56
N ARG V 244 34.47 91.52 -44.20
CA ARG V 244 33.93 90.87 -43.01
C ARG V 244 33.99 89.35 -43.08
N TYR V 245 34.07 88.77 -44.30
CA TYR V 245 34.20 87.34 -44.47
C TYR V 245 35.46 87.01 -45.27
N PRO V 246 36.22 85.99 -44.90
CA PRO V 246 37.46 85.73 -45.64
C PRO V 246 37.22 85.40 -47.09
N GLY V 247 38.14 85.85 -47.92
CA GLY V 247 38.12 85.55 -49.33
C GLY V 247 39.54 85.34 -49.77
N TYR V 248 39.73 85.26 -51.07
CA TYR V 248 41.06 85.12 -51.65
C TYR V 248 41.64 86.45 -52.10
N MET V 249 40.78 87.42 -52.43
CA MET V 249 41.13 88.81 -52.74
C MET V 249 40.16 89.81 -52.12
N ASN V 250 40.65 91.05 -52.06
CA ASN V 250 39.99 92.14 -51.34
C ASN V 250 39.77 91.74 -49.89
N ASN V 251 40.86 91.29 -49.28
CA ASN V 251 40.91 90.97 -47.86
C ASN V 251 41.37 92.17 -47.04
N ASP V 252 41.45 93.34 -47.64
CA ASP V 252 41.71 94.58 -46.92
C ASP V 252 41.04 95.70 -47.69
N LEU V 253 40.59 96.70 -46.94
CA LEU V 253 39.78 97.79 -47.51
C LEU V 253 40.54 98.54 -48.60
N ILE V 254 41.82 98.87 -48.34
CA ILE V 254 42.60 99.59 -49.34
C ILE V 254 42.72 98.78 -50.63
N GLY V 255 42.75 97.45 -50.52
CA GLY V 255 42.79 96.61 -51.71
C GLY V 255 41.63 96.88 -52.64
N LEU V 256 40.43 96.97 -52.07
CA LEU V 256 39.25 97.25 -52.87
C LEU V 256 39.16 98.71 -53.27
N ILE V 257 39.61 99.62 -52.41
CA ILE V 257 39.46 101.06 -52.67
C ILE V 257 40.35 101.52 -53.82
N ALA V 258 41.56 100.96 -53.92
CA ALA V 258 42.52 101.38 -54.92
C ALA V 258 41.94 101.25 -56.32
N SER V 259 41.38 100.07 -56.65
CA SER V 259 40.73 99.89 -57.94
C SER V 259 39.60 100.87 -58.17
N LEU V 260 38.78 101.10 -57.16
CA LEU V 260 37.60 101.93 -57.35
C LEU V 260 37.94 103.40 -57.58
N ILE V 261 39.07 103.88 -57.08
CA ILE V 261 39.47 105.28 -57.26
C ILE V 261 40.78 105.32 -58.05
N PRO V 262 40.73 105.72 -59.38
CA PRO V 262 41.96 105.77 -60.19
C PRO V 262 42.74 107.06 -60.16
N THR V 263 42.06 108.18 -59.87
CA THR V 263 42.70 109.46 -59.66
C THR V 263 42.17 110.09 -58.37
N PRO V 264 43.02 110.74 -57.57
CA PRO V 264 42.58 111.15 -56.21
C PRO V 264 41.36 112.05 -56.17
N ARG V 265 41.24 113.04 -57.05
CA ARG V 265 40.11 113.97 -56.99
C ARG V 265 38.80 113.23 -57.21
N LEU V 266 38.76 112.33 -58.20
CA LEU V 266 37.56 111.56 -58.54
C LEU V 266 37.54 110.31 -57.67
N HIS V 267 37.01 110.49 -56.45
CA HIS V 267 36.96 109.43 -55.44
C HIS V 267 35.54 109.18 -54.93
N PHE V 268 34.54 109.51 -55.73
CA PHE V 268 33.14 109.34 -55.38
C PHE V 268 32.59 108.13 -56.13
N LEU V 269 31.91 107.24 -55.40
CA LEU V 269 31.56 105.92 -55.92
C LEU V 269 30.07 105.69 -55.97
N MET V 270 29.59 105.37 -57.17
CA MET V 270 28.22 105.03 -57.48
C MET V 270 27.94 103.61 -57.02
N THR V 271 26.69 103.35 -56.66
CA THR V 271 26.27 102.08 -56.08
C THR V 271 25.29 101.36 -57.01
N GLY V 272 25.16 100.07 -56.77
CA GLY V 272 24.16 99.28 -57.46
C GLY V 272 24.01 97.94 -56.78
N TYR V 273 22.82 97.35 -56.95
CA TYR V 273 22.47 96.10 -56.29
C TYR V 273 21.55 95.31 -57.21
N THR V 274 21.93 94.06 -57.51
CA THR V 274 21.19 93.28 -58.51
C THR V 274 19.75 93.02 -58.09
N PRO V 275 19.46 92.23 -57.04
CA PRO V 275 18.06 92.08 -56.64
C PRO V 275 17.63 93.17 -55.67
N LEU V 276 17.26 94.33 -56.20
CA LEU V 276 16.65 95.36 -55.36
C LEU V 276 15.49 94.77 -54.58
N THR V 277 14.71 93.90 -55.21
CA THR V 277 13.77 93.02 -54.52
C THR V 277 14.45 91.69 -54.16
N THR V 278 15.48 91.78 -53.30
CA THR V 278 16.09 90.58 -52.76
C THR V 278 15.13 89.82 -51.84
N ASP V 279 14.12 90.49 -51.32
CA ASP V 279 13.08 89.81 -50.56
C ASP V 279 12.25 88.92 -51.48
N LYS V 287 17.61 79.07 -60.67
CA LYS V 287 18.48 80.03 -59.99
C LYS V 287 19.01 81.04 -61.00
N THR V 288 19.32 82.24 -60.52
CA THR V 288 19.78 83.32 -61.39
C THR V 288 21.29 83.21 -61.53
N THR V 289 21.74 82.96 -62.76
CA THR V 289 23.18 82.80 -62.96
C THR V 289 23.87 84.16 -63.01
N VAL V 290 25.20 84.10 -62.92
CA VAL V 290 26.02 85.31 -62.92
C VAL V 290 25.80 86.14 -64.17
N LEU V 291 25.54 85.48 -65.31
CA LEU V 291 25.19 86.21 -66.53
C LEU V 291 23.99 87.12 -66.28
N ASP V 292 22.92 86.58 -65.69
CA ASP V 292 21.75 87.39 -65.37
C ASP V 292 22.07 88.48 -64.36
N VAL V 293 22.82 88.17 -63.31
CA VAL V 293 22.95 89.19 -62.27
C VAL V 293 23.78 90.37 -62.77
N MET V 294 24.85 90.10 -63.52
CA MET V 294 25.64 91.17 -64.12
C MET V 294 24.79 91.97 -65.10
N ARG V 295 24.05 91.26 -65.97
CA ARG V 295 23.24 91.90 -66.99
C ARG V 295 22.20 92.83 -66.36
N ARG V 296 21.47 92.31 -65.38
CA ARG V 296 20.45 93.11 -64.69
C ARG V 296 21.09 94.29 -63.99
N LEU V 297 22.26 94.07 -63.37
CA LEU V 297 22.85 95.11 -62.56
C LEU V 297 23.25 96.32 -63.38
N LEU V 298 23.79 96.10 -64.58
CA LEU V 298 24.23 97.25 -65.37
C LEU V 298 23.07 98.15 -65.81
N GLN V 299 21.82 97.69 -65.76
CA GLN V 299 20.71 98.53 -66.15
C GLN V 299 20.57 99.72 -65.18
N PRO V 300 20.04 100.87 -65.63
CA PRO V 300 19.92 102.02 -64.72
C PRO V 300 18.87 101.86 -63.63
N LYS V 301 17.90 100.96 -63.77
CA LYS V 301 16.91 100.79 -62.70
C LYS V 301 17.58 100.27 -61.44
N ASN V 302 18.50 99.33 -61.58
CA ASN V 302 19.21 98.80 -60.42
C ASN V 302 20.17 99.82 -59.83
N VAL V 303 20.64 100.78 -60.61
CA VAL V 303 21.50 101.83 -60.08
C VAL V 303 20.71 102.68 -59.10
N MET V 304 21.39 103.16 -58.06
CA MET V 304 20.76 103.79 -56.92
C MET V 304 21.12 105.27 -56.82
N VAL V 305 21.40 105.89 -57.97
CA VAL V 305 21.77 107.30 -58.07
C VAL V 305 20.89 107.92 -59.14
N SER V 306 20.48 109.18 -58.91
CA SER V 306 19.62 109.89 -59.85
C SER V 306 20.45 110.71 -60.82
N THR V 313 26.86 115.93 -74.79
CA THR V 313 28.16 115.57 -74.26
C THR V 313 28.23 114.10 -73.88
N ASN V 314 29.27 113.42 -74.35
CA ASN V 314 29.49 112.02 -73.97
C ASN V 314 29.67 111.92 -72.46
N HIS V 315 29.28 110.78 -71.90
CA HIS V 315 29.54 110.46 -70.51
C HIS V 315 29.89 108.98 -70.40
N CYS V 316 30.73 108.64 -69.42
CA CYS V 316 31.35 107.32 -69.38
C CYS V 316 31.82 107.01 -67.97
N TYR V 317 31.77 105.73 -67.60
CA TYR V 317 32.39 105.30 -66.36
C TYR V 317 33.90 105.46 -66.43
N ILE V 318 34.54 105.52 -65.26
CA ILE V 318 35.99 105.39 -65.20
C ILE V 318 36.39 103.96 -64.87
N ALA V 319 35.72 103.32 -63.92
CA ALA V 319 36.04 101.94 -63.57
C ALA V 319 34.89 101.34 -62.77
N ILE V 320 34.67 100.05 -62.98
CA ILE V 320 33.52 99.34 -62.42
C ILE V 320 34.04 98.13 -61.66
N LEU V 321 33.33 97.77 -60.59
CA LEU V 321 33.64 96.58 -59.80
C LEU V 321 32.33 95.98 -59.31
N ASN V 322 32.30 94.65 -59.25
CA ASN V 322 31.10 93.91 -58.92
C ASN V 322 31.46 92.83 -57.91
N ILE V 323 30.66 92.69 -56.88
CA ILE V 323 30.82 91.62 -55.89
C ILE V 323 29.51 90.84 -55.81
N ILE V 324 29.61 89.52 -55.92
CA ILE V 324 28.47 88.63 -56.00
C ILE V 324 28.55 87.68 -54.82
N GLN V 325 27.46 87.53 -54.06
CA GLN V 325 27.43 86.64 -52.90
C GLN V 325 26.28 85.65 -53.12
N GLY V 326 26.62 84.38 -53.27
CA GLY V 326 25.57 83.39 -53.38
C GLY V 326 26.08 82.06 -53.89
N GLU V 327 25.13 81.27 -54.40
CA GLU V 327 25.42 79.96 -54.98
C GLU V 327 25.90 80.19 -56.41
N VAL V 328 27.16 80.60 -56.53
CA VAL V 328 27.74 80.97 -57.82
C VAL V 328 28.66 79.86 -58.29
N ASP V 329 28.37 79.33 -59.47
CA ASP V 329 29.25 78.34 -60.07
C ASP V 329 30.53 79.02 -60.54
N PRO V 330 31.71 78.41 -60.36
CA PRO V 330 32.95 79.12 -60.69
C PRO V 330 33.31 79.18 -62.16
N THR V 331 33.15 78.07 -62.89
CA THR V 331 33.60 78.06 -64.28
C THR V 331 32.81 79.03 -65.14
N GLN V 332 31.58 79.35 -64.74
CA GLN V 332 30.79 80.29 -65.52
C GLN V 332 31.17 81.75 -65.30
N VAL V 333 31.93 82.10 -64.26
CA VAL V 333 32.08 83.52 -63.93
C VAL V 333 32.94 84.24 -64.98
N HIS V 334 34.03 83.61 -65.43
CA HIS V 334 34.86 84.28 -66.42
C HIS V 334 34.13 84.35 -67.75
N LYS V 335 33.47 83.25 -68.13
CA LYS V 335 32.60 83.25 -69.30
C LYS V 335 31.53 84.33 -69.17
N SER V 336 31.07 84.58 -67.94
CA SER V 336 30.07 85.60 -67.74
C SER V 336 30.61 86.95 -68.09
N LEU V 337 31.84 87.26 -67.62
CA LEU V 337 32.45 88.53 -67.99
C LEU V 337 32.62 88.61 -69.50
N GLN V 338 32.97 87.48 -70.14
CA GLN V 338 33.11 87.49 -71.60
C GLN V 338 31.78 87.90 -72.24
N ARG V 339 30.69 87.28 -71.79
CA ARG V 339 29.38 87.54 -72.36
C ARG V 339 28.98 88.98 -72.15
N ILE V 340 29.21 89.52 -70.94
CA ILE V 340 28.91 90.92 -70.67
C ILE V 340 29.71 91.79 -71.62
N ARG V 341 30.93 91.37 -71.97
CA ARG V 341 31.74 92.16 -72.90
C ARG V 341 31.10 92.22 -74.28
N GLU V 342 30.59 91.08 -74.81
CA GLU V 342 29.89 91.21 -76.10
C GLU V 342 28.60 92.02 -75.95
N ARG V 343 27.92 91.90 -74.82
CA ARG V 343 26.71 92.70 -74.62
C ARG V 343 26.99 94.19 -74.62
N LYS V 344 28.19 94.59 -74.16
CA LYS V 344 28.66 95.98 -74.21
C LYS V 344 27.69 97.00 -73.59
N LEU V 345 27.04 96.62 -72.49
CA LEU V 345 26.04 97.54 -71.96
C LEU V 345 26.66 98.78 -71.33
N ALA V 346 27.68 98.60 -70.51
CA ALA V 346 28.31 99.70 -69.78
C ALA V 346 29.59 99.95 -70.55
N ASN V 347 29.45 100.68 -71.65
CA ASN V 347 30.57 101.05 -72.49
C ASN V 347 31.10 102.39 -72.00
N PHE V 348 32.40 102.45 -71.78
CA PHE V 348 33.02 103.64 -71.25
C PHE V 348 34.43 103.75 -71.82
N ILE V 349 34.82 104.97 -72.14
CA ILE V 349 36.07 105.26 -72.84
C ILE V 349 36.81 106.33 -72.03
N PRO V 350 37.28 105.99 -70.83
CA PRO V 350 37.93 106.98 -69.99
C PRO V 350 39.41 106.95 -70.29
N TRP V 351 40.12 108.02 -69.96
CA TRP V 351 41.57 107.95 -69.86
C TRP V 351 42.08 106.69 -69.16
N GLY V 352 41.35 106.22 -68.14
CA GLY V 352 41.74 105.04 -67.41
C GLY V 352 41.63 103.77 -68.24
N PRO V 353 42.50 102.79 -68.00
CA PRO V 353 42.34 101.47 -68.64
C PRO V 353 41.61 100.44 -67.80
N ALA V 354 41.07 100.82 -66.65
CA ALA V 354 40.56 99.85 -65.67
C ALA V 354 39.33 99.13 -66.21
N SER V 355 39.36 97.81 -66.15
CA SER V 355 38.26 96.97 -66.61
C SER V 355 37.36 96.54 -65.44
N ILE V 356 36.14 96.11 -65.80
CA ILE V 356 35.19 95.63 -64.81
C ILE V 356 35.79 94.38 -64.12
N GLN V 357 35.30 94.11 -62.91
CA GLN V 357 35.80 92.99 -62.11
C GLN V 357 34.66 92.20 -61.51
N VAL V 358 34.61 90.91 -61.82
CA VAL V 358 33.69 89.97 -61.18
C VAL V 358 34.43 89.41 -59.95
N ALA V 359 33.97 89.79 -58.77
CA ALA V 359 34.49 89.30 -57.51
C ALA V 359 33.39 88.56 -56.77
N LEU V 360 33.79 87.68 -55.85
CA LEU V 360 32.87 86.78 -55.17
C LEU V 360 33.10 86.85 -53.68
N SER V 361 31.98 86.82 -52.93
CA SER V 361 32.01 86.84 -51.48
C SER V 361 31.03 85.79 -50.97
N ARG V 362 31.08 85.55 -49.65
CA ARG V 362 30.36 84.45 -49.03
C ARG V 362 29.02 84.93 -48.46
N LYS V 363 27.93 84.37 -48.97
CA LYS V 363 26.63 84.59 -48.37
C LYS V 363 26.65 83.96 -46.98
N SER V 364 26.10 84.67 -46.02
CA SER V 364 26.23 84.25 -44.63
C SER V 364 25.18 83.22 -44.28
N PRO V 365 25.40 82.39 -43.23
CA PRO V 365 24.31 81.52 -42.75
C PRO V 365 23.38 82.23 -41.78
N TYR V 366 22.35 81.50 -41.33
CA TYR V 366 21.33 81.89 -40.35
C TYR V 366 20.29 82.89 -40.86
N LEU V 367 20.55 83.56 -41.98
CA LEU V 367 19.59 84.52 -42.54
C LEU V 367 18.94 83.89 -43.78
N PRO V 368 17.80 84.42 -44.24
CA PRO V 368 17.17 83.85 -45.44
C PRO V 368 18.06 83.93 -46.67
N SER V 369 18.04 82.86 -47.47
CA SER V 369 18.79 82.78 -48.71
C SER V 369 17.92 83.05 -49.92
N ALA V 370 16.82 83.79 -49.76
CA ALA V 370 15.98 84.14 -50.89
C ALA V 370 16.80 84.91 -51.93
N HIS V 371 16.54 84.60 -53.20
CA HIS V 371 17.41 85.02 -54.30
C HIS V 371 18.84 84.60 -53.99
N ARG V 372 19.01 83.28 -54.01
CA ARG V 372 20.28 82.59 -53.72
C ARG V 372 21.52 83.29 -54.25
N VAL V 373 21.46 83.89 -55.43
CA VAL V 373 22.55 84.70 -55.98
C VAL V 373 22.12 86.15 -55.96
N SER V 374 22.94 87.01 -55.35
CA SER V 374 22.63 88.42 -55.19
C SER V 374 23.94 89.21 -55.15
N GLY V 375 23.99 90.32 -55.89
CA GLY V 375 25.23 91.03 -56.13
C GLY V 375 25.09 92.53 -55.96
N LEU V 376 26.24 93.19 -56.06
CA LEU V 376 26.37 94.63 -55.90
C LEU V 376 27.46 95.14 -56.84
N MET V 377 27.41 96.42 -57.14
CA MET V 377 28.47 97.10 -57.89
C MET V 377 28.82 98.44 -57.27
N MET V 378 30.13 98.69 -57.20
CA MET V 378 30.72 99.99 -56.90
C MET V 378 31.44 100.47 -58.16
N ALA V 379 31.15 101.69 -58.62
CA ALA V 379 31.77 102.19 -59.85
C ALA V 379 31.97 103.70 -59.81
N ASN V 380 32.96 104.17 -60.58
CA ASN V 380 33.10 105.59 -60.88
C ASN V 380 32.36 105.91 -62.17
N HIS V 381 31.37 106.79 -62.07
CA HIS V 381 30.64 107.29 -63.22
C HIS V 381 30.72 108.81 -63.22
N THR V 382 31.01 109.38 -64.39
CA THR V 382 31.07 110.82 -64.53
C THR V 382 29.71 111.48 -64.36
N SER V 383 28.63 110.69 -64.36
CA SER V 383 27.28 111.24 -64.25
C SER V 383 27.08 111.99 -62.94
N ILE V 384 27.74 111.56 -61.86
CA ILE V 384 27.54 112.21 -60.57
C ILE V 384 28.05 113.65 -60.59
N SER V 385 28.90 114.01 -61.55
CA SER V 385 29.23 115.40 -61.75
C SER V 385 27.98 116.23 -61.95
N SER V 386 26.98 115.67 -62.65
CA SER V 386 25.71 116.36 -62.82
C SER V 386 25.07 116.64 -61.47
N LEU V 387 25.05 115.66 -60.57
CA LEU V 387 24.40 115.86 -59.28
C LEU V 387 25.13 116.91 -58.46
N PHE V 388 26.46 116.93 -58.51
CA PHE V 388 27.20 118.01 -57.87
C PHE V 388 26.85 119.36 -58.50
N GLU V 389 26.77 119.40 -59.83
CA GLU V 389 26.51 120.65 -60.51
C GLU V 389 25.10 121.16 -60.24
N ARG V 390 24.15 120.27 -59.95
CA ARG V 390 22.80 120.74 -59.61
C ARG V 390 22.80 121.54 -58.32
N THR V 391 23.50 121.05 -57.29
CA THR V 391 23.55 121.83 -56.05
C THR V 391 24.42 123.07 -56.22
N CYS V 392 25.48 123.02 -57.04
CA CYS V 392 26.18 124.26 -57.35
C CYS V 392 25.29 125.24 -58.11
N ARG V 393 24.36 124.75 -58.93
CA ARG V 393 23.44 125.63 -59.65
C ARG V 393 22.47 126.30 -58.68
N GLN V 394 21.90 125.52 -57.78
CA GLN V 394 21.04 126.08 -56.75
C GLN V 394 21.80 127.09 -55.90
N TYR V 395 23.05 126.76 -55.56
CA TYR V 395 23.88 127.67 -54.78
C TYR V 395 24.15 128.97 -55.53
N ASP V 396 24.48 128.86 -56.83
CA ASP V 396 24.80 130.06 -57.60
C ASP V 396 23.60 130.97 -57.69
N LYS V 397 22.42 130.41 -57.96
CA LYS V 397 21.20 131.21 -58.00
C LYS V 397 20.95 131.88 -56.65
N LEU V 398 21.06 131.10 -55.56
CA LEU V 398 20.86 131.63 -54.23
C LEU V 398 21.91 132.67 -53.89
N ARG V 399 23.12 132.51 -54.43
CA ARG V 399 24.23 133.40 -54.13
C ARG V 399 24.01 134.76 -54.78
N LYS V 400 23.55 134.75 -56.04
CA LYS V 400 23.18 136.01 -56.68
C LYS V 400 22.03 136.67 -55.93
N ARG V 401 21.00 135.91 -55.58
CA ARG V 401 19.87 136.54 -54.89
C ARG V 401 20.27 137.07 -53.53
N GLU V 402 21.23 136.43 -52.86
CA GLU V 402 21.55 136.68 -51.45
C GLU V 402 20.31 136.50 -50.57
N ALA V 403 19.40 135.62 -51.01
CA ALA V 403 18.15 135.42 -50.29
C ALA V 403 18.38 134.75 -48.94
N PHE V 404 19.27 133.76 -48.90
CA PHE V 404 19.63 133.07 -47.67
C PHE V 404 21.15 133.12 -47.53
N LEU V 405 21.65 134.28 -47.11
CA LEU V 405 22.96 134.39 -46.49
C LEU V 405 22.91 134.01 -45.01
N GLU V 406 21.72 133.77 -44.46
CA GLU V 406 21.55 133.48 -43.01
C GLU V 406 21.88 134.76 -42.25
N GLN V 407 23.14 135.20 -42.29
CA GLN V 407 23.60 136.45 -41.62
C GLN V 407 23.27 136.38 -40.13
N PHE V 408 22.98 135.19 -39.61
CA PHE V 408 22.77 135.02 -38.16
C PHE V 408 24.10 135.44 -37.55
N ARG V 409 24.15 135.99 -36.33
CA ARG V 409 25.42 136.50 -35.80
C ARG V 409 26.47 135.40 -35.78
N LYS V 410 26.07 134.16 -35.52
CA LYS V 410 26.99 133.03 -35.68
C LYS V 410 27.58 132.99 -37.09
N GLU V 411 26.71 133.03 -38.10
CA GLU V 411 27.17 132.92 -39.49
C GLU V 411 28.11 134.07 -39.84
N ASP V 412 27.73 135.29 -39.48
CA ASP V 412 28.51 136.45 -39.90
C ASP V 412 29.84 136.52 -39.16
N MET V 413 29.83 136.30 -37.84
CA MET V 413 31.08 136.36 -37.10
C MET V 413 32.02 135.24 -37.53
N PHE V 414 31.50 134.04 -37.73
CA PHE V 414 32.36 132.94 -38.17
C PHE V 414 32.91 133.18 -39.57
N LYS V 415 32.08 133.71 -40.48
CA LYS V 415 32.48 134.05 -41.85
C LYS V 415 32.00 135.46 -42.17
N ASP V 416 32.79 136.46 -41.82
CA ASP V 416 32.49 137.83 -42.22
C ASP V 416 32.75 138.03 -43.70
N ASN V 417 33.89 137.53 -44.18
CA ASN V 417 34.22 137.64 -45.60
C ASN V 417 33.24 136.87 -46.46
N PHE V 418 32.70 135.76 -45.93
CA PHE V 418 31.84 134.85 -46.69
C PHE V 418 32.60 134.26 -47.88
N ASP V 419 33.93 134.21 -47.79
CA ASP V 419 34.78 133.82 -48.91
C ASP V 419 35.18 132.36 -48.91
N GLU V 420 34.96 131.64 -47.80
CA GLU V 420 35.11 130.19 -47.85
C GLU V 420 34.10 129.59 -48.80
N MET V 421 32.92 130.20 -48.91
CA MET V 421 31.93 129.75 -49.90
C MET V 421 32.46 129.90 -51.33
N ASP V 422 33.13 131.01 -51.62
CA ASP V 422 33.71 131.17 -52.96
C ASP V 422 34.88 130.23 -53.19
N THR V 423 35.68 129.99 -52.14
CA THR V 423 36.74 128.99 -52.24
C THR V 423 36.16 127.61 -52.53
N SER V 424 35.06 127.27 -51.87
CA SER V 424 34.38 126.01 -52.14
C SER V 424 33.82 125.99 -53.56
N ARG V 425 33.30 127.12 -54.03
CA ARG V 425 32.75 127.16 -55.39
C ARG V 425 33.85 126.89 -56.40
N GLU V 426 35.03 127.49 -56.24
CA GLU V 426 36.09 127.26 -57.21
C GLU V 426 36.67 125.84 -57.07
N ILE V 427 36.75 125.30 -55.85
CA ILE V 427 37.23 123.93 -55.70
C ILE V 427 36.26 122.94 -56.35
N VAL V 428 34.97 123.09 -56.08
CA VAL V 428 34.01 122.16 -56.66
C VAL V 428 33.91 122.37 -58.16
N GLN V 429 34.14 123.58 -58.64
CA GLN V 429 34.15 123.80 -60.08
C GLN V 429 35.36 123.11 -60.71
N GLN V 430 36.50 123.12 -60.01
CA GLN V 430 37.63 122.32 -60.46
C GLN V 430 37.25 120.85 -60.53
N LEU V 431 36.48 120.38 -59.56
CA LEU V 431 36.05 118.98 -59.58
C LEU V 431 35.16 118.68 -60.78
N ILE V 432 34.18 119.56 -61.06
CA ILE V 432 33.31 119.37 -62.22
C ILE V 432 34.14 119.34 -63.49
N ASP V 433 35.06 120.29 -63.62
CA ASP V 433 35.90 120.39 -64.80
C ASP V 433 36.76 119.15 -64.93
N GLU V 434 37.26 118.64 -63.80
CA GLU V 434 38.08 117.44 -63.81
C GLU V 434 37.29 116.23 -64.27
N TYR V 435 36.03 116.11 -63.83
CA TYR V 435 35.15 115.06 -64.30
C TYR V 435 35.01 115.10 -65.82
N HIS V 436 34.66 116.27 -66.34
CA HIS V 436 34.47 116.35 -67.79
C HIS V 436 35.80 116.18 -68.54
N ALA V 437 36.92 116.60 -67.94
CA ALA V 437 38.22 116.34 -68.54
C ALA V 437 38.52 114.85 -68.57
N ALA V 438 38.09 114.13 -67.53
CA ALA V 438 38.21 112.68 -67.55
C ALA V 438 37.42 112.09 -68.70
N THR V 439 36.25 112.67 -68.98
CA THR V 439 35.51 112.27 -70.18
C THR V 439 36.34 112.53 -71.44
N ARG V 440 37.09 113.64 -71.46
CA ARG V 440 37.88 113.94 -72.65
C ARG V 440 38.97 112.90 -72.88
N PRO V 441 39.49 112.77 -74.12
CA PRO V 441 40.55 111.79 -74.37
C PRO V 441 41.89 112.13 -73.75
N ASP V 442 42.07 113.35 -73.22
CA ASP V 442 43.39 113.86 -72.87
C ASP V 442 43.43 114.28 -71.40
N TYR V 443 42.97 113.39 -70.52
CA TYR V 443 43.19 113.53 -69.09
C TYR V 443 44.61 113.17 -68.71
N ILE V 444 45.43 112.68 -69.65
CA ILE V 444 46.86 112.59 -69.42
C ILE V 444 47.41 113.97 -69.08
N SER V 445 46.95 114.99 -69.79
CA SER V 445 47.27 116.36 -69.42
C SER V 445 46.55 116.72 -68.14
N TRP V 446 46.96 117.85 -67.54
CA TRP V 446 46.42 118.27 -66.26
C TRP V 446 44.90 118.45 -66.34
N GLY V 447 44.20 117.93 -65.34
CA GLY V 447 42.76 118.00 -65.27
C GLY V 447 42.29 119.03 -64.26
N ARG W 3 58.63 96.00 8.03
CA ARG W 3 58.22 96.33 9.40
C ARG W 3 56.82 96.92 9.39
N GLU W 4 56.24 97.09 10.58
CA GLU W 4 54.85 97.51 10.68
C GLU W 4 54.71 98.99 10.35
N ILE W 5 53.53 99.36 9.83
CA ILE W 5 53.20 100.75 9.54
C ILE W 5 52.09 101.20 10.48
N ILE W 6 52.27 102.36 11.11
CA ILE W 6 51.29 102.90 12.06
C ILE W 6 50.70 104.17 11.44
N THR W 7 49.38 104.24 11.40
CA THR W 7 48.67 105.33 10.72
C THR W 7 48.07 106.28 11.75
N LEU W 8 48.49 107.54 11.69
CA LEU W 8 48.11 108.55 12.69
C LEU W 8 46.98 109.42 12.12
N GLN W 9 45.76 108.92 12.16
CA GLN W 9 44.64 109.69 11.65
C GLN W 9 44.19 110.70 12.70
N LEU W 10 44.20 111.99 12.31
CA LEU W 10 44.01 113.10 13.22
C LEU W 10 43.09 114.13 12.57
N GLY W 11 42.40 114.90 13.40
CA GLY W 11 41.46 115.88 12.90
C GLY W 11 40.18 115.22 12.40
N GLN W 12 39.14 116.03 12.27
CA GLN W 12 37.85 115.51 11.86
C GLN W 12 37.92 114.89 10.46
N CYS W 13 38.42 115.66 9.49
CA CYS W 13 38.53 115.17 8.12
C CYS W 13 39.49 113.99 8.01
N GLY W 14 40.65 114.11 8.66
CA GLY W 14 41.61 113.01 8.62
C GLY W 14 41.05 111.74 9.23
N ASN W 15 40.29 111.87 10.32
CA ASN W 15 39.66 110.70 10.93
C ASN W 15 38.57 110.13 10.04
N GLN W 16 37.87 110.98 9.29
CA GLN W 16 36.86 110.47 8.37
C GLN W 16 37.50 109.64 7.27
N ILE W 17 38.59 110.14 6.68
CA ILE W 17 39.21 109.38 5.59
C ILE W 17 39.95 108.16 6.11
N GLY W 18 40.52 108.21 7.31
CA GLY W 18 41.15 107.03 7.88
C GLY W 18 40.13 105.96 8.25
N PHE W 19 38.99 106.40 8.80
CA PHE W 19 37.87 105.49 9.03
C PHE W 19 37.46 104.77 7.77
N GLU W 20 37.25 105.53 6.69
CA GLU W 20 36.83 104.89 5.46
C GLU W 20 37.93 103.99 4.91
N PHE W 21 39.20 104.38 5.07
CA PHE W 21 40.29 103.57 4.55
C PHE W 21 40.36 102.24 5.28
N TRP W 22 40.25 102.28 6.61
CA TRP W 22 40.33 101.03 7.36
C TRP W 22 39.13 100.15 7.07
N LYS W 23 37.95 100.77 6.86
CA LYS W 23 36.79 99.98 6.46
C LYS W 23 36.97 99.35 5.07
N GLN W 24 37.58 100.10 4.15
CA GLN W 24 37.86 99.53 2.84
C GLN W 24 38.79 98.33 2.97
N LEU W 25 39.85 98.44 3.76
CA LEU W 25 40.74 97.30 3.92
C LEU W 25 40.13 96.21 4.76
N CYS W 26 39.13 96.51 5.57
CA CYS W 26 38.33 95.46 6.21
C CYS W 26 37.64 94.61 5.15
N ALA W 27 36.91 95.25 4.25
CA ALA W 27 36.23 94.50 3.19
C ALA W 27 37.24 93.78 2.29
N GLU W 28 38.30 94.48 1.88
CA GLU W 28 39.27 93.89 0.95
C GLU W 28 40.00 92.71 1.55
N HIS W 29 40.47 92.86 2.80
CA HIS W 29 41.10 91.76 3.51
C HIS W 29 39.99 90.88 4.10
N GLY W 30 40.38 89.72 4.61
CA GLY W 30 39.40 88.80 5.15
C GLY W 30 39.04 89.14 6.58
N ILE W 31 38.35 90.26 6.78
CA ILE W 31 38.01 90.75 8.11
C ILE W 31 36.57 91.23 8.11
N SER W 32 35.84 90.87 9.16
CA SER W 32 34.43 91.22 9.32
C SER W 32 34.38 92.50 10.13
N PRO W 33 33.20 93.10 10.36
CA PRO W 33 33.17 94.35 11.13
C PRO W 33 33.60 94.22 12.59
N GLU W 34 33.70 93.00 13.14
CA GLU W 34 34.17 92.80 14.50
C GLU W 34 35.64 92.40 14.57
N GLY W 35 36.37 92.49 13.47
CA GLY W 35 37.77 92.10 13.45
C GLY W 35 38.00 90.61 13.30
N ILE W 36 36.95 89.81 13.27
CA ILE W 36 37.08 88.36 13.24
C ILE W 36 37.50 87.93 11.85
N VAL W 37 38.33 86.88 11.78
CA VAL W 37 38.69 86.33 10.47
C VAL W 37 37.44 85.85 9.76
N GLU W 38 37.32 86.23 8.50
CA GLU W 38 36.15 85.86 7.71
C GLU W 38 36.16 84.39 7.34
N GLU W 39 35.01 83.74 7.49
N GLU W 39 35.01 83.75 7.48
CA GLU W 39 34.93 82.30 7.27
CA GLU W 39 34.92 82.31 7.27
C GLU W 39 35.21 81.95 5.81
C GLU W 39 35.19 81.95 5.81
N PHE W 40 34.58 82.67 4.87
CA PHE W 40 34.71 82.30 3.46
C PHE W 40 36.14 82.43 2.97
N ALA W 41 36.91 83.35 3.56
CA ALA W 41 38.33 83.44 3.25
C ALA W 41 39.02 82.14 3.62
N THR W 45 46.42 84.37 1.70
CA THR W 45 47.35 84.60 0.60
C THR W 45 47.93 86.02 0.63
N ASP W 46 47.64 86.78 1.69
CA ASP W 46 47.94 88.20 1.75
C ASP W 46 48.86 88.49 2.92
N ARG W 47 49.68 89.54 2.76
CA ARG W 47 50.56 89.99 3.84
C ARG W 47 49.74 90.96 4.69
N LYS W 48 48.90 90.41 5.57
CA LYS W 48 48.15 91.20 6.51
C LYS W 48 48.98 91.62 7.72
N ASP W 49 50.24 91.16 7.79
CA ASP W 49 51.12 91.56 8.88
C ASP W 49 51.28 93.07 8.99
N VAL W 50 51.60 93.73 7.88
CA VAL W 50 52.19 95.07 7.93
C VAL W 50 51.21 96.08 8.49
N PHE W 51 49.94 95.97 8.12
CA PHE W 51 48.95 96.98 8.49
C PHE W 51 48.12 96.58 9.69
N PHE W 52 47.95 95.28 9.94
CA PHE W 52 47.02 94.76 10.92
C PHE W 52 47.74 93.98 12.00
N TYR W 53 47.59 94.44 13.23
CA TYR W 53 48.10 93.71 14.37
C TYR W 53 47.30 92.44 14.55
N GLN W 54 47.98 91.36 14.90
CA GLN W 54 47.38 90.04 15.00
C GLN W 54 47.04 89.79 16.46
N ALA W 55 45.74 89.65 16.77
CA ALA W 55 45.36 89.17 18.09
C ALA W 55 45.35 87.65 18.10
N ASP W 56 45.27 87.09 19.31
CA ASP W 56 45.33 85.64 19.47
C ASP W 56 44.11 84.97 18.85
N ASP W 57 42.93 85.56 19.01
CA ASP W 57 41.68 84.99 18.51
C ASP W 57 41.28 85.65 17.19
N GLU W 58 42.28 85.93 16.34
CA GLU W 58 42.07 86.43 14.99
C GLU W 58 41.26 87.73 14.97
N HIS W 59 41.51 88.59 15.96
CA HIS W 59 41.07 89.99 15.88
C HIS W 59 42.20 90.74 15.18
N TYR W 60 41.96 91.06 13.91
CA TYR W 60 42.91 91.82 13.10
C TYR W 60 42.62 93.30 13.31
N ILE W 61 43.20 93.85 14.36
CA ILE W 61 42.99 95.24 14.75
C ILE W 61 44.05 96.09 14.04
N PRO W 62 43.67 97.14 13.30
CA PRO W 62 44.71 97.95 12.63
C PRO W 62 45.48 98.80 13.62
N ARG W 63 46.71 99.15 13.23
CA ARG W 63 47.55 100.07 13.99
C ARG W 63 47.18 101.53 13.68
N ALA W 64 45.92 101.84 14.01
CA ALA W 64 45.36 103.17 13.84
C ALA W 64 45.51 103.94 15.13
N VAL W 65 46.01 105.17 15.05
CA VAL W 65 46.00 106.13 16.15
C VAL W 65 45.01 107.21 15.76
N LEU W 66 43.87 107.23 16.44
CA LEU W 66 42.80 108.18 16.17
C LEU W 66 42.90 109.31 17.18
N LEU W 67 43.24 110.51 16.71
CA LEU W 67 43.40 111.67 17.56
C LEU W 67 42.20 112.59 17.36
N ASP W 68 41.50 112.90 18.43
CA ASP W 68 40.37 113.81 18.42
C ASP W 68 40.69 115.10 19.16
N LEU W 69 40.20 116.21 18.63
CA LEU W 69 40.31 117.50 19.29
C LEU W 69 38.97 118.22 19.12
N GLU W 70 38.36 118.59 20.24
CA GLU W 70 36.99 119.12 20.25
C GLU W 70 36.06 118.14 19.55
N PRO W 71 35.96 116.90 20.03
CA PRO W 71 35.35 115.83 19.23
C PRO W 71 33.88 116.06 18.92
N ARG W 72 33.55 115.95 17.62
CA ARG W 72 32.17 115.85 17.18
C ARG W 72 31.96 114.58 16.35
N VAL W 73 32.83 114.33 15.38
CA VAL W 73 32.67 113.18 14.50
C VAL W 73 33.30 111.92 15.06
N ILE W 74 34.15 112.04 16.09
CA ILE W 74 34.76 110.84 16.65
C ILE W 74 33.74 110.06 17.47
N HIS W 75 32.73 110.75 18.00
CA HIS W 75 31.62 110.05 18.62
C HIS W 75 30.85 109.23 17.59
N SER W 76 30.67 109.79 16.39
CA SER W 76 30.01 109.05 15.32
C SER W 76 30.87 107.88 14.87
N ILE W 77 32.19 108.07 14.85
CA ILE W 77 33.09 106.95 14.57
C ILE W 77 32.89 105.86 15.62
N LEU W 78 32.74 106.25 16.88
CA LEU W 78 32.54 105.26 17.95
C LEU W 78 31.26 104.47 17.75
N ASN W 79 30.15 105.13 17.46
CA ASN W 79 28.86 104.42 17.37
C ASN W 79 28.69 103.83 15.96
N SER W 80 29.58 102.90 15.64
CA SER W 80 29.64 102.27 14.33
C SER W 80 29.81 100.77 14.52
N PRO W 81 29.45 99.96 13.52
CA PRO W 81 29.70 98.51 13.64
C PRO W 81 31.17 98.14 13.77
N TYR W 82 32.08 98.98 13.28
CA TYR W 82 33.49 98.65 13.21
C TYR W 82 34.28 99.12 14.43
N ALA W 83 33.58 99.68 15.44
CA ALA W 83 34.25 100.10 16.66
C ALA W 83 35.00 98.95 17.30
N LYS W 84 34.43 97.75 17.26
CA LYS W 84 35.15 96.59 17.74
C LYS W 84 36.33 96.25 16.84
N LEU W 85 36.24 96.55 15.54
CA LEU W 85 37.38 96.30 14.66
C LEU W 85 38.58 97.13 15.08
N TYR W 86 38.39 98.44 15.25
CA TYR W 86 39.47 99.33 15.68
C TYR W 86 39.33 99.54 17.19
N ASN W 87 40.01 98.69 17.95
CA ASN W 87 40.09 98.83 19.41
C ASN W 87 41.52 98.59 19.90
N PRO W 88 42.46 99.49 19.59
CA PRO W 88 43.64 99.60 20.46
C PRO W 88 43.34 100.39 21.73
N GLU W 89 42.14 100.97 21.85
CA GLU W 89 41.75 101.78 23.01
C GLU W 89 42.75 102.91 23.19
N ASN W 90 42.84 103.76 22.14
CA ASN W 90 43.88 104.78 22.00
C ASN W 90 43.27 106.09 21.50
N ILE W 91 42.14 106.50 22.09
CA ILE W 91 41.51 107.77 21.77
C ILE W 91 41.57 108.65 23.00
N TYR W 92 42.10 109.86 22.85
CA TYR W 92 42.34 110.78 23.96
C TYR W 92 41.87 112.18 23.58
N LEU W 93 40.98 112.75 24.40
CA LEU W 93 40.45 114.08 24.18
C LEU W 93 41.50 115.15 24.50
N GLY W 101 39.85 124.54 18.22
CA GLY W 101 39.66 125.76 17.46
C GLY W 101 39.88 125.55 15.98
N ASN W 102 39.49 126.55 15.19
CA ASN W 102 39.66 126.50 13.74
C ASN W 102 40.96 127.15 13.27
N ASN W 103 41.86 127.49 14.19
CA ASN W 103 43.10 128.19 13.89
C ASN W 103 44.29 127.26 14.02
N TRP W 104 45.29 127.47 13.17
CA TRP W 104 46.51 126.67 13.21
C TRP W 104 47.21 126.85 14.55
N ALA W 105 47.32 128.09 15.02
CA ALA W 105 47.95 128.36 16.31
C ALA W 105 47.17 127.69 17.44
N SER W 106 45.84 127.78 17.40
CA SER W 106 45.02 127.16 18.44
C SER W 106 45.23 125.65 18.47
N GLY W 107 45.30 125.03 17.29
CA GLY W 107 45.55 123.60 17.26
C GLY W 107 46.93 123.24 17.75
N PHE W 108 47.94 124.03 17.38
CA PHE W 108 49.29 123.77 17.83
C PHE W 108 49.39 123.87 19.35
N SER W 109 48.78 124.91 19.91
CA SER W 109 48.82 125.11 21.36
C SER W 109 48.07 124.01 22.09
N GLN W 110 46.89 123.63 21.59
CA GLN W 110 46.14 122.55 22.23
C GLN W 110 46.90 121.24 22.14
N GLY W 111 47.62 121.01 21.04
CA GLY W 111 48.44 119.81 20.94
C GLY W 111 49.58 119.79 21.93
N GLU W 112 50.17 120.96 22.20
CA GLU W 112 51.37 120.99 23.04
C GLU W 112 51.09 120.49 24.45
N LYS W 113 49.95 120.88 25.04
CA LYS W 113 49.68 120.50 26.41
C LYS W 113 49.38 119.01 26.56
N ILE W 114 48.81 118.39 25.53
CA ILE W 114 48.46 116.96 25.53
C ILE W 114 49.56 116.09 24.88
N HIS W 115 50.66 116.71 24.46
CA HIS W 115 51.64 116.02 23.61
C HIS W 115 52.19 114.73 24.25
N GLU W 116 52.33 114.69 25.57
CA GLU W 116 53.02 113.56 26.19
C GLU W 116 52.19 112.28 26.15
N ASP W 117 50.87 112.39 26.38
CA ASP W 117 50.03 111.19 26.50
C ASP W 117 49.66 110.62 25.14
N ILE W 118 49.40 111.48 24.15
CA ILE W 118 49.32 111.01 22.78
C ILE W 118 50.60 110.31 22.40
N PHE W 119 51.75 110.83 22.81
CA PHE W 119 52.96 110.17 22.37
C PHE W 119 53.20 108.88 23.14
N ASP W 120 52.67 108.78 24.36
CA ASP W 120 52.71 107.49 25.03
C ASP W 120 51.85 106.47 24.30
N ILE W 121 50.71 106.91 23.78
CA ILE W 121 49.93 106.07 22.88
C ILE W 121 50.77 105.66 21.68
N ILE W 122 51.59 106.58 21.15
CA ILE W 122 52.44 106.23 20.02
C ILE W 122 53.42 105.14 20.42
N ASP W 123 54.08 105.31 21.57
CA ASP W 123 55.10 104.35 21.99
C ASP W 123 54.51 102.98 22.23
N ARG W 124 53.32 102.93 22.85
CA ARG W 124 52.69 101.63 23.11
C ARG W 124 52.54 100.83 21.83
N GLU W 125 52.02 101.46 20.77
CA GLU W 125 51.91 100.78 19.49
C GLU W 125 53.28 100.44 18.91
N ALA W 126 54.26 101.34 19.06
CA ALA W 126 55.58 101.07 18.49
C ALA W 126 56.20 99.83 19.11
N ASP W 127 56.05 99.69 20.42
CA ASP W 127 56.57 98.52 21.13
C ASP W 127 55.68 97.30 20.89
N GLY W 128 54.38 97.52 20.74
CA GLY W 128 53.47 96.42 20.42
C GLY W 128 53.84 95.75 19.12
N SER W 129 54.24 96.53 18.13
CA SER W 129 54.71 95.93 16.89
C SER W 129 56.01 95.17 17.14
N ASP W 130 56.22 94.12 16.34
CA ASP W 130 57.54 93.52 16.29
C ASP W 130 58.58 94.55 15.90
N SER W 131 58.22 95.43 14.97
CA SER W 131 59.12 96.46 14.47
C SER W 131 58.28 97.43 13.65
N LEU W 132 58.84 98.60 13.39
CA LEU W 132 58.09 99.74 12.85
C LEU W 132 58.92 100.39 11.75
N GLU W 133 58.32 100.57 10.56
CA GLU W 133 58.98 101.31 9.48
C GLU W 133 58.51 102.76 9.38
N GLY W 134 57.21 103.01 9.37
CA GLY W 134 56.70 104.31 8.95
C GLY W 134 55.44 104.76 9.66
N PHE W 135 55.29 106.09 9.67
CA PHE W 135 54.15 106.76 10.27
C PHE W 135 53.37 107.45 9.15
N VAL W 136 52.14 107.01 8.92
CA VAL W 136 51.33 107.47 7.79
C VAL W 136 50.22 108.37 8.32
N LEU W 137 50.29 109.66 8.02
CA LEU W 137 49.37 110.65 8.59
C LEU W 137 48.27 110.97 7.58
N CYS W 138 47.02 110.74 7.98
CA CYS W 138 45.86 111.18 7.21
C CYS W 138 45.61 112.67 7.47
N HIS W 139 46.61 113.48 7.14
CA HIS W 139 46.63 114.86 7.58
C HIS W 139 45.69 115.71 6.74
N SER W 140 45.13 116.74 7.36
CA SER W 140 44.30 117.73 6.69
C SER W 140 45.03 119.08 6.71
N ILE W 141 45.38 119.58 5.54
CA ILE W 141 45.97 120.91 5.43
C ILE W 141 44.87 121.94 5.65
N ALA W 142 45.16 122.95 6.46
CA ALA W 142 44.20 123.98 6.85
C ALA W 142 42.89 123.37 7.31
N GLY W 143 43.02 122.38 8.20
CA GLY W 143 41.90 121.63 8.72
C GLY W 143 41.44 122.11 10.09
N GLY W 144 41.69 123.39 10.39
CA GLY W 144 41.35 123.91 11.70
C GLY W 144 42.10 123.18 12.79
N THR W 145 41.38 122.31 13.50
CA THR W 145 42.03 121.49 14.54
C THR W 145 43.09 120.58 13.94
N GLY W 146 42.80 119.99 12.77
CA GLY W 146 43.76 119.07 12.16
C GLY W 146 45.10 119.74 11.88
N SER W 147 45.06 120.92 11.27
CA SER W 147 46.27 121.68 11.03
C SER W 147 46.72 122.36 12.32
N GLY W 148 48.02 122.61 12.39
CA GLY W 148 48.63 123.07 13.62
C GLY W 148 49.02 121.90 14.50
N LEU W 149 48.02 121.13 14.92
CA LEU W 149 48.33 119.94 15.71
C LEU W 149 49.11 118.92 14.88
N GLY W 150 48.76 118.75 13.61
CA GLY W 150 49.49 117.81 12.79
C GLY W 150 50.91 118.28 12.55
N SER W 151 51.09 119.59 12.38
CA SER W 151 52.42 120.15 12.20
C SER W 151 53.27 119.96 13.46
N TYR W 152 52.70 120.23 14.63
CA TYR W 152 53.43 120.02 15.89
C TYR W 152 53.84 118.56 16.05
N LEU W 153 52.88 117.66 15.83
CA LEU W 153 53.16 116.24 15.96
C LEU W 153 54.22 115.79 14.98
N LEU W 154 54.15 116.31 13.75
CA LEU W 154 55.15 116.01 12.73
C LEU W 154 56.52 116.49 13.18
N GLU W 155 56.57 117.58 13.93
CA GLU W 155 57.84 118.07 14.46
C GLU W 155 58.33 117.20 15.61
N ARG W 156 57.43 116.56 16.36
CA ARG W 156 57.88 115.71 17.45
C ARG W 156 58.44 114.37 16.94
N LEU W 157 57.72 113.74 16.00
CA LEU W 157 58.16 112.41 15.53
C LEU W 157 59.52 112.46 14.86
N ASN W 158 59.80 113.49 14.08
CA ASN W 158 61.08 113.51 13.35
C ASN W 158 62.25 113.49 14.31
N ASP W 159 62.16 114.25 15.40
CA ASP W 159 63.19 114.25 16.41
C ASP W 159 63.28 112.89 17.10
N ARG W 160 62.14 112.37 17.57
CA ARG W 160 62.25 111.23 18.47
C ARG W 160 62.55 109.92 17.74
N TYR W 161 62.11 109.77 16.49
CA TYR W 161 62.42 108.61 15.65
C TYR W 161 63.19 109.07 14.43
N PRO W 162 64.46 109.48 14.59
CA PRO W 162 65.20 110.02 13.44
C PRO W 162 65.33 109.02 12.30
N LYS W 163 65.59 107.75 12.61
CA LYS W 163 65.74 106.74 11.57
C LYS W 163 64.44 106.48 10.84
N LYS W 164 63.30 106.70 11.51
CA LYS W 164 62.01 106.39 10.94
C LYS W 164 61.49 107.51 10.05
N LEU W 165 60.58 107.14 9.14
CA LEU W 165 60.04 108.00 8.11
C LEU W 165 58.55 108.24 8.28
N VAL W 166 58.13 109.41 7.79
CA VAL W 166 56.77 109.89 7.91
C VAL W 166 56.24 110.17 6.51
N GLN W 167 55.12 109.55 6.16
CA GLN W 167 54.37 109.87 4.96
C GLN W 167 53.11 110.61 5.38
N THR W 168 52.63 111.49 4.49
CA THR W 168 51.46 112.31 4.76
C THR W 168 50.53 112.26 3.56
N TYR W 169 49.36 111.66 3.74
CA TYR W 169 48.30 111.69 2.73
C TYR W 169 47.53 113.00 2.88
N SER W 170 48.23 114.09 2.60
CA SER W 170 47.67 115.42 2.75
C SER W 170 46.53 115.67 1.77
N VAL W 171 45.35 115.97 2.31
CA VAL W 171 44.23 116.43 1.49
C VAL W 171 44.30 117.96 1.41
N PHE W 172 45.11 118.45 0.47
CA PHE W 172 45.31 119.88 0.32
C PHE W 172 43.97 120.53 -0.05
N PRO W 173 43.45 121.51 0.73
CA PRO W 173 42.12 122.03 0.40
C PRO W 173 42.15 123.11 -0.65
N ASN W 174 41.50 122.82 -1.76
CA ASN W 174 41.11 123.81 -2.75
C ASN W 174 39.62 123.59 -2.96
N GLN W 175 38.81 124.59 -2.62
CA GLN W 175 37.36 124.55 -2.77
C GLN W 175 36.87 125.75 -3.56
N ASP W 176 37.66 126.17 -4.55
CA ASP W 176 37.47 127.41 -5.30
C ASP W 176 37.62 128.64 -4.40
N GLU W 177 38.24 128.47 -3.23
CA GLU W 177 38.40 129.54 -2.24
C GLU W 177 37.06 130.16 -1.88
N ASP W 180 32.99 128.11 5.43
CA ASP W 180 34.12 128.85 4.87
C ASP W 180 35.03 129.30 5.99
N VAL W 181 36.33 129.23 5.74
CA VAL W 181 37.37 129.67 6.68
C VAL W 181 38.17 130.77 6.00
N VAL W 182 38.26 131.92 6.66
CA VAL W 182 38.98 133.04 6.05
C VAL W 182 40.49 132.93 6.22
N VAL W 183 40.98 132.14 7.17
CA VAL W 183 42.40 132.06 7.50
C VAL W 183 43.09 130.89 6.81
N GLN W 184 42.47 130.30 5.78
CA GLN W 184 43.05 129.16 5.07
C GLN W 184 44.47 129.39 4.57
N PRO W 185 44.80 130.48 3.88
CA PRO W 185 46.19 130.60 3.39
C PRO W 185 47.21 130.64 4.50
N TYR W 186 46.92 131.34 5.58
CA TYR W 186 47.80 131.39 6.74
C TYR W 186 48.04 129.98 7.26
N ASN W 187 46.94 129.25 7.49
CA ASN W 187 47.04 127.90 8.06
C ASN W 187 47.84 126.98 7.15
N SER W 188 47.46 126.94 5.87
CA SER W 188 48.13 126.05 4.92
C SER W 188 49.59 126.43 4.78
N LEU W 189 49.90 127.73 4.80
CA LEU W 189 51.29 128.17 4.71
C LEU W 189 52.12 127.57 5.83
N LEU W 190 51.63 127.70 7.07
CA LEU W 190 52.42 127.18 8.20
C LEU W 190 52.55 125.66 8.13
N THR W 191 51.47 124.96 7.78
CA THR W 191 51.54 123.51 7.65
C THR W 191 52.54 123.11 6.57
N LEU W 192 52.54 123.82 5.44
CA LEU W 192 53.50 123.49 4.39
C LEU W 192 54.93 123.74 4.82
N LYS W 193 55.18 124.76 5.66
CA LYS W 193 56.54 124.91 6.18
C LYS W 193 56.94 123.69 6.97
N ARG W 194 56.09 123.26 7.90
CA ARG W 194 56.42 122.08 8.70
C ARG W 194 56.50 120.83 7.83
N LEU W 195 55.71 120.75 6.76
CA LEU W 195 55.71 119.57 5.91
C LEU W 195 56.92 119.52 4.97
N THR W 196 57.34 120.67 4.44
CA THR W 196 58.58 120.74 3.68
C THR W 196 59.78 120.45 4.56
N GLN W 197 59.66 120.74 5.86
CA GLN W 197 60.80 120.68 6.74
C GLN W 197 60.89 119.35 7.51
N ASN W 198 59.76 118.67 7.74
CA ASN W 198 59.65 117.58 8.71
C ASN W 198 58.86 116.39 8.21
N ALA W 199 58.68 116.23 6.90
CA ALA W 199 57.89 115.13 6.35
C ALA W 199 58.72 114.43 5.28
N ASP W 200 58.92 113.13 5.46
CA ASP W 200 59.74 112.40 4.51
C ASP W 200 59.07 112.25 3.16
N CYS W 201 57.74 112.03 3.15
CA CYS W 201 57.02 111.99 1.89
C CYS W 201 55.61 112.55 2.05
N VAL W 202 55.04 113.06 0.96
CA VAL W 202 53.71 113.63 0.94
C VAL W 202 53.03 113.20 -0.35
N VAL W 203 51.77 112.78 -0.25
CA VAL W 203 50.94 112.46 -1.41
C VAL W 203 49.81 113.47 -1.43
N VAL W 204 49.78 114.32 -2.43
CA VAL W 204 48.92 115.49 -2.45
C VAL W 204 47.61 115.16 -3.13
N LEU W 205 46.51 115.64 -2.56
CA LEU W 205 45.18 115.50 -3.13
C LEU W 205 44.48 116.86 -3.07
N ASP W 206 43.48 117.03 -3.95
CA ASP W 206 42.80 118.31 -4.12
C ASP W 206 41.29 118.14 -4.11
N ASN W 207 40.63 118.95 -3.27
CA ASN W 207 39.17 118.90 -3.19
C ASN W 207 38.52 119.32 -4.49
N THR W 208 38.98 120.41 -5.12
CA THR W 208 38.42 120.78 -6.42
C THR W 208 38.65 119.71 -7.46
N ALA W 209 39.85 119.12 -7.49
CA ALA W 209 40.10 118.08 -8.49
C ALA W 209 39.15 116.90 -8.31
N LEU W 210 38.97 116.46 -7.08
CA LEU W 210 38.07 115.33 -6.84
C LEU W 210 36.61 115.73 -7.04
N ASN W 211 36.25 116.98 -6.75
CA ASN W 211 34.88 117.44 -6.99
C ASN W 211 34.58 117.54 -8.48
N ARG W 212 35.54 118.02 -9.27
CA ARG W 212 35.38 118.07 -10.72
C ARG W 212 35.23 116.66 -11.28
N ILE W 213 36.02 115.71 -10.77
CA ILE W 213 35.87 114.33 -11.16
C ILE W 213 34.51 113.79 -10.74
N ALA W 214 34.04 114.20 -9.56
CA ALA W 214 32.73 113.77 -9.10
C ALA W 214 31.65 114.27 -10.04
N THR W 215 31.75 115.53 -10.45
CA THR W 215 30.82 116.08 -11.44
C THR W 215 30.91 115.30 -12.76
N ASP W 216 32.12 114.89 -13.14
CA ASP W 216 32.32 114.12 -14.36
C ASP W 216 31.60 112.77 -14.28
N ARG W 217 32.03 111.91 -13.36
CA ARG W 217 31.51 110.54 -13.29
C ARG W 217 30.08 110.47 -12.79
N LEU W 218 29.65 111.41 -11.95
CA LEU W 218 28.30 111.43 -11.40
C LEU W 218 27.74 112.84 -11.38
N HIS W 219 26.47 112.95 -11.02
CA HIS W 219 25.77 114.22 -10.87
C HIS W 219 25.92 114.82 -9.48
N ILE W 220 26.59 114.13 -8.56
CA ILE W 220 26.78 114.64 -7.20
C ILE W 220 27.53 115.97 -7.25
N GLN W 221 26.91 117.01 -6.69
CA GLN W 221 27.56 118.31 -6.55
C GLN W 221 27.52 118.80 -5.11
N ASN W 222 26.34 118.73 -4.48
CA ASN W 222 26.17 119.31 -3.15
C ASN W 222 26.81 118.45 -2.05
N PRO W 223 26.58 117.11 -1.97
CA PRO W 223 27.24 116.28 -0.96
C PRO W 223 28.63 115.83 -1.39
N SER W 224 29.47 116.80 -1.79
CA SER W 224 30.78 116.49 -2.34
C SER W 224 31.65 115.72 -1.35
N PHE W 225 31.65 116.15 -0.09
CA PHE W 225 32.57 115.58 0.89
C PHE W 225 32.28 114.10 1.15
N SER W 226 31.00 113.75 1.31
CA SER W 226 30.65 112.38 1.69
C SER W 226 31.06 111.39 0.61
N GLN W 227 30.82 111.73 -0.66
CA GLN W 227 31.13 110.82 -1.75
C GLN W 227 32.62 110.80 -2.06
N ILE W 228 33.29 111.96 -2.00
CA ILE W 228 34.71 112.05 -2.34
C ILE W 228 35.54 111.23 -1.36
N ASN W 229 35.01 110.97 -0.16
CA ASN W 229 35.64 110.07 0.78
C ASN W 229 35.94 108.73 0.13
N GLN W 230 35.00 108.22 -0.66
CA GLN W 230 35.20 106.96 -1.36
C GLN W 230 36.39 107.05 -2.31
N LEU W 231 36.48 108.16 -3.05
CA LEU W 231 37.55 108.31 -4.04
C LEU W 231 38.91 108.31 -3.36
N VAL W 232 39.04 109.12 -2.30
CA VAL W 232 40.31 109.19 -1.58
C VAL W 232 40.63 107.84 -0.96
N SER W 233 39.61 107.10 -0.51
CA SER W 233 39.85 105.77 0.03
C SER W 233 40.42 104.85 -1.03
N THR W 234 39.87 104.91 -2.26
CA THR W 234 40.41 104.12 -3.35
C THR W 234 41.88 104.45 -3.60
N ILE W 235 42.22 105.74 -3.60
CA ILE W 235 43.63 106.11 -3.78
C ILE W 235 44.47 105.47 -2.68
N MET W 236 44.02 105.62 -1.44
CA MET W 236 44.83 105.21 -0.29
C MET W 236 45.05 103.70 -0.30
N SER W 237 44.00 102.92 -0.55
CA SER W 237 44.14 101.47 -0.56
C SER W 237 45.01 101.01 -1.72
N ALA W 238 44.73 101.50 -2.93
CA ALA W 238 45.50 101.08 -4.09
C ALA W 238 46.98 101.43 -3.94
N SER W 239 47.27 102.58 -3.31
CA SER W 239 48.65 103.00 -3.16
C SER W 239 49.46 102.07 -2.27
N THR W 240 48.79 101.27 -1.43
CA THR W 240 49.45 100.36 -0.51
C THR W 240 49.31 98.89 -0.90
N THR W 241 48.43 98.56 -1.86
CA THR W 241 48.15 97.17 -2.21
C THR W 241 49.42 96.35 -2.46
N THR W 242 50.42 96.94 -3.10
CA THR W 242 51.65 96.22 -3.39
C THR W 242 52.36 95.80 -2.11
N LEU W 243 52.25 96.61 -1.06
CA LEU W 243 52.76 96.24 0.26
C LEU W 243 51.86 95.21 0.93
N ARG W 244 50.56 95.43 0.86
CA ARG W 244 49.60 94.58 1.56
C ARG W 244 49.57 93.16 1.05
N TYR W 245 50.10 92.90 -0.15
CA TYR W 245 50.08 91.56 -0.72
C TYR W 245 51.47 91.11 -1.10
N PRO W 246 51.79 89.81 -1.01
CA PRO W 246 53.13 89.38 -1.40
C PRO W 246 53.37 89.65 -2.88
N GLY W 247 54.54 90.19 -3.17
CA GLY W 247 54.96 90.38 -4.52
C GLY W 247 56.42 89.99 -4.60
N TYR W 248 56.89 89.79 -5.84
CA TYR W 248 58.32 89.68 -6.03
C TYR W 248 59.01 90.88 -5.46
N MET W 249 58.60 92.07 -5.89
CA MET W 249 59.33 93.31 -5.65
C MET W 249 58.34 94.35 -5.14
N ASN W 250 58.91 95.47 -4.68
CA ASN W 250 58.16 96.54 -4.04
C ASN W 250 57.60 96.08 -2.70
N ASN W 251 58.28 95.14 -2.08
CA ASN W 251 57.90 94.55 -0.80
C ASN W 251 58.24 95.42 0.40
N ASP W 252 58.64 96.68 0.19
CA ASP W 252 58.89 97.57 1.31
C ASP W 252 58.65 99.00 0.88
N LEU W 253 58.11 99.76 1.82
CA LEU W 253 57.66 101.11 1.52
C LEU W 253 58.82 101.97 1.04
N ILE W 254 59.91 102.01 1.82
CA ILE W 254 61.07 102.82 1.47
C ILE W 254 61.63 102.44 0.11
N GLY W 255 61.62 101.14 -0.22
CA GLY W 255 62.00 100.72 -1.56
C GLY W 255 61.12 101.32 -2.63
N LEU W 256 59.82 101.42 -2.35
CA LEU W 256 58.92 102.08 -3.31
C LEU W 256 59.17 103.59 -3.37
N ILE W 257 59.24 104.22 -2.19
CA ILE W 257 59.32 105.68 -2.07
C ILE W 257 60.57 106.23 -2.74
N ALA W 258 61.65 105.44 -2.73
CA ALA W 258 62.93 105.91 -3.26
C ALA W 258 62.81 106.42 -4.68
N SER W 259 62.17 105.64 -5.56
CA SER W 259 62.01 106.08 -6.93
C SER W 259 61.12 107.32 -7.02
N LEU W 260 60.04 107.36 -6.23
CA LEU W 260 59.07 108.45 -6.36
C LEU W 260 59.63 109.79 -5.94
N ILE W 261 60.40 109.86 -4.87
CA ILE W 261 61.00 111.11 -4.41
C ILE W 261 62.50 111.07 -4.70
N PRO W 262 62.95 111.73 -5.78
CA PRO W 262 64.37 111.67 -6.14
C PRO W 262 65.26 112.66 -5.41
N THR W 263 64.69 113.79 -4.98
CA THR W 263 65.38 114.79 -4.18
C THR W 263 64.52 115.12 -2.96
N PRO W 264 65.11 115.34 -1.78
CA PRO W 264 64.29 115.44 -0.56
C PRO W 264 63.24 116.52 -0.61
N ARG W 265 63.58 117.71 -1.12
CA ARG W 265 62.66 118.84 -1.06
C ARG W 265 61.39 118.55 -1.85
N LEU W 266 61.55 118.05 -3.07
CA LEU W 266 60.41 117.77 -3.96
C LEU W 266 59.92 116.36 -3.64
N HIS W 267 59.11 116.27 -2.57
CA HIS W 267 58.63 114.99 -2.07
C HIS W 267 57.10 114.92 -2.06
N PHE W 268 56.45 115.71 -2.93
CA PHE W 268 55.00 115.75 -3.03
C PHE W 268 54.58 115.01 -4.29
N LEU W 269 53.60 114.10 -4.15
CA LEU W 269 53.29 113.13 -5.18
C LEU W 269 51.86 113.27 -5.67
N MET W 270 51.71 113.33 -7.00
CA MET W 270 50.46 113.40 -7.72
C MET W 270 49.89 111.99 -7.89
N THR W 271 48.56 111.90 -7.98
CA THR W 271 47.84 110.64 -8.01
C THR W 271 47.02 110.52 -9.29
N GLY W 272 46.70 109.27 -9.65
CA GLY W 272 45.77 109.05 -10.75
C GLY W 272 45.30 107.61 -10.80
N TYR W 273 44.14 107.41 -11.44
CA TYR W 273 43.49 106.10 -11.49
C TYR W 273 42.84 105.91 -12.87
N THR W 274 43.18 104.82 -13.56
CA THR W 274 42.72 104.63 -14.93
C THR W 274 41.21 104.45 -15.02
N PRO W 275 40.60 103.44 -14.39
CA PRO W 275 39.14 103.39 -14.37
C PRO W 275 38.57 104.20 -13.22
N LEU W 276 38.50 105.53 -13.42
CA LEU W 276 37.79 106.39 -12.47
C LEU W 276 36.38 105.86 -12.24
N THR W 277 35.74 105.38 -13.30
CA THR W 277 34.50 104.60 -13.21
C THR W 277 34.82 103.10 -13.15
N THR W 278 35.52 102.71 -12.08
CA THR W 278 35.82 101.29 -11.86
C THR W 278 34.55 100.48 -11.65
N ASP W 279 33.49 101.09 -11.12
CA ASP W 279 32.22 100.42 -10.98
C ASP W 279 31.66 100.03 -12.35
N LYS W 287 38.36 92.74 -22.63
CA LYS W 287 39.10 93.21 -21.46
C LYS W 287 40.02 94.36 -21.89
N THR W 288 40.34 95.25 -20.96
CA THR W 288 41.12 96.45 -21.27
C THR W 288 42.59 96.08 -21.18
N THR W 289 43.30 96.25 -22.27
CA THR W 289 44.69 95.83 -22.29
C THR W 289 45.57 96.87 -21.58
N VAL W 290 46.73 96.39 -21.14
CA VAL W 290 47.71 97.23 -20.46
C VAL W 290 48.14 98.40 -21.35
N LEU W 291 48.25 98.17 -22.66
CA LEU W 291 48.52 99.26 -23.59
C LEU W 291 47.49 100.37 -23.41
N ASP W 292 46.22 100.01 -23.23
CA ASP W 292 45.16 101.00 -23.06
C ASP W 292 45.26 101.69 -21.73
N VAL W 293 45.42 100.92 -20.64
CA VAL W 293 45.30 101.52 -19.32
C VAL W 293 46.45 102.49 -19.08
N MET W 294 47.62 102.17 -19.63
CA MET W 294 48.82 103.05 -19.51
C MET W 294 48.47 104.42 -20.09
N ARG W 295 48.07 104.47 -21.35
CA ARG W 295 47.79 105.76 -22.00
C ARG W 295 46.63 106.43 -21.26
N ARG W 296 45.57 105.69 -20.95
CA ARG W 296 44.39 106.22 -20.23
C ARG W 296 44.85 106.99 -19.00
N LEU W 297 45.71 106.38 -18.18
CA LEU W 297 46.25 107.00 -16.98
C LEU W 297 47.01 108.27 -17.31
N LEU W 298 47.83 108.24 -18.37
CA LEU W 298 48.60 109.44 -18.69
C LEU W 298 47.72 110.59 -19.15
N GLN W 299 46.50 110.32 -19.64
CA GLN W 299 45.63 111.43 -20.00
C GLN W 299 45.28 112.26 -18.76
N PRO W 300 45.06 113.59 -18.91
CA PRO W 300 44.85 114.42 -17.71
C PRO W 300 43.52 114.24 -17.00
N LYS W 301 42.47 113.74 -17.67
CA LYS W 301 41.20 113.58 -16.98
C LYS W 301 41.34 112.58 -15.84
N ASN W 302 42.10 111.50 -16.06
CA ASN W 302 42.33 110.53 -15.02
C ASN W 302 43.21 111.06 -13.89
N VAL W 303 43.96 112.14 -14.13
CA VAL W 303 44.74 112.75 -13.06
C VAL W 303 43.78 113.46 -12.10
N MET W 304 44.11 113.41 -10.81
CA MET W 304 43.22 113.84 -9.74
C MET W 304 43.73 115.11 -9.05
N VAL W 305 44.47 115.96 -9.77
CA VAL W 305 44.99 117.21 -9.23
C VAL W 305 44.61 118.33 -10.19
N SER W 306 44.24 119.48 -9.62
CA SER W 306 43.74 120.61 -10.39
C SER W 306 44.86 121.57 -10.75
N THR W 313 56.19 129.15 -19.72
CA THR W 313 57.21 128.35 -19.05
C THR W 313 56.95 126.87 -19.23
N ASN W 314 57.98 126.14 -19.62
CA ASN W 314 57.87 124.69 -19.74
C ASN W 314 57.58 124.09 -18.36
N HIS W 315 56.91 122.94 -18.36
CA HIS W 315 56.68 122.17 -17.14
C HIS W 315 56.81 120.69 -17.45
N CYS W 316 57.22 119.92 -16.45
CA CYS W 316 57.61 118.54 -16.68
C CYS W 316 57.45 117.70 -15.42
N TYR W 317 57.08 116.44 -15.61
CA TYR W 317 57.23 115.43 -14.58
C TYR W 317 58.71 115.30 -14.21
N ILE W 318 58.96 114.88 -12.98
CA ILE W 318 60.31 114.51 -12.57
C ILE W 318 60.51 113.00 -12.69
N ALA W 319 59.51 112.22 -12.27
CA ALA W 319 59.55 110.76 -12.36
C ALA W 319 58.14 110.23 -12.15
N ILE W 320 57.86 109.06 -12.76
CA ILE W 320 56.52 108.50 -12.77
C ILE W 320 56.59 107.04 -12.36
N LEU W 321 55.53 106.55 -11.72
CA LEU W 321 55.41 105.13 -11.42
C LEU W 321 53.94 104.75 -11.48
N ASN W 322 53.68 103.52 -11.92
CA ASN W 322 52.32 103.00 -11.98
C ASN W 322 52.28 101.55 -11.53
N ILE W 323 51.18 101.23 -10.84
CA ILE W 323 50.87 99.91 -10.32
C ILE W 323 49.53 99.49 -10.90
N ILE W 324 49.49 98.28 -11.44
CA ILE W 324 48.29 97.73 -12.09
C ILE W 324 47.92 96.43 -11.38
N GLN W 325 46.63 96.28 -11.06
CA GLN W 325 46.12 95.09 -10.39
C GLN W 325 44.99 94.52 -11.24
N GLY W 326 45.17 93.30 -11.75
CA GLY W 326 44.10 92.67 -12.49
C GLY W 326 44.58 91.49 -13.29
N GLU W 327 43.76 91.11 -14.28
CA GLU W 327 44.04 89.99 -15.17
C GLU W 327 45.03 90.48 -16.23
N VAL W 328 46.29 90.57 -15.83
CA VAL W 328 47.33 91.17 -16.64
C VAL W 328 48.41 90.15 -16.95
N ASP W 329 48.61 89.87 -18.23
CA ASP W 329 49.77 89.12 -18.68
C ASP W 329 51.03 89.95 -18.54
N PRO W 330 52.17 89.35 -18.18
CA PRO W 330 53.42 90.15 -18.14
C PRO W 330 53.89 90.64 -19.50
N THR W 331 53.70 89.85 -20.56
CA THR W 331 54.37 90.14 -21.82
C THR W 331 53.88 91.44 -22.46
N GLN W 332 52.56 91.66 -22.50
CA GLN W 332 52.08 92.91 -23.07
C GLN W 332 52.39 94.11 -22.20
N VAL W 333 52.79 93.92 -20.94
CA VAL W 333 53.03 95.05 -20.06
C VAL W 333 54.30 95.80 -20.46
N HIS W 334 55.39 95.08 -20.64
CA HIS W 334 56.61 95.79 -21.01
C HIS W 334 56.52 96.26 -22.46
N LYS W 335 55.80 95.50 -23.29
CA LYS W 335 55.49 95.97 -24.63
C LYS W 335 54.64 97.25 -24.57
N SER W 336 53.82 97.39 -23.52
CA SER W 336 53.07 98.63 -23.33
C SER W 336 54.01 99.76 -22.95
N LEU W 337 55.05 99.45 -22.19
CA LEU W 337 56.05 100.48 -21.92
C LEU W 337 56.71 100.93 -23.22
N GLN W 338 57.04 99.97 -24.09
CA GLN W 338 57.58 100.30 -25.41
C GLN W 338 56.61 101.16 -26.20
N ARG W 339 55.35 100.74 -26.24
CA ARG W 339 54.34 101.44 -27.00
C ARG W 339 54.14 102.84 -26.46
N ILE W 340 54.12 102.99 -25.13
CA ILE W 340 53.98 104.28 -24.46
C ILE W 340 55.15 105.18 -24.81
N ARG W 341 56.36 104.61 -24.92
CA ARG W 341 57.49 105.42 -25.35
C ARG W 341 57.26 105.93 -26.76
N GLU W 342 56.63 105.13 -27.61
CA GLU W 342 56.28 105.65 -28.93
C GLU W 342 55.20 106.72 -28.84
N ARG W 343 54.22 106.54 -27.96
CA ARG W 343 53.11 107.49 -27.87
C ARG W 343 53.58 108.86 -27.39
N LYS W 344 54.45 108.90 -26.39
CA LYS W 344 55.03 110.14 -25.83
C LYS W 344 53.96 111.13 -25.33
N LEU W 345 52.92 110.63 -24.64
CA LEU W 345 51.98 111.57 -24.04
C LEU W 345 52.58 112.27 -22.83
N ALA W 346 53.35 111.58 -22.01
CA ALA W 346 53.91 112.18 -20.80
C ALA W 346 55.20 112.87 -21.21
N ASN W 347 55.13 114.18 -21.31
CA ASN W 347 56.22 114.99 -21.81
C ASN W 347 57.00 115.49 -20.61
N PHE W 348 58.25 115.08 -20.50
CA PHE W 348 59.02 115.57 -19.37
C PHE W 348 60.49 115.42 -19.71
N ILE W 349 61.24 116.48 -19.46
CA ILE W 349 62.69 116.52 -19.69
C ILE W 349 63.34 117.07 -18.42
N PRO W 350 63.18 116.39 -17.29
CA PRO W 350 63.81 116.86 -16.06
C PRO W 350 65.29 116.53 -16.03
N TRP W 351 65.96 117.08 -15.03
CA TRP W 351 67.37 116.77 -14.75
C TRP W 351 67.56 115.26 -14.64
N GLY W 352 66.52 114.56 -14.19
CA GLY W 352 66.57 113.13 -13.97
C GLY W 352 66.41 112.31 -15.23
N PRO W 353 66.83 111.03 -15.17
CA PRO W 353 66.67 110.13 -16.32
C PRO W 353 65.38 109.34 -16.26
N ALA W 354 64.44 109.80 -15.44
CA ALA W 354 63.33 108.98 -14.97
C ALA W 354 62.52 108.37 -16.10
N SER W 355 62.14 107.11 -15.91
CA SER W 355 61.26 106.37 -16.79
C SER W 355 60.06 105.93 -15.97
N ILE W 356 58.87 106.08 -16.53
CA ILE W 356 57.71 105.44 -15.94
C ILE W 356 57.94 103.93 -15.99
N GLN W 357 57.63 103.25 -14.89
CA GLN W 357 57.99 101.85 -14.73
C GLN W 357 56.73 101.05 -14.50
N VAL W 358 56.56 99.99 -15.28
CA VAL W 358 55.34 99.20 -15.24
C VAL W 358 55.45 98.19 -14.10
N ALA W 359 54.64 98.37 -13.05
CA ALA W 359 54.60 97.46 -11.91
C ALA W 359 53.21 96.84 -11.77
N LEU W 360 53.18 95.63 -11.18
CA LEU W 360 51.95 94.84 -11.08
C LEU W 360 51.77 94.38 -9.65
N SER W 361 50.51 94.34 -9.23
CA SER W 361 50.09 93.88 -7.91
C SER W 361 48.89 92.95 -8.09
N ARG W 362 48.43 92.38 -6.99
CA ARG W 362 47.39 91.37 -7.01
C ARG W 362 46.02 91.97 -6.70
N LYS W 363 45.08 91.79 -7.62
CA LYS W 363 43.68 92.07 -7.35
C LYS W 363 43.15 91.03 -6.37
N SER W 364 42.35 91.48 -5.41
CA SER W 364 41.94 90.62 -4.31
C SER W 364 40.75 89.77 -4.69
N PRO W 365 40.51 88.65 -3.98
CA PRO W 365 39.23 87.93 -4.15
C PRO W 365 38.11 88.51 -3.30
N TYR W 366 36.91 87.96 -3.48
CA TYR W 366 35.65 88.31 -2.78
C TYR W 366 35.02 89.67 -3.13
N LEU W 367 35.78 90.61 -3.70
CA LEU W 367 35.17 91.88 -4.08
C LEU W 367 34.88 91.83 -5.58
N PRO W 368 34.03 92.71 -6.11
CA PRO W 368 33.77 92.69 -7.55
C PRO W 368 35.03 92.90 -8.37
N SER W 369 35.16 92.13 -9.44
CA SER W 369 36.25 92.26 -10.39
C SER W 369 35.85 93.09 -11.61
N ALA W 370 34.85 93.96 -11.44
CA ALA W 370 34.43 94.85 -12.52
C ALA W 370 35.62 95.69 -12.98
N HIS W 371 35.74 95.84 -14.30
CA HIS W 371 36.96 96.35 -14.92
C HIS W 371 38.16 95.55 -14.40
N ARG W 372 38.19 94.29 -14.84
CA ARG W 372 39.18 93.28 -14.45
C ARG W 372 40.61 93.81 -14.32
N VAL W 373 41.05 94.66 -15.25
CA VAL W 373 42.33 95.36 -15.15
C VAL W 373 42.08 96.78 -14.67
N SER W 374 42.81 97.20 -13.65
CA SER W 374 42.67 98.56 -13.11
C SER W 374 44.00 98.99 -12.53
N GLY W 375 44.41 100.23 -12.84
CA GLY W 375 45.71 100.73 -12.45
C GLY W 375 45.64 102.11 -11.80
N LEU W 376 46.73 102.44 -11.11
CA LEU W 376 46.93 103.69 -10.41
C LEU W 376 48.36 104.15 -10.62
N MET W 377 48.57 105.46 -10.54
CA MET W 377 49.89 106.07 -10.71
C MET W 377 50.18 107.06 -9.60
N MET W 378 51.46 107.07 -9.22
CA MET W 378 52.08 108.12 -8.41
C MET W 378 53.08 108.82 -9.33
N ALA W 379 53.20 110.13 -9.21
CA ALA W 379 54.22 110.84 -9.99
C ALA W 379 54.69 112.09 -9.28
N ASN W 380 55.94 112.46 -9.54
CA ASN W 380 56.46 113.75 -9.13
C ASN W 380 56.32 114.73 -10.30
N HIS W 381 55.45 115.71 -10.16
CA HIS W 381 55.17 116.72 -11.17
C HIS W 381 55.44 118.12 -10.65
N THR W 382 56.09 118.94 -11.49
CA THR W 382 56.32 120.33 -11.16
C THR W 382 55.04 121.16 -11.14
N SER W 383 53.95 120.65 -11.73
CA SER W 383 52.73 121.43 -11.82
C SER W 383 52.12 121.73 -10.46
N ILE W 384 52.32 120.85 -9.48
CA ILE W 384 51.82 121.08 -8.13
C ILE W 384 52.40 122.34 -7.51
N SER W 385 53.56 122.78 -8.00
CA SER W 385 54.11 124.06 -7.56
C SER W 385 53.11 125.18 -7.80
N SER W 386 52.34 125.07 -8.89
CA SER W 386 51.28 126.04 -9.14
C SER W 386 50.24 126.04 -8.02
N LEU W 387 49.80 124.85 -7.59
CA LEU W 387 48.79 124.78 -6.54
C LEU W 387 49.32 125.34 -5.23
N PHE W 388 50.59 125.07 -4.92
CA PHE W 388 51.20 125.74 -3.77
C PHE W 388 51.19 127.25 -3.96
N GLU W 389 51.58 127.72 -5.14
CA GLU W 389 51.70 129.15 -5.39
C GLU W 389 50.34 129.85 -5.33
N ARG W 390 49.25 129.14 -5.60
CA ARG W 390 47.93 129.77 -5.50
C ARG W 390 47.60 130.15 -4.06
N THR W 391 47.80 129.23 -3.11
CA THR W 391 47.57 129.60 -1.72
C THR W 391 48.63 130.59 -1.25
N CYS W 392 49.83 130.55 -1.84
CA CYS W 392 50.80 131.61 -1.58
C CYS W 392 50.30 132.98 -2.03
N ARG W 393 49.67 133.04 -3.19
CA ARG W 393 49.16 134.30 -3.73
C ARG W 393 48.03 134.82 -2.86
N GLN W 394 47.13 133.92 -2.46
CA GLN W 394 46.05 134.31 -1.54
C GLN W 394 46.64 134.84 -0.24
N TYR W 395 47.68 134.19 0.27
CA TYR W 395 48.23 134.60 1.55
C TYR W 395 48.82 135.99 1.40
N ASP W 396 49.55 136.21 0.30
CA ASP W 396 50.24 137.49 0.08
C ASP W 396 49.24 138.63 0.00
N LYS W 397 48.16 138.44 -0.74
CA LYS W 397 47.13 139.47 -0.79
C LYS W 397 46.58 139.74 0.60
N LEU W 398 46.25 138.67 1.33
CA LEU W 398 45.75 138.80 2.69
C LEU W 398 46.78 139.47 3.58
N ARG W 399 48.06 139.22 3.31
CA ARG W 399 49.14 139.70 4.16
C ARG W 399 49.34 141.19 3.98
N LYS W 400 49.28 141.66 2.74
CA LYS W 400 49.24 143.10 2.51
C LYS W 400 48.04 143.72 3.20
N ARG W 401 46.91 143.01 3.22
CA ARG W 401 45.73 143.63 3.82
C ARG W 401 45.80 143.69 5.36
N GLU W 402 46.34 142.64 6.02
CA GLU W 402 46.01 142.38 7.44
C GLU W 402 44.50 142.22 7.65
N ALA W 403 43.78 141.75 6.62
CA ALA W 403 42.35 141.57 6.79
C ALA W 403 42.05 140.51 7.85
N PHE W 404 42.80 139.41 7.82
CA PHE W 404 42.67 138.35 8.81
C PHE W 404 44.06 138.02 9.36
N LEU W 405 44.50 138.84 10.31
CA LEU W 405 45.57 138.45 11.24
C LEU W 405 45.02 137.63 12.40
N GLU W 406 43.70 137.46 12.48
CA GLU W 406 43.05 136.72 13.59
C GLU W 406 43.29 137.50 14.87
N GLN W 407 44.55 137.57 15.34
CA GLN W 407 44.95 138.36 16.54
C GLN W 407 44.19 137.88 17.77
N PHE W 408 43.52 136.74 17.73
CA PHE W 408 42.90 136.17 18.94
C PHE W 408 43.99 136.24 20.01
N ARG W 409 43.70 136.47 21.27
CA ARG W 409 44.76 136.47 22.28
C ARG W 409 45.64 135.23 22.16
N LYS W 410 45.03 134.08 21.82
CA LYS W 410 45.81 132.89 21.51
C LYS W 410 46.81 133.15 20.39
N GLU W 411 46.32 133.67 19.26
CA GLU W 411 47.17 133.92 18.10
C GLU W 411 48.29 134.90 18.42
N ASP W 412 47.95 136.02 19.04
CA ASP W 412 48.93 137.07 19.27
C ASP W 412 49.94 136.62 20.33
N MET W 413 49.48 136.06 21.44
CA MET W 413 50.40 135.63 22.50
C MET W 413 51.32 134.51 22.01
N PHE W 414 50.77 133.53 21.28
CA PHE W 414 51.59 132.48 20.71
C PHE W 414 52.61 133.04 19.73
N LYS W 415 52.17 133.96 18.86
CA LYS W 415 53.00 134.52 17.80
C LYS W 415 52.77 136.04 17.80
N ASP W 416 53.45 136.74 18.72
CA ASP W 416 53.40 138.21 18.72
C ASP W 416 54.19 138.75 17.54
N ASN W 417 55.39 138.22 17.35
CA ASN W 417 56.29 138.65 16.29
C ASN W 417 55.72 138.35 14.90
N PHE W 418 54.92 137.30 14.77
CA PHE W 418 54.25 136.95 13.51
C PHE W 418 55.24 136.69 12.37
N ASP W 419 56.50 136.37 12.69
CA ASP W 419 57.50 136.09 11.68
C ASP W 419 57.72 134.60 11.43
N GLU W 420 57.08 133.72 12.19
CA GLU W 420 57.04 132.33 11.74
C GLU W 420 56.30 132.21 10.43
N MET W 421 55.31 133.07 10.19
CA MET W 421 54.68 133.13 8.89
C MET W 421 55.70 133.51 7.82
N ASP W 422 56.52 134.53 8.08
CA ASP W 422 57.50 134.95 7.09
C ASP W 422 58.59 133.90 6.88
N THR W 423 58.96 133.18 7.94
CA THR W 423 59.89 132.07 7.79
C THR W 423 59.29 130.99 6.89
N SER W 424 58.00 130.70 7.07
CA SER W 424 57.30 129.82 6.15
C SER W 424 57.33 130.38 4.75
N ARG W 425 57.27 131.70 4.60
CA ARG W 425 57.28 132.26 3.25
C ARG W 425 58.61 132.07 2.57
N GLU W 426 59.71 132.34 3.26
CA GLU W 426 60.98 132.11 2.61
C GLU W 426 61.16 130.63 2.30
N ILE W 427 60.69 129.75 3.20
CA ILE W 427 60.87 128.32 2.97
C ILE W 427 60.03 127.84 1.79
N VAL W 428 58.75 128.22 1.74
CA VAL W 428 57.90 127.74 0.66
C VAL W 428 58.30 128.41 -0.65
N GLN W 429 58.80 129.64 -0.59
CA GLN W 429 59.27 130.29 -1.81
C GLN W 429 60.53 129.59 -2.33
N GLN W 430 61.38 129.13 -1.41
CA GLN W 430 62.48 128.25 -1.81
C GLN W 430 61.95 127.01 -2.49
N LEU W 431 60.86 126.44 -1.97
CA LEU W 431 60.29 125.25 -2.60
C LEU W 431 59.80 125.55 -4.02
N ILE W 432 59.09 126.67 -4.21
CA ILE W 432 58.61 127.04 -5.54
C ILE W 432 59.80 127.23 -6.48
N ASP W 433 60.81 127.96 -6.03
CA ASP W 433 61.98 128.24 -6.85
C ASP W 433 62.70 126.94 -7.19
N GLU W 434 62.75 126.03 -6.22
CA GLU W 434 63.37 124.72 -6.43
C GLU W 434 62.61 123.91 -7.48
N TYR W 435 61.28 123.97 -7.46
CA TYR W 435 60.50 123.30 -8.48
C TYR W 435 60.82 123.85 -9.87
N HIS W 436 60.80 125.17 -10.00
CA HIS W 436 61.09 125.74 -11.31
C HIS W 436 62.56 125.49 -11.70
N ALA W 437 63.48 125.45 -10.73
CA ALA W 437 64.85 125.07 -11.04
C ALA W 437 64.93 123.62 -11.49
N ALA W 438 64.06 122.77 -10.94
CA ALA W 438 63.96 121.40 -11.43
C ALA W 438 63.55 121.39 -12.88
N THR W 439 62.64 122.30 -13.26
CA THR W 439 62.32 122.44 -14.67
C THR W 439 63.56 122.83 -15.46
N ARG W 440 64.41 123.68 -14.89
CA ARG W 440 65.59 124.14 -15.63
C ARG W 440 66.56 122.99 -15.91
N PRO W 441 67.42 123.12 -16.92
CA PRO W 441 68.38 122.04 -17.23
C PRO W 441 69.48 121.87 -16.21
N ASP W 442 69.65 122.81 -15.28
CA ASP W 442 70.87 122.92 -14.48
C ASP W 442 70.57 122.85 -12.99
N TYR W 443 69.78 121.86 -12.61
CA TYR W 443 69.55 121.53 -11.21
C TYR W 443 70.69 120.72 -10.61
N ILE W 444 71.69 120.36 -11.43
CA ILE W 444 72.96 119.87 -10.88
C ILE W 444 73.54 120.91 -9.94
N SER W 445 73.44 122.17 -10.31
CA SER W 445 73.75 123.27 -9.42
C SER W 445 72.69 123.36 -8.32
N TRP W 446 72.95 124.24 -7.35
CA TRP W 446 72.06 124.39 -6.21
C TRP W 446 70.68 124.82 -6.68
N GLY W 447 69.65 124.23 -6.06
CA GLY W 447 68.27 124.55 -6.38
C GLY W 447 67.61 125.33 -5.27
N ARG X 3 57.93 78.96 55.63
CA ARG X 3 57.20 78.96 56.89
C ARG X 3 55.98 79.87 56.78
N GLU X 4 54.94 79.60 57.57
CA GLU X 4 53.67 80.30 57.42
C GLU X 4 53.78 81.76 57.86
N ILE X 5 53.03 82.63 57.16
CA ILE X 5 53.02 84.07 57.39
C ILE X 5 51.77 84.42 58.19
N ILE X 6 51.90 85.33 59.16
CA ILE X 6 50.76 85.83 59.94
C ILE X 6 50.62 87.31 59.66
N THR X 7 49.38 87.76 59.38
CA THR X 7 49.12 89.14 59.01
C THR X 7 48.51 89.88 60.19
N LEU X 8 49.23 90.89 60.68
CA LEU X 8 48.81 91.73 61.80
C LEU X 8 48.07 92.95 61.26
N GLN X 9 46.80 92.76 60.91
CA GLN X 9 46.00 93.88 60.43
C GLN X 9 45.40 94.61 61.62
N LEU X 10 45.58 95.92 61.65
CA LEU X 10 45.24 96.73 62.81
C LEU X 10 44.71 98.08 62.35
N GLY X 11 43.90 98.70 63.21
CA GLY X 11 43.29 99.96 62.86
C GLY X 11 42.10 99.77 61.93
N GLN X 12 41.27 100.80 61.85
CA GLN X 12 40.08 100.71 61.02
C GLN X 12 40.44 100.53 59.55
N CYS X 13 41.29 101.41 59.02
CA CYS X 13 41.69 101.32 57.63
C CYS X 13 42.46 100.03 57.35
N GLY X 14 43.40 99.68 58.23
CA GLY X 14 44.15 98.46 58.05
C GLY X 14 43.27 97.22 58.05
N ASN X 15 42.27 97.21 58.93
CA ASN X 15 41.34 96.09 58.97
C ASN X 15 40.48 96.06 57.72
N GLN X 16 40.15 97.23 57.16
CA GLN X 16 39.37 97.22 55.92
C GLN X 16 40.17 96.60 54.78
N ILE X 17 41.45 96.99 54.67
CA ILE X 17 42.23 96.45 53.56
C ILE X 17 42.61 94.99 53.78
N GLY X 18 42.81 94.55 55.02
CA GLY X 18 43.05 93.15 55.28
C GLY X 18 41.83 92.30 55.02
N PHE X 19 40.67 92.81 55.41
CA PHE X 19 39.39 92.18 55.09
C PHE X 19 39.26 91.95 53.60
N GLU X 20 39.48 93.00 52.82
CA GLU X 20 39.32 92.86 51.38
C GLU X 20 40.38 91.92 50.80
N PHE X 21 41.61 91.96 51.32
CA PHE X 21 42.67 91.09 50.80
C PHE X 21 42.34 89.62 51.04
N TRP X 22 41.90 89.29 52.26
CA TRP X 22 41.55 87.91 52.54
C TRP X 22 40.33 87.47 51.74
N LYS X 23 39.37 88.37 51.52
CA LYS X 23 38.27 88.02 50.63
C LYS X 23 38.76 87.77 49.20
N GLN X 24 39.70 88.59 48.73
CA GLN X 24 40.20 88.42 47.37
C GLN X 24 40.92 87.09 47.22
N LEU X 25 41.73 86.70 48.22
CA LEU X 25 42.35 85.38 48.19
C LEU X 25 41.38 84.24 48.43
N CYS X 26 40.25 84.49 49.10
CA CYS X 26 39.19 83.49 49.13
C CYS X 26 38.68 83.19 47.73
N ALA X 27 38.31 84.25 47.00
CA ALA X 27 37.85 84.05 45.63
C ALA X 27 38.94 83.42 44.77
N GLU X 28 40.17 83.93 44.89
CA GLU X 28 41.25 83.49 44.01
C GLU X 28 41.61 82.02 44.27
N HIS X 29 41.71 81.64 45.54
CA HIS X 29 41.97 80.25 45.89
C HIS X 29 40.65 79.48 45.93
N GLY X 30 40.75 78.16 46.11
CA GLY X 30 39.56 77.34 46.18
C GLY X 30 38.93 77.40 47.55
N ILE X 31 38.33 78.54 47.89
CA ILE X 31 37.74 78.77 49.20
C ILE X 31 36.39 79.44 49.00
N SER X 32 35.41 79.00 49.77
CA SER X 32 34.06 79.55 49.77
C SER X 32 33.96 80.56 50.91
N PRO X 33 32.87 81.32 51.04
CA PRO X 33 32.79 82.29 52.14
C PRO X 33 32.75 81.66 53.53
N GLU X 34 32.49 80.35 53.64
CA GLU X 34 32.54 79.64 54.91
C GLU X 34 33.88 78.95 55.15
N GLY X 35 34.89 79.21 54.32
CA GLY X 35 36.17 78.57 54.45
C GLY X 35 36.23 77.16 53.89
N ILE X 36 35.14 76.65 53.35
CA ILE X 36 35.08 75.28 52.87
C ILE X 36 35.82 75.19 51.55
N VAL X 37 36.49 74.05 51.31
CA VAL X 37 37.13 73.83 50.02
C VAL X 37 36.05 73.85 48.95
N GLU X 38 36.32 74.60 47.88
CA GLU X 38 35.31 74.75 46.84
C GLU X 38 35.19 73.46 46.03
N GLU X 39 33.95 73.08 45.73
N GLU X 39 33.95 73.08 45.73
CA GLU X 39 33.70 71.87 44.97
CA GLU X 39 33.70 71.87 44.97
C GLU X 39 34.28 71.97 43.57
C GLU X 39 34.28 71.97 43.57
N PHE X 40 34.16 73.14 42.95
CA PHE X 40 34.65 73.30 41.57
C PHE X 40 36.16 73.06 41.47
N ALA X 41 36.90 73.40 42.54
CA ALA X 41 38.33 73.18 42.55
C ALA X 41 38.64 71.69 42.54
N THR X 45 46.60 72.74 43.24
CA THR X 45 47.82 73.11 42.51
C THR X 45 48.52 74.32 43.13
N ASP X 46 48.07 74.76 44.30
CA ASP X 46 48.54 75.99 44.93
C ASP X 46 49.12 75.70 46.31
N ARG X 47 50.05 76.56 46.73
CA ARG X 47 50.67 76.48 48.05
C ARG X 47 49.83 77.31 49.01
N LYS X 48 48.74 76.71 49.51
CA LYS X 48 47.87 77.35 50.48
C LYS X 48 48.39 77.21 51.91
N ASP X 49 49.51 76.51 52.11
CA ASP X 49 50.10 76.36 53.43
C ASP X 49 50.37 77.71 54.09
N VAL X 50 51.06 78.59 53.38
CA VAL X 50 51.71 79.73 54.01
C VAL X 50 50.67 80.73 54.54
N PHE X 51 49.64 81.00 53.74
CA PHE X 51 48.68 82.04 54.09
C PHE X 51 47.45 81.51 54.80
N PHE X 52 47.06 80.25 54.55
CA PHE X 52 45.85 79.66 55.11
C PHE X 52 46.18 78.46 55.98
N TYR X 53 45.79 78.53 57.25
CA TYR X 53 45.84 77.39 58.14
C TYR X 53 44.84 76.34 57.68
N GLN X 54 45.21 75.07 57.89
CA GLN X 54 44.42 73.93 57.45
C GLN X 54 43.65 73.36 58.63
N ALA X 55 42.32 73.43 58.59
CA ALA X 55 41.52 72.65 59.52
C ALA X 55 41.29 71.24 58.97
N ASP X 56 40.78 70.38 59.84
CA ASP X 56 40.58 68.98 59.45
C ASP X 56 39.48 68.85 58.39
N ASP X 57 38.41 69.64 58.51
CA ASP X 57 37.26 69.57 57.60
C ASP X 57 37.35 70.65 56.52
N GLU X 58 38.58 70.91 56.07
CA GLU X 58 38.84 71.84 54.97
C GLU X 58 38.27 73.24 55.24
N HIS X 59 38.37 73.69 56.49
CA HIS X 59 38.22 75.11 56.80
C HIS X 59 39.60 75.75 56.63
N TYR X 60 39.77 76.47 55.53
CA TYR X 60 40.99 77.21 55.23
C TYR X 60 40.88 78.58 55.88
N ILE X 61 41.19 78.64 57.17
CA ILE X 61 41.10 79.87 57.96
C ILE X 61 42.43 80.60 57.82
N PRO X 62 42.46 81.86 57.38
CA PRO X 62 43.75 82.55 57.29
C PRO X 62 44.32 82.89 58.66
N ARG X 63 45.64 83.03 58.70
CA ARG X 63 46.34 83.49 59.90
C ARG X 63 46.29 85.01 59.99
N ALA X 64 45.07 85.51 60.13
CA ALA X 64 44.79 86.93 60.30
C ALA X 64 44.67 87.24 61.77
N VAL X 65 45.41 88.25 62.22
CA VAL X 65 45.25 88.83 63.55
C VAL X 65 44.68 90.22 63.34
N LEU X 66 43.40 90.38 63.65
CA LEU X 66 42.66 91.62 63.43
C LEU X 66 42.58 92.33 64.77
N LEU X 67 43.17 93.52 64.85
CA LEU X 67 43.21 94.29 66.08
C LEU X 67 42.26 95.48 65.94
N ASP X 68 41.35 95.62 66.90
CA ASP X 68 40.40 96.73 66.95
C ASP X 68 40.67 97.62 68.16
N LEU X 69 40.47 98.92 67.97
CA LEU X 69 40.56 99.90 69.04
C LEU X 69 39.45 100.92 68.86
N GLU X 70 38.62 101.07 69.88
CA GLU X 70 37.41 101.88 69.79
C GLU X 70 36.56 101.40 68.61
N PRO X 71 36.16 100.13 68.59
CA PRO X 71 35.69 99.51 67.35
C PRO X 71 34.42 100.14 66.80
N ARG X 72 34.45 100.47 65.51
CA ARG X 72 33.24 100.80 64.76
C ARG X 72 33.09 99.91 63.53
N VAL X 73 34.14 99.80 62.72
CA VAL X 73 34.05 99.04 61.48
C VAL X 73 34.31 97.55 61.69
N ILE X 74 34.83 97.17 62.87
CA ILE X 74 35.06 95.76 63.10
C ILE X 74 33.74 95.05 63.37
N HIS X 75 32.73 95.76 63.86
CA HIS X 75 31.39 95.19 63.96
C HIS X 75 30.84 94.89 62.57
N SER X 76 31.10 95.79 61.62
CA SER X 76 30.69 95.56 60.25
C SER X 76 31.47 94.39 59.64
N ILE X 77 32.73 94.26 60.01
CA ILE X 77 33.51 93.09 59.57
C ILE X 77 32.86 91.82 60.11
N LEU X 78 32.42 91.84 61.37
CA LEU X 78 31.79 90.66 61.94
C LEU X 78 30.50 90.29 61.22
N ASN X 79 29.63 91.26 60.94
CA ASN X 79 28.33 90.91 60.32
C ASN X 79 28.50 90.80 58.80
N SER X 80 29.30 89.82 58.39
CA SER X 80 29.64 89.59 56.99
C SER X 80 29.54 88.10 56.70
N PRO X 81 29.37 87.72 55.43
CA PRO X 81 29.34 86.28 55.11
C PRO X 81 30.64 85.56 55.42
N TYR X 82 31.77 86.26 55.45
CA TYR X 82 33.08 85.64 55.58
C TYR X 82 33.53 85.54 57.03
N ALA X 83 32.68 85.95 57.98
CA ALA X 83 33.02 85.84 59.39
C ALA X 83 33.37 84.40 59.76
N LYS X 84 32.68 83.43 59.18
CA LYS X 84 33.06 82.04 59.39
C LYS X 84 34.38 81.71 58.71
N LEU X 85 34.71 82.38 57.60
CA LEU X 85 36.00 82.14 56.96
C LEU X 85 37.14 82.51 57.90
N TYR X 86 37.11 83.73 58.45
CA TYR X 86 38.14 84.18 59.39
C TYR X 86 37.61 83.96 60.81
N ASN X 87 37.91 82.79 61.37
CA ASN X 87 37.59 82.48 62.76
C ASN X 87 38.78 81.80 63.46
N PRO X 88 39.87 82.52 63.68
CA PRO X 88 40.77 82.12 64.78
C PRO X 88 40.24 82.54 66.15
N GLU X 89 39.17 83.33 66.19
CA GLU X 89 38.61 83.84 67.44
C GLU X 89 39.69 84.62 68.19
N ASN X 90 40.16 85.68 67.55
CA ASN X 90 41.33 86.46 67.98
C ASN X 90 41.04 87.96 67.83
N ILE X 91 39.87 88.39 68.32
CA ILE X 91 39.51 89.80 68.42
C ILE X 91 39.45 90.18 69.88
N TYR X 92 40.18 91.24 70.24
CA TYR X 92 40.24 91.79 71.59
C TYR X 92 40.03 93.29 71.54
N LEU X 93 39.04 93.77 72.28
CA LEU X 93 38.78 95.19 72.41
C LEU X 93 39.82 95.84 73.33
N GLY X 101 41.52 106.83 70.27
CA GLY X 101 41.72 108.23 69.94
C GLY X 101 42.32 108.41 68.56
N ASN X 102 42.31 109.64 68.08
CA ASN X 102 42.89 109.98 66.77
C ASN X 102 44.34 110.45 66.87
N ASN X 103 44.97 110.31 68.04
CA ASN X 103 46.33 110.75 68.27
C ASN X 103 47.27 109.55 68.37
N TRP X 104 48.51 109.75 67.88
CA TRP X 104 49.52 108.70 67.94
C TRP X 104 49.82 108.34 69.39
N ALA X 105 49.97 109.34 70.25
CA ALA X 105 50.21 109.08 71.66
C ALA X 105 49.05 108.33 72.30
N SER X 106 47.82 108.73 71.96
CA SER X 106 46.66 108.05 72.53
C SER X 106 46.62 106.59 72.12
N GLY X 107 46.92 106.30 70.84
CA GLY X 107 46.93 104.92 70.39
C GLY X 107 48.04 104.13 71.03
N PHE X 108 49.23 104.73 71.17
CA PHE X 108 50.35 104.06 71.81
C PHE X 108 50.03 103.71 73.26
N SER X 109 49.45 104.67 73.99
CA SER X 109 49.11 104.44 75.39
C SER X 109 48.04 103.39 75.53
N GLN X 110 47.01 103.43 74.67
CA GLN X 110 45.96 102.42 74.72
C GLN X 110 46.53 101.04 74.41
N GLY X 111 47.50 100.97 73.49
CA GLY X 111 48.11 99.68 73.19
C GLY X 111 48.92 99.13 74.34
N GLU X 112 49.58 100.02 75.09
CA GLU X 112 50.49 99.55 76.15
C GLU X 112 49.75 98.74 77.21
N LYS X 113 48.54 99.16 77.58
CA LYS X 113 47.83 98.47 78.67
C LYS X 113 47.37 97.07 78.26
N ILE X 114 47.00 96.88 76.98
CA ILE X 114 46.52 95.58 76.50
C ILE X 114 47.61 94.77 75.79
N HIS X 115 48.87 95.22 75.87
CA HIS X 115 49.92 94.59 75.05
C HIS X 115 50.09 93.10 75.35
N GLU X 116 49.91 92.67 76.61
CA GLU X 116 50.12 91.27 76.92
C GLU X 116 49.10 90.36 76.24
N ASP X 117 47.82 90.74 76.26
CA ASP X 117 46.80 89.83 75.74
C ASP X 117 46.86 89.72 74.22
N ILE X 118 47.08 90.85 73.53
CA ILE X 118 47.24 90.82 72.09
C ILE X 118 48.50 90.04 71.72
N PHE X 119 49.54 90.12 72.56
CA PHE X 119 50.73 89.33 72.28
C PHE X 119 50.50 87.85 72.55
N ASP X 120 49.64 87.50 73.50
CA ASP X 120 49.29 86.09 73.65
C ASP X 120 48.51 85.61 72.43
N ILE X 121 47.70 86.50 71.85
CA ILE X 121 47.04 86.18 70.59
C ILE X 121 48.07 85.94 69.49
N ILE X 122 49.13 86.74 69.44
CA ILE X 122 50.22 86.50 68.50
C ILE X 122 50.84 85.13 68.75
N ASP X 123 51.10 84.85 70.02
CA ASP X 123 51.75 83.60 70.41
C ASP X 123 50.94 82.40 69.93
N ARG X 124 49.64 82.40 70.22
CA ARG X 124 48.79 81.27 69.85
C ARG X 124 48.83 80.95 68.36
N GLU X 125 48.71 81.98 67.50
CA GLU X 125 48.77 81.69 66.07
C GLU X 125 50.15 81.17 65.67
N ALA X 126 51.22 81.74 66.24
CA ALA X 126 52.55 81.18 66.02
C ALA X 126 52.59 79.71 66.44
N ASP X 127 51.82 79.35 67.45
CA ASP X 127 51.89 78.03 68.04
C ASP X 127 51.11 77.03 67.19
N GLY X 128 49.92 77.43 66.73
CA GLY X 128 49.16 76.61 65.81
C GLY X 128 49.91 76.35 64.53
N SER X 129 50.68 77.33 64.07
CA SER X 129 51.49 77.14 62.88
C SER X 129 52.59 76.14 63.14
N ASP X 130 52.92 75.37 62.10
CA ASP X 130 54.09 74.50 62.15
C ASP X 130 55.35 75.32 62.40
N SER X 131 55.45 76.48 61.76
CA SER X 131 56.63 77.32 61.85
C SER X 131 56.27 78.70 61.33
N LEU X 132 57.13 79.68 61.59
CA LEU X 132 56.78 81.09 61.44
C LEU X 132 57.91 81.87 60.78
N GLU X 133 57.57 82.60 59.71
CA GLU X 133 58.51 83.44 58.96
C GLU X 133 58.34 84.91 59.26
N GLY X 134 57.11 85.43 59.13
CA GLY X 134 56.92 86.87 59.02
C GLY X 134 55.61 87.38 59.54
N PHE X 135 55.65 88.65 59.94
CA PHE X 135 54.51 89.40 60.44
C PHE X 135 54.25 90.49 59.40
N VAL X 136 53.13 90.39 58.70
CA VAL X 136 52.78 91.30 57.62
C VAL X 136 51.71 92.26 58.14
N LEU X 137 52.06 93.52 58.32
CA LEU X 137 51.18 94.48 58.98
C LEU X 137 50.47 95.30 57.91
N CYS X 138 49.13 95.27 57.94
CA CYS X 138 48.30 96.17 57.13
C CYS X 138 48.22 97.53 57.82
N HIS X 139 49.38 98.14 58.01
CA HIS X 139 49.48 99.29 58.88
C HIS X 139 48.92 100.53 58.19
N SER X 140 48.38 101.45 58.99
CA SER X 140 47.95 102.76 58.53
C SER X 140 48.85 103.81 59.16
N ILE X 141 49.56 104.56 58.31
CA ILE X 141 50.38 105.68 58.78
C ILE X 141 49.44 106.83 59.13
N ALA X 142 49.65 107.44 60.29
CA ALA X 142 48.82 108.53 60.79
C ALA X 142 47.34 108.14 60.74
N GLY X 143 47.07 106.92 61.20
CA GLY X 143 45.74 106.36 61.13
C GLY X 143 44.98 106.52 62.42
N GLY X 144 45.29 107.58 63.17
CA GLY X 144 44.66 107.79 64.45
C GLY X 144 44.93 106.64 65.40
N THR X 145 43.92 105.79 65.58
CA THR X 145 44.09 104.60 66.41
C THR X 145 45.14 103.66 65.81
N GLY X 146 45.14 103.51 64.49
CA GLY X 146 46.08 102.60 63.85
C GLY X 146 47.53 102.94 64.14
N SER X 147 47.87 104.22 63.97
CA SER X 147 49.20 104.69 64.29
C SER X 147 49.35 104.82 65.81
N GLY X 148 50.59 104.74 66.26
CA GLY X 148 50.88 104.68 67.68
C GLY X 148 50.81 103.24 68.15
N LEU X 149 49.64 102.63 68.04
CA LEU X 149 49.51 101.22 68.39
C LEU X 149 50.33 100.35 67.45
N GLY X 150 50.33 100.65 66.15
CA GLY X 150 51.13 99.85 65.24
C GLY X 150 52.61 100.04 65.49
N SER X 151 53.01 101.27 65.82
CA SER X 151 54.41 101.55 66.13
C SER X 151 54.85 100.80 67.38
N TYR X 152 54.01 100.81 68.43
CA TYR X 152 54.33 100.10 69.66
C TYR X 152 54.44 98.60 69.41
N LEU X 153 53.47 98.03 68.71
CA LEU X 153 53.48 96.61 68.41
C LEU X 153 54.68 96.23 67.56
N LEU X 154 55.06 97.12 66.65
CA LEU X 154 56.25 96.95 65.83
C LEU X 154 57.50 96.95 66.69
N GLU X 155 57.49 97.77 67.74
CA GLU X 155 58.61 97.81 68.68
C GLU X 155 58.67 96.51 69.48
N ARG X 156 57.51 95.87 69.71
CA ARG X 156 57.50 94.68 70.56
C ARG X 156 57.90 93.41 69.81
N LEU X 157 57.28 93.16 68.63
CA LEU X 157 57.44 91.87 67.95
C LEU X 157 58.89 91.53 67.70
N ASN X 158 59.67 92.53 67.32
CA ASN X 158 61.07 92.33 66.98
C ASN X 158 61.94 91.93 68.16
N ASP X 159 61.72 92.53 69.33
CA ASP X 159 62.40 92.06 70.53
C ASP X 159 62.00 90.63 70.85
N ARG X 160 60.70 90.33 70.77
CA ARG X 160 60.27 88.98 71.10
C ARG X 160 60.71 87.94 70.07
N TYR X 161 60.89 88.36 68.82
CA TYR X 161 61.24 87.48 67.70
C TYR X 161 62.38 88.12 66.91
N PRO X 162 63.59 88.18 67.48
CA PRO X 162 64.69 88.87 66.78
C PRO X 162 65.02 88.26 65.42
N LYS X 163 64.95 86.95 65.29
CA LYS X 163 65.27 86.31 64.01
C LYS X 163 64.20 86.61 62.96
N LYS X 164 62.94 86.81 63.39
CA LYS X 164 61.82 86.92 62.49
C LYS X 164 61.70 88.33 61.90
N LEU X 165 60.89 88.45 60.83
CA LEU X 165 60.81 89.65 60.02
C LEU X 165 59.43 90.29 60.08
N VAL X 166 59.41 91.60 59.86
CA VAL X 166 58.19 92.39 59.82
C VAL X 166 58.13 93.15 58.49
N GLN X 167 57.09 92.88 57.72
CA GLN X 167 56.80 93.67 56.54
C GLN X 167 55.60 94.56 56.87
N THR X 168 55.54 95.72 56.22
CA THR X 168 54.49 96.70 56.47
C THR X 168 53.95 97.20 55.15
N TYR X 169 52.70 96.86 54.85
CA TYR X 169 51.98 97.42 53.71
C TYR X 169 51.41 98.78 54.11
N SER X 170 52.32 99.70 54.37
CA SER X 170 51.95 101.02 54.86
C SER X 170 51.20 101.81 53.79
N VAL X 171 49.95 102.19 54.10
CA VAL X 171 49.19 103.10 53.26
C VAL X 171 49.51 104.53 53.72
N PHE X 172 50.59 105.07 53.20
CA PHE X 172 51.02 106.40 53.58
C PHE X 172 49.96 107.42 53.18
N PRO X 173 49.37 108.19 54.14
CA PRO X 173 48.28 109.09 53.74
C PRO X 173 48.77 110.40 53.18
N ASN X 174 48.44 110.62 51.91
CA ASN X 174 48.52 111.93 51.29
C ASN X 174 47.16 112.11 50.65
N GLN X 175 46.43 113.14 51.08
CA GLN X 175 45.10 113.43 50.56
C GLN X 175 45.02 114.88 50.11
N ASP X 176 46.13 115.39 49.56
CA ASP X 176 46.34 116.80 49.26
C ASP X 176 46.34 117.65 50.52
N GLU X 177 46.56 117.02 51.68
CA GLU X 177 46.60 117.70 52.97
C GLU X 177 45.35 118.54 53.21
N ASP X 180 39.12 115.40 58.32
CA ASP X 180 40.44 115.99 58.34
C ASP X 180 41.06 115.81 59.72
N VAL X 181 42.38 115.57 59.74
CA VAL X 181 43.17 115.47 60.97
C VAL X 181 44.28 116.50 60.88
N VAL X 182 44.35 117.37 61.89
CA VAL X 182 45.37 118.43 61.87
C VAL X 182 46.74 117.95 62.34
N VAL X 183 46.81 116.81 63.04
CA VAL X 183 48.06 116.33 63.62
C VAL X 183 48.74 115.28 62.73
N GLN X 184 48.34 115.17 61.45
CA GLN X 184 48.93 114.18 60.55
C GLN X 184 50.45 114.22 60.48
N PRO X 185 51.11 115.37 60.28
CA PRO X 185 52.58 115.31 60.17
C PRO X 185 53.24 114.79 61.43
N TYR X 186 52.75 115.19 62.61
CA TYR X 186 53.33 114.72 63.86
C TYR X 186 53.19 113.20 63.95
N ASN X 187 51.97 112.72 63.71
CA ASN X 187 51.70 111.28 63.80
C ASN X 187 52.58 110.51 62.82
N SER X 188 52.58 110.94 61.56
CA SER X 188 53.34 110.25 60.53
C SER X 188 54.83 110.31 60.82
N LEU X 189 55.32 111.42 61.36
CA LEU X 189 56.72 111.54 61.73
C LEU X 189 57.11 110.47 62.74
N LEU X 190 56.33 110.35 63.81
CA LEU X 190 56.65 109.36 64.84
C LEU X 190 56.57 107.94 64.26
N THR X 191 55.54 107.67 63.45
CA THR X 191 55.44 106.35 62.85
C THR X 191 56.62 106.08 61.94
N LEU X 192 57.08 107.07 61.18
CA LEU X 192 58.24 106.86 60.31
C LEU X 192 59.52 106.64 61.11
N LYS X 193 59.68 107.28 62.27
CA LYS X 193 60.85 106.94 63.09
C LYS X 193 60.81 105.47 63.46
N ARG X 194 59.67 105.04 64.01
CA ARG X 194 59.54 103.64 64.41
C ARG X 194 59.67 102.71 63.21
N LEU X 195 59.19 103.12 62.04
CA LEU X 195 59.26 102.25 60.88
C LEU X 195 60.68 102.19 60.31
N THR X 196 61.30 103.36 60.12
CA THR X 196 62.65 103.42 59.58
C THR X 196 63.63 102.63 60.41
N GLN X 197 63.42 102.56 61.72
CA GLN X 197 64.35 101.86 62.61
C GLN X 197 63.87 100.50 63.07
N ASN X 198 62.56 100.23 63.06
CA ASN X 198 62.02 99.03 63.68
C ASN X 198 61.27 98.12 62.72
N ALA X 199 60.93 98.59 61.52
CA ALA X 199 60.27 97.76 60.51
C ALA X 199 61.29 97.24 59.51
N ASP X 200 61.17 95.96 59.16
CA ASP X 200 62.17 95.35 58.29
C ASP X 200 61.95 95.75 56.83
N CYS X 201 60.79 95.42 56.27
CA CYS X 201 60.41 95.88 54.94
C CYS X 201 59.17 96.76 55.00
N VAL X 202 59.07 97.69 54.05
CA VAL X 202 57.90 98.55 53.92
C VAL X 202 57.56 98.64 52.44
N VAL X 203 56.29 98.46 52.10
CA VAL X 203 55.77 98.67 50.75
C VAL X 203 54.86 99.87 50.82
N VAL X 204 55.26 100.96 50.17
CA VAL X 204 54.59 102.25 50.35
C VAL X 204 53.48 102.39 49.33
N LEU X 205 52.34 102.91 49.77
CA LEU X 205 51.22 103.24 48.91
C LEU X 205 50.78 104.67 49.24
N ASP X 206 50.15 105.33 48.26
CA ASP X 206 49.76 106.73 48.38
C ASP X 206 48.30 106.93 48.02
N ASN X 207 47.58 107.61 48.90
CA ASN X 207 46.17 107.88 48.66
C ASN X 207 45.97 108.79 47.45
N THR X 208 46.76 109.86 47.31
CA THR X 208 46.61 110.70 46.12
C THR X 208 46.95 109.93 44.86
N ALA X 209 48.01 109.12 44.90
CA ALA X 209 48.39 108.37 43.70
C ALA X 209 47.24 107.46 43.27
N LEU X 210 46.66 106.74 44.23
CA LEU X 210 45.57 105.83 43.88
C LEU X 210 44.31 106.61 43.51
N ASN X 211 44.08 107.78 44.11
CA ASN X 211 42.93 108.59 43.75
C ASN X 211 43.06 109.18 42.35
N ARG X 212 44.26 109.64 41.99
CA ARG X 212 44.49 110.16 40.64
C ARG X 212 44.31 109.04 39.63
N ILE X 213 44.79 107.84 39.95
CA ILE X 213 44.54 106.70 39.10
C ILE X 213 43.05 106.41 39.03
N ALA X 214 42.34 106.59 40.13
CA ALA X 214 40.89 106.36 40.14
C ALA X 214 40.19 107.31 39.19
N THR X 215 40.58 108.59 39.21
CA THR X 215 40.02 109.55 38.26
C THR X 215 40.38 109.18 36.84
N ASP X 216 41.59 108.68 36.62
CA ASP X 216 42.01 108.33 35.27
C ASP X 216 41.18 107.16 34.73
N ARG X 217 41.24 106.01 35.40
CA ARG X 217 40.55 104.82 34.92
C ARG X 217 39.02 104.94 35.00
N LEU X 218 38.49 105.62 36.02
CA LEU X 218 37.05 105.76 36.22
C LEU X 218 36.70 107.20 36.59
N HIS X 219 35.40 107.48 36.64
CA HIS X 219 34.90 108.79 37.04
C HIS X 219 34.72 108.93 38.55
N ILE X 220 34.98 107.86 39.31
CA ILE X 220 34.84 107.92 40.76
C ILE X 220 35.75 109.00 41.33
N GLN X 221 35.15 109.95 42.05
CA GLN X 221 35.91 110.98 42.77
C GLN X 221 35.53 111.03 44.24
N ASN X 222 34.23 111.10 44.52
CA ASN X 222 33.78 111.26 45.91
C ASN X 222 33.98 110.01 46.74
N PRO X 223 33.56 108.78 46.30
CA PRO X 223 33.78 107.57 47.11
C PRO X 223 35.16 106.96 46.90
N SER X 224 36.19 107.78 47.07
CA SER X 224 37.56 107.36 46.77
C SER X 224 37.98 106.16 47.62
N PHE X 225 37.68 106.20 48.93
CA PHE X 225 38.20 105.18 49.84
C PHE X 225 37.64 103.80 49.52
N SER X 226 36.33 103.71 49.26
CA SER X 226 35.70 102.42 49.05
C SER X 226 36.27 101.71 47.82
N GLN X 227 36.44 102.46 46.73
CA GLN X 227 36.94 101.87 45.49
C GLN X 227 38.44 101.62 45.55
N ILE X 228 39.19 102.53 46.18
CA ILE X 228 40.65 102.41 46.24
C ILE X 228 41.06 101.16 47.01
N ASN X 229 40.16 100.67 47.88
CA ASN X 229 40.38 99.41 48.58
C ASN X 229 40.70 98.29 47.60
N GLN X 230 39.94 98.23 46.50
CA GLN X 230 40.15 97.19 45.50
C GLN X 230 41.55 97.29 44.89
N LEU X 231 41.99 98.51 44.59
CA LEU X 231 43.30 98.71 44.00
C LEU X 231 44.39 98.22 44.95
N VAL X 232 44.25 98.58 46.22
CA VAL X 232 45.22 98.16 47.23
C VAL X 232 45.23 96.64 47.34
N SER X 233 44.05 96.03 47.27
CA SER X 233 43.95 94.59 47.40
C SER X 233 44.63 93.88 46.24
N THR X 234 44.41 94.38 45.02
CA THR X 234 45.09 93.80 43.85
C THR X 234 46.60 93.88 44.02
N ILE X 235 47.11 95.02 44.50
CA ILE X 235 48.55 95.14 44.67
C ILE X 235 49.04 94.15 45.73
N MET X 236 48.33 94.08 46.85
CA MET X 236 48.78 93.26 47.96
C MET X 236 48.77 91.79 47.59
N SER X 237 47.76 91.36 46.83
CA SER X 237 47.69 89.97 46.38
C SER X 237 48.78 89.65 45.36
N ALA X 238 48.91 90.49 44.33
CA ALA X 238 49.90 90.21 43.29
C ALA X 238 51.32 90.24 43.86
N SER X 239 51.56 91.05 44.90
CA SER X 239 52.87 91.07 45.53
C SER X 239 53.23 89.74 46.18
N THR X 240 52.23 88.91 46.51
CA THR X 240 52.46 87.62 47.15
C THR X 240 52.23 86.43 46.23
N THR X 241 51.66 86.65 45.04
CA THR X 241 51.27 85.53 44.17
C THR X 241 52.41 84.56 43.91
N THR X 242 53.64 85.05 43.76
CA THR X 242 54.76 84.15 43.50
C THR X 242 55.01 83.21 44.67
N LEU X 243 54.70 83.65 45.89
CA LEU X 243 54.80 82.76 47.05
C LEU X 243 53.60 81.83 47.12
N ARG X 244 52.39 82.40 46.96
CA ARG X 244 51.17 81.63 47.08
C ARG X 244 51.06 80.52 46.02
N TYR X 245 51.77 80.66 44.89
CA TYR X 245 51.81 79.65 43.85
C TYR X 245 53.24 79.18 43.58
N PRO X 246 53.47 77.88 43.35
CA PRO X 246 54.85 77.41 43.22
C PRO X 246 55.56 77.99 42.01
N GLY X 247 56.89 78.10 42.14
CA GLY X 247 57.71 78.50 41.02
C GLY X 247 59.11 77.97 41.21
N TYR X 248 59.95 78.22 40.20
CA TYR X 248 61.34 77.78 40.27
C TYR X 248 62.17 78.66 41.19
N MET X 249 61.85 79.96 41.26
CA MET X 249 62.57 80.93 42.07
C MET X 249 61.58 81.78 42.83
N ASN X 250 62.07 82.37 43.92
CA ASN X 250 61.28 83.21 44.81
C ASN X 250 60.15 82.39 45.42
N ASN X 251 60.54 81.22 45.92
CA ASN X 251 59.64 80.34 46.66
C ASN X 251 59.61 80.69 48.13
N ASP X 252 60.13 81.87 48.51
CA ASP X 252 60.00 82.35 49.88
C ASP X 252 60.11 83.86 49.88
N LEU X 253 59.33 84.45 50.79
CA LEU X 253 59.26 85.91 50.92
C LEU X 253 60.64 86.49 51.14
N ILE X 254 61.38 85.93 52.10
CA ILE X 254 62.73 86.38 52.43
C ILE X 254 63.66 86.34 51.21
N GLY X 255 63.62 85.26 50.43
CA GLY X 255 64.43 85.19 49.22
C GLY X 255 64.07 86.28 48.23
N LEU X 256 62.78 86.62 48.15
CA LEU X 256 62.36 87.74 47.30
C LEU X 256 62.85 89.08 47.85
N ILE X 257 62.67 89.28 49.15
CA ILE X 257 62.90 90.58 49.79
C ILE X 257 64.35 91.02 49.63
N ALA X 258 65.27 90.03 49.66
CA ALA X 258 66.69 90.35 49.61
C ALA X 258 67.04 91.22 48.39
N SER X 259 66.53 90.87 47.21
CA SER X 259 66.79 91.71 46.03
C SER X 259 66.21 93.11 46.20
N LEU X 260 64.98 93.20 46.70
CA LEU X 260 64.27 94.47 46.69
C LEU X 260 64.89 95.50 47.62
N ILE X 261 65.41 95.07 48.77
CA ILE X 261 66.03 95.99 49.73
C ILE X 261 67.54 95.75 49.74
N PRO X 262 68.35 96.65 49.08
CA PRO X 262 69.81 96.45 49.07
C PRO X 262 70.55 97.01 50.26
N THR X 263 69.98 97.99 50.99
CA THR X 263 70.58 98.47 52.23
C THR X 263 69.49 98.58 53.30
N PRO X 264 69.79 98.28 54.58
CA PRO X 264 68.72 98.21 55.59
C PRO X 264 67.89 99.47 55.72
N ARG X 265 68.53 100.65 55.68
CA ARG X 265 67.79 101.88 55.87
C ARG X 265 66.77 102.09 54.76
N LEU X 266 67.16 101.80 53.51
CA LEU X 266 66.36 102.16 52.35
C LEU X 266 65.52 100.94 51.97
N HIS X 267 64.45 100.73 52.75
CA HIS X 267 63.62 99.52 52.64
C HIS X 267 62.16 99.83 52.31
N PHE X 268 61.91 100.96 51.66
CA PHE X 268 60.57 101.38 51.27
C PHE X 268 60.41 101.14 49.78
N LEU X 269 59.34 100.44 49.40
CA LEU X 269 59.22 99.86 48.07
C LEU X 269 58.04 100.46 47.31
N MET X 270 58.33 100.92 46.10
CA MET X 270 57.39 101.50 45.17
C MET X 270 56.68 100.39 44.41
N THR X 271 55.48 100.70 43.93
CA THR X 271 54.55 99.73 43.36
C THR X 271 54.19 100.12 41.93
N GLY X 272 53.75 99.12 41.16
CA GLY X 272 53.20 99.38 39.83
C GLY X 272 52.54 98.16 39.26
N TYR X 273 51.74 98.37 38.21
CA TYR X 273 50.94 97.30 37.58
C TYR X 273 50.69 97.65 36.11
N THR X 274 50.97 96.71 35.17
CA THR X 274 50.66 96.95 33.76
C THR X 274 49.18 97.25 33.55
N PRO X 275 48.24 96.29 33.65
CA PRO X 275 46.84 96.66 33.41
C PRO X 275 46.15 97.21 34.63
N LEU X 276 46.34 98.50 34.90
CA LEU X 276 45.49 99.19 35.86
C LEU X 276 44.03 98.97 35.49
N THR X 277 43.73 98.97 34.19
CA THR X 277 42.44 98.51 33.67
C THR X 277 42.49 97.02 33.28
N THR X 278 42.78 96.18 34.29
CA THR X 278 42.75 94.73 34.09
C THR X 278 41.34 94.22 33.83
N ASP X 279 40.32 94.97 34.19
CA ASP X 279 38.95 94.60 33.85
C ASP X 279 38.70 94.80 32.35
N LYS X 287 46.75 89.18 22.10
CA LYS X 287 47.27 89.11 23.46
C LYS X 287 48.46 90.08 23.55
N THR X 288 48.79 90.50 24.77
CA THR X 288 49.81 91.52 25.00
C THR X 288 51.12 90.82 25.35
N THR X 289 52.16 91.08 24.56
CA THR X 289 53.42 90.40 24.77
C THR X 289 54.17 90.97 25.98
N VAL X 290 55.13 90.17 26.45
CA VAL X 290 55.91 90.56 27.62
C VAL X 290 56.65 91.87 27.37
N LEU X 291 57.19 92.05 26.16
CA LEU X 291 57.83 93.30 25.77
C LEU X 291 56.93 94.49 26.06
N ASP X 292 55.64 94.33 25.77
CA ASP X 292 54.68 95.40 26.05
C ASP X 292 54.45 95.53 27.54
N VAL X 293 54.21 94.42 28.24
CA VAL X 293 53.65 94.56 29.58
C VAL X 293 54.69 95.15 30.55
N MET X 294 55.96 94.72 30.48
CA MET X 294 56.91 95.20 31.50
C MET X 294 57.14 96.71 31.38
N ARG X 295 57.19 97.24 30.16
CA ARG X 295 57.47 98.66 29.98
C ARG X 295 56.35 99.54 30.55
N ARG X 296 55.10 99.07 30.48
CA ARG X 296 54.02 99.89 31.00
C ARG X 296 54.20 100.15 32.47
N LEU X 297 54.81 99.19 33.18
CA LEU X 297 55.08 99.36 34.59
C LEU X 297 55.95 100.59 34.80
N LEU X 298 56.99 100.70 33.97
CA LEU X 298 57.94 101.79 34.08
C LEU X 298 57.28 103.13 33.77
N GLN X 299 56.20 103.10 32.98
CA GLN X 299 55.44 104.33 32.63
C GLN X 299 54.99 105.00 33.93
N PRO X 300 55.19 106.31 34.09
CA PRO X 300 54.75 107.00 35.30
C PRO X 300 53.26 106.83 35.62
N LYS X 301 52.41 106.67 34.60
CA LYS X 301 50.98 106.49 34.81
C LYS X 301 50.70 105.22 35.58
N ASN X 302 51.32 104.10 35.17
CA ASN X 302 51.08 102.83 35.84
C ASN X 302 51.68 102.81 37.24
N VAL X 303 52.68 103.65 37.51
CA VAL X 303 53.22 103.75 38.86
C VAL X 303 52.15 104.33 39.77
N MET X 304 52.11 103.83 41.00
CA MET X 304 51.03 104.12 41.94
C MET X 304 51.50 104.95 43.13
N VAL X 305 52.49 105.82 42.88
CA VAL X 305 53.05 106.71 43.88
C VAL X 305 53.03 108.12 43.30
N SER X 306 52.75 109.11 44.15
CA SER X 306 52.66 110.50 43.73
C SER X 306 53.98 111.22 43.95
N THR X 313 68.38 118.22 40.72
CA THR X 313 69.10 117.09 41.30
C THR X 313 68.68 115.80 40.63
N ASN X 314 69.66 114.98 40.26
CA ASN X 314 69.39 113.69 39.64
C ASN X 314 68.62 112.81 40.63
N HIS X 315 67.83 111.88 40.09
CA HIS X 315 67.14 110.87 40.88
C HIS X 315 67.17 109.55 40.11
N CYS X 316 67.17 108.44 40.86
CA CYS X 316 67.47 107.14 40.27
C CYS X 316 66.86 106.01 41.10
N TYR X 317 66.49 104.93 40.43
CA TYR X 317 66.16 103.69 41.13
C TYR X 317 67.42 103.11 41.76
N ILE X 318 67.22 102.32 42.81
CA ILE X 318 68.31 101.48 43.33
C ILE X 318 68.23 100.07 42.76
N ALA X 319 67.03 99.51 42.64
CA ALA X 319 66.85 98.17 42.09
C ALA X 319 65.38 97.98 41.71
N ILE X 320 65.14 97.18 40.66
CA ILE X 320 63.81 97.00 40.11
C ILE X 320 63.52 95.51 39.99
N LEU X 321 62.26 95.13 40.18
CA LEU X 321 61.83 93.74 40.00
C LEU X 321 60.42 93.71 39.47
N ASN X 322 60.16 92.74 38.60
CA ASN X 322 58.88 92.60 37.92
C ASN X 322 58.42 91.14 38.00
N ILE X 323 57.14 90.97 38.30
CA ILE X 323 56.48 89.67 38.34
C ILE X 323 55.31 89.70 37.35
N ILE X 324 55.25 88.70 36.47
CA ILE X 324 54.27 88.65 35.40
C ILE X 324 53.50 87.34 35.52
N GLN X 325 52.17 87.42 35.40
CA GLN X 325 51.29 86.26 35.51
C GLN X 325 50.38 86.21 34.28
N GLY X 326 50.53 85.16 33.47
CA GLY X 326 49.62 84.95 32.36
C GLY X 326 50.21 83.97 31.37
N GLU X 327 49.67 84.00 30.15
CA GLU X 327 50.20 83.21 29.05
C GLU X 327 51.43 83.93 28.50
N VAL X 328 52.56 83.66 29.14
CA VAL X 328 53.85 84.22 28.77
C VAL X 328 54.64 83.18 27.99
N ASP X 329 55.07 83.55 26.79
CA ASP X 329 55.99 82.71 26.06
C ASP X 329 57.35 82.71 26.77
N PRO X 330 58.03 81.55 26.89
CA PRO X 330 59.28 81.54 27.67
C PRO X 330 60.48 82.10 26.92
N THR X 331 60.59 81.81 25.62
CA THR X 331 61.78 82.23 24.89
C THR X 331 61.84 83.75 24.72
N GLN X 332 60.69 84.42 24.73
CA GLN X 332 60.66 85.86 24.54
C GLN X 332 61.02 86.67 25.77
N VAL X 333 61.05 86.08 26.97
CA VAL X 333 61.23 86.89 28.18
C VAL X 333 62.65 87.45 28.27
N HIS X 334 63.66 86.64 27.95
CA HIS X 334 65.03 87.13 27.98
C HIS X 334 65.25 88.17 26.89
N LYS X 335 64.69 87.92 25.70
CA LYS X 335 64.72 88.91 24.64
C LYS X 335 64.02 90.18 25.07
N SER X 336 62.97 90.06 25.88
CA SER X 336 62.27 91.23 26.39
C SER X 336 63.13 92.03 27.34
N LEU X 337 63.89 91.33 28.20
CA LEU X 337 64.83 92.04 29.07
C LEU X 337 65.86 92.79 28.25
N GLN X 338 66.38 92.15 27.20
CA GLN X 338 67.31 92.84 26.31
C GLN X 338 66.65 94.05 25.65
N ARG X 339 65.40 93.90 25.23
CA ARG X 339 64.69 94.99 24.56
C ARG X 339 64.48 96.15 25.51
N ILE X 340 64.13 95.84 26.77
CA ILE X 340 63.99 96.89 27.79
C ILE X 340 65.33 97.57 27.99
N ARG X 341 66.43 96.82 27.93
CA ARG X 341 67.75 97.44 28.04
C ARG X 341 67.99 98.40 26.88
N GLU X 342 67.48 98.08 25.69
CA GLU X 342 67.65 99.00 24.57
C GLU X 342 66.78 100.24 24.71
N ARG X 343 65.51 100.08 25.09
CA ARG X 343 64.65 101.26 25.24
C ARG X 343 65.14 102.17 26.37
N LYS X 344 65.69 101.60 27.44
CA LYS X 344 66.21 102.37 28.57
C LYS X 344 65.13 103.27 29.17
N LEU X 345 63.91 102.76 29.26
CA LEU X 345 62.82 103.57 29.80
C LEU X 345 63.03 103.88 31.28
N ALA X 346 63.72 103.01 32.00
CA ALA X 346 64.01 103.19 33.42
C ALA X 346 65.44 103.66 33.57
N ASN X 347 65.61 104.86 34.10
CA ASN X 347 66.92 105.47 34.29
C ASN X 347 67.38 105.26 35.73
N PHE X 348 68.55 104.68 35.90
CA PHE X 348 69.08 104.50 37.23
C PHE X 348 70.58 104.28 37.16
N ILE X 349 71.33 105.01 37.98
CA ILE X 349 72.77 104.82 38.13
C ILE X 349 73.06 104.85 39.64
N PRO X 350 72.56 103.88 40.40
CA PRO X 350 72.75 103.91 41.85
C PRO X 350 74.09 103.29 42.24
N TRP X 351 74.40 103.43 43.54
CA TRP X 351 75.53 102.69 44.09
C TRP X 351 75.34 101.19 43.92
N GLY X 352 74.10 100.71 44.04
CA GLY X 352 73.83 99.30 43.93
C GLY X 352 74.05 98.82 42.51
N PRO X 353 74.52 97.59 42.32
CA PRO X 353 74.66 97.05 40.96
C PRO X 353 73.43 96.30 40.45
N ALA X 354 72.31 96.36 41.16
CA ALA X 354 71.20 95.48 40.90
C ALA X 354 70.48 95.88 39.61
N SER X 355 70.43 94.94 38.66
CA SER X 355 69.75 95.14 37.39
C SER X 355 68.32 94.61 37.45
N ILE X 356 67.47 95.14 36.58
CA ILE X 356 66.07 94.73 36.51
C ILE X 356 65.98 93.28 36.06
N GLN X 357 64.96 92.57 36.53
CA GLN X 357 64.83 91.14 36.30
C GLN X 357 63.39 90.74 36.04
N VAL X 358 63.23 89.79 35.12
CA VAL X 358 61.91 89.31 34.69
C VAL X 358 61.61 88.02 35.45
N ALA X 359 60.62 88.06 36.33
CA ALA X 359 60.18 86.89 37.08
C ALA X 359 58.74 86.56 36.72
N LEU X 360 58.38 85.28 36.85
CA LEU X 360 57.14 84.77 36.30
C LEU X 360 56.40 83.98 37.37
N SER X 361 55.08 84.12 37.39
CA SER X 361 54.21 83.50 38.37
C SER X 361 53.00 82.92 37.65
N ARG X 362 52.16 82.23 38.43
CA ARG X 362 50.98 81.53 37.91
C ARG X 362 49.73 82.36 38.14
N LYS X 363 49.08 82.75 37.05
CA LYS X 363 47.72 83.27 37.11
C LYS X 363 46.77 82.12 37.46
N SER X 364 45.80 82.40 38.34
CA SER X 364 44.98 81.34 38.92
C SER X 364 43.83 80.98 37.99
N PRO X 365 43.23 79.76 38.15
CA PRO X 365 41.97 79.47 37.45
C PRO X 365 40.75 79.95 38.23
N TYR X 366 39.56 79.72 37.65
CA TYR X 366 38.23 80.05 38.18
C TYR X 366 37.87 81.54 38.16
N LEU X 367 38.85 82.43 38.00
CA LEU X 367 38.56 83.86 37.95
C LEU X 367 38.71 84.35 36.51
N PRO X 368 38.18 85.52 36.16
CA PRO X 368 38.25 85.95 34.76
C PRO X 368 39.69 86.14 34.30
N SER X 369 39.93 85.77 33.05
CA SER X 369 41.25 85.87 32.44
C SER X 369 41.39 87.12 31.58
N ALA X 370 40.57 88.13 31.82
CA ALA X 370 40.64 89.37 31.05
C ALA X 370 42.02 90.00 31.20
N HIS X 371 42.54 90.51 30.09
CA HIS X 371 43.96 90.86 29.97
C HIS X 371 44.80 89.68 30.41
N ARG X 372 44.70 88.64 29.59
CA ARG X 372 45.35 87.34 29.76
C ARG X 372 46.75 87.42 30.37
N VAL X 373 47.55 88.40 29.93
CA VAL X 373 48.87 88.67 30.48
C VAL X 373 48.78 89.94 31.32
N SER X 374 49.31 89.88 32.55
CA SER X 374 49.24 91.01 33.47
C SER X 374 50.41 90.96 34.44
N GLY X 375 51.04 92.12 34.69
CA GLY X 375 52.26 92.18 35.48
C GLY X 375 52.26 93.28 36.54
N LEU X 376 53.26 93.21 37.41
CA LEU X 376 53.44 94.08 38.58
C LEU X 376 54.93 94.36 38.81
N MET X 377 55.24 95.52 39.44
CA MET X 377 56.63 95.85 39.75
C MET X 377 56.72 96.28 41.20
N MET X 378 57.74 95.75 41.86
CA MET X 378 58.24 96.27 43.13
C MET X 378 59.63 96.85 42.86
N ALA X 379 59.85 98.10 43.26
CA ALA X 379 61.13 98.76 43.01
C ALA X 379 61.55 99.59 44.22
N ASN X 380 62.85 99.79 44.35
CA ASN X 380 63.42 100.73 45.30
C ASN X 380 63.81 101.99 44.54
N HIS X 381 63.10 103.09 44.81
CA HIS X 381 63.28 104.35 44.10
C HIS X 381 63.51 105.49 45.07
N THR X 382 64.43 106.38 44.71
CA THR X 382 64.76 107.53 45.54
C THR X 382 63.67 108.58 45.57
N SER X 383 62.69 108.51 44.67
CA SER X 383 61.66 109.55 44.60
C SER X 383 60.84 109.61 45.88
N ILE X 384 60.63 108.46 46.54
CA ILE X 384 59.79 108.42 47.74
C ILE X 384 60.37 109.27 48.87
N SER X 385 61.67 109.58 48.82
CA SER X 385 62.24 110.54 49.74
C SER X 385 61.50 111.87 49.64
N SER X 386 61.05 112.23 48.44
CA SER X 386 60.26 113.44 48.29
C SER X 386 58.99 113.38 49.12
N LEU X 387 58.26 112.27 49.05
CA LEU X 387 57.00 112.15 49.79
C LEU X 387 57.25 112.18 51.28
N PHE X 388 58.33 111.54 51.74
CA PHE X 388 58.70 111.68 53.15
C PHE X 388 59.00 113.14 53.50
N GLU X 389 59.76 113.82 52.64
CA GLU X 389 60.15 115.19 52.94
C GLU X 389 58.95 116.12 52.93
N ARG X 390 57.90 115.80 52.20
CA ARG X 390 56.70 116.64 52.23
C ARG X 390 56.05 116.63 53.59
N THR X 391 55.89 115.45 54.20
CA THR X 391 55.30 115.41 55.53
C THR X 391 56.27 115.98 56.58
N CYS X 392 57.58 115.80 56.40
CA CYS X 392 58.51 116.49 57.29
C CYS X 392 58.45 118.01 57.12
N ARG X 393 58.17 118.50 55.91
CA ARG X 393 58.01 119.94 55.69
C ARG X 393 56.78 120.46 56.41
N GLN X 394 55.66 119.74 56.27
CA GLN X 394 54.44 120.10 56.98
C GLN X 394 54.69 120.08 58.48
N TYR X 395 55.41 119.06 58.95
CA TYR X 395 55.70 118.94 60.37
C TYR X 395 56.56 120.10 60.85
N ASP X 396 57.58 120.48 60.08
CA ASP X 396 58.47 121.56 60.50
C ASP X 396 57.70 122.88 60.60
N LYS X 397 56.86 123.17 59.60
CA LYS X 397 56.05 124.37 59.66
C LYS X 397 55.13 124.34 60.87
N LEU X 398 54.44 123.20 61.06
CA LEU X 398 53.55 123.05 62.20
C LEU X 398 54.29 123.12 63.52
N ARG X 399 55.55 122.70 63.54
CA ARG X 399 56.35 122.69 64.75
C ARG X 399 56.77 124.10 65.12
N LYS X 400 57.19 124.90 64.14
CA LYS X 400 57.49 126.29 64.43
C LYS X 400 56.25 127.02 64.92
N ARG X 401 55.11 126.80 64.26
CA ARG X 401 53.89 127.44 64.74
C ARG X 401 53.50 126.94 66.12
N GLU X 402 53.74 125.65 66.41
CA GLU X 402 53.19 124.94 67.56
C GLU X 402 51.66 125.04 67.57
N ALA X 403 51.07 125.24 66.38
CA ALA X 403 49.62 125.43 66.25
C ALA X 403 48.86 124.20 66.73
N PHE X 404 49.38 123.01 66.43
CA PHE X 404 48.83 121.75 66.90
C PHE X 404 49.95 120.98 67.60
N LEU X 405 50.22 121.38 68.84
CA LEU X 405 50.89 120.52 69.80
C LEU X 405 49.91 119.54 70.46
N GLU X 406 48.61 119.71 70.22
CA GLU X 406 47.55 118.88 70.88
C GLU X 406 47.54 119.27 72.36
N GLN X 407 48.62 119.01 73.09
CA GLN X 407 48.75 119.39 74.53
C GLN X 407 47.59 118.78 75.33
N PHE X 408 46.89 117.80 74.78
CA PHE X 408 45.82 117.10 75.52
C PHE X 408 46.54 116.40 76.67
N ARG X 409 45.94 116.24 77.85
CA ARG X 409 46.67 115.68 78.97
C ARG X 409 47.30 114.34 78.60
N LYS X 410 46.61 113.52 77.79
CA LYS X 410 47.25 112.32 77.29
C LYS X 410 48.58 112.63 76.61
N GLU X 411 48.55 113.57 75.64
CA GLU X 411 49.76 113.94 74.91
C GLU X 411 50.85 114.44 75.84
N ASP X 412 50.48 115.28 76.81
CA ASP X 412 51.49 115.99 77.59
C ASP X 412 52.09 115.11 78.68
N MET X 413 51.25 114.38 79.45
CA MET X 413 51.81 113.47 80.45
C MET X 413 52.55 112.32 79.79
N PHE X 414 52.03 111.80 78.67
CA PHE X 414 52.80 110.80 77.95
C PHE X 414 54.13 111.38 77.49
N LYS X 415 54.12 112.62 77.01
CA LYS X 415 55.29 113.24 76.41
C LYS X 415 55.41 114.70 76.87
N ASP X 416 56.02 114.91 78.02
CA ASP X 416 56.27 116.26 78.50
C ASP X 416 57.39 116.92 77.71
N ASN X 417 58.48 116.18 77.49
CA ASN X 417 59.65 116.75 76.83
C ASN X 417 59.37 117.11 75.36
N PHE X 418 58.46 116.38 74.72
CA PHE X 418 58.14 116.61 73.30
C PHE X 418 59.37 116.39 72.42
N ASP X 419 60.28 115.50 72.86
CA ASP X 419 61.60 115.35 72.25
C ASP X 419 61.74 114.12 71.35
N GLU X 420 60.85 113.13 71.44
CA GLU X 420 60.94 112.06 70.45
C GLU X 420 60.51 112.58 69.09
N MET X 421 59.70 113.64 69.05
CA MET X 421 59.44 114.27 67.76
C MET X 421 60.73 114.83 67.16
N ASP X 422 61.60 115.41 67.99
CA ASP X 422 62.92 115.82 67.50
C ASP X 422 63.79 114.62 67.14
N THR X 423 63.73 113.57 67.95
CA THR X 423 64.48 112.34 67.63
C THR X 423 64.01 111.76 66.31
N SER X 424 62.69 111.76 66.09
CA SER X 424 62.12 111.32 64.83
C SER X 424 62.56 112.24 63.71
N ARG X 425 62.62 113.54 63.96
CA ARG X 425 63.03 114.47 62.92
C ARG X 425 64.46 114.21 62.49
N GLU X 426 65.36 114.00 63.44
CA GLU X 426 66.74 113.71 63.06
C GLU X 426 66.87 112.34 62.39
N ILE X 427 66.09 111.35 62.85
CA ILE X 427 66.18 110.02 62.24
C ILE X 427 65.65 110.06 60.81
N VAL X 428 64.50 110.70 60.59
CA VAL X 428 63.96 110.78 59.24
C VAL X 428 64.82 111.69 58.37
N GLN X 429 65.46 112.70 58.96
CA GLN X 429 66.39 113.51 58.19
C GLN X 429 67.61 112.70 57.77
N GLN X 430 68.08 111.81 58.65
CA GLN X 430 69.11 110.85 58.26
C GLN X 430 68.62 110.00 57.09
N LEU X 431 67.35 109.59 57.12
CA LEU X 431 66.82 108.79 56.02
C LEU X 431 66.81 109.58 54.71
N ILE X 432 66.38 110.85 54.76
CA ILE X 432 66.37 111.68 53.55
C ILE X 432 67.78 111.84 53.01
N ASP X 433 68.73 112.15 53.90
CA ASP X 433 70.10 112.34 53.48
C ASP X 433 70.67 111.05 52.92
N GLU X 434 70.27 109.92 53.51
CA GLU X 434 70.72 108.62 53.04
C GLU X 434 70.21 108.31 51.65
N TYR X 435 68.93 108.63 51.38
CA TYR X 435 68.40 108.52 50.02
C TYR X 435 69.23 109.33 49.03
N HIS X 436 69.45 110.60 49.34
CA HIS X 436 70.19 111.44 48.41
C HIS X 436 71.65 111.00 48.30
N ALA X 437 72.23 110.48 49.37
CA ALA X 437 73.57 109.92 49.28
C ALA X 437 73.59 108.68 48.39
N ALA X 438 72.53 107.88 48.43
CA ALA X 438 72.41 106.76 47.50
C ALA X 438 72.37 107.28 46.07
N THR X 439 71.71 108.41 45.85
CA THR X 439 71.80 109.04 44.53
C THR X 439 73.24 109.39 44.20
N ARG X 440 74.02 109.84 45.19
CA ARG X 440 75.41 110.22 44.91
C ARG X 440 76.24 109.01 44.47
N PRO X 441 77.37 109.23 43.79
CA PRO X 441 78.19 108.09 43.35
C PRO X 441 78.93 107.39 44.48
N ASP X 442 78.93 107.94 45.70
CA ASP X 442 79.83 107.50 46.76
C ASP X 442 79.06 107.08 48.00
N TYR X 443 78.05 106.25 47.83
CA TYR X 443 77.37 105.58 48.93
C TYR X 443 78.18 104.44 49.52
N ILE X 444 79.32 104.09 48.91
CA ILE X 444 80.27 103.19 49.55
C ILE X 444 80.73 103.82 50.86
N SER X 445 80.85 105.15 50.88
CA SER X 445 81.08 105.96 52.07
C SER X 445 79.73 106.35 52.65
N TRP X 446 79.69 107.44 53.45
CA TRP X 446 78.53 107.78 54.27
C TRP X 446 77.25 107.79 53.45
N GLY X 447 76.18 107.31 54.06
CA GLY X 447 74.85 107.42 53.48
C GLY X 447 74.23 108.74 53.88
N ARG Y 3 41.83 49.05 93.35
CA ARG Y 3 40.79 48.86 94.35
C ARG Y 3 39.78 50.01 94.23
N GLU Y 4 38.53 49.74 94.56
CA GLU Y 4 37.46 50.70 94.31
C GLU Y 4 37.59 51.93 95.21
N ILE Y 5 37.23 53.09 94.67
CA ILE Y 5 37.34 54.38 95.35
C ILE Y 5 35.97 54.77 95.87
N ILE Y 6 35.90 55.31 97.09
CA ILE Y 6 34.66 55.80 97.66
C ILE Y 6 34.77 57.31 97.83
N THR Y 7 33.73 58.03 97.37
CA THR Y 7 33.73 59.48 97.36
C THR Y 7 32.84 59.99 98.50
N LEU Y 8 33.43 60.76 99.40
CA LEU Y 8 32.78 61.20 100.64
C LEU Y 8 32.31 62.64 100.48
N GLN Y 9 31.23 62.82 99.73
CA GLN Y 9 30.74 64.17 99.45
C GLN Y 9 29.90 64.67 100.63
N LEU Y 10 30.26 65.86 101.13
CA LEU Y 10 29.73 66.41 102.36
C LEU Y 10 29.54 67.91 102.19
N GLY Y 11 28.63 68.48 102.99
CA GLY Y 11 28.32 69.89 102.88
C GLY Y 11 27.46 70.17 101.66
N GLN Y 12 26.81 71.35 101.69
CA GLN Y 12 25.92 71.71 100.60
C GLN Y 12 26.68 71.84 99.28
N CYS Y 13 27.77 72.62 99.28
CA CYS Y 13 28.56 72.82 98.08
C CYS Y 13 29.22 71.51 97.63
N GLY Y 14 29.79 70.76 98.58
CA GLY Y 14 30.41 69.50 98.24
C GLY Y 14 29.44 68.52 97.64
N ASN Y 15 28.21 68.47 98.18
CA ASN Y 15 27.19 67.61 97.62
C ASN Y 15 26.77 68.09 96.23
N GLN Y 16 26.75 69.41 96.01
CA GLN Y 16 26.42 69.91 94.67
C GLN Y 16 27.44 69.45 93.65
N ILE Y 17 28.72 69.57 93.97
CA ILE Y 17 29.74 69.18 93.00
C ILE Y 17 29.85 67.67 92.84
N GLY Y 18 29.60 66.90 93.89
CA GLY Y 18 29.59 65.45 93.76
C GLY Y 18 28.41 64.98 92.94
N PHE Y 19 27.26 65.63 93.14
CA PHE Y 19 26.08 65.37 92.32
C PHE Y 19 26.39 65.58 90.85
N GLU Y 20 26.96 66.75 90.52
CA GLU Y 20 27.27 67.03 89.12
C GLU Y 20 28.32 66.07 88.58
N PHE Y 21 29.32 65.71 89.39
CA PHE Y 21 30.38 64.82 88.93
C PHE Y 21 29.81 63.44 88.59
N TRP Y 22 28.97 62.90 89.47
CA TRP Y 22 28.39 61.60 89.20
C TRP Y 22 27.41 61.65 88.03
N LYS Y 23 26.67 62.76 87.87
CA LYS Y 23 25.84 62.91 86.68
C LYS Y 23 26.69 62.95 85.42
N GLN Y 24 27.83 63.64 85.47
CA GLN Y 24 28.72 63.69 84.32
C GLN Y 24 29.23 62.31 83.98
N LEU Y 25 29.62 61.53 84.98
CA LEU Y 25 30.11 60.18 84.69
C LEU Y 25 28.98 59.23 84.30
N CYS Y 26 27.74 59.53 84.67
CA CYS Y 26 26.60 58.81 84.13
C CYS Y 26 26.49 59.04 82.63
N ALA Y 27 26.47 60.30 82.22
CA ALA Y 27 26.38 60.59 80.79
C ALA Y 27 27.58 60.04 80.03
N GLU Y 28 28.78 60.17 80.60
CA GLU Y 28 29.99 59.72 79.92
C GLU Y 28 30.01 58.20 79.79
N HIS Y 29 29.72 57.48 80.88
CA HIS Y 29 29.68 56.03 80.84
C HIS Y 29 28.34 55.58 80.29
N GLY Y 30 28.21 54.27 80.08
CA GLY Y 30 26.95 53.73 79.60
C GLY Y 30 25.95 53.59 80.72
N ILE Y 31 25.44 54.72 81.23
CA ILE Y 31 24.55 54.73 82.38
C ILE Y 31 23.43 55.74 82.11
N SER Y 32 22.21 55.39 82.52
CA SER Y 32 21.03 56.23 82.39
C SER Y 32 20.77 56.95 83.71
N PRO Y 33 19.83 57.89 83.77
CA PRO Y 33 19.45 58.45 85.08
C PRO Y 33 18.85 57.43 86.02
N GLU Y 34 18.40 56.28 85.52
CA GLU Y 34 17.92 55.19 86.36
C GLU Y 34 19.01 54.17 86.68
N GLY Y 35 20.25 54.42 86.23
CA GLY Y 35 21.36 53.55 86.53
C GLY Y 35 21.45 52.27 85.72
N ILE Y 36 20.49 52.01 84.84
CA ILE Y 36 20.52 50.80 84.02
C ILE Y 36 21.55 51.00 82.91
N VAL Y 37 22.18 49.90 82.49
CA VAL Y 37 23.13 49.95 81.38
C VAL Y 37 22.44 50.52 80.15
N GLU Y 38 23.15 51.38 79.42
CA GLU Y 38 22.60 51.93 78.20
C GLU Y 38 22.52 50.90 77.10
N GLU Y 39 21.38 50.90 76.41
N GLU Y 39 21.37 50.89 76.40
CA GLU Y 39 21.20 50.01 75.26
CA GLU Y 39 21.20 50.01 75.26
C GLU Y 39 22.16 50.37 74.13
C GLU Y 39 22.16 50.37 74.13
N PHE Y 40 22.37 51.67 73.91
CA PHE Y 40 23.24 52.08 72.80
C PHE Y 40 24.67 51.59 73.01
N ALA Y 41 25.11 51.52 74.26
CA ALA Y 41 26.47 51.07 74.58
C ALA Y 41 26.66 49.62 74.15
N THR Y 45 33.90 48.84 77.24
CA THR Y 45 35.33 48.98 77.03
C THR Y 45 36.03 49.75 78.15
N ASP Y 46 35.29 50.13 79.20
CA ASP Y 46 35.77 51.04 80.23
C ASP Y 46 35.86 50.32 81.57
N ARG Y 47 36.69 50.86 82.46
CA ARG Y 47 36.89 50.26 83.79
C ARG Y 47 35.89 50.92 84.73
N LYS Y 48 34.65 50.44 84.69
CA LYS Y 48 33.61 50.96 85.57
C LYS Y 48 33.65 50.34 86.96
N ASP Y 49 34.53 49.34 87.17
CA ASP Y 49 34.64 48.69 88.47
C ASP Y 49 34.99 49.68 89.59
N VAL Y 50 35.97 50.55 89.34
CA VAL Y 50 36.59 51.30 90.43
C VAL Y 50 35.60 52.28 91.04
N PHE Y 51 34.87 53.02 90.20
CA PHE Y 51 34.01 54.10 90.66
C PHE Y 51 32.56 53.67 90.83
N PHE Y 52 32.09 52.70 90.05
CA PHE Y 52 30.70 52.28 90.08
C PHE Y 52 30.59 50.85 90.60
N TYR Y 53 29.85 50.67 91.68
CA TYR Y 53 29.46 49.36 92.17
C TYR Y 53 28.53 48.69 91.15
N GLN Y 54 28.65 47.38 91.03
CA GLN Y 54 27.90 46.59 90.07
C GLN Y 54 26.74 45.91 90.80
N ALA Y 55 25.51 46.25 90.44
CA ALA Y 55 24.37 45.47 90.88
C ALA Y 55 24.12 44.32 89.91
N ASP Y 56 23.26 43.39 90.34
CA ASP Y 56 22.98 42.21 89.54
C ASP Y 56 22.26 42.57 88.24
N ASP Y 57 21.37 43.56 88.29
CA ASP Y 57 20.53 43.94 87.16
C ASP Y 57 21.11 45.15 86.42
N GLU Y 58 22.45 45.22 86.35
CA GLU Y 58 23.16 46.31 85.67
C GLU Y 58 22.75 47.68 86.21
N HIS Y 59 22.45 47.75 87.50
CA HIS Y 59 22.27 49.02 88.19
C HIS Y 59 23.65 49.43 88.68
N TYR Y 60 24.25 50.39 87.99
CA TYR Y 60 25.58 50.90 88.29
C TYR Y 60 25.45 52.06 89.28
N ILE Y 61 25.52 51.70 90.57
CA ILE Y 61 25.38 52.67 91.65
C ILE Y 61 26.78 53.15 92.02
N PRO Y 62 27.08 54.45 91.99
CA PRO Y 62 28.40 54.88 92.45
C PRO Y 62 28.55 54.74 93.94
N ARG Y 63 29.81 54.60 94.38
CA ARG Y 63 30.14 54.53 95.80
C ARG Y 63 30.25 55.94 96.40
N ALA Y 64 29.11 56.64 96.36
CA ALA Y 64 28.97 57.97 96.89
C ALA Y 64 28.44 57.91 98.31
N VAL Y 65 29.09 58.63 99.22
CA VAL Y 65 28.60 58.85 100.57
C VAL Y 65 28.19 60.31 100.65
N LEU Y 66 26.89 60.55 100.72
CA LEU Y 66 26.34 61.90 100.74
C LEU Y 66 25.99 62.24 102.19
N LEU Y 67 26.72 63.20 102.76
CA LEU Y 67 26.55 63.61 104.15
C LEU Y 67 25.86 64.98 104.15
N ASP Y 68 24.71 65.06 104.84
CA ASP Y 68 23.95 66.30 104.96
C ASP Y 68 23.93 66.78 106.40
N LEU Y 69 24.06 68.09 106.58
CA LEU Y 69 23.94 68.73 107.88
C LEU Y 69 23.10 69.97 107.72
N GLU Y 70 22.01 70.05 108.48
CA GLU Y 70 20.98 71.07 108.29
C GLU Y 70 20.52 71.08 106.83
N PRO Y 71 19.97 69.96 106.34
CA PRO Y 71 19.78 69.80 104.90
C PRO Y 71 18.82 70.80 104.29
N ARG Y 72 19.27 71.47 103.21
CA ARG Y 72 18.40 72.23 102.33
C ARG Y 72 18.51 71.74 100.89
N VAL Y 73 19.74 71.64 100.37
CA VAL Y 73 19.93 71.26 98.97
C VAL Y 73 19.93 69.74 98.81
N ILE Y 74 20.02 68.98 99.89
CA ILE Y 74 20.01 67.53 99.74
C ILE Y 74 18.60 67.06 99.43
N HIS Y 75 17.57 67.80 99.86
CA HIS Y 75 16.22 67.50 99.42
C HIS Y 75 16.08 67.71 97.91
N SER Y 76 16.72 68.76 97.39
CA SER Y 76 16.70 69.01 95.95
C SER Y 76 17.46 67.91 95.21
N ILE Y 77 18.55 67.42 95.81
CA ILE Y 77 19.25 66.27 95.25
C ILE Y 77 18.31 65.07 95.19
N LEU Y 78 17.53 64.84 96.25
CA LEU Y 78 16.62 63.70 96.26
C LEU Y 78 15.56 63.80 95.16
N ASN Y 79 14.93 64.97 94.99
CA ASN Y 79 13.86 65.08 93.99
C ASN Y 79 14.47 65.36 92.60
N SER Y 80 15.21 64.37 92.11
CA SER Y 80 15.92 64.45 90.85
C SER Y 80 15.74 63.14 90.10
N PRO Y 81 15.89 63.14 88.76
CA PRO Y 81 15.79 61.87 88.02
C PRO Y 81 16.85 60.86 88.39
N TYR Y 82 17.99 61.29 88.90
CA TYR Y 82 19.12 60.42 89.19
C TYR Y 82 19.07 59.84 90.60
N ALA Y 83 18.00 60.11 91.35
CA ALA Y 83 17.88 59.60 92.70
C ALA Y 83 17.96 58.07 92.72
N LYS Y 84 17.39 57.41 91.72
CA LYS Y 84 17.55 55.96 91.66
C LYS Y 84 18.96 55.59 91.26
N LEU Y 85 19.65 56.45 90.49
CA LEU Y 85 21.04 56.15 90.14
C LEU Y 85 21.89 56.03 91.40
N TYR Y 86 21.83 57.04 92.27
CA TYR Y 86 22.58 57.01 93.53
C TYR Y 86 21.64 56.55 94.63
N ASN Y 87 21.61 55.22 94.85
CA ASN Y 87 20.86 54.61 95.94
C ASN Y 87 21.70 53.56 96.65
N PRO Y 88 22.74 53.95 97.37
CA PRO Y 88 23.21 53.10 98.48
C PRO Y 88 22.36 53.27 99.74
N GLU Y 89 21.42 54.23 99.74
CA GLU Y 89 20.56 54.52 100.88
C GLU Y 89 21.42 54.82 102.11
N ASN Y 90 22.26 55.87 101.96
CA ASN Y 90 23.33 56.20 102.90
C ASN Y 90 23.37 57.71 103.17
N ILE Y 91 22.20 58.31 103.39
CA ILE Y 91 22.08 59.73 103.72
C ILE Y 91 21.54 59.82 105.13
N TYR Y 92 22.29 60.48 106.01
CA TYR Y 92 21.98 60.57 107.43
C TYR Y 92 21.97 62.03 107.88
N LEU Y 93 20.86 62.46 108.46
CA LEU Y 93 20.72 63.80 109.02
C LEU Y 93 21.50 63.92 110.31
N GLY Y 101 25.45 74.64 111.38
CA GLY Y 101 25.79 76.04 111.52
C GLY Y 101 26.78 76.49 110.46
N ASN Y 102 27.04 77.79 110.41
CA ASN Y 102 27.99 78.36 109.47
C ASN Y 102 29.39 78.48 110.05
N ASN Y 103 29.63 77.90 111.22
CA ASN Y 103 30.91 77.99 111.92
C ASN Y 103 31.63 76.66 111.89
N TRP Y 104 32.95 76.74 111.81
CA TRP Y 104 33.78 75.53 111.79
C TRP Y 104 33.58 74.73 113.07
N ALA Y 105 33.60 75.41 114.21
CA ALA Y 105 33.39 74.72 115.49
C ALA Y 105 32.02 74.08 115.56
N SER Y 106 30.98 74.80 115.08
CA SER Y 106 29.64 74.24 115.10
C SER Y 106 29.56 72.99 114.24
N GLY Y 107 30.19 73.01 113.06
CA GLY Y 107 30.19 71.83 112.20
C GLY Y 107 30.94 70.68 112.81
N PHE Y 108 32.10 70.96 113.41
CA PHE Y 108 32.90 69.91 114.06
C PHE Y 108 32.11 69.26 115.19
N SER Y 109 31.48 70.09 116.02
CA SER Y 109 30.71 69.57 117.16
C SER Y 109 29.50 68.76 116.69
N GLN Y 110 28.81 69.25 115.67
CA GLN Y 110 27.67 68.52 115.14
C GLN Y 110 28.12 67.18 114.54
N GLY Y 111 29.30 67.15 113.91
CA GLY Y 111 29.81 65.90 113.38
C GLY Y 111 30.16 64.89 114.48
N GLU Y 112 30.68 65.38 115.61
CA GLU Y 112 31.16 64.46 116.64
C GLU Y 112 30.04 63.58 117.18
N LYS Y 113 28.84 64.14 117.36
CA LYS Y 113 27.76 63.35 117.97
C LYS Y 113 27.25 62.25 117.04
N ILE Y 114 27.28 62.48 115.73
CA ILE Y 114 26.82 61.49 114.74
C ILE Y 114 27.97 60.72 114.11
N HIS Y 115 29.18 60.83 114.65
CA HIS Y 115 30.35 60.24 114.00
C HIS Y 115 30.24 58.71 113.86
N GLU Y 116 29.62 58.03 114.81
CA GLU Y 116 29.57 56.57 114.74
C GLU Y 116 28.67 56.07 113.62
N ASP Y 117 27.50 56.70 113.42
CA ASP Y 117 26.57 56.19 112.42
C ASP Y 117 27.06 56.47 111.00
N ILE Y 118 27.62 57.66 110.77
CA ILE Y 118 28.20 57.95 109.47
C ILE Y 118 29.40 57.07 109.22
N PHE Y 119 30.16 56.74 110.27
CA PHE Y 119 31.29 55.84 110.07
C PHE Y 119 30.82 54.40 109.80
N ASP Y 120 29.68 54.01 110.34
CA ASP Y 120 29.11 52.71 109.98
C ASP Y 120 28.70 52.71 108.52
N ILE Y 121 28.16 53.83 108.05
CA ILE Y 121 27.89 53.99 106.63
C ILE Y 121 29.17 53.85 105.82
N ILE Y 122 30.28 54.39 106.32
CA ILE Y 122 31.56 54.23 105.62
C ILE Y 122 31.94 52.75 105.56
N ASP Y 123 31.81 52.08 106.71
CA ASP Y 123 32.23 50.69 106.84
C ASP Y 123 31.47 49.80 105.85
N ARG Y 124 30.15 49.99 105.78
CA ARG Y 124 29.32 49.16 104.91
C ARG Y 124 29.80 49.21 103.46
N GLU Y 125 30.08 50.41 102.94
CA GLU Y 125 30.55 50.51 101.55
C GLU Y 125 31.94 49.91 101.39
N ALA Y 126 32.84 50.16 102.35
CA ALA Y 126 34.18 49.57 102.29
C ALA Y 126 34.08 48.05 102.26
N ASP Y 127 33.06 47.50 102.90
CA ASP Y 127 32.88 46.06 103.02
C ASP Y 127 32.22 45.49 101.77
N GLY Y 128 31.19 46.17 101.28
CA GLY Y 128 30.51 45.72 100.08
C GLY Y 128 31.43 45.71 98.88
N SER Y 129 32.37 46.65 98.84
CA SER Y 129 33.38 46.60 97.79
C SER Y 129 34.25 45.37 97.98
N ASP Y 130 34.75 44.86 96.86
CA ASP Y 130 35.78 43.83 96.94
C ASP Y 130 36.99 44.34 97.71
N SER Y 131 37.34 45.60 97.51
CA SER Y 131 38.49 46.19 98.17
C SER Y 131 38.43 47.70 98.03
N LEU Y 132 39.28 48.40 98.77
CA LEU Y 132 39.23 49.85 98.91
C LEU Y 132 40.65 50.41 98.83
N GLU Y 133 40.88 51.38 97.94
CA GLU Y 133 42.12 52.14 97.94
C GLU Y 133 42.00 53.50 98.59
N GLY Y 134 40.95 54.26 98.29
CA GLY Y 134 40.98 55.70 98.55
C GLY Y 134 39.65 56.31 98.91
N PHE Y 135 39.74 57.39 99.69
CA PHE Y 135 38.60 58.22 100.08
C PHE Y 135 38.77 59.57 99.41
N VAL Y 136 37.86 59.92 98.51
CA VAL Y 136 37.95 61.15 97.73
C VAL Y 136 36.88 62.11 98.25
N LEU Y 137 37.29 63.20 98.87
CA LEU Y 137 36.37 64.11 99.55
C LEU Y 137 36.08 65.30 98.66
N CYS Y 138 34.80 65.56 98.39
CA CYS Y 138 34.35 66.76 97.69
C CYS Y 138 34.26 67.92 98.67
N HIS Y 139 35.39 68.18 99.32
CA HIS Y 139 35.40 69.01 100.53
C HIS Y 139 35.29 70.48 100.16
N SER Y 140 34.63 71.24 101.04
CA SER Y 140 34.49 72.69 100.91
C SER Y 140 35.26 73.35 102.04
N ILE Y 141 36.28 74.13 101.70
CA ILE Y 141 37.03 74.91 102.69
C ILE Y 141 36.19 76.09 103.10
N ALA Y 142 36.10 76.34 104.41
CA ALA Y 142 35.28 77.40 104.98
C ALA Y 142 33.86 77.34 104.44
N GLY Y 143 33.31 76.13 104.44
CA GLY Y 143 32.00 75.87 103.86
C GLY Y 143 30.90 75.85 104.88
N GLY Y 144 31.05 76.59 105.97
CA GLY Y 144 30.09 76.58 107.04
C GLY Y 144 29.92 75.19 107.62
N THR Y 145 28.83 74.53 107.28
CA THR Y 145 28.62 73.15 107.73
C THR Y 145 29.67 72.21 107.14
N GLY Y 146 30.05 72.43 105.88
CA GLY Y 146 31.01 71.54 105.25
C GLY Y 146 32.34 71.49 105.97
N SER Y 147 32.90 72.66 106.27
CA SER Y 147 34.13 72.73 107.04
C SER Y 147 33.83 72.45 108.51
N GLY Y 148 34.86 72.01 109.22
CA GLY Y 148 34.69 71.53 110.58
C GLY Y 148 34.29 70.07 110.59
N LEU Y 149 33.13 69.76 110.02
CA LEU Y 149 32.74 68.35 109.87
C LEU Y 149 33.70 67.62 108.94
N GLY Y 150 34.12 68.26 107.85
CA GLY Y 150 35.06 67.59 106.97
C GLY Y 150 36.42 67.40 107.62
N SER Y 151 36.85 68.39 108.42
CA SER Y 151 38.12 68.26 109.13
C SER Y 151 38.06 67.13 110.15
N TYR Y 152 36.96 67.05 110.92
CA TYR Y 152 36.81 65.97 111.89
C TYR Y 152 36.82 64.61 111.21
N LEU Y 153 36.03 64.46 110.14
CA LEU Y 153 35.97 63.20 109.43
C LEU Y 153 37.31 62.84 108.81
N LEU Y 154 38.04 63.84 108.33
CA LEU Y 154 39.39 63.63 107.80
C LEU Y 154 40.31 63.11 108.88
N GLU Y 155 40.17 63.63 110.10
CA GLU Y 155 40.99 63.15 111.20
C GLU Y 155 40.62 61.72 111.57
N ARG Y 156 39.34 61.36 111.45
CA ARG Y 156 38.94 60.01 111.80
C ARG Y 156 39.43 58.97 110.77
N LEU Y 157 39.29 59.26 109.47
CA LEU Y 157 39.57 58.22 108.46
C LEU Y 157 41.01 57.75 108.49
N ASN Y 158 41.98 58.66 108.64
CA ASN Y 158 43.37 58.21 108.61
C ASN Y 158 43.68 57.28 109.78
N ASP Y 159 43.11 57.58 110.95
CA ASP Y 159 43.31 56.73 112.12
C ASP Y 159 42.69 55.35 111.89
N ARG Y 160 41.45 55.31 111.39
CA ARG Y 160 40.79 54.02 111.23
C ARG Y 160 41.38 53.22 110.07
N TYR Y 161 41.91 53.89 109.04
CA TYR Y 161 42.48 53.25 107.86
C TYR Y 161 43.89 53.80 107.64
N PRO Y 162 44.85 53.42 108.49
CA PRO Y 162 46.21 53.99 108.36
C PRO Y 162 46.87 53.72 107.01
N LYS Y 163 46.66 52.53 106.45
CA LYS Y 163 47.28 52.20 105.17
C LYS Y 163 46.64 53.00 104.04
N LYS Y 164 45.35 53.31 104.15
CA LYS Y 164 44.61 53.92 103.05
C LYS Y 164 44.91 55.40 102.92
N LEU Y 165 44.58 55.95 101.75
CA LEU Y 165 44.90 57.31 101.37
C LEU Y 165 43.63 58.14 101.14
N VAL Y 166 43.76 59.44 101.41
CA VAL Y 166 42.67 60.39 101.32
C VAL Y 166 43.08 61.49 100.35
N GLN Y 167 42.24 61.72 99.34
CA GLN Y 167 42.37 62.85 98.44
C GLN Y 167 41.23 63.83 98.74
N THR Y 168 41.49 65.11 98.50
CA THR Y 168 40.52 66.16 98.78
C THR Y 168 40.45 67.09 97.57
N TYR Y 169 39.30 67.11 96.89
CA TYR Y 169 39.04 68.07 95.83
C TYR Y 169 38.52 69.37 96.47
N SER Y 170 39.41 70.00 97.23
CA SER Y 170 39.06 71.20 97.97
C SER Y 170 38.75 72.36 97.03
N VAL Y 171 37.55 72.90 97.13
CA VAL Y 171 37.18 74.14 96.44
C VAL Y 171 37.53 75.30 97.37
N PHE Y 172 38.79 75.73 97.31
CA PHE Y 172 39.26 76.78 98.19
C PHE Y 172 38.51 78.07 97.88
N PRO Y 173 37.79 78.69 98.85
CA PRO Y 173 36.98 79.85 98.48
C PRO Y 173 37.77 81.15 98.44
N ASN Y 174 37.82 81.72 97.25
CA ASN Y 174 38.22 83.11 97.04
C ASN Y 174 37.09 83.72 96.23
N GLN Y 175 36.40 84.70 96.81
CA GLN Y 175 35.31 85.41 96.14
C GLN Y 175 35.58 86.91 96.18
N ASP Y 176 36.85 87.30 96.09
CA ASP Y 176 37.33 88.65 96.30
C ASP Y 176 37.12 89.13 97.73
N GLU Y 177 36.88 88.20 98.66
CA GLU Y 177 36.58 88.52 100.06
C GLU Y 177 35.42 89.51 100.18
N ASP Y 180 27.54 86.65 102.60
CA ASP Y 180 28.91 86.84 103.08
C ASP Y 180 29.10 86.16 104.43
N VAL Y 181 30.30 85.62 104.65
CA VAL Y 181 30.70 85.03 105.92
C VAL Y 181 31.91 85.81 106.42
N VAL Y 182 31.80 86.35 107.64
CA VAL Y 182 32.90 87.13 108.21
C VAL Y 182 33.99 86.27 108.83
N VAL Y 183 33.72 85.00 109.14
CA VAL Y 183 34.66 84.11 109.82
C VAL Y 183 35.42 83.20 108.84
N GLN Y 184 35.41 83.53 107.55
CA GLN Y 184 36.13 82.73 106.54
C GLN Y 184 37.58 82.46 106.89
N PRO Y 185 38.41 83.45 107.24
CA PRO Y 185 39.82 83.13 107.49
C PRO Y 185 40.03 82.17 108.64
N TYR Y 186 39.28 82.33 109.73
CA TYR Y 186 39.38 81.41 110.87
C TYR Y 186 39.03 79.99 110.45
N ASN Y 187 37.89 79.86 109.75
CA ASN Y 187 37.41 78.54 109.34
C ASN Y 187 38.43 77.87 108.43
N SER Y 188 38.85 78.57 107.37
CA SER Y 188 39.81 78.02 106.42
C SER Y 188 41.13 77.71 107.10
N LEU Y 189 41.53 78.53 108.07
CA LEU Y 189 42.78 78.29 108.80
C LEU Y 189 42.75 76.94 109.49
N LEU Y 190 41.69 76.66 110.25
CA LEU Y 190 41.64 75.36 110.94
C LEU Y 190 41.55 74.20 109.94
N THR Y 191 40.76 74.37 108.87
CA THR Y 191 40.66 73.31 107.88
C THR Y 191 42.02 72.99 107.28
N LEU Y 192 42.83 74.02 107.00
CA LEU Y 192 44.10 73.75 106.34
C LEU Y 192 45.05 73.01 107.30
N LYS Y 193 44.97 73.30 108.59
CA LYS Y 193 45.81 72.55 109.54
C LYS Y 193 45.48 71.07 109.49
N ARG Y 194 44.18 70.75 109.59
CA ARG Y 194 43.78 69.35 109.52
C ARG Y 194 44.18 68.74 108.18
N LEU Y 195 44.03 69.50 107.09
CA LEU Y 195 44.36 68.99 105.76
C LEU Y 195 45.86 68.80 105.59
N THR Y 196 46.67 69.69 106.16
CA THR Y 196 48.12 69.60 106.00
C THR Y 196 48.68 68.39 106.71
N GLN Y 197 48.15 68.06 107.89
CA GLN Y 197 48.72 66.92 108.61
C GLN Y 197 47.98 65.61 108.42
N ASN Y 198 46.73 65.64 107.93
CA ASN Y 198 45.87 64.46 107.91
C ASN Y 198 45.28 64.14 106.54
N ALA Y 199 45.88 64.64 105.45
CA ALA Y 199 45.39 64.39 104.10
C ALA Y 199 46.56 63.99 103.22
N ASP Y 200 46.40 62.88 102.49
CA ASP Y 200 47.47 62.41 101.63
C ASP Y 200 47.61 63.28 100.38
N CYS Y 201 46.50 63.75 99.81
CA CYS Y 201 46.56 64.62 98.64
C CYS Y 201 45.43 65.64 98.64
N VAL Y 202 45.68 66.79 98.02
CA VAL Y 202 44.68 67.83 97.86
C VAL Y 202 44.83 68.41 96.45
N VAL Y 203 43.71 68.60 95.76
CA VAL Y 203 43.64 69.27 94.48
C VAL Y 203 42.90 70.57 94.70
N VAL Y 204 43.60 71.70 94.55
CA VAL Y 204 43.05 72.99 94.96
C VAL Y 204 42.38 73.66 93.77
N LEU Y 205 41.20 74.24 94.01
CA LEU Y 205 40.45 75.02 93.02
C LEU Y 205 40.08 76.35 93.66
N ASP Y 206 39.81 77.35 92.81
CA ASP Y 206 39.61 78.73 93.25
C ASP Y 206 38.37 79.35 92.62
N ASN Y 207 37.55 79.94 93.50
CA ASN Y 207 36.30 80.54 93.05
C ASN Y 207 36.54 81.78 92.20
N THR Y 208 37.42 82.70 92.64
CA THR Y 208 37.75 83.84 91.78
C THR Y 208 38.37 83.41 90.46
N ALA Y 209 39.26 82.41 90.48
CA ALA Y 209 39.89 81.99 89.22
C ALA Y 209 38.85 81.44 88.26
N LEU Y 210 37.97 80.57 88.75
CA LEU Y 210 36.95 80.02 87.86
C LEU Y 210 35.94 81.08 87.45
N ASN Y 211 35.66 82.05 88.31
CA ASN Y 211 34.79 83.16 87.93
C ASN Y 211 35.44 84.02 86.85
N ARG Y 212 36.74 84.27 86.97
CA ARG Y 212 37.45 85.03 85.95
C ARG Y 212 37.39 84.30 84.62
N ILE Y 213 37.57 82.98 84.65
CA ILE Y 213 37.42 82.20 83.43
C ILE Y 213 35.99 82.27 82.92
N ALA Y 214 35.01 82.30 83.83
CA ALA Y 214 33.63 82.42 83.42
C ALA Y 214 33.39 83.71 82.66
N THR Y 215 33.92 84.82 83.18
CA THR Y 215 33.83 86.10 82.46
C THR Y 215 34.56 86.02 81.12
N ASP Y 216 35.69 85.32 81.08
CA ASP Y 216 36.46 85.19 79.86
C ASP Y 216 35.66 84.47 78.77
N ARG Y 217 35.29 83.22 79.04
CA ARG Y 217 34.63 82.38 78.03
C ARG Y 217 33.19 82.80 77.76
N LEU Y 218 32.47 83.28 78.78
CA LEU Y 218 31.08 83.68 78.66
C LEU Y 218 30.85 85.01 79.35
N HIS Y 219 29.63 85.53 79.18
CA HIS Y 219 29.19 86.76 79.83
C HIS Y 219 28.59 86.53 81.21
N ILE Y 220 28.49 85.28 81.65
CA ILE Y 220 27.92 84.97 82.96
C ILE Y 220 28.75 85.66 84.04
N GLN Y 221 28.07 86.49 84.85
CA GLN Y 221 28.69 87.10 86.03
C GLN Y 221 27.88 86.84 87.30
N ASN Y 222 26.57 87.08 87.25
CA ASN Y 222 25.77 86.95 88.46
C ASN Y 222 25.56 85.49 88.88
N PRO Y 223 25.14 84.54 88.00
CA PRO Y 223 24.97 83.15 88.40
C PRO Y 223 26.26 82.34 88.34
N SER Y 224 27.31 82.85 89.01
CA SER Y 224 28.63 82.23 88.93
C SER Y 224 28.62 80.80 89.45
N PHE Y 225 27.98 80.56 90.61
CA PHE Y 225 28.09 79.26 91.26
C PHE Y 225 27.49 78.14 90.40
N SER Y 226 26.32 78.39 89.82
CA SER Y 226 25.63 77.34 89.06
C SER Y 226 26.46 76.93 87.85
N GLN Y 227 27.01 77.89 87.12
CA GLN Y 227 27.78 77.58 85.92
C GLN Y 227 29.16 77.05 86.26
N ILE Y 228 29.78 77.58 87.33
CA ILE Y 228 31.13 77.15 87.71
C ILE Y 228 31.13 75.68 88.13
N ASN Y 229 29.97 75.17 88.55
CA ASN Y 229 29.83 73.75 88.85
C ASN Y 229 30.27 72.90 87.66
N GLN Y 230 29.87 73.30 86.45
CA GLN Y 230 30.25 72.55 85.26
C GLN Y 230 31.75 72.53 85.06
N LEU Y 231 32.41 73.68 85.26
CA LEU Y 231 33.86 73.75 85.09
C LEU Y 231 34.55 72.82 86.09
N VAL Y 232 34.07 72.86 87.34
CA VAL Y 232 34.62 71.98 88.37
C VAL Y 232 34.42 70.52 87.99
N SER Y 233 33.25 70.20 87.45
CA SER Y 233 32.95 68.82 87.09
C SER Y 233 33.86 68.34 85.96
N THR Y 234 34.10 69.19 84.97
CA THR Y 234 35.03 68.84 83.91
C THR Y 234 36.40 68.54 84.48
N ILE Y 235 36.88 69.37 85.41
CA ILE Y 235 38.21 69.10 86.00
C ILE Y 235 38.19 67.77 86.73
N MET Y 236 37.15 67.53 87.53
CA MET Y 236 37.11 66.31 88.35
C MET Y 236 37.04 65.06 87.48
N SER Y 237 36.23 65.07 86.43
CA SER Y 237 36.12 63.91 85.56
C SER Y 237 37.42 63.65 84.79
N ALA Y 238 37.97 64.71 84.19
CA ALA Y 238 39.20 64.56 83.42
C ALA Y 238 40.36 64.11 84.30
N SER Y 239 40.39 64.54 85.56
CA SER Y 239 41.46 64.14 86.46
C SER Y 239 41.45 62.65 86.77
N THR Y 240 40.30 61.98 86.59
CA THR Y 240 40.16 60.55 86.85
C THR Y 240 40.06 59.70 85.59
N THR Y 241 39.90 60.32 84.42
CA THR Y 241 39.66 59.56 83.18
C THR Y 241 40.69 58.46 82.94
N THR Y 242 41.96 58.69 83.28
CA THR Y 242 42.97 57.66 83.04
C THR Y 242 42.75 56.43 83.92
N LEU Y 243 42.17 56.62 85.11
CA LEU Y 243 41.77 55.48 85.94
C LEU Y 243 40.49 54.84 85.41
N ARG Y 244 39.51 55.66 85.06
CA ARG Y 244 38.23 55.14 84.56
C ARG Y 244 38.38 54.36 83.27
N TYR Y 245 39.43 54.62 82.50
CA TYR Y 245 39.64 53.96 81.21
C TYR Y 245 41.04 53.34 81.23
N PRO Y 246 41.20 52.03 80.94
CA PRO Y 246 42.52 51.41 81.15
C PRO Y 246 43.57 52.01 80.22
N GLY Y 247 44.82 51.89 80.63
CA GLY Y 247 45.89 52.45 79.83
C GLY Y 247 47.20 51.75 80.06
N TYR Y 248 48.22 52.23 79.35
CA TYR Y 248 49.57 51.69 79.48
C TYR Y 248 50.23 52.13 80.77
N MET Y 249 49.83 53.28 81.29
CA MET Y 249 50.39 53.85 82.51
C MET Y 249 49.27 54.31 83.41
N ASN Y 250 49.65 54.61 84.65
CA ASN Y 250 48.76 55.22 85.65
C ASN Y 250 47.42 54.51 85.71
N ASN Y 251 47.49 53.18 85.85
CA ASN Y 251 46.32 52.34 86.02
C ASN Y 251 45.89 52.27 87.49
N ASP Y 252 46.39 53.18 88.33
CA ASP Y 252 45.95 53.24 89.71
C ASP Y 252 46.15 54.65 90.23
N LEU Y 253 45.26 55.02 91.15
CA LEU Y 253 45.28 56.36 91.72
C LEU Y 253 46.63 56.66 92.34
N ILE Y 254 47.09 55.79 93.24
CA ILE Y 254 48.36 56.01 93.92
C ILE Y 254 49.53 56.10 92.93
N GLY Y 255 49.51 55.25 91.89
CA GLY Y 255 50.55 55.33 90.89
C GLY Y 255 50.60 56.68 90.22
N LEU Y 256 49.43 57.27 89.97
CA LEU Y 256 49.41 58.63 89.45
C LEU Y 256 49.87 59.64 90.50
N ILE Y 257 49.37 59.50 91.73
CA ILE Y 257 49.59 60.47 92.80
C ILE Y 257 51.06 60.64 93.11
N ALA Y 258 51.83 59.54 93.01
CA ALA Y 258 53.25 59.59 93.32
C ALA Y 258 53.95 60.67 92.50
N SER Y 259 53.68 60.71 91.19
CA SER Y 259 54.28 61.71 90.32
C SER Y 259 53.95 63.12 90.78
N LEU Y 260 52.73 63.33 91.26
CA LEU Y 260 52.25 64.70 91.49
C LEU Y 260 52.69 65.26 92.84
N ILE Y 261 52.71 64.46 93.89
CA ILE Y 261 53.13 64.92 95.22
C ILE Y 261 54.53 64.40 95.48
N PRO Y 262 55.58 65.29 95.44
CA PRO Y 262 56.95 64.81 95.66
C PRO Y 262 57.35 64.71 97.13
N THR Y 263 56.90 65.66 97.97
CA THR Y 263 57.17 65.64 99.41
C THR Y 263 55.85 65.70 100.18
N PRO Y 264 55.71 64.98 101.30
CA PRO Y 264 54.37 64.84 101.91
C PRO Y 264 53.68 66.15 102.27
N ARG Y 265 54.43 67.13 102.78
CA ARG Y 265 53.80 68.40 103.17
C ARG Y 265 53.21 69.10 101.95
N LEU Y 266 53.95 69.13 100.84
CA LEU Y 266 53.57 69.93 99.68
C LEU Y 266 52.74 69.03 98.75
N HIS Y 267 51.46 68.87 99.10
CA HIS Y 267 50.57 67.94 98.43
C HIS Y 267 49.33 68.62 97.84
N PHE Y 268 49.44 69.91 97.53
CA PHE Y 268 48.33 70.69 96.97
C PHE Y 268 48.60 70.88 95.49
N LEU Y 269 47.60 70.63 94.66
CA LEU Y 269 47.82 70.46 93.22
C LEU Y 269 47.05 71.48 92.39
N MET Y 270 47.75 72.05 91.42
CA MET Y 270 47.34 73.00 90.40
C MET Y 270 46.61 72.28 89.28
N THR Y 271 45.69 73.00 88.66
CA THR Y 271 44.82 72.47 87.63
C THR Y 271 44.97 73.29 86.35
N GLY Y 272 44.73 72.64 85.22
CA GLY Y 272 44.68 73.35 83.95
C GLY Y 272 44.03 72.51 82.90
N TYR Y 273 43.45 73.19 81.90
CA TYR Y 273 42.69 72.54 80.84
C TYR Y 273 42.90 73.30 79.54
N THR Y 274 43.35 72.59 78.49
CA THR Y 274 43.69 73.27 77.25
C THR Y 274 42.47 73.93 76.60
N PRO Y 275 41.45 73.19 76.11
CA PRO Y 275 40.29 73.89 75.56
C PRO Y 275 39.28 74.22 76.64
N LEU Y 276 39.52 75.31 77.38
CA LEU Y 276 38.50 75.82 78.30
C LEU Y 276 37.18 75.97 77.58
N THR Y 277 37.23 76.44 76.33
CA THR Y 277 36.09 76.38 75.41
C THR Y 277 36.11 75.07 74.62
N THR Y 278 35.99 73.95 75.35
CA THR Y 278 35.86 72.64 74.70
C THR Y 278 34.54 72.51 73.94
N ASP Y 279 33.56 73.36 74.24
CA ASP Y 279 32.34 73.42 73.44
C ASP Y 279 32.63 74.09 72.10
N LYS Y 287 42.46 69.83 63.03
CA LYS Y 287 42.57 69.29 64.38
C LYS Y 287 43.79 69.92 65.04
N THR Y 288 43.82 69.95 66.38
CA THR Y 288 44.88 70.59 67.15
C THR Y 288 45.93 69.55 67.51
N THR Y 289 47.18 69.84 67.17
CA THR Y 289 48.27 68.92 67.43
C THR Y 289 48.70 69.00 68.90
N VAL Y 290 49.33 67.92 69.38
CA VAL Y 290 49.78 67.84 70.77
C VAL Y 290 50.76 68.97 71.10
N LEU Y 291 51.60 69.35 70.13
CA LEU Y 291 52.46 70.51 70.30
C LEU Y 291 51.62 71.73 70.66
N ASP Y 292 50.52 71.92 69.92
CA ASP Y 292 49.69 73.08 70.12
C ASP Y 292 49.03 73.05 71.49
N VAL Y 293 48.42 71.91 71.86
CA VAL Y 293 47.70 71.88 73.13
C VAL Y 293 48.66 72.05 74.31
N MET Y 294 49.89 71.50 74.24
CA MET Y 294 50.85 71.75 75.32
C MET Y 294 51.20 73.23 75.42
N ARG Y 295 51.62 73.86 74.31
CA ARG Y 295 51.98 75.26 74.44
C ARG Y 295 50.78 76.15 74.76
N ARG Y 296 49.57 75.73 74.43
CA ARG Y 296 48.43 76.47 74.95
C ARG Y 296 48.29 76.27 76.45
N LEU Y 297 48.45 75.04 76.92
CA LEU Y 297 48.11 74.70 78.30
C LEU Y 297 49.03 75.42 79.27
N LEU Y 298 50.31 75.48 78.95
CA LEU Y 298 51.26 76.10 79.87
C LEU Y 298 51.02 77.61 80.05
N GLN Y 299 50.26 78.24 79.16
CA GLN Y 299 49.95 79.65 79.32
C GLN Y 299 49.09 79.87 80.56
N PRO Y 300 49.16 81.05 81.21
CA PRO Y 300 48.41 81.24 82.46
C PRO Y 300 46.90 81.40 82.29
N LYS Y 301 46.40 81.76 81.10
CA LYS Y 301 44.96 81.89 80.94
C LYS Y 301 44.28 80.53 81.11
N ASN Y 302 44.86 79.48 80.54
CA ASN Y 302 44.29 78.15 80.70
C ASN Y 302 44.41 77.66 82.14
N VAL Y 303 45.34 78.18 82.92
CA VAL Y 303 45.41 77.85 84.34
C VAL Y 303 44.17 78.39 85.04
N MET Y 304 43.68 77.62 86.01
CA MET Y 304 42.36 77.85 86.59
C MET Y 304 42.46 78.26 88.05
N VAL Y 305 43.60 78.86 88.41
CA VAL Y 305 43.92 79.26 89.77
C VAL Y 305 44.39 80.69 89.73
N SER Y 306 44.03 81.46 90.77
CA SER Y 306 44.32 82.89 90.82
C SER Y 306 45.63 83.12 91.57
N THR Y 313 60.80 87.79 94.54
CA THR Y 313 61.24 86.43 94.82
C THR Y 313 60.90 85.50 93.67
N ASN Y 314 61.85 84.65 93.30
CA ASN Y 314 61.61 83.64 92.29
C ASN Y 314 60.50 82.70 92.74
N HIS Y 315 59.78 82.15 91.77
CA HIS Y 315 58.75 81.13 92.02
C HIS Y 315 58.77 80.10 90.91
N CYS Y 316 58.43 78.87 91.26
CA CYS Y 316 58.71 77.73 90.41
C CYS Y 316 57.74 76.59 90.65
N TYR Y 317 57.51 75.79 89.61
CA TYR Y 317 56.87 74.50 89.77
C TYR Y 317 57.80 73.54 90.50
N ILE Y 318 57.20 72.53 91.16
CA ILE Y 318 57.97 71.39 91.65
C ILE Y 318 57.93 70.24 90.65
N ALA Y 319 56.75 69.97 90.07
CA ALA Y 319 56.59 68.90 89.10
C ALA Y 319 55.27 69.10 88.38
N ILE Y 320 55.23 68.72 87.10
CA ILE Y 320 54.07 68.97 86.26
C ILE Y 320 53.72 67.66 85.56
N LEU Y 321 52.43 67.42 85.34
CA LEU Y 321 51.97 66.26 84.57
C LEU Y 321 50.80 66.70 83.70
N ASN Y 322 50.75 66.13 82.49
CA ASN Y 322 49.72 66.41 81.51
C ASN Y 322 49.15 65.11 80.97
N ILE Y 323 47.82 65.07 80.87
CA ILE Y 323 47.08 63.97 80.26
C ILE Y 323 46.26 64.52 79.11
N ILE Y 324 46.35 63.87 77.96
CA ILE Y 324 45.69 64.29 76.73
C ILE Y 324 44.71 63.18 76.33
N GLN Y 325 43.47 63.57 75.99
CA GLN Y 325 42.46 62.61 75.56
C GLN Y 325 41.97 63.07 74.19
N GLY Y 326 42.24 62.30 73.15
CA GLY Y 326 41.70 62.63 71.85
C GLY Y 326 42.38 61.86 70.73
N GLU Y 327 42.21 62.40 69.53
CA GLU Y 327 42.83 61.84 68.32
C GLU Y 327 44.28 62.31 68.28
N VAL Y 328 45.11 61.60 69.03
CA VAL Y 328 46.51 61.97 69.24
C VAL Y 328 47.40 61.00 68.47
N ASP Y 329 48.25 61.54 67.60
CA ASP Y 329 49.21 60.71 66.91
C ASP Y 329 50.30 60.25 67.89
N PRO Y 330 50.75 58.98 67.82
CA PRO Y 330 51.70 58.51 68.83
C PRO Y 330 53.11 59.01 68.62
N THR Y 331 53.57 59.03 67.36
CA THR Y 331 54.96 59.39 67.08
C THR Y 331 55.25 60.84 67.43
N GLN Y 332 54.25 61.71 67.36
CA GLN Y 332 54.46 63.12 67.63
C GLN Y 332 54.49 63.47 69.11
N VAL Y 333 54.10 62.58 70.01
CA VAL Y 333 54.01 62.99 71.42
C VAL Y 333 55.41 63.20 72.01
N HIS Y 334 56.36 62.31 71.71
CA HIS Y 334 57.71 62.52 72.21
C HIS Y 334 58.36 63.73 71.56
N LYS Y 335 58.15 63.90 70.25
CA LYS Y 335 58.62 65.10 69.56
C LYS Y 335 57.98 66.35 70.17
N SER Y 336 56.73 66.24 70.63
CA SER Y 336 56.07 67.36 71.27
C SER Y 336 56.73 67.69 72.59
N LEU Y 337 57.10 66.67 73.36
CA LEU Y 337 57.77 66.90 74.62
C LEU Y 337 59.13 67.56 74.39
N GLN Y 338 59.85 67.10 73.35
CA GLN Y 338 61.07 67.77 72.92
C GLN Y 338 60.81 69.23 72.56
N ARG Y 339 59.74 69.48 71.80
CA ARG Y 339 59.45 70.82 71.34
C ARG Y 339 59.11 71.72 72.52
N ILE Y 340 58.35 71.21 73.48
CA ILE Y 340 58.03 71.97 74.70
C ILE Y 340 59.31 72.25 75.48
N ARG Y 341 60.26 71.30 75.48
CA ARG Y 341 61.52 71.52 76.18
C ARG Y 341 62.30 72.68 75.56
N GLU Y 342 62.34 72.75 74.22
CA GLU Y 342 62.92 73.91 73.54
C GLU Y 342 62.11 75.16 73.81
N ARG Y 343 60.79 75.02 73.82
CA ARG Y 343 59.85 76.15 73.79
C ARG Y 343 59.88 76.89 75.12
N LYS Y 344 60.19 76.15 76.20
CA LYS Y 344 60.51 76.69 77.52
C LYS Y 344 59.51 77.73 77.99
N LEU Y 345 58.27 77.30 78.21
CA LEU Y 345 57.33 78.14 78.92
C LEU Y 345 57.40 77.91 80.41
N ALA Y 346 57.32 76.66 80.84
CA ALA Y 346 57.23 76.33 82.25
C ALA Y 346 58.62 76.52 82.84
N ASN Y 347 58.73 77.54 83.69
CA ASN Y 347 60.01 77.91 84.29
C ASN Y 347 60.02 77.39 85.71
N PHE Y 348 60.98 76.52 86.00
CA PHE Y 348 61.02 75.90 87.31
C PHE Y 348 62.43 75.36 87.54
N ILE Y 349 62.99 75.68 88.71
CA ILE Y 349 64.26 75.12 89.16
C ILE Y 349 64.05 74.62 90.60
N PRO Y 350 63.19 73.61 90.79
CA PRO Y 350 62.95 73.11 92.14
C PRO Y 350 64.03 72.12 92.58
N TRP Y 351 63.94 71.75 93.86
CA TRP Y 351 64.79 70.70 94.41
C TRP Y 351 64.50 69.33 93.83
N GLY Y 352 63.36 69.13 93.15
CA GLY Y 352 63.02 67.86 92.56
C GLY Y 352 63.25 67.88 91.06
N PRO Y 353 63.77 66.79 90.46
CA PRO Y 353 64.07 66.87 89.02
C PRO Y 353 62.85 66.86 88.12
N ALA Y 354 61.72 66.33 88.60
CA ALA Y 354 60.49 66.19 87.84
C ALA Y 354 60.10 67.47 87.12
N SER Y 355 60.08 67.41 85.78
CA SER Y 355 59.65 68.51 84.94
C SER Y 355 58.27 68.29 84.34
N ILE Y 356 58.18 67.32 83.42
CA ILE Y 356 56.97 67.03 82.67
C ILE Y 356 57.06 65.74 81.90
N GLN Y 357 55.94 65.03 81.81
CA GLN Y 357 55.81 63.79 81.07
C GLN Y 357 54.46 63.81 80.36
N VAL Y 358 54.43 63.37 79.11
CA VAL Y 358 53.22 63.41 78.30
C VAL Y 358 52.49 62.08 78.48
N ALA Y 359 51.26 62.13 78.99
CA ALA Y 359 50.43 60.95 79.19
C ALA Y 359 49.17 61.05 78.35
N LEU Y 360 48.56 59.89 78.09
CA LEU Y 360 47.43 59.77 77.17
C LEU Y 360 46.33 58.94 77.81
N SER Y 361 45.09 59.36 77.56
CA SER Y 361 43.90 58.65 77.97
C SER Y 361 42.94 58.62 76.78
N ARG Y 362 41.88 57.83 76.87
CA ARG Y 362 41.00 57.61 75.74
C ARG Y 362 39.80 58.54 75.86
N LYS Y 363 39.53 59.28 74.79
CA LYS Y 363 38.27 60.02 74.70
C LYS Y 363 37.12 59.03 74.53
N SER Y 364 36.02 59.28 75.24
CA SER Y 364 34.93 58.31 75.32
C SER Y 364 34.01 58.44 74.11
N PRO Y 365 33.24 57.39 73.78
CA PRO Y 365 32.20 57.53 72.74
C PRO Y 365 30.88 58.06 73.28
N TYR Y 366 29.90 58.25 72.39
CA TYR Y 366 28.53 58.70 72.65
C TYR Y 366 28.38 60.17 73.04
N LEU Y 367 29.45 60.83 73.48
CA LEU Y 367 29.36 62.26 73.80
C LEU Y 367 29.99 63.04 72.66
N PRO Y 368 29.74 64.35 72.54
CA PRO Y 368 30.34 65.10 71.44
C PRO Y 368 31.86 65.08 71.50
N SER Y 369 32.47 64.94 70.33
CA SER Y 369 33.92 64.91 70.20
C SER Y 369 34.47 66.27 69.78
N ALA Y 370 33.73 67.35 70.06
CA ALA Y 370 34.18 68.69 69.71
C ALA Y 370 35.51 69.00 70.40
N HIS Y 371 36.40 69.66 69.66
CA HIS Y 371 37.80 69.76 70.04
C HIS Y 371 38.36 68.36 70.31
N ARG Y 372 38.50 67.64 69.20
CA ARG Y 372 38.87 66.23 69.16
C ARG Y 372 40.02 65.92 70.11
N VAL Y 373 41.04 66.78 70.12
CA VAL Y 373 42.15 66.70 71.07
C VAL Y 373 41.92 67.71 72.17
N SER Y 374 41.90 67.24 73.41
CA SER Y 374 41.62 68.08 74.57
C SER Y 374 42.39 67.54 75.75
N GLY Y 375 43.04 68.43 76.51
CA GLY Y 375 44.01 68.04 77.50
C GLY Y 375 43.83 68.72 78.84
N LEU Y 376 44.51 68.16 79.83
CA LEU Y 376 44.48 68.61 81.22
C LEU Y 376 45.85 68.44 81.85
N MET Y 377 46.12 69.25 82.87
CA MET Y 377 47.35 69.17 83.65
C MET Y 377 47.10 69.29 85.14
N MET Y 378 47.78 68.42 85.88
CA MET Y 378 47.92 68.48 87.34
C MET Y 378 49.37 68.82 87.66
N ALA Y 379 49.60 69.79 88.56
CA ALA Y 379 50.96 70.22 88.87
C ALA Y 379 51.12 70.59 90.33
N ASN Y 380 52.37 70.56 90.80
CA ASN Y 380 52.74 71.16 92.09
C ASN Y 380 53.45 72.48 91.82
N HIS Y 381 52.83 73.58 92.22
CA HIS Y 381 53.35 74.93 91.99
C HIS Y 381 53.46 75.69 93.30
N THR Y 382 54.56 76.44 93.45
CA THR Y 382 54.80 77.21 94.66
C THR Y 382 53.90 78.44 94.76
N SER Y 383 53.21 78.82 93.67
CA SER Y 383 52.39 80.02 93.69
C SER Y 383 51.27 79.92 94.71
N ILE Y 384 50.75 78.72 94.96
CA ILE Y 384 49.61 78.54 95.85
C ILE Y 384 49.92 78.97 97.28
N SER Y 385 51.22 79.04 97.63
CA SER Y 385 51.60 79.61 98.92
C SER Y 385 51.08 81.03 99.04
N SER Y 386 51.05 81.77 97.93
CA SER Y 386 50.49 83.11 97.96
C SER Y 386 49.03 83.08 98.39
N LEU Y 387 48.23 82.18 97.80
CA LEU Y 387 46.80 82.13 98.14
C LEU Y 387 46.59 81.71 99.58
N PHE Y 388 47.35 80.72 100.06
CA PHE Y 388 47.26 80.39 101.49
C PHE Y 388 47.66 81.57 102.36
N GLU Y 389 48.71 82.29 101.97
CA GLU Y 389 49.15 83.43 102.76
C GLU Y 389 48.14 84.56 102.72
N ARG Y 390 47.32 84.65 101.67
CA ARG Y 390 46.27 85.69 101.65
C ARG Y 390 45.23 85.43 102.74
N THR Y 391 44.76 84.20 102.88
CA THR Y 391 43.81 83.93 103.95
C THR Y 391 44.49 83.98 105.31
N CYS Y 392 45.77 83.61 105.40
CA CYS Y 392 46.51 83.82 106.64
C CYS Y 392 46.65 85.32 106.97
N ARG Y 393 46.76 86.16 105.94
CA ARG Y 393 46.84 87.61 106.14
C ARG Y 393 45.52 88.16 106.66
N GLN Y 394 44.43 87.74 106.03
CA GLN Y 394 43.10 88.12 106.49
C GLN Y 394 42.88 87.66 107.93
N TYR Y 395 43.30 86.43 108.23
CA TYR Y 395 43.15 85.90 109.57
C TYR Y 395 43.99 86.69 110.57
N ASP Y 396 45.22 87.04 110.22
CA ASP Y 396 46.08 87.77 111.13
C ASP Y 396 45.50 89.15 111.45
N LYS Y 397 45.04 89.85 110.41
CA LYS Y 397 44.40 91.15 110.63
C LYS Y 397 43.15 91.00 111.50
N LEU Y 398 42.32 90.02 111.17
CA LEU Y 398 41.09 89.78 111.95
C LEU Y 398 41.42 89.39 113.37
N ARG Y 399 42.55 88.70 113.57
CA ARG Y 399 42.93 88.22 114.89
C ARG Y 399 43.39 89.39 115.75
N LYS Y 400 44.17 90.31 115.16
CA LYS Y 400 44.59 91.50 115.91
C LYS Y 400 43.38 92.37 116.25
N ARG Y 401 42.53 92.65 115.25
CA ARG Y 401 41.32 93.41 115.55
C ARG Y 401 40.45 92.68 116.56
N GLU Y 402 40.50 91.35 116.56
CA GLU Y 402 39.70 90.47 117.39
C GLU Y 402 38.21 90.74 117.11
N ALA Y 403 37.91 91.18 115.88
CA ALA Y 403 36.56 91.62 115.53
C ALA Y 403 35.58 90.46 115.50
N PHE Y 404 35.98 89.33 114.92
CA PHE Y 404 35.12 88.15 114.81
C PHE Y 404 35.85 86.98 115.47
N LEU Y 405 35.75 86.93 116.80
CA LEU Y 405 35.94 85.69 117.55
C LEU Y 405 34.70 84.82 117.50
N GLU Y 406 33.56 85.36 117.05
CA GLU Y 406 32.26 84.64 117.10
C GLU Y 406 31.89 84.60 118.57
N GLN Y 407 32.67 83.90 119.41
CA GLN Y 407 32.44 83.85 120.88
C GLN Y 407 31.00 83.39 121.15
N PHE Y 408 30.36 82.72 120.19
CA PHE Y 408 29.03 82.13 120.41
C PHE Y 408 29.27 81.08 121.49
N ARG Y 409 28.31 80.77 122.37
CA ARG Y 409 28.60 79.85 123.46
C ARG Y 409 29.18 78.53 122.95
N LYS Y 410 28.69 78.06 121.80
CA LYS Y 410 29.31 76.92 121.13
C LYS Y 410 30.80 77.14 120.90
N GLU Y 411 31.15 78.26 120.27
CA GLU Y 411 32.55 78.53 119.92
C GLU Y 411 33.41 78.59 121.17
N ASP Y 412 32.92 79.28 122.21
CA ASP Y 412 33.73 79.48 123.40
C ASP Y 412 33.88 78.17 124.19
N MET Y 413 32.79 77.42 124.37
CA MET Y 413 32.90 76.19 125.16
C MET Y 413 33.78 75.18 124.44
N PHE Y 414 33.60 75.04 123.12
CA PHE Y 414 34.41 74.11 122.37
C PHE Y 414 35.87 74.52 122.39
N LYS Y 415 36.14 75.82 122.29
CA LYS Y 415 37.50 76.37 122.27
C LYS Y 415 37.57 77.58 123.21
N ASP Y 416 37.83 77.33 124.50
CA ASP Y 416 38.01 78.44 125.43
C ASP Y 416 39.37 79.09 125.23
N ASN Y 417 40.42 78.27 125.08
CA ASN Y 417 41.77 78.80 124.93
C ASN Y 417 41.92 79.58 123.64
N PHE Y 418 41.20 79.16 122.58
CA PHE Y 418 41.32 79.74 121.25
C PHE Y 418 42.75 79.56 120.71
N ASP Y 419 43.42 78.47 121.15
CA ASP Y 419 44.81 78.19 120.81
C ASP Y 419 44.98 77.19 119.67
N GLU Y 420 43.92 76.48 119.27
CA GLU Y 420 44.04 75.70 118.04
C GLU Y 420 44.14 76.63 116.84
N MET Y 421 43.60 77.85 116.94
CA MET Y 421 43.87 78.87 115.93
C MET Y 421 45.35 79.16 115.83
N ASP Y 422 46.03 79.29 116.97
CA ASP Y 422 47.47 79.56 116.96
C ASP Y 422 48.27 78.35 116.49
N THR Y 423 47.82 77.15 116.87
CA THR Y 423 48.46 75.93 116.37
C THR Y 423 48.33 75.84 114.86
N SER Y 424 47.14 76.17 114.34
CA SER Y 424 46.95 76.19 112.89
C SER Y 424 47.80 77.28 112.25
N ARG Y 425 47.94 78.43 112.92
CA ARG Y 425 48.74 79.50 112.36
C ARG Y 425 50.20 79.08 112.23
N GLU Y 426 50.74 78.44 113.26
CA GLU Y 426 52.13 78.00 113.16
C GLU Y 426 52.28 76.86 112.16
N ILE Y 427 51.30 75.97 112.06
CA ILE Y 427 51.38 74.88 111.10
C ILE Y 427 51.33 75.42 109.66
N VAL Y 428 50.40 76.33 109.39
CA VAL Y 428 50.32 76.91 108.06
C VAL Y 428 51.54 77.77 107.77
N GLN Y 429 52.11 78.42 108.79
CA GLN Y 429 53.31 79.20 108.56
C GLN Y 429 54.48 78.30 108.22
N GLN Y 430 54.54 77.13 108.86
CA GLN Y 430 55.51 76.10 108.47
C GLN Y 430 55.30 75.72 107.00
N LEU Y 431 54.05 75.56 106.59
CA LEU Y 431 53.77 75.20 105.20
C LEU Y 431 54.25 76.29 104.23
N ILE Y 432 53.97 77.56 104.55
CA ILE Y 432 54.42 78.67 103.70
C ILE Y 432 55.95 78.67 103.61
N ASP Y 433 56.61 78.52 104.76
CA ASP Y 433 58.06 78.53 104.79
C ASP Y 433 58.61 77.34 104.00
N GLU Y 434 57.94 76.19 104.09
CA GLU Y 434 58.37 75.02 103.34
C GLU Y 434 58.23 75.24 101.84
N TYR Y 435 57.15 75.89 101.41
CA TYR Y 435 57.01 76.26 100.00
C TYR Y 435 58.18 77.13 99.54
N HIS Y 436 58.46 78.20 100.30
CA HIS Y 436 59.54 79.08 99.88
C HIS Y 436 60.91 78.41 99.99
N ALA Y 437 61.08 77.52 100.98
CA ALA Y 437 62.30 76.73 101.05
C ALA Y 437 62.42 75.78 99.86
N ALA Y 438 61.29 75.28 99.37
CA ALA Y 438 61.31 74.48 98.15
C ALA Y 438 61.79 75.31 96.99
N THR Y 439 61.38 76.58 96.94
CA THR Y 439 61.96 77.47 95.93
C THR Y 439 63.47 77.60 96.12
N ARG Y 440 63.95 77.60 97.37
CA ARG Y 440 65.39 77.75 97.60
C ARG Y 440 66.17 76.55 97.04
N PRO Y 441 67.47 76.72 96.76
CA PRO Y 441 68.25 75.60 96.22
C PRO Y 441 68.52 74.49 97.21
N ASP Y 442 68.27 74.70 98.51
CA ASP Y 442 68.77 73.84 99.56
C ASP Y 442 67.64 73.27 100.40
N TYR Y 443 66.64 72.69 99.74
CA TYR Y 443 65.62 71.91 100.40
C TYR Y 443 66.14 70.55 100.85
N ILE Y 444 67.39 70.21 100.50
CA ILE Y 444 68.09 69.07 101.09
C ILE Y 444 68.16 69.21 102.59
N SER Y 445 68.43 70.42 103.07
CA SER Y 445 68.30 70.70 104.49
C SER Y 445 66.82 70.76 104.85
N TRP Y 446 66.56 70.70 106.16
CA TRP Y 446 65.17 70.64 106.63
C TRP Y 446 64.40 71.87 106.18
N GLY Y 447 63.16 71.65 105.74
CA GLY Y 447 62.29 72.71 105.27
C GLY Y 447 61.23 73.09 106.28
N ARG Z 3 -27.83 -18.49 117.69
CA ARG Z 3 -29.26 -18.48 117.97
C ARG Z 3 -29.70 -17.03 118.20
N GLU Z 4 -30.97 -16.75 117.92
CA GLU Z 4 -31.44 -15.37 117.92
C GLU Z 4 -31.54 -14.82 119.34
N ILE Z 5 -31.27 -13.50 119.46
CA ILE Z 5 -31.22 -12.80 120.74
C ILE Z 5 -32.50 -11.99 120.90
N ILE Z 6 -33.07 -12.00 122.12
CA ILE Z 6 -34.24 -11.18 122.43
C ILE Z 6 -33.85 -10.15 123.48
N THR Z 7 -34.23 -8.89 123.21
CA THR Z 7 -33.87 -7.77 124.08
C THR Z 7 -35.08 -7.32 124.89
N LEU Z 8 -34.93 -7.37 126.21
CA LEU Z 8 -36.03 -7.18 127.16
C LEU Z 8 -35.97 -5.76 127.71
N GLN Z 9 -36.39 -4.80 126.88
CA GLN Z 9 -36.30 -3.40 127.27
C GLN Z 9 -37.49 -3.02 128.16
N LEU Z 10 -37.18 -2.48 129.33
CA LEU Z 10 -38.14 -2.27 130.40
C LEU Z 10 -37.83 -0.95 131.08
N GLY Z 11 -38.85 -0.35 131.68
CA GLY Z 11 -38.68 0.93 132.32
C GLY Z 11 -38.61 2.06 131.31
N GLN Z 12 -38.84 3.28 131.80
CA GLN Z 12 -38.86 4.44 130.92
C GLN Z 12 -37.50 4.66 130.26
N CYS Z 13 -36.44 4.74 131.08
CA CYS Z 13 -35.09 4.94 130.55
C CYS Z 13 -34.65 3.77 129.68
N GLY Z 14 -34.91 2.54 130.15
CA GLY Z 14 -34.53 1.38 129.37
C GLY Z 14 -35.22 1.32 128.02
N ASN Z 15 -36.50 1.69 127.98
CA ASN Z 15 -37.22 1.74 126.72
C ASN Z 15 -36.68 2.85 125.84
N GLN Z 16 -36.25 3.99 126.43
CA GLN Z 16 -35.67 5.04 125.61
C GLN Z 16 -34.39 4.56 124.94
N ILE Z 17 -33.52 3.87 125.68
CA ILE Z 17 -32.26 3.46 125.08
C ILE Z 17 -32.44 2.28 124.13
N GLY Z 18 -33.38 1.37 124.38
CA GLY Z 18 -33.61 0.29 123.44
C GLY Z 18 -34.21 0.82 122.15
N PHE Z 19 -35.17 1.74 122.28
CA PHE Z 19 -35.76 2.45 121.15
C PHE Z 19 -34.68 3.12 120.28
N GLU Z 20 -33.78 3.86 120.90
CA GLU Z 20 -32.69 4.47 120.12
C GLU Z 20 -31.78 3.41 119.50
N PHE Z 21 -31.50 2.33 120.24
CA PHE Z 21 -30.63 1.28 119.72
C PHE Z 21 -31.22 0.64 118.47
N TRP Z 22 -32.51 0.34 118.49
CA TRP Z 22 -33.09 -0.33 117.33
C TRP Z 22 -33.19 0.62 116.15
N LYS Z 23 -33.41 1.93 116.37
CA LYS Z 23 -33.33 2.80 115.20
C LYS Z 23 -31.91 2.87 114.66
N GLN Z 24 -30.91 2.84 115.56
CA GLN Z 24 -29.53 2.87 115.12
C GLN Z 24 -29.22 1.68 114.23
N LEU Z 25 -29.70 0.50 114.62
CA LEU Z 25 -29.54 -0.68 113.76
C LEU Z 25 -30.46 -0.66 112.54
N CYS Z 26 -31.58 0.05 112.58
CA CYS Z 26 -32.39 0.23 111.39
C CYS Z 26 -31.64 1.01 110.34
N ALA Z 27 -31.11 2.17 110.71
CA ALA Z 27 -30.33 2.96 109.78
C ALA Z 27 -29.08 2.20 109.32
N GLU Z 28 -28.40 1.54 110.26
CA GLU Z 28 -27.15 0.86 109.93
C GLU Z 28 -27.38 -0.31 108.97
N HIS Z 29 -28.42 -1.11 109.22
CA HIS Z 29 -28.76 -2.21 108.34
C HIS Z 29 -29.60 -1.70 107.17
N GLY Z 30 -29.98 -2.60 106.27
CA GLY Z 30 -30.89 -2.24 105.19
C GLY Z 30 -32.34 -2.31 105.60
N ILE Z 31 -32.77 -1.36 106.45
CA ILE Z 31 -34.14 -1.33 106.96
C ILE Z 31 -34.64 0.11 106.93
N SER Z 32 -35.90 0.27 106.53
CA SER Z 32 -36.58 1.56 106.49
C SER Z 32 -37.40 1.74 107.76
N PRO Z 33 -38.02 2.90 108.01
CA PRO Z 33 -38.80 3.05 109.25
C PRO Z 33 -40.04 2.16 109.33
N GLU Z 34 -40.48 1.57 108.22
CA GLU Z 34 -41.60 0.64 108.21
C GLU Z 34 -41.14 -0.82 108.21
N GLY Z 35 -39.86 -1.08 108.48
CA GLY Z 35 -39.34 -2.43 108.46
C GLY Z 35 -39.04 -2.99 107.10
N ILE Z 36 -39.30 -2.23 106.03
CA ILE Z 36 -39.13 -2.73 104.67
C ILE Z 36 -37.66 -2.72 104.33
N VAL Z 37 -37.19 -3.74 103.59
CA VAL Z 37 -35.78 -3.76 103.19
C VAL Z 37 -35.55 -2.58 102.25
N GLU Z 38 -34.46 -1.85 102.50
CA GLU Z 38 -34.25 -0.64 101.74
C GLU Z 38 -33.88 -0.98 100.30
N GLU Z 39 -34.46 -0.22 99.37
N GLU Z 39 -34.46 -0.22 99.37
CA GLU Z 39 -34.18 -0.46 97.96
CA GLU Z 39 -34.17 -0.46 97.96
C GLU Z 39 -32.70 -0.24 97.64
C GLU Z 39 -32.70 -0.24 97.64
N PHE Z 40 -32.08 0.75 98.29
CA PHE Z 40 -30.67 1.03 98.02
C PHE Z 40 -29.77 -0.17 98.37
N ALA Z 41 -30.16 -0.95 99.38
CA ALA Z 41 -29.36 -2.10 99.80
C ALA Z 41 -29.27 -3.14 98.69
N THR Z 45 -25.26 -8.67 102.92
CA THR Z 45 -23.92 -9.06 103.34
C THR Z 45 -23.79 -9.15 104.87
N ASP Z 46 -24.91 -9.03 105.59
CA ASP Z 46 -24.92 -8.98 107.04
C ASP Z 46 -25.75 -10.12 107.60
N ARG Z 47 -25.41 -10.52 108.84
CA ARG Z 47 -26.16 -11.55 109.55
C ARG Z 47 -27.24 -10.85 110.37
N LYS Z 48 -28.37 -10.58 109.71
CA LYS Z 48 -29.52 -9.97 110.37
C LYS Z 48 -30.40 -10.99 111.09
N ASP Z 49 -30.08 -12.28 110.96
CA ASP Z 49 -30.90 -13.34 111.56
C ASP Z 49 -30.99 -13.20 113.07
N VAL Z 50 -29.86 -12.91 113.72
CA VAL Z 50 -29.79 -12.96 115.18
C VAL Z 50 -30.72 -11.92 115.80
N PHE Z 51 -30.69 -10.69 115.28
CA PHE Z 51 -31.33 -9.56 115.92
C PHE Z 51 -32.68 -9.18 115.32
N PHE Z 52 -32.92 -9.50 114.05
CA PHE Z 52 -34.17 -9.12 113.37
C PHE Z 52 -34.91 -10.36 112.91
N TYR Z 53 -36.16 -10.50 113.36
CA TYR Z 53 -37.06 -11.54 112.88
C TYR Z 53 -37.51 -11.23 111.46
N GLN Z 54 -37.61 -12.26 110.64
CA GLN Z 54 -37.88 -12.14 109.21
C GLN Z 54 -39.36 -12.42 108.97
N ALA Z 55 -40.09 -11.43 108.46
CA ALA Z 55 -41.41 -11.68 107.90
C ALA Z 55 -41.29 -12.13 106.45
N ASP Z 56 -42.40 -12.65 105.93
CA ASP Z 56 -42.40 -13.09 104.54
C ASP Z 56 -42.28 -11.91 103.59
N ASP Z 57 -42.92 -10.80 103.92
CA ASP Z 57 -43.00 -9.63 103.03
C ASP Z 57 -41.97 -8.58 103.44
N GLU Z 58 -40.75 -9.04 103.75
CA GLU Z 58 -39.56 -8.20 103.97
C GLU Z 58 -39.78 -7.15 105.07
N HIS Z 59 -40.54 -7.52 106.10
CA HIS Z 59 -40.59 -6.78 107.35
C HIS Z 59 -39.56 -7.39 108.32
N TYR Z 60 -38.48 -6.66 108.56
CA TYR Z 60 -37.46 -7.04 109.53
C TYR Z 60 -37.87 -6.50 110.89
N ILE Z 61 -38.63 -7.30 111.63
CA ILE Z 61 -39.23 -6.89 112.89
C ILE Z 61 -38.28 -7.29 114.02
N PRO Z 62 -37.85 -6.37 114.88
CA PRO Z 62 -36.92 -6.78 115.93
C PRO Z 62 -37.58 -7.62 117.02
N ARG Z 63 -36.76 -8.46 117.66
CA ARG Z 63 -37.19 -9.23 118.83
C ARG Z 63 -37.01 -8.42 120.11
N ALA Z 64 -37.72 -7.29 120.14
CA ALA Z 64 -37.77 -6.39 121.28
C ALA Z 64 -39.01 -6.70 122.12
N VAL Z 65 -38.83 -6.82 123.43
CA VAL Z 65 -39.92 -6.92 124.38
C VAL Z 65 -39.94 -5.60 125.14
N LEU Z 66 -40.94 -4.78 124.87
CA LEU Z 66 -41.09 -3.46 125.47
C LEU Z 66 -42.09 -3.57 126.61
N LEU Z 67 -41.60 -3.41 127.85
CA LEU Z 67 -42.42 -3.52 129.05
C LEU Z 67 -42.60 -2.13 129.64
N ASP Z 68 -43.85 -1.70 129.79
CA ASP Z 68 -44.19 -0.40 130.35
C ASP Z 68 -44.87 -0.56 131.71
N LEU Z 69 -44.53 0.33 132.63
CA LEU Z 69 -45.15 0.39 133.95
C LEU Z 69 -45.43 1.85 134.26
N GLU Z 70 -46.68 2.18 134.52
CA GLU Z 70 -47.13 3.56 134.64
C GLU Z 70 -46.73 4.34 133.39
N PRO Z 71 -47.21 3.95 132.21
CA PRO Z 71 -46.61 4.43 130.96
C PRO Z 71 -46.79 5.93 130.76
N ARG Z 72 -45.65 6.61 130.49
CA ARG Z 72 -45.68 7.97 129.97
C ARG Z 72 -44.92 8.06 128.64
N VAL Z 73 -43.68 7.56 128.61
CA VAL Z 73 -42.86 7.68 127.41
C VAL Z 73 -43.15 6.57 126.42
N ILE Z 74 -43.89 5.53 126.82
CA ILE Z 74 -44.18 4.47 125.87
C ILE Z 74 -45.27 4.92 124.90
N HIS Z 75 -46.12 5.85 125.31
CA HIS Z 75 -47.04 6.46 124.36
C HIS Z 75 -46.26 7.25 123.31
N SER Z 76 -45.20 7.95 123.73
CA SER Z 76 -44.37 8.67 122.77
C SER Z 76 -43.64 7.70 121.86
N ILE Z 77 -43.22 6.55 122.38
CA ILE Z 77 -42.63 5.51 121.55
C ILE Z 77 -43.65 5.06 120.50
N LEU Z 78 -44.91 4.89 120.90
CA LEU Z 78 -45.93 4.46 119.94
C LEU Z 78 -46.13 5.49 118.83
N ASN Z 79 -46.23 6.79 119.15
CA ASN Z 79 -46.52 7.78 118.11
C ASN Z 79 -45.21 8.22 117.43
N SER Z 80 -44.60 7.26 116.74
CA SER Z 80 -43.33 7.45 116.06
C SER Z 80 -43.40 6.81 114.68
N PRO Z 81 -42.55 7.24 113.74
CA PRO Z 81 -42.54 6.59 112.42
C PRO Z 81 -42.15 5.12 112.47
N TYR Z 82 -41.42 4.69 113.49
CA TYR Z 82 -40.88 3.33 113.55
C TYR Z 82 -41.82 2.37 114.28
N ALA Z 83 -43.00 2.83 114.70
CA ALA Z 83 -43.96 1.96 115.35
C ALA Z 83 -44.31 0.76 114.48
N LYS Z 84 -44.39 0.97 113.16
CA LYS Z 84 -44.57 -0.16 112.26
C LYS Z 84 -43.31 -1.02 112.20
N LEU Z 85 -42.12 -0.44 112.39
CA LEU Z 85 -40.91 -1.27 112.44
C LEU Z 85 -40.99 -2.27 113.57
N TYR Z 86 -41.30 -1.80 114.79
CA TYR Z 86 -41.41 -2.69 115.95
C TYR Z 86 -42.89 -2.97 116.20
N ASN Z 87 -43.38 -4.06 115.60
CA ASN Z 87 -44.72 -4.58 115.88
C ASN Z 87 -44.75 -6.09 116.05
N PRO Z 88 -44.11 -6.63 117.10
CA PRO Z 88 -44.56 -7.93 117.62
C PRO Z 88 -45.83 -7.83 118.44
N GLU Z 89 -46.34 -6.62 118.68
CA GLU Z 89 -47.59 -6.39 119.43
C GLU Z 89 -47.48 -7.02 120.82
N ASN Z 90 -46.47 -6.56 121.57
CA ASN Z 90 -46.03 -7.19 122.82
C ASN Z 90 -45.78 -6.12 123.88
N ILE Z 91 -46.69 -5.15 124.00
CA ILE Z 91 -46.62 -4.11 125.03
C ILE Z 91 -47.81 -4.31 125.95
N TYR Z 92 -47.53 -4.52 127.23
CA TYR Z 92 -48.54 -4.81 128.23
C TYR Z 92 -48.42 -3.85 129.40
N LEU Z 93 -49.52 -3.18 129.72
CA LEU Z 93 -49.60 -2.26 130.86
C LEU Z 93 -49.65 -3.03 132.17
N GLY Z 101 -44.43 2.88 140.59
CA GLY Z 101 -43.83 3.75 141.58
C GLY Z 101 -42.34 3.95 141.36
N ASN Z 102 -41.77 4.92 142.09
CA ASN Z 102 -40.35 5.22 142.02
C ASN Z 102 -39.53 4.40 143.01
N ASN Z 103 -40.13 3.41 143.64
CA ASN Z 103 -39.47 2.57 144.64
C ASN Z 103 -39.20 1.19 144.07
N TRP Z 104 -38.08 0.60 144.51
CA TRP Z 104 -37.71 -0.73 144.07
C TRP Z 104 -38.77 -1.74 144.50
N ALA Z 105 -39.25 -1.61 145.74
CA ALA Z 105 -40.31 -2.50 146.23
C ALA Z 105 -41.59 -2.32 145.43
N SER Z 106 -41.96 -1.08 145.11
CA SER Z 106 -43.19 -0.84 144.34
C SER Z 106 -43.08 -1.48 142.97
N GLY Z 107 -41.92 -1.35 142.32
CA GLY Z 107 -41.75 -1.97 141.01
C GLY Z 107 -41.77 -3.48 141.09
N PHE Z 108 -41.13 -4.05 142.10
CA PHE Z 108 -41.09 -5.50 142.26
C PHE Z 108 -42.51 -6.04 142.48
N SER Z 109 -43.27 -5.38 143.35
CA SER Z 109 -44.63 -5.80 143.65
C SER Z 109 -45.54 -5.66 142.43
N GLN Z 110 -45.40 -4.55 141.70
CA GLN Z 110 -46.22 -4.36 140.50
C GLN Z 110 -45.89 -5.40 139.44
N GLY Z 111 -44.62 -5.79 139.34
CA GLY Z 111 -44.25 -6.84 138.40
C GLY Z 111 -44.81 -8.20 138.80
N GLU Z 112 -44.85 -8.48 140.10
CA GLU Z 112 -45.24 -9.82 140.56
C GLU Z 112 -46.67 -10.16 140.14
N LYS Z 113 -47.57 -9.18 140.11
CA LYS Z 113 -48.95 -9.48 139.75
C LYS Z 113 -49.11 -9.69 138.24
N ILE Z 114 -48.23 -9.10 137.42
CA ILE Z 114 -48.32 -9.17 135.96
C ILE Z 114 -47.34 -10.19 135.37
N HIS Z 115 -46.64 -10.96 136.23
CA HIS Z 115 -45.52 -11.77 135.75
C HIS Z 115 -45.93 -12.76 134.65
N GLU Z 116 -47.12 -13.35 134.78
CA GLU Z 116 -47.46 -14.49 133.93
C GLU Z 116 -47.66 -14.08 132.48
N ASP Z 117 -48.34 -12.97 132.23
CA ASP Z 117 -48.64 -12.59 130.85
C ASP Z 117 -47.43 -11.96 130.16
N ILE Z 118 -46.60 -11.21 130.88
CA ILE Z 118 -45.33 -10.79 130.30
C ILE Z 118 -44.46 -12.01 130.02
N PHE Z 119 -44.52 -13.03 130.87
CA PHE Z 119 -43.74 -14.22 130.60
C PHE Z 119 -44.31 -15.01 129.44
N ASP Z 120 -45.61 -14.94 129.21
CA ASP Z 120 -46.20 -15.56 128.03
C ASP Z 120 -45.78 -14.79 126.78
N ILE Z 121 -45.63 -13.47 126.91
CA ILE Z 121 -45.04 -12.67 125.84
C ILE Z 121 -43.61 -13.14 125.56
N ILE Z 122 -42.85 -13.48 126.61
CA ILE Z 122 -41.51 -14.02 126.40
C ILE Z 122 -41.60 -15.35 125.66
N ASP Z 123 -42.52 -16.21 126.12
CA ASP Z 123 -42.65 -17.57 125.58
C ASP Z 123 -43.00 -17.54 124.10
N ARG Z 124 -43.92 -16.65 123.72
CA ARG Z 124 -44.32 -16.52 122.31
C ARG Z 124 -43.12 -16.23 121.42
N GLU Z 125 -42.29 -15.25 121.78
CA GLU Z 125 -41.10 -14.96 120.98
C GLU Z 125 -40.13 -16.13 120.98
N ALA Z 126 -39.95 -16.78 122.14
CA ALA Z 126 -39.06 -17.94 122.21
C ALA Z 126 -39.52 -19.04 121.27
N ASP Z 127 -40.83 -19.24 121.17
CA ASP Z 127 -41.38 -20.21 120.24
C ASP Z 127 -41.27 -19.74 118.80
N GLY Z 128 -41.51 -18.44 118.57
CA GLY Z 128 -41.47 -17.92 117.21
C GLY Z 128 -40.11 -18.03 116.58
N SER Z 129 -39.06 -17.78 117.37
CA SER Z 129 -37.71 -17.90 116.85
C SER Z 129 -37.40 -19.37 116.56
N ASP Z 130 -36.53 -19.57 115.57
CA ASP Z 130 -35.98 -20.90 115.36
C ASP Z 130 -35.29 -21.41 116.62
N SER Z 131 -34.58 -20.52 117.31
CA SER Z 131 -33.86 -20.89 118.52
C SER Z 131 -33.45 -19.62 119.26
N LEU Z 132 -32.95 -19.81 120.48
CA LEU Z 132 -32.77 -18.72 121.44
C LEU Z 132 -31.49 -18.93 122.24
N GLU Z 133 -30.56 -17.95 122.18
CA GLU Z 133 -29.37 -17.96 123.03
C GLU Z 133 -29.49 -17.07 124.25
N GLY Z 134 -29.97 -15.84 124.09
CA GLY Z 134 -29.70 -14.81 125.09
C GLY Z 134 -30.80 -13.80 125.28
N PHE Z 135 -30.89 -13.31 126.53
CA PHE Z 135 -31.79 -12.23 126.93
C PHE Z 135 -30.95 -11.02 127.28
N VAL Z 136 -31.09 -9.94 126.50
CA VAL Z 136 -30.29 -8.73 126.66
C VAL Z 136 -31.19 -7.64 127.24
N LEU Z 137 -30.94 -7.24 128.48
CA LEU Z 137 -31.82 -6.32 129.19
C LEU Z 137 -31.24 -4.91 129.12
N CYS Z 138 -32.03 -3.97 128.60
CA CYS Z 138 -31.69 -2.54 128.67
C CYS Z 138 -32.09 -1.98 130.03
N HIS Z 139 -31.50 -2.56 131.06
CA HIS Z 139 -31.95 -2.33 132.43
C HIS Z 139 -31.47 -0.98 132.95
N SER Z 140 -32.25 -0.39 133.86
CA SER Z 140 -31.90 0.84 134.54
C SER Z 140 -31.74 0.56 136.03
N ILE Z 141 -30.53 0.76 136.54
CA ILE Z 141 -30.26 0.61 137.97
C ILE Z 141 -30.86 1.81 138.69
N ALA Z 142 -31.60 1.55 139.76
CA ALA Z 142 -32.31 2.58 140.52
C ALA Z 142 -33.16 3.45 139.60
N GLY Z 143 -33.90 2.78 138.71
CA GLY Z 143 -34.68 3.44 137.70
C GLY Z 143 -36.15 3.58 138.08
N GLY Z 144 -36.43 3.62 139.38
CA GLY Z 144 -37.80 3.65 139.85
C GLY Z 144 -38.57 2.43 139.39
N THR Z 145 -39.47 2.62 138.42
CA THR Z 145 -40.24 1.51 137.88
C THR Z 145 -39.31 0.49 137.22
N GLY Z 146 -38.24 0.95 136.57
CA GLY Z 146 -37.33 0.01 135.93
C GLY Z 146 -36.69 -0.95 136.91
N SER Z 147 -36.12 -0.42 137.99
CA SER Z 147 -35.52 -1.25 139.02
C SER Z 147 -36.61 -1.86 139.88
N GLY Z 148 -36.27 -2.99 140.51
CA GLY Z 148 -37.25 -3.79 141.20
C GLY Z 148 -37.92 -4.75 140.23
N LEU Z 149 -38.61 -4.20 139.23
CA LEU Z 149 -39.23 -5.06 138.22
C LEU Z 149 -38.17 -5.78 137.40
N GLY Z 150 -37.08 -5.07 137.05
CA GLY Z 150 -36.03 -5.74 136.29
C GLY Z 150 -35.33 -6.81 137.10
N SER Z 151 -35.16 -6.55 138.40
CA SER Z 151 -34.57 -7.56 139.28
C SER Z 151 -35.48 -8.79 139.38
N TYR Z 152 -36.78 -8.58 139.55
CA TYR Z 152 -37.72 -9.71 139.63
C TYR Z 152 -37.71 -10.53 138.34
N LEU Z 153 -37.79 -9.84 137.19
CA LEU Z 153 -37.78 -10.52 135.91
C LEU Z 153 -36.45 -11.25 135.68
N LEU Z 154 -35.36 -10.67 136.15
CA LEU Z 154 -34.05 -11.31 136.08
C LEU Z 154 -34.05 -12.60 136.90
N GLU Z 155 -34.72 -12.56 138.06
CA GLU Z 155 -34.80 -13.76 138.89
C GLU Z 155 -35.65 -14.83 138.23
N ARG Z 156 -36.68 -14.42 137.49
CA ARG Z 156 -37.55 -15.40 136.84
C ARG Z 156 -36.89 -16.06 135.62
N LEU Z 157 -36.19 -15.27 134.79
CA LEU Z 157 -35.66 -15.83 133.54
C LEU Z 157 -34.64 -16.94 133.77
N ASN Z 158 -33.74 -16.79 134.74
CA ASN Z 158 -32.73 -17.83 134.92
C ASN Z 158 -33.37 -19.14 135.35
N ASP Z 159 -34.38 -19.08 136.22
CA ASP Z 159 -35.08 -20.28 136.64
C ASP Z 159 -35.79 -20.93 135.46
N ARG Z 160 -36.50 -20.14 134.66
CA ARG Z 160 -37.27 -20.73 133.56
C ARG Z 160 -36.37 -21.22 132.42
N TYR Z 161 -35.22 -20.58 132.20
CA TYR Z 161 -34.28 -20.94 131.15
C TYR Z 161 -32.92 -21.12 131.79
N PRO Z 162 -32.72 -22.20 132.55
CA PRO Z 162 -31.42 -22.38 133.22
C PRO Z 162 -30.27 -22.45 132.25
N LYS Z 163 -30.45 -23.11 131.11
CA LYS Z 163 -29.37 -23.24 130.15
C LYS Z 163 -28.96 -21.88 129.59
N LYS Z 164 -29.92 -20.97 129.44
CA LYS Z 164 -29.73 -19.72 128.72
C LYS Z 164 -29.05 -18.66 129.57
N LEU Z 165 -28.53 -17.65 128.90
CA LEU Z 165 -27.72 -16.60 129.49
C LEU Z 165 -28.40 -15.24 129.37
N VAL Z 166 -28.11 -14.39 130.36
CA VAL Z 166 -28.69 -13.06 130.47
C VAL Z 166 -27.55 -12.05 130.51
N GLN Z 167 -27.60 -11.08 129.61
CA GLN Z 167 -26.73 -9.91 129.63
C GLN Z 167 -27.56 -8.69 130.03
N THR Z 168 -26.89 -7.73 130.67
CA THR Z 168 -27.57 -6.51 131.14
C THR Z 168 -26.72 -5.30 130.77
N TYR Z 169 -27.25 -4.45 129.88
CA TYR Z 169 -26.62 -3.17 129.56
C TYR Z 169 -27.03 -2.14 130.62
N SER Z 170 -26.56 -2.38 131.84
CA SER Z 170 -26.94 -1.55 132.97
C SER Z 170 -26.39 -0.14 132.83
N VAL Z 171 -27.28 0.85 132.83
CA VAL Z 171 -26.90 2.25 132.91
C VAL Z 171 -26.86 2.62 134.40
N PHE Z 172 -25.72 2.35 135.03
CA PHE Z 172 -25.55 2.62 136.44
C PHE Z 172 -25.65 4.13 136.68
N PRO Z 173 -26.62 4.62 137.50
CA PRO Z 173 -26.76 6.08 137.61
C PRO Z 173 -25.78 6.72 138.59
N ASN Z 174 -24.95 7.59 138.05
CA ASN Z 174 -24.13 8.51 138.83
C ASN Z 174 -24.37 9.89 138.24
N GLN Z 175 -25.06 10.74 138.98
CA GLN Z 175 -25.39 12.09 138.54
C GLN Z 175 -24.88 13.12 139.54
N ASP Z 176 -23.72 12.84 140.14
CA ASP Z 176 -23.14 13.61 141.23
C ASP Z 176 -23.98 13.54 142.51
N GLU Z 177 -24.90 12.57 142.57
CA GLU Z 177 -25.81 12.42 143.71
C GLU Z 177 -26.56 13.72 144.01
N ASP Z 180 -34.86 14.42 141.35
CA ASP Z 180 -34.01 13.76 142.33
C ASP Z 180 -34.77 12.66 143.04
N VAL Z 181 -34.07 11.56 143.33
CA VAL Z 181 -34.60 10.43 144.08
C VAL Z 181 -33.71 10.24 145.30
N VAL Z 182 -34.32 10.26 146.49
CA VAL Z 182 -33.55 10.11 147.72
C VAL Z 182 -33.22 8.65 148.05
N VAL Z 183 -33.94 7.69 147.46
CA VAL Z 183 -33.78 6.27 147.79
C VAL Z 183 -32.86 5.54 146.78
N GLN Z 184 -32.07 6.30 146.00
CA GLN Z 184 -31.16 5.69 145.02
C GLN Z 184 -30.23 4.63 145.61
N PRO Z 185 -29.51 4.87 146.72
CA PRO Z 185 -28.60 3.82 147.19
C PRO Z 185 -29.31 2.53 147.57
N TYR Z 186 -30.44 2.64 148.26
CA TYR Z 186 -31.24 1.47 148.61
C TYR Z 186 -31.64 0.68 147.36
N ASN Z 187 -32.21 1.38 146.38
CA ASN Z 187 -32.69 0.74 145.16
C ASN Z 187 -31.55 0.05 144.41
N SER Z 188 -30.47 0.80 144.17
CA SER Z 188 -29.33 0.26 143.44
C SER Z 188 -28.71 -0.91 144.20
N LEU Z 189 -28.68 -0.85 145.53
CA LEU Z 189 -28.14 -1.94 146.33
C LEU Z 189 -28.90 -3.23 146.09
N LEU Z 190 -30.24 -3.18 146.15
CA LEU Z 190 -31.01 -4.40 145.94
C LEU Z 190 -30.85 -4.92 144.51
N THR Z 191 -30.86 -4.01 143.52
CA THR Z 191 -30.65 -4.43 142.14
C THR Z 191 -29.31 -5.12 141.98
N LEU Z 192 -28.27 -4.61 142.65
CA LEU Z 192 -26.95 -5.19 142.45
C LEU Z 192 -26.86 -6.58 143.08
N LYS Z 193 -27.56 -6.83 144.19
CA LYS Z 193 -27.60 -8.19 144.72
C LYS Z 193 -28.20 -9.15 143.69
N ARG Z 194 -29.37 -8.79 143.16
CA ARG Z 194 -30.00 -9.65 142.16
C ARG Z 194 -29.12 -9.81 140.93
N LEU Z 195 -28.45 -8.74 140.51
CA LEU Z 195 -27.59 -8.80 139.34
C LEU Z 195 -26.32 -9.62 139.60
N THR Z 196 -25.77 -9.52 140.80
CA THR Z 196 -24.54 -10.25 141.10
C THR Z 196 -24.78 -11.75 141.09
N GLN Z 197 -25.94 -12.21 141.58
CA GLN Z 197 -26.15 -13.64 141.67
C GLN Z 197 -26.99 -14.22 140.54
N ASN Z 198 -27.73 -13.39 139.79
CA ASN Z 198 -28.70 -13.88 138.81
C ASN Z 198 -28.52 -13.27 137.42
N ALA Z 199 -27.32 -12.79 137.08
CA ALA Z 199 -27.04 -12.24 135.75
C ALA Z 199 -25.71 -12.79 135.25
N ASP Z 200 -25.73 -13.35 134.04
CA ASP Z 200 -24.52 -13.96 133.50
C ASP Z 200 -23.50 -12.89 133.11
N CYS Z 201 -23.94 -11.77 132.54
CA CYS Z 201 -23.02 -10.69 132.19
C CYS Z 201 -23.67 -9.33 132.37
N VAL Z 202 -22.84 -8.33 132.66
CA VAL Z 202 -23.27 -6.95 132.83
C VAL Z 202 -22.26 -6.04 132.15
N VAL Z 203 -22.76 -5.06 131.40
CA VAL Z 203 -21.95 -4.00 130.80
C VAL Z 203 -22.33 -2.71 131.50
N VAL Z 204 -21.37 -2.11 132.21
CA VAL Z 204 -21.67 -0.97 133.06
C VAL Z 204 -21.46 0.33 132.29
N LEU Z 205 -22.40 1.27 132.46
CA LEU Z 205 -22.29 2.61 131.92
C LEU Z 205 -22.60 3.59 133.04
N ASP Z 206 -22.09 4.81 132.91
CA ASP Z 206 -22.20 5.82 133.96
C ASP Z 206 -22.72 7.15 133.42
N ASN Z 207 -23.75 7.65 134.08
CA ASN Z 207 -24.32 8.94 133.69
C ASN Z 207 -23.31 10.06 133.85
N THR Z 208 -22.60 10.11 134.98
CA THR Z 208 -21.60 11.16 135.16
C THR Z 208 -20.49 11.05 134.14
N ALA Z 209 -20.01 9.84 133.88
CA ALA Z 209 -18.92 9.68 132.91
C ALA Z 209 -19.34 10.14 131.52
N LEU Z 210 -20.54 9.75 131.09
CA LEU Z 210 -21.00 10.16 129.77
C LEU Z 210 -21.31 11.65 129.74
N ASN Z 211 -21.76 12.23 130.86
CA ASN Z 211 -21.96 13.67 130.93
C ASN Z 211 -20.65 14.43 130.83
N ARG Z 212 -19.61 13.93 131.50
CA ARG Z 212 -18.29 14.56 131.39
C ARG Z 212 -17.79 14.47 129.96
N ILE Z 213 -18.02 13.34 129.30
CA ILE Z 213 -17.68 13.23 127.88
C ILE Z 213 -18.49 14.22 127.06
N ALA Z 214 -19.76 14.44 127.43
CA ALA Z 214 -20.59 15.40 126.73
C ALA Z 214 -20.03 16.81 126.86
N THR Z 215 -19.61 17.20 128.06
CA THR Z 215 -18.97 18.50 128.23
C THR Z 215 -17.67 18.60 127.45
N ASP Z 216 -16.91 17.50 127.38
CA ASP Z 216 -15.67 17.49 126.64
C ASP Z 216 -15.93 17.72 125.14
N ARG Z 217 -16.69 16.81 124.52
CA ARG Z 217 -16.86 16.85 123.07
C ARG Z 217 -17.73 18.01 122.61
N LEU Z 218 -18.78 18.35 123.37
CA LEU Z 218 -19.71 19.42 123.04
C LEU Z 218 -19.94 20.31 124.25
N HIS Z 219 -20.72 21.37 124.05
CA HIS Z 219 -21.13 22.28 125.10
C HIS Z 219 -22.44 21.85 125.76
N ILE Z 220 -23.02 20.73 125.34
CA ILE Z 220 -24.30 20.27 125.88
C ILE Z 220 -24.13 19.93 127.35
N GLN Z 221 -24.82 20.69 128.22
CA GLN Z 221 -24.83 20.44 129.66
C GLN Z 221 -26.23 20.20 130.20
N ASN Z 222 -27.19 21.06 129.87
CA ASN Z 222 -28.51 20.97 130.48
C ASN Z 222 -29.33 19.80 129.96
N PRO Z 223 -29.50 19.59 128.61
CA PRO Z 223 -30.24 18.42 128.12
C PRO Z 223 -29.35 17.17 128.00
N SER Z 224 -28.70 16.80 129.11
CA SER Z 224 -27.73 15.72 129.10
C SER Z 224 -28.35 14.38 128.67
N PHE Z 225 -29.54 14.07 129.19
CA PHE Z 225 -30.12 12.75 128.97
C PHE Z 225 -30.43 12.52 127.49
N SER Z 226 -30.95 13.55 126.81
CA SER Z 226 -31.31 13.39 125.40
C SER Z 226 -30.09 13.11 124.53
N GLN Z 227 -28.99 13.83 124.77
CA GLN Z 227 -27.78 13.64 123.97
C GLN Z 227 -27.05 12.35 124.37
N ILE Z 228 -27.02 12.03 125.66
CA ILE Z 228 -26.26 10.88 126.14
C ILE Z 228 -26.87 9.58 125.61
N ASN Z 229 -28.16 9.61 125.23
CA ASN Z 229 -28.78 8.47 124.56
C ASN Z 229 -27.99 8.05 123.34
N GLN Z 230 -27.55 9.02 122.53
CA GLN Z 230 -26.77 8.70 121.34
C GLN Z 230 -25.46 8.01 121.69
N LEU Z 231 -24.78 8.50 122.73
CA LEU Z 231 -23.52 7.89 123.14
C LEU Z 231 -23.75 6.43 123.56
N VAL Z 232 -24.80 6.22 124.35
CA VAL Z 232 -25.13 4.88 124.81
C VAL Z 232 -25.45 3.98 123.62
N SER Z 233 -26.14 4.53 122.61
CA SER Z 233 -26.54 3.76 121.44
C SER Z 233 -25.32 3.36 120.62
N THR Z 234 -24.39 4.30 120.41
CA THR Z 234 -23.16 3.96 119.69
C THR Z 234 -22.41 2.84 120.41
N ILE Z 235 -22.29 2.93 121.74
CA ILE Z 235 -21.60 1.86 122.48
C ILE Z 235 -22.33 0.54 122.31
N MET Z 236 -23.67 0.56 122.42
CA MET Z 236 -24.42 -0.69 122.40
C MET Z 236 -24.35 -1.36 121.03
N SER Z 237 -24.48 -0.58 119.95
CA SER Z 237 -24.40 -1.14 118.61
C SER Z 237 -22.99 -1.64 118.31
N ALA Z 238 -21.96 -0.86 118.67
CA ALA Z 238 -20.59 -1.30 118.41
C ALA Z 238 -20.25 -2.56 119.19
N SER Z 239 -20.83 -2.72 120.39
CA SER Z 239 -20.56 -3.93 121.16
C SER Z 239 -21.10 -5.19 120.50
N THR Z 240 -22.08 -5.07 119.61
CA THR Z 240 -22.69 -6.21 118.94
C THR Z 240 -22.30 -6.33 117.47
N THR Z 241 -21.63 -5.32 116.90
CA THR Z 241 -21.34 -5.31 115.47
C THR Z 241 -20.64 -6.57 114.98
N THR Z 242 -19.75 -7.15 115.80
CA THR Z 242 -19.06 -8.36 115.38
C THR Z 242 -20.03 -9.54 115.22
N LEU Z 243 -21.10 -9.57 116.02
CA LEU Z 243 -22.16 -10.56 115.81
C LEU Z 243 -22.99 -10.21 114.59
N ARG Z 244 -23.36 -8.94 114.46
CA ARG Z 244 -24.24 -8.50 113.37
C ARG Z 244 -23.62 -8.68 112.00
N TYR Z 245 -22.28 -8.71 111.91
CA TYR Z 245 -21.58 -8.88 110.65
C TYR Z 245 -20.67 -10.10 110.71
N PRO Z 246 -20.61 -10.95 109.67
CA PRO Z 246 -19.81 -12.17 109.78
C PRO Z 246 -18.33 -11.87 109.96
N GLY Z 247 -17.67 -12.75 110.70
CA GLY Z 247 -16.25 -12.62 110.97
C GLY Z 247 -15.68 -13.99 111.23
N TYR Z 248 -14.39 -14.00 111.52
CA TYR Z 248 -13.68 -15.27 111.72
C TYR Z 248 -13.86 -15.84 113.11
N MET Z 249 -13.96 -14.97 114.11
CA MET Z 249 -14.05 -15.38 115.50
C MET Z 249 -15.05 -14.46 116.18
N ASN Z 250 -15.53 -14.91 117.34
CA ASN Z 250 -16.63 -14.24 118.03
C ASN Z 250 -17.84 -14.13 117.10
N ASN Z 251 -18.16 -15.23 116.43
CA ASN Z 251 -19.38 -15.34 115.66
C ASN Z 251 -20.56 -15.76 116.51
N ASP Z 252 -20.41 -15.72 117.84
CA ASP Z 252 -21.54 -15.96 118.74
C ASP Z 252 -21.27 -15.30 120.08
N LEU Z 253 -22.36 -14.92 120.72
CA LEU Z 253 -22.31 -14.08 121.91
C LEU Z 253 -21.50 -14.76 123.01
N ILE Z 254 -21.80 -16.02 123.31
CA ILE Z 254 -21.11 -16.74 124.39
C ILE Z 254 -19.61 -16.85 124.10
N GLY Z 255 -19.25 -17.10 122.84
CA GLY Z 255 -17.84 -17.15 122.48
C GLY Z 255 -17.14 -15.84 122.76
N LEU Z 256 -17.82 -14.72 122.51
CA LEU Z 256 -17.24 -13.44 122.86
C LEU Z 256 -17.18 -13.25 124.38
N ILE Z 257 -18.26 -13.62 125.07
CA ILE Z 257 -18.43 -13.35 126.50
C ILE Z 257 -17.37 -14.06 127.34
N ALA Z 258 -16.99 -15.27 126.90
CA ALA Z 258 -16.08 -16.11 127.69
C ALA Z 258 -14.78 -15.39 128.04
N SER Z 259 -14.16 -14.77 127.04
CA SER Z 259 -12.90 -14.06 127.30
C SER Z 259 -13.13 -12.87 128.21
N LEU Z 260 -14.23 -12.13 128.02
CA LEU Z 260 -14.42 -10.91 128.79
C LEU Z 260 -14.65 -11.19 130.28
N ILE Z 261 -15.41 -12.22 130.63
CA ILE Z 261 -15.70 -12.53 132.02
C ILE Z 261 -14.92 -13.78 132.44
N PRO Z 262 -13.83 -13.62 133.26
CA PRO Z 262 -13.03 -14.79 133.64
C PRO Z 262 -13.57 -15.56 134.83
N THR Z 263 -14.16 -14.84 135.80
CA THR Z 263 -14.71 -15.42 137.01
C THR Z 263 -16.18 -15.02 137.14
N PRO Z 264 -17.06 -15.92 137.61
CA PRO Z 264 -18.51 -15.63 137.52
C PRO Z 264 -18.93 -14.37 138.24
N ARG Z 265 -18.34 -14.12 139.41
CA ARG Z 265 -18.75 -12.96 140.22
C ARG Z 265 -18.40 -11.65 139.52
N LEU Z 266 -17.18 -11.56 138.98
CA LEU Z 266 -16.68 -10.33 138.36
C LEU Z 266 -17.05 -10.34 136.88
N HIS Z 267 -18.29 -9.98 136.60
CA HIS Z 267 -18.86 -10.04 135.25
C HIS Z 267 -19.33 -8.69 134.76
N PHE Z 268 -18.73 -7.61 135.28
CA PHE Z 268 -19.10 -6.23 134.96
C PHE Z 268 -18.04 -5.64 134.06
N LEU Z 269 -18.47 -5.05 132.93
CA LEU Z 269 -17.57 -4.71 131.84
C LEU Z 269 -17.57 -3.21 131.57
N MET Z 270 -16.37 -2.63 131.56
CA MET Z 270 -16.08 -1.25 131.22
C MET Z 270 -15.99 -1.09 129.71
N THR Z 271 -16.37 0.10 129.23
CA THR Z 271 -16.50 0.41 127.81
C THR Z 271 -15.53 1.51 127.40
N GLY Z 272 -15.26 1.58 126.10
CA GLY Z 272 -14.51 2.71 125.56
C GLY Z 272 -14.58 2.73 124.06
N TYR Z 273 -14.35 3.93 123.49
CA TYR Z 273 -14.44 4.16 122.05
C TYR Z 273 -13.33 5.12 121.63
N THR Z 274 -12.54 4.72 120.62
CA THR Z 274 -11.42 5.56 120.18
C THR Z 274 -11.88 6.93 119.68
N PRO Z 275 -12.60 7.05 118.54
CA PRO Z 275 -13.08 8.38 118.17
C PRO Z 275 -14.40 8.71 118.84
N LEU Z 276 -14.33 9.17 120.09
CA LEU Z 276 -15.52 9.72 120.74
C LEU Z 276 -16.15 10.78 119.85
N THR Z 277 -15.32 11.58 119.18
CA THR Z 277 -15.76 12.44 118.08
C THR Z 277 -15.66 11.70 116.74
N THR Z 278 -16.46 10.63 116.62
CA THR Z 278 -16.54 9.90 115.35
C THR Z 278 -17.21 10.73 114.27
N ASP Z 279 -17.95 11.77 114.64
CA ASP Z 279 -18.48 12.72 113.65
C ASP Z 279 -17.34 13.54 113.05
N LYS Z 287 -5.76 9.11 107.36
CA LYS Z 287 -6.44 8.01 108.05
C LYS Z 287 -5.65 7.70 109.33
N THR Z 288 -6.32 7.08 110.30
CA THR Z 288 -5.71 6.70 111.57
C THR Z 288 -5.36 5.22 111.54
N THR Z 289 -4.10 4.90 111.81
CA THR Z 289 -3.68 3.51 111.82
C THR Z 289 -4.08 2.81 113.13
N VAL Z 290 -4.04 1.48 113.08
CA VAL Z 290 -4.44 0.64 114.21
C VAL Z 290 -3.57 0.92 115.44
N LEU Z 291 -2.27 1.18 115.24
CA LEU Z 291 -1.42 1.57 116.35
C LEU Z 291 -2.01 2.78 117.07
N ASP Z 292 -2.42 3.78 116.29
CA ASP Z 292 -2.93 5.01 116.86
C ASP Z 292 -4.25 4.77 117.57
N VAL Z 293 -5.17 4.04 116.95
CA VAL Z 293 -6.49 3.91 117.58
C VAL Z 293 -6.38 3.12 118.89
N MET Z 294 -5.54 2.09 118.91
CA MET Z 294 -5.37 1.33 120.16
C MET Z 294 -4.77 2.20 121.25
N ARG Z 295 -3.68 2.91 120.94
CA ARG Z 295 -3.02 3.70 121.99
C ARG Z 295 -3.92 4.83 122.48
N ARG Z 296 -4.66 5.48 121.57
CA ARG Z 296 -5.67 6.46 121.98
C ARG Z 296 -6.67 5.83 122.92
N LEU Z 297 -7.15 4.63 122.58
CA LEU Z 297 -8.20 3.98 123.35
C LEU Z 297 -7.75 3.69 124.77
N LEU Z 298 -6.50 3.25 124.94
CA LEU Z 298 -6.05 2.93 126.29
C LEU Z 298 -5.95 4.15 127.20
N GLN Z 299 -5.99 5.37 126.65
CA GLN Z 299 -5.98 6.56 127.47
C GLN Z 299 -7.29 6.69 128.26
N PRO Z 300 -7.29 7.37 129.42
CA PRO Z 300 -8.53 7.44 130.21
C PRO Z 300 -9.61 8.37 129.67
N LYS Z 301 -9.29 9.35 128.80
CA LYS Z 301 -10.34 10.21 128.29
C LYS Z 301 -11.35 9.44 127.43
N ASN Z 302 -10.87 8.50 126.63
CA ASN Z 302 -11.78 7.70 125.81
C ASN Z 302 -12.65 6.79 126.66
N VAL Z 303 -12.22 6.47 127.89
CA VAL Z 303 -12.99 5.61 128.78
C VAL Z 303 -14.24 6.35 129.25
N MET Z 304 -15.34 5.60 129.43
CA MET Z 304 -16.65 6.15 129.74
C MET Z 304 -17.13 5.74 131.12
N VAL Z 305 -16.21 5.49 132.05
CA VAL Z 305 -16.52 5.13 133.42
C VAL Z 305 -15.79 6.10 134.35
N SER Z 306 -16.50 6.60 135.35
CA SER Z 306 -15.99 7.67 136.20
C SER Z 306 -15.36 7.12 137.47
N THR Z 313 -3.55 1.73 147.17
CA THR Z 313 -3.79 0.36 146.74
C THR Z 313 -3.64 0.23 145.22
N ASN Z 314 -2.89 -0.80 144.80
CA ASN Z 314 -2.75 -1.08 143.38
C ASN Z 314 -4.12 -1.43 142.78
N HIS Z 315 -4.28 -1.13 141.50
CA HIS Z 315 -5.47 -1.51 140.75
C HIS Z 315 -5.07 -1.92 139.34
N CYS Z 316 -5.82 -2.87 138.77
CA CYS Z 316 -5.41 -3.53 137.54
C CYS Z 316 -6.61 -4.05 136.77
N TYR Z 317 -6.47 -4.13 135.44
CA TYR Z 317 -7.44 -4.87 134.63
C TYR Z 317 -7.33 -6.36 134.91
N ILE Z 318 -8.43 -7.08 134.67
CA ILE Z 318 -8.39 -8.53 134.64
C ILE Z 318 -8.20 -9.04 133.20
N ALA Z 319 -8.88 -8.42 132.24
CA ALA Z 319 -8.77 -8.82 130.84
C ALA Z 319 -9.30 -7.70 129.97
N ILE Z 320 -8.77 -7.61 128.74
CA ILE Z 320 -9.11 -6.53 127.83
C ILE Z 320 -9.44 -7.15 126.47
N LEU Z 321 -10.38 -6.53 125.75
CA LEU Z 321 -10.68 -6.91 124.38
C LEU Z 321 -11.04 -5.67 123.59
N ASN Z 322 -10.60 -5.62 122.33
CA ASN Z 322 -10.83 -4.46 121.47
C ASN Z 322 -11.25 -4.93 120.09
N ILE Z 323 -12.24 -4.23 119.53
CA ILE Z 323 -12.79 -4.51 118.19
C ILE Z 323 -12.66 -3.23 117.37
N ILE Z 324 -12.14 -3.37 116.15
CA ILE Z 324 -11.86 -2.25 115.26
C ILE Z 324 -12.70 -2.46 114.00
N GLN Z 325 -13.40 -1.41 113.56
CA GLN Z 325 -14.20 -1.46 112.33
C GLN Z 325 -13.73 -0.33 111.42
N GLY Z 326 -13.12 -0.70 110.31
CA GLY Z 326 -12.70 0.30 109.34
C GLY Z 326 -11.83 -0.30 108.26
N GLU Z 327 -11.14 0.59 107.54
CA GLU Z 327 -10.20 0.20 106.49
C GLU Z 327 -8.86 -0.10 107.17
N VAL Z 328 -8.80 -1.30 107.75
CA VAL Z 328 -7.69 -1.70 108.60
C VAL Z 328 -6.74 -2.58 107.79
N ASP Z 329 -5.48 -2.19 107.73
CA ASP Z 329 -4.49 -2.99 107.04
C ASP Z 329 -4.26 -4.29 107.81
N PRO Z 330 -4.26 -5.46 107.14
CA PRO Z 330 -4.21 -6.71 107.91
C PRO Z 330 -2.85 -7.01 108.50
N THR Z 331 -1.78 -6.71 107.75
CA THR Z 331 -0.44 -7.05 108.22
C THR Z 331 -0.05 -6.24 109.45
N GLN Z 332 -0.60 -5.03 109.60
CA GLN Z 332 -0.21 -4.15 110.69
C GLN Z 332 -0.92 -4.42 112.01
N VAL Z 333 -2.00 -5.20 112.04
CA VAL Z 333 -2.74 -5.36 113.30
C VAL Z 333 -1.89 -6.11 114.34
N HIS Z 334 -1.19 -7.16 113.90
CA HIS Z 334 -0.38 -7.92 114.83
C HIS Z 334 0.84 -7.11 115.28
N LYS Z 335 1.44 -6.36 114.35
CA LYS Z 335 2.50 -5.41 114.71
C LYS Z 335 1.96 -4.35 115.67
N SER Z 336 0.69 -3.98 115.54
CA SER Z 336 0.12 -3.03 116.47
C SER Z 336 0.09 -3.60 117.87
N LEU Z 337 -0.28 -4.87 117.98
CA LEU Z 337 -0.28 -5.50 119.30
C LEU Z 337 1.15 -5.60 119.86
N GLN Z 338 2.13 -5.90 118.99
CA GLN Z 338 3.56 -5.82 119.38
C GLN Z 338 3.87 -4.46 119.98
N ARG Z 339 3.48 -3.41 119.27
CA ARG Z 339 3.89 -2.06 119.64
C ARG Z 339 3.15 -1.58 120.89
N ILE Z 340 1.89 -2.00 121.06
CA ILE Z 340 1.16 -1.68 122.29
C ILE Z 340 1.80 -2.40 123.47
N ARG Z 341 2.38 -3.61 123.24
CA ARG Z 341 3.14 -4.23 124.34
C ARG Z 341 4.33 -3.36 124.69
N GLU Z 342 4.91 -2.67 123.69
CA GLU Z 342 6.08 -1.80 123.92
C GLU Z 342 5.64 -0.59 124.73
N ARG Z 343 4.48 -0.02 124.42
CA ARG Z 343 3.94 1.17 125.13
C ARG Z 343 3.56 0.81 126.57
N LYS Z 344 2.98 -0.37 126.79
CA LYS Z 344 2.44 -0.79 128.10
C LYS Z 344 1.48 0.26 128.67
N LEU Z 345 0.68 0.90 127.80
CA LEU Z 345 -0.24 1.94 128.27
C LEU Z 345 -1.26 1.40 129.26
N ALA Z 346 -1.63 0.13 129.13
CA ALA Z 346 -2.56 -0.52 130.04
C ALA Z 346 -1.78 -1.36 131.03
N ASN Z 347 -1.86 -1.00 132.30
CA ASN Z 347 -1.10 -1.66 133.36
C ASN Z 347 -2.02 -2.67 134.04
N PHE Z 348 -1.63 -3.95 134.00
CA PHE Z 348 -2.44 -4.96 134.65
C PHE Z 348 -1.59 -6.17 135.00
N ILE Z 349 -1.69 -6.60 136.26
CA ILE Z 349 -1.05 -7.83 136.75
C ILE Z 349 -2.11 -8.59 137.55
N PRO Z 350 -3.16 -9.08 136.91
CA PRO Z 350 -4.22 -9.80 137.64
C PRO Z 350 -3.87 -11.27 137.79
N TRP Z 351 -4.68 -11.95 138.59
CA TRP Z 351 -4.61 -13.41 138.63
C TRP Z 351 -4.86 -14.00 137.25
N GLY Z 352 -5.78 -13.40 136.49
CA GLY Z 352 -6.15 -13.90 135.20
C GLY Z 352 -5.00 -13.76 134.21
N PRO Z 353 -4.83 -14.71 133.31
CA PRO Z 353 -3.78 -14.59 132.28
C PRO Z 353 -4.26 -13.98 130.97
N ALA Z 354 -5.48 -13.49 130.89
CA ALA Z 354 -6.04 -13.10 129.62
C ALA Z 354 -5.39 -11.81 129.14
N SER Z 355 -4.72 -11.89 128.00
CA SER Z 355 -4.09 -10.74 127.37
C SER Z 355 -5.04 -10.07 126.39
N ILE Z 356 -4.71 -8.83 126.06
CA ILE Z 356 -5.51 -8.06 125.12
C ILE Z 356 -5.39 -8.67 123.73
N GLN Z 357 -6.49 -8.63 122.97
CA GLN Z 357 -6.56 -9.17 121.63
C GLN Z 357 -7.09 -8.13 120.67
N VAL Z 358 -6.51 -8.12 119.47
CA VAL Z 358 -6.94 -7.23 118.39
C VAL Z 358 -7.96 -7.98 117.55
N ALA Z 359 -9.22 -7.53 117.58
CA ALA Z 359 -10.30 -8.12 116.79
C ALA Z 359 -10.80 -7.09 115.78
N LEU Z 360 -11.43 -7.60 114.72
CA LEU Z 360 -11.82 -6.78 113.58
C LEU Z 360 -13.25 -7.12 113.19
N SER Z 361 -14.01 -6.07 112.83
CA SER Z 361 -15.38 -6.18 112.36
C SER Z 361 -15.54 -5.29 111.14
N ARG Z 362 -16.69 -5.43 110.48
CA ARG Z 362 -16.94 -4.77 109.20
C ARG Z 362 -17.68 -3.47 109.43
N LYS Z 363 -17.10 -2.37 108.96
CA LYS Z 363 -17.82 -1.12 108.88
C LYS Z 363 -18.90 -1.24 107.81
N SER Z 364 -20.09 -0.75 108.11
CA SER Z 364 -21.25 -0.98 107.25
C SER Z 364 -21.28 0.05 106.12
N PRO Z 365 -21.97 -0.25 105.00
CA PRO Z 365 -22.18 0.77 103.98
C PRO Z 365 -23.41 1.63 104.26
N TYR Z 366 -23.66 2.61 103.38
CA TYR Z 366 -24.80 3.54 103.39
C TYR Z 366 -24.77 4.61 104.48
N LEU Z 367 -23.94 4.44 105.52
CA LEU Z 367 -23.82 5.45 106.56
C LEU Z 367 -22.47 6.15 106.37
N PRO Z 368 -22.27 7.34 106.97
CA PRO Z 368 -20.99 8.04 106.77
C PRO Z 368 -19.81 7.23 107.28
N SER Z 369 -18.71 7.30 106.52
CA SER Z 369 -17.47 6.61 106.85
C SER Z 369 -16.46 7.57 107.50
N ALA Z 370 -16.94 8.64 108.12
CA ALA Z 370 -16.05 9.58 108.79
C ALA Z 370 -15.27 8.88 109.89
N HIS Z 371 -13.99 9.28 110.03
CA HIS Z 371 -13.04 8.56 110.87
C HIS Z 371 -13.05 7.08 110.49
N ARG Z 372 -12.55 6.83 109.28
CA ARG Z 372 -12.72 5.56 108.58
C ARG Z 372 -12.38 4.36 109.47
N VAL Z 373 -11.33 4.50 110.27
CA VAL Z 373 -10.97 3.50 111.28
C VAL Z 373 -11.46 3.99 112.64
N SER Z 374 -12.28 3.17 113.30
CA SER Z 374 -12.92 3.53 114.56
C SER Z 374 -13.12 2.26 115.37
N GLY Z 375 -12.80 2.31 116.67
CA GLY Z 375 -12.75 1.12 117.50
C GLY Z 375 -13.42 1.28 118.84
N LEU Z 376 -13.64 0.14 119.49
CA LEU Z 376 -14.26 0.03 120.80
C LEU Z 376 -13.51 -1.00 121.63
N MET Z 377 -13.61 -0.86 122.95
CA MET Z 377 -13.00 -1.79 123.90
C MET Z 377 -14.00 -2.16 124.98
N MET Z 378 -14.00 -3.45 125.30
CA MET Z 378 -14.71 -4.02 126.44
C MET Z 378 -13.67 -4.67 127.35
N ALA Z 379 -13.68 -4.29 128.63
CA ALA Z 379 -12.63 -4.74 129.55
C ALA Z 379 -13.20 -5.02 130.93
N ASN Z 380 -12.57 -5.96 131.62
CA ASN Z 380 -12.83 -6.22 133.03
C ASN Z 380 -11.79 -5.47 133.85
N HIS Z 381 -12.24 -4.44 134.58
CA HIS Z 381 -11.36 -3.57 135.36
C HIS Z 381 -11.84 -3.51 136.80
N THR Z 382 -10.89 -3.54 137.74
CA THR Z 382 -11.21 -3.49 139.16
C THR Z 382 -11.67 -2.12 139.61
N SER Z 383 -11.49 -1.08 138.80
CA SER Z 383 -11.85 0.28 139.21
C SER Z 383 -13.35 0.41 139.45
N ILE Z 384 -14.18 -0.35 138.73
CA ILE Z 384 -15.63 -0.25 138.89
C ILE Z 384 -16.07 -0.64 140.29
N SER Z 385 -15.26 -1.42 141.01
CA SER Z 385 -15.54 -1.69 142.42
C SER Z 385 -15.65 -0.39 143.20
N SER Z 386 -14.85 0.62 142.83
CA SER Z 386 -14.96 1.91 143.46
C SER Z 386 -16.35 2.50 143.27
N LEU Z 387 -16.89 2.44 142.06
CA LEU Z 387 -18.21 3.00 141.80
C LEU Z 387 -19.29 2.24 142.57
N PHE Z 388 -19.17 0.91 142.64
CA PHE Z 388 -20.09 0.15 143.50
C PHE Z 388 -19.95 0.58 144.96
N GLU Z 389 -18.71 0.78 145.43
CA GLU Z 389 -18.52 1.12 146.83
C GLU Z 389 -19.03 2.53 147.13
N ARG Z 390 -19.06 3.42 146.15
CA ARG Z 390 -19.63 4.75 146.39
C ARG Z 390 -21.12 4.68 146.72
N THR Z 391 -21.88 3.90 145.95
CA THR Z 391 -23.30 3.77 146.28
C THR Z 391 -23.50 2.97 147.56
N CYS Z 392 -22.63 1.99 147.82
CA CYS Z 392 -22.70 1.31 149.12
C CYS Z 392 -22.37 2.25 150.27
N ARG Z 393 -21.49 3.23 150.06
CA ARG Z 393 -21.16 4.22 151.07
C ARG Z 393 -22.36 5.13 151.34
N GLN Z 394 -22.98 5.62 150.26
CA GLN Z 394 -24.19 6.40 150.39
C GLN Z 394 -25.27 5.61 151.13
N TYR Z 395 -25.40 4.33 150.80
CA TYR Z 395 -26.40 3.49 151.43
C TYR Z 395 -26.10 3.33 152.91
N ASP Z 396 -24.82 3.12 153.26
CA ASP Z 396 -24.47 2.89 154.66
C ASP Z 396 -24.76 4.12 155.51
N LYS Z 397 -24.39 5.30 155.00
CA LYS Z 397 -24.70 6.54 155.69
C LYS Z 397 -26.21 6.71 155.84
N LEU Z 398 -26.94 6.51 154.74
CA LEU Z 398 -28.39 6.64 154.78
C LEU Z 398 -29.02 5.62 155.71
N ARG Z 399 -28.39 4.44 155.83
CA ARG Z 399 -28.92 3.36 156.65
C ARG Z 399 -28.75 3.69 158.13
N LYS Z 400 -27.57 4.21 158.51
CA LYS Z 400 -27.40 4.66 159.89
C LYS Z 400 -28.39 5.77 160.22
N ARG Z 401 -28.55 6.75 159.32
CA ARG Z 401 -29.51 7.81 159.59
C ARG Z 401 -30.93 7.26 159.66
N GLU Z 402 -31.24 6.27 158.82
CA GLU Z 402 -32.61 5.82 158.58
C GLU Z 402 -33.49 6.99 158.11
N ALA Z 403 -32.86 7.96 157.43
CA ALA Z 403 -33.57 9.13 156.97
C ALA Z 403 -34.61 8.77 155.93
N PHE Z 404 -34.23 7.92 154.97
CA PHE Z 404 -35.11 7.51 153.84
C PHE Z 404 -35.04 6.00 153.67
N LEU Z 405 -34.94 5.25 154.76
CA LEU Z 405 -34.96 3.77 154.71
C LEU Z 405 -36.21 3.33 153.94
N GLU Z 406 -37.27 4.15 153.93
CA GLU Z 406 -38.56 3.85 153.25
C GLU Z 406 -39.30 2.79 154.05
N GLN Z 407 -40.51 3.08 154.52
CA GLN Z 407 -41.34 2.14 155.33
C GLN Z 407 -42.80 2.52 155.15
N PHE Z 408 -43.24 2.65 153.91
CA PHE Z 408 -44.65 3.03 153.60
C PHE Z 408 -45.53 1.82 153.87
N ARG Z 409 -46.72 1.76 153.28
CA ARG Z 409 -47.59 0.57 153.43
C ARG Z 409 -47.06 -0.49 152.45
N LYS Z 410 -46.65 -0.07 151.25
CA LYS Z 410 -46.05 -1.00 150.29
C LYS Z 410 -44.67 -1.46 150.75
N GLU Z 411 -43.79 -0.51 151.06
CA GLU Z 411 -42.42 -0.85 151.42
C GLU Z 411 -42.36 -1.71 152.68
N ASP Z 412 -43.07 -1.29 153.73
CA ASP Z 412 -43.00 -1.98 155.01
C ASP Z 412 -43.64 -3.35 154.92
N MET Z 413 -44.82 -3.45 154.31
CA MET Z 413 -45.49 -4.73 154.19
C MET Z 413 -44.69 -5.69 153.33
N PHE Z 414 -44.10 -5.19 152.23
CA PHE Z 414 -43.27 -6.06 151.40
C PHE Z 414 -42.03 -6.53 152.15
N LYS Z 415 -41.37 -5.62 152.88
CA LYS Z 415 -40.17 -5.92 153.66
C LYS Z 415 -40.32 -5.34 155.07
N ASP Z 416 -40.97 -6.11 155.96
CA ASP Z 416 -41.07 -5.69 157.35
C ASP Z 416 -39.73 -5.82 158.05
N ASN Z 417 -39.04 -6.94 157.81
CA ASN Z 417 -37.74 -7.16 158.43
C ASN Z 417 -36.71 -6.15 157.95
N PHE Z 418 -36.85 -5.68 156.71
CA PHE Z 418 -35.87 -4.80 156.07
C PHE Z 418 -34.50 -5.48 156.01
N ASP Z 419 -34.49 -6.81 155.96
CA ASP Z 419 -33.28 -7.62 156.01
C ASP Z 419 -32.79 -8.05 154.64
N GLU Z 420 -33.62 -7.94 153.60
CA GLU Z 420 -33.10 -8.09 152.25
C GLU Z 420 -32.07 -7.00 151.93
N MET Z 421 -32.23 -5.83 152.54
CA MET Z 421 -31.24 -4.77 152.37
C MET Z 421 -29.90 -5.20 152.94
N ASP Z 422 -29.90 -5.83 154.12
CA ASP Z 422 -28.67 -6.29 154.74
C ASP Z 422 -28.08 -7.48 153.97
N THR Z 423 -28.94 -8.36 153.44
CA THR Z 423 -28.46 -9.45 152.60
C THR Z 423 -27.77 -8.90 151.35
N SER Z 424 -28.35 -7.87 150.75
CA SER Z 424 -27.71 -7.21 149.62
C SER Z 424 -26.41 -6.55 150.05
N ARG Z 425 -26.37 -5.97 151.25
CA ARG Z 425 -25.14 -5.32 151.72
C ARG Z 425 -24.02 -6.34 151.84
N GLU Z 426 -24.31 -7.50 152.42
CA GLU Z 426 -23.24 -8.50 152.56
C GLU Z 426 -22.85 -9.09 151.22
N ILE Z 427 -23.80 -9.28 150.31
CA ILE Z 427 -23.47 -9.83 149.00
C ILE Z 427 -22.60 -8.85 148.21
N VAL Z 428 -22.97 -7.57 148.22
CA VAL Z 428 -22.16 -6.59 147.50
C VAL Z 428 -20.82 -6.37 148.19
N GLN Z 429 -20.76 -6.51 149.52
CA GLN Z 429 -19.48 -6.41 150.19
C GLN Z 429 -18.58 -7.59 149.80
N GLN Z 430 -19.17 -8.78 149.65
CA GLN Z 430 -18.42 -9.91 149.10
C GLN Z 430 -17.88 -9.57 147.72
N LEU Z 431 -18.70 -8.90 146.89
CA LEU Z 431 -18.23 -8.53 145.56
C LEU Z 431 -17.05 -7.57 145.63
N ILE Z 432 -17.13 -6.56 146.51
CA ILE Z 432 -16.02 -5.60 146.65
C ILE Z 432 -14.75 -6.33 147.10
N ASP Z 433 -14.88 -7.18 148.11
CA ASP Z 433 -13.71 -7.92 148.61
C ASP Z 433 -13.15 -8.83 147.54
N GLU Z 434 -14.03 -9.44 146.73
CA GLU Z 434 -13.58 -10.29 145.64
C GLU Z 434 -12.80 -9.50 144.59
N TYR Z 435 -13.27 -8.30 144.25
CA TYR Z 435 -12.52 -7.43 143.33
C TYR Z 435 -11.12 -7.16 143.86
N HIS Z 436 -11.04 -6.71 145.11
CA HIS Z 436 -9.72 -6.41 145.66
C HIS Z 436 -8.87 -7.68 145.80
N ALA Z 437 -9.49 -8.82 146.08
CA ALA Z 437 -8.76 -10.09 146.09
C ALA Z 437 -8.23 -10.44 144.70
N ALA Z 438 -9.00 -10.13 143.66
CA ALA Z 438 -8.51 -10.31 142.30
C ALA Z 438 -7.29 -9.44 142.05
N THR Z 439 -7.29 -8.23 142.62
CA THR Z 439 -6.07 -7.42 142.58
C THR Z 439 -4.92 -8.14 143.29
N ARG Z 440 -5.21 -8.83 144.40
CA ARG Z 440 -4.14 -9.50 145.14
C ARG Z 440 -3.48 -10.61 144.31
N PRO Z 441 -2.26 -11.03 144.65
CA PRO Z 441 -1.61 -12.11 143.89
C PRO Z 441 -2.22 -13.48 144.08
N ASP Z 442 -3.14 -13.65 145.05
CA ASP Z 442 -3.57 -14.97 145.49
C ASP Z 442 -5.08 -15.12 145.37
N TYR Z 443 -5.63 -14.79 144.20
CA TYR Z 443 -7.00 -15.12 143.87
C TYR Z 443 -7.16 -16.60 143.52
N ILE Z 444 -6.06 -17.34 143.44
CA ILE Z 444 -6.14 -18.81 143.38
C ILE Z 444 -6.87 -19.33 144.60
N SER Z 445 -6.53 -18.78 145.77
CA SER Z 445 -7.28 -19.06 146.98
C SER Z 445 -8.65 -18.39 146.90
N TRP Z 446 -9.53 -18.76 147.83
CA TRP Z 446 -10.91 -18.34 147.74
C TRP Z 446 -11.03 -16.82 147.86
N GLY Z 447 -11.91 -16.25 147.03
CA GLY Z 447 -12.13 -14.81 147.01
C GLY Z 447 -13.45 -14.43 147.65
N ARG AA 3 -75.21 -32.30 96.44
CA ARG AA 3 -76.67 -32.21 96.41
C ARG AA 3 -77.10 -30.82 96.90
N GLU AA 4 -78.22 -30.33 96.39
CA GLU AA 4 -78.65 -28.97 96.68
C GLU AA 4 -79.05 -28.82 98.16
N ILE AA 5 -78.80 -27.61 98.69
CA ILE AA 5 -79.06 -27.26 100.09
C ILE AA 5 -80.33 -26.43 100.13
N ILE AA 6 -81.20 -26.70 101.11
CA ILE AA 6 -82.42 -25.90 101.29
C ILE AA 6 -82.31 -25.16 102.63
N THR AA 7 -82.60 -23.85 102.61
CA THR AA 7 -82.43 -23.01 103.78
C THR AA 7 -83.80 -22.69 104.39
N LEU AA 8 -83.98 -23.10 105.65
CA LEU AA 8 -85.28 -23.03 106.33
C LEU AA 8 -85.29 -21.81 107.25
N GLN AA 9 -85.47 -20.63 106.65
CA GLN AA 9 -85.45 -19.39 107.42
C GLN AA 9 -86.83 -19.16 108.06
N LEU AA 10 -86.82 -18.97 109.38
CA LEU AA 10 -88.03 -18.93 110.19
C LEU AA 10 -87.87 -17.86 111.25
N GLY AA 11 -88.99 -17.34 111.74
CA GLY AA 11 -88.96 -16.28 112.71
C GLY AA 11 -88.62 -14.94 112.07
N GLN AA 12 -88.95 -13.87 112.78
CA GLN AA 12 -88.71 -12.53 112.24
C GLN AA 12 -87.22 -12.27 112.02
N CYS AA 13 -86.42 -12.50 113.06
CA CYS AA 13 -84.97 -12.29 112.95
C CYS AA 13 -84.34 -13.24 111.93
N GLY AA 14 -84.74 -14.52 111.98
CA GLY AA 14 -84.20 -15.49 111.03
C GLY AA 14 -84.54 -15.12 109.59
N ASN AA 15 -85.76 -14.64 109.36
CA ASN AA 15 -86.14 -14.20 108.03
C ASN AA 15 -85.38 -12.96 107.61
N GLN AA 16 -85.07 -12.06 108.56
CA GLN AA 16 -84.28 -10.89 108.21
C GLN AA 16 -82.89 -11.30 107.75
N ILE AA 17 -82.25 -12.22 108.48
CA ILE AA 17 -80.88 -12.60 108.11
C ILE AA 17 -80.85 -13.48 106.87
N GLY AA 18 -81.88 -14.29 106.62
CA GLY AA 18 -81.95 -15.06 105.40
C GLY AA 18 -82.20 -14.18 104.19
N PHE AA 19 -83.06 -13.18 104.37
CA PHE AA 19 -83.29 -12.17 103.34
C PHE AA 19 -81.98 -11.49 102.96
N GLU AA 20 -81.23 -11.01 103.95
CA GLU AA 20 -79.97 -10.35 103.67
C GLU AA 20 -78.95 -11.30 103.05
N PHE AA 21 -78.91 -12.55 103.52
CA PHE AA 21 -77.94 -13.51 102.98
C PHE AA 21 -78.22 -13.79 101.51
N TRP AA 22 -79.49 -13.99 101.15
CA TRP AA 22 -79.82 -14.26 99.76
C TRP AA 22 -79.61 -13.02 98.90
N LYS AA 23 -79.86 -11.83 99.44
CA LYS AA 23 -79.51 -10.61 98.70
C LYS AA 23 -78.00 -10.50 98.49
N GLN AA 24 -77.22 -10.87 99.51
CA GLN AA 24 -75.77 -10.83 99.39
C GLN AA 24 -75.29 -11.76 98.30
N LEU AA 25 -75.86 -12.97 98.24
CA LEU AA 25 -75.48 -13.90 97.18
C LEU AA 25 -76.08 -13.53 95.84
N CYS AA 26 -77.16 -12.75 95.79
CA CYS AA 26 -77.60 -12.17 94.53
C CYS AA 26 -76.54 -11.23 93.97
N ALA AA 27 -76.10 -10.27 94.79
CA ALA AA 27 -75.08 -9.34 94.32
C ALA AA 27 -73.78 -10.07 94.00
N GLU AA 28 -73.38 -11.03 94.84
CA GLU AA 28 -72.12 -11.73 94.63
C GLU AA 28 -72.16 -12.58 93.37
N HIS AA 29 -73.26 -13.31 93.15
CA HIS AA 29 -73.41 -14.14 91.97
C HIS AA 29 -73.95 -13.27 90.82
N GLY AA 30 -74.03 -13.86 89.64
CA GLY AA 30 -74.58 -13.16 88.49
C GLY AA 30 -76.09 -13.20 88.48
N ILE AA 31 -76.72 -12.48 89.41
CA ILE AA 31 -78.18 -12.47 89.56
C ILE AA 31 -78.62 -11.03 89.78
N SER AA 32 -79.74 -10.67 89.14
CA SER AA 32 -80.34 -9.34 89.26
C SER AA 32 -81.46 -9.42 90.29
N PRO AA 33 -82.06 -8.29 90.71
CA PRO AA 33 -83.12 -8.36 91.73
C PRO AA 33 -84.37 -9.10 91.29
N GLU AA 34 -84.58 -9.29 89.99
CA GLU AA 34 -85.69 -10.08 89.48
C GLU AA 34 -85.31 -11.54 89.22
N GLY AA 35 -84.14 -11.96 89.68
CA GLY AA 35 -83.66 -13.30 89.43
C GLY AA 35 -83.05 -13.52 88.07
N ILE AA 36 -82.97 -12.50 87.23
CA ILE AA 36 -82.47 -12.66 85.86
C ILE AA 36 -80.95 -12.74 85.89
N VAL AA 37 -80.40 -13.60 85.05
CA VAL AA 37 -78.96 -13.67 84.86
C VAL AA 37 -78.45 -12.30 84.42
N GLU AA 38 -77.39 -11.83 85.05
CA GLU AA 38 -76.90 -10.49 84.77
C GLU AA 38 -76.16 -10.46 83.43
N GLU AA 39 -76.41 -9.41 82.65
N GLU AA 39 -76.41 -9.41 82.66
CA GLU AA 39 -75.78 -9.28 81.34
CA GLU AA 39 -75.78 -9.28 81.34
C GLU AA 39 -74.27 -9.14 81.47
C GLU AA 39 -74.27 -9.13 81.46
N PHE AA 40 -73.80 -8.40 82.48
CA PHE AA 40 -72.36 -8.20 82.65
C PHE AA 40 -71.62 -9.53 82.86
N ALA AA 41 -72.26 -10.50 83.50
CA ALA AA 41 -71.62 -11.77 83.81
C ALA AA 41 -71.27 -12.53 82.53
N THR AA 45 -68.61 -19.31 86.00
CA THR AA 45 -67.43 -19.92 86.60
C THR AA 45 -67.69 -20.40 88.03
N ASP AA 46 -68.96 -20.39 88.47
CA ASP AA 46 -69.34 -20.71 89.84
C ASP AA 46 -70.33 -21.87 89.86
N ARG AA 47 -70.34 -22.59 90.98
CA ARG AA 47 -71.27 -23.71 91.18
C ARG AA 47 -72.51 -23.15 91.86
N LYS AA 48 -73.41 -22.60 91.05
CA LYS AA 48 -74.68 -22.07 91.53
C LYS AA 48 -75.76 -23.14 91.70
N ASP AA 49 -75.47 -24.38 91.32
CA ASP AA 49 -76.44 -25.47 91.43
C ASP AA 49 -76.90 -25.68 92.87
N VAL AA 50 -75.96 -25.68 93.82
CA VAL AA 50 -76.26 -26.14 95.17
C VAL AA 50 -77.26 -25.22 95.85
N PHE AA 51 -77.06 -23.91 95.73
CA PHE AA 51 -77.83 -22.93 96.50
C PHE AA 51 -79.03 -22.37 95.74
N PHE AA 52 -78.98 -22.33 94.40
CA PHE AA 52 -80.00 -21.68 93.60
C PHE AA 52 -80.54 -22.68 92.57
N TYR AA 53 -81.87 -22.79 92.48
CA TYR AA 53 -82.52 -23.59 91.44
C TYR AA 53 -82.32 -22.91 90.08
N GLN AA 54 -82.18 -23.73 89.03
CA GLN AA 54 -81.69 -23.25 87.74
C GLN AA 54 -82.76 -23.28 86.65
N ALA AA 55 -82.79 -22.23 85.84
CA ALA AA 55 -83.42 -22.24 84.51
C ALA AA 55 -82.35 -22.11 83.44
N ASP AA 56 -82.69 -22.47 82.19
CA ASP AA 56 -81.64 -22.48 81.17
C ASP AA 56 -81.26 -21.06 80.75
N ASP AA 57 -82.16 -20.09 80.91
CA ASP AA 57 -81.74 -18.68 80.82
C ASP AA 57 -80.96 -18.23 82.04
N GLU AA 58 -80.69 -19.13 82.98
CA GLU AA 58 -79.84 -18.93 84.13
C GLU AA 58 -80.56 -18.07 85.16
N HIS AA 59 -81.90 -18.02 85.09
CA HIS AA 59 -82.67 -17.49 86.21
C HIS AA 59 -82.46 -18.39 87.41
N TYR AA 60 -82.26 -17.78 88.58
CA TYR AA 60 -81.82 -18.50 89.78
C TYR AA 60 -82.60 -18.05 91.00
N ILE AA 61 -83.66 -18.78 91.31
CA ILE AA 61 -84.46 -18.60 92.52
C ILE AA 61 -83.82 -19.44 93.63
N PRO AA 62 -83.48 -18.90 94.80
CA PRO AA 62 -82.93 -19.76 95.85
C PRO AA 62 -83.96 -20.69 96.46
N ARG AA 63 -83.47 -21.81 97.00
CA ARG AA 63 -84.32 -22.77 97.70
C ARG AA 63 -84.50 -22.35 99.17
N ALA AA 64 -85.13 -21.19 99.32
CA ALA AA 64 -85.46 -20.62 100.62
C ALA AA 64 -86.86 -21.02 101.03
N VAL AA 65 -87.01 -21.46 102.27
CA VAL AA 65 -88.30 -21.71 102.89
C VAL AA 65 -88.48 -20.65 103.96
N LEU AA 66 -89.36 -19.70 103.69
CA LEU AA 66 -89.62 -18.58 104.59
C LEU AA 66 -90.88 -18.90 105.39
N LEU AA 67 -90.71 -19.11 106.70
CA LEU AA 67 -91.81 -19.44 107.60
C LEU AA 67 -92.13 -18.21 108.43
N ASP AA 68 -93.40 -17.76 108.37
CA ASP AA 68 -93.86 -16.60 109.11
C ASP AA 68 -94.90 -17.01 110.15
N LEU AA 69 -94.80 -16.40 111.33
CA LEU AA 69 -95.75 -16.61 112.42
C LEU AA 69 -96.07 -15.26 113.04
N GLU AA 70 -97.34 -14.89 113.06
CA GLU AA 70 -97.77 -13.55 113.43
C GLU AA 70 -97.04 -12.52 112.59
N PRO AA 71 -97.16 -12.56 111.26
CA PRO AA 71 -96.24 -11.84 110.39
C PRO AA 71 -96.33 -10.32 110.55
N ARG AA 72 -95.16 -9.70 110.73
CA ARG AA 72 -95.02 -8.25 110.60
C ARG AA 72 -93.95 -7.89 109.58
N VAL AA 73 -92.74 -8.47 109.73
CA VAL AA 73 -91.63 -8.12 108.83
C VAL AA 73 -91.66 -8.92 107.54
N ILE AA 74 -92.48 -9.97 107.46
CA ILE AA 74 -92.55 -10.73 106.23
C ILE AA 74 -93.33 -9.95 105.18
N HIS AA 75 -94.24 -9.07 105.61
CA HIS AA 75 -94.88 -8.17 104.66
C HIS AA 75 -93.87 -7.20 104.05
N SER AA 76 -92.94 -6.70 104.86
CA SER AA 76 -91.87 -5.87 104.33
C SER AA 76 -90.97 -6.68 103.41
N ILE AA 77 -90.72 -7.94 103.74
CA ILE AA 77 -89.96 -8.81 102.84
C ILE AA 77 -90.67 -8.91 101.49
N LEU AA 78 -92.00 -9.08 101.50
CA LEU AA 78 -92.75 -9.15 100.25
C LEU AA 78 -92.65 -7.84 99.46
N ASN AA 79 -92.80 -6.70 100.14
CA ASN AA 79 -92.69 -5.40 99.46
C ASN AA 79 -91.22 -5.02 99.36
N SER AA 80 -90.51 -5.71 98.47
CA SER AA 80 -89.11 -5.46 98.18
C SER AA 80 -88.87 -5.67 96.70
N PRO AA 81 -87.79 -5.10 96.14
CA PRO AA 81 -87.45 -5.41 94.73
C PRO AA 81 -87.13 -6.87 94.48
N TYR AA 82 -86.67 -7.61 95.49
CA TYR AA 82 -86.20 -8.98 95.31
C TYR AA 82 -87.31 -10.02 95.49
N ALA AA 83 -88.55 -9.58 95.70
CA ALA AA 83 -89.67 -10.51 95.83
C ALA AA 83 -89.77 -11.40 94.60
N LYS AA 84 -89.49 -10.86 93.41
CA LYS AA 84 -89.44 -11.71 92.23
C LYS AA 84 -88.25 -12.66 92.27
N LEU AA 85 -87.13 -12.25 92.92
CA LEU AA 85 -85.99 -13.15 93.02
C LEU AA 85 -86.35 -14.41 93.82
N TYR AA 86 -86.93 -14.27 95.01
CA TYR AA 86 -87.22 -15.44 95.87
C TYR AA 86 -88.71 -15.77 95.78
N ASN AA 87 -89.08 -16.71 94.93
CA ASN AA 87 -90.50 -17.13 94.80
C ASN AA 87 -90.61 -18.64 94.66
N PRO AA 88 -90.55 -19.42 95.76
CA PRO AA 88 -90.88 -20.84 95.72
C PRO AA 88 -92.34 -20.80 96.15
N GLU AA 89 -92.92 -19.61 96.36
CA GLU AA 89 -94.32 -19.41 96.76
C GLU AA 89 -94.64 -20.32 97.95
N ASN AA 90 -93.87 -20.14 99.02
CA ASN AA 90 -93.82 -21.08 100.14
C ASN AA 90 -93.83 -20.31 101.46
N ILE AA 91 -94.70 -19.31 101.54
CA ILE AA 91 -94.90 -18.53 102.76
C ILE AA 91 -96.30 -18.83 103.25
N TYR AA 92 -96.39 -19.44 104.44
CA TYR AA 92 -97.64 -19.89 105.02
C TYR AA 92 -97.84 -19.28 106.40
N LEU AA 93 -98.96 -18.60 106.57
CA LEU AA 93 -99.32 -17.99 107.84
C LEU AA 93 -99.77 -19.04 108.84
N GLY AA 101 -96.72 -15.67 119.40
CA GLY AA 101 -96.38 -15.30 120.77
C GLY AA 101 -94.89 -15.21 121.00
N ASN AA 102 -94.51 -14.58 122.11
CA ASN AA 102 -93.11 -14.39 122.46
C ASN AA 102 -92.58 -15.50 123.36
N ASN AA 103 -93.33 -16.58 123.56
CA ASN AA 103 -92.94 -17.69 124.41
C ASN AA 103 -92.57 -18.91 123.56
N TRP AA 104 -91.60 -19.68 124.07
CA TRP AA 104 -91.18 -20.89 123.38
C TRP AA 104 -92.34 -21.86 123.26
N ALA AA 105 -93.08 -22.06 124.35
CA ALA AA 105 -94.22 -22.97 124.33
C ALA AA 105 -95.29 -22.49 123.34
N SER AA 106 -95.54 -21.19 123.30
CA SER AA 106 -96.52 -20.66 122.36
C SER AA 106 -96.08 -20.91 120.93
N GLY AA 107 -94.79 -20.72 120.64
CA GLY AA 107 -94.30 -20.98 119.30
C GLY AA 107 -94.37 -22.45 118.93
N PHE AA 108 -94.01 -23.33 119.87
CA PHE AA 108 -94.08 -24.76 119.64
C PHE AA 108 -95.51 -25.20 119.34
N SER AA 109 -96.45 -24.74 120.17
CA SER AA 109 -97.85 -25.12 120.00
C SER AA 109 -98.41 -24.57 118.69
N GLN AA 110 -98.06 -23.32 118.35
CA GLN AA 110 -98.51 -22.76 117.08
C GLN AA 110 -97.93 -23.52 115.90
N GLY AA 111 -96.68 -24.00 116.02
CA GLY AA 111 -96.10 -24.79 114.96
C GLY AA 111 -96.79 -26.13 114.77
N GLU AA 112 -97.23 -26.73 115.88
CA GLU AA 112 -97.76 -28.10 115.81
C GLU AA 112 -99.00 -28.17 114.91
N LYS AA 113 -99.88 -27.17 114.99
CA LYS AA 113 -101.13 -27.23 114.23
C LYS AA 113 -100.90 -27.10 112.72
N ILE AA 114 -99.87 -26.37 112.31
CA ILE AA 114 -99.58 -26.13 110.89
C ILE AA 114 -98.41 -26.99 110.40
N HIS AA 115 -97.97 -27.97 111.19
CA HIS AA 115 -96.79 -28.76 110.82
C HIS AA 115 -96.96 -29.47 109.47
N GLU AA 116 -98.17 -29.97 109.15
CA GLU AA 116 -98.32 -30.74 107.93
C GLU AA 116 -98.15 -29.89 106.67
N ASP AA 117 -98.69 -28.67 106.66
CA ASP AA 117 -98.63 -27.87 105.44
C ASP AA 117 -97.23 -27.31 105.20
N ILE AA 118 -96.55 -26.87 106.25
CA ILE AA 118 -95.17 -26.43 106.10
C ILE AA 118 -94.28 -27.61 105.71
N PHE AA 119 -94.59 -28.80 106.20
CA PHE AA 119 -93.79 -29.95 105.82
C PHE AA 119 -94.09 -30.38 104.38
N ASP AA 120 -95.30 -30.13 103.90
CA ASP AA 120 -95.58 -30.39 102.48
C ASP AA 120 -94.84 -29.37 101.62
N ILE AA 121 -94.70 -28.15 102.11
CA ILE AA 121 -93.81 -27.18 101.48
C ILE AA 121 -92.38 -27.71 101.43
N ILE AA 122 -91.93 -28.37 102.50
CA ILE AA 122 -90.58 -28.96 102.48
C ILE AA 122 -90.52 -30.05 101.41
N ASP AA 123 -91.54 -30.91 101.39
CA ASP AA 123 -91.55 -32.07 100.50
C ASP AA 123 -91.51 -31.65 99.04
N ARG AA 124 -92.29 -30.62 98.69
CA ARG AA 124 -92.29 -30.12 97.31
C ARG AA 124 -90.90 -29.74 96.85
N GLU AA 125 -90.17 -28.95 97.65
CA GLU AA 125 -88.81 -28.56 97.28
C GLU AA 125 -87.88 -29.77 97.20
N ALA AA 126 -88.01 -30.71 98.15
CA ALA AA 126 -87.17 -31.90 98.13
C ALA AA 126 -87.40 -32.71 96.85
N ASP AA 127 -88.66 -32.81 96.43
CA ASP AA 127 -88.98 -33.50 95.18
C ASP AA 127 -88.48 -32.72 93.98
N GLY AA 128 -88.62 -31.39 94.02
CA GLY AA 128 -88.22 -30.57 92.90
C GLY AA 128 -86.74 -30.64 92.62
N SER AA 129 -85.93 -30.61 93.66
CA SER AA 129 -84.49 -30.67 93.46
C SER AA 129 -84.11 -32.04 92.92
N ASP AA 130 -83.02 -32.07 92.14
CA ASP AA 130 -82.46 -33.35 91.73
C ASP AA 130 -82.13 -34.20 92.96
N SER AA 131 -81.64 -33.56 94.02
CA SER AA 131 -81.30 -34.28 95.24
C SER AA 131 -81.04 -33.24 96.34
N LEU AA 132 -80.95 -33.74 97.58
CA LEU AA 132 -80.96 -32.90 98.77
C LEU AA 132 -79.91 -33.41 99.75
N GLU AA 133 -78.98 -32.55 100.18
CA GLU AA 133 -78.02 -32.91 101.23
C GLU AA 133 -78.45 -32.39 102.59
N GLY AA 134 -78.86 -31.13 102.69
CA GLY AA 134 -78.88 -30.46 103.98
C GLY AA 134 -79.96 -29.41 104.14
N PHE AA 135 -80.37 -29.24 105.40
CA PHE AA 135 -81.32 -28.21 105.82
C PHE AA 135 -80.55 -27.21 106.67
N VAL AA 136 -80.44 -25.97 106.18
CA VAL AA 136 -79.68 -24.93 106.86
C VAL AA 136 -80.68 -23.95 107.48
N LEU AA 137 -80.74 -23.91 108.81
CA LEU AA 137 -81.75 -23.12 109.51
C LEU AA 137 -81.13 -21.80 109.97
N CYS AA 138 -81.72 -20.69 109.52
CA CYS AA 138 -81.40 -19.37 110.03
C CYS AA 138 -82.14 -19.13 111.36
N HIS AA 139 -81.85 -20.00 112.32
CA HIS AA 139 -82.64 -20.07 113.54
C HIS AA 139 -82.29 -18.93 114.49
N SER AA 140 -83.28 -18.53 115.30
CA SER AA 140 -83.10 -17.57 116.38
C SER AA 140 -83.32 -18.26 117.70
N ILE AA 141 -82.28 -18.28 118.55
CA ILE AA 141 -82.39 -18.80 119.91
C ILE AA 141 -83.15 -17.78 120.75
N ALA AA 142 -84.13 -18.27 121.51
CA ALA AA 142 -85.00 -17.43 122.34
C ALA AA 142 -85.60 -16.29 121.51
N GLY AA 143 -86.09 -16.64 120.33
CA GLY AA 143 -86.57 -15.67 119.37
C GLY AA 143 -88.07 -15.50 119.39
N GLY AA 144 -88.69 -15.73 120.55
CA GLY AA 144 -90.13 -15.65 120.65
C GLY AA 144 -90.81 -16.64 119.73
N THR AA 145 -91.38 -16.14 118.63
CA THR AA 145 -91.98 -17.01 117.64
C THR AA 145 -90.94 -17.92 117.00
N GLY AA 146 -89.74 -17.39 116.75
CA GLY AA 146 -88.71 -18.19 116.12
C GLY AA 146 -88.34 -19.44 116.92
N SER AA 147 -88.08 -19.25 118.21
CA SER AA 147 -87.82 -20.37 119.09
C SER AA 147 -89.12 -21.07 119.45
N GLY AA 148 -89.00 -22.35 119.78
CA GLY AA 148 -90.15 -23.21 119.94
C GLY AA 148 -90.56 -23.81 118.61
N LEU AA 149 -90.95 -22.96 117.66
CA LEU AA 149 -91.27 -23.46 116.32
C LEU AA 149 -90.03 -24.03 115.66
N GLY AA 150 -88.88 -23.39 115.82
CA GLY AA 150 -87.67 -23.94 115.22
C GLY AA 150 -87.27 -25.24 115.88
N SER AA 151 -87.46 -25.34 117.19
CA SER AA 151 -87.14 -26.59 117.89
C SER AA 151 -88.06 -27.72 117.44
N TYR AA 152 -89.36 -27.45 117.31
CA TYR AA 152 -90.30 -28.48 116.85
C TYR AA 152 -89.97 -28.92 115.43
N LEU AA 153 -89.71 -27.95 114.54
CA LEU AA 153 -89.37 -28.28 113.17
C LEU AA 153 -88.05 -29.05 113.08
N LEU AA 154 -87.10 -28.71 113.95
CA LEU AA 154 -85.84 -29.43 114.04
C LEU AA 154 -86.08 -30.88 114.45
N GLU AA 155 -87.01 -31.10 115.37
CA GLU AA 155 -87.32 -32.46 115.78
C GLU AA 155 -88.00 -33.23 114.66
N ARG AA 156 -88.82 -32.56 113.85
CA ARG AA 156 -89.50 -33.26 112.77
C ARG AA 156 -88.56 -33.64 111.63
N LEU AA 157 -87.64 -32.74 111.25
CA LEU AA 157 -86.81 -33.02 110.06
C LEU AA 157 -85.91 -34.24 110.24
N ASN AA 158 -85.28 -34.41 111.40
CA ASN AA 158 -84.37 -35.54 111.53
C ASN AA 158 -85.12 -36.86 111.43
N ASP AA 159 -86.31 -36.94 112.03
CA ASP AA 159 -87.11 -38.15 111.93
C ASP AA 159 -87.52 -38.42 110.49
N ARG AA 160 -87.95 -37.38 109.78
CA ARG AA 160 -88.43 -37.60 108.41
C ARG AA 160 -87.27 -37.89 107.45
N TYR AA 161 -86.08 -37.34 107.72
CA TYR AA 161 -84.91 -37.50 106.87
C TYR AA 161 -83.73 -37.95 107.73
N PRO AA 162 -83.75 -39.22 108.20
CA PRO AA 162 -82.67 -39.67 109.10
C PRO AA 162 -81.28 -39.59 108.50
N LYS AA 163 -81.14 -39.88 107.20
CA LYS AA 163 -79.82 -39.83 106.58
C LYS AA 163 -79.32 -38.39 106.48
N LYS AA 164 -80.23 -37.44 106.25
CA LYS AA 164 -79.86 -36.06 105.95
C LYS AA 164 -79.40 -35.31 107.19
N LEU AA 165 -78.76 -34.17 106.95
CA LEU AA 165 -78.11 -33.36 107.98
C LEU AA 165 -78.77 -32.00 108.10
N VAL AA 166 -78.72 -31.47 109.33
CA VAL AA 166 -79.26 -30.16 109.66
C VAL AA 166 -78.13 -29.32 110.24
N GLN AA 167 -77.92 -28.15 109.65
CA GLN AA 167 -77.05 -27.12 110.19
C GLN AA 167 -77.92 -25.98 110.70
N THR AA 168 -77.43 -25.28 111.72
CA THR AA 168 -78.17 -24.17 112.33
C THR AA 168 -77.23 -22.99 112.52
N TYR AA 169 -77.49 -21.90 111.79
CA TYR AA 169 -76.78 -20.63 111.98
C TYR AA 169 -77.45 -19.87 113.12
N SER AA 170 -77.33 -20.45 114.31
CA SER AA 170 -77.99 -19.89 115.49
C SER AA 170 -77.38 -18.55 115.87
N VAL AA 171 -78.22 -17.51 115.88
CA VAL AA 171 -77.84 -16.22 116.44
C VAL AA 171 -78.16 -16.24 117.93
N PHE AA 172 -77.23 -16.77 118.71
CA PHE AA 172 -77.44 -16.89 120.15
C PHE AA 172 -77.58 -15.49 120.74
N PRO AA 173 -78.71 -15.16 121.43
CA PRO AA 173 -78.85 -13.77 121.90
C PRO AA 173 -78.14 -13.51 123.21
N ASN AA 174 -77.18 -12.60 123.15
CA ASN AA 174 -76.61 -11.96 124.32
C ASN AA 174 -76.68 -10.47 124.05
N GLN AA 175 -77.46 -9.74 124.84
CA GLN AA 175 -77.63 -8.31 124.71
C GLN AA 175 -77.35 -7.61 126.04
N ASP AA 176 -76.39 -8.15 126.79
CA ASP AA 176 -76.09 -7.75 128.16
C ASP AA 176 -77.23 -8.07 129.12
N GLU AA 177 -78.16 -8.93 128.71
CA GLU AA 177 -79.35 -9.29 129.50
C GLU AA 177 -80.13 -8.06 129.92
N ASP AA 180 -87.25 -5.92 125.60
CA ASP AA 180 -86.71 -6.90 126.52
C ASP AA 180 -87.69 -8.05 126.70
N VAL AA 181 -87.15 -9.25 126.86
CA VAL AA 181 -87.92 -10.45 127.16
C VAL AA 181 -87.38 -11.02 128.47
N VAL AA 182 -88.29 -11.25 129.43
CA VAL AA 182 -87.87 -11.78 130.73
C VAL AA 182 -87.67 -13.29 130.71
N VAL AA 183 -88.27 -14.00 129.76
CA VAL AA 183 -88.25 -15.47 129.73
C VAL AA 183 -87.11 -16.01 128.85
N GLN AA 184 -86.11 -15.16 128.52
CA GLN AA 184 -85.00 -15.58 127.68
C GLN AA 184 -84.27 -16.84 128.15
N PRO AA 185 -83.82 -16.94 129.42
CA PRO AA 185 -83.11 -18.18 129.80
C PRO AA 185 -83.95 -19.43 129.66
N TYR AA 186 -85.23 -19.33 130.01
CA TYR AA 186 -86.15 -20.47 129.88
C TYR AA 186 -86.23 -20.94 128.43
N ASN AA 187 -86.53 -19.98 127.54
CA ASN AA 187 -86.68 -20.29 126.12
C ASN AA 187 -85.40 -20.86 125.54
N SER AA 188 -84.28 -20.18 125.81
CA SER AA 188 -83.00 -20.60 125.26
C SER AA 188 -82.62 -21.98 125.78
N LEU AA 189 -82.88 -22.25 127.06
CA LEU AA 189 -82.55 -23.56 127.63
C LEU AA 189 -83.26 -24.66 126.87
N LEU AA 190 -84.55 -24.47 126.56
CA LEU AA 190 -85.25 -25.49 125.78
C LEU AA 190 -84.67 -25.64 124.37
N THR AA 191 -84.36 -24.51 123.73
CA THR AA 191 -83.81 -24.57 122.38
C THR AA 191 -82.50 -25.34 122.35
N LEU AA 192 -81.64 -25.13 123.34
CA LEU AA 192 -80.37 -25.86 123.36
C LEU AA 192 -80.55 -27.36 123.59
N LYS AA 193 -81.56 -27.78 124.36
CA LYS AA 193 -81.79 -29.23 124.49
C LYS AA 193 -82.13 -29.84 123.13
N ARG AA 194 -83.10 -29.23 122.45
CA ARG AA 194 -83.47 -29.74 121.13
C ARG AA 194 -82.29 -29.68 120.17
N LEU AA 195 -81.51 -28.60 120.22
CA LEU AA 195 -80.38 -28.46 119.32
C LEU AA 195 -79.26 -29.45 119.65
N THR AA 196 -79.04 -29.73 120.93
CA THR AA 196 -77.95 -30.61 121.32
C THR AA 196 -78.21 -32.04 120.88
N GLN AA 197 -79.47 -32.50 120.94
CA GLN AA 197 -79.75 -33.89 120.57
C GLN AA 197 -80.26 -34.05 119.14
N ASN AA 198 -80.73 -32.99 118.48
CA ASN AA 198 -81.41 -33.10 117.20
C ASN AA 198 -80.84 -32.20 116.12
N ALA AA 199 -79.58 -31.76 116.24
CA ALA AA 199 -78.94 -30.92 115.22
C ALA AA 199 -77.56 -31.47 114.91
N ASP AA 200 -77.27 -31.69 113.63
CA ASP AA 200 -75.97 -32.22 113.25
C ASP AA 200 -74.87 -31.17 113.42
N CYS AA 201 -75.15 -29.91 113.09
CA CYS AA 201 -74.15 -28.86 113.26
C CYS AA 201 -74.79 -27.54 113.66
N VAL AA 202 -74.04 -26.72 114.40
CA VAL AA 202 -74.47 -25.40 114.81
C VAL AA 202 -73.28 -24.45 114.65
N VAL AA 203 -73.53 -23.28 114.07
CA VAL AA 203 -72.56 -22.19 113.99
C VAL AA 203 -73.13 -21.06 114.85
N VAL AA 204 -72.43 -20.74 115.94
CA VAL AA 204 -72.99 -19.84 116.94
C VAL AA 204 -72.50 -18.43 116.67
N LEU AA 205 -73.40 -17.46 116.83
CA LEU AA 205 -73.10 -16.05 116.75
C LEU AA 205 -73.66 -15.37 117.99
N ASP AA 206 -73.11 -14.20 118.32
CA ASP AA 206 -73.43 -13.51 119.58
C ASP AA 206 -73.75 -12.05 119.32
N ASN AA 207 -74.89 -11.60 119.85
CA ASN AA 207 -75.31 -10.22 119.67
C ASN AA 207 -74.36 -9.24 120.36
N THR AA 208 -73.98 -9.50 121.62
CA THR AA 208 -72.98 -8.64 122.26
C THR AA 208 -71.65 -8.66 121.52
N ALA AA 209 -71.20 -9.83 121.06
CA ALA AA 209 -69.92 -9.87 120.37
C ALA AA 209 -69.95 -9.02 119.10
N LEU AA 210 -71.02 -9.16 118.31
CA LEU AA 210 -71.12 -8.37 117.09
C LEU AA 210 -71.35 -6.89 117.39
N ASN AA 211 -72.06 -6.58 118.48
CA ASN AA 211 -72.24 -5.18 118.88
C ASN AA 211 -70.91 -4.57 119.33
N ARG AA 212 -70.09 -5.31 120.06
CA ARG AA 212 -68.78 -4.82 120.45
C ARG AA 212 -67.91 -4.58 119.23
N ILE AA 213 -67.98 -5.49 118.25
CA ILE AA 213 -67.27 -5.27 116.99
C ILE AA 213 -67.82 -4.02 116.30
N ALA AA 214 -69.13 -3.79 116.39
CA ALA AA 214 -69.72 -2.61 115.79
C ALA AA 214 -69.19 -1.33 116.42
N THR AA 215 -69.11 -1.30 117.76
CA THR AA 215 -68.52 -0.14 118.42
C THR AA 215 -67.06 0.03 118.03
N ASP AA 216 -66.33 -1.07 117.86
CA ASP AA 216 -64.94 -1.01 117.44
C ASP AA 216 -64.80 -0.38 116.06
N ARG AA 217 -65.40 -1.00 115.04
CA ARG AA 217 -65.19 -0.57 113.67
C ARG AA 217 -65.94 0.73 113.34
N LEU AA 218 -67.11 0.96 113.92
CA LEU AA 218 -67.91 2.15 113.66
C LEU AA 218 -68.39 2.75 114.97
N HIS AA 219 -69.01 3.93 114.85
CA HIS AA 219 -69.64 4.62 115.98
C HIS AA 219 -71.09 4.19 116.19
N ILE AA 220 -71.60 3.27 115.37
CA ILE AA 220 -72.98 2.80 115.50
C ILE AA 220 -73.15 2.12 116.85
N GLN AA 221 -74.10 2.63 117.64
CA GLN AA 221 -74.50 1.99 118.90
C GLN AA 221 -76.00 1.73 118.95
N ASN AA 222 -76.82 2.74 118.62
CA ASN AA 222 -78.26 2.59 118.78
C ASN AA 222 -78.88 1.65 117.75
N PRO AA 223 -78.62 1.79 116.41
CA PRO AA 223 -79.21 0.88 115.43
C PRO AA 223 -78.40 -0.40 115.25
N SER AA 224 -78.13 -1.10 116.37
CA SER AA 224 -77.27 -2.27 116.34
C SER AA 224 -77.81 -3.37 115.44
N PHE AA 225 -79.12 -3.66 115.54
CA PHE AA 225 -79.68 -4.80 114.83
C PHE AA 225 -79.58 -4.62 113.32
N SER AA 226 -79.90 -3.43 112.82
CA SER AA 226 -79.94 -3.22 111.38
C SER AA 226 -78.56 -3.42 110.74
N GLN AA 227 -77.52 -2.86 111.37
CA GLN AA 227 -76.17 -2.96 110.80
C GLN AA 227 -75.56 -4.33 111.04
N ILE AA 228 -75.82 -4.94 112.21
CA ILE AA 228 -75.24 -6.23 112.55
C ILE AA 228 -75.72 -7.30 111.57
N ASN AA 229 -76.86 -7.08 110.92
CA ASN AA 229 -77.32 -7.95 109.85
C ASN AA 229 -76.23 -8.12 108.79
N GLN AA 230 -75.58 -7.01 108.42
CA GLN AA 230 -74.52 -7.07 107.41
C GLN AA 230 -73.37 -7.96 107.89
N LEU AA 231 -72.97 -7.82 109.17
CA LEU AA 231 -71.88 -8.63 109.70
C LEU AA 231 -72.24 -10.11 109.63
N VAL AA 232 -73.47 -10.43 110.04
CA VAL AA 232 -73.94 -11.81 110.04
C VAL AA 232 -73.96 -12.34 108.61
N SER AA 233 -74.38 -11.51 107.66
CA SER AA 233 -74.46 -11.93 106.27
C SER AA 233 -73.08 -12.21 105.68
N THR AA 234 -72.11 -11.35 105.99
CA THR AA 234 -70.74 -11.61 105.55
C THR AA 234 -70.23 -12.93 106.10
N ILE AA 235 -70.46 -13.20 107.39
CA ILE AA 235 -70.03 -14.47 107.96
C ILE AA 235 -70.71 -15.64 107.25
N MET AA 236 -72.02 -15.53 107.04
CA MET AA 236 -72.77 -16.64 106.44
C MET AA 236 -72.30 -16.91 105.02
N SER AA 237 -72.12 -15.87 104.21
CA SER AA 237 -71.68 -16.07 102.82
C SER AA 237 -70.26 -16.63 102.77
N ALA AA 238 -69.35 -16.06 103.57
CA ALA AA 238 -67.97 -16.54 103.56
C ALA AA 238 -67.87 -17.98 104.03
N SER AA 239 -68.75 -18.39 104.96
CA SER AA 239 -68.72 -19.77 105.45
C SER AA 239 -69.11 -20.79 104.38
N THR AA 240 -69.82 -20.35 103.33
CA THR AA 240 -70.25 -21.23 102.24
C THR AA 240 -69.51 -21.01 100.93
N THR AA 241 -68.68 -19.97 100.84
CA THR AA 241 -68.03 -19.64 99.56
C THR AA 241 -67.26 -20.81 98.96
N THR AA 242 -66.64 -21.66 99.78
CA THR AA 242 -65.91 -22.79 99.24
C THR AA 242 -66.83 -23.79 98.56
N LEU AA 243 -68.07 -23.91 99.03
CA LEU AA 243 -69.06 -24.72 98.31
C LEU AA 243 -69.55 -24.00 97.06
N ARG AA 244 -69.89 -22.72 97.21
CA ARG AA 244 -70.47 -21.97 96.09
C ARG AA 244 -69.53 -21.80 94.91
N TYR AA 245 -68.21 -21.90 95.13
CA TYR AA 245 -67.22 -21.83 94.07
C TYR AA 245 -66.40 -23.11 94.02
N PRO AA 246 -66.08 -23.66 92.84
CA PRO AA 246 -65.30 -24.90 92.81
C PRO AA 246 -63.91 -24.71 93.39
N GLY AA 247 -63.41 -25.76 94.01
CA GLY AA 247 -62.08 -25.75 94.59
C GLY AA 247 -61.57 -27.17 94.64
N TYR AA 248 -60.35 -27.33 95.15
CA TYR AA 248 -59.76 -28.64 95.13
C TYR AA 248 -60.43 -29.58 96.13
N MET AA 249 -60.64 -29.11 97.36
CA MET AA 249 -61.11 -29.91 98.48
C MET AA 249 -62.25 -29.15 99.15
N ASN AA 250 -63.02 -29.88 99.96
CA ASN AA 250 -64.24 -29.35 100.55
C ASN AA 250 -65.19 -28.88 99.44
N ASN AA 251 -65.40 -29.76 98.47
CA ASN AA 251 -66.42 -29.58 97.44
C ASN AA 251 -67.79 -30.06 97.90
N ASP AA 252 -67.96 -30.34 99.19
CA ASP AA 252 -69.27 -30.73 99.70
C ASP AA 252 -69.34 -30.42 101.19
N LEU AA 253 -70.57 -30.12 101.62
CA LEU AA 253 -70.81 -29.63 102.97
C LEU AA 253 -70.35 -30.63 104.01
N ILE AA 254 -70.76 -31.90 103.86
CA ILE AA 254 -70.40 -32.92 104.85
C ILE AA 254 -68.88 -33.10 104.93
N GLY AA 255 -68.20 -33.06 103.79
CA GLY AA 255 -66.74 -33.15 103.80
C GLY AA 255 -66.11 -32.01 104.58
N LEU AA 256 -66.69 -30.82 104.47
CA LEU AA 256 -66.18 -29.70 105.28
C LEU AA 256 -66.52 -29.90 106.76
N ILE AA 257 -67.76 -30.33 107.05
CA ILE AA 257 -68.29 -30.42 108.41
C ILE AA 257 -67.49 -31.42 109.25
N ALA AA 258 -67.03 -32.50 108.62
CA ALA AA 258 -66.40 -33.59 109.35
C ALA AA 258 -65.22 -33.11 110.20
N SER AA 259 -64.31 -32.34 109.60
CA SER AA 259 -63.17 -31.85 110.36
C SER AA 259 -63.61 -30.93 111.48
N LEU AA 260 -64.59 -30.06 111.21
CA LEU AA 260 -64.97 -29.04 112.19
C LEU AA 260 -65.61 -29.64 113.44
N ILE AA 261 -66.43 -30.68 113.30
CA ILE AA 261 -67.10 -31.31 114.43
C ILE AA 261 -66.48 -32.70 114.65
N PRO AA 262 -65.58 -32.86 115.67
CA PRO AA 262 -64.94 -34.17 115.87
C PRO AA 262 -65.77 -35.15 116.68
N THR AA 263 -66.58 -34.64 117.61
CA THR AA 263 -67.47 -35.46 118.44
C THR AA 263 -68.91 -34.94 118.31
N PRO AA 264 -69.92 -35.83 118.27
CA PRO AA 264 -71.28 -35.36 117.96
C PRO AA 264 -71.82 -34.31 118.90
N ARG AA 265 -71.58 -34.44 120.21
CA ARG AA 265 -72.14 -33.50 121.16
C ARG AA 265 -71.58 -32.08 120.97
N LEU AA 266 -70.26 -31.98 120.79
CA LEU AA 266 -69.58 -30.69 120.66
C LEU AA 266 -69.56 -30.31 119.18
N HIS AA 267 -70.67 -29.73 118.72
CA HIS AA 267 -70.89 -29.39 117.33
C HIS AA 267 -71.20 -27.91 117.13
N PHE AA 268 -70.75 -27.06 118.05
CA PHE AA 268 -70.98 -25.63 118.03
C PHE AA 268 -69.70 -24.93 117.59
N LEU AA 269 -69.81 -24.04 116.60
CA LEU AA 269 -68.66 -23.52 115.87
C LEU AA 269 -68.53 -22.01 116.00
N MET AA 270 -67.29 -21.57 116.23
CA MET AA 270 -66.81 -20.21 116.40
C MET AA 270 -66.47 -19.61 115.05
N THR AA 271 -66.63 -18.29 114.94
CA THR AA 271 -66.44 -17.55 113.69
C THR AA 271 -65.38 -16.47 113.86
N GLY AA 272 -64.74 -16.12 112.75
CA GLY AA 272 -63.85 -14.95 112.73
C GLY AA 272 -63.54 -14.54 111.32
N TYR AA 273 -63.21 -13.25 111.15
CA TYR AA 273 -62.98 -12.66 109.82
C TYR AA 273 -61.84 -11.65 109.84
N THR AA 274 -60.77 -11.93 109.09
CA THR AA 274 -59.54 -11.16 109.20
C THR AA 274 -59.74 -9.67 108.96
N PRO AA 275 -60.16 -9.21 107.77
CA PRO AA 275 -60.48 -7.79 107.64
C PRO AA 275 -61.92 -7.53 108.06
N LEU AA 276 -62.17 -7.42 109.38
CA LEU AA 276 -63.47 -6.95 109.84
C LEU AA 276 -63.81 -5.63 109.16
N THR AA 277 -62.82 -4.78 108.95
CA THR AA 277 -62.92 -3.63 108.04
C THR AA 277 -62.49 -4.01 106.63
N THR AA 278 -63.25 -4.93 106.04
CA THR AA 278 -63.02 -5.30 104.63
C THR AA 278 -63.37 -4.15 103.69
N ASP AA 279 -64.18 -3.20 104.14
CA ASP AA 279 -64.40 -1.98 103.38
C ASP AA 279 -63.14 -1.10 103.44
N LYS AA 287 -50.34 -5.28 99.44
CA LYS AA 287 -51.32 -6.34 99.69
C LYS AA 287 -50.90 -7.07 100.97
N THR AA 288 -51.86 -7.72 101.62
CA THR AA 288 -51.64 -8.44 102.87
C THR AA 288 -51.35 -9.90 102.59
N THR AA 289 -50.20 -10.37 103.08
CA THR AA 289 -49.83 -11.76 102.84
C THR AA 289 -50.59 -12.69 103.78
N VAL AA 290 -50.60 -13.97 103.40
CA VAL AA 290 -51.29 -15.00 104.17
C VAL AA 290 -50.73 -15.12 105.59
N LEU AA 291 -49.43 -14.91 105.77
CA LEU AA 291 -48.86 -14.90 107.12
C LEU AA 291 -49.59 -13.88 107.98
N ASP AA 292 -49.79 -12.69 107.44
CA ASP AA 292 -50.43 -11.62 108.19
C ASP AA 292 -51.89 -11.94 108.44
N VAL AA 293 -52.60 -12.43 107.43
CA VAL AA 293 -54.04 -12.64 107.66
C VAL AA 293 -54.27 -13.76 108.67
N MET AA 294 -53.45 -14.83 108.64
CA MET AA 294 -53.58 -15.86 109.66
C MET AA 294 -53.26 -15.33 111.05
N ARG AA 295 -52.15 -14.60 111.19
CA ARG AA 295 -51.80 -14.08 112.51
C ARG AA 295 -52.86 -13.12 113.03
N ARG AA 296 -53.33 -12.21 112.18
CA ARG AA 296 -54.45 -11.34 112.55
C ARG AA 296 -55.65 -12.18 112.96
N LEU AA 297 -55.90 -13.28 112.25
CA LEU AA 297 -57.12 -14.04 112.45
C LEU AA 297 -57.12 -14.69 113.82
N LEU AA 298 -55.96 -15.19 114.26
CA LEU AA 298 -55.91 -15.86 115.56
C LEU AA 298 -56.07 -14.89 116.74
N GLN AA 299 -55.99 -13.58 116.53
CA GLN AA 299 -56.16 -12.64 117.64
C GLN AA 299 -57.62 -12.59 118.11
N PRO AA 300 -57.88 -12.24 119.38
CA PRO AA 300 -59.27 -12.28 119.87
C PRO AA 300 -60.17 -11.13 119.43
N LYS AA 301 -59.63 -9.98 119.05
CA LYS AA 301 -60.49 -8.84 118.71
C LYS AA 301 -61.31 -9.17 117.47
N ASN AA 302 -60.72 -9.93 116.55
CA ASN AA 302 -61.41 -10.49 115.41
C ASN AA 302 -62.46 -11.53 115.78
N VAL AA 303 -62.26 -12.29 116.86
CA VAL AA 303 -63.21 -13.33 117.18
C VAL AA 303 -64.55 -12.69 117.52
N MET AA 304 -65.61 -13.22 116.93
CA MET AA 304 -66.94 -12.61 116.98
C MET AA 304 -67.81 -13.29 118.01
N VAL AA 305 -67.18 -13.81 119.07
CA VAL AA 305 -67.85 -14.47 120.17
C VAL AA 305 -67.36 -13.82 121.47
N SER AA 306 -68.28 -13.57 122.38
CA SER AA 306 -67.98 -12.84 123.61
C SER AA 306 -67.62 -13.81 124.74
N THR AA 313 -59.03 -22.35 135.39
CA THR AA 313 -59.09 -23.58 134.61
C THR AA 313 -58.59 -23.36 133.20
N ASN AA 314 -57.77 -24.29 132.71
CA ASN AA 314 -57.28 -24.24 131.34
C ASN AA 314 -58.45 -24.34 130.37
N HIS AA 315 -58.28 -23.73 129.18
CA HIS AA 315 -59.24 -23.84 128.09
C HIS AA 315 -58.48 -23.95 126.77
N CYS AA 316 -59.09 -24.63 125.80
CA CYS AA 316 -58.42 -24.97 124.55
C CYS AA 316 -59.42 -25.12 123.41
N TYR AA 317 -58.95 -24.83 122.19
CA TYR AA 317 -59.67 -25.25 121.00
C TYR AA 317 -59.69 -26.77 120.91
N ILE AA 318 -60.68 -27.30 120.20
CA ILE AA 318 -60.65 -28.70 119.76
C ILE AA 318 -60.11 -28.81 118.34
N ALA AA 319 -60.49 -27.90 117.45
CA ALA AA 319 -60.03 -27.93 116.07
C ALA AA 319 -60.24 -26.55 115.46
N ILE AA 320 -59.39 -26.21 114.48
CA ILE AA 320 -59.46 -24.93 113.79
C ILE AA 320 -59.41 -25.17 112.28
N LEU AA 321 -60.10 -24.30 111.53
CA LEU AA 321 -60.05 -24.30 110.08
C LEU AA 321 -60.17 -22.87 109.60
N ASN AA 322 -59.47 -22.56 108.51
CA ASN AA 322 -59.45 -21.22 107.95
C ASN AA 322 -59.51 -21.30 106.43
N ILE AA 323 -60.30 -20.41 105.83
CA ILE AA 323 -60.48 -20.31 104.39
C ILE AA 323 -60.13 -18.88 103.98
N ILE AA 324 -59.29 -18.75 102.95
CA ILE AA 324 -58.78 -17.47 102.48
C ILE AA 324 -59.26 -17.29 101.04
N GLN AA 325 -59.80 -16.10 100.73
CA GLN AA 325 -60.27 -15.79 99.37
C GLN AA 325 -59.59 -14.50 98.93
N GLY AA 326 -58.72 -14.59 97.93
CA GLY AA 326 -58.09 -13.40 97.40
C GLY AA 326 -56.92 -13.72 96.49
N GLU AA 327 -56.07 -12.71 96.31
CA GLU AA 327 -54.83 -12.85 95.54
C GLU AA 327 -53.78 -13.47 96.45
N VAL AA 328 -53.86 -14.79 96.58
CA VAL AA 328 -53.01 -15.55 97.48
C VAL AA 328 -51.96 -16.28 96.66
N ASP AA 329 -50.70 -16.00 96.94
CA ASP AA 329 -49.62 -16.73 96.30
C ASP AA 329 -49.60 -18.16 96.86
N PRO AA 330 -49.42 -19.18 96.01
CA PRO AA 330 -49.63 -20.56 96.51
C PRO AA 330 -48.44 -21.16 97.25
N THR AA 331 -47.20 -20.85 96.85
CA THR AA 331 -46.05 -21.43 97.55
C THR AA 331 -45.98 -20.97 99.00
N GLN AA 332 -46.49 -19.77 99.30
CA GLN AA 332 -46.33 -19.23 100.63
C GLN AA 332 -47.36 -19.75 101.64
N VAL AA 333 -48.42 -20.46 101.22
CA VAL AA 333 -49.45 -20.82 102.20
C VAL AA 333 -48.92 -21.89 103.17
N HIS AA 334 -48.17 -22.88 102.67
CA HIS AA 334 -47.48 -23.77 103.59
C HIS AA 334 -46.52 -23.03 104.49
N LYS AA 335 -45.70 -22.15 103.91
CA LYS AA 335 -44.74 -21.42 104.72
C LYS AA 335 -45.46 -20.58 105.77
N SER AA 336 -46.65 -20.08 105.42
CA SER AA 336 -47.48 -19.33 106.35
C SER AA 336 -47.93 -20.19 107.51
N LEU AA 337 -48.36 -21.42 107.22
CA LEU AA 337 -48.75 -22.32 108.29
C LEU AA 337 -47.55 -22.64 109.16
N GLN AA 338 -46.38 -22.82 108.55
CA GLN AA 338 -45.17 -23.08 109.31
C GLN AA 338 -44.84 -21.92 110.25
N ARG AA 339 -44.90 -20.68 109.72
CA ARG AA 339 -44.65 -19.50 110.55
C ARG AA 339 -45.66 -19.41 111.68
N ILE AA 340 -46.94 -19.61 111.37
CA ILE AA 340 -47.99 -19.47 112.38
C ILE AA 340 -47.78 -20.55 113.45
N ARG AA 341 -47.25 -21.71 113.07
CA ARG AA 341 -46.81 -22.69 114.06
C ARG AA 341 -45.70 -22.18 114.94
N GLU AA 342 -44.74 -21.46 114.35
CA GLU AA 342 -43.71 -20.90 115.21
C GLU AA 342 -44.32 -19.88 116.17
N ARG AA 343 -45.27 -19.09 115.69
CA ARG AA 343 -45.87 -18.05 116.52
C ARG AA 343 -46.66 -18.64 117.68
N LYS AA 344 -47.38 -19.74 117.44
CA LYS AA 344 -48.21 -20.37 118.47
C LYS AA 344 -49.21 -19.38 119.07
N LEU AA 345 -49.83 -18.58 118.19
CA LEU AA 345 -50.84 -17.64 118.66
C LEU AA 345 -52.07 -18.36 119.19
N ALA AA 346 -52.39 -19.54 118.65
CA ALA AA 346 -53.53 -20.34 119.07
C ALA AA 346 -53.01 -21.49 119.94
N ASN AA 347 -53.44 -21.51 121.20
CA ASN AA 347 -53.02 -22.50 122.18
C ASN AA 347 -54.12 -23.54 122.31
N PHE AA 348 -53.80 -24.81 122.02
CA PHE AA 348 -54.81 -25.84 122.21
C PHE AA 348 -54.18 -27.21 122.31
N ILE AA 349 -54.52 -27.92 123.40
CA ILE AA 349 -54.04 -29.27 123.70
C ILE AA 349 -55.29 -30.10 123.97
N PRO AA 350 -56.17 -30.31 123.00
CA PRO AA 350 -57.40 -31.07 123.27
C PRO AA 350 -57.15 -32.57 123.18
N TRP AA 351 -58.20 -33.34 123.52
CA TRP AA 351 -58.19 -34.75 123.19
C TRP AA 351 -58.07 -34.93 121.69
N GLY AA 352 -58.65 -33.99 120.92
CA GLY AA 352 -58.62 -34.05 119.50
C GLY AA 352 -57.19 -33.95 118.97
N PRO AA 353 -56.88 -34.69 117.90
CA PRO AA 353 -55.64 -34.48 117.17
C PRO AA 353 -55.74 -33.50 116.00
N ALA AA 354 -56.85 -32.80 115.87
CA ALA AA 354 -57.10 -32.00 114.69
C ALA AA 354 -56.20 -30.77 114.68
N SER AA 355 -55.38 -30.66 113.64
CA SER AA 355 -54.48 -29.53 113.44
C SER AA 355 -55.12 -28.51 112.49
N ILE AA 356 -54.68 -27.25 112.60
CA ILE AA 356 -55.22 -26.21 111.75
C ILE AA 356 -54.80 -26.43 110.31
N GLN AA 357 -55.66 -26.05 109.37
CA GLN AA 357 -55.43 -26.25 107.95
C GLN AA 357 -55.72 -24.96 107.19
N VAL AA 358 -54.84 -24.64 106.26
CA VAL AA 358 -54.99 -23.45 105.42
C VAL AA 358 -55.72 -23.88 104.14
N ALA AA 359 -56.93 -23.36 103.95
CA ALA AA 359 -57.74 -23.65 102.76
C ALA AA 359 -57.95 -22.37 101.96
N LEU AA 360 -58.28 -22.54 100.69
CA LEU AA 360 -58.37 -21.44 99.74
C LEU AA 360 -59.68 -21.54 98.96
N SER AA 361 -60.25 -20.38 98.66
CA SER AA 361 -61.46 -20.25 97.86
C SER AA 361 -61.26 -19.08 96.90
N ARG AA 362 -62.21 -18.93 95.98
CA ARG AA 362 -62.12 -17.95 94.91
C ARG AA 362 -62.87 -16.69 95.28
N LYS AA 363 -62.17 -15.56 95.26
CA LYS AA 363 -62.82 -14.27 95.36
C LYS AA 363 -63.58 -14.00 94.07
N SER AA 364 -64.80 -13.49 94.20
CA SER AA 364 -65.71 -13.38 93.06
C SER AA 364 -65.42 -12.11 92.27
N PRO AA 365 -65.81 -12.06 90.97
CA PRO AA 365 -65.74 -10.79 90.24
C PRO AA 365 -66.97 -9.92 90.44
N TYR AA 366 -66.96 -8.74 89.81
CA TYR AA 366 -68.04 -7.74 89.79
C TYR AA 366 -68.26 -6.98 91.10
N LEU AA 367 -67.74 -7.48 92.23
CA LEU AA 367 -67.86 -6.77 93.49
C LEU AA 367 -66.50 -6.18 93.83
N PRO AA 368 -66.43 -5.19 94.73
CA PRO AA 368 -65.12 -4.57 95.03
C PRO AA 368 -64.14 -5.59 95.60
N SER AA 369 -62.88 -5.45 95.19
CA SER AA 369 -61.80 -6.30 95.65
C SER AA 369 -60.98 -5.64 96.77
N ALA AA 370 -61.60 -4.70 97.50
CA ALA AA 370 -60.91 -4.03 98.59
C ALA AA 370 -60.45 -5.05 99.64
N HIS AA 371 -59.23 -4.83 100.14
CA HIS AA 371 -58.52 -5.84 100.93
C HIS AA 371 -58.50 -7.15 100.16
N ARG AA 372 -57.75 -7.11 99.05
CA ARG AA 372 -57.66 -8.19 98.06
C ARG AA 372 -57.62 -9.57 98.68
N VAL AA 373 -56.83 -9.74 99.74
CA VAL AA 373 -56.77 -10.99 100.51
C VAL AA 373 -57.61 -10.81 101.77
N SER AA 374 -58.57 -11.71 101.95
CA SER AA 374 -59.52 -11.63 103.06
C SER AA 374 -59.92 -13.05 103.44
N GLY AA 375 -59.92 -13.36 104.75
CA GLY AA 375 -60.11 -14.71 105.22
C GLY AA 375 -61.10 -14.81 106.36
N LEU AA 376 -61.51 -16.05 106.63
CA LEU AA 376 -62.44 -16.39 107.69
C LEU AA 376 -61.98 -17.68 108.36
N MET AA 377 -62.40 -17.88 109.62
CA MET AA 377 -62.13 -19.12 110.35
C MET AA 377 -63.40 -19.66 111.00
N MET AA 378 -63.51 -20.99 110.95
CA MET AA 378 -64.49 -21.78 111.69
C MET AA 378 -63.71 -22.69 112.65
N ALA AA 379 -64.07 -22.68 113.93
CA ALA AA 379 -63.33 -23.47 114.93
C ALA AA 379 -64.26 -24.05 115.99
N ASN AA 380 -63.84 -25.16 116.61
CA ASN AA 380 -64.53 -25.73 117.76
C ASN AA 380 -63.72 -25.31 118.99
N HIS AA 381 -64.31 -24.45 119.83
CA HIS AA 381 -63.64 -23.88 120.99
C HIS AA 381 -64.46 -24.11 122.25
N THR AA 382 -63.76 -24.45 123.35
CA THR AA 382 -64.39 -24.73 124.63
C THR AA 382 -64.91 -23.48 125.33
N SER AA 383 -64.51 -22.28 124.88
CA SER AA 383 -64.94 -21.06 125.55
C SER AA 383 -66.46 -20.87 125.51
N ILE AA 384 -67.10 -21.33 124.42
CA ILE AA 384 -68.54 -21.13 124.26
C ILE AA 384 -69.33 -21.85 125.35
N SER AA 385 -68.73 -22.85 126.00
CA SER AA 385 -69.34 -23.44 127.18
C SER AA 385 -69.64 -22.38 128.22
N SER AA 386 -68.77 -21.37 128.33
CA SER AA 386 -69.04 -20.27 129.24
C SER AA 386 -70.33 -19.56 128.88
N LEU AA 387 -70.53 -19.27 127.58
CA LEU AA 387 -71.73 -18.56 127.16
C LEU AA 387 -72.98 -19.39 127.43
N PHE AA 388 -72.92 -20.70 127.15
CA PHE AA 388 -74.05 -21.56 127.51
C PHE AA 388 -74.30 -21.55 129.02
N GLU AA 389 -73.23 -21.57 129.80
CA GLU AA 389 -73.38 -21.58 131.25
C GLU AA 389 -73.92 -20.25 131.77
N ARG AA 390 -73.69 -19.15 131.07
CA ARG AA 390 -74.26 -17.88 131.50
C ARG AA 390 -75.79 -17.88 131.42
N THR AA 391 -76.35 -18.36 130.30
CA THR AA 391 -77.80 -18.44 130.23
C THR AA 391 -78.33 -19.53 131.15
N CYS AA 392 -77.56 -20.60 131.37
CA CYS AA 392 -77.97 -21.59 132.37
C CYS AA 392 -77.97 -21.00 133.77
N ARG AA 393 -77.03 -20.10 134.06
CA ARG AA 393 -76.97 -19.43 135.36
C ARG AA 393 -78.17 -18.52 135.54
N GLN AA 394 -78.49 -17.74 134.50
CA GLN AA 394 -79.68 -16.89 134.54
C GLN AA 394 -80.92 -17.73 134.74
N TYR AA 395 -81.00 -18.87 134.04
CA TYR AA 395 -82.15 -19.76 134.18
C TYR AA 395 -82.24 -20.32 135.59
N ASP AA 396 -81.11 -20.73 136.17
CA ASP AA 396 -81.13 -21.33 137.51
C ASP AA 396 -81.60 -20.32 138.54
N LYS AA 397 -81.09 -19.08 138.46
CA LYS AA 397 -81.54 -18.04 139.38
C LYS AA 397 -83.03 -17.78 139.19
N LEU AA 398 -83.46 -17.61 137.95
CA LEU AA 398 -84.86 -17.37 137.65
C LEU AA 398 -85.73 -18.54 138.09
N ARG AA 399 -85.18 -19.76 138.05
CA ARG AA 399 -85.93 -20.96 138.39
C ARG AA 399 -86.13 -21.05 139.89
N LYS AA 400 -85.09 -20.74 140.67
CA LYS AA 400 -85.26 -20.69 142.12
C LYS AA 400 -86.28 -19.62 142.50
N ARG AA 401 -86.18 -18.43 141.89
CA ARG AA 401 -87.16 -17.39 142.20
C ARG AA 401 -88.56 -17.80 141.75
N GLU AA 402 -88.66 -18.49 140.62
CA GLU AA 402 -89.92 -18.73 139.92
C GLU AA 402 -90.61 -17.40 139.62
N ALA AA 403 -89.80 -16.35 139.40
CA ALA AA 403 -90.36 -15.04 139.10
C ALA AA 403 -91.09 -15.04 137.78
N PHE AA 404 -90.54 -15.73 136.77
CA PHE AA 404 -91.15 -15.84 135.46
C PHE AA 404 -91.23 -17.32 135.11
N LEU AA 405 -92.20 -18.03 135.69
CA LEU AA 405 -92.45 -19.45 135.33
C LEU AA 405 -93.33 -19.44 134.08
N GLU AA 406 -94.00 -18.30 133.79
CA GLU AA 406 -94.93 -18.14 132.65
C GLU AA 406 -96.25 -18.79 133.05
N GLN AA 407 -96.31 -20.13 133.14
CA GLN AA 407 -97.52 -20.88 133.59
C GLN AA 407 -98.80 -20.18 133.16
N PHE AA 408 -98.85 -19.64 131.96
CA PHE AA 408 -100.11 -19.06 131.42
C PHE AA 408 -101.11 -20.20 131.21
N ARG AA 409 -102.16 -19.96 130.43
CA ARG AA 409 -103.09 -21.05 130.08
C ARG AA 409 -102.36 -21.92 129.05
N LYS AA 410 -101.65 -21.28 128.11
CA LYS AA 410 -100.84 -21.99 127.12
C LYS AA 410 -99.66 -22.69 127.78
N GLU AA 411 -98.87 -21.94 128.54
CA GLU AA 411 -97.65 -22.50 129.14
C GLU AA 411 -97.97 -23.63 130.10
N ASP AA 412 -98.93 -23.43 130.99
CA ASP AA 412 -99.23 -24.41 132.02
C ASP AA 412 -99.87 -25.66 131.42
N MET AA 413 -100.83 -25.47 130.51
CA MET AA 413 -101.48 -26.62 129.88
C MET AA 413 -100.50 -27.42 129.03
N PHE AA 414 -99.66 -26.73 128.25
CA PHE AA 414 -98.67 -27.44 127.46
C PHE AA 414 -97.68 -28.17 128.35
N LYS AA 415 -97.24 -27.53 129.44
CA LYS AA 415 -96.27 -28.09 130.38
C LYS AA 415 -96.78 -27.87 131.81
N ASP AA 416 -97.62 -28.79 132.28
CA ASP AA 416 -98.06 -28.76 133.68
C ASP AA 416 -96.93 -29.17 134.60
N ASN AA 417 -96.23 -30.25 134.24
CA ASN AA 417 -95.13 -30.74 135.06
C ASN AA 417 -93.99 -29.74 135.12
N PHE AA 418 -93.76 -29.00 134.03
CA PHE AA 418 -92.63 -28.10 133.87
C PHE AA 418 -91.31 -28.87 133.99
N ASP AA 419 -91.33 -30.16 133.66
CA ASP AA 419 -90.18 -31.04 133.84
C ASP AA 419 -89.33 -31.18 132.58
N GLU AA 420 -89.83 -30.77 131.42
CA GLU AA 420 -88.95 -30.65 130.27
C GLU AA 420 -87.89 -29.61 130.51
N MET AA 421 -88.20 -28.60 131.33
CA MET AA 421 -87.18 -27.61 131.67
C MET AA 421 -86.03 -28.26 132.43
N ASP AA 422 -86.34 -29.15 133.38
CA ASP AA 422 -85.29 -29.87 134.09
C ASP AA 422 -84.57 -30.86 133.19
N THR AA 423 -85.29 -31.49 132.27
CA THR AA 423 -84.65 -32.36 131.30
C THR AA 423 -83.63 -31.60 130.46
N SER AA 424 -84.01 -30.39 130.03
CA SER AA 424 -83.07 -29.54 129.30
C SER AA 424 -81.91 -29.12 130.20
N ARG AA 425 -82.19 -28.85 131.48
CA ARG AA 425 -81.11 -28.44 132.37
C ARG AA 425 -80.07 -29.54 132.51
N GLU AA 426 -80.53 -30.78 132.69
CA GLU AA 426 -79.57 -31.88 132.83
C GLU AA 426 -78.86 -32.16 131.49
N ILE AA 427 -79.56 -32.01 130.37
CA ILE AA 427 -78.91 -32.24 129.07
C ILE AA 427 -77.83 -31.18 128.80
N VAL AA 428 -78.17 -29.92 129.04
CA VAL AA 428 -77.19 -28.85 128.81
C VAL AA 428 -76.07 -28.92 129.84
N GLN AA 429 -76.36 -29.39 131.06
CA GLN AA 429 -75.30 -29.60 132.04
C GLN AA 429 -74.37 -30.72 131.58
N GLN AA 430 -74.92 -31.78 130.99
CA GLN AA 430 -74.08 -32.80 130.37
C GLN AA 430 -73.19 -32.18 129.30
N LEU AA 431 -73.75 -31.25 128.52
CA LEU AA 431 -72.95 -30.59 127.48
C LEU AA 431 -71.80 -29.78 128.09
N ILE AA 432 -72.08 -29.01 129.16
CA ILE AA 432 -71.02 -28.24 129.82
C ILE AA 432 -69.94 -29.17 130.35
N ASP AA 433 -70.36 -30.24 131.03
CA ASP AA 433 -69.40 -31.19 131.58
C ASP AA 433 -68.59 -31.85 130.47
N GLU AA 434 -69.24 -32.13 129.34
CA GLU AA 434 -68.54 -32.71 128.19
C GLU AA 434 -67.49 -31.75 127.65
N TYR AA 435 -67.82 -30.46 127.55
CA TYR AA 435 -66.83 -29.47 127.11
C TYR AA 435 -65.61 -29.47 128.02
N HIS AA 436 -65.84 -29.35 129.33
CA HIS AA 436 -64.70 -29.34 130.24
C HIS AA 436 -63.96 -30.68 130.25
N ALA AA 437 -64.66 -31.79 130.04
CA ALA AA 437 -63.98 -33.07 129.91
C ALA AA 437 -63.13 -33.12 128.65
N ALA AA 438 -63.59 -32.50 127.57
CA ALA AA 438 -62.78 -32.38 126.37
C ALA AA 438 -61.51 -31.59 126.67
N THR AA 439 -61.62 -30.57 127.52
CA THR AA 439 -60.42 -29.90 127.99
C THR AA 439 -59.51 -30.86 128.75
N ARG AA 440 -60.10 -31.76 129.55
CA ARG AA 440 -59.29 -32.70 130.32
C ARG AA 440 -58.50 -33.63 129.41
N PRO AA 441 -57.40 -34.25 129.91
CA PRO AA 441 -56.60 -35.14 129.04
C PRO AA 441 -57.28 -36.45 128.70
N ASP AA 442 -58.41 -36.78 129.33
CA ASP AA 442 -58.96 -38.13 129.29
C ASP AA 442 -60.39 -38.13 128.76
N TYR AA 443 -60.60 -37.48 127.63
CA TYR AA 443 -61.85 -37.58 126.89
C TYR AA 443 -61.96 -38.90 126.12
N ILE AA 444 -60.90 -39.71 126.13
CA ILE AA 444 -60.98 -41.09 125.64
C ILE AA 444 -62.06 -41.84 126.42
N SER AA 445 -62.11 -41.62 127.73
CA SER AA 445 -63.19 -42.12 128.55
C SER AA 445 -64.46 -41.33 128.27
N TRP AA 446 -65.58 -41.83 128.79
CA TRP AA 446 -66.86 -41.17 128.59
C TRP AA 446 -66.82 -39.74 129.09
N GLY AA 447 -67.40 -38.83 128.31
CA GLY AA 447 -67.49 -37.42 128.64
C GLY AA 447 -68.89 -37.01 129.01
N ARG BA 3 -108.15 -34.03 59.08
CA ARG BA 3 -109.31 -33.16 58.86
C ARG BA 3 -109.27 -32.02 59.86
N GLU BA 4 -109.84 -30.87 59.48
CA GLU BA 4 -109.72 -29.68 60.30
C GLU BA 4 -110.49 -29.80 61.62
N ILE BA 5 -109.94 -29.18 62.66
CA ILE BA 5 -110.48 -29.23 64.03
C ILE BA 5 -111.19 -27.91 64.31
N ILE BA 6 -112.37 -27.98 64.95
CA ILE BA 6 -113.10 -26.78 65.37
C ILE BA 6 -113.14 -26.75 66.89
N THR BA 7 -112.82 -25.58 67.46
CA THR BA 7 -112.73 -25.41 68.91
C THR BA 7 -113.96 -24.66 69.41
N LEU BA 8 -114.78 -25.34 70.21
CA LEU BA 8 -116.04 -24.81 70.72
C LEU BA 8 -115.79 -24.23 72.12
N GLN BA 9 -115.19 -23.03 72.15
CA GLN BA 9 -114.89 -22.38 73.41
C GLN BA 9 -116.12 -21.66 73.94
N LEU BA 10 -116.47 -21.93 75.19
CA LEU BA 10 -117.73 -21.50 75.77
C LEU BA 10 -117.51 -21.10 77.22
N GLY BA 11 -118.38 -20.24 77.73
CA GLY BA 11 -118.26 -19.75 79.09
C GLY BA 11 -117.18 -18.68 79.19
N GLN BA 12 -117.23 -17.92 80.27
CA GLN BA 12 -116.28 -16.82 80.44
C GLN BA 12 -114.85 -17.34 80.55
N CYS BA 13 -114.62 -18.29 81.45
CA CYS BA 13 -113.28 -18.86 81.62
C CYS BA 13 -112.81 -19.60 80.38
N GLY BA 14 -113.70 -20.40 79.78
CA GLY BA 14 -113.35 -21.11 78.56
C GLY BA 14 -113.00 -20.18 77.42
N ASN BA 15 -113.74 -19.08 77.30
CA ASN BA 15 -113.43 -18.09 76.28
C ASN BA 15 -112.11 -17.39 76.58
N GLN BA 16 -111.79 -17.18 77.86
CA GLN BA 16 -110.50 -16.58 78.19
C GLN BA 16 -109.36 -17.48 77.75
N ILE BA 17 -109.46 -18.78 78.03
CA ILE BA 17 -108.35 -19.66 77.69
C ILE BA 17 -108.30 -19.94 76.20
N GLY BA 18 -109.43 -19.93 75.49
CA GLY BA 18 -109.42 -20.07 74.05
C GLY BA 18 -108.84 -18.85 73.36
N PHE BA 19 -109.21 -17.67 73.86
CA PHE BA 19 -108.61 -16.42 73.41
C PHE BA 19 -107.09 -16.46 73.54
N GLU BA 20 -106.60 -16.84 74.71
CA GLU BA 20 -105.16 -16.86 74.92
C GLU BA 20 -104.50 -17.95 74.06
N PHE BA 21 -105.15 -19.10 73.90
CA PHE BA 21 -104.58 -20.17 73.09
C PHE BA 21 -104.43 -19.73 71.64
N TRP BA 22 -105.47 -19.09 71.09
CA TRP BA 22 -105.38 -18.65 69.70
C TRP BA 22 -104.38 -17.52 69.55
N LYS BA 23 -104.25 -16.65 70.55
CA LYS BA 23 -103.19 -15.65 70.51
C LYS BA 23 -101.81 -16.30 70.55
N GLN BA 24 -101.66 -17.35 71.37
CA GLN BA 24 -100.39 -18.05 71.45
C GLN BA 24 -100.02 -18.67 70.11
N LEU BA 25 -100.99 -19.28 69.43
CA LEU BA 25 -100.72 -19.85 68.12
C LEU BA 25 -100.60 -18.79 67.04
N CYS BA 26 -101.17 -17.59 67.23
CA CYS BA 26 -100.88 -16.48 66.32
C CYS BA 26 -99.40 -16.12 66.39
N ALA BA 27 -98.90 -15.88 67.61
CA ALA BA 27 -97.49 -15.55 67.76
C ALA BA 27 -96.61 -16.68 67.27
N GLU BA 28 -96.96 -17.92 67.61
CA GLU BA 28 -96.12 -19.06 67.24
C GLU BA 28 -96.09 -19.25 65.73
N HIS BA 29 -97.25 -19.21 65.08
CA HIS BA 29 -97.32 -19.37 63.64
C HIS BA 29 -97.03 -18.03 62.97
N GLY BA 30 -96.94 -18.05 61.64
CA GLY BA 30 -96.70 -16.83 60.89
C GLY BA 30 -97.98 -16.03 60.69
N ILE BA 31 -98.50 -15.46 61.78
CA ILE BA 31 -99.76 -14.73 61.76
C ILE BA 31 -99.59 -13.46 62.57
N SER BA 32 -100.14 -12.35 62.06
CA SER BA 32 -100.12 -11.04 62.70
C SER BA 32 -101.41 -10.86 63.47
N PRO BA 33 -101.58 -9.79 64.26
CA PRO BA 33 -102.85 -9.63 64.99
C PRO BA 33 -104.05 -9.38 64.11
N GLU BA 34 -103.88 -8.99 62.85
CA GLU BA 34 -104.98 -8.84 61.91
C GLU BA 34 -105.18 -10.09 61.06
N GLY BA 35 -104.53 -11.19 61.40
CA GLY BA 35 -104.66 -12.44 60.66
C GLY BA 35 -103.81 -12.54 59.41
N ILE BA 36 -103.05 -11.51 59.06
CA ILE BA 36 -102.30 -11.50 57.82
C ILE BA 36 -101.06 -12.36 57.97
N VAL BA 37 -100.67 -13.00 56.87
CA VAL BA 37 -99.41 -13.74 56.86
C VAL BA 37 -98.27 -12.79 57.18
N GLU BA 38 -97.42 -13.18 58.12
CA GLU BA 38 -96.34 -12.31 58.56
C GLU BA 38 -95.25 -12.22 57.50
N GLU BA 39 -94.76 -11.00 57.29
N GLU BA 39 -94.76 -10.99 57.29
CA GLU BA 39 -93.72 -10.78 56.28
CA GLU BA 39 -93.72 -10.78 56.28
C GLU BA 39 -92.43 -11.53 56.65
C GLU BA 39 -92.43 -11.52 56.65
N PHE BA 40 -92.07 -11.54 57.94
CA PHE BA 40 -90.82 -12.18 58.36
C PHE BA 40 -90.82 -13.67 58.03
N ALA BA 41 -91.99 -14.31 58.08
CA ALA BA 41 -92.09 -15.75 57.83
C ALA BA 41 -91.71 -16.09 56.41
N THR BA 45 -93.49 -23.83 56.71
CA THR BA 45 -93.01 -25.15 57.10
C THR BA 45 -93.91 -25.83 58.13
N ASP BA 46 -95.12 -25.30 58.32
CA ASP BA 46 -96.06 -25.75 59.33
C ASP BA 46 -97.37 -26.17 58.69
N ARG BA 47 -98.07 -27.10 59.35
CA ARG BA 47 -99.37 -27.57 58.87
C ARG BA 47 -100.46 -26.72 59.54
N LYS BA 48 -100.70 -25.56 58.95
CA LYS BA 48 -101.71 -24.63 59.46
C LYS BA 48 -103.11 -24.97 58.97
N ASP BA 49 -103.26 -25.99 58.12
CA ASP BA 49 -104.56 -26.36 57.57
C ASP BA 49 -105.55 -26.74 58.66
N VAL BA 50 -105.11 -27.54 59.63
CA VAL BA 50 -106.04 -28.13 60.60
C VAL BA 50 -106.65 -27.04 61.48
N PHE BA 51 -105.83 -26.14 62.00
CA PHE BA 51 -106.27 -25.21 63.04
C PHE BA 51 -106.71 -23.86 62.50
N PHE BA 52 -106.20 -23.44 61.35
CA PHE BA 52 -106.49 -22.11 60.78
C PHE BA 52 -107.10 -22.25 59.40
N TYR BA 53 -108.31 -21.72 59.23
CA TYR BA 53 -108.94 -21.63 57.92
C TYR BA 53 -108.18 -20.64 57.05
N GLN BA 54 -108.08 -20.95 55.76
CA GLN BA 54 -107.33 -20.13 54.80
C GLN BA 54 -108.31 -19.19 54.11
N ALA BA 55 -108.11 -17.88 54.27
CA ALA BA 55 -108.79 -16.94 53.41
C ALA BA 55 -107.98 -16.67 52.15
N ASP BA 56 -108.60 -16.00 51.19
CA ASP BA 56 -107.95 -15.76 49.91
C ASP BA 56 -106.74 -14.83 50.06
N ASP BA 57 -106.86 -13.78 50.88
CA ASP BA 57 -105.83 -12.77 51.05
C ASP BA 57 -105.02 -13.04 52.32
N GLU BA 58 -104.79 -14.32 52.62
CA GLU BA 58 -103.90 -14.76 53.70
C GLU BA 58 -104.40 -14.28 55.07
N HIS BA 59 -105.72 -14.25 55.24
CA HIS BA 59 -106.31 -14.10 56.57
C HIS BA 59 -106.46 -15.52 57.13
N TYR BA 60 -105.58 -15.85 58.07
CA TYR BA 60 -105.61 -17.13 58.76
C TYR BA 60 -106.54 -16.99 59.97
N ILE BA 61 -107.83 -17.22 59.73
CA ILE BA 61 -108.85 -17.11 60.76
C ILE BA 61 -109.03 -18.49 61.39
N PRO BA 62 -108.86 -18.64 62.71
CA PRO BA 62 -109.07 -19.98 63.30
C PRO BA 62 -110.54 -20.37 63.31
N ARG BA 63 -110.77 -21.69 63.34
CA ARG BA 63 -112.12 -22.24 63.46
C ARG BA 63 -112.55 -22.28 64.93
N ALA BA 64 -112.64 -21.09 65.50
CA ALA BA 64 -113.11 -20.89 66.86
C ALA BA 64 -114.61 -20.59 66.85
N VAL BA 65 -115.36 -21.32 67.66
CA VAL BA 65 -116.76 -21.01 67.94
C VAL BA 65 -116.80 -20.53 69.38
N LEU BA 66 -116.99 -19.22 69.55
CA LEU BA 66 -116.96 -18.58 70.87
C LEU BA 66 -118.41 -18.37 71.28
N LEU BA 67 -118.83 -19.03 72.37
CA LEU BA 67 -120.21 -18.97 72.86
C LEU BA 67 -120.25 -18.13 74.12
N ASP BA 68 -121.10 -17.10 74.12
CA ASP BA 68 -121.28 -16.20 75.25
C ASP BA 68 -122.67 -16.35 75.85
N LEU BA 69 -122.74 -16.32 77.17
CA LEU BA 69 -124.00 -16.34 77.91
C LEU BA 69 -123.89 -15.33 79.03
N GLU BA 70 -124.82 -14.37 79.06
CA GLU BA 70 -124.74 -13.23 79.98
C GLU BA 70 -123.39 -12.52 79.79
N PRO BA 71 -123.09 -12.03 78.60
CA PRO BA 71 -121.71 -11.66 78.27
C PRO BA 71 -121.18 -10.51 79.12
N ARG BA 72 -119.99 -10.72 79.71
CA ARG BA 72 -119.21 -9.63 80.26
C ARG BA 72 -117.80 -9.59 79.66
N VAL BA 73 -117.10 -10.73 79.67
CA VAL BA 73 -115.72 -10.75 79.19
C VAL BA 73 -115.64 -10.90 77.68
N ILE BA 74 -116.75 -11.25 77.02
CA ILE BA 74 -116.71 -11.37 75.57
C ILE BA 74 -116.67 -9.99 74.93
N HIS BA 75 -117.20 -8.96 75.60
CA HIS BA 75 -117.03 -7.61 75.11
C HIS BA 75 -115.56 -7.20 75.17
N SER BA 76 -114.86 -7.63 76.24
CA SER BA 76 -113.43 -7.37 76.33
C SER BA 76 -112.67 -8.14 75.26
N ILE BA 77 -113.13 -9.35 74.96
CA ILE BA 77 -112.52 -10.10 73.85
C ILE BA 77 -112.70 -9.34 72.53
N LEU BA 78 -113.89 -8.76 72.33
CA LEU BA 78 -114.12 -7.98 71.11
C LEU BA 78 -113.19 -6.78 71.00
N ASN BA 79 -113.05 -6.00 72.08
CA ASN BA 79 -112.24 -4.76 71.99
C ASN BA 79 -110.76 -5.10 72.19
N SER BA 80 -110.22 -5.86 71.24
CA SER BA 80 -108.86 -6.36 71.27
C SER BA 80 -108.24 -6.20 69.89
N PRO BA 81 -106.91 -6.15 69.80
CA PRO BA 81 -106.28 -6.08 68.47
C PRO BA 81 -106.54 -7.29 67.59
N TYR BA 82 -106.85 -8.44 68.18
CA TYR BA 82 -106.98 -9.70 67.45
C TYR BA 82 -108.42 -9.98 67.02
N ALA BA 83 -109.35 -9.04 67.28
CA ALA BA 83 -110.74 -9.22 66.88
C ALA BA 83 -110.85 -9.47 65.38
N LYS BA 84 -110.01 -8.80 64.58
CA LYS BA 84 -109.98 -9.08 63.15
C LYS BA 84 -109.36 -10.45 62.88
N LEU BA 85 -108.45 -10.91 63.74
CA LEU BA 85 -107.90 -12.26 63.57
C LEU BA 85 -109.00 -13.30 63.64
N TYR BA 86 -109.80 -13.26 64.71
CA TYR BA 86 -110.91 -14.21 64.87
C TYR BA 86 -112.19 -13.52 64.40
N ASN BA 87 -112.47 -13.66 63.10
CA ASN BA 87 -113.71 -13.16 62.51
C ASN BA 87 -114.34 -14.22 61.60
N PRO BA 88 -114.85 -15.31 62.16
CA PRO BA 88 -115.93 -16.03 61.47
C PRO BA 88 -117.27 -15.35 61.63
N GLU BA 89 -117.36 -14.31 62.48
CA GLU BA 89 -118.60 -13.60 62.76
C GLU BA 89 -119.64 -14.59 63.30
N ASN BA 90 -119.28 -15.21 64.43
CA ASN BA 90 -119.99 -16.38 64.96
C ASN BA 90 -120.18 -16.22 66.48
N ILE BA 91 -120.64 -15.04 66.91
CA ILE BA 91 -120.99 -14.80 68.31
C ILE BA 91 -122.48 -14.53 68.39
N TYR BA 92 -123.17 -15.32 69.22
CA TYR BA 92 -124.60 -15.19 69.43
C TYR BA 92 -124.88 -15.11 70.93
N LEU BA 93 -125.58 -14.05 71.33
CA LEU BA 93 -125.99 -13.88 72.72
C LEU BA 93 -127.10 -14.85 73.08
N GLY BA 101 -126.78 -17.51 84.32
CA GLY BA 101 -126.78 -17.77 85.74
C GLY BA 101 -125.56 -18.54 86.19
N ASN BA 102 -125.39 -18.64 87.51
CA ASN BA 102 -124.28 -19.37 88.11
C ASN BA 102 -124.65 -20.81 88.47
N ASN BA 103 -125.78 -21.32 87.98
CA ASN BA 103 -126.23 -22.67 88.24
C ASN BA 103 -126.13 -23.52 86.98
N TRP BA 104 -125.83 -24.80 87.18
CA TRP BA 104 -125.76 -25.75 86.08
C TRP BA 104 -127.11 -25.85 85.38
N ALA BA 105 -128.20 -25.92 86.17
CA ALA BA 105 -129.53 -25.96 85.60
C ALA BA 105 -129.85 -24.71 84.80
N SER BA 106 -129.48 -23.54 85.33
CA SER BA 106 -129.73 -22.29 84.61
C SER BA 106 -128.98 -22.28 83.28
N GLY BA 107 -127.73 -22.75 83.29
CA GLY BA 107 -126.97 -22.78 82.05
C GLY BA 107 -127.55 -23.76 81.05
N PHE BA 108 -127.97 -24.94 81.52
CA PHE BA 108 -128.52 -25.94 80.62
C PHE BA 108 -129.82 -25.42 79.99
N SER BA 109 -130.68 -24.82 80.82
CA SER BA 109 -131.96 -24.32 80.34
C SER BA 109 -131.76 -23.18 79.36
N GLN BA 110 -130.82 -22.27 79.66
CA GLN BA 110 -130.54 -21.17 78.74
C GLN BA 110 -129.99 -21.69 77.43
N GLY BA 111 -129.18 -22.75 77.47
CA GLY BA 111 -128.66 -23.34 76.24
C GLY BA 111 -129.75 -23.98 75.40
N GLU BA 112 -130.74 -24.59 76.05
CA GLU BA 112 -131.76 -25.33 75.31
C GLU BA 112 -132.52 -24.43 74.33
N LYS BA 113 -132.85 -23.21 74.76
CA LYS BA 113 -133.67 -22.34 73.92
C LYS BA 113 -132.89 -21.79 72.73
N ILE BA 114 -131.55 -21.68 72.85
CA ILE BA 114 -130.72 -21.16 71.77
C ILE BA 114 -130.05 -22.31 70.99
N HIS BA 115 -130.40 -23.56 71.29
CA HIS BA 115 -129.63 -24.70 70.78
C HIS BA 115 -129.60 -24.77 69.24
N GLU BA 116 -130.67 -24.34 68.58
CA GLU BA 116 -130.70 -24.47 67.11
C GLU BA 116 -129.74 -23.51 66.42
N ASP BA 117 -129.71 -22.23 66.81
CA ASP BA 117 -128.89 -21.28 66.05
C ASP BA 117 -127.40 -21.44 66.35
N ILE BA 118 -127.03 -21.76 67.58
CA ILE BA 118 -125.65 -22.12 67.84
C ILE BA 118 -125.27 -23.38 67.06
N PHE BA 119 -126.21 -24.31 66.92
CA PHE BA 119 -125.90 -25.50 66.15
C PHE BA 119 -125.79 -25.19 64.66
N ASP BA 120 -126.51 -24.16 64.19
CA ASP BA 120 -126.32 -23.71 62.82
C ASP BA 120 -124.95 -23.05 62.66
N ILE BA 121 -124.48 -22.37 63.70
CA ILE BA 121 -123.10 -21.87 63.71
C ILE BA 121 -122.10 -23.02 63.61
N ILE BA 122 -122.36 -24.15 64.27
CA ILE BA 122 -121.50 -25.32 64.06
C ILE BA 122 -121.61 -25.82 62.63
N ASP BA 123 -122.85 -25.91 62.12
CA ASP BA 123 -123.09 -26.47 60.80
C ASP BA 123 -122.38 -25.68 59.71
N ARG BA 124 -122.44 -24.34 59.79
CA ARG BA 124 -121.79 -23.49 58.82
C ARG BA 124 -120.30 -23.77 58.72
N GLU BA 125 -119.61 -23.81 59.87
CA GLU BA 125 -118.18 -24.11 59.85
C GLU BA 125 -117.91 -25.52 59.34
N ALA BA 126 -118.77 -26.48 59.73
CA ALA BA 126 -118.59 -27.85 59.26
C ALA BA 126 -118.70 -27.92 57.75
N ASP BA 127 -119.62 -27.16 57.16
CA ASP BA 127 -119.75 -27.11 55.71
C ASP BA 127 -118.58 -26.37 55.08
N GLY BA 128 -118.18 -25.24 55.67
CA GLY BA 128 -117.14 -24.42 55.09
C GLY BA 128 -115.80 -25.15 55.02
N SER BA 129 -115.49 -25.93 56.03
CA SER BA 129 -114.25 -26.68 56.03
C SER BA 129 -114.31 -27.77 54.95
N ASP BA 130 -113.13 -28.12 54.43
CA ASP BA 130 -113.04 -29.27 53.55
C ASP BA 130 -113.55 -30.53 54.24
N SER BA 131 -113.21 -30.71 55.51
CA SER BA 131 -113.60 -31.90 56.24
C SER BA 131 -113.32 -31.68 57.73
N LEU BA 132 -113.84 -32.59 58.56
CA LEU BA 132 -113.95 -32.37 59.99
C LEU BA 132 -113.65 -33.65 60.76
N GLU BA 133 -112.69 -33.59 61.69
CA GLU BA 133 -112.40 -34.69 62.62
C GLU BA 133 -112.97 -34.46 64.00
N GLY BA 134 -112.80 -33.28 64.59
CA GLY BA 134 -112.93 -33.15 66.03
C GLY BA 134 -113.44 -31.82 66.51
N PHE BA 135 -114.13 -31.88 67.66
CA PHE BA 135 -114.65 -30.72 68.38
C PHE BA 135 -113.88 -30.62 69.69
N VAL BA 136 -113.10 -29.56 69.85
CA VAL BA 136 -112.26 -29.37 71.03
C VAL BA 136 -112.90 -28.30 71.90
N LEU BA 137 -113.38 -28.68 73.07
CA LEU BA 137 -114.12 -27.79 73.95
C LEU BA 137 -113.20 -27.25 75.03
N CYS BA 138 -113.09 -25.92 75.11
CA CYS BA 138 -112.39 -25.25 76.20
C CYS BA 138 -113.30 -25.15 77.41
N HIS BA 139 -113.75 -26.31 77.87
CA HIS BA 139 -114.87 -26.38 78.80
C HIS BA 139 -114.41 -26.03 80.21
N SER BA 140 -115.32 -25.44 80.98
CA SER BA 140 -115.12 -25.15 82.39
C SER BA 140 -116.07 -26.00 83.22
N ILE BA 141 -115.50 -26.86 84.06
CA ILE BA 141 -116.29 -27.66 85.00
C ILE BA 141 -116.75 -26.74 86.11
N ALA BA 142 -118.04 -26.82 86.46
CA ALA BA 142 -118.66 -25.99 87.47
C ALA BA 142 -118.36 -24.51 87.23
N GLY BA 143 -118.53 -24.09 85.99
CA GLY BA 143 -118.19 -22.75 85.57
C GLY BA 143 -119.39 -21.82 85.52
N GLY BA 144 -120.40 -22.09 86.34
CA GLY BA 144 -121.62 -21.33 86.27
C GLY BA 144 -122.28 -21.45 84.91
N THR BA 145 -122.19 -20.39 84.11
CA THR BA 145 -122.76 -20.42 82.76
C THR BA 145 -122.07 -21.47 81.90
N GLY BA 146 -120.75 -21.61 82.04
CA GLY BA 146 -120.02 -22.56 81.21
C GLY BA 146 -120.51 -23.98 81.37
N SER BA 147 -120.64 -24.43 82.62
CA SER BA 147 -121.20 -25.74 82.89
C SER BA 147 -122.71 -25.70 82.71
N GLY BA 148 -123.29 -26.87 82.45
CA GLY BA 148 -124.68 -26.97 82.08
C GLY BA 148 -124.85 -26.77 80.59
N LEU BA 149 -124.49 -25.57 80.10
CA LEU BA 149 -124.52 -25.34 78.66
C LEU BA 149 -123.50 -26.23 77.95
N GLY BA 150 -122.31 -26.38 78.51
CA GLY BA 150 -121.33 -27.24 77.88
C GLY BA 150 -121.76 -28.70 77.91
N SER BA 151 -122.40 -29.12 79.00
CA SER BA 151 -122.90 -30.49 79.07
C SER BA 151 -124.01 -30.73 78.04
N TYR BA 152 -124.93 -29.78 77.90
CA TYR BA 152 -126.00 -29.91 76.91
C TYR BA 152 -125.43 -29.97 75.50
N LEU BA 153 -124.51 -29.06 75.19
CA LEU BA 153 -123.90 -29.03 73.87
C LEU BA 153 -123.10 -30.30 73.59
N LEU BA 154 -122.45 -30.84 74.63
CA LEU BA 154 -121.73 -32.11 74.52
C LEU BA 154 -122.69 -33.24 74.20
N GLU BA 155 -123.89 -33.20 74.78
CA GLU BA 155 -124.89 -34.22 74.49
C GLU BA 155 -125.43 -34.08 73.07
N ARG BA 156 -125.52 -32.84 72.57
CA ARG BA 156 -126.03 -32.64 71.22
C ARG BA 156 -125.03 -33.07 70.14
N LEU BA 157 -123.75 -32.71 70.30
CA LEU BA 157 -122.78 -32.96 69.23
C LEU BA 157 -122.63 -34.44 68.93
N ASN BA 158 -122.58 -35.30 69.95
CA ASN BA 158 -122.35 -36.72 69.67
C ASN BA 158 -123.51 -37.32 68.88
N ASP BA 159 -124.74 -36.93 69.21
CA ASP BA 159 -125.89 -37.42 68.46
C ASP BA 159 -125.84 -36.93 67.03
N ARG BA 160 -125.52 -35.65 66.82
CA ARG BA 160 -125.53 -35.10 65.48
C ARG BA 160 -124.36 -35.59 64.63
N TYR BA 161 -123.22 -35.91 65.26
CA TYR BA 161 -122.03 -36.39 64.57
C TYR BA 161 -121.55 -37.68 65.25
N PRO BA 162 -122.29 -38.77 65.09
CA PRO BA 162 -121.93 -40.01 65.82
C PRO BA 162 -120.55 -40.51 65.49
N LYS BA 163 -120.09 -40.35 64.26
CA LYS BA 163 -118.74 -40.76 63.91
C LYS BA 163 -117.71 -39.87 64.57
N LYS BA 164 -117.97 -38.56 64.66
CA LYS BA 164 -116.96 -37.60 65.08
C LYS BA 164 -116.71 -37.67 66.58
N LEU BA 165 -115.58 -37.08 66.99
CA LEU BA 165 -115.09 -37.13 68.36
C LEU BA 165 -115.05 -35.74 69.00
N VAL BA 166 -115.19 -35.75 70.32
CA VAL BA 166 -115.16 -34.56 71.14
C VAL BA 166 -114.04 -34.71 72.17
N GLN BA 167 -113.14 -33.73 72.19
CA GLN BA 167 -112.15 -33.61 73.25
C GLN BA 167 -112.55 -32.43 74.14
N THR BA 168 -112.16 -32.51 75.41
CA THR BA 168 -112.50 -31.48 76.38
C THR BA 168 -111.25 -31.13 77.18
N TYR BA 169 -110.77 -29.89 77.03
CA TYR BA 169 -109.68 -29.38 77.85
C TYR BA 169 -110.27 -28.82 79.16
N SER BA 170 -110.84 -29.74 79.93
CA SER BA 170 -111.57 -29.37 81.14
C SER BA 170 -110.64 -28.77 82.17
N VAL BA 171 -110.92 -27.52 82.58
CA VAL BA 171 -110.25 -26.91 83.72
C VAL BA 171 -111.06 -27.26 84.97
N PHE BA 172 -110.78 -28.45 85.50
CA PHE BA 172 -111.49 -28.94 86.68
C PHE BA 172 -111.18 -27.98 87.84
N PRO BA 173 -112.20 -27.37 88.48
CA PRO BA 173 -111.88 -26.40 89.53
C PRO BA 173 -111.61 -27.01 90.89
N ASN BA 174 -110.39 -26.79 91.35
CA ASN BA 174 -110.02 -26.99 92.75
C ASN BA 174 -109.34 -25.68 93.15
N GLN BA 175 -109.94 -24.97 94.10
CA GLN BA 175 -109.44 -23.70 94.61
C GLN BA 175 -109.32 -23.75 96.13
N ASP BA 176 -109.01 -24.93 96.66
CA ASP BA 176 -109.04 -25.24 98.10
C ASP BA 176 -110.45 -25.17 98.65
N GLU BA 177 -111.47 -25.21 97.79
CA GLU BA 177 -112.87 -25.12 98.19
C GLU BA 177 -113.15 -23.89 99.05
N ASP BA 180 -116.84 -17.07 95.31
CA ASP BA 180 -117.06 -18.46 95.72
C ASP BA 180 -118.35 -19.01 95.13
N VAL BA 181 -118.32 -20.30 94.78
CA VAL BA 181 -119.48 -21.02 94.26
C VAL BA 181 -119.81 -22.12 95.27
N VAL BA 182 -120.96 -22.00 95.91
CA VAL BA 182 -121.36 -22.95 96.94
C VAL BA 182 -122.06 -24.19 96.36
N VAL BA 183 -122.57 -24.11 95.13
CA VAL BA 183 -123.19 -25.25 94.45
C VAL BA 183 -122.19 -25.97 93.55
N GLN BA 184 -120.91 -25.69 93.71
CA GLN BA 184 -119.83 -26.26 92.89
C GLN BA 184 -119.81 -27.79 92.86
N PRO BA 185 -119.91 -28.51 93.98
CA PRO BA 185 -119.92 -29.98 93.87
C PRO BA 185 -121.09 -30.53 93.06
N TYR BA 186 -122.28 -29.96 93.23
CA TYR BA 186 -123.43 -30.38 92.44
C TYR BA 186 -123.18 -30.16 90.96
N ASN BA 187 -122.72 -28.96 90.61
CA ASN BA 187 -122.47 -28.62 89.21
C ASN BA 187 -121.44 -29.56 88.60
N SER BA 188 -120.30 -29.71 89.28
CA SER BA 188 -119.23 -30.57 88.78
C SER BA 188 -119.70 -32.02 88.68
N LEU BA 189 -120.54 -32.46 89.63
CA LEU BA 189 -121.08 -33.82 89.58
C LEU BA 189 -121.84 -34.05 88.29
N LEU BA 190 -122.77 -33.16 87.95
CA LEU BA 190 -123.57 -33.37 86.74
C LEU BA 190 -122.69 -33.29 85.49
N THR BA 191 -121.75 -32.34 85.45
CA THR BA 191 -120.86 -32.24 84.31
C THR BA 191 -120.07 -33.53 84.13
N LEU BA 192 -119.62 -34.14 85.22
CA LEU BA 192 -118.85 -35.37 85.09
C LEU BA 192 -119.70 -36.52 84.55
N LYS BA 193 -120.98 -36.60 84.89
CA LYS BA 193 -121.82 -37.64 84.29
C LYS BA 193 -121.89 -37.47 82.77
N ARG BA 194 -122.21 -36.24 82.34
CA ARG BA 194 -122.29 -35.99 80.91
C ARG BA 194 -120.94 -36.23 80.22
N LEU BA 195 -119.85 -35.84 80.87
CA LEU BA 195 -118.53 -36.01 80.28
C LEU BA 195 -118.10 -37.47 80.25
N THR BA 196 -118.47 -38.25 81.26
CA THR BA 196 -118.08 -39.65 81.29
C THR BA 196 -118.76 -40.43 80.21
N GLN BA 197 -120.04 -40.12 79.92
CA GLN BA 197 -120.77 -40.92 78.94
C GLN BA 197 -120.85 -40.28 77.56
N ASN BA 198 -120.49 -39.01 77.40
CA ASN BA 198 -120.70 -38.31 76.13
C ASN BA 198 -119.48 -37.52 75.66
N ALA BA 199 -118.27 -37.84 76.12
CA ALA BA 199 -117.04 -37.16 75.69
C ALA BA 199 -116.01 -38.20 75.32
N ASP BA 200 -115.45 -38.06 74.11
CA ASP BA 200 -114.49 -39.05 73.61
C ASP BA 200 -113.14 -38.93 74.31
N CYS BA 201 -112.70 -37.72 74.65
CA CYS BA 201 -111.48 -37.55 75.43
C CYS BA 201 -111.59 -36.34 76.34
N VAL BA 202 -110.85 -36.39 77.45
CA VAL BA 202 -110.77 -35.29 78.40
C VAL BA 202 -109.33 -35.16 78.86
N VAL BA 203 -108.83 -33.92 78.87
CA VAL BA 203 -107.51 -33.59 79.41
C VAL BA 203 -107.76 -32.74 80.64
N VAL BA 204 -107.40 -33.26 81.82
CA VAL BA 204 -107.84 -32.67 83.08
C VAL BA 204 -106.85 -31.62 83.53
N LEU BA 205 -107.38 -30.49 84.01
CA LEU BA 205 -106.58 -29.38 84.50
C LEU BA 205 -107.15 -28.97 85.85
N ASP BA 206 -106.28 -28.46 86.74
CA ASP BA 206 -106.65 -28.17 88.12
C ASP BA 206 -106.15 -26.80 88.53
N ASN BA 207 -107.02 -26.01 89.18
CA ASN BA 207 -106.64 -24.66 89.60
C ASN BA 207 -105.67 -24.66 90.78
N THR BA 208 -105.93 -25.44 91.82
CA THR BA 208 -104.94 -25.54 92.89
C THR BA 208 -103.63 -26.11 92.37
N ALA BA 209 -103.70 -27.14 91.52
CA ALA BA 209 -102.47 -27.66 90.94
C ALA BA 209 -101.79 -26.61 90.07
N LEU BA 210 -102.55 -25.71 89.46
CA LEU BA 210 -101.98 -24.69 88.59
C LEU BA 210 -101.33 -23.58 89.43
N ASN BA 211 -101.90 -23.25 90.58
CA ASN BA 211 -101.18 -22.36 91.49
C ASN BA 211 -99.94 -23.05 92.04
N ARG BA 212 -100.05 -24.37 92.25
CA ARG BA 212 -98.94 -25.20 92.80
C ARG BA 212 -97.88 -25.44 91.73
N ILE BA 213 -98.24 -25.41 90.46
CA ILE BA 213 -97.23 -25.55 89.36
C ILE BA 213 -96.62 -24.17 89.16
N ALA BA 214 -97.34 -23.10 89.51
CA ALA BA 214 -96.86 -21.73 89.42
C ALA BA 214 -96.02 -21.30 90.61
N THR BA 215 -95.91 -22.13 91.64
CA THR BA 215 -95.14 -21.77 92.83
C THR BA 215 -93.75 -21.23 92.51
N ASP BA 216 -92.93 -22.04 91.85
CA ASP BA 216 -91.50 -21.78 91.75
C ASP BA 216 -91.10 -21.01 90.50
N ARG BA 217 -92.02 -20.87 89.54
CA ARG BA 217 -91.63 -20.48 88.18
C ARG BA 217 -91.73 -18.97 87.92
N LEU BA 218 -92.79 -18.31 88.38
CA LEU BA 218 -92.94 -16.86 88.17
C LEU BA 218 -93.56 -16.20 89.39
N HIS BA 219 -93.27 -14.91 89.55
CA HIS BA 219 -93.80 -14.14 90.68
C HIS BA 219 -95.28 -13.89 90.47
N ILE BA 220 -96.08 -14.95 90.61
CA ILE BA 220 -97.51 -14.91 90.38
C ILE BA 220 -98.24 -15.57 91.56
N GLN BA 221 -97.69 -15.39 92.76
CA GLN BA 221 -98.27 -15.99 93.97
C GLN BA 221 -99.71 -15.52 94.19
N ASN BA 222 -99.91 -14.21 94.34
CA ASN BA 222 -101.25 -13.70 94.58
C ASN BA 222 -102.11 -13.69 93.34
N PRO BA 223 -101.65 -13.19 92.17
CA PRO BA 223 -102.52 -13.15 90.97
C PRO BA 223 -102.58 -14.45 90.19
N SER BA 224 -102.32 -15.59 90.84
CA SER BA 224 -102.27 -16.91 90.20
C SER BA 224 -103.32 -17.14 89.12
N PHE BA 225 -104.62 -17.11 89.47
CA PHE BA 225 -105.68 -17.33 88.48
C PHE BA 225 -105.53 -16.42 87.27
N SER BA 226 -105.11 -15.18 87.50
CA SER BA 226 -104.86 -14.27 86.38
C SER BA 226 -103.72 -14.78 85.49
N GLN BA 227 -102.65 -15.32 86.10
CA GLN BA 227 -101.44 -15.69 85.38
C GLN BA 227 -101.33 -17.19 85.08
N ILE BA 228 -102.25 -18.00 85.62
CA ILE BA 228 -102.45 -19.38 85.17
C ILE BA 228 -103.00 -19.49 83.74
N ASN BA 229 -103.55 -18.42 83.19
CA ASN BA 229 -103.97 -18.43 81.79
C ASN BA 229 -102.79 -18.78 80.88
N GLN BA 230 -101.63 -18.16 81.13
CA GLN BA 230 -100.44 -18.45 80.32
C GLN BA 230 -100.04 -19.92 80.44
N LEU BA 231 -100.13 -20.49 81.64
CA LEU BA 231 -99.78 -21.89 81.83
C LEU BA 231 -100.66 -22.79 80.99
N VAL BA 232 -101.97 -22.56 81.09
CA VAL BA 232 -102.93 -23.37 80.36
C VAL BA 232 -102.69 -23.22 78.86
N SER BA 233 -102.34 -22.01 78.43
CA SER BA 233 -102.11 -21.77 77.00
C SER BA 233 -100.89 -22.54 76.50
N THR BA 234 -99.79 -22.50 77.26
CA THR BA 234 -98.61 -23.28 76.88
C THR BA 234 -98.94 -24.75 76.76
N ILE BA 235 -99.68 -25.28 77.73
CA ILE BA 235 -100.00 -26.72 77.73
C ILE BA 235 -100.86 -27.07 76.52
N MET BA 236 -101.87 -26.24 76.25
CA MET BA 236 -102.75 -26.48 75.11
C MET BA 236 -101.98 -26.44 73.79
N SER BA 237 -101.09 -25.46 73.64
CA SER BA 237 -100.30 -25.39 72.40
C SER BA 237 -99.37 -26.59 72.26
N ALA BA 238 -98.65 -26.93 73.34
CA ALA BA 238 -97.70 -28.04 73.26
C ALA BA 238 -98.40 -29.37 73.01
N SER BA 239 -99.60 -29.55 73.57
CA SER BA 239 -100.32 -30.81 73.37
C SER BA 239 -100.71 -31.03 71.91
N THR BA 240 -100.84 -29.96 71.13
CA THR BA 240 -101.19 -30.03 69.72
C THR BA 240 -100.01 -29.82 68.78
N THR BA 241 -98.84 -29.42 69.30
CA THR BA 241 -97.72 -29.08 68.44
C THR BA 241 -97.34 -30.20 67.47
N THR BA 242 -97.49 -31.46 67.89
CA THR BA 242 -97.15 -32.55 66.97
C THR BA 242 -98.11 -32.60 65.78
N LEU BA 243 -99.37 -32.19 65.98
CA LEU BA 243 -100.29 -32.04 64.86
C LEU BA 243 -99.98 -30.80 64.03
N ARG BA 244 -99.79 -29.67 64.70
CA ARG BA 244 -99.57 -28.41 64.01
C ARG BA 244 -98.25 -28.37 63.24
N TYR BA 245 -97.26 -29.19 63.61
CA TYR BA 245 -96.00 -29.29 62.92
C TYR BA 245 -95.77 -30.71 62.42
N PRO BA 246 -95.40 -30.91 61.15
CA PRO BA 246 -95.33 -32.28 60.63
C PRO BA 246 -94.24 -33.09 61.31
N GLY BA 247 -94.48 -34.39 61.39
CA GLY BA 247 -93.50 -35.32 61.92
C GLY BA 247 -93.81 -36.72 61.42
N TYR BA 248 -92.92 -37.64 61.78
CA TYR BA 248 -93.04 -39.00 61.26
C TYR BA 248 -94.28 -39.71 61.79
N MET BA 249 -94.71 -39.38 63.00
CA MET BA 249 -95.77 -40.12 63.67
C MET BA 249 -96.66 -39.21 64.50
N ASN BA 250 -97.88 -39.69 64.75
CA ASN BA 250 -98.96 -38.90 65.35
C ASN BA 250 -99.26 -37.68 64.49
N ASN BA 251 -99.51 -37.95 63.20
CA ASN BA 251 -99.93 -36.93 62.25
C ASN BA 251 -101.45 -36.73 62.25
N ASP BA 252 -102.16 -37.30 63.22
CA ASP BA 252 -103.59 -37.06 63.33
C ASP BA 252 -104.00 -37.18 64.79
N LEU BA 253 -105.03 -36.42 65.14
CA LEU BA 253 -105.51 -36.36 66.52
C LEU BA 253 -105.90 -37.75 67.00
N ILE BA 254 -106.70 -38.47 66.22
CA ILE BA 254 -107.15 -39.81 66.61
C ILE BA 254 -105.97 -40.75 66.80
N GLY BA 255 -105.00 -40.69 65.89
CA GLY BA 255 -103.83 -41.54 66.02
C GLY BA 255 -103.08 -41.29 67.31
N LEU BA 256 -103.00 -40.03 67.73
CA LEU BA 256 -102.40 -39.72 69.01
C LEU BA 256 -103.28 -40.22 70.17
N ILE BA 257 -104.58 -39.95 70.09
CA ILE BA 257 -105.52 -40.22 71.19
C ILE BA 257 -105.56 -41.71 71.54
N ALA BA 258 -105.40 -42.56 70.53
CA ALA BA 258 -105.58 -44.00 70.73
C ALA BA 258 -104.67 -44.54 71.85
N SER BA 259 -103.40 -44.14 71.83
CA SER BA 259 -102.48 -44.58 72.88
C SER BA 259 -102.91 -44.05 74.23
N LEU BA 260 -103.28 -42.77 74.28
CA LEU BA 260 -103.51 -42.11 75.56
C LEU BA 260 -104.73 -42.66 76.29
N ILE BA 261 -105.77 -43.04 75.57
CA ILE BA 261 -106.98 -43.59 76.17
C ILE BA 261 -107.10 -45.05 75.77
N PRO BA 262 -106.73 -46.02 76.67
CA PRO BA 262 -106.84 -47.44 76.30
C PRO BA 262 -108.22 -48.03 76.48
N THR BA 263 -108.99 -47.55 77.47
CA THR BA 263 -110.35 -48.00 77.72
C THR BA 263 -111.30 -46.81 77.70
N PRO BA 264 -112.51 -46.95 77.14
CA PRO BA 264 -113.36 -45.75 76.93
C PRO BA 264 -113.70 -44.98 78.19
N ARG BA 265 -114.01 -45.66 79.29
CA ARG BA 265 -114.42 -44.97 80.51
C ARG BA 265 -113.29 -44.10 81.06
N LEU BA 266 -112.08 -44.65 81.10
CA LEU BA 266 -110.92 -43.95 81.67
C LEU BA 266 -110.24 -43.15 80.55
N HIS BA 267 -110.81 -41.97 80.28
CA HIS BA 267 -110.37 -41.11 79.19
C HIS BA 267 -109.94 -39.73 79.69
N PHE BA 268 -109.53 -39.63 80.96
CA PHE BA 268 -109.10 -38.38 81.57
C PHE BA 268 -107.57 -38.40 81.66
N LEU BA 269 -106.92 -37.35 81.16
CA LEU BA 269 -105.48 -37.35 80.93
C LEU BA 269 -104.79 -36.28 81.78
N MET BA 270 -103.78 -36.72 82.53
CA MET BA 270 -102.87 -35.88 83.30
C MET BA 270 -101.81 -35.28 82.38
N THR BA 271 -101.36 -34.08 82.75
CA THR BA 271 -100.41 -33.29 81.99
C THR BA 271 -99.14 -33.07 82.79
N GLY BA 272 -98.06 -32.75 82.08
CA GLY BA 272 -96.83 -32.32 82.74
C GLY BA 272 -95.91 -31.66 81.75
N TYR BA 273 -95.06 -30.77 82.27
CA TYR BA 273 -94.18 -29.97 81.42
C TYR BA 273 -92.82 -29.83 82.09
N THR BA 274 -91.77 -30.24 81.38
CA THR BA 274 -90.44 -30.29 82.00
C THR BA 274 -89.94 -28.91 82.43
N PRO BA 275 -89.69 -27.95 81.53
CA PRO BA 275 -89.23 -26.64 81.99
C PRO BA 275 -90.36 -25.71 82.37
N LEU BA 276 -90.86 -25.86 83.59
CA LEU BA 276 -91.85 -24.93 84.08
C LEU BA 276 -91.29 -23.50 84.01
N THR BA 277 -89.99 -23.35 84.28
CA THR BA 277 -89.24 -22.14 83.97
C THR BA 277 -88.59 -22.27 82.59
N THR BA 278 -89.41 -22.42 81.55
CA THR BA 278 -88.85 -22.39 80.21
C THR BA 278 -88.32 -21.01 79.85
N ASP BA 279 -88.84 -19.96 80.50
CA ASP BA 279 -88.35 -18.60 80.30
C ASP BA 279 -86.92 -18.46 80.81
N LYS BA 287 -76.74 -27.05 77.39
CA LYS BA 287 -78.01 -27.57 76.89
C LYS BA 287 -78.44 -28.72 77.81
N THR BA 288 -79.74 -29.00 77.83
CA THR BA 288 -80.30 -30.12 78.57
C THR BA 288 -80.46 -31.29 77.61
N THR BA 289 -79.92 -32.44 77.98
CA THR BA 289 -80.08 -33.60 77.13
C THR BA 289 -81.44 -34.25 77.37
N VAL BA 290 -81.84 -35.05 76.38
CA VAL BA 290 -83.10 -35.77 76.44
C VAL BA 290 -83.18 -36.67 77.68
N LEU BA 291 -82.06 -37.31 78.07
CA LEU BA 291 -82.06 -38.07 79.32
C LEU BA 291 -82.55 -37.21 80.48
N ASP BA 292 -82.01 -36.00 80.59
CA ASP BA 292 -82.33 -35.12 81.70
C ASP BA 292 -83.79 -34.68 81.64
N VAL BA 293 -84.28 -34.29 80.45
CA VAL BA 293 -85.66 -33.79 80.41
C VAL BA 293 -86.64 -34.89 80.78
N MET BA 294 -86.38 -36.14 80.36
CA MET BA 294 -87.31 -37.21 80.71
C MET BA 294 -87.32 -37.46 82.21
N ARG BA 295 -86.13 -37.59 82.82
CA ARG BA 295 -86.09 -37.87 84.25
C ARG BA 295 -86.73 -36.74 85.04
N ARG BA 296 -86.43 -35.48 84.67
CA ARG BA 296 -87.09 -34.34 85.31
C ARG BA 296 -88.60 -34.43 85.19
N LEU BA 297 -89.08 -34.80 84.00
CA LEU BA 297 -90.52 -34.74 83.73
C LEU BA 297 -91.27 -35.72 84.61
N LEU BA 298 -90.70 -36.92 84.81
CA LEU BA 298 -91.41 -37.90 85.64
C LEU BA 298 -91.53 -37.48 87.10
N GLN BA 299 -90.76 -36.51 87.57
CA GLN BA 299 -90.86 -36.09 88.96
C GLN BA 299 -92.19 -35.40 89.24
N PRO BA 300 -92.71 -35.47 90.47
CA PRO BA 300 -94.05 -34.88 90.72
C PRO BA 300 -94.11 -33.36 90.69
N LYS BA 301 -93.00 -32.65 90.86
CA LYS BA 301 -93.06 -31.19 90.75
C LYS BA 301 -93.43 -30.76 89.35
N ASN BA 302 -92.84 -31.39 88.34
CA ASN BA 302 -93.23 -31.08 86.97
C ASN BA 302 -94.66 -31.49 86.69
N VAL BA 303 -95.19 -32.46 87.44
CA VAL BA 303 -96.59 -32.84 87.32
C VAL BA 303 -97.47 -31.75 87.92
N MET BA 304 -98.62 -31.51 87.28
CA MET BA 304 -99.49 -30.37 87.57
C MET BA 304 -100.90 -30.85 87.93
N VAL BA 305 -101.01 -31.97 88.62
CA VAL BA 305 -102.28 -32.44 89.16
C VAL BA 305 -102.10 -32.73 90.64
N SER BA 306 -103.03 -32.22 91.45
CA SER BA 306 -102.88 -32.20 92.89
C SER BA 306 -103.43 -33.46 93.53
N THR BA 313 -103.40 -48.25 99.57
CA THR BA 313 -103.76 -48.78 98.27
C THR BA 313 -102.73 -48.39 97.21
N ASN BA 314 -102.29 -49.38 96.43
CA ASN BA 314 -101.38 -49.10 95.32
C ASN BA 314 -102.06 -48.20 94.30
N HIS BA 315 -101.26 -47.38 93.62
CA HIS BA 315 -101.73 -46.55 92.52
C HIS BA 315 -100.69 -46.54 91.41
N CYS BA 316 -101.15 -46.44 90.18
CA CYS BA 316 -100.32 -46.75 89.02
C CYS BA 316 -100.84 -46.03 87.77
N TYR BA 317 -99.91 -45.68 86.88
CA TYR BA 317 -100.29 -45.20 85.57
C TYR BA 317 -100.91 -46.34 84.78
N ILE BA 318 -101.76 -45.99 83.82
CA ILE BA 318 -102.22 -46.95 82.81
C ILE BA 318 -101.36 -46.87 81.56
N ALA BA 319 -101.00 -45.67 81.14
CA ALA BA 319 -100.13 -45.48 79.99
C ALA BA 319 -99.56 -44.07 80.03
N ILE BA 320 -98.35 -43.91 79.51
CA ILE BA 320 -97.65 -42.63 79.50
C ILE BA 320 -97.23 -42.32 78.08
N LEU BA 321 -97.26 -41.03 77.73
CA LEU BA 321 -96.73 -40.56 76.47
C LEU BA 321 -96.05 -39.22 76.69
N ASN BA 322 -94.99 -38.97 75.92
CA ASN BA 322 -94.21 -37.76 76.02
C ASN BA 322 -93.80 -37.28 74.64
N ILE BA 323 -93.84 -35.96 74.47
CA ILE BA 323 -93.42 -35.29 73.25
C ILE BA 323 -92.38 -34.26 73.62
N ILE BA 324 -91.29 -34.24 72.86
CA ILE BA 324 -90.17 -33.33 73.07
C ILE BA 324 -90.09 -32.44 71.84
N GLN BA 325 -90.07 -31.12 72.04
CA GLN BA 325 -89.98 -30.17 70.94
C GLN BA 325 -88.66 -29.45 71.15
N GLY BA 326 -87.70 -29.74 70.28
CA GLY BA 326 -86.44 -29.06 70.39
C GLY BA 326 -85.41 -29.70 69.43
N GLU BA 327 -84.15 -29.28 69.57
CA GLU BA 327 -83.00 -29.81 68.91
C GLU BA 327 -82.48 -30.98 69.70
N VAL BA 328 -83.13 -32.10 69.53
CA VAL BA 328 -82.85 -33.30 70.32
C VAL BA 328 -81.97 -34.18 69.46
N ASP BA 329 -80.86 -34.67 70.04
CA ASP BA 329 -79.98 -35.53 69.30
C ASP BA 329 -80.61 -36.91 69.14
N PRO BA 330 -80.58 -37.52 67.95
CA PRO BA 330 -81.42 -38.69 67.71
C PRO BA 330 -80.90 -39.99 68.27
N THR BA 331 -79.57 -40.16 68.27
CA THR BA 331 -78.98 -41.32 68.93
C THR BA 331 -78.94 -41.17 70.45
N GLN BA 332 -79.57 -40.14 71.02
CA GLN BA 332 -79.73 -39.96 72.46
C GLN BA 332 -81.14 -40.24 72.96
N VAL BA 333 -82.17 -40.15 72.11
CA VAL BA 333 -83.53 -40.42 72.57
C VAL BA 333 -83.69 -41.87 73.00
N HIS BA 334 -83.04 -42.80 72.30
CA HIS BA 334 -83.17 -44.20 72.67
C HIS BA 334 -82.34 -44.50 73.92
N LYS BA 335 -81.19 -43.82 74.04
CA LYS BA 335 -80.46 -43.80 75.31
C LYS BA 335 -81.38 -43.37 76.44
N SER BA 336 -82.14 -42.29 76.22
CA SER BA 336 -83.04 -41.79 77.26
C SER BA 336 -84.13 -42.78 77.59
N LEU BA 337 -84.67 -43.45 76.57
CA LEU BA 337 -85.75 -44.39 76.80
C LEU BA 337 -85.28 -45.53 77.70
N GLN BA 338 -84.16 -46.17 77.33
CA GLN BA 338 -83.73 -47.30 78.16
C GLN BA 338 -83.10 -46.85 79.47
N ARG BA 339 -82.48 -45.66 79.50
CA ARG BA 339 -81.99 -45.12 80.75
C ARG BA 339 -83.15 -44.88 81.72
N ILE BA 340 -84.26 -44.33 81.21
CA ILE BA 340 -85.46 -44.15 82.01
C ILE BA 340 -85.98 -45.50 82.48
N ARG BA 341 -85.87 -46.52 81.63
CA ARG BA 341 -86.28 -47.86 82.06
C ARG BA 341 -85.46 -48.33 83.25
N GLU BA 342 -84.15 -48.05 83.23
CA GLU BA 342 -83.30 -48.42 84.37
C GLU BA 342 -83.65 -47.59 85.61
N ARG BA 343 -83.92 -46.30 85.43
CA ARG BA 343 -84.26 -45.44 86.57
C ARG BA 343 -85.54 -45.89 87.24
N LYS BA 344 -86.54 -46.27 86.44
CA LYS BA 344 -87.86 -46.67 86.97
C LYS BA 344 -88.49 -45.55 87.80
N LEU BA 345 -88.33 -44.31 87.34
CA LEU BA 345 -88.89 -43.18 88.06
C LEU BA 345 -90.42 -43.21 88.05
N ALA BA 346 -91.02 -43.80 87.02
CA ALA BA 346 -92.46 -43.94 86.90
C ALA BA 346 -92.83 -45.38 87.20
N ASN BA 347 -93.63 -45.57 88.26
CA ASN BA 347 -94.04 -46.90 88.71
C ASN BA 347 -95.45 -47.17 88.21
N PHE BA 348 -95.62 -48.24 87.44
CA PHE BA 348 -96.95 -48.59 86.94
C PHE BA 348 -97.00 -50.08 86.64
N ILE BA 349 -98.05 -50.74 87.11
CA ILE BA 349 -98.32 -52.14 86.79
C ILE BA 349 -99.81 -52.24 86.46
N PRO BA 350 -100.28 -51.64 85.38
CA PRO BA 350 -101.71 -51.68 85.06
C PRO BA 350 -102.08 -52.93 84.27
N TRP BA 351 -103.38 -53.07 84.05
CA TRP BA 351 -103.87 -54.06 83.09
C TRP BA 351 -103.35 -53.76 81.69
N GLY BA 352 -103.25 -52.48 81.33
CA GLY BA 352 -102.88 -52.10 80.00
C GLY BA 352 -101.43 -52.45 79.72
N PRO BA 353 -101.10 -52.88 78.49
CA PRO BA 353 -99.71 -53.18 78.17
C PRO BA 353 -98.91 -51.99 77.64
N ALA BA 354 -99.50 -50.81 77.56
CA ALA BA 354 -98.88 -49.68 76.87
C ALA BA 354 -97.70 -49.14 77.68
N SER BA 355 -96.51 -49.22 77.10
CA SER BA 355 -95.28 -48.75 77.72
C SER BA 355 -95.03 -47.28 77.38
N ILE BA 356 -94.17 -46.65 78.18
CA ILE BA 356 -93.82 -45.26 77.92
C ILE BA 356 -93.04 -45.17 76.61
N GLN BA 357 -93.30 -44.11 75.86
CA GLN BA 357 -92.80 -43.94 74.51
C GLN BA 357 -92.25 -42.53 74.32
N VAL BA 358 -91.17 -42.42 73.56
CA VAL BA 358 -90.53 -41.14 73.29
C VAL BA 358 -91.04 -40.65 71.94
N ALA BA 359 -91.59 -39.43 71.88
CA ALA BA 359 -91.96 -38.79 70.63
C ALA BA 359 -91.29 -37.43 70.50
N LEU BA 360 -91.20 -36.95 69.26
CA LEU BA 360 -90.50 -35.71 68.92
C LEU BA 360 -91.38 -34.86 68.01
N SER BA 361 -91.28 -33.56 68.21
CA SER BA 361 -91.94 -32.54 67.40
C SER BA 361 -90.95 -31.41 67.15
N ARG BA 362 -91.37 -30.46 66.32
CA ARG BA 362 -90.49 -29.38 65.85
C ARG BA 362 -90.70 -28.13 66.70
N LYS BA 363 -89.61 -27.63 67.27
CA LYS BA 363 -89.64 -26.30 67.88
C LYS BA 363 -89.72 -25.25 66.77
N SER BA 364 -90.57 -24.25 66.99
CA SER BA 364 -90.89 -23.29 65.94
C SER BA 364 -89.85 -22.19 65.87
N PRO BA 365 -89.70 -21.51 64.70
CA PRO BA 365 -88.84 -20.33 64.65
C PRO BA 365 -89.56 -19.04 65.05
N TYR BA 366 -88.83 -17.92 65.03
CA TYR BA 366 -89.30 -16.56 65.33
C TYR BA 366 -89.61 -16.28 66.80
N LEU BA 367 -89.80 -17.30 67.63
CA LEU BA 367 -90.09 -17.08 69.04
C LEU BA 367 -88.83 -17.42 69.82
N PRO BA 368 -88.73 -17.06 71.10
CA PRO BA 368 -87.49 -17.37 71.82
C PRO BA 368 -87.35 -18.86 72.05
N SER BA 369 -86.15 -19.37 71.76
CA SER BA 369 -85.83 -20.78 71.88
C SER BA 369 -85.15 -21.10 73.20
N ALA BA 370 -85.40 -20.28 74.23
CA ALA BA 370 -84.78 -20.50 75.53
C ALA BA 370 -85.12 -21.89 76.06
N HIS BA 371 -84.10 -22.56 76.57
CA HIS BA 371 -84.13 -23.99 76.82
C HIS BA 371 -84.68 -24.70 75.58
N ARG BA 372 -83.87 -24.68 74.53
CA ARG BA 372 -84.28 -25.09 73.20
C ARG BA 372 -84.84 -26.52 73.16
N VAL BA 373 -84.33 -27.39 74.02
CA VAL BA 373 -84.98 -28.68 74.28
C VAL BA 373 -86.07 -28.45 75.33
N SER BA 374 -87.27 -28.99 75.11
CA SER BA 374 -88.36 -28.75 76.06
C SER BA 374 -89.50 -29.72 75.77
N GLY BA 375 -90.05 -30.32 76.85
CA GLY BA 375 -90.93 -31.46 76.69
C GLY BA 375 -92.19 -31.39 77.54
N LEU BA 376 -93.14 -32.24 77.14
CA LEU BA 376 -94.44 -32.36 77.79
C LEU BA 376 -94.81 -33.84 77.82
N MET BA 377 -95.70 -34.19 78.76
CA MET BA 377 -96.25 -35.53 78.88
C MET BA 377 -97.75 -35.50 79.07
N MET BA 378 -98.42 -36.44 78.40
CA MET BA 378 -99.83 -36.76 78.57
C MET BA 378 -99.92 -38.21 79.03
N ALA BA 379 -100.64 -38.47 80.12
CA ALA BA 379 -100.68 -39.81 80.68
C ALA BA 379 -102.04 -40.11 81.28
N ASN BA 380 -102.39 -41.40 81.28
CA ASN BA 380 -103.56 -41.91 82.00
C ASN BA 380 -103.10 -42.40 83.37
N HIS BA 381 -103.49 -41.68 84.43
CA HIS BA 381 -103.08 -41.97 85.79
C HIS BA 381 -104.31 -42.16 86.67
N THR BA 382 -104.24 -43.16 87.55
CA THR BA 382 -105.33 -43.45 88.47
C THR BA 382 -105.44 -42.44 89.60
N SER BA 383 -104.44 -41.56 89.77
CA SER BA 383 -104.49 -40.59 90.86
C SER BA 383 -105.65 -39.63 90.71
N ILE BA 384 -106.02 -39.29 89.47
CA ILE BA 384 -107.11 -38.34 89.23
C ILE BA 384 -108.43 -38.84 89.80
N SER BA 385 -108.57 -40.15 90.01
CA SER BA 385 -109.75 -40.67 90.70
C SER BA 385 -109.88 -40.04 92.08
N SER BA 386 -108.76 -39.75 92.74
CA SER BA 386 -108.81 -39.06 94.01
C SER BA 386 -109.44 -37.68 93.87
N LEU BA 387 -109.04 -36.92 92.84
CA LEU BA 387 -109.61 -35.59 92.66
C LEU BA 387 -111.10 -35.65 92.35
N PHE BA 388 -111.52 -36.62 91.54
CA PHE BA 388 -112.95 -36.82 91.34
C PHE BA 388 -113.65 -37.17 92.66
N GLU BA 389 -113.04 -38.04 93.46
CA GLU BA 389 -113.68 -38.46 94.69
C GLU BA 389 -113.75 -37.32 95.71
N ARG BA 390 -112.84 -36.35 95.64
CA ARG BA 390 -112.94 -35.20 96.54
C ARG BA 390 -114.20 -34.39 96.28
N THR BA 391 -114.51 -34.10 95.01
CA THR BA 391 -115.74 -33.37 94.74
C THR BA 391 -116.96 -34.25 94.98
N CYS BA 392 -116.86 -35.57 94.77
CA CYS BA 392 -117.96 -36.43 95.16
C CYS BA 392 -118.16 -36.46 96.68
N ARG BA 393 -117.08 -36.34 97.46
CA ARG BA 393 -117.20 -36.25 98.91
C ARG BA 393 -117.91 -34.96 99.30
N GLN BA 394 -117.48 -33.85 98.70
CA GLN BA 394 -118.13 -32.57 98.99
C GLN BA 394 -119.61 -32.64 98.64
N TYR BA 395 -119.92 -33.25 97.49
CA TYR BA 395 -121.31 -33.38 97.07
C TYR BA 395 -122.09 -34.27 98.04
N ASP BA 396 -121.49 -35.37 98.49
CA ASP BA 396 -122.19 -36.28 99.39
C ASP BA 396 -122.53 -35.60 100.71
N LYS BA 397 -121.56 -34.89 101.27
CA LYS BA 397 -121.80 -34.14 102.51
C LYS BA 397 -122.88 -33.09 102.29
N LEU BA 398 -122.75 -32.30 101.23
CA LEU BA 398 -123.74 -31.27 100.92
C LEU BA 398 -125.11 -31.88 100.67
N ARG BA 399 -125.14 -33.09 100.11
CA ARG BA 399 -126.39 -33.75 99.78
C ARG BA 399 -127.11 -34.22 101.04
N LYS BA 400 -126.35 -34.79 101.99
CA LYS BA 400 -126.98 -35.17 103.26
C LYS BA 400 -127.53 -33.94 103.97
N ARG BA 401 -126.75 -32.85 104.04
CA ARG BA 401 -127.26 -31.66 104.70
C ARG BA 401 -128.47 -31.09 103.96
N GLU BA 402 -128.48 -31.15 102.64
CA GLU BA 402 -129.45 -30.42 101.80
C GLU BA 402 -129.44 -28.92 102.12
N ALA BA 403 -128.29 -28.41 102.56
CA ALA BA 403 -128.18 -26.99 102.81
C ALA BA 403 -128.36 -26.20 101.53
N PHE BA 404 -127.71 -26.64 100.45
CA PHE BA 404 -127.68 -25.91 99.20
C PHE BA 404 -128.19 -26.85 98.11
N LEU BA 405 -129.50 -27.04 98.11
CA LEU BA 405 -130.31 -27.57 97.01
C LEU BA 405 -130.66 -26.49 96.00
N GLU BA 406 -130.36 -25.23 96.32
CA GLU BA 406 -130.65 -24.05 95.45
C GLU BA 406 -132.15 -23.76 95.60
N GLN BA 407 -133.01 -24.75 95.36
CA GLN BA 407 -134.48 -24.62 95.56
C GLN BA 407 -135.02 -23.42 94.75
N PHE BA 408 -134.26 -22.91 93.79
CA PHE BA 408 -134.74 -21.82 92.93
C PHE BA 408 -135.93 -22.38 92.13
N ARG BA 409 -136.73 -21.54 91.48
CA ARG BA 409 -137.81 -22.11 90.68
C ARG BA 409 -137.29 -22.72 89.38
N LYS BA 410 -136.25 -22.11 88.80
CA LYS BA 410 -135.53 -22.76 87.70
C LYS BA 410 -135.06 -24.15 88.07
N GLU BA 411 -134.33 -24.25 89.19
CA GLU BA 411 -133.74 -25.53 89.60
C GLU BA 411 -134.83 -26.57 89.89
N ASP BA 412 -135.85 -26.19 90.65
CA ASP BA 412 -136.85 -27.15 91.09
C ASP BA 412 -137.72 -27.58 89.92
N MET BA 413 -138.15 -26.63 89.08
CA MET BA 413 -138.98 -26.98 87.94
C MET BA 413 -138.21 -27.85 86.94
N PHE BA 414 -136.93 -27.52 86.69
CA PHE BA 414 -136.17 -28.30 85.73
C PHE BA 414 -135.83 -29.69 86.28
N LYS BA 415 -135.54 -29.80 87.59
CA LYS BA 415 -135.37 -31.08 88.29
C LYS BA 415 -136.21 -31.08 89.56
N ASP BA 416 -137.49 -31.49 89.44
CA ASP BA 416 -138.31 -31.69 90.62
C ASP BA 416 -137.86 -32.92 91.39
N ASN BA 417 -137.60 -34.01 90.68
CA ASN BA 417 -137.16 -35.24 91.32
C ASN BA 417 -135.79 -35.08 91.96
N PHE BA 418 -134.94 -34.23 91.37
CA PHE BA 418 -133.54 -34.07 91.79
C PHE BA 418 -132.79 -35.40 91.67
N ASP BA 419 -133.24 -36.27 90.76
CA ASP BA 419 -132.69 -37.62 90.62
C ASP BA 419 -131.59 -37.68 89.58
N GLU BA 420 -131.41 -36.64 88.75
CA GLU BA 420 -130.23 -36.59 87.89
C GLU BA 420 -128.96 -36.45 88.71
N MET BA 421 -129.04 -35.82 89.89
CA MET BA 421 -127.92 -35.82 90.82
C MET BA 421 -127.56 -37.24 91.23
N ASP BA 422 -128.57 -38.07 91.56
CA ASP BA 422 -128.30 -39.44 91.98
C ASP BA 422 -127.79 -40.29 90.82
N THR BA 423 -128.33 -40.08 89.62
CA THR BA 423 -127.83 -40.78 88.44
C THR BA 423 -126.36 -40.42 88.20
N SER BA 424 -126.02 -39.14 88.34
CA SER BA 424 -124.62 -38.74 88.22
C SER BA 424 -123.78 -39.35 89.34
N ARG BA 425 -124.33 -39.45 90.54
CA ARG BA 425 -123.57 -40.02 91.65
C ARG BA 425 -123.23 -41.48 91.37
N GLU BA 426 -124.20 -42.25 90.89
CA GLU BA 426 -123.91 -43.65 90.61
C GLU BA 426 -122.98 -43.79 89.40
N ILE BA 427 -123.12 -42.93 88.39
CA ILE BA 427 -122.24 -43.01 87.22
C ILE BA 427 -120.81 -42.67 87.62
N VAL BA 428 -120.62 -41.60 88.39
CA VAL BA 428 -119.26 -41.22 88.78
C VAL BA 428 -118.70 -42.24 89.78
N GLN BA 429 -119.55 -42.84 90.60
CA GLN BA 429 -119.07 -43.91 91.49
C GLN BA 429 -118.61 -45.12 90.68
N GLN BA 430 -119.34 -45.43 89.59
CA GLN BA 430 -118.86 -46.43 88.66
C GLN BA 430 -117.50 -46.06 88.10
N LEU BA 431 -117.30 -44.78 87.79
CA LEU BA 431 -116.00 -44.34 87.27
C LEU BA 431 -114.90 -44.53 88.31
N ILE BA 432 -115.16 -44.17 89.58
CA ILE BA 432 -114.18 -44.34 90.65
C ILE BA 432 -113.83 -45.83 90.79
N ASP BA 433 -114.85 -46.68 90.83
CA ASP BA 433 -114.63 -48.11 90.95
C ASP BA 433 -113.88 -48.65 89.75
N GLU BA 434 -114.12 -48.09 88.56
CA GLU BA 434 -113.41 -48.53 87.36
C GLU BA 434 -111.94 -48.13 87.41
N TYR BA 435 -111.63 -46.94 87.94
CA TYR BA 435 -110.24 -46.56 88.12
C TYR BA 435 -109.53 -47.54 89.06
N HIS BA 436 -110.14 -47.83 90.21
CA HIS BA 436 -109.54 -48.82 91.11
C HIS BA 436 -109.56 -50.21 90.49
N ALA BA 437 -110.53 -50.50 89.62
CA ALA BA 437 -110.51 -51.75 88.87
C ALA BA 437 -109.30 -51.82 87.96
N ALA BA 438 -108.95 -50.71 87.32
CA ALA BA 438 -107.74 -50.64 86.54
C ALA BA 438 -106.52 -50.91 87.41
N THR BA 439 -106.56 -50.43 88.65
CA THR BA 439 -105.47 -50.72 89.57
C THR BA 439 -105.35 -52.21 89.88
N ARG BA 440 -106.46 -52.91 90.17
CA ARG BA 440 -106.31 -54.32 90.54
C ARG BA 440 -105.83 -55.15 89.34
N PRO BA 441 -105.25 -56.34 89.58
CA PRO BA 441 -104.68 -57.12 88.46
C PRO BA 441 -105.70 -57.71 87.51
N ASP BA 442 -107.00 -57.61 87.80
CA ASP BA 442 -108.02 -58.35 87.08
C ASP BA 442 -109.05 -57.41 86.45
N TYR BA 443 -108.56 -56.39 85.76
CA TYR BA 443 -109.40 -55.59 84.87
C TYR BA 443 -109.80 -56.33 83.61
N ILE BA 444 -109.26 -57.52 83.37
CA ILE BA 444 -109.75 -58.37 82.29
C ILE BA 444 -111.22 -58.69 82.51
N SER BA 445 -111.63 -58.85 83.77
CA SER BA 445 -113.05 -58.96 84.10
C SER BA 445 -113.70 -57.59 84.05
N TRP BA 446 -115.01 -57.56 84.24
CA TRP BA 446 -115.76 -56.31 84.20
C TRP BA 446 -115.25 -55.35 85.27
N GLY BA 447 -115.15 -54.08 84.88
CA GLY BA 447 -114.70 -53.02 85.76
C GLY BA 447 -115.80 -52.06 86.15
#